data_9FZL
#
_entry.id   9FZL
#
_cell.length_a   1.00
_cell.length_b   1.00
_cell.length_c   1.00
_cell.angle_alpha   90.00
_cell.angle_beta   90.00
_cell.angle_gamma   90.00
#
_symmetry.space_group_name_H-M   'P 1'
#
loop_
_entity.id
_entity.type
_entity.pdbx_description
1 polymer 'Succinate dehydrogenase [ubiquinone] flavoprotein subunit, mitochondrial'
2 polymer 'Succinate dehydrogenase [ubiquinone] iron-sulfur subunit, mitochondrial'
3 polymer SDHG
4 polymer 'Transmembrane protein'
5 polymer 'Kinesin-like protein'
6 polymer SDHH
7 polymer 'DUF6827 domain-containing protein'
8 polymer 'Rab-GAP TBC domain-containing protein'
9 polymer Syntaxin-1A
10 polymer SDHI
11 polymer 'Mitochondrial processing peptidase beta subunit'
12 polymer Alpha-MPP
13 polymer 'Iso-1-cytochrome c'
14 polymer QCR8
15 polymer QCR9
16 polymer QCR10
17 polymer 'Cytochrome b'
18 polymer 'Ubiquinol-cytochrome c reductase, iron-sulfur subunit, putative'
19 polymer 'Ubiquinol-cytochrome C reductase complex 14kD subunit, putative'
20 polymer 'Ubiquinol-cytochrome c reductase complex 7.8 kDa protein, putative'
21 polymer 'Cu-binding protein'
22 polymer 'Aurora kinase'
23 polymer 'Cytochrome c oxidase subunit 3'
24 polymer 'Cytochrome c oxidase subunit 6B'
25 polymer 'Peptidase M14 carboxypeptidase A domain-containing protein'
26 polymer 'Cytochrome c oxidase subunit 40'
27 polymer 'Cytochrome c oxidase subunit 34'
28 polymer 'Merozoite surface protein, putative'
29 polymer 'Ubiquitin, putative'
30 polymer 'Cytochrome c oxidase subunit 33'
31 polymer 'Cytochrome c oxidase subunit 30'
32 polymer 'Cytochrome c oxidase subunit 6C'
33 polymer 'Cytochrome c oxidase subunit 24'
34 polymer 'Cytochrome c oxidase subunit 37'
35 polymer 'Cytochrome c oxidase subunit 7A'
36 polymer 'Cytochrome c oxidase subunit 35'
37 polymer 'Cytochrome c oxidase polypeptide II'
38 polymer 'GINS subunit domain-containing protein'
39 polymer 'Cytochrome c oxidase subunit 2A'
40 polymer 'Cytochrome c oxidase subunit 1'
41 polymer 'Cytochrome c oxidase subunit 32'
42 polymer 'Cytochrome c oxidase subunit 7C'
43 polymer 'Cytochrome c oxidase subunit 13'
44 polymer 'Amino acid transporter transmembrane domain-containing protein'
45 polymer 'Cytochrome c oxidase subunit 4'
46 polymer 'Cytochrome c oxidase subunit 19'
47 polymer 'Cytochrome Coxidase subunit, putative'
48 polymer 'Cytochrome c oxidase subunit 18'
49 polymer 'Cytochrome c oxidase subunit 31'
50 non-polymer 'FLAVIN-ADENINE DINUCLEOTIDE'
51 non-polymer 'FE2/S2 (INORGANIC) CLUSTER'
52 non-polymer 'IRON/SULFUR CLUSTER'
53 non-polymer 'FE3-S4 CLUSTER'
54 non-polymer 'POTASSIUM ION'
55 non-polymer 1,2-dioleoyl-sn-glycero-3-phosphoethanolamine
56 non-polymer 1,2-DIACYL-SN-GLYCERO-3-PHOSPHOCHOLINE
57 non-polymer CARDIOLIPIN
58 non-polymer Ubiquinone-8
59 non-polymer 'HEME C'
60 non-polymer 'PROTOPORPHYRIN IX CONTAINING FE'
61 non-polymer Digitonin
62 non-polymer '2-(HEXADECANOYLOXY)-1-[(PHOSPHONOOXY)METHYL]ETHYL HEXADECANOATE'
63 non-polymer 'DINUCLEAR COPPER ION'
64 non-polymer 'COPPER (II) ION'
65 non-polymer 'MAGNESIUM ION'
66 non-polymer HEME-A
67 non-polymer 'PEROXIDE ION'
68 non-polymer 'ZINC ION'
#
loop_
_entity_poly.entity_id
_entity_poly.type
_entity_poly.pdbx_seq_one_letter_code
_entity_poly.pdbx_strand_id
1 'polypeptide(L)'
;AAGSGTRYAVHDHFYDAVVVGAGGAGLRAASGLVAHGLKTACISKVFPTRSHTVAAQGGINAALGNMTEDDWRWHAYDTV
KGSDWLGDQDAIEHMCRLAPQVVLELESYGLPFSRTKEGKIYQRAFGGQSLKFGKGGQAYRCAAAADRTGHAILHTLYGM
SLKYDCLFFIEYFALDLIMDQDGSCKGVIAMSMEDGSIHRFGAHQTVIATGGYGRAYQSCTSAHTCTGDGGGMVSRAGLP
LQDLEFVQFHPTGIFPAGCLMTEGCRGEGGILRNSEGEPFMARYAPTAKDLASRDVVSRAMTLEIREGRGVGPNKDHIYL
HLDHLPAETLRERLPGISETAKIFAGVDVTKEPIPVLPTVHYNMGGIPTNWKAQCLNPTSSDPNKIVPGLLAAGEAGSAS
VHGANRLGANSLLDLVVFGRTAADTVAEIVKPNSPPVTLPKDAGGGTIDRFDKIRHAKGPVSTADLRSKLQRTMQTRAPV
YRNGDDLKKGCEEVREIMKEYKDVGIKDRTLVWNTDLIETLELENLITQAAQTIVSGEARKESRGAHAREDFTERDDKKW
MKHSLSYQTKPHVEESDIVLKYRPVVDQPLDSEMHHVPPAKRVY
;
2M,2m
2 'polypeptide(L)'
;MQTFRVYRYDPLLQDKPHMQEFNIDLAQCGPMILDALIKIKATQDSTLAFRRSCREGICGSCAMNINGKNGLACLQYIEP
GAAPIDIQPLPHTYVLKDLVPDLSNFYNQYKSIEPFLKRRRAKQPGEKEYYQSIEDREKLDGMYECNLCACCMTSCPSYW
WNPEYYLGPAVLLQAYRWIADSRDEFTTERMAWINDSMRLYRCHGIMNCTSCCPKGLDPAKAIAKMKAAIAAAYEPGWTK
IVAQESIANKKRESGMMYA
;
2N,2n
3 'polypeptide(L)'
;KASTLATGKGIPGIDPKLPTHTPPASYDVLSSGKARPVQVAKWPPMPGGVPLPKGGIGGVWRGAFEVASAYTALNLERQR
FANIIRLGTFCRVVIWPVIPLVGLFHYIRQRDRDWYALELLRSRCKSEDCAAFYDWTMPGSSGHWRMQNDLEIIRRAANV
;
2O,2o
4 'polypeptide(L)'
;ANLLLVPSDITIIEEKNKIAKRRIRLLEKTGLALMFPVFHWRYSKLDKHDMYNILRRKFDPSASDPAIDICRRRQESVRR
RVIAQNGLLPGLLLGVSLPWWSLRRYNYQSKLIVLPFCAYFGAICGRIAGHGLSWRWVETDRQRMLGNLPAKVYYRPK
;
2P,2p
5 'polypeptide(L)' NKPVVVNTSGVVNTAVLGISGAWLYFYCVPLRRKEWYDIMMDYVHHKRTQYASNFPDKAVRTALRFAKV 2Q,2q
6 'polypeptide(L)'
;SGNAARGPPLYDLPGNFRYAKEFFTKPAISYGEFHQQCTSLRLFVCAGTVGYMLFSFTMWPCRSSYWKNWAVWKVPGNIM
HHFSKRSGSIFLDEPLKRTIDVPKTYAHLIATRRLPG
;
2R,2r
7 'polypeptide(L)'
;(ACE)MLTVDKFTRAEALQRASNLYYQVLGTNWEDGLNLVLDVPFWESELEKVDHMCEPYLCDDEIGPIIRNLHETVNCM
YACEDVRDHINELLELSSRAEGVMGSGAAASEEVENMPEQCGMVTKAYEDLLARYPEHHPKIEQTVGHGLAVLRQLEKFN
FKSSHRYFF
;
2S,2s
8 'polypeptide(L)'
;ARVPEDIEFTKNRYTRRYNLATEDRVKLLNWNAFCIAVTALPIAYVYYSWYESSEDTDMIYRTMDPMREAKADYYLPLLR
GH
;
2T,2t
9 'polypeptide(L)' SYKSAHQETPLTYYRATQHATSSINHRLAYINAVFVIWVCDSLNDVDQ 2U,2u
10 'polypeptide(L)'
;MMLRYDSLLWQCTLAAGIWFIPQDVAAISAFLLYGRSKSRTINQPVYVDNIDTAANEYFKRKGLDPTKMIMMRKSSKITE
IRYGEMY
;
2V,2v
11 'polypeptide(L)'
;YYWGSTVTTEMHNVSPTQVTRLPNGMRVATQFSYTDSATVGLWIDAGARYETKESNGTAHFLERVLYLGTKNRSRDQLET
EVENLGANLNSYTGREQTAFYAKTTKDGILPCIDILADCILNPKLDGDEIEKERVRITQDLQAVNQSYEELLYDKVHTAC
YRDCSLGQTVIGPEENVATIKRDHMVNYLYNNFTADRMVLVAVGPVDHAQIVKEAEKKFANIRPTAGPRMLEEKPYFCAS
ELVYRNDDMGPTAHIAIAYEGVPWRSPDYITFMLMNAIIGSYDKKNEGLVPGLQSANRITQTGATRMDVGCFDYYTGFNI
AYKDTGLFGFYIATDEVAVEHAVGDLMFGVTSFSYSLTEEEVMKAKRELKTNFFSGLDNTTGVAEDIGRQILAYGRRLSP
AEFVERLDQIDSQEVQRVAWNRLHDAEITMTGVGPLHGLLQLWDLRRQTWWWRY
;
3A,3a
12 'polypeptide(L)'
;GKSTIQGTSYNVVKFQQEDVSEVVKEVPHFQFYYIGGEHKDNKYRDVPLDIPVLTEAPPPQLKKPEMKFSVLENGMRIVS
VDKQGLTSNLGLFVHAGSRFETPAEEGLSHMVECVAFRSTAHLSHLRTIKTIEVLGMNGGCQAGREHIMYNLELLREYMP
VASTLVVGNVLFPRLLPWEVNACHKEIKKAHERLKADTDQYVSELLHQTAYHNNTLGNALLANEGRALEHFTGDNIREFM
MKHFSAERSVFVGINVDHDELCKWLMRSFAEYVAIPNLPRDEAKPVYTGGYKLEENADMPVCNIAIGFETEGWNSADLVP
VTVLQTLLGGGGSFSTGGPGKGMHSRLYLNVLNQNPNVESCMAFNTQYSDSGLFGMYITGFGQEAPRLVDIALNELRKLD
SFTPDEVSRAKNTLKGNIFMNAENSKVLMEDIGRQIIMSGKVVTPEEFAARVDAVTEADLKKVAAKLLRKNPTYVVYGDT
KSAPHYEYVRTALASL
;
3B,3b
13 'polypeptide(L)'
;KDPPSPPDWPFWFKAFSHCHDIPSCRRGYEVYRQVCATCHAARFVCFRHMVNTIYPENRVKQLAASFDYEDGPNDRGEMF
TRPGNLLDPFPSPYPNEEAARFANQGASPPDLSQQAAAHHGGCDYIMSLLTGYRDPPAGVSLRSGLYYNTYFPGGAISMP
PPLNDGAIEYEDGTPAVASQMAKDVSQFLTWAQDPQHDERKLIGLKMSTAALVWLFSISVWNRHVWTMIKTRRIDFTKTV
Y
;
3C,3c
14 'polypeptide(L)'
;PNTKRDIRRLGSYPVPPESKNFWRGRFQVPGGQIQQGVSPMQQKIFFQWWWNLPTRYFWRFTKWSDFLIPSLMWYTGFLM
CKNDVEEGTRSRYWY
;
3D,3d
15 'polypeptide(L)'
;SGFGTSYAHDPKWIEDWMARKRVGVDRMDWFFRAFNRLRLYELFFKSTPRFYAFMVIGGLLGSYYWSRFWEQYWIRVNKG
RLYKDVPYVYPP
;
3E,3e
16 'polypeptide(L)'
;TLAVYHRLWGMTEQFAARKKWGWRQVYHRMLPFQIALYPSLMWYLFGWFDDPYKEAMTLGIWNVSKRSLYFWDPLRSGGD
KGWY
;
3F,3f
17 'polypeptide(L)'
;FILIIKDNIILYNINDSINYLWNIGYIIMVVMIVQVITGIIINLYMNINNGYKGIIYIIKEIYYGYILRYIHNNNSTLIY
VVVYLHIIRNLYYKTYYYNILIWYSGMIMLYQLIIIGFIGYILGWGQLSYWGITVIINLISGIPYLILLISGNYYITIVT
IKRLYIVHFILPIILIYVEIIHVYYIHYLINNNIVEYNVNNKIIFNNYILVKDNNGIIFILNIFILELNNNIFIIADNDN
LIEINILVTPIHIIPEWYYLYWYSILKLLPNKYSGLYIVVNSISIINILSEYKIVISEYKNYKNIIWYNQIIQYISMIYI
GIQLPIIEYINYGRYIIIFNILLLIMYLYPKKKK
;
3G,3g
18 'polypeptide(L)'
;HRPTTVKMIDSWRTEPSSEKPMWYNRFDQVDHISQHPDPEKTEKYPPVDDTRKLMKTRGDPHIMRGWGEYVYCHYEHLRE
PVFPRKPDVAKGELAAGANVTRTDVWKREGEPAIQSIARFNPDNFRPVGYAENIPCPDTCVPEGHLDFRHTRLPTWHADR
RPFHYFATGMFGLIGLAFLRGTVVKVVHGLWPARDAIAAGVIEVDLRGIQPGQNFVVKWRGKPVFVRRRTQAMIDAATAD
DAIVNSLRDPERDKDRVKKPEWLVMLGVCTHLGCVPYPDQGLYGGYFCPCHGSHYDHSGRIRLGPAPLNMEIPTYEFTDD
DTIILG
;
3H,3h
19 'polypeptide(L)'
;SFHRAFARVVCNYNKSIEGSVPWYQVKREKSPFQQVWDEVFTPIWFKLVKGPYERWEYNALVARYRGMGIMADDAMNDKD
MIVERALDIIPEDIRIQRYRRMMRGAVLAGRKLHLPLELQNYDPMVPYMAPYIEEAKFQMQEEQELLAYHPWDRRLYTAG
VSGFGETSMHSTFLTM
;
3I,3i
20 'polypeptide(L)'
;ARAYCGRFAFMLDYPKSYHPPRKNEDGDYVDPRTDMLPKCAAECSEWLTEYNACVQRIKMRTDGRGNCQGQYEEFAMCQD
HCIAHELFHYLK
;
3J,3j
21 'polypeptide(L)' PPIQKPLLPSGRAVLKHGRSMLCSGNLSYDVNSTIKAPECKRGMGFTQFKRFTPVPIESGVSVGNRGWFFPGVIPYQGH 3K,3k
22 'polypeptide(L)' IGPPLRTAQIGPTVGGNGGRTFVLYLTTTINVLIAFQVSWACYLQPRWRSFRSDMLEKFPSLQPDMDEK 3L,3l
23 'polypeptide(L)'
;FELNINIINYNYLGIIITVIISIYIYNNSNIISVYNSNLLLININIWMKYNILDMLNLNVLDYKILLWIVVIIISNEILL
FVSFYWIYYHNYINYYHVNILILNSYNIVYNNIILLTLLSTIVNIKFYNYILSYYKYILSYLIYYNNYMFNNKIILEYKN
NSNYTNDSVYMTSYFYIILLHYIHIYDSIILIVVYNYVNYKNINNYYININIYYHLIEVLYIVISILLYL
;
40,41
24 'polypeptide(L)'
;ESADALFVGTLDRLTAEHPHTDDPRFAFQSNQWNNCELRFTQFCRCTRELGEDDPRCKYQYYRAQTVCHEFLLEDWMEHR
HRGTCDLDIMPDRQVIHMRG
;
4A,4a
25 'polypeptide(L)'
;GSIEQFINLRTARMFIYGGVSAVFLYKATPVMYRWEMLPTFLVKTEAYKAREAMIAFDNMKGIVYGPYDKGGLEGPPTKI
PETSVGMMKVDPM
;
4B,4b
26 'polypeptide(L)' YKTENPLYKDDEPFAKTCHTFDYTREGTEKNGLGYYCLMGLWASIFIWDSLYTGATMPTGVHRYVWGPYFPTAWF 4C,4c
27 'polypeptide(L)'
;SIFTPMDWMFYYFPNYSRDKVALMARQIKIHFAIGFALVFLVYHPPYKGADYGNFHKSPLYWYKYNQLERSGQLQENLRI
KRDWFYDEDP
;
4D,4d
28 'polypeptide(L)'
;ISTSETLNQKILRWLDVTGMLTRWHSRREFILDMDPYFRKNSGMWTEWERKTLLFLFYCCTLATPYSAYLDLQELKHQGT
KPPRPVSLESRFMNQRRYDFTWMHPQDKFCSECRPVELECKKMCFDRYRSMDYRMYGFQRPRIQTYYSFSTC
;
4E,4e
29 'polypeptide(L)' HIPHPVKYVGPRRYGRYVYGMNRPPVLRQVKDWIDWTGWNSVFGGFSFQVAFGLMIVSGVYLNNYRATHTLYY 4F,4f
30 'polypeptide(L)'
;GRRLLHGNYFTRYLFGSLAVIWIAEYAAACQYGIPRHRNPNWMWSWWLEKQNQIKNGEIPANTPGYAMVKWNNEAEQRWL
KTLNVEAMNEEFARRREAYY
;
4G,4g
31 'polypeptide(L)'
;QVPDVFATFGWERRLTVIHHPGVMAISKLLDQRTVVKPRATFNQELVEEIGDYDEDLQRKAQVALDNGLAIEWRVLDFID
DELPRLLAEKREIEKAREQVMSKAPGDYTQPVFDSSVVVPTPANLGRNYPTLNLPSGDPTE
;
4H,4h
32 'polypeptide(L)'
;AYNGGYPFHYVVQYDDPNYDCEADFEFEEIPRDEFGVPAHIPPELSTQIRHTYYVPPQYYPFLKKLGEDTPELKPYTDKL
IMGDMTYDDYEEMFYKFAKPLKIYRSRLPLPYRTDEEISQEKYVNWCGRWYSYRQRLQGDYYSRHYFRDWLIGVMLGMYL
GNLCVQQHRQYRVDMKLFYLEAPEHKINWVKPRGDL
;
4I,4i
33 'polypeptide(L)'
;GCEAVKNPLIGGPNQKARGAITSGFAGGGAKRLGGKGYGIMADWCDHGYSFTKGQAITGMPHWPLWCGGGVPDKFIKIDP
DVHFNLQGYRERIGWYGFFTAFLQANYHAFVYFVRFIPINIAIFWIYVNERQREPQENVMDHEEFFRDFDSIYLGQVFDH
HRFAEWLARRRAVKWGYADQIHIPPV
;
4J,4j
34 'polypeptide(L)'
;RGSVFQMPSTPVYPLTTTKKVAPPTALAKRTPEQPFGWGSPVREDRAWRVVPRNFIILVIVYLSGWAAIKTMLPRGGSIL
GQIYGGPPKGRLI
;
4K,4k
35 'polypeptide(L)'
;VTRYPSGTRTIMSPYPGGPVYQWLRINYNYFKRYQWRRVGRWQMRSWCYWKAAFYGVPEWNIDPTKNQWRWCVDPAWYGG
MRDKANMDMYRLMVYPFFGYALLYLHSRFKQNDKYNVFAKWR
;
4L,4l
36 'polypeptide(L)'
;AVRSQIEAAVYKWTRPRPPRLGVAVPRSPPGTGILFHTNMQTIRYSLSPKVWVLVTGAALVGVFSGQRFAQTVLLSKNPP
NPPRYREKPPVRHPHTPD
;
4M,4m
37 'polypeptide(L)'
;SPEDYPTPQKYLEGAPIPSWYSFQSNLVGDMDLKPGMARMLEVDKRLTVPTRTHIRFLITGADVIHSWSVPSLGIKCDAT
PGRLVKINTFIQREGVFYGQCSELCGTLHAFMPIVVEAVSPEAFAAHAKKW
;
4N,4n
38 'polypeptide(L)' DIPWPARTDWGGHDPATPFAELMINTHSMFWPVAIFIYVSAIYMVKK 4O,4o
39 'polypeptide(L)'
;KSYYDDFKDRLKPGKYTQGRCPQSEGDYRQESKTIGREHLNDDGTRSKRYTVKEADALGYHYHPPIDKKGQVYVKGPNTV
IERGQTWIKGYELPSMEYTYGPKQEDIPFYPRVKLNVWGNYNLVMKVEFLFFYLPTIIVFGICIPVYTINFAQEEVIYTT
MTVKVTGRQWYWVYEVESPT
;
4P,4p
40 'polypeptide(L)'
;FYILVNNNKRIGIYYIKLSIIIGILGIVLSYIIRVELYNSGNRIIKYDNVNYYNMVITLHGLLMIFYIIMPGLYGGIPLY
ILPILSVITDIVLPRINNISIIIVLISYIVVINSIVIEYNIGTGWTLYPPLSIIGTVIVNMILYGLIIIGISSIISAINF
MNILIVIDGIIYVYIWSIIITSVLLIISLPILNGILLMILSDIYFNSIYFILNGDVVLYQHLFWYFGHPEVYILILPAFG
IISIILSVLNNKIIFGMKSMILAIIMISILGSIVWAHHIYTVGLELDTKIYFNNLTLIISIPTGNKIYNWIILYIGSYNI
LYNGYQSLIFSIMFIIIFIIGGITGIIISIDIIDIGLHDTYYIVSHFHYILSIGAVISLLAGILLLKDIIGYYNVIIKIN
KYFGLLLFININIIFTPQFIIGFNVMPRRILEYSDNIIVWNLISSIGSISTILILLSIF
;
4Q,4q
41 'polypeptide(L)'
;GRELPEYVVLPHNQQRYGRDKSYSYFTCLWHFPKMVFTEKWCYTNIMWFVFWTGFWFIPNYIWWERRYAYQKAGFHWEHT
NRKLQARKEALGMDKVPASGMDW
;
4R,4r
42 'polypeptide(L)' NLEDHFDLAEYMMKMHNPMSEYLYWIAGFVSGLHGILPLLHSNYYFSGMFLPRDNDNTQLCDDSW 4S,4s
43 'polypeptide(L)'
;TWTEIWWEHDPTPKVAQYRPYVCTVESGKVYWWCACGESKTQPWVDGHCKCSKREGGFRPRRWEPEHDGVRLFCGCKSCF
SSPTWNGGCFTKWMQSNPAGGMLYCFAAAFGFGTLTVYRKF
;
4T,4t
44 'polypeptide(L)'
;YTPSFERGLNPELTSGDYGDMPKPQPLIDFFTQNRNPWFGFAMFCGFNFLWWAFFGAWQIRPLWASQRKSLAEADRLYGP
TKYGVGKKYIN
;
4U,4u
45 'polypeptide(L)'
;RIGGPPVFMQFPPPPPKEYLADGTPKTYPLHQPVFDHGYTWEHWYMTNAGVFHTVYYGEFAKDFPWRWGFVAEKPFWVGA
PILVLGVLCLGHIIQTMGQIGVRPKRYTPEWVEATKERERAENTNPITRYLDRRRAERGPYYLMSNVLPYHPHFLWMRNS
HDYEAAEALAARREKDRELAAKLEA
;
4V,4v
46 'polypeptide(L)'
;KHFFTDGANDYVTGWENTPPLKFPASVMKPCDYSMTKPIPKHWKLRGSGIHGPENTDLMKLVLWNRLKQKRPQREVPNIN
YLKDSIRLELSVNWWLMSCIFLWGPWLHWGQEYQKVHEQPPWAMKRIDGLRGEGYFTWFLE
;
4W,4w
47 'polypeptide(L)'
;YRHWHRMSEDDWALPLDSMPEDVKTLMATPQTERGFVEDYWYNRIRGEATLLDPEALPSKSYIALARDMGLQIVDEPSSH
MMGLIELYEYLRGASFVGPFGTIENPVLVPAVGQERVVACTGGVGDEEHFTLWFRCREGFMYRCGECDQIFMLVRLYYED
RYWTQTLVRDTFMSDGDMFDLKTLERVHKMWNKDEMVRWEVGYWAQDYVLGKGVLPGMVEEHTRVN
;
4X,4x
48 'polypeptide(L)'
;IYEGQTVQESELIPQEDDWVIEETNFCLGRNCYVRFREEDDLARRALHQMDSQLNKMHTRLRDGTVIPYMSFHPDEMVDR
PAPIHTFSEKPLLKWTWDETYEEAYDD
;
4Y,4y
49 'polypeptide(L)'
;PPTRLSTPLYSEGGAFTVNWWRNRYGLYSRRQTDPMLAEFLFRQQVKEWFYDVPSYNYAALVGLALGILVAVIWRHFLFN
PDVYVRRQELRKMWPDRHRQFAYAVPYLNPQLKNLLLPYKNSFIDNEPDYADYNPVGLRPQRVMAIRRIPGFFWAIPQYF
FEDPLYTSCSTKNMQTIYKKLGYSEL
;
4Z,4z
#
loop_
_chem_comp.id
_chem_comp.type
_chem_comp.name
_chem_comp.formula
ACE non-polymer 'ACETYL GROUP' 'C2 H4 O'
AJP non-polymer Digitonin 'C56 H92 O29'
CDL non-polymer CARDIOLIPIN 'C81 H156 O17 P2 -2'
CU non-polymer 'COPPER (II) ION' 'Cu 2'
CUA non-polymer 'DINUCLEAR COPPER ION' Cu2
F3S non-polymer 'FE3-S4 CLUSTER' 'Fe3 S4'
FAD non-polymer 'FLAVIN-ADENINE DINUCLEOTIDE' 'C27 H33 N9 O15 P2'
FES non-polymer 'FE2/S2 (INORGANIC) CLUSTER' 'Fe2 S2'
HEA non-polymer HEME-A 'C49 H56 Fe N4 O6'
HEC non-polymer 'HEME C' 'C34 H34 Fe N4 O4'
HEM non-polymer 'PROTOPORPHYRIN IX CONTAINING FE' 'C34 H32 Fe N4 O4'
K non-polymer 'POTASSIUM ION' 'K 1'
LPP non-polymer '2-(HEXADECANOYLOXY)-1-[(PHOSPHONOOXY)METHYL]ETHYL HEXADECANOATE' 'C35 H69 O8 P'
MG non-polymer 'MAGNESIUM ION' 'Mg 2'
PC1 non-polymer 1,2-DIACYL-SN-GLYCERO-3-PHOSPHOCHOLINE 'C44 H88 N O8 P'
PEE non-polymer 1,2-dioleoyl-sn-glycero-3-phosphoethanolamine 'C41 H78 N O8 P'
PER non-polymer 'PEROXIDE ION' 'O2 -2'
SF4 non-polymer 'IRON/SULFUR CLUSTER' 'Fe4 S4'
UQ8 non-polymer Ubiquinone-8 'C49 H74 O4'
ZN non-polymer 'ZINC ION' 'Zn 2'
#
# COMPACT_ATOMS: atom_id res chain seq x y z
N ALA A 1 -96.13 29.40 7.36
CA ALA A 1 -95.78 30.60 6.63
C ALA A 1 -96.48 30.61 5.26
N ALA A 2 -96.62 29.43 4.67
CA ALA A 2 -97.27 29.26 3.37
C ALA A 2 -97.08 30.47 2.46
N GLY A 3 -98.04 31.38 2.48
CA GLY A 3 -98.01 32.56 1.63
C GLY A 3 -99.14 32.59 0.62
N SER A 4 -100.19 33.34 0.93
CA SER A 4 -101.34 33.53 0.06
C SER A 4 -101.58 35.02 -0.13
N GLY A 5 -102.65 35.36 -0.86
CA GLY A 5 -102.90 36.72 -1.29
C GLY A 5 -104.29 37.29 -1.08
N THR A 6 -104.92 37.07 0.08
CA THR A 6 -106.29 37.54 0.33
C THR A 6 -106.31 39.03 0.72
N ARG A 7 -105.88 39.85 -0.23
CA ARG A 7 -105.71 41.30 -0.10
C ARG A 7 -104.55 41.68 0.81
N TYR A 8 -104.26 40.83 1.78
CA TYR A 8 -103.11 40.91 2.66
C TYR A 8 -102.27 39.67 2.42
N ALA A 9 -101.21 39.52 3.19
CA ALA A 9 -100.37 38.32 3.13
C ALA A 9 -100.83 37.36 4.22
N VAL A 10 -101.42 36.24 3.83
CA VAL A 10 -102.01 35.28 4.76
C VAL A 10 -101.10 34.07 4.85
N HIS A 11 -100.59 33.80 6.06
CA HIS A 11 -99.80 32.61 6.34
C HIS A 11 -100.73 31.54 6.92
N ASP A 12 -100.84 30.41 6.24
CA ASP A 12 -101.71 29.33 6.69
C ASP A 12 -100.91 28.32 7.52
N HIS A 13 -101.34 28.12 8.77
CA HIS A 13 -100.78 27.12 9.65
C HIS A 13 -101.78 25.98 9.84
N PHE A 14 -101.28 24.77 10.06
CA PHE A 14 -102.13 23.62 10.36
C PHE A 14 -101.62 22.92 11.60
N TYR A 15 -102.52 22.71 12.56
CA TYR A 15 -102.17 22.08 13.83
C TYR A 15 -103.30 21.16 14.26
N ASP A 16 -103.01 20.27 15.20
CA ASP A 16 -104.05 19.42 15.77
C ASP A 16 -104.97 20.22 16.67
N ALA A 17 -104.43 21.15 17.44
CA ALA A 17 -105.23 21.93 18.38
C ALA A 17 -104.64 23.33 18.50
N VAL A 18 -105.50 24.31 18.78
CA VAL A 18 -105.11 25.71 18.88
C VAL A 18 -105.80 26.34 20.09
N VAL A 19 -105.03 26.63 21.13
CA VAL A 19 -105.54 27.38 22.29
C VAL A 19 -105.45 28.87 21.98
N VAL A 20 -106.44 29.62 22.41
CA VAL A 20 -106.50 31.06 22.16
C VAL A 20 -106.51 31.76 23.52
N GLY A 21 -105.32 32.06 24.02
CA GLY A 21 -105.16 32.71 25.30
C GLY A 21 -103.96 32.12 26.03
N ALA A 22 -103.17 32.97 26.69
CA ALA A 22 -101.98 32.52 27.41
C ALA A 22 -102.08 32.86 28.89
N GLY A 23 -103.31 32.95 29.40
CA GLY A 23 -103.51 33.13 30.82
C GLY A 23 -103.30 31.84 31.55
N GLY A 24 -103.85 31.76 32.77
CA GLY A 24 -103.76 30.53 33.52
C GLY A 24 -104.45 29.38 32.80
N ALA A 25 -105.68 29.60 32.35
CA ALA A 25 -106.41 28.54 31.68
C ALA A 25 -105.68 28.09 30.42
N GLY A 26 -105.27 29.03 29.59
CA GLY A 26 -104.67 28.67 28.32
C GLY A 26 -103.35 27.96 28.47
N LEU A 27 -102.51 28.41 29.41
CA LEU A 27 -101.20 27.79 29.59
C LEU A 27 -101.35 26.33 30.01
N ARG A 28 -102.27 26.04 30.92
CA ARG A 28 -102.46 24.67 31.36
C ARG A 28 -102.94 23.78 30.23
N ALA A 29 -103.88 24.28 29.42
CA ALA A 29 -104.40 23.49 28.32
C ALA A 29 -103.31 23.16 27.32
N ALA A 30 -102.47 24.14 26.98
CA ALA A 30 -101.40 23.90 26.02
C ALA A 30 -100.42 22.86 26.53
N SER A 31 -100.03 22.96 27.80
CA SER A 31 -99.13 21.98 28.38
C SER A 31 -99.76 20.59 28.35
N GLY A 32 -101.04 20.50 28.70
CA GLY A 32 -101.69 19.21 28.67
C GLY A 32 -101.76 18.61 27.28
N LEU A 33 -102.12 19.43 26.29
CA LEU A 33 -102.21 18.92 24.92
C LEU A 33 -100.87 18.41 24.43
N VAL A 34 -99.80 19.16 24.67
CA VAL A 34 -98.49 18.72 24.23
C VAL A 34 -98.07 17.46 24.98
N ALA A 35 -98.42 17.36 26.26
CA ALA A 35 -98.12 16.15 27.02
C ALA A 35 -98.82 14.94 26.41
N HIS A 36 -100.06 15.12 25.95
CA HIS A 36 -100.78 14.03 25.32
C HIS A 36 -100.22 13.68 23.95
N GLY A 37 -99.32 14.48 23.41
CA GLY A 37 -98.68 14.16 22.15
C GLY A 37 -99.29 14.80 20.93
N LEU A 38 -100.21 15.74 21.11
CA LEU A 38 -100.83 16.44 19.99
C LEU A 38 -100.09 17.74 19.70
N LYS A 39 -99.95 18.05 18.41
CA LYS A 39 -99.27 19.27 18.01
C LYS A 39 -100.17 20.48 18.27
N THR A 40 -99.66 21.45 19.01
CA THR A 40 -100.47 22.53 19.56
C THR A 40 -99.81 23.87 19.30
N ALA A 41 -100.64 24.91 19.20
CA ALA A 41 -100.18 26.28 19.04
C ALA A 41 -100.99 27.18 19.95
N CYS A 42 -100.32 27.95 20.80
CA CYS A 42 -100.96 28.87 21.73
C CYS A 42 -100.79 30.30 21.23
N ILE A 43 -101.90 31.04 21.16
CA ILE A 43 -101.93 32.40 20.61
C ILE A 43 -102.30 33.36 21.73
N SER A 44 -101.60 34.49 21.82
CA SER A 44 -101.87 35.46 22.86
C SER A 44 -101.52 36.87 22.42
N LYS A 45 -102.32 37.84 22.89
CA LYS A 45 -102.03 39.25 22.66
C LYS A 45 -100.78 39.69 23.39
N VAL A 46 -100.52 39.12 24.57
CA VAL A 46 -99.45 39.56 25.44
C VAL A 46 -98.56 38.38 25.76
N PHE A 47 -97.35 38.68 26.23
CA PHE A 47 -96.47 37.64 26.71
C PHE A 47 -97.15 36.89 27.85
N PRO A 48 -97.06 35.57 27.91
CA PRO A 48 -97.95 34.81 28.80
C PRO A 48 -97.90 35.28 30.24
N THR A 49 -96.72 35.67 30.73
CA THR A 49 -96.57 36.08 32.12
C THR A 49 -97.32 37.36 32.43
N ARG A 50 -97.70 38.14 31.42
CA ARG A 50 -98.33 39.44 31.64
C ARG A 50 -99.85 39.36 31.58
N SER A 51 -100.42 38.16 31.48
CA SER A 51 -101.86 37.97 31.53
C SER A 51 -102.40 38.33 32.91
N HIS A 52 -103.71 38.58 32.98
CA HIS A 52 -104.31 39.06 34.23
C HIS A 52 -104.36 38.01 35.33
N THR A 53 -104.13 36.74 35.01
CA THR A 53 -103.94 35.76 36.08
C THR A 53 -102.82 36.17 37.01
N VAL A 54 -101.84 36.92 36.49
CA VAL A 54 -100.72 37.37 37.30
C VAL A 54 -101.20 38.25 38.43
N ALA A 55 -102.27 39.02 38.22
CA ALA A 55 -102.74 39.94 39.23
C ALA A 55 -103.56 39.28 40.32
N ALA A 56 -103.85 37.98 40.19
CA ALA A 56 -104.58 37.28 41.24
C ALA A 56 -103.77 37.24 42.53
N GLN A 57 -104.46 37.44 43.65
CA GLN A 57 -103.80 37.57 44.95
C GLN A 57 -104.19 36.47 45.92
N GLY A 58 -105.49 36.31 46.21
CA GLY A 58 -105.94 35.45 47.27
C GLY A 58 -105.37 34.04 47.28
N GLY A 59 -105.76 33.20 46.34
CA GLY A 59 -105.23 31.86 46.27
C GLY A 59 -106.18 30.92 45.57
N ILE A 60 -105.87 29.62 45.68
CA ILE A 60 -106.60 28.56 45.01
C ILE A 60 -107.12 27.60 46.07
N ASN A 61 -108.40 27.23 45.95
CA ASN A 61 -109.04 26.37 46.94
C ASN A 61 -108.74 24.90 46.65
N ALA A 62 -108.44 24.16 47.71
CA ALA A 62 -108.26 22.72 47.61
C ALA A 62 -108.65 22.09 48.94
N ALA A 63 -109.14 20.87 48.88
CA ALA A 63 -109.55 20.15 50.08
C ALA A 63 -108.41 19.33 50.66
N LEU A 64 -107.26 19.98 50.83
CA LEU A 64 -106.15 19.38 51.55
C LEU A 64 -106.41 19.51 53.04
N GLY A 65 -105.85 18.58 53.80
CA GLY A 65 -106.05 18.60 55.24
C GLY A 65 -104.90 19.25 55.97
N ASN A 66 -104.18 20.13 55.30
CA ASN A 66 -102.93 20.65 55.85
C ASN A 66 -103.16 21.45 57.12
N MET A 67 -104.21 22.29 57.14
CA MET A 67 -104.50 23.13 58.30
C MET A 67 -105.56 22.51 59.20
N THR A 68 -106.67 22.09 58.62
CA THR A 68 -107.74 21.41 59.34
C THR A 68 -108.23 20.27 58.47
N GLU A 69 -108.86 19.27 59.10
CA GLU A 69 -109.43 18.18 58.34
C GLU A 69 -110.53 18.70 57.44
N ASP A 70 -110.46 18.37 56.15
CA ASP A 70 -111.43 18.79 55.16
C ASP A 70 -111.81 17.60 54.29
N ASP A 71 -112.95 17.73 53.62
CA ASP A 71 -113.42 16.76 52.64
C ASP A 71 -113.83 17.51 51.38
N TRP A 72 -113.50 16.94 50.22
CA TRP A 72 -113.86 17.63 48.98
C TRP A 72 -115.36 17.77 48.85
N ARG A 73 -116.12 16.85 49.42
CA ARG A 73 -117.58 16.97 49.38
C ARG A 73 -118.04 18.21 50.13
N TRP A 74 -117.38 18.54 51.24
CA TRP A 74 -117.73 19.76 51.95
C TRP A 74 -117.49 20.99 51.08
N HIS A 75 -116.37 21.02 50.37
CA HIS A 75 -116.07 22.14 49.47
C HIS A 75 -117.09 22.23 48.35
N ALA A 76 -117.55 21.08 47.85
CA ALA A 76 -118.56 21.08 46.79
C ALA A 76 -119.85 21.69 47.27
N TYR A 77 -120.28 21.35 48.49
CA TYR A 77 -121.53 21.93 49.00
C TYR A 77 -121.42 23.45 49.10
N ASP A 78 -120.27 23.96 49.53
CA ASP A 78 -120.11 25.41 49.62
C ASP A 78 -120.25 26.05 48.25
N THR A 79 -119.69 25.42 47.22
CA THR A 79 -119.78 25.97 45.88
C THR A 79 -121.22 26.02 45.40
N VAL A 80 -122.00 24.96 45.67
CA VAL A 80 -123.41 24.97 45.27
C VAL A 80 -124.15 26.07 45.99
N LYS A 81 -123.93 26.21 47.31
CA LYS A 81 -124.59 27.27 48.05
C LYS A 81 -124.15 28.64 47.57
N GLY A 82 -122.85 28.79 47.27
CA GLY A 82 -122.36 30.06 46.78
C GLY A 82 -122.95 30.42 45.42
N SER A 83 -123.12 29.42 44.56
CA SER A 83 -123.73 29.65 43.25
C SER A 83 -125.20 30.03 43.36
N ASP A 84 -125.80 29.91 44.54
CA ASP A 84 -127.22 30.16 44.73
C ASP A 84 -128.05 29.26 43.81
N TRP A 85 -127.59 28.03 43.65
CA TRP A 85 -128.33 26.99 42.93
C TRP A 85 -128.63 27.41 41.50
N LEU A 86 -127.69 28.13 40.89
CA LEU A 86 -127.67 28.32 39.45
C LEU A 86 -126.40 27.75 38.84
N GLY A 87 -125.74 26.82 39.54
CA GLY A 87 -124.50 26.23 39.10
C GLY A 87 -124.69 24.75 38.80
N ASP A 88 -123.94 24.26 37.82
CA ASP A 88 -124.07 22.86 37.43
C ASP A 88 -123.39 21.98 38.46
N GLN A 89 -124.18 21.12 39.09
CA GLN A 89 -123.62 20.24 40.11
C GLN A 89 -122.73 19.17 39.50
N ASP A 90 -122.97 18.82 38.23
CA ASP A 90 -122.06 17.93 37.53
C ASP A 90 -120.66 18.54 37.43
N ALA A 91 -120.59 19.81 37.05
CA ALA A 91 -119.29 20.46 36.91
C ALA A 91 -118.65 20.69 38.26
N ILE A 92 -119.44 21.03 39.28
CA ILE A 92 -118.89 21.33 40.60
C ILE A 92 -118.22 20.10 41.18
N GLU A 93 -118.84 18.93 41.04
CA GLU A 93 -118.24 17.72 41.57
C GLU A 93 -116.88 17.45 40.92
N HIS A 94 -116.80 17.62 39.61
CA HIS A 94 -115.54 17.38 38.91
C HIS A 94 -114.45 18.33 39.42
N MET A 95 -114.79 19.59 39.61
CA MET A 95 -113.79 20.57 40.04
C MET A 95 -113.31 20.28 41.46
N CYS A 96 -114.24 20.04 42.38
CA CYS A 96 -113.86 19.86 43.78
C CYS A 96 -113.09 18.56 43.98
N ARG A 97 -113.50 17.49 43.31
CA ARG A 97 -112.83 16.21 43.47
C ARG A 97 -111.40 16.26 42.96
N LEU A 98 -111.13 17.09 41.95
CA LEU A 98 -109.80 17.19 41.38
C LEU A 98 -108.94 18.25 42.06
N ALA A 99 -109.54 19.14 42.83
CA ALA A 99 -108.79 20.25 43.41
C ALA A 99 -107.54 19.82 44.16
N PRO A 100 -107.58 18.82 45.05
CA PRO A 100 -106.34 18.43 45.74
C PRO A 100 -105.24 18.03 44.78
N GLN A 101 -105.56 17.21 43.77
CA GLN A 101 -104.54 16.78 42.83
C GLN A 101 -103.97 17.95 42.05
N VAL A 102 -104.84 18.83 41.58
CA VAL A 102 -104.41 19.95 40.76
C VAL A 102 -103.41 20.81 41.52
N VAL A 103 -103.74 21.16 42.76
CA VAL A 103 -102.87 22.02 43.55
C VAL A 103 -101.52 21.34 43.77
N LEU A 104 -101.54 20.06 44.15
CA LEU A 104 -100.30 19.36 44.42
C LEU A 104 -99.44 19.25 43.16
N GLU A 105 -100.09 19.04 42.00
CA GLU A 105 -99.34 19.03 40.75
C GLU A 105 -98.68 20.38 40.51
N LEU A 106 -99.38 21.47 40.77
CA LEU A 106 -98.79 22.80 40.62
C LEU A 106 -97.57 22.94 41.50
N GLU A 107 -97.65 22.47 42.75
CA GLU A 107 -96.49 22.53 43.61
C GLU A 107 -95.37 21.64 43.08
N SER A 108 -95.72 20.56 42.40
CA SER A 108 -94.72 19.65 41.85
C SER A 108 -93.90 20.30 40.75
N TYR A 109 -94.44 21.33 40.11
CA TYR A 109 -93.72 22.04 39.07
C TYR A 109 -92.95 23.23 39.61
N GLY A 110 -92.91 23.40 40.92
CA GLY A 110 -92.08 24.41 41.56
C GLY A 110 -92.80 25.62 42.08
N LEU A 111 -94.13 25.58 42.21
CA LEU A 111 -94.86 26.74 42.67
C LEU A 111 -94.42 27.09 44.08
N PRO A 112 -93.98 28.33 44.34
CA PRO A 112 -93.53 28.68 45.70
C PRO A 112 -94.69 28.95 46.66
N PHE A 113 -95.27 27.87 47.16
CA PHE A 113 -96.32 27.97 48.17
C PHE A 113 -95.70 28.31 49.52
N SER A 114 -96.44 29.10 50.31
CA SER A 114 -96.04 29.32 51.69
C SER A 114 -96.24 28.04 52.49
N ARG A 115 -95.41 27.85 53.50
CA ARG A 115 -95.29 26.56 54.18
C ARG A 115 -95.72 26.66 55.64
N THR A 116 -96.20 25.55 56.17
CA THR A 116 -96.56 25.42 57.58
C THR A 116 -95.33 24.98 58.39
N LYS A 117 -95.50 24.92 59.70
CA LYS A 117 -94.40 24.51 60.56
C LYS A 117 -93.91 23.12 60.19
N GLU A 118 -94.82 22.22 59.82
CA GLU A 118 -94.46 20.86 59.48
C GLU A 118 -94.02 20.71 58.03
N GLY A 119 -94.03 21.78 57.25
CA GLY A 119 -93.54 21.75 55.90
C GLY A 119 -94.58 21.51 54.83
N LYS A 120 -95.85 21.44 55.19
CA LYS A 120 -96.93 21.29 54.23
C LYS A 120 -97.35 22.65 53.69
N ILE A 121 -98.10 22.64 52.60
CA ILE A 121 -98.59 23.87 52.02
C ILE A 121 -99.54 24.56 53.00
N TYR A 122 -99.36 25.87 53.16
CA TYR A 122 -100.19 26.64 54.07
C TYR A 122 -101.50 27.03 53.39
N GLN A 123 -102.58 27.03 54.16
CA GLN A 123 -103.91 27.39 53.68
C GLN A 123 -104.52 28.41 54.61
N ARG A 124 -105.37 29.27 54.05
CA ARG A 124 -105.98 30.37 54.79
C ARG A 124 -107.49 30.33 54.62
N ALA A 125 -108.18 31.00 55.53
CA ALA A 125 -109.64 31.10 55.48
C ALA A 125 -110.06 32.14 54.45
N PHE A 126 -111.00 31.77 53.59
CA PHE A 126 -111.51 32.66 52.54
C PHE A 126 -113.03 32.65 52.60
N GLY A 127 -113.62 33.79 52.23
CA GLY A 127 -115.06 33.98 52.36
C GLY A 127 -115.91 32.94 51.68
N GLY A 128 -116.96 32.48 52.37
CA GLY A 128 -117.93 31.58 51.80
C GLY A 128 -117.62 30.11 51.95
N GLN A 129 -116.62 29.74 52.73
CA GLN A 129 -116.18 28.35 52.85
C GLN A 129 -116.42 27.85 54.27
N SER A 130 -117.05 26.69 54.40
CA SER A 130 -117.44 26.14 55.68
C SER A 130 -117.18 24.63 55.69
N LEU A 131 -117.27 24.03 56.87
CA LEU A 131 -117.00 22.62 57.07
C LEU A 131 -118.27 21.87 57.45
N LYS A 132 -118.24 20.54 57.25
CA LYS A 132 -119.31 19.65 57.62
C LYS A 132 -120.65 20.08 57.01
N PHE A 133 -120.61 20.40 55.72
CA PHE A 133 -121.80 20.79 54.98
C PHE A 133 -122.52 21.95 55.66
N GLY A 134 -121.75 22.89 56.17
CA GLY A 134 -122.29 24.07 56.81
C GLY A 134 -122.50 23.94 58.31
N LYS A 135 -122.53 22.72 58.83
CA LYS A 135 -122.65 22.55 60.27
C LYS A 135 -121.40 23.03 60.99
N GLY A 136 -120.23 22.87 60.37
CA GLY A 136 -118.98 23.24 60.99
C GLY A 136 -118.66 24.71 60.82
N GLY A 137 -117.46 25.07 61.26
CA GLY A 137 -117.01 26.45 61.24
C GLY A 137 -116.28 26.82 59.96
N GLN A 138 -115.53 27.90 60.03
CA GLN A 138 -114.78 28.39 58.89
C GLN A 138 -113.79 27.35 58.41
N ALA A 139 -113.61 27.26 57.10
CA ALA A 139 -112.75 26.26 56.48
C ALA A 139 -111.52 26.94 55.91
N TYR A 140 -110.35 26.37 56.21
CA TYR A 140 -109.07 26.89 55.74
C TYR A 140 -108.64 26.04 54.53
N ARG A 141 -109.10 26.44 53.36
CA ARG A 141 -108.81 25.71 52.13
C ARG A 141 -108.04 26.49 51.09
N CYS A 142 -107.83 27.79 51.29
CA CYS A 142 -107.26 28.65 50.24
C CYS A 142 -105.73 28.54 50.28
N ALA A 143 -105.20 27.58 49.54
CA ALA A 143 -103.76 27.50 49.35
C ALA A 143 -103.25 28.81 48.78
N ALA A 144 -102.12 29.28 49.29
CA ALA A 144 -101.66 30.63 48.98
C ALA A 144 -100.14 30.67 48.88
N ALA A 145 -99.65 31.68 48.19
CA ALA A 145 -98.24 32.03 48.15
C ALA A 145 -98.17 33.51 48.52
N ALA A 146 -98.24 33.79 49.82
CA ALA A 146 -98.35 35.16 50.29
C ALA A 146 -99.51 35.83 49.56
N ASP A 147 -99.37 37.13 49.23
CA ASP A 147 -100.41 37.85 48.51
C ASP A 147 -100.14 37.89 47.01
N ARG A 148 -99.39 36.91 46.49
CA ARG A 148 -98.98 36.87 45.10
C ARG A 148 -99.22 35.49 44.52
N THR A 149 -100.36 34.88 44.87
CA THR A 149 -100.63 33.53 44.41
C THR A 149 -100.82 33.47 42.90
N GLY A 150 -101.41 34.50 42.32
CA GLY A 150 -101.57 34.53 40.88
C GLY A 150 -100.26 34.68 40.14
N HIS A 151 -99.37 35.51 40.66
CA HIS A 151 -98.04 35.64 40.08
C HIS A 151 -97.32 34.30 40.05
N ALA A 152 -97.44 33.54 41.14
CA ALA A 152 -96.76 32.25 41.24
C ALA A 152 -97.38 31.22 40.31
N ILE A 153 -98.71 31.21 40.21
CA ILE A 153 -99.39 30.21 39.38
C ILE A 153 -98.99 30.40 37.92
N LEU A 154 -99.03 31.64 37.45
CA LEU A 154 -98.78 31.90 36.03
C LEU A 154 -97.34 31.59 35.66
N HIS A 155 -96.38 31.97 36.51
CA HIS A 155 -94.98 31.64 36.24
C HIS A 155 -94.76 30.14 36.22
N THR A 156 -95.35 29.42 37.17
CA THR A 156 -95.17 27.98 37.21
C THR A 156 -95.76 27.32 35.97
N LEU A 157 -96.95 27.75 35.56
CA LEU A 157 -97.56 27.17 34.37
C LEU A 157 -96.76 27.52 33.12
N TYR A 158 -96.19 28.72 33.06
CA TYR A 158 -95.31 29.06 31.96
C TYR A 158 -94.07 28.18 31.95
N GLY A 159 -93.52 27.90 33.14
CA GLY A 159 -92.41 26.97 33.22
C GLY A 159 -92.81 25.57 32.77
N MET A 160 -94.00 25.13 33.15
CA MET A 160 -94.48 23.83 32.69
C MET A 160 -94.56 23.81 31.16
N SER A 161 -95.09 24.88 30.57
CA SER A 161 -95.18 24.93 29.12
C SER A 161 -93.80 24.88 28.47
N LEU A 162 -92.83 25.57 29.06
CA LEU A 162 -91.47 25.51 28.55
C LEU A 162 -90.91 24.09 28.65
N LYS A 163 -91.21 23.41 29.75
CA LYS A 163 -90.72 22.03 29.91
C LYS A 163 -91.25 21.12 28.82
N TYR A 164 -92.54 21.27 28.48
CA TYR A 164 -93.14 20.49 27.41
C TYR A 164 -92.89 21.08 26.04
N ASP A 165 -92.24 22.24 25.96
CA ASP A 165 -91.85 22.86 24.70
C ASP A 165 -93.08 23.16 23.83
N CYS A 166 -93.97 23.97 24.38
CA CYS A 166 -95.14 24.42 23.65
C CYS A 166 -94.76 25.51 22.65
N LEU A 167 -95.54 25.60 21.58
CA LEU A 167 -95.34 26.61 20.56
C LEU A 167 -96.22 27.81 20.86
N PHE A 168 -95.60 28.98 21.00
CA PHE A 168 -96.30 30.21 21.38
C PHE A 168 -96.23 31.23 20.24
N PHE A 169 -97.39 31.74 19.85
CA PHE A 169 -97.47 32.86 18.92
C PHE A 169 -97.79 34.11 19.74
N ILE A 170 -96.74 34.74 20.25
CA ILE A 170 -96.89 35.86 21.16
C ILE A 170 -97.16 37.13 20.39
N GLU A 171 -97.95 38.03 20.99
CA GLU A 171 -98.32 39.30 20.39
C GLU A 171 -99.05 39.10 19.06
N TYR A 172 -99.96 38.13 19.05
CA TYR A 172 -100.88 37.90 17.95
C TYR A 172 -102.30 38.17 18.43
N PHE A 173 -103.01 39.05 17.73
CA PHE A 173 -104.40 39.37 18.07
C PHE A 173 -105.33 38.47 17.29
N ALA A 174 -106.29 37.86 17.98
CA ALA A 174 -107.16 36.87 17.36
C ALA A 174 -108.44 37.53 16.88
N LEU A 175 -108.72 37.38 15.59
CA LEU A 175 -109.95 37.83 14.98
C LEU A 175 -110.96 36.68 15.03
N ASP A 176 -112.03 36.76 14.24
CA ASP A 176 -113.11 35.80 14.34
C ASP A 176 -112.60 34.37 14.15
N LEU A 177 -113.41 33.42 14.59
CA LEU A 177 -113.16 32.00 14.39
C LEU A 177 -113.45 31.60 12.94
N ILE A 178 -112.78 30.55 12.49
CA ILE A 178 -113.04 29.98 11.17
C ILE A 178 -114.08 28.88 11.36
N MET A 179 -115.28 29.10 10.83
CA MET A 179 -116.41 28.21 11.03
C MET A 179 -116.77 27.51 9.73
N ASP A 180 -116.97 26.20 9.80
CA ASP A 180 -117.45 25.44 8.67
C ASP A 180 -118.95 25.68 8.47
N GLN A 181 -119.41 25.43 7.24
CA GLN A 181 -120.84 25.55 6.97
C GLN A 181 -121.65 24.58 7.80
N ASP A 182 -121.11 23.41 8.10
CA ASP A 182 -121.82 22.45 8.94
C ASP A 182 -122.01 22.97 10.35
N GLY A 183 -121.26 23.97 10.76
CA GLY A 183 -121.33 24.49 12.12
C GLY A 183 -120.14 24.13 12.98
N SER A 184 -119.19 23.36 12.46
CA SER A 184 -117.98 23.05 13.20
C SER A 184 -117.03 24.24 13.18
N CYS A 185 -116.08 24.22 14.11
CA CYS A 185 -115.02 25.22 14.16
C CYS A 185 -113.74 24.57 13.64
N LYS A 186 -113.16 25.16 12.60
CA LYS A 186 -111.96 24.62 11.96
C LYS A 186 -110.70 25.41 12.31
N GLY A 187 -110.79 26.38 13.21
CA GLY A 187 -109.61 27.12 13.63
C GLY A 187 -109.94 28.58 13.86
N VAL A 188 -108.89 29.41 13.89
CA VAL A 188 -108.98 30.83 14.16
C VAL A 188 -108.13 31.58 13.13
N ILE A 189 -108.54 32.82 12.86
CA ILE A 189 -107.78 33.73 12.00
C ILE A 189 -107.31 34.90 12.85
N ALA A 190 -106.00 35.16 12.84
CA ALA A 190 -105.39 36.12 13.74
C ALA A 190 -104.45 37.04 12.97
N MET A 191 -104.10 38.15 13.62
CA MET A 191 -103.19 39.15 13.07
C MET A 191 -101.95 39.22 13.95
N SER A 192 -100.78 39.26 13.33
CA SER A 192 -99.52 39.43 14.05
C SER A 192 -99.25 40.92 14.22
N MET A 193 -99.29 41.38 15.47
CA MET A 193 -99.01 42.79 15.73
C MET A 193 -97.57 43.15 15.39
N GLU A 194 -96.63 42.23 15.65
CA GLU A 194 -95.22 42.52 15.44
C GLU A 194 -94.88 42.64 13.96
N ASP A 195 -95.44 41.77 13.13
CA ASP A 195 -95.12 41.75 11.70
C ASP A 195 -96.17 42.42 10.83
N GLY A 196 -97.43 42.43 11.26
CA GLY A 196 -98.49 43.04 10.48
C GLY A 196 -99.21 42.09 9.54
N SER A 197 -98.77 40.85 9.44
CA SER A 197 -99.40 39.89 8.54
C SER A 197 -100.57 39.21 9.22
N ILE A 198 -101.43 38.61 8.40
CA ILE A 198 -102.57 37.84 8.87
C ILE A 198 -102.21 36.36 8.84
N HIS A 199 -102.67 35.61 9.82
CA HIS A 199 -102.41 34.19 9.94
C HIS A 199 -103.72 33.45 10.09
N ARG A 200 -103.86 32.34 9.36
CA ARG A 200 -105.03 31.46 9.47
C ARG A 200 -104.56 30.15 10.11
N PHE A 201 -104.87 29.98 11.39
CA PHE A 201 -104.56 28.75 12.11
C PHE A 201 -105.73 27.80 11.97
N GLY A 202 -105.47 26.60 11.46
CA GLY A 202 -106.51 25.61 11.26
C GLY A 202 -106.28 24.36 12.10
N ALA A 203 -107.24 24.04 12.98
CA ALA A 203 -107.08 22.94 13.91
C ALA A 203 -108.36 22.13 14.01
N HIS A 204 -108.21 20.87 14.39
CA HIS A 204 -109.37 20.01 14.58
C HIS A 204 -110.18 20.44 15.80
N GLN A 205 -109.52 20.80 16.89
CA GLN A 205 -110.18 21.25 18.10
C GLN A 205 -109.56 22.56 18.55
N THR A 206 -110.40 23.54 18.87
CA THR A 206 -109.96 24.86 19.31
C THR A 206 -110.38 25.06 20.75
N VAL A 207 -109.52 25.73 21.52
CA VAL A 207 -109.82 26.08 22.91
C VAL A 207 -109.75 27.59 23.02
N ILE A 208 -110.79 28.19 23.61
CA ILE A 208 -110.86 29.62 23.82
C ILE A 208 -110.63 29.87 25.31
N ALA A 209 -109.45 30.38 25.65
CA ALA A 209 -109.06 30.65 27.01
C ALA A 209 -108.78 32.13 27.21
N THR A 210 -109.60 32.97 26.59
CA THR A 210 -109.48 34.41 26.76
C THR A 210 -110.01 34.82 28.13
N GLY A 211 -109.93 36.11 28.43
CA GLY A 211 -110.37 36.63 29.71
C GLY A 211 -111.82 37.04 29.69
N GLY A 212 -112.21 37.74 30.76
CA GLY A 212 -113.54 38.30 30.86
C GLY A 212 -113.63 39.69 30.23
N TYR A 213 -114.82 40.26 30.31
CA TYR A 213 -115.11 41.56 29.71
C TYR A 213 -115.26 42.65 30.76
N GLY A 214 -114.43 42.58 31.80
CA GLY A 214 -114.55 43.50 32.92
C GLY A 214 -114.29 44.95 32.60
N ARG A 215 -113.62 45.22 31.48
CA ARG A 215 -113.30 46.59 31.11
C ARG A 215 -114.49 47.35 30.54
N ALA A 216 -115.66 46.71 30.45
CA ALA A 216 -116.86 47.37 29.97
C ALA A 216 -117.44 48.35 30.98
N TYR A 217 -116.94 48.37 32.22
CA TYR A 217 -117.42 49.27 33.26
C TYR A 217 -116.36 50.34 33.53
N GLN A 218 -116.80 51.49 34.02
CA GLN A 218 -115.87 52.57 34.31
C GLN A 218 -114.85 52.13 35.36
N SER A 219 -115.31 51.80 36.55
CA SER A 219 -114.45 51.34 37.62
C SER A 219 -114.44 49.81 37.64
N CYS A 220 -113.27 49.21 37.43
CA CYS A 220 -113.14 47.77 37.44
C CYS A 220 -111.80 47.41 38.03
N THR A 221 -111.70 46.18 38.54
CA THR A 221 -110.41 45.64 38.93
C THR A 221 -109.70 44.95 37.77
N SER A 222 -110.40 44.73 36.67
CA SER A 222 -109.84 44.04 35.52
C SER A 222 -108.76 44.88 34.84
N ALA A 223 -107.93 44.20 34.07
CA ALA A 223 -106.84 44.84 33.35
C ALA A 223 -107.36 45.55 32.10
N HIS A 224 -106.50 46.38 31.51
CA HIS A 224 -106.85 47.01 30.24
C HIS A 224 -107.00 46.00 29.12
N THR A 225 -106.38 44.84 29.27
CA THR A 225 -106.42 43.80 28.25
C THR A 225 -107.60 42.85 28.42
N CYS A 226 -108.45 43.09 29.43
CA CYS A 226 -109.59 42.22 29.70
C CYS A 226 -110.83 42.76 28.97
N THR A 227 -110.80 42.64 27.66
CA THR A 227 -111.89 43.08 26.80
C THR A 227 -112.77 41.92 26.34
N GLY A 228 -112.57 40.72 26.87
CA GLY A 228 -113.43 39.60 26.57
C GLY A 228 -113.49 39.27 25.09
N ASP A 229 -112.33 39.22 24.44
CA ASP A 229 -112.31 39.08 22.99
C ASP A 229 -112.83 37.71 22.55
N GLY A 230 -112.55 36.66 23.32
CA GLY A 230 -113.00 35.34 22.92
C GLY A 230 -114.50 35.24 22.84
N GLY A 231 -115.21 35.85 23.79
CA GLY A 231 -116.65 35.80 23.76
C GLY A 231 -117.23 36.47 22.52
N GLY A 232 -116.67 37.62 22.14
CA GLY A 232 -117.13 38.28 20.94
C GLY A 232 -116.93 37.43 19.70
N MET A 233 -115.81 36.71 19.63
CA MET A 233 -115.58 35.81 18.50
C MET A 233 -116.66 34.73 18.45
N VAL A 234 -117.01 34.16 19.60
CA VAL A 234 -118.06 33.15 19.62
C VAL A 234 -119.40 33.77 19.25
N SER A 235 -119.68 34.98 19.74
CA SER A 235 -120.95 35.62 19.44
C SER A 235 -121.06 35.94 17.95
N ARG A 236 -119.97 36.42 17.34
CA ARG A 236 -120.02 36.72 15.92
C ARG A 236 -120.16 35.45 15.08
N ALA A 237 -119.73 34.31 15.62
CA ALA A 237 -119.98 33.04 14.94
C ALA A 237 -121.43 32.61 15.00
N GLY A 238 -122.26 33.29 15.79
CA GLY A 238 -123.65 32.94 15.94
C GLY A 238 -123.95 32.02 17.10
N LEU A 239 -122.95 31.62 17.86
CA LEU A 239 -123.14 30.75 19.01
C LEU A 239 -123.50 31.59 20.24
N PRO A 240 -124.15 30.98 21.22
CA PRO A 240 -124.66 31.75 22.35
C PRO A 240 -123.64 32.00 23.44
N LEU A 241 -123.94 32.99 24.27
CA LEU A 241 -123.18 33.34 25.46
C LEU A 241 -124.13 33.33 26.65
N GLN A 242 -123.68 32.74 27.76
CA GLN A 242 -124.55 32.37 28.86
C GLN A 242 -124.28 33.20 30.11
N ASP A 243 -125.35 33.51 30.85
CA ASP A 243 -125.26 34.09 32.19
C ASP A 243 -124.41 35.35 32.22
N LEU A 244 -124.57 36.20 31.20
CA LEU A 244 -123.78 37.42 31.16
C LEU A 244 -124.25 38.46 32.17
N GLU A 245 -125.50 38.37 32.66
CA GLU A 245 -125.99 39.38 33.58
C GLU A 245 -125.27 39.31 34.93
N PHE A 246 -124.83 38.13 35.34
CA PHE A 246 -124.23 37.94 36.66
C PHE A 246 -122.81 38.46 36.62
N VAL A 247 -122.62 39.68 37.11
CA VAL A 247 -121.32 40.33 37.18
C VAL A 247 -120.97 40.51 38.64
N GLN A 248 -119.82 39.96 39.05
CA GLN A 248 -119.41 40.02 40.45
C GLN A 248 -118.76 41.35 40.76
N PHE A 249 -119.01 41.83 41.98
CA PHE A 249 -118.35 43.00 42.53
C PHE A 249 -117.51 42.56 43.72
N HIS A 250 -116.22 42.81 43.67
CA HIS A 250 -115.38 42.50 44.81
C HIS A 250 -115.68 43.49 45.93
N PRO A 251 -115.98 43.03 47.14
CA PRO A 251 -116.33 43.98 48.20
C PRO A 251 -115.24 45.00 48.46
N THR A 252 -113.97 44.61 48.33
CA THR A 252 -112.84 45.44 48.73
C THR A 252 -112.01 45.77 47.49
N GLY A 253 -112.16 47.00 47.00
CA GLY A 253 -111.29 47.51 45.96
C GLY A 253 -110.91 48.95 46.28
N ILE A 254 -109.62 49.27 46.23
CA ILE A 254 -109.18 50.60 46.63
C ILE A 254 -109.99 51.65 45.88
N PHE A 255 -110.40 52.67 46.61
CA PHE A 255 -111.16 53.79 46.07
C PHE A 255 -110.28 55.01 45.98
N PRO A 256 -110.23 55.72 44.84
CA PRO A 256 -110.98 55.55 43.60
C PRO A 256 -110.25 54.73 42.53
N ALA A 257 -109.05 54.24 42.85
CA ALA A 257 -108.21 53.64 41.81
C ALA A 257 -108.87 52.42 41.21
N GLY A 258 -109.52 51.59 42.03
CA GLY A 258 -110.07 50.34 41.57
C GLY A 258 -109.15 49.15 41.73
N CYS A 259 -107.93 49.35 42.22
CA CYS A 259 -107.05 48.24 42.49
C CYS A 259 -107.63 47.37 43.61
N LEU A 260 -107.32 46.09 43.56
CA LEU A 260 -107.90 45.12 44.47
C LEU A 260 -107.10 45.02 45.76
N MET A 261 -107.81 44.87 46.88
CA MET A 261 -107.23 44.45 48.15
C MET A 261 -107.80 43.07 48.45
N THR A 262 -106.94 42.08 48.63
CA THR A 262 -107.37 40.70 48.62
C THR A 262 -108.38 40.42 49.72
N GLU A 263 -109.34 39.54 49.41
CA GLU A 263 -110.28 39.08 50.42
C GLU A 263 -109.55 38.40 51.58
N GLY A 264 -108.32 37.93 51.35
CA GLY A 264 -107.51 37.42 52.43
C GLY A 264 -107.21 38.45 53.49
N CYS A 265 -107.28 39.74 53.16
CA CYS A 265 -107.17 40.77 54.18
C CYS A 265 -108.24 40.59 55.24
N ARG A 266 -109.49 40.46 54.81
CA ARG A 266 -110.56 40.12 55.75
C ARG A 266 -110.43 38.70 56.23
N GLY A 267 -109.87 37.82 55.41
CA GLY A 267 -109.69 36.42 55.81
C GLY A 267 -108.67 36.23 56.90
N GLU A 268 -107.77 37.19 57.09
CA GLU A 268 -106.76 37.13 58.15
C GLU A 268 -107.11 38.02 59.34
N GLY A 269 -108.29 38.63 59.35
CA GLY A 269 -108.74 39.38 60.51
C GLY A 269 -109.23 40.79 60.22
N GLY A 270 -109.18 41.21 58.96
CA GLY A 270 -109.60 42.57 58.62
C GLY A 270 -111.06 42.80 58.92
N ILE A 271 -111.37 44.06 59.28
CA ILE A 271 -112.72 44.48 59.62
C ILE A 271 -113.11 45.62 58.68
N LEU A 272 -114.41 45.76 58.45
CA LEU A 272 -114.98 46.86 57.68
C LEU A 272 -115.81 47.73 58.62
N ARG A 273 -115.56 49.04 58.58
CA ARG A 273 -116.18 49.97 59.52
C ARG A 273 -116.82 51.13 58.77
N ASN A 274 -117.97 51.57 59.26
CA ASN A 274 -118.74 52.65 58.65
C ASN A 274 -118.37 53.97 59.30
N SER A 275 -119.15 55.02 59.01
CA SER A 275 -118.89 56.33 59.61
C SER A 275 -118.99 56.25 61.13
N GLU A 276 -120.00 55.53 61.64
CA GLU A 276 -120.14 55.37 63.07
C GLU A 276 -118.99 54.58 63.69
N GLY A 277 -118.19 53.91 62.86
CA GLY A 277 -117.17 53.01 63.34
C GLY A 277 -117.68 51.62 63.64
N GLU A 278 -118.96 51.36 63.42
CA GLU A 278 -119.53 50.06 63.72
C GLU A 278 -118.96 49.02 62.75
N PRO A 279 -118.70 47.80 63.22
CA PRO A 279 -118.45 46.71 62.26
C PRO A 279 -119.78 46.25 61.67
N PHE A 280 -120.24 47.01 60.69
CA PHE A 280 -121.59 46.87 60.17
C PHE A 280 -121.88 45.47 59.67
N MET A 281 -120.85 44.71 59.28
CA MET A 281 -121.06 43.40 58.67
C MET A 281 -121.75 42.42 59.59
N ALA A 282 -121.80 42.70 60.90
CA ALA A 282 -122.55 41.83 61.80
C ALA A 282 -124.04 41.84 61.48
N ARG A 283 -124.57 43.00 61.10
CA ARG A 283 -126.01 43.11 60.83
C ARG A 283 -126.42 42.22 59.65
N TYR A 284 -125.57 42.13 58.63
CA TYR A 284 -125.84 41.28 57.47
C TYR A 284 -124.98 40.02 57.55
N ALA A 285 -125.59 38.87 57.37
CA ALA A 285 -124.86 37.61 57.45
C ALA A 285 -124.14 37.51 58.79
N PRO A 286 -124.88 37.38 59.90
CA PRO A 286 -124.24 37.41 61.22
C PRO A 286 -123.23 36.31 61.47
N THR A 287 -123.48 35.07 61.03
CA THR A 287 -122.61 33.98 61.44
C THR A 287 -121.20 34.15 60.87
N ALA A 288 -121.09 34.61 59.63
CA ALA A 288 -119.80 34.94 59.01
C ALA A 288 -119.87 36.42 58.63
N LYS A 289 -119.34 37.28 59.48
CA LYS A 289 -119.57 38.70 59.33
C LYS A 289 -118.86 39.27 58.11
N ASP A 290 -117.53 39.20 58.09
CA ASP A 290 -116.76 39.69 56.96
C ASP A 290 -116.39 38.60 55.96
N LEU A 291 -116.64 37.34 56.30
CA LEU A 291 -116.37 36.22 55.42
C LEU A 291 -117.62 35.77 54.67
N ALA A 292 -118.67 36.59 54.67
CA ALA A 292 -119.86 36.28 53.91
C ALA A 292 -119.55 36.31 52.42
N SER A 293 -120.48 35.80 51.61
CA SER A 293 -120.27 35.78 50.18
C SER A 293 -120.04 37.19 49.65
N ARG A 294 -119.21 37.29 48.61
CA ARG A 294 -118.81 38.60 48.11
C ARG A 294 -120.02 39.47 47.77
N ASP A 295 -121.03 38.88 47.13
CA ASP A 295 -122.18 39.66 46.71
C ASP A 295 -122.94 40.22 47.92
N VAL A 296 -123.03 39.45 49.00
CA VAL A 296 -123.70 39.93 50.20
C VAL A 296 -122.95 41.12 50.78
N VAL A 297 -121.62 41.02 50.85
CA VAL A 297 -120.84 42.11 51.41
C VAL A 297 -120.96 43.35 50.53
N SER A 298 -120.89 43.17 49.22
CA SER A 298 -120.97 44.32 48.32
C SER A 298 -122.33 45.00 48.43
N ARG A 299 -123.41 44.23 48.47
CA ARG A 299 -124.73 44.82 48.61
C ARG A 299 -124.85 45.60 49.91
N ALA A 300 -124.32 45.02 51.01
CA ALA A 300 -124.39 45.70 52.30
C ALA A 300 -123.61 47.01 52.27
N MET A 301 -122.42 47.00 51.68
CA MET A 301 -121.63 48.22 51.60
C MET A 301 -122.37 49.30 50.81
N THR A 302 -122.98 48.92 49.69
CA THR A 302 -123.70 49.91 48.89
C THR A 302 -124.91 50.45 49.64
N LEU A 303 -125.64 49.58 50.34
CA LEU A 303 -126.78 50.06 51.13
C LEU A 303 -126.33 51.03 52.21
N GLU A 304 -125.22 50.71 52.88
CA GLU A 304 -124.76 51.55 53.97
C GLU A 304 -124.34 52.93 53.48
N ILE A 305 -123.59 52.98 52.37
CA ILE A 305 -123.24 54.27 51.79
C ILE A 305 -124.49 55.01 51.36
N ARG A 306 -125.48 54.28 50.84
CA ARG A 306 -126.74 54.90 50.47
C ARG A 306 -127.44 55.48 51.69
N GLU A 307 -127.36 54.78 52.83
CA GLU A 307 -128.02 55.21 54.04
C GLU A 307 -127.42 56.50 54.62
N GLY A 308 -126.21 56.87 54.19
CA GLY A 308 -125.54 58.02 54.73
C GLY A 308 -124.49 57.71 55.78
N ARG A 309 -124.13 56.43 55.96
CA ARG A 309 -123.10 56.04 56.90
C ARG A 309 -121.77 55.77 56.21
N GLY A 310 -121.52 56.42 55.08
CA GLY A 310 -120.24 56.29 54.42
C GLY A 310 -119.16 57.07 55.12
N VAL A 311 -117.92 56.83 54.70
CA VAL A 311 -116.75 57.43 55.33
C VAL A 311 -116.07 58.34 54.31
N GLY A 312 -115.12 59.12 54.82
CA GLY A 312 -114.40 60.06 54.00
C GLY A 312 -115.14 61.38 53.86
N PRO A 313 -114.55 62.32 53.13
CA PRO A 313 -115.19 63.65 53.00
C PRO A 313 -116.55 63.58 52.34
N ASN A 314 -116.72 62.74 51.34
CA ASN A 314 -117.89 62.74 50.48
C ASN A 314 -118.88 61.63 50.80
N LYS A 315 -118.63 60.84 51.84
CA LYS A 315 -119.50 59.72 52.19
C LYS A 315 -119.63 58.75 51.02
N ASP A 316 -118.59 58.62 50.22
CA ASP A 316 -118.64 57.83 49.00
C ASP A 316 -118.06 56.43 49.17
N HIS A 317 -117.43 56.13 50.30
CA HIS A 317 -116.75 54.86 50.44
C HIS A 317 -116.82 54.40 51.90
N ILE A 318 -116.23 53.24 52.15
CA ILE A 318 -116.16 52.61 53.46
C ILE A 318 -114.70 52.27 53.71
N TYR A 319 -114.35 52.04 54.97
CA TYR A 319 -112.97 51.78 55.37
C TYR A 319 -112.77 50.30 55.69
N LEU A 320 -111.54 49.84 55.49
CA LEU A 320 -111.10 48.49 55.84
C LEU A 320 -109.96 48.63 56.85
N HIS A 321 -110.23 48.27 58.10
CA HIS A 321 -109.30 48.50 59.20
C HIS A 321 -108.47 47.23 59.42
N LEU A 322 -107.27 47.23 58.86
CA LEU A 322 -106.29 46.19 59.12
C LEU A 322 -105.23 46.63 60.12
N ASP A 323 -105.34 47.84 60.66
CA ASP A 323 -104.28 48.36 61.53
C ASP A 323 -104.16 47.56 62.81
N HIS A 324 -105.26 47.02 63.32
CA HIS A 324 -105.21 46.30 64.58
C HIS A 324 -104.43 45.00 64.47
N LEU A 325 -104.35 44.43 63.26
CA LEU A 325 -103.63 43.18 63.09
C LEU A 325 -102.13 43.40 63.33
N PRO A 326 -101.42 42.38 63.80
CA PRO A 326 -99.99 42.55 64.07
C PRO A 326 -99.21 42.88 62.81
N ALA A 327 -98.18 43.71 62.98
CA ALA A 327 -97.37 44.11 61.83
C ALA A 327 -96.66 42.92 61.21
N GLU A 328 -96.18 41.99 62.04
CA GLU A 328 -95.47 40.83 61.51
C GLU A 328 -96.38 40.00 60.60
N THR A 329 -97.62 39.76 61.03
CA THR A 329 -98.54 38.99 60.19
C THR A 329 -98.85 39.72 58.89
N LEU A 330 -99.05 41.04 58.98
CA LEU A 330 -99.35 41.81 57.77
C LEU A 330 -98.22 41.68 56.75
N ARG A 331 -96.98 41.80 57.21
CA ARG A 331 -95.85 41.65 56.30
C ARG A 331 -95.71 40.23 55.81
N GLU A 332 -95.94 39.25 56.68
CA GLU A 332 -95.69 37.86 56.32
C GLU A 332 -96.67 37.37 55.27
N ARG A 333 -97.98 37.54 55.51
CA ARG A 333 -98.99 36.93 54.68
C ARG A 333 -99.81 37.94 53.86
N LEU A 334 -99.50 39.22 53.96
CA LEU A 334 -100.15 40.22 53.11
C LEU A 334 -99.15 41.28 52.67
N PRO A 335 -98.00 40.90 52.13
CA PRO A 335 -96.98 41.89 51.77
C PRO A 335 -97.38 42.80 50.61
N GLY A 336 -97.93 42.21 49.55
CA GLY A 336 -98.28 43.02 48.38
C GLY A 336 -99.33 44.06 48.66
N ILE A 337 -100.27 43.76 49.57
CA ILE A 337 -101.33 44.71 49.89
C ILE A 337 -100.72 46.00 50.45
N SER A 338 -99.73 45.87 51.33
CA SER A 338 -99.19 47.05 51.99
C SER A 338 -98.58 48.01 50.97
N GLU A 339 -97.83 47.49 50.01
CA GLU A 339 -97.20 48.37 49.03
C GLU A 339 -98.24 49.02 48.13
N THR A 340 -99.23 48.26 47.68
CA THR A 340 -100.27 48.83 46.81
C THR A 340 -101.02 49.93 47.53
N ALA A 341 -101.38 49.72 48.80
CA ALA A 341 -102.04 50.76 49.57
C ALA A 341 -101.12 51.96 49.74
N LYS A 342 -99.83 51.73 49.99
CA LYS A 342 -98.90 52.83 50.19
C LYS A 342 -98.81 53.72 48.95
N ILE A 343 -99.01 53.15 47.77
CA ILE A 343 -98.82 53.89 46.52
C ILE A 343 -100.12 54.52 46.06
N PHE A 344 -101.10 53.69 45.74
CA PHE A 344 -102.32 54.19 45.11
C PHE A 344 -103.24 54.86 46.12
N ALA A 345 -103.31 54.33 47.33
CA ALA A 345 -104.15 54.92 48.37
C ALA A 345 -103.39 55.87 49.28
N GLY A 346 -102.06 55.83 49.26
CA GLY A 346 -101.28 56.65 50.17
C GLY A 346 -101.58 56.35 51.62
N VAL A 347 -101.75 55.07 51.95
CA VAL A 347 -102.16 54.63 53.29
C VAL A 347 -101.11 53.68 53.83
N ASP A 348 -100.78 53.84 55.11
CA ASP A 348 -99.94 52.89 55.82
C ASP A 348 -100.85 51.87 56.51
N VAL A 349 -100.81 50.63 56.01
CA VAL A 349 -101.76 49.62 56.46
C VAL A 349 -101.63 49.37 57.95
N THR A 350 -100.40 49.41 58.47
CA THR A 350 -100.18 49.08 59.87
C THR A 350 -100.90 50.05 60.80
N LYS A 351 -100.98 51.32 60.42
CA LYS A 351 -101.51 52.35 61.30
C LYS A 351 -102.79 53.03 60.81
N GLU A 352 -103.20 52.82 59.56
CA GLU A 352 -104.32 53.56 59.01
C GLU A 352 -105.27 52.64 58.26
N PRO A 353 -106.54 53.02 58.14
CA PRO A 353 -107.48 52.25 57.33
C PRO A 353 -107.29 52.53 55.84
N ILE A 354 -107.79 51.60 55.04
CA ILE A 354 -107.69 51.67 53.58
C ILE A 354 -109.05 52.05 53.02
N PRO A 355 -109.16 53.08 52.19
CA PRO A 355 -110.44 53.36 51.54
C PRO A 355 -110.81 52.26 50.55
N VAL A 356 -112.08 51.87 50.56
CA VAL A 356 -112.52 50.70 49.81
C VAL A 356 -113.94 50.93 49.32
N LEU A 357 -114.27 50.31 48.19
CA LEU A 357 -115.59 50.41 47.59
C LEU A 357 -115.79 49.22 46.67
N PRO A 358 -117.02 48.72 46.51
CA PRO A 358 -117.24 47.59 45.60
C PRO A 358 -116.95 47.96 44.15
N THR A 359 -116.40 47.00 43.41
CA THR A 359 -115.94 47.22 42.05
C THR A 359 -116.09 45.94 41.25
N VAL A 360 -116.47 46.05 39.98
CA VAL A 360 -116.64 44.86 39.15
C VAL A 360 -115.33 44.10 39.08
N HIS A 361 -115.39 42.81 39.35
CA HIS A 361 -114.19 41.99 39.49
C HIS A 361 -114.14 40.82 38.52
N TYR A 362 -115.21 40.04 38.43
CA TYR A 362 -115.21 38.82 37.66
C TYR A 362 -116.55 38.68 36.96
N ASN A 363 -116.55 37.99 35.83
CA ASN A 363 -117.75 37.76 35.04
C ASN A 363 -118.08 36.29 35.10
N MET A 364 -119.13 35.95 35.85
CA MET A 364 -119.57 34.55 35.91
C MET A 364 -120.01 34.06 34.55
N GLY A 365 -120.59 34.93 33.73
CA GLY A 365 -121.06 34.52 32.42
C GLY A 365 -119.92 34.23 31.47
N GLY A 366 -120.26 33.51 30.40
CA GLY A 366 -119.27 33.17 29.39
C GLY A 366 -119.84 32.18 28.40
N ILE A 367 -118.95 31.63 27.58
CA ILE A 367 -119.37 30.68 26.56
C ILE A 367 -119.95 29.45 27.25
N PRO A 368 -121.15 28.99 26.88
CA PRO A 368 -121.70 27.79 27.51
C PRO A 368 -120.77 26.60 27.34
N THR A 369 -120.65 25.79 28.40
CA THR A 369 -119.82 24.61 28.36
C THR A 369 -120.41 23.54 29.27
N ASN A 370 -120.06 22.29 29.00
CA ASN A 370 -120.42 21.17 29.84
C ASN A 370 -119.25 20.85 30.77
N TRP A 371 -119.39 19.76 31.53
CA TRP A 371 -118.35 19.39 32.48
C TRP A 371 -117.07 18.94 31.78
N LYS A 372 -117.11 18.68 30.47
CA LYS A 372 -115.93 18.29 29.72
C LYS A 372 -115.27 19.48 29.03
N ALA A 373 -115.74 20.70 29.30
CA ALA A 373 -115.19 21.93 28.75
C ALA A 373 -115.47 22.08 27.25
N GLN A 374 -116.48 21.38 26.73
CA GLN A 374 -116.88 21.51 25.34
C GLN A 374 -117.93 22.61 25.21
N CYS A 375 -117.74 23.49 24.24
CA CYS A 375 -118.69 24.56 24.01
C CYS A 375 -120.04 24.00 23.58
N LEU A 376 -121.10 24.67 24.01
CA LEU A 376 -122.46 24.21 23.77
C LEU A 376 -123.19 25.15 22.83
N ASN A 377 -124.07 24.56 22.01
CA ASN A 377 -124.96 25.31 21.13
C ASN A 377 -126.37 24.77 21.37
N PRO A 378 -126.98 25.14 22.48
CA PRO A 378 -128.22 24.47 22.90
C PRO A 378 -129.32 24.61 21.85
N THR A 379 -130.14 23.57 21.78
CA THR A 379 -131.31 23.53 20.93
C THR A 379 -132.51 23.10 21.77
N SER A 380 -133.71 23.46 21.31
CA SER A 380 -134.91 23.14 22.06
C SER A 380 -134.99 21.65 22.35
N SER A 381 -134.76 20.82 21.33
CA SER A 381 -134.79 19.38 21.54
C SER A 381 -133.61 18.92 22.40
N ASP A 382 -132.41 19.44 22.14
CA ASP A 382 -131.21 19.04 22.83
C ASP A 382 -130.63 20.21 23.62
N PRO A 383 -130.88 20.29 24.93
CA PRO A 383 -130.38 21.43 25.71
C PRO A 383 -128.89 21.36 26.01
N ASN A 384 -128.18 20.33 25.56
CA ASN A 384 -126.77 20.19 25.84
C ASN A 384 -125.98 19.79 24.59
N LYS A 385 -126.43 20.22 23.42
CA LYS A 385 -125.67 19.96 22.20
C LYS A 385 -124.33 20.69 22.27
N ILE A 386 -123.30 20.07 21.70
CA ILE A 386 -121.94 20.58 21.76
C ILE A 386 -121.52 21.03 20.37
N VAL A 387 -120.83 22.17 20.31
CA VAL A 387 -120.26 22.57 19.02
C VAL A 387 -119.24 21.51 18.61
N PRO A 388 -119.21 21.08 17.35
CA PRO A 388 -118.41 19.90 17.01
C PRO A 388 -116.94 20.02 17.38
N GLY A 389 -116.33 21.19 17.23
CA GLY A 389 -114.90 21.28 17.42
C GLY A 389 -114.43 22.48 18.22
N LEU A 390 -115.21 22.89 19.21
CA LEU A 390 -114.91 24.09 19.99
C LEU A 390 -114.91 23.76 21.47
N LEU A 391 -113.98 24.38 22.21
CA LEU A 391 -113.89 24.22 23.64
C LEU A 391 -113.54 25.56 24.27
N ALA A 392 -113.89 25.69 25.55
CA ALA A 392 -113.62 26.92 26.30
C ALA A 392 -113.14 26.58 27.69
N ALA A 393 -112.36 27.49 28.27
CA ALA A 393 -111.84 27.30 29.61
C ALA A 393 -111.53 28.65 30.21
N GLY A 394 -111.50 28.70 31.54
CA GLY A 394 -111.18 29.93 32.25
C GLY A 394 -112.38 30.84 32.44
N GLU A 395 -112.08 32.08 32.81
CA GLU A 395 -113.12 33.09 32.96
C GLU A 395 -113.91 33.27 31.67
N ALA A 396 -113.30 32.94 30.53
CA ALA A 396 -113.99 33.06 29.25
C ALA A 396 -115.21 32.14 29.18
N GLY A 397 -115.11 30.95 29.76
CA GLY A 397 -116.16 29.96 29.68
C GLY A 397 -117.10 29.99 30.86
N SER A 398 -118.27 29.38 30.69
CA SER A 398 -119.26 29.25 31.75
C SER A 398 -119.70 27.79 31.80
N ALA A 399 -118.91 26.98 32.50
CA ALA A 399 -119.36 25.62 32.83
C ALA A 399 -120.44 25.65 33.89
N SER A 400 -120.67 26.79 34.52
CA SER A 400 -121.65 27.02 35.56
C SER A 400 -121.12 26.57 36.92
N VAL A 401 -119.83 26.25 37.04
CA VAL A 401 -119.29 25.91 38.35
C VAL A 401 -119.55 27.02 39.35
N HIS A 402 -119.57 28.27 38.88
CA HIS A 402 -119.74 29.42 39.76
C HIS A 402 -121.16 29.95 39.80
N GLY A 403 -121.97 29.66 38.79
CA GLY A 403 -123.37 30.04 38.82
C GLY A 403 -123.56 31.54 39.02
N ALA A 404 -124.45 31.89 39.95
CA ALA A 404 -124.80 33.29 40.14
C ALA A 404 -123.69 34.07 40.81
N ASN A 405 -123.06 33.51 41.83
CA ASN A 405 -121.98 34.17 42.55
C ASN A 405 -120.81 33.22 42.70
N ARG A 406 -119.61 33.75 42.54
CA ARG A 406 -118.37 32.98 42.60
C ARG A 406 -117.80 33.03 44.01
N LEU A 407 -117.23 31.90 44.44
CA LEU A 407 -116.54 31.84 45.73
C LEU A 407 -115.10 32.28 45.55
N GLY A 408 -114.63 33.13 46.46
CA GLY A 408 -113.24 33.56 46.38
C GLY A 408 -112.30 32.38 46.41
N ALA A 409 -111.28 32.43 45.54
CA ALA A 409 -110.27 31.41 45.38
C ALA A 409 -110.79 30.19 44.65
N ASN A 410 -112.03 30.21 44.18
CA ASN A 410 -112.56 29.12 43.38
C ASN A 410 -112.26 29.28 41.90
N SER A 411 -111.97 30.51 41.45
CA SER A 411 -111.71 30.74 40.04
C SER A 411 -110.37 30.15 39.61
N LEU A 412 -109.31 30.42 40.36
CA LEU A 412 -108.01 29.87 40.00
C LEU A 412 -108.05 28.35 39.94
N LEU A 413 -108.85 27.72 40.80
CA LEU A 413 -109.05 26.29 40.70
C LEU A 413 -109.74 25.93 39.40
N ASP A 414 -110.73 26.71 38.99
CA ASP A 414 -111.45 26.43 37.75
C ASP A 414 -110.50 26.48 36.56
N LEU A 415 -109.56 27.42 36.55
CA LEU A 415 -108.63 27.54 35.44
C LEU A 415 -107.89 26.24 35.20
N VAL A 416 -107.24 25.73 36.24
CA VAL A 416 -106.37 24.58 36.05
C VAL A 416 -107.18 23.32 35.78
N VAL A 417 -108.28 23.13 36.52
CA VAL A 417 -109.04 21.88 36.38
C VAL A 417 -109.59 21.77 34.96
N PHE A 418 -110.27 22.81 34.49
CA PHE A 418 -110.88 22.74 33.17
C PHE A 418 -109.85 22.95 32.06
N GLY A 419 -108.80 23.72 32.32
CA GLY A 419 -107.69 23.74 31.39
C GLY A 419 -107.09 22.36 31.21
N ARG A 420 -106.91 21.64 32.32
CA ARG A 420 -106.48 20.24 32.24
C ARG A 420 -107.55 19.38 31.59
N THR A 421 -108.82 19.61 31.95
CA THR A 421 -109.90 18.80 31.38
C THR A 421 -110.00 19.00 29.88
N ALA A 422 -109.85 20.24 29.42
CA ALA A 422 -109.96 20.51 28.00
C ALA A 422 -108.94 19.70 27.22
N ALA A 423 -107.70 19.63 27.71
CA ALA A 423 -106.68 18.85 27.02
C ALA A 423 -107.07 17.38 26.94
N ASP A 424 -107.63 16.84 28.02
CA ASP A 424 -108.04 15.44 28.01
C ASP A 424 -109.14 15.20 26.97
N THR A 425 -110.11 16.11 26.90
CA THR A 425 -111.19 15.93 25.94
C THR A 425 -110.67 15.94 24.52
N VAL A 426 -109.77 16.88 24.21
CA VAL A 426 -109.21 16.94 22.86
C VAL A 426 -108.45 15.67 22.55
N ALA A 427 -107.68 15.16 23.51
CA ALA A 427 -106.88 13.98 23.27
C ALA A 427 -107.75 12.79 22.86
N GLU A 428 -108.90 12.63 23.51
CA GLU A 428 -109.79 11.53 23.15
C GLU A 428 -110.33 11.70 21.73
N ILE A 429 -110.71 12.91 21.36
CA ILE A 429 -111.29 13.13 20.04
C ILE A 429 -110.23 13.00 18.94
N VAL A 430 -109.06 13.59 19.16
CA VAL A 430 -108.04 13.73 18.13
C VAL A 430 -106.87 12.82 18.47
N LYS A 431 -106.46 11.99 17.51
CA LYS A 431 -105.29 11.15 17.68
C LYS A 431 -104.01 11.95 17.48
N PRO A 432 -102.88 11.44 17.98
CA PRO A 432 -101.64 12.24 17.90
C PRO A 432 -101.27 12.68 16.50
N ASN A 433 -101.47 11.81 15.50
CA ASN A 433 -101.18 12.13 14.12
C ASN A 433 -102.43 11.86 13.29
N SER A 434 -102.96 12.90 12.66
CA SER A 434 -104.17 12.80 11.87
C SER A 434 -104.00 13.65 10.62
N PRO A 435 -104.77 13.39 9.58
CA PRO A 435 -104.70 14.21 8.37
C PRO A 435 -104.99 15.66 8.69
N PRO A 436 -104.33 16.60 8.02
CA PRO A 436 -104.56 18.01 8.32
C PRO A 436 -105.99 18.42 8.04
N VAL A 437 -106.49 19.35 8.84
CA VAL A 437 -107.85 19.83 8.67
C VAL A 437 -107.97 20.58 7.35
N THR A 438 -109.11 20.45 6.69
CA THR A 438 -109.38 21.09 5.41
C THR A 438 -110.20 22.35 5.67
N LEU A 439 -109.56 23.51 5.52
CA LEU A 439 -110.26 24.76 5.71
C LEU A 439 -111.26 25.00 4.57
N PRO A 440 -112.37 25.66 4.83
CA PRO A 440 -113.29 26.01 3.75
C PRO A 440 -112.63 26.97 2.77
N LYS A 441 -113.07 26.92 1.52
CA LYS A 441 -112.41 27.69 0.46
C LYS A 441 -112.42 29.18 0.77
N ASP A 442 -113.54 29.70 1.30
CA ASP A 442 -113.66 31.10 1.64
C ASP A 442 -113.30 31.38 3.10
N ALA A 443 -112.39 30.59 3.67
CA ALA A 443 -112.03 30.77 5.07
C ALA A 443 -111.38 32.14 5.27
N GLY A 444 -111.94 32.91 6.18
CA GLY A 444 -111.42 34.22 6.50
C GLY A 444 -111.81 35.32 5.53
N GLY A 445 -112.59 35.02 4.50
CA GLY A 445 -112.96 36.05 3.54
C GLY A 445 -113.72 37.20 4.20
N GLY A 446 -114.70 36.87 5.02
CA GLY A 446 -115.46 37.91 5.71
C GLY A 446 -114.63 38.67 6.71
N THR A 447 -113.77 37.97 7.45
CA THR A 447 -112.98 38.63 8.48
C THR A 447 -112.04 39.67 7.89
N ILE A 448 -111.38 39.35 6.78
CA ILE A 448 -110.44 40.29 6.17
C ILE A 448 -111.16 41.55 5.74
N ASP A 449 -112.32 41.40 5.10
CA ASP A 449 -113.07 42.57 4.65
C ASP A 449 -113.45 43.44 5.83
N ARG A 450 -113.94 42.84 6.90
CA ARG A 450 -114.27 43.62 8.10
C ARG A 450 -113.02 44.28 8.68
N PHE A 451 -111.92 43.54 8.74
CA PHE A 451 -110.68 44.10 9.25
C PHE A 451 -110.20 45.25 8.36
N ASP A 452 -110.29 45.09 7.05
CA ASP A 452 -109.86 46.15 6.14
C ASP A 452 -110.73 47.39 6.28
N LYS A 453 -112.04 47.20 6.39
CA LYS A 453 -112.94 48.35 6.49
C LYS A 453 -112.65 49.15 7.76
N ILE A 454 -112.44 48.46 8.88
CA ILE A 454 -112.11 49.16 10.12
C ILE A 454 -110.76 49.84 10.00
N ARG A 455 -109.81 49.23 9.28
CA ARG A 455 -108.50 49.85 9.13
C ARG A 455 -108.61 51.20 8.46
N HIS A 456 -109.45 51.32 7.42
CA HIS A 456 -109.64 52.56 6.71
C HIS A 456 -110.91 53.29 7.16
N ALA A 457 -111.35 53.04 8.39
CA ALA A 457 -112.57 53.68 8.89
C ALA A 457 -112.27 55.11 9.30
N LYS A 458 -113.02 56.05 8.74
CA LYS A 458 -112.91 57.46 9.07
C LYS A 458 -114.29 57.98 9.44
N GLY A 459 -114.42 58.54 10.63
CA GLY A 459 -115.69 59.02 11.11
C GLY A 459 -115.54 60.01 12.24
N PRO A 460 -116.62 60.69 12.59
CA PRO A 460 -116.50 61.73 13.63
C PRO A 460 -116.24 61.18 15.01
N VAL A 461 -116.94 60.12 15.40
CA VAL A 461 -116.79 59.56 16.74
C VAL A 461 -115.51 58.76 16.81
N SER A 462 -114.71 59.02 17.84
CA SER A 462 -113.45 58.32 18.04
C SER A 462 -113.66 57.09 18.92
N THR A 463 -112.70 56.17 18.84
CA THR A 463 -112.80 54.94 19.62
C THR A 463 -112.80 55.22 21.11
N ALA A 464 -111.94 56.13 21.56
CA ALA A 464 -111.88 56.44 22.98
C ALA A 464 -113.19 57.05 23.47
N ASP A 465 -113.77 57.96 22.69
CA ASP A 465 -115.04 58.57 23.11
C ASP A 465 -116.13 57.53 23.21
N LEU A 466 -116.23 56.64 22.22
CA LEU A 466 -117.28 55.63 22.25
C LEU A 466 -117.10 54.69 23.44
N ARG A 467 -115.86 54.28 23.70
CA ARG A 467 -115.63 53.39 24.84
C ARG A 467 -115.99 54.06 26.15
N SER A 468 -115.65 55.35 26.29
CA SER A 468 -116.02 56.07 27.50
C SER A 468 -117.53 56.12 27.66
N LYS A 469 -118.26 56.35 26.56
CA LYS A 469 -119.72 56.38 26.65
C LYS A 469 -120.26 55.02 27.06
N LEU A 470 -119.70 53.95 26.52
CA LEU A 470 -120.18 52.61 26.88
C LEU A 470 -119.95 52.33 28.35
N GLN A 471 -118.78 52.68 28.87
CA GLN A 471 -118.50 52.44 30.28
C GLN A 471 -119.42 53.24 31.18
N ARG A 472 -119.75 54.46 30.77
CA ARG A 472 -120.63 55.29 31.58
C ARG A 472 -122.00 54.64 31.75
N THR A 473 -122.56 54.11 30.65
CA THR A 473 -123.87 53.49 30.73
C THR A 473 -123.85 52.24 31.60
N MET A 474 -122.86 51.38 31.40
CA MET A 474 -122.79 50.14 32.17
C MET A 474 -122.65 50.42 33.66
N GLN A 475 -121.79 51.38 34.01
CA GLN A 475 -121.60 51.68 35.43
C GLN A 475 -122.87 52.24 36.05
N THR A 476 -123.51 53.19 35.38
CA THR A 476 -124.71 53.81 35.94
C THR A 476 -125.93 52.89 35.82
N ARG A 477 -126.09 52.22 34.69
CA ARG A 477 -127.31 51.45 34.44
C ARG A 477 -127.24 50.03 34.97
N ALA A 478 -126.07 49.53 35.35
CA ALA A 478 -125.92 48.18 35.88
C ALA A 478 -125.06 48.22 37.13
N PRO A 479 -125.55 48.86 38.19
CA PRO A 479 -124.79 48.88 39.44
C PRO A 479 -125.04 47.63 40.28
N VAL A 480 -124.57 47.63 41.52
CA VAL A 480 -124.80 46.49 42.40
C VAL A 480 -126.30 46.23 42.57
N TYR A 481 -127.08 47.29 42.77
CA TYR A 481 -128.54 47.18 42.90
C TYR A 481 -129.17 47.73 41.63
N ARG A 482 -129.78 46.84 40.85
CA ARG A 482 -130.28 47.18 39.53
C ARG A 482 -131.78 47.40 39.57
N ASN A 483 -132.22 48.55 39.10
CA ASN A 483 -133.64 48.89 39.00
C ASN A 483 -134.12 48.66 37.58
N GLY A 484 -135.33 48.10 37.44
CA GLY A 484 -135.82 47.73 36.13
C GLY A 484 -135.95 48.92 35.19
N ASP A 485 -136.43 50.05 35.70
CA ASP A 485 -136.58 51.24 34.85
C ASP A 485 -135.24 51.68 34.28
N ASP A 486 -134.21 51.71 35.12
CA ASP A 486 -132.88 52.06 34.62
C ASP A 486 -132.39 51.03 33.61
N LEU A 487 -132.58 49.75 33.90
CA LEU A 487 -132.11 48.72 32.97
C LEU A 487 -132.77 48.88 31.61
N LYS A 488 -134.05 49.22 31.57
CA LYS A 488 -134.73 49.43 30.30
C LYS A 488 -134.11 50.60 29.54
N LYS A 489 -133.85 51.71 30.24
CA LYS A 489 -133.21 52.84 29.61
C LYS A 489 -131.81 52.48 29.14
N GLY A 490 -131.07 51.74 29.97
CA GLY A 490 -129.73 51.32 29.57
C GLY A 490 -129.75 50.43 28.35
N CYS A 491 -130.75 49.56 28.24
CA CYS A 491 -130.85 48.69 27.07
C CYS A 491 -131.00 49.52 25.79
N GLU A 492 -131.83 50.56 25.83
CA GLU A 492 -131.94 51.44 24.67
C GLU A 492 -130.63 52.15 24.39
N GLU A 493 -129.96 52.65 25.42
CA GLU A 493 -128.72 53.38 25.22
C GLU A 493 -127.65 52.50 24.57
N VAL A 494 -127.51 51.28 25.06
CA VAL A 494 -126.47 50.39 24.53
C VAL A 494 -126.79 50.02 23.09
N ARG A 495 -128.06 49.85 22.76
CA ARG A 495 -128.42 49.59 21.37
C ARG A 495 -128.03 50.75 20.48
N GLU A 496 -128.21 51.98 20.96
CA GLU A 496 -127.74 53.14 20.21
C GLU A 496 -126.22 53.12 20.07
N ILE A 497 -125.52 52.74 21.15
CA ILE A 497 -124.07 52.67 21.09
C ILE A 497 -123.62 51.64 20.05
N MET A 498 -124.36 50.54 19.94
CA MET A 498 -124.05 49.56 18.89
C MET A 498 -124.18 50.18 17.51
N LYS A 499 -125.23 50.97 17.29
CA LYS A 499 -125.45 51.54 15.96
C LYS A 499 -124.33 52.51 15.59
N GLU A 500 -123.84 53.28 16.55
CA GLU A 500 -122.85 54.31 16.24
C GLU A 500 -121.44 53.77 16.13
N TYR A 501 -121.23 52.48 16.38
CA TYR A 501 -119.95 51.87 16.01
C TYR A 501 -119.71 51.96 14.51
N LYS A 502 -120.77 52.17 13.73
CA LYS A 502 -120.63 52.37 12.30
C LYS A 502 -119.80 53.60 11.98
N ASP A 503 -119.84 54.61 12.85
CA ASP A 503 -119.18 55.89 12.59
C ASP A 503 -117.81 56.00 13.23
N VAL A 504 -117.30 54.91 13.82
CA VAL A 504 -116.00 54.98 14.48
C VAL A 504 -114.91 55.21 13.43
N GLY A 505 -113.88 55.95 13.82
CA GLY A 505 -112.76 56.23 12.93
C GLY A 505 -111.45 56.16 13.67
N ILE A 506 -110.41 55.73 12.95
CA ILE A 506 -109.06 55.61 13.50
C ILE A 506 -108.12 56.45 12.65
N LYS A 507 -107.27 57.22 13.32
CA LYS A 507 -106.30 58.06 12.60
C LYS A 507 -105.14 57.26 12.06
N ASP A 508 -104.68 56.25 12.78
CA ASP A 508 -103.55 55.45 12.35
C ASP A 508 -103.99 54.40 11.33
N ARG A 509 -103.09 54.09 10.39
CA ARG A 509 -103.39 53.16 9.32
C ARG A 509 -102.30 52.13 9.08
N THR A 510 -101.34 51.98 9.98
CA THR A 510 -100.31 50.96 9.83
C THR A 510 -100.80 49.63 10.38
N LEU A 511 -99.97 48.59 10.25
CA LEU A 511 -100.31 47.26 10.73
C LEU A 511 -99.37 46.74 11.80
N VAL A 512 -98.33 47.47 12.16
CA VAL A 512 -97.38 47.03 13.17
C VAL A 512 -97.67 47.80 14.45
N TRP A 513 -98.13 47.08 15.47
CA TRP A 513 -98.47 47.66 16.76
C TRP A 513 -99.35 48.89 16.60
N ASN A 514 -100.39 48.74 15.76
CA ASN A 514 -101.39 49.78 15.57
C ASN A 514 -102.41 49.66 16.69
N THR A 515 -102.02 50.13 17.88
CA THR A 515 -102.90 50.03 19.05
C THR A 515 -104.23 50.70 18.80
N ASP A 516 -104.24 51.77 17.99
CA ASP A 516 -105.50 52.43 17.67
C ASP A 516 -106.44 51.47 16.95
N LEU A 517 -105.92 50.71 15.99
CA LEU A 517 -106.75 49.72 15.31
C LEU A 517 -107.18 48.61 16.26
N ILE A 518 -106.24 48.10 17.07
CA ILE A 518 -106.56 46.99 17.96
C ILE A 518 -107.63 47.41 18.96
N GLU A 519 -107.51 48.60 19.53
CA GLU A 519 -108.52 49.05 20.48
C GLU A 519 -109.89 49.12 19.85
N THR A 520 -109.96 49.58 18.59
CA THR A 520 -111.24 49.62 17.91
C THR A 520 -111.83 48.23 17.75
N LEU A 521 -110.99 47.25 17.37
CA LEU A 521 -111.47 45.88 17.27
C LEU A 521 -111.89 45.35 18.63
N GLU A 522 -111.13 45.67 19.67
CA GLU A 522 -111.51 45.25 21.03
C GLU A 522 -112.84 45.87 21.43
N LEU A 523 -113.05 47.15 21.09
CA LEU A 523 -114.30 47.81 21.43
C LEU A 523 -115.50 47.08 20.83
N GLU A 524 -115.35 46.50 19.65
CA GLU A 524 -116.44 45.74 19.07
C GLU A 524 -116.82 44.57 19.95
N ASN A 525 -115.82 43.83 20.45
CA ASN A 525 -116.10 42.75 21.38
C ASN A 525 -116.69 43.26 22.67
N LEU A 526 -116.18 44.39 23.16
CA LEU A 526 -116.67 44.94 24.42
C LEU A 526 -118.12 45.38 24.31
N ILE A 527 -118.51 45.96 23.17
CA ILE A 527 -119.87 46.46 23.01
C ILE A 527 -120.85 45.29 22.99
N THR A 528 -120.55 44.27 22.19
CA THR A 528 -121.50 43.16 22.04
C THR A 528 -121.73 42.44 23.35
N GLN A 529 -120.66 42.18 24.11
CA GLN A 529 -120.82 41.54 25.41
C GLN A 529 -121.54 42.45 26.39
N ALA A 530 -121.24 43.75 26.35
CA ALA A 530 -121.91 44.68 27.24
C ALA A 530 -123.40 44.74 26.95
N ALA A 531 -123.78 44.73 25.67
CA ALA A 531 -125.19 44.77 25.32
C ALA A 531 -125.93 43.56 25.87
N GLN A 532 -125.35 42.37 25.69
CA GLN A 532 -126.01 41.16 26.19
C GLN A 532 -126.15 41.19 27.71
N THR A 533 -125.19 41.80 28.41
CA THR A 533 -125.29 41.89 29.86
C THR A 533 -126.52 42.68 30.28
N ILE A 534 -126.76 43.83 29.63
CA ILE A 534 -127.91 44.65 30.00
C ILE A 534 -129.20 43.95 29.63
N VAL A 535 -129.27 43.40 28.41
CA VAL A 535 -130.51 42.76 27.97
C VAL A 535 -130.83 41.55 28.84
N SER A 536 -129.82 40.73 29.13
CA SER A 536 -130.04 39.57 29.99
C SER A 536 -130.45 40.01 31.39
N GLY A 537 -129.80 41.03 31.94
CA GLY A 537 -130.16 41.49 33.27
C GLY A 537 -131.56 42.07 33.31
N GLU A 538 -131.94 42.84 32.30
CA GLU A 538 -133.28 43.42 32.27
C GLU A 538 -134.33 42.32 32.18
N ALA A 539 -134.07 41.30 31.38
CA ALA A 539 -135.06 40.23 31.20
C ALA A 539 -135.29 39.47 32.50
N ARG A 540 -134.24 39.23 33.27
CA ARG A 540 -134.34 38.41 34.47
C ARG A 540 -135.11 39.17 35.55
N LYS A 541 -136.34 38.73 35.82
CA LYS A 541 -137.21 39.40 36.79
C LYS A 541 -137.12 38.71 38.15
N GLU A 542 -135.91 38.69 38.71
CA GLU A 542 -135.68 38.10 40.02
C GLU A 542 -134.42 38.70 40.61
N SER A 543 -133.99 38.18 41.75
CA SER A 543 -132.78 38.62 42.43
C SER A 543 -132.05 37.37 42.91
N ARG A 544 -130.97 37.01 42.23
CA ARG A 544 -130.22 35.80 42.52
C ARG A 544 -128.73 36.11 42.48
N GLY A 545 -128.03 35.74 43.55
CA GLY A 545 -126.60 35.93 43.57
C GLY A 545 -126.22 37.38 43.34
N ALA A 546 -125.28 37.60 42.42
CA ALA A 546 -124.83 38.95 42.13
C ALA A 546 -125.96 39.80 41.55
N HIS A 547 -126.76 39.23 40.66
CA HIS A 547 -127.87 39.97 40.06
C HIS A 547 -128.93 40.25 41.12
N ALA A 548 -128.99 41.50 41.56
CA ALA A 548 -129.96 41.94 42.56
C ALA A 548 -130.86 43.00 41.97
N ARG A 549 -132.17 42.80 42.09
CA ARG A 549 -133.17 43.72 41.56
C ARG A 549 -134.00 44.26 42.71
N GLU A 550 -134.09 45.58 42.79
CA GLU A 550 -134.96 46.21 43.79
C GLU A 550 -136.43 46.01 43.44
N ASP A 551 -136.75 45.97 42.15
CA ASP A 551 -138.13 45.72 41.75
C ASP A 551 -138.57 44.31 42.15
N PHE A 552 -137.69 43.33 42.00
CA PHE A 552 -137.98 41.94 42.32
C PHE A 552 -136.94 41.48 43.33
N THR A 553 -137.23 41.68 44.61
CA THR A 553 -136.30 41.35 45.68
C THR A 553 -136.61 39.97 46.25
N GLU A 554 -136.46 38.95 45.41
CA GLU A 554 -136.70 37.58 45.83
C GLU A 554 -136.12 36.65 44.78
N ARG A 555 -135.82 35.43 45.20
CA ARG A 555 -135.23 34.42 44.34
C ARG A 555 -136.34 33.48 43.87
N ASP A 556 -136.71 33.60 42.59
CA ASP A 556 -137.78 32.78 42.02
C ASP A 556 -137.13 31.52 41.44
N ASP A 557 -137.28 30.41 42.14
CA ASP A 557 -136.74 29.14 41.66
C ASP A 557 -137.71 28.42 40.73
N LYS A 558 -139.00 28.68 40.87
CA LYS A 558 -139.99 28.00 40.03
C LYS A 558 -139.85 28.39 38.57
N LYS A 559 -139.71 29.70 38.30
CA LYS A 559 -139.77 30.21 36.94
C LYS A 559 -138.48 30.88 36.51
N TRP A 560 -137.41 30.81 37.31
CA TRP A 560 -136.19 31.51 36.94
C TRP A 560 -134.91 30.77 37.31
N MET A 561 -134.98 29.47 37.58
CA MET A 561 -133.76 28.67 37.78
C MET A 561 -133.27 28.10 36.44
N LYS A 562 -132.93 29.02 35.55
CA LYS A 562 -132.58 28.68 34.18
C LYS A 562 -131.42 29.56 33.71
N HIS A 563 -130.45 28.94 33.04
CA HIS A 563 -129.37 29.72 32.44
C HIS A 563 -129.93 30.63 31.35
N SER A 564 -129.31 31.80 31.19
CA SER A 564 -129.80 32.83 30.27
C SER A 564 -128.84 32.96 29.09
N LEU A 565 -129.19 32.32 27.98
CA LEU A 565 -128.40 32.40 26.76
C LEU A 565 -128.73 33.68 25.99
N SER A 566 -127.73 34.20 25.29
CA SER A 566 -127.87 35.43 24.52
C SER A 566 -127.27 35.24 23.14
N TYR A 567 -127.98 35.70 22.11
CA TYR A 567 -127.59 35.52 20.72
C TYR A 567 -127.45 36.87 20.04
N GLN A 568 -126.43 37.01 19.18
CA GLN A 568 -126.25 38.17 18.33
C GLN A 568 -126.81 37.84 16.95
N THR A 569 -127.76 38.65 16.49
CA THR A 569 -128.51 38.29 15.28
C THR A 569 -127.60 38.19 14.07
N LYS A 570 -126.71 39.16 13.89
CA LYS A 570 -125.85 39.21 12.71
C LYS A 570 -124.41 39.43 13.13
N PRO A 571 -123.45 39.02 12.29
CA PRO A 571 -122.04 39.14 12.70
C PRO A 571 -121.63 40.57 13.02
N HIS A 572 -122.18 41.54 12.30
CA HIS A 572 -121.83 42.93 12.52
C HIS A 572 -122.63 43.48 13.70
N VAL A 573 -121.93 44.01 14.69
CA VAL A 573 -122.61 44.57 15.86
C VAL A 573 -123.50 45.74 15.45
N GLU A 574 -123.13 46.44 14.37
CA GLU A 574 -123.91 47.58 13.93
C GLU A 574 -125.30 47.15 13.45
N GLU A 575 -125.39 46.00 12.80
CA GLU A 575 -126.62 45.54 12.17
C GLU A 575 -127.27 44.37 12.90
N SER A 576 -126.97 44.20 14.18
CA SER A 576 -127.41 43.03 14.93
C SER A 576 -128.33 43.45 16.06
N ASP A 577 -129.12 42.47 16.53
CA ASP A 577 -129.98 42.63 17.68
C ASP A 577 -129.77 41.46 18.63
N ILE A 578 -129.99 41.70 19.90
CA ILE A 578 -129.76 40.69 20.93
C ILE A 578 -131.05 39.91 21.14
N VAL A 579 -130.95 38.58 21.10
CA VAL A 579 -132.08 37.68 21.32
C VAL A 579 -131.74 36.77 22.50
N LEU A 580 -132.74 36.54 23.35
CA LEU A 580 -132.55 35.80 24.60
C LEU A 580 -133.29 34.46 24.54
N LYS A 581 -132.60 33.40 24.92
CA LYS A 581 -133.20 32.09 25.10
C LYS A 581 -132.61 31.46 26.35
N TYR A 582 -133.29 30.45 26.87
CA TYR A 582 -132.92 29.85 28.15
C TYR A 582 -132.78 28.34 28.01
N ARG A 583 -131.93 27.78 28.85
CA ARG A 583 -131.78 26.34 28.97
C ARG A 583 -131.73 25.95 30.45
N PRO A 584 -132.21 24.77 30.79
CA PRO A 584 -132.28 24.38 32.20
C PRO A 584 -130.90 24.12 32.78
N VAL A 585 -130.82 24.25 34.09
CA VAL A 585 -129.60 24.03 34.83
C VAL A 585 -129.48 22.55 35.16
N VAL A 586 -128.25 22.05 35.24
CA VAL A 586 -127.97 20.66 35.56
C VAL A 586 -127.78 20.52 37.06
N ASP A 587 -128.67 19.79 37.71
CA ASP A 587 -128.66 19.67 39.17
C ASP A 587 -128.20 18.32 39.67
N GLN A 588 -128.10 17.32 38.80
CA GLN A 588 -127.76 15.98 39.23
C GLN A 588 -126.25 15.76 39.09
N PRO A 589 -125.53 15.45 40.16
CA PRO A 589 -124.10 15.17 40.02
C PRO A 589 -123.85 13.94 39.16
N LEU A 590 -122.75 13.97 38.42
CA LEU A 590 -122.45 12.88 37.50
C LEU A 590 -122.23 11.56 38.23
N ASP A 591 -121.54 11.60 39.37
CA ASP A 591 -121.26 10.41 40.15
C ASP A 591 -122.05 10.43 41.44
N SER A 592 -122.15 9.26 42.07
CA SER A 592 -122.86 9.12 43.33
C SER A 592 -122.01 9.50 44.53
N GLU A 593 -120.73 9.81 44.34
CA GLU A 593 -119.90 10.18 45.48
C GLU A 593 -120.43 11.42 46.18
N MET A 594 -120.89 12.40 45.42
CA MET A 594 -121.46 13.62 45.98
C MET A 594 -122.97 13.57 45.81
N HIS A 595 -123.69 13.74 46.91
CA HIS A 595 -125.14 13.74 46.87
C HIS A 595 -125.67 15.07 46.31
N HIS A 596 -126.89 15.03 45.82
CA HIS A 596 -127.53 16.24 45.32
C HIS A 596 -127.78 17.22 46.46
N VAL A 597 -127.66 18.51 46.16
CA VAL A 597 -127.89 19.56 47.14
C VAL A 597 -129.18 20.29 46.78
N PRO A 598 -130.29 20.04 47.49
CA PRO A 598 -131.54 20.68 47.11
C PRO A 598 -131.48 22.18 47.35
N PRO A 599 -132.22 22.97 46.59
CA PRO A 599 -132.23 24.42 46.82
C PRO A 599 -132.74 24.74 48.21
N ALA A 600 -132.17 25.78 48.81
CA ALA A 600 -132.54 26.21 50.15
C ALA A 600 -132.17 27.67 50.30
N LYS A 601 -132.52 28.25 51.45
CA LYS A 601 -132.21 29.65 51.71
C LYS A 601 -130.71 29.85 51.79
N ARG A 602 -130.27 31.02 51.34
CA ARG A 602 -128.86 31.37 51.26
C ARG A 602 -128.65 32.62 52.13
N VAL A 603 -128.39 32.41 53.41
CA VAL A 603 -128.26 33.50 54.36
C VAL A 603 -126.80 33.85 54.64
N TYR A 604 -125.93 32.84 54.72
CA TYR A 604 -124.53 33.08 55.05
C TYR A 604 -124.39 33.80 56.38
N MET B 1 -100.59 72.58 33.73
CA MET B 1 -100.36 72.30 32.32
C MET B 1 -98.95 71.79 32.08
N GLN B 2 -98.70 70.55 32.50
CA GLN B 2 -97.39 69.96 32.32
C GLN B 2 -97.13 69.63 30.86
N THR B 3 -95.85 69.70 30.48
CA THR B 3 -95.42 69.39 29.13
C THR B 3 -94.78 68.01 29.11
N PHE B 4 -95.27 67.15 28.21
CA PHE B 4 -94.78 65.79 28.08
C PHE B 4 -94.12 65.61 26.71
N ARG B 5 -92.88 65.16 26.71
CA ARG B 5 -92.16 64.83 25.49
C ARG B 5 -92.09 63.31 25.35
N VAL B 6 -92.53 62.80 24.21
CA VAL B 6 -92.69 61.37 24.00
C VAL B 6 -91.88 60.95 22.78
N TYR B 7 -91.12 59.87 22.93
CA TYR B 7 -90.38 59.31 21.82
C TYR B 7 -91.34 58.74 20.78
N ARG B 8 -91.12 59.09 19.52
CA ARG B 8 -92.01 58.69 18.44
C ARG B 8 -91.21 58.11 17.29
N TYR B 9 -91.72 57.02 16.72
CA TYR B 9 -91.10 56.39 15.57
C TYR B 9 -92.14 55.58 14.82
N ASP B 10 -92.25 55.82 13.52
CA ASP B 10 -93.22 55.12 12.70
C ASP B 10 -92.52 54.01 11.94
N PRO B 11 -92.81 52.73 12.20
CA PRO B 11 -92.09 51.67 11.51
C PRO B 11 -92.27 51.69 10.01
N LEU B 12 -93.43 52.10 9.50
CA LEU B 12 -93.65 52.10 8.06
C LEU B 12 -92.81 53.20 7.38
N LEU B 13 -92.88 54.41 7.92
CA LEU B 13 -92.10 55.51 7.33
C LEU B 13 -90.61 55.29 7.52
N GLN B 14 -90.22 54.71 8.67
CA GLN B 14 -88.82 54.47 8.97
C GLN B 14 -88.02 55.79 8.98
N ASP B 15 -88.66 56.87 9.40
CA ASP B 15 -87.98 58.15 9.51
C ASP B 15 -87.20 58.21 10.82
N LYS B 16 -86.36 59.24 10.92
CA LYS B 16 -85.56 59.41 12.11
C LYS B 16 -86.47 59.62 13.32
N PRO B 17 -86.33 58.83 14.39
CA PRO B 17 -87.16 59.06 15.57
C PRO B 17 -86.93 60.45 16.14
N HIS B 18 -88.00 61.03 16.68
CA HIS B 18 -87.95 62.37 17.24
C HIS B 18 -88.84 62.43 18.48
N MET B 19 -88.62 63.46 19.28
CA MET B 19 -89.38 63.69 20.51
C MET B 19 -90.46 64.72 20.22
N GLN B 20 -91.71 64.36 20.47
CA GLN B 20 -92.85 65.24 20.27
C GLN B 20 -93.40 65.65 21.62
N GLU B 21 -93.69 66.94 21.78
CA GLU B 21 -94.11 67.49 23.06
C GLU B 21 -95.62 67.68 23.07
N PHE B 22 -96.25 67.24 24.15
CA PHE B 22 -97.68 67.40 24.38
C PHE B 22 -97.91 68.19 25.67
N ASN B 23 -99.00 68.92 25.71
CA ASN B 23 -99.41 69.67 26.89
C ASN B 23 -100.67 69.04 27.47
N ILE B 24 -100.62 68.70 28.75
CA ILE B 24 -101.73 68.04 29.42
C ILE B 24 -102.01 68.78 30.72
N ASP B 25 -103.29 68.88 31.07
CA ASP B 25 -103.71 69.48 32.33
C ASP B 25 -103.74 68.38 33.38
N LEU B 26 -102.83 68.46 34.35
CA LEU B 26 -102.76 67.44 35.39
C LEU B 26 -104.02 67.41 36.25
N ALA B 27 -104.83 68.47 36.23
CA ALA B 27 -106.06 68.46 37.01
C ALA B 27 -106.99 67.35 36.55
N GLN B 28 -107.07 67.14 35.23
CA GLN B 28 -107.96 66.13 34.65
C GLN B 28 -107.22 64.86 34.29
N CYS B 29 -106.14 64.54 35.00
CA CYS B 29 -105.34 63.36 34.71
C CYS B 29 -104.97 62.66 36.00
N GLY B 30 -104.72 61.36 35.92
CA GLY B 30 -104.34 60.58 37.07
C GLY B 30 -102.92 60.88 37.50
N PRO B 31 -102.60 60.57 38.76
CA PRO B 31 -101.26 60.90 39.26
C PRO B 31 -100.14 60.21 38.51
N MET B 32 -100.37 58.99 38.02
CA MET B 32 -99.28 58.21 37.46
C MET B 32 -99.01 58.60 36.02
N ILE B 33 -97.79 58.27 35.57
CA ILE B 33 -97.39 58.61 34.21
C ILE B 33 -98.28 57.92 33.19
N LEU B 34 -98.58 56.64 33.43
CA LEU B 34 -99.39 55.90 32.47
C LEU B 34 -100.72 56.60 32.22
N ASP B 35 -101.27 57.26 33.23
CA ASP B 35 -102.51 57.99 33.03
C ASP B 35 -102.33 59.13 32.03
N ALA B 36 -101.20 59.83 32.11
CA ALA B 36 -100.92 60.90 31.16
C ALA B 36 -100.82 60.35 29.74
N LEU B 37 -100.13 59.22 29.57
CA LEU B 37 -100.01 58.65 28.24
C LEU B 37 -101.36 58.23 27.70
N ILE B 38 -102.21 57.64 28.53
CA ILE B 38 -103.54 57.25 28.09
C ILE B 38 -104.35 58.48 27.72
N LYS B 39 -104.27 59.53 28.52
CA LYS B 39 -105.01 60.75 28.21
C LYS B 39 -104.54 61.36 26.89
N ILE B 40 -103.22 61.36 26.66
CA ILE B 40 -102.71 61.89 25.40
C ILE B 40 -103.26 61.08 24.23
N LYS B 41 -103.23 59.75 24.35
CA LYS B 41 -103.75 58.91 23.28
C LYS B 41 -105.24 59.14 23.07
N ALA B 42 -105.99 59.27 24.16
CA ALA B 42 -107.44 59.38 24.05
C ALA B 42 -107.85 60.70 23.40
N THR B 43 -107.16 61.79 23.75
CA THR B 43 -107.59 63.13 23.35
C THR B 43 -106.81 63.68 22.17
N GLN B 44 -105.48 63.73 22.26
CA GLN B 44 -104.69 64.50 21.30
C GLN B 44 -104.23 63.65 20.11
N ASP B 45 -103.46 62.60 20.38
CA ASP B 45 -102.84 61.80 19.32
C ASP B 45 -103.08 60.33 19.61
N SER B 46 -104.09 59.75 18.96
CA SER B 46 -104.41 58.34 19.18
C SER B 46 -103.39 57.41 18.55
N THR B 47 -102.49 57.92 17.70
CA THR B 47 -101.50 57.06 17.08
C THR B 47 -100.48 56.53 18.07
N LEU B 48 -100.31 57.18 19.22
CA LEU B 48 -99.31 56.77 20.19
C LEU B 48 -99.57 55.34 20.65
N ALA B 49 -98.50 54.54 20.72
CA ALA B 49 -98.60 53.14 21.05
C ALA B 49 -97.69 52.80 22.23
N PHE B 50 -98.22 52.02 23.17
CA PHE B 50 -97.46 51.61 24.35
C PHE B 50 -98.13 50.39 24.96
N ARG B 51 -97.32 49.57 25.64
CA ARG B 51 -97.81 48.37 26.30
C ARG B 51 -98.27 48.71 27.71
N ARG B 52 -99.51 48.35 28.05
CA ARG B 52 -100.07 48.58 29.39
C ARG B 52 -101.11 47.53 29.68
N SER B 53 -101.16 47.04 30.93
CA SER B 53 -102.26 46.15 31.29
C SER B 53 -102.80 46.25 32.72
N CYS B 54 -101.91 46.28 33.71
CA CYS B 54 -102.32 45.96 35.08
C CYS B 54 -102.93 47.16 35.80
N ARG B 55 -102.20 48.27 35.83
CA ARG B 55 -102.45 49.45 36.64
C ARG B 55 -102.00 49.25 38.08
N GLU B 56 -101.69 48.03 38.51
CA GLU B 56 -101.27 47.79 39.88
C GLU B 56 -99.77 47.69 40.02
N GLY B 57 -99.05 47.48 38.93
CA GLY B 57 -97.63 47.26 38.96
C GLY B 57 -97.22 45.81 38.97
N ILE B 58 -98.17 44.87 38.96
CA ILE B 58 -97.83 43.47 39.12
C ILE B 58 -97.39 42.85 37.78
N CYS B 59 -97.98 43.26 36.66
CA CYS B 59 -97.71 42.55 35.41
C CYS B 59 -96.37 42.93 34.81
N GLY B 60 -96.00 44.21 34.86
CA GLY B 60 -94.69 44.61 34.36
C GLY B 60 -94.60 44.83 32.88
N SER B 61 -95.71 45.18 32.22
CA SER B 61 -95.70 45.39 30.79
C SER B 61 -95.37 46.83 30.39
N CYS B 62 -95.55 47.78 31.31
CA CYS B 62 -95.43 49.20 31.00
C CYS B 62 -94.06 49.77 31.36
N ALA B 63 -93.00 48.98 31.25
CA ALA B 63 -91.66 49.46 31.54
C ALA B 63 -91.25 50.52 30.53
N MET B 64 -90.72 51.63 31.01
CA MET B 64 -90.33 52.75 30.16
C MET B 64 -89.15 53.46 30.80
N ASN B 65 -88.60 54.42 30.08
CA ASN B 65 -87.49 55.24 30.57
C ASN B 65 -88.01 56.67 30.74
N ILE B 66 -88.24 57.06 31.98
CA ILE B 66 -88.78 58.38 32.31
C ILE B 66 -87.65 59.20 32.91
N ASN B 67 -87.33 60.32 32.27
CA ASN B 67 -86.29 61.23 32.75
C ASN B 67 -84.96 60.51 32.93
N GLY B 68 -84.67 59.53 32.08
CA GLY B 68 -83.39 58.88 32.08
C GLY B 68 -83.28 57.66 32.96
N LYS B 69 -84.27 57.38 33.80
CA LYS B 69 -84.24 56.23 34.69
C LYS B 69 -85.39 55.30 34.38
N ASN B 70 -85.09 54.01 34.21
CA ASN B 70 -86.13 53.04 33.88
C ASN B 70 -87.14 52.92 35.02
N GLY B 71 -88.36 52.58 34.65
CA GLY B 71 -89.41 52.39 35.64
C GLY B 71 -90.68 51.94 34.96
N LEU B 72 -91.64 51.54 35.78
CA LEU B 72 -92.97 51.20 35.30
C LEU B 72 -93.83 52.46 35.36
N ALA B 73 -94.49 52.77 34.24
CA ALA B 73 -95.28 54.00 34.19
C ALA B 73 -96.42 53.99 35.17
N CYS B 74 -96.96 52.80 35.49
CA CYS B 74 -98.16 52.74 36.31
C CYS B 74 -97.85 53.03 37.77
N LEU B 75 -96.64 52.72 38.23
CA LEU B 75 -96.24 53.06 39.59
C LEU B 75 -95.47 54.37 39.67
N GLN B 76 -94.89 54.82 38.57
CA GLN B 76 -94.19 56.09 38.56
C GLN B 76 -95.16 57.25 38.76
N TYR B 77 -94.76 58.23 39.55
CA TYR B 77 -95.58 59.39 39.83
C TYR B 77 -95.20 60.55 38.91
N ILE B 78 -96.20 61.31 38.50
CA ILE B 78 -95.95 62.52 37.71
C ILE B 78 -95.42 63.61 38.63
N GLU B 79 -94.29 64.19 38.25
CA GLU B 79 -93.67 65.26 39.03
C GLU B 79 -93.78 66.57 38.27
N PRO B 80 -94.74 67.44 38.58
CA PRO B 80 -94.89 68.67 37.81
C PRO B 80 -93.68 69.58 37.94
N GLY B 81 -93.42 70.33 36.88
CA GLY B 81 -92.31 71.26 36.89
C GLY B 81 -92.18 71.92 35.54
N ALA B 82 -91.35 72.97 35.51
CA ALA B 82 -91.11 73.67 34.25
C ALA B 82 -90.46 72.76 33.23
N ALA B 83 -89.52 71.93 33.66
CA ALA B 83 -88.82 71.06 32.73
C ALA B 83 -89.78 70.02 32.16
N PRO B 84 -89.87 69.87 30.84
CA PRO B 84 -90.76 68.86 30.28
C PRO B 84 -90.35 67.45 30.72
N ILE B 85 -91.34 66.59 30.88
CA ILE B 85 -91.10 65.20 31.23
C ILE B 85 -90.82 64.42 29.95
N ASP B 86 -89.67 63.76 29.90
CA ASP B 86 -89.25 63.01 28.73
C ASP B 86 -89.52 61.53 28.93
N ILE B 87 -90.25 60.94 28.00
CA ILE B 87 -90.61 59.52 28.05
C ILE B 87 -90.04 58.84 26.82
N GLN B 88 -89.28 57.77 27.04
CA GLN B 88 -88.63 57.04 25.98
C GLN B 88 -88.75 55.54 26.26
N PRO B 89 -88.60 54.71 25.25
CA PRO B 89 -88.62 53.26 25.48
C PRO B 89 -87.39 52.81 26.25
N LEU B 90 -87.30 51.51 26.55
CA LEU B 90 -86.19 51.03 27.33
C LEU B 90 -84.88 51.23 26.59
N PRO B 91 -83.79 51.58 27.28
CA PRO B 91 -82.55 51.92 26.59
C PRO B 91 -82.00 50.77 25.77
N HIS B 92 -81.37 51.13 24.65
CA HIS B 92 -80.65 50.18 23.79
C HIS B 92 -81.50 48.97 23.42
N THR B 93 -82.77 49.22 23.12
CA THR B 93 -83.68 48.20 22.62
C THR B 93 -84.15 48.62 21.23
N TYR B 94 -84.49 47.64 20.40
CA TYR B 94 -85.06 47.93 19.10
C TYR B 94 -86.53 48.28 19.26
N VAL B 95 -86.89 49.51 18.91
CA VAL B 95 -88.26 50.00 19.10
C VAL B 95 -89.13 49.48 17.96
N LEU B 96 -90.18 48.75 18.31
CA LEU B 96 -91.12 48.28 17.30
C LEU B 96 -92.00 49.42 16.81
N LYS B 97 -92.49 50.26 17.72
CA LYS B 97 -93.27 51.44 17.39
C LYS B 97 -93.36 52.32 18.63
N ASP B 98 -93.17 53.61 18.45
CA ASP B 98 -93.29 54.58 19.53
C ASP B 98 -92.55 54.09 20.77
N LEU B 99 -93.28 53.75 21.84
CA LEU B 99 -92.65 53.33 23.10
C LEU B 99 -92.61 51.82 23.28
N VAL B 100 -93.08 51.04 22.31
CA VAL B 100 -93.14 49.59 22.46
C VAL B 100 -91.79 48.99 22.11
N PRO B 101 -91.08 48.37 23.06
CA PRO B 101 -89.76 47.81 22.76
C PRO B 101 -89.85 46.41 22.18
N ASP B 102 -88.69 45.89 21.77
CA ASP B 102 -88.56 44.53 21.24
C ASP B 102 -87.76 43.73 22.26
N LEU B 103 -88.46 42.96 23.09
CA LEU B 103 -87.84 42.23 24.19
C LEU B 103 -87.73 40.74 23.91
N SER B 104 -87.70 40.36 22.64
CA SER B 104 -87.66 38.94 22.31
C SER B 104 -86.40 38.28 22.83
N ASN B 105 -85.27 38.97 22.75
CA ASN B 105 -84.02 38.39 23.26
C ASN B 105 -84.13 38.11 24.76
N PHE B 106 -84.78 39.01 25.49
CA PHE B 106 -84.95 38.78 26.93
C PHE B 106 -85.74 37.52 27.19
N TYR B 107 -86.83 37.32 26.45
CA TYR B 107 -87.62 36.09 26.61
C TYR B 107 -86.80 34.86 26.27
N ASN B 108 -86.02 34.93 25.19
CA ASN B 108 -85.20 33.79 24.80
C ASN B 108 -84.18 33.45 25.87
N GLN B 109 -83.54 34.47 26.45
CA GLN B 109 -82.57 34.20 27.51
C GLN B 109 -83.24 33.55 28.71
N TYR B 110 -84.44 34.02 29.07
CA TYR B 110 -85.14 33.45 30.22
C TYR B 110 -85.45 31.98 30.00
N LYS B 111 -85.90 31.63 28.80
CA LYS B 111 -86.18 30.23 28.51
C LYS B 111 -84.93 29.37 28.55
N SER B 112 -83.75 29.97 28.40
CA SER B 112 -82.52 29.19 28.35
C SER B 112 -82.27 28.48 29.67
N ILE B 113 -82.50 29.15 30.79
CA ILE B 113 -82.18 28.58 32.09
C ILE B 113 -83.14 27.49 32.51
N GLU B 114 -84.20 27.26 31.75
CA GLU B 114 -85.15 26.20 32.06
C GLU B 114 -85.73 26.42 33.45
N PRO B 115 -86.57 27.42 33.63
CA PRO B 115 -87.11 27.74 34.97
C PRO B 115 -88.30 26.87 35.35
N PHE B 116 -88.05 25.58 35.50
CA PHE B 116 -89.05 24.64 35.98
C PHE B 116 -88.37 23.62 36.88
N LEU B 117 -89.06 23.22 37.95
CA LEU B 117 -88.48 22.32 38.92
C LEU B 117 -88.06 21.00 38.28
N LYS B 118 -86.86 20.55 38.59
CA LYS B 118 -86.32 19.29 38.09
C LYS B 118 -86.03 18.38 39.27
N ARG B 119 -86.48 17.14 39.18
CA ARG B 119 -86.22 16.14 40.20
C ARG B 119 -85.78 14.85 39.56
N ARG B 120 -84.91 14.12 40.27
CA ARG B 120 -84.36 12.88 39.70
C ARG B 120 -85.40 11.77 39.70
N ARG B 121 -86.28 11.75 40.69
CA ARG B 121 -87.30 10.72 40.81
C ARG B 121 -88.68 11.34 40.60
N ALA B 122 -89.47 10.71 39.74
CA ALA B 122 -90.83 11.17 39.52
C ALA B 122 -91.68 10.99 40.78
N LYS B 123 -92.70 11.82 40.91
CA LYS B 123 -93.61 11.75 42.06
C LYS B 123 -94.17 10.35 42.22
N GLN B 124 -93.82 9.69 43.32
CA GLN B 124 -94.32 8.35 43.57
C GLN B 124 -95.83 8.40 43.83
N PRO B 125 -96.55 7.33 43.51
CA PRO B 125 -98.00 7.33 43.76
C PRO B 125 -98.28 7.48 45.25
N GLY B 126 -99.33 8.24 45.56
CA GLY B 126 -99.72 8.46 46.93
C GLY B 126 -98.86 9.46 47.68
N GLU B 127 -97.94 10.13 46.99
CA GLU B 127 -97.05 11.10 47.61
C GLU B 127 -97.65 12.50 47.45
N LYS B 128 -97.67 13.25 48.54
CA LYS B 128 -98.21 14.60 48.55
C LYS B 128 -97.10 15.61 48.29
N GLU B 129 -97.38 16.88 48.53
CA GLU B 129 -96.42 17.95 48.23
C GLU B 129 -95.06 17.65 48.82
N TYR B 130 -94.02 18.06 48.10
CA TYR B 130 -92.65 17.87 48.58
C TYR B 130 -92.44 18.66 49.86
N TYR B 131 -91.67 18.07 50.78
CA TYR B 131 -91.39 18.72 52.04
C TYR B 131 -90.50 19.93 51.81
N GLN B 132 -90.84 21.04 52.45
CA GLN B 132 -90.01 22.23 52.43
C GLN B 132 -90.32 23.05 53.68
N SER B 133 -89.31 23.25 54.51
CA SER B 133 -89.50 23.96 55.76
C SER B 133 -89.69 25.45 55.51
N ILE B 134 -90.17 26.15 56.54
CA ILE B 134 -90.35 27.60 56.43
C ILE B 134 -89.01 28.28 56.19
N GLU B 135 -87.96 27.82 56.88
CA GLU B 135 -86.66 28.45 56.73
C GLU B 135 -86.17 28.37 55.29
N ASP B 136 -86.29 27.19 54.68
CA ASP B 136 -85.90 27.06 53.28
C ASP B 136 -86.78 27.91 52.37
N ARG B 137 -88.09 27.91 52.63
CA ARG B 137 -88.99 28.72 51.81
C ARG B 137 -88.67 30.20 51.94
N GLU B 138 -88.13 30.63 53.09
CA GLU B 138 -87.82 32.03 53.28
C GLU B 138 -86.68 32.49 52.38
N LYS B 139 -85.83 31.58 51.91
CA LYS B 139 -84.71 31.98 51.08
C LYS B 139 -85.16 32.53 49.73
N LEU B 140 -86.34 32.13 49.26
CA LEU B 140 -86.84 32.55 47.97
C LEU B 140 -87.58 33.88 48.00
N ASP B 141 -87.72 34.50 49.18
CA ASP B 141 -88.61 35.64 49.30
C ASP B 141 -88.22 36.77 48.37
N GLY B 142 -86.94 37.08 48.29
CA GLY B 142 -86.50 38.21 47.50
C GLY B 142 -86.33 37.94 46.03
N MET B 143 -86.59 36.72 45.56
CA MET B 143 -86.29 36.33 44.20
C MET B 143 -87.51 35.88 43.40
N TYR B 144 -88.53 35.35 44.04
CA TYR B 144 -89.70 34.85 43.31
C TYR B 144 -90.70 35.94 42.98
N GLU B 145 -90.43 37.18 43.37
CA GLU B 145 -91.36 38.28 43.15
C GLU B 145 -91.11 39.03 41.85
N CYS B 146 -90.13 38.62 41.06
CA CYS B 146 -89.77 39.34 39.85
C CYS B 146 -90.91 39.31 38.84
N ASN B 147 -91.26 40.46 38.30
CA ASN B 147 -92.31 40.57 37.29
C ASN B 147 -91.77 40.54 35.87
N LEU B 148 -90.46 40.36 35.68
CA LEU B 148 -89.87 40.27 34.36
C LEU B 148 -90.14 41.52 33.53
N CYS B 149 -90.18 42.69 34.19
CA CYS B 149 -90.43 43.93 33.46
C CYS B 149 -89.26 44.29 32.56
N ALA B 150 -88.05 43.86 32.90
CA ALA B 150 -86.82 44.11 32.16
C ALA B 150 -86.28 45.52 32.40
N CYS B 151 -86.74 46.23 33.42
CA CYS B 151 -86.11 47.49 33.77
C CYS B 151 -84.64 47.27 34.11
N CYS B 152 -84.36 46.27 34.96
CA CYS B 152 -82.98 46.00 35.32
C CYS B 152 -82.16 45.53 34.13
N MET B 153 -82.78 44.76 33.23
CA MET B 153 -82.06 44.23 32.08
C MET B 153 -81.45 45.35 31.26
N THR B 154 -82.24 46.40 30.99
CA THR B 154 -81.83 47.48 30.12
C THR B 154 -81.10 48.60 30.84
N SER B 155 -80.92 48.49 32.16
CA SER B 155 -80.14 49.46 32.91
C SER B 155 -78.74 48.98 33.20
N CYS B 156 -78.39 47.77 32.78
CA CYS B 156 -77.07 47.22 33.06
C CYS B 156 -76.14 47.54 31.90
N PRO B 157 -75.08 48.32 32.12
CA PRO B 157 -74.18 48.62 31.00
C PRO B 157 -73.61 47.38 30.34
N SER B 158 -73.33 46.33 31.11
CA SER B 158 -72.83 45.10 30.49
C SER B 158 -73.84 44.53 29.51
N TYR B 159 -75.13 44.72 29.76
CA TYR B 159 -76.13 44.25 28.82
C TYR B 159 -76.21 45.14 27.58
N TRP B 160 -75.85 46.42 27.72
CA TRP B 160 -75.80 47.29 26.55
C TRP B 160 -74.74 46.81 25.57
N TRP B 161 -73.60 46.36 26.07
CA TRP B 161 -72.50 46.01 25.19
C TRP B 161 -72.64 44.62 24.61
N ASN B 162 -73.08 43.65 25.40
CA ASN B 162 -73.17 42.25 24.97
C ASN B 162 -74.55 41.70 25.26
N PRO B 163 -75.59 42.25 24.61
CA PRO B 163 -76.94 41.76 24.87
C PRO B 163 -77.14 40.30 24.52
N GLU B 164 -76.45 39.78 23.52
CA GLU B 164 -76.69 38.42 23.05
C GLU B 164 -75.78 37.39 23.70
N TYR B 165 -74.87 37.80 24.57
CA TYR B 165 -74.02 36.87 25.30
C TYR B 165 -74.19 36.93 26.80
N TYR B 166 -74.65 38.05 27.35
CA TYR B 166 -74.81 38.23 28.78
C TYR B 166 -76.27 38.04 29.15
N LEU B 167 -76.52 37.16 30.12
CA LEU B 167 -77.89 36.83 30.48
C LEU B 167 -78.62 38.01 31.12
N GLY B 168 -77.90 38.89 31.79
CA GLY B 168 -78.49 40.08 32.35
C GLY B 168 -78.98 39.90 33.77
N PRO B 169 -79.22 41.00 34.47
CA PRO B 169 -79.60 40.89 35.89
C PRO B 169 -80.86 40.09 36.14
N ALA B 170 -81.87 40.20 35.27
CA ALA B 170 -83.14 39.53 35.55
C ALA B 170 -83.02 38.03 35.39
N VAL B 171 -82.37 37.57 34.31
CA VAL B 171 -82.27 36.14 34.07
C VAL B 171 -81.34 35.49 35.05
N LEU B 172 -80.27 36.18 35.47
CA LEU B 172 -79.37 35.63 36.48
C LEU B 172 -80.06 35.53 37.83
N LEU B 173 -80.90 36.51 38.16
CA LEU B 173 -81.63 36.45 39.42
C LEU B 173 -82.54 35.23 39.45
N GLN B 174 -83.23 34.94 38.34
CA GLN B 174 -84.10 33.78 38.30
C GLN B 174 -83.31 32.48 38.33
N ALA B 175 -82.12 32.46 37.72
CA ALA B 175 -81.31 31.25 37.75
C ALA B 175 -80.93 30.90 39.17
N TYR B 176 -80.58 31.89 39.98
CA TYR B 176 -80.23 31.61 41.37
C TYR B 176 -81.45 31.24 42.19
N ARG B 177 -82.64 31.70 41.78
CA ARG B 177 -83.85 31.33 42.49
C ARG B 177 -84.07 29.82 42.45
N TRP B 178 -83.83 29.20 41.30
CA TRP B 178 -83.96 27.75 41.20
C TRP B 178 -82.80 27.03 41.85
N ILE B 179 -81.60 27.62 41.80
CA ILE B 179 -80.46 27.02 42.49
C ILE B 179 -80.71 27.01 43.99
N ALA B 180 -81.21 28.12 44.53
CA ALA B 180 -81.44 28.22 45.96
C ALA B 180 -82.57 27.33 46.42
N ASP B 181 -83.53 27.03 45.56
CA ASP B 181 -84.71 26.28 45.96
C ASP B 181 -84.31 24.89 46.46
N SER B 182 -84.83 24.52 47.63
CA SER B 182 -84.44 23.24 48.23
C SER B 182 -85.03 22.06 47.48
N ARG B 183 -86.23 22.22 46.91
CA ARG B 183 -86.88 21.10 46.25
C ARG B 183 -86.11 20.67 45.01
N ASP B 184 -85.51 21.61 44.29
CA ASP B 184 -84.78 21.28 43.08
C ASP B 184 -83.55 20.43 43.40
N GLU B 185 -83.32 19.40 42.59
CA GLU B 185 -82.24 18.45 42.81
C GLU B 185 -81.16 18.54 41.73
N PHE B 186 -81.22 19.53 40.86
CA PHE B 186 -80.25 19.72 39.79
C PHE B 186 -79.38 20.94 40.04
N THR B 187 -79.00 21.16 41.31
CA THR B 187 -78.24 22.35 41.65
C THR B 187 -76.89 22.38 40.92
N THR B 188 -76.19 21.24 40.89
CA THR B 188 -74.88 21.24 40.27
C THR B 188 -74.97 21.46 38.77
N GLU B 189 -75.99 20.88 38.12
CA GLU B 189 -76.14 21.08 36.69
C GLU B 189 -76.38 22.55 36.38
N ARG B 190 -77.23 23.21 37.15
CA ARG B 190 -77.52 24.61 36.90
C ARG B 190 -76.29 25.49 37.12
N MET B 191 -75.54 25.22 38.20
CA MET B 191 -74.35 26.01 38.46
C MET B 191 -73.31 25.80 37.38
N ALA B 192 -73.16 24.57 36.89
CA ALA B 192 -72.17 24.31 35.85
C ALA B 192 -72.49 25.08 34.58
N TRP B 193 -73.75 25.09 34.17
CA TRP B 193 -74.14 25.80 32.95
C TRP B 193 -73.94 27.30 33.11
N ILE B 194 -74.33 27.86 34.24
CA ILE B 194 -74.23 29.30 34.42
C ILE B 194 -72.79 29.76 34.61
N ASN B 195 -71.87 28.84 34.90
CA ASN B 195 -70.48 29.19 35.16
C ASN B 195 -69.76 29.41 33.83
N ASP B 196 -70.08 30.54 33.20
CA ASP B 196 -69.49 30.93 31.93
C ASP B 196 -69.07 32.38 32.01
N SER B 197 -67.97 32.71 31.35
CA SER B 197 -67.43 34.07 31.43
C SER B 197 -68.42 35.08 30.90
N MET B 198 -69.05 34.79 29.76
CA MET B 198 -70.02 35.72 29.20
C MET B 198 -71.33 35.71 29.95
N ARG B 199 -71.86 34.51 30.27
CA ARG B 199 -73.20 34.43 30.83
C ARG B 199 -73.30 35.15 32.16
N LEU B 200 -72.32 34.98 33.03
CA LEU B 200 -72.42 35.42 34.41
C LEU B 200 -71.42 36.50 34.78
N TYR B 201 -70.17 36.37 34.34
CA TYR B 201 -69.10 37.20 34.88
C TYR B 201 -68.94 38.53 34.16
N ARG B 202 -69.83 38.84 33.21
CA ARG B 202 -69.87 40.19 32.68
C ARG B 202 -70.45 41.18 33.68
N CYS B 203 -71.05 40.71 34.77
CA CYS B 203 -71.54 41.63 35.80
C CYS B 203 -70.36 42.25 36.51
N HIS B 204 -70.29 43.58 36.47
CA HIS B 204 -69.18 44.32 37.04
C HIS B 204 -69.57 45.06 38.32
N GLY B 205 -70.70 44.70 38.92
CA GLY B 205 -71.10 45.32 40.17
C GLY B 205 -71.48 46.78 40.04
N ILE B 206 -72.06 47.18 38.91
CA ILE B 206 -72.39 48.58 38.69
C ILE B 206 -73.58 48.98 39.56
N MET B 207 -74.52 48.07 39.80
CA MET B 207 -75.67 48.26 40.68
C MET B 207 -76.73 49.15 40.08
N ASN B 208 -76.70 49.44 38.78
CA ASN B 208 -77.84 50.12 38.17
C ASN B 208 -79.06 49.23 38.14
N CYS B 209 -78.89 47.94 38.40
CA CYS B 209 -80.01 47.00 38.38
C CYS B 209 -80.87 47.13 39.63
N THR B 210 -80.24 47.11 40.81
CA THR B 210 -81.01 47.22 42.05
C THR B 210 -81.67 48.59 42.20
N SER B 211 -81.04 49.63 41.67
CA SER B 211 -81.57 50.98 41.87
C SER B 211 -82.92 51.16 41.20
N CYS B 212 -83.09 50.62 40.00
CA CYS B 212 -84.28 50.87 39.20
C CYS B 212 -85.34 49.78 39.31
N CYS B 213 -85.16 48.79 40.15
CA CYS B 213 -86.13 47.71 40.21
C CYS B 213 -87.45 48.23 40.76
N PRO B 214 -88.55 48.14 40.01
CA PRO B 214 -89.82 48.68 40.53
C PRO B 214 -90.30 47.97 41.78
N LYS B 215 -90.04 46.67 41.89
CA LYS B 215 -90.52 45.88 43.01
C LYS B 215 -89.53 45.83 44.16
N GLY B 216 -88.43 46.57 44.06
CA GLY B 216 -87.49 46.65 45.16
C GLY B 216 -86.68 45.41 45.40
N LEU B 217 -86.56 44.54 44.41
CA LEU B 217 -85.71 43.36 44.53
C LEU B 217 -84.24 43.77 44.39
N ASP B 218 -83.35 42.84 44.70
CA ASP B 218 -81.91 43.10 44.73
C ASP B 218 -81.20 42.10 43.84
N PRO B 219 -81.29 42.28 42.52
CA PRO B 219 -80.57 41.38 41.61
C PRO B 219 -79.06 41.36 41.84
N ALA B 220 -78.47 42.51 42.20
CA ALA B 220 -77.04 42.54 42.42
C ALA B 220 -76.64 41.64 43.59
N LYS B 221 -77.42 41.68 44.67
CA LYS B 221 -77.13 40.80 45.81
C LYS B 221 -77.20 39.34 45.41
N ALA B 222 -78.24 38.96 44.64
CA ALA B 222 -78.38 37.57 44.25
C ALA B 222 -77.28 37.14 43.29
N ILE B 223 -76.87 38.03 42.39
CA ILE B 223 -75.81 37.70 41.45
C ILE B 223 -74.50 37.48 42.21
N ALA B 224 -74.25 38.29 43.23
CA ALA B 224 -73.03 38.14 44.02
C ALA B 224 -73.01 36.81 44.75
N LYS B 225 -74.15 36.41 45.33
CA LYS B 225 -74.20 35.13 46.03
C LYS B 225 -73.94 33.97 45.08
N MET B 226 -74.52 34.03 43.88
CA MET B 226 -74.35 32.92 42.93
C MET B 226 -72.88 32.76 42.55
N LYS B 227 -72.17 33.87 42.35
CA LYS B 227 -70.74 33.78 42.05
C LYS B 227 -69.98 33.11 43.19
N ALA B 228 -70.27 33.51 44.42
CA ALA B 228 -69.56 32.92 45.56
C ALA B 228 -69.84 31.43 45.67
N ALA B 229 -71.09 31.03 45.47
CA ALA B 229 -71.42 29.61 45.55
C ALA B 229 -70.71 28.82 44.47
N ILE B 230 -70.68 29.35 43.24
CA ILE B 230 -70.03 28.64 42.15
C ILE B 230 -68.55 28.48 42.41
N ALA B 231 -67.90 29.54 42.90
CA ALA B 231 -66.46 29.48 43.12
C ALA B 231 -66.10 28.43 44.15
N ALA B 232 -66.90 28.31 45.22
CA ALA B 232 -66.58 27.36 46.28
C ALA B 232 -66.88 25.93 45.86
N ALA B 233 -67.88 25.72 45.01
CA ALA B 233 -68.36 24.39 44.69
C ALA B 233 -67.81 23.83 43.39
N TYR B 234 -66.94 24.55 42.70
CA TYR B 234 -66.47 24.09 41.40
C TYR B 234 -65.67 22.81 41.53
N GLU B 235 -65.88 21.88 40.59
CA GLU B 235 -65.15 20.63 40.51
C GLU B 235 -64.68 20.42 39.08
N PRO B 236 -63.60 19.66 38.89
CA PRO B 236 -63.11 19.43 37.52
C PRO B 236 -64.13 18.77 36.62
N GLY B 237 -65.06 18.02 37.17
CA GLY B 237 -66.00 17.25 36.39
C GLY B 237 -67.25 17.99 35.97
N TRP B 238 -67.33 19.30 36.22
CA TRP B 238 -68.52 20.04 35.86
C TRP B 238 -68.76 20.06 34.36
N THR B 239 -67.68 20.18 33.57
CA THR B 239 -67.85 20.23 32.12
C THR B 239 -68.51 18.96 31.60
N LYS B 240 -68.13 17.81 32.14
CA LYS B 240 -68.79 16.57 31.73
C LYS B 240 -70.26 16.58 32.12
N ILE B 241 -70.58 17.17 33.28
CA ILE B 241 -71.98 17.23 33.70
C ILE B 241 -72.81 18.00 32.71
N VAL B 242 -72.29 19.13 32.24
CA VAL B 242 -73.02 19.92 31.25
C VAL B 242 -73.24 19.10 29.98
N ALA B 243 -72.21 18.39 29.53
CA ALA B 243 -72.34 17.59 28.32
C ALA B 243 -73.42 16.54 28.46
N GLN B 244 -73.45 15.83 29.59
CA GLN B 244 -74.43 14.78 29.78
C GLN B 244 -75.85 15.33 29.75
N GLU B 245 -76.07 16.48 30.38
CA GLU B 245 -77.39 17.09 30.32
C GLU B 245 -77.75 17.51 28.90
N SER B 246 -76.77 17.97 28.14
CA SER B 246 -77.02 18.32 26.74
C SER B 246 -77.51 17.10 25.96
N ILE B 247 -76.90 15.93 26.20
CA ILE B 247 -77.34 14.72 25.53
C ILE B 247 -78.78 14.40 25.91
N ALA B 248 -79.16 14.69 27.15
CA ALA B 248 -80.53 14.43 27.58
C ALA B 248 -81.54 15.31 26.87
N ASN B 249 -81.11 16.46 26.35
CA ASN B 249 -81.98 17.38 25.65
C ASN B 249 -81.96 17.18 24.14
N LYS B 250 -81.44 16.04 23.68
CA LYS B 250 -81.23 15.81 22.26
C LYS B 250 -82.54 15.83 21.47
N LYS B 251 -83.64 15.37 22.06
CA LYS B 251 -84.89 15.21 21.34
C LYS B 251 -85.85 16.38 21.54
N ARG B 252 -85.40 17.46 22.19
CA ARG B 252 -86.22 18.63 22.39
C ARG B 252 -86.45 19.38 21.08
N GLU B 253 -87.50 20.20 21.05
CA GLU B 253 -87.79 21.00 19.87
C GLU B 253 -86.82 22.17 19.78
N SER B 254 -86.95 22.95 18.72
CA SER B 254 -86.11 24.13 18.54
C SER B 254 -86.44 25.18 19.60
N GLY B 255 -85.47 26.05 19.85
CA GLY B 255 -85.57 27.06 20.89
C GLY B 255 -84.40 26.99 21.85
N MET B 256 -84.29 28.05 22.65
CA MET B 256 -83.23 28.11 23.64
C MET B 256 -83.45 27.06 24.73
N MET B 257 -82.36 26.53 25.26
CA MET B 257 -82.46 25.44 26.24
C MET B 257 -81.10 25.25 26.89
N TYR B 258 -81.03 24.26 27.78
CA TYR B 258 -79.77 23.84 28.38
C TYR B 258 -78.97 23.05 27.35
N ALA B 259 -77.75 23.50 27.08
CA ALA B 259 -76.91 22.84 26.10
C ALA B 259 -75.45 23.21 26.32
N LYS C 1 -19.42 15.95 -70.18
CA LYS C 1 -19.26 16.61 -68.90
C LYS C 1 -19.86 15.75 -67.77
N ALA C 2 -18.98 15.25 -66.91
CA ALA C 2 -19.36 14.40 -65.79
C ALA C 2 -20.07 13.13 -66.23
N SER C 3 -19.79 12.67 -67.45
CA SER C 3 -20.37 11.42 -67.92
C SER C 3 -19.72 10.20 -67.30
N THR C 4 -18.41 10.26 -67.05
CA THR C 4 -17.67 9.14 -66.49
C THR C 4 -16.88 9.63 -65.28
N LEU C 5 -16.41 8.68 -64.46
CA LEU C 5 -15.67 9.07 -63.27
C LEU C 5 -14.45 9.90 -63.63
N ALA C 6 -13.82 9.62 -64.77
CA ALA C 6 -12.69 10.41 -65.21
C ALA C 6 -13.10 11.84 -65.55
N THR C 7 -14.27 12.01 -66.16
CA THR C 7 -14.74 13.34 -66.51
C THR C 7 -15.24 14.11 -65.29
N GLY C 8 -15.50 13.43 -64.18
CA GLY C 8 -15.89 14.11 -62.97
C GLY C 8 -17.26 13.71 -62.45
N LYS C 9 -17.78 12.59 -62.94
CA LYS C 9 -19.06 12.10 -62.45
C LYS C 9 -18.97 11.85 -60.96
N GLY C 10 -19.95 12.35 -60.22
CA GLY C 10 -20.00 12.13 -58.80
C GLY C 10 -19.13 13.04 -57.97
N ILE C 11 -18.49 14.03 -58.57
CA ILE C 11 -17.65 14.98 -57.84
C ILE C 11 -18.48 16.25 -57.64
N PRO C 12 -18.84 16.61 -56.41
CA PRO C 12 -19.64 17.82 -56.21
C PRO C 12 -18.94 19.03 -56.79
N GLY C 13 -19.72 19.89 -57.42
CA GLY C 13 -19.17 21.04 -58.12
C GLY C 13 -18.93 20.76 -59.59
N ILE C 14 -18.03 19.81 -59.87
CA ILE C 14 -17.75 19.45 -61.26
C ILE C 14 -18.98 18.79 -61.89
N ASP C 15 -19.59 17.86 -61.18
CA ASP C 15 -20.78 17.20 -61.70
C ASP C 15 -21.98 18.14 -61.61
N PRO C 16 -22.73 18.34 -62.70
CA PRO C 16 -23.89 19.25 -62.61
C PRO C 16 -24.93 18.80 -61.60
N LYS C 17 -25.15 17.50 -61.47
CA LYS C 17 -26.25 17.02 -60.64
C LYS C 17 -25.98 17.27 -59.15
N LEU C 18 -24.72 17.28 -58.73
CA LEU C 18 -24.39 17.40 -57.32
C LEU C 18 -23.99 18.84 -56.99
N PRO C 19 -24.64 19.49 -56.03
CA PRO C 19 -24.27 20.87 -55.69
C PRO C 19 -22.99 20.92 -54.88
N THR C 20 -22.38 22.11 -54.85
CA THR C 20 -21.18 22.30 -54.03
C THR C 20 -21.50 22.19 -52.55
N HIS C 21 -22.64 22.71 -52.13
CA HIS C 21 -23.06 22.67 -50.75
C HIS C 21 -24.50 22.18 -50.67
N THR C 22 -24.86 21.65 -49.50
CA THR C 22 -26.20 21.11 -49.27
C THR C 22 -26.79 21.78 -48.04
N PRO C 23 -27.09 23.07 -48.12
CA PRO C 23 -27.77 23.74 -47.02
C PRO C 23 -29.23 23.34 -46.95
N PRO C 24 -29.79 23.20 -45.75
CA PRO C 24 -31.21 22.87 -45.65
C PRO C 24 -32.07 23.96 -46.28
N ALA C 25 -33.15 23.54 -46.92
CA ALA C 25 -34.07 24.49 -47.52
C ALA C 25 -35.02 25.06 -46.46
N SER C 26 -35.51 26.27 -46.72
CA SER C 26 -36.43 26.92 -45.80
C SER C 26 -37.82 26.31 -45.90
N TYR C 27 -38.57 26.41 -44.80
CA TYR C 27 -39.92 25.90 -44.71
C TYR C 27 -40.81 26.97 -44.10
N ASP C 28 -42.09 26.93 -44.45
CA ASP C 28 -43.06 27.92 -43.96
C ASP C 28 -43.98 27.37 -42.88
N VAL C 29 -43.98 26.05 -42.65
CA VAL C 29 -44.79 25.45 -41.60
C VAL C 29 -43.92 24.45 -40.85
N LEU C 30 -44.14 24.35 -39.54
CA LEU C 30 -43.41 23.35 -38.78
C LEU C 30 -43.93 21.96 -39.11
N SER C 31 -43.14 20.94 -38.77
CA SER C 31 -43.56 19.57 -39.06
C SER C 31 -44.80 19.20 -38.27
N SER C 32 -45.01 19.81 -37.11
CA SER C 32 -46.24 19.60 -36.36
C SER C 32 -47.46 20.03 -37.17
N GLY C 33 -47.31 21.06 -37.99
CA GLY C 33 -48.43 21.69 -38.65
C GLY C 33 -48.69 23.09 -38.17
N LYS C 34 -48.12 23.51 -37.04
CA LYS C 34 -48.18 24.89 -36.63
C LYS C 34 -47.46 25.76 -37.65
N ALA C 35 -47.94 26.99 -37.80
CA ALA C 35 -47.21 27.95 -38.62
C ALA C 35 -45.89 28.29 -37.95
N ARG C 36 -44.85 28.43 -38.75
CA ARG C 36 -43.54 28.78 -38.21
C ARG C 36 -43.61 30.18 -37.61
N PRO C 37 -43.27 30.37 -36.35
CA PRO C 37 -43.30 31.72 -35.79
C PRO C 37 -42.24 32.59 -36.43
N VAL C 38 -42.51 33.90 -36.44
CA VAL C 38 -41.61 34.88 -37.05
C VAL C 38 -41.24 35.93 -36.02
N GLN C 39 -39.94 36.22 -35.92
CA GLN C 39 -39.42 37.16 -34.94
C GLN C 39 -38.46 38.09 -35.67
N VAL C 40 -38.79 39.38 -35.73
CA VAL C 40 -37.98 40.38 -36.39
C VAL C 40 -37.16 41.10 -35.32
N ALA C 41 -35.87 40.85 -35.31
CA ALA C 41 -34.99 41.44 -34.31
C ALA C 41 -34.71 42.91 -34.61
N LYS C 42 -34.50 43.67 -33.53
CA LYS C 42 -34.12 45.07 -33.66
C LYS C 42 -32.93 45.43 -32.78
N TRP C 43 -32.38 44.48 -32.03
CA TRP C 43 -31.19 44.66 -31.22
C TRP C 43 -30.30 43.44 -31.41
N PRO C 44 -29.00 43.57 -31.21
CA PRO C 44 -28.09 42.44 -31.44
C PRO C 44 -28.41 41.28 -30.53
N PRO C 45 -28.00 40.07 -30.88
CA PRO C 45 -28.35 38.90 -30.07
C PRO C 45 -27.63 38.87 -28.73
N MET C 46 -28.16 38.06 -27.83
CA MET C 46 -27.58 37.94 -26.51
C MET C 46 -26.17 37.34 -26.61
N PRO C 47 -25.25 37.73 -25.72
CA PRO C 47 -23.87 37.26 -25.86
C PRO C 47 -23.73 35.76 -25.86
N GLY C 48 -24.50 35.03 -25.07
CA GLY C 48 -24.34 33.60 -24.99
C GLY C 48 -25.53 32.82 -25.49
N GLY C 49 -26.45 33.48 -26.19
CA GLY C 49 -27.69 32.83 -26.54
C GLY C 49 -28.63 32.62 -25.38
N VAL C 50 -28.41 33.32 -24.27
CA VAL C 50 -29.19 33.14 -23.06
C VAL C 50 -30.63 33.56 -23.34
N PRO C 51 -31.61 32.71 -23.11
CA PRO C 51 -33.00 33.12 -23.32
C PRO C 51 -33.54 33.86 -22.10
N LEU C 52 -34.41 34.76 -22.36
CA LEU C 52 -35.01 35.49 -21.25
C LEU C 52 -36.23 34.75 -20.71
N PRO C 53 -36.53 34.86 -19.42
CA PRO C 53 -37.71 34.19 -18.88
C PRO C 53 -38.99 34.72 -19.50
N LYS C 54 -40.00 33.85 -19.56
CA LYS C 54 -41.23 34.19 -20.27
C LYS C 54 -41.86 35.47 -19.71
N GLY C 55 -41.93 35.59 -18.40
CA GLY C 55 -42.54 36.74 -17.80
C GLY C 55 -41.66 37.98 -17.73
N GLY C 56 -40.42 37.88 -18.17
CA GLY C 56 -39.54 39.02 -18.11
C GLY C 56 -39.06 39.28 -16.70
N ILE C 57 -38.59 40.51 -16.48
CA ILE C 57 -38.11 40.90 -15.16
C ILE C 57 -39.24 40.89 -14.16
N GLY C 58 -40.44 41.27 -14.58
CA GLY C 58 -41.57 41.26 -13.67
C GLY C 58 -41.86 39.87 -13.13
N GLY C 59 -41.76 38.86 -13.99
CA GLY C 59 -42.01 37.50 -13.55
C GLY C 59 -41.08 37.08 -12.42
N VAL C 60 -39.81 37.44 -12.53
CA VAL C 60 -38.87 37.15 -11.45
C VAL C 60 -39.26 37.90 -10.19
N TRP C 61 -39.66 39.17 -10.34
CA TRP C 61 -40.06 39.96 -9.18
C TRP C 61 -41.24 39.32 -8.46
N ARG C 62 -42.26 38.92 -9.21
CA ARG C 62 -43.42 38.30 -8.58
C ARG C 62 -43.07 36.92 -8.02
N GLY C 63 -42.26 36.16 -8.75
CA GLY C 63 -41.89 34.83 -8.27
C GLY C 63 -41.13 34.88 -6.96
N ALA C 64 -40.18 35.80 -6.85
CA ALA C 64 -39.42 35.91 -5.60
C ALA C 64 -40.31 36.30 -4.44
N PHE C 65 -41.23 37.23 -4.67
CA PHE C 65 -42.15 37.62 -3.60
C PHE C 65 -43.03 36.46 -3.18
N GLU C 66 -43.47 35.65 -4.14
CA GLU C 66 -44.33 34.52 -3.81
C GLU C 66 -43.63 33.56 -2.86
N VAL C 67 -42.35 33.27 -3.10
CA VAL C 67 -41.60 32.43 -2.17
C VAL C 67 -41.36 33.15 -0.86
N ALA C 68 -41.09 34.45 -0.91
CA ALA C 68 -40.76 35.20 0.30
C ALA C 68 -41.92 35.20 1.29
N SER C 69 -43.14 35.37 0.79
CA SER C 69 -44.32 35.46 1.64
C SER C 69 -45.01 34.12 1.81
N ALA C 70 -44.27 33.02 1.76
CA ALA C 70 -44.88 31.71 1.78
C ALA C 70 -45.39 31.34 3.17
N TYR C 71 -44.65 31.70 4.21
CA TYR C 71 -44.94 31.20 5.54
C TYR C 71 -46.26 31.75 6.07
N THR C 72 -47.05 30.86 6.67
CA THR C 72 -48.26 31.25 7.37
C THR C 72 -48.43 30.32 8.57
N ALA C 73 -49.12 30.82 9.59
CA ALA C 73 -49.34 30.02 10.78
C ALA C 73 -50.20 28.80 10.48
N LEU C 74 -51.03 28.85 9.44
CA LEU C 74 -51.89 27.72 9.11
C LEU C 74 -51.10 26.52 8.61
N ASN C 75 -49.86 26.71 8.17
CA ASN C 75 -49.05 25.60 7.70
C ASN C 75 -48.42 24.81 8.84
N LEU C 76 -48.55 25.26 10.08
CA LEU C 76 -47.94 24.55 11.20
C LEU C 76 -48.69 23.26 11.50
N GLU C 77 -47.96 22.29 12.03
CA GLU C 77 -48.57 21.05 12.49
C GLU C 77 -49.44 21.32 13.71
N ARG C 78 -50.39 20.40 13.95
CA ARG C 78 -51.32 20.59 15.05
C ARG C 78 -50.59 20.61 16.39
N GLN C 79 -49.60 19.74 16.57
CA GLN C 79 -48.89 19.71 17.83
C GLN C 79 -48.10 21.00 18.05
N ARG C 80 -47.40 21.48 17.03
CA ARG C 80 -46.61 22.69 17.20
C ARG C 80 -47.49 23.91 17.39
N PHE C 81 -48.67 23.93 16.76
CA PHE C 81 -49.56 25.05 16.93
C PHE C 81 -49.98 25.21 18.38
N ALA C 82 -50.29 24.09 19.04
CA ALA C 82 -50.68 24.16 20.45
C ALA C 82 -49.48 24.42 21.35
N ASN C 83 -48.34 23.79 21.06
CA ASN C 83 -47.18 23.97 21.93
C ASN C 83 -46.75 25.43 21.98
N ILE C 84 -46.84 26.13 20.85
CA ILE C 84 -46.48 27.55 20.85
C ILE C 84 -47.40 28.32 21.77
N ILE C 85 -48.69 28.02 21.75
CA ILE C 85 -49.61 28.66 22.67
C ILE C 85 -49.32 28.26 24.10
N ARG C 86 -49.03 26.97 24.33
CA ARG C 86 -48.72 26.54 25.68
C ARG C 86 -47.47 27.24 26.20
N LEU C 87 -46.42 27.28 25.39
CA LEU C 87 -45.17 27.90 25.84
C LEU C 87 -45.38 29.37 26.11
N GLY C 88 -46.16 30.05 25.27
CA GLY C 88 -46.44 31.45 25.50
C GLY C 88 -47.23 31.67 26.77
N THR C 89 -48.23 30.83 27.03
CA THR C 89 -49.00 30.94 28.26
C THR C 89 -48.14 30.62 29.48
N PHE C 90 -47.26 29.64 29.36
CA PHE C 90 -46.34 29.33 30.45
C PHE C 90 -45.46 30.52 30.77
N CYS C 91 -45.00 31.25 29.74
CA CYS C 91 -44.12 32.39 29.97
C CYS C 91 -44.83 33.46 30.79
N ARG C 92 -46.06 33.81 30.40
CA ARG C 92 -46.77 34.89 31.09
C ARG C 92 -47.07 34.54 32.53
N VAL C 93 -47.47 33.29 32.78
CA VAL C 93 -47.93 32.93 34.11
C VAL C 93 -46.75 32.66 35.03
N VAL C 94 -45.84 31.78 34.62
CA VAL C 94 -44.81 31.30 35.52
C VAL C 94 -43.55 32.15 35.40
N ILE C 95 -42.98 32.20 34.19
CA ILE C 95 -41.63 32.75 34.05
C ILE C 95 -41.59 34.23 34.39
N TRP C 96 -42.57 35.00 33.93
CA TRP C 96 -42.50 36.45 34.12
C TRP C 96 -42.44 36.84 35.59
N PRO C 97 -43.34 36.38 36.45
CA PRO C 97 -43.24 36.79 37.87
C PRO C 97 -41.99 36.29 38.56
N VAL C 98 -41.42 35.17 38.10
CA VAL C 98 -40.22 34.64 38.76
C VAL C 98 -39.01 35.50 38.48
N ILE C 99 -38.89 36.03 37.25
CA ILE C 99 -37.65 36.70 36.85
C ILE C 99 -37.28 37.84 37.79
N PRO C 100 -38.19 38.73 38.19
CA PRO C 100 -37.79 39.79 39.11
C PRO C 100 -37.23 39.28 40.42
N LEU C 101 -37.73 38.15 40.92
CA LEU C 101 -37.17 37.59 42.14
C LEU C 101 -35.73 37.18 41.95
N VAL C 102 -35.42 36.54 40.82
CA VAL C 102 -34.04 36.17 40.54
C VAL C 102 -33.18 37.41 40.38
N GLY C 103 -33.72 38.44 39.72
CA GLY C 103 -32.99 39.68 39.58
C GLY C 103 -32.70 40.32 40.92
N LEU C 104 -33.67 40.28 41.84
CA LEU C 104 -33.43 40.81 43.17
C LEU C 104 -32.34 40.04 43.89
N PHE C 105 -32.30 38.72 43.71
CA PHE C 105 -31.26 37.93 44.35
C PHE C 105 -29.88 38.36 43.86
N HIS C 106 -29.73 38.52 42.54
CA HIS C 106 -28.43 38.91 42.00
C HIS C 106 -28.07 40.33 42.39
N TYR C 107 -29.06 41.22 42.48
CA TYR C 107 -28.76 42.58 42.92
C TYR C 107 -28.16 42.57 44.31
N ILE C 108 -28.75 41.80 45.22
CA ILE C 108 -28.27 41.78 46.59
C ILE C 108 -26.85 41.20 46.64
N ARG C 109 -26.64 40.10 45.93
CA ARG C 109 -25.33 39.47 45.97
C ARG C 109 -24.25 40.38 45.41
N GLN C 110 -24.54 41.07 44.30
CA GLN C 110 -23.52 41.92 43.70
C GLN C 110 -23.26 43.16 44.53
N ARG C 111 -24.31 43.78 45.06
CA ARG C 111 -24.09 44.94 45.91
C ARG C 111 -23.35 44.57 47.18
N ASP C 112 -23.64 43.39 47.73
CA ASP C 112 -22.89 42.93 48.89
C ASP C 112 -21.42 42.76 48.54
N ARG C 113 -21.14 42.16 47.38
CA ARG C 113 -19.77 42.03 46.93
C ARG C 113 -19.10 43.39 46.83
N ASP C 114 -19.81 44.38 46.31
CA ASP C 114 -19.23 45.71 46.15
C ASP C 114 -19.00 46.37 47.50
N TRP C 115 -19.99 46.35 48.39
CA TRP C 115 -19.84 47.02 49.67
C TRP C 115 -18.75 46.35 50.52
N TYR C 116 -18.72 45.03 50.52
CA TYR C 116 -17.74 44.33 51.34
C TYR C 116 -16.32 44.64 50.89
N ALA C 117 -16.12 44.84 49.59
CA ALA C 117 -14.80 45.22 49.11
C ALA C 117 -14.35 46.53 49.74
N LEU C 118 -15.28 47.46 49.93
CA LEU C 118 -14.93 48.70 50.62
C LEU C 118 -14.52 48.42 52.06
N GLU C 119 -15.23 47.50 52.72
CA GLU C 119 -14.88 47.15 54.09
C GLU C 119 -13.50 46.50 54.16
N LEU C 120 -13.19 45.62 53.20
CA LEU C 120 -11.87 45.03 53.16
C LEU C 120 -10.78 46.09 53.00
N LEU C 121 -11.01 47.06 52.11
CA LEU C 121 -10.02 48.10 51.91
C LEU C 121 -9.79 48.89 53.18
N ARG C 122 -10.86 49.27 53.89
CA ARG C 122 -10.70 50.05 55.10
C ARG C 122 -9.94 49.26 56.16
N SER C 123 -10.23 47.96 56.28
CA SER C 123 -9.57 47.17 57.30
C SER C 123 -8.07 47.09 57.06
N ARG C 124 -7.65 46.88 55.81
CA ARG C 124 -6.23 46.86 55.51
C ARG C 124 -5.59 48.20 55.78
N CYS C 125 -6.26 49.29 55.42
CA CYS C 125 -5.75 50.62 55.72
C CYS C 125 -5.77 50.91 57.22
N LYS C 126 -6.62 50.22 57.98
CA LYS C 126 -6.72 50.44 59.42
C LYS C 126 -6.96 51.91 59.73
N SER C 127 -7.86 52.53 58.98
CA SER C 127 -8.19 53.94 59.15
C SER C 127 -9.62 54.08 59.64
N GLU C 128 -9.82 55.00 60.58
CA GLU C 128 -11.15 55.30 61.10
C GLU C 128 -11.80 56.48 60.40
N ASP C 129 -11.14 57.07 59.39
CA ASP C 129 -11.69 58.21 58.68
C ASP C 129 -12.67 57.68 57.65
N CYS C 130 -13.93 57.53 58.08
CA CYS C 130 -14.92 56.92 57.20
C CYS C 130 -15.18 57.76 55.96
N ALA C 131 -15.29 59.08 56.12
CA ALA C 131 -15.60 59.93 54.98
C ALA C 131 -14.57 59.77 53.88
N ALA C 132 -13.34 59.40 54.22
CA ALA C 132 -12.32 59.24 53.19
C ALA C 132 -12.62 58.06 52.28
N PHE C 133 -13.38 57.07 52.76
CA PHE C 133 -13.71 55.90 51.97
C PHE C 133 -15.07 56.00 51.30
N TYR C 134 -16.09 56.48 52.01
CA TYR C 134 -17.38 56.73 51.39
C TYR C 134 -18.04 57.87 52.17
N ASP C 135 -18.04 59.07 51.58
CA ASP C 135 -18.67 60.22 52.18
C ASP C 135 -20.14 60.23 51.77
N TRP C 136 -21.03 60.10 52.76
CA TRP C 136 -22.46 59.98 52.47
C TRP C 136 -23.13 61.32 52.20
N THR C 137 -22.42 62.43 52.38
CA THR C 137 -23.02 63.74 52.15
C THR C 137 -22.88 64.20 50.71
N MET C 138 -22.06 63.56 49.90
CA MET C 138 -21.86 64.01 48.54
C MET C 138 -22.98 63.50 47.63
N PRO C 139 -23.32 64.26 46.59
CA PRO C 139 -24.44 63.87 45.74
C PRO C 139 -24.10 62.69 44.83
N GLY C 140 -25.15 62.00 44.41
CA GLY C 140 -24.98 60.90 43.47
C GLY C 140 -24.03 59.85 44.01
N SER C 141 -23.16 59.36 43.14
CA SER C 141 -22.18 58.35 43.50
C SER C 141 -20.84 58.94 43.89
N SER C 142 -20.74 60.27 43.99
CA SER C 142 -19.45 60.90 44.25
C SER C 142 -18.89 60.58 45.63
N GLY C 143 -19.70 60.01 46.52
CA GLY C 143 -19.19 59.69 47.84
C GLY C 143 -18.08 58.66 47.82
N HIS C 144 -18.14 57.73 46.89
CA HIS C 144 -17.13 56.68 46.82
C HIS C 144 -15.75 57.28 46.63
N TRP C 145 -14.76 56.69 47.29
CA TRP C 145 -13.43 57.30 47.30
C TRP C 145 -12.87 57.41 45.89
N ARG C 146 -13.10 56.40 45.05
CA ARG C 146 -12.63 56.48 43.67
C ARG C 146 -13.24 57.67 42.96
N MET C 147 -14.54 57.89 43.13
CA MET C 147 -15.18 59.04 42.51
C MET C 147 -14.63 60.35 43.07
N GLN C 148 -14.37 60.39 44.37
CA GLN C 148 -13.77 61.59 44.96
C GLN C 148 -12.43 61.90 44.31
N ASN C 149 -11.62 60.88 44.08
CA ASN C 149 -10.32 61.11 43.46
C ASN C 149 -10.50 61.67 42.05
N ASP C 150 -11.46 61.14 41.30
CA ASP C 150 -11.70 61.65 39.95
C ASP C 150 -12.09 63.12 39.98
N LEU C 151 -12.94 63.51 40.92
CA LEU C 151 -13.27 64.92 41.05
C LEU C 151 -12.04 65.73 41.44
N GLU C 152 -11.20 65.18 42.32
CA GLU C 152 -9.99 65.89 42.71
C GLU C 152 -9.07 66.11 41.51
N ILE C 153 -8.92 65.09 40.66
CA ILE C 153 -8.13 65.24 39.45
C ILE C 153 -8.72 66.33 38.56
N ILE C 154 -10.05 66.33 38.41
CA ILE C 154 -10.69 67.33 37.58
C ILE C 154 -10.44 68.73 38.13
N ARG C 155 -10.58 68.90 39.44
CA ARG C 155 -10.36 70.21 40.03
C ARG C 155 -8.94 70.68 39.80
N ARG C 156 -7.96 69.79 40.04
CA ARG C 156 -6.57 70.19 39.91
C ARG C 156 -6.25 70.59 38.48
N ALA C 157 -6.71 69.79 37.52
CA ALA C 157 -6.38 70.06 36.13
C ALA C 157 -7.11 71.27 35.57
N ALA C 158 -8.21 71.68 36.20
CA ALA C 158 -8.99 72.80 35.69
C ALA C 158 -8.54 74.12 36.31
N ASN C 159 -8.48 74.19 37.64
CA ASN C 159 -8.07 75.41 38.30
C ASN C 159 -6.56 75.60 38.20
N VAL C 160 -6.11 76.82 38.50
CA VAL C 160 -4.70 77.15 38.48
C VAL C 160 -4.17 77.23 39.91
N ALA D 1 -30.97 89.71 41.50
CA ALA D 1 -29.55 89.35 41.16
C ALA D 1 -29.51 88.64 39.81
N ASN D 2 -28.33 88.12 39.46
CA ASN D 2 -28.11 87.53 38.15
C ASN D 2 -27.42 86.19 38.29
N LEU D 3 -27.64 85.31 37.31
CA LEU D 3 -27.02 83.99 37.25
C LEU D 3 -26.07 83.94 36.06
N LEU D 4 -24.88 83.40 36.30
CA LEU D 4 -23.86 83.26 35.25
C LEU D 4 -23.64 81.78 34.96
N LEU D 5 -23.77 81.40 33.70
CA LEU D 5 -23.54 80.04 33.26
C LEU D 5 -22.18 79.95 32.57
N VAL D 6 -21.35 79.03 33.03
CA VAL D 6 -20.00 78.90 32.48
C VAL D 6 -19.73 77.42 32.25
N PRO D 7 -18.79 77.10 31.37
CA PRO D 7 -18.43 75.70 31.17
C PRO D 7 -17.94 75.08 32.46
N SER D 8 -18.26 73.81 32.65
CA SER D 8 -17.87 73.09 33.85
C SER D 8 -16.40 72.72 33.78
N ASP D 9 -15.85 72.33 34.93
CA ASP D 9 -14.44 71.99 35.00
C ASP D 9 -14.09 70.88 34.03
N ILE D 10 -14.94 69.84 33.97
CA ILE D 10 -14.64 68.74 33.06
C ILE D 10 -14.70 69.19 31.61
N THR D 11 -15.60 70.12 31.30
CA THR D 11 -15.62 70.69 29.95
C THR D 11 -14.32 71.42 29.65
N ILE D 12 -13.79 72.15 30.63
CA ILE D 12 -12.53 72.86 30.42
C ILE D 12 -11.41 71.89 30.10
N ILE D 13 -11.34 70.78 30.83
CA ILE D 13 -10.28 69.81 30.61
C ILE D 13 -10.38 69.22 29.21
N GLU D 14 -11.61 68.93 28.77
CA GLU D 14 -11.78 68.35 27.44
C GLU D 14 -11.27 69.29 26.36
N GLU D 15 -11.56 70.59 26.49
CA GLU D 15 -11.08 71.55 25.52
C GLU D 15 -9.55 71.61 25.52
N LYS D 16 -8.95 71.55 26.70
CA LYS D 16 -7.51 71.67 26.80
C LYS D 16 -6.79 70.47 26.21
N ASN D 17 -7.37 69.28 26.34
CA ASN D 17 -6.67 68.04 25.98
C ASN D 17 -7.06 67.50 24.62
N LYS D 18 -8.03 68.11 23.94
CA LYS D 18 -8.41 67.61 22.62
C LYS D 18 -7.29 67.83 21.62
N ILE D 19 -7.07 66.84 20.76
CA ILE D 19 -6.02 66.91 19.77
C ILE D 19 -6.55 67.17 18.37
N ALA D 20 -7.76 66.72 18.05
CA ALA D 20 -8.33 66.92 16.72
C ALA D 20 -9.83 66.70 16.80
N LYS D 21 -10.49 66.77 15.65
CA LYS D 21 -11.90 66.45 15.57
C LYS D 21 -12.08 64.94 15.51
N ARG D 22 -13.20 64.48 16.06
CA ARG D 22 -13.55 63.06 16.03
C ARG D 22 -14.73 62.88 15.10
N ARG D 23 -14.61 61.96 14.16
CA ARG D 23 -15.72 61.66 13.26
C ARG D 23 -16.90 61.11 14.03
N ILE D 24 -18.09 61.55 13.66
CA ILE D 24 -19.32 61.07 14.28
C ILE D 24 -19.81 59.88 13.48
N ARG D 25 -19.94 58.72 14.13
CA ARG D 25 -20.37 57.53 13.43
C ARG D 25 -21.84 57.64 13.06
N LEU D 26 -22.27 56.76 12.14
CA LEU D 26 -23.63 56.84 11.62
C LEU D 26 -24.65 56.69 12.75
N LEU D 27 -24.51 55.64 13.57
CA LEU D 27 -25.46 55.45 14.66
C LEU D 27 -25.44 56.61 15.63
N GLU D 28 -24.28 57.23 15.83
CA GLU D 28 -24.21 58.41 16.70
C GLU D 28 -25.03 59.56 16.14
N LYS D 29 -24.97 59.76 14.81
CA LYS D 29 -25.76 60.83 14.21
C LYS D 29 -27.25 60.57 14.37
N THR D 30 -27.69 59.35 14.06
CA THR D 30 -29.09 59.02 14.22
C THR D 30 -29.52 59.12 15.68
N GLY D 31 -28.68 58.64 16.59
CA GLY D 31 -29.01 58.72 18.00
C GLY D 31 -29.23 60.13 18.46
N LEU D 32 -28.34 61.04 18.08
CA LEU D 32 -28.51 62.44 18.46
C LEU D 32 -29.77 63.01 17.85
N ALA D 33 -30.06 62.66 16.60
CA ALA D 33 -31.24 63.20 15.93
C ALA D 33 -32.51 62.77 16.65
N LEU D 34 -32.58 61.51 17.05
CA LEU D 34 -33.78 60.96 17.67
C LEU D 34 -33.92 61.33 19.15
N MET D 35 -32.91 61.96 19.73
CA MET D 35 -32.98 62.31 21.14
C MET D 35 -33.95 63.46 21.35
N PHE D 36 -34.81 63.33 22.36
CA PHE D 36 -35.84 64.33 22.60
C PHE D 36 -35.21 65.66 22.95
N PRO D 37 -35.90 66.77 22.68
CA PRO D 37 -35.42 68.06 23.20
C PRO D 37 -35.54 68.10 24.70
N VAL D 38 -34.64 68.85 25.34
CA VAL D 38 -34.61 68.99 26.80
C VAL D 38 -34.75 70.48 27.11
N PHE D 39 -35.95 70.90 27.48
CA PHE D 39 -36.14 72.26 27.99
C PHE D 39 -35.34 72.42 29.28
N HIS D 40 -34.82 73.62 29.50
CA HIS D 40 -33.95 73.89 30.64
C HIS D 40 -34.57 74.99 31.50
N TRP D 41 -35.49 74.60 32.37
CA TRP D 41 -35.94 75.52 33.43
C TRP D 41 -34.79 75.84 34.37
N ARG D 42 -33.98 74.83 34.68
CA ARG D 42 -32.72 74.97 35.39
C ARG D 42 -31.68 74.16 34.63
N TYR D 43 -30.42 74.24 35.06
CA TYR D 43 -29.33 73.52 34.41
C TYR D 43 -28.80 72.45 35.34
N SER D 44 -29.06 71.19 35.01
CA SER D 44 -28.45 70.09 35.75
C SER D 44 -28.24 68.82 34.93
N LYS D 45 -28.59 68.79 33.66
CA LYS D 45 -28.58 67.56 32.87
C LYS D 45 -27.97 67.85 31.50
N LEU D 46 -27.32 66.84 30.94
CA LEU D 46 -26.73 66.96 29.60
C LEU D 46 -27.81 66.78 28.54
N ASP D 47 -27.81 67.64 27.53
CA ASP D 47 -28.76 67.57 26.42
C ASP D 47 -28.04 67.09 25.17
N LYS D 48 -28.79 67.00 24.07
CA LYS D 48 -28.23 66.48 22.83
C LYS D 48 -27.08 67.35 22.32
N HIS D 49 -27.15 68.65 22.56
CA HIS D 49 -26.10 69.54 22.07
C HIS D 49 -24.80 69.32 22.85
N ASP D 50 -24.89 69.24 24.17
CA ASP D 50 -23.70 68.99 24.96
C ASP D 50 -23.06 67.66 24.59
N MET D 51 -23.90 66.64 24.33
CA MET D 51 -23.36 65.33 23.97
C MET D 51 -22.63 65.41 22.63
N TYR D 52 -23.15 66.20 21.68
CA TYR D 52 -22.48 66.32 20.40
C TYR D 52 -21.07 66.87 20.56
N ASN D 53 -20.91 67.90 21.39
CA ASN D 53 -19.59 68.46 21.62
C ASN D 53 -18.66 67.41 22.21
N ILE D 54 -19.16 66.61 23.15
CA ILE D 54 -18.33 65.59 23.76
C ILE D 54 -17.87 64.58 22.73
N LEU D 55 -18.77 64.18 21.83
CA LEU D 55 -18.42 63.19 20.82
C LEU D 55 -17.56 63.76 19.71
N ARG D 56 -17.55 65.08 19.53
CA ARG D 56 -16.81 65.67 18.43
C ARG D 56 -15.31 65.73 18.70
N ARG D 57 -14.93 65.90 19.97
CA ARG D 57 -13.52 66.05 20.32
C ARG D 57 -12.80 64.70 20.23
N LYS D 58 -11.51 64.76 19.91
CA LYS D 58 -10.67 63.58 19.78
C LYS D 58 -9.56 63.65 20.81
N PHE D 59 -9.27 62.53 21.45
CA PHE D 59 -8.25 62.44 22.47
C PHE D 59 -7.22 61.39 22.08
N ASP D 60 -6.02 61.52 22.65
CA ASP D 60 -4.95 60.59 22.36
C ASP D 60 -5.22 59.26 23.07
N PRO D 61 -5.36 58.15 22.34
CA PRO D 61 -5.62 56.87 23.02
C PRO D 61 -4.51 56.46 23.97
N SER D 62 -3.26 56.77 23.65
CA SER D 62 -2.13 56.29 24.44
C SER D 62 -1.75 57.21 25.58
N ALA D 63 -2.34 58.40 25.67
CA ALA D 63 -1.97 59.32 26.74
C ALA D 63 -2.24 58.69 28.09
N SER D 64 -1.25 58.77 28.98
CA SER D 64 -1.37 58.23 30.33
C SER D 64 -1.74 59.27 31.36
N ASP D 65 -1.99 60.50 30.95
CA ASP D 65 -2.36 61.53 31.90
C ASP D 65 -3.68 61.14 32.56
N PRO D 66 -3.78 61.18 33.89
CA PRO D 66 -5.06 60.85 34.52
C PRO D 66 -6.21 61.71 34.04
N ALA D 67 -5.97 62.99 33.82
CA ALA D 67 -7.04 63.87 33.36
C ALA D 67 -7.55 63.44 31.98
N ILE D 68 -6.65 63.09 31.08
CA ILE D 68 -7.07 62.66 29.76
C ILE D 68 -7.82 61.34 29.85
N ASP D 69 -7.41 60.47 30.78
CA ASP D 69 -8.12 59.20 30.95
C ASP D 69 -9.56 59.43 31.35
N ILE D 70 -9.80 60.42 32.22
CA ILE D 70 -11.18 60.74 32.59
C ILE D 70 -11.96 61.21 31.38
N CYS D 71 -11.35 62.03 30.52
CA CYS D 71 -12.03 62.52 29.34
C CYS D 71 -12.43 61.36 28.43
N ARG D 72 -11.53 60.41 28.21
CA ARG D 72 -11.89 59.26 27.39
C ARG D 72 -13.02 58.46 28.01
N ARG D 73 -12.97 58.26 29.33
CA ARG D 73 -14.03 57.51 29.99
C ARG D 73 -15.36 58.23 29.89
N ARG D 74 -15.36 59.55 30.05
CA ARG D 74 -16.59 60.30 29.90
C ARG D 74 -17.13 60.19 28.48
N GLN D 75 -16.25 60.29 27.48
CA GLN D 75 -16.70 60.22 26.10
C GLN D 75 -17.33 58.86 25.80
N GLU D 76 -16.73 57.78 26.29
CA GLU D 76 -17.29 56.46 26.03
C GLU D 76 -18.66 56.31 26.65
N SER D 77 -18.84 56.86 27.87
CA SER D 77 -20.14 56.77 28.51
C SER D 77 -21.20 57.51 27.70
N VAL D 78 -20.86 58.70 27.21
CA VAL D 78 -21.81 59.46 26.40
C VAL D 78 -22.12 58.72 25.12
N ARG D 79 -21.11 58.12 24.49
CA ARG D 79 -21.36 57.40 23.25
C ARG D 79 -22.38 56.29 23.45
N ARG D 80 -22.25 55.53 24.54
CA ARG D 80 -23.20 54.44 24.78
C ARG D 80 -24.60 54.99 24.99
N ARG D 81 -24.72 56.14 25.65
CA ARG D 81 -26.02 56.77 25.81
C ARG D 81 -26.62 57.17 24.47
N VAL D 82 -25.80 57.74 23.58
CA VAL D 82 -26.33 58.28 22.33
C VAL D 82 -26.79 57.15 21.42
N ILE D 83 -25.96 56.14 21.23
CA ILE D 83 -26.34 55.06 20.31
C ILE D 83 -27.52 54.28 20.86
N ALA D 84 -27.69 54.26 22.18
CA ALA D 84 -28.83 53.57 22.76
C ALA D 84 -30.15 54.21 22.37
N GLN D 85 -30.13 55.48 21.97
CA GLN D 85 -31.35 56.17 21.59
C GLN D 85 -31.95 55.62 20.30
N ASN D 86 -31.17 54.89 19.50
CA ASN D 86 -31.68 54.36 18.26
C ASN D 86 -32.76 53.31 18.46
N GLY D 87 -32.81 52.69 19.65
CA GLY D 87 -33.79 51.64 19.90
C GLY D 87 -35.20 52.14 20.12
N LEU D 88 -35.37 53.42 20.42
CA LEU D 88 -36.70 53.93 20.73
C LEU D 88 -37.60 53.88 19.51
N LEU D 89 -37.14 54.42 18.39
CA LEU D 89 -38.02 54.53 17.23
C LEU D 89 -38.49 53.18 16.72
N PRO D 90 -37.61 52.19 16.50
CA PRO D 90 -38.11 50.89 16.03
C PRO D 90 -39.15 50.28 16.94
N GLY D 91 -38.98 50.42 18.25
CA GLY D 91 -39.96 49.87 19.16
C GLY D 91 -41.30 50.55 19.04
N LEU D 92 -41.30 51.88 18.94
CA LEU D 92 -42.55 52.62 18.81
C LEU D 92 -43.28 52.24 17.53
N LEU D 93 -42.56 52.18 16.41
CA LEU D 93 -43.20 51.84 15.15
C LEU D 93 -43.76 50.43 15.19
N LEU D 94 -42.97 49.47 15.68
CA LEU D 94 -43.49 48.12 15.82
C LEU D 94 -44.59 48.05 16.86
N GLY D 95 -44.53 48.89 17.89
CA GLY D 95 -45.55 48.88 18.90
C GLY D 95 -46.89 49.34 18.41
N VAL D 96 -46.93 50.11 17.34
CA VAL D 96 -48.16 50.62 16.77
C VAL D 96 -48.61 49.80 15.58
N SER D 97 -47.69 49.55 14.64
CA SER D 97 -48.08 48.89 13.40
C SER D 97 -48.54 47.47 13.66
N LEU D 98 -47.78 46.69 14.42
CA LEU D 98 -48.14 45.29 14.61
C LEU D 98 -49.50 45.13 15.27
N PRO D 99 -49.79 45.77 16.40
CA PRO D 99 -51.16 45.65 16.94
C PRO D 99 -52.21 46.18 15.99
N TRP D 100 -51.91 47.26 15.28
CA TRP D 100 -52.90 47.84 14.38
C TRP D 100 -53.27 46.88 13.26
N TRP D 101 -52.28 46.21 12.69
CA TRP D 101 -52.58 45.20 11.70
C TRP D 101 -53.38 44.06 12.30
N SER D 102 -53.05 43.68 13.53
CA SER D 102 -53.77 42.59 14.18
C SER D 102 -55.23 42.95 14.41
N LEU D 103 -55.51 44.18 14.79
CA LEU D 103 -56.87 44.62 15.08
C LEU D 103 -57.49 45.36 13.91
N ARG D 104 -56.99 45.15 12.70
CA ARG D 104 -57.47 45.94 11.57
C ARG D 104 -58.96 45.73 11.34
N ARG D 105 -59.42 44.49 11.45
CA ARG D 105 -60.82 44.20 11.17
C ARG D 105 -61.76 44.57 12.30
N TYR D 106 -61.25 44.93 13.47
CA TYR D 106 -62.09 45.20 14.62
C TYR D 106 -62.54 46.66 14.62
N ASN D 107 -63.44 46.98 15.55
CA ASN D 107 -64.05 48.30 15.59
C ASN D 107 -63.05 49.34 16.08
N TYR D 108 -63.45 50.61 15.96
CA TYR D 108 -62.54 51.69 16.32
C TYR D 108 -62.27 51.72 17.82
N GLN D 109 -63.26 51.34 18.65
CA GLN D 109 -63.04 51.38 20.09
C GLN D 109 -61.84 50.53 20.48
N SER D 110 -61.71 49.35 19.89
CA SER D 110 -60.60 48.48 20.23
C SER D 110 -59.26 49.14 19.94
N LYS D 111 -59.16 49.81 18.80
CA LYS D 111 -57.91 50.46 18.44
C LYS D 111 -57.57 51.59 19.41
N LEU D 112 -58.58 52.34 19.84
CA LEU D 112 -58.33 53.38 20.84
C LEU D 112 -57.89 52.76 22.17
N ILE D 113 -58.49 51.63 22.54
CA ILE D 113 -58.15 51.02 23.82
C ILE D 113 -56.76 50.41 23.79
N VAL D 114 -56.43 49.72 22.71
CA VAL D 114 -55.24 48.87 22.71
C VAL D 114 -54.01 49.60 22.19
N LEU D 115 -54.14 50.34 21.09
CA LEU D 115 -52.96 50.91 20.45
C LEU D 115 -52.18 51.82 21.37
N PRO D 116 -52.78 52.75 22.12
CA PRO D 116 -51.98 53.61 22.99
C PRO D 116 -51.10 52.83 23.94
N PHE D 117 -51.64 51.76 24.54
CA PHE D 117 -50.84 50.99 25.48
C PHE D 117 -49.76 50.20 24.77
N CYS D 118 -50.09 49.62 23.62
CA CYS D 118 -49.08 48.87 22.87
C CYS D 118 -47.99 49.79 22.36
N ALA D 119 -48.36 51.01 21.97
CA ALA D 119 -47.36 51.96 21.50
C ALA D 119 -46.34 52.25 22.60
N TYR D 120 -46.82 52.56 23.80
CA TYR D 120 -45.91 52.84 24.91
C TYR D 120 -45.10 51.60 25.27
N PHE D 121 -45.74 50.43 25.29
CA PHE D 121 -45.02 49.21 25.62
C PHE D 121 -43.95 48.92 24.58
N GLY D 122 -44.27 49.12 23.31
CA GLY D 122 -43.27 48.91 22.27
C GLY D 122 -42.08 49.84 22.43
N ALA D 123 -42.34 51.11 22.72
CA ALA D 123 -41.24 52.04 22.95
C ALA D 123 -40.40 51.61 24.15
N ILE D 124 -41.05 51.18 25.21
CA ILE D 124 -40.34 50.71 26.39
C ILE D 124 -39.44 49.53 26.04
N CYS D 125 -39.97 48.58 25.27
CA CYS D 125 -39.17 47.44 24.86
C CYS D 125 -38.00 47.89 24.00
N GLY D 126 -38.23 48.86 23.12
CA GLY D 126 -37.15 49.36 22.30
C GLY D 126 -36.07 50.04 23.12
N ARG D 127 -36.47 50.82 24.12
CA ARG D 127 -35.49 51.50 24.95
C ARG D 127 -34.68 50.51 25.77
N ILE D 128 -35.33 49.46 26.29
CA ILE D 128 -34.58 48.43 27.00
C ILE D 128 -33.58 47.77 26.06
N ALA D 129 -34.03 47.41 24.86
CA ALA D 129 -33.13 46.75 23.93
C ALA D 129 -31.99 47.67 23.53
N GLY D 130 -32.28 48.95 23.29
CA GLY D 130 -31.24 49.87 22.89
C GLY D 130 -30.20 50.06 23.98
N HIS D 131 -30.65 50.28 25.21
CA HIS D 131 -29.71 50.45 26.32
C HIS D 131 -28.96 49.17 26.62
N GLY D 132 -29.62 48.03 26.48
CA GLY D 132 -28.93 46.76 26.70
C GLY D 132 -27.85 46.53 25.66
N LEU D 133 -28.17 46.76 24.39
CA LEU D 133 -27.19 46.53 23.33
C LEU D 133 -26.09 47.56 23.32
N SER D 134 -26.30 48.71 23.96
CA SER D 134 -25.29 49.75 24.03
C SER D 134 -24.36 49.57 25.22
N TRP D 135 -24.40 48.41 25.87
CA TRP D 135 -23.49 48.09 26.96
C TRP D 135 -23.72 48.99 28.18
N ARG D 136 -24.92 49.51 28.34
CA ARG D 136 -25.21 50.36 29.50
C ARG D 136 -25.41 49.54 30.78
N TRP D 137 -25.83 48.29 30.67
CA TRP D 137 -26.09 47.49 31.85
C TRP D 137 -24.82 47.01 32.54
N VAL D 138 -23.66 47.17 31.90
CA VAL D 138 -22.39 46.72 32.46
C VAL D 138 -21.50 47.87 32.86
N GLU D 139 -21.95 49.12 32.70
CA GLU D 139 -21.14 50.24 33.13
C GLU D 139 -21.05 50.29 34.65
N THR D 140 -19.87 50.58 35.16
CA THR D 140 -19.71 50.76 36.59
C THR D 140 -20.30 52.09 37.02
N ASP D 141 -20.52 52.24 38.32
CA ASP D 141 -21.03 53.51 38.84
C ASP D 141 -20.09 54.66 38.51
N ARG D 142 -18.79 54.39 38.49
CA ARG D 142 -17.83 55.45 38.15
C ARG D 142 -18.04 55.94 36.73
N GLN D 143 -18.13 55.01 35.78
CA GLN D 143 -18.31 55.41 34.38
C GLN D 143 -19.60 56.16 34.19
N ARG D 144 -20.67 55.68 34.82
CA ARG D 144 -21.97 56.36 34.68
C ARG D 144 -21.92 57.77 35.24
N MET D 145 -21.24 57.96 36.37
CA MET D 145 -21.15 59.30 36.93
C MET D 145 -20.42 60.24 36.00
N LEU D 146 -19.33 59.79 35.39
CA LEU D 146 -18.57 60.64 34.49
C LEU D 146 -19.39 61.03 33.28
N GLY D 147 -20.15 60.09 32.72
CA GLY D 147 -20.99 60.40 31.59
C GLY D 147 -22.14 61.33 31.89
N ASN D 148 -22.49 61.49 33.17
CA ASN D 148 -23.61 62.34 33.56
C ASN D 148 -23.18 63.66 34.17
N LEU D 149 -21.89 63.93 34.25
CA LEU D 149 -21.44 65.19 34.82
C LEU D 149 -21.91 66.35 33.95
N PRO D 150 -22.48 67.40 34.51
CA PRO D 150 -23.00 68.49 33.67
C PRO D 150 -21.89 69.20 32.92
N ALA D 151 -22.24 69.72 31.75
CA ALA D 151 -21.30 70.48 30.95
C ALA D 151 -21.30 71.97 31.29
N LYS D 152 -22.41 72.47 31.82
CA LYS D 152 -22.52 73.87 32.19
C LYS D 152 -22.94 73.94 33.65
N VAL D 153 -22.31 74.84 34.40
CA VAL D 153 -22.56 74.97 35.82
C VAL D 153 -22.68 76.45 36.16
N TYR D 154 -23.61 76.76 37.06
CA TYR D 154 -23.70 78.13 37.56
C TYR D 154 -22.41 78.49 38.27
N TYR D 155 -21.87 79.67 37.96
CA TYR D 155 -20.61 80.09 38.56
C TYR D 155 -20.80 80.39 40.04
N ARG D 156 -19.84 79.92 40.84
CA ARG D 156 -19.85 80.16 42.29
C ARG D 156 -18.69 81.10 42.63
N PRO D 157 -18.95 82.35 42.96
CA PRO D 157 -17.85 83.28 43.22
C PRO D 157 -17.01 82.85 44.41
N LYS D 158 -15.73 83.21 44.37
CA LYS D 158 -14.78 82.90 45.43
C LYS D 158 -14.55 81.39 45.53
N ASN E 1 -19.07 48.91 68.24
CA ASN E 1 -18.69 49.58 67.01
C ASN E 1 -17.82 48.70 66.14
N LYS E 2 -17.19 47.70 66.74
CA LYS E 2 -16.29 46.79 66.00
C LYS E 2 -16.66 45.35 66.31
N PRO E 3 -17.87 44.93 65.95
CA PRO E 3 -18.27 43.55 66.21
C PRO E 3 -17.45 42.58 65.41
N VAL E 4 -17.26 41.38 65.96
CA VAL E 4 -16.51 40.35 65.26
C VAL E 4 -17.29 39.85 64.05
N VAL E 5 -18.62 39.73 64.19
CA VAL E 5 -19.48 39.30 63.10
C VAL E 5 -20.71 40.18 63.08
N VAL E 6 -21.38 40.19 61.93
CA VAL E 6 -22.61 40.95 61.73
C VAL E 6 -23.68 40.00 61.23
N ASN E 7 -24.86 40.05 61.85
CA ASN E 7 -25.97 39.19 61.45
C ASN E 7 -26.76 39.90 60.36
N THR E 8 -26.72 39.34 59.15
CA THR E 8 -27.42 39.92 58.01
C THR E 8 -28.54 39.03 57.48
N SER E 9 -28.57 37.76 57.86
CA SER E 9 -29.57 36.85 57.30
C SER E 9 -30.98 37.30 57.64
N GLY E 10 -31.20 37.74 58.88
CA GLY E 10 -32.54 38.14 59.28
C GLY E 10 -33.04 39.33 58.51
N VAL E 11 -32.21 40.37 58.39
CA VAL E 11 -32.65 41.59 57.72
C VAL E 11 -32.82 41.34 56.23
N VAL E 12 -31.88 40.63 55.62
CA VAL E 12 -31.97 40.38 54.18
C VAL E 12 -33.19 39.53 53.87
N ASN E 13 -33.43 38.48 54.66
CA ASN E 13 -34.57 37.61 54.40
C ASN E 13 -35.88 38.37 54.55
N THR E 14 -35.96 39.26 55.54
CA THR E 14 -37.17 40.05 55.70
C THR E 14 -37.43 40.89 54.47
N ALA E 15 -36.39 41.54 53.93
CA ALA E 15 -36.57 42.34 52.74
C ALA E 15 -37.00 41.49 51.56
N VAL E 16 -36.42 40.30 51.42
CA VAL E 16 -36.79 39.43 50.32
C VAL E 16 -38.27 39.08 50.39
N LEU E 17 -38.76 38.72 51.57
CA LEU E 17 -40.16 38.37 51.71
C LEU E 17 -41.07 39.55 51.43
N GLY E 18 -40.71 40.72 51.95
CA GLY E 18 -41.54 41.89 51.70
C GLY E 18 -41.58 42.28 50.24
N ILE E 19 -40.43 42.28 49.57
CA ILE E 19 -40.40 42.63 48.16
C ILE E 19 -41.04 41.52 47.33
N SER E 20 -40.71 40.26 47.63
CA SER E 20 -41.30 39.17 46.87
C SER E 20 -42.81 39.11 47.09
N GLY E 21 -43.25 39.27 48.33
CA GLY E 21 -44.67 39.17 48.61
C GLY E 21 -45.47 40.21 47.86
N ALA E 22 -45.02 41.47 47.89
CA ALA E 22 -45.75 42.52 47.22
C ALA E 22 -45.84 42.27 45.72
N TRP E 23 -44.73 41.91 45.10
CA TRP E 23 -44.75 41.66 43.66
C TRP E 23 -45.62 40.46 43.33
N LEU E 24 -45.45 39.36 44.07
CA LEU E 24 -46.25 38.18 43.81
C LEU E 24 -47.73 38.43 44.09
N TYR E 25 -48.03 39.25 45.10
CA TYR E 25 -49.42 39.61 45.33
C TYR E 25 -50.01 40.32 44.12
N PHE E 26 -49.42 41.46 43.75
CA PHE E 26 -49.98 42.28 42.68
C PHE E 26 -50.17 41.46 41.41
N TYR E 27 -49.28 40.52 41.15
CA TYR E 27 -49.32 39.72 39.93
C TYR E 27 -50.20 38.48 40.05
N CYS E 28 -50.61 38.09 41.24
CA CYS E 28 -51.33 36.82 41.39
C CYS E 28 -52.69 36.93 42.07
N VAL E 29 -52.79 37.69 43.16
CA VAL E 29 -53.96 37.65 44.03
C VAL E 29 -55.12 38.48 43.52
N PRO E 30 -54.94 39.78 43.22
CA PRO E 30 -56.09 40.65 42.98
C PRO E 30 -56.93 40.22 41.78
N LEU E 31 -58.24 40.50 41.87
CA LEU E 31 -59.11 40.36 40.71
C LEU E 31 -58.94 41.50 39.73
N ARG E 32 -58.57 42.69 40.23
CA ARG E 32 -58.27 43.80 39.34
C ARG E 32 -57.20 43.44 38.33
N ARG E 33 -56.36 42.46 38.66
CA ARG E 33 -55.30 42.08 37.75
C ARG E 33 -55.85 41.53 36.44
N LYS E 34 -57.12 41.15 36.41
CA LYS E 34 -57.77 40.68 35.18
C LYS E 34 -58.62 41.77 34.53
N GLU E 35 -58.27 43.04 34.77
CA GLU E 35 -59.02 44.14 34.19
C GLU E 35 -58.90 44.17 32.68
N TRP E 36 -57.72 43.89 32.14
CA TRP E 36 -57.54 43.97 30.70
C TRP E 36 -58.34 42.89 29.99
N TYR E 37 -58.48 41.71 30.61
CA TYR E 37 -59.32 40.67 30.03
C TYR E 37 -60.77 41.13 29.95
N ASP E 38 -61.25 41.84 30.96
CA ASP E 38 -62.63 42.28 30.97
C ASP E 38 -62.88 43.34 29.90
N ILE E 39 -61.99 44.31 29.79
CA ILE E 39 -62.19 45.38 28.82
C ILE E 39 -62.26 44.81 27.41
N MET E 40 -61.35 43.90 27.08
CA MET E 40 -61.38 43.31 25.75
C MET E 40 -62.69 42.56 25.51
N MET E 41 -63.17 41.82 26.51
CA MET E 41 -64.42 41.09 26.34
C MET E 41 -65.59 42.05 26.18
N ASP E 42 -65.58 43.16 26.91
CA ASP E 42 -66.71 44.08 26.87
C ASP E 42 -66.82 44.77 25.52
N TYR E 43 -65.70 45.29 25.00
CA TYR E 43 -65.75 46.22 23.89
C TYR E 43 -65.08 45.75 22.62
N VAL E 44 -64.21 44.74 22.68
CA VAL E 44 -63.47 44.32 21.51
C VAL E 44 -63.93 42.99 20.95
N HIS E 45 -64.42 42.08 21.79
CA HIS E 45 -64.73 40.73 21.35
C HIS E 45 -65.90 40.73 20.35
N HIS E 46 -65.76 39.91 19.33
CA HIS E 46 -66.75 39.63 18.28
C HIS E 46 -67.22 40.88 17.55
N LYS E 47 -66.53 42.00 17.69
CA LYS E 47 -66.86 43.23 16.96
C LYS E 47 -65.90 43.43 15.80
N ARG E 48 -65.96 42.50 14.84
CA ARG E 48 -65.05 42.48 13.71
C ARG E 48 -65.82 42.09 12.44
N THR E 49 -65.34 42.60 11.30
CA THR E 49 -65.91 42.22 10.00
C THR E 49 -64.80 42.22 8.96
N GLN E 50 -65.02 41.47 7.90
CA GLN E 50 -64.11 41.44 6.77
C GLN E 50 -64.64 42.22 5.57
N TYR E 51 -65.88 42.69 5.62
CA TYR E 51 -66.51 43.38 4.51
C TYR E 51 -66.52 44.89 4.69
N ALA E 52 -65.78 45.40 5.66
CA ALA E 52 -65.65 46.83 5.88
C ALA E 52 -64.21 47.23 5.64
N SER E 53 -64.01 48.37 5.00
CA SER E 53 -62.67 48.81 4.65
C SER E 53 -61.94 49.33 5.88
N ASN E 54 -60.63 49.05 5.95
CA ASN E 54 -59.77 49.53 7.00
C ASN E 54 -58.45 49.98 6.40
N PHE E 55 -57.83 50.97 7.03
CA PHE E 55 -56.61 51.54 6.48
C PHE E 55 -55.49 50.52 6.34
N PRO E 56 -55.20 49.67 7.32
CA PRO E 56 -54.09 48.72 7.15
C PRO E 56 -54.23 47.83 5.94
N ASP E 57 -55.43 47.33 5.65
CA ASP E 57 -55.62 46.54 4.43
C ASP E 57 -55.45 47.39 3.19
N LYS E 58 -56.02 48.59 3.21
CA LYS E 58 -55.91 49.48 2.06
C LYS E 58 -54.46 49.84 1.79
N ALA E 59 -53.70 50.14 2.84
CA ALA E 59 -52.30 50.52 2.65
C ALA E 59 -51.50 49.38 2.06
N VAL E 60 -51.67 48.17 2.59
CA VAL E 60 -50.94 47.03 2.05
C VAL E 60 -51.36 46.77 0.62
N ARG E 61 -52.65 46.86 0.33
CA ARG E 61 -53.14 46.58 -1.01
C ARG E 61 -52.57 47.57 -2.01
N THR E 62 -52.56 48.86 -1.68
CA THR E 62 -52.06 49.86 -2.61
C THR E 62 -50.57 49.67 -2.87
N ALA E 63 -49.80 49.38 -1.84
CA ALA E 63 -48.36 49.20 -2.03
C ALA E 63 -48.09 48.01 -2.94
N LEU E 64 -48.79 46.90 -2.74
CA LEU E 64 -48.62 45.76 -3.62
C LEU E 64 -48.97 46.11 -5.05
N ARG E 65 -50.08 46.82 -5.25
CA ARG E 65 -50.46 47.25 -6.59
C ARG E 65 -49.41 48.18 -7.17
N PHE E 66 -48.88 49.10 -6.36
CA PHE E 66 -47.90 50.06 -6.84
C PHE E 66 -46.63 49.35 -7.31
N ALA E 67 -46.20 48.31 -6.60
CA ALA E 67 -45.00 47.58 -6.96
C ALA E 67 -45.27 46.41 -7.89
N LYS E 68 -46.51 46.26 -8.35
CA LYS E 68 -46.88 45.13 -9.20
C LYS E 68 -46.60 43.81 -8.48
N VAL E 69 -46.85 43.79 -7.18
CA VAL E 69 -46.67 42.61 -6.36
C VAL E 69 -45.20 42.23 -6.28
N SER F 1 -66.70 40.67 36.29
CA SER F 1 -65.24 40.89 36.42
C SER F 1 -64.53 39.57 36.70
N GLY F 2 -63.78 39.08 35.71
CA GLY F 2 -63.01 37.87 35.85
C GLY F 2 -63.48 36.77 34.90
N ASN F 3 -62.70 35.69 34.89
CA ASN F 3 -63.05 34.53 34.08
C ASN F 3 -64.11 33.71 34.81
N ALA F 4 -64.57 32.65 34.16
CA ALA F 4 -65.42 31.68 34.83
C ALA F 4 -64.57 30.80 35.74
N ALA F 5 -65.17 30.33 36.81
CA ALA F 5 -64.45 29.51 37.78
C ALA F 5 -63.69 28.39 37.07
N ARG F 6 -62.39 28.30 37.33
CA ARG F 6 -61.54 27.33 36.68
C ARG F 6 -60.88 26.36 37.66
N GLY F 7 -60.89 26.64 38.96
CA GLY F 7 -60.22 25.79 39.93
C GLY F 7 -60.32 26.31 41.35
N PRO F 8 -59.41 25.86 42.22
CA PRO F 8 -59.49 26.23 43.64
C PRO F 8 -58.90 27.60 43.90
N PRO F 9 -59.16 28.20 45.05
CA PRO F 9 -58.49 29.45 45.40
C PRO F 9 -57.04 29.21 45.77
N LEU F 10 -56.29 30.31 45.86
CA LEU F 10 -54.86 30.21 46.09
C LEU F 10 -54.54 29.52 47.41
N TYR F 11 -55.26 29.87 48.47
CA TYR F 11 -54.93 29.35 49.80
C TYR F 11 -55.20 27.86 49.93
N ASP F 12 -55.88 27.24 48.99
CA ASP F 12 -56.18 25.81 49.04
C ASP F 12 -54.97 25.04 48.54
N LEU F 13 -54.04 24.75 49.45
CA LEU F 13 -52.83 24.06 49.07
C LEU F 13 -53.09 22.68 48.47
N PRO F 14 -53.85 21.79 49.11
CA PRO F 14 -54.05 20.46 48.50
C PRO F 14 -54.72 20.52 47.14
N GLY F 15 -55.67 21.43 46.95
CA GLY F 15 -56.31 21.54 45.66
C GLY F 15 -55.35 22.02 44.58
N ASN F 16 -54.54 23.03 44.89
CA ASN F 16 -53.58 23.53 43.92
C ASN F 16 -52.53 22.49 43.59
N PHE F 17 -52.08 21.72 44.57
CA PHE F 17 -51.08 20.71 44.29
C PHE F 17 -51.57 19.69 43.28
N ARG F 18 -52.87 19.40 43.28
CA ARG F 18 -53.42 18.46 42.32
C ARG F 18 -53.27 18.99 40.90
N TYR F 19 -53.62 20.25 40.68
CA TYR F 19 -53.49 20.83 39.35
C TYR F 19 -52.03 20.96 38.93
N ALA F 20 -51.17 21.33 39.87
CA ALA F 20 -49.76 21.44 39.55
C ALA F 20 -49.20 20.09 39.14
N LYS F 21 -49.61 19.02 39.81
CA LYS F 21 -49.16 17.69 39.45
C LYS F 21 -49.63 17.31 38.04
N GLU F 22 -50.89 17.60 37.74
CA GLU F 22 -51.44 17.24 36.43
C GLU F 22 -50.72 17.96 35.30
N PHE F 23 -50.05 19.08 35.59
CA PHE F 23 -49.29 19.75 34.55
C PHE F 23 -48.27 18.81 33.91
N PHE F 24 -47.79 17.82 34.65
CA PHE F 24 -46.81 16.88 34.14
C PHE F 24 -47.41 15.54 33.73
N THR F 25 -48.53 15.14 34.34
CA THR F 25 -49.08 13.81 34.11
C THR F 25 -50.23 13.81 33.11
N LYS F 26 -51.26 14.61 33.36
CA LYS F 26 -52.43 14.62 32.50
C LYS F 26 -52.42 15.85 31.61
N PRO F 27 -52.19 15.72 30.30
CA PRO F 27 -52.22 16.91 29.45
C PRO F 27 -53.60 17.56 29.44
N ALA F 28 -53.60 18.89 29.36
CA ALA F 28 -54.83 19.64 29.34
C ALA F 28 -55.52 19.55 27.99
N ILE F 29 -56.84 19.54 28.01
CA ILE F 29 -57.64 19.48 26.79
C ILE F 29 -58.49 20.73 26.63
N SER F 30 -58.10 21.82 27.27
CA SER F 30 -58.76 23.10 27.09
C SER F 30 -57.84 24.18 27.63
N TYR F 31 -58.00 25.39 27.10
CA TYR F 31 -57.16 26.50 27.55
C TYR F 31 -57.38 26.81 29.01
N GLY F 32 -58.63 26.80 29.46
CA GLY F 32 -58.91 27.16 30.84
C GLY F 32 -58.18 26.27 31.83
N GLU F 33 -58.24 24.96 31.63
CA GLU F 33 -57.59 24.06 32.58
C GLU F 33 -56.08 24.14 32.47
N PHE F 34 -55.55 24.31 31.26
CA PHE F 34 -54.11 24.49 31.13
C PHE F 34 -53.65 25.74 31.85
N HIS F 35 -54.42 26.82 31.72
CA HIS F 35 -54.08 28.04 32.45
C HIS F 35 -54.12 27.79 33.95
N GLN F 36 -55.11 27.04 34.41
CA GLN F 36 -55.19 26.71 35.84
C GLN F 36 -53.97 25.90 36.27
N GLN F 37 -53.54 24.96 35.44
CA GLN F 37 -52.36 24.18 35.79
C GLN F 37 -51.14 25.09 35.97
N CYS F 38 -50.98 26.08 35.11
CA CYS F 38 -49.87 27.02 35.25
C CYS F 38 -50.01 27.85 36.52
N THR F 39 -51.21 28.37 36.80
CA THR F 39 -51.38 29.21 37.99
C THR F 39 -51.11 28.40 39.25
N SER F 40 -51.65 27.19 39.32
CA SER F 40 -51.36 26.34 40.47
C SER F 40 -49.87 26.00 40.52
N LEU F 41 -49.28 25.71 39.37
CA LEU F 41 -47.84 25.47 39.33
C LEU F 41 -47.06 26.72 39.73
N ARG F 42 -47.56 27.89 39.36
CA ARG F 42 -46.89 29.14 39.73
C ARG F 42 -46.76 29.28 41.23
N LEU F 43 -47.76 28.81 41.98
CA LEU F 43 -47.72 28.92 43.43
C LEU F 43 -46.48 28.24 43.99
N PHE F 44 -46.22 27.02 43.53
CA PHE F 44 -45.09 26.26 44.07
C PHE F 44 -43.77 26.72 43.47
N VAL F 45 -43.76 27.10 42.20
CA VAL F 45 -42.51 27.58 41.59
C VAL F 45 -42.06 28.86 42.27
N CYS F 46 -42.99 29.79 42.51
CA CYS F 46 -42.63 31.01 43.22
C CYS F 46 -42.19 30.71 44.64
N ALA F 47 -42.89 29.80 45.31
CA ALA F 47 -42.50 29.45 46.68
C ALA F 47 -41.12 28.84 46.72
N GLY F 48 -40.80 27.98 45.75
CA GLY F 48 -39.47 27.41 45.69
C GLY F 48 -38.39 28.46 45.47
N THR F 49 -38.65 29.42 44.57
CA THR F 49 -37.67 30.47 44.31
C THR F 49 -37.43 31.32 45.55
N VAL F 50 -38.50 31.70 46.24
CA VAL F 50 -38.31 32.44 47.47
C VAL F 50 -37.66 31.56 48.52
N GLY F 51 -38.02 30.28 48.55
CA GLY F 51 -37.44 29.38 49.53
C GLY F 51 -35.94 29.29 49.42
N TYR F 52 -35.43 29.09 48.21
CA TYR F 52 -33.99 29.01 48.03
C TYR F 52 -33.30 30.31 48.40
N MET F 53 -33.91 31.44 48.05
CA MET F 53 -33.31 32.73 48.37
C MET F 53 -33.14 32.87 49.89
N LEU F 54 -34.16 32.52 50.65
CA LEU F 54 -34.03 32.57 52.10
C LEU F 54 -32.98 31.58 52.59
N PHE F 55 -32.97 30.38 52.03
CA PHE F 55 -31.95 29.41 52.41
C PHE F 55 -30.56 29.90 52.04
N SER F 56 -30.42 30.49 50.85
CA SER F 56 -29.10 30.91 50.40
C SER F 56 -28.52 31.97 51.31
N PHE F 57 -29.34 32.94 51.73
CA PHE F 57 -28.84 34.01 52.59
C PHE F 57 -28.63 33.56 54.03
N THR F 58 -29.10 32.38 54.40
CA THR F 58 -28.75 31.81 55.70
C THR F 58 -27.52 30.93 55.61
N MET F 59 -27.47 30.04 54.63
CA MET F 59 -26.31 29.17 54.48
C MET F 59 -25.06 29.97 54.13
N TRP F 60 -25.21 31.00 53.30
CA TRP F 60 -24.09 31.84 52.87
C TRP F 60 -24.48 33.29 53.06
N PRO F 61 -24.38 33.81 54.28
CA PRO F 61 -24.88 35.15 54.56
C PRO F 61 -24.09 36.23 53.83
N CYS F 62 -24.75 37.36 53.61
CA CYS F 62 -24.06 38.53 53.11
C CYS F 62 -23.04 39.00 54.14
N ARG F 63 -21.86 39.37 53.65
CA ARG F 63 -20.73 39.66 54.53
C ARG F 63 -20.66 41.13 54.93
N SER F 64 -21.13 42.04 54.09
CA SER F 64 -21.02 43.46 54.39
C SER F 64 -22.04 43.86 55.46
N SER F 65 -21.71 44.93 56.18
CA SER F 65 -22.60 45.49 57.18
C SER F 65 -23.54 46.53 56.60
N TYR F 66 -23.50 46.77 55.30
CA TYR F 66 -24.39 47.75 54.69
C TYR F 66 -25.85 47.38 54.87
N TRP F 67 -26.15 46.08 54.91
CA TRP F 67 -27.52 45.63 54.91
C TRP F 67 -28.25 45.96 56.20
N LYS F 68 -27.54 46.43 57.23
CA LYS F 68 -28.24 46.97 58.39
C LYS F 68 -29.05 48.20 58.02
N ASN F 69 -28.76 48.83 56.89
CA ASN F 69 -29.52 49.99 56.44
C ASN F 69 -30.87 49.61 55.83
N TRP F 70 -31.08 48.34 55.52
CA TRP F 70 -32.33 47.89 54.92
C TRP F 70 -33.34 47.42 55.96
N ALA F 71 -33.07 47.64 57.24
CA ALA F 71 -34.07 47.34 58.25
C ALA F 71 -35.31 48.18 58.02
N VAL F 72 -36.48 47.59 58.33
CA VAL F 72 -37.73 48.26 58.02
C VAL F 72 -37.83 49.59 58.74
N TRP F 73 -37.44 49.62 60.02
CA TRP F 73 -37.58 50.86 60.79
C TRP F 73 -36.63 51.95 60.32
N LYS F 74 -35.60 51.60 59.56
CA LYS F 74 -34.67 52.60 59.02
C LYS F 74 -35.08 53.09 57.64
N VAL F 75 -36.10 52.50 57.03
CA VAL F 75 -36.48 52.90 55.67
C VAL F 75 -36.89 54.36 55.60
N PRO F 76 -37.80 54.86 56.45
CA PRO F 76 -38.15 56.29 56.35
C PRO F 76 -36.96 57.21 56.52
N GLY F 77 -36.01 56.84 57.39
CA GLY F 77 -34.82 57.67 57.53
C GLY F 77 -34.02 57.72 56.24
N ASN F 78 -33.89 56.58 55.57
CA ASN F 78 -33.16 56.55 54.31
C ASN F 78 -33.85 57.39 53.26
N ILE F 79 -35.18 57.39 53.25
CA ILE F 79 -35.92 58.22 52.30
C ILE F 79 -35.62 59.69 52.56
N MET F 80 -35.65 60.11 53.83
CA MET F 80 -35.37 61.49 54.15
C MET F 80 -33.93 61.86 53.81
N HIS F 81 -33.02 60.89 53.87
CA HIS F 81 -31.62 61.17 53.58
C HIS F 81 -31.44 61.66 52.15
N HIS F 82 -32.10 61.03 51.19
CA HIS F 82 -31.93 61.41 49.80
C HIS F 82 -32.59 62.73 49.47
N PHE F 83 -33.54 63.18 50.29
CA PHE F 83 -34.20 64.46 50.07
C PHE F 83 -33.57 65.60 50.85
N SER F 84 -32.51 65.34 51.62
CA SER F 84 -31.96 66.35 52.51
C SER F 84 -30.44 66.45 52.37
N LYS F 85 -29.91 66.12 51.19
CA LYS F 85 -28.48 66.30 50.97
C LYS F 85 -28.18 67.78 50.76
N ARG F 86 -26.96 68.16 51.14
CA ARG F 86 -26.56 69.56 51.07
C ARG F 86 -26.57 70.04 49.63
N SER F 87 -27.08 71.24 49.42
CA SER F 87 -27.08 71.84 48.09
C SER F 87 -25.68 72.33 47.73
N GLY F 88 -25.38 72.32 46.44
CA GLY F 88 -24.07 72.75 45.98
C GLY F 88 -23.80 72.23 44.58
N SER F 89 -22.52 72.08 44.28
CA SER F 89 -22.07 71.56 43.00
C SER F 89 -21.38 70.22 43.20
N ILE F 90 -21.59 69.31 42.25
CA ILE F 90 -20.92 68.02 42.34
C ILE F 90 -19.41 68.19 42.21
N PHE F 91 -18.97 69.17 41.42
CA PHE F 91 -17.55 69.45 41.32
C PHE F 91 -17.03 70.05 42.62
N LEU F 92 -15.77 69.77 42.92
CA LEU F 92 -15.14 70.23 44.15
C LEU F 92 -14.58 71.62 43.94
N ASP F 93 -15.00 72.57 44.78
CA ASP F 93 -14.44 73.91 44.70
C ASP F 93 -13.07 73.99 45.37
N GLU F 94 -12.88 73.26 46.47
CA GLU F 94 -11.66 73.28 47.25
C GLU F 94 -11.24 71.86 47.56
N PRO F 95 -9.93 71.59 47.64
CA PRO F 95 -9.50 70.21 47.89
C PRO F 95 -10.06 69.67 49.20
N LEU F 96 -10.45 68.39 49.17
CA LEU F 96 -10.93 67.72 50.37
C LEU F 96 -9.75 67.36 51.27
N LYS F 97 -9.96 67.48 52.57
CA LYS F 97 -8.93 67.22 53.57
C LYS F 97 -9.26 65.92 54.29
N ARG F 98 -8.56 64.86 53.91
CA ARG F 98 -8.70 63.56 54.53
C ARG F 98 -7.41 63.19 55.23
N THR F 99 -7.54 62.47 56.36
CA THR F 99 -6.36 62.06 57.11
C THR F 99 -5.60 60.94 56.40
N ILE F 100 -6.21 60.27 55.43
CA ILE F 100 -5.56 59.19 54.69
C ILE F 100 -5.79 59.41 53.20
N ASP F 101 -4.74 59.16 52.41
CA ASP F 101 -4.82 59.26 50.95
C ASP F 101 -5.18 57.88 50.42
N VAL F 102 -6.48 57.61 50.35
CA VAL F 102 -6.93 56.27 49.97
C VAL F 102 -6.44 55.88 48.58
N PRO F 103 -6.54 56.72 47.55
CA PRO F 103 -6.06 56.30 46.23
C PRO F 103 -4.60 55.91 46.23
N LYS F 104 -3.76 56.64 46.97
CA LYS F 104 -2.35 56.31 47.00
C LYS F 104 -2.12 55.03 47.81
N THR F 105 -2.78 54.91 48.96
CA THR F 105 -2.67 53.70 49.74
C THR F 105 -3.18 52.50 48.98
N TYR F 106 -4.29 52.67 48.26
CA TYR F 106 -4.84 51.57 47.48
C TYR F 106 -3.84 51.11 46.43
N ALA F 107 -3.17 52.05 45.77
CA ALA F 107 -2.21 51.67 44.74
C ALA F 107 -1.09 50.83 45.33
N HIS F 108 -0.58 51.22 46.50
CA HIS F 108 0.50 50.45 47.10
C HIS F 108 0.06 49.05 47.48
N LEU F 109 -1.15 48.92 48.04
CA LEU F 109 -1.62 47.60 48.46
C LEU F 109 -1.76 46.66 47.28
N ILE F 110 -2.30 47.14 46.16
CA ILE F 110 -2.44 46.29 45.00
C ILE F 110 -1.08 45.89 44.45
N ALA F 111 -0.13 46.83 44.43
CA ALA F 111 1.17 46.53 43.84
C ALA F 111 2.00 45.60 44.72
N THR F 112 1.82 45.66 46.03
CA THR F 112 2.71 44.94 46.94
C THR F 112 1.98 44.15 48.03
N ARG F 113 0.67 44.30 48.18
CA ARG F 113 -0.05 43.68 49.28
C ARG F 113 0.57 44.06 50.61
N ARG F 114 0.98 45.31 50.71
CA ARG F 114 1.68 45.80 51.90
C ARG F 114 1.43 47.29 52.00
N LEU F 115 1.17 47.77 53.22
CA LEU F 115 0.94 49.19 53.42
C LEU F 115 2.24 49.96 53.16
N PRO F 116 2.12 51.19 52.65
CA PRO F 116 3.34 52.00 52.45
C PRO F 116 4.05 52.25 53.77
N GLY F 117 5.38 52.23 53.70
CA GLY F 117 6.19 52.43 54.89
C GLY F 117 5.95 51.36 55.94
C ACE G 1 -50.70 9.67 12.58
O ACE G 1 -51.15 10.81 12.49
CH3 ACE G 1 -51.32 8.51 11.87
N MET G 2 -49.65 9.39 13.35
CA MET G 2 -48.98 10.40 14.14
C MET G 2 -47.61 9.90 14.56
N LEU G 3 -46.65 10.81 14.65
CA LEU G 3 -45.31 10.46 15.07
C LEU G 3 -45.20 10.53 16.58
N THR G 4 -45.24 9.37 17.23
CA THR G 4 -45.10 9.32 18.68
C THR G 4 -44.65 7.93 19.07
N VAL G 5 -43.93 7.85 20.19
CA VAL G 5 -43.50 6.57 20.74
C VAL G 5 -44.31 6.18 21.97
N ASP G 6 -45.25 7.01 22.40
CA ASP G 6 -46.04 6.69 23.58
C ASP G 6 -46.98 5.53 23.29
N LYS G 7 -47.25 4.74 24.33
CA LYS G 7 -48.14 3.59 24.24
C LYS G 7 -49.19 3.69 25.32
N PHE G 8 -50.42 3.31 24.96
CA PHE G 8 -51.54 3.37 25.88
C PHE G 8 -52.34 2.08 25.80
N THR G 9 -52.87 1.66 26.93
CA THR G 9 -53.79 0.53 26.96
C THR G 9 -55.17 0.97 26.50
N ARG G 10 -56.03 -0.01 26.23
CA ARG G 10 -57.36 0.34 25.75
C ARG G 10 -58.15 1.08 26.82
N ALA G 11 -57.95 0.74 28.09
CA ALA G 11 -58.62 1.47 29.16
C ALA G 11 -58.20 2.92 29.19
N GLU G 12 -56.91 3.19 29.01
CA GLU G 12 -56.45 4.57 28.93
C GLU G 12 -56.99 5.26 27.68
N ALA G 13 -56.99 4.55 26.55
CA ALA G 13 -57.50 5.14 25.33
C ALA G 13 -58.99 5.46 25.45
N LEU G 14 -59.75 4.57 26.09
CA LEU G 14 -61.16 4.86 26.31
C LEU G 14 -61.33 6.11 27.15
N GLN G 15 -60.52 6.26 28.21
CA GLN G 15 -60.67 7.41 29.09
C GLN G 15 -60.34 8.70 28.35
N ARG G 16 -59.26 8.71 27.57
CA ARG G 16 -58.88 9.92 26.85
C ARG G 16 -59.95 10.31 25.85
N ALA G 17 -60.48 9.35 25.10
CA ALA G 17 -61.51 9.67 24.10
C ALA G 17 -62.79 10.15 24.77
N SER G 18 -63.19 9.52 25.86
CA SER G 18 -64.42 9.96 26.54
C SER G 18 -64.24 11.34 27.15
N ASN G 19 -63.07 11.62 27.72
CA ASN G 19 -62.86 12.94 28.31
C ASN G 19 -62.93 14.04 27.25
N LEU G 20 -62.31 13.81 26.10
CA LEU G 20 -62.36 14.81 25.04
C LEU G 20 -63.77 14.99 24.52
N TYR G 21 -64.53 13.90 24.39
CA TYR G 21 -65.87 13.99 23.84
C TYR G 21 -66.76 14.87 24.70
N TYR G 22 -66.70 14.71 26.02
CA TYR G 22 -67.53 15.52 26.89
C TYR G 22 -66.99 16.93 27.05
N GLN G 23 -65.67 17.11 26.95
CA GLN G 23 -65.12 18.45 27.01
C GLN G 23 -65.62 19.30 25.87
N VAL G 24 -65.66 18.75 24.66
CA VAL G 24 -66.11 19.51 23.50
C VAL G 24 -67.61 19.76 23.60
N LEU G 25 -68.37 18.73 23.93
CA LEU G 25 -69.83 18.87 23.93
C LEU G 25 -70.31 19.74 25.09
N GLY G 26 -69.62 19.72 26.22
CA GLY G 26 -70.02 20.53 27.35
C GLY G 26 -69.64 21.98 27.24
N THR G 27 -68.69 22.30 26.37
CA THR G 27 -68.26 23.68 26.21
C THR G 27 -69.36 24.52 25.57
N ASN G 28 -69.40 25.80 25.95
CA ASN G 28 -70.37 26.73 25.39
C ASN G 28 -69.84 27.24 24.05
N TRP G 29 -70.42 26.76 22.96
CA TRP G 29 -69.95 27.15 21.64
C TRP G 29 -70.37 28.56 21.28
N GLU G 30 -71.41 29.10 21.92
CA GLU G 30 -71.90 30.41 21.54
C GLU G 30 -70.83 31.47 21.73
N ASP G 31 -70.11 31.42 22.85
CA ASP G 31 -69.02 32.36 23.09
C ASP G 31 -67.89 32.07 22.13
N GLY G 32 -67.60 33.02 21.25
CA GLY G 32 -66.57 32.80 20.25
C GLY G 32 -65.21 32.54 20.87
N LEU G 33 -64.91 33.23 21.97
CA LEU G 33 -63.58 33.08 22.57
C LEU G 33 -63.35 31.66 23.08
N ASN G 34 -64.41 30.97 23.49
CA ASN G 34 -64.24 29.59 23.94
C ASN G 34 -63.68 28.71 22.83
N LEU G 35 -64.20 28.87 21.62
CA LEU G 35 -63.69 28.06 20.51
C LEU G 35 -62.31 28.52 20.09
N VAL G 36 -62.05 29.83 20.12
CA VAL G 36 -60.74 30.33 19.73
C VAL G 36 -59.66 29.79 20.65
N LEU G 37 -59.91 29.82 21.96
CA LEU G 37 -58.90 29.41 22.92
C LEU G 37 -58.76 27.90 22.98
N ASP G 38 -59.87 27.17 22.85
CA ASP G 38 -59.84 25.73 23.12
C ASP G 38 -59.53 24.89 21.89
N VAL G 39 -59.98 25.31 20.72
CA VAL G 39 -59.84 24.49 19.52
C VAL G 39 -58.38 24.07 19.33
N PRO G 40 -57.41 24.95 19.52
CA PRO G 40 -56.01 24.50 19.41
C PRO G 40 -55.68 23.37 20.36
N PHE G 41 -56.28 23.34 21.54
CA PHE G 41 -56.05 22.24 22.47
C PHE G 41 -56.82 21.00 22.04
N TRP G 42 -58.04 21.17 21.52
CA TRP G 42 -58.80 20.01 21.06
C TRP G 42 -58.09 19.32 19.91
N GLU G 43 -57.58 20.07 18.95
CA GLU G 43 -56.94 19.45 17.80
C GLU G 43 -55.72 18.64 18.23
N SER G 44 -54.89 19.19 19.11
CA SER G 44 -53.72 18.45 19.57
C SER G 44 -54.13 17.17 20.26
N GLU G 45 -55.14 17.23 21.12
CA GLU G 45 -55.63 16.02 21.78
C GLU G 45 -56.28 15.07 20.78
N LEU G 46 -57.10 15.62 19.89
CA LEU G 46 -57.82 14.78 18.94
C LEU G 46 -56.85 13.98 18.08
N GLU G 47 -55.72 14.58 17.72
CA GLU G 47 -54.71 13.84 16.97
C GLU G 47 -54.18 12.66 17.80
N LYS G 48 -53.93 12.89 19.08
CA LYS G 48 -53.45 11.80 19.93
C LYS G 48 -54.51 10.74 20.13
N VAL G 49 -55.77 11.16 20.33
CA VAL G 49 -56.84 10.20 20.56
C VAL G 49 -57.03 9.29 19.36
N ASP G 50 -57.01 9.87 18.15
CA ASP G 50 -57.18 9.05 16.96
C ASP G 50 -56.05 8.04 16.81
N HIS G 51 -54.83 8.45 17.11
CA HIS G 51 -53.70 7.53 16.97
C HIS G 51 -53.83 6.36 17.92
N MET G 52 -54.17 6.62 19.18
CA MET G 52 -54.24 5.53 20.16
C MET G 52 -55.50 4.70 20.01
N CYS G 53 -56.58 5.28 19.50
CA CYS G 53 -57.82 4.55 19.35
C CYS G 53 -57.98 3.91 17.98
N GLU G 54 -56.98 4.03 17.11
CA GLU G 54 -57.05 3.40 15.80
C GLU G 54 -57.35 1.91 15.86
N PRO G 55 -56.69 1.11 16.70
CA PRO G 55 -56.99 -0.32 16.76
C PRO G 55 -58.33 -0.65 17.38
N TYR G 56 -59.07 0.33 17.90
CA TYR G 56 -60.34 0.07 18.57
C TYR G 56 -61.52 0.68 17.83
N LEU G 57 -61.36 1.00 16.56
CA LEU G 57 -62.46 1.57 15.80
C LEU G 57 -63.62 0.60 15.64
N CYS G 58 -63.38 -0.69 15.82
CA CYS G 58 -64.44 -1.69 15.83
C CYS G 58 -64.84 -2.11 17.23
N ASP G 59 -64.18 -1.58 18.26
CA ASP G 59 -64.50 -1.94 19.63
C ASP G 59 -65.92 -1.50 19.97
N ASP G 60 -66.62 -2.34 20.73
CA ASP G 60 -68.01 -2.05 21.06
C ASP G 60 -68.17 -0.89 22.03
N GLU G 61 -67.11 -0.48 22.71
CA GLU G 61 -67.16 0.67 23.61
C GLU G 61 -66.45 1.88 23.04
N ILE G 62 -65.19 1.72 22.63
CA ILE G 62 -64.44 2.86 22.10
C ILE G 62 -64.99 3.30 20.76
N GLY G 63 -65.50 2.36 19.96
CA GLY G 63 -65.97 2.68 18.64
C GLY G 63 -67.03 3.76 18.63
N PRO G 64 -68.13 3.52 19.36
CA PRO G 64 -69.19 4.55 19.41
C PRO G 64 -68.72 5.89 19.93
N ILE G 65 -67.79 5.90 20.89
CA ILE G 65 -67.29 7.17 21.41
C ILE G 65 -66.54 7.92 20.32
N ILE G 66 -65.75 7.22 19.53
CA ILE G 66 -65.02 7.88 18.45
C ILE G 66 -65.97 8.47 17.44
N ARG G 67 -67.02 7.74 17.08
CA ARG G 67 -67.96 8.26 16.10
C ARG G 67 -68.66 9.51 16.62
N ASN G 68 -69.08 9.50 17.87
CA ASN G 68 -69.70 10.70 18.44
C ASN G 68 -68.70 11.83 18.55
N LEU G 69 -67.47 11.54 18.96
CA LEU G 69 -66.46 12.58 19.06
C LEU G 69 -66.23 13.24 17.71
N HIS G 70 -66.04 12.43 16.67
CA HIS G 70 -65.82 13.00 15.35
C HIS G 70 -67.03 13.78 14.87
N GLU G 71 -68.23 13.24 15.10
CA GLU G 71 -69.43 13.94 14.67
C GLU G 71 -69.58 15.27 15.39
N THR G 72 -69.26 15.30 16.69
CA THR G 72 -69.37 16.54 17.45
C THR G 72 -68.39 17.59 16.93
N VAL G 73 -67.17 17.18 16.60
CA VAL G 73 -66.20 18.12 16.07
C VAL G 73 -66.66 18.64 14.71
N ASN G 74 -67.26 17.77 13.89
CA ASN G 74 -67.81 18.23 12.61
C ASN G 74 -68.87 19.30 12.84
N CYS G 75 -69.76 19.08 13.80
CA CYS G 75 -70.82 20.05 14.04
C CYS G 75 -70.26 21.35 14.61
N MET G 76 -69.23 21.26 15.45
CA MET G 76 -68.67 22.46 16.06
C MET G 76 -68.10 23.39 15.00
N TYR G 77 -67.35 22.84 14.04
CA TYR G 77 -66.80 23.67 12.98
C TYR G 77 -67.90 24.24 12.10
N ALA G 78 -68.92 23.43 11.78
CA ALA G 78 -69.97 23.91 10.91
C ALA G 78 -70.77 25.03 11.58
N CYS G 79 -71.13 24.86 12.85
CA CYS G 79 -71.87 25.89 13.55
C CYS G 79 -71.05 27.16 13.71
N GLU G 80 -69.75 27.01 14.00
CA GLU G 80 -68.90 28.17 14.17
C GLU G 80 -68.85 29.00 12.90
N ASP G 81 -68.74 28.33 11.75
CA ASP G 81 -68.63 29.06 10.49
C ASP G 81 -69.88 29.88 10.22
N VAL G 82 -71.05 29.29 10.42
CA VAL G 82 -72.29 30.02 10.16
C VAL G 82 -72.46 31.16 11.14
N ARG G 83 -72.26 30.90 12.43
CA ARG G 83 -72.39 31.95 13.42
C ARG G 83 -71.35 33.03 13.23
N ASP G 84 -70.16 32.68 12.73
CA ASP G 84 -69.16 33.69 12.46
C ASP G 84 -69.64 34.67 11.41
N HIS G 85 -70.34 34.18 10.39
CA HIS G 85 -70.89 35.06 9.38
C HIS G 85 -71.98 35.96 9.96
N ILE G 86 -72.81 35.42 10.85
CA ILE G 86 -73.86 36.23 11.47
C ILE G 86 -73.24 37.36 12.28
N ASN G 87 -72.17 37.07 13.02
CA ASN G 87 -71.51 38.11 13.80
C ASN G 87 -71.04 39.24 12.90
N GLU G 88 -70.52 38.90 11.73
CA GLU G 88 -70.09 39.94 10.80
C GLU G 88 -71.26 40.81 10.37
N LEU G 89 -72.41 40.20 10.09
CA LEU G 89 -73.57 40.99 9.70
C LEU G 89 -74.02 41.90 10.82
N LEU G 90 -74.03 41.40 12.06
CA LEU G 90 -74.41 42.23 13.19
C LEU G 90 -73.42 43.37 13.39
N GLU G 91 -72.13 43.08 13.25
CA GLU G 91 -71.12 44.13 13.42
C GLU G 91 -71.26 45.19 12.34
N LEU G 92 -71.53 44.78 11.09
CA LEU G 92 -71.76 45.78 10.05
C LEU G 92 -72.94 46.66 10.37
N SER G 93 -74.02 46.08 10.89
CA SER G 93 -75.18 46.89 11.24
C SER G 93 -74.86 47.86 12.35
N SER G 94 -74.08 47.41 13.35
CA SER G 94 -73.74 48.30 14.46
C SER G 94 -72.91 49.49 13.98
N ARG G 95 -71.91 49.23 13.13
CA ARG G 95 -71.07 50.32 12.64
C ARG G 95 -71.87 51.28 11.78
N ALA G 96 -72.90 50.79 11.10
CA ALA G 96 -73.74 51.68 10.30
C ALA G 96 -74.51 52.67 11.16
N GLU G 97 -74.62 52.42 12.46
CA GLU G 97 -75.36 53.33 13.33
C GLU G 97 -74.62 54.65 13.53
N GLY G 98 -73.30 54.64 13.43
CA GLY G 98 -72.49 55.83 13.67
C GLY G 98 -71.83 55.80 15.04
N VAL G 99 -71.31 56.96 15.42
CA VAL G 99 -70.68 57.13 16.73
C VAL G 99 -71.74 57.46 17.75
N MET G 100 -71.71 56.74 18.88
CA MET G 100 -72.73 56.90 19.92
C MET G 100 -74.11 56.59 19.37
N GLY G 101 -74.17 55.74 18.34
CA GLY G 101 -75.43 55.47 17.67
C GLY G 101 -76.08 56.70 17.10
N SER G 102 -75.32 57.78 16.91
CA SER G 102 -75.87 59.04 16.45
C SER G 102 -75.78 59.21 14.94
N GLY G 103 -75.07 58.33 14.25
CA GLY G 103 -74.81 58.52 12.84
C GLY G 103 -73.73 59.54 12.54
N ALA G 104 -72.96 59.94 13.55
CA ALA G 104 -71.97 60.99 13.35
C ALA G 104 -70.98 60.60 12.26
N ALA G 105 -70.47 59.39 12.30
CA ALA G 105 -69.57 58.86 11.28
C ALA G 105 -70.11 57.54 10.75
N ALA G 106 -71.42 57.46 10.58
CA ALA G 106 -72.07 56.23 10.15
C ALA G 106 -71.47 55.72 8.84
N SER G 107 -71.27 54.40 8.79
CA SER G 107 -70.73 53.76 7.61
C SER G 107 -71.85 53.41 6.63
N GLU G 108 -71.49 52.72 5.55
CA GLU G 108 -72.48 52.28 4.58
C GLU G 108 -73.23 51.05 5.10
N GLU G 109 -74.54 51.06 4.93
CA GLU G 109 -75.36 49.95 5.40
C GLU G 109 -75.21 48.74 4.47
N VAL G 110 -75.74 47.61 4.93
CA VAL G 110 -75.79 46.41 4.12
C VAL G 110 -77.01 46.50 3.20
N GLU G 111 -76.77 46.54 1.90
CA GLU G 111 -77.85 46.76 0.95
C GLU G 111 -78.63 45.49 0.64
N ASN G 112 -78.08 44.32 0.94
CA ASN G 112 -78.73 43.04 0.65
C ASN G 112 -78.99 42.27 1.94
N MET G 113 -79.44 42.96 2.98
CA MET G 113 -79.69 42.30 4.26
C MET G 113 -80.69 41.16 4.14
N PRO G 114 -81.84 41.33 3.50
CA PRO G 114 -82.76 40.19 3.38
C PRO G 114 -82.15 39.00 2.65
N GLU G 115 -81.32 39.24 1.64
CA GLU G 115 -80.66 38.13 0.97
C GLU G 115 -79.75 37.37 1.92
N GLN G 116 -79.00 38.11 2.75
CA GLN G 116 -78.14 37.45 3.72
C GLN G 116 -78.96 36.65 4.71
N CYS G 117 -80.08 37.20 5.17
CA CYS G 117 -80.93 36.47 6.09
C CYS G 117 -81.45 35.19 5.43
N GLY G 118 -81.85 35.28 4.16
CA GLY G 118 -82.27 34.08 3.46
C GLY G 118 -81.15 33.06 3.35
N MET G 119 -79.92 33.54 3.11
CA MET G 119 -78.80 32.62 2.99
C MET G 119 -78.47 31.97 4.33
N VAL G 120 -78.48 32.76 5.41
CA VAL G 120 -78.12 32.22 6.72
C VAL G 120 -79.15 31.20 7.18
N THR G 121 -80.44 31.52 7.02
CA THR G 121 -81.47 30.58 7.45
C THR G 121 -81.37 29.27 6.68
N LYS G 122 -81.06 29.35 5.39
CA LYS G 122 -80.89 28.12 4.61
C LYS G 122 -79.76 27.28 5.18
N ALA G 123 -78.64 27.91 5.53
CA ALA G 123 -77.55 27.18 6.17
C ALA G 123 -77.99 26.60 7.50
N TYR G 124 -78.77 27.35 8.26
CA TYR G 124 -79.25 26.86 9.54
C TYR G 124 -80.07 25.59 9.36
N GLU G 125 -80.95 25.56 8.36
CA GLU G 125 -81.73 24.36 8.11
C GLU G 125 -80.84 23.19 7.72
N ASP G 126 -79.78 23.45 6.95
CA ASP G 126 -78.88 22.37 6.55
C ASP G 126 -78.20 21.74 7.75
N LEU G 127 -77.79 22.55 8.73
CA LEU G 127 -77.17 22.00 9.93
C LEU G 127 -78.12 21.06 10.64
N LEU G 128 -79.40 21.46 10.78
CA LEU G 128 -80.35 20.64 11.50
C LEU G 128 -80.51 19.27 10.84
N ALA G 129 -80.60 19.26 9.51
CA ALA G 129 -80.72 17.98 8.81
C ALA G 129 -79.43 17.18 8.88
N ARG G 130 -78.28 17.86 8.77
CA ARG G 130 -77.02 17.15 8.73
C ARG G 130 -76.64 16.56 10.08
N TYR G 131 -77.01 17.22 11.18
CA TYR G 131 -76.61 16.82 12.53
C TYR G 131 -77.85 16.68 13.38
N PRO G 132 -78.63 15.62 13.18
CA PRO G 132 -79.88 15.47 13.95
C PRO G 132 -79.68 15.28 15.43
N GLU G 133 -78.49 14.88 15.87
CA GLU G 133 -78.24 14.60 17.27
C GLU G 133 -77.52 15.74 17.97
N HIS G 134 -77.42 16.90 17.35
CA HIS G 134 -76.76 18.04 17.97
C HIS G 134 -77.64 19.28 17.93
N HIS G 135 -78.96 19.12 17.84
CA HIS G 135 -79.84 20.28 17.83
C HIS G 135 -79.63 21.21 19.01
N PRO G 136 -79.45 20.72 20.24
CA PRO G 136 -79.24 21.66 21.35
C PRO G 136 -78.06 22.59 21.11
N LYS G 137 -76.97 22.08 20.53
CA LYS G 137 -75.83 22.94 20.27
C LYS G 137 -76.10 23.87 19.11
N ILE G 138 -76.80 23.39 18.08
CA ILE G 138 -77.09 24.22 16.92
C ILE G 138 -77.97 25.40 17.33
N GLU G 139 -79.01 25.12 18.11
CA GLU G 139 -79.87 26.21 18.56
C GLU G 139 -79.12 27.19 19.44
N GLN G 140 -78.15 26.70 20.21
CA GLN G 140 -77.40 27.58 21.09
C GLN G 140 -76.61 28.61 20.29
N THR G 141 -75.96 28.18 19.21
CA THR G 141 -75.07 29.06 18.46
C THR G 141 -75.80 29.71 17.27
N VAL G 142 -76.30 28.90 16.36
CA VAL G 142 -76.88 29.45 15.13
C VAL G 142 -78.31 29.89 15.35
N GLY G 143 -79.10 29.08 16.06
CA GLY G 143 -80.49 29.46 16.29
C GLY G 143 -80.61 30.78 17.03
N HIS G 144 -79.80 30.96 18.07
CA HIS G 144 -79.83 32.23 18.80
C HIS G 144 -79.34 33.37 17.91
N GLY G 145 -78.35 33.11 17.07
CA GLY G 145 -77.87 34.14 16.16
C GLY G 145 -78.96 34.64 15.22
N LEU G 146 -79.77 33.73 14.70
CA LEU G 146 -80.88 34.14 13.84
C LEU G 146 -81.85 35.02 14.58
N ALA G 147 -82.13 34.70 15.85
CA ALA G 147 -83.04 35.53 16.64
C ALA G 147 -82.53 36.95 16.77
N VAL G 148 -81.22 37.11 16.98
CA VAL G 148 -80.65 38.46 17.05
C VAL G 148 -80.83 39.17 15.73
N LEU G 149 -80.55 38.49 14.61
CA LEU G 149 -80.75 39.11 13.31
C LEU G 149 -82.21 39.46 13.09
N ARG G 150 -83.11 38.62 13.57
CA ARG G 150 -84.53 38.88 13.37
C ARG G 150 -84.95 40.21 13.97
N GLN G 151 -84.25 40.68 15.01
CA GLN G 151 -84.52 42.01 15.54
C GLN G 151 -84.18 43.09 14.53
N LEU G 152 -83.06 42.93 13.83
CA LEU G 152 -82.64 43.94 12.85
C LEU G 152 -83.55 43.93 11.64
N GLU G 153 -83.84 42.75 11.10
CA GLU G 153 -84.59 42.60 9.87
C GLU G 153 -85.73 41.62 10.09
N LYS G 154 -86.86 41.87 9.44
CA LYS G 154 -88.04 41.01 9.57
C LYS G 154 -88.00 39.98 8.46
N PHE G 155 -87.61 38.75 8.81
CA PHE G 155 -87.62 37.63 7.89
C PHE G 155 -88.23 36.43 8.58
N ASN G 156 -88.60 35.44 7.78
CA ASN G 156 -89.31 34.26 8.27
C ASN G 156 -88.43 33.04 8.21
N PHE G 157 -88.35 32.32 9.33
CA PHE G 157 -87.72 31.01 9.36
C PHE G 157 -88.60 30.09 10.20
N LYS G 158 -88.45 28.78 9.97
CA LYS G 158 -89.40 27.82 10.51
C LYS G 158 -89.52 27.94 12.02
N SER G 159 -88.40 28.06 12.72
CA SER G 159 -88.39 28.13 14.17
C SER G 159 -88.54 29.55 14.71
N SER G 160 -89.00 30.49 13.88
CA SER G 160 -89.12 31.86 14.33
C SER G 160 -90.11 31.98 15.48
N HIS G 161 -91.24 31.26 15.39
CA HIS G 161 -92.25 31.37 16.43
C HIS G 161 -91.75 30.82 17.76
N ARG G 162 -90.82 29.87 17.74
CA ARG G 162 -90.27 29.33 18.96
C ARG G 162 -89.24 30.25 19.61
N TYR G 163 -88.86 31.34 18.94
CA TYR G 163 -88.01 32.36 19.53
C TYR G 163 -88.80 33.63 19.84
N PHE G 164 -90.11 33.52 19.97
CA PHE G 164 -90.97 34.66 20.31
C PHE G 164 -90.95 35.71 19.20
N PHE G 165 -91.06 35.26 17.96
CA PHE G 165 -91.17 36.15 16.82
C PHE G 165 -92.38 35.78 15.97
N ALA H 1 -72.64 48.61 1.11
CA ALA H 1 -71.98 47.48 0.41
C ALA H 1 -72.95 46.33 0.22
N ARG H 2 -72.51 45.27 -0.44
CA ARG H 2 -73.31 44.08 -0.69
C ARG H 2 -72.46 42.87 -0.34
N VAL H 3 -72.78 42.22 0.77
CA VAL H 3 -72.01 41.05 1.19
C VAL H 3 -72.21 39.93 0.18
N PRO H 4 -71.22 39.09 -0.09
CA PRO H 4 -71.42 37.99 -1.04
C PRO H 4 -72.56 37.09 -0.62
N GLU H 5 -73.31 36.60 -1.60
CA GLU H 5 -74.51 35.81 -1.36
C GLU H 5 -74.34 34.34 -1.69
N ASP H 6 -73.12 33.90 -2.00
CA ASP H 6 -72.86 32.52 -2.40
C ASP H 6 -71.78 31.91 -1.54
N ILE H 7 -71.86 32.13 -0.22
CA ILE H 7 -70.84 31.62 0.68
C ILE H 7 -71.01 30.12 0.85
N GLU H 8 -69.92 29.38 0.73
CA GLU H 8 -69.92 27.93 0.95
C GLU H 8 -69.52 27.68 2.40
N PHE H 9 -70.51 27.52 3.26
CA PHE H 9 -70.23 27.36 4.68
C PHE H 9 -69.57 26.01 4.94
N THR H 10 -68.83 25.95 6.05
CA THR H 10 -68.19 24.71 6.46
C THR H 10 -69.24 23.63 6.66
N LYS H 11 -68.93 22.43 6.21
CA LYS H 11 -69.82 21.28 6.37
C LYS H 11 -69.34 20.29 7.41
N ASN H 12 -68.03 20.19 7.64
CA ASN H 12 -67.49 19.25 8.59
C ASN H 12 -66.04 19.66 8.87
N ARG H 13 -65.39 18.88 9.73
CA ARG H 13 -64.06 19.27 10.18
C ARG H 13 -63.02 19.19 9.07
N TYR H 14 -63.30 18.47 7.98
CA TYR H 14 -62.34 18.32 6.90
C TYR H 14 -62.73 19.09 5.64
N THR H 15 -63.85 19.82 5.66
CA THR H 15 -64.25 20.68 4.56
C THR H 15 -64.59 22.05 5.15
N ARG H 16 -63.56 22.87 5.36
CA ARG H 16 -63.68 24.07 6.16
C ARG H 16 -63.48 25.32 5.32
N ARG H 17 -64.32 26.32 5.55
CA ARG H 17 -64.14 27.63 4.98
C ARG H 17 -63.28 28.48 5.88
N TYR H 18 -62.50 29.38 5.29
CA TYR H 18 -61.67 30.30 6.05
C TYR H 18 -62.55 31.44 6.55
N ASN H 19 -62.62 31.59 7.87
CA ASN H 19 -63.47 32.59 8.50
C ASN H 19 -62.66 33.33 9.55
N LEU H 20 -63.27 34.38 10.12
CA LEU H 20 -62.56 35.19 11.10
C LEU H 20 -62.23 34.40 12.35
N ALA H 21 -63.01 33.35 12.66
CA ALA H 21 -62.67 32.54 13.81
C ALA H 21 -61.32 31.88 13.64
N THR H 22 -61.04 31.35 12.44
CA THR H 22 -59.72 30.79 12.18
C THR H 22 -58.65 31.88 12.24
N GLU H 23 -58.95 33.05 11.71
CA GLU H 23 -57.97 34.14 11.74
C GLU H 23 -57.68 34.56 13.17
N ASP H 24 -58.69 34.54 14.03
CA ASP H 24 -58.46 34.83 15.45
C ASP H 24 -57.53 33.80 16.07
N ARG H 25 -57.70 32.54 15.71
CA ARG H 25 -56.79 31.51 16.21
C ARG H 25 -55.36 31.79 15.77
N VAL H 26 -55.18 32.31 14.56
CA VAL H 26 -53.85 32.69 14.12
C VAL H 26 -53.33 33.85 14.96
N LYS H 27 -54.20 34.80 15.31
CA LYS H 27 -53.77 35.87 16.20
C LYS H 27 -53.31 35.31 17.54
N LEU H 28 -54.03 34.33 18.08
CA LEU H 28 -53.63 33.75 19.35
C LEU H 28 -52.24 33.18 19.28
N LEU H 29 -51.91 32.48 18.19
CA LEU H 29 -50.56 31.93 18.06
C LEU H 29 -49.53 33.03 17.96
N ASN H 30 -49.82 34.08 17.20
CA ASN H 30 -48.82 35.13 16.99
C ASN H 30 -48.61 35.94 18.25
N TRP H 31 -49.68 36.30 18.95
CA TRP H 31 -49.51 37.04 20.19
C TRP H 31 -48.76 36.21 21.22
N ASN H 32 -49.01 34.90 21.27
CA ASN H 32 -48.26 34.05 22.18
C ASN H 32 -46.83 33.86 21.71
N ALA H 33 -46.60 33.89 20.39
CA ALA H 33 -45.23 33.86 19.89
C ALA H 33 -44.47 35.10 20.33
N PHE H 34 -45.15 36.24 20.39
CA PHE H 34 -44.50 37.45 20.87
C PHE H 34 -44.12 37.31 22.34
N CYS H 35 -44.99 36.69 23.14
CA CYS H 35 -44.71 36.53 24.56
C CYS H 35 -43.46 35.69 24.78
N ILE H 36 -43.24 34.67 23.96
CA ILE H 36 -42.02 33.89 24.08
C ILE H 36 -40.81 34.76 23.74
N ALA H 37 -40.91 35.52 22.65
CA ALA H 37 -39.79 36.33 22.22
C ALA H 37 -39.50 37.45 23.20
N VAL H 38 -40.55 38.10 23.71
CA VAL H 38 -40.32 39.23 24.59
C VAL H 38 -39.77 38.80 25.93
N THR H 39 -39.86 37.52 26.27
CA THR H 39 -39.28 37.04 27.51
C THR H 39 -37.77 37.15 27.51
N ALA H 40 -37.15 37.30 26.34
CA ALA H 40 -35.71 37.42 26.27
C ALA H 40 -35.21 38.69 26.94
N LEU H 41 -35.99 39.77 26.87
CA LEU H 41 -35.55 41.03 27.49
C LEU H 41 -35.33 40.88 28.98
N PRO H 42 -36.34 40.56 29.78
CA PRO H 42 -36.08 40.42 31.23
C PRO H 42 -35.01 39.41 31.55
N ILE H 43 -34.96 38.28 30.84
CA ILE H 43 -33.91 37.31 31.09
C ILE H 43 -32.55 37.88 30.74
N ALA H 44 -32.47 38.61 29.62
CA ALA H 44 -31.19 39.19 29.23
C ALA H 44 -30.71 40.21 30.25
N TYR H 45 -31.61 41.01 30.80
CA TYR H 45 -31.19 42.01 31.77
C TYR H 45 -30.61 41.36 33.01
N VAL H 46 -31.26 40.32 33.52
CA VAL H 46 -30.78 39.68 34.74
C VAL H 46 -29.46 38.99 34.49
N TYR H 47 -29.29 38.38 33.31
CA TYR H 47 -28.08 37.63 33.05
C TYR H 47 -26.89 38.53 32.78
N TYR H 48 -27.12 39.73 32.26
CA TYR H 48 -26.01 40.59 31.84
C TYR H 48 -25.75 41.76 32.77
N SER H 49 -26.72 42.15 33.58
CA SER H 49 -26.54 43.34 34.41
C SER H 49 -25.52 43.08 35.51
N TRP H 50 -24.73 44.11 35.81
CA TRP H 50 -23.76 44.08 36.90
C TRP H 50 -23.91 45.34 37.74
N TYR H 51 -23.62 45.20 39.03
CA TYR H 51 -23.72 46.31 39.98
C TYR H 51 -22.39 46.42 40.70
N GLU H 52 -21.51 47.29 40.22
CA GLU H 52 -20.20 47.47 40.81
C GLU H 52 -19.84 48.95 40.82
N SER H 53 -19.24 49.40 41.92
CA SER H 53 -18.90 50.81 42.05
C SER H 53 -17.85 51.24 41.04
N SER H 54 -16.81 50.44 40.87
CA SER H 54 -15.75 50.76 39.92
C SER H 54 -14.96 49.49 39.62
N GLU H 55 -13.85 49.65 38.93
CA GLU H 55 -13.01 48.51 38.58
C GLU H 55 -12.13 48.05 39.73
N ASP H 56 -12.10 48.81 40.83
CA ASP H 56 -11.29 48.41 41.97
C ASP H 56 -11.88 47.21 42.69
N THR H 57 -13.18 47.00 42.59
CA THR H 57 -13.80 45.89 43.30
C THR H 57 -13.14 44.58 42.93
N ASP H 58 -13.01 44.30 41.63
CA ASP H 58 -12.39 43.06 41.21
C ASP H 58 -10.94 43.00 41.66
N MET H 59 -10.23 44.12 41.58
CA MET H 59 -8.83 44.13 41.99
C MET H 59 -8.68 43.87 43.48
N ILE H 60 -9.63 44.33 44.29
CA ILE H 60 -9.54 44.11 45.73
C ILE H 60 -9.68 42.63 46.05
N TYR H 61 -10.66 41.96 45.45
CA TYR H 61 -10.82 40.55 45.71
C TYR H 61 -9.64 39.75 45.19
N ARG H 62 -9.05 40.17 44.06
CA ARG H 62 -7.90 39.46 43.52
C ARG H 62 -6.70 39.56 44.44
N THR H 63 -6.55 40.65 45.18
CA THR H 63 -5.37 40.88 46.00
C THR H 63 -5.59 40.71 47.49
N MET H 64 -6.80 40.92 47.99
CA MET H 64 -7.05 40.90 49.42
C MET H 64 -8.06 39.86 49.89
N ASP H 65 -8.71 39.15 48.96
CA ASP H 65 -9.69 38.15 49.35
C ASP H 65 -9.93 37.19 48.20
N PRO H 66 -8.90 36.48 47.75
CA PRO H 66 -9.06 35.63 46.56
C PRO H 66 -9.95 34.43 46.77
N MET H 67 -10.14 33.97 48.00
CA MET H 67 -10.93 32.79 48.29
C MET H 67 -12.30 33.13 48.87
N ARG H 68 -12.63 34.42 48.98
CA ARG H 68 -13.89 34.84 49.56
C ARG H 68 -14.04 34.32 50.98
N GLU H 69 -12.92 34.27 51.70
CA GLU H 69 -12.88 33.86 53.09
C GLU H 69 -12.27 34.91 54.00
N ALA H 70 -11.37 35.73 53.48
CA ALA H 70 -10.63 36.68 54.31
C ALA H 70 -11.59 37.58 55.07
N LYS H 71 -11.64 37.41 56.39
CA LYS H 71 -12.48 38.27 57.22
C LYS H 71 -11.87 39.66 57.32
N ALA H 72 -12.75 40.65 57.43
CA ALA H 72 -12.35 42.05 57.54
C ALA H 72 -12.90 42.62 58.83
N ASP H 73 -12.07 43.36 59.56
CA ASP H 73 -12.54 44.03 60.75
C ASP H 73 -13.68 44.97 60.40
N TYR H 74 -14.78 44.87 61.13
CA TYR H 74 -15.94 45.71 60.90
C TYR H 74 -15.82 47.00 61.70
N TYR H 75 -16.13 48.12 61.06
CA TYR H 75 -16.24 49.42 61.73
C TYR H 75 -17.58 50.00 61.31
N LEU H 76 -18.57 49.89 62.19
CA LEU H 76 -19.94 50.19 61.80
C LEU H 76 -20.13 51.60 61.25
N PRO H 77 -19.53 52.64 61.82
CA PRO H 77 -19.79 53.99 61.31
C PRO H 77 -19.52 54.15 59.82
N LEU H 78 -18.69 53.30 59.22
CA LEU H 78 -18.36 53.45 57.81
C LEU H 78 -19.62 53.42 56.95
N LEU H 79 -20.33 52.31 56.95
CA LEU H 79 -21.52 52.15 56.14
C LEU H 79 -22.80 52.54 56.85
N ARG H 80 -22.74 52.83 58.15
CA ARG H 80 -23.93 53.22 58.89
C ARG H 80 -24.25 54.70 58.77
N GLY H 81 -23.33 55.51 58.26
CA GLY H 81 -23.54 56.92 58.09
C GLY H 81 -23.16 57.75 59.30
N HIS H 82 -23.34 57.23 60.50
CA HIS H 82 -23.03 57.97 61.72
C HIS H 82 -22.27 57.07 62.70
N SER I 1 -91.26 45.71 4.70
CA SER I 1 -91.88 47.06 4.59
C SER I 1 -91.76 47.81 5.91
N TYR I 2 -91.83 47.07 7.01
CA TYR I 2 -91.69 47.62 8.34
C TYR I 2 -90.33 47.28 8.89
N LYS I 3 -89.65 48.25 9.49
CA LYS I 3 -88.36 48.05 10.12
C LYS I 3 -88.35 48.70 11.49
N SER I 4 -87.64 48.08 12.42
CA SER I 4 -87.53 48.58 13.77
C SER I 4 -86.31 49.48 13.89
N ALA I 5 -86.42 50.53 14.69
CA ALA I 5 -85.32 51.46 14.90
C ALA I 5 -84.44 50.99 16.04
N HIS I 6 -83.20 51.48 16.03
CA HIS I 6 -82.23 51.18 17.07
C HIS I 6 -81.89 52.47 17.80
N GLN I 7 -82.02 52.45 19.12
CA GLN I 7 -81.80 53.66 19.90
C GLN I 7 -80.31 54.00 19.97
N GLU I 8 -80.03 55.23 20.37
CA GLU I 8 -78.66 55.68 20.53
C GLU I 8 -78.04 55.07 21.78
N THR I 9 -76.81 55.48 22.06
CA THR I 9 -76.12 54.98 23.25
C THR I 9 -76.79 55.53 24.50
N PRO I 10 -77.12 54.67 25.48
CA PRO I 10 -77.74 55.19 26.71
C PRO I 10 -76.84 56.11 27.50
N LEU I 11 -75.53 56.07 27.28
CA LEU I 11 -74.62 56.86 28.11
C LEU I 11 -74.95 58.34 28.09
N THR I 12 -75.52 58.83 26.99
CA THR I 12 -75.74 60.27 26.85
C THR I 12 -76.82 60.77 27.79
N TYR I 13 -77.82 59.95 28.10
CA TYR I 13 -78.97 60.41 28.86
C TYR I 13 -79.28 59.60 30.12
N TYR I 14 -78.86 58.34 30.20
CA TYR I 14 -79.27 57.52 31.33
C TYR I 14 -78.77 58.11 32.64
N ARG I 15 -79.61 58.07 33.67
CA ARG I 15 -79.28 58.70 34.94
C ARG I 15 -78.12 57.97 35.62
N ALA I 16 -77.27 58.73 36.28
CA ALA I 16 -76.10 58.19 36.96
C ALA I 16 -76.40 57.90 38.42
N THR I 17 -75.61 57.00 39.00
CA THR I 17 -75.70 56.65 40.41
C THR I 17 -74.31 56.75 41.03
N GLN I 18 -74.28 57.06 42.33
CA GLN I 18 -73.00 57.21 43.01
C GLN I 18 -72.19 55.94 42.93
N HIS I 19 -72.83 54.78 43.12
CA HIS I 19 -72.11 53.53 43.07
C HIS I 19 -71.58 53.25 41.66
N ALA I 20 -72.36 53.60 40.64
CA ALA I 20 -71.92 53.35 39.26
C ALA I 20 -70.66 54.13 38.94
N THR I 21 -70.60 55.40 39.34
CA THR I 21 -69.41 56.19 39.07
C THR I 21 -68.19 55.61 39.78
N SER I 22 -68.35 55.20 41.03
CA SER I 22 -67.22 54.67 41.78
C SER I 22 -66.68 53.41 41.13
N SER I 23 -67.56 52.57 40.58
CA SER I 23 -67.10 51.35 39.92
C SER I 23 -66.20 51.67 38.74
N ILE I 24 -66.56 52.69 37.97
CA ILE I 24 -65.70 53.11 36.86
C ILE I 24 -64.34 53.52 37.38
N ASN I 25 -64.31 54.31 38.45
CA ASN I 25 -63.02 54.68 39.04
C ASN I 25 -62.23 53.46 39.45
N HIS I 26 -62.91 52.45 40.00
CA HIS I 26 -62.22 51.23 40.39
C HIS I 26 -61.57 50.57 39.18
N ARG I 27 -62.27 50.55 38.05
CA ARG I 27 -61.73 49.91 36.86
C ARG I 27 -60.65 50.75 36.17
N LEU I 28 -60.61 52.05 36.42
CA LEU I 28 -59.65 52.93 35.77
C LEU I 28 -58.40 53.15 36.61
N ALA I 29 -58.27 52.48 37.74
CA ALA I 29 -57.11 52.71 38.60
C ALA I 29 -55.81 52.39 37.88
N TYR I 30 -55.76 51.26 37.19
CA TYR I 30 -54.54 50.90 36.48
C TYR I 30 -54.27 51.82 35.31
N ILE I 31 -55.33 52.23 34.59
CA ILE I 31 -55.13 53.13 33.46
C ILE I 31 -54.49 54.43 33.93
N ASN I 32 -54.96 54.97 35.04
CA ASN I 32 -54.35 56.18 35.57
C ASN I 32 -52.90 55.94 35.95
N ALA I 33 -52.61 54.79 36.56
CA ALA I 33 -51.24 54.52 36.97
C ALA I 33 -50.30 54.52 35.78
N VAL I 34 -50.70 53.90 34.68
CA VAL I 34 -49.87 53.92 33.49
C VAL I 34 -49.71 55.34 32.98
N PHE I 35 -50.79 56.12 33.03
CA PHE I 35 -50.71 57.49 32.56
C PHE I 35 -49.70 58.28 33.37
N VAL I 36 -49.73 58.14 34.69
CA VAL I 36 -48.82 58.90 35.54
C VAL I 36 -47.37 58.50 35.25
N ILE I 37 -47.12 57.20 35.12
CA ILE I 37 -45.76 56.75 34.82
C ILE I 37 -45.28 57.36 33.52
N TRP I 38 -46.14 57.43 32.52
CA TRP I 38 -45.76 58.05 31.25
C TRP I 38 -45.44 59.52 31.43
N VAL I 39 -46.23 60.23 32.24
CA VAL I 39 -45.97 61.65 32.46
C VAL I 39 -44.62 61.84 33.13
N CYS I 40 -44.36 61.07 34.19
CA CYS I 40 -43.07 61.18 34.87
C CYS I 40 -41.93 60.83 33.94
N ASP I 41 -42.11 59.78 33.13
CA ASP I 41 -41.07 59.41 32.17
C ASP I 41 -40.78 60.55 31.22
N SER I 42 -41.83 61.19 30.70
CA SER I 42 -41.64 62.30 29.79
C SER I 42 -40.95 63.48 30.48
N LEU I 43 -41.40 63.81 31.69
CA LEU I 43 -40.79 64.93 32.41
C LEU I 43 -39.32 64.67 32.67
N ASN I 44 -38.98 63.45 33.06
CA ASN I 44 -37.58 63.12 33.32
C ASN I 44 -36.72 63.29 32.09
N ASP I 45 -37.32 63.27 30.89
CA ASP I 45 -36.56 63.34 29.65
C ASP I 45 -36.54 64.72 29.03
N VAL I 46 -37.60 65.51 29.22
CA VAL I 46 -37.76 66.78 28.52
C VAL I 46 -37.63 67.99 29.41
N ASP I 47 -37.62 67.81 30.72
CA ASP I 47 -37.64 68.92 31.66
C ASP I 47 -36.33 69.00 32.43
N GLN I 48 -35.81 70.21 32.59
CA GLN I 48 -34.57 70.44 33.33
C GLN I 48 -33.46 69.51 32.85
N MET J 1 -77.94 64.49 19.92
CA MET J 1 -78.32 63.44 20.92
C MET J 1 -78.92 64.08 22.15
N MET J 2 -79.49 63.26 23.03
CA MET J 2 -80.09 63.71 24.27
C MET J 2 -79.01 63.74 25.35
N LEU J 3 -78.63 64.93 25.79
CA LEU J 3 -77.57 65.12 26.77
C LEU J 3 -78.17 65.69 28.05
N ARG J 4 -77.80 65.11 29.19
CA ARG J 4 -78.27 65.55 30.49
C ARG J 4 -77.10 65.63 31.45
N TYR J 5 -77.12 66.66 32.30
CA TYR J 5 -76.02 66.83 33.25
C TYR J 5 -75.93 65.65 34.19
N ASP J 6 -77.06 65.11 34.62
CA ASP J 6 -77.08 63.93 35.47
C ASP J 6 -76.87 62.63 34.70
N SER J 7 -76.42 62.72 33.45
CA SER J 7 -76.17 61.53 32.67
C SER J 7 -74.98 60.75 33.21
N LEU J 8 -74.92 59.47 32.87
CA LEU J 8 -73.81 58.64 33.30
C LEU J 8 -72.50 59.12 32.69
N LEU J 9 -72.54 59.54 31.43
CA LEU J 9 -71.31 59.99 30.77
C LEU J 9 -70.72 61.21 31.48
N TRP J 10 -71.54 62.24 31.70
CA TRP J 10 -71.03 63.45 32.31
C TRP J 10 -70.68 63.24 33.78
N GLN J 11 -71.55 62.52 34.51
CA GLN J 11 -71.29 62.31 35.92
C GLN J 11 -70.04 61.46 36.13
N CYS J 12 -69.82 60.46 35.29
CA CYS J 12 -68.61 59.66 35.40
C CYS J 12 -67.37 60.51 35.18
N THR J 13 -67.42 61.43 34.22
CA THR J 13 -66.26 62.28 33.96
C THR J 13 -65.95 63.15 35.16
N LEU J 14 -66.97 63.77 35.76
CA LEU J 14 -66.73 64.57 36.94
C LEU J 14 -66.21 63.73 38.09
N ALA J 15 -66.78 62.55 38.29
CA ALA J 15 -66.30 61.67 39.35
C ALA J 15 -64.84 61.28 39.11
N ALA J 16 -64.51 60.94 37.86
CA ALA J 16 -63.12 60.59 37.54
C ALA J 16 -62.19 61.76 37.78
N GLY J 17 -62.59 62.96 37.37
CA GLY J 17 -61.74 64.12 37.55
C GLY J 17 -61.49 64.42 39.02
N ILE J 18 -62.54 64.37 39.83
CA ILE J 18 -62.38 64.65 41.25
C ILE J 18 -61.52 63.58 41.91
N TRP J 19 -61.72 62.32 41.52
CA TRP J 19 -61.02 61.23 42.19
C TRP J 19 -59.54 61.20 41.79
N PHE J 20 -59.24 61.40 40.51
CA PHE J 20 -57.88 61.17 40.04
C PHE J 20 -57.02 62.42 40.02
N ILE J 21 -57.58 63.56 39.64
CA ILE J 21 -56.76 64.77 39.54
C ILE J 21 -56.02 65.06 40.84
N PRO J 22 -56.66 65.04 42.00
CA PRO J 22 -55.89 65.26 43.24
C PRO J 22 -54.78 64.25 43.44
N GLN J 23 -55.02 62.98 43.08
CA GLN J 23 -53.97 61.98 43.21
C GLN J 23 -52.85 62.22 42.21
N ASP J 24 -53.21 62.45 40.95
CA ASP J 24 -52.19 62.62 39.92
C ASP J 24 -51.31 63.82 40.21
N VAL J 25 -51.93 64.95 40.57
CA VAL J 25 -51.12 66.14 40.83
C VAL J 25 -50.16 65.89 41.97
N ALA J 26 -50.63 65.26 43.04
CA ALA J 26 -49.74 64.93 44.14
C ALA J 26 -48.63 63.99 43.68
N ALA J 27 -48.99 62.96 42.90
CA ALA J 27 -47.97 62.01 42.45
C ALA J 27 -46.97 62.68 41.53
N ILE J 28 -47.45 63.52 40.60
CA ILE J 28 -46.53 64.23 39.73
C ILE J 28 -45.67 65.20 40.52
N SER J 29 -46.27 65.91 41.47
CA SER J 29 -45.48 66.85 42.27
C SER J 29 -44.38 66.13 43.03
N ALA J 30 -44.69 64.96 43.59
CA ALA J 30 -43.67 64.21 44.33
C ALA J 30 -42.49 63.87 43.42
N PHE J 31 -42.77 63.44 42.19
CA PHE J 31 -41.67 63.14 41.27
C PHE J 31 -40.89 64.40 40.95
N LEU J 32 -41.58 65.52 40.73
CA LEU J 32 -40.89 66.77 40.48
C LEU J 32 -40.01 67.14 41.66
N LEU J 33 -40.52 66.94 42.87
CA LEU J 33 -39.73 67.26 44.06
C LEU J 33 -38.45 66.43 44.10
N TYR J 34 -38.55 65.14 43.78
CA TYR J 34 -37.37 64.30 43.77
C TYR J 34 -36.36 64.78 42.73
N GLY J 35 -36.83 65.18 41.56
CA GLY J 35 -35.93 65.74 40.57
C GLY J 35 -35.25 67.01 41.05
N ARG J 36 -36.01 67.88 41.72
CA ARG J 36 -35.42 69.10 42.25
C ARG J 36 -34.38 68.79 43.32
N SER J 37 -34.64 67.76 44.13
CA SER J 37 -33.69 67.41 45.19
C SER J 37 -32.34 67.03 44.60
N LYS J 38 -32.34 66.24 43.53
CA LYS J 38 -31.08 65.86 42.90
C LYS J 38 -30.46 67.05 42.15
N SER J 39 -31.30 67.86 41.52
CA SER J 39 -30.77 68.96 40.72
C SER J 39 -29.99 69.96 41.57
N ARG J 40 -30.54 70.33 42.72
CA ARG J 40 -29.89 71.35 43.54
C ARG J 40 -28.55 70.86 44.08
N THR J 41 -28.46 69.57 44.41
CA THR J 41 -27.19 69.04 44.89
C THR J 41 -26.16 68.99 43.78
N ILE J 42 -26.58 68.63 42.56
CA ILE J 42 -25.63 68.51 41.46
C ILE J 42 -25.17 69.88 40.98
N ASN J 43 -26.10 70.82 40.84
CA ASN J 43 -25.75 72.15 40.36
C ASN J 43 -26.77 73.14 40.92
N GLN J 44 -26.40 73.79 41.98
CA GLN J 44 -27.29 74.76 42.62
C GLN J 44 -27.11 76.12 41.95
N PRO J 45 -28.19 76.80 41.58
CA PRO J 45 -28.03 78.17 41.09
C PRO J 45 -27.41 79.06 42.15
N VAL J 46 -26.47 79.91 41.71
CA VAL J 46 -25.77 80.85 42.57
C VAL J 46 -25.83 82.21 41.90
N TYR J 47 -26.14 83.24 42.67
CA TYR J 47 -26.35 84.58 42.13
C TYR J 47 -25.10 85.43 42.33
N VAL J 48 -24.72 86.17 41.29
CA VAL J 48 -23.57 87.06 41.32
C VAL J 48 -24.05 88.48 41.07
N ASP J 49 -23.54 89.43 41.86
CA ASP J 49 -23.99 90.80 41.75
C ASP J 49 -23.67 91.40 40.39
N ASN J 50 -22.42 91.32 39.97
CA ASN J 50 -21.98 91.90 38.70
C ASN J 50 -21.41 90.81 37.81
N ILE J 51 -21.91 90.71 36.58
CA ILE J 51 -21.46 89.68 35.68
C ILE J 51 -20.00 89.89 35.30
N ASP J 52 -19.63 91.13 34.98
CA ASP J 52 -18.28 91.38 34.48
C ASP J 52 -17.22 90.97 35.50
N THR J 53 -17.40 91.37 36.75
CA THR J 53 -16.42 91.00 37.78
C THR J 53 -16.33 89.49 37.91
N ALA J 54 -17.48 88.81 37.93
CA ALA J 54 -17.48 87.36 38.04
C ALA J 54 -16.84 86.72 36.81
N ALA J 55 -17.16 87.23 35.62
CA ALA J 55 -16.60 86.66 34.41
C ALA J 55 -15.08 86.81 34.39
N ASN J 56 -14.58 87.98 34.79
CA ASN J 56 -13.13 88.16 34.85
C ASN J 56 -12.51 87.21 35.86
N GLU J 57 -13.14 87.05 37.02
CA GLU J 57 -12.63 86.12 38.01
C GLU J 57 -12.61 84.70 37.46
N TYR J 58 -13.66 84.33 36.73
CA TYR J 58 -13.72 82.98 36.15
C TYR J 58 -12.56 82.75 35.20
N PHE J 59 -12.29 83.71 34.32
CA PHE J 59 -11.19 83.56 33.37
C PHE J 59 -9.86 83.42 34.09
N LYS J 60 -9.64 84.25 35.12
CA LYS J 60 -8.38 84.19 35.85
C LYS J 60 -8.20 82.82 36.51
N ARG J 61 -9.24 82.33 37.19
CA ARG J 61 -9.09 81.08 37.92
C ARG J 61 -8.80 79.92 36.98
N LYS J 62 -9.47 79.86 35.85
CA LYS J 62 -9.31 78.75 34.91
C LYS J 62 -8.21 78.99 33.89
N GLY J 63 -7.54 80.14 33.93
CA GLY J 63 -6.50 80.40 32.96
C GLY J 63 -6.99 80.42 31.54
N LEU J 64 -8.13 81.08 31.30
CA LEU J 64 -8.70 81.21 29.97
C LEU J 64 -8.56 82.65 29.51
N ASP J 65 -8.07 82.83 28.29
CA ASP J 65 -7.93 84.17 27.73
C ASP J 65 -9.30 84.70 27.35
N PRO J 66 -9.71 85.86 27.86
CA PRO J 66 -11.07 86.35 27.55
C PRO J 66 -11.32 86.51 26.07
N THR J 67 -10.29 86.75 25.27
CA THR J 67 -10.49 87.03 23.85
C THR J 67 -11.15 85.85 23.16
N LYS J 68 -10.73 84.63 23.49
CA LYS J 68 -11.26 83.45 22.82
C LYS J 68 -12.58 82.96 23.40
N MET J 69 -13.08 83.59 24.45
CA MET J 69 -14.33 83.18 25.09
C MET J 69 -15.43 84.17 24.70
N ILE J 70 -16.55 83.63 24.23
CA ILE J 70 -17.68 84.43 23.79
C ILE J 70 -18.69 84.49 24.92
N MET J 71 -19.14 85.70 25.24
CA MET J 71 -20.13 85.92 26.29
C MET J 71 -21.43 86.41 25.65
N MET J 72 -22.53 85.74 25.99
CA MET J 72 -23.84 86.09 25.45
C MET J 72 -24.85 86.07 26.57
N ARG J 73 -25.91 86.86 26.41
CA ARG J 73 -26.95 87.01 27.42
C ARG J 73 -28.21 86.31 26.93
N LYS J 74 -28.42 85.07 27.37
CA LYS J 74 -29.58 84.31 26.93
C LYS J 74 -30.88 84.97 27.38
N SER J 75 -30.92 85.44 28.63
CA SER J 75 -32.11 86.06 29.17
C SER J 75 -31.70 87.28 29.99
N SER J 76 -32.69 87.95 30.58
CA SER J 76 -32.39 89.12 31.39
C SER J 76 -31.52 88.74 32.58
N LYS J 77 -31.83 87.64 33.24
CA LYS J 77 -31.12 87.21 34.43
C LYS J 77 -30.15 86.06 34.16
N ILE J 78 -29.94 85.69 32.90
CA ILE J 78 -29.07 84.59 32.54
C ILE J 78 -28.03 85.08 31.55
N THR J 79 -26.75 84.84 31.86
CA THR J 79 -25.65 85.12 30.97
C THR J 79 -24.81 83.86 30.84
N GLU J 80 -24.46 83.50 29.61
CA GLU J 80 -23.73 82.27 29.34
C GLU J 80 -22.43 82.58 28.63
N ILE J 81 -21.38 81.86 29.01
CA ILE J 81 -20.06 81.98 28.40
C ILE J 81 -19.78 80.70 27.63
N ARG J 82 -19.26 80.85 26.40
CA ARG J 82 -18.99 79.72 25.55
C ARG J 82 -17.61 79.87 24.92
N TYR J 83 -17.01 78.74 24.56
CA TYR J 83 -15.76 78.74 23.83
C TYR J 83 -15.98 79.25 22.41
N GLY J 84 -15.23 80.28 22.02
CA GLY J 84 -15.35 80.78 20.67
C GLY J 84 -14.87 79.77 19.64
N GLU J 85 -13.74 79.12 19.90
CA GLU J 85 -13.17 78.15 18.97
C GLU J 85 -13.56 76.75 19.40
N MET J 86 -14.83 76.42 19.14
CA MET J 86 -15.37 75.10 19.45
C MET J 86 -15.93 74.50 18.17
N TYR J 87 -15.57 73.24 17.91
CA TYR J 87 -15.98 72.56 16.70
C TYR J 87 -17.48 72.68 16.48
N TYR K 1 -48.18 16.23 -4.39
CA TYR K 1 -48.78 17.39 -5.04
C TYR K 1 -50.10 16.98 -5.70
N TYR K 2 -51.04 17.90 -5.78
CA TYR K 2 -52.37 17.60 -6.28
C TYR K 2 -52.43 17.84 -7.79
N TRP K 3 -52.87 16.82 -8.53
CA TRP K 3 -52.88 16.88 -9.98
C TRP K 3 -54.29 16.79 -10.55
N GLY K 4 -55.32 16.85 -9.73
CA GLY K 4 -56.69 16.85 -10.19
C GLY K 4 -57.44 15.60 -9.77
N SER K 5 -58.69 15.54 -10.21
CA SER K 5 -59.58 14.45 -9.88
C SER K 5 -59.65 13.47 -11.05
N THR K 6 -59.53 12.18 -10.75
CA THR K 6 -59.61 11.13 -11.74
C THR K 6 -60.97 10.43 -11.76
N VAL K 7 -61.94 10.93 -10.99
CA VAL K 7 -63.28 10.37 -11.02
C VAL K 7 -63.93 10.71 -12.35
N THR K 8 -64.64 9.75 -12.92
CA THR K 8 -65.27 9.89 -14.23
C THR K 8 -66.77 9.65 -14.11
N THR K 9 -67.48 10.01 -15.17
CA THR K 9 -68.92 9.78 -15.20
C THR K 9 -69.24 8.30 -15.17
N GLU K 10 -68.40 7.47 -15.78
CA GLU K 10 -68.67 6.05 -15.81
C GLU K 10 -68.60 5.43 -14.43
N MET K 11 -67.78 5.97 -13.54
CA MET K 11 -67.70 5.42 -12.19
C MET K 11 -69.03 5.56 -11.47
N HIS K 12 -69.78 6.61 -11.75
CA HIS K 12 -71.08 6.78 -11.11
C HIS K 12 -72.14 5.86 -11.69
N ASN K 13 -71.91 5.29 -12.87
CA ASN K 13 -72.90 4.44 -13.53
C ASN K 13 -72.69 2.98 -13.10
N VAL K 14 -73.08 2.70 -11.87
CA VAL K 14 -73.07 1.34 -11.35
C VAL K 14 -74.31 1.15 -10.49
N SER K 15 -74.90 -0.04 -10.56
CA SER K 15 -76.11 -0.30 -9.80
C SER K 15 -75.80 -0.21 -8.31
N PRO K 16 -76.70 0.38 -7.52
CA PRO K 16 -76.41 0.53 -6.09
C PRO K 16 -76.48 -0.79 -5.35
N THR K 17 -75.70 -0.88 -4.29
CA THR K 17 -75.76 -2.01 -3.38
C THR K 17 -76.75 -1.69 -2.26
N GLN K 18 -77.84 -2.44 -2.20
CA GLN K 18 -78.88 -2.23 -1.20
C GLN K 18 -78.64 -3.16 -0.03
N VAL K 19 -78.47 -2.60 1.17
CA VAL K 19 -78.23 -3.36 2.38
C VAL K 19 -79.38 -3.08 3.34
N THR K 20 -80.04 -4.13 3.81
CA THR K 20 -81.09 -4.02 4.80
C THR K 20 -80.81 -4.99 5.93
N ARG K 21 -81.16 -4.60 7.15
CA ARG K 21 -80.99 -5.44 8.32
C ARG K 21 -82.33 -6.10 8.65
N LEU K 22 -82.36 -7.43 8.61
CA LEU K 22 -83.54 -8.16 8.99
C LEU K 22 -83.78 -8.00 10.49
N PRO K 23 -85.00 -8.26 10.95
CA PRO K 23 -85.25 -8.11 12.39
C PRO K 23 -84.33 -8.92 13.27
N ASN K 24 -83.95 -10.13 12.84
CA ASN K 24 -83.06 -10.95 13.65
C ASN K 24 -81.66 -10.37 13.72
N GLY K 25 -81.31 -9.43 12.85
CA GLY K 25 -80.00 -8.82 12.83
C GLY K 25 -79.14 -9.24 11.66
N MET K 26 -79.63 -10.11 10.78
CA MET K 26 -78.89 -10.50 9.59
C MET K 26 -79.00 -9.39 8.55
N ARG K 27 -77.86 -8.93 8.06
CA ARG K 27 -77.82 -7.97 6.97
C ARG K 27 -77.96 -8.70 5.64
N VAL K 28 -78.79 -8.14 4.76
CA VAL K 28 -78.98 -8.66 3.40
C VAL K 28 -78.54 -7.59 2.42
N ALA K 29 -77.52 -7.89 1.63
CA ALA K 29 -76.97 -6.95 0.66
C ALA K 29 -77.08 -7.54 -0.74
N THR K 30 -77.56 -6.73 -1.70
CA THR K 30 -77.70 -7.17 -3.08
C THR K 30 -77.30 -6.06 -4.02
N GLN K 31 -76.75 -6.45 -5.17
CA GLN K 31 -76.51 -5.55 -6.29
C GLN K 31 -77.01 -6.20 -7.56
N PHE K 32 -77.84 -5.49 -8.32
CA PHE K 32 -78.32 -6.01 -9.59
C PHE K 32 -77.25 -5.89 -10.66
N SER K 33 -77.15 -6.90 -11.51
CA SER K 33 -76.27 -6.87 -12.66
C SER K 33 -76.97 -7.53 -13.84
N TYR K 34 -76.67 -7.05 -15.04
CA TYR K 34 -77.25 -7.60 -16.27
C TYR K 34 -76.46 -8.85 -16.69
N THR K 35 -76.67 -9.92 -15.94
CA THR K 35 -75.99 -11.19 -16.18
C THR K 35 -77.02 -12.30 -16.15
N ASP K 36 -76.65 -13.44 -16.75
CA ASP K 36 -77.48 -14.63 -16.71
C ASP K 36 -77.09 -15.56 -15.57
N SER K 37 -76.07 -15.21 -14.80
CA SER K 37 -75.60 -16.00 -13.68
C SER K 37 -75.52 -15.12 -12.44
N ALA K 38 -75.59 -15.76 -11.28
CA ALA K 38 -75.64 -15.04 -10.01
C ALA K 38 -74.74 -15.74 -9.00
N THR K 39 -74.46 -15.04 -7.91
CA THR K 39 -73.71 -15.58 -6.78
C THR K 39 -74.46 -15.20 -5.50
N VAL K 40 -74.88 -16.20 -4.75
CA VAL K 40 -75.59 -15.99 -3.48
C VAL K 40 -74.84 -16.75 -2.38
N GLY K 41 -74.60 -16.08 -1.26
CA GLY K 41 -73.83 -16.70 -0.20
C GLY K 41 -74.04 -16.00 1.13
N LEU K 42 -73.37 -16.54 2.16
CA LEU K 42 -73.42 -16.00 3.51
C LEU K 42 -71.98 -15.72 3.94
N TRP K 43 -71.62 -14.45 4.09
CA TRP K 43 -70.31 -14.07 4.61
C TRP K 43 -70.45 -13.84 6.11
N ILE K 44 -69.85 -14.71 6.91
CA ILE K 44 -70.01 -14.71 8.36
C ILE K 44 -68.74 -14.22 9.01
N ASP K 45 -68.89 -13.45 10.09
CA ASP K 45 -67.76 -12.99 10.89
C ASP K 45 -67.37 -14.09 11.86
N ALA K 46 -66.43 -14.93 11.44
CA ALA K 46 -65.97 -16.07 12.22
C ALA K 46 -64.64 -16.53 11.63
N GLY K 47 -63.89 -17.29 12.42
CA GLY K 47 -62.63 -17.81 11.93
C GLY K 47 -61.76 -18.33 13.05
N ALA K 48 -60.52 -18.68 12.67
CA ALA K 48 -59.58 -19.27 13.61
C ALA K 48 -59.28 -18.34 14.78
N ARG K 49 -59.27 -17.04 14.53
CA ARG K 49 -58.95 -16.08 15.57
C ARG K 49 -59.90 -16.23 16.75
N TYR K 50 -61.18 -16.47 16.48
CA TYR K 50 -62.19 -16.56 17.50
C TYR K 50 -62.30 -17.95 18.11
N GLU K 51 -61.37 -18.84 17.77
CA GLU K 51 -61.27 -20.15 18.39
C GLU K 51 -60.27 -20.13 19.54
N THR K 52 -60.48 -20.99 20.51
CA THR K 52 -59.56 -21.09 21.62
C THR K 52 -58.43 -22.08 21.27
N LYS K 53 -57.36 -22.04 22.07
CA LYS K 53 -56.17 -22.80 21.71
C LYS K 53 -56.47 -24.29 21.61
N GLU K 54 -57.29 -24.80 22.52
CA GLU K 54 -57.61 -26.22 22.50
C GLU K 54 -58.48 -26.59 21.31
N SER K 55 -59.39 -25.71 20.90
CA SER K 55 -60.34 -26.01 19.84
C SER K 55 -59.89 -25.52 18.46
N ASN K 56 -58.69 -24.96 18.35
CA ASN K 56 -58.23 -24.44 17.07
C ASN K 56 -58.27 -25.55 16.03
N GLY K 57 -58.81 -25.24 14.86
CA GLY K 57 -59.01 -26.22 13.81
C GLY K 57 -60.44 -26.69 13.66
N THR K 58 -61.30 -26.40 14.62
CA THR K 58 -62.70 -26.80 14.51
C THR K 58 -63.39 -26.11 13.36
N ALA K 59 -63.13 -24.81 13.17
CA ALA K 59 -63.82 -24.06 12.13
C ALA K 59 -63.48 -24.61 10.76
N HIS K 60 -62.21 -24.93 10.53
CA HIS K 60 -61.82 -25.51 9.26
C HIS K 60 -62.45 -26.88 9.06
N PHE K 61 -62.51 -27.68 10.11
CA PHE K 61 -63.16 -28.99 10.03
C PHE K 61 -64.63 -28.84 9.68
N LEU K 62 -65.31 -27.88 10.32
CA LEU K 62 -66.73 -27.69 10.05
C LEU K 62 -66.96 -27.27 8.60
N GLU K 63 -66.12 -26.37 8.08
CA GLU K 63 -66.29 -25.92 6.71
C GLU K 63 -66.22 -27.08 5.74
N ARG K 64 -65.32 -28.03 5.98
CA ARG K 64 -65.16 -29.16 5.06
C ARG K 64 -66.32 -30.14 5.16
N VAL K 65 -66.94 -30.27 6.33
CA VAL K 65 -67.99 -31.25 6.53
C VAL K 65 -69.39 -30.67 6.35
N LEU K 66 -69.52 -29.34 6.22
CA LEU K 66 -70.85 -28.74 6.21
C LEU K 66 -71.66 -29.19 5.01
N TYR K 67 -71.03 -29.31 3.85
CA TYR K 67 -71.74 -29.67 2.62
C TYR K 67 -71.87 -31.19 2.45
N LEU K 68 -71.36 -31.98 3.39
CA LEU K 68 -71.42 -33.44 3.28
C LEU K 68 -72.69 -33.97 3.96
N GLY K 69 -73.83 -33.48 3.49
CA GLY K 69 -75.11 -33.95 3.99
C GLY K 69 -75.71 -33.01 5.02
N THR K 70 -77.03 -32.99 5.06
CA THR K 70 -77.79 -32.23 6.05
C THR K 70 -78.82 -33.16 6.67
N LYS K 71 -79.54 -32.66 7.67
CA LYS K 71 -80.55 -33.49 8.31
C LYS K 71 -81.66 -33.86 7.34
N ASN K 72 -82.09 -32.90 6.51
CA ASN K 72 -83.14 -33.20 5.53
C ASN K 72 -82.61 -33.96 4.32
N ARG K 73 -81.42 -33.61 3.86
CA ARG K 73 -80.86 -34.19 2.65
C ARG K 73 -79.79 -35.23 3.01
N SER K 74 -79.11 -35.74 1.98
CA SER K 74 -77.97 -36.61 2.13
C SER K 74 -76.88 -36.11 1.20
N ARG K 75 -75.65 -36.58 1.38
CA ARG K 75 -74.57 -36.05 0.56
C ARG K 75 -74.85 -36.29 -0.92
N ASP K 76 -75.33 -37.48 -1.28
CA ASP K 76 -75.66 -37.75 -2.66
C ASP K 76 -76.83 -36.90 -3.14
N GLN K 77 -77.89 -36.80 -2.33
CA GLN K 77 -79.03 -35.99 -2.74
C GLN K 77 -78.66 -34.53 -2.88
N LEU K 78 -77.88 -34.01 -1.92
CA LEU K 78 -77.47 -32.61 -1.97
C LEU K 78 -76.62 -32.35 -3.20
N GLU K 79 -75.64 -33.21 -3.45
CA GLU K 79 -74.80 -33.04 -4.63
C GLU K 79 -75.58 -33.19 -5.91
N THR K 80 -76.54 -34.12 -5.93
CA THR K 80 -77.39 -34.28 -7.10
C THR K 80 -78.25 -33.04 -7.34
N GLU K 81 -78.83 -32.48 -6.28
CA GLU K 81 -79.73 -31.35 -6.46
C GLU K 81 -78.97 -30.13 -7.00
N VAL K 82 -77.78 -29.87 -6.46
CA VAL K 82 -77.01 -28.72 -6.92
C VAL K 82 -76.63 -28.90 -8.38
N GLU K 83 -76.25 -30.11 -8.77
CA GLU K 83 -75.89 -30.37 -10.16
C GLU K 83 -77.08 -30.19 -11.09
N ASN K 84 -78.26 -30.61 -10.66
CA ASN K 84 -79.44 -30.44 -11.50
C ASN K 84 -79.74 -28.96 -11.73
N LEU K 85 -79.50 -28.12 -10.74
CA LEU K 85 -79.66 -26.68 -10.92
C LEU K 85 -78.55 -26.07 -11.76
N GLY K 86 -77.52 -26.84 -12.09
CA GLY K 86 -76.39 -26.31 -12.81
C GLY K 86 -75.55 -25.34 -12.00
N ALA K 87 -75.46 -25.53 -10.69
CA ALA K 87 -74.77 -24.63 -9.78
C ALA K 87 -73.61 -25.37 -9.12
N ASN K 88 -72.84 -24.64 -8.32
CA ASN K 88 -71.74 -25.24 -7.57
C ASN K 88 -71.59 -24.52 -6.24
N LEU K 89 -71.69 -25.26 -5.14
CA LEU K 89 -71.53 -24.72 -3.80
C LEU K 89 -70.05 -24.60 -3.44
N ASN K 90 -69.64 -23.42 -2.98
CA ASN K 90 -68.26 -23.13 -2.60
C ASN K 90 -68.22 -22.67 -1.15
N SER K 91 -67.02 -22.65 -0.57
CA SER K 91 -66.87 -22.19 0.81
C SER K 91 -65.39 -22.00 1.14
N TYR K 92 -65.14 -21.16 2.14
CA TYR K 92 -63.77 -20.95 2.63
C TYR K 92 -63.84 -20.44 4.06
N THR K 93 -62.75 -20.66 4.81
CA THR K 93 -62.64 -20.20 6.18
C THR K 93 -61.29 -19.54 6.39
N GLY K 94 -61.29 -18.34 6.96
CA GLY K 94 -60.06 -17.61 7.22
C GLY K 94 -59.88 -17.30 8.69
N ARG K 95 -58.85 -16.51 9.01
CA ARG K 95 -58.61 -16.18 10.42
C ARG K 95 -59.74 -15.36 10.99
N GLU K 96 -60.27 -14.39 10.24
CA GLU K 96 -61.32 -13.52 10.73
C GLU K 96 -62.64 -13.62 10.00
N GLN K 97 -62.69 -14.18 8.80
CA GLN K 97 -63.96 -14.23 8.08
C GLN K 97 -64.12 -15.56 7.37
N THR K 98 -65.38 -15.92 7.13
CA THR K 98 -65.77 -17.19 6.53
C THR K 98 -66.88 -16.93 5.53
N ALA K 99 -67.00 -17.78 4.51
CA ALA K 99 -68.02 -17.59 3.50
C ALA K 99 -68.54 -18.93 3.00
N PHE K 100 -69.83 -18.97 2.67
CA PHE K 100 -70.49 -20.15 2.11
C PHE K 100 -71.39 -19.67 0.97
N TYR K 101 -70.88 -19.70 -0.26
CA TYR K 101 -71.59 -19.13 -1.40
C TYR K 101 -71.81 -20.15 -2.51
N ALA K 102 -72.77 -19.85 -3.37
CA ALA K 102 -73.14 -20.70 -4.49
C ALA K 102 -73.15 -19.88 -5.78
N LYS K 103 -72.42 -20.36 -6.79
CA LYS K 103 -72.49 -19.80 -8.13
C LYS K 103 -73.58 -20.54 -8.90
N THR K 104 -74.55 -19.81 -9.42
CA THR K 104 -75.74 -20.45 -9.96
C THR K 104 -76.26 -19.66 -11.14
N THR K 105 -77.19 -20.28 -11.87
CA THR K 105 -77.94 -19.61 -12.93
C THR K 105 -79.06 -18.78 -12.31
N LYS K 106 -79.74 -18.00 -13.16
CA LYS K 106 -80.76 -17.09 -12.65
C LYS K 106 -81.89 -17.86 -11.95
N ASP K 107 -82.32 -18.97 -12.54
CA ASP K 107 -83.44 -19.70 -11.97
C ASP K 107 -83.09 -20.38 -10.65
N GLY K 108 -81.80 -20.59 -10.39
CA GLY K 108 -81.35 -21.26 -9.18
C GLY K 108 -81.00 -20.36 -8.02
N ILE K 109 -81.31 -19.07 -8.08
CA ILE K 109 -80.93 -18.19 -6.98
C ILE K 109 -81.70 -18.56 -5.71
N LEU K 110 -83.01 -18.67 -5.81
CA LEU K 110 -83.80 -18.92 -4.61
C LEU K 110 -83.63 -20.36 -4.15
N PRO K 111 -83.60 -21.34 -5.05
CA PRO K 111 -83.29 -22.71 -4.61
C PRO K 111 -81.98 -22.82 -3.88
N CYS K 112 -80.96 -22.07 -4.31
CA CYS K 112 -79.66 -22.16 -3.65
C CYS K 112 -79.71 -21.54 -2.25
N ILE K 113 -80.53 -20.52 -2.05
CA ILE K 113 -80.67 -19.97 -0.70
C ILE K 113 -81.16 -21.05 0.25
N ASP K 114 -82.11 -21.86 -0.20
CA ASP K 114 -82.63 -22.93 0.63
C ASP K 114 -81.52 -23.93 0.98
N ILE K 115 -80.72 -24.33 0.00
CA ILE K 115 -79.67 -25.31 0.25
C ILE K 115 -78.65 -24.74 1.22
N LEU K 116 -78.23 -23.49 1.01
CA LEU K 116 -77.23 -22.90 1.88
C LEU K 116 -77.77 -22.72 3.30
N ALA K 117 -79.05 -22.36 3.42
CA ALA K 117 -79.64 -22.23 4.75
C ALA K 117 -79.67 -23.58 5.45
N ASP K 118 -80.07 -24.64 4.75
CA ASP K 118 -80.15 -25.95 5.36
C ASP K 118 -78.78 -26.42 5.83
N CYS K 119 -77.75 -26.20 5.02
CA CYS K 119 -76.41 -26.62 5.41
C CYS K 119 -75.93 -25.88 6.65
N ILE K 120 -76.18 -24.57 6.70
CA ILE K 120 -75.66 -23.76 7.80
C ILE K 120 -76.46 -24.00 9.07
N LEU K 121 -77.77 -24.18 8.95
CA LEU K 121 -78.62 -24.26 10.13
C LEU K 121 -78.85 -25.67 10.62
N ASN K 122 -78.82 -26.67 9.73
CA ASN K 122 -79.14 -28.06 10.11
C ASN K 122 -78.06 -29.03 9.64
N PRO K 123 -76.78 -28.73 9.90
CA PRO K 123 -75.73 -29.61 9.40
C PRO K 123 -75.80 -30.97 10.07
N LYS K 124 -75.74 -32.02 9.27
CA LYS K 124 -75.72 -33.40 9.75
C LYS K 124 -74.25 -33.83 9.77
N LEU K 125 -73.61 -33.66 10.92
CA LEU K 125 -72.17 -33.89 11.03
C LEU K 125 -71.91 -35.36 11.33
N ASP K 126 -72.16 -36.18 10.32
CA ASP K 126 -72.07 -37.63 10.49
C ASP K 126 -70.65 -38.04 10.87
N GLY K 127 -70.56 -39.03 11.76
CA GLY K 127 -69.26 -39.47 12.23
C GLY K 127 -68.38 -40.02 11.13
N ASP K 128 -68.97 -40.79 10.21
CA ASP K 128 -68.20 -41.33 9.10
C ASP K 128 -67.59 -40.22 8.26
N GLU K 129 -68.37 -39.19 7.96
CA GLU K 129 -67.84 -38.06 7.21
C GLU K 129 -66.70 -37.40 7.98
N ILE K 130 -66.87 -37.24 9.29
CA ILE K 130 -65.84 -36.62 10.10
C ILE K 130 -64.55 -37.43 10.05
N GLU K 131 -64.66 -38.75 10.16
CA GLU K 131 -63.46 -39.57 10.21
C GLU K 131 -62.72 -39.57 8.87
N LYS K 132 -63.45 -39.62 7.76
CA LYS K 132 -62.79 -39.53 6.47
C LYS K 132 -62.10 -38.19 6.30
N GLU K 133 -62.76 -37.10 6.69
CA GLU K 133 -62.15 -35.79 6.58
C GLU K 133 -60.96 -35.66 7.51
N ARG K 134 -60.97 -36.36 8.65
CA ARG K 134 -59.82 -36.31 9.54
C ARG K 134 -58.58 -36.82 8.84
N VAL K 135 -58.71 -37.88 8.04
CA VAL K 135 -57.59 -38.39 7.29
C VAL K 135 -57.11 -37.36 6.28
N ARG K 136 -58.06 -36.75 5.55
CA ARG K 136 -57.67 -35.76 4.55
C ARG K 136 -57.02 -34.55 5.20
N ILE K 137 -57.58 -34.07 6.30
CA ILE K 137 -57.00 -32.91 6.97
C ILE K 137 -55.62 -33.24 7.51
N THR K 138 -55.46 -34.45 8.05
CA THR K 138 -54.16 -34.84 8.59
C THR K 138 -53.09 -34.85 7.50
N GLN K 139 -53.42 -35.35 6.32
CA GLN K 139 -52.47 -35.30 5.22
C GLN K 139 -52.18 -33.87 4.81
N ASP K 140 -53.21 -33.04 4.74
CA ASP K 140 -53.00 -31.63 4.41
C ASP K 140 -52.10 -30.96 5.43
N LEU K 141 -52.22 -31.36 6.70
CA LEU K 141 -51.48 -30.71 7.76
C LEU K 141 -49.97 -30.91 7.63
N GLN K 142 -49.55 -32.01 7.01
CA GLN K 142 -48.13 -32.27 6.86
C GLN K 142 -47.45 -31.15 6.07
N ALA K 143 -46.28 -30.73 6.55
CA ALA K 143 -45.57 -29.65 5.88
C ALA K 143 -45.10 -30.06 4.48
N VAL K 144 -44.75 -31.33 4.29
CA VAL K 144 -44.31 -31.77 2.97
C VAL K 144 -45.40 -31.57 1.93
N ASN K 145 -46.66 -31.62 2.36
CA ASN K 145 -47.79 -31.48 1.46
C ASN K 145 -48.26 -30.04 1.31
N GLN K 146 -47.57 -29.08 1.91
CA GLN K 146 -47.91 -27.67 1.80
C GLN K 146 -46.90 -26.96 0.93
N SER K 147 -47.36 -25.92 0.23
CA SER K 147 -46.46 -25.09 -0.55
C SER K 147 -45.66 -24.18 0.37
N TYR K 148 -44.54 -23.69 -0.13
CA TYR K 148 -43.69 -22.83 0.68
C TYR K 148 -44.31 -21.46 0.88
N GLU K 149 -45.14 -21.01 -0.05
CA GLU K 149 -45.87 -19.76 0.17
C GLU K 149 -46.88 -19.92 1.30
N GLU K 150 -47.58 -21.06 1.34
CA GLU K 150 -48.53 -21.31 2.43
C GLU K 150 -47.83 -21.41 3.77
N LEU K 151 -46.69 -22.09 3.81
CA LEU K 151 -45.97 -22.21 5.07
C LEU K 151 -45.56 -20.85 5.60
N LEU K 152 -44.99 -20.01 4.74
CA LEU K 152 -44.52 -18.72 5.20
C LEU K 152 -45.67 -17.82 5.62
N TYR K 153 -46.82 -17.91 4.95
CA TYR K 153 -47.97 -17.10 5.34
C TYR K 153 -48.40 -17.42 6.76
N ASP K 154 -48.45 -18.70 7.12
CA ASP K 154 -48.77 -19.09 8.47
C ASP K 154 -47.67 -18.70 9.45
N LYS K 155 -46.40 -18.88 9.05
CA LYS K 155 -45.32 -18.60 9.99
C LYS K 155 -45.15 -17.11 10.23
N VAL K 156 -45.53 -16.27 9.27
CA VAL K 156 -45.50 -14.83 9.51
C VAL K 156 -46.45 -14.48 10.65
N HIS K 157 -47.63 -15.09 10.66
CA HIS K 157 -48.58 -14.82 11.74
C HIS K 157 -48.10 -15.43 13.05
N THR K 158 -47.52 -16.62 13.00
CA THR K 158 -47.02 -17.24 14.22
C THR K 158 -45.95 -16.37 14.86
N ALA K 159 -45.04 -15.82 14.04
CA ALA K 159 -43.95 -15.03 14.58
C ALA K 159 -44.42 -13.66 15.05
N CYS K 160 -45.30 -13.03 14.29
CA CYS K 160 -45.68 -11.65 14.58
C CYS K 160 -46.65 -11.53 15.75
N TYR K 161 -47.49 -12.54 15.98
CA TYR K 161 -48.61 -12.45 16.91
C TYR K 161 -48.53 -13.55 17.96
N ARG K 162 -47.38 -13.65 18.61
CA ARG K 162 -47.16 -14.70 19.59
C ARG K 162 -48.14 -14.64 20.76
N ASP K 163 -48.63 -13.46 21.11
CA ASP K 163 -49.43 -13.28 22.32
C ASP K 163 -50.93 -13.42 22.11
N CYS K 164 -51.42 -13.48 20.87
CA CYS K 164 -52.85 -13.42 20.63
C CYS K 164 -53.25 -14.51 19.65
N SER K 165 -54.58 -14.65 19.47
CA SER K 165 -55.12 -15.72 18.67
C SER K 165 -54.85 -15.55 17.18
N LEU K 166 -54.52 -14.35 16.71
CA LEU K 166 -54.21 -14.20 15.30
C LEU K 166 -53.02 -15.06 14.89
N GLY K 167 -52.18 -15.46 15.85
CA GLY K 167 -51.08 -16.34 15.54
C GLY K 167 -51.50 -17.76 15.21
N GLN K 168 -52.69 -18.16 15.65
CA GLN K 168 -53.17 -19.50 15.36
C GLN K 168 -53.37 -19.71 13.86
N THR K 169 -53.11 -20.93 13.40
CA THR K 169 -53.36 -21.30 12.02
C THR K 169 -54.79 -21.78 11.84
N VAL K 170 -55.28 -21.67 10.60
CA VAL K 170 -56.67 -22.05 10.33
C VAL K 170 -56.83 -23.55 10.45
N ILE K 171 -55.92 -24.32 9.86
CA ILE K 171 -56.07 -25.77 9.88
C ILE K 171 -55.95 -26.30 11.30
N GLY K 172 -55.09 -25.68 12.11
CA GLY K 172 -54.92 -26.06 13.49
C GLY K 172 -53.77 -27.03 13.70
N PRO K 173 -53.37 -27.23 14.95
CA PRO K 173 -52.30 -28.19 15.23
C PRO K 173 -52.79 -29.63 15.06
N GLU K 174 -51.84 -30.53 14.82
CA GLU K 174 -52.22 -31.92 14.58
C GLU K 174 -52.84 -32.55 15.80
N GLU K 175 -52.49 -32.10 17.00
CA GLU K 175 -53.08 -32.64 18.21
C GLU K 175 -54.58 -32.35 18.27
N ASN K 176 -54.97 -31.13 17.89
CA ASN K 176 -56.39 -30.80 17.90
C ASN K 176 -57.13 -31.53 16.78
N VAL K 177 -56.53 -31.59 15.59
CA VAL K 177 -57.19 -32.26 14.48
C VAL K 177 -57.49 -33.70 14.84
N ALA K 178 -56.59 -34.34 15.59
CA ALA K 178 -56.80 -35.73 15.98
C ALA K 178 -57.98 -35.88 16.92
N THR K 179 -58.33 -34.85 17.68
CA THR K 179 -59.34 -34.97 18.73
C THR K 179 -60.67 -34.32 18.41
N ILE K 180 -60.79 -33.55 17.32
CA ILE K 180 -62.05 -32.86 17.06
C ILE K 180 -63.16 -33.89 16.86
N LYS K 181 -64.34 -33.59 17.39
CA LYS K 181 -65.49 -34.47 17.30
C LYS K 181 -66.72 -33.65 16.95
N ARG K 182 -67.86 -34.33 16.79
CA ARG K 182 -69.07 -33.62 16.39
C ARG K 182 -69.44 -32.55 17.39
N ASP K 183 -69.27 -32.82 18.68
CA ASP K 183 -69.66 -31.87 19.70
C ASP K 183 -68.88 -30.56 19.55
N HIS K 184 -67.59 -30.64 19.28
CA HIS K 184 -66.81 -29.43 19.05
C HIS K 184 -67.45 -28.61 17.94
N MET K 185 -67.77 -29.26 16.82
CA MET K 185 -68.34 -28.54 15.69
C MET K 185 -69.72 -27.99 16.02
N VAL K 186 -70.52 -28.76 16.76
CA VAL K 186 -71.85 -28.28 17.12
C VAL K 186 -71.75 -27.04 18.00
N ASN K 187 -70.80 -27.02 18.92
CA ASN K 187 -70.61 -25.83 19.75
C ASN K 187 -70.19 -24.63 18.90
N TYR K 188 -69.26 -24.84 17.98
CA TYR K 188 -68.80 -23.72 17.16
C TYR K 188 -69.94 -23.14 16.33
N LEU K 189 -70.79 -24.00 15.77
CA LEU K 189 -71.94 -23.52 15.03
C LEU K 189 -72.83 -22.66 15.90
N TYR K 190 -73.11 -23.14 17.12
CA TYR K 190 -74.01 -22.43 18.02
C TYR K 190 -73.46 -21.07 18.42
N ASN K 191 -72.16 -21.01 18.73
CA ASN K 191 -71.60 -19.78 19.26
C ASN K 191 -71.30 -18.76 18.18
N ASN K 192 -70.82 -19.20 17.01
CA ASN K 192 -70.28 -18.27 16.03
C ASN K 192 -71.22 -18.01 14.85
N PHE K 193 -71.95 -19.01 14.37
CA PHE K 193 -72.82 -18.83 13.21
C PHE K 193 -74.18 -18.32 13.69
N THR K 194 -74.21 -17.04 14.04
CA THR K 194 -75.41 -16.35 14.51
C THR K 194 -75.77 -15.23 13.56
N ALA K 195 -77.03 -14.81 13.61
CA ALA K 195 -77.54 -13.86 12.62
C ALA K 195 -76.76 -12.55 12.65
N ASP K 196 -76.44 -12.05 13.84
CA ASP K 196 -75.78 -10.75 13.91
C ASP K 196 -74.44 -10.74 13.22
N ARG K 197 -73.85 -11.91 12.96
CA ARG K 197 -72.55 -12.00 12.32
C ARG K 197 -72.63 -12.44 10.86
N MET K 198 -73.83 -12.57 10.29
CA MET K 198 -73.99 -13.07 8.93
C MET K 198 -74.50 -11.98 7.99
N VAL K 199 -74.03 -12.03 6.74
CA VAL K 199 -74.49 -11.15 5.67
C VAL K 199 -74.85 -12.01 4.48
N LEU K 200 -76.10 -11.93 4.02
CA LEU K 200 -76.54 -12.64 2.82
C LEU K 200 -76.32 -11.74 1.62
N VAL K 201 -75.41 -12.14 0.73
CA VAL K 201 -75.01 -11.35 -0.42
C VAL K 201 -75.54 -12.02 -1.68
N ALA K 202 -76.33 -11.30 -2.47
CA ALA K 202 -76.83 -11.80 -3.75
C ALA K 202 -76.45 -10.80 -4.84
N VAL K 203 -75.74 -11.29 -5.86
CA VAL K 203 -75.31 -10.47 -6.99
C VAL K 203 -75.75 -11.17 -8.27
N GLY K 204 -76.46 -10.45 -9.13
CA GLY K 204 -76.94 -11.01 -10.36
C GLY K 204 -78.27 -10.42 -10.77
N PRO K 205 -79.02 -11.13 -11.59
CA PRO K 205 -80.38 -10.67 -11.91
C PRO K 205 -81.31 -10.90 -10.74
N VAL K 206 -81.18 -10.08 -9.71
CA VAL K 206 -81.85 -10.32 -8.44
C VAL K 206 -82.66 -9.10 -8.07
N ASP K 207 -83.73 -9.32 -7.33
CA ASP K 207 -84.56 -8.25 -6.78
C ASP K 207 -84.39 -8.24 -5.27
N HIS K 208 -84.07 -7.05 -4.72
CA HIS K 208 -83.75 -6.94 -3.31
C HIS K 208 -84.91 -7.42 -2.44
N ALA K 209 -86.14 -7.05 -2.79
CA ALA K 209 -87.27 -7.44 -1.98
C ALA K 209 -87.44 -8.96 -1.94
N GLN K 210 -87.31 -9.61 -3.08
CA GLN K 210 -87.50 -11.06 -3.14
C GLN K 210 -86.43 -11.79 -2.34
N ILE K 211 -85.19 -11.35 -2.46
CA ILE K 211 -84.12 -11.97 -1.69
C ILE K 211 -84.36 -11.81 -0.19
N VAL K 212 -84.83 -10.63 0.20
CA VAL K 212 -85.09 -10.36 1.61
C VAL K 212 -86.22 -11.26 2.12
N LYS K 213 -87.27 -11.41 1.33
CA LYS K 213 -88.39 -12.26 1.77
C LYS K 213 -87.95 -13.70 1.92
N GLU K 214 -87.17 -14.21 0.97
CA GLU K 214 -86.67 -15.58 1.08
C GLU K 214 -85.74 -15.72 2.27
N ALA K 215 -84.87 -14.73 2.49
CA ALA K 215 -83.91 -14.81 3.57
C ALA K 215 -84.60 -14.87 4.92
N GLU K 216 -85.63 -14.04 5.10
CA GLU K 216 -86.34 -14.03 6.37
C GLU K 216 -87.05 -15.35 6.60
N LYS K 217 -87.56 -15.97 5.54
CA LYS K 217 -88.25 -17.24 5.66
C LYS K 217 -87.28 -18.37 6.00
N LYS K 218 -86.14 -18.44 5.32
CA LYS K 218 -85.25 -19.58 5.46
C LYS K 218 -84.34 -19.47 6.69
N PHE K 219 -84.03 -18.25 7.12
CA PHE K 219 -83.17 -18.04 8.28
C PHE K 219 -83.96 -17.56 9.49
N ALA K 220 -85.23 -17.94 9.56
CA ALA K 220 -86.08 -17.51 10.66
C ALA K 220 -85.60 -18.10 11.99
N ASN K 221 -85.16 -19.35 11.99
CA ASN K 221 -84.83 -20.05 13.22
C ASN K 221 -83.36 -19.94 13.60
N ILE K 222 -82.58 -19.13 12.90
CA ILE K 222 -81.20 -18.93 13.28
C ILE K 222 -81.15 -18.28 14.65
N ARG K 223 -80.09 -18.57 15.40
CA ARG K 223 -79.91 -17.95 16.71
C ARG K 223 -79.72 -16.44 16.51
N PRO K 224 -80.54 -15.60 17.15
CA PRO K 224 -80.45 -14.16 16.84
C PRO K 224 -79.08 -13.57 17.11
N THR K 225 -78.51 -13.82 18.28
CA THR K 225 -77.22 -13.25 18.65
C THR K 225 -76.50 -14.20 19.57
N ALA K 226 -75.21 -13.96 19.73
CA ALA K 226 -74.41 -14.56 20.77
C ALA K 226 -73.76 -13.45 21.59
N GLY K 227 -73.23 -13.80 22.74
CA GLY K 227 -72.66 -12.81 23.62
C GLY K 227 -71.56 -12.03 22.94
N PRO K 228 -71.40 -10.76 23.30
CA PRO K 228 -70.36 -9.95 22.67
C PRO K 228 -68.97 -10.54 22.90
N ARG K 229 -68.11 -10.39 21.91
CA ARG K 229 -66.77 -10.94 22.01
C ARG K 229 -66.00 -10.25 23.13
N MET K 230 -65.06 -10.99 23.72
CA MET K 230 -64.25 -10.42 24.79
C MET K 230 -63.51 -9.18 24.29
N LEU K 231 -63.41 -8.18 25.14
CA LEU K 231 -62.63 -6.99 24.84
C LEU K 231 -61.15 -7.31 25.03
N GLU K 232 -60.34 -6.98 24.03
CA GLU K 232 -58.92 -7.32 24.07
C GLU K 232 -58.09 -6.11 23.65
N GLU K 233 -56.83 -6.13 24.08
CA GLU K 233 -55.89 -5.08 23.74
C GLU K 233 -55.48 -5.18 22.27
N LYS K 234 -54.87 -4.11 21.79
CA LYS K 234 -54.29 -4.13 20.46
C LYS K 234 -53.35 -5.33 20.35
N PRO K 235 -53.49 -6.16 19.32
CA PRO K 235 -52.55 -7.26 19.16
C PRO K 235 -51.12 -6.74 19.15
N TYR K 236 -50.28 -7.34 19.98
CA TYR K 236 -48.90 -6.90 20.10
C TYR K 236 -48.08 -7.50 18.97
N PHE K 237 -47.37 -6.64 18.24
CA PHE K 237 -46.51 -7.08 17.15
C PHE K 237 -45.15 -7.44 17.72
N CYS K 238 -44.75 -8.70 17.57
CA CYS K 238 -43.48 -9.16 18.10
C CYS K 238 -42.47 -9.18 16.97
N ALA K 239 -41.42 -8.38 17.11
CA ALA K 239 -40.33 -8.37 16.14
C ALA K 239 -39.46 -9.59 16.41
N SER K 240 -39.50 -10.57 15.51
CA SER K 240 -38.90 -11.87 15.77
C SER K 240 -38.47 -12.49 14.46
N GLU K 241 -37.65 -13.53 14.57
CA GLU K 241 -37.27 -14.35 13.43
C GLU K 241 -37.78 -15.76 13.65
N LEU K 242 -38.28 -16.38 12.58
CA LEU K 242 -38.69 -17.77 12.59
C LEU K 242 -38.25 -18.36 11.25
N VAL K 243 -37.02 -18.86 11.20
CA VAL K 243 -36.38 -19.26 9.95
C VAL K 243 -36.11 -20.76 9.99
N TYR K 244 -36.56 -21.46 8.95
CA TYR K 244 -36.32 -22.90 8.81
C TYR K 244 -35.20 -23.11 7.81
N ARG K 245 -33.99 -23.29 8.32
CA ARG K 245 -32.81 -23.43 7.49
C ARG K 245 -32.72 -24.88 7.02
N ASN K 246 -33.01 -25.11 5.74
CA ASN K 246 -32.97 -26.43 5.13
C ASN K 246 -32.15 -26.36 3.86
N ASP K 247 -30.99 -27.02 3.85
CA ASP K 247 -30.15 -27.08 2.67
C ASP K 247 -30.39 -28.34 1.86
N ASP K 248 -31.48 -29.04 2.11
CA ASP K 248 -31.82 -30.26 1.38
C ASP K 248 -33.12 -30.12 0.61
N MET K 249 -33.50 -28.89 0.24
CA MET K 249 -34.73 -28.67 -0.50
C MET K 249 -34.50 -27.90 -1.79
N GLY K 250 -33.27 -27.86 -2.29
CA GLY K 250 -32.98 -27.25 -3.57
C GLY K 250 -32.45 -25.85 -3.46
N PRO K 251 -32.25 -25.20 -4.59
CA PRO K 251 -31.59 -23.89 -4.60
C PRO K 251 -32.43 -22.71 -4.14
N THR K 252 -33.75 -22.72 -4.35
CA THR K 252 -34.57 -21.55 -4.08
C THR K 252 -34.80 -21.36 -2.59
N ALA K 253 -34.70 -20.13 -2.14
CA ALA K 253 -34.99 -19.74 -0.76
C ALA K 253 -36.22 -18.85 -0.74
N HIS K 254 -37.07 -19.04 0.25
CA HIS K 254 -38.29 -18.25 0.40
C HIS K 254 -38.21 -17.44 1.67
N ILE K 255 -38.34 -16.12 1.55
CA ILE K 255 -38.24 -15.20 2.67
C ILE K 255 -39.46 -14.30 2.68
N ALA K 256 -39.97 -14.01 3.87
CA ALA K 256 -41.03 -13.02 4.06
C ALA K 256 -40.64 -12.08 5.18
N ILE K 257 -40.70 -10.79 4.93
CA ILE K 257 -40.38 -9.76 5.91
C ILE K 257 -41.63 -8.92 6.13
N ALA K 258 -41.97 -8.68 7.39
CA ALA K 258 -43.20 -7.99 7.73
C ALA K 258 -42.93 -6.78 8.61
N TYR K 259 -43.74 -5.76 8.43
CA TYR K 259 -43.82 -4.59 9.30
C TYR K 259 -45.21 -4.59 9.90
N GLU K 260 -45.39 -3.85 10.99
CA GLU K 260 -46.75 -3.69 11.51
C GLU K 260 -47.54 -2.79 10.58
N GLY K 261 -48.72 -3.25 10.20
CA GLY K 261 -49.59 -2.54 9.29
C GLY K 261 -50.68 -1.79 10.01
N VAL K 262 -51.84 -1.69 9.35
CA VAL K 262 -52.94 -0.91 9.90
C VAL K 262 -54.23 -1.73 9.81
N PRO K 263 -55.21 -1.46 10.66
CA PRO K 263 -56.49 -2.16 10.57
C PRO K 263 -57.29 -1.71 9.35
N TRP K 264 -58.36 -2.46 9.08
CA TRP K 264 -59.21 -2.16 7.93
C TRP K 264 -59.69 -0.72 7.95
N ARG K 265 -60.24 -0.28 9.07
CA ARG K 265 -60.92 1.01 9.14
C ARG K 265 -59.96 2.17 9.38
N SER K 266 -58.66 1.91 9.42
CA SER K 266 -57.69 2.97 9.62
C SER K 266 -57.82 4.01 8.51
N PRO K 267 -57.68 5.30 8.82
CA PRO K 267 -57.60 6.29 7.74
C PRO K 267 -56.42 6.08 6.82
N ASP K 268 -55.39 5.38 7.26
CA ASP K 268 -54.20 5.16 6.45
C ASP K 268 -54.27 3.90 5.62
N TYR K 269 -55.37 3.16 5.65
CA TYR K 269 -55.37 1.88 4.95
C TYR K 269 -55.18 2.06 3.46
N ILE K 270 -55.86 3.04 2.85
CA ILE K 270 -55.72 3.23 1.42
C ILE K 270 -54.30 3.63 1.07
N THR K 271 -53.63 4.39 1.95
CA THR K 271 -52.23 4.69 1.73
C THR K 271 -51.39 3.42 1.73
N PHE K 272 -51.71 2.48 2.61
CA PHE K 272 -50.97 1.21 2.63
C PHE K 272 -51.29 0.36 1.41
N MET K 273 -52.50 0.47 0.87
CA MET K 273 -52.80 -0.18 -0.39
C MET K 273 -51.94 0.36 -1.52
N LEU K 274 -51.80 1.68 -1.57
CA LEU K 274 -50.98 2.30 -2.61
C LEU K 274 -49.52 1.94 -2.44
N MET K 275 -49.02 1.94 -1.20
CA MET K 275 -47.64 1.53 -0.97
C MET K 275 -47.43 0.08 -1.38
N ASN K 276 -48.45 -0.76 -1.18
CA ASN K 276 -48.36 -2.14 -1.64
C ASN K 276 -48.26 -2.21 -3.15
N ALA K 277 -49.00 -1.34 -3.85
CA ALA K 277 -48.94 -1.31 -5.30
C ALA K 277 -47.61 -0.76 -5.80
N ILE K 278 -47.02 0.19 -5.09
CA ILE K 278 -45.71 0.72 -5.50
C ILE K 278 -44.65 -0.36 -5.39
N ILE K 279 -44.68 -1.16 -4.31
CA ILE K 279 -43.75 -2.28 -4.23
C ILE K 279 -43.97 -3.21 -5.41
N GLY K 280 -45.22 -3.52 -5.71
CA GLY K 280 -45.53 -4.30 -6.88
C GLY K 280 -45.08 -5.75 -6.75
N SER K 281 -44.99 -6.40 -7.92
CA SER K 281 -44.57 -7.78 -8.00
C SER K 281 -43.78 -7.98 -9.28
N TYR K 282 -42.87 -8.96 -9.27
CA TYR K 282 -42.05 -9.26 -10.42
C TYR K 282 -41.78 -10.75 -10.47
N ASP K 283 -41.73 -11.29 -11.68
CA ASP K 283 -41.44 -12.70 -11.90
C ASP K 283 -40.50 -12.83 -13.10
N LYS K 284 -39.36 -13.49 -12.91
CA LYS K 284 -38.43 -13.66 -14.02
C LYS K 284 -39.07 -14.44 -15.16
N LYS K 285 -40.03 -15.30 -14.85
CA LYS K 285 -40.67 -16.11 -15.87
C LYS K 285 -41.90 -15.47 -16.48
N ASN K 286 -42.42 -14.38 -15.89
CA ASN K 286 -43.47 -13.57 -16.52
C ASN K 286 -43.07 -12.10 -16.37
N GLU K 287 -42.20 -11.62 -17.24
CA GLU K 287 -41.70 -10.26 -17.09
C GLU K 287 -42.72 -9.23 -17.57
N GLY K 288 -43.51 -9.57 -18.57
CA GLY K 288 -44.45 -8.63 -19.12
C GLY K 288 -43.86 -7.89 -20.31
N LEU K 289 -44.58 -6.85 -20.73
CA LEU K 289 -44.15 -6.10 -21.90
C LEU K 289 -42.85 -5.36 -21.64
N VAL K 290 -42.66 -4.83 -20.44
CA VAL K 290 -41.47 -4.08 -20.08
C VAL K 290 -40.49 -5.03 -19.40
N PRO K 291 -39.25 -5.12 -19.86
CA PRO K 291 -38.27 -5.95 -19.15
C PRO K 291 -37.88 -5.33 -17.82
N GLY K 292 -37.34 -6.18 -16.94
CA GLY K 292 -36.93 -5.69 -15.63
C GLY K 292 -35.90 -4.59 -15.73
N LEU K 293 -34.94 -4.73 -16.66
CA LEU K 293 -33.87 -3.74 -16.77
C LEU K 293 -34.40 -2.35 -17.12
N GLN K 294 -35.60 -2.25 -17.68
CA GLN K 294 -36.17 -0.98 -18.07
C GLN K 294 -37.53 -0.75 -17.41
N SER K 295 -37.71 -1.28 -16.21
CA SER K 295 -38.99 -1.17 -15.53
C SER K 295 -39.14 0.21 -14.88
N ALA K 296 -40.39 0.65 -14.77
CA ALA K 296 -40.68 1.86 -14.02
C ALA K 296 -40.62 1.62 -12.52
N ASN K 297 -40.97 0.42 -12.08
CA ASN K 297 -40.81 0.04 -10.68
C ASN K 297 -39.33 0.10 -10.31
N ARG K 298 -38.99 0.90 -9.30
CA ARG K 298 -37.59 1.08 -8.95
C ARG K 298 -37.00 -0.16 -8.32
N ILE K 299 -37.76 -0.87 -7.48
CA ILE K 299 -37.25 -2.10 -6.89
C ILE K 299 -36.93 -3.11 -7.97
N THR K 300 -37.85 -3.28 -8.92
CA THR K 300 -37.64 -4.23 -9.99
C THR K 300 -36.43 -3.87 -10.84
N GLN K 301 -36.28 -2.59 -11.14
CA GLN K 301 -35.22 -2.19 -12.08
C GLN K 301 -33.85 -2.36 -11.46
N THR K 302 -33.67 -1.90 -10.23
CA THR K 302 -32.37 -2.08 -9.58
C THR K 302 -32.07 -3.55 -9.36
N GLY K 303 -33.09 -4.34 -9.05
CA GLY K 303 -32.87 -5.76 -8.85
C GLY K 303 -32.37 -6.46 -10.10
N ALA K 304 -32.97 -6.15 -11.24
CA ALA K 304 -32.62 -6.83 -12.48
C ALA K 304 -31.17 -6.61 -12.86
N THR K 305 -30.55 -5.53 -12.39
CA THR K 305 -29.19 -5.20 -12.78
C THR K 305 -28.14 -5.92 -11.95
N ARG K 306 -28.52 -6.49 -10.81
CA ARG K 306 -27.52 -6.98 -9.86
C ARG K 306 -26.76 -8.15 -10.45
N MET K 307 -25.44 -8.01 -10.55
CA MET K 307 -24.54 -9.05 -11.02
C MET K 307 -24.82 -9.46 -12.46
N ASP K 308 -25.51 -8.63 -13.22
CA ASP K 308 -25.88 -8.93 -14.59
C ASP K 308 -26.80 -10.14 -14.70
N VAL K 309 -27.42 -10.54 -13.59
CA VAL K 309 -28.26 -11.73 -13.59
C VAL K 309 -29.63 -11.44 -12.99
N GLY K 310 -29.71 -10.46 -12.09
CA GLY K 310 -30.94 -10.22 -11.37
C GLY K 310 -31.04 -10.97 -10.05
N CYS K 311 -31.50 -10.30 -9.00
CA CYS K 311 -31.52 -10.88 -7.65
C CYS K 311 -32.92 -11.21 -7.17
N PHE K 312 -33.90 -11.35 -8.07
CA PHE K 312 -35.29 -11.62 -7.70
C PHE K 312 -35.84 -12.62 -8.70
N ASP K 313 -35.92 -13.90 -8.33
CA ASP K 313 -36.69 -14.82 -9.17
C ASP K 313 -38.18 -14.52 -9.08
N TYR K 314 -38.65 -14.12 -7.89
CA TYR K 314 -40.03 -13.70 -7.72
C TYR K 314 -40.11 -12.87 -6.44
N TYR K 315 -40.94 -11.83 -6.48
CA TYR K 315 -41.27 -11.12 -5.25
C TYR K 315 -42.64 -10.50 -5.42
N THR K 316 -43.28 -10.24 -4.28
CA THR K 316 -44.57 -9.55 -4.22
C THR K 316 -44.67 -8.83 -2.90
N GLY K 317 -45.34 -7.69 -2.91
CA GLY K 317 -45.72 -7.06 -1.67
C GLY K 317 -46.99 -7.67 -1.12
N PHE K 318 -47.22 -7.46 0.17
CA PHE K 318 -48.45 -7.92 0.78
C PHE K 318 -48.92 -6.91 1.81
N ASN K 319 -50.23 -6.74 1.90
CA ASN K 319 -50.85 -5.83 2.85
C ASN K 319 -52.06 -6.55 3.42
N ILE K 320 -51.92 -7.08 4.63
CA ILE K 320 -52.94 -7.88 5.29
C ILE K 320 -53.55 -7.05 6.41
N ALA K 321 -54.87 -6.94 6.42
CA ALA K 321 -55.57 -6.13 7.40
C ALA K 321 -56.54 -7.00 8.19
N TYR K 322 -56.64 -6.70 9.48
CA TYR K 322 -57.59 -7.34 10.38
C TYR K 322 -58.32 -6.23 11.13
N LYS K 323 -59.25 -6.60 12.01
CA LYS K 323 -60.09 -5.59 12.62
C LYS K 323 -59.27 -4.60 13.44
N ASP K 324 -58.22 -5.07 14.11
CA ASP K 324 -57.46 -4.19 14.99
C ASP K 324 -55.96 -4.22 14.73
N THR K 325 -55.50 -4.81 13.63
CA THR K 325 -54.09 -4.85 13.34
C THR K 325 -53.92 -5.16 11.86
N GLY K 326 -52.69 -5.08 11.39
CA GLY K 326 -52.38 -5.44 10.02
C GLY K 326 -50.91 -5.76 9.86
N LEU K 327 -50.59 -6.37 8.72
CA LEU K 327 -49.22 -6.71 8.38
C LEU K 327 -48.92 -6.18 6.98
N PHE K 328 -47.78 -5.53 6.83
CA PHE K 328 -47.34 -4.97 5.55
C PHE K 328 -45.92 -5.43 5.32
N GLY K 329 -45.64 -5.96 4.14
CA GLY K 329 -44.30 -6.43 3.86
C GLY K 329 -44.16 -6.95 2.45
N PHE K 330 -43.16 -7.80 2.25
CA PHE K 330 -42.88 -8.37 0.95
C PHE K 330 -42.49 -9.84 1.11
N TYR K 331 -42.71 -10.62 0.06
CA TYR K 331 -42.33 -12.02 0.00
C TYR K 331 -41.37 -12.21 -1.17
N ILE K 332 -40.31 -12.97 -0.96
CA ILE K 332 -39.28 -13.18 -1.97
C ILE K 332 -39.06 -14.67 -2.18
N ALA K 333 -38.85 -15.06 -3.42
CA ALA K 333 -38.39 -16.40 -3.77
C ALA K 333 -37.20 -16.22 -4.69
N THR K 334 -36.00 -16.55 -4.21
CA THR K 334 -34.79 -16.17 -4.91
C THR K 334 -33.71 -17.21 -4.69
N ASP K 335 -32.70 -17.15 -5.55
CA ASP K 335 -31.55 -18.05 -5.43
C ASP K 335 -30.88 -17.88 -4.08
N GLU K 336 -30.26 -18.96 -3.61
CA GLU K 336 -29.63 -18.94 -2.29
C GLU K 336 -28.61 -17.81 -2.20
N VAL K 337 -27.74 -17.68 -3.20
CA VAL K 337 -26.67 -16.71 -3.12
C VAL K 337 -27.16 -15.29 -3.31
N ALA K 338 -28.39 -15.10 -3.75
CA ALA K 338 -28.95 -13.78 -4.01
C ALA K 338 -29.73 -13.22 -2.84
N VAL K 339 -29.85 -13.93 -1.71
CA VAL K 339 -30.82 -13.50 -0.69
C VAL K 339 -30.40 -12.18 -0.06
N GLU K 340 -29.10 -11.98 0.17
CA GLU K 340 -28.67 -10.73 0.80
C GLU K 340 -28.96 -9.54 -0.08
N HIS K 341 -28.69 -9.66 -1.38
CA HIS K 341 -29.03 -8.59 -2.30
C HIS K 341 -30.53 -8.38 -2.38
N ALA K 342 -31.30 -9.47 -2.40
CA ALA K 342 -32.74 -9.36 -2.57
C ALA K 342 -33.40 -8.69 -1.36
N VAL K 343 -33.09 -9.16 -0.14
CA VAL K 343 -33.70 -8.54 1.03
C VAL K 343 -33.21 -7.12 1.18
N GLY K 344 -31.94 -6.88 0.88
CA GLY K 344 -31.40 -5.54 0.99
C GLY K 344 -32.04 -4.57 0.02
N ASP K 345 -32.34 -5.03 -1.19
CA ASP K 345 -32.93 -4.14 -2.19
C ASP K 345 -34.40 -3.88 -1.92
N LEU K 346 -35.14 -4.90 -1.48
CA LEU K 346 -36.54 -4.69 -1.20
C LEU K 346 -36.75 -3.93 0.11
N MET K 347 -35.76 -3.92 1.00
CA MET K 347 -35.85 -3.10 2.19
C MET K 347 -35.42 -1.66 1.89
N PHE K 348 -34.42 -1.49 1.04
CA PHE K 348 -34.05 -0.16 0.58
C PHE K 348 -35.21 0.51 -0.15
N GLY K 349 -36.01 -0.28 -0.88
CA GLY K 349 -37.16 0.28 -1.56
C GLY K 349 -38.24 0.77 -0.61
N VAL K 350 -38.48 0.02 0.46
CA VAL K 350 -39.50 0.43 1.42
C VAL K 350 -39.01 1.63 2.22
N THR K 351 -37.73 1.66 2.56
CA THR K 351 -37.19 2.82 3.25
C THR K 351 -37.24 4.06 2.37
N SER K 352 -37.20 3.89 1.05
CA SER K 352 -37.22 5.04 0.16
C SER K 352 -38.56 5.78 0.21
N PHE K 353 -39.65 5.07 0.54
CA PHE K 353 -40.93 5.75 0.67
C PHE K 353 -40.85 6.89 1.68
N SER K 354 -40.02 6.73 2.70
CA SER K 354 -39.91 7.75 3.73
C SER K 354 -39.05 8.93 3.30
N TYR K 355 -38.22 8.77 2.28
CA TYR K 355 -37.27 9.82 1.89
C TYR K 355 -37.51 10.35 0.48
N SER K 356 -37.42 9.51 -0.54
CA SER K 356 -37.37 9.96 -1.94
C SER K 356 -38.27 9.08 -2.78
N LEU K 357 -39.55 9.42 -2.83
CA LEU K 357 -40.52 8.78 -3.70
C LEU K 357 -41.01 9.82 -4.69
N THR K 358 -40.95 9.48 -5.98
CA THR K 358 -41.29 10.43 -7.02
C THR K 358 -42.79 10.42 -7.28
N GLU K 359 -43.29 11.55 -7.78
CA GLU K 359 -44.68 11.62 -8.19
C GLU K 359 -44.98 10.65 -9.31
N GLU K 360 -44.02 10.41 -10.19
CA GLU K 360 -44.25 9.51 -11.32
C GLU K 360 -44.58 8.10 -10.86
N GLU K 361 -43.81 7.58 -9.90
CA GLU K 361 -44.05 6.22 -9.43
C GLU K 361 -45.40 6.12 -8.75
N VAL K 362 -45.78 7.15 -7.99
CA VAL K 362 -47.07 7.14 -7.31
C VAL K 362 -48.21 7.11 -8.33
N MET K 363 -48.11 7.96 -9.35
CA MET K 363 -49.21 8.05 -10.31
C MET K 363 -49.34 6.77 -11.13
N LYS K 364 -48.22 6.17 -11.52
CA LYS K 364 -48.29 4.85 -12.15
C LYS K 364 -48.96 3.85 -11.23
N ALA K 365 -48.57 3.85 -9.95
CA ALA K 365 -49.13 2.88 -9.03
C ALA K 365 -50.61 3.08 -8.82
N LYS K 366 -51.07 4.33 -8.80
CA LYS K 366 -52.51 4.57 -8.65
C LYS K 366 -53.28 3.92 -9.78
N ARG K 367 -52.76 4.03 -11.00
CA ARG K 367 -53.46 3.48 -12.15
C ARG K 367 -53.45 1.96 -12.12
N GLU K 368 -52.33 1.35 -11.74
CA GLU K 368 -52.31 -0.11 -11.68
C GLU K 368 -53.07 -0.65 -10.47
N LEU K 369 -53.15 0.13 -9.39
CA LEU K 369 -54.04 -0.25 -8.28
C LEU K 369 -55.50 -0.20 -8.71
N LYS K 370 -55.89 0.85 -9.42
CA LYS K 370 -57.28 0.94 -9.88
C LYS K 370 -57.61 -0.15 -10.88
N THR K 371 -56.67 -0.48 -11.76
CA THR K 371 -56.91 -1.53 -12.74
C THR K 371 -57.13 -2.87 -12.04
N ASN K 372 -56.31 -3.18 -11.03
CA ASN K 372 -56.47 -4.42 -10.29
C ASN K 372 -57.82 -4.46 -9.60
N PHE K 373 -58.19 -3.38 -8.91
CA PHE K 373 -59.43 -3.37 -8.15
C PHE K 373 -60.65 -3.46 -9.06
N PHE K 374 -60.71 -2.63 -10.10
CA PHE K 374 -61.88 -2.62 -10.96
C PHE K 374 -62.02 -3.93 -11.73
N SER K 375 -60.90 -4.49 -12.19
CA SER K 375 -60.98 -5.74 -12.92
C SER K 375 -61.47 -6.89 -12.03
N GLY K 376 -61.21 -6.81 -10.73
CA GLY K 376 -61.72 -7.81 -9.82
C GLY K 376 -63.23 -7.80 -9.69
N LEU K 377 -63.86 -6.67 -9.99
CA LEU K 377 -65.31 -6.53 -9.89
C LEU K 377 -66.02 -6.88 -11.19
N ASP K 378 -65.38 -7.66 -12.05
CA ASP K 378 -65.95 -7.95 -13.37
C ASP K 378 -67.05 -9.00 -13.28
N ASN K 379 -66.82 -10.09 -12.56
CA ASN K 379 -67.78 -11.18 -12.49
C ASN K 379 -68.59 -11.09 -11.19
N THR K 380 -69.69 -11.84 -11.16
CA THR K 380 -70.59 -11.77 -10.00
C THR K 380 -69.89 -12.23 -8.72
N THR K 381 -69.10 -13.30 -8.81
CA THR K 381 -68.41 -13.78 -7.62
C THR K 381 -67.40 -12.76 -7.12
N GLY K 382 -66.75 -12.05 -8.04
CA GLY K 382 -65.88 -10.97 -7.62
C GLY K 382 -66.64 -9.87 -6.92
N VAL K 383 -67.80 -9.49 -7.46
CA VAL K 383 -68.64 -8.49 -6.81
C VAL K 383 -69.12 -9.00 -5.45
N ALA K 384 -69.55 -10.26 -5.38
CA ALA K 384 -70.06 -10.79 -4.13
C ALA K 384 -68.99 -10.82 -3.05
N GLU K 385 -67.78 -11.25 -3.40
CA GLU K 385 -66.68 -11.20 -2.43
C GLU K 385 -66.46 -9.78 -1.96
N ASP K 386 -66.50 -8.83 -2.88
CA ASP K 386 -66.27 -7.44 -2.52
C ASP K 386 -67.36 -6.92 -1.59
N ILE K 387 -68.62 -7.22 -1.90
CA ILE K 387 -69.71 -6.75 -1.03
C ILE K 387 -69.59 -7.39 0.35
N GLY K 388 -69.40 -8.71 0.40
CA GLY K 388 -69.38 -9.39 1.68
C GLY K 388 -68.18 -9.03 2.52
N ARG K 389 -67.00 -9.04 1.91
CA ARG K 389 -65.79 -8.68 2.65
C ARG K 389 -65.86 -7.25 3.15
N GLN K 390 -66.36 -6.33 2.32
CA GLN K 390 -66.38 -4.93 2.71
C GLN K 390 -67.38 -4.67 3.82
N ILE K 391 -68.57 -5.25 3.73
CA ILE K 391 -69.57 -5.02 4.78
C ILE K 391 -69.07 -5.55 6.11
N LEU K 392 -68.40 -6.70 6.09
CA LEU K 392 -67.81 -7.21 7.32
C LEU K 392 -66.69 -6.31 7.81
N ALA K 393 -65.84 -5.84 6.89
CA ALA K 393 -64.69 -5.04 7.29
C ALA K 393 -65.09 -3.63 7.71
N TYR K 394 -66.00 -3.00 6.96
CA TYR K 394 -66.34 -1.60 7.18
C TYR K 394 -67.77 -1.36 7.64
N GLY K 395 -68.66 -2.34 7.50
CA GLY K 395 -70.06 -2.10 7.75
C GLY K 395 -70.80 -1.52 6.56
N ARG K 396 -70.10 -1.25 5.47
CA ARG K 396 -70.68 -0.69 4.26
C ARG K 396 -69.76 -1.05 3.12
N ARG K 397 -70.24 -0.88 1.90
CA ARG K 397 -69.43 -1.10 0.71
C ARG K 397 -69.01 0.25 0.15
N LEU K 398 -67.71 0.47 0.04
CA LEU K 398 -67.21 1.69 -0.59
C LEU K 398 -67.42 1.60 -2.09
N SER K 399 -67.97 2.66 -2.66
CA SER K 399 -68.21 2.72 -4.08
C SER K 399 -66.89 2.90 -4.84
N PRO K 400 -66.85 2.51 -6.11
CA PRO K 400 -65.65 2.82 -6.90
C PRO K 400 -65.34 4.30 -6.92
N ALA K 401 -66.36 5.13 -7.00
CA ALA K 401 -66.14 6.57 -7.00
C ALA K 401 -65.51 7.03 -5.69
N GLU K 402 -66.00 6.52 -4.56
CA GLU K 402 -65.44 6.94 -3.28
C GLU K 402 -63.99 6.50 -3.15
N PHE K 403 -63.68 5.28 -3.59
CA PHE K 403 -62.30 4.82 -3.53
C PHE K 403 -61.39 5.73 -4.34
N VAL K 404 -61.84 6.15 -5.51
CA VAL K 404 -61.04 7.03 -6.36
C VAL K 404 -60.93 8.42 -5.74
N GLU K 405 -62.02 8.91 -5.16
CA GLU K 405 -61.97 10.21 -4.49
C GLU K 405 -60.93 10.22 -3.39
N ARG K 406 -60.92 9.20 -2.54
CA ARG K 406 -59.96 9.16 -1.45
C ARG K 406 -58.54 8.92 -1.97
N LEU K 407 -58.41 8.13 -3.03
CA LEU K 407 -57.09 7.88 -3.60
C LEU K 407 -56.53 9.13 -4.27
N ASP K 408 -57.38 9.98 -4.82
CA ASP K 408 -56.90 11.22 -5.42
C ASP K 408 -56.17 12.08 -4.41
N GLN K 409 -56.63 12.09 -3.16
CA GLN K 409 -56.01 12.92 -2.15
C GLN K 409 -54.63 12.42 -1.78
N ILE K 410 -54.38 11.12 -1.89
CA ILE K 410 -53.11 10.57 -1.49
C ILE K 410 -52.07 10.89 -2.56
N ASP K 411 -50.94 11.44 -2.13
CA ASP K 411 -49.87 11.81 -3.05
C ASP K 411 -48.54 11.34 -2.51
N SER K 412 -47.45 11.73 -3.15
CA SER K 412 -46.13 11.33 -2.68
C SER K 412 -45.88 11.85 -1.27
N GLN K 413 -46.34 13.06 -0.97
CA GLN K 413 -46.13 13.61 0.37
C GLN K 413 -46.92 12.85 1.41
N GLU K 414 -48.14 12.42 1.10
CA GLU K 414 -48.91 11.64 2.05
C GLU K 414 -48.28 10.27 2.29
N VAL K 415 -47.80 9.62 1.23
CA VAL K 415 -47.10 8.37 1.41
C VAL K 415 -45.89 8.58 2.29
N GLN K 416 -45.18 9.68 2.10
CA GLN K 416 -43.98 9.94 2.89
C GLN K 416 -44.32 10.17 4.35
N ARG K 417 -45.43 10.86 4.63
CA ARG K 417 -45.81 11.10 6.02
C ARG K 417 -46.16 9.79 6.71
N VAL K 418 -46.97 8.96 6.06
CA VAL K 418 -47.38 7.71 6.66
C VAL K 418 -46.20 6.78 6.85
N ALA K 419 -45.32 6.69 5.86
CA ALA K 419 -44.16 5.82 5.98
C ALA K 419 -43.21 6.33 7.06
N TRP K 420 -43.02 7.64 7.16
CA TRP K 420 -42.15 8.18 8.19
C TRP K 420 -42.69 7.89 9.57
N ASN K 421 -44.00 7.96 9.74
CA ASN K 421 -44.60 7.71 11.05
C ASN K 421 -44.57 6.23 11.41
N ARG K 422 -44.84 5.35 10.46
CA ARG K 422 -45.09 3.95 10.78
C ARG K 422 -43.99 2.99 10.33
N LEU K 423 -43.36 3.24 9.18
CA LEU K 423 -42.42 2.28 8.63
C LEU K 423 -40.96 2.67 8.83
N HIS K 424 -40.65 3.95 8.93
CA HIS K 424 -39.27 4.36 9.12
C HIS K 424 -38.78 3.95 10.50
N ASP K 425 -37.58 3.37 10.55
CA ASP K 425 -36.96 2.97 11.82
C ASP K 425 -37.90 2.09 12.64
N ALA K 426 -38.66 1.25 11.96
CA ALA K 426 -39.67 0.42 12.56
C ALA K 426 -39.13 -0.98 12.86
N GLU K 427 -39.87 -1.71 13.68
CA GLU K 427 -39.54 -3.10 13.97
C GLU K 427 -40.05 -4.01 12.87
N ILE K 428 -39.30 -5.08 12.58
CA ILE K 428 -39.63 -6.00 11.50
C ILE K 428 -39.57 -7.42 12.01
N THR K 429 -40.26 -8.31 11.30
CA THR K 429 -40.24 -9.74 11.53
C THR K 429 -39.76 -10.41 10.26
N MET K 430 -38.84 -11.36 10.39
CA MET K 430 -38.36 -12.12 9.24
C MET K 430 -38.68 -13.60 9.43
N THR K 431 -39.15 -14.22 8.35
CA THR K 431 -39.51 -15.62 8.33
C THR K 431 -38.93 -16.22 7.06
N GLY K 432 -38.61 -17.51 7.09
CA GLY K 432 -37.93 -18.10 5.97
C GLY K 432 -38.00 -19.61 5.93
N VAL K 433 -37.75 -20.14 4.75
CA VAL K 433 -37.61 -21.58 4.51
C VAL K 433 -36.58 -21.76 3.40
N GLY K 434 -35.75 -22.79 3.54
CA GLY K 434 -34.80 -23.12 2.50
C GLY K 434 -33.38 -22.71 2.83
N PRO K 435 -32.51 -22.75 1.83
CA PRO K 435 -31.09 -22.46 2.09
C PRO K 435 -30.85 -20.98 2.33
N LEU K 436 -30.62 -20.61 3.59
CA LEU K 436 -30.65 -19.21 3.99
C LEU K 436 -29.39 -18.84 4.74
N HIS K 437 -28.24 -19.31 4.25
CA HIS K 437 -26.97 -18.85 4.78
C HIS K 437 -26.80 -17.36 4.58
N GLY K 438 -27.31 -16.82 3.48
CA GLY K 438 -27.16 -15.40 3.19
C GLY K 438 -28.01 -14.49 4.05
N LEU K 439 -29.10 -15.00 4.60
CA LEU K 439 -29.97 -14.17 5.43
C LEU K 439 -29.23 -13.78 6.72
N LEU K 440 -29.23 -12.50 7.02
CA LEU K 440 -28.51 -11.98 8.17
C LEU K 440 -29.42 -12.01 9.40
N GLN K 441 -28.91 -11.54 10.52
CA GLN K 441 -29.70 -11.51 11.75
C GLN K 441 -30.78 -10.44 11.65
N LEU K 442 -31.82 -10.59 12.48
CA LEU K 442 -32.94 -9.65 12.43
C LEU K 442 -32.47 -8.23 12.69
N TRP K 443 -31.55 -8.05 13.63
CA TRP K 443 -31.08 -6.70 13.95
C TRP K 443 -30.37 -6.06 12.77
N ASP K 444 -29.60 -6.87 12.02
CA ASP K 444 -28.93 -6.34 10.84
C ASP K 444 -29.94 -5.86 9.80
N LEU K 445 -31.00 -6.64 9.58
CA LEU K 445 -32.02 -6.23 8.63
C LEU K 445 -32.85 -5.08 9.15
N ARG K 446 -32.98 -4.96 10.47
CA ARG K 446 -33.77 -3.90 11.07
C ARG K 446 -33.07 -2.56 11.03
N ARG K 447 -31.78 -2.54 10.73
CA ARG K 447 -31.04 -1.30 10.55
C ARG K 447 -31.19 -0.73 9.16
N GLN K 448 -31.74 -1.49 8.22
CA GLN K 448 -31.95 -1.04 6.86
C GLN K 448 -33.24 -0.26 6.70
N THR K 449 -34.02 -0.08 7.77
CA THR K 449 -35.24 0.71 7.74
C THR K 449 -34.98 2.20 7.88
N TRP K 450 -33.73 2.65 7.90
CA TRP K 450 -33.41 4.07 7.92
C TRP K 450 -32.13 4.27 7.12
N TRP K 451 -31.87 5.51 6.71
CA TRP K 451 -30.76 5.83 5.83
C TRP K 451 -29.80 6.80 6.51
N TRP K 452 -28.51 6.64 6.24
CA TRP K 452 -27.53 7.65 6.66
C TRP K 452 -27.62 8.89 5.78
N ARG K 453 -27.82 8.70 4.48
CA ARG K 453 -28.02 9.83 3.59
C ARG K 453 -29.34 10.51 3.92
N TYR K 454 -29.51 11.73 3.42
CA TYR K 454 -30.71 12.52 3.72
C TYR K 454 -31.10 12.36 5.19
N GLY L 1 -77.76 -1.82 -40.82
CA GLY L 1 -76.72 -2.59 -41.48
C GLY L 1 -76.51 -2.18 -42.91
N LYS L 2 -75.27 -1.82 -43.25
CA LYS L 2 -74.92 -1.38 -44.58
C LYS L 2 -74.10 -2.39 -45.36
N SER L 3 -73.54 -3.40 -44.70
CA SER L 3 -72.69 -4.36 -45.38
C SER L 3 -72.79 -5.71 -44.70
N THR L 4 -72.93 -6.77 -45.50
CA THR L 4 -73.00 -8.14 -45.01
C THR L 4 -71.69 -8.83 -45.36
N ILE L 5 -70.99 -9.31 -44.35
CA ILE L 5 -69.68 -9.93 -44.52
C ILE L 5 -69.73 -11.30 -43.88
N GLN L 6 -69.60 -12.35 -44.70
CA GLN L 6 -69.51 -13.71 -44.20
C GLN L 6 -70.68 -14.05 -43.29
N GLY L 7 -71.87 -13.61 -43.67
CA GLY L 7 -73.08 -13.97 -42.96
C GLY L 7 -73.51 -13.03 -41.86
N THR L 8 -72.74 -11.99 -41.56
CA THR L 8 -73.09 -11.02 -40.54
C THR L 8 -73.17 -9.64 -41.15
N SER L 9 -74.11 -8.84 -40.68
CA SER L 9 -74.32 -7.49 -41.19
C SER L 9 -73.62 -6.49 -40.28
N TYR L 10 -72.89 -5.56 -40.89
CA TYR L 10 -72.14 -4.55 -40.16
C TYR L 10 -72.57 -3.17 -40.62
N ASN L 11 -72.38 -2.18 -39.76
CA ASN L 11 -72.61 -0.79 -40.13
C ASN L 11 -71.31 -0.21 -40.66
N VAL L 12 -71.36 0.35 -41.86
CA VAL L 12 -70.14 0.86 -42.50
C VAL L 12 -69.77 2.20 -41.90
N VAL L 13 -68.52 2.33 -41.47
CA VAL L 13 -67.98 3.56 -40.92
C VAL L 13 -67.17 4.25 -42.01
N LYS L 14 -67.51 5.48 -42.32
CA LYS L 14 -66.83 6.21 -43.38
C LYS L 14 -65.57 6.86 -42.85
N PHE L 15 -64.51 6.85 -43.66
CA PHE L 15 -63.30 7.59 -43.33
C PHE L 15 -63.57 9.09 -43.44
N GLN L 16 -62.99 9.86 -42.52
CA GLN L 16 -63.12 11.30 -42.52
C GLN L 16 -61.75 11.92 -42.33
N GLN L 17 -61.52 13.04 -43.01
CA GLN L 17 -60.27 13.78 -42.88
C GLN L 17 -60.44 14.82 -41.76
N GLU L 18 -59.63 14.69 -40.72
CA GLU L 18 -59.68 15.57 -39.56
C GLU L 18 -58.30 16.18 -39.35
N ASP L 19 -58.25 17.49 -39.14
CA ASP L 19 -56.99 18.14 -38.85
C ASP L 19 -56.40 17.62 -37.56
N VAL L 20 -55.09 17.45 -37.53
CA VAL L 20 -54.43 16.92 -36.35
C VAL L 20 -54.67 17.82 -35.15
N SER L 21 -54.81 19.12 -35.38
CA SER L 21 -55.04 20.04 -34.26
C SER L 21 -56.37 19.74 -33.58
N GLU L 22 -57.42 19.46 -34.36
CA GLU L 22 -58.73 19.21 -33.77
C GLU L 22 -58.74 17.91 -32.95
N VAL L 23 -58.13 16.86 -33.48
CA VAL L 23 -58.15 15.58 -32.78
C VAL L 23 -57.37 15.66 -31.48
N VAL L 24 -56.28 16.45 -31.46
CA VAL L 24 -55.46 16.51 -30.26
C VAL L 24 -56.28 16.97 -29.07
N LYS L 25 -57.31 17.77 -29.29
CA LYS L 25 -58.15 18.21 -28.18
C LYS L 25 -58.87 17.05 -27.52
N GLU L 26 -59.14 15.99 -28.26
CA GLU L 26 -59.91 14.86 -27.74
C GLU L 26 -59.05 13.76 -27.14
N VAL L 27 -57.73 13.84 -27.27
CA VAL L 27 -56.88 12.77 -26.73
C VAL L 27 -56.94 12.82 -25.20
N PRO L 28 -57.01 11.67 -24.52
CA PRO L 28 -57.06 11.70 -23.06
C PRO L 28 -55.86 12.40 -22.47
N HIS L 29 -56.08 13.15 -21.40
CA HIS L 29 -55.03 13.93 -20.77
C HIS L 29 -54.24 13.07 -19.79
N PHE L 30 -52.92 13.07 -19.95
CA PHE L 30 -52.05 12.42 -18.99
C PHE L 30 -50.67 13.05 -19.11
N GLN L 31 -49.86 12.84 -18.09
CA GLN L 31 -48.52 13.40 -18.03
C GLN L 31 -47.51 12.29 -17.81
N PHE L 32 -46.31 12.49 -18.33
CA PHE L 32 -45.18 11.64 -18.01
C PHE L 32 -44.26 12.26 -16.99
N TYR L 33 -44.13 13.58 -16.99
CA TYR L 33 -43.32 14.31 -16.03
C TYR L 33 -44.20 15.13 -15.11
N TYR L 34 -43.79 15.24 -13.86
CA TYR L 34 -44.44 16.10 -12.87
C TYR L 34 -43.36 17.03 -12.34
N ILE L 35 -43.19 18.17 -13.00
CA ILE L 35 -42.01 18.99 -12.75
C ILE L 35 -42.10 19.67 -11.39
N GLY L 36 -43.27 20.19 -11.04
CA GLY L 36 -43.43 20.76 -9.72
C GLY L 36 -44.70 20.27 -9.06
N GLY L 37 -45.54 21.18 -8.61
CA GLY L 37 -46.87 20.82 -8.16
C GLY L 37 -47.42 21.83 -7.18
N GLU L 38 -48.70 21.69 -6.90
CA GLU L 38 -49.40 22.49 -5.91
C GLU L 38 -49.65 21.60 -4.70
N HIS L 39 -49.03 21.94 -3.58
CA HIS L 39 -49.16 21.11 -2.38
C HIS L 39 -50.58 21.18 -1.82
N LYS L 40 -51.08 20.02 -1.39
CA LYS L 40 -52.40 19.95 -0.80
C LYS L 40 -52.41 18.79 0.18
N ASP L 41 -52.68 19.08 1.45
CA ASP L 41 -52.72 18.05 2.47
C ASP L 41 -53.90 17.12 2.24
N ASN L 42 -53.69 15.84 2.54
CA ASN L 42 -54.76 14.85 2.42
C ASN L 42 -55.93 15.24 3.30
N LYS L 43 -57.04 15.62 2.70
CA LYS L 43 -58.17 16.11 3.48
C LYS L 43 -58.84 15.02 4.29
N TYR L 44 -58.71 13.76 3.88
CA TYR L 44 -59.30 12.63 4.59
C TYR L 44 -58.31 11.94 5.51
N ARG L 45 -57.22 12.61 5.86
CA ARG L 45 -56.19 11.97 6.68
C ARG L 45 -56.72 11.55 8.04
N ASP L 46 -57.79 12.16 8.53
CA ASP L 46 -58.34 11.86 9.83
C ASP L 46 -59.73 11.25 9.76
N VAL L 47 -60.14 10.73 8.61
CA VAL L 47 -61.47 10.17 8.41
C VAL L 47 -61.34 8.66 8.28
N PRO L 48 -61.90 7.88 9.20
CA PRO L 48 -61.84 6.43 9.06
C PRO L 48 -62.67 5.93 7.89
N LEU L 49 -62.25 4.80 7.33
CA LEU L 49 -62.89 4.30 6.12
C LEU L 49 -64.35 3.93 6.34
N ASP L 50 -64.77 3.69 7.57
CA ASP L 50 -66.15 3.31 7.81
C ASP L 50 -67.11 4.49 7.71
N ILE L 51 -66.61 5.71 7.57
CA ILE L 51 -67.44 6.90 7.46
C ILE L 51 -67.50 7.30 5.99
N PRO L 52 -68.67 7.33 5.37
CA PRO L 52 -68.75 7.79 3.99
C PRO L 52 -68.36 9.26 3.86
N VAL L 53 -67.67 9.59 2.78
CA VAL L 53 -67.18 10.94 2.57
C VAL L 53 -67.67 11.55 1.26
N LEU L 54 -68.27 10.78 0.37
CA LEU L 54 -68.71 11.28 -0.92
C LEU L 54 -70.19 11.59 -0.85
N THR L 55 -70.57 12.78 -1.33
CA THR L 55 -71.95 13.24 -1.29
C THR L 55 -72.34 13.80 -2.65
N GLU L 56 -73.64 13.77 -2.92
CA GLU L 56 -74.19 14.32 -4.16
C GLU L 56 -73.65 13.56 -5.38
N ALA L 57 -73.73 12.24 -5.32
CA ALA L 57 -73.32 11.41 -6.43
C ALA L 57 -74.39 11.45 -7.52
N PRO L 58 -74.03 11.69 -8.78
CA PRO L 58 -75.04 11.69 -9.85
C PRO L 58 -75.74 10.35 -9.93
N PRO L 59 -77.02 10.33 -10.25
CA PRO L 59 -77.75 9.05 -10.33
C PRO L 59 -77.16 8.16 -11.41
N PRO L 60 -77.12 6.85 -11.19
CA PRO L 60 -76.51 5.96 -12.18
C PRO L 60 -77.36 5.85 -13.45
N GLN L 61 -76.69 5.56 -14.56
CA GLN L 61 -77.31 5.36 -15.86
C GLN L 61 -76.97 3.95 -16.33
N LEU L 62 -77.91 3.03 -16.16
CA LEU L 62 -77.71 1.63 -16.50
C LEU L 62 -78.41 1.31 -17.82
N LYS L 63 -77.69 0.63 -18.72
CA LYS L 63 -78.23 0.19 -19.98
C LYS L 63 -77.92 -1.29 -20.17
N LYS L 64 -78.86 -2.03 -20.70
CA LYS L 64 -78.63 -3.44 -20.95
C LYS L 64 -77.56 -3.60 -22.02
N PRO L 65 -76.49 -4.33 -21.76
CA PRO L 65 -75.43 -4.44 -22.78
C PRO L 65 -75.95 -5.10 -24.04
N GLU L 66 -75.46 -4.63 -25.19
CA GLU L 66 -75.77 -5.23 -26.47
C GLU L 66 -74.53 -5.22 -27.34
N MET L 67 -74.35 -6.29 -28.10
CA MET L 67 -73.21 -6.41 -28.98
C MET L 67 -73.52 -5.69 -30.28
N LYS L 68 -72.63 -4.79 -30.69
CA LYS L 68 -72.81 -4.00 -31.89
C LYS L 68 -71.68 -4.30 -32.88
N PHE L 69 -71.99 -4.22 -34.17
CA PHE L 69 -71.09 -4.63 -35.23
C PHE L 69 -70.92 -3.48 -36.21
N SER L 70 -69.66 -3.19 -36.55
CA SER L 70 -69.35 -2.14 -37.52
C SER L 70 -68.11 -2.56 -38.30
N VAL L 71 -67.89 -1.89 -39.43
CA VAL L 71 -66.76 -2.22 -40.29
C VAL L 71 -66.26 -0.94 -40.95
N LEU L 72 -64.95 -0.83 -41.09
CA LEU L 72 -64.34 0.29 -41.78
C LEU L 72 -64.37 0.07 -43.29
N GLU L 73 -64.06 1.15 -44.03
CA GLU L 73 -64.03 1.04 -45.48
C GLU L 73 -62.89 0.17 -45.98
N ASN L 74 -61.84 -0.04 -45.17
CA ASN L 74 -60.78 -0.94 -45.57
C ASN L 74 -61.09 -2.39 -45.28
N GLY L 75 -62.21 -2.67 -44.60
CA GLY L 75 -62.64 -4.03 -44.36
C GLY L 75 -62.38 -4.58 -42.98
N MET L 76 -61.93 -3.76 -42.04
CA MET L 76 -61.71 -4.22 -40.68
C MET L 76 -63.01 -4.20 -39.92
N ARG L 77 -63.39 -5.34 -39.35
CA ARG L 77 -64.65 -5.48 -38.63
C ARG L 77 -64.45 -5.13 -37.16
N ILE L 78 -65.43 -4.44 -36.59
CA ILE L 78 -65.35 -3.94 -35.22
C ILE L 78 -66.57 -4.45 -34.47
N VAL L 79 -66.33 -5.21 -33.40
CA VAL L 79 -67.39 -5.74 -32.55
C VAL L 79 -67.09 -5.34 -31.12
N SER L 80 -68.05 -4.71 -30.46
CA SER L 80 -67.84 -4.29 -29.08
C SER L 80 -69.09 -4.54 -28.26
N VAL L 81 -68.87 -4.76 -26.97
CA VAL L 81 -69.94 -4.87 -25.98
C VAL L 81 -69.57 -3.96 -24.82
N ASP L 82 -70.55 -3.23 -24.32
CA ASP L 82 -70.35 -2.31 -23.20
C ASP L 82 -71.13 -2.84 -22.01
N LYS L 83 -70.44 -3.49 -21.09
CA LYS L 83 -71.02 -3.95 -19.84
C LYS L 83 -70.98 -2.89 -18.75
N GLN L 84 -70.50 -1.69 -19.08
CA GLN L 84 -70.39 -0.58 -18.14
C GLN L 84 -69.38 -0.86 -17.03
N GLY L 85 -68.44 -1.75 -17.27
CA GLY L 85 -67.33 -1.90 -16.36
C GLY L 85 -66.33 -0.76 -16.52
N LEU L 86 -65.41 -0.69 -15.57
CA LEU L 86 -64.44 0.40 -15.55
C LEU L 86 -63.12 0.03 -16.21
N THR L 87 -62.94 -1.22 -16.63
CA THR L 87 -61.74 -1.64 -17.34
C THR L 87 -62.15 -2.18 -18.70
N SER L 88 -61.43 -1.76 -19.72
CA SER L 88 -61.69 -2.22 -21.08
C SER L 88 -60.78 -3.39 -21.41
N ASN L 89 -61.17 -4.13 -22.44
CA ASN L 89 -60.36 -5.23 -22.97
C ASN L 89 -60.39 -5.10 -24.49
N LEU L 90 -59.33 -4.54 -25.06
CA LEU L 90 -59.23 -4.41 -26.50
C LEU L 90 -58.51 -5.62 -27.08
N GLY L 91 -59.02 -6.13 -28.18
CA GLY L 91 -58.42 -7.29 -28.81
C GLY L 91 -58.42 -7.23 -30.32
N LEU L 92 -57.26 -7.44 -30.92
CA LEU L 92 -57.12 -7.50 -32.37
C LEU L 92 -56.82 -8.94 -32.76
N PHE L 93 -57.71 -9.53 -33.56
CA PHE L 93 -57.58 -10.91 -34.01
C PHE L 93 -57.32 -10.93 -35.51
N VAL L 94 -56.27 -11.63 -35.92
CA VAL L 94 -55.89 -11.76 -37.32
C VAL L 94 -55.92 -13.23 -37.69
N HIS L 95 -56.49 -13.52 -38.85
CA HIS L 95 -56.69 -14.90 -39.31
C HIS L 95 -55.40 -15.47 -39.90
N ALA L 96 -54.32 -15.44 -39.14
CA ALA L 96 -53.03 -15.94 -39.61
C ALA L 96 -52.35 -16.71 -38.47
N GLY L 97 -52.63 -18.01 -38.38
CA GLY L 97 -52.02 -18.86 -37.40
C GLY L 97 -51.03 -19.82 -38.03
N SER L 98 -50.59 -20.78 -37.21
CA SER L 98 -49.59 -21.74 -37.67
C SER L 98 -50.11 -22.63 -38.78
N ARG L 99 -51.43 -22.80 -38.90
CA ARG L 99 -51.96 -23.71 -39.90
C ARG L 99 -51.69 -23.22 -41.32
N PHE L 100 -51.46 -21.93 -41.52
CA PHE L 100 -51.24 -21.37 -42.83
C PHE L 100 -49.77 -21.35 -43.23
N GLU L 101 -48.90 -21.90 -42.41
CA GLU L 101 -47.48 -21.94 -42.72
C GLU L 101 -47.17 -23.07 -43.69
N THR L 102 -46.29 -22.79 -44.64
CA THR L 102 -45.70 -23.83 -45.46
C THR L 102 -44.51 -24.44 -44.73
N PRO L 103 -44.08 -25.65 -45.12
CA PRO L 103 -42.96 -26.27 -44.41
C PRO L 103 -41.70 -25.43 -44.40
N ALA L 104 -41.45 -24.64 -45.45
CA ALA L 104 -40.30 -23.75 -45.44
C ALA L 104 -40.52 -22.53 -44.55
N GLU L 105 -41.77 -22.25 -44.16
CA GLU L 105 -42.10 -21.12 -43.32
C GLU L 105 -42.34 -21.52 -41.87
N GLU L 106 -41.77 -22.65 -41.44
CA GLU L 106 -42.07 -23.18 -40.12
C GLU L 106 -41.77 -22.15 -39.04
N GLY L 107 -42.74 -21.92 -38.16
CA GLY L 107 -42.55 -21.07 -37.01
C GLY L 107 -42.74 -19.59 -37.22
N LEU L 108 -43.10 -19.16 -38.44
CA LEU L 108 -43.22 -17.74 -38.68
C LEU L 108 -44.37 -17.12 -37.91
N SER L 109 -45.47 -17.86 -37.70
CA SER L 109 -46.56 -17.31 -36.91
C SER L 109 -46.09 -17.00 -35.49
N HIS L 110 -45.32 -17.89 -34.89
CA HIS L 110 -44.80 -17.62 -33.56
C HIS L 110 -43.83 -16.45 -33.59
N MET L 111 -43.04 -16.33 -34.66
CA MET L 111 -42.10 -15.22 -34.76
C MET L 111 -42.82 -13.88 -34.78
N VAL L 112 -43.97 -13.81 -35.44
CA VAL L 112 -44.75 -12.57 -35.45
C VAL L 112 -45.13 -12.18 -34.03
N GLU L 113 -45.59 -13.16 -33.25
CA GLU L 113 -45.92 -12.89 -31.86
C GLU L 113 -44.71 -12.36 -31.10
N CYS L 114 -43.53 -12.90 -31.38
CA CYS L 114 -42.35 -12.51 -30.62
C CYS L 114 -41.96 -11.06 -30.90
N VAL L 115 -42.26 -10.53 -32.09
CA VAL L 115 -41.85 -9.17 -32.43
C VAL L 115 -42.96 -8.17 -32.15
N ALA L 116 -43.98 -8.58 -31.42
CA ALA L 116 -45.12 -7.70 -31.18
C ALA L 116 -44.73 -6.53 -30.28
N PHE L 117 -45.33 -5.38 -30.55
CA PHE L 117 -45.12 -4.16 -29.76
C PHE L 117 -43.66 -3.69 -29.82
N ARG L 118 -42.98 -3.99 -30.92
CA ARG L 118 -41.67 -3.42 -31.19
C ARG L 118 -41.87 -2.14 -32.01
N SER L 119 -40.77 -1.59 -32.53
CA SER L 119 -40.83 -0.27 -33.16
C SER L 119 -41.84 -0.24 -34.30
N THR L 120 -42.57 0.86 -34.40
CA THR L 120 -43.50 1.13 -35.49
C THR L 120 -43.07 2.41 -36.18
N ALA L 121 -43.83 2.79 -37.21
CA ALA L 121 -43.45 3.96 -38.00
C ALA L 121 -43.41 5.23 -37.15
N HIS L 122 -44.35 5.37 -36.21
CA HIS L 122 -44.47 6.59 -35.43
C HIS L 122 -44.14 6.41 -33.95
N LEU L 123 -43.54 5.29 -33.57
CA LEU L 123 -43.17 5.09 -32.17
C LEU L 123 -42.02 4.11 -32.10
N SER L 124 -41.17 4.31 -31.10
CA SER L 124 -40.09 3.38 -30.82
C SER L 124 -40.59 2.24 -29.95
N HIS L 125 -39.78 1.19 -29.87
CA HIS L 125 -40.12 0.08 -29.00
C HIS L 125 -40.21 0.54 -27.55
N LEU L 126 -39.23 1.30 -27.10
CA LEU L 126 -39.23 1.73 -25.71
C LEU L 126 -40.43 2.61 -25.40
N ARG L 127 -40.74 3.54 -26.30
CA ARG L 127 -41.84 4.45 -26.03
C ARG L 127 -43.18 3.73 -25.99
N THR L 128 -43.35 2.70 -26.83
CA THR L 128 -44.59 1.93 -26.78
C THR L 128 -44.76 1.23 -25.45
N ILE L 129 -43.71 0.54 -24.99
CA ILE L 129 -43.87 -0.27 -23.78
C ILE L 129 -43.89 0.61 -22.54
N LYS L 130 -43.18 1.74 -22.54
CA LYS L 130 -43.27 2.63 -21.39
C LYS L 130 -44.62 3.31 -21.31
N THR L 131 -45.23 3.61 -22.45
CA THR L 131 -46.58 4.15 -22.43
C THR L 131 -47.58 3.13 -21.88
N ILE L 132 -47.47 1.88 -22.32
CA ILE L 132 -48.34 0.84 -21.80
C ILE L 132 -48.15 0.70 -20.29
N GLU L 133 -46.91 0.80 -19.82
CA GLU L 133 -46.63 0.63 -18.41
C GLU L 133 -47.10 1.81 -17.59
N VAL L 134 -46.83 3.04 -18.05
CA VAL L 134 -47.18 4.21 -17.25
C VAL L 134 -48.69 4.33 -17.09
N LEU L 135 -49.46 3.94 -18.09
CA LEU L 135 -50.91 4.02 -18.03
C LEU L 135 -51.53 2.83 -17.33
N GLY L 136 -50.72 1.92 -16.79
CA GLY L 136 -51.24 0.81 -16.03
C GLY L 136 -51.88 -0.28 -16.84
N MET L 137 -51.57 -0.37 -18.12
CA MET L 137 -52.16 -1.38 -18.99
C MET L 137 -51.30 -2.63 -19.00
N ASN L 138 -51.96 -3.78 -19.15
CA ASN L 138 -51.28 -5.06 -19.32
C ASN L 138 -51.79 -5.72 -20.60
N GLY L 139 -51.05 -6.71 -21.06
CA GLY L 139 -51.45 -7.41 -22.27
C GLY L 139 -50.27 -8.08 -22.93
N GLY L 140 -50.47 -8.45 -24.19
CA GLY L 140 -49.44 -9.14 -24.94
C GLY L 140 -50.00 -9.65 -26.25
N CYS L 141 -49.28 -10.60 -26.84
CA CYS L 141 -49.69 -11.25 -28.08
C CYS L 141 -49.59 -12.75 -27.92
N GLN L 142 -50.55 -13.47 -28.50
CA GLN L 142 -50.53 -14.92 -28.49
C GLN L 142 -50.88 -15.44 -29.87
N ALA L 143 -50.02 -16.28 -30.42
CA ALA L 143 -50.23 -16.87 -31.73
C ALA L 143 -50.76 -18.28 -31.57
N GLY L 144 -51.91 -18.56 -32.18
CA GLY L 144 -52.52 -19.86 -32.12
C GLY L 144 -52.39 -20.61 -33.43
N ARG L 145 -53.21 -21.65 -33.57
CA ARG L 145 -53.17 -22.45 -34.79
C ARG L 145 -53.93 -21.78 -35.93
N GLU L 146 -54.98 -21.02 -35.62
CA GLU L 146 -55.78 -20.38 -36.65
C GLU L 146 -55.75 -18.86 -36.61
N HIS L 147 -55.29 -18.26 -35.51
CA HIS L 147 -55.34 -16.80 -35.40
C HIS L 147 -54.23 -16.35 -34.48
N ILE L 148 -53.93 -15.06 -34.56
CA ILE L 148 -52.99 -14.40 -33.66
C ILE L 148 -53.73 -13.23 -33.03
N MET L 149 -53.61 -13.10 -31.71
CA MET L 149 -54.38 -12.13 -30.94
C MET L 149 -53.44 -11.14 -30.26
N TYR L 150 -53.75 -9.86 -30.40
CA TYR L 150 -53.15 -8.80 -29.60
C TYR L 150 -54.20 -8.29 -28.64
N ASN L 151 -53.87 -8.19 -27.36
CA ASN L 151 -54.83 -7.78 -26.36
C ASN L 151 -54.20 -6.81 -25.37
N LEU L 152 -54.97 -5.84 -24.92
CA LEU L 152 -54.59 -4.94 -23.85
C LEU L 152 -55.73 -4.80 -22.87
N GLU L 153 -55.41 -4.74 -21.59
CA GLU L 153 -56.37 -4.50 -20.52
C GLU L 153 -56.05 -3.18 -19.87
N LEU L 154 -57.04 -2.29 -19.78
CA LEU L 154 -56.75 -0.92 -19.41
C LEU L 154 -57.99 -0.26 -18.81
N LEU L 155 -57.75 0.83 -18.08
CA LEU L 155 -58.84 1.71 -17.70
C LEU L 155 -59.46 2.33 -18.94
N ARG L 156 -60.79 2.36 -18.98
CA ARG L 156 -61.46 2.67 -20.23
C ARG L 156 -61.24 4.10 -20.69
N GLU L 157 -60.80 4.99 -19.81
CA GLU L 157 -60.57 6.37 -20.25
C GLU L 157 -59.39 6.48 -21.19
N TYR L 158 -58.49 5.50 -21.21
CA TYR L 158 -57.32 5.53 -22.06
C TYR L 158 -57.51 4.70 -23.32
N MET L 159 -58.74 4.37 -23.67
CA MET L 159 -58.97 3.57 -24.87
C MET L 159 -58.35 4.19 -26.11
N PRO L 160 -58.46 5.49 -26.36
CA PRO L 160 -57.86 6.04 -27.59
C PRO L 160 -56.39 5.71 -27.74
N VAL L 161 -55.62 5.73 -26.65
CA VAL L 161 -54.21 5.41 -26.75
C VAL L 161 -54.01 3.92 -27.02
N ALA L 162 -54.74 3.07 -26.30
CA ALA L 162 -54.53 1.63 -26.43
C ALA L 162 -54.85 1.15 -27.84
N SER L 163 -55.95 1.63 -28.42
CA SER L 163 -56.32 1.18 -29.75
C SER L 163 -55.24 1.55 -30.77
N THR L 164 -54.67 2.74 -30.65
CA THR L 164 -53.60 3.13 -31.54
C THR L 164 -52.40 2.21 -31.43
N LEU L 165 -52.00 1.86 -30.21
CA LEU L 165 -50.82 1.02 -30.04
C LEU L 165 -51.04 -0.37 -30.62
N VAL L 166 -52.21 -0.96 -30.40
CA VAL L 166 -52.48 -2.28 -30.93
C VAL L 166 -52.46 -2.27 -32.45
N VAL L 167 -53.10 -1.27 -33.06
CA VAL L 167 -53.21 -1.24 -34.51
C VAL L 167 -51.84 -1.07 -35.15
N GLY L 168 -50.95 -0.32 -34.50
CA GLY L 168 -49.63 -0.11 -35.07
C GLY L 168 -48.85 -1.38 -35.30
N ASN L 169 -49.20 -2.46 -34.60
CA ASN L 169 -48.51 -3.73 -34.80
C ASN L 169 -48.74 -4.28 -36.19
N VAL L 170 -49.92 -4.06 -36.76
CA VAL L 170 -50.27 -4.61 -38.07
C VAL L 170 -50.32 -3.55 -39.15
N LEU L 171 -50.29 -2.27 -38.80
CA LEU L 171 -50.39 -1.21 -39.79
C LEU L 171 -49.04 -0.88 -40.40
N PHE L 172 -48.06 -0.52 -39.57
CA PHE L 172 -46.76 -0.16 -40.09
C PHE L 172 -45.65 -0.50 -39.10
N PRO L 173 -45.43 -1.77 -38.80
CA PRO L 173 -44.31 -2.12 -37.92
C PRO L 173 -42.98 -2.02 -38.64
N ARG L 174 -41.99 -1.49 -37.93
CA ARG L 174 -40.62 -1.46 -38.43
C ARG L 174 -39.94 -2.73 -37.94
N LEU L 175 -39.78 -3.70 -38.83
CA LEU L 175 -39.13 -4.95 -38.46
C LEU L 175 -37.62 -4.77 -38.62
N LEU L 176 -37.08 -3.92 -37.78
CA LEU L 176 -35.67 -3.57 -37.90
C LEU L 176 -34.79 -4.78 -37.60
N PRO L 177 -33.66 -4.93 -38.30
CA PRO L 177 -32.86 -6.14 -38.10
C PRO L 177 -32.42 -6.35 -36.67
N TRP L 178 -31.97 -5.31 -35.98
CA TRP L 178 -31.42 -5.51 -34.65
C TRP L 178 -32.53 -5.75 -33.62
N GLU L 179 -33.69 -5.14 -33.80
CA GLU L 179 -34.79 -5.41 -32.89
C GLU L 179 -35.27 -6.85 -33.03
N VAL L 180 -35.39 -7.35 -34.26
CA VAL L 180 -35.84 -8.72 -34.46
C VAL L 180 -34.85 -9.69 -33.86
N ASN L 181 -33.55 -9.45 -34.06
CA ASN L 181 -32.54 -10.35 -33.53
C ASN L 181 -32.59 -10.43 -32.01
N ALA L 182 -33.08 -9.38 -31.35
CA ALA L 182 -33.23 -9.43 -29.91
C ALA L 182 -34.39 -10.29 -29.46
N CYS L 183 -35.24 -10.72 -30.38
CA CYS L 183 -36.39 -11.54 -30.05
C CYS L 183 -36.11 -13.03 -30.18
N HIS L 184 -34.91 -13.41 -30.59
CA HIS L 184 -34.57 -14.83 -30.64
C HIS L 184 -34.63 -15.47 -29.27
N LYS L 185 -34.48 -14.68 -28.20
CA LYS L 185 -34.53 -15.23 -26.85
C LYS L 185 -35.89 -15.85 -26.55
N GLU L 186 -36.96 -15.24 -27.05
CA GLU L 186 -38.30 -15.66 -26.66
C GLU L 186 -38.62 -17.08 -27.08
N ILE L 187 -37.92 -17.63 -28.07
CA ILE L 187 -38.26 -18.98 -28.53
C ILE L 187 -37.97 -20.00 -27.43
N LYS L 188 -36.83 -19.88 -26.77
CA LYS L 188 -36.52 -20.83 -25.71
C LYS L 188 -37.49 -20.67 -24.55
N LYS L 189 -37.85 -19.43 -24.21
CA LYS L 189 -38.81 -19.20 -23.14
C LYS L 189 -40.16 -19.81 -23.48
N ALA L 190 -40.59 -19.69 -24.74
CA ALA L 190 -41.88 -20.23 -25.14
C ALA L 190 -41.92 -21.74 -24.97
N HIS L 191 -40.84 -22.43 -25.33
CA HIS L 191 -40.81 -23.87 -25.15
C HIS L 191 -40.91 -24.25 -23.68
N GLU L 192 -40.17 -23.54 -22.82
CA GLU L 192 -40.21 -23.84 -21.40
C GLU L 192 -41.60 -23.63 -20.85
N ARG L 193 -42.27 -22.56 -21.26
CA ARG L 193 -43.62 -22.29 -20.78
C ARG L 193 -44.58 -23.39 -21.22
N LEU L 194 -44.44 -23.86 -22.47
CA LEU L 194 -45.33 -24.89 -22.97
C LEU L 194 -45.12 -26.21 -22.25
N LYS L 195 -43.87 -26.64 -22.13
CA LYS L 195 -43.58 -27.93 -21.53
C LYS L 195 -43.90 -27.96 -20.04
N ALA L 196 -43.90 -26.80 -19.38
CA ALA L 196 -44.26 -26.77 -17.97
C ALA L 196 -45.71 -27.19 -17.77
N ASP L 197 -46.60 -26.76 -18.65
CA ASP L 197 -48.01 -27.13 -18.56
C ASP L 197 -48.19 -28.50 -19.19
N THR L 198 -48.23 -29.53 -18.36
CA THR L 198 -48.29 -30.90 -18.87
C THR L 198 -49.53 -31.12 -19.72
N ASP L 199 -50.67 -30.57 -19.30
CA ASP L 199 -51.89 -30.76 -20.05
C ASP L 199 -51.79 -30.15 -21.44
N GLN L 200 -51.24 -28.95 -21.53
CA GLN L 200 -51.10 -28.32 -22.84
C GLN L 200 -50.05 -29.02 -23.68
N TYR L 201 -48.95 -29.45 -23.07
CA TYR L 201 -47.91 -30.12 -23.83
C TYR L 201 -48.43 -31.42 -24.45
N VAL L 202 -49.25 -32.16 -23.70
CA VAL L 202 -49.85 -33.36 -24.26
C VAL L 202 -50.82 -33.00 -25.37
N SER L 203 -51.51 -31.87 -25.23
CA SER L 203 -52.43 -31.46 -26.28
C SER L 203 -51.70 -31.20 -27.59
N GLU L 204 -50.53 -30.56 -27.52
CA GLU L 204 -49.76 -30.31 -28.73
C GLU L 204 -49.27 -31.61 -29.34
N LEU L 205 -48.86 -32.57 -28.51
CA LEU L 205 -48.48 -33.87 -29.04
C LEU L 205 -49.66 -34.53 -29.76
N LEU L 206 -50.87 -34.37 -29.23
CA LEU L 206 -52.03 -34.95 -29.90
C LEU L 206 -52.21 -34.38 -31.29
N HIS L 207 -52.17 -33.05 -31.40
CA HIS L 207 -52.46 -32.43 -32.69
C HIS L 207 -51.39 -32.75 -33.71
N GLN L 208 -50.13 -32.79 -33.30
CA GLN L 208 -49.07 -33.15 -34.24
C GLN L 208 -49.25 -34.58 -34.74
N THR L 209 -49.67 -35.48 -33.86
CA THR L 209 -49.90 -36.87 -34.28
C THR L 209 -51.22 -37.01 -35.02
N ALA L 210 -52.25 -36.29 -34.60
CA ALA L 210 -53.55 -36.44 -35.24
C ALA L 210 -53.51 -35.98 -36.70
N TYR L 211 -52.88 -34.85 -36.96
CA TYR L 211 -52.78 -34.28 -38.30
C TYR L 211 -51.31 -34.31 -38.69
N HIS L 212 -50.89 -35.37 -39.37
CA HIS L 212 -49.48 -35.57 -39.62
C HIS L 212 -48.98 -34.55 -40.65
N ASN L 213 -48.11 -33.64 -40.22
CA ASN L 213 -47.38 -32.76 -41.12
C ASN L 213 -48.31 -32.02 -42.07
N ASN L 214 -49.41 -31.50 -41.53
CA ASN L 214 -50.29 -30.66 -42.34
C ASN L 214 -50.90 -29.62 -41.41
N THR L 215 -51.96 -28.98 -41.87
CA THR L 215 -52.42 -27.71 -41.31
C THR L 215 -52.44 -27.67 -39.79
N LEU L 216 -53.32 -28.45 -39.16
CA LEU L 216 -53.46 -28.35 -37.72
C LEU L 216 -52.37 -29.09 -36.96
N GLY L 217 -51.49 -29.81 -37.67
CA GLY L 217 -50.37 -30.46 -37.04
C GLY L 217 -49.08 -29.68 -37.05
N ASN L 218 -49.05 -28.54 -37.72
CA ASN L 218 -47.86 -27.70 -37.69
C ASN L 218 -47.54 -27.29 -36.26
N ALA L 219 -46.27 -27.35 -35.90
CA ALA L 219 -45.86 -26.97 -34.56
C ALA L 219 -46.25 -25.53 -34.27
N LEU L 220 -46.83 -25.30 -33.10
CA LEU L 220 -47.18 -23.95 -32.70
C LEU L 220 -45.96 -23.07 -32.52
N LEU L 221 -44.89 -23.61 -31.94
CA LEU L 221 -43.72 -22.83 -31.60
C LEU L 221 -42.60 -23.09 -32.61
N ALA L 222 -41.83 -22.06 -32.89
CA ALA L 222 -40.66 -22.20 -33.74
C ALA L 222 -39.53 -22.90 -32.99
N ASN L 223 -38.77 -23.72 -33.69
CA ASN L 223 -37.61 -24.34 -33.09
C ASN L 223 -36.45 -23.34 -33.03
N GLU L 224 -35.45 -23.68 -32.22
CA GLU L 224 -34.33 -22.78 -31.99
C GLU L 224 -33.10 -23.18 -32.80
N GLY L 225 -33.25 -24.04 -33.79
CA GLY L 225 -32.14 -24.45 -34.62
C GLY L 225 -32.21 -23.87 -36.01
N ARG L 226 -32.61 -24.68 -36.98
CA ARG L 226 -32.63 -24.25 -38.37
C ARG L 226 -33.69 -23.19 -38.63
N ALA L 227 -34.68 -23.05 -37.75
CA ALA L 227 -35.72 -22.05 -37.98
C ALA L 227 -35.17 -20.64 -37.85
N LEU L 228 -34.12 -20.45 -37.06
CA LEU L 228 -33.58 -19.11 -36.87
C LEU L 228 -32.98 -18.54 -38.14
N GLU L 229 -32.78 -19.35 -39.16
CA GLU L 229 -32.23 -18.84 -40.41
C GLU L 229 -33.16 -17.82 -41.04
N HIS L 230 -34.47 -18.06 -40.99
CA HIS L 230 -35.45 -17.14 -41.56
C HIS L 230 -36.19 -16.35 -40.49
N PHE L 231 -35.67 -16.31 -39.27
CA PHE L 231 -36.19 -15.42 -38.23
C PHE L 231 -35.58 -14.04 -38.46
N THR L 232 -36.09 -13.38 -39.49
CA THR L 232 -35.55 -12.11 -39.94
C THR L 232 -36.69 -11.14 -40.21
N GLY L 233 -36.39 -9.85 -40.09
CA GLY L 233 -37.41 -8.85 -40.37
C GLY L 233 -37.98 -8.97 -41.77
N ASP L 234 -37.13 -9.24 -42.76
CA ASP L 234 -37.60 -9.38 -44.13
C ASP L 234 -38.53 -10.57 -44.27
N ASN L 235 -38.17 -11.71 -43.69
CA ASN L 235 -39.01 -12.89 -43.78
C ASN L 235 -40.35 -12.66 -43.10
N ILE L 236 -40.34 -12.01 -41.93
CA ILE L 236 -41.58 -11.75 -41.22
C ILE L 236 -42.46 -10.80 -42.03
N ARG L 237 -41.86 -9.80 -42.67
CA ARG L 237 -42.65 -8.87 -43.46
C ARG L 237 -43.32 -9.58 -44.63
N GLU L 238 -42.60 -10.49 -45.29
CA GLU L 238 -43.19 -11.24 -46.39
C GLU L 238 -44.36 -12.10 -45.91
N PHE L 239 -44.21 -12.73 -44.75
CA PHE L 239 -45.30 -13.52 -44.19
C PHE L 239 -46.51 -12.65 -43.90
N MET L 240 -46.29 -11.46 -43.34
CA MET L 240 -47.41 -10.60 -42.99
C MET L 240 -48.13 -10.10 -44.23
N MET L 241 -47.39 -9.84 -45.31
CA MET L 241 -48.03 -9.42 -46.55
C MET L 241 -48.91 -10.51 -47.13
N LYS L 242 -48.60 -11.77 -46.84
CA LYS L 242 -49.42 -12.86 -47.38
C LYS L 242 -50.75 -12.96 -46.64
N HIS L 243 -50.74 -12.82 -45.32
CA HIS L 243 -51.88 -13.17 -44.51
C HIS L 243 -52.52 -12.00 -43.77
N PHE L 244 -51.73 -11.07 -43.25
CA PHE L 244 -52.30 -9.97 -42.50
C PHE L 244 -52.95 -8.98 -43.46
N SER L 245 -54.26 -8.81 -43.32
CA SER L 245 -54.97 -7.82 -44.11
C SER L 245 -56.19 -7.38 -43.31
N ALA L 246 -56.68 -6.18 -43.62
CA ALA L 246 -57.84 -5.67 -42.91
C ALA L 246 -59.04 -6.59 -43.08
N GLU L 247 -59.10 -7.33 -44.17
CA GLU L 247 -60.23 -8.23 -44.40
C GLU L 247 -60.17 -9.47 -43.53
N ARG L 248 -58.99 -9.84 -43.04
CA ARG L 248 -58.83 -11.00 -42.17
C ARG L 248 -58.65 -10.62 -40.72
N SER L 249 -58.89 -9.35 -40.36
CA SER L 249 -58.67 -8.87 -39.02
C SER L 249 -59.99 -8.44 -38.41
N VAL L 250 -60.12 -8.63 -37.10
CA VAL L 250 -61.29 -8.23 -36.34
C VAL L 250 -60.82 -7.56 -35.06
N PHE L 251 -61.40 -6.40 -34.75
CA PHE L 251 -61.10 -5.68 -33.53
C PHE L 251 -62.26 -5.87 -32.57
N VAL L 252 -61.97 -6.36 -31.37
CA VAL L 252 -62.98 -6.64 -30.36
C VAL L 252 -62.70 -5.77 -29.15
N GLY L 253 -63.74 -5.11 -28.64
CA GLY L 253 -63.61 -4.30 -27.45
C GLY L 253 -64.70 -4.58 -26.45
N ILE L 254 -64.32 -4.85 -25.21
CA ILE L 254 -65.27 -5.09 -24.12
C ILE L 254 -65.21 -3.90 -23.17
N ASN L 255 -66.38 -3.45 -22.73
CA ASN L 255 -66.48 -2.30 -21.84
C ASN L 255 -65.90 -1.05 -22.50
N VAL L 256 -66.34 -0.79 -23.72
CA VAL L 256 -65.95 0.41 -24.46
C VAL L 256 -67.15 0.89 -25.24
N ASP L 257 -67.35 2.19 -25.29
CA ASP L 257 -68.40 2.76 -26.12
C ASP L 257 -68.11 2.45 -27.59
N HIS L 258 -69.12 1.94 -28.29
CA HIS L 258 -68.90 1.49 -29.66
C HIS L 258 -68.55 2.66 -30.56
N ASP L 259 -69.30 3.76 -30.47
CA ASP L 259 -69.06 4.89 -31.35
C ASP L 259 -67.67 5.47 -31.13
N GLU L 260 -67.25 5.61 -29.88
CA GLU L 260 -65.90 6.10 -29.63
C GLU L 260 -64.86 5.14 -30.17
N LEU L 261 -65.04 3.83 -29.95
CA LEU L 261 -64.09 2.86 -30.44
C LEU L 261 -63.99 2.90 -31.96
N CYS L 262 -65.15 2.97 -32.63
CA CYS L 262 -65.14 3.04 -34.09
C CYS L 262 -64.47 4.33 -34.55
N LYS L 263 -64.75 5.44 -33.88
CA LYS L 263 -64.18 6.72 -34.29
C LYS L 263 -62.66 6.67 -34.23
N TRP L 264 -62.11 6.18 -33.12
CA TRP L 264 -60.67 6.21 -32.97
C TRP L 264 -59.98 5.21 -33.88
N LEU L 265 -60.58 4.04 -34.08
CA LEU L 265 -60.03 3.09 -35.04
C LEU L 265 -60.06 3.67 -36.45
N MET L 266 -61.14 4.37 -36.79
CA MET L 266 -61.21 5.00 -38.09
C MET L 266 -60.07 6.01 -38.27
N ARG L 267 -59.81 6.82 -37.27
CA ARG L 267 -58.74 7.82 -37.37
C ARG L 267 -57.37 7.17 -37.52
N SER L 268 -57.21 5.92 -37.08
CA SER L 268 -55.92 5.27 -37.20
C SER L 268 -55.64 4.82 -38.62
N PHE L 269 -56.66 4.40 -39.36
CA PHE L 269 -56.49 3.94 -40.72
C PHE L 269 -56.85 5.00 -41.75
N ALA L 270 -57.16 6.22 -41.32
CA ALA L 270 -57.70 7.21 -42.25
C ALA L 270 -56.69 7.57 -43.34
N GLU L 271 -55.46 7.86 -42.95
CA GLU L 271 -54.45 8.37 -43.88
C GLU L 271 -53.41 7.33 -44.25
N TYR L 272 -53.64 6.06 -43.94
CA TYR L 272 -52.69 5.00 -44.24
C TYR L 272 -53.39 3.89 -45.01
N VAL L 273 -52.59 3.08 -45.68
CA VAL L 273 -53.07 1.94 -46.46
C VAL L 273 -52.73 0.67 -45.72
N ALA L 274 -53.74 -0.15 -45.46
CA ALA L 274 -53.52 -1.43 -44.81
C ALA L 274 -53.00 -2.45 -45.81
N ILE L 275 -52.49 -3.56 -45.29
CA ILE L 275 -51.96 -4.60 -46.18
C ILE L 275 -53.08 -5.09 -47.09
N PRO L 276 -52.91 -5.11 -48.40
CA PRO L 276 -54.00 -5.53 -49.29
C PRO L 276 -54.29 -7.02 -49.11
N ASN L 277 -55.56 -7.37 -49.34
CA ASN L 277 -55.99 -8.75 -49.21
C ASN L 277 -55.66 -9.53 -50.48
N LEU L 278 -54.98 -10.66 -50.31
CA LEU L 278 -54.61 -11.50 -51.42
C LEU L 278 -55.08 -12.93 -51.17
N PRO L 279 -55.41 -13.67 -52.22
CA PRO L 279 -55.80 -15.07 -52.02
C PRO L 279 -54.65 -15.90 -51.47
N ARG L 280 -54.99 -16.92 -50.68
CA ARG L 280 -54.00 -17.80 -50.09
C ARG L 280 -54.52 -19.22 -50.16
N ASP L 281 -53.58 -20.17 -50.06
CA ASP L 281 -53.93 -21.58 -50.07
C ASP L 281 -54.53 -21.96 -48.72
N GLU L 282 -55.79 -22.38 -48.74
CA GLU L 282 -56.51 -22.81 -47.54
C GLU L 282 -56.94 -24.24 -47.77
N ALA L 283 -56.18 -25.19 -47.23
CA ALA L 283 -56.44 -26.61 -47.42
C ALA L 283 -57.08 -27.20 -46.17
N LYS L 284 -58.05 -28.08 -46.38
CA LYS L 284 -58.70 -28.72 -45.26
C LYS L 284 -57.71 -29.62 -44.53
N PRO L 285 -57.85 -29.75 -43.20
CA PRO L 285 -56.95 -30.63 -42.47
C PRO L 285 -57.11 -32.07 -42.92
N VAL L 286 -56.02 -32.82 -42.88
CA VAL L 286 -56.01 -34.24 -43.19
C VAL L 286 -55.75 -34.99 -41.89
N TYR L 287 -56.75 -35.73 -41.43
CA TYR L 287 -56.63 -36.48 -40.20
C TYR L 287 -56.07 -37.87 -40.49
N THR L 288 -54.98 -38.22 -39.83
CA THR L 288 -54.35 -39.52 -40.04
C THR L 288 -54.34 -40.40 -38.80
N GLY L 289 -54.50 -39.85 -37.61
CA GLY L 289 -54.33 -40.66 -36.43
C GLY L 289 -52.86 -40.97 -36.21
N GLY L 290 -52.62 -42.04 -35.46
CA GLY L 290 -51.26 -42.47 -35.18
C GLY L 290 -50.96 -42.50 -33.70
N TYR L 291 -49.68 -42.51 -33.33
CA TYR L 291 -49.30 -42.54 -31.94
C TYR L 291 -47.92 -41.94 -31.76
N LYS L 292 -47.64 -41.53 -30.52
CA LYS L 292 -46.34 -40.98 -30.17
C LYS L 292 -46.09 -41.23 -28.70
N LEU L 293 -44.94 -41.82 -28.38
CA LEU L 293 -44.53 -42.07 -27.02
C LEU L 293 -43.38 -41.15 -26.69
N GLU L 294 -43.63 -40.15 -25.85
CA GLU L 294 -42.64 -39.14 -25.53
C GLU L 294 -42.16 -39.37 -24.11
N GLU L 295 -40.90 -39.75 -23.96
CA GLU L 295 -40.34 -40.00 -22.63
C GLU L 295 -39.94 -38.70 -21.97
N ASN L 296 -40.22 -38.61 -20.67
CA ASN L 296 -39.72 -37.52 -19.83
C ASN L 296 -39.05 -38.20 -18.65
N ALA L 297 -37.72 -38.23 -18.66
CA ALA L 297 -37.00 -39.04 -17.70
C ALA L 297 -37.31 -38.63 -16.27
N ASP L 298 -37.65 -37.37 -16.04
CA ASP L 298 -37.89 -36.90 -14.68
C ASP L 298 -39.25 -37.33 -14.16
N MET L 299 -40.25 -37.43 -15.02
CA MET L 299 -41.60 -37.69 -14.54
C MET L 299 -41.77 -39.18 -14.22
N PRO L 300 -42.24 -39.54 -13.03
CA PRO L 300 -42.59 -40.94 -12.77
C PRO L 300 -44.01 -41.31 -13.19
N VAL L 301 -44.86 -40.35 -13.51
CA VAL L 301 -46.24 -40.62 -13.85
C VAL L 301 -46.36 -40.77 -15.36
N CYS L 302 -47.44 -41.42 -15.78
CA CYS L 302 -47.72 -41.66 -17.19
C CYS L 302 -48.99 -40.91 -17.57
N ASN L 303 -48.89 -40.02 -18.55
CA ASN L 303 -50.04 -39.30 -19.08
C ASN L 303 -50.43 -39.92 -20.41
N ILE L 304 -51.65 -40.43 -20.50
CA ILE L 304 -52.14 -41.12 -21.68
C ILE L 304 -53.32 -40.34 -22.24
N ALA L 305 -53.37 -40.21 -23.55
CA ALA L 305 -54.48 -39.55 -24.23
C ALA L 305 -54.87 -40.34 -25.45
N ILE L 306 -56.16 -40.54 -25.65
CA ILE L 306 -56.70 -41.21 -26.83
C ILE L 306 -57.73 -40.28 -27.44
N GLY L 307 -57.51 -39.87 -28.69
CA GLY L 307 -58.34 -38.87 -29.31
C GLY L 307 -58.91 -39.35 -30.62
N PHE L 308 -59.95 -38.64 -31.07
CA PHE L 308 -60.64 -38.92 -32.31
C PHE L 308 -61.01 -37.62 -32.98
N GLU L 309 -61.14 -37.66 -34.31
CA GLU L 309 -61.42 -36.44 -35.07
C GLU L 309 -62.88 -36.05 -34.96
N THR L 310 -63.11 -34.75 -34.80
CA THR L 310 -64.44 -34.16 -34.83
C THR L 310 -64.52 -33.17 -35.99
N GLU L 311 -65.72 -32.97 -36.50
CA GLU L 311 -65.88 -32.14 -37.69
C GLU L 311 -65.49 -30.70 -37.43
N GLY L 312 -65.73 -30.19 -36.23
CA GLY L 312 -65.22 -28.88 -35.87
C GLY L 312 -66.29 -27.92 -35.42
N TRP L 313 -65.94 -26.63 -35.40
CA TRP L 313 -66.85 -25.62 -34.85
C TRP L 313 -68.02 -25.35 -35.78
N ASN L 314 -67.80 -25.41 -37.09
CA ASN L 314 -68.84 -25.03 -38.04
C ASN L 314 -69.84 -26.16 -38.31
N SER L 315 -69.67 -27.32 -37.69
CA SER L 315 -70.57 -28.44 -37.92
C SER L 315 -71.80 -28.33 -37.02
N ALA L 316 -72.81 -29.14 -37.34
CA ALA L 316 -73.99 -29.24 -36.51
C ALA L 316 -73.77 -30.12 -35.28
N ASP L 317 -72.62 -30.78 -35.19
CA ASP L 317 -72.30 -31.64 -34.05
C ASP L 317 -71.58 -30.89 -32.95
N LEU L 318 -71.49 -29.57 -33.03
CA LEU L 318 -70.73 -28.82 -32.04
C LEU L 318 -71.31 -28.97 -30.65
N VAL L 319 -72.63 -28.87 -30.51
CA VAL L 319 -73.24 -28.89 -29.20
C VAL L 319 -73.35 -30.32 -28.70
N PRO L 320 -73.86 -31.27 -29.48
CA PRO L 320 -73.94 -32.64 -28.98
C PRO L 320 -72.61 -33.20 -28.49
N VAL L 321 -71.52 -32.90 -29.19
CA VAL L 321 -70.22 -33.37 -28.74
C VAL L 321 -69.82 -32.66 -27.45
N THR L 322 -70.15 -31.37 -27.33
CA THR L 322 -69.86 -30.65 -26.11
C THR L 322 -70.67 -31.20 -24.94
N VAL L 323 -71.92 -31.56 -25.19
CA VAL L 323 -72.71 -32.21 -24.15
C VAL L 323 -72.08 -33.54 -23.77
N LEU L 324 -71.56 -34.27 -24.75
CA LEU L 324 -70.91 -35.54 -24.45
C LEU L 324 -69.71 -35.33 -23.53
N GLN L 325 -68.98 -34.25 -23.72
CA GLN L 325 -67.84 -33.97 -22.86
C GLN L 325 -68.29 -33.69 -21.43
N THR L 326 -69.39 -32.96 -21.26
CA THR L 326 -69.86 -32.67 -19.90
C THR L 326 -70.45 -33.90 -19.24
N LEU L 327 -71.16 -34.74 -20.00
CA LEU L 327 -71.68 -35.97 -19.44
C LEU L 327 -70.55 -36.81 -18.87
N LEU L 328 -69.55 -37.11 -19.70
CA LEU L 328 -68.40 -37.85 -19.21
C LEU L 328 -67.62 -37.05 -18.19
N GLY L 329 -67.57 -35.73 -18.34
CA GLY L 329 -66.89 -34.89 -17.37
C GLY L 329 -65.51 -35.39 -17.01
N GLY L 330 -65.37 -35.84 -15.78
CA GLY L 330 -64.09 -36.32 -15.29
C GLY L 330 -63.69 -35.64 -14.01
N GLY L 331 -62.39 -35.57 -13.75
CA GLY L 331 -61.90 -34.98 -12.53
C GLY L 331 -60.53 -35.54 -12.19
N GLY L 332 -60.08 -35.22 -10.98
CA GLY L 332 -58.79 -35.67 -10.52
C GLY L 332 -58.73 -35.77 -9.02
N SER L 333 -57.79 -36.58 -8.55
CA SER L 333 -57.59 -36.73 -7.11
C SER L 333 -57.05 -35.45 -6.50
N PHE L 334 -56.16 -34.75 -7.21
CA PHE L 334 -55.57 -33.52 -6.71
C PHE L 334 -56.59 -32.63 -6.02
N SER L 335 -57.68 -32.32 -6.71
CA SER L 335 -58.72 -31.46 -6.18
C SER L 335 -59.76 -32.27 -5.41
N THR L 336 -60.47 -31.59 -4.52
CA THR L 336 -61.60 -32.17 -3.79
C THR L 336 -62.78 -31.22 -4.04
N GLY L 337 -63.48 -31.44 -5.14
CA GLY L 337 -64.57 -30.55 -5.50
C GLY L 337 -65.77 -30.78 -4.61
N GLY L 338 -66.47 -29.68 -4.30
CA GLY L 338 -67.69 -29.75 -3.55
C GLY L 338 -68.86 -30.07 -4.44
N PRO L 339 -70.07 -29.84 -3.95
CA PRO L 339 -71.26 -30.13 -4.76
C PRO L 339 -71.25 -29.35 -6.06
N GLY L 340 -71.75 -29.98 -7.11
CA GLY L 340 -71.87 -29.32 -8.39
C GLY L 340 -70.58 -29.13 -9.14
N LYS L 341 -69.53 -29.84 -8.76
CA LYS L 341 -68.23 -29.67 -9.40
C LYS L 341 -67.79 -30.97 -10.06
N GLY L 342 -68.70 -31.62 -10.78
CA GLY L 342 -68.36 -32.79 -11.54
C GLY L 342 -68.25 -34.07 -10.74
N MET L 343 -68.70 -34.07 -9.49
CA MET L 343 -68.59 -35.26 -8.67
C MET L 343 -69.44 -36.41 -9.20
N HIS L 344 -70.42 -36.13 -10.06
CA HIS L 344 -71.32 -37.17 -10.56
C HIS L 344 -71.23 -37.32 -12.07
N SER L 345 -70.15 -36.88 -12.69
CA SER L 345 -69.93 -37.18 -14.09
C SER L 345 -69.58 -38.66 -14.24
N ARG L 346 -69.79 -39.19 -15.45
CA ARG L 346 -69.63 -40.63 -15.65
C ARG L 346 -68.20 -41.07 -15.37
N LEU L 347 -67.21 -40.31 -15.83
CA LEU L 347 -65.83 -40.68 -15.58
C LEU L 347 -65.52 -40.65 -14.09
N TYR L 348 -66.04 -39.65 -13.38
CA TYR L 348 -65.81 -39.58 -11.94
C TYR L 348 -66.41 -40.79 -11.23
N LEU L 349 -67.62 -41.17 -11.62
CA LEU L 349 -68.27 -42.30 -10.95
C LEU L 349 -67.66 -43.63 -11.37
N ASN L 350 -67.38 -43.80 -12.65
CA ASN L 350 -66.95 -45.09 -13.17
C ASN L 350 -65.45 -45.32 -13.10
N VAL L 351 -64.66 -44.27 -12.91
CA VAL L 351 -63.20 -44.42 -12.96
C VAL L 351 -62.58 -43.99 -11.65
N LEU L 352 -62.75 -42.72 -11.29
CA LEU L 352 -62.05 -42.20 -10.12
C LEU L 352 -62.53 -42.88 -8.85
N ASN L 353 -63.85 -43.09 -8.73
CA ASN L 353 -64.38 -43.68 -7.50
C ASN L 353 -64.07 -45.17 -7.39
N GLN L 354 -63.78 -45.85 -8.50
CA GLN L 354 -63.61 -47.30 -8.48
C GLN L 354 -62.17 -47.75 -8.69
N ASN L 355 -61.26 -46.85 -9.07
CA ASN L 355 -59.88 -47.20 -9.37
C ASN L 355 -58.95 -46.28 -8.59
N PRO L 356 -58.52 -46.69 -7.40
CA PRO L 356 -57.64 -45.82 -6.61
C PRO L 356 -56.30 -45.55 -7.26
N ASN L 357 -55.88 -46.39 -8.21
CA ASN L 357 -54.60 -46.20 -8.87
C ASN L 357 -54.64 -45.13 -9.97
N VAL L 358 -55.83 -44.65 -10.34
CA VAL L 358 -55.96 -43.63 -11.37
C VAL L 358 -55.79 -42.27 -10.72
N GLU L 359 -54.78 -41.52 -11.16
CA GLU L 359 -54.52 -40.21 -10.60
C GLU L 359 -55.49 -39.16 -11.12
N SER L 360 -55.90 -39.27 -12.38
CA SER L 360 -56.82 -38.30 -12.96
C SER L 360 -57.35 -38.86 -14.27
N CYS L 361 -58.62 -38.58 -14.55
CA CYS L 361 -59.24 -38.96 -15.81
C CYS L 361 -60.17 -37.85 -16.25
N MET L 362 -60.04 -37.41 -17.49
CA MET L 362 -60.82 -36.30 -18.02
C MET L 362 -61.11 -36.55 -19.49
N ALA L 363 -62.12 -35.83 -19.99
CA ALA L 363 -62.45 -35.83 -21.41
C ALA L 363 -62.15 -34.45 -21.97
N PHE L 364 -61.39 -34.41 -23.06
CA PHE L 364 -61.01 -33.17 -23.72
C PHE L 364 -61.75 -33.04 -25.04
N ASN L 365 -61.86 -31.79 -25.50
CA ASN L 365 -62.60 -31.51 -26.72
C ASN L 365 -62.06 -30.19 -27.28
N THR L 366 -61.23 -30.25 -28.31
CA THR L 366 -60.73 -29.07 -28.99
C THR L 366 -61.52 -28.87 -30.29
N GLN L 367 -61.89 -27.62 -30.56
CA GLN L 367 -62.70 -27.28 -31.72
C GLN L 367 -62.00 -26.19 -32.51
N TYR L 368 -61.88 -26.41 -33.82
CA TYR L 368 -61.41 -25.41 -34.76
C TYR L 368 -62.44 -25.24 -35.86
N SER L 369 -62.11 -24.36 -36.81
CA SER L 369 -63.10 -23.98 -37.81
C SER L 369 -63.67 -25.20 -38.53
N ASP L 370 -62.81 -26.09 -39.00
CA ASP L 370 -63.25 -27.21 -39.82
C ASP L 370 -62.80 -28.57 -39.28
N SER L 371 -62.26 -28.62 -38.07
CA SER L 371 -61.82 -29.89 -37.52
C SER L 371 -61.67 -29.75 -36.02
N GLY L 372 -61.57 -30.89 -35.35
CA GLY L 372 -61.39 -30.90 -33.91
C GLY L 372 -61.00 -32.28 -33.44
N LEU L 373 -60.70 -32.38 -32.15
CA LEU L 373 -60.31 -33.62 -31.52
C LEU L 373 -61.10 -33.84 -30.24
N PHE L 374 -61.58 -35.07 -30.06
CA PHE L 374 -62.30 -35.46 -28.86
C PHE L 374 -61.68 -36.74 -28.33
N GLY L 375 -61.57 -36.85 -27.01
CA GLY L 375 -60.97 -38.04 -26.45
C GLY L 375 -60.90 -37.96 -24.94
N MET L 376 -60.26 -38.96 -24.36
CA MET L 376 -60.08 -39.08 -22.91
C MET L 376 -58.63 -38.92 -22.54
N TYR L 377 -58.39 -38.27 -21.41
CA TYR L 377 -57.05 -38.05 -20.89
C TYR L 377 -56.98 -38.64 -19.49
N ILE L 378 -56.11 -39.61 -19.28
CA ILE L 378 -56.01 -40.34 -18.04
C ILE L 378 -54.55 -40.42 -17.62
N THR L 379 -54.30 -40.27 -16.32
CA THR L 379 -52.94 -40.24 -15.79
C THR L 379 -52.82 -41.20 -14.60
N GLY L 380 -51.58 -41.60 -14.35
CA GLY L 380 -51.31 -42.51 -13.25
C GLY L 380 -49.83 -42.82 -13.18
N PHE L 381 -49.49 -43.79 -12.33
CA PHE L 381 -48.10 -44.21 -12.22
C PHE L 381 -47.69 -45.04 -13.42
N GLY L 382 -46.38 -45.00 -13.72
CA GLY L 382 -45.90 -45.61 -14.95
C GLY L 382 -46.26 -47.08 -15.08
N GLN L 383 -46.02 -47.84 -14.01
CA GLN L 383 -46.27 -49.27 -14.07
C GLN L 383 -47.75 -49.58 -14.28
N GLU L 384 -48.63 -48.63 -14.02
CA GLU L 384 -50.06 -48.85 -14.16
C GLU L 384 -50.55 -48.67 -15.59
N ALA L 385 -49.68 -48.25 -16.50
CA ALA L 385 -50.14 -47.89 -17.85
C ALA L 385 -50.98 -48.96 -18.50
N PRO L 386 -50.62 -50.25 -18.47
CA PRO L 386 -51.48 -51.24 -19.12
C PRO L 386 -52.90 -51.22 -18.58
N ARG L 387 -53.08 -50.99 -17.29
CA ARG L 387 -54.41 -50.92 -16.72
C ARG L 387 -55.10 -49.61 -17.03
N LEU L 388 -54.34 -48.51 -17.08
CA LEU L 388 -54.94 -47.22 -17.39
C LEU L 388 -55.56 -47.22 -18.78
N VAL L 389 -54.87 -47.82 -19.75
CA VAL L 389 -55.42 -47.87 -21.10
C VAL L 389 -56.68 -48.71 -21.14
N ASP L 390 -56.69 -49.83 -20.43
CA ASP L 390 -57.89 -50.66 -20.40
C ASP L 390 -59.08 -49.91 -19.84
N ILE L 391 -58.86 -49.13 -18.79
CA ILE L 391 -59.95 -48.32 -18.23
C ILE L 391 -60.46 -47.34 -19.28
N ALA L 392 -59.54 -46.66 -19.96
CA ALA L 392 -59.95 -45.69 -20.97
C ALA L 392 -60.73 -46.37 -22.08
N LEU L 393 -60.24 -47.51 -22.56
CA LEU L 393 -60.93 -48.20 -23.64
C LEU L 393 -62.32 -48.65 -23.20
N ASN L 394 -62.44 -49.13 -21.95
CA ASN L 394 -63.74 -49.58 -21.48
C ASN L 394 -64.76 -48.45 -21.47
N GLU L 395 -64.33 -47.25 -21.07
CA GLU L 395 -65.25 -46.11 -21.09
C GLU L 395 -65.67 -45.77 -22.51
N LEU L 396 -64.74 -45.86 -23.46
CA LEU L 396 -65.08 -45.58 -24.85
C LEU L 396 -66.11 -46.55 -25.38
N ARG L 397 -66.15 -47.77 -24.86
CA ARG L 397 -67.14 -48.74 -25.30
C ARG L 397 -68.49 -48.56 -24.65
N LYS L 398 -68.61 -47.68 -23.66
CA LYS L 398 -69.88 -47.42 -23.00
C LYS L 398 -70.62 -46.23 -23.59
N LEU L 399 -70.08 -45.60 -24.62
CA LEU L 399 -70.74 -44.46 -25.26
C LEU L 399 -71.85 -44.88 -26.18
N ASP L 400 -72.25 -46.16 -26.16
CA ASP L 400 -73.33 -46.61 -27.02
C ASP L 400 -74.69 -46.16 -26.48
N SER L 401 -74.84 -46.02 -25.17
CA SER L 401 -76.12 -45.65 -24.58
C SER L 401 -75.91 -44.69 -23.43
N PHE L 402 -76.93 -43.87 -23.17
CA PHE L 402 -76.89 -42.88 -22.10
C PHE L 402 -78.24 -42.85 -21.40
N THR L 403 -78.21 -42.75 -20.07
CA THR L 403 -79.45 -42.72 -19.29
C THR L 403 -80.09 -41.33 -19.37
N PRO L 404 -81.42 -41.26 -19.22
CA PRO L 404 -82.06 -39.94 -19.24
C PRO L 404 -81.55 -39.00 -18.15
N ASP L 405 -81.26 -39.51 -16.97
CA ASP L 405 -80.78 -38.66 -15.89
C ASP L 405 -79.41 -38.06 -16.25
N GLU L 406 -78.54 -38.88 -16.84
CA GLU L 406 -77.23 -38.36 -17.22
C GLU L 406 -77.35 -37.26 -18.27
N VAL L 407 -78.24 -37.43 -19.25
CA VAL L 407 -78.36 -36.43 -20.29
C VAL L 407 -78.82 -35.10 -19.70
N SER L 408 -79.82 -35.15 -18.82
CA SER L 408 -80.34 -33.91 -18.24
C SER L 408 -79.29 -33.23 -17.37
N ARG L 409 -78.57 -34.00 -16.56
CA ARG L 409 -77.54 -33.40 -15.72
C ARG L 409 -76.46 -32.76 -16.59
N ALA L 410 -76.06 -33.43 -17.67
CA ALA L 410 -75.05 -32.88 -18.55
C ALA L 410 -75.54 -31.58 -19.20
N LYS L 411 -76.79 -31.56 -19.64
CA LYS L 411 -77.30 -30.35 -20.28
C LYS L 411 -77.34 -29.19 -19.30
N ASN L 412 -77.75 -29.45 -18.06
CA ASN L 412 -77.84 -28.37 -17.08
C ASN L 412 -76.46 -27.88 -16.68
N THR L 413 -75.49 -28.78 -16.53
CA THR L 413 -74.14 -28.35 -16.18
C THR L 413 -73.50 -27.56 -17.31
N LEU L 414 -73.76 -27.96 -18.56
CA LEU L 414 -73.19 -27.22 -19.68
C LEU L 414 -73.76 -25.81 -19.72
N LYS L 415 -75.06 -25.65 -19.51
CA LYS L 415 -75.64 -24.32 -19.52
C LYS L 415 -75.06 -23.46 -18.40
N GLY L 416 -74.89 -24.04 -17.22
CA GLY L 416 -74.26 -23.29 -16.14
C GLY L 416 -72.84 -22.88 -16.50
N ASN L 417 -72.08 -23.78 -17.11
CA ASN L 417 -70.72 -23.43 -17.52
C ASN L 417 -70.73 -22.31 -18.55
N ILE L 418 -71.65 -22.37 -19.50
CA ILE L 418 -71.68 -21.34 -20.53
C ILE L 418 -71.92 -19.97 -19.91
N PHE L 419 -72.95 -19.86 -19.08
CA PHE L 419 -73.30 -18.56 -18.51
C PHE L 419 -72.21 -18.08 -17.54
N MET L 420 -71.66 -18.99 -16.74
CA MET L 420 -70.65 -18.57 -15.78
C MET L 420 -69.33 -18.23 -16.45
N ASN L 421 -68.97 -18.91 -17.53
CA ASN L 421 -67.76 -18.53 -18.24
C ASN L 421 -67.93 -17.20 -18.95
N ALA L 422 -69.15 -16.89 -19.39
CA ALA L 422 -69.37 -15.67 -20.17
C ALA L 422 -69.13 -14.42 -19.35
N GLU L 423 -69.41 -14.43 -18.06
CA GLU L 423 -69.32 -13.21 -17.27
C GLU L 423 -67.90 -12.69 -17.13
N ASN L 424 -66.89 -13.49 -17.50
CA ASN L 424 -65.52 -13.01 -17.51
C ASN L 424 -65.24 -12.26 -18.81
N SER L 425 -64.79 -11.01 -18.70
CA SER L 425 -64.68 -10.16 -19.87
C SER L 425 -63.58 -10.63 -20.81
N LYS L 426 -62.42 -11.01 -20.27
CA LYS L 426 -61.36 -11.52 -21.13
C LYS L 426 -61.82 -12.77 -21.87
N VAL L 427 -62.60 -13.61 -21.22
CA VAL L 427 -63.13 -14.79 -21.89
C VAL L 427 -64.09 -14.38 -22.99
N LEU L 428 -64.96 -13.41 -22.71
CA LEU L 428 -65.91 -12.98 -23.72
C LEU L 428 -65.21 -12.38 -24.94
N MET L 429 -64.14 -11.61 -24.70
CA MET L 429 -63.40 -11.03 -25.80
C MET L 429 -62.78 -12.11 -26.67
N GLU L 430 -62.14 -13.09 -26.05
CA GLU L 430 -61.48 -14.14 -26.81
C GLU L 430 -62.50 -15.04 -27.50
N ASP L 431 -63.67 -15.23 -26.89
CA ASP L 431 -64.69 -16.04 -27.53
C ASP L 431 -65.23 -15.35 -28.78
N ILE L 432 -65.51 -14.06 -28.70
CA ILE L 432 -66.06 -13.34 -29.83
C ILE L 432 -65.07 -13.32 -30.99
N GLY L 433 -63.81 -12.98 -30.70
CA GLY L 433 -62.83 -12.89 -31.75
C GLY L 433 -62.60 -14.22 -32.45
N ARG L 434 -62.50 -15.30 -31.67
CA ARG L 434 -62.28 -16.61 -32.28
C ARG L 434 -63.49 -17.04 -33.10
N GLN L 435 -64.70 -16.76 -32.63
CA GLN L 435 -65.89 -17.16 -33.37
C GLN L 435 -65.95 -16.47 -34.73
N ILE L 436 -65.70 -15.17 -34.76
CA ILE L 436 -65.77 -14.45 -36.03
C ILE L 436 -64.70 -14.94 -36.98
N ILE L 437 -63.49 -15.16 -36.48
CA ILE L 437 -62.42 -15.68 -37.32
C ILE L 437 -62.78 -17.07 -37.83
N MET L 438 -63.32 -17.93 -36.98
CA MET L 438 -63.66 -19.28 -37.40
C MET L 438 -64.87 -19.30 -38.31
N SER L 439 -65.93 -18.57 -37.96
CA SER L 439 -67.21 -18.69 -38.64
C SER L 439 -67.70 -17.41 -39.30
N GLY L 440 -67.17 -16.25 -38.92
CA GLY L 440 -67.73 -15.00 -39.38
C GLY L 440 -68.98 -14.58 -38.64
N LYS L 441 -69.40 -15.34 -37.63
CA LYS L 441 -70.64 -15.07 -36.90
C LYS L 441 -70.36 -15.23 -35.42
N VAL L 442 -71.20 -14.60 -34.60
CA VAL L 442 -71.13 -14.73 -33.15
C VAL L 442 -72.42 -15.36 -32.68
N VAL L 443 -72.31 -16.46 -31.94
CA VAL L 443 -73.44 -17.10 -31.28
C VAL L 443 -73.38 -16.71 -29.81
N THR L 444 -74.44 -16.09 -29.32
CA THR L 444 -74.44 -15.57 -27.97
C THR L 444 -74.59 -16.71 -26.96
N PRO L 445 -74.22 -16.47 -25.70
CA PRO L 445 -74.39 -17.54 -24.70
C PRO L 445 -75.82 -18.03 -24.59
N GLU L 446 -76.79 -17.13 -24.71
CA GLU L 446 -78.18 -17.55 -24.62
C GLU L 446 -78.57 -18.44 -25.79
N GLU L 447 -78.07 -18.12 -26.98
CA GLU L 447 -78.40 -18.94 -28.15
C GLU L 447 -77.77 -20.32 -28.04
N PHE L 448 -76.57 -20.40 -27.48
CA PHE L 448 -75.98 -21.71 -27.24
C PHE L 448 -76.77 -22.49 -26.21
N ALA L 449 -77.34 -21.82 -25.22
CA ALA L 449 -78.18 -22.51 -24.25
C ALA L 449 -79.41 -23.11 -24.91
N ALA L 450 -80.02 -22.38 -25.85
CA ALA L 450 -81.17 -22.93 -26.56
C ALA L 450 -80.79 -24.19 -27.33
N ARG L 451 -79.62 -24.18 -27.98
CA ARG L 451 -79.18 -25.37 -28.69
C ARG L 451 -78.94 -26.53 -27.73
N VAL L 452 -78.36 -26.24 -26.57
CA VAL L 452 -78.05 -27.32 -25.62
C VAL L 452 -79.33 -28.01 -25.17
N ASP L 453 -80.41 -27.26 -25.01
CA ASP L 453 -81.66 -27.87 -24.58
C ASP L 453 -82.25 -28.79 -25.62
N ALA L 454 -81.88 -28.64 -26.88
CA ALA L 454 -82.46 -29.45 -27.94
C ALA L 454 -81.70 -30.75 -28.20
N VAL L 455 -80.63 -31.00 -27.46
CA VAL L 455 -79.83 -32.20 -27.67
C VAL L 455 -80.53 -33.39 -27.03
N THR L 456 -80.70 -34.46 -27.79
CA THR L 456 -81.33 -35.68 -27.31
C THR L 456 -80.30 -36.80 -27.21
N GLU L 457 -80.72 -37.91 -26.61
CA GLU L 457 -79.83 -39.07 -26.54
C GLU L 457 -79.48 -39.58 -27.91
N ALA L 458 -80.40 -39.50 -28.87
CA ALA L 458 -80.10 -39.95 -30.22
C ALA L 458 -78.93 -39.17 -30.81
N ASP L 459 -78.91 -37.86 -30.60
CA ASP L 459 -77.79 -37.06 -31.11
C ASP L 459 -76.48 -37.49 -30.48
N LEU L 460 -76.47 -37.74 -29.18
CA LEU L 460 -75.24 -38.17 -28.52
C LEU L 460 -74.76 -39.50 -29.08
N LYS L 461 -75.67 -40.44 -29.29
CA LYS L 461 -75.28 -41.73 -29.84
C LYS L 461 -74.71 -41.57 -31.24
N LYS L 462 -75.36 -40.75 -32.08
CA LYS L 462 -74.89 -40.57 -33.45
C LYS L 462 -73.50 -39.96 -33.47
N VAL L 463 -73.30 -38.90 -32.68
CA VAL L 463 -71.99 -38.23 -32.70
C VAL L 463 -70.91 -39.16 -32.18
N ALA L 464 -71.21 -39.89 -31.10
CA ALA L 464 -70.22 -40.80 -30.55
C ALA L 464 -69.85 -41.89 -31.55
N ALA L 465 -70.84 -42.40 -32.28
CA ALA L 465 -70.57 -43.44 -33.26
C ALA L 465 -69.59 -42.94 -34.33
N LYS L 466 -69.80 -41.70 -34.81
CA LYS L 466 -68.90 -41.15 -35.82
C LYS L 466 -67.48 -41.01 -35.28
N LEU L 467 -67.33 -40.52 -34.05
CA LEU L 467 -66.00 -40.33 -33.51
C LEU L 467 -65.26 -41.65 -33.43
N LEU L 468 -65.95 -42.71 -32.99
CA LEU L 468 -65.28 -43.99 -32.76
C LEU L 468 -64.89 -44.69 -34.06
N ARG L 469 -65.40 -44.26 -35.20
CA ARG L 469 -65.00 -44.85 -36.47
C ARG L 469 -63.70 -44.29 -37.00
N LYS L 470 -63.21 -43.17 -36.44
CA LYS L 470 -61.97 -42.59 -36.90
C LYS L 470 -60.78 -43.36 -36.34
N ASN L 471 -59.67 -43.28 -37.06
CA ASN L 471 -58.44 -43.89 -36.59
C ASN L 471 -57.99 -43.18 -35.32
N PRO L 472 -57.81 -43.88 -34.20
CA PRO L 472 -57.47 -43.19 -32.96
C PRO L 472 -56.10 -42.55 -33.00
N THR L 473 -55.94 -41.50 -32.22
CA THR L 473 -54.65 -40.89 -31.97
C THR L 473 -54.26 -41.18 -30.53
N TYR L 474 -53.07 -41.73 -30.34
CA TYR L 474 -52.69 -42.36 -29.08
C TYR L 474 -51.37 -41.77 -28.62
N VAL L 475 -51.42 -40.96 -27.57
CA VAL L 475 -50.24 -40.24 -27.07
C VAL L 475 -49.96 -40.70 -25.66
N VAL L 476 -48.70 -41.01 -25.38
CA VAL L 476 -48.24 -41.36 -24.04
C VAL L 476 -47.06 -40.48 -23.70
N TYR L 477 -47.12 -39.82 -22.55
CA TYR L 477 -46.11 -38.87 -22.15
C TYR L 477 -45.67 -39.14 -20.73
N GLY L 478 -44.37 -39.04 -20.47
CA GLY L 478 -43.83 -39.26 -19.16
C GLY L 478 -43.08 -40.57 -19.05
N ASP L 479 -43.55 -41.46 -18.18
CA ASP L 479 -42.98 -42.79 -18.05
C ASP L 479 -43.74 -43.71 -18.99
N THR L 480 -43.17 -43.96 -20.16
CA THR L 480 -43.83 -44.72 -21.22
C THR L 480 -43.36 -46.16 -21.30
N LYS L 481 -42.52 -46.60 -20.38
CA LYS L 481 -41.84 -47.89 -20.52
C LYS L 481 -42.78 -49.08 -20.35
N SER L 482 -44.02 -48.86 -19.92
CA SER L 482 -44.97 -49.94 -19.72
C SER L 482 -46.23 -49.80 -20.56
N ALA L 483 -46.36 -48.72 -21.33
CA ALA L 483 -47.58 -48.50 -22.07
C ALA L 483 -47.79 -49.58 -23.12
N PRO L 484 -49.04 -49.90 -23.46
CA PRO L 484 -49.28 -50.86 -24.55
C PRO L 484 -48.94 -50.26 -25.90
N HIS L 485 -48.77 -51.13 -26.88
CA HIS L 485 -48.46 -50.70 -28.23
C HIS L 485 -49.71 -50.16 -28.92
N TYR L 486 -49.48 -49.42 -30.00
CA TYR L 486 -50.58 -48.78 -30.72
C TYR L 486 -51.53 -49.82 -31.29
N GLU L 487 -50.99 -50.92 -31.82
CA GLU L 487 -51.87 -51.93 -32.41
C GLU L 487 -52.82 -52.52 -31.37
N TYR L 488 -52.43 -52.54 -30.10
CA TYR L 488 -53.34 -52.99 -29.07
C TYR L 488 -54.57 -52.10 -28.98
N VAL L 489 -54.36 -50.78 -29.02
CA VAL L 489 -55.46 -49.84 -28.93
C VAL L 489 -56.38 -49.98 -30.15
N ARG L 490 -55.79 -50.07 -31.33
CA ARG L 490 -56.60 -50.12 -32.55
C ARG L 490 -57.44 -51.39 -32.61
N THR L 491 -56.86 -52.53 -32.22
CA THR L 491 -57.64 -53.76 -32.20
C THR L 491 -58.78 -53.66 -31.19
N ALA L 492 -58.53 -53.05 -30.04
CA ALA L 492 -59.58 -52.89 -29.05
C ALA L 492 -60.73 -52.06 -29.59
N LEU L 493 -60.40 -50.97 -30.30
CA LEU L 493 -61.43 -50.12 -30.88
C LEU L 493 -61.92 -50.62 -32.23
N ALA L 494 -61.24 -51.60 -32.82
CA ALA L 494 -61.65 -52.07 -34.14
C ALA L 494 -63.04 -52.70 -34.09
N SER L 495 -63.42 -53.25 -32.93
CA SER L 495 -64.74 -53.87 -32.83
C SER L 495 -65.86 -52.86 -33.07
N LEU L 496 -65.73 -51.67 -32.52
CA LEU L 496 -66.72 -50.62 -32.72
C LEU L 496 -66.77 -50.20 -34.18
N LYS M 1 22.80 -4.41 47.48
CA LYS M 1 23.85 -3.42 47.34
C LYS M 1 23.33 -2.15 46.66
N ASP M 2 22.06 -2.17 46.25
CA ASP M 2 21.49 -0.96 45.67
C ASP M 2 21.19 0.04 46.79
N PRO M 3 21.22 1.34 46.47
CA PRO M 3 21.08 2.33 47.53
C PRO M 3 19.77 2.17 48.27
N PRO M 4 19.74 2.47 49.57
CA PRO M 4 18.48 2.37 50.31
C PRO M 4 17.36 3.17 49.64
N SER M 5 16.19 2.56 49.58
CA SER M 5 15.05 3.19 48.92
C SER M 5 14.45 4.27 49.83
N PRO M 6 14.12 5.44 49.28
CA PRO M 6 13.59 6.51 50.13
C PRO M 6 12.21 6.15 50.65
N PRO M 7 11.83 6.66 51.81
CA PRO M 7 10.45 6.50 52.27
C PRO M 7 9.49 7.34 51.46
N ASP M 8 8.21 7.01 51.57
CA ASP M 8 7.15 7.68 50.83
C ASP M 8 6.65 8.87 51.63
N TRP M 9 7.18 10.04 51.31
CA TRP M 9 6.77 11.26 52.02
C TRP M 9 5.39 11.70 51.52
N PRO M 10 4.52 12.17 52.41
CA PRO M 10 3.17 12.56 51.98
C PRO M 10 3.09 13.99 51.47
N PHE M 11 3.66 14.22 50.29
CA PHE M 11 3.55 15.52 49.65
C PHE M 11 2.13 15.75 49.17
N TRP M 12 1.71 17.02 49.18
CA TRP M 12 0.33 17.33 48.79
C TRP M 12 0.06 16.92 47.36
N PHE M 13 1.01 17.13 46.45
CA PHE M 13 0.75 16.92 45.05
C PHE M 13 0.66 15.46 44.66
N LYS M 14 0.82 14.53 45.59
CA LYS M 14 0.83 13.12 45.19
C LYS M 14 -0.57 12.60 44.86
N ALA M 15 -1.62 13.21 45.39
CA ALA M 15 -2.96 12.73 45.13
C ALA M 15 -3.43 13.12 43.73
N PHE M 16 -4.46 12.42 43.25
CA PHE M 16 -4.86 12.56 41.85
C PHE M 16 -5.34 13.96 41.53
N SER M 17 -6.05 14.61 42.46
CA SER M 17 -6.68 15.89 42.20
C SER M 17 -5.97 17.04 42.93
N HIS M 18 -4.70 16.87 43.25
CA HIS M 18 -3.95 17.86 44.02
C HIS M 18 -2.91 18.55 43.15
N CYS M 19 -2.70 19.83 43.41
CA CYS M 19 -1.77 20.64 42.66
C CYS M 19 -0.44 20.75 43.40
N HIS M 20 0.50 21.47 42.80
CA HIS M 20 1.71 21.86 43.51
C HIS M 20 1.37 22.96 44.50
N ASP M 21 1.82 22.81 45.73
CA ASP M 21 1.56 23.79 46.78
C ASP M 21 2.41 25.01 46.50
N ILE M 22 1.79 26.07 45.98
CA ILE M 22 2.56 27.25 45.55
C ILE M 22 3.29 27.88 46.72
N PRO M 23 2.69 28.08 47.89
CA PRO M 23 3.46 28.66 49.00
C PRO M 23 4.72 27.88 49.33
N SER M 24 4.66 26.55 49.25
CA SER M 24 5.87 25.75 49.46
C SER M 24 6.84 25.92 48.31
N CYS M 25 6.35 26.04 47.08
CA CYS M 25 7.23 26.29 45.95
C CYS M 25 7.95 27.61 46.10
N ARG M 26 7.27 28.64 46.59
CA ARG M 26 7.93 29.92 46.82
C ARG M 26 9.05 29.77 47.83
N ARG M 27 8.77 29.08 48.94
CA ARG M 27 9.82 28.87 49.93
C ARG M 27 10.94 28.00 49.38
N GLY M 28 10.61 27.06 48.49
CA GLY M 28 11.63 26.21 47.91
C GLY M 28 12.62 27.00 47.07
N TYR M 29 12.13 27.97 46.30
CA TYR M 29 13.03 28.77 45.49
C TYR M 29 13.98 29.60 46.35
N GLU M 30 13.49 30.10 47.48
CA GLU M 30 14.37 30.85 48.38
C GLU M 30 15.52 29.97 48.84
N VAL M 31 15.23 28.72 49.18
CA VAL M 31 16.29 27.81 49.61
C VAL M 31 17.27 27.59 48.47
N TYR M 32 16.76 27.35 47.26
CA TYR M 32 17.64 27.09 46.14
C TYR M 32 18.52 28.29 45.85
N ARG M 33 17.94 29.49 45.85
CA ARG M 33 18.72 30.67 45.51
C ARG M 33 19.82 30.92 46.53
N GLN M 34 19.53 30.73 47.81
CA GLN M 34 20.44 31.12 48.87
C GLN M 34 21.34 29.98 49.36
N VAL M 35 21.03 28.73 49.01
CA VAL M 35 21.81 27.60 49.49
C VAL M 35 22.32 26.77 48.32
N CYS M 36 21.40 26.23 47.53
CA CYS M 36 21.78 25.27 46.51
C CYS M 36 22.49 25.94 45.34
N ALA M 37 22.16 27.20 45.04
CA ALA M 37 22.68 27.83 43.84
C ALA M 37 24.17 28.13 43.92
N THR M 38 24.77 28.09 45.11
CA THR M 38 26.18 28.36 45.23
C THR M 38 27.01 27.33 44.47
N CYS M 39 26.60 26.06 44.52
CA CYS M 39 27.32 24.99 43.86
C CYS M 39 26.58 24.41 42.66
N HIS M 40 25.27 24.39 42.68
CA HIS M 40 24.50 23.74 41.62
C HIS M 40 23.95 24.77 40.63
N ALA M 41 23.63 24.28 39.45
CA ALA M 41 23.04 25.10 38.39
C ALA M 41 21.71 24.50 37.98
N ALA M 42 20.81 25.35 37.50
CA ALA M 42 19.54 24.92 36.92
C ALA M 42 19.51 25.48 35.51
N ARG M 43 20.15 24.76 34.60
CA ARG M 43 20.37 25.28 33.25
C ARG M 43 19.05 25.45 32.50
N PHE M 44 18.13 24.52 32.68
CA PHE M 44 16.91 24.47 31.88
C PHE M 44 15.73 25.15 32.56
N VAL M 45 15.95 25.84 33.67
CA VAL M 45 14.90 26.59 34.35
C VAL M 45 15.12 28.06 34.04
N CYS M 46 14.10 28.72 33.51
CA CYS M 46 14.17 30.12 33.14
C CYS M 46 13.24 30.93 34.03
N PHE M 47 13.56 32.22 34.17
CA PHE M 47 12.77 33.07 35.05
C PHE M 47 11.34 33.19 34.56
N ARG M 48 11.14 33.26 33.25
CA ARG M 48 9.79 33.38 32.74
C ARG M 48 8.91 32.20 33.15
N HIS M 49 9.50 31.06 33.46
CA HIS M 49 8.70 29.91 33.90
C HIS M 49 7.99 30.21 35.21
N MET M 50 8.54 31.10 36.02
CA MET M 50 7.98 31.40 37.32
C MET M 50 6.96 32.52 37.30
N VAL M 51 6.76 33.18 36.16
CA VAL M 51 5.90 34.35 36.12
C VAL M 51 4.45 33.91 36.08
N ASN M 52 3.65 34.44 37.00
CA ASN M 52 2.23 34.14 37.11
C ASN M 52 1.98 32.69 37.49
N THR M 53 3.03 31.95 37.85
CA THR M 53 2.90 30.59 38.36
C THR M 53 3.40 30.48 39.78
N ILE M 54 4.57 31.02 40.08
CA ILE M 54 5.10 31.08 41.42
C ILE M 54 5.13 32.51 41.95
N TYR M 55 5.59 33.45 41.13
CA TYR M 55 5.71 34.84 41.51
C TYR M 55 5.04 35.73 40.48
N PRO M 56 4.60 36.92 40.88
CA PRO M 56 4.10 37.89 39.90
C PRO M 56 5.24 38.42 39.04
N GLU M 57 4.85 39.00 37.90
CA GLU M 57 5.83 39.37 36.88
C GLU M 57 6.84 40.37 37.42
N ASN M 58 6.39 41.39 38.14
CA ASN M 58 7.32 42.39 38.65
C ASN M 58 8.34 41.76 39.59
N ARG M 59 7.89 40.85 40.45
CA ARG M 59 8.81 40.22 41.39
C ARG M 59 9.87 39.40 40.64
N VAL M 60 9.46 38.67 39.60
CA VAL M 60 10.44 37.87 38.87
C VAL M 60 11.44 38.76 38.17
N LYS M 61 11.02 39.94 37.71
CA LYS M 61 11.96 40.86 37.09
C LYS M 61 13.02 41.31 38.09
N GLN M 62 12.63 41.56 39.34
CA GLN M 62 13.61 41.93 40.35
C GLN M 62 14.59 40.80 40.61
N LEU M 63 14.11 39.56 40.67
CA LEU M 63 15.00 38.44 40.91
C LEU M 63 16.00 38.30 39.77
N ALA M 64 15.52 38.35 38.53
CA ALA M 64 16.41 38.22 37.38
C ALA M 64 17.39 39.38 37.33
N ALA M 65 16.93 40.58 37.62
CA ALA M 65 17.80 41.75 37.54
C ALA M 65 18.88 41.74 38.60
N SER M 66 18.75 40.90 39.62
CA SER M 66 19.79 40.81 40.64
C SER M 66 21.07 40.22 40.08
N PHE M 67 20.96 39.31 39.12
CA PHE M 67 22.11 38.62 38.57
C PHE M 67 22.67 39.36 37.36
N ASP M 68 23.92 39.04 37.02
CA ASP M 68 24.60 39.62 35.88
C ASP M 68 24.92 38.53 34.88
N TYR M 69 24.66 38.79 33.61
CA TYR M 69 24.85 37.81 32.55
C TYR M 69 25.79 38.37 31.50
N GLU M 70 26.76 37.56 31.08
CA GLU M 70 27.64 37.95 30.00
C GLU M 70 26.88 37.86 28.69
N ASP M 71 26.76 38.98 28.00
CA ASP M 71 26.04 39.05 26.74
C ASP M 71 26.87 39.80 25.71
N GLY M 72 26.53 39.58 24.44
CA GLY M 72 27.27 40.20 23.36
C GLY M 72 27.02 39.45 22.07
N PRO M 73 27.82 39.73 21.03
CA PRO M 73 28.82 40.79 20.92
C PRO M 73 28.20 42.17 20.72
N ASN M 74 28.91 43.23 21.08
CA ASN M 74 28.44 44.57 20.81
C ASN M 74 28.96 45.02 19.44
N ASP M 75 28.80 46.30 19.12
CA ASP M 75 29.19 46.77 17.79
C ASP M 75 30.69 46.65 17.57
N ARG M 76 31.48 46.74 18.62
CA ARG M 76 32.93 46.59 18.52
C ARG M 76 33.37 45.14 18.64
N GLY M 77 32.44 44.20 18.70
CA GLY M 77 32.78 42.80 18.81
C GLY M 77 33.15 42.36 20.21
N GLU M 78 32.95 43.21 21.21
CA GLU M 78 33.27 42.87 22.59
C GLU M 78 32.06 42.25 23.27
N MET M 79 32.34 41.39 24.25
CA MET M 79 31.29 40.84 25.09
C MET M 79 31.12 41.74 26.30
N PHE M 80 29.88 42.11 26.59
CA PHE M 80 29.56 42.99 27.70
C PHE M 80 28.76 42.22 28.75
N THR M 81 28.45 42.91 29.85
CA THR M 81 27.67 42.35 30.95
C THR M 81 26.41 43.18 31.15
N ARG M 82 25.30 42.51 31.38
CA ARG M 82 24.02 43.16 31.58
C ARG M 82 23.28 42.49 32.72
N PRO M 83 22.32 43.18 33.33
CA PRO M 83 21.44 42.52 34.29
C PRO M 83 20.51 41.54 33.59
N GLY M 84 20.02 40.58 34.35
CA GLY M 84 19.18 39.54 33.79
C GLY M 84 17.81 40.05 33.41
N ASN M 85 17.09 39.21 32.68
CA ASN M 85 15.72 39.48 32.28
C ASN M 85 14.95 38.18 32.30
N LEU M 86 13.66 38.26 31.99
CA LEU M 86 12.81 37.08 32.09
C LEU M 86 13.24 35.97 31.14
N LEU M 87 13.97 36.29 30.09
CA LEU M 87 14.36 35.27 29.11
C LEU M 87 15.60 34.49 29.54
N ASP M 88 16.32 34.95 30.53
CA ASP M 88 17.56 34.29 30.90
C ASP M 88 17.31 33.04 31.73
N PRO M 89 18.20 32.06 31.66
CA PRO M 89 18.11 30.93 32.58
C PRO M 89 18.67 31.29 33.94
N PHE M 90 18.48 30.37 34.88
CA PHE M 90 19.05 30.59 36.20
C PHE M 90 20.57 30.66 36.09
N PRO M 91 21.23 31.51 36.86
CA PRO M 91 22.68 31.65 36.73
C PRO M 91 23.41 30.38 37.12
N SER M 92 24.54 30.14 36.46
CA SER M 92 25.38 29.00 36.77
C SER M 92 26.55 29.44 37.63
N PRO M 93 26.82 28.80 38.76
CA PRO M 93 27.95 29.24 39.59
C PRO M 93 29.30 29.12 38.92
N TYR M 94 29.48 28.15 38.02
CA TYR M 94 30.77 27.90 37.41
C TYR M 94 30.66 27.95 35.89
N PRO M 95 31.72 28.30 35.19
CA PRO M 95 31.64 28.40 33.73
C PRO M 95 31.62 27.05 33.02
N ASN M 96 32.17 26.01 33.64
CA ASN M 96 32.21 24.70 33.00
C ASN M 96 32.41 23.64 34.06
N GLU M 97 32.26 22.38 33.64
CA GLU M 97 32.33 21.28 34.59
C GLU M 97 33.71 21.18 35.23
N GLU M 98 34.77 21.42 34.45
CA GLU M 98 36.12 21.36 35.02
C GLU M 98 36.27 22.36 36.15
N ALA M 99 35.74 23.57 35.97
CA ALA M 99 35.80 24.56 37.05
C ALA M 99 35.02 24.09 38.26
N ALA M 100 33.85 23.49 38.04
CA ALA M 100 33.04 23.00 39.16
C ALA M 100 33.77 21.91 39.91
N ARG M 101 34.39 20.96 39.20
CA ARG M 101 35.10 19.88 39.88
C ARG M 101 36.26 20.42 40.69
N PHE M 102 36.98 21.39 40.16
CA PHE M 102 38.13 21.91 40.88
C PHE M 102 37.72 22.56 42.18
N ALA M 103 36.60 23.28 42.18
CA ALA M 103 36.15 23.96 43.38
C ALA M 103 35.47 23.02 44.37
N ASN M 104 35.18 21.79 43.98
CA ASN M 104 34.47 20.83 44.83
C ASN M 104 35.28 19.55 44.98
N GLN M 105 36.60 19.68 45.06
CA GLN M 105 37.48 18.54 45.31
C GLN M 105 37.23 17.41 44.31
N GLY M 106 37.08 17.78 43.05
CA GLY M 106 36.93 16.79 42.01
C GLY M 106 35.55 16.20 41.85
N ALA M 107 34.59 16.63 42.65
CA ALA M 107 33.21 16.18 42.53
C ALA M 107 32.39 17.22 41.78
N SER M 108 31.57 16.76 40.86
CA SER M 108 30.79 17.66 40.03
C SER M 108 29.37 17.76 40.58
N PRO M 109 28.94 18.92 41.08
CA PRO M 109 27.55 19.06 41.49
C PRO M 109 26.62 19.01 40.30
N PRO M 110 25.74 18.01 40.22
CA PRO M 110 24.92 17.88 39.02
C PRO M 110 23.92 19.02 38.89
N ASP M 111 23.55 19.29 37.65
CA ASP M 111 22.50 20.25 37.37
C ASP M 111 21.18 19.76 37.98
N LEU M 112 20.48 20.67 38.65
CA LEU M 112 19.28 20.30 39.38
C LEU M 112 18.00 20.48 38.58
N SER M 113 18.11 20.69 37.26
CA SER M 113 16.91 20.94 36.47
C SER M 113 15.97 19.75 36.50
N GLN M 114 16.51 18.54 36.39
CA GLN M 114 15.70 17.33 36.36
C GLN M 114 16.05 16.36 37.48
N GLN M 115 16.77 16.80 38.49
CA GLN M 115 17.17 15.88 39.56
C GLN M 115 15.98 15.41 40.39
N ALA M 116 14.87 16.15 40.38
CA ALA M 116 13.71 15.72 41.13
C ALA M 116 13.12 14.43 40.60
N ALA M 117 13.39 14.09 39.34
CA ALA M 117 12.84 12.87 38.74
C ALA M 117 13.94 11.97 38.19
N ALA M 118 15.20 12.23 38.52
CA ALA M 118 16.31 11.49 37.93
C ALA M 118 16.83 10.38 38.83
N HIS M 119 16.20 10.14 39.97
CA HIS M 119 16.64 9.12 40.91
C HIS M 119 15.47 8.20 41.25
N HIS M 120 15.77 6.96 41.59
CA HIS M 120 14.74 6.04 42.04
C HIS M 120 14.17 6.56 43.34
N GLY M 121 12.85 6.78 43.37
CA GLY M 121 12.18 7.47 44.44
C GLY M 121 11.74 8.87 44.10
N GLY M 122 12.31 9.46 43.05
CA GLY M 122 11.87 10.78 42.61
C GLY M 122 11.98 11.82 43.71
N CYS M 123 10.91 12.58 43.89
CA CYS M 123 10.94 13.66 44.87
C CYS M 123 11.31 13.15 46.25
N ASP M 124 10.89 11.94 46.59
CA ASP M 124 11.26 11.37 47.88
C ASP M 124 12.77 11.27 48.03
N TYR M 125 13.49 11.02 46.94
CA TYR M 125 14.94 10.91 47.05
C TYR M 125 15.56 12.23 47.48
N ILE M 126 15.06 13.35 46.97
CA ILE M 126 15.62 14.64 47.34
C ILE M 126 15.37 14.93 48.81
N MET M 127 14.13 14.72 49.26
CA MET M 127 13.81 14.96 50.66
C MET M 127 14.63 14.07 51.58
N SER M 128 14.75 12.79 51.23
CA SER M 128 15.49 11.86 52.06
C SER M 128 16.98 12.16 52.04
N LEU M 129 17.53 12.48 50.87
CA LEU M 129 18.96 12.73 50.78
C LEU M 129 19.37 13.91 51.64
N LEU M 130 18.60 14.99 51.60
CA LEU M 130 18.96 16.17 52.37
C LEU M 130 18.91 15.91 53.86
N THR M 131 18.00 15.06 54.31
CA THR M 131 17.86 14.73 55.71
C THR M 131 18.48 13.38 56.05
N GLY M 132 19.29 12.83 55.15
CA GLY M 132 19.86 11.51 55.37
C GLY M 132 21.29 11.52 55.83
N TYR M 133 21.77 12.64 56.35
CA TYR M 133 23.17 12.81 56.79
C TYR M 133 23.28 12.39 58.24
N ARG M 134 23.86 11.23 58.50
CA ARG M 134 24.07 10.70 59.87
C ARG M 134 25.56 10.55 60.12
N ASP M 135 25.97 10.29 61.36
CA ASP M 135 27.38 10.00 61.68
C ASP M 135 27.76 8.69 61.01
N PRO M 136 29.02 8.46 60.60
CA PRO M 136 29.36 7.25 59.87
C PRO M 136 29.06 5.96 60.65
N PRO M 137 28.77 4.83 59.97
CA PRO M 137 28.56 3.56 60.64
C PRO M 137 29.88 3.11 61.26
N ALA M 138 29.84 2.49 62.43
CA ALA M 138 31.04 1.96 63.10
C ALA M 138 31.84 1.11 62.11
N GLY M 139 33.13 1.35 61.98
CA GLY M 139 34.00 0.56 61.07
C GLY M 139 34.12 1.18 59.70
N VAL M 140 33.45 2.30 59.45
CA VAL M 140 33.53 3.02 58.15
C VAL M 140 34.19 4.37 58.42
N SER M 141 35.38 4.62 57.87
CA SER M 141 36.11 5.90 58.02
C SER M 141 36.14 6.61 56.67
N LEU M 142 35.71 7.87 56.62
CA LEU M 142 35.58 8.59 55.34
C LEU M 142 36.76 9.55 55.16
N ARG M 143 37.43 9.51 54.01
CA ARG M 143 38.51 10.47 53.69
C ARG M 143 37.92 11.87 53.80
N SER M 144 38.72 12.88 54.15
CA SER M 144 38.24 14.27 54.34
C SER M 144 37.50 14.72 53.07
N GLY M 145 36.37 15.39 53.22
CA GLY M 145 35.58 15.90 52.08
C GLY M 145 34.50 14.91 51.69
N LEU M 146 34.40 13.80 52.40
CA LEU M 146 33.34 12.79 52.17
C LEU M 146 32.52 12.71 53.45
N TYR M 147 31.19 12.59 53.35
CA TYR M 147 30.28 12.59 54.52
C TYR M 147 29.35 11.40 54.39
N TYR M 148 28.76 10.90 55.47
CA TYR M 148 27.93 9.69 55.41
C TYR M 148 26.47 10.07 55.15
N ASN M 149 25.88 9.59 54.06
CA ASN M 149 24.45 9.80 53.77
C ASN M 149 23.88 8.42 53.47
N THR M 150 22.84 8.01 54.16
CA THR M 150 22.26 6.67 54.01
C THR M 150 21.70 6.46 52.61
N TYR M 151 21.32 7.51 51.89
CA TYR M 151 20.62 7.36 50.59
C TYR M 151 21.56 7.55 49.38
N PHE M 152 22.66 8.29 49.45
CA PHE M 152 23.58 8.40 48.34
C PHE M 152 24.17 7.03 48.01
N PRO M 153 24.25 6.66 46.74
CA PRO M 153 24.87 5.36 46.41
C PRO M 153 26.29 5.27 46.94
N GLY M 154 26.55 4.22 47.72
CA GLY M 154 27.84 4.01 48.31
C GLY M 154 27.97 4.55 49.71
N GLY M 155 27.15 5.52 50.10
CA GLY M 155 27.14 6.02 51.46
C GLY M 155 27.99 7.25 51.69
N ALA M 156 28.88 7.61 50.77
CA ALA M 156 29.78 8.74 50.95
C ALA M 156 29.54 9.75 49.83
N ILE M 157 29.17 10.97 50.21
CA ILE M 157 28.84 12.02 49.26
C ILE M 157 29.77 13.18 49.50
N SER M 158 30.17 13.85 48.42
CA SER M 158 31.09 14.97 48.49
C SER M 158 30.37 16.28 48.77
N MET M 159 29.06 16.26 48.96
CA MET M 159 28.30 17.45 49.29
C MET M 159 28.32 17.66 50.79
N PRO M 160 28.84 18.78 51.29
CA PRO M 160 28.65 19.10 52.70
C PRO M 160 27.17 19.14 53.02
N PRO M 161 26.79 18.74 54.23
CA PRO M 161 25.41 18.92 54.66
C PRO M 161 24.94 20.34 54.43
N PRO M 162 24.01 20.56 53.50
CA PRO M 162 23.74 21.92 53.05
C PRO M 162 22.76 22.70 53.90
N LEU M 163 21.92 22.02 54.66
CA LEU M 163 20.83 22.67 55.40
C LEU M 163 21.17 22.75 56.88
N ASN M 164 21.10 23.94 57.43
CA ASN M 164 21.29 24.16 58.85
C ASN M 164 20.21 25.10 59.35
N ASP M 165 19.69 24.84 60.55
CA ASP M 165 18.60 25.65 61.07
C ASP M 165 19.02 27.12 61.13
N GLY M 166 18.13 27.99 60.68
CA GLY M 166 18.42 29.41 60.66
C GLY M 166 19.29 29.87 59.53
N ALA M 167 19.53 29.02 58.52
CA ALA M 167 20.37 29.41 57.41
C ALA M 167 19.78 30.60 56.66
N ILE M 168 18.46 30.59 56.45
CA ILE M 168 17.78 31.67 55.76
C ILE M 168 16.56 32.07 56.58
N GLU M 169 16.04 33.24 56.27
CA GLU M 169 14.80 33.74 56.86
C GLU M 169 13.73 33.71 55.79
N TYR M 170 12.69 32.91 56.02
CA TYR M 170 11.59 32.85 55.08
C TYR M 170 10.82 34.17 55.08
N GLU M 171 10.45 34.61 53.88
CA GLU M 171 9.70 35.87 53.76
C GLU M 171 8.34 35.77 54.43
N ASP M 172 7.65 34.65 54.25
CA ASP M 172 6.32 34.49 54.83
C ASP M 172 6.34 34.29 56.33
N GLY M 173 7.51 34.10 56.94
CA GLY M 173 7.61 33.92 58.37
C GLY M 173 7.59 32.49 58.84
N THR M 174 7.54 31.52 57.94
CA THR M 174 7.58 30.13 58.35
C THR M 174 8.87 29.85 59.11
N PRO M 175 8.83 29.12 60.22
CA PRO M 175 10.08 28.79 60.91
C PRO M 175 11.04 28.05 59.99
N ALA M 176 12.29 28.46 60.01
CA ALA M 176 13.31 27.93 59.11
C ALA M 176 14.07 26.84 59.86
N VAL M 177 13.77 25.58 59.53
CA VAL M 177 14.45 24.44 60.12
C VAL M 177 14.86 23.52 58.99
N ALA M 178 15.83 22.66 59.27
CA ALA M 178 16.41 21.84 58.22
C ALA M 178 15.32 21.03 57.50
N SER M 179 14.46 20.39 58.26
CA SER M 179 13.42 19.56 57.64
C SER M 179 12.48 20.40 56.79
N GLN M 180 12.13 21.60 57.27
CA GLN M 180 11.24 22.46 56.50
C GLN M 180 11.90 22.86 55.18
N MET M 181 13.18 23.23 55.22
CA MET M 181 13.86 23.64 54.02
C MET M 181 13.99 22.49 53.03
N ALA M 182 14.25 21.28 53.53
CA ALA M 182 14.31 20.13 52.64
C ALA M 182 12.97 19.87 51.97
N LYS M 183 11.89 20.00 52.73
CA LYS M 183 10.56 19.80 52.15
C LYS M 183 10.27 20.83 51.08
N ASP M 184 10.64 22.09 51.32
CA ASP M 184 10.32 23.14 50.37
C ASP M 184 11.16 23.00 49.10
N VAL M 185 12.46 22.81 49.24
CA VAL M 185 13.31 22.73 48.06
C VAL M 185 12.93 21.51 47.24
N SER M 186 12.58 20.41 47.90
CA SER M 186 12.10 19.24 47.17
C SER M 186 10.85 19.57 46.38
N GLN M 187 9.93 20.32 46.98
CA GLN M 187 8.74 20.75 46.27
C GLN M 187 9.12 21.60 45.06
N PHE M 188 10.00 22.58 45.26
CA PHE M 188 10.34 23.49 44.17
C PHE M 188 11.00 22.74 43.03
N LEU M 189 11.95 21.87 43.33
CA LEU M 189 12.64 21.15 42.27
C LEU M 189 11.70 20.22 41.52
N THR M 190 10.71 19.67 42.21
CA THR M 190 9.70 18.87 41.53
C THR M 190 8.94 19.72 40.53
N TRP M 191 8.57 20.94 40.91
CA TRP M 191 7.89 21.84 39.99
C TRP M 191 8.80 22.18 38.81
N ALA M 192 10.07 22.46 39.08
CA ALA M 192 10.97 22.86 38.01
C ALA M 192 11.10 21.77 36.95
N GLN M 193 11.13 20.51 37.37
CA GLN M 193 11.23 19.41 36.42
C GLN M 193 10.10 19.46 35.41
N ASP M 194 8.87 19.64 35.88
CA ASP M 194 7.68 19.64 35.02
C ASP M 194 6.75 20.75 35.45
N PRO M 195 7.00 21.98 34.99
CA PRO M 195 6.10 23.09 35.35
C PRO M 195 4.68 22.94 34.85
N GLN M 196 4.45 22.13 33.82
CA GLN M 196 3.10 21.85 33.35
C GLN M 196 2.43 20.73 34.11
N HIS M 197 2.91 20.44 35.32
CA HIS M 197 2.34 19.35 36.11
C HIS M 197 0.88 19.62 36.45
N ASP M 198 0.56 20.85 36.87
CA ASP M 198 -0.81 21.15 37.24
C ASP M 198 -1.74 21.10 36.04
N GLU M 199 -1.29 21.61 34.90
CA GLU M 199 -2.11 21.55 33.69
C GLU M 199 -2.38 20.12 33.28
N ARG M 200 -1.38 19.25 33.38
CA ARG M 200 -1.56 17.86 33.02
C ARG M 200 -2.63 17.20 33.87
N LYS M 201 -2.61 17.43 35.18
CA LYS M 201 -3.52 16.72 36.07
C LYS M 201 -4.94 17.27 35.95
N LEU M 202 -5.09 18.57 35.81
CA LEU M 202 -6.43 19.14 35.66
C LEU M 202 -7.09 18.64 34.37
N ILE M 203 -6.34 18.60 33.27
CA ILE M 203 -6.90 18.05 32.04
C ILE M 203 -7.11 16.55 32.16
N GLY M 204 -6.20 15.86 32.84
CA GLY M 204 -6.38 14.44 33.06
C GLY M 204 -7.65 14.15 33.84
N LEU M 205 -7.98 15.00 34.81
CA LEU M 205 -9.19 14.81 35.58
C LEU M 205 -10.43 14.85 34.68
N LYS M 206 -10.47 15.81 33.76
CA LYS M 206 -11.60 15.89 32.85
C LYS M 206 -11.67 14.67 31.92
N MET M 207 -10.53 14.24 31.41
CA MET M 207 -10.52 13.10 30.50
C MET M 207 -10.93 11.83 31.24
N SER M 208 -10.34 11.57 32.41
CA SER M 208 -10.61 10.32 33.10
C SER M 208 -12.08 10.21 33.45
N THR M 209 -12.66 11.27 34.00
CA THR M 209 -14.08 11.23 34.35
C THR M 209 -14.96 11.07 33.12
N ALA M 210 -14.61 11.75 32.03
CA ALA M 210 -15.38 11.61 30.80
C ALA M 210 -15.26 10.22 30.22
N ALA M 211 -14.07 9.61 30.34
CA ALA M 211 -13.90 8.26 29.82
C ALA M 211 -14.79 7.27 30.56
N LEU M 212 -15.05 7.49 31.84
CA LEU M 212 -15.95 6.59 32.55
C LEU M 212 -17.37 6.68 31.99
N VAL M 213 -17.83 7.88 31.68
CA VAL M 213 -19.15 8.02 31.08
C VAL M 213 -19.18 7.39 29.70
N TRP M 214 -18.06 7.50 28.97
CA TRP M 214 -17.96 6.90 27.65
C TRP M 214 -18.00 5.38 27.73
N LEU M 215 -17.45 4.81 28.80
CA LEU M 215 -17.47 3.37 28.98
C LEU M 215 -18.89 2.86 29.20
N PHE M 216 -19.69 3.61 29.94
CA PHE M 216 -21.07 3.21 30.20
C PHE M 216 -21.89 3.20 28.91
N SER M 217 -21.67 4.17 28.03
CA SER M 217 -22.46 4.23 26.82
C SER M 217 -22.14 3.06 25.89
N ILE M 218 -20.86 2.75 25.70
CA ILE M 218 -20.51 1.65 24.81
C ILE M 218 -20.93 0.32 25.43
N SER M 219 -20.95 0.25 26.76
CA SER M 219 -21.41 -0.98 27.41
C SER M 219 -22.89 -1.21 27.17
N VAL M 220 -23.70 -0.17 27.29
CA VAL M 220 -25.12 -0.29 27.00
C VAL M 220 -25.34 -0.70 25.54
N TRP M 221 -24.57 -0.09 24.64
CA TRP M 221 -24.66 -0.46 23.24
C TRP M 221 -24.25 -1.91 23.01
N ASN M 222 -23.16 -2.33 23.65
CA ASN M 222 -22.69 -3.70 23.51
C ASN M 222 -23.72 -4.68 24.05
N ARG M 223 -24.31 -4.39 25.21
CA ARG M 223 -25.33 -5.27 25.75
C ARG M 223 -26.54 -5.35 24.84
N HIS M 224 -26.94 -4.22 24.28
CA HIS M 224 -28.16 -4.19 23.47
C HIS M 224 -28.04 -5.10 22.25
N VAL M 225 -26.96 -4.96 21.49
CA VAL M 225 -26.87 -5.69 20.22
C VAL M 225 -26.66 -7.18 20.47
N TRP M 226 -25.87 -7.53 21.48
CA TRP M 226 -25.58 -8.93 21.73
C TRP M 226 -26.75 -9.68 22.36
N THR M 227 -27.79 -8.98 22.81
CA THR M 227 -28.98 -9.67 23.29
C THR M 227 -29.63 -10.45 22.14
N MET M 228 -29.58 -9.89 20.93
CA MET M 228 -30.09 -10.61 19.78
C MET M 228 -29.43 -11.98 19.63
N ILE M 229 -28.17 -12.09 20.01
CA ILE M 229 -27.40 -13.32 19.79
C ILE M 229 -27.52 -14.27 20.97
N LYS M 230 -27.35 -13.76 22.19
CA LYS M 230 -27.24 -14.63 23.35
C LYS M 230 -28.56 -15.19 23.83
N THR M 231 -29.69 -14.76 23.26
CA THR M 231 -30.98 -15.29 23.66
C THR M 231 -31.66 -16.06 22.54
N ARG M 232 -30.98 -16.29 21.41
CA ARG M 232 -31.59 -17.07 20.35
C ARG M 232 -31.77 -18.52 20.78
N ARG M 233 -32.74 -19.17 20.15
CA ARG M 233 -33.05 -20.56 20.41
C ARG M 233 -33.03 -21.30 19.08
N ILE M 234 -32.14 -22.27 18.95
CA ILE M 234 -32.05 -23.12 17.76
C ILE M 234 -32.58 -24.49 18.14
N ASP M 235 -33.61 -24.95 17.44
CA ASP M 235 -34.24 -26.22 17.71
C ASP M 235 -34.04 -27.15 16.52
N PHE M 236 -34.07 -28.45 16.79
CA PHE M 236 -33.87 -29.47 15.76
C PHE M 236 -35.08 -30.37 15.59
N THR M 237 -35.56 -30.97 16.68
CA THR M 237 -36.75 -31.80 16.67
C THR M 237 -37.85 -31.22 17.55
N LYS M 238 -37.72 -29.95 17.93
CA LYS M 238 -38.59 -29.32 18.90
C LYS M 238 -39.00 -27.96 18.37
N THR M 239 -40.11 -27.43 18.87
CA THR M 239 -40.56 -26.11 18.49
C THR M 239 -41.33 -25.50 19.66
N VAL M 240 -40.91 -24.31 20.07
CA VAL M 240 -41.58 -23.56 21.13
C VAL M 240 -41.66 -22.11 20.70
N TYR M 241 -42.82 -21.51 20.89
CA TYR M 241 -43.03 -20.12 20.50
C TYR M 241 -43.29 -19.23 21.73
N PRO N 1 -10.81 -21.00 4.39
CA PRO N 1 -12.22 -21.35 4.19
C PRO N 1 -12.58 -22.69 4.78
N ASN N 2 -13.87 -23.01 4.81
CA ASN N 2 -14.32 -24.29 5.33
C ASN N 2 -14.01 -25.39 4.33
N THR N 3 -14.42 -26.61 4.66
CA THR N 3 -14.20 -27.74 3.77
C THR N 3 -14.87 -27.49 2.43
N LYS N 4 -14.44 -28.25 1.43
CA LYS N 4 -15.03 -28.10 0.10
C LYS N 4 -16.50 -28.49 0.10
N ARG N 5 -16.85 -29.53 0.85
CA ARG N 5 -18.25 -29.94 0.93
C ARG N 5 -19.10 -28.84 1.56
N ASP N 6 -18.58 -28.19 2.61
CA ASP N 6 -19.34 -27.16 3.29
C ASP N 6 -19.59 -25.96 2.39
N ILE N 7 -18.56 -25.48 1.70
CA ILE N 7 -18.69 -24.25 0.91
C ILE N 7 -19.25 -24.49 -0.47
N ARG N 8 -19.56 -25.73 -0.83
CA ARG N 8 -20.17 -26.01 -2.12
C ARG N 8 -21.57 -25.42 -2.16
N ARG N 9 -21.80 -24.51 -3.08
CA ARG N 9 -23.05 -23.76 -3.13
C ARG N 9 -24.11 -24.51 -3.93
N LEU N 10 -25.36 -24.36 -3.50
CA LEU N 10 -26.49 -24.94 -4.23
C LEU N 10 -26.98 -24.02 -5.33
N GLY N 11 -26.95 -22.70 -5.11
CA GLY N 11 -27.46 -21.77 -6.08
C GLY N 11 -26.43 -21.41 -7.13
N SER N 12 -26.93 -21.05 -8.32
CA SER N 12 -26.09 -20.67 -9.44
C SER N 12 -25.91 -19.17 -9.57
N TYR N 13 -26.49 -18.40 -8.69
CA TYR N 13 -26.27 -16.96 -8.69
C TYR N 13 -24.83 -16.67 -8.26
N PRO N 14 -24.09 -15.84 -8.98
CA PRO N 14 -22.67 -15.66 -8.67
C PRO N 14 -22.46 -14.96 -7.33
N VAL N 15 -21.36 -15.30 -6.67
CA VAL N 15 -21.04 -14.72 -5.38
C VAL N 15 -20.68 -13.25 -5.58
N PRO N 16 -21.36 -12.33 -4.90
CA PRO N 16 -21.03 -10.92 -5.08
C PRO N 16 -19.61 -10.66 -4.62
N PRO N 17 -18.92 -9.70 -5.24
CA PRO N 17 -17.53 -9.45 -4.87
C PRO N 17 -17.34 -8.96 -3.46
N GLU N 18 -18.37 -8.43 -2.82
CA GLU N 18 -18.25 -7.93 -1.45
C GLU N 18 -18.59 -8.98 -0.41
N SER N 19 -18.97 -10.18 -0.84
CA SER N 19 -19.36 -11.26 0.05
C SER N 19 -18.48 -12.49 -0.13
N LYS N 20 -17.29 -12.31 -0.71
CA LYS N 20 -16.41 -13.44 -0.93
C LYS N 20 -16.11 -14.18 0.37
N ASN N 21 -15.64 -13.44 1.37
CA ASN N 21 -15.32 -14.08 2.64
C ASN N 21 -16.56 -14.67 3.29
N PHE N 22 -17.70 -13.98 3.15
CA PHE N 22 -18.92 -14.46 3.80
C PHE N 22 -19.31 -15.85 3.28
N TRP N 23 -19.12 -16.10 2.00
CA TRP N 23 -19.52 -17.38 1.43
C TRP N 23 -18.43 -18.44 1.50
N ARG N 24 -17.21 -18.07 1.87
CA ARG N 24 -16.19 -19.06 2.18
C ARG N 24 -16.37 -19.68 3.55
N GLY N 25 -17.19 -19.08 4.40
CA GLY N 25 -17.51 -19.63 5.69
C GLY N 25 -18.87 -20.32 5.71
N ARG N 26 -19.38 -20.68 4.55
CA ARG N 26 -20.65 -21.39 4.48
C ARG N 26 -20.52 -22.77 5.10
N PHE N 27 -21.65 -23.26 5.62
CA PHE N 27 -21.78 -24.61 6.16
C PHE N 27 -22.94 -25.31 5.48
N GLN N 28 -22.80 -26.61 5.28
CA GLN N 28 -23.87 -27.45 4.73
C GLN N 28 -24.59 -28.09 5.90
N VAL N 29 -25.73 -27.53 6.27
CA VAL N 29 -26.45 -27.97 7.47
C VAL N 29 -27.14 -29.32 7.20
N PRO N 30 -26.82 -30.36 7.96
CA PRO N 30 -27.54 -31.62 7.79
C PRO N 30 -28.77 -31.72 8.66
N GLY N 31 -29.92 -32.06 8.08
CA GLY N 31 -31.12 -32.29 8.84
C GLY N 31 -31.95 -31.06 9.17
N GLY N 32 -31.49 -29.87 8.83
CA GLY N 32 -32.25 -28.67 9.06
C GLY N 32 -32.25 -28.24 10.52
N GLN N 33 -32.63 -26.98 10.74
CA GLN N 33 -32.70 -26.41 12.07
C GLN N 33 -33.68 -25.24 12.05
N ILE N 34 -34.30 -24.99 13.19
CA ILE N 34 -35.21 -23.85 13.37
C ILE N 34 -34.50 -22.82 14.23
N GLN N 35 -34.34 -21.61 13.69
CA GLN N 35 -33.71 -20.51 14.40
C GLN N 35 -34.77 -19.51 14.81
N GLN N 36 -34.76 -19.10 16.07
CA GLN N 36 -35.71 -18.11 16.56
C GLN N 36 -34.99 -17.08 17.40
N GLY N 37 -35.51 -15.86 17.38
CA GLY N 37 -34.93 -14.76 18.12
C GLY N 37 -35.94 -13.63 18.22
N VAL N 38 -35.59 -12.65 19.03
CA VAL N 38 -36.42 -11.46 19.22
C VAL N 38 -35.52 -10.24 19.19
N SER N 39 -36.04 -9.14 18.64
CA SER N 39 -35.23 -7.95 18.52
C SER N 39 -34.82 -7.47 19.92
N PRO N 40 -33.59 -6.98 20.08
CA PRO N 40 -33.19 -6.48 21.39
C PRO N 40 -34.05 -5.35 21.89
N MET N 41 -34.71 -4.62 21.00
CA MET N 41 -35.58 -3.52 21.39
C MET N 41 -36.80 -4.00 22.16
N GLN N 42 -37.09 -5.29 22.18
CA GLN N 42 -38.24 -5.84 22.89
C GLN N 42 -37.80 -6.84 23.95
N GLN N 43 -36.60 -6.69 24.48
CA GLN N 43 -36.04 -7.64 25.43
C GLN N 43 -35.32 -6.91 26.55
N LYS N 44 -35.09 -7.64 27.65
CA LYS N 44 -34.20 -7.16 28.69
C LYS N 44 -32.77 -7.38 28.25
N ILE N 45 -31.96 -6.32 28.28
CA ILE N 45 -30.61 -6.39 27.71
C ILE N 45 -29.51 -6.60 28.74
N PHE N 46 -29.83 -6.55 30.04
CA PHE N 46 -28.82 -6.71 31.07
C PHE N 46 -29.09 -7.86 32.03
N PHE N 47 -30.29 -8.44 32.02
CA PHE N 47 -30.61 -9.47 33.00
C PHE N 47 -29.77 -10.71 32.80
N GLN N 48 -29.49 -11.10 31.56
CA GLN N 48 -28.73 -12.32 31.32
C GLN N 48 -27.37 -12.26 31.99
N TRP N 49 -26.75 -11.09 32.05
CA TRP N 49 -25.49 -10.95 32.76
C TRP N 49 -25.65 -11.33 34.23
N TRP N 50 -26.74 -10.88 34.83
CA TRP N 50 -26.98 -11.16 36.25
C TRP N 50 -27.39 -12.60 36.47
N TRP N 51 -28.22 -13.14 35.57
CA TRP N 51 -28.68 -14.52 35.70
C TRP N 51 -27.52 -15.50 35.63
N ASN N 52 -26.58 -15.26 34.72
CA ASN N 52 -25.45 -16.13 34.50
C ASN N 52 -24.27 -15.83 35.40
N LEU N 53 -24.35 -14.80 36.22
CA LEU N 53 -23.19 -14.33 36.98
C LEU N 53 -22.60 -15.39 37.90
N PRO N 54 -23.37 -16.02 38.78
CA PRO N 54 -22.75 -16.96 39.73
C PRO N 54 -22.17 -18.20 39.07
N THR N 55 -22.88 -18.80 38.12
CA THR N 55 -22.35 -20.00 37.48
C THR N 55 -21.11 -19.67 36.66
N ARG N 56 -21.07 -18.48 36.07
CA ARG N 56 -19.91 -18.08 35.29
C ARG N 56 -18.65 -18.05 36.15
N TYR N 57 -18.75 -17.46 37.34
CA TYR N 57 -17.58 -17.34 38.19
C TYR N 57 -17.24 -18.63 38.89
N PHE N 58 -18.23 -19.48 39.18
CA PHE N 58 -17.92 -20.78 39.79
C PHE N 58 -17.09 -21.64 38.86
N TRP N 59 -17.52 -21.73 37.60
CA TRP N 59 -16.79 -22.57 36.65
C TRP N 59 -15.45 -21.97 36.29
N ARG N 60 -15.35 -20.65 36.29
CA ARG N 60 -14.06 -20.02 36.04
C ARG N 60 -13.06 -20.37 37.12
N PHE N 61 -13.49 -20.31 38.39
CA PHE N 61 -12.55 -20.53 39.48
C PHE N 61 -12.17 -22.00 39.61
N THR N 62 -13.11 -22.91 39.40
CA THR N 62 -12.78 -24.32 39.50
C THR N 62 -11.78 -24.73 38.42
N LYS N 63 -11.87 -24.12 37.24
CA LYS N 63 -10.88 -24.38 36.19
C LYS N 63 -9.53 -23.80 36.56
N TRP N 64 -9.52 -22.59 37.12
CA TRP N 64 -8.26 -21.93 37.46
C TRP N 64 -7.59 -22.56 38.67
N SER N 65 -8.34 -23.33 39.46
CA SER N 65 -7.73 -24.01 40.60
C SER N 65 -6.75 -25.09 40.18
N ASP N 66 -6.80 -25.52 38.91
CA ASP N 66 -5.83 -26.48 38.43
C ASP N 66 -4.41 -25.97 38.55
N PHE N 67 -4.24 -24.65 38.52
CA PHE N 67 -2.93 -24.03 38.60
C PHE N 67 -2.52 -23.72 40.03
N LEU N 68 -3.24 -24.24 41.02
CA LEU N 68 -2.92 -23.95 42.41
C LEU N 68 -1.58 -24.56 42.79
N ILE N 69 -1.40 -25.86 42.54
CA ILE N 69 -0.15 -26.52 42.91
C ILE N 69 1.04 -25.95 42.14
N PRO N 70 0.98 -25.79 40.82
CA PRO N 70 2.12 -25.16 40.15
C PRO N 70 2.47 -23.80 40.72
N SER N 71 1.47 -22.97 40.98
CA SER N 71 1.75 -21.61 41.44
C SER N 71 2.38 -21.63 42.83
N LEU N 72 1.94 -22.54 43.70
CA LEU N 72 2.55 -22.65 45.01
C LEU N 72 3.99 -23.08 44.92
N MET N 73 4.30 -24.02 44.02
CA MET N 73 5.68 -24.45 43.87
C MET N 73 6.56 -23.33 43.36
N TRP N 74 6.09 -22.57 42.37
CA TRP N 74 6.85 -21.42 41.92
C TRP N 74 7.02 -20.41 43.04
N TYR N 75 5.96 -20.18 43.81
CA TYR N 75 6.03 -19.26 44.93
C TYR N 75 6.99 -19.75 45.99
N THR N 76 7.01 -21.06 46.24
CA THR N 76 7.99 -21.63 47.16
C THR N 76 9.41 -21.40 46.65
N GLY N 77 9.61 -21.51 45.34
CA GLY N 77 10.91 -21.19 44.78
C GLY N 77 11.25 -19.71 44.94
N PHE N 78 10.24 -18.85 44.81
CA PHE N 78 10.48 -17.42 44.95
C PHE N 78 10.95 -17.08 46.35
N LEU N 79 10.39 -17.74 47.36
CA LEU N 79 10.77 -17.43 48.74
C LEU N 79 12.16 -17.95 49.06
N MET N 80 12.47 -19.18 48.65
CA MET N 80 13.79 -19.74 48.93
C MET N 80 14.89 -18.86 48.35
N CYS N 81 14.74 -18.45 47.08
CA CYS N 81 15.75 -17.64 46.44
C CYS N 81 15.92 -16.30 47.15
N LYS N 82 14.80 -15.67 47.53
CA LYS N 82 14.87 -14.36 48.17
C LYS N 82 15.64 -14.44 49.48
N ASN N 83 15.43 -15.49 50.26
CA ASN N 83 16.11 -15.63 51.53
C ASN N 83 17.47 -16.30 51.40
N ASP N 84 17.70 -17.05 50.32
CA ASP N 84 19.05 -17.51 50.04
C ASP N 84 19.94 -16.33 49.64
N VAL N 85 19.34 -15.33 48.99
CA VAL N 85 20.10 -14.14 48.59
C VAL N 85 20.48 -13.33 49.82
N GLU N 86 19.56 -13.17 50.77
CA GLU N 86 19.86 -12.39 51.97
C GLU N 86 20.99 -13.02 52.76
N GLU N 87 20.92 -14.33 52.99
CA GLU N 87 21.96 -15.00 53.77
C GLU N 87 23.32 -14.89 53.08
N GLY N 88 23.33 -15.05 51.75
CA GLY N 88 24.60 -14.93 51.04
C GLY N 88 25.21 -13.56 51.19
N THR N 89 24.40 -12.51 51.06
CA THR N 89 24.94 -11.15 51.18
C THR N 89 25.50 -10.91 52.57
N ARG N 90 24.78 -11.32 53.60
CA ARG N 90 25.26 -11.12 54.96
C ARG N 90 26.52 -11.89 55.23
N SER N 91 26.58 -13.15 54.78
CA SER N 91 27.76 -13.96 55.03
C SER N 91 28.99 -13.37 54.33
N ARG N 92 28.82 -12.88 53.11
CA ARG N 92 29.96 -12.37 52.35
C ARG N 92 30.39 -11.00 52.83
N TYR N 93 29.48 -10.18 53.36
CA TYR N 93 29.79 -8.80 53.67
C TYR N 93 29.61 -8.46 55.14
N TRP N 94 28.50 -8.83 55.77
CA TRP N 94 28.25 -8.40 57.13
C TRP N 94 29.24 -9.04 58.10
N TYR N 95 29.56 -8.30 59.15
CA TYR N 95 30.46 -8.79 60.19
C TYR N 95 29.71 -8.94 61.50
N SER O 1 -20.88 -27.93 44.77
CA SER O 1 -19.86 -28.69 45.48
C SER O 1 -18.95 -29.39 44.48
N GLY O 2 -18.02 -30.18 44.98
CA GLY O 2 -17.03 -30.78 44.10
C GLY O 2 -16.04 -29.80 43.55
N PHE O 3 -15.98 -28.58 44.10
CA PHE O 3 -15.11 -27.55 43.56
C PHE O 3 -13.67 -28.06 43.49
N GLY O 4 -13.03 -27.83 42.34
CA GLY O 4 -11.65 -28.20 42.17
C GLY O 4 -11.42 -29.63 41.74
N THR O 5 -12.44 -30.33 41.27
CA THR O 5 -12.30 -31.72 40.86
C THR O 5 -13.06 -31.92 39.56
N SER O 6 -12.97 -33.12 39.00
CA SER O 6 -13.79 -33.48 37.86
C SER O 6 -15.24 -33.66 38.23
N TYR O 7 -15.56 -33.72 39.52
CA TYR O 7 -16.92 -33.83 40.00
C TYR O 7 -17.57 -32.48 40.27
N ALA O 8 -16.91 -31.39 39.91
CA ALA O 8 -17.45 -30.07 40.17
C ALA O 8 -18.83 -29.92 39.51
N HIS O 9 -19.75 -29.33 40.25
CA HIS O 9 -21.10 -29.09 39.76
C HIS O 9 -21.63 -27.84 40.45
N ASP O 10 -22.62 -27.21 39.83
CA ASP O 10 -23.16 -25.98 40.39
C ASP O 10 -23.80 -26.27 41.75
N PRO O 11 -23.49 -25.50 42.79
CA PRO O 11 -24.16 -25.70 44.08
C PRO O 11 -25.65 -25.42 43.97
N LYS O 12 -26.37 -25.76 45.04
CA LYS O 12 -27.82 -25.58 45.04
C LYS O 12 -28.19 -24.11 44.90
N TRP O 13 -27.48 -23.22 45.61
CA TRP O 13 -27.89 -21.83 45.60
C TRP O 13 -27.69 -21.20 44.23
N ILE O 14 -26.74 -21.69 43.45
CA ILE O 14 -26.62 -21.22 42.08
C ILE O 14 -27.77 -21.77 41.24
N GLU O 15 -28.17 -23.01 41.47
CA GLU O 15 -29.32 -23.55 40.75
C GLU O 15 -30.58 -22.76 41.08
N ASP O 16 -30.78 -22.42 42.34
CA ASP O 16 -31.93 -21.59 42.71
C ASP O 16 -31.83 -20.22 42.04
N TRP O 17 -30.62 -19.66 42.01
CA TRP O 17 -30.43 -18.37 41.35
C TRP O 17 -30.91 -18.43 39.90
N MET O 18 -30.50 -19.46 39.16
CA MET O 18 -30.88 -19.56 37.77
C MET O 18 -32.33 -19.98 37.58
N ALA O 19 -33.00 -20.42 38.64
CA ALA O 19 -34.42 -20.71 38.55
C ALA O 19 -35.29 -19.46 38.61
N ARG O 20 -34.73 -18.32 39.02
CA ARG O 20 -35.48 -17.07 39.08
C ARG O 20 -35.32 -16.36 37.75
N LYS O 21 -36.32 -16.50 36.88
CA LYS O 21 -36.25 -15.93 35.55
C LYS O 21 -36.84 -14.52 35.46
N ARG O 22 -37.61 -14.09 36.46
CA ARG O 22 -38.22 -12.77 36.45
C ARG O 22 -39.10 -12.58 35.21
N VAL O 23 -39.86 -13.61 34.85
CA VAL O 23 -40.69 -13.53 33.66
C VAL O 23 -41.85 -12.58 33.91
N GLY O 24 -42.05 -11.65 32.98
CA GLY O 24 -43.17 -10.73 33.09
C GLY O 24 -43.01 -9.67 34.14
N VAL O 25 -41.77 -9.36 34.54
CA VAL O 25 -41.49 -8.36 35.55
C VAL O 25 -40.63 -7.29 34.91
N ASP O 26 -41.03 -6.03 35.09
CA ASP O 26 -40.26 -4.90 34.57
C ASP O 26 -40.27 -3.82 35.65
N ARG O 27 -39.18 -3.72 36.40
CA ARG O 27 -39.08 -2.74 37.47
C ARG O 27 -38.48 -1.43 37.02
N MET O 28 -37.98 -1.34 35.79
CA MET O 28 -37.37 -0.13 35.27
C MET O 28 -38.20 0.51 34.18
N ASP O 29 -39.44 0.07 33.98
CA ASP O 29 -40.25 0.63 32.92
C ASP O 29 -40.56 2.10 33.16
N TRP O 30 -40.67 2.50 34.42
CA TRP O 30 -40.93 3.90 34.73
C TRP O 30 -39.87 4.80 34.13
N PHE O 31 -38.60 4.37 34.18
CA PHE O 31 -37.52 5.20 33.66
C PHE O 31 -37.70 5.47 32.18
N PHE O 32 -37.91 4.42 31.40
CA PHE O 32 -38.09 4.61 29.96
C PHE O 32 -39.37 5.38 29.66
N ARG O 33 -40.43 5.12 30.42
CA ARG O 33 -41.68 5.83 30.20
C ARG O 33 -41.48 7.33 30.39
N ALA O 34 -40.75 7.73 31.44
CA ALA O 34 -40.52 9.14 31.66
C ALA O 34 -39.48 9.71 30.71
N PHE O 35 -38.48 8.91 30.34
CA PHE O 35 -37.48 9.39 29.39
C PHE O 35 -38.11 9.70 28.04
N ASN O 36 -39.07 8.89 27.60
CA ASN O 36 -39.69 9.10 26.30
C ASN O 36 -40.43 10.43 26.23
N ARG O 37 -40.87 10.95 27.38
CA ARG O 37 -41.59 12.21 27.36
C ARG O 37 -40.71 13.40 27.02
N LEU O 38 -39.39 13.24 27.04
CA LEU O 38 -38.50 14.29 26.58
C LEU O 38 -38.55 14.48 25.07
N ARG O 39 -39.17 13.56 24.34
CA ARG O 39 -39.32 13.68 22.89
C ARG O 39 -38.00 13.83 22.18
N LEU O 40 -36.92 13.30 22.75
CA LEU O 40 -35.64 13.37 22.07
C LEU O 40 -35.66 12.58 20.78
N TYR O 41 -36.35 11.44 20.77
CA TYR O 41 -36.39 10.62 19.56
C TYR O 41 -37.16 11.31 18.45
N GLU O 42 -38.33 11.86 18.77
CA GLU O 42 -39.12 12.53 17.74
C GLU O 42 -38.40 13.76 17.20
N LEU O 43 -37.72 14.50 18.06
CA LEU O 43 -37.13 15.77 17.65
C LEU O 43 -35.76 15.57 17.00
N PHE O 44 -34.90 14.76 17.62
CA PHE O 44 -33.49 14.71 17.22
C PHE O 44 -33.08 13.37 16.63
N PHE O 45 -33.29 12.27 17.35
CA PHE O 45 -32.63 11.02 16.97
C PHE O 45 -33.16 10.47 15.65
N LYS O 46 -34.45 10.60 15.39
CA LYS O 46 -35.04 9.89 14.26
C LYS O 46 -34.41 10.32 12.94
N SER O 47 -34.15 11.61 12.75
CA SER O 47 -33.58 12.12 11.51
C SER O 47 -32.07 12.15 11.61
N THR O 48 -31.39 11.58 10.61
CA THR O 48 -29.93 11.51 10.66
C THR O 48 -29.29 12.89 10.76
N PRO O 49 -29.66 13.89 9.96
CA PRO O 49 -29.01 15.21 10.13
C PRO O 49 -29.22 15.79 11.52
N ARG O 50 -30.39 15.60 12.11
CA ARG O 50 -30.60 16.07 13.48
C ARG O 50 -29.86 15.20 14.48
N PHE O 51 -29.71 13.91 14.19
CA PHE O 51 -28.89 13.05 15.04
C PHE O 51 -27.45 13.55 15.09
N TYR O 52 -26.90 13.93 13.93
CA TYR O 52 -25.56 14.49 13.92
C TYR O 52 -25.49 15.79 14.71
N ALA O 53 -26.48 16.66 14.53
CA ALA O 53 -26.47 17.95 15.22
C ALA O 53 -26.51 17.75 16.73
N PHE O 54 -27.25 16.76 17.20
CA PHE O 54 -27.27 16.46 18.63
C PHE O 54 -25.88 16.10 19.12
N MET O 55 -25.18 15.23 18.39
CA MET O 55 -23.84 14.84 18.79
C MET O 55 -22.88 16.02 18.76
N VAL O 56 -22.98 16.87 17.74
CA VAL O 56 -22.06 18.00 17.62
C VAL O 56 -22.39 19.06 18.65
N ILE O 57 -23.63 19.53 18.67
CA ILE O 57 -24.00 20.61 19.58
C ILE O 57 -23.96 20.12 21.02
N GLY O 58 -24.38 18.89 21.25
CA GLY O 58 -24.28 18.33 22.58
C GLY O 58 -22.83 18.22 23.04
N GLY O 59 -21.96 17.75 22.16
CA GLY O 59 -20.55 17.66 22.51
C GLY O 59 -19.95 19.02 22.77
N LEU O 60 -20.36 20.02 22.01
CA LEU O 60 -19.88 21.37 22.24
C LEU O 60 -20.27 21.85 23.63
N LEU O 61 -21.57 21.89 23.91
CA LEU O 61 -22.02 22.35 25.22
C LEU O 61 -21.56 21.42 26.33
N GLY O 62 -21.65 20.11 26.11
CA GLY O 62 -21.24 19.17 27.14
C GLY O 62 -19.78 19.33 27.51
N SER O 63 -18.91 19.46 26.51
CA SER O 63 -17.48 19.59 26.77
C SER O 63 -17.19 20.84 27.58
N TYR O 64 -17.83 21.96 27.24
CA TYR O 64 -17.55 23.19 27.95
C TYR O 64 -17.97 23.09 29.42
N TYR O 65 -19.20 22.65 29.68
CA TYR O 65 -19.67 22.61 31.05
C TYR O 65 -19.04 21.47 31.84
N TRP O 66 -18.65 20.39 31.17
CA TRP O 66 -17.89 19.36 31.85
C TRP O 66 -16.55 19.92 32.34
N SER O 67 -15.88 20.68 31.49
CA SER O 67 -14.65 21.34 31.91
C SER O 67 -14.92 22.34 33.03
N ARG O 68 -16.01 23.08 32.92
CA ARG O 68 -16.33 24.08 33.93
C ARG O 68 -16.57 23.44 35.29
N PHE O 69 -17.27 22.30 35.31
CA PHE O 69 -17.59 21.65 36.58
C PHE O 69 -16.34 21.18 37.30
N TRP O 70 -15.44 20.52 36.59
CA TRP O 70 -14.25 19.98 37.23
C TRP O 70 -13.21 21.03 37.53
N GLU O 71 -13.23 22.17 36.83
CA GLU O 71 -12.38 23.28 37.22
C GLU O 71 -12.78 23.81 38.59
N GLN O 72 -14.09 23.89 38.86
CA GLN O 72 -14.53 24.30 40.18
C GLN O 72 -14.18 23.26 41.23
N TYR O 73 -14.29 21.98 40.88
CA TYR O 73 -13.89 20.93 41.81
C TYR O 73 -12.42 21.06 42.16
N TRP O 74 -11.57 21.33 41.17
CA TRP O 74 -10.15 21.49 41.43
C TRP O 74 -9.89 22.68 42.35
N ILE O 75 -10.60 23.78 42.13
CA ILE O 75 -10.38 24.98 42.92
C ILE O 75 -10.79 24.75 44.36
N ARG O 76 -11.84 23.95 44.59
CA ARG O 76 -12.29 23.71 45.95
C ARG O 76 -11.34 22.78 46.69
N VAL O 77 -10.89 21.71 46.04
CA VAL O 77 -10.03 20.74 46.71
C VAL O 77 -8.72 21.40 47.11
N ASN O 78 -8.12 22.19 46.20
CA ASN O 78 -6.83 22.81 46.43
C ASN O 78 -6.97 24.22 47.01
N LYS O 79 -8.05 24.49 47.73
CA LYS O 79 -8.25 25.81 48.30
C LYS O 79 -7.08 26.17 49.21
N GLY O 80 -6.56 27.38 49.03
CA GLY O 80 -5.46 27.87 49.84
C GLY O 80 -4.09 27.44 49.40
N ARG O 81 -3.98 26.63 48.35
CA ARG O 81 -2.70 26.16 47.87
C ARG O 81 -2.44 26.55 46.42
N LEU O 82 -3.34 27.31 45.80
CA LEU O 82 -3.16 27.77 44.43
C LEU O 82 -2.47 29.12 44.40
N TYR O 83 -1.86 29.43 43.26
CA TYR O 83 -1.18 30.71 43.11
C TYR O 83 -2.15 31.87 43.26
N LYS O 84 -3.36 31.72 42.72
CA LYS O 84 -4.33 32.81 42.81
C LYS O 84 -4.85 33.00 44.22
N ASP O 85 -4.87 31.93 45.02
CA ASP O 85 -5.39 32.00 46.37
C ASP O 85 -4.43 32.64 47.36
N VAL O 86 -3.16 32.80 47.00
CA VAL O 86 -2.16 33.28 47.95
C VAL O 86 -1.42 34.47 47.35
N PRO O 87 -2.01 35.67 47.37
CA PRO O 87 -1.32 36.83 46.81
C PRO O 87 0.02 37.06 47.50
N TYR O 88 1.03 37.33 46.69
CA TYR O 88 2.40 37.41 47.18
C TYR O 88 2.67 38.77 47.79
N VAL O 89 3.33 38.76 48.95
CA VAL O 89 3.69 39.98 49.66
C VAL O 89 5.12 40.31 49.30
N TYR O 90 5.32 41.47 48.69
CA TYR O 90 6.66 41.88 48.31
C TYR O 90 7.50 42.18 49.55
N PRO O 91 8.75 41.73 49.59
CA PRO O 91 9.61 42.06 50.72
C PRO O 91 9.83 43.57 50.80
N PRO O 92 9.92 44.13 52.00
CA PRO O 92 10.07 45.58 52.13
C PRO O 92 11.40 46.09 51.61
N THR P 1 -55.01 9.27 -35.32
CA THR P 1 -53.98 8.61 -34.48
C THR P 1 -52.71 9.42 -34.40
N LEU P 2 -52.43 10.20 -35.45
CA LEU P 2 -51.27 11.10 -35.39
C LEU P 2 -51.35 12.00 -34.17
N ALA P 3 -52.57 12.44 -33.80
CA ALA P 3 -52.72 13.25 -32.61
C ALA P 3 -52.23 12.49 -31.38
N VAL P 4 -52.56 11.21 -31.29
CA VAL P 4 -52.07 10.42 -30.16
C VAL P 4 -50.56 10.38 -30.16
N TYR P 5 -49.95 10.18 -31.34
CA TYR P 5 -48.50 10.15 -31.40
C TYR P 5 -47.91 11.50 -31.02
N HIS P 6 -48.56 12.59 -31.40
CA HIS P 6 -48.08 13.90 -31.00
C HIS P 6 -48.02 14.01 -29.49
N ARG P 7 -49.06 13.57 -28.80
CA ARG P 7 -49.06 13.60 -27.34
C ARG P 7 -47.97 12.71 -26.77
N LEU P 8 -47.80 11.51 -27.33
CA LEU P 8 -46.77 10.61 -26.83
C LEU P 8 -45.38 11.15 -27.11
N TRP P 9 -45.19 11.79 -28.27
CA TRP P 9 -43.90 12.42 -28.51
C TRP P 9 -43.65 13.55 -27.53
N GLY P 10 -44.66 14.37 -27.26
CA GLY P 10 -44.48 15.59 -26.53
C GLY P 10 -44.44 15.46 -25.03
N MET P 11 -44.76 14.29 -24.48
CA MET P 11 -44.82 14.16 -23.04
C MET P 11 -43.45 14.20 -22.40
N THR P 12 -42.37 14.17 -23.19
CA THR P 12 -41.02 14.30 -22.66
C THR P 12 -40.31 15.53 -23.20
N GLU P 13 -41.04 16.47 -23.78
CA GLU P 13 -40.43 17.69 -24.30
C GLU P 13 -39.58 18.38 -23.24
N GLN P 14 -40.08 18.41 -22.01
CA GLN P 14 -39.43 19.18 -20.94
C GLN P 14 -38.52 18.30 -20.09
N PHE P 15 -37.61 17.57 -20.73
CA PHE P 15 -36.72 16.69 -19.99
C PHE P 15 -35.74 17.49 -19.13
N ALA P 16 -35.18 18.56 -19.69
CA ALA P 16 -34.17 19.31 -18.95
C ALA P 16 -34.75 19.93 -17.69
N ALA P 17 -35.97 20.46 -17.77
CA ALA P 17 -36.60 21.03 -16.59
C ALA P 17 -36.91 19.95 -15.56
N ARG P 18 -37.31 18.76 -16.01
CA ARG P 18 -37.64 17.70 -15.07
C ARG P 18 -36.39 17.17 -14.38
N LYS P 19 -35.28 17.05 -15.11
CA LYS P 19 -34.06 16.56 -14.48
C LYS P 19 -33.46 17.60 -13.55
N LYS P 20 -33.62 18.89 -13.88
CA LYS P 20 -33.21 19.94 -12.95
C LYS P 20 -33.99 19.84 -11.66
N TRP P 21 -35.30 19.64 -11.75
CA TRP P 21 -36.12 19.52 -10.56
C TRP P 21 -35.68 18.34 -9.71
N GLY P 22 -35.36 17.21 -10.36
CA GLY P 22 -34.91 16.06 -9.60
C GLY P 22 -33.69 16.36 -8.76
N TRP P 23 -32.69 17.02 -9.34
CA TRP P 23 -31.50 17.35 -8.58
C TRP P 23 -31.79 18.43 -7.54
N ARG P 24 -32.69 19.36 -7.84
CA ARG P 24 -33.06 20.35 -6.85
C ARG P 24 -33.70 19.71 -5.63
N GLN P 25 -34.35 18.55 -5.81
CA GLN P 25 -34.94 17.87 -4.68
C GLN P 25 -33.91 17.07 -3.89
N VAL P 26 -32.86 16.60 -4.55
CA VAL P 26 -31.76 15.98 -3.82
C VAL P 26 -31.03 17.03 -2.99
N TYR P 27 -30.89 18.25 -3.51
CA TYR P 27 -30.21 19.29 -2.76
C TYR P 27 -31.07 19.79 -1.61
N HIS P 28 -32.39 19.79 -1.78
CA HIS P 28 -33.28 20.19 -0.69
C HIS P 28 -33.15 19.24 0.48
N ARG P 29 -33.01 17.94 0.20
CA ARG P 29 -32.88 16.94 1.24
C ARG P 29 -31.53 16.99 1.94
N MET P 30 -30.57 17.74 1.41
CA MET P 30 -29.25 17.82 1.99
C MET P 30 -29.03 19.10 2.80
N LEU P 31 -29.96 20.04 2.75
CA LEU P 31 -29.86 21.30 3.48
C LEU P 31 -29.83 21.09 4.98
N PRO P 32 -30.58 20.14 5.54
CA PRO P 32 -30.54 19.96 6.99
C PRO P 32 -29.16 19.64 7.54
N PHE P 33 -28.27 19.06 6.75
CA PHE P 33 -26.94 18.74 7.24
C PHE P 33 -26.16 19.98 7.64
N GLN P 34 -26.59 21.17 7.24
CA GLN P 34 -25.94 22.39 7.69
C GLN P 34 -26.03 22.57 9.19
N ILE P 35 -27.08 22.05 9.82
CA ILE P 35 -27.29 22.29 11.24
C ILE P 35 -26.12 21.77 12.05
N ALA P 36 -25.48 20.70 11.59
CA ALA P 36 -24.32 20.15 12.29
C ALA P 36 -23.00 20.63 11.71
N LEU P 37 -22.95 20.94 10.41
CA LEU P 37 -21.70 21.34 9.80
C LEU P 37 -21.22 22.69 10.33
N TYR P 38 -22.08 23.69 10.32
CA TYR P 38 -21.63 25.03 10.72
C TYR P 38 -21.17 25.09 12.17
N PRO P 39 -21.93 24.61 13.15
CA PRO P 39 -21.41 24.62 14.52
C PRO P 39 -20.13 23.81 14.68
N SER P 40 -19.97 22.71 13.96
CA SER P 40 -18.73 21.95 14.08
C SER P 40 -17.55 22.78 13.59
N LEU P 41 -17.72 23.54 12.52
CA LEU P 41 -16.65 24.41 12.05
C LEU P 41 -16.27 25.44 13.11
N MET P 42 -17.26 26.18 13.62
CA MET P 42 -16.97 27.19 14.62
C MET P 42 -16.41 26.55 15.89
N TRP P 43 -16.78 25.31 16.15
CA TRP P 43 -16.24 24.60 17.31
C TRP P 43 -14.75 24.37 17.15
N TYR P 44 -14.31 23.97 15.95
CA TYR P 44 -12.89 23.73 15.70
C TYR P 44 -12.11 25.03 15.52
N LEU P 45 -12.76 26.08 15.03
CA LEU P 45 -12.08 27.35 14.75
C LEU P 45 -12.25 28.36 15.86
N PHE P 46 -12.80 27.95 17.01
CA PHE P 46 -13.07 28.90 18.08
C PHE P 46 -11.81 29.58 18.56
N GLY P 47 -10.73 28.82 18.76
CA GLY P 47 -9.49 29.39 19.25
C GLY P 47 -8.86 30.39 18.30
N TRP P 48 -9.30 30.40 17.04
CA TRP P 48 -8.72 31.33 16.06
C TRP P 48 -9.22 32.76 16.26
N PHE P 49 -10.46 32.93 16.71
CA PHE P 49 -11.04 34.26 16.81
C PHE P 49 -10.45 35.03 17.99
N ASP P 50 -10.58 36.35 17.93
CA ASP P 50 -10.17 37.19 19.04
C ASP P 50 -11.16 37.07 20.19
N ASP P 51 -10.70 37.43 21.38
CA ASP P 51 -11.53 37.30 22.58
C ASP P 51 -12.87 38.03 22.43
N PRO P 52 -12.91 39.30 22.01
CA PRO P 52 -14.22 39.96 21.89
C PRO P 52 -15.16 39.24 20.94
N TYR P 53 -14.64 38.59 19.90
CA TYR P 53 -15.50 37.81 19.02
C TYR P 53 -15.89 36.47 19.64
N LYS P 54 -15.02 35.90 20.47
CA LYS P 54 -15.43 34.71 21.22
C LYS P 54 -16.62 35.03 22.12
N GLU P 55 -16.59 36.17 22.79
CA GLU P 55 -17.66 36.53 23.69
C GLU P 55 -18.96 36.77 22.94
N ALA P 56 -18.90 37.52 21.83
CA ALA P 56 -20.10 37.78 21.06
C ALA P 56 -20.66 36.51 20.43
N MET P 57 -19.78 35.67 19.91
CA MET P 57 -20.23 34.46 19.22
C MET P 57 -20.97 33.52 20.16
N THR P 58 -20.66 33.55 21.45
CA THR P 58 -21.31 32.71 22.45
C THR P 58 -22.36 33.48 23.25
N LEU P 59 -22.74 34.67 22.80
CA LEU P 59 -23.72 35.49 23.50
C LEU P 59 -23.28 35.84 24.91
N GLY P 60 -21.97 36.00 25.11
CA GLY P 60 -21.45 36.40 26.39
C GLY P 60 -21.27 35.28 27.38
N ILE P 61 -21.65 34.05 27.05
CA ILE P 61 -21.42 32.94 27.96
C ILE P 61 -19.93 32.75 28.20
N TRP P 62 -19.14 32.78 27.14
CA TRP P 62 -17.71 32.71 27.26
C TRP P 62 -17.13 34.11 27.38
N ASN P 63 -16.17 34.27 28.28
CA ASN P 63 -15.43 35.51 28.41
C ASN P 63 -14.07 35.18 28.99
N VAL P 64 -13.27 36.21 29.26
CA VAL P 64 -11.91 35.97 29.74
C VAL P 64 -11.92 35.26 31.08
N SER P 65 -12.93 35.53 31.91
CA SER P 65 -13.00 34.87 33.21
C SER P 65 -13.21 33.37 33.07
N LYS P 66 -13.67 32.91 31.92
CA LYS P 66 -13.94 31.50 31.70
C LYS P 66 -12.72 30.73 31.21
N ARG P 67 -11.61 31.40 30.99
CA ARG P 67 -10.39 30.68 30.60
C ARG P 67 -9.92 29.81 31.75
N SER P 68 -9.27 28.70 31.41
CA SER P 68 -8.95 27.69 32.40
C SER P 68 -8.03 28.25 33.46
N LEU P 69 -8.08 27.64 34.64
CA LEU P 69 -7.22 28.05 35.74
C LEU P 69 -5.76 28.02 35.34
N TYR P 70 -5.38 27.12 34.45
CA TYR P 70 -4.02 27.02 33.95
C TYR P 70 -4.09 27.23 32.44
N PHE P 71 -4.06 28.49 32.04
CA PHE P 71 -4.17 28.85 30.63
C PHE P 71 -2.93 28.38 29.88
N TRP P 72 -3.14 28.00 28.61
CA TRP P 72 -2.00 27.50 27.84
C TRP P 72 -0.88 28.53 27.76
N ASP P 73 -1.20 29.80 27.88
CA ASP P 73 -0.19 30.83 28.11
C ASP P 73 -0.20 31.17 29.59
N PRO P 74 0.66 30.54 30.40
CA PRO P 74 0.54 30.72 31.85
C PRO P 74 0.68 32.16 32.29
N LEU P 75 1.36 33.01 31.52
CA LEU P 75 1.46 34.41 31.88
C LEU P 75 0.14 35.15 31.74
N ARG P 76 -0.87 34.55 31.11
CA ARG P 76 -2.16 35.18 30.93
C ARG P 76 -3.27 34.44 31.64
N SER P 77 -2.94 33.51 32.55
CA SER P 77 -3.95 32.91 33.39
C SER P 77 -4.54 33.95 34.31
N GLY P 78 -5.87 33.99 34.39
CA GLY P 78 -6.53 34.99 35.20
C GLY P 78 -6.63 36.35 34.58
N GLY P 79 -6.30 36.50 33.31
CA GLY P 79 -6.37 37.77 32.62
C GLY P 79 -5.08 38.06 31.86
N ASP P 80 -5.16 39.09 31.02
CA ASP P 80 -4.01 39.45 30.22
C ASP P 80 -2.87 39.98 31.08
N LYS P 81 -3.19 40.56 32.25
CA LYS P 81 -2.18 41.06 33.15
C LYS P 81 -1.94 40.13 34.34
N GLY P 82 -2.39 38.88 34.26
CA GLY P 82 -2.19 37.94 35.33
C GLY P 82 -3.22 38.10 36.44
N TRP P 83 -3.09 37.27 37.47
CA TRP P 83 -4.03 37.31 38.58
C TRP P 83 -3.94 38.63 39.34
N TYR P 84 -2.73 39.09 39.61
CA TYR P 84 -2.57 40.34 40.34
C TYR P 84 -1.24 41.02 40.07
N PHE Q 1 -11.60 0.89 -3.34
CA PHE Q 1 -11.36 -0.10 -2.26
C PHE Q 1 -12.50 -0.08 -1.24
N ILE Q 2 -13.66 0.42 -1.65
CA ILE Q 2 -14.81 0.39 -0.76
C ILE Q 2 -15.49 -0.97 -0.77
N LEU Q 3 -15.25 -1.77 -1.80
CA LEU Q 3 -15.74 -3.14 -1.82
C LEU Q 3 -14.81 -4.09 -1.13
N ILE Q 4 -13.55 -3.71 -0.95
CA ILE Q 4 -12.64 -4.50 -0.13
C ILE Q 4 -12.89 -4.24 1.35
N ILE Q 5 -13.16 -2.98 1.69
CA ILE Q 5 -13.54 -2.65 3.07
C ILE Q 5 -14.82 -3.36 3.45
N LYS Q 6 -15.79 -3.42 2.52
CA LYS Q 6 -17.07 -4.04 2.84
C LYS Q 6 -16.94 -5.54 3.01
N ASP Q 7 -15.95 -6.15 2.36
CA ASP Q 7 -15.79 -7.60 2.44
C ASP Q 7 -14.99 -8.03 3.65
N ASN Q 8 -14.28 -7.09 4.29
CA ASN Q 8 -13.43 -7.41 5.42
C ASN Q 8 -13.86 -6.73 6.71
N ILE Q 9 -14.88 -5.87 6.67
CA ILE Q 9 -15.38 -5.24 7.89
C ILE Q 9 -16.88 -5.44 8.02
N ILE Q 10 -17.62 -5.20 6.94
CA ILE Q 10 -19.07 -5.19 7.04
C ILE Q 10 -19.64 -6.61 6.96
N LEU Q 11 -19.22 -7.37 5.96
CA LEU Q 11 -19.70 -8.73 5.77
C LEU Q 11 -18.65 -9.77 6.13
N TYR Q 12 -17.81 -9.46 7.11
CA TYR Q 12 -16.83 -10.41 7.63
C TYR Q 12 -17.46 -11.17 8.79
N ASN Q 13 -17.43 -12.49 8.71
CA ASN Q 13 -18.09 -13.37 9.66
C ASN Q 13 -17.10 -13.92 10.68
N ILE Q 14 -17.49 -13.90 11.95
CA ILE Q 14 -16.68 -14.46 13.03
C ILE Q 14 -17.60 -15.24 13.95
N ASN Q 15 -17.04 -16.24 14.63
CA ASN Q 15 -17.82 -17.02 15.57
C ASN Q 15 -18.34 -16.15 16.71
N ASP Q 16 -19.51 -16.52 17.24
CA ASP Q 16 -20.09 -15.81 18.36
C ASP Q 16 -19.45 -16.15 19.70
N SER Q 17 -18.77 -17.27 19.78
CA SER Q 17 -18.33 -17.80 21.06
C SER Q 17 -16.98 -17.25 21.52
N ILE Q 18 -16.36 -16.35 20.77
CA ILE Q 18 -15.04 -15.84 21.16
C ILE Q 18 -15.16 -15.01 22.43
N ASN Q 19 -14.07 -14.94 23.18
CA ASN Q 19 -14.00 -14.19 24.43
C ASN Q 19 -13.47 -12.79 24.17
N TYR Q 20 -13.23 -12.03 25.25
CA TYR Q 20 -12.55 -10.75 25.13
C TYR Q 20 -11.08 -10.90 24.82
N LEU Q 21 -10.52 -12.09 24.95
CA LEU Q 21 -9.13 -12.31 24.57
C LEU Q 21 -8.94 -12.20 23.07
N TRP Q 22 -10.02 -12.30 22.30
CA TRP Q 22 -9.95 -12.08 20.86
C TRP Q 22 -10.02 -10.61 20.50
N ASN Q 23 -10.18 -9.73 21.47
CA ASN Q 23 -10.17 -8.30 21.22
C ASN Q 23 -8.77 -7.69 21.29
N ILE Q 24 -7.77 -8.46 21.72
CA ILE Q 24 -6.44 -7.91 21.90
C ILE Q 24 -5.87 -7.42 20.58
N GLY Q 25 -6.03 -8.21 19.52
CA GLY Q 25 -5.49 -7.81 18.23
C GLY Q 25 -5.98 -6.46 17.77
N TYR Q 26 -7.28 -6.20 17.93
CA TYR Q 26 -7.82 -4.91 17.55
C TYR Q 26 -7.17 -3.78 18.35
N ILE Q 27 -6.93 -4.01 19.63
CA ILE Q 27 -6.28 -2.99 20.45
C ILE Q 27 -4.87 -2.71 19.95
N ILE Q 28 -4.15 -3.75 19.53
CA ILE Q 28 -2.80 -3.53 19.02
C ILE Q 28 -2.84 -2.63 17.79
N MET Q 29 -3.81 -2.86 16.91
CA MET Q 29 -3.86 -2.09 15.67
C MET Q 29 -4.13 -0.62 15.94
N VAL Q 30 -4.98 -0.33 16.92
CA VAL Q 30 -5.36 1.04 17.20
C VAL Q 30 -4.24 1.79 17.90
N VAL Q 31 -3.64 1.16 18.91
CA VAL Q 31 -2.56 1.83 19.63
C VAL Q 31 -1.35 1.99 18.74
N MET Q 32 -1.15 1.08 17.79
CA MET Q 32 -0.05 1.22 16.84
C MET Q 32 -0.22 2.49 16.01
N ILE Q 33 -1.44 2.75 15.55
CA ILE Q 33 -1.69 3.96 14.77
C ILE Q 33 -1.36 5.19 15.61
N VAL Q 34 -1.78 5.18 16.88
CA VAL Q 34 -1.53 6.34 17.75
C VAL Q 34 -0.04 6.57 17.92
N GLN Q 35 0.73 5.50 18.07
CA GLN Q 35 2.17 5.64 18.27
C GLN Q 35 2.84 6.24 17.04
N VAL Q 36 2.39 5.86 15.85
CA VAL Q 36 2.94 6.45 14.64
C VAL Q 36 2.57 7.91 14.53
N ILE Q 37 1.31 8.25 14.84
CA ILE Q 37 0.87 9.63 14.70
C ILE Q 37 1.58 10.54 15.69
N THR Q 38 1.64 10.13 16.96
CA THR Q 38 2.31 10.96 17.95
C THR Q 38 3.80 11.07 17.68
N GLY Q 39 4.39 10.05 17.08
CA GLY Q 39 5.80 10.15 16.71
C GLY Q 39 6.03 11.21 15.64
N ILE Q 40 5.20 11.20 14.60
CA ILE Q 40 5.36 12.19 13.54
C ILE Q 40 5.21 13.60 14.10
N ILE Q 41 4.21 13.81 14.96
CA ILE Q 41 4.00 15.13 15.53
C ILE Q 41 5.17 15.52 16.41
N ILE Q 42 5.69 14.58 17.21
CA ILE Q 42 6.79 14.90 18.10
C ILE Q 42 8.01 15.33 17.30
N ASN Q 43 8.19 14.79 16.11
CA ASN Q 43 9.36 15.14 15.32
C ASN Q 43 9.26 16.53 14.72
N LEU Q 44 8.09 17.18 14.78
CA LEU Q 44 7.99 18.56 14.36
C LEU Q 44 8.72 19.50 15.29
N TYR Q 45 9.03 19.04 16.51
CA TYR Q 45 9.65 19.88 17.51
C TYR Q 45 10.96 19.31 18.03
N MET Q 46 11.25 18.04 17.76
CA MET Q 46 12.37 17.36 18.38
C MET Q 46 13.70 17.80 17.77
N ASN Q 47 14.73 17.81 18.60
CA ASN Q 47 16.08 18.16 18.19
C ASN Q 47 16.95 16.91 18.25
N ILE Q 48 17.44 16.47 17.10
CA ILE Q 48 18.23 15.25 17.06
C ILE Q 48 19.68 15.49 17.47
N ASN Q 49 20.14 16.73 17.44
CA ASN Q 49 21.52 17.01 17.87
C ASN Q 49 21.67 16.86 19.37
N ASN Q 50 20.59 17.04 20.13
CA ASN Q 50 20.65 16.83 21.58
C ASN Q 50 19.26 16.37 22.01
N GLY Q 51 19.06 15.06 22.04
CA GLY Q 51 17.77 14.54 22.44
C GLY Q 51 17.40 14.89 23.86
N TYR Q 52 18.40 15.09 24.72
CA TYR Q 52 18.14 15.45 26.10
C TYR Q 52 17.46 16.81 26.18
N LYS Q 53 17.96 17.79 25.44
CA LYS Q 53 17.39 19.13 25.47
C LYS Q 53 16.12 19.24 24.65
N GLY Q 54 15.92 18.35 23.67
CA GLY Q 54 14.68 18.36 22.93
C GLY Q 54 13.49 17.97 23.78
N ILE Q 55 13.64 16.93 24.60
CA ILE Q 55 12.53 16.50 25.45
C ILE Q 55 12.15 17.60 26.42
N ILE Q 56 13.13 18.25 27.02
CA ILE Q 56 12.83 19.37 27.92
C ILE Q 56 12.08 20.46 27.18
N TYR Q 57 12.52 20.77 25.96
CA TYR Q 57 11.88 21.82 25.18
C TYR Q 57 10.43 21.47 24.87
N ILE Q 58 10.16 20.21 24.54
CA ILE Q 58 8.80 19.82 24.22
C ILE Q 58 7.92 19.90 25.46
N ILE Q 59 8.43 19.43 26.60
CA ILE Q 59 7.61 19.36 27.81
C ILE Q 59 7.28 20.74 28.34
N LYS Q 60 8.22 21.68 28.23
CA LYS Q 60 8.05 23.00 28.84
C LYS Q 60 7.52 24.05 27.87
N GLU Q 61 8.01 24.10 26.63
CA GLU Q 61 7.74 25.23 25.75
C GLU Q 61 6.60 24.99 24.78
N ILE Q 62 6.41 23.78 24.32
CA ILE Q 62 5.36 23.50 23.34
C ILE Q 62 4.02 23.40 24.06
N TYR Q 63 2.98 23.95 23.44
CA TYR Q 63 1.65 23.89 24.05
C TYR Q 63 1.12 22.48 23.95
N TYR Q 64 0.84 21.88 25.11
CA TYR Q 64 0.39 20.50 25.18
C TYR Q 64 1.44 19.54 24.65
N GLY Q 65 2.70 19.94 24.70
CA GLY Q 65 3.78 19.04 24.31
C GLY Q 65 4.05 17.96 25.31
N TYR Q 66 3.65 18.16 26.56
CA TYR Q 66 3.78 17.09 27.54
C TYR Q 66 2.90 15.90 27.16
N ILE Q 67 1.74 16.15 26.56
CA ILE Q 67 0.87 15.06 26.16
C ILE Q 67 1.56 14.20 25.11
N LEU Q 68 2.19 14.84 24.14
CA LEU Q 68 2.90 14.08 23.10
C LEU Q 68 4.05 13.29 23.70
N ARG Q 69 4.80 13.89 24.61
CA ARG Q 69 5.96 13.22 25.18
C ARG Q 69 5.54 12.00 25.98
N TYR Q 70 4.55 12.15 26.85
CA TYR Q 70 4.16 11.05 27.73
C TYR Q 70 3.36 10.00 27.00
N ILE Q 71 2.52 10.39 26.04
CA ILE Q 71 1.77 9.40 25.27
C ILE Q 71 2.73 8.49 24.52
N HIS Q 72 3.74 9.09 23.87
CA HIS Q 72 4.65 8.28 23.07
C HIS Q 72 5.43 7.32 23.96
N ASN Q 73 5.89 7.78 25.12
CA ASN Q 73 6.61 6.89 26.02
C ASN Q 73 5.68 5.85 26.63
N ASN Q 74 4.52 6.27 27.12
CA ASN Q 74 3.63 5.34 27.80
C ASN Q 74 2.92 4.42 26.83
N ASN Q 75 2.59 4.90 25.65
CA ASN Q 75 1.91 4.04 24.68
C ASN Q 75 2.83 2.97 24.16
N SER Q 76 4.15 3.20 24.18
CA SER Q 76 5.06 2.13 23.82
C SER Q 76 5.01 1.00 24.84
N THR Q 77 4.90 1.34 26.12
CA THR Q 77 4.69 0.33 27.14
C THR Q 77 3.40 -0.43 26.90
N LEU Q 78 2.34 0.28 26.50
CA LEU Q 78 1.08 -0.39 26.24
C LEU Q 78 1.16 -1.27 25.01
N ILE Q 79 1.95 -0.88 24.01
CA ILE Q 79 2.09 -1.69 22.81
C ILE Q 79 2.70 -3.04 23.16
N TYR Q 80 3.69 -3.05 24.04
CA TYR Q 80 4.35 -4.30 24.40
C TYR Q 80 3.49 -5.14 25.33
N VAL Q 81 2.76 -4.50 26.24
CA VAL Q 81 1.87 -5.25 27.12
C VAL Q 81 0.82 -5.97 26.29
N VAL Q 82 0.19 -5.26 25.36
CA VAL Q 82 -0.88 -5.85 24.59
C VAL Q 82 -0.33 -6.91 23.65
N VAL Q 83 0.83 -6.66 23.06
CA VAL Q 83 1.41 -7.64 22.14
C VAL Q 83 1.83 -8.89 22.90
N TYR Q 84 2.48 -8.74 24.05
CA TYR Q 84 2.87 -9.91 24.83
C TYR Q 84 1.65 -10.69 25.30
N LEU Q 85 0.59 -10.00 25.71
CA LEU Q 85 -0.63 -10.69 26.09
C LEU Q 85 -1.23 -11.45 24.91
N HIS Q 86 -1.12 -10.86 23.71
CA HIS Q 86 -1.58 -11.55 22.51
C HIS Q 86 -0.75 -12.81 22.25
N ILE Q 87 0.55 -12.73 22.49
CA ILE Q 87 1.40 -13.90 22.34
C ILE Q 87 1.00 -14.97 23.36
N ILE Q 88 0.78 -14.57 24.61
CA ILE Q 88 0.36 -15.54 25.63
C ILE Q 88 -0.98 -16.16 25.24
N ARG Q 89 -1.88 -15.36 24.72
CA ARG Q 89 -3.17 -15.86 24.26
C ARG Q 89 -3.00 -16.93 23.19
N ASN Q 90 -2.16 -16.64 22.20
CA ASN Q 90 -1.95 -17.59 21.11
C ASN Q 90 -1.31 -18.87 21.61
N LEU Q 91 -0.41 -18.76 22.58
CA LEU Q 91 0.22 -19.95 23.15
C LEU Q 91 -0.79 -20.81 23.91
N TYR Q 92 -1.71 -20.17 24.62
CA TYR Q 92 -2.66 -20.90 25.45
C TYR Q 92 -3.61 -21.75 24.62
N TYR Q 93 -4.20 -21.16 23.59
CA TYR Q 93 -5.12 -21.87 22.72
C TYR Q 93 -4.42 -22.61 21.59
N LYS Q 94 -3.10 -22.51 21.50
CA LYS Q 94 -2.34 -23.20 20.47
C LYS Q 94 -2.90 -22.88 19.09
N THR Q 95 -3.15 -21.59 18.85
CA THR Q 95 -3.63 -21.15 17.56
C THR Q 95 -2.61 -21.37 16.45
N TYR Q 96 -1.35 -21.59 16.81
CA TYR Q 96 -0.31 -21.85 15.82
C TYR Q 96 -0.42 -23.23 15.20
N TYR Q 97 -1.25 -24.11 15.75
CA TYR Q 97 -1.26 -25.49 15.29
C TYR Q 97 -1.69 -25.59 13.84
N TYR Q 98 -2.77 -24.91 13.47
CA TYR Q 98 -3.24 -24.90 12.10
C TYR Q 98 -3.02 -23.57 11.40
N ASN Q 99 -3.07 -22.47 12.12
CA ASN Q 99 -2.87 -21.15 11.52
C ASN Q 99 -1.42 -20.71 11.68
N ILE Q 100 -0.50 -21.53 11.19
CA ILE Q 100 0.91 -21.23 11.37
C ILE Q 100 1.30 -20.00 10.55
N LEU Q 101 0.72 -19.85 9.37
CA LEU Q 101 1.02 -18.67 8.56
C LEU Q 101 0.67 -17.39 9.30
N ILE Q 102 -0.42 -17.40 10.07
CA ILE Q 102 -0.73 -16.25 10.90
C ILE Q 102 0.36 -16.07 11.96
N TRP Q 103 0.83 -17.17 12.54
CA TRP Q 103 1.88 -17.09 13.54
C TRP Q 103 3.17 -16.56 12.96
N TYR Q 104 3.51 -16.99 11.74
CA TYR Q 104 4.73 -16.49 11.11
C TYR Q 104 4.63 -15.01 10.79
N SER Q 105 3.50 -14.57 10.24
CA SER Q 105 3.34 -13.15 9.96
C SER Q 105 3.44 -12.33 11.23
N GLY Q 106 2.89 -12.84 12.32
CA GLY Q 106 2.99 -12.12 13.58
C GLY Q 106 4.41 -12.02 14.08
N MET Q 107 5.17 -13.12 14.01
CA MET Q 107 6.52 -13.11 14.56
C MET Q 107 7.39 -12.08 13.85
N ILE Q 108 7.19 -11.90 12.54
CA ILE Q 108 7.92 -10.86 11.84
C ILE Q 108 7.66 -9.49 12.47
N MET Q 109 6.40 -9.19 12.76
CA MET Q 109 6.09 -7.93 13.41
C MET Q 109 6.70 -7.86 14.80
N LEU Q 110 6.81 -8.99 15.50
CA LEU Q 110 7.49 -9.00 16.77
C LEU Q 110 8.96 -8.66 16.61
N TYR Q 111 9.62 -9.24 15.61
CA TYR Q 111 11.03 -8.95 15.41
C TYR Q 111 11.26 -7.49 15.09
N GLN Q 112 10.41 -6.92 14.23
CA GLN Q 112 10.53 -5.51 13.91
C GLN Q 112 10.30 -4.63 15.12
N LEU Q 113 9.29 -4.97 15.93
CA LEU Q 113 8.97 -4.16 17.09
C LEU Q 113 10.14 -4.09 18.05
N ILE Q 114 10.85 -5.20 18.23
CA ILE Q 114 12.00 -5.22 19.13
C ILE Q 114 13.02 -4.17 18.71
N ILE Q 115 13.31 -4.10 17.41
CA ILE Q 115 14.27 -3.12 16.93
C ILE Q 115 13.72 -1.71 17.08
N ILE Q 116 12.44 -1.52 16.76
CA ILE Q 116 11.85 -0.18 16.84
C ILE Q 116 11.96 0.35 18.25
N GLY Q 117 11.53 -0.44 19.23
CA GLY Q 117 11.49 0.05 20.59
C GLY Q 117 12.85 0.36 21.14
N PHE Q 118 13.85 -0.46 20.82
CA PHE Q 118 15.17 -0.27 21.40
C PHE Q 118 15.80 1.01 20.90
N ILE Q 119 15.79 1.22 19.59
CA ILE Q 119 16.41 2.43 19.04
C ILE Q 119 15.71 3.67 19.58
N GLY Q 120 14.37 3.62 19.66
CA GLY Q 120 13.65 4.75 20.21
C GLY Q 120 14.10 5.09 21.62
N TYR Q 121 14.34 4.07 22.44
CA TYR Q 121 14.87 4.30 23.78
C TYR Q 121 16.19 5.05 23.71
N ILE Q 122 17.02 4.76 22.72
CA ILE Q 122 18.30 5.44 22.59
C ILE Q 122 18.09 6.91 22.26
N LEU Q 123 17.03 7.25 21.51
CA LEU Q 123 16.81 8.62 21.10
C LEU Q 123 16.58 9.56 22.27
N GLY Q 124 16.23 9.02 23.44
CA GLY Q 124 16.12 9.86 24.62
C GLY Q 124 17.42 10.56 24.95
N TRP Q 125 18.54 9.88 24.73
CA TRP Q 125 19.86 10.48 24.90
C TRP Q 125 20.14 10.81 26.37
N GLY Q 126 19.83 9.86 27.25
CA GLY Q 126 20.20 9.93 28.65
C GLY Q 126 21.29 8.93 29.00
N GLN Q 127 21.58 8.84 30.29
CA GLN Q 127 22.62 7.95 30.74
C GLN Q 127 22.34 6.51 30.33
N LEU Q 128 21.14 6.01 30.62
CA LEU Q 128 20.83 4.63 30.27
C LEU Q 128 20.85 4.42 28.76
N SER Q 129 20.35 5.41 28.01
CA SER Q 129 20.35 5.29 26.56
C SER Q 129 21.77 5.10 26.03
N TYR Q 130 22.69 5.97 26.44
CA TYR Q 130 24.06 5.88 25.93
C TYR Q 130 24.70 4.56 26.35
N TRP Q 131 24.55 4.19 27.62
CA TRP Q 131 25.24 3.01 28.12
C TRP Q 131 24.55 1.72 27.71
N GLY Q 132 23.24 1.76 27.47
CA GLY Q 132 22.56 0.56 27.01
C GLY Q 132 23.01 0.15 25.63
N ILE Q 133 23.08 1.11 24.70
CA ILE Q 133 23.49 0.78 23.34
C ILE Q 133 24.97 0.44 23.29
N THR Q 134 25.78 1.06 24.14
CA THR Q 134 27.20 0.72 24.18
C THR Q 134 27.40 -0.73 24.58
N VAL Q 135 26.61 -1.21 25.55
CA VAL Q 135 26.76 -2.59 26.00
C VAL Q 135 26.28 -3.56 24.95
N ILE Q 136 25.13 -3.29 24.34
CA ILE Q 136 24.55 -4.23 23.40
C ILE Q 136 25.39 -4.32 22.13
N ILE Q 137 25.93 -3.18 21.68
CA ILE Q 137 26.70 -3.18 20.45
C ILE Q 137 27.98 -3.98 20.60
N ASN Q 138 28.54 -4.04 21.82
CA ASN Q 138 29.75 -4.82 22.03
C ASN Q 138 29.52 -6.31 21.83
N LEU Q 139 28.28 -6.77 21.78
CA LEU Q 139 28.03 -8.19 21.56
C LEU Q 139 28.50 -8.63 20.19
N ILE Q 140 28.48 -7.73 19.21
CA ILE Q 140 28.89 -8.06 17.85
C ILE Q 140 30.33 -7.62 17.59
N SER Q 141 31.10 -7.38 18.65
CA SER Q 141 32.50 -7.01 18.45
C SER Q 141 33.31 -8.14 17.83
N GLY Q 142 32.79 -9.36 17.84
CA GLY Q 142 33.51 -10.46 17.22
C GLY Q 142 33.66 -10.28 15.72
N ILE Q 143 32.62 -9.80 15.06
CA ILE Q 143 32.64 -9.58 13.62
C ILE Q 143 33.53 -8.37 13.34
N PRO Q 144 34.60 -8.51 12.56
CA PRO Q 144 35.54 -7.39 12.39
C PRO Q 144 34.88 -6.18 11.76
N TYR Q 145 35.29 -5.00 12.22
CA TYR Q 145 34.91 -3.71 11.64
C TYR Q 145 33.41 -3.53 11.51
N LEU Q 146 32.61 -4.35 12.20
CA LEU Q 146 31.17 -4.18 12.09
C LEU Q 146 30.67 -3.09 13.02
N ILE Q 147 31.29 -2.95 14.19
CA ILE Q 147 30.88 -1.92 15.13
C ILE Q 147 31.17 -0.54 14.56
N LEU Q 148 32.32 -0.36 13.91
CA LEU Q 148 32.66 0.94 13.37
C LEU Q 148 31.68 1.37 12.30
N LEU Q 149 31.28 0.44 11.43
CA LEU Q 149 30.34 0.80 10.37
C LEU Q 149 28.99 1.18 10.95
N ILE Q 150 28.55 0.48 11.99
CA ILE Q 150 27.22 0.75 12.56
C ILE Q 150 27.23 2.06 13.34
N SER Q 151 28.23 2.24 14.19
CA SER Q 151 28.25 3.43 15.04
C SER Q 151 28.66 4.67 14.28
N GLY Q 152 29.44 4.52 13.21
CA GLY Q 152 29.92 5.66 12.48
C GLY Q 152 31.06 6.40 13.15
N ASN Q 153 31.56 5.87 14.26
CA ASN Q 153 32.69 6.44 14.97
C ASN Q 153 33.26 5.33 15.85
N TYR Q 154 34.23 5.67 16.70
CA TYR Q 154 34.77 4.69 17.63
C TYR Q 154 34.02 4.66 18.95
N TYR Q 155 33.05 5.56 19.13
CA TYR Q 155 32.17 5.56 20.28
C TYR Q 155 30.84 6.11 19.81
N ILE Q 156 29.78 5.81 20.56
CA ILE Q 156 28.46 6.27 20.17
C ILE Q 156 28.41 7.78 20.26
N THR Q 157 27.88 8.42 19.21
CA THR Q 157 27.83 9.87 19.12
C THR Q 157 26.54 10.26 18.43
N ILE Q 158 26.40 11.55 18.15
CA ILE Q 158 25.22 12.02 17.41
C ILE Q 158 25.21 11.42 16.01
N VAL Q 159 26.38 11.05 15.48
CA VAL Q 159 26.42 10.35 14.20
C VAL Q 159 25.58 9.09 14.26
N THR Q 160 25.71 8.34 15.35
CA THR Q 160 24.90 7.14 15.50
C THR Q 160 23.43 7.48 15.67
N ILE Q 161 23.14 8.56 16.37
CA ILE Q 161 21.75 8.94 16.61
C ILE Q 161 21.07 9.29 15.29
N LYS Q 162 21.78 9.99 14.40
CA LYS Q 162 21.16 10.41 13.17
C LYS Q 162 20.73 9.22 12.33
N ARG Q 163 21.56 8.19 12.26
CA ARG Q 163 21.20 7.05 11.42
C ARG Q 163 20.16 6.17 12.08
N LEU Q 164 20.24 5.98 13.40
CA LEU Q 164 19.22 5.20 14.09
C LEU Q 164 17.86 5.87 14.02
N TYR Q 165 17.83 7.20 13.98
CA TYR Q 165 16.57 7.92 13.89
C TYR Q 165 15.85 7.58 12.58
N ILE Q 166 16.59 7.41 11.49
CA ILE Q 166 15.93 7.09 10.23
C ILE Q 166 15.31 5.71 10.29
N VAL Q 167 15.98 4.77 10.95
CA VAL Q 167 15.40 3.44 11.09
C VAL Q 167 14.14 3.50 11.95
N HIS Q 168 14.17 4.32 12.99
CA HIS Q 168 13.01 4.45 13.86
C HIS Q 168 11.85 5.13 13.16
N PHE Q 169 12.14 6.03 12.22
CA PHE Q 169 11.09 6.72 11.49
C PHE Q 169 10.44 5.80 10.46
N ILE Q 170 11.22 4.94 9.81
CA ILE Q 170 10.76 4.20 8.65
C ILE Q 170 10.29 2.80 9.02
N LEU Q 171 11.01 2.11 9.89
CA LEU Q 171 10.65 0.74 10.19
C LEU Q 171 9.21 0.59 10.68
N PRO Q 172 8.69 1.45 11.54
CA PRO Q 172 7.28 1.31 11.95
C PRO Q 172 6.31 1.35 10.79
N ILE Q 173 6.63 2.08 9.74
CA ILE Q 173 5.76 2.11 8.56
C ILE Q 173 5.76 0.75 7.86
N ILE Q 174 6.92 0.10 7.80
CA ILE Q 174 6.96 -1.24 7.25
C ILE Q 174 6.18 -2.21 8.12
N LEU Q 175 6.24 -2.03 9.44
CA LEU Q 175 5.48 -2.89 10.33
C LEU Q 175 3.99 -2.82 10.02
N ILE Q 176 3.49 -1.62 9.71
CA ILE Q 176 2.08 -1.48 9.38
C ILE Q 176 1.74 -2.28 8.12
N TYR Q 177 2.68 -2.33 7.16
CA TYR Q 177 2.43 -3.14 5.98
C TYR Q 177 2.31 -4.61 6.32
N VAL Q 178 3.17 -5.10 7.22
CA VAL Q 178 3.09 -6.50 7.60
C VAL Q 178 1.78 -6.78 8.31
N GLU Q 179 1.19 -5.78 8.96
CA GLU Q 179 -0.12 -5.98 9.57
C GLU Q 179 -1.19 -6.32 8.55
N ILE Q 180 -0.99 -5.94 7.30
CA ILE Q 180 -1.95 -6.26 6.26
C ILE Q 180 -1.80 -7.71 5.83
N ILE Q 181 -0.58 -8.23 5.81
CA ILE Q 181 -0.38 -9.64 5.53
C ILE Q 181 -0.95 -10.48 6.65
N HIS Q 182 -0.85 -9.99 7.88
CA HIS Q 182 -1.39 -10.68 9.03
C HIS Q 182 -2.91 -10.75 8.96
N VAL Q 183 -3.55 -9.63 8.60
CA VAL Q 183 -5.00 -9.61 8.49
C VAL Q 183 -5.44 -10.38 7.25
N TYR Q 184 -4.66 -10.38 6.19
CA TYR Q 184 -5.02 -11.18 5.03
C TYR Q 184 -5.10 -12.66 5.38
N TYR Q 185 -4.11 -13.15 6.13
CA TYR Q 185 -4.10 -14.56 6.48
C TYR Q 185 -5.17 -14.89 7.51
N ILE Q 186 -5.50 -13.94 8.37
CA ILE Q 186 -6.56 -14.18 9.35
C ILE Q 186 -7.90 -14.32 8.65
N HIS Q 187 -8.16 -13.47 7.66
CA HIS Q 187 -9.45 -13.51 6.97
C HIS Q 187 -9.55 -14.71 6.04
N TYR Q 188 -8.44 -15.15 5.44
CA TYR Q 188 -8.49 -16.33 4.60
C TYR Q 188 -8.47 -17.60 5.45
N LEU Q 189 -7.46 -17.76 6.29
CA LEU Q 189 -7.42 -18.86 7.25
C LEU Q 189 -8.26 -18.44 8.44
N ILE Q 190 -9.46 -18.99 8.55
CA ILE Q 190 -10.41 -18.50 9.51
C ILE Q 190 -9.83 -18.59 10.93
N ASN Q 191 -10.30 -17.70 11.80
CA ASN Q 191 -9.80 -17.65 13.16
C ASN Q 191 -10.21 -18.89 13.96
N ASN Q 192 -9.46 -19.16 15.02
CA ASN Q 192 -9.82 -20.24 15.93
C ASN Q 192 -10.91 -19.80 16.87
N ASN Q 193 -11.52 -20.78 17.53
CA ASN Q 193 -12.61 -20.56 18.45
C ASN Q 193 -12.22 -21.09 19.81
N ILE Q 194 -13.02 -20.77 20.83
CA ILE Q 194 -12.74 -21.29 22.17
C ILE Q 194 -12.91 -22.80 22.21
N VAL Q 195 -13.72 -23.37 21.33
CA VAL Q 195 -13.84 -24.81 21.21
C VAL Q 195 -12.89 -25.28 20.11
N GLU Q 196 -12.50 -26.56 20.18
CA GLU Q 196 -11.52 -27.08 19.22
C GLU Q 196 -12.09 -27.11 17.81
N TYR Q 197 -13.34 -27.51 17.67
CA TYR Q 197 -13.92 -27.80 16.37
C TYR Q 197 -14.45 -26.54 15.69
N ASN Q 198 -14.90 -26.70 14.46
CA ASN Q 198 -15.44 -25.62 13.66
C ASN Q 198 -16.95 -25.76 13.59
N VAL Q 199 -17.67 -24.70 13.97
CA VAL Q 199 -19.11 -24.76 14.18
C VAL Q 199 -19.77 -23.59 13.44
N ASN Q 200 -21.07 -23.75 13.17
CA ASN Q 200 -21.83 -22.85 12.33
C ASN Q 200 -22.59 -21.83 13.19
N ASN Q 201 -21.85 -20.84 13.70
CA ASN Q 201 -22.46 -19.83 14.54
C ASN Q 201 -21.87 -18.44 14.30
N LYS Q 202 -21.46 -18.14 13.08
CA LYS Q 202 -20.76 -16.89 12.82
C LYS Q 202 -21.74 -15.72 12.62
N ILE Q 203 -21.29 -14.53 13.02
CA ILE Q 203 -22.06 -13.29 12.86
C ILE Q 203 -21.16 -12.23 12.26
N ILE Q 204 -21.78 -11.21 11.66
CA ILE Q 204 -21.02 -10.17 10.98
C ILE Q 204 -20.26 -9.32 11.99
N PHE Q 205 -19.16 -8.73 11.52
CA PHE Q 205 -18.20 -8.09 12.42
C PHE Q 205 -18.66 -6.70 12.83
N ASN Q 206 -19.16 -5.90 11.89
CA ASN Q 206 -19.37 -4.49 12.17
C ASN Q 206 -20.45 -4.27 13.23
N ASN Q 207 -21.54 -5.03 13.16
CA ASN Q 207 -22.65 -4.78 14.07
C ASN Q 207 -22.47 -5.42 15.45
N TYR Q 208 -21.65 -6.45 15.57
CA TYR Q 208 -21.51 -7.15 16.85
C TYR Q 208 -20.08 -7.13 17.37
N ILE Q 209 -19.11 -7.59 16.59
CA ILE Q 209 -17.76 -7.72 17.12
C ILE Q 209 -17.12 -6.36 17.34
N LEU Q 210 -17.38 -5.41 16.44
CA LEU Q 210 -16.77 -4.10 16.57
C LEU Q 210 -17.30 -3.36 17.79
N VAL Q 211 -18.58 -3.54 18.12
CA VAL Q 211 -19.12 -2.93 19.33
C VAL Q 211 -18.46 -3.51 20.56
N LYS Q 212 -18.28 -4.82 20.60
CA LYS Q 212 -17.59 -5.45 21.71
C LYS Q 212 -16.12 -5.04 21.75
N ASP Q 213 -15.48 -4.93 20.59
CA ASP Q 213 -14.08 -4.51 20.57
C ASP Q 213 -13.92 -3.09 21.05
N ASN Q 214 -14.87 -2.21 20.73
CA ASN Q 214 -14.79 -0.84 21.23
C ASN Q 214 -14.97 -0.81 22.73
N ASN Q 215 -15.85 -1.66 23.27
CA ASN Q 215 -16.03 -1.69 24.71
C ASN Q 215 -14.73 -2.07 25.40
N GLY Q 216 -14.01 -3.04 24.84
CA GLY Q 216 -12.72 -3.41 25.40
C GLY Q 216 -11.68 -2.33 25.26
N ILE Q 217 -11.63 -1.67 24.11
CA ILE Q 217 -10.60 -0.66 23.89
C ILE Q 217 -10.89 0.61 24.68
N ILE Q 218 -12.15 0.86 25.02
CA ILE Q 218 -12.49 2.00 25.86
C ILE Q 218 -12.18 1.69 27.31
N PHE Q 219 -12.33 0.43 27.72
CA PHE Q 219 -11.96 0.02 29.06
C PHE Q 219 -10.45 0.11 29.26
N ILE Q 220 -9.67 -0.27 28.24
CA ILE Q 220 -8.22 -0.12 28.34
C ILE Q 220 -7.82 1.34 28.31
N LEU Q 221 -8.63 2.18 27.67
CA LEU Q 221 -8.31 3.60 27.62
C LEU Q 221 -8.50 4.26 28.98
N ASN Q 222 -9.51 3.83 29.73
CA ASN Q 222 -9.70 4.37 31.08
C ASN Q 222 -8.49 4.09 31.95
N ILE Q 223 -7.84 2.96 31.73
CA ILE Q 223 -6.64 2.62 32.49
C ILE Q 223 -5.45 3.37 31.95
N PHE Q 224 -5.35 3.51 30.62
CA PHE Q 224 -4.20 4.19 30.04
C PHE Q 224 -4.20 5.67 30.35
N ILE Q 225 -5.38 6.27 30.50
CA ILE Q 225 -5.44 7.70 30.81
C ILE Q 225 -5.00 7.96 32.23
N LEU Q 226 -5.30 7.03 33.15
CA LEU Q 226 -4.84 7.19 34.52
C LEU Q 226 -3.32 7.11 34.58
N GLU Q 227 -2.72 6.13 33.92
CA GLU Q 227 -1.27 6.05 33.87
C GLU Q 227 -0.68 7.25 33.15
N LEU Q 228 -1.33 7.69 32.08
CA LEU Q 228 -0.77 8.78 31.28
C LEU Q 228 -0.64 10.06 32.08
N ASN Q 229 -1.64 10.38 32.89
CA ASN Q 229 -1.67 11.66 33.58
C ASN Q 229 -1.14 11.60 35.01
N ASN Q 230 -1.04 10.42 35.61
CA ASN Q 230 -0.68 10.33 37.02
C ASN Q 230 0.42 9.31 37.32
N ASN Q 231 0.85 8.51 36.36
CA ASN Q 231 2.00 7.63 36.56
C ASN Q 231 1.76 6.70 37.76
N ILE Q 232 0.65 5.96 37.72
CA ILE Q 232 0.34 5.06 38.81
C ILE Q 232 1.30 3.86 38.84
N PHE Q 233 1.92 3.53 37.70
CA PHE Q 233 2.92 2.47 37.63
C PHE Q 233 4.22 3.08 37.14
N ILE Q 234 5.33 2.73 37.77
CA ILE Q 234 6.64 3.15 37.29
C ILE Q 234 6.99 2.28 36.09
N ILE Q 235 6.90 2.85 34.89
CA ILE Q 235 7.21 2.12 33.66
C ILE Q 235 8.41 2.71 32.92
N ALA Q 236 8.99 3.81 33.42
CA ALA Q 236 10.19 4.37 32.84
C ALA Q 236 11.21 4.59 33.95
N ASP Q 237 12.42 4.05 33.76
CA ASP Q 237 13.46 4.21 34.76
C ASP Q 237 13.88 5.67 34.85
N ASN Q 238 14.11 6.13 36.07
CA ASN Q 238 14.46 7.52 36.28
C ASN Q 238 15.87 7.84 35.83
N ASP Q 239 16.74 6.85 35.73
CA ASP Q 239 18.14 7.11 35.42
C ASP Q 239 18.34 7.71 34.03
N ASN Q 240 17.34 7.66 33.18
CA ASN Q 240 17.48 8.21 31.84
C ASN Q 240 17.26 9.71 31.79
N LEU Q 241 16.99 10.35 32.93
CA LEU Q 241 16.93 11.80 33.01
C LEU Q 241 18.24 12.40 33.47
N ILE Q 242 19.29 11.61 33.60
CA ILE Q 242 20.62 12.11 33.91
C ILE Q 242 21.36 12.34 32.61
N GLU Q 243 22.09 13.46 32.54
CA GLU Q 243 22.86 13.77 31.36
C GLU Q 243 23.98 12.75 31.15
N ILE Q 244 24.29 12.49 29.89
CA ILE Q 244 25.25 11.45 29.56
C ILE Q 244 26.64 11.85 30.03
N ASN Q 245 27.34 10.89 30.64
CA ASN Q 245 28.74 11.04 31.00
C ASN Q 245 29.46 9.79 30.53
N ILE Q 246 30.32 9.93 29.52
CA ILE Q 246 30.92 8.75 28.91
C ILE Q 246 32.00 8.13 29.79
N LEU Q 247 32.43 8.80 30.84
CA LEU Q 247 33.46 8.27 31.72
C LEU Q 247 32.92 7.58 32.96
N VAL Q 248 31.67 7.84 33.34
CA VAL Q 248 31.09 7.31 34.55
C VAL Q 248 29.86 6.50 34.19
N THR Q 249 29.79 5.27 34.67
CA THR Q 249 28.62 4.44 34.42
C THR Q 249 27.52 4.75 35.42
N PRO Q 250 26.27 4.54 35.06
CA PRO Q 250 25.18 4.74 36.01
C PRO Q 250 25.12 3.63 37.05
N ILE Q 251 24.21 3.75 38.01
CA ILE Q 251 24.12 2.76 39.08
C ILE Q 251 23.83 1.37 38.49
N HIS Q 252 22.90 1.30 37.56
CA HIS Q 252 22.60 0.06 36.88
C HIS Q 252 22.32 0.37 35.41
N ILE Q 253 22.58 -0.60 34.54
CA ILE Q 253 22.40 -0.44 33.10
C ILE Q 253 21.37 -1.47 32.66
N ILE Q 254 20.12 -1.03 32.54
CA ILE Q 254 19.03 -1.95 32.18
C ILE Q 254 18.14 -1.28 31.16
N PRO Q 255 17.48 -2.07 30.35
CA PRO Q 255 16.53 -1.50 29.38
C PRO Q 255 15.16 -1.26 29.99
N GLU Q 256 14.19 -0.90 29.16
CA GLU Q 256 12.81 -0.81 29.61
C GLU Q 256 12.32 -2.17 30.11
N TRP Q 257 11.18 -2.14 30.80
CA TRP Q 257 10.68 -3.37 31.42
C TRP Q 257 10.45 -4.47 30.38
N TYR Q 258 10.10 -4.10 29.15
CA TYR Q 258 9.71 -5.09 28.17
C TYR Q 258 10.90 -5.77 27.50
N TYR Q 259 12.13 -5.39 27.86
CA TYR Q 259 13.33 -6.08 27.41
C TYR Q 259 14.02 -6.81 28.55
N LEU Q 260 13.41 -6.83 29.74
CA LEU Q 260 14.08 -7.41 30.90
C LEU Q 260 14.32 -8.90 30.72
N TYR Q 261 13.38 -9.61 30.09
CA TYR Q 261 13.53 -11.05 29.94
C TYR Q 261 14.80 -11.37 29.18
N TRP Q 262 15.03 -10.70 28.06
CA TRP Q 262 16.23 -10.96 27.29
C TRP Q 262 17.47 -10.42 27.98
N TYR Q 263 17.33 -9.33 28.73
CA TYR Q 263 18.48 -8.78 29.43
C TYR Q 263 19.03 -9.77 30.45
N SER Q 264 18.15 -10.44 31.18
CA SER Q 264 18.60 -11.38 32.21
C SER Q 264 19.27 -12.59 31.59
N ILE Q 265 18.80 -13.05 30.44
CA ILE Q 265 19.41 -14.19 29.78
C ILE Q 265 20.89 -13.92 29.52
N LEU Q 266 21.21 -12.73 29.02
CA LEU Q 266 22.61 -12.39 28.79
C LEU Q 266 23.36 -12.28 30.09
N LYS Q 267 22.78 -11.61 31.08
CA LYS Q 267 23.45 -11.41 32.35
C LYS Q 267 23.71 -12.73 33.07
N LEU Q 268 22.97 -13.78 32.73
CA LEU Q 268 23.07 -15.05 33.44
C LEU Q 268 24.14 -15.96 32.85
N LEU Q 269 24.10 -16.18 31.55
CA LEU Q 269 25.03 -17.10 30.93
C LEU Q 269 26.45 -16.53 30.97
N PRO Q 270 27.45 -17.35 31.27
CA PRO Q 270 28.81 -16.82 31.42
C PRO Q 270 29.42 -16.32 30.13
N ASN Q 271 29.34 -17.08 29.06
CA ASN Q 271 29.90 -16.67 27.78
C ASN Q 271 28.97 -15.68 27.09
N LYS Q 272 29.53 -14.60 26.56
CA LYS Q 272 28.70 -13.57 25.96
C LYS Q 272 27.94 -14.11 24.76
N TYR Q 273 28.61 -14.86 23.89
CA TYR Q 273 27.95 -15.35 22.69
C TYR Q 273 26.85 -16.34 23.03
N SER Q 274 27.10 -17.21 24.02
CA SER Q 274 26.06 -18.15 24.43
C SER Q 274 24.81 -17.40 24.87
N GLY Q 275 24.98 -16.30 25.59
CA GLY Q 275 23.84 -15.51 25.98
C GLY Q 275 23.05 -15.00 24.79
N LEU Q 276 23.75 -14.51 23.78
CA LEU Q 276 23.08 -14.04 22.58
C LEU Q 276 22.33 -15.17 21.89
N TYR Q 277 22.96 -16.35 21.84
CA TYR Q 277 22.34 -17.48 21.14
C TYR Q 277 21.10 -17.97 21.87
N ILE Q 278 21.13 -17.99 23.21
CA ILE Q 278 19.94 -18.38 23.95
C ILE Q 278 18.82 -17.38 23.72
N VAL Q 279 19.14 -16.10 23.57
CA VAL Q 279 18.13 -15.12 23.19
C VAL Q 279 17.53 -15.49 21.84
N VAL Q 280 18.38 -15.88 20.89
CA VAL Q 280 17.87 -16.29 19.59
C VAL Q 280 16.99 -17.53 19.72
N ASN Q 281 17.37 -18.43 20.61
CA ASN Q 281 16.62 -19.68 20.73
C ASN Q 281 15.19 -19.44 21.17
N SER Q 282 14.99 -18.57 22.15
CA SER Q 282 13.66 -18.43 22.75
C SER Q 282 12.64 -17.94 21.72
N ILE Q 283 13.01 -16.96 20.90
CA ILE Q 283 12.05 -16.44 19.94
C ILE Q 283 11.86 -17.40 18.77
N SER Q 284 12.93 -18.06 18.32
CA SER Q 284 12.82 -18.94 17.16
C SER Q 284 12.23 -20.30 17.52
N ILE Q 285 12.51 -20.82 18.71
CA ILE Q 285 12.07 -22.17 19.03
C ILE Q 285 10.55 -22.25 19.07
N ILE Q 286 9.88 -21.18 19.47
CA ILE Q 286 8.42 -21.21 19.55
C ILE Q 286 7.76 -21.16 18.19
N ASN Q 287 8.53 -21.10 17.11
CA ASN Q 287 7.94 -21.13 15.77
C ASN Q 287 7.70 -22.54 15.25
N ILE Q 288 8.21 -23.58 15.93
CA ILE Q 288 8.07 -24.94 15.42
C ILE Q 288 7.49 -25.85 16.49
N LEU Q 289 6.65 -25.31 17.37
CA LEU Q 289 6.19 -26.09 18.51
C LEU Q 289 5.38 -27.31 18.06
N SER Q 290 4.57 -27.17 17.02
CA SER Q 290 3.67 -28.23 16.60
C SER Q 290 4.19 -29.03 15.42
N GLU Q 291 5.43 -28.78 14.98
CA GLU Q 291 5.87 -29.32 13.71
C GLU Q 291 6.14 -30.82 13.76
N TYR Q 292 6.46 -31.36 14.92
CA TYR Q 292 6.82 -32.77 15.04
C TYR Q 292 5.67 -33.65 15.50
N LYS Q 293 4.49 -33.10 15.75
CA LYS Q 293 3.37 -33.92 16.19
C LYS Q 293 2.91 -34.84 15.06
N ILE Q 294 2.31 -35.97 15.44
CA ILE Q 294 1.88 -36.97 14.47
C ILE Q 294 0.44 -37.41 14.69
N VAL Q 295 -0.18 -36.97 15.78
CA VAL Q 295 -1.52 -37.41 16.11
C VAL Q 295 -2.53 -36.40 15.58
N ILE Q 296 -3.78 -36.84 15.43
CA ILE Q 296 -4.85 -35.97 14.97
C ILE Q 296 -5.41 -35.29 16.22
N SER Q 297 -4.78 -34.19 16.61
CA SER Q 297 -5.23 -33.41 17.75
C SER Q 297 -4.37 -32.15 17.83
N GLU Q 298 -4.97 -31.08 18.34
CA GLU Q 298 -4.25 -29.82 18.52
C GLU Q 298 -3.88 -29.57 19.97
N TYR Q 299 -3.98 -30.57 20.83
CA TYR Q 299 -3.57 -30.45 22.23
C TYR Q 299 -4.26 -29.28 22.92
N LYS Q 300 -5.52 -29.04 22.55
CA LYS Q 300 -6.23 -27.85 22.97
C LYS Q 300 -7.24 -28.18 24.07
N ASN Q 301 -7.31 -27.30 25.07
CA ASN Q 301 -8.29 -27.39 26.15
C ASN Q 301 -8.04 -28.58 27.06
N TYR Q 302 -6.77 -28.88 27.31
CA TYR Q 302 -6.39 -29.72 28.43
C TYR Q 302 -6.12 -28.80 29.62
N LYS Q 303 -5.45 -29.28 30.65
CA LYS Q 303 -5.20 -28.43 31.80
C LYS Q 303 -4.10 -27.39 31.57
N ASN Q 304 -3.40 -27.45 30.44
CA ASN Q 304 -2.41 -26.45 30.07
C ASN Q 304 -1.42 -26.17 31.21
N ILE Q 305 -0.89 -27.24 31.78
CA ILE Q 305 0.10 -27.07 32.84
C ILE Q 305 1.40 -26.49 32.29
N ILE Q 306 1.91 -27.07 31.21
CA ILE Q 306 3.17 -26.59 30.64
C ILE Q 306 3.06 -25.12 30.29
N TRP Q 307 1.91 -24.72 29.72
CA TRP Q 307 1.72 -23.32 29.39
C TRP Q 307 1.89 -22.44 30.62
N TYR Q 308 1.22 -22.78 31.72
CA TYR Q 308 1.26 -21.91 32.89
C TYR Q 308 2.66 -21.81 33.45
N ASN Q 309 3.39 -22.91 33.48
CA ASN Q 309 4.76 -22.85 33.98
C ASN Q 309 5.61 -21.94 33.10
N GLN Q 310 5.36 -21.96 31.79
CA GLN Q 310 6.13 -21.11 30.90
C GLN Q 310 5.84 -19.64 31.14
N ILE Q 311 4.57 -19.29 31.33
CA ILE Q 311 4.24 -17.89 31.56
C ILE Q 311 4.87 -17.40 32.86
N ILE Q 312 4.79 -18.21 33.91
CA ILE Q 312 5.43 -17.82 35.16
C ILE Q 312 6.93 -17.77 35.00
N GLN Q 313 7.49 -18.61 34.14
CA GLN Q 313 8.93 -18.59 33.90
C GLN Q 313 9.36 -17.27 33.27
N TYR Q 314 8.56 -16.74 32.35
CA TYR Q 314 8.86 -15.42 31.81
C TYR Q 314 8.83 -14.36 32.90
N ILE Q 315 7.83 -14.45 33.79
CA ILE Q 315 7.69 -13.45 34.84
C ILE Q 315 8.86 -13.51 35.81
N SER Q 316 9.29 -14.71 36.16
CA SER Q 316 10.39 -14.83 37.10
C SER Q 316 11.71 -14.36 36.48
N MET Q 317 11.92 -14.66 35.20
CA MET Q 317 13.11 -14.17 34.53
C MET Q 317 13.11 -12.65 34.47
N ILE Q 318 11.95 -12.06 34.23
CA ILE Q 318 11.84 -10.60 34.26
C ILE Q 318 12.19 -10.07 35.64
N TYR Q 319 11.78 -10.79 36.69
CA TYR Q 319 12.09 -10.35 38.05
C TYR Q 319 13.58 -10.41 38.34
N ILE Q 320 14.26 -11.46 37.86
CA ILE Q 320 15.69 -11.59 38.12
C ILE Q 320 16.47 -10.48 37.41
N GLY Q 321 15.99 -10.00 36.27
CA GLY Q 321 16.69 -8.94 35.57
C GLY Q 321 16.78 -7.66 36.38
N ILE Q 322 15.73 -7.37 37.16
CA ILE Q 322 15.72 -6.15 37.95
C ILE Q 322 16.80 -6.19 39.03
N GLN Q 323 17.08 -7.37 39.58
CA GLN Q 323 17.99 -7.46 40.70
C GLN Q 323 19.43 -7.28 40.26
N LEU Q 324 20.29 -6.92 41.20
CA LEU Q 324 21.71 -6.76 40.94
C LEU Q 324 22.31 -8.10 40.54
N PRO Q 325 23.52 -8.13 39.98
CA PRO Q 325 24.15 -9.42 39.64
C PRO Q 325 24.68 -10.15 40.86
N ILE Q 326 23.78 -10.54 41.75
CA ILE Q 326 24.15 -11.33 42.91
C ILE Q 326 24.37 -12.78 42.48
N ILE Q 327 25.33 -13.44 43.12
CA ILE Q 327 25.67 -14.80 42.71
C ILE Q 327 24.47 -15.72 42.88
N GLU Q 328 23.74 -15.59 43.99
CA GLU Q 328 22.62 -16.48 44.24
C GLU Q 328 21.55 -16.34 43.16
N TYR Q 329 21.27 -15.10 42.74
CA TYR Q 329 20.32 -14.91 41.65
C TYR Q 329 20.81 -15.59 40.39
N ILE Q 330 22.11 -15.55 40.13
CA ILE Q 330 22.65 -16.16 38.92
C ILE Q 330 22.36 -17.66 38.92
N ASN Q 331 22.55 -18.32 40.06
CA ASN Q 331 22.30 -19.75 40.12
C ASN Q 331 20.85 -20.07 39.83
N TYR Q 332 19.93 -19.40 40.52
CA TYR Q 332 18.51 -19.68 40.31
C TYR Q 332 18.10 -19.36 38.88
N GLY Q 333 18.59 -18.25 38.33
CA GLY Q 333 18.26 -17.92 36.97
C GLY Q 333 18.67 -19.01 36.00
N ARG Q 334 19.83 -19.61 36.24
CA ARG Q 334 20.29 -20.70 35.37
C ARG Q 334 19.37 -21.90 35.46
N TYR Q 335 18.88 -22.22 36.66
CA TYR Q 335 17.90 -23.29 36.78
C TYR Q 335 16.65 -22.98 35.99
N ILE Q 336 16.19 -21.73 36.03
CA ILE Q 336 15.00 -21.37 35.26
C ILE Q 336 15.25 -21.59 33.78
N ILE Q 337 16.43 -21.22 33.29
CA ILE Q 337 16.74 -21.42 31.88
C ILE Q 337 16.69 -22.91 31.54
N ILE Q 338 17.30 -23.74 32.38
CA ILE Q 338 17.24 -25.17 32.15
C ILE Q 338 15.81 -25.65 32.18
N PHE Q 339 15.04 -25.15 33.16
CA PHE Q 339 13.64 -25.55 33.26
C PHE Q 339 12.88 -25.16 32.00
N ASN Q 340 13.14 -23.97 31.48
CA ASN Q 340 12.45 -23.53 30.27
C ASN Q 340 12.76 -24.44 29.10
N ILE Q 341 14.01 -24.89 28.98
CA ILE Q 341 14.37 -25.78 27.89
C ILE Q 341 13.57 -27.07 27.97
N LEU Q 342 13.43 -27.63 29.18
CA LEU Q 342 12.67 -28.85 29.33
C LEU Q 342 11.21 -28.65 28.95
N LEU Q 343 10.63 -27.51 29.32
CA LEU Q 343 9.25 -27.25 28.94
C LEU Q 343 9.09 -27.22 27.44
N LEU Q 344 10.01 -26.56 26.73
CA LEU Q 344 9.91 -26.50 25.28
C LEU Q 344 10.04 -27.88 24.67
N ILE Q 345 10.90 -28.73 25.23
CA ILE Q 345 11.05 -30.08 24.72
C ILE Q 345 9.75 -30.86 24.89
N MET Q 346 9.04 -30.61 25.98
CA MET Q 346 7.74 -31.24 26.15
C MET Q 346 6.80 -30.83 25.03
N TYR Q 347 6.79 -29.56 24.66
CA TYR Q 347 5.96 -29.11 23.55
C TYR Q 347 6.34 -29.83 22.26
N LEU Q 348 7.63 -29.95 21.99
CA LEU Q 348 8.06 -30.41 20.67
C LEU Q 348 7.85 -31.91 20.50
N TYR Q 349 8.11 -32.68 21.54
CA TYR Q 349 8.26 -34.12 21.36
C TYR Q 349 6.92 -34.78 21.03
N PRO Q 350 6.85 -35.63 20.02
CA PRO Q 350 5.66 -36.46 19.83
C PRO Q 350 5.69 -37.67 20.74
N LYS Q 351 4.52 -38.27 20.92
CA LYS Q 351 4.35 -39.34 21.89
C LYS Q 351 4.42 -40.69 21.18
N LYS Q 352 5.01 -41.66 21.86
CA LYS Q 352 4.98 -43.04 21.41
C LYS Q 352 3.69 -43.70 21.89
N LYS Q 353 3.50 -44.97 21.55
CA LYS Q 353 2.26 -45.66 21.85
C LYS Q 353 2.55 -46.82 22.80
N LYS Q 354 1.78 -46.90 23.87
CA LYS Q 354 1.89 -47.98 24.83
C LYS Q 354 1.55 -49.30 24.16
N HIS R 1 -7.07 -27.34 -2.63
CA HIS R 1 -6.84 -26.91 -1.27
C HIS R 1 -5.64 -26.01 -1.19
N ARG R 2 -5.58 -25.22 -0.13
CA ARG R 2 -4.46 -24.34 0.08
C ARG R 2 -3.22 -25.17 0.37
N PRO R 3 -2.03 -24.57 0.28
CA PRO R 3 -0.83 -25.30 0.68
C PRO R 3 -1.01 -26.00 2.01
N THR R 4 -0.86 -27.32 2.04
CA THR R 4 -1.18 -28.07 3.24
C THR R 4 -0.31 -29.32 3.30
N THR R 5 -0.15 -29.85 4.51
CA THR R 5 0.73 -30.99 4.74
C THR R 5 0.15 -31.89 5.82
N VAL R 6 0.38 -33.19 5.65
CA VAL R 6 -0.01 -34.22 6.61
C VAL R 6 1.24 -35.00 6.98
N LYS R 7 1.26 -35.53 8.20
CA LYS R 7 2.44 -36.25 8.69
C LYS R 7 2.36 -37.73 8.36
N MET R 8 2.08 -38.03 7.10
CA MET R 8 1.96 -39.41 6.63
C MET R 8 3.36 -39.94 6.35
N ILE R 9 4.01 -40.45 7.39
CA ILE R 9 5.41 -40.85 7.33
C ILE R 9 5.54 -42.24 7.95
N ASP R 10 6.76 -42.77 7.90
CA ASP R 10 7.10 -44.03 8.56
C ASP R 10 7.99 -43.70 9.75
N SER R 11 7.37 -43.60 10.93
CA SER R 11 8.10 -43.23 12.14
C SER R 11 9.14 -44.28 12.49
N TRP R 12 10.16 -43.85 13.22
CA TRP R 12 11.19 -44.72 13.72
C TRP R 12 10.90 -45.25 15.12
N ARG R 13 9.90 -44.69 15.80
CA ARG R 13 9.64 -45.00 17.18
C ARG R 13 8.17 -45.28 17.50
N THR R 14 7.23 -44.87 16.66
CA THR R 14 5.80 -45.02 16.91
C THR R 14 5.18 -45.95 15.88
N GLU R 15 4.43 -46.96 16.35
CA GLU R 15 3.81 -47.94 15.48
C GLU R 15 2.61 -47.36 14.74
N PRO R 16 2.20 -47.96 13.63
CA PRO R 16 1.01 -47.51 12.92
C PRO R 16 -0.27 -48.00 13.60
N SER R 17 -1.39 -47.40 13.20
CA SER R 17 -2.67 -47.75 13.81
C SER R 17 -3.03 -49.21 13.58
N SER R 18 -2.69 -49.76 12.40
CA SER R 18 -2.99 -51.16 12.14
C SER R 18 -2.26 -52.06 13.13
N GLU R 19 -1.04 -51.70 13.51
CA GLU R 19 -0.28 -52.50 14.45
C GLU R 19 -0.83 -52.36 15.86
N LYS R 20 -1.12 -51.14 16.28
CA LYS R 20 -1.59 -50.86 17.65
C LYS R 20 -2.68 -49.81 17.60
N PRO R 21 -3.94 -50.22 17.55
CA PRO R 21 -5.03 -49.24 17.63
C PRO R 21 -5.06 -48.54 18.98
N MET R 22 -5.30 -47.24 18.94
CA MET R 22 -5.43 -46.45 20.17
C MET R 22 -6.87 -46.31 20.64
N TRP R 23 -7.84 -46.79 19.87
CA TRP R 23 -9.24 -46.75 20.24
C TRP R 23 -9.66 -48.07 20.84
N TYR R 24 -10.81 -48.08 21.51
CA TYR R 24 -11.37 -49.32 22.05
C TYR R 24 -11.79 -50.19 20.88
N ASN R 25 -11.07 -51.29 20.67
CA ASN R 25 -11.19 -52.08 19.46
C ASN R 25 -12.28 -53.15 19.62
N ARG R 26 -13.51 -52.69 19.78
CA ARG R 26 -14.68 -53.56 19.80
C ARG R 26 -15.81 -52.87 19.04
N PHE R 27 -16.12 -53.38 17.86
CA PHE R 27 -17.15 -52.85 16.99
C PHE R 27 -18.14 -53.96 16.67
N ASP R 28 -19.38 -53.58 16.33
CA ASP R 28 -20.38 -54.52 15.88
C ASP R 28 -20.56 -54.39 14.37
N GLN R 29 -20.56 -55.52 13.68
CA GLN R 29 -20.65 -55.54 12.22
C GLN R 29 -22.03 -56.03 11.79
N VAL R 30 -22.59 -55.36 10.79
CA VAL R 30 -23.88 -55.72 10.21
C VAL R 30 -23.66 -56.11 8.76
N ASP R 31 -24.72 -56.61 8.13
CA ASP R 31 -24.68 -56.90 6.70
C ASP R 31 -25.12 -55.71 5.86
N HIS R 32 -26.04 -54.89 6.36
CA HIS R 32 -26.45 -53.67 5.69
C HIS R 32 -26.63 -52.58 6.72
N ILE R 33 -26.30 -51.34 6.35
CA ILE R 33 -26.30 -50.24 7.30
C ILE R 33 -27.66 -50.10 7.97
N SER R 34 -28.73 -50.50 7.28
CA SER R 34 -30.06 -50.37 7.85
C SER R 34 -30.28 -51.31 9.04
N GLN R 35 -29.40 -52.28 9.24
CA GLN R 35 -29.54 -53.21 10.35
C GLN R 35 -29.00 -52.67 11.66
N HIS R 36 -28.29 -51.54 11.62
CA HIS R 36 -27.82 -50.92 12.85
C HIS R 36 -28.99 -50.42 13.68
N PRO R 37 -28.88 -50.41 15.00
CA PRO R 37 -29.93 -49.82 15.84
C PRO R 37 -30.01 -48.32 15.62
N ASP R 38 -31.19 -47.78 15.90
CA ASP R 38 -31.44 -46.35 15.72
C ASP R 38 -31.21 -45.63 17.05
N PRO R 39 -30.20 -44.76 17.15
CA PRO R 39 -29.95 -44.12 18.46
C PRO R 39 -31.13 -43.31 18.98
N GLU R 40 -31.86 -42.64 18.10
CA GLU R 40 -32.97 -41.80 18.55
C GLU R 40 -34.04 -42.64 19.24
N LYS R 41 -34.27 -43.84 18.75
CA LYS R 41 -35.28 -44.74 19.31
C LYS R 41 -34.70 -45.75 20.28
N THR R 42 -33.42 -45.63 20.61
CA THR R 42 -32.74 -46.55 21.53
C THR R 42 -32.66 -45.91 22.91
N GLU R 43 -33.04 -46.66 23.93
CA GLU R 43 -32.96 -46.16 25.29
C GLU R 43 -31.51 -45.95 25.71
N LYS R 44 -31.26 -44.84 26.38
CA LYS R 44 -29.92 -44.52 26.87
C LYS R 44 -29.78 -45.01 28.30
N TYR R 45 -28.62 -44.74 28.92
CA TYR R 45 -28.39 -45.21 30.28
C TYR R 45 -29.22 -44.39 31.27
N PRO R 46 -29.60 -45.00 32.39
CA PRO R 46 -30.50 -44.31 33.33
C PRO R 46 -29.84 -43.07 33.91
N PRO R 47 -30.51 -41.92 33.88
CA PRO R 47 -29.89 -40.69 34.37
C PRO R 47 -29.48 -40.77 35.84
N VAL R 48 -28.38 -40.12 36.17
CA VAL R 48 -27.86 -40.08 37.52
C VAL R 48 -28.16 -38.71 38.12
N ASP R 49 -28.10 -38.62 39.45
CA ASP R 49 -28.30 -37.36 40.15
C ASP R 49 -27.02 -36.77 40.70
N ASP R 50 -25.96 -37.56 40.83
CA ASP R 50 -24.69 -37.11 41.37
C ASP R 50 -23.61 -37.26 40.31
N THR R 51 -22.71 -36.28 40.24
CA THR R 51 -21.61 -36.39 39.28
C THR R 51 -20.71 -37.57 39.60
N ARG R 52 -20.75 -38.09 40.81
CA ARG R 52 -19.95 -39.25 41.18
C ARG R 52 -20.59 -40.55 40.77
N LYS R 53 -21.85 -40.53 40.35
CA LYS R 53 -22.56 -41.73 39.92
C LYS R 53 -22.51 -41.93 38.42
N LEU R 54 -22.04 -40.94 37.67
CA LEU R 54 -21.91 -41.09 36.23
C LEU R 54 -21.09 -42.32 35.89
N MET R 55 -21.35 -42.89 34.72
CA MET R 55 -20.76 -44.16 34.32
C MET R 55 -19.26 -44.01 34.09
N LYS R 56 -18.60 -45.14 33.86
CA LYS R 56 -17.19 -45.17 33.51
C LYS R 56 -17.02 -45.06 32.00
N THR R 57 -15.84 -44.66 31.59
CA THR R 57 -15.52 -44.51 30.17
C THR R 57 -14.61 -45.64 29.72
N ARG R 58 -14.66 -45.93 28.42
CA ARG R 58 -13.86 -47.03 27.87
C ARG R 58 -12.44 -46.59 27.54
N GLY R 59 -12.18 -45.30 27.46
CA GLY R 59 -10.85 -44.85 27.10
C GLY R 59 -9.80 -45.27 28.11
N ASP R 60 -8.59 -45.50 27.61
CA ASP R 60 -7.46 -45.86 28.44
C ASP R 60 -6.64 -44.60 28.71
N PRO R 61 -6.52 -44.14 29.96
CA PRO R 61 -5.81 -42.87 30.19
C PRO R 61 -4.37 -42.90 29.76
N HIS R 62 -3.74 -44.06 29.69
CA HIS R 62 -2.30 -44.19 29.46
C HIS R 62 -2.01 -44.83 28.11
N ILE R 63 -2.83 -44.50 27.12
CA ILE R 63 -2.73 -45.12 25.80
C ILE R 63 -1.39 -44.78 25.15
N MET R 64 -0.84 -43.60 25.44
CA MET R 64 0.41 -43.14 24.86
C MET R 64 1.46 -42.95 25.95
N ARG R 65 2.73 -43.04 25.56
CA ARG R 65 3.85 -43.07 26.50
C ARG R 65 4.96 -42.15 26.01
N GLY R 66 5.99 -42.00 26.84
CA GLY R 66 7.18 -41.25 26.48
C GLY R 66 7.10 -39.78 26.82
N TRP R 67 8.22 -39.09 26.60
CA TRP R 67 8.29 -37.66 26.86
C TRP R 67 7.27 -36.91 26.00
N GLY R 68 6.83 -35.77 26.50
CA GLY R 68 5.91 -34.92 25.77
C GLY R 68 4.71 -34.54 26.61
N GLU R 69 3.95 -33.58 26.08
CA GLU R 69 2.73 -33.14 26.74
C GLU R 69 1.63 -34.19 26.63
N TYR R 70 0.88 -34.35 27.71
CA TYR R 70 -0.16 -35.37 27.74
C TYR R 70 -1.21 -35.12 26.67
N VAL R 71 -1.72 -36.20 26.09
CA VAL R 71 -2.77 -36.11 25.07
C VAL R 71 -3.48 -37.45 25.03
N TYR R 72 -4.79 -37.40 24.85
CA TYR R 72 -5.60 -38.58 24.58
C TYR R 72 -6.31 -38.38 23.25
N CYS R 73 -6.07 -39.28 22.30
CA CYS R 73 -6.75 -39.27 21.03
C CYS R 73 -6.75 -40.69 20.48
N HIS R 74 -7.54 -40.92 19.45
CA HIS R 74 -7.69 -42.25 18.89
C HIS R 74 -6.93 -42.46 17.58
N TYR R 75 -6.47 -41.40 16.92
CA TYR R 75 -6.01 -41.51 15.55
C TYR R 75 -4.68 -40.80 15.36
N GLU R 76 -3.95 -41.22 14.32
CA GLU R 76 -2.66 -40.65 13.95
C GLU R 76 -2.58 -40.58 12.42
N HIS R 77 -1.50 -40.01 11.88
CA HIS R 77 -1.35 -39.90 10.43
C HIS R 77 -0.42 -40.94 9.81
N LEU R 78 0.20 -41.79 10.62
CA LEU R 78 1.30 -42.62 10.14
C LEU R 78 0.86 -43.57 9.01
N ARG R 79 1.82 -43.90 8.15
CA ARG R 79 1.59 -44.82 7.03
C ARG R 79 1.50 -46.27 7.52
N GLU R 80 0.76 -47.10 6.77
CA GLU R 80 0.62 -48.52 7.06
C GLU R 80 1.55 -49.35 6.18
N PRO R 81 1.88 -50.56 6.61
CA PRO R 81 2.68 -51.46 5.77
C PRO R 81 1.85 -52.14 4.70
N VAL R 82 2.50 -52.52 3.59
CA VAL R 82 1.75 -53.15 2.51
C VAL R 82 1.17 -54.47 2.96
N PHE R 83 1.70 -55.08 4.01
CA PHE R 83 1.20 -56.33 4.56
C PHE R 83 0.77 -56.09 6.00
N PRO R 84 -0.38 -55.44 6.20
CA PRO R 84 -0.79 -55.09 7.55
C PRO R 84 -1.26 -56.29 8.36
N ARG R 85 -1.12 -56.17 9.68
CA ARG R 85 -1.59 -57.20 10.60
C ARG R 85 -3.06 -57.52 10.34
N LYS R 86 -3.38 -58.81 10.36
CA LYS R 86 -4.74 -59.25 10.07
C LYS R 86 -5.64 -58.98 11.27
N PRO R 87 -6.70 -58.20 11.12
CA PRO R 87 -7.54 -57.87 12.28
C PRO R 87 -8.39 -59.06 12.71
N ASP R 88 -8.70 -59.10 14.00
CA ASP R 88 -9.51 -60.17 14.57
C ASP R 88 -10.96 -59.71 14.64
N VAL R 89 -11.62 -59.73 13.48
CA VAL R 89 -13.02 -59.31 13.42
C VAL R 89 -13.92 -60.25 14.22
N ALA R 90 -13.48 -61.49 14.43
CA ALA R 90 -14.30 -62.42 15.21
C ALA R 90 -14.51 -61.92 16.63
N LYS R 91 -13.50 -61.28 17.21
CA LYS R 91 -13.60 -60.73 18.55
C LYS R 91 -14.22 -59.34 18.56
N GLY R 92 -14.33 -58.69 17.41
CA GLY R 92 -14.91 -57.37 17.33
C GLY R 92 -13.97 -56.31 16.81
N GLU R 93 -12.71 -56.63 16.52
CA GLU R 93 -11.78 -55.62 16.05
C GLU R 93 -12.25 -55.02 14.72
N LEU R 94 -11.98 -53.73 14.54
CA LEU R 94 -12.41 -53.04 13.34
C LEU R 94 -11.51 -53.38 12.17
N ALA R 95 -12.12 -53.60 11.01
CA ALA R 95 -11.40 -53.88 9.77
C ALA R 95 -11.79 -52.80 8.77
N ALA R 96 -10.91 -51.84 8.54
CA ALA R 96 -11.16 -50.79 7.58
C ALA R 96 -9.83 -50.27 7.05
N GLY R 97 -9.76 -50.07 5.74
CA GLY R 97 -8.56 -49.53 5.12
C GLY R 97 -7.66 -50.64 4.61
N ALA R 98 -6.36 -50.54 4.91
CA ALA R 98 -5.42 -51.53 4.42
C ALA R 98 -5.67 -52.90 5.02
N ASN R 99 -6.10 -52.97 6.28
CA ASN R 99 -6.30 -54.27 6.90
C ASN R 99 -7.43 -55.05 6.25
N VAL R 100 -8.25 -54.42 5.42
CA VAL R 100 -9.25 -55.12 4.62
C VAL R 100 -8.72 -55.44 3.23
N THR R 101 -8.19 -54.43 2.53
CA THR R 101 -7.79 -54.61 1.14
C THR R 101 -6.55 -55.50 1.04
N ARG R 102 -5.53 -55.22 1.84
CA ARG R 102 -4.27 -55.94 1.76
C ARG R 102 -4.19 -57.06 2.79
N THR R 103 -5.32 -57.70 3.08
CA THR R 103 -5.40 -58.87 3.94
C THR R 103 -6.54 -59.74 3.42
N ASP R 104 -6.75 -60.89 4.07
CA ASP R 104 -7.82 -61.80 3.68
C ASP R 104 -8.82 -62.02 4.82
N VAL R 105 -9.02 -61.00 5.66
CA VAL R 105 -9.99 -61.11 6.75
C VAL R 105 -11.40 -61.21 6.19
N TRP R 106 -11.66 -60.53 5.09
CA TRP R 106 -13.00 -60.50 4.52
C TRP R 106 -13.45 -61.87 4.01
N LYS R 107 -12.51 -62.78 3.76
CA LYS R 107 -12.86 -64.06 3.14
C LYS R 107 -13.63 -64.94 4.11
N ARG R 108 -14.82 -65.35 3.71
CA ARG R 108 -15.57 -66.41 4.40
C ARG R 108 -15.27 -67.73 3.72
N GLU R 109 -16.05 -68.78 3.99
CA GLU R 109 -15.75 -70.10 3.44
C GLU R 109 -16.44 -70.36 2.11
N GLY R 110 -17.77 -70.31 2.10
CA GLY R 110 -18.51 -70.64 0.89
C GLY R 110 -19.32 -69.49 0.33
N GLU R 111 -19.22 -68.33 0.94
CA GLU R 111 -19.96 -67.17 0.46
C GLU R 111 -19.33 -66.65 -0.82
N PRO R 112 -20.12 -66.22 -1.80
CA PRO R 112 -19.53 -65.58 -2.98
C PRO R 112 -18.68 -64.39 -2.55
N ALA R 113 -17.48 -64.31 -3.13
CA ALA R 113 -16.55 -63.27 -2.72
C ALA R 113 -17.19 -61.89 -2.81
N ILE R 114 -18.08 -61.69 -3.79
CA ILE R 114 -18.75 -60.40 -3.92
C ILE R 114 -19.58 -60.11 -2.68
N GLN R 115 -20.24 -61.12 -2.13
CA GLN R 115 -21.03 -60.92 -0.93
C GLN R 115 -20.13 -60.74 0.30
N SER R 116 -19.04 -61.49 0.36
CA SER R 116 -18.14 -61.40 1.52
C SER R 116 -17.53 -60.01 1.63
N ILE R 117 -17.03 -59.47 0.53
CA ILE R 117 -16.38 -58.16 0.60
C ILE R 117 -17.42 -57.06 0.80
N ALA R 118 -18.68 -57.33 0.51
CA ALA R 118 -19.71 -56.31 0.69
C ALA R 118 -19.97 -56.04 2.17
N ARG R 119 -19.82 -57.05 3.02
CA ARG R 119 -20.06 -56.89 4.43
C ARG R 119 -19.02 -55.98 5.08
N PHE R 120 -17.79 -55.98 4.58
CA PHE R 120 -16.71 -55.23 5.20
C PHE R 120 -16.66 -53.79 4.71
N ASN R 121 -17.77 -53.29 4.18
CA ASN R 121 -17.92 -51.87 3.94
C ASN R 121 -17.82 -51.11 5.26
N PRO R 122 -17.10 -50.00 5.31
CA PRO R 122 -16.99 -49.25 6.56
C PRO R 122 -18.31 -48.84 7.18
N ASP R 123 -19.38 -48.77 6.38
CA ASP R 123 -20.67 -48.37 6.95
C ASP R 123 -21.28 -49.47 7.80
N ASN R 124 -20.78 -50.69 7.73
CA ASN R 124 -21.33 -51.81 8.48
C ASN R 124 -20.70 -51.98 9.85
N PHE R 125 -19.72 -51.17 10.20
CA PHE R 125 -19.05 -51.23 11.50
C PHE R 125 -19.47 -50.01 12.31
N ARG R 126 -20.02 -50.24 13.50
CA ARG R 126 -20.28 -49.16 14.45
C ARG R 126 -19.80 -49.60 15.82
N PRO R 127 -19.22 -48.69 16.61
CA PRO R 127 -18.69 -49.09 17.92
C PRO R 127 -19.77 -49.72 18.77
N VAL R 128 -19.38 -50.71 19.57
CA VAL R 128 -20.34 -51.31 20.48
C VAL R 128 -20.88 -50.25 21.41
N GLY R 129 -22.20 -50.12 21.46
CA GLY R 129 -22.84 -49.16 22.31
C GLY R 129 -23.09 -47.80 21.69
N TYR R 130 -22.96 -47.68 20.38
CA TYR R 130 -23.16 -46.39 19.74
C TYR R 130 -24.57 -45.86 20.01
N ALA R 131 -25.58 -46.74 19.91
CA ALA R 131 -26.95 -46.30 20.02
C ALA R 131 -27.37 -45.99 21.45
N GLU R 132 -26.61 -46.43 22.44
CA GLU R 132 -26.97 -46.21 23.83
C GLU R 132 -26.18 -45.11 24.48
N ASN R 133 -25.21 -44.53 23.79
CA ASN R 133 -24.37 -43.49 24.36
C ASN R 133 -24.44 -42.18 23.60
N ILE R 134 -24.39 -42.21 22.28
CA ILE R 134 -24.20 -40.93 21.55
C ILE R 134 -25.35 -39.99 21.88
N PRO R 135 -25.08 -38.75 22.28
CA PRO R 135 -26.17 -37.80 22.52
C PRO R 135 -26.92 -37.46 21.24
N CYS R 136 -28.22 -37.20 21.39
CA CYS R 136 -29.10 -36.85 20.27
C CYS R 136 -29.83 -35.56 20.61
N PRO R 137 -29.16 -34.42 20.54
CA PRO R 137 -29.78 -33.16 20.98
C PRO R 137 -31.07 -32.87 20.24
N ASP R 138 -32.06 -32.41 21.00
CA ASP R 138 -33.31 -31.90 20.43
C ASP R 138 -33.32 -30.38 20.36
N THR R 139 -32.37 -29.72 21.00
CA THR R 139 -32.32 -28.27 21.04
C THR R 139 -30.92 -27.86 21.46
N CYS R 140 -30.52 -26.66 21.07
CA CYS R 140 -29.27 -26.08 21.53
C CYS R 140 -29.44 -25.33 22.84
N VAL R 141 -30.65 -25.24 23.36
CA VAL R 141 -30.94 -24.53 24.60
C VAL R 141 -31.63 -25.50 25.55
N PRO R 142 -30.88 -26.23 26.36
CA PRO R 142 -31.51 -27.23 27.23
C PRO R 142 -32.51 -26.59 28.19
N GLU R 143 -33.38 -27.41 28.74
CA GLU R 143 -34.36 -26.93 29.71
C GLU R 143 -33.66 -26.33 30.91
N GLY R 144 -34.20 -25.21 31.39
CA GLY R 144 -33.61 -24.50 32.51
C GLY R 144 -32.67 -23.39 32.13
N HIS R 145 -32.40 -23.21 30.85
CA HIS R 145 -31.52 -22.15 30.38
C HIS R 145 -32.35 -20.98 29.88
N LEU R 146 -31.82 -19.77 30.08
CA LEU R 146 -32.54 -18.56 29.72
C LEU R 146 -32.57 -18.39 28.20
N ASP R 147 -33.67 -17.89 27.68
CA ASP R 147 -33.81 -17.64 26.24
C ASP R 147 -34.77 -16.47 26.04
N PHE R 148 -35.14 -16.22 24.78
CA PHE R 148 -35.97 -15.06 24.48
C PHE R 148 -37.33 -15.17 25.13
N ARG R 149 -37.80 -16.38 25.40
CA ARG R 149 -39.11 -16.55 26.03
C ARG R 149 -39.13 -16.08 27.47
N HIS R 150 -37.97 -15.83 28.07
CA HIS R 150 -37.89 -15.34 29.43
C HIS R 150 -37.47 -13.88 29.52
N THR R 151 -36.81 -13.35 28.50
CA THR R 151 -36.32 -11.99 28.51
C THR R 151 -37.24 -11.02 27.80
N ARG R 152 -38.18 -11.49 26.98
CA ARG R 152 -39.14 -10.61 26.35
C ARG R 152 -39.79 -9.72 27.40
N LEU R 153 -39.86 -8.43 27.09
CA LEU R 153 -40.46 -7.48 28.00
C LEU R 153 -41.98 -7.65 28.03
N PRO R 154 -42.64 -7.15 29.07
CA PRO R 154 -44.10 -7.17 29.08
C PRO R 154 -44.67 -6.37 27.93
N THR R 155 -45.89 -6.73 27.53
CA THR R 155 -46.50 -6.08 26.37
C THR R 155 -46.94 -4.65 26.66
N TRP R 156 -46.96 -4.23 27.92
CA TRP R 156 -47.32 -2.86 28.27
C TRP R 156 -46.11 -1.96 28.39
N HIS R 157 -44.94 -2.44 27.98
CA HIS R 157 -43.71 -1.71 28.21
C HIS R 157 -43.70 -0.41 27.41
N ALA R 158 -42.65 0.38 27.63
CA ALA R 158 -42.45 1.65 26.95
C ALA R 158 -41.43 1.46 25.84
N ASP R 159 -41.50 2.33 24.84
CA ASP R 159 -40.57 2.26 23.72
C ASP R 159 -39.14 2.30 24.25
N ARG R 160 -38.31 1.41 23.75
CA ARG R 160 -36.91 1.37 24.13
C ARG R 160 -36.00 1.98 23.07
N ARG R 161 -36.54 2.35 21.91
CA ARG R 161 -35.74 3.05 20.90
C ARG R 161 -35.19 4.36 21.40
N PRO R 162 -35.98 5.25 22.00
CA PRO R 162 -35.43 6.56 22.38
C PRO R 162 -34.20 6.47 23.25
N PHE R 163 -34.20 5.60 24.26
CA PHE R 163 -33.02 5.50 25.11
C PHE R 163 -31.86 4.84 24.39
N HIS R 164 -32.14 3.87 23.53
CA HIS R 164 -31.06 3.22 22.80
C HIS R 164 -30.31 4.25 21.96
N TYR R 165 -31.01 5.11 21.24
CA TYR R 165 -30.35 6.09 20.41
C TYR R 165 -29.69 7.18 21.24
N PHE R 166 -30.19 7.43 22.46
CA PHE R 166 -29.50 8.31 23.36
C PHE R 166 -28.14 7.74 23.76
N ALA R 167 -28.08 6.43 24.02
CA ALA R 167 -26.83 5.82 24.42
C ALA R 167 -25.81 5.82 23.28
N THR R 168 -26.25 5.44 22.09
CA THR R 168 -25.33 5.48 20.95
C THR R 168 -25.01 6.92 20.56
N GLY R 169 -25.93 7.84 20.76
CA GLY R 169 -25.63 9.24 20.56
C GLY R 169 -24.60 9.76 21.55
N MET R 170 -24.69 9.33 22.81
CA MET R 170 -23.73 9.77 23.81
C MET R 170 -22.33 9.28 23.49
N PHE R 171 -22.22 8.06 22.96
CA PHE R 171 -20.92 7.56 22.53
C PHE R 171 -20.34 8.49 21.47
N GLY R 172 -21.15 8.89 20.50
CA GLY R 172 -20.68 9.82 19.50
C GLY R 172 -20.42 11.20 20.07
N LEU R 173 -21.27 11.66 20.98
CA LEU R 173 -21.08 12.98 21.57
C LEU R 173 -19.73 13.08 22.26
N ILE R 174 -19.42 12.12 23.14
CA ILE R 174 -18.15 12.16 23.85
C ILE R 174 -16.99 11.94 22.89
N GLY R 175 -17.15 11.04 21.93
CA GLY R 175 -16.09 10.81 20.97
C GLY R 175 -15.74 12.04 20.16
N LEU R 176 -16.76 12.78 19.73
CA LEU R 176 -16.50 14.00 18.96
C LEU R 176 -15.84 15.06 19.81
N ALA R 177 -16.20 15.15 21.09
CA ALA R 177 -15.56 16.11 21.98
C ALA R 177 -14.09 15.76 22.18
N PHE R 178 -13.77 14.47 22.36
CA PHE R 178 -12.38 14.08 22.49
C PHE R 178 -11.62 14.32 21.20
N LEU R 179 -12.28 14.12 20.05
CA LEU R 179 -11.63 14.35 18.77
C LEU R 179 -11.31 15.81 18.56
N ARG R 180 -12.26 16.69 18.88
CA ARG R 180 -12.03 18.12 18.71
C ARG R 180 -10.90 18.60 19.62
N GLY R 181 -10.88 18.12 20.86
CA GLY R 181 -9.80 18.50 21.76
C GLY R 181 -8.44 18.07 21.26
N THR R 182 -8.36 16.86 20.71
CA THR R 182 -7.09 16.36 20.20
C THR R 182 -6.61 17.19 19.02
N VAL R 183 -7.49 17.45 18.05
CA VAL R 183 -7.09 18.19 16.87
C VAL R 183 -6.65 19.60 17.22
N VAL R 184 -7.46 20.30 18.02
CA VAL R 184 -7.13 21.67 18.36
C VAL R 184 -5.81 21.72 19.12
N LYS R 185 -5.59 20.78 20.03
CA LYS R 185 -4.37 20.79 20.82
C LYS R 185 -3.15 20.57 19.94
N VAL R 186 -3.25 19.69 18.95
CA VAL R 186 -2.11 19.44 18.08
C VAL R 186 -1.78 20.67 17.25
N VAL R 187 -2.80 21.27 16.62
CA VAL R 187 -2.57 22.47 15.84
C VAL R 187 -2.04 23.59 16.73
N HIS R 188 -2.48 23.65 17.98
CA HIS R 188 -2.03 24.68 18.89
C HIS R 188 -0.53 24.62 19.10
N GLY R 189 0.04 23.41 19.09
CA GLY R 189 1.48 23.27 19.28
C GLY R 189 2.31 23.97 18.23
N LEU R 190 1.73 24.25 17.07
CA LEU R 190 2.45 24.95 16.01
C LEU R 190 2.52 26.46 16.23
N TRP R 191 1.68 27.01 17.10
CA TRP R 191 1.76 28.43 17.45
C TRP R 191 3.16 28.71 17.99
N PRO R 192 3.68 29.93 17.86
CA PRO R 192 5.00 30.21 18.42
C PRO R 192 5.07 29.80 19.88
N ALA R 193 6.18 29.15 20.25
CA ALA R 193 6.31 28.51 21.54
C ALA R 193 6.51 29.56 22.64
N ARG R 194 6.42 29.10 23.88
CA ARG R 194 6.46 30.00 25.03
C ARG R 194 7.75 30.82 25.06
N ASP R 195 8.89 30.20 24.71
CA ASP R 195 10.13 30.96 24.65
C ASP R 195 10.09 32.02 23.55
N ALA R 196 9.50 31.69 22.40
CA ALA R 196 9.50 32.60 21.26
C ALA R 196 8.54 33.77 21.49
N ILE R 197 7.33 33.48 21.97
CA ILE R 197 6.39 34.54 22.29
C ILE R 197 7.00 35.51 23.28
N ALA R 198 7.69 34.96 24.29
CA ALA R 198 8.32 35.79 25.31
C ALA R 198 9.40 36.69 24.71
N ALA R 199 10.20 36.16 23.79
CA ALA R 199 11.29 36.93 23.21
C ALA R 199 10.79 37.97 22.23
N GLY R 200 9.58 37.83 21.72
CA GLY R 200 9.04 38.74 20.74
C GLY R 200 8.45 40.00 21.30
N VAL R 201 8.69 40.30 22.57
CA VAL R 201 8.18 41.49 23.22
C VAL R 201 9.31 42.11 24.02
N ILE R 202 9.75 43.30 23.61
CA ILE R 202 10.76 44.05 24.32
C ILE R 202 10.13 45.33 24.84
N GLU R 203 10.35 45.63 26.11
CA GLU R 203 9.85 46.85 26.74
C GLU R 203 10.96 47.89 26.77
N VAL R 204 10.67 49.09 26.32
CA VAL R 204 11.64 50.17 26.26
C VAL R 204 11.47 51.03 27.49
N ASP R 205 12.48 51.01 28.37
CA ASP R 205 12.47 51.92 29.52
C ASP R 205 13.01 53.26 29.07
N LEU R 206 12.09 54.16 28.72
CA LEU R 206 12.46 55.50 28.27
C LEU R 206 13.15 56.27 29.39
N ARG R 207 13.36 55.63 30.54
CA ARG R 207 14.03 56.26 31.66
C ARG R 207 15.54 56.18 31.48
N GLY R 208 16.20 57.34 31.47
CA GLY R 208 17.63 57.44 31.31
C GLY R 208 18.06 57.93 29.95
N ILE R 209 17.17 57.85 28.95
CA ILE R 209 17.48 58.43 27.64
C ILE R 209 17.58 59.94 27.78
N GLN R 210 18.44 60.53 26.96
CA GLN R 210 18.61 61.98 26.92
C GLN R 210 18.13 62.50 25.57
N PRO R 211 17.62 63.73 25.52
CA PRO R 211 17.11 64.24 24.25
C PRO R 211 18.20 64.25 23.19
N GLY R 212 17.89 63.66 22.04
CA GLY R 212 18.83 63.55 20.94
C GLY R 212 19.55 62.22 20.85
N GLN R 213 19.38 61.34 21.83
CA GLN R 213 20.07 60.05 21.83
C GLN R 213 19.27 59.02 21.04
N ASN R 214 19.99 58.20 20.28
CA ASN R 214 19.40 57.11 19.51
C ASN R 214 19.95 55.79 20.01
N PHE R 215 19.06 54.86 20.35
CA PHE R 215 19.42 53.53 20.79
C PHE R 215 18.76 52.49 19.89
N VAL R 216 19.36 51.30 19.86
CA VAL R 216 18.92 50.23 18.98
C VAL R 216 18.48 49.05 19.82
N VAL R 217 17.32 48.49 19.49
CA VAL R 217 16.77 47.32 20.15
C VAL R 217 16.54 46.26 19.09
N LYS R 218 17.10 45.07 19.29
CA LYS R 218 16.85 43.97 18.36
C LYS R 218 15.49 43.38 18.67
N TRP R 219 14.53 43.58 17.77
CA TRP R 219 13.16 43.15 17.96
C TRP R 219 12.76 42.29 16.77
N ARG R 220 12.47 41.03 17.01
CA ARG R 220 12.07 40.09 15.96
C ARG R 220 13.11 40.05 14.85
N GLY R 221 14.38 40.10 15.23
CA GLY R 221 15.49 39.96 14.30
C GLY R 221 15.94 41.23 13.62
N LYS R 222 15.28 42.36 13.85
CA LYS R 222 15.59 43.56 13.11
C LYS R 222 16.00 44.68 14.05
N PRO R 223 16.83 45.61 13.59
CA PRO R 223 17.18 46.76 14.43
C PRO R 223 16.04 47.75 14.49
N VAL R 224 15.66 48.13 15.71
CA VAL R 224 14.57 49.07 15.94
C VAL R 224 15.18 50.30 16.60
N PHE R 225 15.36 51.36 15.83
CA PHE R 225 15.90 52.60 16.38
C PHE R 225 14.84 53.32 17.21
N VAL R 226 15.20 53.67 18.44
CA VAL R 226 14.33 54.42 19.34
C VAL R 226 15.07 55.69 19.73
N ARG R 227 14.68 56.83 19.15
CA ARG R 227 15.38 58.08 19.36
C ARG R 227 14.49 59.09 20.05
N ARG R 228 14.97 59.64 21.16
CA ARG R 228 14.36 60.83 21.74
C ARG R 228 14.74 62.03 20.89
N ARG R 229 13.75 62.84 20.54
CA ARG R 229 13.96 63.92 19.59
C ARG R 229 13.94 65.27 20.31
N THR R 230 15.00 66.05 20.11
CA THR R 230 15.04 67.40 20.64
C THR R 230 14.03 68.28 19.91
N GLN R 231 13.69 69.40 20.54
CA GLN R 231 12.74 70.32 19.92
C GLN R 231 13.19 70.73 18.52
N ALA R 232 14.49 70.87 18.31
CA ALA R 232 14.98 71.19 16.97
C ALA R 232 14.64 70.08 15.99
N MET R 233 14.86 68.84 16.37
CA MET R 233 14.52 67.72 15.49
C MET R 233 13.02 67.69 15.22
N ILE R 234 12.20 67.87 16.26
CA ILE R 234 10.76 67.82 16.08
C ILE R 234 10.30 68.95 15.17
N ASP R 235 10.82 70.16 15.38
CA ASP R 235 10.44 71.29 14.54
C ASP R 235 10.86 71.05 13.10
N ALA R 236 12.03 70.44 12.88
CA ALA R 236 12.49 70.20 11.53
C ALA R 236 11.51 69.34 10.74
N ALA R 237 11.05 68.24 11.35
CA ALA R 237 10.08 67.39 10.66
C ALA R 237 8.76 68.11 10.47
N THR R 238 8.38 68.93 11.45
CA THR R 238 7.15 69.72 11.32
C THR R 238 7.24 70.69 10.16
N ALA R 239 8.44 71.24 9.91
CA ALA R 239 8.61 72.14 8.77
C ALA R 239 8.42 71.40 7.45
N ASP R 240 8.95 70.19 7.34
CA ASP R 240 8.73 69.38 6.14
C ASP R 240 7.29 68.88 6.06
N ASP R 241 6.55 68.93 7.17
CA ASP R 241 5.16 68.52 7.18
C ASP R 241 4.32 69.41 6.28
N ALA R 242 4.77 70.62 6.01
CA ALA R 242 4.08 71.52 5.09
C ALA R 242 4.49 71.29 3.64
N ILE R 243 5.67 70.76 3.41
CA ILE R 243 6.19 70.56 2.05
C ILE R 243 5.84 69.15 1.60
N VAL R 244 5.00 68.45 2.38
CA VAL R 244 4.53 67.13 1.98
C VAL R 244 3.93 67.24 0.58
N ASN R 245 3.92 66.14 -0.16
CA ASN R 245 3.63 66.04 -1.59
C ASN R 245 4.83 66.45 -2.43
N SER R 246 5.88 66.98 -1.82
CA SER R 246 7.16 67.18 -2.49
C SER R 246 8.16 66.11 -2.12
N LEU R 247 7.69 65.05 -1.48
CA LEU R 247 8.52 63.96 -1.00
C LEU R 247 8.17 62.68 -1.76
N ARG R 248 9.18 61.83 -1.95
CA ARG R 248 8.97 60.58 -2.67
C ARG R 248 7.81 59.78 -2.08
N ASP R 249 7.74 59.72 -0.74
CA ASP R 249 6.70 58.99 -0.02
C ASP R 249 6.04 59.98 0.94
N PRO R 250 5.01 60.70 0.50
CA PRO R 250 4.43 61.76 1.35
C PRO R 250 3.80 61.21 2.61
N GLU R 251 4.39 61.54 3.76
CA GLU R 251 3.86 61.16 5.06
C GLU R 251 4.11 62.30 6.03
N ARG R 252 3.18 62.51 6.95
CA ARG R 252 3.28 63.59 7.94
C ARG R 252 3.83 63.04 9.25
N ASP R 253 4.67 63.85 9.91
CA ASP R 253 5.32 63.39 11.13
C ASP R 253 4.30 62.96 12.17
N LYS R 254 3.14 63.60 12.21
CA LYS R 254 2.11 63.22 13.17
C LYS R 254 1.65 61.79 12.96
N ASP R 255 1.70 61.30 11.72
CA ASP R 255 1.26 59.94 11.40
C ASP R 255 2.38 58.91 11.50
N ARG R 256 3.59 59.35 11.87
CA ARG R 256 4.70 58.43 12.06
C ARG R 256 5.19 58.37 13.50
N VAL R 257 4.72 59.27 14.37
CA VAL R 257 5.11 59.28 15.77
C VAL R 257 3.86 59.38 16.62
N LYS R 258 3.80 58.57 17.68
CA LYS R 258 2.69 58.67 18.62
C LYS R 258 2.91 59.81 19.60
N LYS R 259 4.16 60.04 20.02
CA LYS R 259 4.53 61.18 20.84
C LYS R 259 5.67 61.91 20.13
N PRO R 260 5.57 63.22 19.95
CA PRO R 260 6.60 63.93 19.17
C PRO R 260 8.00 63.73 19.71
N GLU R 261 8.16 63.60 21.02
CA GLU R 261 9.49 63.47 21.60
C GLU R 261 10.15 62.14 21.27
N TRP R 262 9.38 61.16 20.80
CA TRP R 262 9.86 59.80 20.63
C TRP R 262 9.60 59.32 19.21
N LEU R 263 10.65 58.89 18.52
CA LEU R 263 10.55 58.28 17.20
C LEU R 263 11.02 56.83 17.31
N VAL R 264 10.11 55.89 17.12
CA VAL R 264 10.42 54.48 17.08
C VAL R 264 10.26 54.01 15.63
N MET R 265 11.35 53.54 15.04
CA MET R 265 11.35 53.15 13.64
C MET R 265 12.23 51.91 13.49
N LEU R 266 11.97 51.14 12.44
CA LEU R 266 12.83 50.01 12.10
C LEU R 266 13.99 50.51 11.25
N GLY R 267 15.21 50.30 11.74
CA GLY R 267 16.38 50.83 11.09
C GLY R 267 16.90 49.97 9.95
N VAL R 268 16.12 49.89 8.87
CA VAL R 268 16.46 49.09 7.71
C VAL R 268 16.24 49.97 6.48
N CYS R 269 17.32 50.30 5.77
CA CYS R 269 17.19 51.11 4.57
C CYS R 269 16.22 50.45 3.60
N THR R 270 15.33 51.25 3.05
CA THR R 270 14.34 50.72 2.11
C THR R 270 14.94 50.43 0.75
N HIS R 271 16.23 50.70 0.53
CA HIS R 271 16.82 50.38 -0.76
C HIS R 271 17.23 48.91 -0.81
N LEU R 272 18.23 48.53 -0.02
CA LEU R 272 18.77 47.17 -0.07
C LEU R 272 19.06 46.63 1.33
N GLY R 273 18.41 47.18 2.34
CA GLY R 273 18.39 46.58 3.66
C GLY R 273 19.50 46.99 4.59
N CYS R 274 20.54 47.68 4.10
CA CYS R 274 21.58 48.16 4.99
C CYS R 274 20.96 48.94 6.14
N VAL R 275 21.66 48.99 7.27
CA VAL R 275 21.19 49.66 8.47
C VAL R 275 21.76 51.07 8.48
N PRO R 276 20.93 52.11 8.46
CA PRO R 276 21.45 53.48 8.44
C PRO R 276 22.05 53.86 9.79
N TYR R 277 22.94 54.85 9.75
CA TYR R 277 23.60 55.38 10.93
C TYR R 277 23.00 56.74 11.29
N PRO R 278 22.67 56.97 12.56
CA PRO R 278 22.01 58.23 12.92
C PRO R 278 22.96 59.41 12.97
N ASP R 279 22.36 60.61 12.97
CA ASP R 279 23.11 61.86 13.01
C ASP R 279 24.03 61.99 11.81
N GLN R 280 23.58 61.50 10.67
CA GLN R 280 24.36 61.53 9.44
C GLN R 280 23.47 61.93 8.29
N GLY R 281 24.09 62.45 7.24
CA GLY R 281 23.38 62.87 6.06
C GLY R 281 23.29 64.38 5.94
N LEU R 282 22.38 64.83 5.07
CA LEU R 282 22.14 66.24 4.86
C LEU R 282 21.09 66.80 5.80
N TYR R 283 20.22 65.95 6.34
CA TYR R 283 19.15 66.37 7.22
C TYR R 283 19.43 66.02 8.68
N GLY R 284 20.66 65.60 9.00
CA GLY R 284 20.98 65.23 10.36
C GLY R 284 20.10 64.13 10.91
N GLY R 285 19.54 63.31 10.02
CA GLY R 285 18.63 62.26 10.41
C GLY R 285 19.35 60.92 10.46
N TYR R 286 19.24 60.15 9.38
CA TYR R 286 19.89 58.85 9.30
C TYR R 286 20.39 58.66 7.88
N PHE R 287 21.69 58.41 7.73
CA PHE R 287 22.32 58.28 6.43
C PHE R 287 22.77 56.83 6.24
N CYS R 288 22.25 56.17 5.22
CA CYS R 288 22.73 54.83 4.88
C CYS R 288 23.98 54.96 4.02
N PRO R 289 25.15 54.52 4.50
CA PRO R 289 26.39 54.70 3.73
C PRO R 289 26.53 53.75 2.56
N CYS R 290 25.68 52.72 2.46
CA CYS R 290 25.84 51.74 1.40
C CYS R 290 25.76 52.40 0.03
N HIS R 291 24.66 53.09 -0.25
CA HIS R 291 24.45 53.72 -1.54
C HIS R 291 24.03 55.17 -1.44
N GLY R 292 24.00 55.73 -0.23
CA GLY R 292 23.82 57.15 -0.04
C GLY R 292 22.39 57.63 0.07
N SER R 293 21.59 56.99 0.93
CA SER R 293 20.22 57.40 1.17
C SER R 293 20.16 58.26 2.43
N HIS R 294 19.51 59.42 2.32
CA HIS R 294 19.39 60.37 3.42
C HIS R 294 17.94 60.40 3.87
N TYR R 295 17.72 60.17 5.16
CA TYR R 295 16.41 60.25 5.79
C TYR R 295 16.39 61.43 6.76
N ASP R 296 15.21 62.00 6.95
CA ASP R 296 15.07 63.19 7.79
C ASP R 296 14.91 62.78 9.25
N HIS R 297 14.57 63.74 10.11
CA HIS R 297 14.39 63.46 11.53
C HIS R 297 13.11 62.71 11.83
N SER R 298 12.24 62.52 10.84
CA SER R 298 11.06 61.69 10.98
C SER R 298 11.21 60.32 10.32
N GLY R 299 12.35 60.07 9.68
CA GLY R 299 12.56 58.80 9.00
C GLY R 299 12.05 58.74 7.58
N ARG R 300 11.74 59.88 6.97
CA ARG R 300 11.24 59.91 5.61
C ARG R 300 12.40 60.11 4.63
N ILE R 301 12.36 59.35 3.53
CA ILE R 301 13.46 59.40 2.56
C ILE R 301 13.45 60.75 1.86
N ARG R 302 14.60 61.42 1.87
CA ARG R 302 14.75 62.74 1.28
C ARG R 302 15.73 62.78 0.13
N LEU R 303 16.64 61.81 0.03
CA LEU R 303 17.65 61.78 -1.03
C LEU R 303 18.26 60.39 -1.06
N GLY R 304 18.72 59.98 -2.23
CA GLY R 304 19.41 58.72 -2.37
C GLY R 304 18.68 57.74 -3.28
N PRO R 305 19.11 56.47 -3.26
CA PRO R 305 18.42 55.45 -4.05
C PRO R 305 17.19 54.87 -3.39
N ALA R 306 17.07 55.01 -2.07
CA ALA R 306 15.98 54.36 -1.34
C ALA R 306 14.62 54.82 -1.87
N PRO R 307 13.64 53.91 -1.98
CA PRO R 307 12.34 54.27 -2.56
C PRO R 307 11.29 54.78 -1.58
N LEU R 308 11.32 54.33 -0.33
CA LEU R 308 10.23 54.58 0.61
C LEU R 308 10.79 55.13 1.92
N ASN R 309 9.89 55.39 2.88
CA ASN R 309 10.28 55.83 4.21
C ASN R 309 10.55 54.62 5.10
N MET R 310 11.42 54.82 6.10
CA MET R 310 11.67 53.76 7.06
C MET R 310 10.38 53.42 7.81
N GLU R 311 10.11 52.13 7.95
CA GLU R 311 8.83 51.68 8.49
C GLU R 311 8.73 51.93 9.98
N ILE R 312 7.52 52.22 10.44
CA ILE R 312 7.22 52.41 11.85
C ILE R 312 6.69 51.10 12.41
N PRO R 313 7.33 50.50 13.40
CA PRO R 313 6.86 49.20 13.90
C PRO R 313 5.58 49.35 14.70
N THR R 314 4.99 48.20 15.02
CA THR R 314 3.85 48.15 15.92
C THR R 314 4.36 48.30 17.35
N TYR R 315 3.97 49.39 18.00
CA TYR R 315 4.42 49.66 19.37
C TYR R 315 3.44 50.61 20.03
N GLU R 316 3.18 50.38 21.31
CA GLU R 316 2.32 51.25 22.11
C GLU R 316 3.09 51.74 23.33
N PHE R 317 2.57 52.80 23.94
CA PHE R 317 3.14 53.36 25.16
C PHE R 317 2.38 52.80 26.36
N THR R 318 3.08 52.00 27.17
CA THR R 318 2.47 51.48 28.40
C THR R 318 2.22 52.58 29.40
N ASP R 319 3.19 53.48 29.56
CA ASP R 319 3.09 54.65 30.43
C ASP R 319 3.89 55.75 29.76
N ASP R 320 4.29 56.76 30.53
CA ASP R 320 5.08 57.85 29.96
C ASP R 320 6.55 57.46 29.75
N ASP R 321 7.07 56.48 30.49
CA ASP R 321 8.48 56.12 30.39
C ASP R 321 8.66 54.64 30.05
N THR R 322 7.74 54.09 29.26
CA THR R 322 7.84 52.70 28.84
C THR R 322 7.04 52.50 27.56
N ILE R 323 7.65 51.77 26.63
CA ILE R 323 7.02 51.36 25.38
C ILE R 323 7.00 49.84 25.36
N ILE R 324 6.08 49.28 24.59
CA ILE R 324 6.01 47.83 24.39
C ILE R 324 5.98 47.57 22.89
N LEU R 325 7.07 47.00 22.37
CA LEU R 325 7.15 46.66 20.96
C LEU R 325 6.43 45.35 20.71
N GLY R 326 5.41 45.38 19.85
CA GLY R 326 4.59 44.22 19.59
C GLY R 326 3.18 44.41 20.11
N SER S 1 -44.02 26.92 4.35
CA SER S 1 -42.82 26.31 3.82
C SER S 1 -42.47 26.94 2.49
N PHE S 2 -41.21 27.33 2.34
CA PHE S 2 -40.78 28.02 1.15
C PHE S 2 -40.53 27.07 0.00
N HIS S 3 -40.21 25.80 0.29
CA HIS S 3 -40.04 24.84 -0.79
C HIS S 3 -41.35 24.61 -1.53
N ARG S 4 -42.46 24.58 -0.80
CA ARG S 4 -43.75 24.40 -1.46
C ARG S 4 -44.06 25.55 -2.39
N ALA S 5 -43.76 26.77 -1.97
CA ALA S 5 -43.97 27.92 -2.84
C ALA S 5 -43.07 27.85 -4.06
N PHE S 6 -41.81 27.47 -3.88
CA PHE S 6 -40.91 27.33 -5.00
C PHE S 6 -41.40 26.27 -5.97
N ALA S 7 -41.91 25.15 -5.45
CA ALA S 7 -42.39 24.08 -6.32
C ALA S 7 -43.55 24.56 -7.18
N ARG S 8 -44.42 25.39 -6.62
CA ARG S 8 -45.54 25.90 -7.40
C ARG S 8 -45.06 26.87 -8.48
N VAL S 9 -44.05 27.68 -8.18
CA VAL S 9 -43.53 28.58 -9.19
C VAL S 9 -42.94 27.80 -10.37
N VAL S 10 -42.18 26.76 -10.07
CA VAL S 10 -41.59 25.95 -11.13
C VAL S 10 -42.68 25.32 -11.98
N CYS S 11 -43.72 24.79 -11.34
CA CYS S 11 -44.79 24.13 -12.07
C CYS S 11 -45.50 25.11 -12.99
N ASN S 12 -45.81 26.31 -12.49
CA ASN S 12 -46.53 27.28 -13.31
C ASN S 12 -45.70 27.75 -14.48
N TYR S 13 -44.42 28.01 -14.26
CA TYR S 13 -43.56 28.48 -15.35
C TYR S 13 -43.47 27.45 -16.45
N ASN S 14 -43.12 26.21 -16.08
CA ASN S 14 -42.95 25.18 -17.10
C ASN S 14 -44.25 24.92 -17.84
N LYS S 15 -45.38 24.99 -17.14
CA LYS S 15 -46.66 24.85 -17.82
C LYS S 15 -46.91 25.96 -18.81
N SER S 16 -46.25 27.11 -18.66
CA SER S 16 -46.48 28.25 -19.53
C SER S 16 -45.55 28.26 -20.73
N ILE S 17 -44.65 27.29 -20.86
CA ILE S 17 -43.76 27.19 -22.01
C ILE S 17 -43.86 25.83 -22.69
N GLU S 18 -44.87 25.05 -22.36
CA GLU S 18 -45.08 23.79 -23.07
C GLU S 18 -45.47 24.07 -24.51
N GLY S 19 -44.89 23.29 -25.43
CA GLY S 19 -45.17 23.45 -26.83
C GLY S 19 -44.46 24.63 -27.48
N SER S 20 -43.53 25.26 -26.79
CA SER S 20 -42.81 26.38 -27.38
C SER S 20 -41.91 25.89 -28.50
N VAL S 21 -41.83 26.68 -29.56
CA VAL S 21 -40.99 26.33 -30.70
C VAL S 21 -39.53 26.57 -30.33
N PRO S 22 -38.62 25.63 -30.61
CA PRO S 22 -37.21 25.87 -30.28
C PRO S 22 -36.65 27.04 -31.06
N TRP S 23 -35.60 27.66 -30.50
CA TRP S 23 -35.07 28.88 -31.08
C TRP S 23 -34.66 28.66 -32.53
N TYR S 24 -34.13 27.48 -32.86
CA TYR S 24 -33.65 27.24 -34.21
C TYR S 24 -34.77 27.09 -35.21
N GLN S 25 -35.97 26.72 -34.79
CA GLN S 25 -37.08 26.53 -35.70
C GLN S 25 -37.90 27.79 -35.91
N VAL S 26 -37.50 28.90 -35.32
CA VAL S 26 -38.14 30.19 -35.56
C VAL S 26 -37.50 30.82 -36.79
N LYS S 27 -38.33 31.48 -37.61
CA LYS S 27 -37.83 32.20 -38.78
C LYS S 27 -37.35 33.57 -38.32
N ARG S 28 -36.04 33.70 -38.14
CA ARG S 28 -35.44 34.86 -37.50
C ARG S 28 -34.79 35.76 -38.53
N GLU S 29 -35.10 37.05 -38.46
CA GLU S 29 -34.47 38.07 -39.29
C GLU S 29 -33.41 38.77 -38.47
N LYS S 30 -32.23 38.95 -39.07
CA LYS S 30 -31.15 39.62 -38.36
C LYS S 30 -31.52 41.07 -38.06
N SER S 31 -31.00 41.58 -36.96
CA SER S 31 -31.25 42.95 -36.58
C SER S 31 -30.52 43.89 -37.53
N PRO S 32 -30.95 45.16 -37.60
CA PRO S 32 -30.23 46.12 -38.45
C PRO S 32 -28.78 46.34 -38.06
N PHE S 33 -28.36 45.86 -36.89
CA PHE S 33 -26.98 46.00 -36.46
C PHE S 33 -26.15 44.79 -36.85
N GLN S 34 -26.69 43.58 -36.71
CA GLN S 34 -25.96 42.40 -37.12
C GLN S 34 -25.79 42.35 -38.64
N GLN S 35 -26.74 42.92 -39.38
CA GLN S 35 -26.62 42.97 -40.83
C GLN S 35 -25.47 43.86 -41.25
N VAL S 36 -25.27 44.99 -40.58
CA VAL S 36 -24.15 45.86 -40.90
C VAL S 36 -22.84 45.17 -40.60
N TRP S 37 -22.75 44.51 -39.45
CA TRP S 37 -21.53 43.78 -39.09
C TRP S 37 -21.22 42.69 -40.11
N ASP S 38 -22.25 41.98 -40.56
CA ASP S 38 -22.05 40.96 -41.58
C ASP S 38 -21.63 41.57 -42.91
N GLU S 39 -22.07 42.79 -43.19
CA GLU S 39 -21.74 43.42 -44.46
C GLU S 39 -20.27 43.83 -44.51
N VAL S 40 -19.68 44.21 -43.38
CA VAL S 40 -18.33 44.77 -43.33
C VAL S 40 -17.33 43.76 -42.81
N PHE S 41 -17.48 43.34 -41.56
CA PHE S 41 -16.45 42.50 -40.95
C PHE S 41 -16.38 41.14 -41.63
N THR S 42 -17.52 40.48 -41.80
CA THR S 42 -17.50 39.09 -42.23
C THR S 42 -16.81 38.91 -43.58
N PRO S 43 -17.10 39.70 -44.62
CA PRO S 43 -16.40 39.47 -45.90
C PRO S 43 -14.90 39.65 -45.80
N ILE S 44 -14.44 40.73 -45.18
CA ILE S 44 -13.01 40.97 -45.09
C ILE S 44 -12.35 39.89 -44.24
N TRP S 45 -12.98 39.53 -43.13
CA TRP S 45 -12.42 38.51 -42.25
C TRP S 45 -12.30 37.17 -42.97
N PHE S 46 -13.28 36.82 -43.79
CA PHE S 46 -13.19 35.57 -44.55
C PHE S 46 -12.07 35.62 -45.57
N LYS S 47 -11.94 36.74 -46.29
CA LYS S 47 -10.94 36.83 -47.34
C LYS S 47 -9.53 36.74 -46.79
N LEU S 48 -9.26 37.40 -45.67
CA LEU S 48 -7.90 37.56 -45.18
C LEU S 48 -7.50 36.55 -44.11
N VAL S 49 -8.43 36.14 -43.25
CA VAL S 49 -8.04 35.31 -42.11
C VAL S 49 -8.77 33.97 -42.11
N LYS S 50 -10.08 34.00 -41.96
CA LYS S 50 -10.81 32.76 -41.74
C LYS S 50 -10.71 31.83 -42.95
N GLY S 51 -10.95 32.36 -44.14
CA GLY S 51 -10.92 31.56 -45.33
C GLY S 51 -9.61 30.83 -45.54
N PRO S 52 -8.51 31.58 -45.59
CA PRO S 52 -7.20 30.94 -45.78
C PRO S 52 -6.82 30.01 -44.64
N TYR S 53 -7.05 30.39 -43.38
CA TYR S 53 -6.65 29.52 -42.29
C TYR S 53 -7.40 28.20 -42.33
N GLU S 54 -8.71 28.26 -42.56
CA GLU S 54 -9.51 27.05 -42.51
C GLU S 54 -9.30 26.18 -43.75
N ARG S 55 -9.03 26.78 -44.91
CA ARG S 55 -8.64 25.98 -46.05
C ARG S 55 -7.31 25.28 -45.79
N TRP S 56 -6.38 25.99 -45.17
CA TRP S 56 -5.08 25.39 -44.85
C TRP S 56 -5.23 24.20 -43.93
N GLU S 57 -6.08 24.31 -42.91
CA GLU S 57 -6.30 23.20 -42.00
C GLU S 57 -7.07 22.07 -42.67
N TYR S 58 -8.09 22.40 -43.46
CA TYR S 58 -8.89 21.37 -44.10
C TYR S 58 -8.07 20.59 -45.10
N ASN S 59 -7.28 21.28 -45.93
CA ASN S 59 -6.50 20.57 -46.94
C ASN S 59 -5.47 19.68 -46.28
N ALA S 60 -4.92 20.10 -45.16
CA ALA S 60 -4.00 19.25 -44.43
C ALA S 60 -4.69 18.00 -43.90
N LEU S 61 -5.91 18.15 -43.39
CA LEU S 61 -6.64 17.01 -42.86
C LEU S 61 -6.94 16.00 -43.96
N VAL S 62 -7.34 16.47 -45.15
CA VAL S 62 -7.61 15.57 -46.26
C VAL S 62 -6.35 14.81 -46.64
N ALA S 63 -5.21 15.50 -46.64
CA ALA S 63 -3.96 14.83 -46.97
C ALA S 63 -3.59 13.78 -45.92
N ARG S 64 -3.79 14.11 -44.64
CA ARG S 64 -3.47 13.14 -43.60
C ARG S 64 -4.32 11.89 -43.73
N TYR S 65 -5.62 12.06 -44.00
CA TYR S 65 -6.48 10.90 -44.20
C TYR S 65 -6.05 10.10 -45.43
N ARG S 66 -5.75 10.78 -46.53
CA ARG S 66 -5.31 10.09 -47.74
C ARG S 66 -3.98 9.37 -47.53
N GLY S 67 -3.09 9.94 -46.73
CA GLY S 67 -1.83 9.27 -46.45
C GLY S 67 -2.03 7.98 -45.67
N MET S 68 -2.97 7.98 -44.72
CA MET S 68 -3.29 6.78 -43.97
C MET S 68 -4.22 5.85 -44.75
N GLY S 69 -4.81 6.32 -45.84
CA GLY S 69 -5.80 5.54 -46.56
C GLY S 69 -7.09 5.30 -45.80
N ILE S 70 -7.50 6.23 -44.94
CA ILE S 70 -8.70 6.08 -44.13
C ILE S 70 -9.70 7.15 -44.54
N MET S 71 -10.95 6.92 -44.15
CA MET S 71 -12.01 7.90 -44.30
C MET S 71 -12.11 8.76 -43.04
N ALA S 72 -12.81 9.89 -43.16
CA ALA S 72 -12.98 10.74 -41.99
C ALA S 72 -13.78 10.03 -40.91
N ASP S 73 -14.83 9.30 -41.29
CA ASP S 73 -15.65 8.61 -40.31
C ASP S 73 -14.92 7.46 -39.65
N ASP S 74 -13.85 6.95 -40.26
CA ASP S 74 -13.02 5.96 -39.59
C ASP S 74 -12.35 6.54 -38.36
N ALA S 75 -12.06 7.84 -38.38
CA ALA S 75 -11.26 8.46 -37.33
C ALA S 75 -12.00 8.58 -36.01
N MET S 76 -13.30 8.32 -35.97
CA MET S 76 -14.06 8.46 -34.74
C MET S 76 -13.63 7.43 -33.71
N ASN S 77 -13.52 7.87 -32.46
CA ASN S 77 -13.08 7.02 -31.37
C ASN S 77 -14.28 6.36 -30.73
N ASP S 78 -14.19 5.06 -30.50
CA ASP S 78 -15.33 4.33 -29.94
C ASP S 78 -15.43 4.48 -28.43
N LYS S 79 -14.52 5.23 -27.80
CA LYS S 79 -14.73 5.62 -26.41
C LYS S 79 -15.90 6.58 -26.27
N ASP S 80 -16.30 7.25 -27.34
CA ASP S 80 -17.53 8.02 -27.34
C ASP S 80 -18.73 7.09 -27.44
N MET S 81 -19.72 7.30 -26.58
CA MET S 81 -20.80 6.32 -26.46
C MET S 81 -21.70 6.32 -27.69
N ILE S 82 -21.94 7.48 -28.30
CA ILE S 82 -22.74 7.49 -29.52
C ILE S 82 -22.06 6.68 -30.61
N VAL S 83 -20.73 6.81 -30.74
CA VAL S 83 -20.02 6.03 -31.73
C VAL S 83 -20.14 4.54 -31.43
N GLU S 84 -19.99 4.16 -30.17
CA GLU S 84 -20.11 2.75 -29.81
C GLU S 84 -21.50 2.21 -30.13
N ARG S 85 -22.55 2.98 -29.81
CA ARG S 85 -23.90 2.52 -30.07
C ARG S 85 -24.19 2.45 -31.56
N ALA S 86 -23.62 3.38 -32.33
CA ALA S 86 -23.75 3.32 -33.78
C ALA S 86 -23.02 2.12 -34.36
N LEU S 87 -21.83 1.82 -33.84
CA LEU S 87 -21.07 0.70 -34.38
C LEU S 87 -21.72 -0.63 -34.10
N ASP S 88 -22.59 -0.71 -33.10
CA ASP S 88 -23.29 -1.96 -32.85
C ASP S 88 -24.18 -2.36 -34.02
N ILE S 89 -24.69 -1.39 -34.78
CA ILE S 89 -25.75 -1.66 -35.74
C ILE S 89 -25.30 -1.49 -37.18
N ILE S 90 -24.02 -1.22 -37.44
CA ILE S 90 -23.61 -1.04 -38.83
C ILE S 90 -23.60 -2.40 -39.52
N PRO S 91 -23.94 -2.45 -40.81
CA PRO S 91 -23.96 -3.74 -41.52
C PRO S 91 -22.55 -4.29 -41.74
N GLU S 92 -22.49 -5.60 -41.96
CA GLU S 92 -21.21 -6.30 -41.93
C GLU S 92 -20.27 -5.83 -43.04
N ASP S 93 -20.80 -5.58 -44.24
CA ASP S 93 -19.93 -5.17 -45.34
C ASP S 93 -19.26 -3.83 -45.04
N ILE S 94 -20.00 -2.88 -44.47
CA ILE S 94 -19.38 -1.63 -44.05
C ILE S 94 -18.34 -1.90 -42.96
N ARG S 95 -18.66 -2.81 -42.04
CA ARG S 95 -17.75 -3.09 -40.93
C ARG S 95 -16.44 -3.66 -41.43
N ILE S 96 -16.48 -4.59 -42.38
CA ILE S 96 -15.27 -5.27 -42.82
C ILE S 96 -14.28 -4.27 -43.39
N GLN S 97 -14.74 -3.42 -44.30
CA GLN S 97 -13.81 -2.47 -44.92
C GLN S 97 -13.34 -1.42 -43.93
N ARG S 98 -14.20 -1.00 -43.00
CA ARG S 98 -13.76 -0.06 -41.97
C ARG S 98 -12.61 -0.63 -41.15
N TYR S 99 -12.72 -1.90 -40.76
CA TYR S 99 -11.66 -2.51 -39.97
C TYR S 99 -10.37 -2.62 -40.76
N ARG S 100 -10.47 -3.01 -42.04
CA ARG S 100 -9.27 -3.16 -42.85
C ARG S 100 -8.59 -1.83 -43.09
N ARG S 101 -9.37 -0.78 -43.36
CA ARG S 101 -8.77 0.54 -43.54
C ARG S 101 -8.09 1.01 -42.26
N MET S 102 -8.73 0.82 -41.12
CA MET S 102 -8.15 1.28 -39.87
C MET S 102 -6.90 0.51 -39.52
N MET S 103 -6.87 -0.79 -39.81
CA MET S 103 -5.67 -1.58 -39.55
C MET S 103 -4.52 -1.14 -40.44
N ARG S 104 -4.78 -0.88 -41.71
CA ARG S 104 -3.73 -0.43 -42.60
C ARG S 104 -3.19 0.92 -42.14
N GLY S 105 -4.08 1.82 -41.71
CA GLY S 105 -3.63 3.12 -41.27
C GLY S 105 -2.68 3.04 -40.10
N ALA S 106 -3.00 2.20 -39.11
CA ALA S 106 -2.15 2.10 -37.93
C ALA S 106 -0.80 1.49 -38.26
N VAL S 107 -0.78 0.52 -39.17
CA VAL S 107 0.49 -0.04 -39.61
C VAL S 107 1.33 1.03 -40.30
N LEU S 108 0.71 1.78 -41.20
CA LEU S 108 1.45 2.84 -41.88
C LEU S 108 1.96 3.87 -40.91
N ALA S 109 1.10 4.32 -40.00
CA ALA S 109 1.52 5.35 -39.04
C ALA S 109 2.60 4.83 -38.12
N GLY S 110 2.47 3.59 -37.65
CA GLY S 110 3.45 3.05 -36.72
C GLY S 110 4.81 2.86 -37.36
N ARG S 111 4.84 2.45 -38.63
CA ARG S 111 6.08 2.23 -39.34
C ARG S 111 6.56 3.48 -40.06
N LYS S 112 5.86 4.61 -39.86
CA LYS S 112 6.26 5.90 -40.42
C LYS S 112 6.34 5.86 -41.94
N LEU S 113 5.28 5.33 -42.54
CA LEU S 113 5.14 5.20 -43.99
C LEU S 113 3.82 5.85 -44.41
N HIS S 114 3.66 6.07 -45.71
CA HIS S 114 2.46 6.67 -46.25
C HIS S 114 1.91 5.81 -47.37
N LEU S 115 0.60 5.92 -47.58
CA LEU S 115 -0.04 5.12 -48.60
C LEU S 115 0.54 5.49 -49.97
N PRO S 116 0.75 4.52 -50.85
CA PRO S 116 1.20 4.87 -52.20
C PRO S 116 0.23 5.82 -52.87
N LEU S 117 0.78 6.76 -53.65
CA LEU S 117 -0.07 7.74 -54.31
C LEU S 117 -1.05 7.10 -55.27
N GLU S 118 -0.77 5.90 -55.76
CA GLU S 118 -1.68 5.24 -56.67
C GLU S 118 -3.03 4.98 -56.01
N LEU S 119 -3.05 4.85 -54.69
CA LEU S 119 -4.26 4.51 -53.96
C LEU S 119 -4.90 5.70 -53.25
N GLN S 120 -4.43 6.92 -53.51
CA GLN S 120 -4.86 8.08 -52.75
C GLN S 120 -5.97 8.88 -53.41
N ASN S 121 -6.42 8.51 -54.61
CA ASN S 121 -7.40 9.33 -55.31
C ASN S 121 -8.81 8.90 -54.90
N TYR S 122 -9.23 9.39 -53.73
CA TYR S 122 -10.57 9.14 -53.24
C TYR S 122 -10.98 10.32 -52.37
N ASP S 123 -12.29 10.48 -52.18
CA ASP S 123 -12.81 11.54 -51.34
C ASP S 123 -12.92 11.00 -49.92
N PRO S 124 -12.14 11.51 -48.97
CA PRO S 124 -12.20 10.94 -47.61
C PRO S 124 -13.38 11.41 -46.79
N MET S 125 -14.12 12.40 -47.27
CA MET S 125 -15.18 13.03 -46.48
C MET S 125 -16.57 12.50 -46.85
N VAL S 126 -16.67 11.28 -47.33
CA VAL S 126 -17.97 10.65 -47.58
C VAL S 126 -18.57 10.21 -46.25
N PRO S 127 -19.78 10.63 -45.91
CA PRO S 127 -20.32 10.38 -44.54
C PRO S 127 -21.05 9.04 -44.41
N TYR S 128 -20.29 7.95 -44.44
CA TYR S 128 -20.94 6.65 -44.49
C TYR S 128 -21.57 6.25 -43.16
N MET S 129 -21.14 6.83 -42.04
CA MET S 129 -21.69 6.51 -40.73
C MET S 129 -22.94 7.32 -40.39
N ALA S 130 -23.31 8.29 -41.21
CA ALA S 130 -24.40 9.20 -40.83
C ALA S 130 -25.70 8.50 -40.51
N PRO S 131 -26.18 7.56 -41.32
CA PRO S 131 -27.47 6.92 -40.98
C PRO S 131 -27.45 6.25 -39.63
N TYR S 132 -26.33 5.65 -39.24
CA TYR S 132 -26.26 4.91 -38.01
C TYR S 132 -25.98 5.80 -36.81
N ILE S 133 -25.27 6.91 -37.00
CA ILE S 133 -25.09 7.85 -35.91
C ILE S 133 -26.43 8.46 -35.53
N GLU S 134 -27.27 8.77 -36.53
CA GLU S 134 -28.55 9.36 -36.23
C GLU S 134 -29.50 8.37 -35.56
N GLU S 135 -29.47 7.11 -35.98
CA GLU S 135 -30.26 6.10 -35.29
C GLU S 135 -29.81 5.94 -33.85
N ALA S 136 -28.49 5.90 -33.62
CA ALA S 136 -27.99 5.73 -32.28
C ALA S 136 -28.37 6.90 -31.38
N LYS S 137 -28.34 8.12 -31.93
CA LYS S 137 -28.72 9.28 -31.12
C LYS S 137 -30.21 9.22 -30.77
N PHE S 138 -31.03 8.74 -31.69
CA PHE S 138 -32.45 8.58 -31.41
C PHE S 138 -32.67 7.56 -30.30
N GLN S 139 -32.01 6.40 -30.39
CA GLN S 139 -32.15 5.40 -29.35
C GLN S 139 -31.71 5.94 -28.00
N MET S 140 -30.61 6.69 -27.97
CA MET S 140 -30.11 7.21 -26.71
C MET S 140 -30.99 8.31 -26.16
N GLN S 141 -31.60 9.13 -27.02
CA GLN S 141 -32.47 10.18 -26.51
C GLN S 141 -33.75 9.59 -25.92
N GLU S 142 -34.29 8.54 -26.53
CA GLU S 142 -35.44 7.87 -25.95
C GLU S 142 -35.11 7.32 -24.56
N GLU S 143 -33.96 6.67 -24.44
CA GLU S 143 -33.57 6.13 -23.14
C GLU S 143 -33.35 7.22 -22.13
N GLN S 144 -32.73 8.32 -22.54
CA GLN S 144 -32.51 9.44 -21.63
C GLN S 144 -33.82 9.94 -21.06
N GLU S 145 -34.82 10.12 -21.92
CA GLU S 145 -36.06 10.75 -21.49
C GLU S 145 -36.96 9.80 -20.70
N LEU S 146 -37.22 8.62 -21.23
CA LEU S 146 -38.17 7.71 -20.61
C LEU S 146 -37.59 6.95 -19.42
N LEU S 147 -36.27 6.94 -19.24
CA LEU S 147 -35.68 6.12 -18.19
C LEU S 147 -34.67 6.82 -17.29
N ALA S 148 -34.31 8.06 -17.57
CA ALA S 148 -33.26 8.73 -16.80
C ALA S 148 -33.62 10.18 -16.53
N TYR S 149 -34.86 10.43 -16.13
CA TYR S 149 -35.33 11.80 -15.94
C TYR S 149 -35.20 12.28 -14.51
N HIS S 150 -34.64 11.49 -13.61
CA HIS S 150 -34.54 11.84 -12.20
C HIS S 150 -33.25 11.24 -11.66
N PRO S 151 -32.62 11.86 -10.67
CA PRO S 151 -31.49 11.21 -10.02
C PRO S 151 -31.93 10.13 -9.04
N TRP S 152 -31.79 8.86 -9.44
CA TRP S 152 -32.37 7.76 -8.69
C TRP S 152 -31.50 7.38 -7.49
N ASP S 153 -32.15 6.93 -6.43
CA ASP S 153 -31.45 6.45 -5.24
C ASP S 153 -31.32 4.93 -5.32
N ARG S 154 -30.11 4.43 -5.10
CA ARG S 154 -29.84 3.01 -5.08
C ARG S 154 -28.94 2.70 -3.89
N ARG S 155 -28.97 1.44 -3.45
CA ARG S 155 -28.04 1.00 -2.41
C ARG S 155 -26.61 1.10 -2.92
N LEU S 156 -25.72 1.64 -2.08
CA LEU S 156 -24.38 1.99 -2.52
C LEU S 156 -23.38 0.84 -2.38
N TYR S 157 -22.42 0.82 -3.29
CA TYR S 157 -21.31 -0.14 -3.28
C TYR S 157 -21.78 -1.57 -2.98
N THR S 158 -22.63 -2.06 -3.87
CA THR S 158 -23.21 -3.39 -3.77
C THR S 158 -23.19 -4.02 -5.15
N ALA S 159 -22.84 -5.30 -5.21
CA ALA S 159 -22.83 -6.06 -6.46
C ALA S 159 -21.77 -5.55 -7.43
N GLY S 160 -20.67 -5.01 -6.92
CA GLY S 160 -19.59 -4.56 -7.75
C GLY S 160 -19.76 -3.20 -8.37
N VAL S 161 -20.84 -2.48 -8.04
CA VAL S 161 -21.19 -1.22 -8.67
C VAL S 161 -21.41 -0.19 -7.58
N SER S 162 -20.99 1.05 -7.83
CA SER S 162 -21.03 2.07 -6.78
C SER S 162 -22.45 2.38 -6.34
N GLY S 163 -23.44 2.17 -7.21
CA GLY S 163 -24.78 2.60 -6.93
C GLY S 163 -25.07 4.02 -7.33
N PHE S 164 -24.11 4.73 -7.92
CA PHE S 164 -24.31 6.09 -8.38
C PHE S 164 -24.71 6.15 -9.84
N GLY S 165 -24.91 5.00 -10.50
CA GLY S 165 -25.42 4.99 -11.85
C GLY S 165 -24.70 4.11 -12.84
N GLU S 166 -23.38 3.98 -12.77
CA GLU S 166 -22.68 3.17 -13.75
C GLU S 166 -23.18 1.74 -13.68
N THR S 167 -23.11 1.03 -14.81
CA THR S 167 -23.72 -0.28 -14.93
C THR S 167 -22.72 -1.42 -15.03
N SER S 168 -21.42 -1.15 -15.14
CA SER S 168 -20.42 -2.21 -15.23
C SER S 168 -19.75 -2.40 -13.88
N MET S 169 -19.55 -3.66 -13.52
CA MET S 169 -18.89 -3.99 -12.28
C MET S 169 -17.40 -3.69 -12.37
N HIS S 170 -16.83 -3.24 -11.25
CA HIS S 170 -15.38 -3.01 -11.14
C HIS S 170 -14.90 -2.01 -12.19
N SER S 171 -15.68 -0.95 -12.41
CA SER S 171 -15.37 0.05 -13.41
C SER S 171 -14.95 1.38 -12.80
N THR S 172 -14.67 1.42 -11.50
CA THR S 172 -14.16 2.63 -10.86
C THR S 172 -13.08 2.22 -9.89
N PHE S 173 -12.33 3.20 -9.40
CA PHE S 173 -11.26 2.90 -8.45
C PHE S 173 -11.82 2.44 -7.11
N LEU S 174 -12.94 2.99 -6.68
CA LEU S 174 -13.51 2.63 -5.39
C LEU S 174 -14.34 1.36 -5.44
N THR S 175 -14.57 0.81 -6.63
CA THR S 175 -15.09 -0.54 -6.76
C THR S 175 -14.03 -1.49 -7.30
N MET S 176 -12.77 -1.06 -7.30
CA MET S 176 -11.63 -1.83 -7.79
C MET S 176 -12.02 -2.86 -8.84
N ALA T 1 10.75 8.77 34.41
CA ALA T 1 10.12 9.81 33.63
C ALA T 1 9.47 10.85 34.53
N ARG T 2 8.96 10.46 35.69
CA ARG T 2 8.21 11.38 36.53
C ARG T 2 8.57 11.18 38.00
N ALA T 3 8.28 12.20 38.80
CA ALA T 3 8.81 12.28 40.15
C ALA T 3 8.10 11.34 41.12
N TYR T 4 6.81 11.13 40.94
CA TYR T 4 6.03 10.41 41.93
C TYR T 4 4.98 9.55 41.22
N CYS T 5 4.44 8.60 41.96
CA CYS T 5 3.30 7.81 41.50
C CYS T 5 2.03 8.35 42.15
N GLY T 6 1.04 8.66 41.32
CA GLY T 6 -0.20 9.21 41.83
C GLY T 6 -1.06 8.17 42.53
N ARG T 7 -1.89 8.65 43.44
CA ARG T 7 -2.74 7.79 44.27
C ARG T 7 -3.99 8.56 44.64
N PHE T 8 -5.01 7.83 45.10
CA PHE T 8 -6.18 8.51 45.66
C PHE T 8 -5.79 9.21 46.94
N ALA T 9 -6.48 10.31 47.23
CA ALA T 9 -6.16 11.07 48.42
C ALA T 9 -6.39 10.27 49.69
N PHE T 10 -7.37 9.36 49.68
CA PHE T 10 -7.57 8.55 50.88
C PHE T 10 -6.37 7.64 51.12
N MET T 11 -5.66 7.25 50.07
CA MET T 11 -4.42 6.50 50.24
C MET T 11 -3.30 7.38 50.79
N LEU T 12 -3.28 8.65 50.41
CA LEU T 12 -2.29 9.60 50.90
C LEU T 12 -2.72 10.14 52.25
N ASP T 13 -1.94 9.87 53.29
CA ASP T 13 -2.30 10.30 54.64
C ASP T 13 -1.67 11.66 54.93
N TYR T 14 -2.20 12.67 54.26
CA TYR T 14 -1.69 14.02 54.46
C TYR T 14 -2.14 14.55 55.82
N PRO T 15 -1.27 15.25 56.54
CA PRO T 15 -1.65 15.73 57.87
C PRO T 15 -2.92 16.56 57.84
N LYS T 16 -3.83 16.25 58.76
CA LYS T 16 -5.08 17.00 58.86
C LYS T 16 -4.84 18.38 59.46
N SER T 17 -3.92 18.48 60.42
CA SER T 17 -3.67 19.70 61.15
C SER T 17 -2.17 19.95 61.25
N TYR T 18 -1.80 21.16 61.67
CA TYR T 18 -0.41 21.58 61.79
C TYR T 18 -0.10 21.92 63.24
N HIS T 19 0.94 21.30 63.79
CA HIS T 19 1.44 21.61 65.12
C HIS T 19 2.75 22.37 65.01
N PRO T 20 2.86 23.57 65.56
CA PRO T 20 4.08 24.36 65.37
C PRO T 20 5.28 23.67 66.01
N PRO T 21 6.47 23.87 65.47
CA PRO T 21 7.66 23.28 66.09
C PRO T 21 7.95 23.89 67.46
N ARG T 22 8.57 23.08 68.30
CA ARG T 22 8.95 23.52 69.64
C ARG T 22 10.04 24.58 69.56
N LYS T 23 10.08 25.45 70.56
CA LYS T 23 11.06 26.53 70.62
C LYS T 23 12.09 26.26 71.69
N ASN T 24 13.35 26.58 71.38
CA ASN T 24 14.45 26.37 72.29
C ASN T 24 14.43 27.40 73.42
N GLU T 25 15.22 27.15 74.46
CA GLU T 25 15.38 28.14 75.50
C GLU T 25 15.94 29.44 74.93
N ASP T 26 16.87 29.33 73.98
CA ASP T 26 17.41 30.50 73.32
C ASP T 26 16.36 31.25 72.50
N GLY T 27 15.27 30.59 72.15
CA GLY T 27 14.22 31.20 71.35
C GLY T 27 14.21 30.81 69.90
N ASP T 28 15.05 29.88 69.48
CA ASP T 28 15.10 29.43 68.10
C ASP T 28 14.35 28.11 67.98
N TYR T 29 13.54 27.99 66.93
CA TYR T 29 12.74 26.79 66.74
C TYR T 29 13.63 25.57 66.55
N VAL T 30 13.28 24.48 67.23
CA VAL T 30 14.02 23.23 67.14
C VAL T 30 13.45 22.40 66.00
N ASP T 31 14.32 21.67 65.32
CA ASP T 31 13.91 20.89 64.17
C ASP T 31 12.94 19.80 64.61
N PRO T 32 11.75 19.71 63.99
CA PRO T 32 10.85 18.60 64.37
C PRO T 32 11.49 17.25 64.21
N ARG T 33 12.31 17.05 63.18
CA ARG T 33 12.87 15.74 62.93
C ARG T 33 13.78 15.31 64.08
N THR T 34 14.58 16.23 64.61
CA THR T 34 15.47 15.87 65.70
C THR T 34 14.67 15.47 66.94
N ASP T 35 13.56 16.14 67.19
CA ASP T 35 12.72 15.75 68.31
C ASP T 35 12.13 14.37 68.12
N MET T 36 11.85 13.98 66.88
CA MET T 36 11.27 12.67 66.60
C MET T 36 12.30 11.57 66.50
N LEU T 37 13.59 11.89 66.42
CA LEU T 37 14.60 10.84 66.29
C LEU T 37 14.58 9.85 67.44
N PRO T 38 14.59 10.27 68.70
CA PRO T 38 14.58 9.27 69.78
C PRO T 38 13.39 8.33 69.72
N LYS T 39 12.20 8.85 69.40
CA LYS T 39 11.02 8.00 69.36
C LYS T 39 11.14 6.94 68.27
N CYS T 40 11.53 7.35 67.07
CA CYS T 40 11.59 6.41 65.97
C CYS T 40 12.70 5.38 66.17
N ALA T 41 13.77 5.77 66.89
CA ALA T 41 14.80 4.78 67.22
C ALA T 41 14.23 3.67 68.09
N ALA T 42 13.38 4.03 69.05
CA ALA T 42 12.76 3.03 69.91
C ALA T 42 11.88 2.09 69.09
N GLU T 43 11.13 2.63 68.14
CA GLU T 43 10.27 1.77 67.32
C GLU T 43 11.07 0.84 66.43
N CYS T 44 12.35 1.13 66.21
CA CYS T 44 13.24 0.28 65.44
C CYS T 44 14.27 -0.40 66.34
N SER T 45 13.88 -0.70 67.57
CA SER T 45 14.85 -1.24 68.53
C SER T 45 15.43 -2.56 68.06
N GLU T 46 14.61 -3.40 67.43
CA GLU T 46 15.11 -4.71 67.01
C GLU T 46 16.30 -4.57 66.07
N TRP T 47 16.18 -3.73 65.05
CA TRP T 47 17.30 -3.51 64.15
C TRP T 47 18.45 -2.82 64.87
N LEU T 48 18.16 -1.94 65.82
CA LEU T 48 19.22 -1.24 66.52
C LEU T 48 20.05 -2.20 67.36
N THR T 49 19.40 -3.16 68.01
CA THR T 49 20.16 -4.15 68.79
C THR T 49 21.08 -4.96 67.89
N GLU T 50 20.62 -5.27 66.68
CA GLU T 50 21.48 -5.99 65.75
C GLU T 50 22.68 -5.14 65.35
N TYR T 51 22.47 -3.85 65.11
CA TYR T 51 23.59 -2.97 64.82
C TYR T 51 24.51 -2.84 66.03
N ASN T 52 23.94 -2.71 67.21
CA ASN T 52 24.75 -2.57 68.40
C ASN T 52 25.64 -3.80 68.61
N ALA T 53 25.11 -4.98 68.33
CA ALA T 53 25.91 -6.19 68.45
C ALA T 53 27.08 -6.16 67.49
N CYS T 54 26.85 -5.74 66.25
CA CYS T 54 27.92 -5.69 65.26
C CYS T 54 29.05 -4.79 65.73
N VAL T 55 28.71 -3.66 66.34
CA VAL T 55 29.74 -2.73 66.81
C VAL T 55 30.65 -3.44 67.80
N GLN T 56 30.06 -4.20 68.72
CA GLN T 56 30.86 -4.89 69.72
C GLN T 56 31.70 -6.01 69.10
N ARG T 57 31.16 -6.70 68.11
CA ARG T 57 31.93 -7.77 67.47
C ARG T 57 33.14 -7.21 66.75
N ILE T 58 32.98 -6.13 66.00
CA ILE T 58 34.13 -5.59 65.29
C ILE T 58 35.10 -4.92 66.26
N LYS T 59 34.60 -4.45 67.40
CA LYS T 59 35.50 -3.89 68.40
C LYS T 59 36.51 -4.92 68.86
N MET T 60 36.07 -6.16 69.05
CA MET T 60 36.95 -7.23 69.54
C MET T 60 37.62 -7.97 68.37
N ARG T 61 38.32 -7.20 67.55
CA ARG T 61 39.11 -7.72 66.44
C ARG T 61 40.53 -7.20 66.55
N THR T 62 41.50 -8.11 66.54
CA THR T 62 42.89 -7.67 66.49
C THR T 62 43.18 -6.93 65.20
N ASP T 63 42.66 -7.43 64.08
CA ASP T 63 42.80 -6.74 62.81
C ASP T 63 41.90 -5.52 62.77
N GLY T 64 42.18 -4.62 61.82
CA GLY T 64 41.38 -3.45 61.64
C GLY T 64 40.15 -3.65 60.78
N ARG T 65 39.97 -4.84 60.22
CA ARG T 65 38.86 -5.09 59.32
C ARG T 65 37.54 -5.11 60.09
N GLY T 66 36.46 -4.78 59.38
CA GLY T 66 35.13 -4.83 59.97
C GLY T 66 34.34 -3.55 59.83
N ASN T 67 33.09 -3.68 59.41
CA ASN T 67 32.18 -2.55 59.28
C ASN T 67 30.79 -3.01 59.69
N CYS T 68 29.96 -2.04 60.08
CA CYS T 68 28.58 -2.31 60.45
C CYS T 68 27.60 -1.53 59.59
N GLN T 69 28.02 -1.19 58.38
CA GLN T 69 27.19 -0.36 57.53
C GLN T 69 25.90 -1.07 57.15
N GLY T 70 25.97 -2.38 56.89
CA GLY T 70 24.78 -3.10 56.48
C GLY T 70 23.68 -3.04 57.53
N GLN T 71 24.04 -3.28 58.79
CA GLN T 71 23.05 -3.18 59.85
C GLN T 71 22.58 -1.75 60.04
N TYR T 72 23.50 -0.79 59.92
CA TYR T 72 23.13 0.61 60.11
C TYR T 72 22.14 1.05 59.05
N GLU T 73 22.32 0.60 57.82
CA GLU T 73 21.38 0.99 56.76
C GLU T 73 19.99 0.43 57.03
N GLU T 74 19.90 -0.79 57.55
CA GLU T 74 18.59 -1.34 57.91
C GLU T 74 17.96 -0.53 59.03
N PHE T 75 18.73 -0.18 60.05
CA PHE T 75 18.20 0.66 61.11
C PHE T 75 17.78 2.02 60.58
N ALA T 76 18.62 2.63 59.75
CA ALA T 76 18.30 3.96 59.24
C ALA T 76 17.04 3.94 58.41
N MET T 77 16.88 2.93 57.55
CA MET T 77 15.67 2.83 56.75
C MET T 77 14.44 2.72 57.64
N CYS T 78 14.53 1.92 58.71
CA CYS T 78 13.39 1.78 59.60
C CYS T 78 13.07 3.10 60.30
N GLN T 79 14.10 3.79 60.79
CA GLN T 79 13.86 5.04 61.50
C GLN T 79 13.22 6.08 60.59
N ASP T 80 13.69 6.16 59.35
CA ASP T 80 13.14 7.16 58.43
C ASP T 80 11.70 6.85 58.07
N HIS T 81 11.37 5.57 57.92
CA HIS T 81 9.98 5.21 57.63
C HIS T 81 9.07 5.69 58.76
N CYS T 82 9.53 5.58 60.01
CA CYS T 82 8.76 6.10 61.13
C CYS T 82 8.63 7.62 61.06
N ILE T 83 9.73 8.30 60.71
CA ILE T 83 9.70 9.76 60.65
C ILE T 83 8.74 10.23 59.57
N ALA T 84 8.72 9.55 58.43
CA ALA T 84 7.89 9.99 57.32
C ALA T 84 6.42 10.03 57.69
N HIS T 85 5.98 9.10 58.54
CA HIS T 85 4.56 9.02 58.88
C HIS T 85 4.10 10.24 59.67
N GLU T 86 4.99 10.90 60.41
CA GLU T 86 4.56 11.96 61.31
C GLU T 86 5.25 13.30 61.10
N LEU T 87 6.27 13.39 60.24
CA LEU T 87 7.06 14.62 60.20
C LEU T 87 6.28 15.77 59.59
N PHE T 88 5.56 15.53 58.48
CA PHE T 88 4.91 16.64 57.80
C PHE T 88 3.81 17.27 58.64
N HIS T 89 3.40 16.62 59.73
CA HIS T 89 2.45 17.22 60.65
C HIS T 89 3.02 18.46 61.33
N TYR T 90 4.35 18.53 61.46
CA TYR T 90 5.01 19.66 62.10
C TYR T 90 5.58 20.66 61.11
N LEU T 91 5.42 20.44 59.82
CA LEU T 91 5.99 21.29 58.78
C LEU T 91 4.88 22.00 58.03
N LYS T 92 5.08 23.29 57.74
CA LYS T 92 4.08 24.05 57.00
C LYS T 92 4.07 23.65 55.54
N PRO U 1 -60.74 -1.36 0.30
CA PRO U 1 -61.36 -2.60 -0.16
C PRO U 1 -60.35 -3.69 -0.49
N PRO U 2 -60.79 -4.94 -0.48
CA PRO U 2 -59.86 -6.05 -0.71
C PRO U 2 -59.39 -6.11 -2.16
N ILE U 3 -58.18 -6.62 -2.34
CA ILE U 3 -57.60 -6.86 -3.66
C ILE U 3 -57.71 -8.35 -3.93
N GLN U 4 -58.37 -8.70 -5.02
CA GLN U 4 -58.68 -10.09 -5.33
C GLN U 4 -57.78 -10.69 -6.41
N LYS U 5 -56.79 -9.95 -6.89
CA LYS U 5 -55.94 -10.43 -7.95
C LYS U 5 -54.48 -10.15 -7.61
N PRO U 6 -53.56 -10.96 -8.12
CA PRO U 6 -52.14 -10.73 -7.80
C PRO U 6 -51.66 -9.40 -8.35
N LEU U 7 -50.65 -8.84 -7.68
CA LEU U 7 -50.10 -7.57 -8.12
C LEU U 7 -49.47 -7.66 -9.49
N LEU U 8 -49.09 -8.85 -9.95
CA LEU U 8 -48.52 -9.03 -11.27
C LEU U 8 -49.59 -9.57 -12.19
N PRO U 9 -50.16 -8.77 -13.08
CA PRO U 9 -51.19 -9.29 -13.98
C PRO U 9 -50.62 -10.34 -14.93
N SER U 10 -51.42 -11.35 -15.25
CA SER U 10 -50.94 -12.44 -16.07
C SER U 10 -50.55 -11.96 -17.46
N GLY U 11 -51.44 -11.24 -18.13
CA GLY U 11 -51.18 -10.79 -19.48
C GLY U 11 -51.28 -11.85 -20.54
N ARG U 12 -51.72 -13.05 -20.20
CA ARG U 12 -51.84 -14.16 -21.13
C ARG U 12 -53.31 -14.41 -21.46
N ALA U 13 -53.53 -15.21 -22.49
CA ALA U 13 -54.88 -15.60 -22.84
C ALA U 13 -55.46 -16.54 -21.80
N VAL U 14 -56.72 -16.30 -21.41
CA VAL U 14 -57.36 -17.13 -20.41
C VAL U 14 -57.65 -18.51 -20.97
N LEU U 15 -58.19 -18.59 -22.18
CA LEU U 15 -58.56 -19.87 -22.77
C LEU U 15 -57.34 -20.57 -23.35
N LYS U 16 -57.32 -21.89 -23.21
CA LYS U 16 -56.24 -22.69 -23.78
C LYS U 16 -56.44 -22.85 -25.28
N HIS U 17 -55.38 -23.29 -25.95
CA HIS U 17 -55.42 -23.43 -27.40
C HIS U 17 -56.51 -24.39 -27.82
N GLY U 18 -57.36 -23.94 -28.74
CA GLY U 18 -58.38 -24.78 -29.31
C GLY U 18 -59.61 -24.96 -28.45
N ARG U 19 -59.59 -24.47 -27.22
CA ARG U 19 -60.73 -24.61 -26.31
C ARG U 19 -61.43 -23.27 -26.21
N SER U 20 -62.75 -23.29 -26.38
CA SER U 20 -63.56 -22.09 -26.38
C SER U 20 -64.28 -21.93 -25.05
N MET U 21 -65.11 -20.89 -24.97
CA MET U 21 -65.95 -20.70 -23.80
C MET U 21 -66.93 -21.85 -23.65
N LEU U 22 -67.33 -22.48 -24.75
CA LEU U 22 -68.33 -23.54 -24.71
C LEU U 22 -67.73 -24.85 -24.18
N CYS U 23 -66.53 -25.19 -24.61
CA CYS U 23 -65.96 -26.52 -24.37
C CYS U 23 -64.82 -26.50 -23.36
N SER U 24 -64.67 -25.43 -22.59
CA SER U 24 -63.59 -25.32 -21.63
C SER U 24 -63.97 -25.84 -20.25
N GLY U 25 -65.14 -26.44 -20.12
CA GLY U 25 -65.60 -26.79 -18.79
C GLY U 25 -66.01 -25.53 -18.05
N ASN U 26 -65.98 -25.61 -16.73
CA ASN U 26 -66.30 -24.49 -15.87
C ASN U 26 -64.99 -23.86 -15.41
N LEU U 27 -64.72 -22.65 -15.88
CA LEU U 27 -63.46 -22.00 -15.58
C LEU U 27 -63.29 -21.68 -14.11
N SER U 28 -64.36 -21.75 -13.32
CA SER U 28 -64.26 -21.44 -11.90
C SER U 28 -63.53 -22.53 -11.13
N TYR U 29 -63.69 -23.80 -11.53
CA TYR U 29 -63.09 -24.90 -10.80
C TYR U 29 -62.37 -25.93 -11.66
N ASP U 30 -62.43 -25.82 -12.99
CA ASP U 30 -61.78 -26.81 -13.84
C ASP U 30 -60.27 -26.80 -13.61
N VAL U 31 -59.67 -27.99 -13.64
CA VAL U 31 -58.25 -28.11 -13.32
C VAL U 31 -57.41 -27.35 -14.33
N ASN U 32 -57.74 -27.46 -15.62
CA ASN U 32 -56.96 -26.80 -16.65
C ASN U 32 -57.26 -25.32 -16.77
N SER U 33 -58.24 -24.81 -16.04
CA SER U 33 -58.56 -23.39 -16.12
C SER U 33 -57.42 -22.55 -15.56
N THR U 34 -57.16 -21.42 -16.21
CA THR U 34 -56.13 -20.50 -15.73
C THR U 34 -56.66 -19.50 -14.72
N ILE U 35 -57.96 -19.48 -14.47
CA ILE U 35 -58.56 -18.52 -13.53
C ILE U 35 -59.35 -19.24 -12.45
N LYS U 36 -59.09 -20.52 -12.23
CA LYS U 36 -59.80 -21.26 -11.21
C LYS U 36 -59.46 -20.72 -9.83
N ALA U 37 -60.46 -20.69 -8.96
CA ALA U 37 -60.23 -20.28 -7.58
C ALA U 37 -59.38 -21.32 -6.88
N PRO U 38 -58.24 -20.96 -6.29
CA PRO U 38 -57.42 -21.96 -5.60
C PRO U 38 -58.19 -22.59 -4.44
N GLU U 39 -57.87 -23.86 -4.18
CA GLU U 39 -58.52 -24.59 -3.10
C GLU U 39 -57.86 -24.24 -1.78
N CYS U 40 -58.68 -23.92 -0.78
CA CYS U 40 -58.19 -23.52 0.53
C CYS U 40 -58.02 -24.74 1.42
N LYS U 41 -57.01 -25.56 1.08
CA LYS U 41 -56.70 -26.71 1.90
C LYS U 41 -56.25 -26.29 3.29
N ARG U 42 -55.39 -25.29 3.38
CA ARG U 42 -54.89 -24.77 4.64
C ARG U 42 -55.60 -23.50 5.09
N GLY U 43 -56.64 -23.08 4.39
CA GLY U 43 -57.38 -21.88 4.73
C GLY U 43 -57.15 -20.76 3.74
N MET U 44 -57.97 -19.73 3.87
CA MET U 44 -57.94 -18.59 2.97
C MET U 44 -56.91 -17.57 3.44
N GLY U 45 -56.17 -17.01 2.49
CA GLY U 45 -55.24 -15.95 2.80
C GLY U 45 -53.90 -16.04 2.10
N PHE U 46 -53.42 -17.26 1.86
CA PHE U 46 -52.08 -17.41 1.31
C PHE U 46 -51.97 -16.94 -0.13
N THR U 47 -53.09 -16.70 -0.81
CA THR U 47 -53.02 -16.25 -2.20
C THR U 47 -52.37 -14.89 -2.31
N GLN U 48 -52.22 -14.15 -1.22
CA GLN U 48 -51.49 -12.90 -1.26
C GLN U 48 -50.00 -13.12 -1.44
N PHE U 49 -49.47 -14.24 -0.95
CA PHE U 49 -48.08 -14.59 -1.17
C PHE U 49 -47.85 -15.40 -2.43
N LYS U 50 -48.91 -15.97 -3.01
CA LYS U 50 -48.76 -17.03 -4.00
C LYS U 50 -48.19 -16.51 -5.32
N ARG U 51 -47.36 -17.35 -5.95
CA ARG U 51 -46.83 -17.09 -7.29
C ARG U 51 -47.75 -17.78 -8.29
N PHE U 52 -48.45 -17.00 -9.10
CA PHE U 52 -49.43 -17.53 -10.04
C PHE U 52 -48.83 -17.90 -11.39
N THR U 53 -47.56 -17.63 -11.62
CA THR U 53 -46.94 -17.99 -12.89
C THR U 53 -46.76 -19.50 -12.94
N PRO U 54 -47.35 -20.20 -13.90
CA PRO U 54 -47.26 -21.67 -13.90
C PRO U 54 -45.85 -22.21 -14.10
N VAL U 55 -44.98 -21.47 -14.76
CA VAL U 55 -43.63 -21.99 -15.04
C VAL U 55 -42.85 -22.11 -13.74
N PRO U 56 -42.20 -23.24 -13.46
CA PRO U 56 -41.41 -23.35 -12.24
C PRO U 56 -40.22 -22.41 -12.24
N ILE U 57 -39.77 -22.06 -11.03
CA ILE U 57 -38.63 -21.16 -10.89
C ILE U 57 -37.36 -21.86 -11.36
N GLU U 58 -36.57 -21.15 -12.14
CA GLU U 58 -35.24 -21.59 -12.54
C GLU U 58 -34.24 -20.69 -11.82
N SER U 59 -33.66 -21.21 -10.72
CA SER U 59 -32.84 -20.37 -9.86
C SER U 59 -31.64 -19.81 -10.61
N GLY U 60 -31.43 -18.51 -10.49
CA GLY U 60 -30.27 -17.87 -11.06
C GLY U 60 -30.33 -17.63 -12.55
N VAL U 61 -31.48 -17.84 -13.19
CA VAL U 61 -31.60 -17.55 -14.62
C VAL U 61 -31.35 -16.07 -14.83
N SER U 62 -30.63 -15.74 -15.90
CA SER U 62 -30.21 -14.38 -16.13
C SER U 62 -31.32 -13.57 -16.80
N VAL U 63 -31.60 -12.39 -16.23
CA VAL U 63 -32.46 -11.41 -16.85
C VAL U 63 -31.79 -10.05 -16.94
N GLY U 64 -30.57 -9.91 -16.43
CA GLY U 64 -29.85 -8.66 -16.42
C GLY U 64 -28.82 -8.56 -17.52
N ASN U 65 -28.97 -9.35 -18.57
CA ASN U 65 -28.04 -9.32 -19.70
C ASN U 65 -28.50 -8.27 -20.71
N ARG U 66 -27.67 -7.27 -20.93
CA ARG U 66 -27.96 -6.19 -21.86
C ARG U 66 -27.47 -6.47 -23.26
N GLY U 67 -27.09 -7.71 -23.55
CA GLY U 67 -26.45 -8.05 -24.81
C GLY U 67 -24.95 -8.10 -24.73
N TRP U 68 -24.36 -7.99 -23.54
CA TRP U 68 -22.91 -7.98 -23.40
C TRP U 68 -22.30 -9.37 -23.43
N PHE U 69 -23.09 -10.43 -23.25
CA PHE U 69 -22.55 -11.77 -23.17
C PHE U 69 -23.39 -12.71 -24.01
N PHE U 70 -22.75 -13.75 -24.54
CA PHE U 70 -23.44 -14.85 -25.17
C PHE U 70 -23.88 -15.85 -24.11
N PRO U 71 -24.93 -16.63 -24.38
CA PRO U 71 -25.32 -17.66 -23.42
C PRO U 71 -24.19 -18.64 -23.19
N GLY U 72 -24.00 -19.01 -21.93
CA GLY U 72 -22.98 -19.97 -21.55
C GLY U 72 -21.62 -19.37 -21.24
N VAL U 73 -21.44 -18.07 -21.45
CA VAL U 73 -20.18 -17.42 -21.18
C VAL U 73 -20.26 -16.74 -19.82
N ILE U 74 -19.24 -16.93 -19.00
CA ILE U 74 -19.22 -16.45 -17.62
C ILE U 74 -18.50 -15.11 -17.61
N PRO U 75 -19.16 -14.02 -17.22
CA PRO U 75 -18.45 -12.75 -17.06
C PRO U 75 -17.40 -12.85 -15.96
N TYR U 76 -16.28 -12.17 -16.17
CA TYR U 76 -15.19 -12.12 -15.19
C TYR U 76 -15.01 -10.67 -14.78
N GLN U 77 -15.34 -10.37 -13.52
CA GLN U 77 -15.25 -9.01 -12.98
C GLN U 77 -16.07 -8.04 -13.83
N GLY U 78 -17.20 -8.50 -14.35
CA GLY U 78 -18.12 -7.66 -15.06
C GLY U 78 -17.81 -7.45 -16.52
N HIS U 79 -16.70 -7.97 -17.01
CA HIS U 79 -16.28 -7.72 -18.38
C HIS U 79 -15.99 -9.03 -19.10
N ILE V 1 -33.37 -33.59 -5.09
CA ILE V 1 -33.26 -32.93 -3.80
C ILE V 1 -32.79 -33.92 -2.75
N GLY V 2 -32.81 -33.50 -1.48
CA GLY V 2 -32.32 -34.30 -0.40
C GLY V 2 -30.86 -33.99 -0.12
N PRO V 3 -30.26 -34.69 0.83
CA PRO V 3 -28.87 -34.44 1.14
C PRO V 3 -27.97 -34.78 -0.04
N PRO V 4 -26.84 -34.10 -0.18
CA PRO V 4 -25.95 -34.42 -1.29
C PRO V 4 -25.38 -35.83 -1.15
N LEU V 5 -25.13 -36.46 -2.29
CA LEU V 5 -24.58 -37.80 -2.30
C LEU V 5 -23.13 -37.78 -1.87
N ARG V 6 -22.72 -38.83 -1.16
CA ARG V 6 -21.33 -38.96 -0.75
C ARG V 6 -20.43 -39.20 -1.95
N THR V 7 -19.30 -38.49 -1.98
CA THR V 7 -18.32 -38.67 -3.03
C THR V 7 -16.97 -38.24 -2.51
N ALA V 8 -15.94 -39.05 -2.75
CA ALA V 8 -14.59 -38.69 -2.34
C ALA V 8 -13.97 -37.75 -3.34
N GLN V 9 -13.12 -36.85 -2.85
CA GLN V 9 -12.44 -35.91 -3.71
C GLN V 9 -11.37 -36.63 -4.52
N ILE V 10 -10.98 -36.01 -5.62
CA ILE V 10 -9.90 -36.50 -6.47
C ILE V 10 -8.61 -35.86 -5.99
N GLY V 11 -7.75 -36.64 -5.36
CA GLY V 11 -6.52 -36.11 -4.81
C GLY V 11 -5.42 -36.06 -5.84
N PRO V 12 -4.20 -35.76 -5.40
CA PRO V 12 -3.85 -35.50 -4.00
C PRO V 12 -4.42 -34.21 -3.48
N THR V 13 -4.74 -34.17 -2.19
CA THR V 13 -5.26 -32.97 -1.55
C THR V 13 -4.23 -32.30 -0.66
N VAL V 14 -2.98 -32.71 -0.74
CA VAL V 14 -1.90 -32.10 0.03
C VAL V 14 -0.75 -31.76 -0.91
N GLY V 15 0.12 -30.87 -0.46
CA GLY V 15 1.28 -30.46 -1.22
C GLY V 15 1.38 -28.95 -1.31
N GLY V 16 2.52 -28.51 -1.82
CA GLY V 16 2.77 -27.09 -1.99
C GLY V 16 3.15 -26.37 -0.73
N ASN V 17 3.48 -27.10 0.34
CA ASN V 17 3.75 -26.53 1.65
C ASN V 17 5.24 -26.61 1.96
N GLY V 18 6.06 -26.36 0.95
CA GLY V 18 7.50 -26.48 1.12
C GLY V 18 8.10 -25.37 1.95
N GLY V 19 7.56 -24.16 1.85
CA GLY V 19 8.08 -23.06 2.64
C GLY V 19 8.01 -23.32 4.13
N ARG V 20 6.99 -24.06 4.56
CA ARG V 20 6.88 -24.42 5.97
C ARG V 20 7.91 -25.47 6.35
N THR V 21 8.23 -26.37 5.43
CA THR V 21 9.24 -27.39 5.68
C THR V 21 10.62 -26.78 5.74
N PHE V 22 10.89 -25.77 4.91
CA PHE V 22 12.18 -25.09 4.99
C PHE V 22 12.33 -24.38 6.32
N VAL V 23 11.28 -23.71 6.79
CA VAL V 23 11.35 -23.03 8.06
C VAL V 23 11.64 -24.02 9.18
N LEU V 24 10.99 -25.17 9.15
CA LEU V 24 11.27 -26.20 10.15
C LEU V 24 12.73 -26.62 10.12
N TYR V 25 13.23 -26.98 8.94
CA TYR V 25 14.61 -27.43 8.83
C TYR V 25 15.59 -26.34 9.25
N LEU V 26 15.33 -25.10 8.82
CA LEU V 26 16.22 -24.00 9.17
C LEU V 26 16.25 -23.77 10.67
N THR V 27 15.09 -23.79 11.32
CA THR V 27 15.03 -23.52 12.75
C THR V 27 15.66 -24.64 13.57
N THR V 28 15.37 -25.89 13.20
CA THR V 28 15.97 -27.01 13.93
C THR V 28 17.49 -26.98 13.84
N THR V 29 18.02 -26.67 12.66
CA THR V 29 19.47 -26.66 12.49
C THR V 29 20.12 -25.61 13.37
N ILE V 30 19.55 -24.40 13.39
CA ILE V 30 20.15 -23.32 14.18
C ILE V 30 20.14 -23.68 15.65
N ASN V 31 19.02 -24.19 16.15
CA ASN V 31 18.93 -24.48 17.58
C ASN V 31 19.82 -25.65 17.96
N VAL V 32 20.03 -26.60 17.04
CA VAL V 32 20.97 -27.69 17.31
C VAL V 32 22.38 -27.15 17.45
N LEU V 33 22.79 -26.26 16.55
CA LEU V 33 24.10 -25.65 16.67
C LEU V 33 24.21 -24.83 17.93
N ILE V 34 23.15 -24.12 18.31
CA ILE V 34 23.18 -23.37 19.56
C ILE V 34 23.39 -24.31 20.73
N ALA V 35 22.75 -25.47 20.71
CA ALA V 35 22.90 -26.42 21.80
C ALA V 35 24.34 -26.85 21.96
N PHE V 36 25.03 -27.13 20.85
CA PHE V 36 26.42 -27.54 20.95
C PHE V 36 27.29 -26.40 21.46
N GLN V 37 27.10 -25.19 20.95
CA GLN V 37 27.92 -24.07 21.38
C GLN V 37 27.71 -23.81 22.87
N VAL V 38 26.45 -23.77 23.31
CA VAL V 38 26.16 -23.47 24.70
C VAL V 38 26.71 -24.56 25.61
N SER V 39 26.49 -25.82 25.24
CA SER V 39 26.98 -26.91 26.07
C SER V 39 28.50 -26.92 26.13
N TRP V 40 29.14 -26.67 24.99
CA TRP V 40 30.60 -26.68 24.96
C TRP V 40 31.18 -25.54 25.77
N ALA V 41 30.71 -24.32 25.52
CA ALA V 41 31.32 -23.15 26.15
C ALA V 41 30.97 -23.07 27.63
N CYS V 42 29.72 -23.33 27.98
CA CYS V 42 29.30 -23.12 29.36
C CYS V 42 29.75 -24.26 30.28
N TYR V 43 29.77 -25.50 29.79
CA TYR V 43 30.02 -26.65 30.64
C TYR V 43 31.31 -27.38 30.29
N LEU V 44 31.45 -27.86 29.05
CA LEU V 44 32.59 -28.70 28.72
C LEU V 44 33.89 -27.89 28.68
N GLN V 45 33.85 -26.70 28.09
CA GLN V 45 35.06 -25.92 27.94
C GLN V 45 35.76 -25.64 29.27
N PRO V 46 35.10 -25.08 30.28
CA PRO V 46 35.81 -24.83 31.54
C PRO V 46 36.36 -26.08 32.18
N ARG V 47 35.64 -27.20 32.10
CA ARG V 47 36.13 -28.43 32.71
C ARG V 47 37.36 -28.95 32.00
N TRP V 48 37.41 -28.81 30.67
CA TRP V 48 38.60 -29.20 29.94
C TRP V 48 39.80 -28.38 30.40
N ARG V 49 39.62 -27.08 30.59
CA ARG V 49 40.73 -26.24 31.04
C ARG V 49 41.20 -26.67 32.41
N SER V 50 40.27 -26.97 33.32
CA SER V 50 40.67 -27.45 34.64
C SER V 50 41.44 -28.76 34.54
N PHE V 51 41.00 -29.66 33.66
CA PHE V 51 41.75 -30.88 33.44
C PHE V 51 43.13 -30.58 32.87
N ARG V 52 43.22 -29.58 32.00
CA ARG V 52 44.52 -29.19 31.47
C ARG V 52 45.45 -28.74 32.59
N SER V 53 44.93 -27.95 33.52
CA SER V 53 45.75 -27.52 34.65
C SER V 53 46.23 -28.70 35.47
N ASP V 54 45.38 -29.70 35.67
CA ASP V 54 45.78 -30.87 36.45
C ASP V 54 46.96 -31.57 35.79
N MET V 55 46.93 -31.72 34.47
CA MET V 55 48.06 -32.33 33.79
C MET V 55 49.31 -31.49 33.96
N LEU V 56 49.16 -30.16 33.96
CA LEU V 56 50.31 -29.30 34.20
C LEU V 56 50.96 -29.59 35.54
N GLU V 57 50.18 -30.04 36.52
CA GLU V 57 50.75 -30.35 37.83
C GLU V 57 51.91 -31.34 37.70
N LYS V 58 51.87 -32.19 36.68
CA LYS V 58 53.00 -33.07 36.41
C LYS V 58 54.29 -32.27 36.27
N PHE V 59 54.21 -31.08 35.68
CA PHE V 59 55.29 -30.12 35.51
C PHE V 59 56.23 -30.55 34.39
N PRO V 60 56.11 -31.76 33.85
CA PRO V 60 56.93 -32.18 32.73
C PRO V 60 56.46 -31.56 31.43
N SER V 61 55.22 -31.08 31.38
CA SER V 61 54.65 -30.43 30.21
C SER V 61 54.44 -28.94 30.44
N LEU V 62 55.16 -28.35 31.39
CA LEU V 62 55.04 -26.93 31.67
C LEU V 62 55.29 -26.12 30.42
N GLN V 63 54.47 -25.08 30.23
CA GLN V 63 54.56 -24.24 29.04
C GLN V 63 55.69 -23.22 29.19
N PRO V 64 56.54 -23.14 28.17
CA PRO V 64 57.66 -22.20 28.22
C PRO V 64 57.16 -20.77 28.32
N ASP V 65 57.86 -19.97 29.11
CA ASP V 65 57.53 -18.56 29.28
C ASP V 65 58.39 -17.64 28.44
N MET V 66 59.54 -18.12 27.96
CA MET V 66 60.39 -17.35 27.06
C MET V 66 60.10 -17.63 25.59
N ASP V 67 59.15 -18.53 25.31
CA ASP V 67 58.85 -18.89 23.92
C ASP V 67 58.56 -17.67 23.08
N GLU V 68 57.90 -16.67 23.65
CA GLU V 68 57.59 -15.41 22.98
C GLU V 68 57.27 -15.62 21.51
N LYS V 69 56.25 -16.44 21.27
CA LYS V 69 55.87 -16.79 19.91
C LYS V 69 55.08 -15.66 19.28
N PHE W 1 -45.96 -55.57 92.21
CA PHE W 1 -44.96 -54.56 91.78
C PHE W 1 -43.95 -54.31 92.89
N GLU W 2 -43.03 -53.39 92.66
CA GLU W 2 -42.02 -53.06 93.65
C GLU W 2 -41.62 -51.61 93.50
N LEU W 3 -41.02 -51.07 94.55
CA LEU W 3 -40.46 -49.73 94.49
C LEU W 3 -39.32 -49.69 93.48
N ASN W 4 -39.16 -48.52 92.84
CA ASN W 4 -38.09 -48.38 91.87
C ASN W 4 -36.72 -48.54 92.52
N ILE W 5 -36.58 -48.06 93.75
CA ILE W 5 -35.31 -48.09 94.46
C ILE W 5 -35.52 -48.76 95.81
N ASN W 6 -34.59 -49.64 96.19
CA ASN W 6 -34.58 -50.24 97.52
C ASN W 6 -33.80 -49.34 98.45
N ILE W 7 -34.51 -48.57 99.27
CA ILE W 7 -33.88 -47.52 100.07
C ILE W 7 -32.95 -48.14 101.11
N ILE W 8 -31.86 -47.42 101.40
CA ILE W 8 -30.94 -47.78 102.46
C ILE W 8 -31.21 -46.87 103.64
N ASN W 9 -31.65 -47.44 104.75
CA ASN W 9 -32.13 -46.63 105.86
C ASN W 9 -31.01 -46.21 106.81
N TYR W 10 -30.12 -47.12 107.17
CA TYR W 10 -29.13 -46.86 108.21
C TYR W 10 -27.74 -47.26 107.74
N ASN W 11 -26.74 -46.59 108.30
CA ASN W 11 -25.35 -46.88 108.00
C ASN W 11 -24.49 -46.38 109.15
N TYR W 12 -23.50 -47.18 109.52
CA TYR W 12 -22.61 -46.82 110.63
C TYR W 12 -21.15 -46.71 110.23
N LEU W 13 -20.79 -47.06 108.99
CA LEU W 13 -19.40 -46.87 108.56
C LEU W 13 -19.03 -45.39 108.52
N GLY W 14 -19.98 -44.52 108.18
CA GLY W 14 -19.66 -43.11 108.08
C GLY W 14 -19.09 -42.56 109.38
N ILE W 15 -19.66 -42.95 110.51
CA ILE W 15 -19.15 -42.50 111.80
C ILE W 15 -17.75 -43.03 112.02
N ILE W 16 -17.54 -44.33 111.74
CA ILE W 16 -16.25 -44.94 111.99
C ILE W 16 -15.18 -44.28 111.11
N ILE W 17 -15.49 -44.11 109.83
CA ILE W 17 -14.51 -43.54 108.91
C ILE W 17 -14.18 -42.11 109.34
N THR W 18 -15.19 -41.33 109.71
CA THR W 18 -14.94 -39.96 110.12
C THR W 18 -14.08 -39.91 111.39
N VAL W 19 -14.35 -40.81 112.34
CA VAL W 19 -13.54 -40.85 113.55
C VAL W 19 -12.11 -41.28 113.22
N ILE W 20 -11.96 -42.22 112.30
CA ILE W 20 -10.61 -42.62 111.87
C ILE W 20 -9.86 -41.42 111.33
N ILE W 21 -10.52 -40.57 110.56
CA ILE W 21 -9.88 -39.36 110.06
C ILE W 21 -9.43 -38.48 111.21
N SER W 22 -10.29 -38.29 112.21
CA SER W 22 -9.93 -37.44 113.33
C SER W 22 -8.71 -37.97 114.08
N ILE W 23 -8.55 -39.29 114.13
CA ILE W 23 -7.43 -39.87 114.87
C ILE W 23 -6.12 -39.37 114.31
N TYR W 24 -6.06 -39.11 113.00
CA TYR W 24 -4.84 -38.57 112.41
C TYR W 24 -4.46 -37.24 113.04
N ILE W 25 -5.44 -36.38 113.29
CA ILE W 25 -5.16 -35.07 113.87
C ILE W 25 -4.74 -35.21 115.32
N TYR W 26 -5.42 -36.07 116.08
CA TYR W 26 -5.24 -36.15 117.52
C TYR W 26 -4.17 -37.15 117.94
N ASN W 27 -3.35 -37.62 117.00
CA ASN W 27 -2.29 -38.56 117.36
C ASN W 27 -1.20 -37.87 118.16
N ASN W 28 -0.61 -38.62 119.09
CA ASN W 28 0.63 -38.23 119.73
C ASN W 28 1.81 -39.09 119.30
N SER W 29 1.59 -40.05 118.40
CA SER W 29 2.65 -40.89 117.88
C SER W 29 2.35 -41.25 116.44
N ASN W 30 3.39 -41.22 115.59
CA ASN W 30 3.21 -41.59 114.20
C ASN W 30 2.92 -43.07 114.05
N ILE W 31 3.17 -43.88 115.08
CA ILE W 31 2.83 -45.30 115.02
C ILE W 31 1.32 -45.48 114.98
N ILE W 32 0.59 -44.65 115.74
CA ILE W 32 -0.86 -44.73 115.72
C ILE W 32 -1.39 -44.44 114.32
N SER W 33 -0.76 -43.50 113.62
CA SER W 33 -1.20 -43.17 112.26
C SER W 33 -1.08 -44.38 111.35
N VAL W 34 0.01 -45.14 111.48
CA VAL W 34 0.20 -46.31 110.64
C VAL W 34 -0.91 -47.31 110.87
N TYR W 35 -1.21 -47.60 112.13
CA TYR W 35 -2.29 -48.53 112.43
C TYR W 35 -3.66 -47.94 112.11
N ASN W 36 -3.79 -46.62 112.24
CA ASN W 36 -5.04 -45.98 111.87
C ASN W 36 -5.31 -46.15 110.38
N SER W 37 -4.27 -46.08 109.56
CA SER W 37 -4.44 -46.24 108.12
C SER W 37 -4.99 -47.61 107.78
N ASN W 38 -4.57 -48.64 108.51
CA ASN W 38 -5.13 -49.97 108.29
C ASN W 38 -6.62 -49.99 108.56
N LEU W 39 -7.05 -49.33 109.64
CA LEU W 39 -8.48 -49.26 109.93
C LEU W 39 -9.23 -48.59 108.79
N LEU W 40 -8.68 -47.51 108.26
CA LEU W 40 -9.33 -46.85 107.14
C LEU W 40 -9.45 -47.78 105.94
N LEU W 41 -8.39 -48.56 105.69
CA LEU W 41 -8.43 -49.52 104.59
C LEU W 41 -9.50 -50.58 104.84
N ILE W 42 -9.61 -51.06 106.08
CA ILE W 42 -10.61 -52.08 106.38
C ILE W 42 -12.01 -51.53 106.15
N ASN W 43 -12.30 -50.34 106.68
CA ASN W 43 -13.66 -49.83 106.62
C ASN W 43 -14.05 -49.45 105.20
N ILE W 44 -13.10 -48.93 104.42
CA ILE W 44 -13.39 -48.65 103.01
C ILE W 44 -13.74 -49.94 102.28
N ASN W 45 -13.07 -51.04 102.64
CA ASN W 45 -13.42 -52.33 102.04
C ASN W 45 -14.85 -52.72 102.36
N ILE W 46 -15.28 -52.48 103.60
CA ILE W 46 -16.66 -52.79 103.97
C ILE W 46 -17.63 -51.99 103.11
N TRP W 47 -17.32 -50.72 102.88
CA TRP W 47 -18.16 -49.90 102.02
C TRP W 47 -18.22 -50.48 100.61
N MET W 48 -17.08 -50.96 100.10
CA MET W 48 -17.08 -51.64 98.81
C MET W 48 -17.89 -52.92 98.86
N LYS W 49 -17.95 -53.59 100.01
CA LYS W 49 -18.79 -54.76 100.14
C LYS W 49 -20.26 -54.40 99.95
N TYR W 50 -20.68 -53.27 100.52
CA TYR W 50 -22.08 -52.86 100.37
C TYR W 50 -22.42 -52.60 98.92
N ASN W 51 -21.48 -52.04 98.15
CA ASN W 51 -21.75 -51.80 96.74
C ASN W 51 -21.95 -53.11 95.99
N ILE W 52 -21.17 -54.13 96.31
CA ILE W 52 -21.33 -55.42 95.64
C ILE W 52 -22.66 -56.05 96.05
N LEU W 53 -23.04 -55.91 97.32
CA LEU W 53 -24.30 -56.50 97.76
C LEU W 53 -25.49 -55.81 97.14
N ASP W 54 -25.34 -54.55 96.75
CA ASP W 54 -26.45 -53.85 96.11
C ASP W 54 -26.83 -54.45 94.76
N MET W 55 -25.97 -55.30 94.19
CA MET W 55 -26.33 -55.97 92.95
C MET W 55 -27.64 -56.74 93.07
N LEU W 56 -27.96 -57.20 94.28
CA LEU W 56 -29.18 -57.97 94.48
C LEU W 56 -30.43 -57.19 94.11
N ASN W 57 -30.35 -55.85 94.08
CA ASN W 57 -31.51 -55.05 93.73
C ASN W 57 -31.82 -55.10 92.23
N LEU W 58 -30.88 -55.53 91.40
CA LEU W 58 -31.10 -55.64 89.96
C LEU W 58 -31.54 -54.32 89.34
N ASN W 59 -30.90 -53.23 89.74
CA ASN W 59 -31.25 -51.90 89.29
C ASN W 59 -30.37 -51.51 88.11
N VAL W 60 -30.99 -51.17 86.98
CA VAL W 60 -30.23 -50.92 85.76
C VAL W 60 -29.39 -49.65 85.89
N LEU W 61 -29.86 -48.67 86.66
CA LEU W 61 -29.17 -47.39 86.75
C LEU W 61 -27.98 -47.41 87.70
N ASP W 62 -27.79 -48.49 88.47
CA ASP W 62 -26.68 -48.53 89.40
C ASP W 62 -25.34 -48.48 88.67
N TYR W 63 -25.21 -49.22 87.58
CA TYR W 63 -23.97 -49.19 86.82
C TYR W 63 -23.69 -47.79 86.30
N LYS W 64 -24.70 -47.14 85.73
CA LYS W 64 -24.51 -45.81 85.17
C LYS W 64 -24.12 -44.82 86.25
N ILE W 65 -24.73 -44.90 87.42
CA ILE W 65 -24.45 -43.94 88.48
C ILE W 65 -22.99 -44.03 88.91
N LEU W 66 -22.50 -45.25 89.12
CA LEU W 66 -21.12 -45.42 89.56
C LEU W 66 -20.14 -45.02 88.46
N LEU W 67 -20.47 -45.31 87.20
CA LEU W 67 -19.57 -44.94 86.13
C LEU W 67 -19.38 -43.43 86.06
N TRP W 68 -20.46 -42.67 86.18
CA TRP W 68 -20.33 -41.22 86.11
C TRP W 68 -19.64 -40.66 87.34
N ILE W 69 -19.78 -41.32 88.48
CA ILE W 69 -19.03 -40.91 89.66
C ILE W 69 -17.53 -41.01 89.38
N VAL W 70 -17.12 -42.11 88.76
CA VAL W 70 -15.70 -42.29 88.45
C VAL W 70 -15.22 -41.21 87.50
N VAL W 71 -16.07 -40.84 86.53
CA VAL W 71 -15.70 -39.77 85.60
C VAL W 71 -15.42 -38.48 86.37
N ILE W 72 -16.26 -38.16 87.35
CA ILE W 72 -16.02 -36.97 88.15
C ILE W 72 -14.72 -37.09 88.93
N ILE W 73 -14.47 -38.26 89.51
CA ILE W 73 -13.23 -38.45 90.25
C ILE W 73 -12.03 -38.29 89.34
N ILE W 74 -12.11 -38.84 88.13
CA ILE W 74 -11.01 -38.70 87.18
C ILE W 74 -10.75 -37.23 86.89
N SER W 75 -11.81 -36.45 86.71
CA SER W 75 -11.62 -35.02 86.45
C SER W 75 -10.91 -34.34 87.62
N ASN W 76 -11.29 -34.69 88.84
CA ASN W 76 -10.64 -34.10 90.01
C ASN W 76 -9.15 -34.45 90.04
N GLU W 77 -8.81 -35.69 89.69
CA GLU W 77 -7.40 -36.06 89.65
C GLU W 77 -6.65 -35.26 88.59
N ILE W 78 -7.28 -35.04 87.43
CA ILE W 78 -6.63 -34.24 86.38
C ILE W 78 -6.42 -32.82 86.87
N LEU W 79 -7.44 -32.23 87.48
CA LEU W 79 -7.33 -30.85 87.93
C LEU W 79 -6.31 -30.70 89.05
N LEU W 80 -6.14 -31.73 89.88
CA LEU W 80 -5.10 -31.68 90.89
C LEU W 80 -3.72 -31.61 90.26
N PHE W 81 -3.49 -32.40 89.21
CA PHE W 81 -2.22 -32.33 88.49
C PHE W 81 -2.07 -30.97 87.82
N VAL W 82 -3.16 -30.41 87.30
CA VAL W 82 -3.09 -29.10 86.67
C VAL W 82 -2.54 -28.08 87.64
N SER W 83 -2.97 -28.13 88.90
CA SER W 83 -2.47 -27.18 89.89
C SER W 83 -0.97 -27.31 90.08
N PHE W 84 -0.46 -28.54 90.09
CA PHE W 84 0.98 -28.72 90.18
C PHE W 84 1.69 -28.19 88.95
N TYR W 85 1.14 -28.46 87.76
CA TYR W 85 1.70 -27.85 86.56
C TYR W 85 1.63 -26.33 86.63
N TRP W 86 0.52 -25.80 87.14
CA TRP W 86 0.41 -24.37 87.34
C TRP W 86 1.52 -23.87 88.24
N ILE W 87 1.74 -24.54 89.37
CA ILE W 87 2.80 -24.13 90.29
C ILE W 87 4.15 -24.20 89.60
N TYR W 88 4.39 -25.27 88.83
CA TYR W 88 5.68 -25.43 88.17
C TYR W 88 5.95 -24.29 87.19
N TYR W 89 4.96 -23.97 86.35
CA TYR W 89 5.18 -23.04 85.27
C TYR W 89 5.10 -21.58 85.71
N HIS W 90 4.55 -21.31 86.89
CA HIS W 90 4.52 -19.94 87.37
C HIS W 90 5.92 -19.39 87.58
N ASN W 91 6.82 -20.21 88.11
CA ASN W 91 8.21 -19.83 88.33
C ASN W 91 9.11 -20.21 87.16
N TYR W 92 8.53 -20.44 85.99
CA TYR W 92 9.33 -20.84 84.83
C TYR W 92 10.41 -19.83 84.53
N ILE W 93 10.16 -18.54 84.79
CA ILE W 93 11.13 -17.51 84.46
C ILE W 93 12.39 -17.63 85.31
N ASN W 94 12.35 -18.38 86.40
CA ASN W 94 13.48 -18.52 87.30
C ASN W 94 14.25 -19.82 87.10
N TYR W 95 13.92 -20.60 86.09
CA TYR W 95 14.55 -21.88 85.87
C TYR W 95 15.66 -21.79 84.85
N TYR W 96 16.51 -22.81 84.83
CA TYR W 96 17.50 -23.12 83.80
C TYR W 96 18.74 -22.22 83.85
N HIS W 97 18.81 -21.22 84.73
CA HIS W 97 20.01 -20.42 84.88
C HIS W 97 20.52 -20.40 86.32
N VAL W 98 19.99 -21.27 87.17
CA VAL W 98 20.45 -21.40 88.55
C VAL W 98 21.41 -22.56 88.62
N ASN W 99 22.34 -22.49 89.57
CA ASN W 99 23.41 -23.49 89.67
C ASN W 99 22.89 -24.76 90.31
N ILE W 100 22.03 -25.47 89.56
CA ILE W 100 21.54 -26.79 89.93
C ILE W 100 21.59 -27.66 88.69
N LEU W 101 21.65 -28.96 88.91
CA LEU W 101 21.72 -29.94 87.83
C LEU W 101 20.33 -30.49 87.59
N ILE W 102 19.75 -30.15 86.44
CA ILE W 102 18.44 -30.64 86.07
C ILE W 102 18.60 -32.05 85.49
N LEU W 103 17.49 -32.76 85.35
CA LEU W 103 17.57 -34.17 84.99
C LEU W 103 17.94 -34.36 83.52
N ASN W 104 18.58 -35.48 83.24
CA ASN W 104 18.95 -35.83 81.88
C ASN W 104 17.71 -36.23 81.09
N SER W 105 17.78 -36.05 79.77
CA SER W 105 16.67 -36.31 78.88
C SER W 105 16.83 -37.61 78.11
N TYR W 106 17.79 -38.45 78.48
CA TYR W 106 18.09 -39.67 77.73
C TYR W 106 17.69 -40.94 78.47
N ASN W 107 18.07 -41.07 79.74
CA ASN W 107 17.94 -42.36 80.43
C ASN W 107 16.58 -42.51 81.11
N ILE W 108 16.28 -41.63 82.05
CA ILE W 108 15.10 -41.83 82.89
C ILE W 108 13.83 -41.80 82.03
N VAL W 109 13.73 -40.82 81.14
CA VAL W 109 12.49 -40.64 80.38
C VAL W 109 12.21 -41.85 79.51
N TYR W 110 13.23 -42.36 78.82
CA TYR W 110 12.99 -43.43 77.85
C TYR W 110 12.53 -44.70 78.53
N ASN W 111 13.26 -45.16 79.55
CA ASN W 111 12.89 -46.42 80.19
C ASN W 111 11.54 -46.31 80.89
N ASN W 112 11.26 -45.18 81.54
CA ASN W 112 9.96 -45.00 82.17
C ASN W 112 8.84 -45.03 81.15
N ILE W 113 9.02 -44.34 80.02
CA ILE W 113 8.00 -44.36 78.97
C ILE W 113 7.79 -45.77 78.46
N ILE W 114 8.89 -46.49 78.20
CA ILE W 114 8.78 -47.87 77.76
C ILE W 114 8.11 -48.72 78.83
N LEU W 115 8.53 -48.54 80.08
CA LEU W 115 7.99 -49.35 81.17
C LEU W 115 6.49 -49.10 81.34
N LEU W 116 6.08 -47.83 81.33
CA LEU W 116 4.67 -47.52 81.54
C LEU W 116 3.83 -47.91 80.33
N THR W 117 4.42 -47.88 79.13
CA THR W 117 3.67 -48.35 77.97
C THR W 117 3.36 -49.84 78.09
N LEU W 118 4.31 -50.63 78.57
CA LEU W 118 4.03 -52.05 78.79
C LEU W 118 2.90 -52.22 79.78
N LEU W 119 2.85 -51.38 80.81
CA LEU W 119 1.75 -51.46 81.76
C LEU W 119 0.42 -51.25 81.06
N SER W 120 0.36 -50.29 80.14
CA SER W 120 -0.88 -50.06 79.40
C SER W 120 -1.24 -51.27 78.55
N THR W 121 -0.25 -51.88 77.90
CA THR W 121 -0.53 -53.03 77.06
C THR W 121 -1.07 -54.19 77.88
N ILE W 122 -0.54 -54.40 79.09
CA ILE W 122 -1.05 -55.46 79.94
C ILE W 122 -2.51 -55.21 80.28
N VAL W 123 -2.84 -53.98 80.68
CA VAL W 123 -4.21 -53.65 81.04
C VAL W 123 -5.12 -53.78 79.83
N ASN W 124 -4.62 -53.41 78.65
CA ASN W 124 -5.40 -53.56 77.44
C ASN W 124 -5.73 -55.03 77.17
N ILE W 125 -4.76 -55.91 77.40
CA ILE W 125 -5.03 -57.34 77.21
C ILE W 125 -6.06 -57.83 78.23
N LYS W 126 -6.00 -57.30 79.45
CA LYS W 126 -7.02 -57.64 80.43
C LYS W 126 -8.40 -57.21 79.95
N PHE W 127 -8.51 -56.00 79.40
CA PHE W 127 -9.79 -55.56 78.86
C PHE W 127 -10.26 -56.46 77.74
N TYR W 128 -9.35 -56.84 76.84
CA TYR W 128 -9.75 -57.71 75.73
C TYR W 128 -10.27 -59.05 76.25
N ASN W 129 -9.59 -59.63 77.24
CA ASN W 129 -10.06 -60.88 77.82
C ASN W 129 -11.41 -60.70 78.49
N TYR W 130 -11.58 -59.58 79.19
CA TYR W 130 -12.86 -59.28 79.82
C TYR W 130 -13.97 -59.17 78.77
N ILE W 131 -13.65 -58.68 77.58
CA ILE W 131 -14.63 -58.65 76.51
C ILE W 131 -14.96 -60.05 76.03
N LEU W 132 -13.96 -60.93 75.99
CA LEU W 132 -14.12 -62.28 75.46
C LEU W 132 -14.52 -63.29 76.51
N SER W 133 -14.75 -62.87 77.75
CA SER W 133 -15.09 -63.80 78.82
C SER W 133 -14.00 -64.85 78.99
N TYR W 134 -12.78 -64.36 79.25
CA TYR W 134 -11.60 -65.20 79.25
C TYR W 134 -10.61 -64.62 80.24
N TYR W 135 -9.66 -65.44 80.68
CA TYR W 135 -8.71 -65.04 81.69
C TYR W 135 -7.34 -65.61 81.36
N LYS W 136 -6.31 -64.86 81.76
CA LYS W 136 -4.92 -65.30 81.63
C LYS W 136 -4.22 -65.01 82.94
N TYR W 137 -3.75 -66.07 83.61
CA TYR W 137 -3.22 -65.91 84.95
C TYR W 137 -1.99 -65.03 84.98
N ILE W 138 -1.09 -65.18 84.00
CA ILE W 138 0.20 -64.52 84.05
C ILE W 138 0.08 -63.00 84.03
N LEU W 139 -1.03 -62.46 83.51
CA LEU W 139 -1.11 -61.03 83.29
C LEU W 139 -0.92 -60.24 84.57
N SER W 140 -1.56 -60.68 85.65
CA SER W 140 -1.45 -59.95 86.91
C SER W 140 -0.01 -59.89 87.39
N TYR W 141 0.73 -60.98 87.25
CA TYR W 141 2.11 -61.00 87.71
C TYR W 141 3.03 -60.16 86.84
N LEU W 142 2.65 -59.91 85.59
CA LEU W 142 3.39 -58.96 84.78
C LEU W 142 3.24 -57.54 85.34
N ILE W 143 2.04 -57.21 85.83
CA ILE W 143 1.83 -55.90 86.43
C ILE W 143 2.68 -55.75 87.68
N TYR W 144 2.74 -56.79 88.51
CA TYR W 144 3.54 -56.70 89.73
C TYR W 144 5.01 -56.52 89.40
N TYR W 145 5.52 -57.26 88.42
CA TYR W 145 6.89 -57.03 87.98
C TYR W 145 7.05 -55.61 87.47
N ASN W 146 6.09 -55.13 86.70
CA ASN W 146 6.17 -53.77 86.19
C ASN W 146 6.21 -52.77 87.33
N ASN W 147 5.33 -52.94 88.32
CA ASN W 147 5.32 -52.04 89.46
C ASN W 147 6.58 -52.17 90.31
N TYR W 148 7.15 -53.37 90.38
CA TYR W 148 8.38 -53.55 91.14
C TYR W 148 9.51 -52.73 90.55
N MET W 149 9.67 -52.79 89.22
CA MET W 149 10.73 -52.03 88.57
C MET W 149 10.52 -50.54 88.77
N PHE W 150 9.28 -50.07 88.66
CA PHE W 150 9.01 -48.65 88.81
C PHE W 150 9.41 -48.18 90.19
N ASN W 151 9.05 -48.95 91.22
CA ASN W 151 9.44 -48.60 92.58
C ASN W 151 10.95 -48.61 92.74
N ASN W 152 11.61 -49.63 92.18
CA ASN W 152 13.05 -49.73 92.35
C ASN W 152 13.76 -48.56 91.68
N LYS W 153 13.31 -48.17 90.49
CA LYS W 153 13.96 -47.07 89.78
C LYS W 153 13.75 -45.74 90.48
N ILE W 154 12.53 -45.47 90.95
CA ILE W 154 12.24 -44.18 91.55
C ILE W 154 12.98 -44.02 92.88
N ILE W 155 13.09 -45.10 93.64
CA ILE W 155 13.78 -45.03 94.93
C ILE W 155 15.23 -44.65 94.73
N LEU W 156 15.90 -45.30 93.77
CA LEU W 156 17.30 -44.99 93.52
C LEU W 156 17.48 -43.56 93.02
N GLU W 157 16.58 -43.10 92.16
CA GLU W 157 16.71 -41.77 91.59
C GLU W 157 16.67 -40.71 92.68
N TYR W 158 15.73 -40.83 93.62
CA TYR W 158 15.66 -39.85 94.70
C TYR W 158 16.90 -39.91 95.58
N LYS W 159 17.39 -41.10 95.87
CA LYS W 159 18.53 -41.22 96.78
C LYS W 159 19.82 -40.70 96.15
N ASN W 160 19.98 -40.86 94.85
CA ASN W 160 21.22 -40.46 94.20
C ASN W 160 21.18 -39.05 93.63
N ASN W 161 20.03 -38.40 93.64
CA ASN W 161 19.97 -37.01 93.20
C ASN W 161 20.78 -36.13 94.14
N SER W 162 21.55 -35.20 93.56
CA SER W 162 22.47 -34.37 94.32
C SER W 162 21.87 -33.04 94.74
N ASN W 163 20.63 -32.73 94.37
CA ASN W 163 19.95 -31.51 94.76
C ASN W 163 18.74 -31.86 95.61
N TYR W 164 18.33 -30.91 96.44
CA TYR W 164 17.36 -31.16 97.50
C TYR W 164 16.17 -30.21 97.36
N THR W 165 15.10 -30.55 98.08
CA THR W 165 13.86 -29.77 98.00
C THR W 165 14.09 -28.32 98.36
N ASN W 166 15.01 -28.04 99.27
CA ASN W 166 15.26 -26.67 99.72
C ASN W 166 16.22 -25.92 98.82
N ASP W 167 16.74 -26.53 97.75
CA ASP W 167 17.70 -25.84 96.90
C ASP W 167 17.02 -24.80 96.01
N SER W 168 15.89 -25.13 95.41
CA SER W 168 15.20 -24.18 94.56
C SER W 168 13.77 -24.64 94.35
N VAL W 169 12.92 -23.70 93.93
CA VAL W 169 11.53 -24.03 93.63
C VAL W 169 11.46 -25.02 92.48
N TYR W 170 12.45 -24.99 91.58
CA TYR W 170 12.50 -25.98 90.51
C TYR W 170 12.59 -27.39 91.09
N MET W 171 13.55 -27.61 92.00
CA MET W 171 13.72 -28.94 92.57
C MET W 171 12.48 -29.37 93.33
N THR W 172 11.89 -28.46 94.10
CA THR W 172 10.69 -28.81 94.84
C THR W 172 9.60 -29.29 93.89
N SER W 173 9.38 -28.55 92.80
CA SER W 173 8.33 -28.92 91.85
C SER W 173 8.67 -30.24 91.16
N TYR W 174 9.94 -30.47 90.83
CA TYR W 174 10.31 -31.75 90.24
C TYR W 174 9.97 -32.90 91.19
N PHE W 175 10.44 -32.82 92.43
CA PHE W 175 10.19 -33.90 93.38
C PHE W 175 8.70 -34.06 93.62
N TYR W 176 7.98 -32.96 93.79
CA TYR W 176 6.57 -33.06 94.14
C TYR W 176 5.74 -33.64 92.99
N ILE W 177 5.99 -33.19 91.76
CA ILE W 177 5.24 -33.72 90.63
C ILE W 177 5.51 -35.20 90.45
N ILE W 178 6.77 -35.62 90.64
CA ILE W 178 7.10 -37.04 90.50
C ILE W 178 6.46 -37.85 91.62
N LEU W 179 6.45 -37.31 92.85
CA LEU W 179 5.80 -38.02 93.95
C LEU W 179 4.31 -38.16 93.70
N LEU W 180 3.67 -37.09 93.25
CA LEU W 180 2.23 -37.15 93.00
C LEU W 180 1.89 -38.24 92.00
N HIS W 181 2.73 -38.39 90.96
CA HIS W 181 2.52 -39.47 90.02
C HIS W 181 2.72 -40.83 90.68
N TYR W 182 3.75 -40.95 91.53
CA TYR W 182 3.99 -42.22 92.21
C TYR W 182 2.80 -42.61 93.08
N ILE W 183 2.26 -41.66 93.83
CA ILE W 183 1.11 -41.96 94.68
C ILE W 183 -0.03 -42.51 93.85
N HIS W 184 -0.24 -41.96 92.67
CA HIS W 184 -1.29 -42.47 91.79
C HIS W 184 -0.92 -43.83 91.21
N ILE W 185 0.38 -44.12 91.08
CA ILE W 185 0.79 -45.47 90.71
C ILE W 185 0.51 -46.43 91.86
N TYR W 186 0.81 -46.00 93.09
CA TYR W 186 0.54 -46.85 94.24
C TYR W 186 -0.97 -47.08 94.42
N ASP W 187 -1.78 -46.05 94.17
CA ASP W 187 -3.22 -46.26 94.20
C ASP W 187 -3.65 -47.32 93.19
N SER W 188 -2.93 -47.41 92.06
CA SER W 188 -3.24 -48.43 91.08
C SER W 188 -2.93 -49.83 91.62
N ILE W 189 -1.85 -49.96 92.39
CA ILE W 189 -1.55 -51.23 93.03
C ILE W 189 -2.68 -51.61 93.97
N ILE W 190 -3.18 -50.64 94.75
CA ILE W 190 -4.28 -50.92 95.66
C ILE W 190 -5.47 -51.48 94.90
N LEU W 191 -5.77 -50.94 93.72
CA LEU W 191 -6.91 -51.42 92.96
C LEU W 191 -6.63 -52.75 92.27
N ILE W 192 -5.45 -52.91 91.68
CA ILE W 192 -5.25 -54.08 90.81
C ILE W 192 -4.99 -55.36 91.60
N VAL W 193 -4.67 -55.28 92.89
CA VAL W 193 -4.33 -56.48 93.64
C VAL W 193 -5.51 -57.45 93.74
N VAL W 194 -6.73 -56.97 93.56
CA VAL W 194 -7.91 -57.80 93.71
C VAL W 194 -8.46 -58.27 92.37
N TYR W 195 -7.77 -58.01 91.27
CA TYR W 195 -8.30 -58.40 89.96
C TYR W 195 -8.54 -59.90 89.93
N ASN W 196 -9.75 -60.29 89.54
CA ASN W 196 -10.14 -61.68 89.44
C ASN W 196 -11.12 -61.80 88.29
N TYR W 197 -11.55 -63.02 87.99
CA TYR W 197 -12.63 -63.24 87.03
C TYR W 197 -13.94 -63.38 87.80
N VAL W 198 -14.90 -62.53 87.48
CA VAL W 198 -16.24 -62.60 88.05
C VAL W 198 -17.19 -63.01 86.93
N ASN W 199 -18.11 -63.92 87.25
CA ASN W 199 -18.94 -64.50 86.20
C ASN W 199 -20.11 -63.61 85.80
N TYR W 200 -20.34 -62.49 86.46
CA TYR W 200 -21.35 -61.56 85.97
C TYR W 200 -20.76 -60.50 85.06
N LYS W 201 -19.45 -60.54 84.83
CA LYS W 201 -18.78 -59.94 83.67
C LYS W 201 -19.09 -58.46 83.46
N ASN W 202 -19.78 -58.13 82.37
CA ASN W 202 -19.85 -56.75 81.89
C ASN W 202 -20.79 -55.87 82.71
N ILE W 203 -21.35 -56.37 83.79
CA ILE W 203 -22.09 -55.53 84.72
C ILE W 203 -21.27 -55.23 85.98
N ASN W 204 -19.96 -55.45 85.91
CA ASN W 204 -19.04 -55.23 87.01
C ASN W 204 -18.33 -53.90 86.77
N ASN W 205 -18.59 -52.91 87.63
CA ASN W 205 -18.02 -51.59 87.42
C ASN W 205 -16.51 -51.56 87.60
N TYR W 206 -15.93 -52.57 88.25
CA TYR W 206 -14.50 -52.54 88.55
C TYR W 206 -13.66 -52.57 87.28
N TYR W 207 -14.07 -53.35 86.28
CA TYR W 207 -13.23 -53.50 85.09
C TYR W 207 -13.11 -52.19 84.33
N ILE W 208 -14.22 -51.51 84.10
CA ILE W 208 -14.16 -50.26 83.36
C ILE W 208 -13.40 -49.21 84.16
N ASN W 209 -13.56 -49.21 85.49
CA ASN W 209 -12.84 -48.24 86.31
C ASN W 209 -11.33 -48.44 86.22
N ILE W 210 -10.88 -49.69 86.29
CA ILE W 210 -9.44 -49.95 86.25
C ILE W 210 -8.86 -49.54 84.91
N ASN W 211 -9.56 -49.85 83.82
CA ASN W 211 -9.05 -49.48 82.50
C ASN W 211 -8.93 -47.96 82.37
N ILE W 212 -9.94 -47.22 82.82
CA ILE W 212 -9.90 -45.76 82.73
C ILE W 212 -8.76 -45.23 83.60
N TYR W 213 -8.63 -45.74 84.82
CA TYR W 213 -7.65 -45.17 85.75
C TYR W 213 -6.23 -45.41 85.27
N TYR W 214 -5.92 -46.64 84.83
CA TYR W 214 -4.57 -46.93 84.37
C TYR W 214 -4.20 -46.07 83.17
N HIS W 215 -5.15 -45.84 82.26
CA HIS W 215 -4.88 -44.98 81.12
C HIS W 215 -4.58 -43.55 81.59
N LEU W 216 -5.30 -43.06 82.58
CA LEU W 216 -5.07 -41.70 83.06
C LEU W 216 -3.66 -41.55 83.61
N ILE W 217 -3.21 -42.50 84.42
CA ILE W 217 -1.89 -42.39 85.02
C ILE W 217 -0.83 -42.30 83.94
N GLU W 218 -0.94 -43.14 82.92
CA GLU W 218 0.08 -43.19 81.87
C GLU W 218 0.10 -41.90 81.05
N VAL W 219 -1.07 -41.36 80.72
CA VAL W 219 -1.10 -40.14 79.93
C VAL W 219 -0.55 -38.97 80.74
N LEU W 220 -0.85 -38.95 82.05
CA LEU W 220 -0.30 -37.90 82.89
C LEU W 220 1.22 -37.91 82.87
N TYR W 221 1.83 -39.10 82.84
CA TYR W 221 3.29 -39.15 82.81
C TYR W 221 3.86 -38.58 81.52
N ILE W 222 3.14 -38.75 80.40
CA ILE W 222 3.59 -38.14 79.16
C ILE W 222 3.69 -36.63 79.31
N VAL W 223 2.69 -36.02 79.95
CA VAL W 223 2.74 -34.59 80.19
C VAL W 223 3.90 -34.24 81.11
N ILE W 224 4.10 -35.04 82.17
CA ILE W 224 5.21 -34.81 83.08
C ILE W 224 6.53 -34.95 82.33
N SER W 225 6.65 -35.98 81.49
CA SER W 225 7.90 -36.21 80.78
C SER W 225 8.25 -35.03 79.88
N ILE W 226 7.26 -34.50 79.18
CA ILE W 226 7.50 -33.35 78.30
C ILE W 226 7.87 -32.12 79.10
N LEU W 227 7.23 -31.92 80.26
CA LEU W 227 7.49 -30.71 81.05
C LEU W 227 8.87 -30.75 81.69
N LEU W 228 9.26 -31.87 82.27
CA LEU W 228 10.45 -31.92 83.12
C LEU W 228 11.67 -32.51 82.42
N TYR W 229 11.53 -33.68 81.81
CA TYR W 229 12.70 -34.34 81.25
C TYR W 229 13.03 -33.81 79.85
N LEU W 230 12.02 -33.63 79.00
CA LEU W 230 12.24 -33.11 77.67
C LEU W 230 11.84 -31.65 77.59
N GLU X 1 26.12 13.07 70.86
CA GLU X 1 25.70 14.34 70.28
C GLU X 1 24.64 14.12 69.22
N SER X 2 24.07 12.91 69.20
CA SER X 2 22.96 12.57 68.31
C SER X 2 21.70 12.40 69.15
N ALA X 3 20.56 12.72 68.54
CA ALA X 3 19.29 12.67 69.27
C ALA X 3 18.98 11.24 69.73
N ASP X 4 19.27 10.25 68.89
CA ASP X 4 18.99 8.86 69.20
C ASP X 4 20.22 8.13 69.72
N ALA X 5 21.22 8.86 70.23
CA ALA X 5 22.45 8.22 70.69
C ALA X 5 22.17 7.27 71.86
N LEU X 6 21.21 7.61 72.72
CA LEU X 6 20.91 6.76 73.87
C LEU X 6 20.58 5.34 73.42
N PHE X 7 19.67 5.21 72.45
CA PHE X 7 19.31 3.89 71.96
C PHE X 7 20.48 3.23 71.24
N VAL X 8 21.26 4.02 70.50
CA VAL X 8 22.40 3.47 69.79
C VAL X 8 23.45 3.02 70.80
N GLY X 9 24.23 2.01 70.42
CA GLY X 9 25.21 1.44 71.31
C GLY X 9 24.67 0.31 72.16
N THR X 10 23.74 0.63 73.06
CA THR X 10 23.10 -0.36 73.91
C THR X 10 21.72 0.16 74.33
N LEU X 11 20.84 -0.77 74.70
CA LEU X 11 19.65 -0.39 75.45
C LEU X 11 20.01 -0.02 76.88
N ASP X 12 21.17 -0.48 77.36
CA ASP X 12 21.62 -0.15 78.70
C ASP X 12 21.75 1.35 78.88
N ARG X 13 22.27 2.05 77.87
CA ARG X 13 22.60 3.47 78.02
C ARG X 13 21.38 4.30 78.40
N LEU X 14 20.18 3.83 78.04
CA LEU X 14 18.98 4.64 78.24
C LEU X 14 18.82 5.05 79.70
N THR X 15 18.96 4.10 80.61
CA THR X 15 18.86 4.40 82.04
C THR X 15 20.18 4.80 82.67
N ALA X 16 21.29 4.68 81.94
CA ALA X 16 22.55 5.21 82.46
C ALA X 16 22.56 6.72 82.46
N GLU X 17 21.90 7.35 81.48
CA GLU X 17 21.79 8.80 81.43
C GLU X 17 20.54 9.31 82.13
N HIS X 18 19.56 8.44 82.37
CA HIS X 18 18.32 8.80 83.07
C HIS X 18 18.05 7.74 84.13
N PRO X 19 18.83 7.74 85.21
CA PRO X 19 18.77 6.61 86.14
C PRO X 19 17.40 6.36 86.74
N HIS X 20 16.58 7.39 86.92
CA HIS X 20 15.33 7.25 87.65
C HIS X 20 14.13 6.99 86.75
N THR X 21 14.35 6.78 85.46
CA THR X 21 13.27 6.50 84.53
C THR X 21 13.21 5.01 84.20
N ASP X 22 12.13 4.62 83.54
CA ASP X 22 11.91 3.21 83.24
C ASP X 22 12.93 2.72 82.21
N ASP X 23 13.32 1.48 82.37
CA ASP X 23 14.21 0.83 81.41
C ASP X 23 13.39 0.26 80.26
N PRO X 24 13.83 0.43 79.01
CA PRO X 24 13.00 -0.03 77.88
C PRO X 24 12.64 -1.49 77.96
N ARG X 25 13.51 -2.32 78.54
CA ARG X 25 13.28 -3.76 78.54
C ARG X 25 12.21 -4.17 79.56
N PHE X 26 11.98 -3.36 80.60
CA PHE X 26 11.05 -3.72 81.67
C PHE X 26 9.97 -2.67 81.89
N ALA X 27 9.79 -1.73 80.96
CA ALA X 27 8.81 -0.68 81.16
C ALA X 27 7.38 -1.22 81.11
N PHE X 28 7.15 -2.31 80.38
CA PHE X 28 5.80 -2.82 80.21
C PHE X 28 5.20 -3.33 81.51
N GLN X 29 6.03 -3.71 82.49
CA GLN X 29 5.56 -4.32 83.72
C GLN X 29 5.84 -3.42 84.91
N SER X 30 4.91 -3.41 85.87
CA SER X 30 5.13 -2.65 87.10
C SER X 30 6.17 -3.31 87.99
N ASN X 31 6.19 -4.63 88.03
CA ASN X 31 7.16 -5.36 88.82
C ASN X 31 8.56 -5.17 88.24
N GLN X 32 9.49 -4.67 89.05
CA GLN X 32 10.84 -4.35 88.60
C GLN X 32 11.88 -5.30 89.17
N TRP X 33 11.46 -6.48 89.63
CA TRP X 33 12.40 -7.43 90.20
C TRP X 33 13.43 -7.87 89.17
N ASN X 34 12.99 -8.20 87.96
CA ASN X 34 13.94 -8.61 86.92
C ASN X 34 14.87 -7.48 86.55
N ASN X 35 14.40 -6.24 86.62
CA ASN X 35 15.25 -5.10 86.35
C ASN X 35 16.40 -5.03 87.34
N CYS X 36 16.12 -5.28 88.62
CA CYS X 36 17.17 -5.26 89.62
C CYS X 36 18.20 -6.36 89.38
N GLU X 37 17.76 -7.54 89.00
CA GLU X 37 18.70 -8.64 88.78
C GLU X 37 19.63 -8.33 87.60
N LEU X 38 19.09 -7.76 86.53
CA LEU X 38 19.92 -7.40 85.40
C LEU X 38 20.96 -6.34 85.80
N ARG X 39 20.54 -5.35 86.58
CA ARG X 39 21.47 -4.31 87.00
C ARG X 39 22.58 -4.90 87.87
N PHE X 40 22.23 -5.80 88.78
CA PHE X 40 23.25 -6.39 89.63
C PHE X 40 24.23 -7.24 88.83
N THR X 41 23.71 -8.03 87.89
CA THR X 41 24.59 -8.84 87.05
C THR X 41 25.55 -7.94 86.27
N GLN X 42 25.07 -6.79 85.80
CA GLN X 42 25.94 -5.87 85.09
C GLN X 42 27.05 -5.35 85.99
N PHE X 43 26.72 -5.04 87.25
CA PHE X 43 27.74 -4.60 88.18
C PHE X 43 28.77 -5.71 88.42
N CYS X 44 28.31 -6.95 88.57
CA CYS X 44 29.24 -8.05 88.82
C CYS X 44 30.21 -8.19 87.65
N ARG X 45 29.71 -8.11 86.42
CA ARG X 45 30.59 -8.28 85.27
C ARG X 45 31.55 -7.10 85.12
N CYS X 46 31.12 -5.90 85.49
CA CYS X 46 32.02 -4.75 85.38
C CYS X 46 33.26 -4.95 86.24
N THR X 47 33.08 -5.40 87.48
CA THR X 47 34.22 -5.56 88.39
C THR X 47 35.19 -6.60 87.84
N ARG X 48 34.68 -7.68 87.26
CA ARG X 48 35.55 -8.71 86.71
C ARG X 48 36.48 -8.14 85.65
N GLU X 49 35.95 -7.28 84.77
CA GLU X 49 36.76 -6.74 83.70
C GLU X 49 37.61 -5.55 84.16
N LEU X 50 37.00 -4.62 84.90
CA LEU X 50 37.63 -3.35 85.23
C LEU X 50 38.14 -3.27 86.66
N GLY X 51 37.60 -4.05 87.57
CA GLY X 51 37.96 -3.95 88.97
C GLY X 51 37.06 -2.99 89.74
N GLU X 52 37.02 -3.19 91.05
CA GLU X 52 36.11 -2.41 91.88
C GLU X 52 36.46 -0.92 91.86
N ASP X 53 37.75 -0.60 91.91
CA ASP X 53 38.15 0.80 92.03
C ASP X 53 37.76 1.64 90.83
N ASP X 54 37.46 1.02 89.70
CA ASP X 54 37.17 1.78 88.49
C ASP X 54 35.90 2.61 88.68
N PRO X 55 35.90 3.89 88.31
CA PRO X 55 34.68 4.69 88.47
C PRO X 55 33.49 4.15 87.71
N ARG X 56 33.71 3.47 86.58
CA ARG X 56 32.60 2.91 85.83
C ARG X 56 31.82 1.91 86.67
N CYS X 57 32.52 0.97 87.30
CA CYS X 57 31.84 -0.03 88.10
C CYS X 57 31.23 0.57 89.36
N LYS X 58 31.83 1.64 89.89
CA LYS X 58 31.20 2.34 91.00
C LYS X 58 29.85 2.88 90.60
N TYR X 59 29.75 3.45 89.40
CA TYR X 59 28.46 3.95 88.92
C TYR X 59 27.50 2.81 88.62
N GLN X 60 28.01 1.67 88.15
CA GLN X 60 27.13 0.54 87.90
C GLN X 60 26.47 0.07 89.19
N TYR X 61 27.22 0.10 90.30
CA TYR X 61 26.61 -0.21 91.59
C TYR X 61 25.54 0.80 91.93
N TYR X 62 25.80 2.08 91.67
CA TYR X 62 24.78 3.11 91.92
C TYR X 62 23.53 2.83 91.10
N ARG X 63 23.70 2.42 89.84
CA ARG X 63 22.55 2.09 89.02
C ARG X 63 21.75 0.95 89.65
N ALA X 64 22.43 -0.06 90.18
CA ALA X 64 21.73 -1.14 90.85
C ALA X 64 20.97 -0.63 92.07
N GLN X 65 21.58 0.27 92.84
CA GLN X 65 20.89 0.82 94.00
C GLN X 65 19.65 1.60 93.61
N THR X 66 19.60 2.11 92.37
CA THR X 66 18.44 2.88 91.96
C THR X 66 17.19 2.01 91.85
N VAL X 67 17.36 0.72 91.64
CA VAL X 67 16.23 -0.19 91.47
C VAL X 67 16.23 -1.35 92.45
N CYS X 68 17.33 -1.60 93.16
CA CYS X 68 17.39 -2.68 94.13
C CYS X 68 17.32 -2.10 95.54
N HIS X 69 16.42 -2.65 96.35
CA HIS X 69 16.35 -2.25 97.76
C HIS X 69 17.61 -2.70 98.49
N GLU X 70 17.93 -1.98 99.56
CA GLU X 70 19.20 -2.23 100.24
C GLU X 70 19.23 -3.59 100.91
N PHE X 71 18.10 -4.07 101.44
CA PHE X 71 18.12 -5.37 102.10
C PHE X 71 18.42 -6.48 101.10
N LEU X 72 17.99 -6.33 99.85
CA LEU X 72 18.38 -7.28 98.81
C LEU X 72 19.87 -7.18 98.51
N LEU X 73 20.37 -5.96 98.31
CA LEU X 73 21.76 -5.79 97.91
C LEU X 73 22.71 -6.29 98.99
N GLU X 74 22.41 -6.00 100.25
CA GLU X 74 23.29 -6.47 101.32
C GLU X 74 23.41 -7.98 101.31
N ASP X 75 22.30 -8.68 101.13
CA ASP X 75 22.35 -10.13 101.06
C ASP X 75 23.10 -10.60 99.82
N TRP X 76 22.77 -10.02 98.66
CA TRP X 76 23.41 -10.43 97.43
C TRP X 76 24.89 -10.08 97.42
N MET X 77 25.26 -8.91 97.96
CA MET X 77 26.66 -8.55 98.03
C MET X 77 27.43 -9.49 98.94
N GLU X 78 26.79 -9.99 99.99
CA GLU X 78 27.43 -10.97 100.85
C GLU X 78 27.73 -12.25 100.08
N HIS X 79 26.76 -12.73 99.30
CA HIS X 79 27.01 -13.92 98.50
C HIS X 79 28.11 -13.69 97.48
N ARG X 80 28.13 -12.51 96.87
CA ARG X 80 29.16 -12.21 95.89
C ARG X 80 30.55 -12.24 96.53
N HIS X 81 30.67 -11.68 97.73
CA HIS X 81 31.97 -11.64 98.40
C HIS X 81 32.46 -13.05 98.73
N ARG X 82 31.56 -13.90 99.24
CA ARG X 82 31.97 -15.28 99.54
C ARG X 82 32.37 -16.01 98.27
N GLY X 83 31.62 -15.82 97.21
CA GLY X 83 31.80 -16.57 95.99
C GLY X 83 30.70 -17.55 95.68
N THR X 84 29.51 -17.34 96.24
CA THR X 84 28.38 -18.22 95.98
C THR X 84 27.25 -17.52 95.23
N CYS X 85 27.47 -16.31 94.73
CA CYS X 85 26.44 -15.58 93.99
C CYS X 85 26.30 -16.21 92.61
N ASP X 86 25.14 -16.82 92.34
CA ASP X 86 24.95 -17.51 91.07
C ASP X 86 25.08 -16.56 89.88
N LEU X 87 24.82 -15.27 90.10
CA LEU X 87 24.97 -14.30 89.02
C LEU X 87 26.43 -14.13 88.62
N ASP X 88 27.33 -14.15 89.60
CA ASP X 88 28.73 -13.81 89.38
C ASP X 88 29.63 -15.01 89.14
N ILE X 89 29.09 -16.23 89.14
CA ILE X 89 29.92 -17.40 88.89
C ILE X 89 30.50 -17.32 87.49
N MET X 90 31.79 -17.62 87.38
CA MET X 90 32.45 -17.51 86.09
C MET X 90 31.86 -18.50 85.10
N PRO X 91 31.74 -18.14 83.82
CA PRO X 91 31.04 -19.03 82.88
C PRO X 91 31.63 -20.43 82.82
N ASP X 92 32.95 -20.57 82.87
CA ASP X 92 33.55 -21.89 82.73
C ASP X 92 33.27 -22.78 83.93
N ARG X 93 32.74 -22.25 85.02
CA ARG X 93 32.39 -23.03 86.19
C ARG X 93 30.89 -23.13 86.42
N GLN X 94 30.08 -22.76 85.44
CA GLN X 94 28.64 -22.95 85.54
C GLN X 94 28.28 -24.41 85.36
N VAL X 95 27.12 -24.78 85.92
CA VAL X 95 26.61 -26.13 85.82
C VAL X 95 25.28 -26.18 85.09
N ILE X 96 24.88 -25.10 84.43
CA ILE X 96 23.56 -25.02 83.84
C ILE X 96 23.40 -26.04 82.72
N HIS X 97 24.46 -26.29 81.96
CA HIS X 97 24.40 -27.22 80.84
C HIS X 97 24.72 -28.65 81.22
N MET X 98 24.99 -28.93 82.49
CA MET X 98 25.37 -30.26 82.93
C MET X 98 24.15 -31.11 83.28
N ARG X 99 24.26 -32.40 83.02
CA ARG X 99 23.20 -33.38 83.26
C ARG X 99 21.89 -32.99 82.60
N GLY X 100 21.95 -32.12 81.60
CA GLY X 100 20.75 -31.60 80.96
C GLY X 100 20.50 -30.15 81.31
N GLY Y 1 30.52 -57.92 20.41
CA GLY Y 1 29.98 -59.30 20.16
C GLY Y 1 30.41 -60.30 21.20
N SER Y 2 31.69 -60.25 21.57
CA SER Y 2 32.25 -61.19 22.55
C SER Y 2 31.78 -60.89 23.96
N ILE Y 3 31.21 -59.70 24.21
CA ILE Y 3 30.70 -59.34 25.51
C ILE Y 3 29.19 -59.49 25.59
N GLU Y 4 28.50 -59.46 24.45
CA GLU Y 4 27.05 -59.64 24.45
C GLU Y 4 26.66 -60.96 25.11
N GLN Y 5 27.51 -61.98 25.01
CA GLN Y 5 27.20 -63.27 25.61
C GLN Y 5 27.13 -63.21 27.12
N PHE Y 6 27.72 -62.19 27.74
CA PHE Y 6 27.79 -62.07 29.19
C PHE Y 6 26.69 -61.20 29.77
N ILE Y 7 25.73 -60.77 28.97
CA ILE Y 7 24.58 -60.00 29.43
C ILE Y 7 23.39 -60.96 29.48
N ASN Y 8 22.92 -61.30 30.70
CA ASN Y 8 21.94 -62.37 30.87
C ASN Y 8 20.81 -62.03 31.84
N LEU Y 9 20.59 -60.74 32.11
CA LEU Y 9 19.59 -60.21 33.04
C LEU Y 9 19.92 -60.46 34.50
N ARG Y 10 20.65 -61.53 34.79
CA ARG Y 10 21.22 -61.68 36.12
C ARG Y 10 22.43 -60.80 36.24
N THR Y 11 23.25 -60.78 35.20
CA THR Y 11 24.40 -59.90 35.12
C THR Y 11 23.98 -58.44 35.02
N ALA Y 12 22.77 -58.17 34.55
CA ALA Y 12 22.27 -56.80 34.45
C ALA Y 12 21.59 -56.34 35.72
N ARG Y 13 21.11 -57.26 36.55
CA ARG Y 13 20.60 -56.92 37.88
C ARG Y 13 21.63 -57.20 38.96
N MET Y 14 22.83 -57.63 38.57
CA MET Y 14 23.96 -57.78 39.46
C MET Y 14 25.01 -56.71 39.24
N PHE Y 15 25.04 -56.13 38.05
CA PHE Y 15 25.87 -54.97 37.72
C PHE Y 15 25.16 -53.67 38.05
N ILE Y 16 23.89 -53.54 37.65
CA ILE Y 16 23.15 -52.31 37.90
C ILE Y 16 22.82 -52.16 39.38
N TYR Y 17 22.28 -53.22 40.00
CA TYR Y 17 22.00 -53.15 41.43
C TYR Y 17 23.29 -53.17 42.23
N GLY Y 18 24.23 -54.03 41.87
CA GLY Y 18 25.50 -54.07 42.57
C GLY Y 18 26.29 -52.78 42.44
N GLY Y 19 26.15 -52.10 41.30
CA GLY Y 19 26.89 -50.87 41.11
C GLY Y 19 26.32 -49.71 41.92
N VAL Y 20 25.00 -49.57 41.94
CA VAL Y 20 24.39 -48.49 42.71
C VAL Y 20 24.67 -48.68 44.19
N SER Y 21 24.62 -49.93 44.66
CA SER Y 21 24.93 -50.20 46.06
C SER Y 21 26.36 -49.78 46.39
N ALA Y 22 27.31 -50.09 45.51
CA ALA Y 22 28.70 -49.73 45.77
C ALA Y 22 28.86 -48.23 45.91
N VAL Y 23 28.21 -47.46 45.03
CA VAL Y 23 28.26 -46.01 45.14
C VAL Y 23 27.65 -45.56 46.46
N PHE Y 24 26.52 -46.15 46.84
CA PHE Y 24 25.86 -45.74 48.08
C PHE Y 24 26.78 -45.95 49.28
N LEU Y 25 27.41 -47.12 49.37
CA LEU Y 25 28.33 -47.35 50.47
C LEU Y 25 29.56 -46.47 50.36
N TYR Y 26 30.07 -46.27 49.14
CA TYR Y 26 31.26 -45.46 48.96
C TYR Y 26 31.01 -44.02 49.40
N LYS Y 27 29.84 -43.47 49.09
CA LYS Y 27 29.53 -42.10 49.44
C LYS Y 27 28.91 -41.96 50.82
N ALA Y 28 28.30 -43.01 51.35
CA ALA Y 28 27.64 -42.92 52.66
C ALA Y 28 28.55 -43.30 53.80
N THR Y 29 29.49 -44.21 53.59
CA THR Y 29 30.35 -44.64 54.68
C THR Y 29 31.13 -43.51 55.30
N PRO Y 30 31.76 -42.60 54.54
CA PRO Y 30 32.45 -41.48 55.18
C PRO Y 30 31.54 -40.63 56.05
N VAL Y 31 30.29 -40.44 55.62
CA VAL Y 31 29.36 -39.63 56.40
C VAL Y 31 29.02 -40.31 57.72
N MET Y 32 28.79 -41.62 57.68
CA MET Y 32 28.51 -42.34 58.92
C MET Y 32 29.69 -42.26 59.88
N TYR Y 33 30.90 -42.38 59.36
CA TYR Y 33 32.09 -42.25 60.21
C TYR Y 33 32.14 -40.88 60.86
N ARG Y 34 31.87 -39.82 60.09
CA ARG Y 34 31.96 -38.47 60.63
C ARG Y 34 30.93 -38.24 61.72
N TRP Y 35 29.74 -38.81 61.58
CA TRP Y 35 28.63 -38.58 62.49
C TRP Y 35 28.49 -39.66 63.55
N GLU Y 36 29.54 -40.44 63.78
CA GLU Y 36 29.58 -41.41 64.87
C GLU Y 36 28.48 -42.45 64.76
N MET Y 37 28.05 -42.75 63.53
CA MET Y 37 27.02 -43.77 63.34
C MET Y 37 27.60 -45.17 63.23
N LEU Y 38 28.89 -45.31 62.90
CA LEU Y 38 29.49 -46.63 62.79
C LEU Y 38 29.63 -47.27 64.18
N PRO Y 39 29.55 -48.58 64.28
CA PRO Y 39 29.73 -49.23 65.58
C PRO Y 39 31.10 -48.95 66.16
N THR Y 40 31.15 -48.77 67.48
CA THR Y 40 32.42 -48.44 68.13
C THR Y 40 33.41 -49.58 68.01
N PHE Y 41 32.96 -50.83 68.18
CA PHE Y 41 33.88 -51.96 68.14
C PHE Y 41 34.53 -52.09 66.77
N LEU Y 42 33.77 -51.82 65.71
CA LEU Y 42 34.33 -51.93 64.37
C LEU Y 42 35.46 -50.93 64.16
N VAL Y 43 35.27 -49.69 64.61
CA VAL Y 43 36.28 -48.65 64.43
C VAL Y 43 35.98 -47.52 65.38
N LYS Y 44 37.02 -46.78 65.78
CA LYS Y 44 36.90 -45.61 66.63
C LYS Y 44 37.34 -44.38 65.85
N THR Y 45 36.50 -43.35 65.85
CA THR Y 45 36.84 -42.13 65.16
C THR Y 45 37.95 -41.39 65.90
N GLU Y 46 38.61 -40.48 65.17
CA GLU Y 46 39.65 -39.68 65.78
C GLU Y 46 39.10 -38.83 66.91
N ALA Y 47 37.89 -38.30 66.73
CA ALA Y 47 37.24 -37.54 67.81
C ALA Y 47 37.00 -38.43 69.02
N TYR Y 48 36.61 -39.68 68.80
CA TYR Y 48 36.43 -40.61 69.91
C TYR Y 48 37.73 -40.82 70.66
N LYS Y 49 38.83 -41.02 69.94
CA LYS Y 49 40.11 -41.25 70.60
C LYS Y 49 40.55 -40.00 71.36
N ALA Y 50 40.31 -38.82 70.80
CA ALA Y 50 40.73 -37.58 71.44
C ALA Y 50 40.04 -37.41 72.79
N ARG Y 51 38.75 -37.71 72.86
CA ARG Y 51 38.04 -37.60 74.12
C ARG Y 51 38.47 -38.70 75.09
N GLU Y 52 38.58 -39.93 74.60
CA GLU Y 52 38.93 -41.04 75.47
C GLU Y 52 40.33 -40.90 76.05
N ALA Y 53 41.25 -40.30 75.30
CA ALA Y 53 42.61 -40.10 75.80
C ALA Y 53 42.64 -39.20 77.03
N MET Y 54 41.57 -38.44 77.27
CA MET Y 54 41.52 -37.49 78.38
C MET Y 54 40.95 -38.11 79.65
N ILE Y 55 40.62 -39.39 79.63
CA ILE Y 55 39.91 -40.04 80.73
C ILE Y 55 40.88 -40.94 81.49
N ALA Y 56 40.91 -40.78 82.81
CA ALA Y 56 41.73 -41.59 83.69
C ALA Y 56 40.88 -41.94 84.92
N PHE Y 57 41.36 -42.93 85.67
CA PHE Y 57 40.63 -43.47 86.82
C PHE Y 57 41.54 -43.55 88.04
N ASP Y 58 42.26 -42.46 88.33
CA ASP Y 58 43.16 -42.45 89.47
C ASP Y 58 43.12 -41.14 90.24
N ASN Y 59 42.03 -40.40 90.16
CA ASN Y 59 41.91 -39.14 90.88
C ASN Y 59 41.25 -39.39 92.23
N MET Y 60 41.93 -39.02 93.31
CA MET Y 60 41.47 -39.28 94.66
C MET Y 60 41.38 -38.00 95.47
N LYS Y 61 41.08 -36.89 94.82
CA LYS Y 61 40.98 -35.59 95.46
C LYS Y 61 39.52 -35.14 95.52
N GLY Y 62 39.30 -34.06 96.26
CA GLY Y 62 37.99 -33.44 96.31
C GLY Y 62 36.99 -34.11 97.23
N ILE Y 63 37.41 -35.04 98.08
CA ILE Y 63 36.48 -35.67 99.01
C ILE Y 63 36.05 -34.65 100.05
N VAL Y 64 34.74 -34.47 100.18
CA VAL Y 64 34.17 -33.51 101.13
C VAL Y 64 33.08 -34.23 101.93
N TYR Y 65 32.78 -33.65 103.09
CA TYR Y 65 31.81 -34.23 104.02
C TYR Y 65 30.66 -33.27 104.29
N GLY Y 66 30.35 -32.42 103.33
CA GLY Y 66 29.22 -31.52 103.44
C GLY Y 66 28.50 -31.37 102.13
N PRO Y 67 27.19 -31.08 102.18
CA PRO Y 67 26.43 -30.96 100.93
C PRO Y 67 26.65 -29.65 100.20
N TYR Y 68 27.08 -28.59 100.88
CA TYR Y 68 27.19 -27.27 100.30
C TYR Y 68 28.60 -26.71 100.50
N ASP Y 69 29.01 -25.88 99.54
CA ASP Y 69 30.21 -25.06 99.67
C ASP Y 69 29.75 -23.63 99.89
N LYS Y 70 29.94 -23.13 101.11
CA LYS Y 70 29.42 -21.83 101.51
C LYS Y 70 30.41 -20.71 101.26
N GLY Y 71 31.33 -20.87 100.31
CA GLY Y 71 32.29 -19.83 100.04
C GLY Y 71 33.30 -19.71 101.17
N GLY Y 72 33.90 -18.53 101.25
CA GLY Y 72 34.90 -18.25 102.25
C GLY Y 72 36.25 -18.85 101.87
N LEU Y 73 37.19 -18.67 102.77
CA LEU Y 73 38.56 -19.13 102.56
C LEU Y 73 38.81 -20.54 103.08
N GLU Y 74 37.82 -21.17 103.69
CA GLU Y 74 37.98 -22.51 104.26
C GLU Y 74 37.38 -23.60 103.40
N GLY Y 75 36.20 -23.36 102.81
CA GLY Y 75 35.58 -24.35 101.96
C GLY Y 75 34.85 -25.41 102.75
N PRO Y 76 34.30 -26.41 102.06
CA PRO Y 76 33.57 -27.47 102.73
C PRO Y 76 34.49 -28.29 103.61
N PRO Y 77 33.96 -28.96 104.64
CA PRO Y 77 34.81 -29.79 105.50
C PRO Y 77 35.44 -30.91 104.70
N THR Y 78 36.70 -31.21 105.03
CA THR Y 78 37.47 -32.22 104.32
C THR Y 78 37.98 -33.33 105.21
N LYS Y 79 37.72 -33.26 106.51
CA LYS Y 79 38.21 -34.25 107.47
C LYS Y 79 37.04 -35.09 107.95
N ILE Y 80 37.21 -36.40 107.94
CA ILE Y 80 36.12 -37.29 108.36
C ILE Y 80 35.80 -37.04 109.82
N PRO Y 81 34.53 -36.96 110.22
CA PRO Y 81 34.23 -36.78 111.64
C PRO Y 81 34.75 -37.93 112.48
N GLU Y 82 35.15 -37.61 113.71
CA GLU Y 82 35.68 -38.63 114.60
C GLU Y 82 34.64 -39.70 114.88
N THR Y 83 33.38 -39.28 115.08
CA THR Y 83 32.33 -40.23 115.41
C THR Y 83 32.10 -41.23 114.28
N SER Y 84 32.49 -40.91 113.05
CA SER Y 84 32.29 -41.81 111.92
C SER Y 84 33.49 -42.72 111.67
N VAL Y 85 34.58 -42.55 112.40
CA VAL Y 85 35.76 -43.38 112.19
C VAL Y 85 35.49 -44.79 112.70
N GLY Y 86 35.78 -45.79 111.88
CA GLY Y 86 35.64 -47.17 112.29
C GLY Y 86 34.21 -47.59 112.58
N MET Y 87 33.26 -47.08 111.80
CA MET Y 87 31.85 -47.45 111.95
C MET Y 87 31.37 -48.35 110.82
N MET Y 88 32.27 -48.83 109.96
CA MET Y 88 31.91 -49.66 108.82
C MET Y 88 32.09 -51.12 109.18
N LYS Y 89 31.07 -51.93 108.87
CA LYS Y 89 31.13 -53.38 109.07
C LYS Y 89 31.67 -54.02 107.79
N VAL Y 90 32.97 -54.26 107.75
CA VAL Y 90 33.66 -54.77 106.57
C VAL Y 90 33.91 -56.25 106.75
N ASP Y 91 33.60 -57.03 105.72
CA ASP Y 91 33.85 -58.46 105.80
C ASP Y 91 35.35 -58.72 105.97
N PRO Y 92 35.72 -59.75 106.72
CA PRO Y 92 37.14 -59.99 106.97
C PRO Y 92 37.91 -60.21 105.67
N MET Y 93 39.12 -59.69 105.63
CA MET Y 93 39.95 -59.77 104.43
C MET Y 93 40.67 -61.11 104.39
N TYR Z 1 -26.70 -74.53 48.73
CA TYR Z 1 -27.05 -73.13 49.08
C TYR Z 1 -25.80 -72.27 49.07
N LYS Z 2 -25.98 -70.95 49.13
CA LYS Z 2 -24.86 -70.00 49.08
C LYS Z 2 -24.92 -69.09 50.30
N THR Z 3 -23.75 -68.72 50.81
CA THR Z 3 -23.64 -68.00 52.06
C THR Z 3 -22.58 -66.92 51.94
N GLU Z 4 -22.64 -65.95 52.86
CA GLU Z 4 -21.67 -64.87 52.95
C GLU Z 4 -20.97 -64.94 54.31
N ASN Z 5 -19.66 -64.86 54.31
CA ASN Z 5 -18.91 -64.85 55.56
C ASN Z 5 -19.30 -63.61 56.36
N PRO Z 6 -19.75 -63.75 57.60
CA PRO Z 6 -20.18 -62.56 58.36
C PRO Z 6 -19.08 -61.54 58.55
N LEU Z 7 -17.83 -61.97 58.59
CA LEU Z 7 -16.75 -61.04 58.90
C LEU Z 7 -16.63 -59.95 57.86
N TYR Z 8 -16.96 -60.25 56.60
CA TYR Z 8 -16.77 -59.32 55.49
C TYR Z 8 -18.07 -58.71 55.00
N LYS Z 9 -19.16 -58.87 55.75
CA LYS Z 9 -20.41 -58.20 55.42
C LYS Z 9 -20.31 -56.70 55.72
N ASP Z 10 -21.20 -55.94 55.10
CA ASP Z 10 -21.24 -54.50 55.30
C ASP Z 10 -21.96 -54.15 56.60
N ASP Z 11 -21.67 -52.94 57.10
CA ASP Z 11 -22.34 -52.46 58.30
C ASP Z 11 -23.83 -52.31 58.06
N GLU Z 12 -24.63 -52.61 59.09
CA GLU Z 12 -26.07 -52.44 58.98
C GLU Z 12 -26.42 -50.95 58.97
N PRO Z 13 -27.41 -50.54 58.19
CA PRO Z 13 -27.83 -49.15 58.20
C PRO Z 13 -28.65 -48.79 59.44
N PHE Z 14 -28.65 -47.50 59.76
CA PHE Z 14 -29.57 -47.00 60.77
C PHE Z 14 -31.00 -47.20 60.30
N ALA Z 15 -31.90 -47.49 61.24
CA ALA Z 15 -33.29 -47.67 60.89
C ALA Z 15 -33.90 -46.34 60.45
N LYS Z 16 -34.81 -46.42 59.48
CA LYS Z 16 -35.53 -45.24 58.99
C LYS Z 16 -36.85 -45.15 59.75
N THR Z 17 -36.97 -44.13 60.61
CA THR Z 17 -38.14 -43.94 61.46
C THR Z 17 -38.38 -42.46 61.58
N CYS Z 18 -39.27 -42.08 62.50
CA CYS Z 18 -39.40 -40.67 62.87
C CYS Z 18 -38.11 -40.14 63.48
N HIS Z 19 -37.36 -41.01 64.15
CA HIS Z 19 -36.11 -40.66 64.82
C HIS Z 19 -34.99 -41.38 64.09
N THR Z 20 -34.49 -40.78 63.01
CA THR Z 20 -33.49 -41.39 62.15
C THR Z 20 -32.13 -40.74 62.40
N PHE Z 21 -31.12 -41.56 62.62
CA PHE Z 21 -29.76 -41.09 62.81
C PHE Z 21 -29.07 -40.98 61.46
N ASP Z 22 -28.43 -39.85 61.21
CA ASP Z 22 -27.82 -39.58 59.91
C ASP Z 22 -26.53 -38.79 60.13
N TYR Z 23 -25.40 -39.39 59.74
CA TYR Z 23 -24.10 -38.73 59.80
C TYR Z 23 -23.56 -38.40 58.42
N THR Z 24 -24.35 -38.61 57.36
CA THR Z 24 -23.82 -38.54 56.01
C THR Z 24 -23.38 -37.13 55.64
N ARG Z 25 -24.11 -36.11 56.07
CA ARG Z 25 -23.82 -34.74 55.70
C ARG Z 25 -22.97 -34.01 56.74
N GLU Z 26 -22.53 -34.69 57.80
CA GLU Z 26 -21.77 -34.01 58.84
C GLU Z 26 -20.32 -33.76 58.42
N GLY Z 27 -19.73 -34.69 57.67
CA GLY Z 27 -18.33 -34.54 57.29
C GLY Z 27 -17.37 -34.59 58.46
N THR Z 28 -17.69 -35.37 59.48
CA THR Z 28 -16.83 -35.53 60.65
C THR Z 28 -16.24 -36.93 60.74
N GLU Z 29 -16.47 -37.79 59.75
CA GLU Z 29 -16.07 -39.18 59.83
C GLU Z 29 -14.56 -39.33 59.78
N LYS Z 30 -13.87 -38.51 58.98
CA LYS Z 30 -12.43 -38.64 58.79
C LYS Z 30 -11.84 -37.26 58.56
N ASN Z 31 -10.54 -37.13 58.85
CA ASN Z 31 -9.85 -35.89 58.55
C ASN Z 31 -9.85 -35.64 57.05
N GLY Z 32 -10.11 -34.40 56.65
CA GLY Z 32 -10.19 -34.04 55.26
C GLY Z 32 -8.90 -33.44 54.74
N LEU Z 33 -8.95 -33.02 53.47
CA LEU Z 33 -7.77 -32.44 52.84
C LEU Z 33 -7.31 -31.18 53.56
N GLY Z 34 -8.26 -30.41 54.09
CA GLY Z 34 -7.89 -29.21 54.83
C GLY Z 34 -7.00 -29.51 56.03
N TYR Z 35 -7.32 -30.58 56.76
CA TYR Z 35 -6.48 -30.97 57.88
C TYR Z 35 -5.06 -31.30 57.42
N TYR Z 36 -4.95 -32.07 56.33
CA TYR Z 36 -3.62 -32.44 55.84
C TYR Z 36 -2.90 -31.23 55.26
N CYS Z 37 -3.63 -30.23 54.79
CA CYS Z 37 -2.98 -28.97 54.39
C CYS Z 37 -2.42 -28.25 55.61
N LEU Z 38 -3.16 -28.23 56.71
CA LEU Z 38 -2.64 -27.62 57.93
C LEU Z 38 -1.38 -28.30 58.38
N MET Z 39 -1.34 -29.64 58.29
CA MET Z 39 -0.13 -30.37 58.63
C MET Z 39 1.01 -29.98 57.70
N GLY Z 40 0.73 -29.85 56.40
CA GLY Z 40 1.77 -29.44 55.47
C GLY Z 40 2.31 -28.07 55.78
N LEU Z 41 1.42 -27.13 56.10
CA LEU Z 41 1.85 -25.78 56.45
C LEU Z 41 2.70 -25.79 57.72
N TRP Z 42 2.30 -26.59 58.71
CA TRP Z 42 3.08 -26.68 59.94
C TRP Z 42 4.48 -27.20 59.68
N ALA Z 43 4.60 -28.22 58.84
CA ALA Z 43 5.92 -28.69 58.46
C ALA Z 43 6.70 -27.62 57.73
N SER Z 44 6.04 -26.90 56.82
CA SER Z 44 6.72 -25.87 56.05
C SER Z 44 7.20 -24.74 56.95
N ILE Z 45 6.36 -24.27 57.88
CA ILE Z 45 6.75 -23.20 58.77
C ILE Z 45 7.88 -23.65 59.68
N PHE Z 46 7.82 -24.89 60.15
CA PHE Z 46 8.89 -25.43 60.99
C PHE Z 46 10.22 -25.44 60.25
N ILE Z 47 10.22 -25.97 59.02
CA ILE Z 47 11.44 -26.00 58.23
C ILE Z 47 11.86 -24.59 57.86
N TRP Z 48 10.91 -23.77 57.43
CA TRP Z 48 11.25 -22.44 56.94
C TRP Z 48 11.88 -21.58 58.03
N ASP Z 49 11.31 -21.61 59.24
CA ASP Z 49 11.82 -20.78 60.32
C ASP Z 49 13.27 -21.13 60.64
N SER Z 50 13.60 -22.42 60.59
CA SER Z 50 14.97 -22.83 60.89
C SER Z 50 15.91 -22.50 59.72
N LEU Z 51 15.49 -22.76 58.49
CA LEU Z 51 16.37 -22.55 57.34
C LEU Z 51 16.74 -21.08 57.21
N TYR Z 52 15.75 -20.20 57.21
CA TYR Z 52 15.95 -18.78 56.91
C TYR Z 52 15.65 -17.97 58.17
N THR Z 53 16.70 -17.74 58.96
CA THR Z 53 16.56 -17.02 60.21
C THR Z 53 16.26 -15.54 59.99
N GLY Z 54 16.78 -14.96 58.92
CA GLY Z 54 16.57 -13.55 58.65
C GLY Z 54 15.26 -13.21 58.00
N ALA Z 55 14.39 -14.20 57.79
CA ALA Z 55 13.10 -13.93 57.15
C ALA Z 55 12.24 -12.99 58.00
N THR Z 56 12.30 -13.14 59.32
CA THR Z 56 11.51 -12.30 60.21
C THR Z 56 12.01 -10.87 60.24
N MET Z 57 13.28 -10.63 59.86
CA MET Z 57 13.86 -9.29 59.77
C MET Z 57 14.13 -8.96 58.31
N PRO Z 58 13.11 -8.70 57.50
CA PRO Z 58 13.31 -8.52 56.07
C PRO Z 58 13.98 -7.19 55.73
N THR Z 59 14.51 -7.11 54.52
CA THR Z 59 15.13 -5.89 54.03
C THR Z 59 14.08 -4.83 53.73
N GLY Z 60 14.46 -3.56 53.91
CA GLY Z 60 13.56 -2.47 53.69
C GLY Z 60 13.65 -1.82 52.32
N VAL Z 61 14.75 -2.07 51.60
CA VAL Z 61 14.87 -1.53 50.25
C VAL Z 61 13.76 -2.11 49.38
N HIS Z 62 12.99 -1.24 48.73
CA HIS Z 62 11.87 -1.63 47.89
C HIS Z 62 12.21 -1.32 46.43
N ARG Z 63 12.16 -2.34 45.58
CA ARG Z 63 12.43 -2.20 44.14
C ARG Z 63 11.31 -2.89 43.38
N TYR Z 64 10.54 -2.13 42.61
CA TYR Z 64 9.40 -2.64 41.87
C TYR Z 64 9.53 -2.32 40.38
N VAL Z 65 9.33 -3.33 39.55
CA VAL Z 65 9.40 -3.15 38.09
C VAL Z 65 8.31 -2.20 37.63
N TRP Z 66 7.13 -2.27 38.25
CA TRP Z 66 5.98 -1.47 37.86
C TRP Z 66 5.45 -0.65 39.04
N GLY Z 67 6.30 -0.34 40.01
CA GLY Z 67 5.93 0.49 41.14
C GLY Z 67 5.26 -0.29 42.25
N PRO Z 68 4.90 0.39 43.33
CA PRO Z 68 4.31 -0.27 44.49
C PRO Z 68 2.81 -0.48 44.44
N TYR Z 69 2.12 0.15 43.50
CA TYR Z 69 0.67 0.04 43.38
C TYR Z 69 0.25 -1.00 42.34
N PHE Z 70 1.21 -1.69 41.74
CA PHE Z 70 1.02 -2.79 40.81
C PHE Z 70 0.81 -4.09 41.59
N PRO Z 71 -0.13 -4.96 41.18
CA PRO Z 71 -0.45 -6.12 42.03
C PRO Z 71 0.73 -7.00 42.38
N THR Z 72 1.64 -7.27 41.44
CA THR Z 72 2.74 -8.17 41.74
C THR Z 72 3.62 -7.61 42.86
N ALA Z 73 3.66 -6.29 43.00
CA ALA Z 73 4.44 -5.68 44.07
C ALA Z 73 3.87 -6.04 45.44
N TRP Z 74 2.55 -6.10 45.55
CA TRP Z 74 1.93 -6.29 46.87
C TRP Z 74 2.35 -7.63 47.48
N PHE Z 75 2.40 -8.68 46.68
CA PHE Z 75 2.69 -10.01 47.22
C PHE Z 75 4.20 -10.21 47.39
N SER AA 1 -26.24 -12.57 64.38
CA SER AA 1 -26.64 -11.17 64.29
C SER AA 1 -26.23 -10.41 65.55
N ILE AA 2 -26.05 -9.10 65.42
CA ILE AA 2 -25.54 -8.25 66.48
C ILE AA 2 -26.63 -7.29 66.91
N PHE AA 3 -26.92 -7.24 68.21
CA PHE AA 3 -27.91 -6.33 68.76
C PHE AA 3 -29.24 -6.47 68.04
N THR AA 4 -29.60 -7.71 67.70
CA THR AA 4 -30.78 -7.98 66.89
C THR AA 4 -31.73 -8.90 67.66
N PRO AA 5 -32.97 -8.50 67.92
CA PRO AA 5 -33.93 -9.47 68.44
C PRO AA 5 -34.14 -10.60 67.46
N MET AA 6 -34.01 -11.83 67.94
CA MET AA 6 -34.07 -12.97 67.05
C MET AA 6 -35.48 -13.24 66.54
N ASP AA 7 -36.50 -12.70 67.19
CA ASP AA 7 -37.84 -12.80 66.63
C ASP AA 7 -37.92 -12.08 65.29
N TRP AA 8 -37.25 -10.93 65.19
CA TRP AA 8 -37.12 -10.28 63.88
C TRP AA 8 -36.36 -11.16 62.91
N MET AA 9 -35.28 -11.81 63.37
CA MET AA 9 -34.54 -12.71 62.50
C MET AA 9 -35.41 -13.86 62.02
N PHE AA 10 -36.22 -14.43 62.93
CA PHE AA 10 -37.10 -15.51 62.53
C PHE AA 10 -38.11 -15.03 61.49
N TYR AA 11 -38.64 -13.82 61.67
CA TYR AA 11 -39.70 -13.34 60.80
C TYR AA 11 -39.18 -12.95 59.43
N TYR AA 12 -38.20 -12.06 59.38
CA TYR AA 12 -37.74 -11.52 58.11
C TYR AA 12 -36.82 -12.44 57.34
N PHE AA 13 -36.22 -13.43 57.99
CA PHE AA 13 -35.30 -14.36 57.34
C PHE AA 13 -35.68 -15.78 57.73
N PRO AA 14 -36.84 -16.25 57.28
CA PRO AA 14 -37.25 -17.61 57.66
C PRO AA 14 -36.34 -18.69 57.12
N ASN AA 15 -36.00 -18.64 55.84
CA ASN AA 15 -35.17 -19.67 55.25
C ASN AA 15 -33.79 -19.72 55.90
N TYR AA 16 -33.19 -18.56 56.13
CA TYR AA 16 -31.87 -18.53 56.74
C TYR AA 16 -31.89 -19.10 58.15
N SER AA 17 -32.93 -18.78 58.92
CA SER AA 17 -33.07 -19.26 60.29
C SER AA 17 -33.90 -20.53 60.38
N ARG AA 18 -34.01 -21.29 59.29
CA ARG AA 18 -34.85 -22.49 59.30
C ARG AA 18 -34.34 -23.52 60.29
N ASP AA 19 -33.02 -23.72 60.33
CA ASP AA 19 -32.40 -24.66 61.28
C ASP AA 19 -31.96 -23.86 62.50
N LYS AA 20 -32.72 -23.98 63.59
CA LYS AA 20 -32.43 -23.18 64.77
C LYS AA 20 -31.13 -23.62 65.43
N VAL AA 21 -30.85 -24.92 65.44
CA VAL AA 21 -29.61 -25.40 66.04
C VAL AA 21 -28.41 -24.79 65.33
N ALA AA 22 -28.43 -24.82 63.99
CA ALA AA 22 -27.37 -24.20 63.23
C ALA AA 22 -27.34 -22.70 63.47
N LEU AA 23 -28.52 -22.08 63.57
CA LEU AA 23 -28.56 -20.64 63.84
C LEU AA 23 -27.91 -20.30 65.16
N MET AA 24 -28.13 -21.12 66.20
CA MET AA 24 -27.50 -20.86 67.48
C MET AA 24 -25.99 -20.95 67.37
N ALA AA 25 -25.48 -21.92 66.61
CA ALA AA 25 -24.04 -22.06 66.44
C ALA AA 25 -23.44 -20.83 65.78
N ARG AA 26 -24.09 -20.30 64.74
CA ARG AA 26 -23.58 -19.10 64.09
C ARG AA 26 -23.57 -17.93 65.05
N GLN AA 27 -24.60 -17.82 65.90
CA GLN AA 27 -24.61 -16.76 66.90
C GLN AA 27 -23.35 -16.82 67.77
N ILE AA 28 -22.98 -18.02 68.23
CA ILE AA 28 -21.79 -18.16 69.05
C ILE AA 28 -20.54 -17.86 68.24
N LYS AA 29 -20.44 -18.44 67.04
CA LYS AA 29 -19.24 -18.25 66.24
C LYS AA 29 -19.04 -16.79 65.86
N ILE AA 30 -20.11 -16.11 65.45
CA ILE AA 30 -19.97 -14.73 64.99
C ILE AA 30 -19.45 -13.86 66.13
N HIS AA 31 -20.01 -14.02 67.33
CA HIS AA 31 -19.57 -13.20 68.45
C HIS AA 31 -18.23 -13.63 68.99
N PHE AA 32 -17.86 -14.90 68.79
CA PHE AA 32 -16.51 -15.32 69.15
C PHE AA 32 -15.47 -14.62 68.29
N ALA AA 33 -15.74 -14.51 66.98
CA ALA AA 33 -14.80 -13.85 66.09
C ALA AA 33 -14.66 -12.37 66.44
N ILE AA 34 -15.77 -11.72 66.77
CA ILE AA 34 -15.71 -10.30 67.10
C ILE AA 34 -14.80 -10.08 68.31
N GLY AA 35 -15.01 -10.86 69.37
CA GLY AA 35 -14.17 -10.73 70.54
C GLY AA 35 -12.70 -10.99 70.22
N PHE AA 36 -12.44 -12.05 69.44
CA PHE AA 36 -11.07 -12.35 69.05
C PHE AA 36 -10.49 -11.22 68.21
N ALA AA 37 -11.27 -10.68 67.28
CA ALA AA 37 -10.78 -9.63 66.40
C ALA AA 37 -10.46 -8.35 67.17
N LEU AA 38 -11.29 -8.02 68.15
CA LEU AA 38 -11.07 -6.78 68.90
C LEU AA 38 -9.70 -6.78 69.58
N VAL AA 39 -9.31 -7.90 70.17
CA VAL AA 39 -8.04 -7.95 70.89
C VAL AA 39 -6.88 -7.77 69.93
N PHE AA 40 -6.90 -8.48 68.81
CA PHE AA 40 -5.74 -8.52 67.93
C PHE AA 40 -5.78 -7.45 66.84
N LEU AA 41 -6.93 -6.81 66.60
CA LEU AA 41 -7.02 -5.77 65.58
C LEU AA 41 -7.23 -4.39 66.14
N VAL AA 42 -7.80 -4.25 67.33
CA VAL AA 42 -8.04 -2.95 67.92
C VAL AA 42 -7.06 -2.64 69.02
N TYR AA 43 -6.74 -3.63 69.86
CA TYR AA 43 -5.84 -3.42 70.99
C TYR AA 43 -4.38 -3.69 70.62
N HIS AA 44 -4.12 -4.86 70.04
CA HIS AA 44 -2.74 -5.31 69.88
C HIS AA 44 -1.90 -4.42 68.97
N PRO AA 45 -2.36 -4.01 67.79
CA PRO AA 45 -1.44 -3.48 66.76
C PRO AA 45 -0.48 -2.45 67.33
N PRO AA 46 0.83 -2.68 67.22
CA PRO AA 46 1.78 -1.76 67.84
C PRO AA 46 2.07 -0.54 66.97
N TYR AA 47 2.51 0.52 67.64
CA TYR AA 47 2.98 1.73 66.97
C TYR AA 47 1.91 2.33 66.07
N LYS AA 48 0.64 2.22 66.48
CA LYS AA 48 -0.47 2.73 65.69
C LYS AA 48 -1.42 3.50 66.59
N GLY AA 49 -2.15 4.43 65.98
CA GLY AA 49 -3.09 5.24 66.72
C GLY AA 49 -2.49 6.44 67.43
N ALA AA 50 -1.23 6.76 67.17
CA ALA AA 50 -0.58 7.90 67.81
C ALA AA 50 -0.60 9.15 66.96
N ASP AA 51 -1.31 9.14 65.83
CA ASP AA 51 -1.42 10.32 64.96
C ASP AA 51 -2.44 11.26 65.57
N TYR AA 52 -2.02 11.95 66.63
CA TYR AA 52 -2.89 12.86 67.36
C TYR AA 52 -3.22 14.11 66.56
N GLY AA 53 -2.48 14.39 65.49
CA GLY AA 53 -2.83 15.49 64.62
C GLY AA 53 -4.09 15.27 63.81
N ASN AA 54 -4.58 14.03 63.77
CA ASN AA 54 -5.75 13.67 62.96
C ASN AA 54 -6.96 13.36 63.84
N PHE AA 55 -7.15 14.10 64.93
CA PHE AA 55 -8.34 13.93 65.74
C PHE AA 55 -9.58 14.14 64.89
N HIS AA 56 -10.55 13.24 65.03
CA HIS AA 56 -11.79 13.38 64.28
C HIS AA 56 -12.60 14.55 64.82
N LYS AA 57 -13.06 15.40 63.91
CA LYS AA 57 -13.89 16.55 64.24
C LYS AA 57 -15.23 16.38 63.52
N SER AA 58 -16.24 15.94 64.24
CA SER AA 58 -17.53 15.63 63.66
C SER AA 58 -18.27 16.91 63.29
N PRO AA 59 -19.33 16.81 62.48
CA PRO AA 59 -20.09 18.02 62.14
C PRO AA 59 -20.61 18.77 63.35
N LEU AA 60 -20.95 18.07 64.42
CA LEU AA 60 -21.39 18.75 65.63
C LEU AA 60 -20.26 19.59 66.22
N TYR AA 61 -19.02 19.11 66.11
CA TYR AA 61 -17.87 19.89 66.56
C TYR AA 61 -17.82 21.22 65.82
N TRP AA 62 -17.94 21.19 64.50
CA TRP AA 62 -17.81 22.42 63.73
C TRP AA 62 -18.99 23.35 63.95
N TYR AA 63 -20.20 22.79 64.13
CA TYR AA 63 -21.36 23.63 64.38
C TYR AA 63 -21.18 24.45 65.64
N LYS AA 64 -20.76 23.80 66.73
CA LYS AA 64 -20.53 24.53 67.97
C LYS AA 64 -19.29 25.40 67.86
N TYR AA 65 -18.25 24.92 67.19
CA TYR AA 65 -17.02 25.70 67.07
C TYR AA 65 -17.28 26.98 66.30
N ASN AA 66 -17.99 26.88 65.17
CA ASN AA 66 -18.30 28.07 64.38
C ASN AA 66 -19.21 29.02 65.14
N GLN AA 67 -20.19 28.47 65.87
CA GLN AA 67 -21.10 29.32 66.62
C GLN AA 67 -20.34 30.17 67.64
N LEU AA 68 -19.41 29.56 68.36
CA LEU AA 68 -18.60 30.33 69.31
C LEU AA 68 -17.57 31.19 68.59
N GLU AA 69 -17.05 30.73 67.47
CA GLU AA 69 -16.09 31.54 66.72
C GLU AA 69 -16.75 32.81 66.21
N ARG AA 70 -17.99 32.72 65.73
CA ARG AA 70 -18.68 33.90 65.23
C ARG AA 70 -18.76 34.98 66.31
N SER AA 71 -19.16 34.58 67.51
CA SER AA 71 -19.13 35.50 68.64
C SER AA 71 -17.72 35.52 69.24
N GLY AA 72 -17.56 36.24 70.34
CA GLY AA 72 -16.28 36.30 71.01
C GLY AA 72 -16.05 35.21 72.02
N GLN AA 73 -16.99 34.28 72.18
CA GLN AA 73 -16.86 33.29 73.23
C GLN AA 73 -15.64 32.42 73.04
N LEU AA 74 -15.36 32.01 71.80
CA LEU AA 74 -14.23 31.13 71.55
C LEU AA 74 -12.93 31.81 71.96
N GLN AA 75 -12.76 33.07 71.58
CA GLN AA 75 -11.57 33.81 72.00
C GLN AA 75 -11.54 33.96 73.51
N GLU AA 76 -12.69 34.29 74.12
CA GLU AA 76 -12.74 34.45 75.57
C GLU AA 76 -12.49 33.12 76.27
N ASN AA 77 -13.05 32.03 75.76
CA ASN AA 77 -12.86 30.74 76.39
C ASN AA 77 -11.40 30.33 76.39
N LEU AA 78 -10.71 30.54 75.27
CA LEU AA 78 -9.32 30.14 75.16
C LEU AA 78 -8.37 31.05 75.92
N ARG AA 79 -8.80 32.28 76.23
CA ARG AA 79 -7.91 33.19 76.93
C ARG AA 79 -7.57 32.63 78.31
N ILE AA 80 -6.32 32.82 78.72
CA ILE AA 80 -5.88 32.39 80.04
C ILE AA 80 -6.39 33.41 81.06
N LYS AA 81 -7.23 32.94 81.99
CA LYS AA 81 -7.91 33.85 82.91
C LYS AA 81 -6.99 34.35 84.00
N ARG AA 82 -6.00 33.56 84.42
CA ARG AA 82 -5.12 33.94 85.50
C ARG AA 82 -3.75 33.33 85.26
N ASP AA 83 -2.70 34.13 85.38
CA ASP AA 83 -1.33 33.66 85.21
C ASP AA 83 -0.41 34.16 86.31
N TRP AA 84 -0.98 34.58 87.45
CA TRP AA 84 -0.22 35.00 88.61
C TRP AA 84 -0.79 34.29 89.83
N PHE AA 85 0.06 34.06 90.83
CA PHE AA 85 -0.37 33.33 92.01
C PHE AA 85 -1.01 34.26 93.04
N TYR AA 86 -0.29 35.27 93.49
CA TYR AA 86 -0.76 36.16 94.54
C TYR AA 86 -1.37 37.42 93.97
N ASP AA 87 -2.47 37.86 94.58
CA ASP AA 87 -3.03 39.17 94.28
C ASP AA 87 -2.30 40.24 95.07
N GLU AA 88 -2.28 41.45 94.53
CA GLU AA 88 -1.63 42.57 95.20
C GLU AA 88 -2.52 43.07 96.33
N ASP AA 89 -1.95 43.15 97.54
CA ASP AA 89 -2.69 43.60 98.70
C ASP AA 89 -2.60 45.12 98.80
N PRO AA 90 -3.73 45.85 98.76
CA PRO AA 90 -3.66 47.30 98.86
C PRO AA 90 -3.43 47.79 100.29
N ILE BA 1 22.57 -82.78 63.88
CA ILE BA 1 21.62 -82.02 63.09
C ILE BA 1 20.62 -82.96 62.46
N SER BA 2 19.43 -82.47 62.15
CA SER BA 2 18.37 -83.26 61.53
C SER BA 2 18.14 -82.77 60.10
N THR BA 3 18.20 -83.70 59.16
CA THR BA 3 17.95 -83.40 57.75
C THR BA 3 16.54 -83.82 57.32
N SER BA 4 15.68 -84.18 58.27
CA SER BA 4 14.30 -84.55 57.98
C SER BA 4 13.39 -83.34 57.86
N GLU BA 5 13.94 -82.13 57.97
CA GLU BA 5 13.14 -80.92 57.92
C GLU BA 5 13.93 -79.86 57.16
N THR BA 6 13.22 -78.87 56.63
CA THR BA 6 13.88 -77.73 56.01
C THR BA 6 14.47 -76.82 57.07
N LEU BA 7 15.34 -75.90 56.63
CA LEU BA 7 15.91 -74.94 57.56
C LEU BA 7 14.81 -74.05 58.16
N ASN BA 8 13.86 -73.62 57.34
CA ASN BA 8 12.76 -72.81 57.85
C ASN BA 8 11.93 -73.57 58.86
N GLN BA 9 11.65 -74.84 58.58
CA GLN BA 9 10.89 -75.65 59.52
C GLN BA 9 11.64 -75.81 60.84
N LYS BA 10 12.96 -75.99 60.77
CA LYS BA 10 13.74 -76.11 61.99
C LYS BA 10 13.69 -74.83 62.81
N ILE BA 11 13.84 -73.67 62.16
CA ILE BA 11 13.79 -72.41 62.88
C ILE BA 11 12.42 -72.21 63.51
N LEU BA 12 11.36 -72.51 62.76
CA LEU BA 12 10.01 -72.35 63.29
C LEU BA 12 9.75 -73.30 64.46
N ARG BA 13 10.29 -74.52 64.39
CA ARG BA 13 10.09 -75.49 65.46
C ARG BA 13 10.66 -74.97 66.76
N TRP BA 14 11.89 -74.44 66.72
CA TRP BA 14 12.53 -74.02 67.96
C TRP BA 14 11.88 -72.75 68.50
N LEU BA 15 11.45 -71.84 67.63
CA LEU BA 15 10.66 -70.72 68.09
C LEU BA 15 9.33 -71.18 68.68
N ASP BA 16 8.91 -72.41 68.40
CA ASP BA 16 7.66 -72.97 68.90
C ASP BA 16 7.88 -73.89 70.09
N VAL BA 17 9.04 -73.81 70.74
CA VAL BA 17 9.35 -74.75 71.81
C VAL BA 17 8.34 -74.64 72.95
N THR BA 18 7.78 -73.45 73.16
CA THR BA 18 6.74 -73.28 74.15
C THR BA 18 5.34 -73.40 73.57
N GLY BA 19 5.22 -73.73 72.28
CA GLY BA 19 3.93 -73.94 71.66
C GLY BA 19 3.22 -72.70 71.16
N MET BA 20 3.89 -71.54 71.18
CA MET BA 20 3.22 -70.30 70.78
C MET BA 20 2.75 -70.36 69.33
N LEU BA 21 3.64 -70.79 68.43
CA LEU BA 21 3.27 -70.83 67.01
C LEU BA 21 2.19 -71.88 66.75
N THR BA 22 2.28 -73.01 67.44
CA THR BA 22 1.27 -74.06 67.25
C THR BA 22 -0.11 -73.57 67.69
N ARG BA 23 -0.19 -72.89 68.83
CA ARG BA 23 -1.47 -72.36 69.28
C ARG BA 23 -1.99 -71.29 68.34
N TRP BA 24 -1.09 -70.51 67.74
CA TRP BA 24 -1.51 -69.49 66.78
C TRP BA 24 -2.15 -70.12 65.55
N HIS BA 25 -1.58 -71.21 65.06
CA HIS BA 25 -2.02 -71.81 63.80
C HIS BA 25 -3.09 -72.89 63.97
N SER BA 26 -3.44 -73.25 65.20
CA SER BA 26 -4.47 -74.26 65.43
C SER BA 26 -5.45 -73.72 66.46
N ARG BA 27 -6.71 -73.60 66.06
CA ARG BA 27 -7.75 -73.22 67.01
C ARG BA 27 -7.93 -74.29 68.07
N ARG BA 28 -7.91 -75.56 67.67
CA ARG BA 28 -8.08 -76.65 68.63
C ARG BA 28 -7.00 -76.62 69.68
N GLU BA 29 -5.75 -76.45 69.27
CA GLU BA 29 -4.65 -76.41 70.23
C GLU BA 29 -4.80 -75.24 71.18
N PHE BA 30 -5.29 -74.11 70.68
CA PHE BA 30 -5.47 -72.95 71.54
C PHE BA 30 -6.56 -73.18 72.58
N ILE BA 31 -7.72 -73.69 72.15
CA ILE BA 31 -8.82 -73.83 73.10
C ILE BA 31 -8.51 -74.89 74.14
N LEU BA 32 -7.84 -75.98 73.74
CA LEU BA 32 -7.48 -77.02 74.70
C LEU BA 32 -6.43 -76.55 75.68
N ASP BA 33 -5.66 -75.52 75.33
CA ASP BA 33 -4.71 -74.96 76.28
C ASP BA 33 -5.37 -74.10 77.35
N MET BA 34 -6.60 -73.66 77.11
CA MET BA 34 -7.35 -72.96 78.15
C MET BA 34 -7.74 -73.94 79.25
N ASP BA 35 -7.98 -73.40 80.43
CA ASP BA 35 -8.51 -74.23 81.50
C ASP BA 35 -9.97 -74.55 81.21
N PRO BA 36 -10.48 -75.67 81.73
CA PRO BA 36 -11.83 -76.11 81.34
C PRO BA 36 -12.91 -75.06 81.55
N TYR BA 37 -12.82 -74.27 82.62
CA TYR BA 37 -13.91 -73.34 82.92
C TYR BA 37 -14.05 -72.28 81.83
N PHE BA 38 -12.93 -71.79 81.31
CA PHE BA 38 -12.96 -70.78 80.27
C PHE BA 38 -13.07 -71.37 78.86
N ARG BA 39 -12.69 -72.64 78.68
CA ARG BA 39 -12.91 -73.29 77.40
C ARG BA 39 -14.38 -73.33 77.04
N LYS BA 40 -15.25 -73.24 78.04
CA LYS BA 40 -16.69 -73.27 77.81
C LYS BA 40 -17.12 -72.12 76.90
N ASN BA 41 -16.48 -70.96 77.02
CA ASN BA 41 -16.84 -69.79 76.24
C ASN BA 41 -16.06 -69.64 74.95
N SER BA 42 -15.13 -70.55 74.66
CA SER BA 42 -14.26 -70.36 73.51
C SER BA 42 -15.02 -70.47 72.19
N GLY BA 43 -16.13 -71.20 72.17
CA GLY BA 43 -16.83 -71.43 70.92
C GLY BA 43 -17.32 -70.16 70.25
N MET BA 44 -17.54 -69.11 71.03
CA MET BA 44 -18.08 -67.86 70.48
C MET BA 44 -17.01 -66.99 69.82
N TRP BA 45 -15.72 -67.28 70.03
CA TRP BA 45 -14.68 -66.43 69.47
C TRP BA 45 -14.57 -66.56 67.97
N THR BA 46 -14.45 -65.43 67.28
CA THR BA 46 -14.06 -65.46 65.88
C THR BA 46 -12.55 -65.63 65.75
N GLU BA 47 -12.13 -66.11 64.59
CA GLU BA 47 -10.69 -66.23 64.36
C GLU BA 47 -10.00 -64.87 64.39
N TRP BA 48 -10.68 -63.82 63.95
CA TRP BA 48 -10.11 -62.49 64.01
C TRP BA 48 -9.82 -62.10 65.45
N GLU BA 49 -10.76 -62.34 66.36
CA GLU BA 49 -10.54 -62.02 67.76
C GLU BA 49 -9.44 -62.89 68.36
N ARG BA 50 -9.45 -64.19 68.05
CA ARG BA 50 -8.47 -65.08 68.66
C ARG BA 50 -7.05 -64.69 68.29
N LYS BA 51 -6.78 -64.53 66.99
CA LYS BA 51 -5.43 -64.23 66.55
C LYS BA 51 -5.03 -62.81 66.96
N THR BA 52 -5.98 -61.87 66.93
CA THR BA 52 -5.66 -60.52 67.37
C THR BA 52 -5.27 -60.50 68.84
N LEU BA 53 -5.94 -61.30 69.66
CA LEU BA 53 -5.58 -61.38 71.08
C LEU BA 53 -4.16 -61.91 71.24
N LEU BA 54 -3.82 -62.97 70.51
CA LEU BA 54 -2.47 -63.52 70.61
C LEU BA 54 -1.44 -62.50 70.15
N PHE BA 55 -1.75 -61.75 69.09
CA PHE BA 55 -0.81 -60.75 68.60
C PHE BA 55 -0.53 -59.71 69.67
N LEU BA 56 -1.57 -59.22 70.33
CA LEU BA 56 -1.36 -58.26 71.41
C LEU BA 56 -0.61 -58.92 72.57
N PHE BA 57 -0.95 -60.17 72.89
CA PHE BA 57 -0.30 -60.84 74.00
C PHE BA 57 1.17 -61.11 73.69
N TYR BA 58 1.48 -61.58 72.48
CA TYR BA 58 2.86 -61.90 72.13
C TYR BA 58 3.70 -60.64 72.04
N CYS BA 59 3.16 -59.55 71.49
CA CYS BA 59 3.93 -58.32 71.42
C CYS BA 59 4.28 -57.83 72.82
N CYS BA 60 3.34 -57.95 73.76
CA CYS BA 60 3.60 -57.52 75.13
C CYS BA 60 4.69 -58.35 75.78
N THR BA 61 4.55 -59.68 75.72
CA THR BA 61 5.53 -60.56 76.35
C THR BA 61 6.89 -60.44 75.67
N LEU BA 62 6.91 -60.36 74.34
CA LEU BA 62 8.17 -60.25 73.63
C LEU BA 62 8.88 -58.94 73.95
N ALA BA 63 8.14 -57.91 74.32
CA ALA BA 63 8.74 -56.63 74.65
C ALA BA 63 9.18 -56.55 76.10
N THR BA 64 8.68 -57.43 76.96
CA THR BA 64 9.08 -57.39 78.37
C THR BA 64 10.59 -57.59 78.55
N PRO BA 65 11.25 -58.53 77.87
CA PRO BA 65 12.71 -58.63 78.02
C PRO BA 65 13.43 -57.35 77.65
N TYR BA 66 12.96 -56.64 76.63
CA TYR BA 66 13.61 -55.39 76.25
C TYR BA 66 13.49 -54.35 77.36
N SER BA 67 12.32 -54.23 77.97
CA SER BA 67 12.17 -53.29 79.08
C SER BA 67 13.03 -53.70 80.26
N ALA BA 68 13.14 -55.00 80.51
CA ALA BA 68 14.01 -55.48 81.58
C ALA BA 68 15.46 -55.07 81.33
N TYR BA 69 15.92 -55.21 80.08
CA TYR BA 69 17.27 -54.79 79.74
C TYR BA 69 17.47 -53.30 80.02
N LEU BA 70 16.49 -52.47 79.63
CA LEU BA 70 16.60 -51.05 79.90
C LEU BA 70 16.63 -50.78 81.40
N ASP BA 71 15.77 -51.45 82.16
CA ASP BA 71 15.75 -51.24 83.61
C ASP BA 71 17.06 -51.65 84.24
N LEU BA 72 17.63 -52.78 83.81
CA LEU BA 72 18.91 -53.21 84.34
C LEU BA 72 19.99 -52.17 84.07
N GLN BA 73 20.03 -51.63 82.85
CA GLN BA 73 20.99 -50.59 82.55
C GLN BA 73 20.76 -49.35 83.40
N GLU BA 74 19.49 -49.01 83.62
CA GLU BA 74 19.19 -47.87 84.50
C GLU BA 74 19.68 -48.13 85.91
N LEU BA 75 19.46 -49.34 86.43
CA LEU BA 75 19.94 -49.66 87.77
C LEU BA 75 21.46 -49.60 87.83
N LYS BA 76 22.14 -50.12 86.81
CA LYS BA 76 23.59 -50.03 86.79
C LYS BA 76 24.06 -48.58 86.73
N HIS BA 77 23.37 -47.75 85.95
CA HIS BA 77 23.74 -46.34 85.87
C HIS BA 77 23.59 -45.66 87.21
N GLN BA 78 22.47 -45.90 87.90
CA GLN BA 78 22.28 -45.31 89.22
C GLN BA 78 23.22 -45.92 90.24
N GLY BA 79 23.61 -47.19 90.05
CA GLY BA 79 24.50 -47.83 91.00
C GLY BA 79 25.91 -47.24 90.98
N THR BA 80 26.30 -46.64 89.88
CA THR BA 80 27.63 -46.04 89.73
C THR BA 80 27.51 -44.62 89.23
N LYS BA 81 26.62 -43.86 89.83
CA LYS BA 81 26.40 -42.49 89.38
C LYS BA 81 27.63 -41.65 89.66
N PRO BA 82 28.18 -40.94 88.67
CA PRO BA 82 29.38 -40.15 88.90
C PRO BA 82 29.12 -39.05 89.93
N PRO BA 83 30.10 -38.73 90.76
CA PRO BA 83 29.94 -37.60 91.67
C PRO BA 83 29.84 -36.28 90.92
N ARG BA 84 29.15 -35.34 91.53
CA ARG BA 84 28.88 -34.02 90.95
C ARG BA 84 29.48 -32.94 91.84
N PRO BA 85 29.75 -31.76 91.30
CA PRO BA 85 30.36 -30.72 92.12
C PRO BA 85 29.45 -30.33 93.27
N VAL BA 86 30.06 -30.03 94.41
CA VAL BA 86 29.30 -29.57 95.56
C VAL BA 86 28.66 -28.24 95.23
N SER BA 87 27.38 -28.11 95.53
CA SER BA 87 26.65 -26.91 95.14
C SER BA 87 27.09 -25.72 95.97
N LEU BA 88 27.38 -24.61 95.29
CA LEU BA 88 27.61 -23.36 95.99
C LEU BA 88 26.29 -22.81 96.51
N GLU BA 89 26.25 -22.45 97.78
CA GLU BA 89 25.00 -22.02 98.41
C GLU BA 89 24.66 -20.62 97.91
N SER BA 90 23.77 -20.56 96.92
CA SER BA 90 23.47 -19.31 96.23
C SER BA 90 22.50 -18.46 97.07
N ARG BA 91 21.96 -17.42 96.44
CA ARG BA 91 21.14 -16.45 97.17
C ARG BA 91 19.92 -17.12 97.78
N PHE BA 92 19.28 -18.02 97.04
CA PHE BA 92 18.00 -18.60 97.47
C PHE BA 92 18.12 -20.11 97.66
N MET BA 93 19.31 -20.59 98.00
CA MET BA 93 19.57 -22.02 98.12
C MET BA 93 19.75 -22.40 99.58
N ASN BA 94 19.11 -23.50 99.98
CA ASN BA 94 19.25 -24.07 101.32
C ASN BA 94 18.66 -23.15 102.38
N GLN BA 95 17.46 -22.66 102.11
CA GLN BA 95 16.75 -21.81 103.07
C GLN BA 95 15.93 -22.70 103.99
N ARG BA 96 16.05 -22.45 105.30
CA ARG BA 96 15.36 -23.25 106.31
C ARG BA 96 14.72 -22.32 107.33
N ARG BA 97 13.44 -22.54 107.61
CA ARG BA 97 12.76 -21.87 108.70
C ARG BA 97 12.72 -22.70 109.97
N TYR BA 98 12.78 -24.02 109.84
CA TYR BA 98 12.71 -24.92 110.98
C TYR BA 98 13.37 -26.23 110.57
N ASP BA 99 13.66 -27.06 111.56
CA ASP BA 99 14.35 -28.32 111.29
C ASP BA 99 13.43 -29.30 110.59
N PHE BA 100 14.05 -30.32 109.99
CA PHE BA 100 13.31 -31.36 109.28
C PHE BA 100 12.90 -32.43 110.28
N THR BA 101 11.60 -32.46 110.61
CA THR BA 101 11.11 -33.43 111.58
C THR BA 101 9.77 -34.04 111.17
N TRP BA 102 9.27 -33.74 109.97
CA TRP BA 102 7.96 -34.25 109.57
C TRP BA 102 7.96 -35.78 109.45
N MET BA 103 9.11 -36.39 109.20
CA MET BA 103 9.16 -37.85 109.15
C MET BA 103 9.07 -38.48 110.53
N HIS BA 104 9.66 -37.82 111.54
CA HIS BA 104 9.72 -38.34 112.90
C HIS BA 104 9.27 -37.25 113.86
N PRO BA 105 7.96 -37.01 113.95
CA PRO BA 105 7.49 -35.86 114.76
C PRO BA 105 7.92 -35.94 116.20
N GLN BA 106 7.97 -37.14 116.78
CA GLN BA 106 8.32 -37.31 118.19
C GLN BA 106 9.79 -37.67 118.38
N ASP BA 107 10.33 -38.56 117.56
CA ASP BA 107 11.72 -38.97 117.73
C ASP BA 107 12.68 -37.88 117.26
N LYS BA 108 12.37 -37.24 116.13
CA LYS BA 108 13.16 -36.13 115.62
C LYS BA 108 14.57 -36.57 115.26
N PHE BA 109 14.67 -37.69 114.55
CA PHE BA 109 15.95 -38.16 114.06
C PHE BA 109 16.49 -37.25 112.96
N CYS BA 110 17.79 -36.98 113.02
CA CYS BA 110 18.47 -36.24 111.97
C CYS BA 110 17.73 -34.96 111.63
N SER BA 111 17.47 -34.14 112.65
CA SER BA 111 16.71 -32.91 112.42
C SER BA 111 17.40 -32.00 111.42
N GLU BA 112 18.73 -32.04 111.36
CA GLU BA 112 19.46 -31.18 110.44
C GLU BA 112 19.53 -31.75 109.03
N CYS BA 113 19.41 -33.05 108.87
CA CYS BA 113 19.50 -33.67 107.55
C CYS BA 113 18.15 -33.64 106.85
N ARG BA 114 18.20 -33.58 105.53
CA ARG BA 114 17.00 -33.59 104.73
C ARG BA 114 16.47 -35.01 104.56
N PRO BA 115 15.21 -35.16 104.19
CA PRO BA 115 14.57 -36.48 104.27
C PRO BA 115 15.31 -37.58 103.54
N VAL BA 116 15.99 -37.29 102.44
CA VAL BA 116 16.67 -38.33 101.66
C VAL BA 116 18.12 -37.95 101.45
N GLU BA 117 18.71 -37.20 102.38
CA GLU BA 117 20.13 -36.84 102.31
C GLU BA 117 20.91 -37.95 103.00
N LEU BA 118 21.33 -38.95 102.23
CA LEU BA 118 21.89 -40.15 102.84
C LEU BA 118 23.22 -39.88 103.54
N GLU BA 119 24.10 -39.12 102.91
CA GLU BA 119 25.42 -38.89 103.51
C GLU BA 119 25.30 -38.14 104.82
N CYS BA 120 24.39 -37.16 104.90
CA CYS BA 120 24.17 -36.46 106.15
C CYS BA 120 23.64 -37.40 107.22
N LYS BA 121 22.71 -38.29 106.85
CA LYS BA 121 22.16 -39.22 107.83
C LYS BA 121 23.22 -40.20 108.30
N LYS BA 122 24.09 -40.66 107.40
CA LYS BA 122 25.13 -41.60 107.80
C LYS BA 122 25.98 -41.02 108.92
N MET BA 123 26.46 -39.79 108.74
CA MET BA 123 27.25 -39.16 109.78
C MET BA 123 26.41 -38.88 111.02
N CYS BA 124 25.11 -38.64 110.85
CA CYS BA 124 24.25 -38.43 112.01
C CYS BA 124 23.99 -39.71 112.75
N PHE BA 125 23.79 -40.82 112.03
CA PHE BA 125 23.65 -42.11 112.69
C PHE BA 125 24.91 -42.49 113.45
N ASP BA 126 26.08 -42.14 112.89
CA ASP BA 126 27.32 -42.45 113.58
C ASP BA 126 27.41 -41.74 114.92
N ARG BA 127 26.96 -40.48 114.98
CA ARG BA 127 26.92 -39.80 116.27
C ARG BA 127 26.03 -40.53 117.25
N TYR BA 128 24.84 -40.94 116.80
CA TYR BA 128 23.93 -41.64 117.69
C TYR BA 128 24.53 -42.96 118.16
N ARG BA 129 25.18 -43.69 117.25
CA ARG BA 129 25.85 -44.92 117.66
C ARG BA 129 26.97 -44.63 118.66
N SER BA 130 27.73 -43.56 118.44
CA SER BA 130 28.76 -43.18 119.39
C SER BA 130 28.17 -42.76 120.73
N MET BA 131 26.88 -42.43 120.76
CA MET BA 131 26.17 -42.12 121.99
C MET BA 131 25.40 -43.33 122.52
N ASP BA 132 25.71 -44.52 122.02
CA ASP BA 132 25.14 -45.77 122.52
C ASP BA 132 23.68 -45.94 122.10
N TYR BA 133 23.31 -45.39 120.95
CA TYR BA 133 21.96 -45.52 120.41
C TYR BA 133 22.06 -46.12 119.01
N ARG BA 134 21.54 -47.33 118.85
CA ARG BA 134 21.62 -48.01 117.57
C ARG BA 134 20.77 -47.33 116.51
N MET BA 135 21.20 -47.47 115.26
CA MET BA 135 20.51 -46.97 114.08
C MET BA 135 20.87 -47.88 112.92
N TYR BA 136 19.93 -48.12 112.01
CA TYR BA 136 20.14 -49.08 110.93
C TYR BA 136 20.56 -48.38 109.65
N GLY BA 137 21.64 -48.86 109.05
CA GLY BA 137 21.99 -48.49 107.69
C GLY BA 137 23.36 -47.87 107.51
N PHE BA 138 23.82 -47.85 106.26
CA PHE BA 138 25.01 -47.12 105.84
C PHE BA 138 26.31 -47.72 106.37
N GLN BA 139 26.32 -49.00 106.72
CA GLN BA 139 27.49 -49.60 107.35
C GLN BA 139 28.21 -50.63 106.48
N ARG BA 140 27.55 -51.21 105.49
CA ARG BA 140 28.15 -52.25 104.66
C ARG BA 140 28.72 -51.65 103.38
N PRO BA 141 29.97 -51.95 103.02
CA PRO BA 141 30.49 -51.47 101.73
C PRO BA 141 29.60 -51.91 100.58
N ARG BA 142 29.41 -51.01 99.61
CA ARG BA 142 28.46 -51.29 98.54
C ARG BA 142 28.89 -52.50 97.73
N ILE BA 143 30.21 -52.74 97.60
CA ILE BA 143 30.68 -53.84 96.75
C ILE BA 143 30.61 -55.18 97.45
N GLN BA 144 30.32 -55.20 98.75
CA GLN BA 144 30.23 -56.43 99.53
C GLN BA 144 28.79 -56.86 99.79
N THR BA 145 27.82 -56.26 99.12
CA THR BA 145 26.42 -56.57 99.32
C THR BA 145 25.78 -56.97 97.99
N TYR BA 146 24.72 -57.74 98.07
CA TYR BA 146 24.01 -58.18 96.88
C TYR BA 146 23.04 -57.09 96.40
N TYR BA 147 22.78 -57.11 95.09
CA TYR BA 147 21.82 -56.21 94.46
C TYR BA 147 22.27 -54.75 94.49
N SER BA 148 23.57 -54.51 94.67
CA SER BA 148 24.07 -53.13 94.72
C SER BA 148 24.17 -52.52 93.34
N PHE BA 149 24.39 -53.32 92.31
CA PHE BA 149 24.61 -52.83 90.95
C PHE BA 149 25.81 -51.89 90.88
N SER BA 150 26.83 -52.14 91.71
CA SER BA 150 28.03 -51.32 91.72
C SER BA 150 29.30 -52.15 91.61
N THR BA 151 29.18 -53.45 91.40
CA THR BA 151 30.35 -54.31 91.31
C THR BA 151 31.04 -54.15 89.96
N CYS BA 152 32.35 -54.32 89.96
CA CYS BA 152 33.16 -54.15 88.75
C CYS BA 152 32.71 -55.12 87.66
N HIS CA 1 -21.73 -42.17 63.20
CA HIS CA 1 -21.26 -43.37 62.51
C HIS CA 1 -21.91 -43.50 61.14
N ILE CA 2 -21.08 -43.65 60.11
CA ILE CA 2 -21.54 -43.83 58.73
C ILE CA 2 -21.29 -45.29 58.35
N PRO CA 3 -22.33 -46.09 58.11
CA PRO CA 3 -22.10 -47.48 57.70
C PRO CA 3 -21.29 -47.53 56.41
N HIS CA 4 -20.39 -48.50 56.32
CA HIS CA 4 -19.50 -48.64 55.18
C HIS CA 4 -19.00 -50.07 55.12
N PRO CA 5 -18.59 -50.54 53.95
CA PRO CA 5 -18.17 -51.94 53.81
C PRO CA 5 -16.79 -52.17 54.39
N VAL CA 6 -16.42 -53.45 54.45
CA VAL CA 6 -15.10 -53.85 54.91
C VAL CA 6 -14.12 -53.70 53.75
N LYS CA 7 -13.05 -52.96 53.99
CA LYS CA 7 -12.11 -52.62 52.93
C LYS CA 7 -11.10 -53.72 52.64
N TYR CA 8 -11.02 -54.77 53.47
CA TYR CA 8 -10.04 -55.81 53.26
C TYR CA 8 -10.32 -56.55 51.97
N VAL CA 9 -9.33 -56.60 51.08
CA VAL CA 9 -9.46 -57.22 49.77
C VAL CA 9 -8.45 -58.33 49.56
N GLY CA 10 -7.61 -58.63 50.54
CA GLY CA 10 -6.66 -59.70 50.41
C GLY CA 10 -7.30 -61.06 50.60
N PRO CA 11 -6.47 -62.10 50.58
CA PRO CA 11 -7.00 -63.46 50.76
C PRO CA 11 -7.64 -63.61 52.14
N ARG CA 12 -8.74 -64.34 52.18
CA ARG CA 12 -9.45 -64.53 53.44
C ARG CA 12 -8.99 -65.78 54.17
N ARG CA 13 -8.49 -66.78 53.46
CA ARG CA 13 -7.93 -67.98 54.08
C ARG CA 13 -6.73 -68.45 53.29
N TYR CA 14 -5.67 -68.85 54.00
CA TYR CA 14 -4.51 -69.46 53.39
C TYR CA 14 -4.63 -70.98 53.31
N GLY CA 15 -5.60 -71.58 53.98
CA GLY CA 15 -5.70 -73.02 54.09
C GLY CA 15 -5.07 -73.53 55.38
N ARG CA 16 -5.27 -74.82 55.62
CA ARG CA 16 -4.71 -75.43 56.83
C ARG CA 16 -3.19 -75.36 56.81
N TYR CA 17 -2.61 -75.05 57.95
CA TYR CA 17 -1.16 -75.05 58.08
C TYR CA 17 -0.66 -76.48 57.95
N VAL CA 18 0.16 -76.73 56.94
CA VAL CA 18 0.79 -78.03 56.73
C VAL CA 18 2.29 -77.76 56.65
N TYR CA 19 2.95 -77.75 57.81
CA TYR CA 19 4.39 -77.52 57.90
C TYR CA 19 4.81 -76.33 57.04
N GLY CA 20 3.98 -75.29 57.01
CA GLY CA 20 4.32 -74.07 56.32
C GLY CA 20 4.51 -74.21 54.83
N MET CA 21 3.71 -75.05 54.19
CA MET CA 21 3.75 -75.23 52.75
C MET CA 21 2.61 -74.46 52.10
N ASN CA 22 2.85 -74.03 50.86
CA ASN CA 22 1.83 -73.35 50.06
C ASN CA 22 1.31 -72.11 50.77
N ARG CA 23 2.22 -71.31 51.30
CA ARG CA 23 1.86 -70.09 51.99
C ARG CA 23 2.59 -68.91 51.36
N PRO CA 24 2.05 -67.70 51.49
CA PRO CA 24 2.60 -66.57 50.74
C PRO CA 24 3.96 -66.17 51.28
N PRO CA 25 4.66 -65.28 50.59
CA PRO CA 25 5.92 -64.75 51.12
C PRO CA 25 5.68 -64.00 52.41
N VAL CA 26 6.72 -63.94 53.25
CA VAL CA 26 6.58 -63.38 54.58
C VAL CA 26 6.15 -61.92 54.50
N LEU CA 27 6.78 -61.13 53.63
CA LEU CA 27 6.44 -59.73 53.52
C LEU CA 27 4.98 -59.56 53.10
N ARG CA 28 4.51 -60.39 52.16
CA ARG CA 28 3.11 -60.35 51.78
C ARG CA 28 2.21 -60.69 52.96
N GLN CA 29 2.64 -61.64 53.80
CA GLN CA 29 1.84 -62.00 54.97
C GLN CA 29 1.74 -60.83 55.94
N VAL CA 30 2.84 -60.11 56.15
CA VAL CA 30 2.79 -58.95 57.04
C VAL CA 30 1.83 -57.91 56.50
N LYS CA 31 1.87 -57.68 55.19
CA LYS CA 31 0.96 -56.71 54.58
C LYS CA 31 -0.50 -57.16 54.75
N ASP CA 32 -0.76 -58.45 54.58
CA ASP CA 32 -2.13 -58.94 54.73
C ASP CA 32 -2.62 -58.77 56.16
N TRP CA 33 -1.76 -59.05 57.14
CA TRP CA 33 -2.17 -58.93 58.53
C TRP CA 33 -2.58 -57.50 58.86
N ILE CA 34 -1.79 -56.52 58.44
CA ILE CA 34 -2.11 -55.14 58.74
C ILE CA 34 -3.37 -54.71 58.00
N ASP CA 35 -3.56 -55.20 56.77
CA ASP CA 35 -4.82 -54.96 56.08
C ASP CA 35 -5.99 -55.55 56.85
N TRP CA 36 -5.81 -56.75 57.39
CA TRP CA 36 -6.88 -57.43 58.11
C TRP CA 36 -7.23 -56.69 59.39
N THR CA 37 -6.23 -56.22 60.12
CA THR CA 37 -6.45 -55.58 61.41
C THR CA 37 -6.53 -54.07 61.33
N GLY CA 38 -6.31 -53.48 60.15
CA GLY CA 38 -6.52 -52.06 59.97
C GLY CA 38 -5.25 -51.23 59.98
N TRP CA 39 -5.04 -50.46 58.92
CA TRP CA 39 -3.91 -49.55 58.88
C TRP CA 39 -4.11 -48.33 59.75
N ASN CA 40 -5.35 -48.03 60.14
CA ASN CA 40 -5.60 -46.83 60.93
C ASN CA 40 -4.90 -46.90 62.28
N SER CA 41 -4.85 -48.08 62.88
CA SER CA 41 -4.14 -48.21 64.15
C SER CA 41 -2.64 -48.04 63.96
N VAL CA 42 -2.10 -48.51 62.84
CA VAL CA 42 -0.67 -48.36 62.59
C VAL CA 42 -0.31 -46.88 62.46
N PHE CA 43 -1.04 -46.15 61.62
CA PHE CA 43 -0.72 -44.75 61.40
C PHE CA 43 -0.89 -43.95 62.68
N GLY CA 44 -1.98 -44.18 63.41
CA GLY CA 44 -2.18 -43.44 64.65
C GLY CA 44 -1.11 -43.74 65.68
N GLY CA 45 -0.75 -45.01 65.82
CA GLY CA 45 0.26 -45.36 66.81
C GLY CA 45 1.63 -44.80 66.48
N PHE CA 46 2.02 -44.86 65.22
CA PHE CA 46 3.34 -44.39 64.81
C PHE CA 46 3.41 -42.89 64.58
N SER CA 47 2.26 -42.21 64.48
CA SER CA 47 2.29 -40.80 64.10
C SER CA 47 3.06 -39.96 65.11
N PHE CA 48 2.84 -40.20 66.41
CA PHE CA 48 3.44 -39.33 67.42
C PHE CA 48 4.95 -39.44 67.41
N GLN CA 49 5.48 -40.67 67.35
CA GLN CA 49 6.92 -40.86 67.39
C GLN CA 49 7.58 -40.35 66.12
N VAL CA 50 6.93 -40.56 64.97
CA VAL CA 50 7.48 -40.06 63.72
C VAL CA 50 7.59 -38.54 63.75
N ALA CA 51 6.54 -37.87 64.23
CA ALA CA 51 6.58 -36.41 64.29
C ALA CA 51 7.68 -35.94 65.23
N PHE CA 52 7.79 -36.55 66.40
CA PHE CA 52 8.82 -36.14 67.35
C PHE CA 52 10.21 -36.48 66.83
N GLY CA 53 10.38 -37.67 66.27
CA GLY CA 53 11.70 -38.06 65.78
C GLY CA 53 12.18 -37.18 64.64
N LEU CA 54 11.31 -36.90 63.68
CA LEU CA 54 11.70 -36.04 62.57
C LEU CA 54 12.09 -34.65 63.05
N MET CA 55 11.30 -34.09 63.97
CA MET CA 55 11.59 -32.75 64.45
C MET CA 55 12.94 -32.69 65.15
N ILE CA 56 13.23 -33.67 66.01
CA ILE CA 56 14.49 -33.67 66.74
C ILE CA 56 15.66 -33.92 65.79
N VAL CA 57 15.55 -34.96 64.95
CA VAL CA 57 16.68 -35.34 64.12
C VAL CA 57 16.88 -34.40 62.94
N SER CA 58 15.85 -33.65 62.56
CA SER CA 58 16.03 -32.65 61.51
C SER CA 58 17.01 -31.58 61.94
N GLY CA 59 17.14 -31.34 63.25
CA GLY CA 59 18.07 -30.35 63.74
C GLY CA 59 19.51 -30.64 63.39
N VAL CA 60 19.82 -31.89 63.02
CA VAL CA 60 21.18 -32.22 62.61
C VAL CA 60 21.58 -31.38 61.41
N TYR CA 61 20.64 -31.14 60.50
CA TYR CA 61 20.86 -30.26 59.36
C TYR CA 61 20.36 -28.84 59.62
N LEU CA 62 19.12 -28.72 60.10
CA LEU CA 62 18.52 -27.40 60.27
C LEU CA 62 19.26 -26.56 61.32
N ASN CA 63 19.62 -27.18 62.44
CA ASN CA 63 20.18 -26.43 63.56
C ASN CA 63 21.70 -26.48 63.62
N ASN CA 64 22.31 -27.62 63.28
CA ASN CA 64 23.74 -27.77 63.43
C ASN CA 64 24.50 -27.43 62.14
N TYR CA 65 24.24 -28.15 61.06
CA TYR CA 65 25.04 -27.96 59.85
C TYR CA 65 24.79 -26.59 59.23
N ARG CA 66 23.53 -26.20 59.07
CA ARG CA 66 23.23 -24.92 58.43
C ARG CA 66 23.80 -23.76 59.23
N ALA CA 67 23.69 -23.83 60.57
CA ALA CA 67 24.15 -22.71 61.39
C ALA CA 67 25.64 -22.47 61.22
N THR CA 68 26.44 -23.53 61.17
CA THR CA 68 27.88 -23.37 60.98
C THR CA 68 28.19 -22.66 59.67
N HIS CA 69 27.50 -23.04 58.59
CA HIS CA 69 27.72 -22.44 57.30
C HIS CA 69 26.98 -21.12 57.11
N THR CA 70 26.03 -20.79 58.00
CA THR CA 70 25.26 -19.55 57.90
C THR CA 70 25.35 -18.81 59.23
N LEU CA 71 26.43 -18.04 59.40
CA LEU CA 71 26.58 -17.11 60.50
C LEU CA 71 27.25 -15.88 59.92
N TYR CA 72 26.51 -14.76 59.82
CA TYR CA 72 27.08 -13.62 59.13
C TYR CA 72 28.23 -12.99 59.91
N TYR CA 73 28.43 -13.37 61.17
CA TYR CA 73 29.60 -12.94 61.92
C TYR CA 73 30.44 -14.13 62.35
N GLY DA 1 -24.45 -48.54 67.58
CA GLY DA 1 -23.24 -47.91 67.08
C GLY DA 1 -23.48 -46.52 66.56
N ARG DA 2 -23.24 -45.52 67.41
CA ARG DA 2 -23.47 -44.13 67.08
C ARG DA 2 -22.29 -43.32 67.63
N ARG DA 3 -21.81 -42.38 66.84
CA ARG DA 3 -20.58 -41.66 67.14
C ARG DA 3 -20.89 -40.30 67.75
N LEU DA 4 -20.11 -39.94 68.77
CA LEU DA 4 -20.26 -38.65 69.45
C LEU DA 4 -19.22 -37.63 69.04
N LEU DA 5 -18.01 -38.05 68.73
CA LEU DA 5 -16.90 -37.16 68.43
C LEU DA 5 -16.45 -37.35 67.00
N HIS DA 6 -15.54 -36.50 66.57
CA HIS DA 6 -14.96 -36.63 65.24
C HIS DA 6 -14.30 -38.00 65.11
N GLY DA 7 -14.41 -38.59 63.92
CA GLY DA 7 -13.92 -39.94 63.73
C GLY DA 7 -12.45 -40.11 64.07
N ASN DA 8 -11.64 -39.09 63.84
CA ASN DA 8 -10.22 -39.11 64.15
C ASN DA 8 -9.88 -38.04 65.18
N TYR DA 9 -10.71 -37.94 66.23
CA TYR DA 9 -10.66 -36.76 67.09
C TYR DA 9 -9.31 -36.62 67.78
N PHE DA 10 -8.75 -37.72 68.28
CA PHE DA 10 -7.54 -37.60 69.10
C PHE DA 10 -6.39 -37.02 68.29
N THR DA 11 -6.10 -37.63 67.13
CA THR DA 11 -5.02 -37.11 66.30
C THR DA 11 -5.37 -35.73 65.75
N ARG DA 12 -6.64 -35.52 65.38
CA ARG DA 12 -7.03 -34.25 64.78
C ARG DA 12 -6.75 -33.09 65.72
N TYR DA 13 -7.16 -33.20 66.98
CA TYR DA 13 -7.07 -32.07 67.89
C TYR DA 13 -5.73 -31.98 68.60
N LEU DA 14 -4.87 -32.98 68.46
CA LEU DA 14 -3.52 -32.88 69.00
C LEU DA 14 -2.56 -32.30 67.97
N PHE DA 15 -2.43 -32.96 66.82
CA PHE DA 15 -1.58 -32.42 65.77
C PHE DA 15 -2.14 -31.10 65.24
N GLY DA 16 -3.46 -31.01 65.11
CA GLY DA 16 -4.06 -29.78 64.64
C GLY DA 16 -3.78 -28.60 65.55
N SER DA 17 -3.90 -28.82 66.86
CA SER DA 17 -3.60 -27.75 67.80
C SER DA 17 -2.13 -27.37 67.76
N LEU DA 18 -1.25 -28.36 67.69
CA LEU DA 18 0.18 -28.06 67.58
C LEU DA 18 0.50 -27.28 66.31
N ALA DA 19 -0.12 -27.65 65.19
CA ALA DA 19 0.11 -26.92 63.96
C ALA DA 19 -0.33 -25.47 64.08
N VAL DA 20 -1.50 -25.25 64.67
CA VAL DA 20 -2.02 -23.89 64.79
C VAL DA 20 -1.14 -23.07 65.72
N ILE DA 21 -0.64 -23.68 66.79
CA ILE DA 21 0.25 -22.96 67.70
C ILE DA 21 1.54 -22.56 66.99
N TRP DA 22 2.12 -23.48 66.22
CA TRP DA 22 3.37 -23.17 65.52
C TRP DA 22 3.17 -22.07 64.50
N ILE DA 23 2.10 -22.16 63.72
CA ILE DA 23 1.87 -21.16 62.67
C ILE DA 23 1.57 -19.80 63.27
N ALA DA 24 0.81 -19.78 64.37
CA ALA DA 24 0.53 -18.51 65.03
C ALA DA 24 1.81 -17.88 65.54
N GLU DA 25 2.72 -18.67 66.09
CA GLU DA 25 3.95 -18.11 66.63
C GLU DA 25 4.79 -17.47 65.53
N TYR DA 26 4.89 -18.12 64.37
CA TYR DA 26 5.65 -17.53 63.27
C TYR DA 26 5.03 -16.20 62.85
N ALA DA 27 3.70 -16.14 62.78
CA ALA DA 27 3.04 -14.89 62.43
C ALA DA 27 3.35 -13.81 63.46
N ALA DA 28 3.31 -14.16 64.74
CA ALA DA 28 3.60 -13.17 65.78
C ALA DA 28 5.02 -12.64 65.65
N ALA DA 29 5.97 -13.52 65.35
CA ALA DA 29 7.36 -13.06 65.19
C ALA DA 29 7.48 -12.10 64.02
N CYS DA 30 6.81 -12.38 62.90
CA CYS DA 30 6.89 -11.50 61.75
C CYS DA 30 6.32 -10.12 62.07
N GLN DA 31 5.20 -10.07 62.79
CA GLN DA 31 4.58 -8.79 63.08
C GLN DA 31 5.47 -7.91 63.95
N TYR DA 32 6.10 -8.50 64.96
CA TYR DA 32 6.98 -7.76 65.85
C TYR DA 32 8.40 -7.68 65.35
N GLY DA 33 8.77 -8.46 64.34
CA GLY DA 33 10.11 -8.38 63.80
C GLY DA 33 11.18 -8.96 64.70
N ILE DA 34 10.86 -9.99 65.47
CA ILE DA 34 11.83 -10.55 66.42
C ILE DA 34 12.89 -11.32 65.66
N PRO DA 35 14.18 -11.17 66.00
CA PRO DA 35 15.20 -12.02 65.38
C PRO DA 35 14.95 -13.48 65.70
N ARG DA 36 15.07 -14.33 64.69
CA ARG DA 36 14.79 -15.76 64.84
C ARG DA 36 16.03 -16.63 64.77
N HIS DA 37 17.21 -16.05 64.61
CA HIS DA 37 18.44 -16.84 64.65
C HIS DA 37 18.72 -17.29 66.08
N ARG DA 38 19.11 -18.56 66.22
CA ARG DA 38 19.36 -19.15 67.54
C ARG DA 38 20.83 -19.02 67.89
N ASN DA 39 21.12 -18.49 69.07
CA ASN DA 39 22.47 -18.45 69.62
C ASN DA 39 22.51 -19.29 70.88
N PRO DA 40 23.33 -20.32 70.97
CA PRO DA 40 23.42 -21.11 72.22
C PRO DA 40 24.45 -20.61 73.22
N ASN DA 41 25.02 -19.44 73.00
CA ASN DA 41 26.18 -18.97 73.75
C ASN DA 41 25.81 -17.79 74.63
N TRP DA 42 26.59 -17.62 75.70
CA TRP DA 42 26.53 -16.38 76.46
C TRP DA 42 27.12 -15.25 75.63
N MET DA 43 26.60 -14.05 75.85
CA MET DA 43 26.94 -12.89 75.02
C MET DA 43 27.92 -11.95 75.69
N TRP DA 44 28.50 -12.33 76.82
CA TRP DA 44 29.50 -11.50 77.48
C TRP DA 44 30.70 -11.30 76.56
N SER DA 45 30.89 -10.08 76.06
CA SER DA 45 31.89 -9.85 75.03
C SER DA 45 33.30 -10.12 75.55
N TRP DA 46 33.61 -9.60 76.74
CA TRP DA 46 34.95 -9.77 77.29
C TRP DA 46 35.28 -11.25 77.47
N TRP DA 47 34.32 -12.03 77.97
CA TRP DA 47 34.56 -13.46 78.15
C TRP DA 47 34.76 -14.17 76.83
N LEU DA 48 33.95 -13.86 75.83
CA LEU DA 48 34.10 -14.50 74.52
C LEU DA 48 35.47 -14.20 73.93
N GLU DA 49 35.99 -12.99 74.16
CA GLU DA 49 37.33 -12.68 73.68
C GLU DA 49 38.38 -13.53 74.38
N LYS DA 50 38.23 -13.74 75.68
CA LYS DA 50 39.18 -14.60 76.41
C LYS DA 50 39.12 -16.03 75.89
N GLN DA 51 37.92 -16.52 75.59
CA GLN DA 51 37.79 -17.88 75.07
C GLN DA 51 38.46 -17.99 73.71
N ASN DA 52 38.34 -16.95 72.87
CA ASN DA 52 39.03 -16.96 71.59
C ASN DA 52 40.54 -16.97 71.78
N GLN DA 53 41.04 -16.26 72.79
CA GLN DA 53 42.46 -16.27 73.06
C GLN DA 53 42.93 -17.66 73.44
N ILE DA 54 42.15 -18.38 74.24
CA ILE DA 54 42.51 -19.75 74.58
C ILE DA 54 42.54 -20.62 73.34
N LYS DA 55 41.55 -20.45 72.46
CA LYS DA 55 41.52 -21.21 71.21
C LYS DA 55 42.72 -20.88 70.33
N ASN DA 56 43.10 -19.60 70.28
CA ASN DA 56 44.27 -19.21 69.51
C ASN DA 56 45.58 -19.67 70.14
N GLY DA 57 45.56 -20.04 71.42
CA GLY DA 57 46.78 -20.40 72.11
C GLY DA 57 47.45 -19.27 72.84
N GLU DA 58 46.87 -18.08 72.85
CA GLU DA 58 47.46 -16.96 73.58
C GLU DA 58 47.43 -17.21 75.08
N ILE DA 59 46.35 -17.79 75.58
CA ILE DA 59 46.19 -18.13 76.99
C ILE DA 59 46.38 -19.63 77.14
N PRO DA 60 47.15 -20.11 78.12
CA PRO DA 60 47.38 -21.56 78.21
C PRO DA 60 46.08 -22.31 78.43
N ALA DA 61 46.02 -23.51 77.85
CA ALA DA 61 44.81 -24.31 77.92
C ALA DA 61 44.48 -24.72 79.34
N ASN DA 62 43.19 -24.87 79.62
CA ASN DA 62 42.68 -25.26 80.93
C ASN DA 62 42.93 -24.19 81.99
N THR DA 63 43.16 -22.95 81.58
CA THR DA 63 43.30 -21.86 82.52
C THR DA 63 41.93 -21.44 83.01
N PRO DA 64 41.68 -21.40 84.33
CA PRO DA 64 40.35 -21.06 84.81
C PRO DA 64 40.00 -19.61 84.54
N GLY DA 65 38.69 -19.34 84.51
CA GLY DA 65 38.23 -17.98 84.30
C GLY DA 65 38.62 -17.05 85.43
N TYR DA 66 38.58 -17.56 86.67
CA TYR DA 66 38.97 -16.74 87.81
C TYR DA 66 40.45 -16.40 87.79
N ALA DA 67 41.26 -17.15 87.05
CA ALA DA 67 42.67 -16.79 86.88
C ALA DA 67 42.87 -15.61 85.95
N MET DA 68 41.80 -15.13 85.30
CA MET DA 68 41.90 -14.09 84.29
C MET DA 68 41.17 -12.80 84.64
N VAL DA 69 40.55 -12.71 85.81
CA VAL DA 69 39.72 -11.56 86.16
C VAL DA 69 40.54 -10.58 86.99
N LYS DA 70 40.04 -9.36 87.08
CA LYS DA 70 40.67 -8.32 87.89
C LYS DA 70 40.11 -8.23 89.30
N TRP DA 71 39.06 -8.97 89.60
CA TRP DA 71 38.52 -9.04 90.96
C TRP DA 71 38.13 -10.48 91.25
N ASN DA 72 38.59 -10.99 92.39
CA ASN DA 72 38.33 -12.37 92.78
C ASN DA 72 37.59 -12.39 94.11
N ASN DA 73 36.59 -13.25 94.21
CA ASN DA 73 35.88 -13.45 95.45
C ASN DA 73 36.71 -14.35 96.37
N GLU DA 74 36.22 -14.54 97.60
CA GLU DA 74 36.97 -15.33 98.57
C GLU DA 74 37.17 -16.76 98.10
N ALA DA 75 36.13 -17.38 97.56
CA ALA DA 75 36.23 -18.77 97.13
C ALA DA 75 37.28 -18.92 96.04
N GLU DA 76 37.32 -17.97 95.10
CA GLU DA 76 38.31 -18.03 94.04
C GLU DA 76 39.72 -17.84 94.59
N GLN DA 77 39.88 -17.00 95.60
CA GLN DA 77 41.19 -16.85 96.22
C GLN DA 77 41.65 -18.17 96.84
N ARG DA 78 40.72 -18.93 97.41
CA ARG DA 78 41.05 -20.25 97.93
C ARG DA 78 41.54 -21.17 96.81
N TRP DA 79 40.87 -21.15 95.66
CA TRP DA 79 41.25 -22.02 94.56
C TRP DA 79 42.57 -21.59 93.93
N LEU DA 80 42.84 -20.29 93.87
CA LEU DA 80 44.07 -19.82 93.24
C LEU DA 80 45.31 -20.30 93.99
N LYS DA 81 45.18 -20.57 95.29
CA LYS DA 81 46.32 -21.04 96.05
C LYS DA 81 46.75 -22.44 95.64
N THR DA 82 45.84 -23.24 95.11
CA THR DA 82 46.14 -24.62 94.70
C THR DA 82 46.13 -24.80 93.20
N LEU DA 83 46.01 -23.73 92.43
CA LEU DA 83 45.93 -23.83 90.98
C LEU DA 83 47.32 -23.95 90.39
N ASN DA 84 47.52 -24.96 89.54
CA ASN DA 84 48.75 -25.15 88.79
C ASN DA 84 48.35 -25.61 87.39
N VAL DA 85 48.16 -24.64 86.49
CA VAL DA 85 47.76 -24.97 85.13
C VAL DA 85 48.86 -25.74 84.42
N GLU DA 86 50.12 -25.35 84.65
CA GLU DA 86 51.22 -26.04 83.99
C GLU DA 86 51.23 -27.52 84.35
N ALA DA 87 51.01 -27.84 85.63
CA ALA DA 87 50.97 -29.25 86.03
C ALA DA 87 49.77 -29.96 85.40
N MET DA 88 48.63 -29.28 85.32
CA MET DA 88 47.45 -29.90 84.72
C MET DA 88 47.70 -30.25 83.26
N ASN DA 89 48.35 -29.36 82.52
CA ASN DA 89 48.61 -29.63 81.11
C ASN DA 89 49.56 -30.81 80.96
N GLU DA 90 50.59 -30.88 81.81
CA GLU DA 90 51.51 -32.02 81.73
C GLU DA 90 50.79 -33.32 82.02
N GLU DA 91 49.89 -33.32 82.99
CA GLU DA 91 49.15 -34.53 83.30
C GLU DA 91 48.30 -34.97 82.12
N PHE DA 92 47.63 -34.02 81.47
CA PHE DA 92 46.85 -34.37 80.27
C PHE DA 92 47.76 -34.90 79.18
N ALA DA 93 48.94 -34.29 79.01
CA ALA DA 93 49.88 -34.77 78.00
C ALA DA 93 50.30 -36.20 78.29
N ARG DA 94 50.55 -36.52 79.56
CA ARG DA 94 50.92 -37.87 79.92
C ARG DA 94 49.81 -38.86 79.58
N ARG DA 95 48.55 -38.48 79.84
CA ARG DA 95 47.44 -39.37 79.53
C ARG DA 95 47.37 -39.68 78.05
N ARG DA 96 47.57 -38.67 77.20
CA ARG DA 96 47.51 -38.90 75.76
C ARG DA 96 48.59 -39.89 75.33
N GLU DA 97 49.80 -39.74 75.84
CA GLU DA 97 50.87 -40.68 75.48
C GLU DA 97 50.50 -42.10 75.88
N ALA DA 98 49.97 -42.28 77.08
CA ALA DA 98 49.59 -43.61 77.52
C ALA DA 98 48.51 -44.19 76.61
N TYR DA 99 47.52 -43.39 76.25
CA TYR DA 99 46.42 -43.89 75.43
C TYR DA 99 46.92 -44.33 74.06
N TYR DA 100 47.82 -43.55 73.45
CA TYR DA 100 48.36 -43.90 72.14
C TYR DA 100 49.64 -44.73 72.28
N GLN EA 1 -61.66 -73.30 65.59
CA GLN EA 1 -61.45 -72.04 66.29
C GLN EA 1 -60.24 -72.14 67.20
N VAL EA 2 -59.38 -71.14 67.16
CA VAL EA 2 -58.14 -71.13 67.93
C VAL EA 2 -58.26 -70.06 69.00
N PRO EA 3 -58.43 -70.42 70.27
CA PRO EA 3 -58.48 -69.40 71.32
C PRO EA 3 -57.12 -68.74 71.50
N ASP EA 4 -57.15 -67.50 71.96
CA ASP EA 4 -55.94 -66.78 72.31
C ASP EA 4 -55.59 -67.08 73.76
N VAL EA 5 -54.28 -67.08 74.06
CA VAL EA 5 -53.78 -67.45 75.37
C VAL EA 5 -52.82 -66.38 75.86
N PHE EA 6 -52.62 -66.35 77.18
CA PHE EA 6 -51.60 -65.51 77.79
C PHE EA 6 -50.29 -66.26 77.82
N ALA EA 7 -49.22 -65.61 77.38
CA ALA EA 7 -47.88 -66.15 77.43
C ALA EA 7 -47.03 -65.27 78.33
N THR EA 8 -46.40 -65.87 79.32
CA THR EA 8 -45.62 -65.14 80.31
C THR EA 8 -44.17 -65.60 80.24
N PHE EA 9 -43.25 -64.65 80.44
CA PHE EA 9 -41.82 -64.94 80.39
C PHE EA 9 -41.14 -64.26 81.56
N GLY EA 10 -40.12 -64.92 82.10
CA GLY EA 10 -39.42 -64.42 83.26
C GLY EA 10 -39.91 -65.07 84.54
N TRP EA 11 -39.01 -65.16 85.52
CA TRP EA 11 -39.31 -65.82 86.78
C TRP EA 11 -39.77 -64.84 87.85
N GLU EA 12 -38.91 -63.90 88.23
CA GLU EA 12 -39.28 -62.91 89.24
C GLU EA 12 -39.93 -61.68 88.60
N ARG EA 13 -39.37 -61.22 87.49
CA ARG EA 13 -39.95 -60.11 86.73
C ARG EA 13 -40.65 -60.72 85.52
N ARG EA 14 -41.98 -60.73 85.54
CA ARG EA 14 -42.77 -61.49 84.59
C ARG EA 14 -43.45 -60.56 83.60
N LEU EA 15 -43.28 -60.86 82.32
CA LEU EA 15 -43.88 -60.11 81.22
C LEU EA 15 -44.91 -61.00 80.55
N THR EA 16 -46.12 -60.47 80.36
CA THR EA 16 -47.22 -61.23 79.80
C THR EA 16 -47.67 -60.62 78.49
N VAL EA 17 -47.94 -61.47 77.51
CA VAL EA 17 -48.47 -61.07 76.21
C VAL EA 17 -49.48 -62.11 75.75
N ILE EA 18 -50.29 -61.73 74.77
CA ILE EA 18 -51.22 -62.66 74.15
C ILE EA 18 -50.49 -63.35 73.00
N HIS EA 19 -50.74 -64.64 72.83
CA HIS EA 19 -50.01 -65.42 71.84
C HIS EA 19 -50.92 -66.50 71.28
N HIS EA 20 -50.43 -67.17 70.26
CA HIS EA 20 -51.14 -68.29 69.64
C HIS EA 20 -50.85 -69.57 70.42
N PRO EA 21 -51.87 -70.31 70.85
CA PRO EA 21 -51.59 -71.55 71.61
C PRO EA 21 -50.77 -72.55 70.82
N GLY EA 22 -51.00 -72.66 69.51
CA GLY EA 22 -50.22 -73.58 68.71
C GLY EA 22 -48.76 -73.18 68.64
N VAL EA 23 -48.49 -71.89 68.49
CA VAL EA 23 -47.11 -71.41 68.43
C VAL EA 23 -46.39 -71.70 69.74
N MET EA 24 -47.06 -71.46 70.87
CA MET EA 24 -46.45 -71.76 72.16
C MET EA 24 -46.15 -73.24 72.31
N ALA EA 25 -47.06 -74.09 71.83
CA ALA EA 25 -46.80 -75.53 71.88
C ALA EA 25 -45.57 -75.89 71.07
N ILE EA 26 -45.42 -75.30 69.89
CA ILE EA 26 -44.20 -75.52 69.11
C ILE EA 26 -43.00 -74.98 69.86
N SER EA 27 -43.14 -73.80 70.47
CA SER EA 27 -42.02 -73.20 71.17
C SER EA 27 -41.52 -74.10 72.29
N LYS EA 28 -42.43 -74.62 73.10
CA LYS EA 28 -42.03 -75.51 74.17
C LYS EA 28 -41.48 -76.82 73.63
N LEU EA 29 -42.03 -77.30 72.51
CA LEU EA 29 -41.53 -78.53 71.91
C LEU EA 29 -40.07 -78.37 71.47
N LEU EA 30 -39.75 -77.24 70.85
CA LEU EA 30 -38.37 -77.00 70.43
C LEU EA 30 -37.43 -76.80 71.61
N ASP EA 31 -37.97 -76.53 72.80
CA ASP EA 31 -37.15 -76.45 74.00
C ASP EA 31 -36.74 -77.81 74.52
N GLN EA 32 -37.38 -78.88 74.06
CA GLN EA 32 -37.00 -80.24 74.43
C GLN EA 32 -35.76 -80.62 73.61
N ARG EA 33 -34.61 -80.14 74.07
CA ARG EA 33 -33.38 -80.28 73.29
C ARG EA 33 -32.99 -81.72 73.08
N THR EA 34 -33.41 -82.62 73.98
CA THR EA 34 -33.10 -84.03 73.82
C THR EA 34 -33.99 -84.71 72.78
N VAL EA 35 -35.16 -84.15 72.49
CA VAL EA 35 -36.09 -84.77 71.57
C VAL EA 35 -35.97 -84.15 70.18
N VAL EA 36 -36.22 -82.85 70.10
CA VAL EA 36 -36.10 -82.13 68.84
C VAL EA 36 -34.66 -81.65 68.69
N LYS EA 37 -34.02 -82.05 67.60
CA LYS EA 37 -32.59 -81.87 67.45
C LYS EA 37 -32.28 -80.98 66.24
N PRO EA 38 -31.40 -79.99 66.39
CA PRO EA 38 -30.88 -79.30 65.21
C PRO EA 38 -29.95 -80.19 64.40
N ARG EA 39 -30.05 -80.08 63.09
CA ARG EA 39 -29.22 -80.87 62.17
C ARG EA 39 -28.59 -79.95 61.14
N ALA EA 40 -27.39 -80.31 60.71
CA ALA EA 40 -26.59 -79.47 59.83
C ALA EA 40 -26.65 -80.00 58.41
N THR EA 41 -26.77 -79.09 57.45
CA THR EA 41 -26.66 -79.40 56.03
C THR EA 41 -25.47 -78.62 55.47
N PHE EA 42 -24.61 -79.30 54.72
CA PHE EA 42 -23.38 -78.71 54.24
C PHE EA 42 -23.47 -78.40 52.75
N ASN EA 43 -22.55 -77.56 52.29
CA ASN EA 43 -22.28 -77.38 50.88
C ASN EA 43 -20.78 -77.53 50.65
N GLN EA 44 -20.41 -77.75 49.40
CA GLN EA 44 -19.02 -78.08 49.09
C GLN EA 44 -18.07 -77.02 49.61
N GLU EA 45 -18.42 -75.75 49.42
CA GLU EA 45 -17.53 -74.67 49.82
C GLU EA 45 -17.30 -74.67 51.33
N LEU EA 46 -18.38 -74.86 52.11
CA LEU EA 46 -18.23 -74.87 53.56
C LEU EA 46 -17.41 -76.08 54.01
N VAL EA 47 -17.62 -77.24 53.38
CA VAL EA 47 -16.87 -78.42 53.76
C VAL EA 47 -15.38 -78.18 53.60
N GLU EA 48 -14.98 -77.51 52.53
CA GLU EA 48 -13.56 -77.25 52.31
C GLU EA 48 -13.00 -76.36 53.41
N GLU EA 49 -13.76 -75.36 53.84
CA GLU EA 49 -13.29 -74.47 54.90
C GLU EA 49 -13.12 -75.20 56.23
N ILE EA 50 -13.90 -76.25 56.46
CA ILE EA 50 -13.80 -76.99 57.71
C ILE EA 50 -12.41 -77.59 57.85
N GLY EA 51 -11.82 -78.05 56.74
CA GLY EA 51 -10.51 -78.66 56.81
C GLY EA 51 -9.46 -77.75 57.39
N ASP EA 52 -9.65 -76.44 57.28
CA ASP EA 52 -8.69 -75.50 57.85
C ASP EA 52 -8.62 -75.60 59.37
N TYR EA 53 -9.63 -76.19 60.00
CA TYR EA 53 -9.70 -76.26 61.45
C TYR EA 53 -9.77 -77.67 62.01
N ASP EA 54 -10.28 -78.63 61.23
CA ASP EA 54 -10.34 -80.02 61.69
C ASP EA 54 -10.34 -80.91 60.45
N GLU EA 55 -9.19 -81.53 60.16
CA GLU EA 55 -9.07 -82.34 58.96
C GLU EA 55 -10.02 -83.54 59.00
N ASP EA 56 -10.15 -84.18 60.16
CA ASP EA 56 -11.01 -85.36 60.26
C ASP EA 56 -12.47 -85.01 60.00
N LEU EA 57 -12.94 -83.89 60.54
CA LEU EA 57 -14.32 -83.49 60.29
C LEU EA 57 -14.56 -83.21 58.82
N GLN EA 58 -13.55 -82.68 58.11
CA GLN EA 58 -13.72 -82.41 56.69
C GLN EA 58 -14.03 -83.70 55.94
N ARG EA 59 -13.29 -84.77 56.22
CA ARG EA 59 -13.55 -86.03 55.54
C ARG EA 59 -14.92 -86.56 55.87
N LYS EA 60 -15.31 -86.50 57.15
CA LYS EA 60 -16.63 -86.98 57.54
C LYS EA 60 -17.73 -86.07 57.01
N ALA EA 61 -17.48 -84.76 56.99
CA ALA EA 61 -18.46 -83.83 56.44
C ALA EA 61 -18.64 -84.05 54.95
N GLN EA 62 -17.56 -84.40 54.25
CA GLN EA 62 -17.67 -84.67 52.82
C GLN EA 62 -18.59 -85.84 52.56
N VAL EA 63 -18.51 -86.89 53.38
CA VAL EA 63 -19.40 -88.04 53.22
C VAL EA 63 -20.85 -87.61 53.38
N ALA EA 64 -21.14 -86.78 54.39
CA ALA EA 64 -22.49 -86.31 54.58
C ALA EA 64 -22.97 -85.50 53.39
N LEU EA 65 -22.12 -84.62 52.87
CA LEU EA 65 -22.48 -83.82 51.71
C LEU EA 65 -22.75 -84.70 50.49
N ASP EA 66 -21.90 -85.70 50.27
CA ASP EA 66 -22.05 -86.53 49.08
C ASP EA 66 -23.37 -87.29 49.08
N ASN EA 67 -23.89 -87.60 50.26
CA ASN EA 67 -25.17 -88.28 50.38
C ASN EA 67 -26.32 -87.34 50.70
N GLY EA 68 -26.07 -86.04 50.75
CA GLY EA 68 -27.13 -85.09 50.99
C GLY EA 68 -27.85 -85.32 52.31
N LEU EA 69 -27.08 -85.52 53.37
CA LEU EA 69 -27.63 -85.84 54.67
C LEU EA 69 -27.70 -84.59 55.54
N ALA EA 70 -28.83 -84.38 56.19
CA ALA EA 70 -28.93 -83.46 57.31
C ALA EA 70 -28.60 -84.25 58.56
N ILE EA 71 -27.47 -83.94 59.18
CA ILE EA 71 -26.88 -84.80 60.19
C ILE EA 71 -26.53 -83.97 61.43
N GLU EA 72 -26.72 -84.56 62.60
CA GLU EA 72 -26.25 -83.95 63.84
C GLU EA 72 -24.75 -84.10 63.96
N TRP EA 73 -24.11 -83.10 64.59
CA TRP EA 73 -22.66 -83.09 64.67
C TRP EA 73 -22.15 -84.29 65.47
N ARG EA 74 -22.83 -84.65 66.55
CA ARG EA 74 -22.40 -85.80 67.33
C ARG EA 74 -22.44 -87.07 66.49
N VAL EA 75 -23.49 -87.25 65.69
CA VAL EA 75 -23.57 -88.41 64.82
C VAL EA 75 -22.49 -88.33 63.74
N LEU EA 76 -22.18 -87.12 63.28
CA LEU EA 76 -21.19 -86.96 62.22
C LEU EA 76 -19.86 -87.57 62.61
N ASP EA 77 -19.51 -87.54 63.90
CA ASP EA 77 -18.27 -88.13 64.35
C ASP EA 77 -18.25 -89.65 64.19
N PHE EA 78 -19.39 -90.27 63.95
CA PHE EA 78 -19.48 -91.71 63.77
C PHE EA 78 -20.11 -92.06 62.43
N ILE EA 79 -19.99 -91.16 61.45
CA ILE EA 79 -20.65 -91.36 60.17
C ILE EA 79 -20.13 -92.61 59.46
N ASP EA 80 -18.91 -93.05 59.80
CA ASP EA 80 -18.39 -94.27 59.18
C ASP EA 80 -19.25 -95.47 59.53
N ASP EA 81 -19.73 -95.54 60.76
CA ASP EA 81 -20.55 -96.67 61.20
C ASP EA 81 -22.04 -96.43 61.02
N GLU EA 82 -22.49 -95.19 61.15
CA GLU EA 82 -23.91 -94.86 61.10
C GLU EA 82 -24.43 -94.65 59.69
N LEU EA 83 -23.55 -94.66 58.68
CA LEU EA 83 -24.00 -94.31 57.33
C LEU EA 83 -25.14 -95.19 56.85
N PRO EA 84 -25.09 -96.52 56.95
CA PRO EA 84 -26.23 -97.32 56.47
C PRO EA 84 -27.54 -96.98 57.16
N ARG EA 85 -27.50 -96.67 58.45
CA ARG EA 85 -28.72 -96.28 59.13
C ARG EA 85 -29.17 -94.89 58.70
N LEU EA 86 -28.21 -93.97 58.52
CA LEU EA 86 -28.57 -92.61 58.14
C LEU EA 86 -29.24 -92.57 56.78
N LEU EA 87 -28.75 -93.38 55.83
CA LEU EA 87 -29.41 -93.46 54.53
C LEU EA 87 -30.81 -94.02 54.67
N ALA EA 88 -30.98 -95.06 55.48
CA ALA EA 88 -32.32 -95.59 55.74
C ALA EA 88 -33.18 -94.55 56.43
N GLU EA 89 -32.61 -93.82 57.38
CA GLU EA 89 -33.37 -92.78 58.07
C GLU EA 89 -33.84 -91.71 57.10
N LYS EA 90 -32.98 -91.33 56.16
CA LYS EA 90 -33.35 -90.29 55.21
C LYS EA 90 -34.56 -90.70 54.39
N ARG EA 91 -34.59 -91.95 53.93
CA ARG EA 91 -35.72 -92.40 53.13
C ARG EA 91 -37.01 -92.41 53.93
N GLU EA 92 -36.96 -92.88 55.17
CA GLU EA 92 -38.17 -92.98 55.98
C GLU EA 92 -38.74 -91.59 56.28
N ILE EA 93 -37.88 -90.63 56.59
CA ILE EA 93 -38.36 -89.28 56.85
C ILE EA 93 -39.02 -88.70 55.61
N GLU EA 94 -38.40 -88.91 54.45
CA GLU EA 94 -38.99 -88.40 53.21
C GLU EA 94 -40.34 -89.03 52.95
N LYS EA 95 -40.48 -90.33 53.21
CA LYS EA 95 -41.77 -90.99 53.03
C LYS EA 95 -42.83 -90.35 53.93
N ALA EA 96 -42.48 -90.12 55.20
CA ALA EA 96 -43.44 -89.54 56.12
C ALA EA 96 -43.85 -88.14 55.70
N ARG EA 97 -42.90 -87.34 55.24
CA ARG EA 97 -43.23 -85.99 54.80
C ARG EA 97 -44.19 -86.02 53.62
N GLU EA 98 -43.94 -86.92 52.66
CA GLU EA 98 -44.82 -87.00 51.50
C GLU EA 98 -46.23 -87.39 51.90
N GLN EA 99 -46.36 -88.37 52.79
CA GLN EA 99 -47.69 -88.84 53.17
C GLN EA 99 -48.48 -87.76 53.88
N VAL EA 100 -47.87 -87.13 54.89
CA VAL EA 100 -48.60 -86.13 55.66
C VAL EA 100 -48.96 -84.92 54.81
N MET EA 101 -48.00 -84.46 53.98
CA MET EA 101 -48.29 -83.31 53.13
C MET EA 101 -49.38 -83.63 52.12
N SER EA 102 -49.36 -84.83 51.54
CA SER EA 102 -50.32 -85.19 50.51
C SER EA 102 -51.70 -85.50 51.08
N LYS EA 103 -51.81 -85.79 52.37
CA LYS EA 103 -53.10 -86.16 52.94
C LYS EA 103 -54.08 -84.99 52.84
N ALA EA 104 -55.35 -85.32 52.68
CA ALA EA 104 -56.38 -84.31 52.53
C ALA EA 104 -56.54 -83.54 53.84
N PRO EA 105 -57.02 -82.30 53.77
CA PRO EA 105 -57.22 -81.52 55.00
C PRO EA 105 -58.18 -82.23 55.95
N GLY EA 106 -57.87 -82.13 57.25
CA GLY EA 106 -58.63 -82.79 58.27
C GLY EA 106 -58.22 -84.23 58.54
N ASP EA 107 -57.30 -84.78 57.76
CA ASP EA 107 -56.84 -86.16 57.95
C ASP EA 107 -55.53 -86.09 58.73
N TYR EA 108 -55.60 -86.43 60.02
CA TYR EA 108 -54.46 -86.32 60.91
C TYR EA 108 -53.95 -87.69 61.36
N THR EA 109 -54.15 -88.71 60.53
CA THR EA 109 -53.64 -90.03 60.86
C THR EA 109 -52.12 -90.03 60.79
N GLN EA 110 -51.51 -90.88 61.62
CA GLN EA 110 -50.06 -90.95 61.66
C GLN EA 110 -49.50 -91.52 60.35
N PRO EA 111 -48.33 -91.07 59.93
CA PRO EA 111 -47.72 -91.65 58.73
C PRO EA 111 -47.22 -93.06 58.99
N VAL EA 112 -47.10 -93.82 57.91
CA VAL EA 112 -46.63 -95.20 57.96
C VAL EA 112 -45.17 -95.20 57.54
N PHE EA 113 -44.27 -95.52 58.46
CA PHE EA 113 -42.85 -95.54 58.18
C PHE EA 113 -42.16 -96.41 59.23
N ASP EA 114 -40.91 -96.75 58.96
CA ASP EA 114 -40.11 -97.57 59.87
C ASP EA 114 -39.42 -96.65 60.86
N SER EA 115 -39.99 -96.53 62.05
CA SER EA 115 -39.45 -95.64 63.07
C SER EA 115 -38.19 -96.21 63.72
N SER EA 116 -37.88 -97.49 63.53
CA SER EA 116 -36.74 -98.09 64.18
C SER EA 116 -35.42 -97.50 63.72
N VAL EA 117 -35.39 -96.83 62.57
CA VAL EA 117 -34.16 -96.24 62.05
C VAL EA 117 -34.09 -94.73 62.26
N VAL EA 118 -35.16 -94.11 62.77
CA VAL EA 118 -35.20 -92.68 62.99
C VAL EA 118 -34.89 -92.39 64.44
N VAL EA 119 -33.94 -91.51 64.68
CA VAL EA 119 -33.51 -91.15 66.02
C VAL EA 119 -33.59 -89.63 66.17
N PRO EA 120 -34.09 -89.09 67.30
CA PRO EA 120 -34.68 -89.77 68.45
C PRO EA 120 -36.16 -90.08 68.27
N THR EA 121 -36.54 -91.32 68.48
CA THR EA 121 -37.94 -91.73 68.48
C THR EA 121 -38.12 -92.80 69.54
N PRO EA 122 -39.34 -93.03 70.00
CA PRO EA 122 -39.54 -94.09 71.00
C PRO EA 122 -39.06 -95.44 70.53
N ALA EA 123 -39.18 -95.76 69.24
CA ALA EA 123 -38.71 -97.04 68.74
C ALA EA 123 -37.20 -97.15 68.85
N ASN EA 124 -36.48 -96.05 68.59
CA ASN EA 124 -35.02 -96.05 68.67
C ASN EA 124 -34.60 -94.73 69.31
N LEU EA 125 -34.01 -94.82 70.50
CA LEU EA 125 -33.61 -93.63 71.26
C LEU EA 125 -32.16 -93.25 71.03
N GLY EA 126 -31.46 -93.93 70.14
CA GLY EA 126 -30.08 -93.58 69.82
C GLY EA 126 -29.09 -94.43 70.58
N ARG EA 127 -27.82 -94.16 70.30
CA ARG EA 127 -26.71 -94.90 70.87
C ARG EA 127 -25.97 -94.03 71.88
N ASN EA 128 -25.33 -94.68 72.84
CA ASN EA 128 -24.51 -93.99 73.83
C ASN EA 128 -23.12 -93.80 73.22
N TYR EA 129 -22.92 -92.68 72.55
CA TYR EA 129 -21.66 -92.43 71.86
C TYR EA 129 -20.55 -92.14 72.85
N PRO EA 130 -19.43 -92.84 72.79
CA PRO EA 130 -18.29 -92.49 73.64
C PRO EA 130 -17.59 -91.23 73.13
N THR EA 131 -16.92 -90.55 74.05
CA THR EA 131 -16.16 -89.37 73.69
C THR EA 131 -14.95 -89.76 72.86
N LEU EA 132 -14.68 -89.00 71.80
CA LEU EA 132 -13.53 -89.20 70.95
C LEU EA 132 -12.40 -88.25 71.26
N ASN EA 133 -12.53 -87.45 72.32
CA ASN EA 133 -11.51 -86.45 72.65
C ASN EA 133 -10.43 -87.08 73.52
N LEU EA 134 -9.69 -88.01 72.91
CA LEU EA 134 -8.54 -88.61 73.54
C LEU EA 134 -7.44 -88.75 72.51
N PRO EA 135 -6.17 -88.65 72.92
CA PRO EA 135 -5.07 -88.76 71.96
C PRO EA 135 -4.62 -90.20 71.77
N SER EA 136 -4.22 -90.50 70.54
CA SER EA 136 -3.76 -91.83 70.17
C SER EA 136 -2.29 -91.88 69.78
N GLY EA 137 -1.72 -90.78 69.33
CA GLY EA 137 -0.35 -90.76 68.87
C GLY EA 137 0.63 -90.51 70.01
N ASP EA 138 1.85 -91.02 69.83
CA ASP EA 138 2.93 -90.80 70.77
C ASP EA 138 3.69 -89.53 70.38
N PRO EA 139 3.84 -88.55 71.28
CA PRO EA 139 4.52 -87.31 70.88
C PRO EA 139 5.93 -87.53 70.35
N THR EA 140 6.65 -88.52 70.87
CA THR EA 140 8.03 -88.78 70.47
C THR EA 140 8.02 -89.84 69.38
N GLU EA 141 8.05 -89.42 68.12
CA GLU EA 141 8.06 -90.35 67.00
C GLU EA 141 8.78 -89.77 65.79
N ALA FA 1 -26.73 -57.41 67.66
CA ALA FA 1 -26.43 -55.98 67.66
C ALA FA 1 -26.26 -55.45 69.07
N TYR FA 2 -26.16 -56.36 70.05
CA TYR FA 2 -25.91 -56.00 71.42
C TYR FA 2 -24.79 -56.88 71.98
N ASN FA 3 -24.00 -56.31 72.88
CA ASN FA 3 -22.94 -57.05 73.55
C ASN FA 3 -21.98 -57.67 72.54
N GLY FA 4 -21.75 -56.97 71.44
CA GLY FA 4 -20.81 -57.44 70.44
C GLY FA 4 -21.16 -58.76 69.81
N GLY FA 5 -22.44 -59.17 69.87
CA GLY FA 5 -22.87 -60.42 69.30
C GLY FA 5 -22.83 -61.60 70.24
N TYR FA 6 -22.25 -61.45 71.42
CA TYR FA 6 -22.24 -62.52 72.40
C TYR FA 6 -23.58 -62.57 73.13
N PRO FA 7 -24.34 -63.66 73.03
CA PRO FA 7 -25.58 -63.74 73.80
C PRO FA 7 -25.29 -63.85 75.29
N PHE FA 8 -26.19 -63.28 76.10
CA PHE FA 8 -26.02 -63.37 77.54
C PHE FA 8 -26.09 -64.82 78.00
N HIS FA 9 -27.01 -65.61 77.44
CA HIS FA 9 -27.16 -67.01 77.80
C HIS FA 9 -27.10 -67.87 76.55
N TYR FA 10 -26.41 -69.00 76.65
CA TYR FA 10 -26.34 -69.94 75.55
C TYR FA 10 -26.02 -71.31 76.11
N VAL FA 11 -26.33 -72.33 75.34
CA VAL FA 11 -26.18 -73.72 75.75
C VAL FA 11 -24.81 -74.23 75.36
N VAL FA 12 -24.20 -75.01 76.23
CA VAL FA 12 -22.93 -75.69 75.95
C VAL FA 12 -23.10 -77.16 76.26
N GLN FA 13 -22.56 -78.01 75.40
CA GLN FA 13 -22.70 -79.46 75.53
C GLN FA 13 -21.33 -80.10 75.66
N TYR FA 14 -21.29 -81.22 76.38
CA TYR FA 14 -20.06 -81.97 76.58
C TYR FA 14 -20.27 -83.43 76.20
N ASP FA 15 -19.25 -84.03 75.60
CA ASP FA 15 -19.36 -85.41 75.16
C ASP FA 15 -19.30 -86.39 76.33
N ASP FA 16 -18.42 -86.15 77.29
CA ASP FA 16 -18.29 -87.03 78.43
C ASP FA 16 -19.41 -86.75 79.43
N PRO FA 17 -20.25 -87.73 79.77
CA PRO FA 17 -21.35 -87.46 80.71
C PRO FA 17 -20.88 -86.98 82.07
N ASN FA 18 -19.76 -87.47 82.56
CA ASN FA 18 -19.27 -87.14 83.89
C ASN FA 18 -18.31 -85.96 83.90
N TYR FA 19 -18.37 -85.11 82.88
CA TYR FA 19 -17.44 -84.00 82.78
C TYR FA 19 -17.94 -82.82 83.59
N ASP FA 20 -17.02 -82.16 84.29
CA ASP FA 20 -17.32 -80.96 85.05
C ASP FA 20 -16.25 -79.92 84.76
N CYS FA 21 -16.65 -78.80 84.17
CA CYS FA 21 -15.70 -77.77 83.79
C CYS FA 21 -15.03 -77.11 85.00
N GLU FA 22 -15.56 -77.31 86.20
CA GLU FA 22 -15.01 -76.70 87.41
C GLU FA 22 -14.15 -77.65 88.24
N ALA FA 23 -14.47 -78.94 88.23
CA ALA FA 23 -13.70 -79.91 89.00
C ALA FA 23 -12.49 -80.41 88.21
N ASP FA 24 -12.71 -80.83 86.98
CA ASP FA 24 -11.64 -81.36 86.16
C ASP FA 24 -10.68 -80.26 85.73
N PHE FA 25 -9.41 -80.62 85.64
CA PHE FA 25 -8.38 -79.75 85.08
C PHE FA 25 -7.62 -80.48 84.00
N GLU FA 26 -8.36 -81.19 83.14
CA GLU FA 26 -7.84 -81.88 81.98
C GLU FA 26 -7.77 -80.91 80.79
N PHE FA 27 -7.22 -81.39 79.67
CA PHE FA 27 -6.98 -80.53 78.52
C PHE FA 27 -7.24 -81.24 77.20
N GLU FA 28 -8.21 -82.15 77.15
CA GLU FA 28 -8.56 -82.85 75.92
C GLU FA 28 -9.99 -82.63 75.46
N GLU FA 29 -10.93 -82.43 76.38
CA GLU FA 29 -12.34 -82.26 76.00
C GLU FA 29 -12.55 -80.93 75.27
N ILE FA 30 -13.40 -80.95 74.26
CA ILE FA 30 -13.72 -79.78 73.47
C ILE FA 30 -15.22 -79.52 73.58
N PRO FA 31 -15.65 -78.40 74.16
CA PRO FA 31 -17.08 -78.16 74.33
C PRO FA 31 -17.77 -77.88 73.00
N ARG FA 32 -19.06 -78.18 72.95
CA ARG FA 32 -19.87 -77.95 71.76
C ARG FA 32 -20.90 -76.86 72.02
N ASP FA 33 -21.52 -76.40 70.95
CA ASP FA 33 -22.52 -75.34 71.02
C ASP FA 33 -23.92 -75.96 71.12
N GLU FA 34 -24.95 -75.12 71.03
CA GLU FA 34 -26.32 -75.63 71.13
C GLU FA 34 -26.67 -76.52 69.95
N PHE FA 35 -26.25 -76.14 68.74
CA PHE FA 35 -26.46 -76.97 67.56
C PHE FA 35 -25.52 -78.16 67.52
N GLY FA 36 -24.56 -78.24 68.43
CA GLY FA 36 -23.61 -79.34 68.45
C GLY FA 36 -22.30 -79.04 67.75
N VAL FA 37 -22.08 -77.82 67.32
CA VAL FA 37 -20.84 -77.49 66.60
C VAL FA 37 -19.67 -77.51 67.59
N PRO FA 38 -18.61 -78.28 67.33
CA PRO FA 38 -17.46 -78.25 68.24
C PRO FA 38 -16.84 -76.88 68.30
N ALA FA 39 -16.23 -76.58 69.46
CA ALA FA 39 -15.75 -75.22 69.72
C ALA FA 39 -14.60 -74.81 68.82
N HIS FA 40 -13.85 -75.75 68.26
CA HIS FA 40 -12.72 -75.42 67.40
C HIS FA 40 -13.13 -75.17 65.95
N ILE FA 41 -14.42 -75.05 65.68
CA ILE FA 41 -14.94 -74.56 64.41
C ILE FA 41 -15.43 -73.13 64.64
N PRO FA 42 -14.78 -72.11 64.07
CA PRO FA 42 -15.10 -70.74 64.47
C PRO FA 42 -16.51 -70.37 64.07
N PRO FA 43 -17.14 -69.43 64.78
CA PRO FA 43 -18.53 -69.08 64.47
C PRO FA 43 -18.73 -68.52 63.08
N GLU FA 44 -17.77 -67.77 62.54
CA GLU FA 44 -17.93 -67.22 61.20
C GLU FA 44 -18.06 -68.32 60.16
N LEU FA 45 -17.61 -69.53 60.49
CA LEU FA 45 -17.83 -70.69 59.62
C LEU FA 45 -19.09 -71.46 60.01
N SER FA 46 -19.32 -71.66 61.30
CA SER FA 46 -20.46 -72.45 61.72
C SER FA 46 -21.77 -71.71 61.49
N THR FA 47 -21.77 -70.39 61.65
CA THR FA 47 -23.00 -69.63 61.42
C THR FA 47 -23.43 -69.69 59.97
N GLN FA 48 -22.49 -69.87 59.03
CA GLN FA 48 -22.86 -70.03 57.64
C GLN FA 48 -23.54 -71.38 57.40
N ILE FA 49 -23.12 -72.42 58.12
CA ILE FA 49 -23.74 -73.72 57.95
C ILE FA 49 -25.20 -73.63 58.35
N ARG FA 50 -26.06 -74.26 57.55
CA ARG FA 50 -27.51 -74.18 57.75
C ARG FA 50 -27.96 -75.29 58.68
N HIS FA 51 -28.51 -74.91 59.83
CA HIS FA 51 -29.04 -75.86 60.79
C HIS FA 51 -30.56 -75.74 60.84
N THR FA 52 -31.23 -76.89 60.74
CA THR FA 52 -32.69 -76.92 60.75
C THR FA 52 -33.16 -77.87 61.84
N TYR FA 53 -34.34 -77.58 62.37
CA TYR FA 53 -34.91 -78.39 63.44
C TYR FA 53 -35.59 -79.62 62.87
N TYR FA 54 -35.29 -80.78 63.43
CA TYR FA 54 -35.90 -82.04 63.03
C TYR FA 54 -36.73 -82.56 64.19
N VAL FA 55 -38.05 -82.59 64.00
CA VAL FA 55 -38.95 -83.17 64.99
C VAL FA 55 -39.20 -84.61 64.60
N PRO FA 56 -39.48 -85.51 65.54
CA PRO FA 56 -39.83 -86.87 65.17
C PRO FA 56 -41.02 -86.89 64.23
N PRO FA 57 -41.07 -87.82 63.27
CA PRO FA 57 -42.17 -87.80 62.29
C PRO FA 57 -43.54 -87.96 62.92
N GLN FA 58 -43.63 -88.50 64.14
CA GLN FA 58 -44.94 -88.65 64.76
C GLN FA 58 -45.60 -87.31 65.04
N TYR FA 59 -44.85 -86.23 65.01
CA TYR FA 59 -45.41 -84.89 65.20
C TYR FA 59 -45.97 -84.28 63.92
N TYR FA 60 -45.72 -84.89 62.76
CA TYR FA 60 -46.18 -84.29 61.51
C TYR FA 60 -47.70 -84.12 61.49
N PRO FA 61 -48.52 -85.11 61.86
CA PRO FA 61 -49.97 -84.88 61.85
C PRO FA 61 -50.39 -83.71 62.70
N PHE FA 62 -49.74 -83.51 63.85
CA PHE FA 62 -50.07 -82.37 64.69
C PHE FA 62 -49.68 -81.06 64.02
N LEU FA 63 -48.49 -81.00 63.43
CA LEU FA 63 -48.06 -79.78 62.76
C LEU FA 63 -48.98 -79.47 61.58
N LYS FA 64 -49.46 -80.50 60.90
CA LYS FA 64 -50.42 -80.28 59.82
C LYS FA 64 -51.70 -79.64 60.36
N LYS FA 65 -52.19 -80.11 61.50
CA LYS FA 65 -53.42 -79.57 62.06
C LYS FA 65 -53.27 -78.10 62.39
N LEU FA 66 -52.12 -77.70 62.94
CA LEU FA 66 -51.93 -76.30 63.28
C LEU FA 66 -52.01 -75.42 62.03
N GLY FA 67 -51.41 -75.87 60.93
CA GLY FA 67 -51.44 -75.07 59.72
C GLY FA 67 -52.84 -74.90 59.17
N GLU FA 68 -53.66 -75.95 59.22
CA GLU FA 68 -54.99 -75.87 58.65
C GLU FA 68 -55.91 -74.97 59.46
N ASP FA 69 -55.83 -75.05 60.79
CA ASP FA 69 -56.68 -74.21 61.62
C ASP FA 69 -56.30 -72.74 61.53
N THR FA 70 -55.01 -72.46 61.27
CA THR FA 70 -54.52 -71.09 61.14
C THR FA 70 -53.73 -71.00 59.84
N PRO FA 71 -54.37 -70.65 58.73
CA PRO FA 71 -53.65 -70.65 57.44
C PRO FA 71 -52.44 -69.74 57.43
N GLU FA 72 -52.46 -68.63 58.16
CA GLU FA 72 -51.29 -67.77 58.21
C GLU FA 72 -50.10 -68.48 58.84
N LEU FA 73 -50.36 -69.47 59.68
CA LEU FA 73 -49.32 -70.26 60.31
C LEU FA 73 -48.85 -71.42 59.45
N LYS FA 74 -49.57 -71.74 58.37
CA LYS FA 74 -49.23 -72.91 57.56
C LYS FA 74 -47.82 -72.84 57.00
N PRO FA 75 -47.38 -71.75 56.38
CA PRO FA 75 -46.03 -71.77 55.78
C PRO FA 75 -44.92 -72.08 56.76
N TYR FA 76 -45.04 -71.64 58.01
CA TYR FA 76 -44.03 -71.96 59.00
C TYR FA 76 -44.09 -73.42 59.41
N THR FA 77 -45.30 -73.96 59.60
CA THR FA 77 -45.42 -75.36 59.95
C THR FA 77 -44.91 -76.26 58.83
N ASP FA 78 -45.18 -75.88 57.58
CA ASP FA 78 -44.67 -76.67 56.47
C ASP FA 78 -43.14 -76.71 56.48
N LYS FA 79 -42.50 -75.57 56.74
CA LYS FA 79 -41.04 -75.56 56.82
C LYS FA 79 -40.57 -76.51 57.90
N LEU FA 80 -41.25 -76.53 59.05
CA LEU FA 80 -40.87 -77.42 60.13
C LEU FA 80 -41.03 -78.88 59.74
N ILE FA 81 -42.14 -79.22 59.07
CA ILE FA 81 -42.34 -80.59 58.64
C ILE FA 81 -41.26 -81.01 57.66
N MET FA 82 -40.92 -80.13 56.72
CA MET FA 82 -39.95 -80.45 55.68
C MET FA 82 -38.52 -80.27 56.14
N GLY FA 83 -38.30 -79.98 57.42
CA GLY FA 83 -36.94 -79.80 57.90
C GLY FA 83 -36.24 -78.62 57.27
N ASP FA 84 -36.96 -77.52 57.06
CA ASP FA 84 -36.39 -76.31 56.48
C ASP FA 84 -36.49 -75.11 57.42
N MET FA 85 -36.87 -75.32 58.69
CA MET FA 85 -37.03 -74.23 59.63
C MET FA 85 -35.72 -74.03 60.38
N THR FA 86 -35.07 -72.90 60.17
CA THR FA 86 -33.91 -72.52 60.93
C THR FA 86 -34.35 -71.80 62.20
N TYR FA 87 -33.38 -71.38 63.00
CA TYR FA 87 -33.71 -70.62 64.20
C TYR FA 87 -34.37 -69.30 63.82
N ASP FA 88 -33.87 -68.65 62.76
CA ASP FA 88 -34.46 -67.38 62.33
C ASP FA 88 -35.90 -67.57 61.91
N ASP FA 89 -36.20 -68.64 61.18
CA ASP FA 89 -37.58 -68.90 60.78
C ASP FA 89 -38.47 -69.08 62.01
N TYR FA 90 -37.97 -69.79 63.02
CA TYR FA 90 -38.75 -69.94 64.24
C TYR FA 90 -39.00 -68.60 64.90
N GLU FA 91 -38.00 -67.73 64.94
CA GLU FA 91 -38.19 -66.41 65.55
C GLU FA 91 -39.23 -65.60 64.81
N GLU FA 92 -39.21 -65.65 63.48
CA GLU FA 92 -40.21 -64.91 62.72
C GLU FA 92 -41.61 -65.43 63.04
N MET FA 93 -41.77 -66.75 63.14
CA MET FA 93 -43.06 -67.30 63.51
C MET FA 93 -43.47 -66.83 64.89
N PHE FA 94 -42.55 -66.83 65.85
CA PHE FA 94 -42.89 -66.50 67.22
C PHE FA 94 -43.42 -65.08 67.33
N TYR FA 95 -42.70 -64.11 66.78
CA TYR FA 95 -43.10 -62.71 66.92
C TYR FA 95 -44.24 -62.32 66.01
N LYS FA 96 -44.51 -63.10 64.96
CA LYS FA 96 -45.61 -62.76 64.07
C LYS FA 96 -46.96 -62.95 64.75
N PHE FA 97 -47.06 -63.90 65.68
CA PHE FA 97 -48.33 -64.24 66.31
C PHE FA 97 -48.44 -63.71 67.74
N ALA FA 98 -47.59 -62.76 68.11
CA ALA FA 98 -47.67 -62.12 69.42
C ALA FA 98 -48.56 -60.88 69.31
N LYS FA 99 -49.55 -60.79 70.20
CA LYS FA 99 -50.50 -59.70 70.18
C LYS FA 99 -50.45 -58.92 71.48
N PRO FA 100 -50.85 -57.66 71.48
CA PRO FA 100 -50.84 -56.87 72.71
C PRO FA 100 -52.11 -57.05 73.52
N LEU FA 101 -51.98 -56.78 74.81
CA LEU FA 101 -53.13 -56.86 75.71
C LEU FA 101 -54.08 -55.70 75.44
N LYS FA 102 -55.36 -55.95 75.68
CA LYS FA 102 -56.41 -54.96 75.44
C LYS FA 102 -56.96 -54.46 76.77
N ILE FA 103 -57.14 -53.15 76.86
CA ILE FA 103 -57.78 -52.51 78.01
C ILE FA 103 -59.14 -51.99 77.55
N TYR FA 104 -60.17 -52.29 78.31
CA TYR FA 104 -61.54 -51.89 77.99
C TYR FA 104 -61.97 -50.79 78.94
N ARG FA 105 -62.18 -49.59 78.39
CA ARG FA 105 -62.63 -48.47 79.23
C ARG FA 105 -64.02 -48.71 79.78
N SER FA 106 -64.83 -49.53 79.11
CA SER FA 106 -66.19 -49.76 79.58
C SER FA 106 -66.23 -50.52 80.90
N ARG FA 107 -65.12 -51.14 81.31
CA ARG FA 107 -65.07 -51.89 82.55
C ARG FA 107 -64.54 -51.08 83.72
N LEU FA 108 -64.15 -49.83 83.50
CA LEU FA 108 -63.60 -49.02 84.58
C LEU FA 108 -64.73 -48.42 85.42
N PRO FA 109 -64.78 -48.64 86.73
CA PRO FA 109 -65.75 -47.93 87.55
C PRO FA 109 -65.49 -46.43 87.52
N LEU FA 110 -66.54 -45.67 87.53
CA LEU FA 110 -66.40 -44.23 87.38
C LEU FA 110 -66.57 -43.53 88.73
N PRO FA 111 -65.93 -42.38 88.92
CA PRO FA 111 -66.22 -41.59 90.12
C PRO FA 111 -67.68 -41.18 90.17
N TYR FA 112 -68.25 -41.18 91.38
CA TYR FA 112 -69.67 -40.99 91.53
C TYR FA 112 -70.07 -39.55 91.17
N ARG FA 113 -71.07 -39.42 90.32
CA ARG FA 113 -71.61 -38.12 89.94
C ARG FA 113 -73.11 -38.29 89.72
N THR FA 114 -73.90 -37.43 90.33
CA THR FA 114 -75.36 -37.56 90.24
C THR FA 114 -75.83 -37.21 88.83
N ASP FA 115 -77.08 -37.62 88.54
CA ASP FA 115 -77.65 -37.34 87.23
C ASP FA 115 -77.73 -35.84 86.98
N GLU FA 116 -78.12 -35.08 87.99
CA GLU FA 116 -78.22 -33.63 87.82
C GLU FA 116 -76.87 -33.03 87.47
N GLU FA 117 -75.81 -33.49 88.13
CA GLU FA 117 -74.47 -32.99 87.81
C GLU FA 117 -74.06 -33.35 86.40
N ILE FA 118 -74.40 -34.56 85.95
CA ILE FA 118 -73.99 -34.98 84.61
C ILE FA 118 -74.63 -34.11 83.55
N SER FA 119 -75.78 -33.51 83.84
CA SER FA 119 -76.43 -32.64 82.88
C SER FA 119 -75.82 -31.23 82.82
N GLN FA 120 -74.90 -30.91 83.72
CA GLN FA 120 -74.28 -29.60 83.76
C GLN FA 120 -72.90 -29.57 83.10
N GLU FA 121 -72.54 -30.63 82.39
CA GLU FA 121 -71.20 -30.71 81.81
C GLU FA 121 -70.97 -29.60 80.80
N LYS FA 122 -71.95 -29.34 79.94
CA LYS FA 122 -71.78 -28.30 78.93
C LYS FA 122 -71.61 -26.93 79.59
N TYR FA 123 -72.35 -26.68 80.66
CA TYR FA 123 -72.23 -25.39 81.35
C TYR FA 123 -70.82 -25.19 81.89
N VAL FA 124 -70.25 -26.22 82.52
CA VAL FA 124 -68.92 -26.07 83.12
C VAL FA 124 -67.87 -25.87 82.04
N ASN FA 125 -68.00 -26.57 80.92
CA ASN FA 125 -67.10 -26.32 79.80
C ASN FA 125 -67.26 -24.89 79.29
N TRP FA 126 -68.50 -24.40 79.23
CA TRP FA 126 -68.73 -23.03 78.79
C TRP FA 126 -68.05 -22.04 79.72
N CYS FA 127 -68.16 -22.25 81.03
CA CYS FA 127 -67.48 -21.36 81.97
C CYS FA 127 -65.97 -21.42 81.78
N GLY FA 128 -65.42 -22.61 81.54
CA GLY FA 128 -63.99 -22.72 81.38
C GLY FA 128 -63.47 -21.95 80.19
N ARG FA 129 -64.22 -21.97 79.08
CA ARG FA 129 -63.80 -21.23 77.90
C ARG FA 129 -63.79 -19.74 78.16
N TRP FA 130 -64.79 -19.23 78.87
CA TRP FA 130 -64.82 -17.81 79.17
C TRP FA 130 -63.69 -17.41 80.11
N TYR FA 131 -63.31 -18.27 81.04
CA TYR FA 131 -62.16 -17.98 81.88
C TYR FA 131 -60.90 -17.86 81.05
N SER FA 132 -60.72 -18.77 80.09
CA SER FA 132 -59.55 -18.68 79.21
C SER FA 132 -59.60 -17.42 78.35
N TYR FA 133 -60.77 -17.09 77.82
CA TYR FA 133 -60.91 -15.86 77.04
C TYR FA 133 -60.55 -14.65 77.87
N ARG FA 134 -61.06 -14.58 79.10
CA ARG FA 134 -60.73 -13.47 79.98
C ARG FA 134 -59.25 -13.48 80.33
N GLN FA 135 -58.69 -14.66 80.57
CA GLN FA 135 -57.28 -14.76 80.93
C GLN FA 135 -56.38 -14.21 79.82
N ARG FA 136 -56.63 -14.64 78.59
CA ARG FA 136 -55.76 -14.26 77.49
C ARG FA 136 -55.82 -12.75 77.23
N LEU FA 137 -57.02 -12.17 77.27
CA LEU FA 137 -57.13 -10.74 77.06
C LEU FA 137 -56.43 -9.96 78.16
N GLN FA 138 -56.59 -10.37 79.41
CA GLN FA 138 -55.97 -9.66 80.51
C GLN FA 138 -54.46 -9.63 80.39
N GLY FA 139 -53.87 -10.70 79.85
CA GLY FA 139 -52.43 -10.72 79.67
C GLY FA 139 -51.94 -9.57 78.80
N ASP FA 140 -52.62 -9.33 77.69
CA ASP FA 140 -52.28 -8.19 76.85
C ASP FA 140 -52.48 -6.89 77.60
N TYR FA 141 -53.60 -6.76 78.33
CA TYR FA 141 -53.88 -5.53 79.05
C TYR FA 141 -52.83 -5.25 80.11
N TYR FA 142 -52.51 -6.25 80.94
CA TYR FA 142 -51.53 -6.05 81.99
C TYR FA 142 -50.15 -5.80 81.42
N SER FA 143 -49.76 -6.53 80.37
CA SER FA 143 -48.44 -6.34 79.79
C SER FA 143 -48.25 -4.90 79.34
N ARG FA 144 -49.26 -4.33 78.69
CA ARG FA 144 -49.16 -2.94 78.26
C ARG FA 144 -49.06 -2.00 79.46
N HIS FA 145 -49.87 -2.23 80.49
CA HIS FA 145 -49.93 -1.30 81.60
C HIS FA 145 -48.61 -1.26 82.37
N TYR FA 146 -48.11 -2.42 82.78
CA TYR FA 146 -46.96 -2.43 83.69
C TYR FA 146 -45.67 -2.09 82.96
N PHE FA 147 -45.45 -2.64 81.77
CA PHE FA 147 -44.25 -2.29 81.04
C PHE FA 147 -44.23 -0.82 80.69
N ARG FA 148 -45.38 -0.22 80.43
CA ARG FA 148 -45.45 1.23 80.28
C ARG FA 148 -45.06 1.93 81.57
N ASP FA 149 -45.56 1.43 82.70
CA ASP FA 149 -45.25 2.06 83.98
C ASP FA 149 -43.75 2.04 84.26
N TRP FA 150 -43.05 1.01 83.77
CA TRP FA 150 -41.61 0.96 83.98
C TRP FA 150 -40.91 2.20 83.45
N LEU FA 151 -41.48 2.82 82.41
CA LEU FA 151 -40.89 4.04 81.89
C LEU FA 151 -40.85 5.13 82.94
N ILE FA 152 -41.83 5.16 83.86
CA ILE FA 152 -41.82 6.14 84.93
C ILE FA 152 -40.57 5.96 85.79
N GLY FA 153 -40.23 4.71 86.11
CA GLY FA 153 -39.01 4.47 86.86
C GLY FA 153 -37.77 4.93 86.12
N VAL FA 154 -37.74 4.74 84.81
CA VAL FA 154 -36.61 5.21 84.02
C VAL FA 154 -36.51 6.72 84.10
N MET FA 155 -37.63 7.42 83.92
CA MET FA 155 -37.61 8.87 84.00
C MET FA 155 -37.28 9.35 85.40
N LEU FA 156 -37.80 8.66 86.42
CA LEU FA 156 -37.46 9.02 87.79
C LEU FA 156 -35.99 8.78 88.07
N GLY FA 157 -35.45 7.67 87.58
CA GLY FA 157 -34.03 7.41 87.76
C GLY FA 157 -33.16 8.41 87.02
N MET FA 158 -33.57 8.79 85.81
CA MET FA 158 -32.81 9.78 85.06
C MET FA 158 -32.77 11.11 85.79
N TYR FA 159 -33.91 11.56 86.32
CA TYR FA 159 -33.94 12.84 87.02
C TYR FA 159 -33.03 12.82 88.24
N LEU FA 160 -33.18 11.80 89.09
CA LEU FA 160 -32.36 11.72 90.29
C LEU FA 160 -30.89 11.56 89.93
N GLY FA 161 -30.59 10.77 88.91
CA GLY FA 161 -29.22 10.69 88.44
C GLY FA 161 -28.69 12.02 87.95
N ASN FA 162 -29.53 12.80 87.28
CA ASN FA 162 -29.09 14.10 86.78
C ASN FA 162 -28.75 15.07 87.91
N LEU FA 163 -29.34 14.87 89.09
CA LEU FA 163 -28.98 15.71 90.23
C LEU FA 163 -27.52 15.54 90.60
N CYS FA 164 -27.02 14.31 90.57
CA CYS FA 164 -25.62 14.07 90.87
C CYS FA 164 -24.72 14.51 89.73
N VAL FA 165 -25.22 14.49 88.50
CA VAL FA 165 -24.44 15.04 87.39
C VAL FA 165 -24.19 16.51 87.60
N GLN FA 166 -25.22 17.25 88.02
CA GLN FA 166 -25.04 18.67 88.26
C GLN FA 166 -24.09 18.92 89.41
N GLN FA 167 -24.18 18.13 90.47
CA GLN FA 167 -23.24 18.29 91.57
C GLN FA 167 -21.81 18.02 91.12
N HIS FA 168 -21.61 16.96 90.33
CA HIS FA 168 -20.28 16.71 89.80
C HIS FA 168 -19.83 17.82 88.87
N ARG FA 169 -20.75 18.33 88.06
CA ARG FA 169 -20.42 19.43 87.15
C ARG FA 169 -19.91 20.64 87.94
N GLN FA 170 -20.60 21.01 89.01
CA GLN FA 170 -20.14 22.13 89.82
C GLN FA 170 -18.84 21.79 90.54
N TYR FA 171 -18.66 20.54 90.95
CA TYR FA 171 -17.44 20.15 91.65
C TYR FA 171 -16.22 20.36 90.76
N ARG FA 172 -16.31 19.97 89.48
CA ARG FA 172 -15.17 20.14 88.60
C ARG FA 172 -14.84 21.61 88.37
N VAL FA 173 -15.87 22.46 88.30
CA VAL FA 173 -15.62 23.89 88.17
C VAL FA 173 -14.89 24.41 89.40
N ASP FA 174 -15.30 23.97 90.59
CA ASP FA 174 -14.65 24.43 91.81
C ASP FA 174 -13.20 23.99 91.86
N MET FA 175 -12.92 22.74 91.46
CA MET FA 175 -11.57 22.24 91.54
C MET FA 175 -10.64 23.00 90.61
N LYS FA 176 -11.13 23.38 89.42
CA LYS FA 176 -10.29 24.15 88.51
C LYS FA 176 -9.88 25.49 89.09
N LEU FA 177 -10.65 26.02 90.02
CA LEU FA 177 -10.33 27.31 90.62
C LEU FA 177 -9.54 27.21 91.91
N PHE FA 178 -9.26 26.00 92.39
CA PHE FA 178 -8.55 25.87 93.66
C PHE FA 178 -7.11 26.34 93.53
N TYR FA 179 -6.35 25.74 92.63
CA TYR FA 179 -4.94 26.09 92.50
C TYR FA 179 -4.74 27.47 91.90
N LEU FA 180 -5.75 28.03 91.23
CA LEU FA 180 -5.60 29.32 90.58
C LEU FA 180 -5.99 30.48 91.47
N GLU FA 181 -7.07 30.35 92.23
CA GLU FA 181 -7.64 31.51 92.91
C GLU FA 181 -7.87 31.28 94.39
N ALA FA 182 -8.08 30.05 94.81
CA ALA FA 182 -8.51 29.79 96.18
C ALA FA 182 -7.44 30.19 97.17
N PRO FA 183 -7.75 31.05 98.15
CA PRO FA 183 -6.74 31.35 99.18
C PRO FA 183 -6.41 30.17 100.07
N GLU FA 184 -7.24 29.13 100.08
CA GLU FA 184 -6.93 27.94 100.86
C GLU FA 184 -5.65 27.27 100.36
N HIS FA 185 -5.33 27.43 99.08
CA HIS FA 185 -4.11 26.85 98.51
C HIS FA 185 -2.93 27.72 98.90
N LYS FA 186 -1.93 27.12 99.53
CA LYS FA 186 -0.79 27.85 100.06
C LYS FA 186 0.50 27.16 99.65
N ILE FA 187 1.53 27.98 99.41
CA ILE FA 187 2.85 27.48 99.02
C ILE FA 187 3.88 28.13 99.93
N ASN FA 188 5.05 27.51 100.00
CA ASN FA 188 6.11 27.95 100.90
C ASN FA 188 5.57 28.04 102.33
N TRP FA 189 4.74 27.07 102.68
CA TRP FA 189 4.01 27.06 103.94
C TRP FA 189 4.41 25.91 104.85
N VAL FA 190 4.35 24.68 104.37
CA VAL FA 190 4.64 23.51 105.19
C VAL FA 190 6.15 23.38 105.32
N LYS FA 191 6.62 23.30 106.57
CA LYS FA 191 8.03 23.12 106.85
C LYS FA 191 8.26 21.73 107.44
N PRO FA 192 9.35 21.06 107.11
CA PRO FA 192 9.58 19.72 107.67
C PRO FA 192 9.63 19.79 109.19
N ARG FA 193 9.02 18.79 109.84
CA ARG FA 193 9.02 18.72 111.29
C ARG FA 193 10.39 18.33 111.82
N GLY FA 194 11.03 17.35 111.19
CA GLY FA 194 12.25 16.78 111.70
C GLY FA 194 11.99 15.59 112.60
N ASP FA 195 13.02 14.77 112.76
CA ASP FA 195 12.91 13.59 113.61
C ASP FA 195 12.68 14.01 115.05
N LEU FA 196 11.82 13.27 115.74
CA LEU FA 196 11.54 13.55 117.14
C LEU FA 196 12.72 13.12 118.01
N GLY GA 1 -23.11 -70.77 124.77
CA GLY GA 1 -24.48 -70.55 125.20
C GLY GA 1 -25.46 -71.53 124.56
N CYS GA 2 -25.75 -71.34 123.28
CA CYS GA 2 -26.67 -72.21 122.58
C CYS GA 2 -25.96 -73.48 122.11
N GLU GA 3 -26.75 -74.44 121.66
CA GLU GA 3 -26.18 -75.71 121.20
C GLU GA 3 -25.29 -75.51 119.99
N ALA GA 4 -25.69 -74.63 119.07
CA ALA GA 4 -24.91 -74.44 117.85
C ALA GA 4 -23.50 -73.99 118.17
N VAL GA 5 -23.34 -73.09 119.13
CA VAL GA 5 -22.00 -72.62 119.50
C VAL GA 5 -21.18 -73.76 120.09
N LYS GA 6 -21.79 -74.57 120.95
CA LYS GA 6 -21.06 -75.66 121.59
C LYS GA 6 -20.59 -76.68 120.56
N ASN GA 7 -21.43 -77.00 119.59
CA ASN GA 7 -21.14 -78.00 118.57
C ASN GA 7 -21.38 -77.40 117.19
N PRO GA 8 -20.45 -76.62 116.68
CA PRO GA 8 -20.65 -75.98 115.38
C PRO GA 8 -20.83 -77.00 114.26
N LEU GA 9 -21.75 -76.70 113.34
CA LEU GA 9 -22.02 -77.58 112.22
C LEU GA 9 -22.50 -76.73 111.05
N ILE GA 10 -22.48 -77.34 109.87
CA ILE GA 10 -22.94 -76.69 108.65
C ILE GA 10 -24.13 -77.47 108.13
N GLY GA 11 -25.29 -76.82 108.07
CA GLY GA 11 -26.44 -77.37 107.41
C GLY GA 11 -26.93 -78.69 107.94
N GLY GA 12 -27.07 -78.81 109.25
CA GLY GA 12 -27.65 -79.99 109.84
C GLY GA 12 -29.13 -79.82 110.09
N PRO GA 13 -29.77 -80.82 110.68
CA PRO GA 13 -31.17 -80.69 111.09
C PRO GA 13 -31.29 -79.89 112.38
N ASN GA 14 -32.53 -79.52 112.69
CA ASN GA 14 -32.86 -78.83 113.94
C ASN GA 14 -32.06 -77.54 114.10
N GLN GA 15 -31.90 -76.79 113.01
CA GLN GA 15 -31.16 -75.54 113.10
C GLN GA 15 -31.86 -74.55 114.03
N LYS GA 16 -33.18 -74.44 113.94
CA LYS GA 16 -33.89 -73.48 114.78
C LYS GA 16 -33.73 -73.83 116.25
N ALA GA 17 -33.84 -75.11 116.61
CA ALA GA 17 -33.67 -75.51 118.01
C ALA GA 17 -32.26 -75.23 118.48
N ARG GA 18 -31.26 -75.48 117.63
CA ARG GA 18 -29.87 -75.23 118.02
C ARG GA 18 -29.64 -73.77 118.33
N GLY GA 19 -30.39 -72.86 117.71
CA GLY GA 19 -30.47 -71.49 118.14
C GLY GA 19 -29.68 -70.49 117.31
N ALA GA 20 -28.73 -70.95 116.50
CA ALA GA 20 -27.93 -70.01 115.72
C ALA GA 20 -27.31 -70.75 114.55
N ILE GA 21 -26.86 -69.96 113.57
CA ILE GA 21 -26.12 -70.46 112.41
C ILE GA 21 -24.72 -69.89 112.50
N THR GA 22 -23.74 -70.75 112.71
CA THR GA 22 -22.37 -70.32 112.96
C THR GA 22 -21.51 -70.31 111.69
N SER GA 23 -22.03 -70.77 110.56
CA SER GA 23 -21.25 -70.89 109.34
C SER GA 23 -21.77 -69.93 108.29
N GLY GA 24 -20.86 -69.16 107.70
CA GLY GA 24 -21.20 -68.30 106.60
C GLY GA 24 -21.22 -68.99 105.25
N PHE GA 25 -20.92 -70.29 105.21
CA PHE GA 25 -20.94 -71.01 103.96
C PHE GA 25 -22.36 -71.13 103.45
N ALA GA 26 -22.57 -70.76 102.18
CA ALA GA 26 -23.89 -70.76 101.56
C ALA GA 26 -23.81 -71.51 100.24
N GLY GA 27 -24.73 -72.44 100.04
CA GLY GA 27 -24.81 -73.22 98.82
C GLY GA 27 -24.33 -74.64 99.02
N GLY GA 28 -24.20 -75.33 97.91
CA GLY GA 28 -23.77 -76.71 97.88
C GLY GA 28 -24.42 -77.43 96.70
N GLY GA 29 -24.64 -78.73 96.88
CA GLY GA 29 -25.31 -79.52 95.89
C GLY GA 29 -24.43 -80.05 94.78
N ALA GA 30 -23.12 -79.97 94.92
CA ALA GA 30 -22.22 -80.52 93.90
C ALA GA 30 -22.18 -82.03 94.00
N LYS GA 31 -22.15 -82.68 92.84
CA LYS GA 31 -22.08 -84.14 92.82
C LYS GA 31 -20.68 -84.65 93.15
N ARG GA 32 -19.66 -83.85 92.88
CA ARG GA 32 -18.28 -84.22 93.15
C ARG GA 32 -17.58 -83.07 93.85
N LEU GA 33 -16.48 -83.41 94.53
CA LEU GA 33 -15.69 -82.38 95.18
C LEU GA 33 -15.15 -81.41 94.15
N GLY GA 34 -15.44 -80.12 94.38
CA GLY GA 34 -15.01 -79.09 93.46
C GLY GA 34 -15.85 -78.96 92.21
N GLY GA 35 -16.99 -79.66 92.13
CA GLY GA 35 -17.81 -79.65 90.95
C GLY GA 35 -18.80 -78.50 90.94
N LYS GA 36 -19.59 -78.44 89.87
CA LYS GA 36 -20.60 -77.42 89.74
C LYS GA 36 -21.66 -77.58 90.82
N GLY GA 37 -21.99 -76.47 91.48
CA GLY GA 37 -22.98 -76.50 92.53
C GLY GA 37 -23.84 -75.25 92.53
N TYR GA 38 -24.58 -75.03 93.61
CA TYR GA 38 -25.44 -73.87 93.74
C TYR GA 38 -24.94 -72.99 94.86
N GLY GA 39 -25.27 -71.70 94.77
CA GLY GA 39 -24.83 -70.74 95.75
C GLY GA 39 -23.42 -70.28 95.50
N ILE GA 40 -22.92 -69.47 96.42
CA ILE GA 40 -21.62 -68.85 96.25
C ILE GA 40 -20.50 -69.67 96.89
N MET GA 41 -20.80 -70.41 97.95
CA MET GA 41 -19.86 -71.37 98.53
C MET GA 41 -18.54 -70.71 98.91
N ALA GA 42 -18.62 -69.77 99.85
CA ALA GA 42 -17.46 -69.06 100.36
C ALA GA 42 -17.34 -69.25 101.86
N ASP GA 43 -16.12 -69.41 102.35
CA ASP GA 43 -15.88 -69.66 103.76
C ASP GA 43 -14.43 -69.38 104.08
N TRP GA 44 -14.13 -69.29 105.39
CA TRP GA 44 -12.75 -69.11 105.81
C TRP GA 44 -11.90 -70.34 105.50
N CYS GA 45 -12.50 -71.54 105.52
CA CYS GA 45 -11.78 -72.78 105.29
C CYS GA 45 -12.60 -73.70 104.40
N ASP GA 46 -11.93 -74.72 103.87
CA ASP GA 46 -12.56 -75.79 103.09
C ASP GA 46 -13.39 -75.22 101.95
N HIS GA 47 -12.74 -74.41 101.11
CA HIS GA 47 -13.42 -73.85 99.94
C HIS GA 47 -12.34 -73.47 98.92
N GLY GA 48 -12.80 -73.18 97.71
CA GLY GA 48 -11.91 -72.71 96.67
C GLY GA 48 -11.12 -73.82 95.98
N TYR GA 49 -9.80 -73.72 96.02
CA TYR GA 49 -8.92 -74.67 95.35
C TYR GA 49 -7.68 -74.82 96.19
N SER GA 50 -7.43 -76.02 96.69
CA SER GA 50 -6.26 -76.26 97.53
C SER GA 50 -4.99 -76.16 96.70
N PHE GA 51 -4.10 -75.24 97.09
CA PHE GA 51 -2.81 -75.16 96.42
C PHE GA 51 -1.92 -76.33 96.79
N THR GA 52 -1.98 -76.78 98.04
CA THR GA 52 -1.14 -77.88 98.49
C THR GA 52 -1.54 -79.19 97.81
N LYS GA 53 -2.84 -79.47 97.74
CA LYS GA 53 -3.33 -80.68 97.11
C LYS GA 53 -3.52 -80.53 95.61
N GLY GA 54 -3.45 -79.32 95.08
CA GLY GA 54 -3.68 -79.11 93.66
C GLY GA 54 -5.03 -79.61 93.20
N GLN GA 55 -6.07 -79.40 94.02
CA GLN GA 55 -7.39 -79.92 93.72
C GLN GA 55 -8.43 -78.86 94.06
N ALA GA 56 -9.57 -78.95 93.40
CA ALA GA 56 -10.67 -78.03 93.66
C ALA GA 56 -11.51 -78.56 94.81
N ILE GA 57 -11.83 -77.69 95.75
CA ILE GA 57 -12.69 -78.06 96.87
C ILE GA 57 -14.15 -77.74 96.57
N THR GA 58 -14.42 -76.52 96.11
CA THR GA 58 -15.75 -76.11 95.71
C THR GA 58 -15.70 -75.55 94.30
N GLY GA 59 -16.84 -75.59 93.63
CA GLY GA 59 -16.93 -75.08 92.28
C GLY GA 59 -16.89 -73.56 92.26
N MET GA 60 -16.89 -73.03 91.05
CA MET GA 60 -16.92 -71.58 90.87
C MET GA 60 -18.22 -71.04 91.45
N PRO GA 61 -18.20 -69.82 91.98
CA PRO GA 61 -19.42 -69.28 92.61
C PRO GA 61 -20.58 -69.22 91.63
N HIS GA 62 -21.77 -69.50 92.14
CA HIS GA 62 -23.01 -69.45 91.37
C HIS GA 62 -23.80 -68.25 91.89
N TRP GA 63 -23.58 -67.09 91.27
CA TRP GA 63 -24.12 -65.86 91.78
C TRP GA 63 -25.66 -65.84 91.62
N PRO GA 64 -26.37 -65.19 92.54
CA PRO GA 64 -27.81 -65.02 92.36
C PRO GA 64 -28.20 -63.93 91.37
N LEU GA 65 -27.24 -63.37 90.66
CA LEU GA 65 -27.48 -62.32 89.69
C LEU GA 65 -27.90 -62.93 88.36
N TRP GA 66 -27.87 -62.14 87.29
CA TRP GA 66 -28.30 -62.61 85.98
C TRP GA 66 -27.58 -63.88 85.57
N CYS GA 67 -26.30 -63.99 85.91
CA CYS GA 67 -25.49 -65.11 85.45
C CYS GA 67 -25.86 -66.42 86.12
N GLY GA 68 -26.60 -66.37 87.22
CA GLY GA 68 -27.02 -67.58 87.91
C GLY GA 68 -28.48 -67.53 88.31
N GLY GA 69 -28.76 -67.72 89.59
CA GLY GA 69 -30.12 -67.75 90.07
C GLY GA 69 -30.18 -68.20 91.51
N GLY GA 70 -31.36 -68.64 91.93
CA GLY GA 70 -31.55 -69.08 93.28
C GLY GA 70 -30.96 -70.46 93.54
N VAL GA 71 -30.93 -70.82 94.81
CA VAL GA 71 -30.40 -72.10 95.27
C VAL GA 71 -31.58 -73.01 95.59
N PRO GA 72 -31.59 -74.26 95.13
CA PRO GA 72 -32.68 -75.16 95.49
C PRO GA 72 -32.76 -75.35 97.00
N ASP GA 73 -33.98 -75.56 97.49
CA ASP GA 73 -34.18 -75.73 98.93
C ASP GA 73 -33.42 -76.92 99.48
N LYS GA 74 -33.15 -77.93 98.66
CA LYS GA 74 -32.42 -79.10 99.12
C LYS GA 74 -31.08 -78.71 99.73
N PHE GA 75 -30.47 -77.63 99.25
CA PHE GA 75 -29.09 -77.30 99.62
C PHE GA 75 -28.97 -75.94 100.28
N ILE GA 76 -30.05 -75.39 100.82
CA ILE GA 76 -29.96 -74.12 101.52
C ILE GA 76 -29.53 -74.39 102.96
N LYS GA 77 -28.46 -73.73 103.39
CA LYS GA 77 -27.90 -73.95 104.71
C LYS GA 77 -28.02 -72.75 105.64
N ILE GA 78 -28.27 -71.56 105.12
CA ILE GA 78 -28.49 -70.39 105.96
C ILE GA 78 -29.96 -70.01 105.87
N ASP GA 79 -30.77 -70.55 106.77
CA ASP GA 79 -32.19 -70.23 106.81
C ASP GA 79 -32.37 -68.82 107.35
N PRO GA 80 -32.97 -67.90 106.60
CA PRO GA 80 -33.07 -66.52 107.10
C PRO GA 80 -33.82 -66.39 108.41
N ASP GA 81 -34.75 -67.30 108.70
CA ASP GA 81 -35.48 -67.24 109.96
C ASP GA 81 -34.54 -67.41 111.15
N VAL GA 82 -33.52 -68.25 111.00
CA VAL GA 82 -32.55 -68.44 112.08
C VAL GA 82 -31.37 -67.47 111.93
N HIS GA 83 -30.98 -67.15 110.69
CA HIS GA 83 -29.89 -66.22 110.47
C HIS GA 83 -30.22 -64.84 111.02
N PHE GA 84 -31.42 -64.36 110.75
CA PHE GA 84 -31.93 -63.12 111.30
C PHE GA 84 -32.65 -63.45 112.61
N ASN GA 85 -33.50 -62.54 113.09
CA ASN GA 85 -34.09 -62.67 114.42
C ASN GA 85 -32.98 -62.66 115.47
N LEU GA 86 -32.24 -61.57 115.48
CA LEU GA 86 -31.05 -61.43 116.31
C LEU GA 86 -31.37 -61.02 117.74
N GLN GA 87 -32.60 -61.20 118.19
CA GLN GA 87 -32.99 -60.75 119.52
C GLN GA 87 -32.48 -61.77 120.54
N GLY GA 88 -31.58 -61.31 121.41
CA GLY GA 88 -30.97 -62.19 122.38
C GLY GA 88 -29.76 -62.94 121.87
N TYR GA 89 -29.16 -62.48 120.78
CA TYR GA 89 -28.08 -63.25 120.15
C TYR GA 89 -26.83 -63.28 121.02
N ARG GA 90 -26.57 -62.22 121.79
CA ARG GA 90 -25.34 -62.19 122.57
C ARG GA 90 -25.36 -63.22 123.69
N GLU GA 91 -26.54 -63.54 124.23
CA GLU GA 91 -26.62 -64.59 125.22
C GLU GA 91 -26.50 -65.97 124.59
N ARG GA 92 -26.85 -66.10 123.31
CA ARG GA 92 -26.78 -67.40 122.65
C ARG GA 92 -25.38 -67.77 122.21
N ILE GA 93 -24.44 -66.82 122.17
CA ILE GA 93 -23.08 -67.11 121.75
C ILE GA 93 -22.05 -66.77 122.81
N GLY GA 94 -22.40 -66.02 123.84
CA GLY GA 94 -21.46 -65.70 124.90
C GLY GA 94 -20.43 -64.71 124.43
N TRP GA 95 -19.54 -64.34 125.36
CA TRP GA 95 -18.52 -63.35 125.05
C TRP GA 95 -17.53 -63.87 124.02
N TYR GA 96 -17.07 -65.11 124.18
CA TYR GA 96 -16.13 -65.66 123.21
C TYR GA 96 -16.77 -65.79 121.84
N GLY GA 97 -18.01 -66.27 121.79
CA GLY GA 97 -18.70 -66.35 120.52
C GLY GA 97 -18.88 -64.98 119.89
N PHE GA 98 -19.12 -63.96 120.72
CA PHE GA 98 -19.19 -62.60 120.21
C PHE GA 98 -17.87 -62.20 119.57
N PHE GA 99 -16.75 -62.57 120.18
CA PHE GA 99 -15.45 -62.27 119.60
C PHE GA 99 -15.27 -62.98 118.26
N THR GA 100 -15.68 -64.24 118.17
CA THR GA 100 -15.55 -64.96 116.90
C THR GA 100 -16.41 -64.31 115.82
N ALA GA 101 -17.63 -63.91 116.17
CA ALA GA 101 -18.50 -63.27 115.19
C ALA GA 101 -17.87 -62.00 114.64
N PHE GA 102 -17.24 -61.21 115.51
CA PHE GA 102 -16.57 -60.00 115.04
C PHE GA 102 -15.45 -60.33 114.06
N LEU GA 103 -14.64 -61.35 114.39
CA LEU GA 103 -13.55 -61.71 113.49
C LEU GA 103 -14.07 -62.18 112.15
N GLN GA 104 -15.13 -62.98 112.15
CA GLN GA 104 -15.64 -63.54 110.89
C GLN GA 104 -16.39 -62.51 110.06
N ALA GA 105 -16.85 -61.42 110.67
CA ALA GA 105 -17.50 -60.37 109.91
C ALA GA 105 -16.53 -59.67 108.98
N ASN GA 106 -15.22 -59.77 109.23
CA ASN GA 106 -14.22 -59.07 108.44
C ASN GA 106 -13.51 -60.02 107.47
N TYR GA 107 -14.20 -61.04 106.99
CA TYR GA 107 -13.59 -61.91 105.99
C TYR GA 107 -13.28 -61.14 104.72
N HIS GA 108 -14.16 -60.21 104.34
CA HIS GA 108 -13.92 -59.41 103.14
C HIS GA 108 -12.64 -58.60 103.28
N ALA GA 109 -12.44 -57.97 104.44
CA ALA GA 109 -11.21 -57.20 104.66
C ALA GA 109 -10.00 -58.12 104.70
N PHE GA 110 -10.15 -59.31 105.29
CA PHE GA 110 -9.03 -60.23 105.38
C PHE GA 110 -8.57 -60.67 104.00
N VAL GA 111 -9.51 -60.97 103.11
CA VAL GA 111 -9.15 -61.41 101.77
C VAL GA 111 -8.32 -60.35 101.06
N TYR GA 112 -8.71 -59.08 101.21
CA TYR GA 112 -7.96 -58.01 100.56
C TYR GA 112 -6.53 -57.93 101.07
N PHE GA 113 -6.35 -58.04 102.38
CA PHE GA 113 -5.00 -57.91 102.94
C PHE GA 113 -4.09 -59.04 102.45
N VAL GA 114 -4.63 -60.25 102.35
CA VAL GA 114 -3.81 -61.36 101.87
C VAL GA 114 -3.32 -61.08 100.45
N ARG GA 115 -4.16 -60.47 99.63
CA ARG GA 115 -3.79 -60.14 98.27
C ARG GA 115 -3.04 -58.83 98.14
N PHE GA 116 -2.91 -58.07 99.22
CA PHE GA 116 -2.30 -56.75 99.15
C PHE GA 116 -0.94 -56.66 99.82
N ILE GA 117 -0.71 -57.44 100.88
CA ILE GA 117 0.55 -57.33 101.61
C ILE GA 117 1.75 -57.71 100.75
N PRO GA 118 1.73 -58.83 100.01
CA PRO GA 118 2.99 -59.34 99.44
C PRO GA 118 3.75 -58.34 98.59
N ILE GA 119 3.06 -57.56 97.75
CA ILE GA 119 3.77 -56.62 96.90
C ILE GA 119 4.40 -55.52 97.75
N ASN GA 120 3.73 -55.12 98.83
CA ASN GA 120 4.32 -54.15 99.75
C ASN GA 120 5.59 -54.68 100.39
N ILE GA 121 5.60 -55.97 100.75
CA ILE GA 121 6.82 -56.57 101.29
C ILE GA 121 7.94 -56.48 100.26
N ALA GA 122 7.62 -56.71 98.99
CA ALA GA 122 8.64 -56.60 97.95
C ALA GA 122 9.21 -55.20 97.90
N ILE GA 123 8.35 -54.18 97.94
CA ILE GA 123 8.82 -52.81 97.91
C ILE GA 123 9.64 -52.51 99.16
N PHE GA 124 9.21 -53.01 100.30
CA PHE GA 124 9.94 -52.76 101.54
C PHE GA 124 11.33 -53.38 101.49
N TRP GA 125 11.45 -54.56 100.89
CA TRP GA 125 12.76 -55.19 100.78
C TRP GA 125 13.73 -54.33 100.00
N ILE GA 126 13.25 -53.60 98.99
CA ILE GA 126 14.13 -52.72 98.22
C ILE GA 126 14.75 -51.67 99.12
N TYR GA 127 13.93 -51.03 99.96
CA TYR GA 127 14.44 -50.01 100.86
C TYR GA 127 15.43 -50.60 101.85
N VAL GA 128 15.07 -51.74 102.46
CA VAL GA 128 15.93 -52.33 103.46
C VAL GA 128 17.26 -52.74 102.86
N ASN GA 129 17.23 -53.35 101.68
CA ASN GA 129 18.46 -53.80 101.05
C ASN GA 129 19.38 -52.63 100.74
N GLU GA 130 18.82 -51.53 100.25
CA GLU GA 130 19.65 -50.38 99.91
C GLU GA 130 20.13 -49.63 101.13
N ARG GA 131 19.32 -49.55 102.18
CA ARG GA 131 19.71 -48.79 103.36
C ARG GA 131 20.95 -49.36 104.02
N GLN GA 132 21.17 -50.67 103.89
CA GLN GA 132 22.36 -51.26 104.51
C GLN GA 132 23.64 -50.73 103.90
N ARG GA 133 23.64 -50.48 102.59
CA ARG GA 133 24.85 -50.06 101.90
C ARG GA 133 25.24 -48.64 102.28
N GLU GA 134 26.55 -48.38 102.27
CA GLU GA 134 27.01 -47.01 102.42
C GLU GA 134 26.52 -46.17 101.25
N PRO GA 135 26.25 -44.89 101.48
CA PRO GA 135 25.79 -44.05 100.38
C PRO GA 135 26.87 -43.84 99.33
N GLN GA 136 26.44 -43.69 98.08
CA GLN GA 136 27.37 -43.35 97.02
C GLN GA 136 27.92 -41.94 97.24
N GLU GA 137 29.11 -41.70 96.71
CA GLU GA 137 29.72 -40.38 96.83
C GLU GA 137 28.96 -39.39 95.96
N ASN GA 138 27.98 -38.71 96.55
CA ASN GA 138 27.06 -37.90 95.76
C ASN GA 138 27.78 -36.72 95.12
N VAL GA 139 28.62 -36.01 95.89
CA VAL GA 139 29.27 -34.80 95.43
C VAL GA 139 30.74 -34.82 95.81
N MET GA 140 31.51 -33.95 95.15
CA MET GA 140 32.92 -33.75 95.45
C MET GA 140 33.21 -32.25 95.39
N ASP GA 141 34.47 -31.89 95.60
CA ASP GA 141 34.83 -30.49 95.64
C ASP GA 141 34.49 -29.81 94.32
N HIS GA 142 34.00 -28.58 94.41
CA HIS GA 142 33.55 -27.88 93.21
C HIS GA 142 34.71 -27.65 92.25
N GLU GA 143 35.84 -27.16 92.75
CA GLU GA 143 36.95 -26.84 91.86
C GLU GA 143 37.62 -28.10 91.34
N GLU GA 144 37.81 -29.10 92.18
CA GLU GA 144 38.46 -30.33 91.74
C GLU GA 144 37.67 -31.02 90.63
N PHE GA 145 36.33 -30.94 90.69
CA PHE GA 145 35.51 -31.54 89.66
C PHE GA 145 35.79 -30.91 88.30
N PHE GA 146 35.88 -29.58 88.26
CA PHE GA 146 36.04 -28.90 86.98
C PHE GA 146 37.46 -29.03 86.45
N ARG GA 147 38.43 -29.20 87.32
CA ARG GA 147 39.81 -29.39 86.86
C ARG GA 147 40.01 -30.76 86.22
N ASP GA 148 39.09 -31.69 86.44
CA ASP GA 148 39.13 -33.00 85.80
C ASP GA 148 37.76 -33.36 85.27
N PHE GA 149 37.12 -32.38 84.61
CA PHE GA 149 35.73 -32.54 84.21
C PHE GA 149 35.54 -33.72 83.28
N ASP GA 150 36.41 -33.86 82.28
CA ASP GA 150 36.20 -34.88 81.25
C ASP GA 150 36.25 -36.27 81.86
N SER GA 151 37.24 -36.54 82.71
CA SER GA 151 37.37 -37.88 83.28
C SER GA 151 36.17 -38.22 84.16
N ILE GA 152 35.81 -37.31 85.07
CA ILE GA 152 34.73 -37.59 85.99
C ILE GA 152 33.39 -37.62 85.26
N TYR GA 153 33.15 -36.61 84.42
CA TYR GA 153 31.84 -36.47 83.82
C TYR GA 153 31.57 -37.55 82.77
N LEU GA 154 32.59 -37.92 82.00
CA LEU GA 154 32.42 -38.87 80.91
C LEU GA 154 33.06 -40.23 81.20
N GLY GA 155 33.62 -40.43 82.38
CA GLY GA 155 34.31 -41.68 82.65
C GLY GA 155 33.38 -42.88 82.57
N GLN GA 156 32.15 -42.73 83.06
CA GLN GA 156 31.24 -43.87 83.15
C GLN GA 156 30.91 -44.42 81.76
N VAL GA 157 30.61 -43.53 80.81
CA VAL GA 157 30.18 -44.00 79.50
C VAL GA 157 31.31 -44.66 78.74
N PHE GA 158 32.54 -44.15 78.89
CA PHE GA 158 33.65 -44.71 78.14
C PHE GA 158 34.08 -46.07 78.68
N ASP GA 159 34.19 -46.21 80.00
CA ASP GA 159 34.57 -47.48 80.60
C ASP GA 159 33.91 -47.57 81.97
N HIS GA 160 32.79 -48.28 82.05
CA HIS GA 160 32.03 -48.35 83.29
C HIS GA 160 32.68 -49.28 84.30
N HIS GA 161 33.38 -50.33 83.86
CA HIS GA 161 34.03 -51.23 84.79
C HIS GA 161 35.15 -50.54 85.56
N ARG GA 162 36.06 -49.88 84.84
CA ARG GA 162 37.12 -49.14 85.53
C ARG GA 162 36.53 -47.99 86.34
N PHE GA 163 35.53 -47.32 85.80
CA PHE GA 163 34.91 -46.22 86.53
C PHE GA 163 34.27 -46.71 87.82
N ALA GA 164 33.62 -47.88 87.78
CA ALA GA 164 33.03 -48.43 88.99
C ALA GA 164 34.09 -48.75 90.03
N GLU GA 165 35.22 -49.33 89.60
CA GLU GA 165 36.30 -49.61 90.52
C GLU GA 165 36.86 -48.32 91.12
N TRP GA 166 36.99 -47.28 90.30
CA TRP GA 166 37.47 -46.00 90.80
C TRP GA 166 36.54 -45.44 91.86
N LEU GA 167 35.23 -45.55 91.65
CA LEU GA 167 34.28 -45.07 92.65
C LEU GA 167 34.45 -45.83 93.96
N ALA GA 168 34.62 -47.15 93.89
CA ALA GA 168 34.74 -47.95 95.10
C ALA GA 168 35.96 -47.52 95.91
N ARG GA 169 37.08 -47.27 95.25
CA ARG GA 169 38.28 -46.85 95.96
C ARG GA 169 38.05 -45.52 96.66
N ARG GA 170 37.36 -44.58 96.00
CA ARG GA 170 37.09 -43.29 96.63
C ARG GA 170 36.20 -43.46 97.85
N ARG GA 171 35.19 -44.33 97.77
CA ARG GA 171 34.34 -44.57 98.93
C ARG GA 171 35.15 -45.18 100.07
N ALA GA 172 36.08 -46.08 99.75
CA ALA GA 172 36.92 -46.66 100.78
C ALA GA 172 37.79 -45.59 101.44
N VAL GA 173 38.35 -44.68 100.65
CA VAL GA 173 39.16 -43.61 101.22
C VAL GA 173 38.28 -42.65 102.01
N LYS GA 174 37.08 -42.35 101.50
CA LYS GA 174 36.25 -41.34 102.14
C LYS GA 174 35.85 -41.74 103.55
N TRP GA 175 35.48 -43.00 103.74
CA TRP GA 175 35.02 -43.50 105.03
C TRP GA 175 36.09 -44.24 105.80
N GLY GA 176 37.34 -44.19 105.34
CA GLY GA 176 38.46 -44.69 106.11
C GLY GA 176 38.45 -46.17 106.39
N TYR GA 177 38.19 -46.99 105.36
CA TYR GA 177 38.32 -48.44 105.49
C TYR GA 177 39.08 -49.02 104.31
N ALA GA 178 39.92 -48.22 103.66
CA ALA GA 178 40.67 -48.72 102.51
C ALA GA 178 41.61 -49.84 102.91
N ASP GA 179 42.29 -49.70 104.05
CA ASP GA 179 43.23 -50.73 104.48
C ASP GA 179 42.53 -52.00 104.94
N GLN GA 180 41.23 -51.94 105.22
CA GLN GA 180 40.50 -53.09 105.71
C GLN GA 180 39.82 -53.88 104.60
N ILE GA 181 39.88 -53.44 103.36
CA ILE GA 181 39.19 -54.09 102.26
C ILE GA 181 40.15 -54.30 101.11
N HIS GA 182 39.91 -55.35 100.34
CA HIS GA 182 40.68 -55.67 99.15
C HIS GA 182 39.78 -55.51 97.94
N ILE GA 183 39.94 -54.41 97.21
CA ILE GA 183 39.10 -54.11 96.06
C ILE GA 183 39.57 -54.94 94.87
N PRO GA 184 38.72 -55.76 94.26
CA PRO GA 184 39.19 -56.62 93.19
C PRO GA 184 39.73 -55.79 92.03
N PRO GA 185 40.75 -56.29 91.35
CA PRO GA 185 41.29 -55.56 90.19
C PRO GA 185 40.34 -55.64 89.01
N VAL GA 186 40.46 -54.65 88.13
CA VAL GA 186 39.63 -54.58 86.94
C VAL GA 186 40.48 -54.76 85.69
N ARG HA 1 -25.26 -80.04 90.22
CA ARG HA 1 -25.44 -80.13 88.79
C ARG HA 1 -24.99 -78.85 88.11
N GLY HA 2 -25.45 -77.72 88.61
CA GLY HA 2 -25.05 -76.44 88.06
C GLY HA 2 -26.11 -75.81 87.19
N SER HA 3 -25.68 -75.03 86.20
CA SER HA 3 -26.62 -74.30 85.36
C SER HA 3 -27.40 -75.25 84.46
N VAL HA 4 -28.59 -74.79 84.06
CA VAL HA 4 -29.43 -75.57 83.15
C VAL HA 4 -28.96 -75.50 81.71
N PHE HA 5 -28.06 -74.59 81.38
CA PHE HA 5 -27.58 -74.42 80.03
C PHE HA 5 -26.43 -75.34 79.67
N GLN HA 6 -25.91 -76.12 80.62
CA GLN HA 6 -24.86 -77.09 80.36
C GLN HA 6 -25.45 -78.48 80.48
N MET HA 7 -25.35 -79.26 79.41
CA MET HA 7 -25.95 -80.58 79.34
C MET HA 7 -25.00 -81.52 78.60
N PRO HA 8 -25.13 -82.83 78.82
CA PRO HA 8 -24.37 -83.77 78.00
C PRO HA 8 -24.90 -83.83 76.58
N SER HA 9 -24.00 -84.10 75.64
CA SER HA 9 -24.41 -84.22 74.24
C SER HA 9 -25.33 -85.41 74.04
N THR HA 10 -25.01 -86.56 74.66
CA THR HA 10 -25.88 -87.72 74.65
C THR HA 10 -26.50 -87.88 76.03
N PRO HA 11 -27.81 -87.77 76.18
CA PRO HA 11 -28.40 -87.85 77.51
C PRO HA 11 -28.51 -89.29 78.00
N VAL HA 12 -27.60 -89.70 78.89
CA VAL HA 12 -27.49 -91.08 79.33
C VAL HA 12 -27.37 -91.12 80.84
N TYR HA 13 -28.09 -92.03 81.48
CA TYR HA 13 -28.02 -92.23 82.92
C TYR HA 13 -27.39 -93.58 83.23
N PRO HA 14 -26.30 -93.63 83.96
CA PRO HA 14 -25.60 -94.91 84.18
C PRO HA 14 -26.45 -95.87 85.01
N LEU HA 15 -26.50 -97.13 84.56
CA LEU HA 15 -27.14 -98.19 85.32
C LEU HA 15 -26.19 -98.58 86.46
N THR HA 16 -26.60 -98.31 87.69
CA THR HA 16 -25.75 -98.58 88.86
C THR HA 16 -25.05 -99.92 88.72
N THR HA 17 -23.72 -99.90 88.77
CA THR HA 17 -22.92 -101.11 88.66
C THR HA 17 -22.42 -101.61 90.01
N THR HA 18 -22.29 -100.73 90.99
CA THR HA 18 -21.89 -101.09 92.34
C THR HA 18 -23.12 -101.45 93.17
N LYS HA 19 -22.88 -101.99 94.36
CA LYS HA 19 -23.93 -102.33 95.32
C LYS HA 19 -23.86 -101.47 96.57
N LYS HA 20 -23.17 -100.33 96.49
CA LYS HA 20 -23.01 -99.46 97.65
C LYS HA 20 -24.35 -98.98 98.16
N VAL HA 21 -24.51 -98.97 99.49
CA VAL HA 21 -25.75 -98.51 100.09
C VAL HA 21 -25.92 -97.02 99.83
N ALA HA 22 -27.15 -96.59 99.59
CA ALA HA 22 -27.41 -95.20 99.28
C ALA HA 22 -27.09 -94.31 100.47
N PRO HA 23 -26.39 -93.20 100.30
CA PRO HA 23 -26.16 -92.30 101.41
C PRO HA 23 -27.48 -91.76 101.94
N PRO HA 24 -27.54 -91.42 103.23
CA PRO HA 24 -28.82 -90.97 103.80
C PRO HA 24 -29.39 -89.74 103.10
N THR HA 25 -28.53 -88.79 102.73
CA THR HA 25 -29.04 -87.57 102.09
C THR HA 25 -29.56 -87.84 100.69
N ALA HA 26 -29.12 -88.92 100.05
CA ALA HA 26 -29.61 -89.25 98.72
C ALA HA 26 -31.08 -89.63 98.73
N LEU HA 27 -31.60 -90.08 99.87
CA LEU HA 27 -33.00 -90.49 99.99
C LEU HA 27 -33.77 -89.61 100.95
N ALA HA 28 -33.16 -88.54 101.46
CA ALA HA 28 -33.79 -87.69 102.45
C ALA HA 28 -34.89 -86.84 101.82
N LYS HA 29 -35.89 -86.50 102.63
CA LYS HA 29 -36.99 -85.64 102.23
C LYS HA 29 -37.02 -84.42 103.14
N ARG HA 30 -37.71 -83.38 102.68
CA ARG HA 30 -37.97 -82.23 103.53
C ARG HA 30 -38.75 -82.68 104.75
N THR HA 31 -38.34 -82.22 105.92
CA THR HA 31 -38.97 -82.55 107.18
C THR HA 31 -39.23 -81.28 107.97
N PRO HA 32 -40.17 -81.30 108.90
CA PRO HA 32 -40.42 -80.09 109.71
C PRO HA 32 -39.20 -79.63 110.48
N GLU HA 33 -38.37 -80.57 110.95
CA GLU HA 33 -37.17 -80.17 111.68
C GLU HA 33 -36.05 -79.71 110.78
N GLN HA 34 -36.09 -80.03 109.49
CA GLN HA 34 -35.08 -79.59 108.52
C GLN HA 34 -35.79 -79.05 107.29
N PRO HA 35 -36.37 -77.85 107.37
CA PRO HA 35 -37.04 -77.28 106.20
C PRO HA 35 -36.11 -77.01 105.04
N PHE HA 36 -34.81 -76.85 105.28
CA PHE HA 36 -33.84 -76.58 104.22
C PHE HA 36 -32.61 -77.45 104.42
N GLY HA 37 -31.91 -77.72 103.32
CA GLY HA 37 -30.62 -78.36 103.40
C GLY HA 37 -30.64 -79.86 103.55
N TRP HA 38 -31.81 -80.49 103.50
CA TRP HA 38 -31.87 -81.93 103.73
C TRP HA 38 -31.13 -82.72 102.68
N GLY HA 39 -30.83 -82.12 101.53
CA GLY HA 39 -30.12 -82.81 100.48
C GLY HA 39 -28.62 -82.80 100.60
N SER HA 40 -28.06 -82.07 101.56
CA SER HA 40 -26.63 -81.95 101.70
C SER HA 40 -26.16 -82.59 103.01
N PRO HA 41 -25.08 -83.36 103.00
CA PRO HA 41 -24.60 -83.96 104.24
C PRO HA 41 -24.09 -82.92 105.21
N VAL HA 42 -24.22 -83.23 106.50
CA VAL HA 42 -23.77 -82.32 107.55
C VAL HA 42 -22.25 -82.33 107.59
N ARG HA 43 -21.66 -81.17 107.81
CA ARG HA 43 -20.22 -81.01 107.86
C ARG HA 43 -19.84 -80.20 109.08
N GLU HA 44 -18.64 -80.43 109.59
CA GLU HA 44 -18.12 -79.65 110.69
C GLU HA 44 -17.82 -78.22 110.24
N ASP HA 45 -18.04 -77.28 111.15
CA ASP HA 45 -17.77 -75.86 110.89
C ASP HA 45 -16.43 -75.52 111.55
N ARG HA 46 -15.35 -75.71 110.79
CA ARG HA 46 -14.02 -75.46 111.33
C ARG HA 46 -13.75 -73.97 111.51
N ALA HA 47 -14.32 -73.13 110.64
CA ALA HA 47 -14.04 -71.71 110.71
C ALA HA 47 -14.42 -71.12 112.06
N TRP HA 48 -15.45 -71.67 112.70
CA TRP HA 48 -15.89 -71.12 113.98
C TRP HA 48 -14.85 -71.35 115.07
N ARG HA 49 -14.03 -72.39 114.93
CA ARG HA 49 -13.01 -72.71 115.93
C ARG HA 49 -11.62 -72.26 115.51
N VAL HA 50 -11.32 -72.28 114.22
CA VAL HA 50 -9.94 -72.03 113.77
C VAL HA 50 -9.67 -70.53 113.69
N VAL HA 51 -10.63 -69.75 113.22
CA VAL HA 51 -10.43 -68.32 113.02
C VAL HA 51 -10.02 -67.66 114.34
N PRO HA 52 -10.85 -67.73 115.38
CA PRO HA 52 -10.45 -67.09 116.65
C PRO HA 52 -9.18 -67.67 117.24
N ARG HA 53 -8.94 -68.96 117.07
CA ARG HA 53 -7.73 -69.56 117.61
C ARG HA 53 -6.50 -69.03 116.88
N ASN HA 54 -6.53 -69.03 115.54
CA ASN HA 54 -5.39 -68.55 114.78
C ASN HA 54 -5.16 -67.08 115.03
N PHE HA 55 -6.23 -66.29 115.12
CA PHE HA 55 -6.06 -64.86 115.35
C PHE HA 55 -5.37 -64.60 116.68
N ILE HA 56 -5.76 -65.32 117.72
CA ILE HA 56 -5.14 -65.12 119.03
C ILE HA 56 -3.66 -65.46 118.97
N ILE HA 57 -3.32 -66.57 118.32
CA ILE HA 57 -1.91 -66.98 118.25
C ILE HA 57 -1.08 -65.92 117.56
N LEU HA 58 -1.56 -65.42 116.42
CA LEU HA 58 -0.79 -64.41 115.69
C LEU HA 58 -0.61 -63.15 116.51
N VAL HA 59 -1.67 -62.72 117.20
CA VAL HA 59 -1.58 -61.52 118.03
C VAL HA 59 -0.58 -61.74 119.16
N ILE HA 60 -0.64 -62.91 119.79
CA ILE HA 60 0.29 -63.20 120.88
C ILE HA 60 1.72 -63.18 120.38
N VAL HA 61 1.97 -63.86 119.26
CA VAL HA 61 3.31 -63.88 118.69
C VAL HA 61 3.72 -62.47 118.27
N TYR HA 62 2.82 -61.74 117.64
CA TYR HA 62 3.14 -60.39 117.19
C TYR HA 62 3.50 -59.49 118.37
N LEU HA 63 2.64 -59.47 119.40
CA LEU HA 63 2.92 -58.61 120.55
C LEU HA 63 4.11 -59.13 121.35
N SER HA 64 4.19 -60.43 121.59
CA SER HA 64 5.28 -60.96 122.38
C SER HA 64 6.63 -60.68 121.73
N GLY HA 65 6.72 -60.89 120.41
CA GLY HA 65 7.96 -60.59 119.72
C GLY HA 65 8.32 -59.12 119.79
N TRP HA 66 7.31 -58.25 119.63
CA TRP HA 66 7.58 -56.81 119.73
C TRP HA 66 8.08 -56.44 121.11
N ALA HA 67 7.45 -56.99 122.16
CA ALA HA 67 7.90 -56.68 123.51
C ALA HA 67 9.31 -57.20 123.76
N ALA HA 68 9.61 -58.41 123.29
CA ALA HA 68 10.94 -58.98 123.51
C ALA HA 68 12.02 -58.12 122.87
N ILE HA 69 11.79 -57.66 121.65
CA ILE HA 69 12.79 -56.86 120.96
C ILE HA 69 13.08 -55.58 121.71
N LYS HA 70 12.03 -54.90 122.19
CA LYS HA 70 12.20 -53.63 122.87
C LYS HA 70 12.78 -53.80 124.28
N THR HA 71 12.90 -55.01 124.79
CA THR HA 71 13.42 -55.25 126.12
C THR HA 71 14.78 -55.92 126.11
N MET HA 72 14.94 -57.01 125.36
CA MET HA 72 16.22 -57.72 125.37
C MET HA 72 17.29 -56.96 124.61
N LEU HA 73 16.95 -56.41 123.46
CA LEU HA 73 17.93 -55.72 122.64
C LEU HA 73 18.14 -54.29 123.11
N PRO HA 74 19.32 -53.72 122.80
CA PRO HA 74 19.60 -52.35 123.26
C PRO HA 74 18.78 -51.32 122.50
N ARG HA 75 18.74 -50.11 123.07
CA ARG HA 75 17.94 -49.04 122.50
C ARG HA 75 18.40 -48.71 121.08
N GLY HA 76 17.44 -48.43 120.21
CA GLY HA 76 17.74 -48.12 118.83
C GLY HA 76 16.61 -47.37 118.19
N GLY HA 77 16.91 -46.77 117.04
CA GLY HA 77 15.92 -45.95 116.35
C GLY HA 77 14.75 -46.77 115.84
N SER HA 78 15.01 -47.98 115.38
CA SER HA 78 13.97 -48.83 114.83
C SER HA 78 14.30 -50.28 115.20
N ILE HA 79 13.39 -51.18 114.85
CA ILE HA 79 13.62 -52.60 115.11
C ILE HA 79 14.85 -53.08 114.36
N LEU HA 80 14.96 -52.73 113.09
CA LEU HA 80 16.15 -53.06 112.32
C LEU HA 80 17.40 -52.42 112.93
N GLY HA 81 17.25 -51.22 113.48
CA GLY HA 81 18.38 -50.60 114.16
C GLY HA 81 18.82 -51.39 115.37
N GLN HA 82 17.88 -51.85 116.18
CA GLN HA 82 18.23 -52.59 117.39
C GLN HA 82 18.87 -53.94 117.07
N ILE HA 83 18.69 -54.45 115.86
CA ILE HA 83 19.25 -55.75 115.49
C ILE HA 83 20.60 -55.59 114.83
N TYR HA 84 20.70 -54.67 113.86
CA TYR HA 84 21.92 -54.49 113.09
C TYR HA 84 22.53 -53.10 113.23
N GLY HA 85 21.97 -52.25 114.08
CA GLY HA 85 22.42 -50.88 114.14
C GLY HA 85 23.60 -50.60 115.03
N GLY HA 86 24.17 -51.61 115.67
CA GLY HA 86 25.28 -51.41 116.56
C GLY HA 86 26.56 -51.11 115.81
N PRO HA 87 27.55 -50.54 116.50
CA PRO HA 87 28.82 -50.25 115.85
C PRO HA 87 29.58 -51.52 115.54
N PRO HA 88 30.59 -51.46 114.67
CA PRO HA 88 31.35 -52.68 114.35
C PRO HA 88 31.98 -53.26 115.60
N LYS HA 89 32.07 -54.59 115.62
CA LYS HA 89 32.69 -55.27 116.76
C LYS HA 89 34.13 -54.79 116.90
N GLY HA 90 34.51 -54.46 118.13
CA GLY HA 90 35.82 -53.90 118.40
C GLY HA 90 35.91 -52.40 118.33
N ARG HA 91 34.82 -51.72 117.98
CA ARG HA 91 34.81 -50.26 117.92
C ARG HA 91 34.31 -49.75 119.27
N LEU HA 92 35.24 -49.25 120.08
CA LEU HA 92 34.89 -48.73 121.39
C LEU HA 92 34.35 -47.31 121.27
N ILE HA 93 33.32 -47.03 122.06
CA ILE HA 93 32.71 -45.70 122.08
C ILE HA 93 32.88 -45.08 123.46
N VAL IA 1 -6.32 -89.54 60.77
CA VAL IA 1 -5.44 -88.53 61.32
C VAL IA 1 -5.14 -88.82 62.78
N THR IA 2 -3.86 -88.84 63.13
CA THR IA 2 -3.45 -89.11 64.50
C THR IA 2 -3.54 -87.84 65.33
N ARG IA 3 -4.14 -87.94 66.50
CA ARG IA 3 -4.28 -86.82 67.43
C ARG IA 3 -3.34 -87.05 68.60
N TYR IA 4 -2.42 -86.13 68.79
CA TYR IA 4 -1.49 -86.21 69.91
C TYR IA 4 -2.04 -85.47 71.11
N PRO IA 5 -1.51 -85.73 72.30
CA PRO IA 5 -1.92 -84.93 73.47
C PRO IA 5 -1.63 -83.46 73.24
N SER IA 6 -2.55 -82.62 73.72
CA SER IA 6 -2.44 -81.19 73.46
C SER IA 6 -1.15 -80.63 74.02
N GLY IA 7 -0.47 -79.85 73.20
CA GLY IA 7 0.73 -79.15 73.64
C GLY IA 7 1.99 -79.98 73.65
N THR IA 8 1.94 -81.22 73.18
CA THR IA 8 3.09 -82.11 73.24
C THR IA 8 3.81 -82.26 71.92
N ARG IA 9 3.10 -82.15 70.79
CA ARG IA 9 3.68 -82.32 69.47
C ARG IA 9 3.53 -81.04 68.68
N THR IA 10 4.62 -80.58 68.08
CA THR IA 10 4.60 -79.39 67.26
C THR IA 10 3.99 -79.68 65.90
N ILE IA 11 3.37 -78.66 65.31
CA ILE IA 11 2.82 -78.74 63.97
C ILE IA 11 3.66 -77.95 62.97
N MET IA 12 4.73 -77.30 63.41
CA MET IA 12 5.52 -76.48 62.52
C MET IA 12 6.44 -77.31 61.63
N SER IA 13 6.83 -78.50 62.06
CA SER IA 13 7.79 -79.31 61.34
C SER IA 13 7.32 -80.76 61.30
N PRO IA 14 7.64 -81.50 60.24
CA PRO IA 14 7.35 -82.93 60.24
C PRO IA 14 8.20 -83.71 61.22
N TYR IA 15 9.37 -83.20 61.55
CA TYR IA 15 10.25 -83.86 62.50
C TYR IA 15 9.83 -83.50 63.92
N PRO IA 16 9.54 -84.48 64.78
CA PRO IA 16 9.08 -84.13 66.14
C PRO IA 16 10.10 -83.30 66.91
N GLY IA 17 11.38 -83.51 66.68
CA GLY IA 17 12.43 -82.83 67.40
C GLY IA 17 13.34 -83.80 68.12
N GLY IA 18 14.48 -83.26 68.56
CA GLY IA 18 15.46 -84.05 69.27
C GLY IA 18 15.11 -84.22 70.72
N PRO IA 19 15.89 -85.05 71.41
CA PRO IA 19 15.58 -85.34 72.82
C PRO IA 19 15.49 -84.11 73.70
N VAL IA 20 16.41 -83.16 73.56
CA VAL IA 20 16.35 -81.96 74.38
C VAL IA 20 15.11 -81.14 74.04
N TYR IA 21 14.82 -80.99 72.74
CA TYR IA 21 13.65 -80.23 72.34
C TYR IA 21 12.37 -80.86 72.89
N GLN IA 22 12.26 -82.18 72.76
CA GLN IA 22 11.07 -82.86 73.25
C GLN IA 22 10.95 -82.71 74.75
N TRP IA 23 12.06 -82.80 75.48
CA TRP IA 23 12.00 -82.63 76.93
C TRP IA 23 11.53 -81.24 77.30
N LEU IA 24 12.06 -80.22 76.63
CA LEU IA 24 11.65 -78.84 76.93
C LEU IA 24 10.18 -78.63 76.62
N ARG IA 25 9.71 -79.14 75.48
CA ARG IA 25 8.33 -78.93 75.10
C ARG IA 25 7.37 -79.64 76.04
N ILE IA 26 7.68 -80.89 76.38
CA ILE IA 26 6.77 -81.65 77.25
C ILE IA 26 6.75 -81.06 78.65
N ASN IA 27 7.91 -80.69 79.18
CA ASN IA 27 7.99 -80.25 80.56
C ASN IA 27 7.47 -78.84 80.76
N TYR IA 28 7.65 -77.94 79.78
CA TYR IA 28 6.99 -76.65 79.89
C TYR IA 28 5.48 -76.83 79.87
N ASN IA 29 4.98 -77.71 79.01
CA ASN IA 29 3.55 -77.97 78.96
C ASN IA 29 3.04 -78.47 80.32
N TYR IA 30 3.81 -79.34 80.98
CA TYR IA 30 3.41 -79.82 82.29
C TYR IA 30 3.52 -78.71 83.34
N PHE IA 31 4.62 -77.97 83.33
CA PHE IA 31 4.82 -76.94 84.34
C PHE IA 31 3.72 -75.90 84.28
N LYS IA 32 3.36 -75.46 83.08
CA LYS IA 32 2.30 -74.46 82.94
C LYS IA 32 0.97 -75.00 83.46
N ARG IA 33 0.60 -76.20 83.01
CA ARG IA 33 -0.76 -76.68 83.23
C ARG IA 33 -0.97 -77.25 84.63
N TYR IA 34 0.05 -77.83 85.24
CA TYR IA 34 -0.12 -78.52 86.51
C TYR IA 34 0.72 -77.98 87.65
N GLN IA 35 1.65 -77.06 87.40
CA GLN IA 35 2.42 -76.47 88.49
C GLN IA 35 2.21 -74.96 88.59
N TRP IA 36 2.50 -74.20 87.54
CA TRP IA 36 2.36 -72.74 87.65
C TRP IA 36 0.91 -72.34 87.86
N ARG IA 37 -0.02 -72.99 87.15
CA ARG IA 37 -1.42 -72.59 87.22
C ARG IA 37 -2.07 -72.96 88.54
N ARG IA 38 -1.40 -73.73 89.40
CA ARG IA 38 -1.90 -73.90 90.77
C ARG IA 38 -2.04 -72.55 91.44
N VAL IA 39 -1.02 -71.70 91.32
CA VAL IA 39 -1.06 -70.39 91.98
C VAL IA 39 -2.25 -69.59 91.46
N GLY IA 40 -2.45 -69.59 90.15
CA GLY IA 40 -3.56 -68.83 89.59
C GLY IA 40 -4.91 -69.38 90.01
N ARG IA 41 -5.06 -70.70 89.97
CA ARG IA 41 -6.32 -71.30 90.41
C ARG IA 41 -6.57 -71.04 91.88
N TRP IA 42 -5.51 -71.04 92.68
CA TRP IA 42 -5.64 -70.78 94.11
C TRP IA 42 -6.08 -69.34 94.36
N GLN IA 43 -5.50 -68.38 93.65
CA GLN IA 43 -5.88 -66.99 93.84
C GLN IA 43 -7.29 -66.72 93.32
N MET IA 44 -7.65 -67.34 92.19
CA MET IA 44 -8.95 -67.06 91.59
C MET IA 44 -10.09 -67.61 92.43
N ARG IA 45 -9.92 -68.81 92.99
CA ARG IA 45 -11.02 -69.47 93.67
C ARG IA 45 -11.01 -69.22 95.18
N SER IA 46 -9.88 -69.42 95.84
CA SER IA 46 -9.84 -69.37 97.29
C SER IA 46 -9.71 -67.94 97.84
N TRP IA 47 -9.39 -66.96 97.00
CA TRP IA 47 -9.17 -65.60 97.47
C TRP IA 47 -9.86 -64.60 96.56
N CYS IA 48 -11.12 -64.86 96.23
CA CYS IA 48 -11.87 -63.95 95.39
C CYS IA 48 -12.45 -62.81 96.22
N TYR IA 49 -12.13 -61.58 95.83
CA TYR IA 49 -12.62 -60.42 96.56
C TYR IA 49 -14.14 -60.31 96.49
N TRP IA 50 -14.73 -60.69 95.37
CA TRP IA 50 -16.17 -60.59 95.21
C TRP IA 50 -16.90 -61.71 95.94
N LYS IA 51 -16.34 -62.92 95.99
CA LYS IA 51 -16.95 -63.97 96.80
C LYS IA 51 -16.98 -63.54 98.26
N ALA IA 52 -15.89 -62.96 98.75
CA ALA IA 52 -15.83 -62.54 100.14
C ALA IA 52 -16.88 -61.51 100.48
N ALA IA 53 -17.41 -60.80 99.48
CA ALA IA 53 -18.45 -59.82 99.74
C ALA IA 53 -19.75 -60.48 100.13
N PHE IA 54 -20.03 -61.66 99.57
CA PHE IA 54 -21.27 -62.38 99.86
C PHE IA 54 -21.13 -63.40 100.97
N TYR IA 55 -19.97 -63.50 101.61
CA TYR IA 55 -19.81 -64.43 102.71
C TYR IA 55 -20.78 -64.09 103.83
N GLY IA 56 -21.49 -65.11 104.30
CA GLY IA 56 -22.43 -64.92 105.39
C GLY IA 56 -23.79 -64.41 104.97
N VAL IA 57 -23.99 -64.09 103.70
CA VAL IA 57 -25.28 -63.63 103.21
C VAL IA 57 -26.17 -64.86 102.97
N PRO IA 58 -27.44 -64.82 103.31
CA PRO IA 58 -28.29 -66.01 103.10
C PRO IA 58 -28.35 -66.39 101.64
N GLU IA 59 -28.53 -67.67 101.39
CA GLU IA 59 -28.75 -68.14 100.02
C GLU IA 59 -29.96 -67.43 99.44
N TRP IA 60 -29.96 -67.31 98.11
CA TRP IA 60 -31.08 -66.73 97.40
C TRP IA 60 -32.07 -67.84 97.07
N ASN IA 61 -33.28 -67.73 97.61
CA ASN IA 61 -34.28 -68.75 97.38
C ASN IA 61 -34.84 -68.66 95.97
N ILE IA 62 -35.14 -69.81 95.39
CA ILE IA 62 -35.77 -69.82 94.07
C ILE IA 62 -37.19 -69.28 94.16
N ASP IA 63 -37.87 -69.55 95.26
CA ASP IA 63 -39.19 -68.96 95.47
C ASP IA 63 -39.03 -67.46 95.66
N PRO IA 64 -39.63 -66.62 94.81
CA PRO IA 64 -39.34 -65.18 94.89
C PRO IA 64 -39.75 -64.54 96.20
N THR IA 65 -40.74 -65.09 96.90
CA THR IA 65 -41.30 -64.45 98.08
C THR IA 65 -40.54 -64.76 99.36
N LYS IA 66 -39.49 -65.58 99.29
CA LYS IA 66 -38.72 -65.94 100.47
C LYS IA 66 -37.43 -65.15 100.60
N ASN IA 67 -37.25 -64.11 99.78
CA ASN IA 67 -36.05 -63.29 99.83
C ASN IA 67 -36.34 -61.89 100.34
N GLN IA 68 -37.44 -61.71 101.08
CA GLN IA 68 -37.85 -60.38 101.48
C GLN IA 68 -36.85 -59.72 102.41
N TRP IA 69 -35.90 -60.48 102.97
CA TRP IA 69 -34.86 -59.87 103.80
C TRP IA 69 -34.01 -58.90 102.99
N ARG IA 70 -34.05 -58.96 101.67
CA ARG IA 70 -33.29 -58.03 100.86
C ARG IA 70 -33.71 -56.59 101.14
N TRP IA 71 -35.01 -56.34 101.24
CA TRP IA 71 -35.50 -55.00 101.52
C TRP IA 71 -35.99 -54.82 102.95
N CYS IA 72 -36.29 -55.91 103.66
CA CYS IA 72 -36.68 -55.78 105.06
C CYS IA 72 -35.51 -55.44 105.96
N VAL IA 73 -34.30 -55.86 105.56
CA VAL IA 73 -33.09 -55.65 106.35
C VAL IA 73 -32.13 -54.79 105.53
N ASP IA 74 -31.49 -53.84 106.19
CA ASP IA 74 -30.53 -53.01 105.50
C ASP IA 74 -29.32 -53.85 105.06
N PRO IA 75 -28.69 -53.50 103.95
CA PRO IA 75 -27.55 -54.31 103.49
C PRO IA 75 -26.43 -54.39 104.50
N ALA IA 76 -26.25 -53.37 105.33
CA ALA IA 76 -25.16 -53.38 106.30
C ALA IA 76 -25.30 -54.50 107.32
N TRP IA 77 -26.50 -55.09 107.44
CA TRP IA 77 -26.75 -56.16 108.39
C TRP IA 77 -27.28 -57.41 107.73
N TYR IA 78 -26.92 -57.63 106.46
CA TYR IA 78 -27.25 -58.89 105.80
C TYR IA 78 -26.55 -60.07 106.44
N GLY IA 79 -25.48 -59.82 107.19
CA GLY IA 79 -24.67 -60.86 107.78
C GLY IA 79 -25.15 -61.39 109.11
N GLY IA 80 -26.32 -60.97 109.57
CA GLY IA 80 -26.83 -61.47 110.84
C GLY IA 80 -25.94 -61.04 111.99
N MET IA 81 -25.62 -62.00 112.86
CA MET IA 81 -24.87 -61.68 114.08
C MET IA 81 -23.49 -61.13 113.76
N ARG IA 82 -22.89 -61.57 112.65
CA ARG IA 82 -21.56 -61.07 112.31
C ARG IA 82 -21.59 -59.57 112.07
N ASP IA 83 -22.55 -59.10 111.27
CA ASP IA 83 -22.64 -57.67 111.01
C ASP IA 83 -22.98 -56.91 112.28
N LYS IA 84 -23.90 -57.44 113.08
CA LYS IA 84 -24.25 -56.78 114.33
C LYS IA 84 -23.07 -56.77 115.29
N ALA IA 85 -22.35 -57.89 115.38
CA ALA IA 85 -21.19 -57.94 116.27
C ALA IA 85 -20.13 -56.95 115.85
N ASN IA 86 -19.90 -56.80 114.56
CA ASN IA 86 -18.94 -55.82 114.09
C ASN IA 86 -19.36 -54.42 114.47
N MET IA 87 -20.64 -54.11 114.34
CA MET IA 87 -21.14 -52.81 114.78
C MET IA 87 -21.00 -52.66 116.29
N ASP IA 88 -21.31 -53.72 117.05
CA ASP IA 88 -21.26 -53.62 118.50
C ASP IA 88 -19.84 -53.45 118.99
N MET IA 89 -18.88 -54.09 118.33
CA MET IA 89 -17.49 -53.98 118.77
C MET IA 89 -17.00 -52.55 118.68
N TYR IA 90 -17.27 -51.87 117.58
CA TYR IA 90 -16.84 -50.48 117.45
C TYR IA 90 -17.56 -49.59 118.47
N ARG IA 91 -18.78 -49.94 118.85
CA ARG IA 91 -19.49 -49.15 119.84
C ARG IA 91 -18.75 -49.16 121.17
N LEU IA 92 -18.11 -50.28 121.52
CA LEU IA 92 -17.38 -50.36 122.77
C LEU IA 92 -16.22 -49.39 122.85
N MET IA 93 -15.73 -48.91 121.70
CA MET IA 93 -14.57 -48.05 121.67
C MET IA 93 -14.92 -46.57 121.80
N VAL IA 94 -16.19 -46.24 122.02
CA VAL IA 94 -16.59 -44.83 122.05
C VAL IA 94 -15.91 -44.11 123.20
N TYR IA 95 -15.98 -44.66 124.40
CA TYR IA 95 -15.46 -43.96 125.56
C TYR IA 95 -13.94 -44.03 125.60
N PRO IA 96 -13.33 -45.15 125.22
CA PRO IA 96 -11.87 -45.14 125.07
C PRO IA 96 -11.40 -44.06 124.11
N PHE IA 97 -12.15 -43.82 123.04
CA PHE IA 97 -11.79 -42.74 122.12
C PHE IA 97 -11.92 -41.37 122.78
N PHE IA 98 -12.98 -41.16 123.56
CA PHE IA 98 -13.16 -39.86 124.22
C PHE IA 98 -11.99 -39.57 125.15
N GLY IA 99 -11.59 -40.55 125.96
CA GLY IA 99 -10.43 -40.35 126.81
C GLY IA 99 -9.18 -40.05 126.01
N TYR IA 100 -8.98 -40.79 124.91
CA TYR IA 100 -7.82 -40.55 124.07
C TYR IA 100 -7.87 -39.15 123.46
N ALA IA 101 -9.03 -38.76 122.92
CA ALA IA 101 -9.15 -37.43 122.34
C ALA IA 101 -8.99 -36.34 123.39
N LEU IA 102 -9.58 -36.55 124.57
CA LEU IA 102 -9.45 -35.56 125.64
C LEU IA 102 -8.00 -35.39 126.06
N LEU IA 103 -7.22 -36.47 126.02
CA LEU IA 103 -5.81 -36.37 126.39
C LEU IA 103 -5.06 -35.48 125.42
N TYR IA 104 -5.35 -35.58 124.13
CA TYR IA 104 -4.67 -34.73 123.15
C TYR IA 104 -4.92 -33.27 123.44
N LEU IA 105 -6.16 -32.91 123.78
CA LEU IA 105 -6.46 -31.53 124.14
C LEU IA 105 -5.65 -31.10 125.35
N HIS IA 106 -5.56 -31.98 126.36
CA HIS IA 106 -4.74 -31.66 127.52
C HIS IA 106 -3.27 -31.50 127.14
N SER IA 107 -2.78 -32.36 126.25
CA SER IA 107 -1.38 -32.28 125.84
C SER IA 107 -1.08 -30.94 125.21
N ARG IA 108 -1.91 -30.52 124.26
CA ARG IA 108 -1.70 -29.22 123.63
C ARG IA 108 -1.89 -28.08 124.63
N PHE IA 109 -2.91 -28.19 125.48
CA PHE IA 109 -3.17 -27.14 126.45
C PHE IA 109 -2.00 -26.95 127.39
N LYS IA 110 -1.38 -28.06 127.83
CA LYS IA 110 -0.24 -27.96 128.73
C LYS IA 110 0.98 -27.41 128.02
N GLN IA 111 1.28 -27.93 126.82
CA GLN IA 111 2.49 -27.52 126.11
C GLN IA 111 2.48 -26.04 125.77
N ASN IA 112 1.31 -25.42 125.66
CA ASN IA 112 1.20 -24.00 125.39
C ASN IA 112 1.19 -23.16 126.66
N ASP IA 113 1.43 -23.78 127.81
CA ASP IA 113 1.53 -23.05 129.08
C ASP IA 113 0.24 -22.32 129.41
N LYS IA 114 -0.89 -22.88 128.97
CA LYS IA 114 -2.17 -22.25 129.26
C LYS IA 114 -2.65 -22.55 130.68
N TYR IA 115 -2.07 -23.54 131.35
CA TYR IA 115 -2.41 -23.79 132.75
C TYR IA 115 -1.77 -22.76 133.69
N ASN IA 116 -0.71 -22.10 133.26
CA ASN IA 116 -0.01 -21.12 134.09
C ASN IA 116 -0.55 -19.72 133.90
N VAL IA 117 -1.80 -19.57 133.45
CA VAL IA 117 -2.35 -18.26 133.21
C VAL IA 117 -2.38 -17.44 134.51
N PHE IA 118 -2.80 -18.07 135.61
CA PHE IA 118 -2.88 -17.37 136.88
C PHE IA 118 -1.53 -17.35 137.59
N ALA IA 119 -0.79 -18.46 137.54
CA ALA IA 119 0.52 -18.49 138.19
C ALA IA 119 1.49 -17.53 137.56
N LYS IA 120 1.30 -17.21 136.28
CA LYS IA 120 2.21 -16.30 135.60
C LYS IA 120 2.20 -14.93 136.26
N TRP IA 121 1.02 -14.46 136.66
CA TRP IA 121 0.87 -13.11 137.20
C TRP IA 121 0.71 -13.10 138.71
N ARG IA 122 0.96 -14.22 139.39
CA ARG IA 122 0.87 -14.26 140.84
C ARG IA 122 2.25 -14.11 141.47
N ALA JA 1 -64.26 30.35 82.78
CA ALA JA 1 -64.88 30.22 81.47
C ALA JA 1 -63.94 29.54 80.48
N VAL JA 2 -62.72 30.09 80.36
CA VAL JA 2 -61.74 29.51 79.44
C VAL JA 2 -61.36 28.11 79.90
N ARG JA 3 -61.30 27.88 81.21
CA ARG JA 3 -60.95 26.56 81.71
C ARG JA 3 -61.94 25.51 81.23
N SER JA 4 -63.22 25.84 81.23
CA SER JA 4 -64.23 24.87 80.79
C SER JA 4 -64.03 24.49 79.34
N GLN JA 5 -63.75 25.48 78.48
CA GLN JA 5 -63.58 25.19 77.06
C GLN JA 5 -62.38 24.28 76.83
N ILE JA 6 -61.25 24.58 77.47
CA ILE JA 6 -60.06 23.77 77.27
C ILE JA 6 -60.25 22.39 77.88
N GLU JA 7 -60.94 22.31 79.03
CA GLU JA 7 -61.19 21.02 79.64
C GLU JA 7 -62.01 20.13 78.72
N ALA JA 8 -63.06 20.69 78.10
CA ALA JA 8 -63.87 19.90 77.19
C ALA JA 8 -63.08 19.46 75.97
N ALA JA 9 -62.24 20.35 75.44
CA ALA JA 9 -61.47 20.00 74.24
C ALA JA 9 -60.53 18.83 74.50
N VAL JA 10 -59.83 18.86 75.64
CA VAL JA 10 -58.91 17.77 75.95
C VAL JA 10 -59.67 16.49 76.23
N TYR JA 11 -60.81 16.60 76.91
CA TYR JA 11 -61.60 15.41 77.20
C TYR JA 11 -62.04 14.70 75.93
N LYS JA 12 -62.53 15.48 74.95
CA LYS JA 12 -63.00 14.87 73.71
C LYS JA 12 -61.87 14.20 72.95
N TRP JA 13 -60.70 14.84 72.91
CA TRP JA 13 -59.59 14.32 72.13
C TRP JA 13 -58.96 13.09 72.78
N THR JA 14 -59.10 12.92 74.08
CA THR JA 14 -58.42 11.84 74.79
C THR JA 14 -59.28 10.59 74.96
N ARG JA 15 -60.51 10.59 74.48
CA ARG JA 15 -61.36 9.42 74.66
C ARG JA 15 -60.75 8.24 73.90
N PRO JA 16 -60.47 7.12 74.55
CA PRO JA 16 -59.73 6.05 73.88
C PRO JA 16 -60.54 5.38 72.79
N ARG JA 17 -59.83 4.94 71.76
CA ARG JA 17 -60.37 4.07 70.74
C ARG JA 17 -60.13 2.62 71.12
N PRO JA 18 -60.89 1.68 70.56
CA PRO JA 18 -60.73 0.28 70.93
C PRO JA 18 -59.31 -0.19 70.67
N PRO JA 19 -58.74 -0.99 71.55
CA PRO JA 19 -57.34 -1.41 71.38
C PRO JA 19 -57.17 -2.34 70.19
N ARG JA 20 -55.97 -2.31 69.62
CA ARG JA 20 -55.58 -3.21 68.55
C ARG JA 20 -54.91 -4.41 69.19
N LEU JA 21 -55.70 -5.43 69.49
CA LEU JA 21 -55.22 -6.55 70.29
C LEU JA 21 -53.99 -7.18 69.67
N GLY JA 22 -52.98 -7.42 70.50
CA GLY JA 22 -51.77 -8.11 70.07
C GLY JA 22 -51.82 -9.58 70.41
N VAL JA 23 -53.02 -10.10 70.64
CA VAL JA 23 -53.21 -11.50 71.00
C VAL JA 23 -54.37 -12.06 70.19
N ALA JA 24 -54.34 -13.36 69.95
CA ALA JA 24 -55.36 -14.04 69.15
C ALA JA 24 -56.49 -14.49 70.07
N VAL JA 25 -57.62 -13.80 69.98
CA VAL JA 25 -58.79 -14.13 70.81
C VAL JA 25 -60.02 -14.14 69.92
N PRO JA 26 -61.06 -14.85 70.34
CA PRO JA 26 -62.29 -14.90 69.54
C PRO JA 26 -63.12 -13.64 69.72
N ARG JA 27 -64.14 -13.52 68.88
CA ARG JA 27 -65.12 -12.46 69.01
C ARG JA 27 -66.23 -12.92 69.94
N SER JA 28 -66.55 -12.08 70.93
CA SER JA 28 -67.61 -12.43 71.86
C SER JA 28 -68.93 -12.56 71.09
N PRO JA 29 -69.74 -13.57 71.39
CA PRO JA 29 -71.00 -13.73 70.66
C PRO JA 29 -71.85 -12.48 70.81
N PRO JA 30 -72.56 -12.07 69.76
CA PRO JA 30 -73.41 -10.87 69.88
C PRO JA 30 -74.46 -11.03 70.95
N GLY JA 31 -74.74 -9.94 71.66
CA GLY JA 31 -75.75 -9.97 72.69
C GLY JA 31 -75.31 -10.58 74.00
N THR JA 32 -74.01 -10.72 74.23
CA THR JA 32 -73.50 -11.30 75.48
C THR JA 32 -73.21 -10.16 76.45
N GLY JA 33 -73.88 -10.18 77.59
CA GLY JA 33 -73.76 -9.14 78.60
C GLY JA 33 -72.76 -9.50 79.67
N ILE JA 34 -73.06 -9.05 80.89
CA ILE JA 34 -72.19 -9.31 82.03
C ILE JA 34 -72.32 -10.77 82.45
N LEU JA 35 -71.18 -11.45 82.55
CA LEU JA 35 -71.15 -12.85 82.98
C LEU JA 35 -70.39 -13.05 84.27
N PHE JA 36 -69.45 -12.18 84.61
CA PHE JA 36 -68.66 -12.28 85.83
C PHE JA 36 -69.24 -11.36 86.90
N HIS JA 37 -68.60 -11.35 88.05
CA HIS JA 37 -69.07 -10.61 89.22
C HIS JA 37 -67.93 -9.77 89.77
N THR JA 38 -68.26 -8.94 90.75
CA THR JA 38 -67.28 -8.02 91.31
C THR JA 38 -66.36 -8.67 92.33
N ASN JA 39 -66.61 -9.92 92.71
CA ASN JA 39 -65.70 -10.62 93.62
C ASN JA 39 -64.51 -11.22 92.90
N MET JA 40 -64.44 -11.09 91.58
CA MET JA 40 -63.26 -11.52 90.86
C MET JA 40 -62.05 -10.71 91.30
N GLN JA 41 -60.87 -11.33 91.23
CA GLN JA 41 -59.65 -10.63 91.59
C GLN JA 41 -59.58 -9.31 90.84
N THR JA 42 -59.35 -8.23 91.58
CA THR JA 42 -59.40 -6.90 90.98
C THR JA 42 -58.38 -6.78 89.85
N ILE JA 43 -58.81 -6.16 88.76
CA ILE JA 43 -57.94 -5.86 87.62
C ILE JA 43 -57.62 -4.37 87.66
N ARG JA 44 -56.33 -4.05 87.66
CA ARG JA 44 -55.91 -2.68 87.88
C ARG JA 44 -56.50 -1.75 86.82
N TYR JA 45 -56.92 -0.57 87.27
CA TYR JA 45 -57.46 0.45 86.37
C TYR JA 45 -56.30 1.22 85.75
N SER JA 46 -56.16 1.10 84.43
CA SER JA 46 -55.03 1.68 83.70
C SER JA 46 -55.51 2.81 82.81
N LEU JA 47 -54.73 3.90 82.78
CA LEU JA 47 -55.04 5.02 81.91
C LEU JA 47 -54.86 4.63 80.45
N SER JA 48 -55.62 5.30 79.58
CA SER JA 48 -55.46 5.08 78.15
C SER JA 48 -54.17 5.75 77.68
N PRO JA 49 -53.63 5.32 76.54
CA PRO JA 49 -52.31 5.83 76.12
C PRO JA 49 -52.25 7.34 76.00
N LYS JA 50 -53.29 7.99 75.47
CA LYS JA 50 -53.25 9.43 75.33
C LYS JA 50 -53.22 10.12 76.68
N VAL JA 51 -54.09 9.70 77.60
CA VAL JA 51 -54.12 10.31 78.92
C VAL JA 51 -52.80 10.10 79.64
N TRP JA 52 -52.23 8.90 79.51
CA TRP JA 52 -50.97 8.62 80.19
C TRP JA 52 -49.87 9.56 79.71
N VAL JA 53 -49.84 9.82 78.40
CA VAL JA 53 -48.81 10.70 77.86
C VAL JA 53 -49.01 12.13 78.36
N LEU JA 54 -50.24 12.63 78.30
CA LEU JA 54 -50.50 14.00 78.73
C LEU JA 54 -50.13 14.19 80.19
N VAL JA 55 -50.60 13.27 81.05
CA VAL JA 55 -50.30 13.37 82.47
C VAL JA 55 -48.80 13.21 82.70
N THR JA 56 -48.18 12.22 82.06
CA THR JA 56 -46.76 12.01 82.22
C THR JA 56 -45.96 13.19 81.68
N GLY JA 57 -46.38 13.73 80.54
CA GLY JA 57 -45.68 14.88 79.99
C GLY JA 57 -45.76 16.09 80.90
N ALA JA 58 -46.91 16.30 81.53
CA ALA JA 58 -47.05 17.43 82.44
C ALA JA 58 -46.11 17.31 83.62
N ALA JA 59 -45.95 16.10 84.16
CA ALA JA 59 -45.05 15.91 85.29
C ALA JA 59 -43.61 16.21 84.89
N LEU JA 60 -43.20 15.78 83.70
CA LEU JA 60 -41.84 16.07 83.26
C LEU JA 60 -41.62 17.57 83.18
N VAL JA 61 -42.58 18.31 82.63
CA VAL JA 61 -42.46 19.76 82.58
C VAL JA 61 -42.42 20.32 84.00
N GLY JA 62 -43.25 19.78 84.88
CA GLY JA 62 -43.29 20.28 86.25
C GLY JA 62 -41.96 20.08 86.96
N VAL JA 63 -41.42 18.88 86.89
CA VAL JA 63 -40.24 18.57 87.70
C VAL JA 63 -39.05 19.41 87.24
N PHE JA 64 -38.85 19.55 85.94
CA PHE JA 64 -37.73 20.33 85.45
C PHE JA 64 -38.00 21.83 85.55
N SER JA 65 -39.26 22.25 85.41
CA SER JA 65 -39.59 23.65 85.67
C SER JA 65 -39.33 24.00 87.14
N GLY JA 66 -39.65 23.08 88.05
CA GLY JA 66 -39.34 23.31 89.45
C GLY JA 66 -37.86 23.36 89.70
N GLN JA 67 -37.08 22.53 89.00
CA GLN JA 67 -35.63 22.57 89.14
C GLN JA 67 -35.08 23.93 88.73
N ARG JA 68 -35.55 24.47 87.61
CA ARG JA 68 -35.10 25.79 87.19
C ARG JA 68 -35.54 26.86 88.18
N PHE JA 69 -36.74 26.72 88.74
CA PHE JA 69 -37.21 27.69 89.72
C PHE JA 69 -36.29 27.74 90.93
N ALA JA 70 -35.88 26.58 91.44
CA ALA JA 70 -34.99 26.55 92.60
C ALA JA 70 -33.63 27.15 92.27
N GLN JA 71 -33.09 26.82 91.09
CA GLN JA 71 -31.74 27.28 90.76
C GLN JA 71 -31.67 28.78 90.53
N THR JA 72 -32.77 29.39 90.11
CA THR JA 72 -32.77 30.81 89.79
C THR JA 72 -33.26 31.69 90.93
N VAL JA 73 -34.05 31.16 91.86
CA VAL JA 73 -34.65 31.94 92.93
C VAL JA 73 -34.15 31.49 94.29
N LEU JA 74 -34.25 30.20 94.59
CA LEU JA 74 -33.91 29.70 95.92
C LEU JA 74 -32.40 29.61 96.12
N LEU JA 75 -31.66 29.23 95.11
CA LEU JA 75 -30.22 29.06 95.22
C LEU JA 75 -29.49 30.32 94.75
N SER JA 76 -28.20 30.40 95.08
CA SER JA 76 -27.39 31.55 94.75
C SER JA 76 -26.12 31.10 94.05
N LYS JA 77 -25.52 32.01 93.30
CA LYS JA 77 -24.28 31.74 92.58
C LYS JA 77 -23.09 32.07 93.46
N ASN JA 78 -21.99 31.37 93.20
CA ASN JA 78 -20.78 31.60 93.96
C ASN JA 78 -20.23 32.99 93.67
N PRO JA 79 -19.98 33.82 94.67
CA PRO JA 79 -19.24 35.05 94.44
C PRO JA 79 -17.79 34.74 94.13
N PRO JA 80 -17.05 35.68 93.56
CA PRO JA 80 -15.64 35.42 93.26
C PRO JA 80 -14.87 35.06 94.52
N ASN JA 81 -13.91 34.16 94.38
CA ASN JA 81 -13.13 33.73 95.53
C ASN JA 81 -12.38 34.92 96.13
N PRO JA 82 -12.18 34.91 97.45
CA PRO JA 82 -11.46 36.02 98.06
C PRO JA 82 -10.07 36.15 97.46
N PRO JA 83 -9.55 37.36 97.36
CA PRO JA 83 -8.20 37.53 96.81
C PRO JA 83 -7.18 36.78 97.66
N ARG JA 84 -6.18 36.21 96.99
CA ARG JA 84 -5.14 35.44 97.64
C ARG JA 84 -3.95 36.36 97.92
N TYR JA 85 -3.62 36.52 99.19
CA TYR JA 85 -2.54 37.40 99.62
C TYR JA 85 -1.42 36.57 100.24
N ARG JA 86 -0.20 37.10 100.15
CA ARG JA 86 0.95 36.42 100.74
C ARG JA 86 0.87 36.52 102.26
N GLU JA 87 0.76 35.38 102.92
CA GLU JA 87 0.66 35.31 104.37
C GLU JA 87 1.90 34.67 104.96
N LYS JA 88 2.10 34.92 106.26
CA LYS JA 88 3.23 34.35 106.98
C LYS JA 88 2.85 32.98 107.51
N PRO JA 89 3.56 31.91 107.16
CA PRO JA 89 3.30 30.61 107.76
C PRO JA 89 3.79 30.57 109.19
N PRO JA 90 3.34 29.61 109.99
CA PRO JA 90 3.84 29.50 111.37
C PRO JA 90 5.34 29.26 111.39
N VAL JA 91 6.00 29.83 112.40
CA VAL JA 91 7.46 29.80 112.46
C VAL JA 91 7.96 28.37 112.56
N ARG JA 92 7.35 27.57 113.43
CA ARG JA 92 7.78 26.20 113.68
C ARG JA 92 6.59 25.27 113.63
N HIS JA 93 6.85 24.03 113.23
CA HIS JA 93 5.86 22.98 113.41
C HIS JA 93 5.68 22.74 114.91
N PRO JA 94 4.45 22.56 115.38
CA PRO JA 94 4.23 22.45 116.83
C PRO JA 94 4.94 21.26 117.46
N HIS JA 95 5.34 20.26 116.69
CA HIS JA 95 6.01 19.08 117.22
C HIS JA 95 7.50 19.06 116.92
N THR JA 96 8.05 20.15 116.42
CA THR JA 96 9.49 20.19 116.16
C THR JA 96 10.24 20.17 117.48
N PRO JA 97 11.18 19.24 117.67
CA PRO JA 97 11.94 19.22 118.93
C PRO JA 97 12.70 20.51 119.13
N ASP JA 98 12.76 20.95 120.38
CA ASP JA 98 13.41 22.22 120.71
C ASP JA 98 14.89 22.00 121.01
N SER KA 1 34.40 -4.83 77.28
CA SER KA 1 35.01 -3.54 77.02
C SER KA 1 34.43 -2.49 77.96
N PRO KA 2 35.20 -1.45 78.28
CA PRO KA 2 34.68 -0.42 79.18
C PRO KA 2 33.39 0.21 78.68
N GLU KA 3 33.25 0.37 77.37
CA GLU KA 3 32.05 0.97 76.81
C GLU KA 3 30.82 0.10 76.99
N ASP KA 4 30.99 -1.17 77.37
CA ASP KA 4 29.84 -2.02 77.65
C ASP KA 4 29.14 -1.64 78.94
N TYR KA 5 29.69 -0.72 79.72
CA TYR KA 5 29.12 -0.29 80.99
C TYR KA 5 28.98 1.23 80.96
N PRO KA 6 27.90 1.72 80.36
CA PRO KA 6 27.78 3.16 80.16
C PRO KA 6 27.82 3.94 81.47
N THR KA 7 28.49 5.09 81.43
CA THR KA 7 28.63 5.95 82.59
C THR KA 7 28.65 7.38 82.09
N PRO KA 8 27.91 8.29 82.73
CA PRO KA 8 27.99 9.69 82.30
C PRO KA 8 29.39 10.23 82.39
N GLN KA 9 29.72 11.11 81.44
CA GLN KA 9 31.08 11.62 81.35
C GLN KA 9 31.51 12.34 82.62
N LYS KA 10 30.59 12.97 83.33
CA LYS KA 10 30.94 13.73 84.51
C LYS KA 10 31.59 12.83 85.57
N TYR KA 11 31.04 11.63 85.77
CA TYR KA 11 31.59 10.73 86.77
C TYR KA 11 32.93 10.17 86.33
N LEU KA 12 33.12 9.92 85.04
CA LEU KA 12 34.42 9.48 84.55
C LEU KA 12 35.50 10.53 84.78
N GLU KA 13 35.12 11.79 84.95
CA GLU KA 13 36.06 12.87 85.19
C GLU KA 13 36.29 13.16 86.67
N GLY KA 14 35.70 12.37 87.55
CA GLY KA 14 35.93 12.51 88.98
C GLY KA 14 34.78 13.07 89.78
N ALA KA 15 33.61 13.27 89.18
CA ALA KA 15 32.48 13.74 89.95
C ALA KA 15 32.07 12.69 90.97
N PRO KA 16 31.73 13.08 92.20
CA PRO KA 16 31.37 12.09 93.22
C PRO KA 16 30.04 11.42 92.89
N ILE KA 17 30.02 10.09 93.00
CA ILE KA 17 28.82 9.31 92.75
C ILE KA 17 27.88 9.44 93.94
N PRO KA 18 26.58 9.62 93.73
CA PRO KA 18 25.67 9.79 94.86
C PRO KA 18 25.60 8.55 95.73
N SER KA 19 25.30 8.76 97.00
CA SER KA 19 25.07 7.70 97.96
C SER KA 19 23.61 7.70 98.37
N TRP KA 20 23.21 6.63 99.04
CA TRP KA 20 21.82 6.43 99.47
C TRP KA 20 21.74 6.43 100.98
N TYR KA 21 20.67 7.01 101.51
CA TYR KA 21 20.43 7.11 102.94
C TYR KA 21 19.14 6.38 103.28
N SER KA 22 19.19 5.58 104.34
CA SER KA 22 18.06 4.75 104.75
C SER KA 22 17.68 5.09 106.19
N PHE KA 23 16.38 5.19 106.44
CA PHE KA 23 15.88 5.42 107.79
C PHE KA 23 14.62 4.60 108.01
N GLN KA 24 14.25 4.47 109.28
CA GLN KA 24 13.14 3.63 109.70
C GLN KA 24 12.03 4.51 110.27
N SER KA 25 10.79 4.24 109.87
CA SER KA 25 9.63 4.99 110.33
C SER KA 25 8.78 4.09 111.22
N ASN KA 26 8.56 4.51 112.46
CA ASN KA 26 7.84 3.73 113.45
C ASN KA 26 6.70 4.53 114.02
N LEU KA 27 5.64 3.83 114.40
CA LEU KA 27 4.51 4.47 115.05
C LEU KA 27 4.93 5.07 116.39
N VAL KA 28 4.35 6.22 116.71
CA VAL KA 28 4.55 6.82 118.03
C VAL KA 28 3.63 6.14 119.02
N GLY KA 29 4.19 5.61 120.10
CA GLY KA 29 3.41 4.87 121.05
C GLY KA 29 2.40 5.74 121.78
N ASP KA 30 1.40 5.08 122.34
CA ASP KA 30 0.34 5.81 123.05
C ASP KA 30 0.91 6.62 124.20
N MET KA 31 1.84 6.04 124.95
CA MET KA 31 2.41 6.74 126.08
C MET KA 31 3.39 7.84 125.67
N ASP KA 32 3.88 7.81 124.44
CA ASP KA 32 4.80 8.82 123.93
C ASP KA 32 4.12 9.90 123.11
N LEU KA 33 2.80 9.82 122.94
CA LEU KA 33 2.08 10.82 122.16
C LEU KA 33 2.16 12.19 122.82
N LYS KA 34 2.26 13.22 122.00
CA LYS KA 34 2.25 14.60 122.44
C LYS KA 34 0.86 15.19 122.27
N PRO KA 35 0.61 16.37 122.84
CA PRO KA 35 -0.76 16.89 122.85
C PRO KA 35 -1.41 17.00 121.48
N GLY KA 36 -0.67 17.33 120.43
CA GLY KA 36 -1.27 17.56 119.14
C GLY KA 36 -1.18 16.42 118.14
N MET KA 37 -0.51 15.34 118.47
CA MET KA 37 -0.32 14.26 117.52
C MET KA 37 -1.61 13.49 117.31
N ALA KA 38 -1.74 12.89 116.13
CA ALA KA 38 -2.90 12.09 115.77
C ALA KA 38 -2.63 10.64 116.14
N ARG KA 39 -3.44 10.09 117.04
CA ARG KA 39 -3.24 8.73 117.49
C ARG KA 39 -3.47 7.75 116.35
N MET KA 40 -2.61 6.73 116.27
CA MET KA 40 -2.62 5.65 115.29
C MET KA 40 -2.08 6.08 113.94
N LEU KA 41 -1.75 7.36 113.75
CA LEU KA 41 -1.30 7.85 112.45
C LEU KA 41 0.08 8.51 112.47
N GLU KA 42 0.52 9.02 113.61
CA GLU KA 42 1.80 9.70 113.67
C GLU KA 42 2.95 8.70 113.67
N VAL KA 43 4.10 9.13 113.16
CA VAL KA 43 5.31 8.31 113.12
C VAL KA 43 6.47 9.14 113.65
N ASP KA 44 7.53 8.44 114.05
CA ASP KA 44 8.70 9.12 114.61
C ASP KA 44 9.55 9.80 113.54
N LYS KA 45 9.65 9.21 112.35
CA LYS KA 45 10.38 9.80 111.24
C LYS KA 45 9.49 9.78 110.00
N ARG KA 46 9.16 10.96 109.50
CA ARG KA 46 8.33 11.09 108.31
C ARG KA 46 9.18 11.04 107.05
N LEU KA 47 8.53 10.79 105.92
CA LEU KA 47 9.16 10.83 104.61
C LEU KA 47 8.84 12.17 103.96
N THR KA 48 9.87 12.99 103.75
CA THR KA 48 9.71 14.28 103.10
C THR KA 48 9.99 14.14 101.61
N VAL KA 49 9.11 14.68 100.78
CA VAL KA 49 9.27 14.63 99.33
C VAL KA 49 9.02 16.01 98.74
N PRO KA 50 9.63 16.34 97.61
CA PRO KA 50 9.34 17.63 96.97
C PRO KA 50 8.03 17.60 96.21
N THR KA 51 7.37 18.76 96.19
CA THR KA 51 6.14 18.90 95.45
C THR KA 51 6.43 19.34 94.01
N ARG KA 52 5.45 19.08 93.13
CA ARG KA 52 5.58 19.43 91.71
C ARG KA 52 6.82 18.78 91.09
N THR KA 53 7.02 17.51 91.41
CA THR KA 53 8.13 16.72 90.89
C THR KA 53 7.62 15.33 90.60
N HIS KA 54 8.05 14.76 89.48
CA HIS KA 54 7.70 13.38 89.17
C HIS KA 54 8.60 12.46 90.00
N ILE KA 55 7.99 11.61 90.82
CA ILE KA 55 8.71 10.73 91.72
C ILE KA 55 8.34 9.29 91.42
N ARG KA 56 9.32 8.40 91.52
CA ARG KA 56 9.12 6.98 91.32
C ARG KA 56 9.27 6.27 92.66
N PHE KA 57 8.19 5.64 93.12
CA PHE KA 57 8.21 4.84 94.33
C PHE KA 57 8.35 3.37 93.94
N LEU KA 58 9.39 2.72 94.47
CA LEU KA 58 9.58 1.28 94.30
C LEU KA 58 9.30 0.61 95.64
N ILE KA 59 8.25 -0.21 95.67
CA ILE KA 59 7.69 -0.74 96.92
C ILE KA 59 7.81 -2.25 96.93
N THR KA 60 8.40 -2.79 97.98
CA THR KA 60 8.48 -4.23 98.19
C THR KA 60 8.28 -4.52 99.68
N GLY KA 61 8.12 -5.80 100.00
CA GLY KA 61 8.00 -6.23 101.38
C GLY KA 61 9.04 -7.27 101.75
N ALA KA 62 9.72 -7.07 102.87
CA ALA KA 62 10.84 -7.94 103.22
C ALA KA 62 10.39 -9.31 103.72
N ASP KA 63 9.39 -9.36 104.58
CA ASP KA 63 9.04 -10.59 105.29
C ASP KA 63 7.66 -11.12 104.90
N VAL KA 64 6.62 -10.33 105.08
CA VAL KA 64 5.26 -10.70 104.72
C VAL KA 64 4.71 -9.61 103.81
N ILE KA 65 3.49 -9.81 103.32
CA ILE KA 65 2.87 -8.82 102.47
C ILE KA 65 2.33 -7.69 103.33
N HIS KA 66 2.81 -6.48 103.10
CA HIS KA 66 2.21 -5.25 103.58
C HIS KA 66 1.67 -4.50 102.38
N SER KA 67 0.98 -3.40 102.63
CA SER KA 67 0.50 -2.55 101.54
C SER KA 67 0.71 -1.10 101.91
N TRP KA 68 1.37 -0.36 101.02
CA TRP KA 68 1.70 1.03 101.24
C TRP KA 68 0.58 1.89 100.67
N SER KA 69 -0.23 2.48 101.55
CA SER KA 69 -1.38 3.25 101.15
C SER KA 69 -1.24 4.69 101.61
N VAL KA 70 -1.39 5.63 100.69
CA VAL KA 70 -1.51 7.04 101.01
C VAL KA 70 -2.74 7.55 100.28
N PRO KA 71 -3.93 7.55 100.91
CA PRO KA 71 -5.14 7.83 100.14
C PRO KA 71 -5.13 9.16 99.40
N SER KA 72 -4.52 10.21 99.98
CA SER KA 72 -4.53 11.50 99.31
C SER KA 72 -3.70 11.49 98.04
N LEU KA 73 -2.62 10.71 97.99
CA LEU KA 73 -1.80 10.60 96.80
C LEU KA 73 -2.34 9.57 95.82
N GLY KA 74 -3.44 8.90 96.14
CA GLY KA 74 -4.01 7.90 95.26
C GLY KA 74 -3.12 6.70 95.05
N ILE KA 75 -2.43 6.25 96.08
CA ILE KA 75 -1.51 5.13 96.01
C ILE KA 75 -1.96 4.04 96.96
N LYS KA 76 -2.11 2.82 96.45
CA LYS KA 76 -2.29 1.65 97.30
C LYS KA 76 -1.62 0.49 96.58
N CYS KA 77 -0.37 0.21 96.95
CA CYS KA 77 0.45 -0.80 96.29
C CYS KA 77 0.88 -1.85 97.30
N ASP KA 78 0.63 -3.11 96.97
CA ASP KA 78 1.00 -4.19 97.87
C ASP KA 78 2.51 -4.36 97.91
N ALA KA 79 3.06 -4.43 99.11
CA ALA KA 79 4.49 -4.67 99.31
C ALA KA 79 4.69 -6.18 99.46
N THR KA 80 4.85 -6.85 98.34
CA THR KA 80 4.95 -8.30 98.32
C THR KA 80 6.40 -8.74 98.26
N PRO KA 81 6.83 -9.72 99.05
CA PRO KA 81 8.18 -10.26 98.86
C PRO KA 81 8.36 -10.80 97.46
N GLY KA 82 9.46 -10.40 96.82
CA GLY KA 82 9.77 -10.86 95.49
C GLY KA 82 9.26 -9.98 94.37
N ARG KA 83 8.50 -8.93 94.66
CA ARG KA 83 8.00 -8.01 93.64
C ARG KA 83 8.36 -6.59 94.03
N LEU KA 84 9.14 -5.92 93.18
CA LEU KA 84 9.54 -4.53 93.40
C LEU KA 84 8.65 -3.63 92.54
N VAL KA 85 7.42 -3.42 93.01
CA VAL KA 85 6.44 -2.72 92.19
C VAL KA 85 6.80 -1.25 92.07
N LYS KA 86 6.48 -0.68 90.91
CA LYS KA 86 6.82 0.69 90.56
C LYS KA 86 5.56 1.54 90.55
N ILE KA 87 5.57 2.64 91.30
CA ILE KA 87 4.45 3.58 91.34
C ILE KA 87 5.01 4.97 91.09
N ASN KA 88 4.37 5.72 90.18
CA ASN KA 88 4.76 7.08 89.86
C ASN KA 88 3.73 8.05 90.38
N THR KA 89 4.18 9.20 90.89
CA THR KA 89 3.28 10.21 91.43
C THR KA 89 3.81 11.60 91.12
N PHE KA 90 2.92 12.58 91.20
CA PHE KA 90 3.25 13.98 90.96
C PHE KA 90 2.41 14.80 91.94
N ILE KA 91 3.03 15.27 93.02
CA ILE KA 91 2.31 15.95 94.08
C ILE KA 91 2.09 17.41 93.70
N GLN KA 92 0.84 17.87 93.77
CA GLN KA 92 0.49 19.20 93.32
C GLN KA 92 0.47 20.24 94.43
N ARG KA 93 0.18 19.85 95.66
CA ARG KA 93 0.09 20.80 96.77
C ARG KA 93 0.88 20.29 97.96
N GLU KA 94 1.40 21.23 98.73
CA GLU KA 94 2.11 20.89 99.96
C GLU KA 94 1.13 20.38 101.01
N GLY KA 95 1.65 19.55 101.91
CA GLY KA 95 0.82 19.02 102.97
C GLY KA 95 1.46 17.77 103.58
N VAL KA 96 0.76 17.22 104.55
CA VAL KA 96 1.15 15.99 105.22
C VAL KA 96 0.02 14.98 105.01
N PHE KA 97 0.34 13.86 104.39
CA PHE KA 97 -0.65 12.87 103.99
C PHE KA 97 -0.42 11.60 104.79
N TYR KA 98 -1.47 11.15 105.49
CA TYR KA 98 -1.39 10.01 106.38
C TYR KA 98 -1.99 8.77 105.72
N GLY KA 99 -1.44 7.61 106.08
CA GLY KA 99 -1.92 6.35 105.56
C GLY KA 99 -1.62 5.22 106.52
N GLN KA 100 -2.16 4.06 106.22
CA GLN KA 100 -2.00 2.88 107.06
C GLN KA 100 -1.72 1.67 106.17
N CYS KA 101 -1.06 0.68 106.75
CA CYS KA 101 -0.84 -0.58 106.04
C CYS KA 101 -2.20 -1.20 105.70
N SER KA 102 -2.33 -1.66 104.45
CA SER KA 102 -3.60 -2.17 103.95
C SER KA 102 -3.51 -3.63 103.55
N GLU KA 103 -2.70 -4.40 104.26
CA GLU KA 103 -2.67 -5.84 104.09
C GLU KA 103 -2.37 -6.44 105.46
N LEU KA 104 -3.26 -7.30 105.94
CA LEU KA 104 -3.04 -7.94 107.24
C LEU KA 104 -1.67 -8.60 107.25
N CYS KA 105 -0.87 -8.26 108.25
CA CYS KA 105 0.52 -8.67 108.27
C CYS KA 105 0.99 -9.20 109.61
N GLY KA 106 0.11 -9.33 110.60
CA GLY KA 106 0.51 -9.88 111.87
C GLY KA 106 -0.13 -9.18 113.04
N THR KA 107 0.53 -9.24 114.19
CA THR KA 107 -0.06 -8.71 115.41
C THR KA 107 -0.32 -7.22 115.31
N LEU KA 108 0.63 -6.47 114.77
CA LEU KA 108 0.58 -5.02 114.76
C LEU KA 108 0.33 -4.47 113.37
N HIS KA 109 -0.54 -5.13 112.61
CA HIS KA 109 -0.93 -4.60 111.30
C HIS KA 109 -1.50 -3.21 111.42
N ALA KA 110 -2.19 -2.92 112.51
CA ALA KA 110 -2.85 -1.62 112.70
C ALA KA 110 -1.91 -0.55 113.23
N PHE KA 111 -0.63 -0.86 113.42
CA PHE KA 111 0.28 0.03 114.12
C PHE KA 111 1.52 0.33 113.30
N MET KA 112 1.41 0.35 111.97
CA MET KA 112 2.49 0.77 111.09
C MET KA 112 1.92 1.79 110.12
N PRO KA 113 1.69 3.01 110.56
CA PRO KA 113 1.12 4.04 109.68
C PRO KA 113 2.15 4.62 108.72
N ILE KA 114 1.63 5.30 107.70
CA ILE KA 114 2.44 5.92 106.66
C ILE KA 114 2.18 7.42 106.70
N VAL KA 115 3.25 8.19 106.85
CA VAL KA 115 3.16 9.65 106.86
C VAL KA 115 4.12 10.20 105.82
N VAL KA 116 3.58 10.96 104.87
CA VAL KA 116 4.37 11.61 103.84
C VAL KA 116 4.08 13.10 103.89
N GLU KA 117 5.13 13.91 103.99
CA GLU KA 117 5.01 15.36 104.00
C GLU KA 117 5.62 15.91 102.72
N ALA KA 118 4.83 16.66 101.96
CA ALA KA 118 5.28 17.29 100.73
C ALA KA 118 5.55 18.75 100.99
N VAL KA 119 6.76 19.19 100.62
CA VAL KA 119 7.20 20.56 100.86
C VAL KA 119 7.68 21.15 99.54
N SER KA 120 7.96 22.45 99.56
CA SER KA 120 8.42 23.10 98.35
C SER KA 120 9.78 22.53 97.95
N PRO KA 121 10.10 22.53 96.65
CA PRO KA 121 11.40 21.97 96.23
C PRO KA 121 12.57 22.65 96.91
N GLU KA 122 12.51 23.97 97.12
CA GLU KA 122 13.59 24.63 97.85
C GLU KA 122 13.66 24.15 99.28
N ALA KA 123 12.51 23.98 99.93
CA ALA KA 123 12.51 23.45 101.30
C ALA KA 123 13.04 22.04 101.34
N PHE KA 124 12.67 21.20 100.37
CA PHE KA 124 13.15 19.83 100.35
C PHE KA 124 14.66 19.77 100.17
N ALA KA 125 15.20 20.62 99.28
CA ALA KA 125 16.63 20.60 99.05
C ALA KA 125 17.41 20.92 100.32
N ALA KA 126 16.96 21.93 101.06
CA ALA KA 126 17.60 22.25 102.32
C ALA KA 126 17.46 21.10 103.32
N HIS KA 127 16.26 20.51 103.39
CA HIS KA 127 16.04 19.41 104.31
C HIS KA 127 16.90 18.21 103.95
N ALA KA 128 16.99 17.87 102.67
CA ALA KA 128 17.77 16.71 102.27
C ALA KA 128 19.24 16.91 102.62
N LYS KA 129 19.78 18.10 102.39
CA LYS KA 129 21.18 18.34 102.67
C LYS KA 129 21.48 18.19 104.15
N LYS KA 130 20.60 18.72 105.02
CA LYS KA 130 20.85 18.65 106.45
C LYS KA 130 20.78 17.21 106.95
N TRP KA 131 19.83 16.43 106.47
CA TRP KA 131 19.68 15.04 106.89
C TRP KA 131 20.19 14.08 105.83
N ASP LA 1 -5.93 14.32 103.07
CA ASP LA 1 -4.74 14.18 103.89
C ASP LA 1 -5.00 13.26 105.08
N ILE LA 2 -6.02 13.60 105.87
CA ILE LA 2 -6.34 12.84 107.08
C ILE LA 2 -7.85 12.76 107.22
N PRO LA 3 -8.34 11.66 107.81
CA PRO LA 3 -9.79 11.55 108.02
C PRO LA 3 -10.30 12.62 108.97
N TRP LA 4 -11.54 13.04 108.74
CA TRP LA 4 -12.19 14.03 109.57
C TRP LA 4 -13.55 13.50 110.03
N PRO LA 5 -14.04 13.96 111.18
CA PRO LA 5 -15.21 13.32 111.78
C PRO LA 5 -16.48 13.51 110.96
N ALA LA 6 -17.30 12.46 110.95
CA ALA LA 6 -18.64 12.50 110.39
C ALA LA 6 -18.64 13.08 108.96
N ARG LA 7 -17.73 12.56 108.14
CA ARG LA 7 -17.59 12.99 106.76
C ARG LA 7 -18.01 11.86 105.84
N THR LA 8 -18.94 12.14 104.92
CA THR LA 8 -19.31 11.15 103.92
C THR LA 8 -18.16 10.92 102.94
N ASP LA 9 -17.59 11.99 102.42
CA ASP LA 9 -16.45 11.90 101.50
C ASP LA 9 -16.75 10.92 100.37
N TRP LA 10 -17.99 10.96 99.87
CA TRP LA 10 -18.44 10.00 98.87
C TRP LA 10 -17.57 10.07 97.63
N GLY LA 11 -16.83 9.00 97.35
CA GLY LA 11 -15.94 8.95 96.21
C GLY LA 11 -14.51 9.36 96.49
N GLY LA 12 -14.22 9.85 97.69
CA GLY LA 12 -12.88 10.30 98.04
C GLY LA 12 -12.87 11.77 98.43
N HIS LA 13 -11.73 12.19 98.95
CA HIS LA 13 -11.59 13.58 99.37
C HIS LA 13 -10.13 13.99 99.35
N ASP LA 14 -9.91 15.29 99.18
CA ASP LA 14 -8.60 15.90 99.30
C ASP LA 14 -7.54 15.22 98.43
N PRO LA 15 -7.74 15.17 97.11
CA PRO LA 15 -6.68 14.68 96.23
C PRO LA 15 -5.50 15.64 96.23
N ALA LA 16 -4.31 15.08 96.04
CA ALA LA 16 -3.09 15.87 95.97
C ALA LA 16 -2.27 15.56 94.72
N THR LA 17 -2.70 14.61 93.90
CA THR LA 17 -2.02 14.25 92.67
C THR LA 17 -3.05 14.21 91.55
N PRO LA 18 -2.63 14.39 90.31
CA PRO LA 18 -3.59 14.25 89.21
C PRO LA 18 -4.23 12.88 89.16
N PHE LA 19 -3.53 11.83 89.57
CA PHE LA 19 -4.14 10.51 89.60
C PHE LA 19 -5.21 10.42 90.67
N ALA LA 20 -5.00 11.10 91.81
CA ALA LA 20 -6.01 11.09 92.85
C ALA LA 20 -7.31 11.72 92.37
N GLU LA 21 -7.22 12.81 91.61
CA GLU LA 21 -8.42 13.41 91.03
C GLU LA 21 -9.11 12.43 90.08
N LEU LA 22 -8.33 11.69 89.31
CA LEU LA 22 -8.92 10.73 88.38
C LEU LA 22 -9.75 9.70 89.11
N MET LA 23 -9.27 9.22 90.26
CA MET LA 23 -10.03 8.24 91.03
C MET LA 23 -11.38 8.81 91.47
N ILE LA 24 -11.39 10.05 91.93
CA ILE LA 24 -12.63 10.65 92.40
C ILE LA 24 -13.58 10.89 91.23
N ASN LA 25 -13.06 11.41 90.12
CA ASN LA 25 -13.91 11.70 88.97
C ASN LA 25 -14.53 10.42 88.42
N THR LA 26 -13.76 9.33 88.40
CA THR LA 26 -14.30 8.07 87.89
C THR LA 26 -15.50 7.61 88.71
N HIS LA 27 -15.40 7.70 90.03
CA HIS LA 27 -16.53 7.30 90.88
C HIS LA 27 -17.72 8.22 90.66
N SER LA 28 -17.48 9.52 90.59
CA SER LA 28 -18.58 10.46 90.37
C SER LA 28 -19.20 10.27 89.00
N MET LA 29 -18.40 9.87 88.01
CA MET LA 29 -18.93 9.62 86.68
C MET LA 29 -19.95 8.48 86.70
N PHE LA 30 -19.64 7.42 87.44
CA PHE LA 30 -20.52 6.26 87.48
C PHE LA 30 -21.62 6.37 88.51
N TRP LA 31 -21.47 7.24 89.50
CA TRP LA 31 -22.46 7.33 90.57
C TRP LA 31 -23.87 7.58 90.05
N PRO LA 32 -24.11 8.56 89.16
CA PRO LA 32 -25.48 8.73 88.67
C PRO LA 32 -26.03 7.52 87.94
N VAL LA 33 -25.17 6.76 87.24
CA VAL LA 33 -25.65 5.55 86.59
C VAL LA 33 -26.12 4.54 87.63
N ALA LA 34 -25.37 4.43 88.73
CA ALA LA 34 -25.77 3.51 89.80
C ALA LA 34 -27.13 3.88 90.37
N ILE LA 35 -27.39 5.18 90.56
CA ILE LA 35 -28.69 5.61 91.05
C ILE LA 35 -29.79 5.24 90.07
N PHE LA 36 -29.53 5.46 88.78
CA PHE LA 36 -30.52 5.11 87.77
C PHE LA 36 -30.86 3.63 87.82
N ILE LA 37 -29.84 2.78 87.97
CA ILE LA 37 -30.08 1.35 88.01
C ILE LA 37 -30.93 0.99 89.23
N TYR LA 38 -30.61 1.59 90.38
CA TYR LA 38 -31.36 1.27 91.60
C TYR LA 38 -32.79 1.79 91.52
N VAL LA 39 -32.96 3.07 91.17
CA VAL LA 39 -34.28 3.68 91.20
C VAL LA 39 -35.20 2.99 90.21
N SER LA 40 -34.72 2.75 89.00
CA SER LA 40 -35.57 2.16 87.97
C SER LA 40 -36.05 0.79 88.39
N ALA LA 41 -35.19 -0.02 89.00
CA ALA LA 41 -35.59 -1.35 89.44
C ALA LA 41 -36.51 -1.29 90.65
N ILE LA 42 -36.15 -0.48 91.64
CA ILE LA 42 -36.90 -0.48 92.90
C ILE LA 42 -38.30 0.05 92.69
N TYR LA 43 -38.48 1.02 91.80
CA TYR LA 43 -39.80 1.59 91.57
C TYR LA 43 -40.81 0.53 91.17
N MET LA 44 -40.37 -0.58 90.59
CA MET LA 44 -41.26 -1.62 90.10
C MET LA 44 -41.39 -2.79 91.08
N VAL LA 45 -40.84 -2.67 92.28
CA VAL LA 45 -41.02 -3.70 93.30
C VAL LA 45 -42.34 -3.45 94.00
N LYS LA 46 -43.41 -4.08 93.49
CA LYS LA 46 -44.76 -3.82 93.98
C LYS LA 46 -45.68 -4.83 93.31
N LYS LA 47 -46.91 -4.91 93.84
CA LYS LA 47 -47.93 -5.76 93.23
C LYS LA 47 -48.53 -5.07 92.01
N LYS MA 1 -67.77 -12.25 115.22
CA LYS MA 1 -67.77 -13.24 116.29
C LYS MA 1 -66.36 -13.68 116.62
N SER MA 2 -66.19 -14.28 117.79
CA SER MA 2 -64.91 -14.84 118.21
C SER MA 2 -64.95 -16.34 117.94
N TYR MA 3 -64.17 -16.79 116.97
CA TYR MA 3 -64.16 -18.20 116.62
C TYR MA 3 -63.45 -19.06 117.66
N TYR MA 4 -62.61 -18.46 118.51
CA TYR MA 4 -61.94 -19.23 119.54
C TYR MA 4 -62.92 -19.79 120.55
N ASP MA 5 -63.98 -19.04 120.86
CA ASP MA 5 -64.97 -19.50 121.82
C ASP MA 5 -65.69 -20.75 121.35
N ASP MA 6 -65.72 -21.00 120.04
CA ASP MA 6 -66.41 -22.19 119.54
C ASP MA 6 -65.73 -23.46 119.99
N PHE MA 7 -64.40 -23.49 119.99
CA PHE MA 7 -63.64 -24.67 120.37
C PHE MA 7 -62.83 -24.45 121.64
N LYS MA 8 -63.28 -23.54 122.50
CA LYS MA 8 -62.65 -23.38 123.80
C LYS MA 8 -62.74 -24.66 124.62
N ASP MA 9 -63.88 -25.34 124.55
CA ASP MA 9 -64.07 -26.52 125.38
C ASP MA 9 -63.03 -27.58 125.10
N ARG MA 10 -62.67 -27.78 123.83
CA ARG MA 10 -61.70 -28.81 123.50
C ARG MA 10 -60.35 -28.54 124.13
N LEU MA 11 -60.01 -27.27 124.33
CA LEU MA 11 -58.69 -26.89 124.83
C LEU MA 11 -58.77 -26.69 126.34
N LYS MA 12 -58.45 -27.74 127.07
CA LYS MA 12 -58.39 -27.68 128.53
C LYS MA 12 -56.98 -27.29 128.96
N PRO MA 13 -56.80 -26.25 129.76
CA PRO MA 13 -55.44 -25.85 130.15
C PRO MA 13 -54.68 -26.98 130.83
N GLY MA 14 -53.38 -27.02 130.56
CA GLY MA 14 -52.56 -28.11 131.07
C GLY MA 14 -52.21 -27.95 132.54
N LYS MA 15 -51.74 -29.05 133.12
CA LYS MA 15 -51.38 -29.12 134.53
C LYS MA 15 -49.88 -29.12 134.75
N TYR MA 16 -49.16 -30.04 134.12
CA TYR MA 16 -47.72 -30.15 134.30
C TYR MA 16 -46.99 -29.31 133.26
N THR MA 17 -45.79 -28.88 133.62
CA THR MA 17 -44.94 -28.17 132.67
C THR MA 17 -44.37 -29.16 131.67
N GLN MA 18 -44.54 -28.85 130.38
CA GLN MA 18 -44.11 -29.70 129.27
C GLN MA 18 -44.90 -30.99 129.19
N GLY MA 19 -46.00 -31.12 129.93
CA GLY MA 19 -46.91 -32.23 129.75
C GLY MA 19 -46.55 -33.50 130.49
N ARG MA 20 -45.51 -33.51 131.30
CA ARG MA 20 -45.10 -34.70 132.02
C ARG MA 20 -44.99 -34.40 133.51
N CYS MA 21 -45.46 -35.34 134.32
CA CYS MA 21 -45.20 -35.30 135.74
C CYS MA 21 -43.74 -35.68 136.00
N PRO MA 22 -43.23 -35.38 137.20
CA PRO MA 22 -41.87 -35.82 137.52
C PRO MA 22 -41.75 -37.33 137.39
N GLN MA 23 -40.59 -37.78 136.92
CA GLN MA 23 -40.38 -39.20 136.67
C GLN MA 23 -40.63 -40.03 137.92
N SER MA 24 -40.39 -39.46 139.11
CA SER MA 24 -40.65 -40.19 140.34
C SER MA 24 -42.13 -40.53 140.47
N GLU MA 25 -43.01 -39.58 140.16
CA GLU MA 25 -44.45 -39.85 140.25
C GLU MA 25 -44.90 -40.85 139.18
N GLY MA 26 -44.39 -40.72 137.97
CA GLY MA 26 -44.72 -41.65 136.90
C GLY MA 26 -43.54 -41.85 135.97
N ASP MA 27 -43.10 -43.10 135.80
CA ASP MA 27 -41.91 -43.40 135.02
C ASP MA 27 -42.30 -43.54 133.55
N TYR MA 28 -42.20 -42.44 132.82
CA TYR MA 28 -42.50 -42.44 131.40
C TYR MA 28 -41.41 -43.06 130.56
N ARG MA 29 -40.24 -43.33 131.14
CA ARG MA 29 -39.15 -43.92 130.39
C ARG MA 29 -39.35 -45.42 130.15
N GLN MA 30 -40.09 -46.09 131.01
CA GLN MA 30 -40.28 -47.53 130.87
C GLN MA 30 -41.22 -47.85 129.72
N GLU MA 31 -41.08 -49.04 129.17
CA GLU MA 31 -42.00 -49.51 128.15
C GLU MA 31 -43.36 -49.82 128.77
N SER MA 32 -44.42 -49.54 128.01
CA SER MA 32 -45.76 -49.80 128.49
C SER MA 32 -46.01 -51.31 128.55
N LYS MA 33 -46.71 -51.74 129.59
CA LYS MA 33 -47.09 -53.13 129.75
C LYS MA 33 -48.44 -53.46 129.11
N THR MA 34 -49.13 -52.46 128.57
CA THR MA 34 -50.43 -52.72 127.96
C THR MA 34 -50.27 -53.62 126.75
N ILE MA 35 -51.18 -54.57 126.61
CA ILE MA 35 -51.12 -55.49 125.48
C ILE MA 35 -51.28 -54.70 124.19
N GLY MA 36 -50.45 -55.04 123.19
CA GLY MA 36 -50.48 -54.34 121.93
C GLY MA 36 -49.73 -53.04 121.90
N ARG MA 37 -49.07 -52.66 122.99
CA ARG MA 37 -48.32 -51.41 123.06
C ARG MA 37 -46.87 -51.66 123.45
N GLU MA 38 -46.37 -52.86 123.16
CA GLU MA 38 -45.01 -53.20 123.55
C GLU MA 38 -43.97 -52.35 122.85
N HIS MA 39 -44.34 -51.71 121.74
CA HIS MA 39 -43.42 -50.86 121.00
C HIS MA 39 -43.47 -49.40 121.46
N LEU MA 40 -44.26 -49.10 122.48
CA LEU MA 40 -44.45 -47.73 122.94
C LEU MA 40 -44.03 -47.63 124.41
N ASN MA 41 -43.62 -46.43 124.80
CA ASN MA 41 -43.39 -46.13 126.20
C ASN MA 41 -44.71 -45.81 126.90
N ASP MA 42 -44.65 -45.58 128.20
CA ASP MA 42 -45.86 -45.28 128.95
C ASP MA 42 -46.50 -43.98 128.48
N ASP MA 43 -45.68 -42.97 128.20
CA ASP MA 43 -46.19 -41.68 127.74
C ASP MA 43 -46.59 -41.68 126.28
N GLY MA 44 -46.42 -42.80 125.57
CA GLY MA 44 -46.84 -42.91 124.20
C GLY MA 44 -45.74 -42.81 123.17
N THR MA 45 -44.57 -42.34 123.56
CA THR MA 45 -43.46 -42.26 122.62
C THR MA 45 -42.91 -43.65 122.33
N ARG MA 46 -42.29 -43.80 121.16
CA ARG MA 46 -41.73 -45.08 120.76
C ARG MA 46 -40.57 -45.46 121.68
N SER MA 47 -40.54 -46.73 122.08
CA SER MA 47 -39.51 -47.20 123.00
C SER MA 47 -38.18 -47.38 122.28
N LYS MA 48 -37.10 -47.17 123.02
CA LYS MA 48 -35.77 -47.34 122.46
C LYS MA 48 -35.55 -48.78 121.98
N ARG MA 49 -36.15 -49.76 122.66
CA ARG MA 49 -36.01 -51.14 122.21
C ARG MA 49 -36.57 -51.30 120.80
N TYR MA 50 -37.73 -50.71 120.54
CA TYR MA 50 -38.36 -50.88 119.24
C TYR MA 50 -37.57 -50.18 118.14
N THR MA 51 -37.02 -49.01 118.42
CA THR MA 51 -36.43 -48.19 117.38
C THR MA 51 -34.91 -48.32 117.28
N VAL MA 52 -34.23 -48.67 118.37
CA VAL MA 52 -32.77 -48.68 118.36
C VAL MA 52 -32.22 -50.05 118.71
N LYS MA 53 -32.50 -50.52 119.92
CA LYS MA 53 -31.82 -51.71 120.41
C LYS MA 53 -32.20 -52.96 119.61
N GLU MA 54 -33.44 -53.05 119.16
CA GLU MA 54 -33.91 -54.21 118.39
C GLU MA 54 -34.63 -53.73 117.14
N ALA MA 55 -34.02 -52.80 116.42
CA ALA MA 55 -34.62 -52.30 115.20
C ALA MA 55 -34.71 -53.39 114.15
N ASP MA 56 -35.85 -53.47 113.47
CA ASP MA 56 -36.07 -54.53 112.50
C ASP MA 56 -35.11 -54.42 111.32
N ALA MA 57 -34.70 -53.20 110.97
CA ALA MA 57 -33.77 -53.02 109.87
C ALA MA 57 -32.41 -53.66 110.16
N LEU MA 58 -32.11 -53.97 111.42
CA LEU MA 58 -30.86 -54.60 111.79
C LEU MA 58 -30.96 -56.12 111.89
N GLY MA 59 -32.11 -56.69 111.54
CA GLY MA 59 -32.29 -58.13 111.57
C GLY MA 59 -33.06 -58.66 112.75
N TYR MA 60 -33.58 -57.79 113.61
CA TYR MA 60 -34.37 -58.22 114.75
C TYR MA 60 -35.82 -58.40 114.33
N HIS MA 61 -36.48 -59.39 114.91
CA HIS MA 61 -37.90 -59.66 114.68
C HIS MA 61 -38.20 -59.72 113.18
N TYR MA 62 -37.49 -60.63 112.51
CA TYR MA 62 -37.66 -60.79 111.07
C TYR MA 62 -39.03 -61.37 110.78
N HIS MA 63 -39.83 -60.63 109.99
CA HIS MA 63 -41.19 -61.04 109.66
C HIS MA 63 -41.54 -60.51 108.28
N PRO MA 64 -41.33 -61.30 107.23
CA PRO MA 64 -41.65 -60.84 105.88
C PRO MA 64 -43.13 -60.55 105.73
N PRO MA 65 -43.51 -59.36 105.26
CA PRO MA 65 -44.94 -59.07 105.13
C PRO MA 65 -45.62 -59.77 103.97
N ILE MA 66 -44.96 -59.87 102.82
CA ILE MA 66 -45.60 -60.42 101.64
C ILE MA 66 -45.85 -61.91 101.85
N ASP MA 67 -46.96 -62.40 101.30
CA ASP MA 67 -47.39 -63.77 101.51
C ASP MA 67 -46.85 -64.67 100.38
N LYS MA 68 -47.29 -65.92 100.36
CA LYS MA 68 -46.79 -66.88 99.38
C LYS MA 68 -47.11 -66.43 97.95
N LYS MA 69 -48.32 -65.93 97.74
CA LYS MA 69 -48.76 -65.54 96.41
C LYS MA 69 -48.28 -64.14 96.01
N GLY MA 70 -47.33 -63.57 96.76
CA GLY MA 70 -46.86 -62.24 96.43
C GLY MA 70 -47.91 -61.16 96.58
N GLN MA 71 -48.73 -61.24 97.62
CA GLN MA 71 -49.83 -60.30 97.81
C GLN MA 71 -49.73 -59.69 99.20
N VAL MA 72 -50.26 -58.48 99.33
CA VAL MA 72 -50.39 -57.81 100.61
C VAL MA 72 -51.80 -57.26 100.70
N TYR MA 73 -52.29 -57.10 101.93
CA TYR MA 73 -53.66 -56.63 102.11
C TYR MA 73 -53.82 -55.24 101.53
N VAL MA 74 -54.90 -55.05 100.77
CA VAL MA 74 -55.23 -53.77 100.15
C VAL MA 74 -56.71 -53.51 100.40
N LYS MA 75 -57.03 -52.30 100.86
CA LYS MA 75 -58.41 -51.92 101.13
C LYS MA 75 -59.07 -51.42 99.86
N GLY MA 76 -60.24 -51.95 99.56
CA GLY MA 76 -60.93 -51.62 98.33
C GLY MA 76 -61.66 -50.30 98.42
N PRO MA 77 -62.11 -49.82 97.27
CA PRO MA 77 -62.87 -48.58 97.23
C PRO MA 77 -64.31 -48.80 97.65
N ASN MA 78 -64.97 -47.68 97.96
CA ASN MA 78 -66.39 -47.69 98.30
C ASN MA 78 -67.18 -47.73 97.00
N THR MA 79 -67.58 -48.93 96.59
CA THR MA 79 -68.25 -49.11 95.30
C THR MA 79 -69.76 -49.08 95.46
N VAL MA 80 -70.44 -48.53 94.47
CA VAL MA 80 -71.89 -48.46 94.42
C VAL MA 80 -72.32 -48.74 92.99
N ILE MA 81 -73.39 -49.50 92.83
CA ILE MA 81 -73.95 -49.81 91.52
C ILE MA 81 -75.31 -49.14 91.41
N GLU MA 82 -75.44 -48.24 90.44
CA GLU MA 82 -76.67 -47.50 90.21
C GLU MA 82 -76.75 -47.11 88.75
N ARG MA 83 -77.98 -47.01 88.25
CA ARG MA 83 -78.20 -46.56 86.88
C ARG MA 83 -77.40 -47.39 85.89
N GLY MA 84 -77.32 -48.69 86.15
CA GLY MA 84 -76.59 -49.58 85.27
C GLY MA 84 -75.13 -49.22 85.12
N GLN MA 85 -74.49 -48.85 86.23
CA GLN MA 85 -73.08 -48.46 86.20
C GLN MA 85 -72.50 -48.66 87.58
N THR MA 86 -71.25 -49.10 87.64
CA THR MA 86 -70.54 -49.26 88.90
C THR MA 86 -69.78 -47.98 89.20
N TRP MA 87 -70.10 -47.35 90.32
CA TRP MA 87 -69.51 -46.08 90.70
C TRP MA 87 -68.61 -46.26 91.91
N ILE MA 88 -67.64 -45.38 92.05
CA ILE MA 88 -66.76 -45.32 93.21
C ILE MA 88 -66.96 -43.97 93.87
N LYS MA 89 -67.33 -43.99 95.15
CA LYS MA 89 -67.49 -42.76 95.91
C LYS MA 89 -66.19 -42.43 96.62
N GLY MA 90 -65.62 -41.27 96.31
CA GLY MA 90 -64.35 -40.91 96.89
C GLY MA 90 -64.48 -40.54 98.36
N TYR MA 91 -63.39 -40.69 99.09
CA TYR MA 91 -63.36 -40.37 100.51
C TYR MA 91 -63.12 -38.87 100.68
N GLU MA 92 -64.09 -38.18 101.26
CA GLU MA 92 -63.95 -36.76 101.54
C GLU MA 92 -63.35 -36.56 102.92
N LEU MA 93 -62.40 -35.65 103.02
CA LEU MA 93 -61.76 -35.39 104.30
C LEU MA 93 -62.76 -34.77 105.28
N PRO MA 94 -62.55 -34.96 106.57
CA PRO MA 94 -63.49 -34.42 107.56
C PRO MA 94 -63.47 -32.90 107.55
N SER MA 95 -64.52 -32.32 108.13
CA SER MA 95 -64.62 -30.87 108.20
C SER MA 95 -63.39 -30.29 108.88
N MET MA 96 -62.90 -29.16 108.36
CA MET MA 96 -61.71 -28.54 108.92
C MET MA 96 -61.94 -28.06 110.34
N GLU MA 97 -63.19 -27.92 110.79
CA GLU MA 97 -63.42 -27.60 112.19
C GLU MA 97 -62.98 -28.74 113.09
N TYR MA 98 -63.22 -29.98 112.67
CA TYR MA 98 -62.81 -31.12 113.49
C TYR MA 98 -61.30 -31.17 113.64
N THR MA 99 -60.56 -30.91 112.56
CA THR MA 99 -59.12 -31.03 112.60
C THR MA 99 -58.43 -29.76 113.10
N TYR MA 100 -58.95 -28.59 112.74
CA TYR MA 100 -58.33 -27.32 113.12
C TYR MA 100 -59.07 -26.61 114.24
N GLY MA 101 -60.40 -26.67 114.26
CA GLY MA 101 -61.17 -26.12 115.35
C GLY MA 101 -62.13 -25.01 114.96
N PRO MA 102 -61.68 -24.07 114.14
CA PRO MA 102 -62.58 -22.97 113.75
C PRO MA 102 -63.81 -23.49 113.02
N LYS MA 103 -64.94 -22.86 113.28
CA LYS MA 103 -66.18 -23.25 112.62
C LYS MA 103 -66.18 -22.72 111.19
N GLN MA 104 -66.50 -23.60 110.25
CA GLN MA 104 -66.37 -23.29 108.82
C GLN MA 104 -67.61 -22.51 108.38
N GLU MA 105 -67.62 -21.23 108.71
CA GLU MA 105 -68.69 -20.34 108.31
C GLU MA 105 -68.12 -18.96 108.03
N ASP MA 106 -68.86 -18.17 107.25
CA ASP MA 106 -68.43 -16.83 106.89
C ASP MA 106 -67.05 -16.85 106.23
N ILE MA 107 -66.84 -17.83 105.37
CA ILE MA 107 -65.56 -17.95 104.68
C ILE MA 107 -65.46 -16.86 103.62
N PRO MA 108 -64.37 -16.09 103.55
CA PRO MA 108 -64.25 -15.09 102.50
C PRO MA 108 -64.26 -15.75 101.13
N PHE MA 109 -64.82 -15.04 100.16
CA PHE MA 109 -65.00 -15.58 98.82
C PHE MA 109 -63.74 -15.37 98.00
N TYR MA 110 -63.22 -16.45 97.44
CA TYR MA 110 -62.07 -16.40 96.54
C TYR MA 110 -62.46 -17.14 95.26
N PRO MA 111 -62.71 -16.44 94.16
CA PRO MA 111 -63.25 -17.10 92.98
C PRO MA 111 -62.19 -17.88 92.22
N ARG MA 112 -62.66 -18.77 91.36
CA ARG MA 112 -61.78 -19.42 90.41
C ARG MA 112 -61.24 -18.41 89.41
N VAL MA 113 -59.95 -18.46 89.14
CA VAL MA 113 -59.34 -17.63 88.11
C VAL MA 113 -58.15 -18.38 87.55
N LYS MA 114 -58.00 -18.34 86.24
CA LYS MA 114 -56.89 -19.02 85.61
C LYS MA 114 -55.61 -18.22 85.78
N LEU MA 115 -54.48 -18.85 85.42
CA LEU MA 115 -53.18 -18.29 85.73
C LEU MA 115 -53.03 -16.89 85.14
N ASN MA 116 -52.43 -16.00 85.93
CA ASN MA 116 -52.10 -14.66 85.48
C ASN MA 116 -50.87 -14.74 84.59
N VAL MA 117 -51.04 -14.44 83.30
CA VAL MA 117 -50.00 -14.64 82.30
C VAL MA 117 -49.78 -13.34 81.54
N TRP MA 118 -48.53 -13.04 81.22
CA TRP MA 118 -48.20 -11.91 80.37
C TRP MA 118 -48.49 -12.25 78.92
N GLY MA 119 -49.20 -11.36 78.23
CA GLY MA 119 -49.56 -11.55 76.85
C GLY MA 119 -48.81 -10.63 75.91
N ASN MA 120 -49.27 -10.60 74.66
CA ASN MA 120 -48.66 -9.78 73.61
C ASN MA 120 -47.21 -10.20 73.38
N TYR MA 121 -47.08 -11.41 72.84
CA TYR MA 121 -45.77 -11.99 72.54
C TYR MA 121 -44.80 -10.98 71.95
N ASN MA 122 -45.26 -10.17 70.98
CA ASN MA 122 -44.38 -9.20 70.34
C ASN MA 122 -43.83 -8.21 71.37
N LEU MA 123 -44.72 -7.68 72.22
CA LEU MA 123 -44.27 -6.74 73.24
C LEU MA 123 -43.35 -7.41 74.24
N VAL MA 124 -43.67 -8.64 74.63
CA VAL MA 124 -42.90 -9.32 75.66
C VAL MA 124 -41.47 -9.59 75.18
N MET MA 125 -41.32 -9.97 73.92
CA MET MA 125 -39.98 -10.23 73.40
C MET MA 125 -39.11 -8.99 73.44
N LYS MA 126 -39.68 -7.82 73.15
CA LYS MA 126 -38.91 -6.59 73.23
C LYS MA 126 -38.48 -6.31 74.67
N VAL MA 127 -39.36 -6.57 75.64
CA VAL MA 127 -39.00 -6.37 77.03
C VAL MA 127 -37.84 -7.27 77.42
N GLU MA 128 -37.90 -8.54 77.03
CA GLU MA 128 -36.80 -9.45 77.31
C GLU MA 128 -35.52 -8.97 76.63
N PHE MA 129 -35.63 -8.45 75.42
CA PHE MA 129 -34.46 -7.91 74.74
C PHE MA 129 -33.86 -6.77 75.53
N LEU MA 130 -34.70 -5.86 76.03
CA LEU MA 130 -34.19 -4.72 76.79
C LEU MA 130 -33.52 -5.19 78.08
N PHE MA 131 -34.12 -6.19 78.75
CA PHE MA 131 -33.52 -6.67 79.98
C PHE MA 131 -32.08 -7.10 79.79
N PHE MA 132 -31.73 -7.57 78.59
CA PHE MA 132 -30.39 -8.04 78.33
C PHE MA 132 -29.46 -6.92 77.85
N TYR MA 133 -29.92 -6.06 76.95
CA TYR MA 133 -29.03 -5.14 76.28
C TYR MA 133 -28.96 -3.77 76.94
N LEU MA 134 -29.96 -3.37 77.69
CA LEU MA 134 -29.79 -2.16 78.51
C LEU MA 134 -28.63 -2.30 79.47
N PRO MA 135 -28.52 -3.40 80.22
CA PRO MA 135 -27.27 -3.60 81.00
C PRO MA 135 -26.04 -3.69 80.13
N THR MA 136 -26.16 -4.22 78.91
CA THR MA 136 -25.00 -4.31 78.03
C THR MA 136 -24.53 -2.93 77.59
N ILE MA 137 -25.46 -2.05 77.26
CA ILE MA 137 -25.08 -0.69 76.86
C ILE MA 137 -24.38 0.02 78.01
N ILE MA 138 -24.90 -0.16 79.23
CA ILE MA 138 -24.24 0.44 80.39
C ILE MA 138 -22.82 -0.07 80.51
N VAL MA 139 -22.62 -1.37 80.33
CA VAL MA 139 -21.27 -1.94 80.40
C VAL MA 139 -20.38 -1.31 79.34
N PHE MA 140 -20.89 -1.19 78.11
CA PHE MA 140 -20.09 -0.57 77.05
C PHE MA 140 -19.73 0.86 77.41
N GLY MA 141 -20.65 1.60 78.02
CA GLY MA 141 -20.34 2.95 78.43
C GLY MA 141 -19.21 3.03 79.44
N ILE MA 142 -19.09 2.02 80.29
CA ILE MA 142 -18.01 2.00 81.27
C ILE MA 142 -16.70 1.54 80.65
N CYS MA 143 -16.77 0.68 79.63
CA CYS MA 143 -15.56 0.04 79.13
C CYS MA 143 -14.52 1.06 78.69
N ILE MA 144 -14.92 2.02 77.86
CA ILE MA 144 -13.96 3.00 77.35
C ILE MA 144 -13.30 3.77 78.49
N PRO MA 145 -14.03 4.31 79.47
CA PRO MA 145 -13.36 4.94 80.60
C PRO MA 145 -12.39 4.01 81.30
N VAL MA 146 -12.72 2.73 81.41
CA VAL MA 146 -11.87 1.79 82.12
C VAL MA 146 -10.52 1.67 81.42
N TYR MA 147 -10.54 1.53 80.09
CA TYR MA 147 -9.29 1.43 79.35
C TYR MA 147 -8.44 2.66 79.56
N THR MA 148 -9.05 3.85 79.49
CA THR MA 148 -8.28 5.09 79.59
C THR MA 148 -7.59 5.20 80.93
N ILE MA 149 -8.32 4.94 82.01
CA ILE MA 149 -7.75 5.13 83.34
C ILE MA 149 -6.67 4.09 83.60
N ASN MA 150 -6.84 2.88 83.10
CA ASN MA 150 -5.79 1.87 83.23
C ASN MA 150 -4.52 2.33 82.56
N PHE MA 151 -4.62 2.90 81.36
CA PHE MA 151 -3.44 3.39 80.68
C PHE MA 151 -2.77 4.53 81.44
N ALA MA 152 -3.57 5.36 82.13
CA ALA MA 152 -2.99 6.47 82.87
C ALA MA 152 -2.12 5.96 84.02
N GLN MA 153 -2.54 4.88 84.66
CA GLN MA 153 -1.76 4.34 85.78
C GLN MA 153 -0.38 3.89 85.32
N GLU MA 154 -0.31 3.24 84.16
CA GLU MA 154 0.93 2.63 83.69
C GLU MA 154 1.68 3.50 82.69
N GLU MA 155 1.30 4.76 82.54
CA GLU MA 155 2.01 5.63 81.61
C GLU MA 155 3.47 5.76 82.01
N VAL MA 156 4.36 5.74 81.01
CA VAL MA 156 5.78 5.93 81.22
C VAL MA 156 6.04 7.42 81.45
N ILE MA 157 6.66 7.75 82.58
CA ILE MA 157 6.85 9.13 82.99
C ILE MA 157 8.33 9.39 83.16
N TYR MA 158 8.72 10.65 82.93
CA TYR MA 158 10.12 11.05 83.08
C TYR MA 158 10.34 11.46 84.53
N THR MA 159 10.47 10.45 85.39
CA THR MA 159 10.75 10.69 86.80
C THR MA 159 12.20 11.10 86.99
N THR MA 160 12.43 11.96 87.97
CA THR MA 160 13.77 12.45 88.28
C THR MA 160 14.25 12.07 89.67
N MET MA 161 13.38 11.48 90.50
CA MET MA 161 13.72 11.13 91.87
C MET MA 161 13.14 9.76 92.18
N THR MA 162 13.89 8.96 92.93
CA THR MA 162 13.46 7.62 93.33
C THR MA 162 13.46 7.52 94.85
N VAL MA 163 12.37 6.97 95.38
CA VAL MA 163 12.26 6.64 96.80
C VAL MA 163 11.95 5.17 96.90
N LYS MA 164 12.80 4.44 97.62
CA LYS MA 164 12.61 3.00 97.83
C LYS MA 164 11.96 2.78 99.20
N VAL MA 165 10.89 1.99 99.22
CA VAL MA 165 10.13 1.74 100.43
C VAL MA 165 10.12 0.24 100.70
N THR MA 166 10.52 -0.14 101.91
CA THR MA 166 10.52 -1.53 102.33
C THR MA 166 9.59 -1.69 103.53
N GLY MA 167 8.67 -2.66 103.43
CA GLY MA 167 7.77 -2.95 104.53
C GLY MA 167 8.31 -4.07 105.38
N ARG MA 168 8.36 -3.85 106.68
CA ARG MA 168 8.84 -4.83 107.64
C ARG MA 168 7.87 -4.90 108.81
N GLN MA 169 7.95 -5.98 109.58
CA GLN MA 169 7.10 -6.19 110.75
C GLN MA 169 7.73 -5.50 111.95
N TRP MA 170 7.13 -4.42 112.46
CA TRP MA 170 6.00 -3.70 111.87
C TRP MA 170 6.36 -2.22 111.78
N TYR MA 171 7.06 -1.87 110.72
CA TYR MA 171 7.53 -0.51 110.49
C TYR MA 171 7.90 -0.40 109.02
N TRP MA 172 8.11 0.83 108.57
CA TRP MA 172 8.48 1.11 107.18
C TRP MA 172 9.89 1.66 107.13
N VAL MA 173 10.66 1.19 106.16
CA VAL MA 173 12.03 1.64 105.93
C VAL MA 173 12.06 2.39 104.61
N TYR MA 174 12.67 3.57 104.63
CA TYR MA 174 12.75 4.44 103.47
C TYR MA 174 14.21 4.67 103.10
N GLU MA 175 14.54 4.50 101.83
CA GLU MA 175 15.88 4.76 101.32
C GLU MA 175 15.81 5.86 100.27
N VAL MA 176 16.60 6.91 100.45
CA VAL MA 176 16.59 8.06 99.56
C VAL MA 176 18.02 8.39 99.17
N GLU MA 177 18.16 9.07 98.03
CA GLU MA 177 19.47 9.45 97.54
C GLU MA 177 19.92 10.72 98.25
N SER MA 178 21.06 10.66 98.91
CA SER MA 178 21.57 11.82 99.62
C SER MA 178 22.22 12.79 98.63
N PRO MA 179 21.96 14.09 98.74
CA PRO MA 179 22.59 15.04 97.83
C PRO MA 179 24.09 15.11 98.01
N THR MA 180 24.78 15.40 96.92
CA THR MA 180 26.24 15.50 96.94
C THR MA 180 26.68 16.88 97.42
N PHE NA 1 -32.78 -44.37 115.34
CA PHE NA 1 -31.42 -43.88 115.54
C PHE NA 1 -31.37 -42.39 115.26
N TYR NA 2 -30.22 -41.80 115.51
CA TYR NA 2 -30.03 -40.37 115.27
C TYR NA 2 -28.81 -40.08 114.39
N ILE NA 3 -27.75 -40.86 114.51
CA ILE NA 3 -26.53 -40.64 113.74
C ILE NA 3 -26.50 -41.58 112.55
N LEU NA 4 -27.12 -42.75 112.67
CA LEU NA 4 -27.10 -43.74 111.61
C LEU NA 4 -28.11 -43.45 110.50
N VAL NA 5 -28.96 -42.44 110.67
CA VAL NA 5 -30.03 -42.21 109.70
C VAL NA 5 -29.43 -41.82 108.35
N ASN NA 6 -29.95 -42.43 107.29
CA ASN NA 6 -29.58 -42.08 105.93
C ASN NA 6 -30.64 -41.28 105.20
N ASN NA 7 -31.83 -41.13 105.77
CA ASN NA 7 -32.89 -40.39 105.12
C ASN NA 7 -32.42 -38.99 104.76
N ASN NA 8 -32.57 -38.62 103.49
CA ASN NA 8 -32.06 -37.34 103.03
C ASN NA 8 -32.78 -36.18 103.71
N LYS NA 9 -34.09 -36.33 103.92
CA LYS NA 9 -34.83 -35.26 104.59
C LYS NA 9 -34.36 -35.06 106.01
N ARG NA 10 -34.07 -36.15 106.74
CA ARG NA 10 -33.48 -36.01 108.06
C ARG NA 10 -32.13 -35.31 107.98
N ILE NA 11 -31.30 -35.72 107.02
CA ILE NA 11 -29.97 -35.11 106.89
C ILE NA 11 -30.09 -33.63 106.55
N GLY NA 12 -31.09 -33.27 105.74
CA GLY NA 12 -31.31 -31.87 105.46
C GLY NA 12 -31.60 -31.07 106.71
N ILE NA 13 -32.40 -31.64 107.62
CA ILE NA 13 -32.66 -30.98 108.88
C ILE NA 13 -31.38 -30.83 109.69
N TYR NA 14 -30.56 -31.89 109.71
CA TYR NA 14 -29.31 -31.83 110.47
C TYR NA 14 -28.41 -30.71 109.95
N TYR NA 15 -28.37 -30.51 108.63
CA TYR NA 15 -27.59 -29.41 108.08
C TYR NA 15 -28.09 -28.07 108.58
N ILE NA 16 -29.40 -27.88 108.60
CA ILE NA 16 -29.96 -26.63 109.09
C ILE NA 16 -29.69 -26.46 110.58
N LYS NA 17 -29.88 -27.54 111.36
CA LYS NA 17 -29.64 -27.46 112.79
C LYS NA 17 -28.18 -27.14 113.09
N LEU NA 18 -27.26 -27.81 112.39
CA LEU NA 18 -25.84 -27.60 112.66
C LEU NA 18 -25.42 -26.18 112.28
N SER NA 19 -25.96 -25.65 111.20
CA SER NA 19 -25.60 -24.30 110.77
C SER NA 19 -26.03 -23.27 111.81
N ILE NA 20 -27.20 -23.46 112.42
CA ILE NA 20 -27.64 -22.54 113.46
C ILE NA 20 -26.71 -22.61 114.67
N ILE NA 21 -26.35 -23.83 115.09
CA ILE NA 21 -25.47 -23.98 116.23
C ILE NA 21 -24.14 -23.30 115.96
N ILE NA 22 -23.53 -23.60 114.82
CA ILE NA 22 -22.28 -22.95 114.47
C ILE NA 22 -22.50 -21.47 114.25
N GLY NA 23 -23.72 -21.08 113.83
CA GLY NA 23 -24.02 -19.67 113.64
C GLY NA 23 -23.85 -18.88 114.91
N ILE NA 24 -24.14 -19.49 116.06
CA ILE NA 24 -24.00 -18.78 117.34
C ILE NA 24 -22.56 -18.36 117.56
N LEU NA 25 -21.63 -19.29 117.34
CA LEU NA 25 -20.21 -18.94 117.49
C LEU NA 25 -19.82 -17.86 116.49
N GLY NA 26 -20.30 -17.97 115.24
CA GLY NA 26 -20.03 -16.93 114.27
C GLY NA 26 -20.61 -15.59 114.69
N ILE NA 27 -21.82 -15.60 115.24
CA ILE NA 27 -22.42 -14.36 115.74
C ILE NA 27 -21.63 -13.82 116.91
N VAL NA 28 -21.18 -14.70 117.81
CA VAL NA 28 -20.36 -14.24 118.94
C VAL NA 28 -19.10 -13.57 118.43
N LEU NA 29 -18.43 -14.21 117.48
CA LEU NA 29 -17.22 -13.62 116.92
C LEU NA 29 -17.53 -12.27 116.29
N SER NA 30 -18.65 -12.19 115.56
CA SER NA 30 -19.03 -10.92 114.95
C SER NA 30 -19.33 -9.87 116.00
N TYR NA 31 -19.94 -10.29 117.11
CA TYR NA 31 -20.27 -9.34 118.17
C TYR NA 31 -19.01 -8.84 118.88
N ILE NA 32 -18.00 -9.71 119.01
CA ILE NA 32 -16.74 -9.28 119.62
C ILE NA 32 -16.11 -8.16 118.80
N ILE NA 33 -16.22 -8.24 117.47
CA ILE NA 33 -15.58 -7.26 116.61
C ILE NA 33 -16.20 -5.89 116.78
N ARG NA 34 -17.53 -5.81 116.69
CA ARG NA 34 -18.18 -4.50 116.72
C ARG NA 34 -18.09 -3.86 118.10
N VAL NA 35 -18.02 -4.66 119.16
CA VAL NA 35 -17.81 -4.10 120.49
C VAL NA 35 -16.43 -3.44 120.57
N GLU NA 36 -15.42 -4.11 120.01
CA GLU NA 36 -14.07 -3.54 120.03
C GLU NA 36 -14.01 -2.26 119.20
N LEU NA 37 -14.68 -2.24 118.07
CA LEU NA 37 -14.66 -1.09 117.16
C LEU NA 37 -15.63 0.01 117.57
N TYR NA 38 -16.17 -0.03 118.79
CA TYR NA 38 -17.09 1.01 119.21
C TYR NA 38 -16.40 2.37 119.27
N ASN NA 39 -15.16 2.41 119.76
CA ASN NA 39 -14.41 3.64 119.81
C ASN NA 39 -12.92 3.30 119.82
N SER NA 40 -12.11 4.32 119.59
CA SER NA 40 -10.66 4.15 119.61
C SER NA 40 -10.20 3.76 121.01
N GLY NA 41 -9.17 2.93 121.07
CA GLY NA 41 -8.71 2.39 122.34
C GLY NA 41 -9.31 1.03 122.62
N ASN NA 42 -8.57 0.23 123.39
CA ASN NA 42 -9.02 -1.13 123.69
C ASN NA 42 -10.27 -1.10 124.55
N ARG NA 43 -11.19 -2.02 124.25
CA ARG NA 43 -12.45 -2.13 124.99
C ARG NA 43 -12.64 -3.49 125.64
N ILE NA 44 -12.40 -4.58 124.91
CA ILE NA 44 -12.55 -5.92 125.47
C ILE NA 44 -11.35 -6.78 125.13
N ILE NA 45 -10.44 -6.28 124.31
CA ILE NA 45 -9.23 -7.00 123.93
C ILE NA 45 -8.03 -6.16 124.35
N LYS NA 46 -7.14 -6.76 125.13
CA LYS NA 46 -5.95 -6.05 125.58
C LYS NA 46 -5.05 -5.71 124.41
N TYR NA 47 -4.31 -4.62 124.56
CA TYR NA 47 -3.30 -4.29 123.56
C TYR NA 47 -2.26 -5.39 123.45
N ASP NA 48 -1.89 -5.99 124.58
CA ASP NA 48 -0.94 -7.09 124.56
C ASP NA 48 -1.55 -8.37 123.99
N ASN NA 49 -2.84 -8.39 123.74
CA ASN NA 49 -3.53 -9.57 123.23
C ASN NA 49 -4.16 -9.29 121.86
N VAL NA 50 -3.53 -8.42 121.07
CA VAL NA 50 -4.09 -8.08 119.77
C VAL NA 50 -4.16 -9.30 118.87
N ASN NA 51 -3.31 -10.30 119.12
CA ASN NA 51 -3.34 -11.51 118.30
C ASN NA 51 -4.72 -12.15 118.33
N TYR NA 52 -5.42 -12.06 119.46
CA TYR NA 52 -6.73 -12.69 119.54
C TYR NA 52 -7.70 -12.07 118.53
N TYR NA 53 -7.65 -10.75 118.37
CA TYR NA 53 -8.55 -10.10 117.43
C TYR NA 53 -8.33 -10.63 116.02
N ASN NA 54 -7.06 -10.83 115.62
CA ASN NA 54 -6.79 -11.39 114.31
C ASN NA 54 -7.40 -12.78 114.16
N MET NA 55 -7.44 -13.55 115.25
CA MET NA 55 -8.08 -14.86 115.18
C MET NA 55 -9.59 -14.73 115.08
N VAL NA 56 -10.17 -13.73 115.74
CA VAL NA 56 -11.61 -13.56 115.72
C VAL NA 56 -12.10 -13.29 114.30
N ILE NA 57 -11.43 -12.38 113.60
CA ILE NA 57 -11.85 -12.06 112.24
C ILE NA 57 -11.59 -13.23 111.32
N THR NA 58 -10.50 -13.95 111.54
CA THR NA 58 -10.19 -15.11 110.70
C THR NA 58 -11.24 -16.20 110.85
N LEU NA 59 -11.65 -16.48 112.09
CA LEU NA 59 -12.65 -17.51 112.31
C LEU NA 59 -14.04 -17.04 111.91
N HIS NA 60 -14.37 -15.79 112.23
CA HIS NA 60 -15.65 -15.23 111.81
C HIS NA 60 -15.86 -15.44 110.31
N GLY NA 61 -14.85 -15.10 109.51
CA GLY NA 61 -14.97 -15.28 108.08
C GLY NA 61 -15.06 -16.74 107.67
N LEU NA 62 -14.19 -17.57 108.23
CA LEU NA 62 -14.17 -18.98 107.84
C LEU NA 62 -15.44 -19.69 108.25
N LEU NA 63 -15.84 -19.56 109.52
CA LEU NA 63 -17.01 -20.29 110.00
C LEU NA 63 -18.26 -19.89 109.23
N MET NA 64 -18.44 -18.59 109.03
CA MET NA 64 -19.67 -18.13 108.39
C MET NA 64 -19.78 -18.65 106.96
N ILE NA 65 -18.66 -18.67 106.23
CA ILE NA 65 -18.70 -19.09 104.83
C ILE NA 65 -18.84 -20.60 104.73
N PHE NA 66 -17.87 -21.34 105.26
CA PHE NA 66 -17.80 -22.78 104.99
C PHE NA 66 -18.68 -23.60 105.92
N TYR NA 67 -18.94 -23.10 107.14
CA TYR NA 67 -19.63 -23.90 108.13
C TYR NA 67 -21.07 -23.46 108.38
N ILE NA 68 -21.49 -22.31 107.87
CA ILE NA 68 -22.80 -21.79 108.22
C ILE NA 68 -23.65 -21.58 106.96
N ILE NA 69 -23.21 -20.68 106.08
CA ILE NA 69 -24.03 -20.36 104.92
C ILE NA 69 -23.98 -21.47 103.89
N MET NA 70 -22.78 -21.98 103.58
CA MET NA 70 -22.69 -23.01 102.56
C MET NA 70 -23.44 -24.28 102.96
N PRO NA 71 -23.29 -24.82 104.16
CA PRO NA 71 -24.13 -25.97 104.54
C PRO NA 71 -25.61 -25.63 104.54
N GLY NA 72 -25.96 -24.42 104.96
CA GLY NA 72 -27.37 -24.06 105.04
C GLY NA 72 -28.04 -24.00 103.67
N LEU NA 73 -27.38 -23.35 102.71
CA LEU NA 73 -27.96 -23.16 101.39
C LEU NA 73 -27.66 -24.30 100.44
N TYR NA 74 -26.48 -24.92 100.55
CA TYR NA 74 -26.11 -25.99 99.65
C TYR NA 74 -26.30 -27.38 100.24
N GLY NA 75 -26.38 -27.50 101.56
CA GLY NA 75 -26.55 -28.80 102.18
C GLY NA 75 -27.92 -28.98 102.81
N GLY NA 76 -28.47 -27.92 103.40
CA GLY NA 76 -29.70 -28.07 104.14
C GLY NA 76 -30.95 -28.13 103.30
N ILE NA 77 -31.29 -27.03 102.63
CA ILE NA 77 -32.49 -27.00 101.80
C ILE NA 77 -32.38 -28.00 100.66
N PRO NA 78 -31.27 -28.05 99.91
CA PRO NA 78 -31.21 -28.99 98.78
C PRO NA 78 -31.43 -30.43 99.18
N LEU NA 79 -30.86 -30.89 100.28
CA LEU NA 79 -31.04 -32.27 100.67
C LEU NA 79 -32.47 -32.57 101.08
N TYR NA 80 -33.25 -31.54 101.42
CA TYR NA 80 -34.62 -31.77 101.84
C TYR NA 80 -35.59 -31.83 100.66
N ILE NA 81 -35.52 -30.85 99.75
CA ILE NA 81 -36.52 -30.72 98.72
C ILE NA 81 -36.05 -31.19 97.35
N LEU NA 82 -34.73 -31.19 97.10
CA LEU NA 82 -34.25 -31.53 95.77
C LEU NA 82 -34.75 -32.90 95.31
N PRO NA 83 -34.63 -33.97 96.09
CA PRO NA 83 -35.25 -35.23 95.67
C PRO NA 83 -36.76 -35.16 95.58
N ILE NA 84 -37.40 -34.21 96.26
CA ILE NA 84 -38.84 -34.04 96.11
C ILE NA 84 -39.16 -33.26 94.84
N LEU NA 85 -38.41 -32.20 94.56
CA LEU NA 85 -38.62 -31.48 93.31
C LEU NA 85 -38.42 -32.40 92.11
N SER NA 86 -37.39 -33.23 92.15
CA SER NA 86 -37.35 -34.37 91.27
C SER NA 86 -38.40 -35.37 91.69
N VAL NA 87 -38.87 -36.17 90.73
CA VAL NA 87 -39.93 -37.14 91.02
C VAL NA 87 -39.39 -38.37 91.75
N ILE NA 88 -38.10 -38.41 92.07
CA ILE NA 88 -37.49 -39.56 92.71
C ILE NA 88 -37.86 -39.61 94.18
N THR NA 89 -37.58 -40.73 94.83
CA THR NA 89 -37.95 -40.91 96.24
C THR NA 89 -36.90 -40.33 97.18
N ASP NA 90 -35.65 -40.79 97.07
CA ASP NA 90 -34.59 -40.40 97.98
C ASP NA 90 -33.35 -40.02 97.18
N ILE NA 91 -32.33 -39.54 97.91
CA ILE NA 91 -31.07 -39.17 97.28
C ILE NA 91 -30.40 -40.42 96.68
N VAL NA 92 -29.63 -40.19 95.62
CA VAL NA 92 -29.03 -41.31 94.87
C VAL NA 92 -28.04 -42.07 95.75
N LEU NA 93 -27.17 -41.35 96.44
CA LEU NA 93 -26.12 -41.96 97.25
C LEU NA 93 -26.43 -41.77 98.72
N PRO NA 94 -27.24 -42.62 99.33
CA PRO NA 94 -27.65 -42.36 100.72
C PRO NA 94 -26.50 -42.39 101.72
N ARG NA 95 -25.60 -43.37 101.61
CA ARG NA 95 -24.53 -43.48 102.60
C ARG NA 95 -23.58 -42.29 102.51
N ILE NA 96 -23.29 -41.81 101.30
CA ILE NA 96 -22.43 -40.63 101.16
C ILE NA 96 -23.08 -39.44 101.82
N ASN NA 97 -24.40 -39.32 101.71
CA ASN NA 97 -25.10 -38.20 102.32
C ASN NA 97 -24.90 -38.19 103.83
N ASN NA 98 -24.94 -39.37 104.45
CA ASN NA 98 -24.75 -39.45 105.90
C ASN NA 98 -23.37 -38.97 106.31
N ILE NA 99 -22.32 -39.45 105.60
CA ILE NA 99 -20.96 -39.13 106.03
C ILE NA 99 -20.65 -37.67 105.81
N SER NA 100 -21.32 -37.02 104.86
CA SER NA 100 -21.01 -35.62 104.58
C SER NA 100 -21.35 -34.73 105.76
N ILE NA 101 -22.50 -34.93 106.38
CA ILE NA 101 -22.85 -34.10 107.53
C ILE NA 101 -21.96 -34.42 108.71
N ILE NA 102 -21.61 -35.70 108.90
CA ILE NA 102 -20.71 -36.06 110.00
C ILE NA 102 -19.35 -35.42 109.79
N ILE NA 103 -18.88 -35.37 108.55
CA ILE NA 103 -17.59 -34.76 108.26
C ILE NA 103 -17.61 -33.28 108.62
N VAL NA 104 -18.72 -32.59 108.32
CA VAL NA 104 -18.81 -31.17 108.63
C VAL NA 104 -18.70 -30.96 110.14
N LEU NA 105 -19.37 -31.79 110.92
CA LEU NA 105 -19.31 -31.63 112.37
C LEU NA 105 -17.90 -31.86 112.90
N ILE NA 106 -17.23 -32.91 112.44
CA ILE NA 106 -15.90 -33.21 112.95
C ILE NA 106 -14.94 -32.08 112.64
N SER NA 107 -15.04 -31.49 111.45
CA SER NA 107 -14.17 -30.38 111.11
C SER NA 107 -14.46 -29.17 111.99
N TYR NA 108 -15.74 -28.96 112.33
CA TYR NA 108 -16.08 -27.87 113.25
C TYR NA 108 -15.46 -28.10 114.62
N ILE NA 109 -15.53 -29.33 115.12
CA ILE NA 109 -14.98 -29.63 116.44
C ILE NA 109 -13.48 -29.40 116.43
N VAL NA 110 -12.81 -29.76 115.35
CA VAL NA 110 -11.37 -29.54 115.24
C VAL NA 110 -11.06 -28.06 115.30
N VAL NA 111 -11.85 -27.24 114.60
CA VAL NA 111 -11.57 -25.81 114.56
C VAL NA 111 -11.75 -25.19 115.94
N ILE NA 112 -12.87 -25.47 116.60
CA ILE NA 112 -13.13 -24.83 117.89
C ILE NA 112 -12.17 -25.36 118.95
N ASN NA 113 -11.83 -26.65 118.88
CA ASN NA 113 -10.84 -27.18 119.81
C ASN NA 113 -9.51 -26.46 119.64
N SER NA 114 -9.15 -26.11 118.41
CA SER NA 114 -7.89 -25.41 118.19
C SER NA 114 -7.89 -24.04 118.85
N ILE NA 115 -9.06 -23.38 118.92
CA ILE NA 115 -9.14 -22.11 119.64
C ILE NA 115 -8.76 -22.32 121.10
N VAL NA 116 -9.29 -23.37 121.70
CA VAL NA 116 -9.13 -23.57 123.14
C VAL NA 116 -7.69 -23.96 123.47
N ILE NA 117 -7.08 -24.83 122.66
CA ILE NA 117 -5.81 -25.44 123.02
C ILE NA 117 -4.62 -24.70 122.42
N GLU NA 118 -4.71 -24.26 121.16
CA GLU NA 118 -3.57 -23.62 120.52
C GLU NA 118 -3.49 -22.15 120.88
N TYR NA 119 -2.30 -21.58 120.70
CA TYR NA 119 -2.14 -20.13 120.78
C TYR NA 119 -3.00 -19.46 119.70
N ASN NA 120 -3.62 -18.34 120.07
CA ASN NA 120 -4.61 -17.69 119.21
C ASN NA 120 -3.92 -16.61 118.37
N ILE NA 121 -3.76 -16.87 117.07
CA ILE NA 121 -3.25 -15.89 116.13
C ILE NA 121 -4.09 -16.01 114.86
N GLY NA 122 -4.01 -14.98 114.02
CA GLY NA 122 -4.84 -14.91 112.84
C GLY NA 122 -4.07 -14.42 111.62
N THR NA 123 -4.55 -14.86 110.46
CA THR NA 123 -3.98 -14.43 109.19
C THR NA 123 -5.05 -14.10 108.16
N GLY NA 124 -6.29 -13.89 108.58
CA GLY NA 124 -7.38 -13.65 107.66
C GLY NA 124 -7.94 -14.95 107.12
N TRP NA 125 -9.18 -14.88 106.63
CA TRP NA 125 -9.81 -16.08 106.10
C TRP NA 125 -9.19 -16.50 104.78
N THR NA 126 -8.46 -15.61 104.12
CA THR NA 126 -7.80 -15.91 102.86
C THR NA 126 -6.43 -16.55 103.05
N LEU NA 127 -5.88 -16.53 104.27
CA LEU NA 127 -4.66 -17.27 104.60
C LEU NA 127 -3.51 -16.96 103.64
N TYR NA 128 -3.30 -15.67 103.38
CA TYR NA 128 -2.23 -15.27 102.49
C TYR NA 128 -0.88 -15.66 103.10
N PRO NA 129 -0.02 -16.36 102.37
CA PRO NA 129 1.37 -16.48 102.80
C PRO NA 129 2.13 -15.21 102.47
N PRO NA 130 3.30 -14.98 103.08
CA PRO NA 130 4.03 -15.82 104.02
C PRO NA 130 3.50 -15.78 105.44
N LEU NA 131 2.56 -14.87 105.74
CA LEU NA 131 2.06 -14.75 107.10
C LEU NA 131 1.46 -16.06 107.58
N SER NA 132 0.72 -16.75 106.71
CA SER NA 132 0.09 -18.00 107.10
C SER NA 132 1.10 -19.09 107.41
N ILE NA 133 2.27 -19.06 106.76
CA ILE NA 133 3.24 -20.14 106.91
C ILE NA 133 4.31 -19.84 107.94
N ILE NA 134 4.27 -18.66 108.58
CA ILE NA 134 5.16 -18.35 109.69
C ILE NA 134 4.42 -18.33 111.02
N GLY NA 135 3.18 -18.83 111.04
CA GLY NA 135 2.37 -18.81 112.24
C GLY NA 135 2.55 -20.07 113.08
N THR NA 136 1.70 -20.19 114.09
CA THR NA 136 1.76 -21.30 115.03
C THR NA 136 0.83 -22.43 114.56
N VAL NA 137 0.65 -23.43 115.43
CA VAL NA 137 -0.04 -24.65 115.03
C VAL NA 137 -1.52 -24.42 114.78
N ILE NA 138 -2.10 -23.32 115.29
CA ILE NA 138 -3.51 -23.08 115.03
C ILE NA 138 -3.75 -22.98 113.53
N VAL NA 139 -2.78 -22.48 112.78
CA VAL NA 139 -2.92 -22.41 111.33
C VAL NA 139 -2.92 -23.81 110.73
N ASN NA 140 -2.10 -24.71 111.27
CA ASN NA 140 -2.13 -26.09 110.80
C ASN NA 140 -3.50 -26.71 111.03
N MET NA 141 -4.10 -26.47 112.19
CA MET NA 141 -5.39 -27.04 112.51
C MET NA 141 -6.47 -26.52 111.58
N ILE NA 142 -6.43 -25.21 111.28
CA ILE NA 142 -7.43 -24.63 110.40
C ILE NA 142 -7.32 -25.22 108.99
N LEU NA 143 -6.10 -25.51 108.54
CA LEU NA 143 -5.93 -26.12 107.23
C LEU NA 143 -6.58 -27.50 107.19
N TYR NA 144 -6.41 -28.29 108.26
CA TYR NA 144 -7.04 -29.61 108.30
C TYR NA 144 -8.55 -29.48 108.19
N GLY NA 145 -9.13 -28.49 108.87
CA GLY NA 145 -10.57 -28.30 108.77
C GLY NA 145 -11.01 -28.00 107.36
N LEU NA 146 -10.31 -27.10 106.67
CA LEU NA 146 -10.68 -26.74 105.31
C LEU NA 146 -10.57 -27.93 104.38
N ILE NA 147 -9.48 -28.68 104.47
CA ILE NA 147 -9.33 -29.86 103.63
C ILE NA 147 -10.42 -30.87 103.91
N ILE NA 148 -10.73 -31.09 105.20
CA ILE NA 148 -11.80 -32.00 105.56
C ILE NA 148 -13.13 -31.47 105.04
N ILE NA 149 -13.37 -30.17 105.18
CA ILE NA 149 -14.59 -29.58 104.64
C ILE NA 149 -14.65 -29.77 103.13
N GLY NA 150 -13.50 -29.65 102.47
CA GLY NA 150 -13.46 -29.84 101.03
C GLY NA 150 -13.94 -31.22 100.62
N ILE NA 151 -13.61 -32.24 101.42
CA ILE NA 151 -14.06 -33.59 101.11
C ILE NA 151 -15.58 -33.66 101.13
N SER NA 152 -16.21 -33.08 102.16
CA SER NA 152 -17.66 -33.13 102.24
C SER NA 152 -18.30 -32.39 101.08
N SER NA 153 -17.74 -31.22 100.72
CA SER NA 153 -18.33 -30.44 99.64
C SER NA 153 -18.29 -31.21 98.32
N ILE NA 154 -17.17 -31.86 98.01
CA ILE NA 154 -17.05 -32.51 96.71
C ILE NA 154 -17.96 -33.72 96.63
N ILE NA 155 -18.03 -34.52 97.70
CA ILE NA 155 -18.87 -35.71 97.66
C ILE NA 155 -20.34 -35.31 97.59
N SER NA 156 -20.71 -34.23 98.28
CA SER NA 156 -22.08 -33.73 98.16
C SER NA 156 -22.35 -33.23 96.75
N ALA NA 157 -21.35 -32.60 96.11
CA ALA NA 157 -21.53 -32.20 94.72
C ALA NA 157 -21.73 -33.41 93.82
N ILE NA 158 -20.97 -34.48 94.06
CA ILE NA 158 -21.16 -35.69 93.28
C ILE NA 158 -22.57 -36.23 93.48
N ASN NA 159 -23.09 -36.12 94.69
CA ASN NA 159 -24.42 -36.64 94.98
C ASN NA 159 -25.48 -35.92 94.14
N PHE NA 160 -25.40 -34.59 94.07
CA PHE NA 160 -26.42 -33.84 93.36
C PHE NA 160 -26.33 -34.06 91.85
N MET NA 161 -25.11 -34.18 91.32
CA MET NA 161 -24.97 -34.39 89.88
C MET NA 161 -25.65 -35.68 89.43
N ASN NA 162 -25.70 -36.68 90.30
CA ASN NA 162 -26.33 -37.95 89.94
C ASN NA 162 -27.83 -37.84 89.79
N ILE NA 163 -28.44 -36.74 90.22
CA ILE NA 163 -29.88 -36.58 90.05
C ILE NA 163 -30.24 -36.50 88.58
N LEU NA 164 -29.35 -35.97 87.75
CA LEU NA 164 -29.61 -35.91 86.31
C LEU NA 164 -29.92 -37.29 85.76
N ILE NA 165 -29.28 -38.34 86.31
CA ILE NA 165 -29.48 -39.68 85.80
C ILE NA 165 -30.87 -40.18 86.13
N VAL NA 166 -31.36 -39.87 87.32
CA VAL NA 166 -32.57 -40.50 87.86
C VAL NA 166 -33.79 -39.58 87.82
N ILE NA 167 -33.62 -38.30 87.52
CA ILE NA 167 -34.74 -37.38 87.58
C ILE NA 167 -35.85 -37.86 86.65
N ASP NA 168 -37.06 -38.00 87.18
CA ASP NA 168 -38.20 -38.50 86.42
C ASP NA 168 -39.20 -37.41 86.05
N GLY NA 169 -38.84 -36.14 86.24
CA GLY NA 169 -39.69 -35.03 85.89
C GLY NA 169 -38.94 -34.00 85.07
N ILE NA 170 -39.31 -32.74 85.27
CA ILE NA 170 -38.68 -31.63 84.59
C ILE NA 170 -37.62 -31.03 85.51
N ILE NA 171 -36.53 -30.55 84.92
CA ILE NA 171 -35.47 -29.89 85.67
C ILE NA 171 -35.91 -28.46 85.94
N TYR NA 172 -36.40 -28.19 87.14
CA TYR NA 172 -36.85 -26.85 87.48
C TYR NA 172 -35.65 -25.93 87.68
N VAL NA 173 -35.94 -24.62 87.72
CA VAL NA 173 -34.89 -23.63 87.85
C VAL NA 173 -34.08 -23.88 89.11
N TYR NA 174 -34.75 -24.24 90.21
CA TYR NA 174 -34.01 -24.50 91.44
C TYR NA 174 -33.04 -25.65 91.26
N ILE NA 175 -33.47 -26.71 90.58
CA ILE NA 175 -32.59 -27.86 90.37
C ILE NA 175 -31.37 -27.44 89.54
N TRP NA 176 -31.58 -26.56 88.58
CA TRP NA 176 -30.46 -26.08 87.78
C TRP NA 176 -29.45 -25.34 88.64
N SER NA 177 -29.92 -24.53 89.59
CA SER NA 177 -29.01 -23.77 90.43
C SER NA 177 -28.12 -24.69 91.23
N ILE NA 178 -28.66 -25.76 91.78
CA ILE NA 178 -27.86 -26.69 92.56
C ILE NA 178 -26.89 -27.45 91.66
N ILE NA 179 -27.35 -27.85 90.46
CA ILE NA 179 -26.49 -28.61 89.57
C ILE NA 179 -25.29 -27.78 89.15
N ILE NA 180 -25.52 -26.53 88.77
CA ILE NA 180 -24.43 -25.69 88.30
C ILE NA 180 -23.48 -25.37 89.45
N THR NA 181 -24.02 -25.19 90.66
CA THR NA 181 -23.15 -25.00 91.82
C THR NA 181 -22.26 -26.22 92.03
N SER NA 182 -22.81 -27.42 91.84
CA SER NA 182 -22.00 -28.63 91.95
C SER NA 182 -20.89 -28.62 90.91
N VAL NA 183 -21.21 -28.20 89.69
CA VAL NA 183 -20.19 -28.14 88.65
C VAL NA 183 -19.06 -27.20 89.05
N LEU NA 184 -19.40 -26.05 89.63
CA LEU NA 184 -18.37 -25.11 90.07
C LEU NA 184 -17.48 -25.73 91.14
N LEU NA 185 -18.08 -26.46 92.08
CA LEU NA 185 -17.28 -27.11 93.11
C LEU NA 185 -16.33 -28.14 92.49
N ILE NA 186 -16.83 -28.93 91.55
CA ILE NA 186 -16.01 -29.99 90.96
C ILE NA 186 -14.79 -29.40 90.27
N ILE NA 187 -14.95 -28.26 89.61
CA ILE NA 187 -13.84 -27.67 88.87
C ILE NA 187 -12.95 -26.81 89.75
N SER NA 188 -13.49 -26.23 90.82
CA SER NA 188 -12.72 -25.31 91.65
C SER NA 188 -12.07 -25.97 92.85
N LEU NA 189 -12.73 -26.98 93.44
CA LEU NA 189 -12.18 -27.60 94.64
C LEU NA 189 -10.81 -28.22 94.43
N PRO NA 190 -10.58 -29.03 93.39
CA PRO NA 190 -9.24 -29.62 93.23
C PRO NA 190 -8.13 -28.59 93.15
N ILE NA 191 -8.40 -27.43 92.54
CA ILE NA 191 -7.40 -26.38 92.52
C ILE NA 191 -7.12 -25.88 93.93
N LEU NA 192 -8.18 -25.71 94.72
CA LEU NA 192 -7.99 -25.29 96.11
C LEU NA 192 -7.18 -26.30 96.89
N ASN NA 193 -7.47 -27.59 96.72
CA ASN NA 193 -6.73 -28.61 97.46
C ASN NA 193 -5.25 -28.56 97.11
N GLY NA 194 -4.94 -28.36 95.83
CA GLY NA 194 -3.54 -28.32 95.43
C GLY NA 194 -2.77 -27.22 96.12
N ILE NA 195 -3.32 -26.00 96.13
CA ILE NA 195 -2.60 -24.88 96.72
C ILE NA 195 -2.56 -25.02 98.25
N LEU NA 196 -3.63 -25.53 98.85
CA LEU NA 196 -3.61 -25.75 100.29
C LEU NA 196 -2.53 -26.74 100.68
N LEU NA 197 -2.31 -27.77 99.85
CA LEU NA 197 -1.23 -28.70 100.13
C LEU NA 197 0.11 -27.98 100.11
N MET NA 198 0.28 -27.04 99.19
CA MET NA 198 1.53 -26.27 99.14
C MET NA 198 1.71 -25.44 100.40
N ILE NA 199 0.62 -24.89 100.93
CA ILE NA 199 0.71 -24.18 102.20
C ILE NA 199 1.17 -25.13 103.30
N LEU NA 200 0.59 -26.33 103.35
CA LEU NA 200 1.05 -27.33 104.31
C LEU NA 200 2.50 -27.70 104.09
N SER NA 201 2.91 -27.83 102.83
CA SER NA 201 4.29 -28.19 102.54
C SER NA 201 5.25 -27.18 103.14
N ASP NA 202 4.97 -25.88 102.97
CA ASP NA 202 5.82 -24.86 103.55
C ASP NA 202 5.73 -24.87 105.07
N ILE NA 203 4.53 -25.10 105.62
CA ILE NA 203 4.36 -25.09 107.07
C ILE NA 203 5.02 -26.31 107.70
N TYR NA 204 4.87 -27.47 107.08
CA TYR NA 204 5.18 -28.73 107.74
C TYR NA 204 6.24 -29.57 107.05
N PHE NA 205 6.61 -29.26 105.80
CA PHE NA 205 7.54 -30.09 105.05
C PHE NA 205 8.73 -29.31 104.52
N ASN NA 206 9.02 -28.14 105.07
CA ASN NA 206 10.23 -27.38 104.75
C ASN NA 206 10.28 -27.00 103.28
N SER NA 207 9.11 -26.84 102.66
CA SER NA 207 9.05 -26.36 101.29
C SER NA 207 9.39 -24.88 101.22
N ILE NA 208 9.83 -24.43 100.05
CA ILE NA 208 10.32 -23.06 99.90
C ILE NA 208 9.57 -22.31 98.82
N TYR NA 209 8.31 -22.69 98.57
CA TYR NA 209 7.55 -22.02 97.53
C TYR NA 209 7.28 -20.56 97.86
N PHE NA 210 7.17 -20.22 99.15
CA PHE NA 210 6.76 -18.89 99.57
C PHE NA 210 7.87 -18.14 100.29
N ILE NA 211 9.10 -18.28 99.81
CA ILE NA 211 10.22 -17.45 100.23
C ILE NA 211 10.87 -16.86 98.97
N LEU NA 212 11.86 -16.00 99.17
CA LEU NA 212 12.43 -15.25 98.06
C LEU NA 212 12.82 -16.18 96.91
N ASN NA 213 12.60 -15.70 95.69
CA ASN NA 213 12.69 -16.42 94.44
C ASN NA 213 11.45 -17.31 94.24
N GLY NA 214 10.58 -17.43 95.22
CA GLY NA 214 9.30 -18.08 95.05
C GLY NA 214 8.20 -17.05 95.11
N ASP NA 215 7.41 -16.95 94.05
CA ASP NA 215 6.43 -15.88 93.97
C ASP NA 215 5.28 -16.14 94.94
N VAL NA 216 5.12 -15.25 95.92
CA VAL NA 216 4.00 -15.35 96.84
C VAL NA 216 2.69 -15.09 96.13
N VAL NA 217 2.71 -14.26 95.09
CA VAL NA 217 1.50 -13.98 94.32
C VAL NA 217 0.96 -15.25 93.68
N LEU NA 218 1.79 -16.30 93.60
CA LEU NA 218 1.32 -17.56 93.06
C LEU NA 218 0.15 -18.08 93.87
N TYR NA 219 0.22 -17.95 95.19
CA TYR NA 219 -0.87 -18.42 96.04
C TYR NA 219 -2.16 -17.68 95.73
N GLN NA 220 -2.07 -16.35 95.55
CA GLN NA 220 -3.27 -15.56 95.35
C GLN NA 220 -4.01 -15.99 94.10
N HIS NA 221 -3.29 -16.31 93.03
CA HIS NA 221 -3.96 -16.77 91.82
C HIS NA 221 -4.72 -18.06 92.07
N LEU NA 222 -4.04 -19.07 92.63
CA LEU NA 222 -4.70 -20.35 92.82
C LEU NA 222 -5.82 -20.25 93.84
N PHE NA 223 -5.61 -19.50 94.92
CA PHE NA 223 -6.65 -19.39 95.93
C PHE NA 223 -7.90 -18.73 95.35
N TRP NA 224 -7.72 -17.55 94.74
CA TRP NA 224 -8.88 -16.84 94.23
C TRP NA 224 -9.49 -17.53 93.03
N TYR NA 225 -8.74 -18.35 92.31
CA TYR NA 225 -9.36 -19.18 91.27
C TYR NA 225 -10.47 -20.02 91.87
N PHE NA 226 -10.34 -20.41 93.13
CA PHE NA 226 -11.43 -21.02 93.86
C PHE NA 226 -12.24 -20.00 94.64
N GLY NA 227 -11.59 -18.91 95.06
CA GLY NA 227 -12.24 -17.96 95.94
C GLY NA 227 -13.49 -17.34 95.32
N HIS NA 228 -13.39 -16.89 94.08
CA HIS NA 228 -14.56 -16.20 93.55
C HIS NA 228 -15.65 -17.17 93.17
N PRO NA 229 -15.35 -18.31 92.56
CA PRO NA 229 -16.41 -19.30 92.34
C PRO NA 229 -17.11 -19.66 93.64
N GLU NA 230 -16.42 -19.59 94.77
CA GLU NA 230 -17.05 -19.88 96.05
C GLU NA 230 -18.17 -18.89 96.34
N VAL NA 231 -17.94 -17.60 96.12
CA VAL NA 231 -18.99 -16.63 96.41
C VAL NA 231 -20.17 -16.85 95.48
N TYR NA 232 -19.90 -17.30 94.25
CA TYR NA 232 -20.99 -17.60 93.33
C TYR NA 232 -21.63 -18.94 93.68
N ILE NA 233 -20.87 -19.85 94.28
CA ILE NA 233 -21.46 -21.09 94.79
C ILE NA 233 -22.38 -20.81 95.97
N LEU NA 234 -22.04 -19.82 96.79
CA LEU NA 234 -22.92 -19.47 97.91
C LEU NA 234 -24.22 -18.86 97.42
N ILE NA 235 -24.17 -17.97 96.42
CA ILE NA 235 -25.34 -17.18 96.07
C ILE NA 235 -26.26 -17.93 95.11
N LEU NA 236 -25.71 -18.75 94.21
CA LEU NA 236 -26.55 -19.39 93.21
C LEU NA 236 -27.68 -20.21 93.84
N PRO NA 237 -27.46 -21.01 94.87
CA PRO NA 237 -28.59 -21.67 95.53
C PRO NA 237 -29.62 -20.69 96.07
N ALA NA 238 -29.16 -19.52 96.53
CA ALA NA 238 -30.10 -18.50 96.99
C ALA NA 238 -30.98 -18.01 95.86
N PHE NA 239 -30.41 -17.87 94.66
CA PHE NA 239 -31.22 -17.48 93.50
C PHE NA 239 -32.30 -18.50 93.23
N GLY NA 240 -31.97 -19.79 93.34
CA GLY NA 240 -32.99 -20.82 93.11
C GLY NA 240 -34.15 -20.70 94.07
N ILE NA 241 -33.86 -20.45 95.35
CA ILE NA 241 -34.93 -20.35 96.33
C ILE NA 241 -35.85 -19.17 96.01
N ILE NA 242 -35.26 -18.03 95.67
CA ILE NA 242 -36.07 -16.84 95.37
C ILE NA 242 -37.01 -17.11 94.21
N SER NA 243 -36.54 -17.84 93.20
CA SER NA 243 -37.39 -18.13 92.05
C SER NA 243 -38.61 -18.95 92.47
N ILE NA 244 -38.42 -19.93 93.35
CA ILE NA 244 -39.54 -20.76 93.79
C ILE NA 244 -40.51 -19.94 94.64
N ILE NA 245 -39.98 -19.17 95.59
CA ILE NA 245 -40.85 -18.44 96.51
C ILE NA 245 -41.72 -17.44 95.75
N LEU NA 246 -41.09 -16.67 94.85
CA LEU NA 246 -41.85 -15.64 94.15
C LEU NA 246 -42.94 -16.26 93.28
N SER NA 247 -42.62 -17.34 92.57
CA SER NA 247 -43.61 -17.97 91.72
C SER NA 247 -44.74 -18.59 92.55
N VAL NA 248 -44.38 -19.29 93.63
CA VAL NA 248 -45.38 -20.01 94.40
C VAL NA 248 -46.31 -19.05 95.12
N LEU NA 249 -45.76 -18.04 95.78
CA LEU NA 249 -46.55 -17.15 96.61
C LEU NA 249 -47.34 -16.12 95.80
N ASN NA 250 -47.09 -16.02 94.49
CA ASN NA 250 -47.83 -15.11 93.63
C ASN NA 250 -48.71 -15.84 92.62
N ASN NA 251 -48.66 -17.16 92.58
CA ASN NA 251 -49.47 -17.94 91.64
C ASN NA 251 -49.18 -17.52 90.21
N LYS NA 252 -47.92 -17.25 89.90
CA LYS NA 252 -47.51 -16.83 88.57
C LYS NA 252 -46.42 -17.77 88.05
N ILE NA 253 -46.60 -18.25 86.82
CA ILE NA 253 -45.58 -19.08 86.20
C ILE NA 253 -44.29 -18.28 86.10
N ILE NA 254 -43.17 -18.96 86.33
CA ILE NA 254 -41.88 -18.28 86.23
C ILE NA 254 -41.69 -17.78 84.81
N PHE NA 255 -41.48 -16.47 84.67
CA PHE NA 255 -41.32 -15.87 83.36
C PHE NA 255 -39.91 -16.07 82.85
N GLY NA 256 -39.78 -16.42 81.58
CA GLY NA 256 -38.48 -16.61 80.97
C GLY NA 256 -37.68 -17.68 81.68
N MET NA 257 -38.30 -18.85 81.87
CA MET NA 257 -37.60 -19.93 82.57
C MET NA 257 -36.24 -20.21 81.95
N LYS NA 258 -36.20 -20.34 80.62
CA LYS NA 258 -34.95 -20.64 79.95
C LYS NA 258 -33.95 -19.50 80.11
N SER NA 259 -34.43 -18.25 80.08
CA SER NA 259 -33.53 -17.14 80.32
C SER NA 259 -32.94 -17.21 81.73
N MET NA 260 -33.75 -17.57 82.72
CA MET NA 260 -33.24 -17.76 84.07
C MET NA 260 -32.18 -18.86 84.11
N ILE NA 261 -32.46 -19.99 83.47
CA ILE NA 261 -31.53 -21.11 83.47
C ILE NA 261 -30.22 -20.72 82.79
N LEU NA 262 -30.32 -20.06 81.63
CA LEU NA 262 -29.11 -19.66 80.92
C LEU NA 262 -28.34 -18.60 81.70
N ALA NA 263 -29.04 -17.74 82.42
CA ALA NA 263 -28.35 -16.75 83.25
C ALA NA 263 -27.49 -17.42 84.31
N ILE NA 264 -28.02 -18.47 84.94
CA ILE NA 264 -27.25 -19.19 85.95
C ILE NA 264 -26.04 -19.83 85.30
N ILE NA 265 -26.22 -20.47 84.15
CA ILE NA 265 -25.11 -21.10 83.47
C ILE NA 265 -24.07 -20.04 83.08
N MET NA 266 -24.53 -18.91 82.55
CA MET NA 266 -23.60 -17.87 82.12
C MET NA 266 -22.79 -17.35 83.30
N ILE NA 267 -23.43 -17.16 84.45
CA ILE NA 267 -22.73 -16.64 85.62
C ILE NA 267 -21.60 -17.57 86.02
N SER NA 268 -21.85 -18.88 86.01
CA SER NA 268 -20.81 -19.83 86.39
C SER NA 268 -19.63 -19.76 85.44
N ILE NA 269 -19.89 -19.70 84.13
CA ILE NA 269 -18.81 -19.63 83.16
C ILE NA 269 -18.00 -18.35 83.37
N LEU NA 270 -18.69 -17.23 83.52
CA LEU NA 270 -17.99 -15.97 83.77
C LEU NA 270 -17.33 -15.96 85.14
N GLY NA 271 -18.00 -16.54 86.14
CA GLY NA 271 -17.46 -16.54 87.48
C GLY NA 271 -16.18 -17.33 87.63
N SER NA 272 -15.89 -18.22 86.69
CA SER NA 272 -14.69 -19.03 86.75
C SER NA 272 -13.48 -18.36 86.12
N ILE NA 273 -13.65 -17.21 85.49
CA ILE NA 273 -12.56 -16.59 84.73
C ILE NA 273 -12.38 -15.12 85.09
N VAL NA 274 -12.82 -14.72 86.29
CA VAL NA 274 -12.71 -13.33 86.69
C VAL NA 274 -12.08 -13.19 88.06
N TRP NA 275 -11.37 -14.23 88.51
CA TRP NA 275 -10.92 -14.27 89.88
C TRP NA 275 -9.92 -13.17 90.22
N ALA NA 276 -9.23 -12.62 89.23
CA ALA NA 276 -8.10 -11.75 89.51
C ALA NA 276 -8.51 -10.32 89.84
N HIS NA 277 -9.81 -10.02 89.94
CA HIS NA 277 -10.18 -8.71 90.42
C HIS NA 277 -9.97 -8.59 91.92
N HIS NA 278 -9.56 -9.67 92.57
CA HIS NA 278 -9.08 -9.66 93.95
C HIS NA 278 -7.60 -9.33 94.04
N ILE NA 279 -6.92 -9.11 92.91
CA ILE NA 279 -5.47 -8.99 92.89
C ILE NA 279 -5.08 -7.72 92.14
N TYR NA 280 -5.95 -6.72 92.15
CA TYR NA 280 -5.68 -5.50 91.37
C TYR NA 280 -4.46 -4.76 91.90
N THR NA 281 -4.28 -4.72 93.22
CA THR NA 281 -3.24 -3.90 93.83
C THR NA 281 -1.88 -4.58 93.87
N VAL NA 282 -1.75 -5.80 93.37
CA VAL NA 282 -0.47 -6.49 93.45
C VAL NA 282 0.51 -6.06 92.36
N GLY NA 283 0.01 -5.42 91.29
CA GLY NA 283 0.88 -4.98 90.22
C GLY NA 283 0.90 -5.91 89.02
N LEU NA 284 -0.28 -6.31 88.57
CA LEU NA 284 -0.39 -7.15 87.39
C LEU NA 284 -0.12 -6.34 86.12
N GLU NA 285 0.05 -7.05 85.01
CA GLU NA 285 0.33 -6.40 83.74
C GLU NA 285 -0.87 -5.57 83.31
N LEU NA 286 -0.59 -4.55 82.50
CA LEU NA 286 -1.65 -3.65 82.04
C LEU NA 286 -2.74 -4.41 81.30
N ASP NA 287 -2.35 -5.25 80.33
CA ASP NA 287 -3.35 -5.98 79.57
C ASP NA 287 -4.12 -6.96 80.44
N THR NA 288 -3.44 -7.58 81.40
CA THR NA 288 -4.14 -8.50 82.30
C THR NA 288 -5.22 -7.78 83.09
N LYS NA 289 -4.90 -6.61 83.63
CA LYS NA 289 -5.89 -5.87 84.42
C LYS NA 289 -7.09 -5.48 83.56
N ILE NA 290 -6.84 -5.05 82.33
CA ILE NA 290 -7.93 -4.65 81.46
C ILE NA 290 -8.84 -5.83 81.18
N TYR NA 291 -8.26 -7.00 80.94
CA TYR NA 291 -9.08 -8.18 80.65
C TYR NA 291 -10.01 -8.50 81.80
N PHE NA 292 -9.46 -8.63 83.01
CA PHE NA 292 -10.28 -9.03 84.15
C PHE NA 292 -11.31 -7.98 84.48
N ASN NA 293 -10.95 -6.72 84.39
CA ASN NA 293 -11.92 -5.65 84.61
C ASN NA 293 -13.06 -5.73 83.61
N ASN NA 294 -12.74 -5.97 82.34
CA ASN NA 294 -13.78 -6.02 81.32
C ASN NA 294 -14.69 -7.22 81.53
N LEU NA 295 -14.11 -8.39 81.80
CA LEU NA 295 -14.92 -9.58 81.99
C LEU NA 295 -15.72 -9.53 83.29
N THR NA 296 -15.18 -8.86 84.31
CA THR NA 296 -15.91 -8.74 85.58
C THR NA 296 -17.19 -7.95 85.39
N LEU NA 297 -17.15 -6.87 84.61
CA LEU NA 297 -18.35 -6.08 84.37
C LEU NA 297 -19.40 -6.89 83.62
N ILE NA 298 -18.97 -7.80 82.74
CA ILE NA 298 -19.91 -8.58 81.96
C ILE NA 298 -20.78 -9.48 82.83
N ILE NA 299 -20.32 -9.80 84.04
CA ILE NA 299 -21.11 -10.67 84.91
C ILE NA 299 -22.42 -10.00 85.30
N SER NA 300 -22.49 -8.68 85.21
CA SER NA 300 -23.71 -7.98 85.58
C SER NA 300 -24.84 -8.24 84.58
N ILE NA 301 -24.49 -8.53 83.33
CA ILE NA 301 -25.51 -8.68 82.29
C ILE NA 301 -26.41 -9.87 82.62
N PRO NA 302 -25.88 -11.08 82.82
CA PRO NA 302 -26.77 -12.18 83.20
C PRO NA 302 -27.41 -11.99 84.55
N THR NA 303 -26.67 -11.42 85.51
CA THR NA 303 -27.24 -11.19 86.82
C THR NA 303 -28.37 -10.17 86.77
N GLY NA 304 -28.28 -9.19 85.88
CA GLY NA 304 -29.36 -8.22 85.74
C GLY NA 304 -30.63 -8.84 85.17
N ASN NA 305 -30.48 -9.76 84.22
CA ASN NA 305 -31.65 -10.39 83.63
C ASN NA 305 -32.47 -11.11 84.69
N LYS NA 306 -31.79 -11.81 85.60
CA LYS NA 306 -32.51 -12.52 86.66
C LYS NA 306 -33.26 -11.53 87.55
N ILE NA 307 -32.65 -10.40 87.88
CA ILE NA 307 -33.30 -9.42 88.74
C ILE NA 307 -34.61 -8.96 88.11
N TYR NA 308 -34.57 -8.60 86.83
CA TYR NA 308 -35.77 -8.10 86.19
C TYR NA 308 -36.83 -9.18 86.06
N ASN NA 309 -36.43 -10.42 85.78
CA ASN NA 309 -37.40 -11.50 85.71
C ASN NA 309 -38.08 -11.72 87.04
N TRP NA 310 -37.33 -11.56 88.14
CA TRP NA 310 -37.95 -11.65 89.47
C TRP NA 310 -38.96 -10.55 89.69
N ILE NA 311 -38.65 -9.33 89.25
CA ILE NA 311 -39.54 -8.21 89.51
C ILE NA 311 -40.91 -8.45 88.86
N ILE NA 312 -40.91 -8.90 87.60
CA ILE NA 312 -42.17 -9.13 86.92
C ILE NA 312 -42.96 -10.26 87.56
N LEU NA 313 -42.30 -11.16 88.29
CA LEU NA 313 -43.03 -12.19 89.00
C LEU NA 313 -43.90 -11.59 90.10
N TYR NA 314 -43.39 -10.59 90.81
CA TYR NA 314 -44.17 -9.97 91.87
C TYR NA 314 -45.21 -9.00 91.32
N ILE NA 315 -44.90 -8.34 90.20
CA ILE NA 315 -45.81 -7.36 89.64
C ILE NA 315 -47.08 -8.04 89.15
N GLY NA 316 -48.22 -7.42 89.43
CA GLY NA 316 -49.49 -7.89 88.93
C GLY NA 316 -50.12 -9.01 89.73
N SER NA 317 -49.52 -9.43 90.83
CA SER NA 317 -50.10 -10.49 91.63
C SER NA 317 -51.37 -10.01 92.33
N TYR NA 318 -52.25 -10.95 92.62
CA TYR NA 318 -53.55 -10.61 93.17
C TYR NA 318 -53.40 -9.84 94.48
N ASN NA 319 -54.24 -8.82 94.65
CA ASN NA 319 -54.19 -8.00 95.85
C ASN NA 319 -54.84 -8.69 97.04
N ILE NA 320 -55.80 -9.59 96.81
CA ILE NA 320 -56.54 -10.19 97.91
C ILE NA 320 -55.62 -11.02 98.79
N LEU NA 321 -54.64 -11.68 98.18
CA LEU NA 321 -53.69 -12.48 98.96
C LEU NA 321 -52.92 -11.59 99.92
N TYR NA 322 -52.80 -12.05 101.17
CA TYR NA 322 -52.05 -11.29 102.16
C TYR NA 322 -50.56 -11.32 101.82
N ASN NA 323 -49.95 -10.14 101.80
CA ASN NA 323 -48.56 -9.99 101.39
C ASN NA 323 -47.61 -9.81 102.57
N GLY NA 324 -48.09 -9.95 103.80
CA GLY NA 324 -47.27 -9.76 104.97
C GLY NA 324 -46.58 -10.99 105.48
N TYR NA 325 -46.65 -12.12 104.77
CA TYR NA 325 -45.95 -13.32 105.21
C TYR NA 325 -44.45 -13.09 105.18
N GLN NA 326 -43.77 -13.63 106.18
CA GLN NA 326 -42.34 -13.36 106.33
C GLN NA 326 -41.55 -13.88 105.14
N SER NA 327 -41.95 -15.03 104.59
CA SER NA 327 -41.24 -15.57 103.44
C SER NA 327 -41.32 -14.64 102.25
N LEU NA 328 -42.50 -14.10 101.97
CA LEU NA 328 -42.65 -13.18 100.85
C LEU NA 328 -41.86 -11.90 101.09
N ILE NA 329 -41.91 -11.37 102.30
CA ILE NA 329 -41.18 -10.13 102.60
C ILE NA 329 -39.69 -10.34 102.41
N PHE NA 330 -39.17 -11.47 102.89
CA PHE NA 330 -37.74 -11.73 102.75
C PHE NA 330 -37.36 -11.87 101.28
N SER NA 331 -38.18 -12.54 100.49
CA SER NA 331 -37.87 -12.69 99.07
C SER NA 331 -37.83 -11.33 98.38
N ILE NA 332 -38.78 -10.46 98.68
CA ILE NA 332 -38.77 -9.12 98.11
C ILE NA 332 -37.58 -8.32 98.62
N MET NA 333 -37.28 -8.45 99.91
CA MET NA 333 -36.15 -7.75 100.49
C MET NA 333 -34.85 -8.14 99.81
N PHE NA 334 -34.74 -9.39 99.37
CA PHE NA 334 -33.51 -9.85 98.73
C PHE NA 334 -33.22 -9.07 97.46
N ILE NA 335 -34.25 -8.80 96.64
CA ILE NA 335 -34.03 -8.06 95.41
C ILE NA 335 -33.49 -6.67 95.73
N ILE NA 336 -34.08 -6.00 96.71
CA ILE NA 336 -33.64 -4.66 97.07
C ILE NA 336 -32.21 -4.70 97.59
N ILE NA 337 -31.91 -5.67 98.46
CA ILE NA 337 -30.59 -5.73 99.07
C ILE NA 337 -29.54 -6.17 98.07
N PHE NA 338 -29.85 -7.19 97.26
CA PHE NA 338 -28.86 -7.70 96.33
C PHE NA 338 -28.42 -6.63 95.34
N ILE NA 339 -29.37 -5.81 94.88
CA ILE NA 339 -29.02 -4.74 93.94
C ILE NA 339 -28.00 -3.80 94.57
N ILE NA 340 -28.17 -3.48 95.85
CA ILE NA 340 -27.20 -2.62 96.52
C ILE NA 340 -25.82 -3.29 96.53
N GLY NA 341 -25.78 -4.56 96.91
CA GLY NA 341 -24.50 -5.25 96.98
C GLY NA 341 -23.85 -5.41 95.61
N GLY NA 342 -24.65 -5.74 94.61
CA GLY NA 342 -24.10 -5.91 93.28
C GLY NA 342 -23.60 -4.61 92.68
N ILE NA 343 -24.35 -3.52 92.85
CA ILE NA 343 -23.94 -2.25 92.29
C ILE NA 343 -22.60 -1.81 92.90
N THR NA 344 -22.46 -1.96 94.21
CA THR NA 344 -21.18 -1.63 94.84
C THR NA 344 -20.08 -2.56 94.35
N GLY NA 345 -20.44 -3.79 93.98
CA GLY NA 345 -19.45 -4.68 93.40
C GLY NA 345 -18.96 -4.18 92.05
N ILE NA 346 -19.86 -3.61 91.26
CA ILE NA 346 -19.47 -3.04 89.97
C ILE NA 346 -18.60 -1.81 90.18
N ILE NA 347 -18.87 -1.03 91.21
CA ILE NA 347 -18.05 0.14 91.48
C ILE NA 347 -16.63 -0.28 91.79
N ILE NA 348 -16.46 -1.30 92.63
CA ILE NA 348 -15.11 -1.76 92.99
C ILE NA 348 -14.52 -2.67 91.94
N SER NA 349 -15.26 -2.99 90.88
CA SER NA 349 -14.67 -3.71 89.76
C SER NA 349 -13.76 -2.82 88.95
N ILE NA 350 -14.09 -1.54 88.82
CA ILE NA 350 -13.20 -0.59 88.17
C ILE NA 350 -11.90 -0.52 88.98
N ASP NA 351 -10.80 -0.95 88.37
CA ASP NA 351 -9.58 -1.17 89.14
C ASP NA 351 -9.03 0.14 89.72
N ILE NA 352 -9.16 1.25 89.01
CA ILE NA 352 -8.63 2.51 89.52
C ILE NA 352 -9.45 2.96 90.74
N ILE NA 353 -10.76 2.77 90.70
CA ILE NA 353 -11.57 3.02 91.89
C ILE NA 353 -11.18 2.05 93.00
N ASP NA 354 -10.86 0.81 92.63
CA ASP NA 354 -10.50 -0.20 93.62
C ASP NA 354 -9.19 0.13 94.31
N ILE NA 355 -8.28 0.85 93.64
CA ILE NA 355 -7.03 1.21 94.28
C ILE NA 355 -7.29 1.90 95.60
N GLY NA 356 -8.28 2.79 95.63
CA GLY NA 356 -8.61 3.48 96.86
C GLY NA 356 -9.44 2.65 97.82
N LEU NA 357 -10.23 1.72 97.31
CA LEU NA 357 -11.19 0.98 98.12
C LEU NA 357 -10.76 -0.44 98.43
N HIS NA 358 -9.59 -0.88 97.99
CA HIS NA 358 -9.12 -2.20 98.40
C HIS NA 358 -8.77 -2.19 99.87
N ASP NA 359 -9.03 -3.32 100.53
CA ASP NA 359 -8.68 -3.48 101.94
C ASP NA 359 -9.24 -2.34 102.79
N THR NA 360 -10.49 -1.95 102.51
CA THR NA 360 -11.20 -0.96 103.28
C THR NA 360 -12.56 -1.53 103.66
N TYR NA 361 -13.24 -0.86 104.58
CA TYR NA 361 -14.53 -1.35 105.02
C TYR NA 361 -15.61 -1.21 103.95
N TYR NA 362 -15.33 -0.49 102.86
CA TYR NA 362 -16.26 -0.49 101.74
C TYR NA 362 -16.40 -1.90 101.17
N ILE NA 363 -15.30 -2.65 101.10
CA ILE NA 363 -15.38 -4.01 100.61
C ILE NA 363 -16.13 -4.88 101.61
N VAL NA 364 -15.94 -4.62 102.91
CA VAL NA 364 -16.69 -5.35 103.92
C VAL NA 364 -18.19 -5.19 103.70
N SER NA 365 -18.64 -3.94 103.65
CA SER NA 365 -20.06 -3.69 103.42
C SER NA 365 -20.54 -4.32 102.12
N HIS NA 366 -19.69 -4.33 101.09
CA HIS NA 366 -20.10 -4.93 99.81
C HIS NA 366 -20.54 -6.36 100.00
N PHE NA 367 -19.70 -7.18 100.62
CA PHE NA 367 -20.04 -8.59 100.70
C PHE NA 367 -20.94 -8.93 101.88
N HIS NA 368 -21.11 -8.01 102.83
CA HIS NA 368 -22.09 -8.24 103.88
C HIS NA 368 -23.51 -8.04 103.37
N TYR NA 369 -23.74 -6.99 102.58
CA TYR NA 369 -25.07 -6.79 102.01
C TYR NA 369 -25.49 -8.01 101.19
N ILE NA 370 -24.56 -8.63 100.50
CA ILE NA 370 -24.90 -9.78 99.67
C ILE NA 370 -25.06 -11.03 100.52
N LEU NA 371 -24.15 -11.27 101.44
CA LEU NA 371 -24.11 -12.51 102.22
C LEU NA 371 -24.84 -12.40 103.54
N SER NA 372 -24.48 -11.43 104.37
CA SER NA 372 -25.04 -11.35 105.72
C SER NA 372 -26.52 -11.00 105.69
N ILE NA 373 -26.96 -10.25 104.68
CA ILE NA 373 -28.36 -9.91 104.56
C ILE NA 373 -28.99 -10.81 103.51
N GLY NA 374 -28.49 -10.74 102.28
CA GLY NA 374 -29.15 -11.41 101.18
C GLY NA 374 -29.18 -12.92 101.35
N ALA NA 375 -28.02 -13.54 101.56
CA ALA NA 375 -27.98 -15.00 101.66
C ALA NA 375 -28.73 -15.50 102.88
N VAL NA 376 -28.53 -14.83 104.03
CA VAL NA 376 -29.24 -15.23 105.24
C VAL NA 376 -30.73 -15.11 105.05
N ILE NA 377 -31.17 -14.00 104.48
CA ILE NA 377 -32.60 -13.77 104.28
C ILE NA 377 -33.17 -14.77 103.28
N SER NA 378 -32.39 -15.13 102.25
CA SER NA 378 -32.83 -16.16 101.33
C SER NA 378 -32.95 -17.51 102.03
N LEU NA 379 -31.97 -17.85 102.86
CA LEU NA 379 -32.05 -19.08 103.63
C LEU NA 379 -33.23 -19.04 104.60
N LEU NA 380 -33.43 -17.92 105.28
CA LEU NA 380 -34.60 -17.77 106.12
C LEU NA 380 -35.88 -17.90 105.32
N ALA NA 381 -35.93 -17.26 104.15
CA ALA NA 381 -37.14 -17.29 103.34
C ALA NA 381 -37.47 -18.70 102.90
N GLY NA 382 -36.46 -19.47 102.49
CA GLY NA 382 -36.71 -20.83 102.07
C GLY NA 382 -37.21 -21.71 103.20
N ILE NA 383 -36.59 -21.58 104.38
CA ILE NA 383 -37.02 -22.37 105.53
C ILE NA 383 -38.45 -22.02 105.91
N LEU NA 384 -38.79 -20.74 105.86
CA LEU NA 384 -40.15 -20.32 106.17
C LEU NA 384 -41.14 -20.88 105.16
N LEU NA 385 -40.78 -20.88 103.88
CA LEU NA 385 -41.69 -21.43 102.88
C LEU NA 385 -41.97 -22.90 103.13
N LEU NA 386 -40.99 -23.64 103.64
CA LEU NA 386 -41.12 -25.07 103.88
C LEU NA 386 -41.47 -25.38 105.33
N LYS NA 387 -42.05 -24.42 106.06
CA LYS NA 387 -42.35 -24.66 107.46
C LYS NA 387 -43.34 -25.81 107.63
N ASP NA 388 -44.39 -25.82 106.83
CA ASP NA 388 -45.37 -26.91 106.92
C ASP NA 388 -44.74 -28.25 106.55
N ILE NA 389 -43.92 -28.27 105.50
CA ILE NA 389 -43.30 -29.52 105.07
C ILE NA 389 -42.26 -29.97 106.10
N ILE NA 390 -41.42 -29.05 106.55
CA ILE NA 390 -40.42 -29.40 107.56
C ILE NA 390 -41.10 -29.73 108.88
N GLY NA 391 -42.02 -28.88 109.31
CA GLY NA 391 -42.83 -29.15 110.49
C GLY NA 391 -42.32 -28.59 111.80
N TYR NA 392 -41.33 -27.70 111.77
CA TYR NA 392 -40.85 -27.12 113.02
C TYR NA 392 -41.86 -26.12 113.57
N TYR NA 393 -41.80 -25.91 114.88
CA TYR NA 393 -42.69 -24.98 115.55
C TYR NA 393 -41.94 -24.39 116.74
N ASN NA 394 -42.69 -23.79 117.67
CA ASN NA 394 -42.14 -23.14 118.86
C ASN NA 394 -41.36 -21.88 118.51
N VAL NA 395 -41.67 -21.24 117.39
CA VAL NA 395 -41.10 -19.96 117.03
C VAL NA 395 -42.20 -19.08 116.47
N ILE NA 396 -42.01 -17.78 116.56
CA ILE NA 396 -42.93 -16.80 116.00
C ILE NA 396 -42.17 -16.08 114.89
N ILE NA 397 -42.19 -16.65 113.69
CA ILE NA 397 -41.50 -16.06 112.55
C ILE NA 397 -42.34 -16.03 111.30
N LYS NA 398 -43.40 -16.83 111.20
CA LYS NA 398 -44.15 -16.94 109.95
C LYS NA 398 -44.84 -15.63 109.61
N ILE NA 399 -45.54 -15.04 110.58
CA ILE NA 399 -46.20 -13.75 110.41
C ILE NA 399 -45.69 -12.88 111.56
N ASN NA 400 -44.60 -12.18 111.31
CA ASN NA 400 -44.00 -11.31 112.33
C ASN NA 400 -43.42 -10.10 111.58
N LYS NA 401 -44.25 -9.07 111.42
CA LYS NA 401 -43.79 -7.89 110.70
C LYS NA 401 -42.76 -7.11 111.50
N TYR NA 402 -42.82 -7.19 112.83
CA TYR NA 402 -41.82 -6.50 113.64
C TYR NA 402 -40.43 -7.05 113.39
N PHE NA 403 -40.30 -8.38 113.31
CA PHE NA 403 -38.99 -8.97 113.11
C PHE NA 403 -38.40 -8.57 111.76
N GLY NA 404 -39.22 -8.59 110.71
CA GLY NA 404 -38.73 -8.20 109.39
C GLY NA 404 -38.30 -6.75 109.33
N LEU NA 405 -39.12 -5.86 109.88
CA LEU NA 405 -38.80 -4.44 109.85
C LEU NA 405 -37.57 -4.14 110.68
N LEU NA 406 -37.52 -4.65 111.91
CA LEU NA 406 -36.39 -4.37 112.78
C LEU NA 406 -35.10 -4.94 112.21
N LEU NA 407 -35.16 -6.15 111.66
CA LEU NA 407 -33.97 -6.74 111.06
C LEU NA 407 -33.47 -5.89 109.90
N PHE NA 408 -34.37 -5.46 109.04
CA PHE NA 408 -33.98 -4.68 107.87
C PHE NA 408 -33.37 -3.33 108.28
N ILE NA 409 -34.01 -2.65 109.23
CA ILE NA 409 -33.49 -1.35 109.65
C ILE NA 409 -32.12 -1.50 110.29
N ASN NA 410 -31.98 -2.47 111.18
CA ASN NA 410 -30.76 -2.53 111.97
C ASN NA 410 -29.57 -3.07 111.18
N ILE NA 411 -29.78 -4.04 110.30
CA ILE NA 411 -28.66 -4.52 109.49
C ILE NA 411 -28.17 -3.42 108.57
N ASN NA 412 -29.08 -2.61 108.05
CA ASN NA 412 -28.67 -1.47 107.24
C ASN NA 412 -27.90 -0.45 108.05
N ILE NA 413 -28.22 -0.31 109.34
CA ILE NA 413 -27.45 0.58 110.20
C ILE NA 413 -26.03 0.06 110.39
N ILE NA 414 -25.85 -1.25 110.44
CA ILE NA 414 -24.51 -1.81 110.64
C ILE NA 414 -23.62 -1.48 109.45
N PHE NA 415 -24.12 -1.69 108.23
CA PHE NA 415 -23.25 -1.78 107.07
C PHE NA 415 -23.29 -0.58 106.14
N THR NA 416 -24.35 0.23 106.16
CA THR NA 416 -24.31 1.46 105.39
C THR NA 416 -23.18 2.37 105.84
N PRO NA 417 -22.95 2.59 107.13
CA PRO NA 417 -21.81 3.42 107.52
C PRO NA 417 -20.48 2.89 107.04
N GLN NA 418 -20.36 1.58 106.86
CA GLN NA 418 -19.09 1.00 106.45
C GLN NA 418 -18.74 1.39 105.02
N PHE NA 419 -19.74 1.65 104.17
CA PHE NA 419 -19.45 2.24 102.86
C PHE NA 419 -18.80 3.61 103.04
N ILE NA 420 -19.38 4.45 103.90
CA ILE NA 420 -18.86 5.79 104.11
C ILE NA 420 -17.45 5.73 104.68
N ILE NA 421 -17.24 4.84 105.65
CA ILE NA 421 -15.93 4.71 106.27
C ILE NA 421 -14.88 4.34 105.24
N GLY NA 422 -15.27 3.64 104.18
CA GLY NA 422 -14.31 3.20 103.19
C GLY NA 422 -13.59 4.34 102.50
N PHE NA 423 -14.27 5.47 102.32
CA PHE NA 423 -13.67 6.65 101.68
C PHE NA 423 -12.95 7.55 102.66
N ASN NA 424 -12.91 7.22 103.95
CA ASN NA 424 -12.53 8.21 104.95
C ASN NA 424 -11.03 8.34 105.17
N VAL NA 425 -10.22 7.27 105.27
CA VAL NA 425 -10.47 5.87 104.96
C VAL NA 425 -10.12 5.02 106.17
N MET NA 426 -10.81 3.90 106.37
CA MET NA 426 -10.47 2.96 107.44
C MET NA 426 -10.09 1.62 106.82
N PRO NA 427 -8.89 1.10 107.08
CA PRO NA 427 -8.53 -0.22 106.55
C PRO NA 427 -9.34 -1.34 107.21
N ARG NA 428 -9.41 -2.47 106.51
CA ARG NA 428 -9.99 -3.67 107.08
C ARG NA 428 -9.01 -4.34 108.05
N ARG NA 429 -9.51 -5.32 108.79
CA ARG NA 429 -8.68 -6.17 109.63
C ARG NA 429 -7.87 -5.34 110.62
N ILE NA 430 -8.51 -4.33 111.20
CA ILE NA 430 -7.85 -3.35 112.05
C ILE NA 430 -8.64 -3.25 113.34
N LEU NA 431 -7.91 -3.15 114.47
CA LEU NA 431 -8.53 -3.04 115.78
C LEU NA 431 -8.62 -1.60 116.27
N GLU NA 432 -7.51 -0.86 116.18
CA GLU NA 432 -7.48 0.55 116.50
C GLU NA 432 -7.66 1.38 115.23
N TYR NA 433 -8.09 2.62 115.42
CA TYR NA 433 -8.27 3.53 114.29
C TYR NA 433 -8.21 4.97 114.81
N SER NA 434 -8.08 5.89 113.88
CA SER NA 434 -7.97 7.30 114.22
C SER NA 434 -9.28 7.79 114.84
N ASP NA 435 -9.15 8.81 115.69
CA ASP NA 435 -10.30 9.28 116.47
C ASP NA 435 -11.42 9.83 115.60
N ASN NA 436 -11.11 10.27 114.38
CA ASN NA 436 -12.09 10.95 113.54
C ASN NA 436 -12.99 10.01 112.76
N ILE NA 437 -12.83 8.69 112.93
CA ILE NA 437 -13.72 7.72 112.31
C ILE NA 437 -14.68 7.13 113.34
N ILE NA 438 -14.65 7.63 114.58
CA ILE NA 438 -15.43 7.01 115.66
C ILE NA 438 -16.92 7.11 115.37
N VAL NA 439 -17.39 8.25 114.88
CA VAL NA 439 -18.82 8.47 114.76
C VAL NA 439 -19.46 7.36 113.93
N TRP NA 440 -18.91 7.09 112.75
CA TRP NA 440 -19.51 6.08 111.88
C TRP NA 440 -19.34 4.68 112.47
N ASN NA 441 -18.18 4.40 113.05
CA ASN NA 441 -17.98 3.08 113.67
C ASN NA 441 -18.90 2.91 114.87
N LEU NA 442 -19.16 3.98 115.61
CA LEU NA 442 -20.07 3.90 116.75
C LEU NA 442 -21.49 3.57 116.28
N ILE NA 443 -21.93 4.19 115.19
CA ILE NA 443 -23.28 3.94 114.71
C ILE NA 443 -23.45 2.48 114.30
N SER NA 444 -22.47 1.94 113.57
CA SER NA 444 -22.56 0.54 113.18
C SER NA 444 -22.56 -0.37 114.40
N SER NA 445 -21.76 -0.04 115.41
CA SER NA 445 -21.73 -0.86 116.63
C SER NA 445 -23.09 -0.88 117.30
N ILE NA 446 -23.76 0.27 117.39
CA ILE NA 446 -25.10 0.30 117.95
C ILE NA 446 -26.03 -0.58 117.13
N GLY NA 447 -25.82 -0.63 115.82
CA GLY NA 447 -26.60 -1.50 114.98
C GLY NA 447 -26.38 -2.97 115.29
N SER NA 448 -25.13 -3.35 115.60
CA SER NA 448 -24.82 -4.75 115.85
C SER NA 448 -25.47 -5.25 117.13
N ILE NA 449 -25.37 -4.47 118.21
CA ILE NA 449 -25.98 -4.88 119.48
C ILE NA 449 -27.49 -4.98 119.33
N SER NA 450 -28.08 -4.10 118.53
CA SER NA 450 -29.52 -4.13 118.34
C SER NA 450 -29.97 -5.39 117.62
N THR NA 451 -29.24 -5.81 116.59
CA THR NA 451 -29.65 -6.99 115.84
C THR NA 451 -29.68 -8.23 116.70
N ILE NA 452 -28.69 -8.39 117.58
CA ILE NA 452 -28.64 -9.57 118.43
C ILE NA 452 -29.86 -9.64 119.34
N LEU NA 453 -30.29 -8.48 119.86
CA LEU NA 453 -31.47 -8.46 120.72
C LEU NA 453 -32.71 -8.93 119.95
N ILE NA 454 -32.80 -8.59 118.66
CA ILE NA 454 -33.98 -8.94 117.89
C ILE NA 454 -34.11 -10.45 117.75
N LEU NA 455 -32.98 -11.15 117.62
CA LEU NA 455 -33.03 -12.59 117.45
C LEU NA 455 -33.71 -13.27 118.62
N LEU NA 456 -33.57 -12.73 119.84
CA LEU NA 456 -34.19 -13.32 121.01
C LEU NA 456 -35.72 -13.27 120.94
N SER NA 457 -36.28 -12.40 120.12
CA SER NA 457 -37.73 -12.26 120.07
C SER NA 457 -38.42 -13.37 119.30
N ILE NA 458 -37.71 -14.09 118.44
CA ILE NA 458 -38.35 -15.11 117.62
C ILE NA 458 -38.88 -16.25 118.49
N PHE NA 459 -38.13 -16.62 119.52
CA PHE NA 459 -38.52 -17.71 120.40
C PHE NA 459 -39.78 -17.37 121.17
N GLY OA 1 -50.42 -63.26 112.78
CA GLY OA 1 -51.80 -63.16 113.23
C GLY OA 1 -51.93 -63.03 114.73
N ARG OA 2 -52.33 -61.85 115.18
CA ARG OA 2 -52.50 -61.57 116.60
C ARG OA 2 -53.85 -60.88 116.82
N GLU OA 3 -54.51 -61.24 117.92
CA GLU OA 3 -55.81 -60.68 118.26
C GLU OA 3 -55.64 -59.71 119.42
N LEU OA 4 -56.16 -58.49 119.24
CA LEU OA 4 -56.06 -57.45 120.25
C LEU OA 4 -57.43 -56.85 120.51
N PRO OA 5 -57.66 -56.34 121.71
CA PRO OA 5 -58.95 -55.68 122.00
C PRO OA 5 -58.99 -54.27 121.44
N GLU OA 6 -60.20 -53.73 121.38
CA GLU OA 6 -60.35 -52.36 120.90
C GLU OA 6 -59.82 -51.35 121.92
N TYR OA 7 -59.86 -51.70 123.21
CA TYR OA 7 -59.39 -50.80 124.25
C TYR OA 7 -58.92 -51.62 125.44
N VAL OA 8 -58.16 -50.98 126.31
CA VAL OA 8 -57.65 -51.60 127.52
C VAL OA 8 -57.81 -50.62 128.67
N VAL OA 9 -58.22 -51.13 129.84
CA VAL OA 9 -58.37 -50.33 131.04
C VAL OA 9 -57.12 -50.52 131.89
N LEU OA 10 -56.41 -49.43 132.18
CA LEU OA 10 -55.17 -49.53 132.92
C LEU OA 10 -55.47 -49.78 134.40
N PRO OA 11 -54.53 -50.39 135.12
CA PRO OA 11 -54.78 -50.66 136.55
C PRO OA 11 -54.78 -49.40 137.40
N HIS OA 12 -53.93 -48.43 137.11
CA HIS OA 12 -53.86 -47.22 137.91
C HIS OA 12 -54.89 -46.20 137.43
N ASN OA 13 -55.00 -45.11 138.19
CA ASN OA 13 -55.99 -44.08 137.92
C ASN OA 13 -55.34 -42.70 137.92
N GLN OA 14 -54.06 -42.63 137.58
CA GLN OA 14 -53.31 -41.37 137.57
C GLN OA 14 -53.24 -40.81 136.16
N GLN OA 15 -53.61 -39.53 136.02
CA GLN OA 15 -53.49 -38.83 134.74
C GLN OA 15 -52.14 -38.11 134.73
N ARG OA 16 -51.10 -38.87 134.35
CA ARG OA 16 -49.74 -38.37 134.48
C ARG OA 16 -49.41 -37.33 133.42
N TYR OA 17 -49.96 -37.48 132.22
CA TYR OA 17 -49.57 -36.66 131.09
C TYR OA 17 -50.76 -35.88 130.56
N GLY OA 18 -50.47 -34.85 129.78
CA GLY OA 18 -51.53 -34.02 129.22
C GLY OA 18 -50.95 -32.80 128.54
N ARG OA 19 -51.82 -31.82 128.31
CA ARG OA 19 -51.39 -30.59 127.68
C ARG OA 19 -50.36 -29.90 128.55
N ASP OA 20 -49.37 -29.27 127.92
CA ASP OA 20 -48.34 -28.58 128.66
C ASP OA 20 -48.89 -27.30 129.28
N LYS OA 21 -48.47 -27.03 130.51
CA LYS OA 21 -48.92 -25.85 131.22
C LYS OA 21 -48.35 -24.59 130.57
N SER OA 22 -49.11 -23.50 130.66
CA SER OA 22 -48.64 -22.23 130.15
C SER OA 22 -47.33 -21.86 130.83
N TYR OA 23 -46.39 -21.34 130.05
CA TYR OA 23 -45.06 -21.01 130.53
C TYR OA 23 -44.66 -19.63 130.05
N SER OA 24 -43.67 -19.05 130.73
CA SER OA 24 -43.17 -17.72 130.42
C SER OA 24 -41.86 -17.84 129.65
N TYR OA 25 -41.25 -16.68 129.38
CA TYR OA 25 -40.02 -16.66 128.61
C TYR OA 25 -38.88 -17.37 129.33
N PHE OA 26 -38.80 -17.20 130.65
CA PHE OA 26 -37.71 -17.73 131.45
C PHE OA 26 -38.09 -18.99 132.20
N THR OA 27 -39.16 -19.67 131.79
CA THR OA 27 -39.54 -20.92 132.44
C THR OA 27 -38.45 -21.97 132.30
N CYS OA 28 -37.69 -21.94 131.21
CA CYS OA 28 -36.62 -22.90 131.02
C CYS OA 28 -35.49 -22.73 132.02
N LEU OA 29 -35.32 -21.53 132.58
CA LEU OA 29 -34.20 -21.29 133.48
C LEU OA 29 -34.30 -22.14 134.74
N TRP OA 30 -35.51 -22.46 135.20
CA TRP OA 30 -35.66 -23.31 136.36
C TRP OA 30 -36.08 -24.73 136.01
N HIS OA 31 -36.82 -24.93 134.92
CA HIS OA 31 -37.26 -26.27 134.59
C HIS OA 31 -36.11 -27.14 134.12
N PHE OA 32 -35.23 -26.60 133.30
CA PHE OA 32 -34.11 -27.40 132.82
C PHE OA 32 -33.21 -27.87 133.94
N PRO OA 33 -32.71 -27.00 134.84
CA PRO OA 33 -31.93 -27.51 135.97
C PRO OA 33 -32.70 -28.48 136.84
N LYS OA 34 -34.00 -28.29 136.98
CA LYS OA 34 -34.80 -29.21 137.77
C LYS OA 34 -34.75 -30.62 137.19
N MET OA 35 -34.85 -30.73 135.86
CA MET OA 35 -34.80 -32.06 135.23
C MET OA 35 -33.45 -32.73 135.47
N VAL OA 36 -32.36 -31.96 135.34
CA VAL OA 36 -31.03 -32.54 135.46
C VAL OA 36 -30.82 -33.12 136.85
N PHE OA 37 -31.21 -32.38 137.88
CA PHE OA 37 -30.94 -32.76 139.26
C PHE OA 37 -32.07 -33.58 139.89
N THR OA 38 -33.19 -33.77 139.20
CA THR OA 38 -34.34 -34.46 139.78
C THR OA 38 -34.83 -35.64 138.97
N GLU OA 39 -34.50 -35.75 137.69
CA GLU OA 39 -34.95 -36.87 136.87
C GLU OA 39 -33.88 -37.95 136.89
N LYS OA 40 -34.30 -39.17 137.20
CA LYS OA 40 -33.34 -40.27 137.33
C LYS OA 40 -32.57 -40.49 136.04
N TRP OA 41 -33.28 -40.54 134.91
CA TRP OA 41 -32.62 -40.85 133.65
C TRP OA 41 -31.67 -39.75 133.21
N CYS OA 42 -31.81 -38.54 133.74
CA CYS OA 42 -30.94 -37.44 133.34
C CYS OA 42 -29.57 -37.54 134.01
N TYR OA 43 -29.53 -37.49 135.33
CA TYR OA 43 -28.24 -37.49 136.00
C TYR OA 43 -27.57 -38.85 136.00
N THR OA 44 -28.33 -39.93 135.81
CA THR OA 44 -27.70 -41.23 135.61
C THR OA 44 -26.89 -41.25 134.33
N ASN OA 45 -27.44 -40.69 133.25
CA ASN OA 45 -26.70 -40.60 132.00
C ASN OA 45 -25.48 -39.69 132.15
N ILE OA 46 -25.64 -38.57 132.84
CA ILE OA 46 -24.51 -37.65 133.02
C ILE OA 46 -23.39 -38.33 133.79
N MET OA 47 -23.74 -38.99 134.90
CA MET OA 47 -22.72 -39.67 135.68
C MET OA 47 -22.06 -40.77 134.87
N TRP OA 48 -22.85 -41.52 134.11
CA TRP OA 48 -22.28 -42.58 133.28
C TRP OA 48 -21.29 -42.02 132.27
N PHE OA 49 -21.66 -40.92 131.60
CA PHE OA 49 -20.77 -40.32 130.62
C PHE OA 49 -19.50 -39.80 131.28
N VAL OA 50 -19.65 -39.10 132.41
CA VAL OA 50 -18.48 -38.51 133.06
C VAL OA 50 -17.54 -39.59 133.57
N PHE OA 51 -18.10 -40.63 134.19
CA PHE OA 51 -17.26 -41.64 134.81
C PHE OA 51 -16.40 -42.35 133.77
N TRP OA 52 -17.00 -42.79 132.67
CA TRP OA 52 -16.26 -43.58 131.70
C TRP OA 52 -15.33 -42.73 130.85
N THR OA 53 -15.70 -41.48 130.55
CA THR OA 53 -14.78 -40.60 129.87
C THR OA 53 -13.54 -40.36 130.72
N GLY OA 54 -13.73 -40.09 132.01
CA GLY OA 54 -12.60 -39.97 132.91
C GLY OA 54 -11.85 -41.28 133.11
N PHE OA 55 -12.57 -42.40 133.11
CA PHE OA 55 -11.94 -43.68 133.38
C PHE OA 55 -10.87 -43.99 132.34
N TRP OA 56 -11.18 -43.77 131.06
CA TRP OA 56 -10.21 -44.02 130.01
C TRP OA 56 -9.25 -42.86 129.80
N PHE OA 57 -9.52 -41.71 130.42
CA PHE OA 57 -8.59 -40.58 130.33
C PHE OA 57 -7.36 -40.81 131.20
N ILE OA 58 -7.50 -41.53 132.31
CA ILE OA 58 -6.41 -41.74 133.25
C ILE OA 58 -5.28 -42.51 132.58
N PRO OA 59 -5.51 -43.72 132.05
CA PRO OA 59 -4.39 -44.46 131.47
C PRO OA 59 -3.68 -43.71 130.36
N ASN OA 60 -4.43 -42.99 129.52
CA ASN OA 60 -3.78 -42.14 128.53
C ASN OA 60 -3.01 -41.00 129.20
N TYR OA 61 -3.59 -40.41 130.25
CA TYR OA 61 -2.92 -39.31 130.94
C TYR OA 61 -1.61 -39.77 131.55
N ILE OA 62 -1.61 -40.93 132.21
CA ILE OA 62 -0.40 -41.42 132.85
C ILE OA 62 0.68 -41.67 131.81
N TRP OA 63 0.31 -42.31 130.69
CA TRP OA 63 1.29 -42.63 129.67
C TRP OA 63 1.91 -41.36 129.09
N TRP OA 64 1.10 -40.35 128.82
CA TRP OA 64 1.64 -39.14 128.18
C TRP OA 64 2.51 -38.35 129.14
N GLU OA 65 2.12 -38.27 130.41
CA GLU OA 65 2.92 -37.50 131.36
C GLU OA 65 4.32 -38.08 131.50
N ARG OA 66 4.43 -39.41 131.58
CA ARG OA 66 5.75 -40.03 131.60
C ARG OA 66 6.50 -39.74 130.31
N ARG OA 67 5.79 -39.85 129.17
CA ARG OA 67 6.42 -39.56 127.89
C ARG OA 67 6.85 -38.11 127.81
N TYR OA 68 5.99 -37.19 128.26
CA TYR OA 68 6.33 -35.77 128.17
C TYR OA 68 7.55 -35.43 129.02
N ALA OA 69 7.61 -35.97 130.24
CA ALA OA 69 8.78 -35.73 131.08
C ALA OA 69 10.03 -36.32 130.44
N TYR OA 70 9.92 -37.51 129.86
CA TYR OA 70 11.07 -38.13 129.21
C TYR OA 70 11.57 -37.27 128.06
N GLN OA 71 10.65 -36.76 127.23
CA GLN OA 71 11.06 -35.96 126.09
C GLN OA 71 11.76 -34.67 126.52
N LYS OA 72 11.24 -34.02 127.56
CA LYS OA 72 11.87 -32.79 128.02
C LYS OA 72 13.28 -33.06 128.53
N ALA OA 73 13.56 -34.26 129.03
CA ALA OA 73 14.89 -34.57 129.51
C ALA OA 73 15.91 -34.65 128.38
N GLY OA 74 15.47 -34.92 127.16
CA GLY OA 74 16.37 -34.95 126.02
C GLY OA 74 15.90 -35.97 125.00
N PHE OA 75 16.67 -36.05 123.92
CA PHE OA 75 16.37 -37.01 122.87
C PHE OA 75 16.76 -38.42 123.32
N HIS OA 76 16.35 -39.41 122.53
CA HIS OA 76 16.64 -40.79 122.87
C HIS OA 76 18.14 -41.02 122.98
N TRP OA 77 18.90 -40.52 122.01
CA TRP OA 77 20.34 -40.71 122.03
C TRP OA 77 21.01 -39.91 123.14
N GLU OA 78 20.36 -38.86 123.65
CA GLU OA 78 20.92 -38.14 124.78
C GLU OA 78 20.76 -38.93 126.08
N HIS OA 79 19.65 -39.65 126.22
CA HIS OA 79 19.46 -40.50 127.40
C HIS OA 79 20.49 -41.63 127.42
N THR OA 80 20.72 -42.28 126.28
CA THR OA 80 21.72 -43.34 126.24
C THR OA 80 23.12 -42.78 126.46
N ASN OA 81 23.39 -41.56 126.00
CA ASN OA 81 24.71 -40.98 126.19
C ASN OA 81 25.02 -40.81 127.68
N ARG OA 82 24.04 -40.34 128.46
CA ARG OA 82 24.28 -40.14 129.88
C ARG OA 82 24.59 -41.46 130.58
N LYS OA 83 23.88 -42.53 130.24
CA LYS OA 83 24.22 -43.83 130.78
C LYS OA 83 25.60 -44.27 130.34
N LEU OA 84 25.95 -44.01 129.07
CA LEU OA 84 27.28 -44.34 128.59
C LEU OA 84 28.34 -43.59 129.39
N GLN OA 85 28.13 -42.30 129.62
CA GLN OA 85 29.08 -41.52 130.40
C GLN OA 85 29.15 -42.03 131.83
N ALA OA 86 28.00 -42.39 132.41
CA ALA OA 86 28.00 -42.95 133.76
C ALA OA 86 28.78 -44.26 133.79
N ARG OA 87 28.62 -45.10 132.77
CA ARG OA 87 29.36 -46.35 132.73
C ARG OA 87 30.86 -46.10 132.65
N LYS OA 88 31.27 -45.11 131.85
CA LYS OA 88 32.69 -44.79 131.75
C LYS OA 88 33.25 -44.35 133.10
N GLU OA 89 32.52 -43.50 133.81
CA GLU OA 89 32.98 -43.05 135.12
C GLU OA 89 33.06 -44.21 136.10
N ALA OA 90 32.08 -45.12 136.05
CA ALA OA 90 32.09 -46.26 136.96
C ALA OA 90 33.33 -47.13 136.76
N LEU OA 91 33.68 -47.40 135.51
CA LEU OA 91 34.86 -48.22 135.21
C LEU OA 91 36.14 -47.41 135.09
N GLY OA 92 36.04 -46.09 134.94
CA GLY OA 92 37.22 -45.28 134.78
C GLY OA 92 37.86 -45.38 133.41
N MET OA 93 37.22 -46.07 132.47
CA MET OA 93 37.76 -46.22 131.12
C MET OA 93 37.31 -45.07 130.25
N ASP OA 94 38.22 -44.59 129.40
CA ASP OA 94 37.86 -43.52 128.48
C ASP OA 94 36.99 -44.04 127.34
N LYS OA 95 37.23 -45.27 126.90
CA LYS OA 95 36.47 -45.90 125.82
C LYS OA 95 35.99 -47.26 126.28
N VAL OA 96 34.71 -47.54 126.07
CA VAL OA 96 34.11 -48.80 126.51
C VAL OA 96 33.26 -49.35 125.38
N PRO OA 97 33.05 -50.67 125.35
CA PRO OA 97 32.23 -51.25 124.29
C PRO OA 97 30.77 -50.81 124.39
N ALA OA 98 30.10 -50.79 123.25
CA ALA OA 98 28.71 -50.39 123.21
C ALA OA 98 27.83 -51.44 123.88
N SER OA 99 26.61 -51.03 124.22
CA SER OA 99 25.68 -51.93 124.89
C SER OA 99 25.42 -53.16 124.04
N GLY OA 100 25.39 -54.32 124.68
CA GLY OA 100 25.16 -55.56 123.97
C GLY OA 100 26.37 -56.14 123.30
N MET OA 101 27.55 -55.57 123.51
CA MET OA 101 28.79 -56.06 122.91
C MET OA 101 29.84 -56.22 123.98
N ASP OA 102 30.76 -57.17 123.76
CA ASP OA 102 31.82 -57.47 124.69
C ASP OA 102 33.12 -56.79 124.27
N TRP OA 103 34.12 -56.89 125.13
CA TRP OA 103 35.43 -56.30 124.86
C TRP OA 103 36.15 -57.09 123.77
N ASN PA 1 -46.09 -49.02 110.15
CA ASN PA 1 -46.93 -48.58 111.27
C ASN PA 1 -47.25 -47.10 111.15
N LEU PA 2 -48.36 -46.70 111.77
CA LEU PA 2 -48.75 -45.30 111.73
C LEU PA 2 -47.73 -44.43 112.45
N GLU PA 3 -47.14 -44.95 113.53
CA GLU PA 3 -46.16 -44.16 114.27
C GLU PA 3 -44.92 -43.86 113.45
N ASP PA 4 -44.59 -44.73 112.49
CA ASP PA 4 -43.39 -44.57 111.70
C ASP PA 4 -43.60 -43.82 110.40
N HIS PA 5 -44.84 -43.39 110.12
CA HIS PA 5 -45.11 -42.72 108.86
C HIS PA 5 -44.33 -41.42 108.75
N PHE PA 6 -44.35 -40.61 109.80
CA PHE PA 6 -43.73 -39.30 109.79
C PHE PA 6 -42.33 -39.36 110.40
N ASP PA 7 -41.38 -38.72 109.74
CA ASP PA 7 -40.05 -38.60 110.31
C ASP PA 7 -40.09 -37.74 111.55
N LEU PA 8 -39.38 -38.16 112.59
CA LEU PA 8 -39.41 -37.48 113.88
C LEU PA 8 -40.85 -37.35 114.38
N ALA PA 9 -41.54 -38.49 114.43
CA ALA PA 9 -42.98 -38.47 114.67
C ALA PA 9 -43.31 -37.85 116.02
N GLU PA 10 -42.53 -38.15 117.05
CA GLU PA 10 -42.84 -37.63 118.38
C GLU PA 10 -42.81 -36.10 118.37
N TYR PA 11 -41.79 -35.51 117.76
CA TYR PA 11 -41.70 -34.06 117.69
C TYR PA 11 -42.83 -33.48 116.84
N MET PA 12 -43.08 -34.09 115.68
CA MET PA 12 -44.09 -33.56 114.77
C MET PA 12 -45.49 -33.70 115.36
N MET PA 13 -45.73 -34.77 116.10
CA MET PA 13 -47.01 -34.96 116.79
C MET PA 13 -47.02 -34.28 118.16
N LYS PA 14 -45.95 -33.57 118.51
CA LYS PA 14 -45.93 -32.73 119.70
C LYS PA 14 -45.98 -33.55 120.98
N MET PA 15 -45.20 -34.63 121.03
CA MET PA 15 -45.09 -35.47 122.21
C MET PA 15 -43.65 -35.64 122.67
N HIS PA 16 -42.70 -35.01 122.00
CA HIS PA 16 -41.29 -35.24 122.30
C HIS PA 16 -40.95 -34.77 123.70
N ASN PA 17 -39.90 -35.36 124.26
CA ASN PA 17 -39.42 -34.93 125.55
C ASN PA 17 -38.72 -33.58 125.42
N PRO PA 18 -39.01 -32.61 126.28
CA PRO PA 18 -38.39 -31.29 126.13
C PRO PA 18 -36.88 -31.31 126.26
N MET PA 19 -36.30 -32.35 126.86
CA MET PA 19 -34.86 -32.38 127.04
C MET PA 19 -34.13 -32.29 125.71
N SER PA 20 -34.70 -32.84 124.64
CA SER PA 20 -34.05 -32.75 123.34
C SER PA 20 -33.84 -31.30 122.93
N GLU PA 21 -34.86 -30.46 123.14
CA GLU PA 21 -34.69 -29.04 122.80
C GLU PA 21 -33.65 -28.39 123.69
N TYR PA 22 -33.65 -28.72 124.98
CA TYR PA 22 -32.66 -28.12 125.89
C TYR PA 22 -31.25 -28.44 125.45
N LEU PA 23 -31.00 -29.68 125.05
CA LEU PA 23 -29.67 -30.05 124.60
C LEU PA 23 -29.26 -29.25 123.36
N TYR PA 24 -30.19 -29.07 122.43
CA TYR PA 24 -29.88 -28.29 121.24
C TYR PA 24 -29.49 -26.87 121.60
N TRP PA 25 -30.27 -26.25 122.50
CA TRP PA 25 -29.94 -24.89 122.93
C TRP PA 25 -28.64 -24.87 123.73
N ILE PA 26 -28.42 -25.88 124.57
CA ILE PA 26 -27.18 -25.94 125.34
C ILE PA 26 -25.99 -26.10 124.38
N ALA PA 27 -26.13 -26.94 123.37
CA ALA PA 27 -25.05 -27.11 122.41
C ALA PA 27 -24.72 -25.78 121.73
N GLY PA 28 -25.74 -25.03 121.35
CA GLY PA 28 -25.49 -23.71 120.79
C GLY PA 28 -24.83 -22.78 121.78
N PHE PA 29 -25.27 -22.82 123.04
CA PHE PA 29 -24.66 -21.98 124.06
C PHE PA 29 -23.18 -22.32 124.25
N VAL PA 30 -22.85 -23.61 124.26
CA VAL PA 30 -21.44 -24.00 124.40
C VAL PA 30 -20.64 -23.53 123.21
N SER PA 31 -21.21 -23.61 122.01
CA SER PA 31 -20.50 -23.12 120.82
C SER PA 31 -20.17 -21.65 120.97
N GLY PA 32 -21.10 -20.86 121.52
CA GLY PA 32 -20.83 -19.45 121.71
C GLY PA 32 -19.71 -19.19 122.69
N LEU PA 33 -19.61 -20.02 123.73
CA LEU PA 33 -18.58 -19.83 124.74
C LEU PA 33 -17.18 -19.98 124.17
N HIS PA 34 -17.03 -20.66 123.03
CA HIS PA 34 -15.71 -20.83 122.44
C HIS PA 34 -15.13 -19.53 121.91
N GLY PA 35 -15.92 -18.46 121.85
CA GLY PA 35 -15.42 -17.17 121.45
C GLY PA 35 -15.14 -16.27 122.64
N ILE PA 36 -15.85 -16.47 123.74
CA ILE PA 36 -15.75 -15.59 124.89
C ILE PA 36 -14.71 -16.10 125.89
N LEU PA 37 -14.76 -17.39 126.23
CA LEU PA 37 -13.83 -17.91 127.23
C LEU PA 37 -12.37 -17.75 126.80
N PRO PA 38 -11.97 -18.17 125.61
CA PRO PA 38 -10.57 -17.94 125.21
C PRO PA 38 -10.20 -16.47 125.16
N LEU PA 39 -11.15 -15.58 124.90
CA LEU PA 39 -10.87 -14.16 124.98
C LEU PA 39 -10.44 -13.77 126.38
N LEU PA 40 -11.22 -14.18 127.39
CA LEU PA 40 -10.87 -13.87 128.77
C LEU PA 40 -9.56 -14.51 129.16
N HIS PA 41 -9.38 -15.78 128.80
CA HIS PA 41 -8.14 -16.48 129.18
C HIS PA 41 -6.93 -15.82 128.54
N SER PA 42 -7.02 -15.48 127.26
CA SER PA 42 -5.88 -14.87 126.58
C SER PA 42 -5.58 -13.48 127.13
N ASN PA 43 -6.62 -12.69 127.44
CA ASN PA 43 -6.39 -11.38 128.02
C ASN PA 43 -5.62 -11.49 129.32
N TYR PA 44 -6.04 -12.39 130.20
CA TYR PA 44 -5.36 -12.54 131.48
C TYR PA 44 -3.93 -13.05 131.27
N TYR PA 45 -3.74 -13.96 130.33
CA TYR PA 45 -2.43 -14.55 130.13
C TYR PA 45 -1.39 -13.51 129.76
N PHE PA 46 -1.75 -12.57 128.88
CA PHE PA 46 -0.81 -11.58 128.39
C PHE PA 46 -0.88 -10.25 129.12
N SER PA 47 -1.86 -10.05 130.01
CA SER PA 47 -1.98 -8.77 130.69
C SER PA 47 -2.21 -8.93 132.18
N GLY PA 48 -2.75 -10.07 132.61
CA GLY PA 48 -3.13 -10.25 133.99
C GLY PA 48 -4.49 -9.72 134.35
N MET PA 49 -5.28 -9.29 133.38
CA MET PA 49 -6.64 -8.83 133.60
C MET PA 49 -7.57 -9.57 132.65
N PHE PA 50 -8.75 -9.95 133.16
CA PHE PA 50 -9.71 -10.63 132.31
C PHE PA 50 -10.23 -9.72 131.20
N LEU PA 51 -10.53 -8.47 131.52
CA LEU PA 51 -10.99 -7.49 130.55
C LEU PA 51 -10.28 -6.17 130.81
N PRO PA 52 -10.00 -5.40 129.75
CA PRO PA 52 -9.43 -4.07 129.96
C PRO PA 52 -10.46 -3.08 130.46
N ARG PA 53 -9.96 -2.01 131.08
CA ARG PA 53 -10.76 -0.82 131.28
C ARG PA 53 -10.68 0.03 130.03
N ASP PA 54 -11.82 0.61 129.63
CA ASP PA 54 -11.88 1.34 128.38
C ASP PA 54 -10.81 2.41 128.32
N ASN PA 55 -10.06 2.41 127.20
CA ASN PA 55 -9.00 3.39 126.97
C ASN PA 55 -7.89 3.30 128.00
N ASP PA 56 -7.70 2.13 128.61
CA ASP PA 56 -6.63 1.97 129.60
C ASP PA 56 -5.26 1.89 128.95
N ASN PA 57 -5.17 1.66 127.64
CA ASN PA 57 -3.91 1.64 126.95
C ASN PA 57 -3.48 3.00 126.45
N THR PA 58 -4.25 4.04 126.74
CA THR PA 58 -3.95 5.40 126.32
C THR PA 58 -3.77 6.28 127.56
N GLN PA 59 -3.25 7.48 127.33
CA GLN PA 59 -3.08 8.43 128.42
C GLN PA 59 -4.45 8.91 128.89
N LEU PA 60 -4.65 8.92 130.20
CA LEU PA 60 -5.93 9.26 130.81
C LEU PA 60 -5.75 10.46 131.73
N CYS PA 61 -6.82 11.25 131.85
CA CYS PA 61 -6.79 12.39 132.76
C CYS PA 61 -6.60 11.90 134.18
N ASP PA 62 -6.23 12.83 135.06
CA ASP PA 62 -5.99 12.49 136.45
C ASP PA 62 -7.26 11.97 137.11
N ASP PA 63 -8.39 12.59 136.84
CA ASP PA 63 -9.66 12.22 137.44
C ASP PA 63 -10.38 11.09 136.70
N SER PA 64 -9.79 10.58 135.62
CA SER PA 64 -10.44 9.51 134.87
C SER PA 64 -10.66 8.30 135.76
N TRP PA 65 -11.84 7.70 135.66
CA TRP PA 65 -12.14 6.49 136.39
C TRP PA 65 -13.24 5.70 135.68
N THR QA 1 -59.18 1.16 82.50
CA THR QA 1 -59.94 1.19 81.25
C THR QA 1 -60.29 -0.22 80.80
N TRP QA 2 -60.03 -1.20 81.68
CA TRP QA 2 -60.30 -2.59 81.33
C TRP QA 2 -61.77 -2.79 81.01
N THR QA 3 -62.66 -2.28 81.86
CA THR QA 3 -64.08 -2.41 81.60
C THR QA 3 -64.53 -1.52 80.44
N GLU QA 4 -63.87 -0.39 80.24
CA GLU QA 4 -64.38 0.60 79.30
C GLU QA 4 -64.13 0.21 77.86
N ILE QA 5 -62.92 -0.24 77.52
CA ILE QA 5 -62.57 -0.49 76.13
C ILE QA 5 -62.05 -1.90 75.88
N TRP QA 6 -61.59 -2.62 76.89
CA TRP QA 6 -61.01 -3.94 76.67
C TRP QA 6 -62.04 -5.06 76.81
N TRP QA 7 -62.76 -5.10 77.93
CA TRP QA 7 -63.60 -6.22 78.30
C TRP QA 7 -64.99 -5.71 78.63
N GLU QA 8 -66.01 -6.26 77.99
CA GLU QA 8 -67.38 -5.79 78.15
C GLU QA 8 -68.24 -6.77 78.94
N HIS QA 9 -67.63 -7.75 79.60
CA HIS QA 9 -68.38 -8.79 80.30
C HIS QA 9 -68.16 -8.75 81.81
N ASP QA 10 -67.50 -7.74 82.33
CA ASP QA 10 -67.40 -7.52 83.76
C ASP QA 10 -68.29 -6.36 84.17
N PRO QA 11 -68.90 -6.41 85.35
CA PRO QA 11 -69.74 -5.28 85.80
C PRO QA 11 -68.91 -4.01 85.90
N THR QA 12 -69.52 -2.89 85.51
CA THR QA 12 -68.84 -1.60 85.51
C THR QA 12 -69.44 -0.71 86.59
N PRO QA 13 -68.68 -0.27 87.57
CA PRO QA 13 -69.26 0.51 88.67
C PRO QA 13 -69.50 1.96 88.28
N LYS QA 14 -70.31 2.63 89.10
CA LYS QA 14 -70.46 4.07 89.06
C LYS QA 14 -69.57 4.69 90.14
N VAL QA 15 -68.91 5.78 89.80
CA VAL QA 15 -68.04 6.46 90.76
C VAL QA 15 -68.90 7.20 91.77
N ALA QA 16 -68.84 6.78 93.03
CA ALA QA 16 -69.51 7.53 94.08
C ALA QA 16 -68.79 8.83 94.39
N GLN QA 17 -67.46 8.76 94.46
CA GLN QA 17 -66.63 9.89 94.85
C GLN QA 17 -65.26 9.65 94.27
N TYR QA 18 -64.59 10.71 93.81
CA TYR QA 18 -63.22 10.59 93.34
C TYR QA 18 -62.22 10.82 94.46
N ARG QA 19 -62.61 10.54 95.69
CA ARG QA 19 -61.82 10.71 96.89
C ARG QA 19 -62.15 9.56 97.82
N PRO QA 20 -61.20 9.10 98.64
CA PRO QA 20 -61.50 8.01 99.57
C PRO QA 20 -62.40 8.47 100.71
N TYR QA 21 -63.09 7.50 101.30
CA TYR QA 21 -63.92 7.71 102.48
C TYR QA 21 -63.13 7.29 103.71
N VAL QA 22 -62.96 8.21 104.65
CA VAL QA 22 -62.27 7.91 105.91
C VAL QA 22 -63.27 7.32 106.90
N CYS QA 23 -62.91 6.19 107.51
CA CYS QA 23 -63.79 5.53 108.47
C CYS QA 23 -62.96 4.86 109.55
N THR QA 24 -63.49 4.87 110.77
CA THR QA 24 -62.90 4.15 111.89
C THR QA 24 -63.44 2.72 111.90
N VAL QA 25 -62.54 1.75 111.98
CA VAL QA 25 -62.91 0.34 111.94
C VAL QA 25 -62.32 -0.36 113.15
N GLU QA 26 -62.94 -1.48 113.51
CA GLU QA 26 -62.58 -2.22 114.71
C GLU QA 26 -62.17 -3.65 114.35
N SER QA 27 -61.09 -4.11 114.96
CA SER QA 27 -60.65 -5.48 114.72
C SER QA 27 -61.69 -6.46 115.23
N GLY QA 28 -61.86 -7.56 114.50
CA GLY QA 28 -62.84 -8.56 114.87
C GLY QA 28 -64.24 -8.29 114.36
N LYS QA 29 -64.41 -7.27 113.54
CA LYS QA 29 -65.71 -6.94 112.94
C LYS QA 29 -65.57 -6.99 111.42
N VAL QA 30 -66.61 -7.50 110.77
CA VAL QA 30 -66.61 -7.67 109.31
C VAL QA 30 -67.41 -6.54 108.69
N TYR QA 31 -66.88 -5.96 107.64
CA TYR QA 31 -67.50 -4.84 106.95
C TYR QA 31 -67.78 -5.24 105.50
N TRP QA 32 -68.82 -4.63 104.93
CA TRP QA 32 -69.25 -4.93 103.57
C TRP QA 32 -69.22 -3.64 102.75
N TRP QA 33 -68.49 -3.67 101.65
CA TRP QA 33 -68.15 -2.49 100.86
C TRP QA 33 -68.96 -2.49 99.58
N CYS QA 34 -69.48 -1.32 99.21
CA CYS QA 34 -70.28 -1.20 98.00
C CYS QA 34 -69.38 -1.20 96.77
N ALA QA 35 -69.68 -2.08 95.82
CA ALA QA 35 -68.92 -2.18 94.59
C ALA QA 35 -69.64 -1.59 93.39
N CYS QA 36 -70.82 -1.00 93.59
CA CYS QA 36 -71.59 -0.41 92.51
C CYS QA 36 -71.64 1.11 92.57
N GLY QA 37 -71.37 1.71 93.72
CA GLY QA 37 -71.37 3.15 93.86
C GLY QA 37 -72.75 3.77 94.01
N GLU QA 38 -73.78 2.98 94.25
CA GLU QA 38 -75.14 3.48 94.34
C GLU QA 38 -75.72 3.36 95.75
N SER QA 39 -74.97 2.81 96.69
CA SER QA 39 -75.42 2.77 98.07
C SER QA 39 -75.42 4.16 98.67
N LYS QA 40 -76.33 4.38 99.61
CA LYS QA 40 -76.46 5.68 100.26
C LYS QA 40 -75.77 5.72 101.62
N THR QA 41 -75.12 4.63 102.02
CA THR QA 41 -74.36 4.58 103.26
C THR QA 41 -72.90 4.31 102.94
N GLN QA 42 -72.37 5.05 101.98
CA GLN QA 42 -71.02 4.80 101.49
C GLN QA 42 -70.02 4.98 102.64
N PRO QA 43 -68.95 4.18 102.67
CA PRO QA 43 -68.51 3.24 101.65
C PRO QA 43 -69.08 1.84 101.83
N TRP QA 44 -70.16 1.71 102.58
CA TRP QA 44 -70.70 0.42 102.97
C TRP QA 44 -72.00 0.15 102.22
N VAL QA 45 -72.31 -1.14 102.06
CA VAL QA 45 -73.56 -1.53 101.43
C VAL QA 45 -74.72 -1.17 102.35
N ASP QA 46 -75.78 -0.60 101.76
CA ASP QA 46 -76.92 -0.12 102.53
C ASP QA 46 -78.10 -1.07 102.54
N GLY QA 47 -78.04 -2.17 101.79
CA GLY QA 47 -79.14 -3.10 101.71
C GLY QA 47 -80.12 -2.82 100.59
N HIS QA 48 -79.95 -1.74 99.83
CA HIS QA 48 -80.84 -1.40 98.74
C HIS QA 48 -80.14 -1.21 97.41
N CYS QA 49 -78.81 -1.23 97.36
CA CYS QA 49 -78.10 -1.01 96.12
C CYS QA 49 -78.00 -2.32 95.33
N LYS QA 50 -77.31 -2.26 94.20
CA LYS QA 50 -77.15 -3.44 93.37
C LYS QA 50 -76.39 -4.54 94.10
N CYS QA 51 -75.36 -4.16 94.86
CA CYS QA 51 -74.58 -5.16 95.59
C CYS QA 51 -75.47 -5.94 96.54
N SER QA 52 -76.33 -5.24 97.28
CA SER QA 52 -77.21 -5.91 98.23
C SER QA 52 -78.18 -6.84 97.52
N LYS QA 53 -78.71 -6.42 96.37
CA LYS QA 53 -79.66 -7.22 95.63
C LYS QA 53 -79.00 -8.23 94.71
N ARG QA 54 -77.68 -8.29 94.67
CA ARG QA 54 -76.96 -9.27 93.85
C ARG QA 54 -77.34 -9.13 92.38
N GLU QA 55 -77.49 -7.88 91.93
CA GLU QA 55 -77.99 -7.59 90.60
C GLU QA 55 -76.84 -7.21 89.67
N GLY QA 56 -76.89 -7.73 88.45
CA GLY QA 56 -75.93 -7.34 87.44
C GLY QA 56 -74.50 -7.64 87.79
N GLY QA 57 -74.25 -8.73 88.50
CA GLY QA 57 -72.91 -9.13 88.84
C GLY QA 57 -72.30 -8.38 90.02
N PHE QA 58 -73.03 -7.47 90.63
CA PHE QA 58 -72.52 -6.72 91.77
C PHE QA 58 -72.76 -7.50 93.06
N ARG QA 59 -71.71 -7.65 93.85
CA ARG QA 59 -71.80 -8.30 95.16
C ARG QA 59 -71.05 -7.47 96.19
N PRO QA 60 -71.45 -7.54 97.46
CA PRO QA 60 -70.69 -6.85 98.50
C PRO QA 60 -69.30 -7.42 98.64
N ARG QA 61 -68.35 -6.55 98.98
CA ARG QA 61 -66.95 -6.95 99.12
C ARG QA 61 -66.66 -7.08 100.61
N ARG QA 62 -66.36 -8.29 101.05
CA ARG QA 62 -66.04 -8.54 102.44
C ARG QA 62 -64.70 -7.92 102.80
N TRP QA 63 -64.61 -7.38 104.00
CA TRP QA 63 -63.36 -6.80 104.46
C TRP QA 63 -63.32 -6.85 105.99
N GLU QA 64 -62.11 -7.02 106.53
CA GLU QA 64 -61.93 -7.15 107.95
C GLU QA 64 -60.58 -6.56 108.32
N PRO QA 65 -60.51 -5.64 109.27
CA PRO QA 65 -59.22 -5.08 109.66
C PRO QA 65 -58.46 -5.98 110.61
N GLU QA 66 -57.14 -5.94 110.50
CA GLU QA 66 -56.30 -6.67 111.45
C GLU QA 66 -56.26 -5.95 112.79
N HIS QA 67 -56.12 -4.63 112.78
CA HIS QA 67 -56.06 -3.83 113.99
C HIS QA 67 -57.07 -2.71 113.91
N ASP QA 68 -57.43 -2.17 115.08
CA ASP QA 68 -58.30 -1.01 115.12
C ASP QA 68 -57.57 0.22 114.60
N GLY QA 69 -58.31 1.11 113.97
CA GLY QA 69 -57.74 2.34 113.47
C GLY QA 69 -58.67 3.00 112.46
N VAL QA 70 -58.13 4.01 111.81
CA VAL QA 70 -58.84 4.76 110.78
C VAL QA 70 -58.23 4.39 109.43
N ARG QA 71 -59.07 3.95 108.50
CA ARG QA 71 -58.62 3.46 107.21
C ARG QA 71 -59.33 4.21 106.09
N LEU QA 72 -58.67 4.29 104.95
CA LEU QA 72 -59.23 4.92 103.76
C LEU QA 72 -59.88 3.86 102.88
N PHE QA 73 -61.05 4.18 102.35
CA PHE QA 73 -61.82 3.24 101.55
C PHE QA 73 -62.12 3.83 100.18
N CYS QA 74 -62.05 2.97 99.17
CA CYS QA 74 -62.19 3.42 97.78
C CYS QA 74 -63.58 4.02 97.56
N GLY QA 75 -63.61 5.17 96.89
CA GLY QA 75 -64.86 5.78 96.49
C GLY QA 75 -65.07 5.68 95.00
N CYS QA 76 -63.98 5.54 94.25
CA CYS QA 76 -64.06 5.39 92.81
C CYS QA 76 -64.52 4.00 92.40
N LYS QA 77 -64.42 3.02 93.30
CA LYS QA 77 -64.85 1.65 93.07
C LYS QA 77 -63.99 0.91 92.06
N SER QA 78 -62.79 1.39 91.78
CA SER QA 78 -61.89 0.70 90.87
C SER QA 78 -60.46 0.60 91.40
N CYS QA 79 -60.20 1.03 92.62
CA CYS QA 79 -58.84 0.93 93.16
C CYS QA 79 -58.39 -0.53 93.15
N PHE QA 80 -57.12 -0.73 92.78
CA PHE QA 80 -56.58 -2.08 92.74
C PHE QA 80 -56.67 -2.76 94.10
N SER QA 81 -56.47 -2.00 95.17
CA SER QA 81 -56.52 -2.51 96.53
C SER QA 81 -57.89 -2.36 97.16
N SER QA 82 -58.94 -2.32 96.36
CA SER QA 82 -60.28 -2.17 96.92
C SER QA 82 -60.58 -3.34 97.84
N PRO QA 83 -61.35 -3.12 98.93
CA PRO QA 83 -62.01 -1.89 99.36
C PRO QA 83 -61.09 -0.76 99.81
N THR QA 84 -59.86 -1.08 100.20
CA THR QA 84 -58.96 -0.06 100.69
C THR QA 84 -58.51 0.84 99.55
N TRP QA 85 -58.08 2.04 99.91
CA TRP QA 85 -57.63 3.03 98.95
C TRP QA 85 -56.12 2.95 98.78
N ASN QA 86 -55.66 3.13 97.53
CA ASN QA 86 -54.24 3.18 97.24
C ASN QA 86 -53.89 4.31 96.28
N GLY QA 87 -54.84 5.19 95.95
CA GLY QA 87 -54.61 6.26 95.00
C GLY QA 87 -55.31 6.06 93.68
N GLY QA 88 -56.01 4.94 93.48
CA GLY QA 88 -56.70 4.73 92.24
C GLY QA 88 -57.82 5.72 91.99
N CYS QA 89 -58.36 6.31 93.06
CA CYS QA 89 -59.41 7.31 92.90
C CYS QA 89 -58.89 8.52 92.12
N PHE QA 90 -57.68 8.96 92.43
CA PHE QA 90 -57.09 10.05 91.65
C PHE QA 90 -56.80 9.61 90.23
N THR QA 91 -56.29 8.40 90.05
CA THR QA 91 -55.98 7.91 88.71
C THR QA 91 -57.23 7.86 87.84
N LYS QA 92 -58.31 7.30 88.39
CA LYS QA 92 -59.55 7.21 87.63
C LYS QA 92 -60.12 8.60 87.33
N TRP QA 93 -59.89 9.56 88.21
CA TRP QA 93 -60.33 10.92 87.94
C TRP QA 93 -59.59 11.51 86.75
N MET QA 94 -58.28 11.28 86.67
CA MET QA 94 -57.51 11.82 85.54
C MET QA 94 -58.01 11.27 84.22
N GLN QA 95 -58.42 10.00 84.19
CA GLN QA 95 -59.00 9.44 82.98
C GLN QA 95 -60.24 10.21 82.57
N SER QA 96 -61.08 10.58 83.54
CA SER QA 96 -62.31 11.29 83.22
C SER QA 96 -62.05 12.76 82.91
N ASN QA 97 -61.08 13.39 83.57
CA ASN QA 97 -60.76 14.79 83.37
C ASN QA 97 -59.26 14.93 83.17
N PRO QA 98 -58.75 14.53 82.01
CA PRO QA 98 -57.30 14.56 81.79
C PRO QA 98 -56.70 15.96 81.90
N ALA QA 99 -57.44 17.00 81.53
CA ALA QA 99 -56.91 18.35 81.66
C ALA QA 99 -56.62 18.67 83.12
N GLY QA 100 -57.54 18.32 84.02
CA GLY QA 100 -57.28 18.52 85.43
C GLY QA 100 -56.11 17.70 85.92
N GLY QA 101 -55.99 16.47 85.45
CA GLY QA 101 -54.87 15.64 85.86
C GLY QA 101 -53.53 16.27 85.53
N MET QA 102 -53.42 16.91 84.37
CA MET QA 102 -52.18 17.56 84.01
C MET QA 102 -51.83 18.65 85.01
N LEU QA 103 -52.82 19.43 85.43
CA LEU QA 103 -52.56 20.53 86.36
C LEU QA 103 -52.04 19.99 87.69
N TYR QA 104 -52.68 18.95 88.23
CA TYR QA 104 -52.25 18.40 89.50
C TYR QA 104 -50.86 17.77 89.38
N CYS QA 105 -50.65 16.95 88.35
CA CYS QA 105 -49.37 16.29 88.20
C CYS QA 105 -48.25 17.30 87.97
N PHE QA 106 -48.52 18.34 87.20
CA PHE QA 106 -47.53 19.40 87.02
C PHE QA 106 -47.21 20.06 88.36
N ALA QA 107 -48.24 20.39 89.13
CA ALA QA 107 -48.02 21.04 90.42
C ALA QA 107 -47.27 20.13 91.37
N ALA QA 108 -47.66 18.86 91.45
CA ALA QA 108 -46.95 17.93 92.31
C ALA QA 108 -45.51 17.74 91.85
N ALA QA 109 -45.30 17.60 90.54
CA ALA QA 109 -43.95 17.46 90.01
C ALA QA 109 -43.14 18.72 90.26
N PHE QA 110 -43.76 19.89 90.14
CA PHE QA 110 -43.04 21.14 90.36
C PHE QA 110 -42.53 21.22 91.79
N GLY QA 111 -43.38 20.87 92.76
CA GLY QA 111 -42.94 20.90 94.15
C GLY QA 111 -41.81 19.91 94.40
N PHE QA 112 -41.95 18.69 93.88
CA PHE QA 112 -40.92 17.68 94.08
C PHE QA 112 -39.60 18.12 93.47
N GLY QA 113 -39.64 18.72 92.29
CA GLY QA 113 -38.41 19.18 91.66
C GLY QA 113 -37.72 20.29 92.44
N THR QA 114 -38.50 21.24 92.96
CA THR QA 114 -37.91 22.34 93.71
C THR QA 114 -37.24 21.85 94.99
N LEU QA 115 -37.95 21.05 95.77
CA LEU QA 115 -37.41 20.59 97.05
C LEU QA 115 -36.16 19.74 96.84
N THR QA 116 -36.23 18.79 95.90
CA THR QA 116 -35.09 17.92 95.67
C THR QA 116 -33.89 18.70 95.16
N VAL QA 117 -34.12 19.65 94.25
CA VAL QA 117 -33.02 20.43 93.72
C VAL QA 117 -32.46 21.38 94.77
N TYR QA 118 -33.34 21.96 95.58
CA TYR QA 118 -32.88 22.92 96.59
C TYR QA 118 -31.98 22.24 97.60
N ARG QA 119 -32.33 21.04 98.05
CA ARG QA 119 -31.56 20.39 99.10
C ARG QA 119 -30.24 19.84 98.56
N LYS QA 120 -30.25 19.25 97.37
CA LYS QA 120 -29.03 18.71 96.80
C LYS QA 120 -28.18 19.80 96.16
N PHE QA 121 -28.72 20.46 95.15
CA PHE QA 121 -28.02 21.52 94.43
C PHE QA 121 -26.53 21.26 94.26
N TYR RA 1 -62.81 9.94 119.69
CA TYR RA 1 -63.02 11.27 120.24
C TYR RA 1 -64.26 11.89 119.61
N THR RA 2 -65.31 11.09 119.48
CA THR RA 2 -66.55 11.44 118.80
C THR RA 2 -66.25 12.24 117.53
N PRO RA 3 -65.67 11.59 116.52
CA PRO RA 3 -65.35 12.28 115.27
C PRO RA 3 -66.60 12.70 114.50
N SER RA 4 -66.41 13.68 113.63
CA SER RA 4 -67.51 14.29 112.88
C SER RA 4 -67.88 13.46 111.65
N PHE RA 5 -69.00 13.82 111.05
CA PHE RA 5 -69.60 13.11 109.93
C PHE RA 5 -69.37 13.93 108.66
N GLU RA 6 -68.51 13.42 107.78
CA GLU RA 6 -68.16 14.12 106.54
C GLU RA 6 -69.06 13.60 105.43
N ARG RA 7 -69.94 14.46 104.92
CA ARG RA 7 -70.95 14.01 103.97
C ARG RA 7 -70.35 13.66 102.62
N GLY RA 8 -69.32 14.38 102.18
CA GLY RA 8 -68.61 14.04 100.96
C GLY RA 8 -69.00 14.92 99.78
N LEU RA 9 -68.38 14.62 98.64
CA LEU RA 9 -68.63 15.39 97.44
C LEU RA 9 -70.08 15.25 96.98
N ASN RA 10 -70.62 14.03 97.06
CA ASN RA 10 -72.04 13.80 96.76
C ASN RA 10 -72.76 13.48 98.06
N PRO RA 11 -73.47 14.44 98.65
CA PRO RA 11 -74.12 14.15 99.94
C PRO RA 11 -75.23 13.11 99.85
N GLU RA 12 -75.80 12.91 98.68
CA GLU RA 12 -76.91 11.94 98.57
C GLU RA 12 -76.43 10.53 98.85
N LEU RA 13 -75.18 10.22 98.51
CA LEU RA 13 -74.65 8.88 98.68
C LEU RA 13 -74.22 8.60 100.12
N THR RA 14 -74.31 9.58 101.01
CA THR RA 14 -74.11 9.36 102.44
C THR RA 14 -75.35 9.73 103.24
N SER RA 15 -76.53 9.69 102.61
CA SER RA 15 -77.76 10.17 103.23
C SER RA 15 -78.59 9.05 103.84
N GLY RA 16 -78.18 7.80 103.72
CA GLY RA 16 -78.96 6.68 104.22
C GLY RA 16 -78.76 6.46 105.70
N ASP RA 17 -79.36 5.37 106.18
CA ASP RA 17 -79.27 4.97 107.58
C ASP RA 17 -78.07 4.03 107.73
N TYR RA 18 -77.06 4.48 108.48
CA TYR RA 18 -75.85 3.69 108.64
C TYR RA 18 -75.99 2.59 109.68
N GLY RA 19 -77.00 2.66 110.55
CA GLY RA 19 -77.10 1.68 111.62
C GLY RA 19 -75.87 1.72 112.49
N ASP RA 20 -75.29 0.55 112.74
CA ASP RA 20 -74.07 0.46 113.52
C ASP RA 20 -72.81 0.63 112.68
N MET RA 21 -72.92 0.65 111.37
CA MET RA 21 -71.75 0.79 110.52
C MET RA 21 -71.10 2.16 110.74
N PRO RA 22 -69.78 2.24 110.65
CA PRO RA 22 -69.11 3.53 110.86
C PRO RA 22 -69.48 4.54 109.77
N LYS RA 23 -69.47 5.82 110.16
CA LYS RA 23 -69.81 6.89 109.23
C LYS RA 23 -68.55 7.62 108.79
N PRO RA 24 -68.52 8.13 107.56
CA PRO RA 24 -67.30 8.77 107.06
C PRO RA 24 -66.90 9.99 107.87
N GLN RA 25 -65.60 10.26 107.90
CA GLN RA 25 -64.99 11.25 108.77
C GLN RA 25 -64.08 12.18 107.98
N PRO RA 26 -63.72 13.32 108.54
CA PRO RA 26 -62.74 14.19 107.89
C PRO RA 26 -61.37 13.53 107.76
N LEU RA 27 -60.63 13.96 106.74
CA LEU RA 27 -59.35 13.33 106.44
C LEU RA 27 -58.29 13.58 107.51
N ILE RA 28 -58.45 14.64 108.32
CA ILE RA 28 -57.48 14.90 109.38
C ILE RA 28 -57.46 13.75 110.37
N ASP RA 29 -58.60 13.09 110.57
CA ASP RA 29 -58.66 11.98 111.52
C ASP RA 29 -57.72 10.86 111.11
N PHE RA 30 -57.64 10.57 109.81
CA PHE RA 30 -56.77 9.50 109.35
C PHE RA 30 -55.31 9.79 109.70
N PHE RA 31 -54.88 11.04 109.53
CA PHE RA 31 -53.49 11.37 109.82
C PHE RA 31 -53.20 11.37 111.31
N THR RA 32 -54.19 11.71 112.13
CA THR RA 32 -54.02 11.64 113.57
C THR RA 32 -54.46 10.30 114.15
N GLN RA 33 -55.03 9.42 113.33
CA GLN RA 33 -55.58 8.16 113.80
C GLN RA 33 -56.54 8.37 114.98
N ASN RA 34 -57.49 9.29 114.77
CA ASN RA 34 -58.48 9.64 115.78
C ASN RA 34 -57.83 10.16 117.06
N ARG RA 35 -56.75 10.93 116.90
CA ARG RA 35 -56.07 11.57 118.01
C ARG RA 35 -55.63 10.56 119.07
N ASN RA 36 -55.23 9.37 118.62
CA ASN RA 36 -54.67 8.41 119.55
C ASN RA 36 -53.38 9.00 120.13
N PRO RA 37 -53.29 9.22 121.43
CA PRO RA 37 -52.06 9.83 121.97
C PRO RA 37 -50.83 9.00 121.69
N TRP RA 38 -50.99 7.68 121.62
CA TRP RA 38 -49.86 6.80 121.35
C TRP RA 38 -49.46 6.84 119.88
N PHE RA 39 -50.41 7.09 118.97
CA PHE RA 39 -50.02 7.40 117.61
C PHE RA 39 -49.27 8.72 117.56
N GLY RA 40 -49.65 9.66 118.41
CA GLY RA 40 -48.90 10.91 118.51
C GLY RA 40 -47.58 10.75 119.22
N PHE RA 41 -47.50 9.84 120.18
CA PHE RA 41 -46.20 9.51 120.78
C PHE RA 41 -45.35 8.72 119.80
N ALA RA 42 -45.95 7.70 119.20
CA ALA RA 42 -45.28 6.97 118.13
C ALA RA 42 -45.01 7.88 116.96
N MET RA 43 -45.73 9.00 116.88
CA MET RA 43 -45.45 9.99 115.85
C MET RA 43 -44.22 10.81 116.20
N PHE RA 44 -44.26 11.50 117.36
CA PHE RA 44 -43.06 12.16 117.85
C PHE RA 44 -41.88 11.22 117.73
N CYS RA 45 -42.10 9.94 118.03
CA CYS RA 45 -41.07 8.93 117.87
C CYS RA 45 -40.58 8.84 116.43
N GLY RA 46 -41.51 8.72 115.48
CA GLY RA 46 -41.10 8.59 114.09
C GLY RA 46 -40.14 9.67 113.64
N PHE RA 47 -40.37 10.91 114.08
CA PHE RA 47 -39.52 12.02 113.65
C PHE RA 47 -38.13 11.94 114.27
N ASN RA 48 -38.01 11.35 115.46
CA ASN RA 48 -36.71 11.25 116.12
C ASN RA 48 -35.80 10.28 115.38
N PHE RA 49 -36.29 9.09 115.05
CA PHE RA 49 -35.46 8.12 114.33
C PHE RA 49 -35.06 8.67 112.98
N LEU RA 50 -36.02 9.24 112.26
CA LEU RA 50 -35.70 9.85 110.96
C LEU RA 50 -34.60 10.88 111.11
N TRP RA 51 -34.72 11.75 112.12
CA TRP RA 51 -33.71 12.79 112.32
C TRP RA 51 -32.34 12.19 112.58
N TRP RA 52 -32.27 11.15 113.41
CA TRP RA 52 -31.00 10.51 113.68
C TRP RA 52 -30.42 9.86 112.43
N ALA RA 53 -31.28 9.30 111.58
CA ALA RA 53 -30.81 8.56 110.43
C ALA RA 53 -30.22 9.46 109.36
N PHE RA 54 -30.66 10.71 109.27
CA PHE RA 54 -30.22 11.62 108.22
C PHE RA 54 -29.35 12.76 108.71
N PHE RA 55 -29.53 13.19 109.96
CA PHE RA 55 -28.82 14.34 110.48
C PHE RA 55 -28.10 14.05 111.79
N GLY RA 56 -28.34 12.89 112.40
CA GLY RA 56 -27.74 12.56 113.68
C GLY RA 56 -28.62 12.99 114.84
N ALA RA 57 -28.21 12.59 116.04
CA ALA RA 57 -28.99 12.86 117.24
C ALA RA 57 -28.72 14.29 117.69
N TRP RA 58 -29.70 15.17 117.52
CA TRP RA 58 -29.60 16.54 117.99
C TRP RA 58 -30.17 16.71 119.39
N GLN RA 59 -30.51 15.61 120.06
CA GLN RA 59 -30.91 15.62 121.46
C GLN RA 59 -29.72 15.58 122.40
N ILE RA 60 -28.52 15.35 121.86
CA ILE RA 60 -27.28 15.37 122.63
C ILE RA 60 -26.63 16.75 122.60
N ARG RA 61 -27.14 17.65 121.77
CA ARG RA 61 -26.57 18.98 121.65
C ARG RA 61 -26.59 19.79 122.95
N PRO RA 62 -27.66 19.79 123.75
CA PRO RA 62 -27.61 20.53 125.02
C PRO RA 62 -26.46 20.11 125.92
N LEU RA 63 -26.11 18.83 125.92
CA LEU RA 63 -24.97 18.36 126.68
C LEU RA 63 -23.64 18.65 126.00
N TRP RA 64 -23.67 18.89 124.69
CA TRP RA 64 -22.47 19.15 123.90
C TRP RA 64 -22.24 20.65 123.71
N ALA RA 65 -23.00 21.49 124.40
CA ALA RA 65 -22.90 22.93 124.17
C ALA RA 65 -21.56 23.48 124.64
N SER RA 66 -21.12 23.07 125.83
CA SER RA 66 -19.88 23.61 126.38
C SER RA 66 -18.66 23.13 125.61
N GLN RA 67 -18.62 21.84 125.29
CA GLN RA 67 -17.47 21.30 124.59
C GLN RA 67 -17.45 21.70 123.13
N ARG RA 68 -18.60 22.02 122.55
CA ARG RA 68 -18.61 22.57 121.20
C ARG RA 68 -18.02 23.97 121.18
N LYS RA 69 -18.31 24.77 122.21
CA LYS RA 69 -17.79 26.13 122.25
C LYS RA 69 -16.26 26.14 122.29
N SER RA 70 -15.67 25.25 123.08
CA SER RA 70 -14.21 25.17 123.12
C SER RA 70 -13.65 24.79 121.75
N LEU RA 71 -14.31 23.86 121.07
CA LEU RA 71 -13.85 23.47 119.74
C LEU RA 71 -13.91 24.65 118.78
N ALA RA 72 -14.96 25.47 118.87
CA ALA RA 72 -15.08 26.64 118.02
C ALA RA 72 -13.96 27.63 118.28
N GLU RA 73 -13.62 27.86 119.55
CA GLU RA 73 -12.53 28.78 119.88
C GLU RA 73 -11.20 28.27 119.34
N ALA RA 74 -10.96 26.96 119.47
CA ALA RA 74 -9.68 26.41 119.02
C ALA RA 74 -9.50 26.61 117.52
N ASP RA 75 -10.56 26.38 116.74
CA ASP RA 75 -10.46 26.57 115.30
C ASP RA 75 -10.17 28.02 114.96
N ARG RA 76 -10.84 28.95 115.61
CA ARG RA 76 -10.68 30.36 115.29
C ARG RA 76 -9.30 30.87 115.70
N LEU RA 77 -8.80 30.42 116.85
CA LEU RA 77 -7.54 30.97 117.36
C LEU RA 77 -6.33 30.29 116.75
N TYR RA 78 -6.40 28.98 116.51
CA TYR RA 78 -5.22 28.23 116.10
C TYR RA 78 -5.38 27.46 114.80
N GLY RA 79 -6.61 27.19 114.35
CA GLY RA 79 -6.82 26.43 113.16
C GLY RA 79 -6.53 27.24 111.91
N PRO RA 80 -6.52 26.58 110.75
CA PRO RA 80 -6.27 27.31 109.50
C PRO RA 80 -7.36 28.35 109.27
N THR RA 81 -6.94 29.50 108.72
CA THR RA 81 -7.86 30.59 108.52
C THR RA 81 -9.00 30.17 107.61
N LYS RA 82 -10.23 30.52 108.01
CA LYS RA 82 -11.41 30.34 107.18
C LYS RA 82 -11.74 31.64 106.47
N TYR RA 83 -12.46 31.53 105.37
CA TYR RA 83 -12.82 32.67 104.55
C TYR RA 83 -14.31 32.68 104.30
N GLY RA 84 -14.92 33.86 104.40
CA GLY RA 84 -16.33 33.98 104.08
C GLY RA 84 -17.18 33.07 104.94
N VAL RA 85 -18.13 32.39 104.30
CA VAL RA 85 -19.04 31.50 105.01
C VAL RA 85 -18.32 30.31 105.62
N GLY RA 86 -17.07 30.05 105.23
CA GLY RA 86 -16.32 28.96 105.81
C GLY RA 86 -16.12 29.09 107.30
N LYS RA 87 -16.14 30.31 107.82
CA LYS RA 87 -16.00 30.51 109.26
C LYS RA 87 -17.14 29.86 110.04
N LYS RA 88 -18.26 29.57 109.39
CA LYS RA 88 -19.39 28.97 110.07
C LYS RA 88 -19.16 27.52 110.43
N TYR RA 89 -18.17 26.86 109.83
CA TYR RA 89 -17.95 25.44 109.99
C TYR RA 89 -16.69 25.21 110.82
N ILE RA 90 -16.81 24.34 111.83
CA ILE RA 90 -15.69 23.96 112.68
C ILE RA 90 -15.63 22.44 112.71
N ASN RA 91 -14.44 21.89 112.53
CA ASN RA 91 -14.27 20.45 112.53
C ASN RA 91 -13.75 19.95 113.87
N ARG SA 1 -41.27 -56.92 90.22
CA ARG SA 1 -40.48 -58.08 90.71
C ARG SA 1 -41.20 -58.74 91.87
N ILE SA 2 -41.54 -60.02 91.71
CA ILE SA 2 -42.24 -60.74 92.76
C ILE SA 2 -41.37 -60.79 94.00
N GLY SA 3 -41.98 -60.49 95.15
CA GLY SA 3 -41.27 -60.53 96.41
C GLY SA 3 -40.49 -59.28 96.76
N GLY SA 4 -40.50 -58.28 95.91
CA GLY SA 4 -39.81 -57.04 96.20
C GLY SA 4 -40.59 -56.18 97.15
N PRO SA 5 -39.98 -55.05 97.53
CA PRO SA 5 -40.64 -54.14 98.47
C PRO SA 5 -41.94 -53.60 97.87
N PRO SA 6 -43.08 -53.84 98.52
CA PRO SA 6 -44.35 -53.47 97.91
C PRO SA 6 -44.43 -51.97 97.62
N VAL SA 7 -45.09 -51.62 96.52
CA VAL SA 7 -45.27 -50.22 96.17
C VAL SA 7 -46.33 -49.56 97.05
N PHE SA 8 -47.14 -50.34 97.75
CA PHE SA 8 -48.16 -49.79 98.63
C PHE SA 8 -48.53 -50.85 99.65
N MET SA 9 -48.65 -50.43 100.90
CA MET SA 9 -49.13 -51.29 101.98
C MET SA 9 -50.10 -50.52 102.84
N GLN SA 10 -51.16 -51.19 103.27
CA GLN SA 10 -52.16 -50.57 104.13
C GLN SA 10 -51.63 -50.48 105.55
N PHE SA 11 -51.94 -49.38 106.22
CA PHE SA 11 -51.55 -49.22 107.61
C PHE SA 11 -52.24 -50.26 108.49
N PRO SA 12 -51.53 -50.91 109.40
CA PRO SA 12 -52.19 -51.75 110.39
C PRO SA 12 -53.01 -50.91 111.35
N PRO SA 13 -54.04 -51.47 111.98
CA PRO SA 13 -54.87 -50.67 112.88
C PRO SA 13 -54.06 -50.18 114.06
N PRO SA 14 -54.42 -49.04 114.62
CA PRO SA 14 -53.65 -48.47 115.73
C PRO SA 14 -53.78 -49.34 116.97
N PRO SA 15 -52.84 -49.22 117.91
CA PRO SA 15 -52.89 -50.05 119.12
C PRO SA 15 -54.11 -49.72 119.96
N PRO SA 16 -54.51 -50.60 120.87
CA PRO SA 16 -55.73 -50.37 121.64
C PRO SA 16 -55.65 -49.09 122.46
N LYS SA 17 -56.78 -48.42 122.57
CA LYS SA 17 -56.86 -47.21 123.38
C LYS SA 17 -56.79 -47.56 124.86
N GLU SA 18 -56.26 -46.64 125.64
CA GLU SA 18 -56.01 -46.85 127.07
C GLU SA 18 -56.96 -45.99 127.89
N TYR SA 19 -57.61 -46.61 128.88
CA TYR SA 19 -58.49 -45.93 129.80
C TYR SA 19 -57.98 -46.11 131.22
N LEU SA 20 -58.16 -45.10 132.05
CA LEU SA 20 -57.82 -45.21 133.46
C LEU SA 20 -58.81 -46.11 134.17
N ALA SA 21 -58.50 -46.44 135.42
CA ALA SA 21 -59.36 -47.34 136.19
C ALA SA 21 -60.78 -46.78 136.31
N ASP SA 22 -60.90 -45.48 136.57
CA ASP SA 22 -62.22 -44.86 136.69
C ASP SA 22 -62.93 -44.75 135.35
N GLY SA 23 -62.26 -45.03 134.25
CA GLY SA 23 -62.85 -44.97 132.93
C GLY SA 23 -62.47 -43.75 132.12
N THR SA 24 -61.81 -42.78 132.72
CA THR SA 24 -61.40 -41.59 131.98
C THR SA 24 -60.37 -41.98 130.92
N PRO SA 25 -60.51 -41.46 129.70
CA PRO SA 25 -59.48 -41.73 128.69
C PRO SA 25 -58.11 -41.20 129.12
N LYS SA 26 -57.07 -41.97 128.83
CA LYS SA 26 -55.73 -41.56 129.19
C LYS SA 26 -55.24 -40.49 128.24
N THR SA 27 -54.69 -39.41 128.80
CA THR SA 27 -54.11 -38.34 128.01
C THR SA 27 -52.60 -38.53 127.90
N TYR SA 28 -52.03 -37.93 126.87
CA TYR SA 28 -50.62 -38.03 126.56
C TYR SA 28 -50.04 -36.64 126.42
N PRO SA 29 -48.72 -36.50 126.52
CA PRO SA 29 -48.12 -35.16 126.46
C PRO SA 29 -48.49 -34.46 125.16
N LEU SA 30 -48.78 -33.16 125.27
CA LEU SA 30 -49.19 -32.36 124.13
C LEU SA 30 -48.60 -30.98 124.28
N HIS SA 31 -47.72 -30.60 123.35
CA HIS SA 31 -47.04 -29.31 123.40
C HIS SA 31 -47.82 -28.23 122.66
N GLN SA 32 -49.10 -28.07 123.01
CA GLN SA 32 -49.96 -27.03 122.48
C GLN SA 32 -50.62 -26.31 123.65
N PRO SA 33 -49.85 -25.52 124.39
CA PRO SA 33 -50.37 -24.94 125.62
C PRO SA 33 -51.44 -23.90 125.37
N VAL SA 34 -52.26 -23.69 126.40
CA VAL SA 34 -53.25 -22.62 126.41
C VAL SA 34 -52.68 -21.55 127.32
N PHE SA 35 -51.99 -20.58 126.73
CA PHE SA 35 -51.37 -19.52 127.51
C PHE SA 35 -52.44 -18.71 128.24
N ASP SA 36 -52.12 -18.29 129.45
CA ASP SA 36 -53.04 -17.53 130.29
C ASP SA 36 -52.71 -16.05 130.18
N HIS SA 37 -53.67 -15.28 129.70
CA HIS SA 37 -53.56 -13.83 129.65
C HIS SA 37 -54.89 -13.30 129.15
N GLY SA 38 -55.05 -11.98 129.21
CA GLY SA 38 -56.31 -11.34 128.91
C GLY SA 38 -56.55 -11.00 127.46
N TYR SA 39 -55.65 -11.37 126.56
CA TYR SA 39 -55.78 -11.01 125.16
C TYR SA 39 -56.59 -12.06 124.41
N THR SA 40 -57.48 -11.60 123.53
CA THR SA 40 -58.38 -12.50 122.82
C THR SA 40 -58.50 -12.15 121.34
N TRP SA 41 -57.54 -11.42 120.78
CA TRP SA 41 -57.62 -11.04 119.38
C TRP SA 41 -57.48 -12.25 118.48
N GLU SA 42 -58.02 -12.13 117.27
CA GLU SA 42 -57.99 -13.19 116.27
C GLU SA 42 -57.68 -12.55 114.93
N HIS SA 43 -56.51 -12.83 114.38
CA HIS SA 43 -56.09 -12.27 113.11
C HIS SA 43 -56.21 -13.32 112.01
N TRP SA 44 -56.80 -12.94 110.88
CA TRP SA 44 -57.05 -13.83 109.77
C TRP SA 44 -56.30 -13.34 108.54
N TYR SA 45 -55.74 -14.26 107.78
CA TYR SA 45 -54.94 -13.92 106.60
C TYR SA 45 -55.28 -14.86 105.46
N MET SA 46 -55.65 -14.30 104.32
CA MET SA 46 -55.87 -15.11 103.13
C MET SA 46 -54.54 -15.65 102.66
N THR SA 47 -54.43 -16.97 102.55
CA THR SA 47 -53.18 -17.64 102.28
C THR SA 47 -53.27 -18.44 100.99
N ASN SA 48 -52.16 -18.48 100.25
CA ASN SA 48 -52.08 -19.34 99.07
C ASN SA 48 -52.24 -20.79 99.47
N ALA SA 49 -53.15 -21.48 98.79
CA ALA SA 49 -53.38 -22.91 99.04
C ALA SA 49 -53.24 -23.64 97.72
N GLY SA 50 -52.09 -23.45 97.06
CA GLY SA 50 -51.89 -23.98 95.74
C GLY SA 50 -51.94 -22.85 94.74
N VAL SA 51 -52.38 -23.14 93.52
CA VAL SA 51 -52.39 -22.15 92.47
C VAL SA 51 -53.81 -21.61 92.28
N PHE SA 52 -54.81 -22.44 92.56
CA PHE SA 52 -56.20 -22.07 92.30
C PHE SA 52 -57.04 -21.91 93.57
N HIS SA 53 -56.46 -22.09 94.76
CA HIS SA 53 -57.23 -22.03 96.00
C HIS SA 53 -56.50 -21.17 97.02
N THR SA 54 -57.25 -20.78 98.05
CA THR SA 54 -56.71 -20.08 99.21
C THR SA 54 -57.27 -20.71 100.48
N VAL SA 55 -56.75 -20.28 101.63
CA VAL SA 55 -57.29 -20.69 102.92
C VAL SA 55 -57.19 -19.49 103.87
N TYR SA 56 -58.22 -19.30 104.69
CA TYR SA 56 -58.29 -18.16 105.60
C TYR SA 56 -57.62 -18.57 106.91
N TYR SA 57 -56.33 -18.32 107.00
CA TYR SA 57 -55.54 -18.76 108.16
C TYR SA 57 -55.71 -17.79 109.31
N GLY SA 58 -56.06 -18.33 110.47
CA GLY SA 58 -56.32 -17.52 111.66
C GLY SA 58 -55.27 -17.75 112.73
N GLU SA 59 -54.84 -16.67 113.38
CA GLU SA 59 -53.97 -16.73 114.54
C GLU SA 59 -54.72 -16.23 115.76
N PHE SA 60 -54.76 -17.06 116.80
CA PHE SA 60 -55.52 -16.77 117.99
C PHE SA 60 -54.57 -16.38 119.12
N ALA SA 61 -54.97 -15.38 119.91
CA ALA SA 61 -54.09 -14.86 120.95
C ALA SA 61 -53.77 -15.92 122.00
N LYS SA 62 -54.74 -16.78 122.33
CA LYS SA 62 -54.53 -17.78 123.37
C LYS SA 62 -53.48 -18.80 122.99
N ASP SA 63 -53.05 -18.85 121.73
CA ASP SA 63 -52.03 -19.78 121.29
C ASP SA 63 -50.63 -19.18 121.36
N PHE SA 64 -50.49 -17.97 121.90
CA PHE SA 64 -49.21 -17.29 122.00
C PHE SA 64 -48.98 -16.84 123.43
N PRO SA 65 -47.71 -16.68 123.83
CA PRO SA 65 -47.44 -16.20 125.19
C PRO SA 65 -47.88 -14.76 125.40
N TRP SA 66 -47.76 -14.26 126.63
CA TRP SA 66 -48.24 -12.92 126.94
C TRP SA 66 -47.49 -11.87 126.13
N ARG SA 67 -46.18 -12.02 125.98
CA ARG SA 67 -45.39 -10.98 125.33
C ARG SA 67 -45.86 -10.74 123.91
N TRP SA 68 -46.16 -11.82 123.16
CA TRP SA 68 -46.63 -11.64 121.80
C TRP SA 68 -48.08 -11.19 121.75
N GLY SA 69 -48.93 -11.71 122.64
CA GLY SA 69 -50.31 -11.26 122.68
C GLY SA 69 -50.41 -9.77 122.94
N PHE SA 70 -49.52 -9.25 123.79
CA PHE SA 70 -49.49 -7.81 124.05
C PHE SA 70 -49.03 -7.03 122.83
N VAL SA 71 -47.94 -7.47 122.21
CA VAL SA 71 -47.38 -6.71 121.08
C VAL SA 71 -48.28 -6.82 119.86
N ALA SA 72 -48.77 -8.02 119.56
CA ALA SA 72 -49.58 -8.22 118.36
C ALA SA 72 -50.96 -7.58 118.46
N GLU SA 73 -51.37 -7.13 119.64
CA GLU SA 73 -52.67 -6.49 119.76
C GLU SA 73 -52.65 -5.06 119.23
N LYS SA 74 -51.54 -4.36 119.39
CA LYS SA 74 -51.46 -2.96 119.01
C LYS SA 74 -51.34 -2.81 117.50
N PRO SA 75 -51.71 -1.65 116.96
CA PRO SA 75 -51.46 -1.39 115.53
C PRO SA 75 -49.97 -1.45 115.24
N PHE SA 76 -49.65 -1.97 114.05
CA PHE SA 76 -48.24 -2.17 113.72
C PHE SA 76 -47.47 -0.85 113.70
N TRP SA 77 -48.07 0.20 113.17
CA TRP SA 77 -47.38 1.47 113.05
C TRP SA 77 -47.45 2.29 114.33
N VAL SA 78 -48.11 1.80 115.37
CA VAL SA 78 -47.94 2.35 116.70
C VAL SA 78 -46.78 1.69 117.42
N GLY SA 79 -46.75 0.36 117.45
CA GLY SA 79 -45.67 -0.32 118.13
C GLY SA 79 -44.35 -0.26 117.40
N ALA SA 80 -44.38 -0.35 116.07
CA ALA SA 80 -43.14 -0.46 115.31
C ALA SA 80 -42.21 0.72 115.53
N PRO SA 81 -42.63 1.97 115.35
CA PRO SA 81 -41.69 3.08 115.58
C PRO SA 81 -41.16 3.14 117.00
N ILE SA 82 -41.97 2.77 118.00
CA ILE SA 82 -41.48 2.77 119.37
C ILE SA 82 -40.40 1.71 119.55
N LEU SA 83 -40.62 0.52 118.99
CA LEU SA 83 -39.63 -0.54 119.13
C LEU SA 83 -38.31 -0.17 118.48
N VAL SA 84 -38.36 0.46 117.31
CA VAL SA 84 -37.13 0.83 116.61
C VAL SA 84 -36.31 1.78 117.47
N LEU SA 85 -36.96 2.82 118.01
CA LEU SA 85 -36.24 3.75 118.87
C LEU SA 85 -35.77 3.06 120.15
N GLY SA 86 -36.64 2.24 120.74
CA GLY SA 86 -36.26 1.59 121.99
C GLY SA 86 -35.06 0.67 121.83
N VAL SA 87 -35.04 -0.13 120.75
CA VAL SA 87 -33.93 -1.04 120.55
C VAL SA 87 -32.63 -0.27 120.36
N LEU SA 88 -32.66 0.80 119.58
CA LEU SA 88 -31.44 1.59 119.38
C LEU SA 88 -30.98 2.23 120.69
N CYS SA 89 -31.90 2.76 121.48
CA CYS SA 89 -31.52 3.37 122.74
C CYS SA 89 -30.90 2.34 123.68
N LEU SA 90 -31.48 1.13 123.74
CA LEU SA 90 -30.92 0.10 124.60
C LEU SA 90 -29.51 -0.27 124.15
N GLY SA 91 -29.30 -0.41 122.85
CA GLY SA 91 -27.96 -0.74 122.37
C GLY SA 91 -26.93 0.29 122.79
N HIS SA 92 -27.26 1.57 122.65
CA HIS SA 92 -26.33 2.61 123.06
C HIS SA 92 -26.07 2.56 124.56
N ILE SA 93 -27.13 2.36 125.35
CA ILE SA 93 -26.97 2.32 126.80
C ILE SA 93 -26.08 1.15 127.21
N ILE SA 94 -26.30 -0.02 126.59
CA ILE SA 94 -25.53 -1.21 126.97
C ILE SA 94 -24.05 -0.98 126.75
N GLN SA 95 -23.69 -0.40 125.60
CA GLN SA 95 -22.27 -0.19 125.31
C GLN SA 95 -21.68 0.95 126.11
N THR SA 96 -22.50 1.89 126.57
CA THR SA 96 -22.00 2.98 127.40
C THR SA 96 -21.70 2.54 128.83
N MET SA 97 -22.15 1.35 129.24
CA MET SA 97 -21.94 0.91 130.61
C MET SA 97 -20.46 0.77 130.93
N GLY SA 98 -19.68 0.24 130.00
CA GLY SA 98 -18.30 -0.07 130.25
C GLY SA 98 -17.34 1.09 130.21
N GLN SA 99 -17.81 2.30 129.92
CA GLN SA 99 -16.95 3.46 129.79
C GLN SA 99 -17.54 4.65 130.53
N ILE SA 100 -18.09 4.42 131.71
CA ILE SA 100 -18.62 5.50 132.52
C ILE SA 100 -17.46 6.22 133.21
N GLY SA 101 -17.33 7.52 132.96
CA GLY SA 101 -16.31 8.31 133.61
C GLY SA 101 -14.93 8.22 132.99
N VAL SA 102 -14.78 7.58 131.84
CA VAL SA 102 -13.48 7.50 131.18
C VAL SA 102 -13.20 8.82 130.49
N ARG SA 103 -12.04 9.41 130.78
CA ARG SA 103 -11.69 10.75 130.32
C ARG SA 103 -10.30 10.72 129.71
N PRO SA 104 -10.17 10.29 128.46
CA PRO SA 104 -8.85 10.33 127.81
C PRO SA 104 -8.37 11.76 127.64
N LYS SA 105 -7.05 11.94 127.74
CA LYS SA 105 -6.50 13.29 127.65
C LYS SA 105 -6.59 13.84 126.23
N ARG SA 106 -6.57 12.98 125.22
CA ARG SA 106 -6.57 13.45 123.85
C ARG SA 106 -7.88 14.13 123.46
N TYR SA 107 -8.92 14.02 124.27
CA TYR SA 107 -10.18 14.71 124.02
C TYR SA 107 -10.37 15.93 124.89
N THR SA 108 -9.35 16.34 125.64
CA THR SA 108 -9.43 17.53 126.46
C THR SA 108 -9.28 18.77 125.58
N PRO SA 109 -9.71 19.93 126.07
CA PRO SA 109 -9.56 21.16 125.26
C PRO SA 109 -8.13 21.44 124.87
N GLU SA 110 -7.17 21.20 125.77
CA GLU SA 110 -5.78 21.51 125.44
C GLU SA 110 -5.29 20.68 124.26
N TRP SA 111 -5.62 19.40 124.23
CA TRP SA 111 -5.21 18.56 123.11
C TRP SA 111 -5.94 18.94 121.84
N VAL SA 112 -7.21 19.34 121.95
CA VAL SA 112 -7.96 19.75 120.77
C VAL SA 112 -7.32 20.97 120.13
N GLU SA 113 -6.88 21.94 120.94
CA GLU SA 113 -6.22 23.12 120.39
C GLU SA 113 -4.93 22.74 119.69
N ALA SA 114 -4.16 21.82 120.27
CA ALA SA 114 -2.88 21.44 119.67
C ALA SA 114 -3.10 20.85 118.28
N THR SA 115 -4.14 20.04 118.12
CA THR SA 115 -4.43 19.50 116.79
C THR SA 115 -4.74 20.60 115.80
N LYS SA 116 -5.47 21.62 116.23
CA LYS SA 116 -5.74 22.76 115.35
C LYS SA 116 -4.44 23.44 114.95
N GLU SA 117 -3.51 23.58 115.88
CA GLU SA 117 -2.21 24.15 115.53
C GLU SA 117 -1.51 23.29 114.48
N ARG SA 118 -1.55 21.97 114.64
CA ARG SA 118 -0.91 21.10 113.68
C ARG SA 118 -1.57 21.24 112.31
N GLU SA 119 -2.90 21.30 112.27
CA GLU SA 119 -3.60 21.42 110.99
C GLU SA 119 -3.25 22.73 110.29
N ARG SA 120 -3.17 23.83 111.04
CA ARG SA 120 -2.78 25.09 110.42
C ARG SA 120 -1.38 25.01 109.84
N ALA SA 121 -0.44 24.41 110.58
CA ALA SA 121 0.92 24.30 110.08
C ALA SA 121 0.98 23.38 108.86
N GLU SA 122 0.21 22.31 108.86
CA GLU SA 122 0.23 21.35 107.78
C GLU SA 122 -0.81 21.65 106.71
N ASN SA 123 -1.63 22.68 106.89
CA ASN SA 123 -2.67 23.03 105.93
C ASN SA 123 -3.49 21.80 105.55
N THR SA 124 -4.05 21.17 106.57
CA THR SA 124 -4.73 19.90 106.38
C THR SA 124 -6.05 20.08 105.63
N ASN SA 125 -6.30 19.19 104.68
CA ASN SA 125 -7.55 19.13 103.94
C ASN SA 125 -7.97 20.50 103.41
N PRO SA 126 -7.15 21.16 102.60
CA PRO SA 126 -7.53 22.46 102.06
C PRO SA 126 -8.65 22.39 101.04
N ILE SA 127 -8.87 21.23 100.41
CA ILE SA 127 -9.88 21.14 99.37
C ILE SA 127 -11.26 20.99 99.97
N THR SA 128 -11.38 20.21 101.06
CA THR SA 128 -12.67 20.11 101.73
C THR SA 128 -13.10 21.46 102.27
N ARG SA 129 -12.17 22.20 102.89
CA ARG SA 129 -12.52 23.52 103.39
C ARG SA 129 -12.93 24.45 102.25
N TYR SA 130 -12.21 24.38 101.13
CA TYR SA 130 -12.60 25.16 99.96
C TYR SA 130 -13.96 24.72 99.43
N LEU SA 131 -14.19 23.42 99.33
CA LEU SA 131 -15.45 22.94 98.77
C LEU SA 131 -16.61 23.23 99.70
N ASP SA 132 -16.38 23.16 101.01
CA ASP SA 132 -17.45 23.49 101.95
C ASP SA 132 -17.87 24.95 101.80
N ARG SA 133 -16.90 25.85 101.66
CA ARG SA 133 -17.22 27.26 101.45
C ARG SA 133 -17.99 27.46 100.16
N ARG SA 134 -17.56 26.81 99.08
CA ARG SA 134 -18.24 26.97 97.80
C ARG SA 134 -19.67 26.44 97.87
N ARG SA 135 -19.87 25.29 98.50
CA ARG SA 135 -21.21 24.73 98.62
C ARG SA 135 -22.11 25.63 99.46
N ALA SA 136 -21.59 26.14 100.57
CA ALA SA 136 -22.40 26.99 101.43
C ALA SA 136 -22.83 28.26 100.72
N GLU SA 137 -21.93 28.87 99.95
CA GLU SA 137 -22.28 30.08 99.24
C GLU SA 137 -23.43 29.85 98.28
N ARG SA 138 -23.50 28.67 97.67
CA ARG SA 138 -24.54 28.40 96.69
C ARG SA 138 -25.88 28.10 97.34
N GLY SA 139 -25.90 27.32 98.42
CA GLY SA 139 -27.15 26.91 99.00
C GLY SA 139 -27.01 26.30 100.39
N PRO SA 140 -28.09 25.66 100.86
CA PRO SA 140 -28.09 25.10 102.22
C PRO SA 140 -27.13 23.93 102.36
N TYR SA 141 -26.14 24.07 103.24
CA TYR SA 141 -25.13 23.05 103.47
C TYR SA 141 -25.07 22.77 104.96
N TYR SA 142 -25.23 21.50 105.34
CA TYR SA 142 -25.25 21.09 106.73
C TYR SA 142 -24.26 19.96 106.94
N LEU SA 143 -23.44 20.09 107.98
CA LEU SA 143 -22.44 19.09 108.32
C LEU SA 143 -22.73 18.52 109.69
N MET SA 144 -22.70 17.19 109.81
CA MET SA 144 -22.86 16.55 111.11
C MET SA 144 -21.74 16.98 112.06
N SER SA 145 -20.52 17.10 111.55
CA SER SA 145 -19.40 17.48 112.39
C SER SA 145 -19.64 18.81 113.08
N ASN SA 146 -20.40 19.70 112.44
CA ASN SA 146 -20.60 21.04 113.00
C ASN SA 146 -21.43 20.98 114.28
N VAL SA 147 -22.38 20.06 114.36
CA VAL SA 147 -23.36 20.04 115.44
C VAL SA 147 -23.18 18.89 116.41
N LEU SA 148 -22.56 17.78 116.00
CA LEU SA 148 -22.55 16.58 116.82
C LEU SA 148 -21.18 16.34 117.45
N PRO SA 149 -21.14 15.72 118.64
CA PRO SA 149 -19.84 15.34 119.21
C PRO SA 149 -19.16 14.27 118.37
N TYR SA 150 -17.84 14.32 118.33
CA TYR SA 150 -17.07 13.38 117.54
C TYR SA 150 -16.53 12.21 118.35
N HIS SA 151 -16.72 12.21 119.67
CA HIS SA 151 -16.29 11.11 120.51
C HIS SA 151 -17.35 10.83 121.56
N PRO SA 152 -17.42 9.59 122.06
CA PRO SA 152 -18.48 9.23 123.00
C PRO SA 152 -18.21 9.60 124.45
N HIS SA 153 -16.99 10.05 124.76
CA HIS SA 153 -16.63 10.40 126.12
C HIS SA 153 -16.97 11.83 126.47
N PHE SA 154 -17.67 12.53 125.58
CA PHE SA 154 -18.03 13.92 125.84
C PHE SA 154 -18.97 14.05 127.03
N LEU SA 155 -19.71 12.99 127.36
CA LEU SA 155 -20.65 13.07 128.47
C LEU SA 155 -19.94 13.32 129.79
N TRP SA 156 -18.73 12.79 129.96
CA TRP SA 156 -18.02 12.84 131.23
C TRP SA 156 -16.94 13.91 131.27
N MET SA 157 -16.57 14.48 130.12
CA MET SA 157 -15.42 15.38 130.03
C MET SA 157 -15.83 16.85 129.97
N ARG SA 158 -16.92 17.22 130.63
CA ARG SA 158 -17.34 18.62 130.60
C ARG SA 158 -16.30 19.53 131.25
N ASN SA 159 -15.70 19.10 132.36
CA ASN SA 159 -14.76 19.91 133.10
C ASN SA 159 -13.34 19.35 133.08
N SER SA 160 -13.06 18.38 132.21
CA SER SA 160 -11.74 17.76 132.21
C SER SA 160 -10.72 18.62 131.48
N HIS SA 161 -9.50 18.64 132.01
CA HIS SA 161 -8.41 19.41 131.43
C HIS SA 161 -7.10 18.66 131.66
N ASP SA 162 -6.14 18.90 130.78
CA ASP SA 162 -4.76 18.46 130.99
C ASP SA 162 -3.93 19.71 131.27
N TYR SA 163 -3.60 19.92 132.54
CA TYR SA 163 -2.93 21.15 132.93
C TYR SA 163 -1.45 21.13 132.56
N GLU SA 164 -0.82 19.95 132.51
CA GLU SA 164 0.57 19.89 132.08
C GLU SA 164 0.71 20.35 130.63
N ALA SA 165 -0.20 19.92 129.76
CA ALA SA 165 -0.15 20.35 128.37
C ALA SA 165 -0.37 21.85 128.24
N ALA SA 166 -1.26 22.40 129.05
CA ALA SA 166 -1.54 23.83 128.97
C ALA SA 166 -0.29 24.65 129.23
N GLU SA 167 0.48 24.28 130.26
CA GLU SA 167 1.71 25.00 130.55
C GLU SA 167 2.71 24.84 129.41
N ALA SA 168 2.85 23.62 128.89
CA ALA SA 168 3.81 23.39 127.81
C ALA SA 168 3.40 24.12 126.54
N LEU SA 169 2.11 24.05 126.18
CA LEU SA 169 1.65 24.72 124.97
C LEU SA 169 1.85 26.23 125.07
N ALA SA 170 1.56 26.80 126.24
CA ALA SA 170 1.76 28.24 126.43
C ALA SA 170 3.23 28.60 126.28
N ALA SA 171 4.12 27.78 126.83
CA ALA SA 171 5.54 28.06 126.70
C ALA SA 171 5.99 28.01 125.25
N ARG SA 172 5.53 27.01 124.50
CA ARG SA 172 5.93 26.92 123.10
C ARG SA 172 5.40 28.12 122.31
N ARG SA 173 4.19 28.56 122.61
CA ARG SA 173 3.64 29.71 121.91
C ARG SA 173 4.45 30.97 122.20
N GLU SA 174 4.92 31.12 123.44
CA GLU SA 174 5.77 32.25 123.77
C GLU SA 174 7.09 32.19 123.01
N LYS SA 175 7.71 31.02 122.97
CA LYS SA 175 8.95 30.86 122.23
C LYS SA 175 8.74 31.13 120.75
N ASP SA 176 7.59 30.71 120.22
CA ASP SA 176 7.29 30.96 118.81
C ASP SA 176 7.18 32.46 118.53
N ARG SA 177 6.57 33.21 119.44
CA ARG SA 177 6.46 34.65 119.24
C ARG SA 177 7.85 35.30 119.19
N GLU SA 178 8.77 34.85 120.06
CA GLU SA 178 10.14 35.36 119.99
C GLU SA 178 10.78 35.02 118.66
N LEU SA 179 10.61 33.78 118.20
CA LEU SA 179 11.20 33.38 116.92
C LEU SA 179 10.61 34.19 115.77
N ALA SA 180 9.31 34.47 115.81
CA ALA SA 180 8.69 35.26 114.76
C ALA SA 180 9.28 36.66 114.69
N ALA SA 181 9.48 37.29 115.85
CA ALA SA 181 10.07 38.63 115.85
C ALA SA 181 11.49 38.60 115.31
N LYS SA 182 12.27 37.60 115.70
CA LYS SA 182 13.62 37.47 115.17
C LYS SA 182 13.60 37.25 113.66
N LEU SA 183 12.68 36.41 113.18
CA LEU SA 183 12.57 36.18 111.75
C LEU SA 183 12.21 37.47 111.01
N GLU SA 184 11.30 38.26 111.58
CA GLU SA 184 10.96 39.54 110.99
C GLU SA 184 12.20 40.42 110.87
N ALA SA 185 13.05 40.39 111.90
CA ALA SA 185 14.29 41.17 111.89
C ALA SA 185 14.02 42.63 111.57
N LYS TA 1 -16.91 -50.45 72.18
CA LYS TA 1 -16.35 -49.27 72.82
C LYS TA 1 -16.28 -49.46 74.32
N HIS TA 2 -15.35 -48.77 74.96
CA HIS TA 2 -15.15 -48.94 76.40
C HIS TA 2 -16.31 -48.33 77.19
N PHE TA 3 -16.60 -47.05 76.97
CA PHE TA 3 -17.53 -46.33 77.82
C PHE TA 3 -18.96 -46.77 77.54
N PHE TA 4 -19.76 -46.82 78.61
CA PHE TA 4 -21.15 -47.23 78.52
C PHE TA 4 -22.03 -46.02 78.23
N THR TA 5 -22.88 -46.13 77.21
CA THR TA 5 -23.86 -45.10 76.88
C THR TA 5 -25.22 -45.76 76.76
N ASP TA 6 -26.22 -45.17 77.41
CA ASP TA 6 -27.56 -45.75 77.41
C ASP TA 6 -28.10 -45.85 75.99
N GLY TA 7 -27.79 -44.88 75.15
CA GLY TA 7 -28.38 -44.81 73.82
C GLY TA 7 -27.78 -45.77 72.81
N ALA TA 8 -26.45 -45.83 72.74
CA ALA TA 8 -25.77 -46.60 71.70
C ALA TA 8 -25.01 -47.80 72.26
N ASN TA 9 -24.10 -47.57 73.20
CA ASN TA 9 -23.26 -48.63 73.74
C ASN TA 9 -23.85 -49.15 75.05
N ASP TA 10 -25.05 -49.73 74.96
CA ASP TA 10 -25.76 -50.22 76.13
C ASP TA 10 -25.54 -51.73 76.25
N TYR TA 11 -24.40 -52.08 76.82
CA TYR TA 11 -24.07 -53.49 77.04
C TYR TA 11 -24.49 -53.99 78.41
N VAL TA 12 -24.92 -53.10 79.31
CA VAL TA 12 -25.33 -53.55 80.64
C VAL TA 12 -26.66 -54.30 80.56
N THR TA 13 -27.62 -53.76 79.80
CA THR TA 13 -28.91 -54.40 79.63
C THR TA 13 -29.15 -54.93 78.22
N GLY TA 14 -28.43 -54.43 77.23
CA GLY TA 14 -28.63 -54.87 75.86
C GLY TA 14 -29.85 -54.31 75.19
N TRP TA 15 -30.50 -53.29 75.76
CA TRP TA 15 -31.70 -52.73 75.17
C TRP TA 15 -31.38 -52.08 73.83
N GLU TA 16 -32.26 -52.29 72.86
CA GLU TA 16 -32.16 -51.66 71.55
C GLU TA 16 -33.50 -51.02 71.22
N ASN TA 17 -33.46 -49.78 70.74
CA ASN TA 17 -34.70 -49.06 70.48
C ASN TA 17 -35.49 -49.65 69.33
N THR TA 18 -34.82 -50.30 68.38
CA THR TA 18 -35.49 -50.83 67.20
C THR TA 18 -35.15 -52.30 67.01
N PRO TA 19 -36.01 -53.05 66.33
CA PRO TA 19 -35.73 -54.47 66.12
C PRO TA 19 -34.68 -54.66 65.03
N PRO TA 20 -34.21 -55.88 64.82
CA PRO TA 20 -33.26 -56.13 63.74
C PRO TA 20 -33.89 -55.93 62.37
N LEU TA 21 -33.06 -55.57 61.40
CA LEU TA 21 -33.54 -55.42 60.04
C LEU TA 21 -33.88 -56.75 59.38
N LYS TA 22 -33.47 -57.87 59.98
CA LYS TA 22 -33.76 -59.16 59.40
C LYS TA 22 -35.25 -59.43 59.31
N PHE TA 23 -35.99 -59.08 60.36
CA PHE TA 23 -37.40 -59.44 60.40
C PHE TA 23 -38.18 -58.68 59.32
N PRO TA 24 -39.10 -59.35 58.64
CA PRO TA 24 -40.02 -58.62 57.74
C PRO TA 24 -40.87 -57.65 58.53
N ALA TA 25 -41.31 -56.59 57.85
CA ALA TA 25 -42.15 -55.58 58.49
C ALA TA 25 -43.41 -56.21 59.08
N SER TA 26 -43.94 -57.24 58.43
CA SER TA 26 -45.14 -57.90 58.95
C SER TA 26 -44.86 -58.59 60.28
N VAL TA 27 -43.69 -59.21 60.42
CA VAL TA 27 -43.35 -59.90 61.65
C VAL TA 27 -43.11 -58.89 62.76
N MET TA 28 -42.22 -57.92 62.52
CA MET TA 28 -41.87 -56.92 63.51
C MET TA 28 -41.39 -55.69 62.77
N LYS TA 29 -41.65 -54.53 63.34
CA LYS TA 29 -41.29 -53.26 62.72
C LYS TA 29 -40.92 -52.28 63.81
N PRO TA 30 -40.18 -51.21 63.48
CA PRO TA 30 -39.93 -50.18 64.46
C PRO TA 30 -41.23 -49.55 64.94
N CYS TA 31 -41.25 -49.13 66.19
CA CYS TA 31 -42.44 -48.54 66.80
C CYS TA 31 -42.57 -47.11 66.30
N ASP TA 32 -43.32 -46.96 65.21
CA ASP TA 32 -43.59 -45.65 64.63
C ASP TA 32 -45.02 -45.65 64.13
N TYR TA 33 -45.91 -44.94 64.83
CA TYR TA 33 -47.28 -44.74 64.36
C TYR TA 33 -47.56 -43.26 64.12
N SER TA 34 -46.53 -42.53 63.69
CA SER TA 34 -46.70 -41.12 63.36
C SER TA 34 -47.53 -40.94 62.08
N MET TA 35 -47.55 -41.94 61.21
CA MET TA 35 -48.24 -41.84 59.94
C MET TA 35 -49.64 -42.43 59.96
N THR TA 36 -50.15 -42.76 61.14
CA THR TA 36 -51.48 -43.33 61.24
C THR TA 36 -52.51 -42.40 60.62
N LYS TA 37 -53.40 -42.96 59.80
CA LYS TA 37 -54.42 -42.17 59.14
C LYS TA 37 -55.44 -41.67 60.17
N PRO TA 38 -56.15 -40.60 59.85
CA PRO TA 38 -57.10 -40.04 60.82
C PRO TA 38 -58.14 -41.08 61.23
N ILE TA 39 -58.47 -41.09 62.52
CA ILE TA 39 -59.43 -42.07 63.03
C ILE TA 39 -60.83 -41.67 62.60
N PRO TA 40 -61.65 -42.58 62.08
CA PRO TA 40 -63.04 -42.23 61.77
C PRO TA 40 -63.78 -41.81 63.03
N LYS TA 41 -64.72 -40.88 62.86
CA LYS TA 41 -65.47 -40.39 64.00
C LYS TA 41 -66.31 -41.50 64.65
N HIS TA 42 -66.80 -42.45 63.86
CA HIS TA 42 -67.67 -43.48 64.42
C HIS TA 42 -66.88 -44.49 65.26
N TRP TA 43 -65.56 -44.53 65.11
CA TRP TA 43 -64.74 -45.36 65.98
C TRP TA 43 -64.72 -44.77 67.40
N LYS TA 44 -64.69 -45.65 68.39
CA LYS TA 44 -64.71 -45.26 69.80
C LYS TA 44 -63.44 -45.74 70.49
N LEU TA 45 -62.93 -44.93 71.41
CA LEU TA 45 -61.72 -45.29 72.14
C LEU TA 45 -62.03 -46.38 73.16
N ARG TA 46 -61.45 -47.55 72.97
CA ARG TA 46 -61.59 -48.66 73.92
C ARG TA 46 -60.44 -48.68 74.91
N GLY TA 47 -59.20 -48.64 74.42
CA GLY TA 47 -58.05 -48.65 75.27
C GLY TA 47 -57.75 -47.28 75.85
N SER TA 48 -56.67 -47.23 76.62
CA SER TA 48 -56.27 -45.97 77.23
C SER TA 48 -55.85 -44.93 76.20
N GLY TA 49 -55.25 -45.38 75.10
CA GLY TA 49 -54.62 -44.48 74.16
C GLY TA 49 -53.25 -44.01 74.59
N ILE TA 50 -52.81 -44.40 75.77
CA ILE TA 50 -51.53 -43.98 76.30
C ILE TA 50 -50.42 -44.78 75.62
N HIS TA 51 -49.35 -44.08 75.25
CA HIS TA 51 -48.18 -44.75 74.71
C HIS TA 51 -47.66 -45.79 75.69
N GLY TA 52 -47.53 -47.03 75.22
CA GLY TA 52 -47.17 -48.12 76.10
C GLY TA 52 -47.36 -49.47 75.44
N PRO TA 53 -47.47 -50.53 76.25
CA PRO TA 53 -47.52 -51.89 75.68
C PRO TA 53 -48.82 -52.22 74.96
N GLU TA 54 -49.87 -51.40 75.05
CA GLU TA 54 -51.06 -51.68 74.27
C GLU TA 54 -50.77 -51.60 72.78
N ASN TA 55 -49.83 -50.74 72.38
CA ASN TA 55 -49.39 -50.71 70.99
C ASN TA 55 -48.62 -51.97 70.65
N THR TA 56 -48.94 -52.57 69.51
CA THR TA 56 -48.34 -53.86 69.17
C THR TA 56 -46.83 -53.76 69.02
N ASP TA 57 -46.35 -52.72 68.35
CA ASP TA 57 -44.92 -52.61 68.08
C ASP TA 57 -44.12 -52.47 69.37
N LEU TA 58 -44.61 -51.68 70.32
CA LEU TA 58 -43.91 -51.52 71.59
C LEU TA 58 -43.91 -52.83 72.37
N MET TA 59 -45.04 -53.54 72.37
CA MET TA 59 -45.08 -54.84 73.04
C MET TA 59 -44.05 -55.78 72.46
N LYS TA 60 -43.96 -55.83 71.13
CA LYS TA 60 -42.99 -56.70 70.49
C LYS TA 60 -41.56 -56.25 70.74
N LEU TA 61 -41.34 -54.95 70.86
CA LEU TA 61 -40.01 -54.46 71.20
C LEU TA 61 -39.60 -54.90 72.59
N VAL TA 62 -40.51 -54.79 73.56
CA VAL TA 62 -40.22 -55.22 74.92
C VAL TA 62 -40.00 -56.73 74.96
N LEU TA 63 -40.87 -57.48 74.30
CA LEU TA 63 -40.75 -58.93 74.28
C LEU TA 63 -39.42 -59.35 73.67
N TRP TA 64 -39.07 -58.79 72.52
CA TRP TA 64 -37.83 -59.19 71.86
C TRP TA 64 -36.61 -58.83 72.70
N ASN TA 65 -36.62 -57.65 73.32
CA ASN TA 65 -35.47 -57.25 74.11
C ASN TA 65 -35.22 -58.17 75.28
N ARG TA 66 -36.24 -58.89 75.75
CA ARG TA 66 -36.04 -59.89 76.79
C ARG TA 66 -35.70 -61.25 76.21
N LEU TA 67 -36.34 -61.66 75.12
CA LEU TA 67 -36.14 -62.99 74.57
C LEU TA 67 -34.94 -63.10 73.65
N LYS TA 68 -34.37 -61.97 73.21
CA LYS TA 68 -33.14 -62.03 72.43
C LYS TA 68 -31.93 -62.40 73.27
N GLN TA 69 -32.05 -62.34 74.59
CA GLN TA 69 -30.91 -62.52 75.47
C GLN TA 69 -30.42 -63.97 75.51
N LYS TA 70 -31.18 -64.91 74.97
CA LYS TA 70 -30.72 -66.28 74.78
C LYS TA 70 -30.75 -66.59 73.28
N ARG TA 71 -29.61 -66.98 72.73
CA ARG TA 71 -29.49 -67.31 71.32
C ARG TA 71 -28.61 -68.54 71.17
N PRO TA 72 -28.90 -69.40 70.18
CA PRO TA 72 -28.06 -70.60 70.02
C PRO TA 72 -26.61 -70.33 69.70
N GLN TA 73 -26.32 -69.35 68.84
CA GLN TA 73 -24.96 -69.08 68.38
C GLN TA 73 -24.68 -67.59 68.45
N ARG TA 74 -23.41 -67.24 68.22
CA ARG TA 74 -23.04 -65.84 68.17
C ARG TA 74 -23.55 -65.19 66.89
N GLU TA 75 -23.89 -63.91 67.01
CA GLU TA 75 -24.23 -63.09 65.84
C GLU TA 75 -22.95 -62.35 65.48
N VAL TA 76 -22.20 -62.92 64.56
CA VAL TA 76 -20.84 -62.46 64.25
C VAL TA 76 -20.88 -61.06 63.66
N PRO TA 77 -20.21 -60.08 64.24
CA PRO TA 77 -20.11 -58.76 63.60
C PRO TA 77 -19.03 -58.75 62.54
N ASN TA 78 -19.07 -57.71 61.70
CA ASN TA 78 -18.10 -57.58 60.63
C ASN TA 78 -16.77 -57.05 61.19
N ILE TA 79 -15.74 -57.13 60.36
CA ILE TA 79 -14.41 -56.77 60.82
C ILE TA 79 -14.33 -55.30 61.20
N ASN TA 80 -15.18 -54.46 60.60
CA ASN TA 80 -15.17 -53.05 60.97
C ASN TA 80 -15.52 -52.87 62.44
N TYR TA 81 -16.55 -53.58 62.91
CA TYR TA 81 -16.90 -53.51 64.32
C TYR TA 81 -15.77 -54.03 65.19
N LEU TA 82 -15.17 -55.16 64.82
CA LEU TA 82 -14.13 -55.76 65.64
C LEU TA 82 -12.93 -54.84 65.73
N LYS TA 83 -12.55 -54.19 64.62
CA LYS TA 83 -11.48 -53.20 64.67
C LYS TA 83 -11.79 -52.09 65.67
N ASP TA 84 -13.02 -51.56 65.61
CA ASP TA 84 -13.36 -50.44 66.48
C ASP TA 84 -13.33 -50.82 67.94
N SER TA 85 -13.66 -52.07 68.25
CA SER TA 85 -13.72 -52.50 69.65
C SER TA 85 -12.37 -52.41 70.32
N ILE TA 86 -11.29 -52.66 69.58
CA ILE TA 86 -9.95 -52.67 70.18
C ILE TA 86 -9.06 -51.65 69.49
N ARG TA 87 -9.65 -50.54 69.04
CA ARG TA 87 -8.87 -49.52 68.37
C ARG TA 87 -7.76 -48.99 69.27
N LEU TA 88 -8.09 -48.70 70.53
CA LEU TA 88 -7.07 -48.18 71.45
C LEU TA 88 -6.00 -49.22 71.72
N GLU TA 89 -6.39 -50.48 71.91
CA GLU TA 89 -5.40 -51.52 72.19
C GLU TA 89 -4.40 -51.65 71.06
N LEU TA 90 -4.89 -51.76 69.83
CA LEU TA 90 -4.00 -51.93 68.69
C LEU TA 90 -3.10 -50.72 68.54
N SER TA 91 -3.63 -49.52 68.71
CA SER TA 91 -2.83 -48.32 68.53
C SER TA 91 -1.77 -48.18 69.61
N VAL TA 92 -2.10 -48.54 70.85
CA VAL TA 92 -1.09 -48.50 71.90
C VAL TA 92 0.01 -49.49 71.64
N ASN TA 93 -0.34 -50.66 71.11
CA ASN TA 93 0.68 -51.65 70.77
C ASN TA 93 1.62 -51.12 69.69
N TRP TA 94 1.07 -50.49 68.65
CA TRP TA 94 1.93 -49.92 67.61
C TRP TA 94 2.76 -48.76 68.16
N TRP TA 95 2.22 -48.02 69.13
CA TRP TA 95 3.00 -46.97 69.77
C TRP TA 95 4.20 -47.55 70.52
N LEU TA 96 4.01 -48.70 71.17
CA LEU TA 96 5.14 -49.37 71.82
C LEU TA 96 6.18 -49.77 70.78
N MET TA 97 5.73 -50.31 69.65
CA MET TA 97 6.69 -50.68 68.61
C MET TA 97 7.46 -49.48 68.13
N SER TA 98 6.78 -48.34 67.95
CA SER TA 98 7.46 -47.13 67.48
C SER TA 98 8.52 -46.68 68.48
N CYS TA 99 8.21 -46.77 69.78
CA CYS TA 99 9.19 -46.38 70.79
C CYS TA 99 10.43 -47.24 70.72
N ILE TA 100 10.26 -48.55 70.55
CA ILE TA 100 11.39 -49.46 70.56
C ILE TA 100 12.24 -49.30 69.31
N PHE TA 101 11.61 -49.22 68.14
CA PHE TA 101 12.32 -49.33 66.88
C PHE TA 101 12.59 -48.01 66.18
N LEU TA 102 11.97 -46.91 66.61
CA LEU TA 102 12.24 -45.60 66.03
C LEU TA 102 12.91 -44.68 67.04
N TRP TA 103 12.28 -44.45 68.19
CA TRP TA 103 12.83 -43.53 69.17
C TRP TA 103 14.15 -44.06 69.73
N GLY TA 104 14.21 -45.36 70.02
CA GLY TA 104 15.34 -45.93 70.69
C GLY TA 104 16.64 -45.78 69.92
N PRO TA 105 16.61 -46.12 68.64
CA PRO TA 105 17.84 -46.01 67.85
C PRO TA 105 18.41 -44.61 67.79
N TRP TA 106 17.60 -43.59 67.50
CA TRP TA 106 18.16 -42.26 67.38
C TRP TA 106 18.49 -41.65 68.73
N LEU TA 107 17.75 -42.02 69.78
CA LEU TA 107 18.14 -41.57 71.12
C LEU TA 107 19.47 -42.16 71.53
N HIS TA 108 19.73 -43.43 71.19
CA HIS TA 108 21.03 -44.03 71.47
C HIS TA 108 22.11 -43.36 70.66
N TRP TA 109 21.84 -43.06 69.39
CA TRP TA 109 22.83 -42.40 68.55
C TRP TA 109 23.19 -41.03 69.11
N GLY TA 110 22.21 -40.27 69.58
CA GLY TA 110 22.50 -38.95 70.11
C GLY TA 110 23.40 -38.99 71.33
N GLN TA 111 23.17 -39.96 72.21
CA GLN TA 111 23.99 -40.06 73.41
C GLN TA 111 25.43 -40.42 73.06
N GLU TA 112 25.62 -41.32 72.09
CA GLU TA 112 26.97 -41.67 71.68
C GLU TA 112 27.68 -40.48 71.06
N TYR TA 113 26.99 -39.73 70.19
CA TYR TA 113 27.59 -38.53 69.63
C TYR TA 113 27.91 -37.52 70.72
N GLN TA 114 26.99 -37.36 71.67
CA GLN TA 114 27.18 -36.43 72.77
C GLN TA 114 28.43 -36.76 73.56
N LYS TA 115 28.70 -38.05 73.75
CA LYS TA 115 29.90 -38.48 74.44
C LYS TA 115 31.15 -37.92 73.79
N VAL TA 116 31.24 -38.03 72.46
CA VAL TA 116 32.45 -37.61 71.76
C VAL TA 116 32.51 -36.10 71.61
N HIS TA 117 31.38 -35.46 71.29
CA HIS TA 117 31.38 -34.06 70.89
C HIS TA 117 30.79 -33.12 71.93
N GLU TA 118 30.43 -33.61 73.10
CA GLU TA 118 30.00 -32.84 74.27
C GLU TA 118 28.57 -32.33 74.13
N GLN TA 119 27.95 -32.43 72.96
CA GLN TA 119 26.60 -31.94 72.76
C GLN TA 119 25.89 -32.85 71.78
N PRO TA 120 24.57 -32.89 71.81
CA PRO TA 120 23.84 -33.80 70.92
C PRO TA 120 24.05 -33.43 69.46
N PRO TA 121 23.89 -34.39 68.55
CA PRO TA 121 24.14 -34.10 67.13
C PRO TA 121 23.20 -33.07 66.54
N TRP TA 122 22.07 -32.79 67.19
CA TRP TA 122 21.09 -31.85 66.70
C TRP TA 122 21.16 -30.50 67.43
N ALA TA 123 22.34 -30.13 67.91
CA ALA TA 123 22.52 -28.88 68.63
C ALA TA 123 23.72 -28.12 68.08
N MET TA 124 23.61 -26.79 68.07
CA MET TA 124 24.75 -25.95 67.72
C MET TA 124 25.82 -26.06 68.79
N LYS TA 125 27.07 -26.23 68.37
CA LYS TA 125 28.16 -26.29 69.33
C LYS TA 125 28.43 -24.91 69.90
N ARG TA 126 28.70 -24.87 71.20
CA ARG TA 126 28.93 -23.61 71.89
C ARG TA 126 30.38 -23.20 71.80
N ILE TA 127 30.62 -21.89 71.89
CA ILE TA 127 31.97 -21.32 71.94
C ILE TA 127 32.18 -20.50 73.20
N ASP TA 128 31.27 -20.59 74.18
CA ASP TA 128 31.31 -19.74 75.36
C ASP TA 128 32.06 -20.36 76.53
N GLY TA 129 32.61 -21.55 76.37
CA GLY TA 129 33.42 -22.16 77.41
C GLY TA 129 32.66 -22.87 78.50
N LEU TA 130 31.34 -22.82 78.50
CA LEU TA 130 30.56 -23.59 79.46
C LEU TA 130 30.60 -25.07 79.09
N ARG TA 131 30.66 -25.92 80.12
CA ARG TA 131 30.78 -27.35 79.93
C ARG TA 131 29.42 -28.01 80.17
N GLY TA 132 29.20 -29.13 79.49
CA GLY TA 132 28.02 -29.95 79.71
C GLY TA 132 27.27 -30.21 78.44
N GLU TA 133 26.24 -31.05 78.56
CA GLU TA 133 25.49 -31.50 77.40
C GLU TA 133 24.71 -30.36 76.75
N GLY TA 134 24.07 -29.53 77.55
CA GLY TA 134 23.21 -28.49 77.02
C GLY TA 134 21.82 -29.00 76.75
N TYR TA 135 21.09 -28.26 75.92
CA TYR TA 135 19.71 -28.59 75.64
C TYR TA 135 19.59 -29.86 74.82
N PHE TA 136 18.39 -30.43 74.82
CA PHE TA 136 18.07 -31.61 74.02
C PHE TA 136 17.09 -31.31 72.91
N THR TA 137 15.97 -30.68 73.24
CA THR TA 137 14.94 -30.34 72.25
C THR TA 137 15.32 -29.00 71.64
N TRP TA 138 15.99 -29.03 70.49
CA TRP TA 138 16.57 -27.82 69.94
C TRP TA 138 15.50 -26.82 69.53
N PHE TA 139 14.38 -27.30 68.98
CA PHE TA 139 13.37 -26.37 68.49
C PHE TA 139 12.63 -25.65 69.60
N LEU TA 140 12.80 -26.07 70.86
CA LEU TA 140 12.24 -25.34 72.00
C LEU TA 140 13.25 -24.41 72.63
N GLU TA 141 14.30 -24.04 71.90
CA GLU TA 141 15.28 -23.08 72.39
C GLU TA 141 14.97 -21.68 71.86
N TYR UA 1 -38.91 -54.86 79.98
CA TYR UA 1 -38.97 -53.41 79.86
C TYR UA 1 -37.57 -52.82 79.96
N ARG UA 2 -37.44 -51.57 79.54
CA ARG UA 2 -36.12 -50.94 79.49
C ARG UA 2 -35.50 -50.83 80.87
N HIS UA 3 -36.32 -50.70 81.91
CA HIS UA 3 -35.82 -50.55 83.27
C HIS UA 3 -35.56 -51.87 83.98
N TRP UA 4 -35.78 -53.00 83.31
CA TRP UA 4 -35.41 -54.30 83.86
C TRP UA 4 -33.96 -54.62 83.53
N HIS UA 5 -33.36 -55.46 84.35
CA HIS UA 5 -31.97 -55.87 84.16
C HIS UA 5 -31.92 -57.12 83.27
N ARG UA 6 -30.76 -57.74 83.16
CA ARG UA 6 -30.60 -58.89 82.29
C ARG UA 6 -31.43 -60.07 82.78
N MET UA 7 -31.92 -60.86 81.84
CA MET UA 7 -32.60 -62.11 82.18
C MET UA 7 -31.65 -63.01 82.96
N SER UA 8 -32.16 -63.60 84.03
CA SER UA 8 -31.38 -64.57 84.77
C SER UA 8 -31.53 -65.94 84.13
N GLU UA 9 -30.70 -66.89 84.59
CA GLU UA 9 -30.84 -68.26 84.11
C GLU UA 9 -32.20 -68.83 84.52
N ASP UA 10 -32.68 -68.46 85.71
CA ASP UA 10 -33.98 -68.96 86.16
C ASP UA 10 -35.12 -68.39 85.34
N ASP UA 11 -34.94 -67.22 84.73
CA ASP UA 11 -35.99 -66.65 83.90
C ASP UA 11 -36.33 -67.54 82.72
N TRP UA 12 -35.45 -68.45 82.34
CA TRP UA 12 -35.69 -69.39 81.26
C TRP UA 12 -36.23 -70.73 81.76
N ALA UA 13 -35.55 -71.33 82.73
CA ALA UA 13 -35.97 -72.61 83.28
C ALA UA 13 -35.42 -72.75 84.69
N LEU UA 14 -36.01 -73.64 85.45
CA LEU UA 14 -35.53 -73.91 86.80
C LEU UA 14 -34.73 -75.20 86.85
N PRO UA 15 -33.74 -75.29 87.73
CA PRO UA 15 -33.00 -76.55 87.85
C PRO UA 15 -33.87 -77.66 88.40
N LEU UA 16 -33.57 -78.89 87.97
CA LEU UA 16 -34.37 -80.04 88.40
C LEU UA 16 -34.31 -80.23 89.91
N ASP UA 17 -33.23 -79.79 90.54
CA ASP UA 17 -33.12 -79.92 92.00
C ASP UA 17 -34.21 -79.14 92.73
N SER UA 18 -34.86 -78.20 92.06
CA SER UA 18 -35.96 -77.47 92.66
C SER UA 18 -37.29 -78.18 92.52
N MET UA 19 -37.34 -79.31 91.82
CA MET UA 19 -38.58 -80.05 91.70
C MET UA 19 -39.02 -80.56 93.07
N PRO UA 20 -40.28 -80.35 93.47
CA PRO UA 20 -40.73 -80.92 94.75
C PRO UA 20 -40.59 -82.44 94.75
N GLU UA 21 -40.14 -82.97 95.87
CA GLU UA 21 -39.88 -84.39 95.96
C GLU UA 21 -41.16 -85.21 96.14
N ASP UA 22 -42.24 -84.58 96.58
CA ASP UA 22 -43.53 -85.27 96.71
C ASP UA 22 -44.38 -84.96 95.49
N VAL UA 23 -44.01 -85.59 94.38
CA VAL UA 23 -44.68 -85.33 93.11
C VAL UA 23 -46.14 -85.78 93.18
N LYS UA 24 -46.41 -86.87 93.90
CA LYS UA 24 -47.77 -87.39 93.95
C LYS UA 24 -48.73 -86.36 94.51
N THR UA 25 -48.32 -85.64 95.55
CA THR UA 25 -49.17 -84.58 96.09
C THR UA 25 -49.14 -83.33 95.23
N LEU UA 26 -48.02 -83.06 94.56
CA LEU UA 26 -47.92 -81.87 93.72
C LEU UA 26 -48.96 -81.88 92.62
N MET UA 27 -49.12 -83.03 91.95
CA MET UA 27 -50.05 -83.13 90.84
C MET UA 27 -51.50 -83.17 91.29
N ALA UA 28 -51.76 -83.26 92.58
CA ALA UA 28 -53.12 -83.26 93.11
C ALA UA 28 -53.47 -81.94 93.81
N THR UA 29 -52.54 -81.02 93.92
CA THR UA 29 -52.80 -79.76 94.62
C THR UA 29 -53.60 -78.83 93.73
N PRO UA 30 -54.65 -78.18 94.23
CA PRO UA 30 -55.36 -77.17 93.43
C PRO UA 30 -54.46 -76.00 93.10
N GLN UA 31 -54.77 -75.33 92.00
CA GLN UA 31 -53.92 -74.24 91.53
C GLN UA 31 -53.80 -73.14 92.57
N THR UA 32 -54.92 -72.80 93.23
CA THR UA 32 -54.87 -71.74 94.24
C THR UA 32 -53.97 -72.09 95.41
N GLU UA 33 -53.64 -73.36 95.60
CA GLU UA 33 -52.83 -73.81 96.72
C GLU UA 33 -51.39 -74.09 96.32
N ARG UA 34 -50.99 -73.80 95.09
CA ARG UA 34 -49.64 -74.08 94.62
C ARG UA 34 -48.82 -72.80 94.67
N GLY UA 35 -47.61 -72.92 95.22
CA GLY UA 35 -46.68 -71.81 95.23
C GLY UA 35 -46.00 -71.63 93.90
N PHE UA 36 -45.12 -70.63 93.84
CA PHE UA 36 -44.47 -70.31 92.57
C PHE UA 36 -43.66 -71.49 92.06
N VAL UA 37 -42.87 -72.12 92.92
CA VAL UA 37 -42.07 -73.26 92.48
C VAL UA 37 -42.96 -74.45 92.20
N GLU UA 38 -43.95 -74.70 93.05
CA GLU UA 38 -44.85 -75.82 92.84
C GLU UA 38 -45.64 -75.64 91.55
N ASP UA 39 -46.12 -74.43 91.29
CA ASP UA 39 -46.88 -74.19 90.07
C ASP UA 39 -46.01 -74.35 88.83
N TYR UA 40 -44.74 -73.93 88.90
CA TYR UA 40 -43.86 -74.06 87.76
C TYR UA 40 -43.69 -75.52 87.36
N TRP UA 41 -43.46 -76.38 88.33
CA TRP UA 41 -43.21 -77.78 88.02
C TRP UA 41 -44.49 -78.53 87.68
N TYR UA 42 -45.62 -78.12 88.25
CA TYR UA 42 -46.88 -78.73 87.86
C TYR UA 42 -47.14 -78.52 86.37
N ASN UA 43 -46.92 -77.29 85.90
CA ASN UA 43 -47.15 -77.00 84.49
C ASN UA 43 -46.12 -77.69 83.61
N ARG UA 44 -44.87 -77.72 84.04
CA ARG UA 44 -43.83 -78.31 83.20
C ARG UA 44 -44.00 -79.83 83.11
N ILE UA 45 -44.31 -80.47 84.22
CA ILE UA 45 -44.51 -81.92 84.19
C ILE UA 45 -45.75 -82.26 83.37
N ARG UA 46 -46.86 -81.57 83.63
CA ARG UA 46 -48.09 -81.87 82.90
C ARG UA 46 -48.02 -81.37 81.46
N GLY UA 47 -47.38 -80.22 81.25
CA GLY UA 47 -47.27 -79.69 79.90
C GLY UA 47 -46.41 -80.55 79.00
N GLU UA 48 -45.25 -80.99 79.50
CA GLU UA 48 -44.36 -81.81 78.71
C GLU UA 48 -44.86 -83.24 78.56
N ALA UA 49 -45.72 -83.70 79.47
CA ALA UA 49 -46.30 -85.03 79.30
C ALA UA 49 -47.23 -85.07 78.10
N THR UA 50 -48.00 -84.00 77.88
CA THR UA 50 -48.88 -83.97 76.73
C THR UA 50 -48.11 -83.69 75.44
N LEU UA 51 -47.08 -82.85 75.49
CA LEU UA 51 -46.35 -82.51 74.28
C LEU UA 51 -45.48 -83.66 73.81
N LEU UA 52 -45.01 -84.50 74.74
CA LEU UA 52 -44.18 -85.64 74.39
C LEU UA 52 -45.00 -86.88 74.10
N ASP UA 53 -46.27 -86.71 73.75
CA ASP UA 53 -47.15 -87.81 73.34
C ASP UA 53 -47.74 -87.43 71.99
N PRO UA 54 -46.95 -87.56 70.91
CA PRO UA 54 -47.39 -87.02 69.62
C PRO UA 54 -48.71 -87.59 69.15
N GLU UA 55 -48.95 -88.88 69.38
CA GLU UA 55 -50.12 -89.53 68.81
C GLU UA 55 -51.43 -88.98 69.34
N ALA UA 56 -51.40 -88.29 70.48
CA ALA UA 56 -52.62 -87.76 71.08
C ALA UA 56 -52.83 -86.28 70.79
N LEU UA 57 -51.79 -85.57 70.37
CA LEU UA 57 -51.92 -84.13 70.14
C LEU UA 57 -52.97 -83.78 69.10
N PRO UA 58 -53.01 -84.39 67.93
CA PRO UA 58 -53.98 -83.94 66.91
C PRO UA 58 -55.43 -84.07 67.36
N SER UA 59 -55.74 -84.99 68.25
CA SER UA 59 -57.11 -85.18 68.72
C SER UA 59 -57.45 -84.34 69.95
N LYS UA 60 -56.51 -83.53 70.42
CA LYS UA 60 -56.69 -82.73 71.62
C LYS UA 60 -57.10 -81.31 71.23
N SER UA 61 -58.17 -80.82 71.84
CA SER UA 61 -58.65 -79.48 71.54
C SER UA 61 -57.70 -78.43 72.09
N TYR UA 62 -57.76 -77.24 71.49
CA TYR UA 62 -56.90 -76.15 71.95
C TYR UA 62 -57.18 -75.80 73.40
N ILE UA 63 -58.44 -75.91 73.82
CA ILE UA 63 -58.77 -75.63 75.22
C ILE UA 63 -58.06 -76.62 76.13
N ALA UA 64 -58.13 -77.90 75.81
CA ALA UA 64 -57.42 -78.91 76.59
C ALA UA 64 -55.91 -78.75 76.48
N LEU UA 65 -55.42 -78.47 75.27
CA LEU UA 65 -53.98 -78.32 75.08
C LEU UA 65 -53.46 -77.14 75.88
N ALA UA 66 -54.17 -76.01 75.85
CA ALA UA 66 -53.75 -74.86 76.63
C ALA UA 66 -53.77 -75.15 78.12
N ARG UA 67 -54.78 -75.89 78.58
CA ARG UA 67 -54.84 -76.26 80.00
C ARG UA 67 -53.64 -77.10 80.40
N ASP UA 68 -53.27 -78.07 79.57
CA ASP UA 68 -52.16 -78.95 79.92
C ASP UA 68 -50.85 -78.18 80.05
N MET UA 69 -50.61 -77.25 79.13
CA MET UA 69 -49.41 -76.44 79.20
C MET UA 69 -49.50 -75.32 80.23
N GLY UA 70 -50.66 -75.13 80.85
CA GLY UA 70 -50.81 -74.10 81.86
C GLY UA 70 -51.01 -72.71 81.30
N LEU UA 71 -51.41 -72.58 80.05
CA LEU UA 71 -51.66 -71.29 79.45
C LEU UA 71 -53.11 -70.87 79.64
N GLN UA 72 -53.32 -69.61 80.00
CA GLN UA 72 -54.64 -69.09 80.31
C GLN UA 72 -55.31 -68.56 79.05
N ILE UA 73 -56.52 -69.06 78.77
CA ILE UA 73 -57.31 -68.55 77.67
C ILE UA 73 -57.72 -67.11 77.97
N VAL UA 74 -57.57 -66.24 76.98
CA VAL UA 74 -57.81 -64.81 77.20
C VAL UA 74 -59.29 -64.51 77.05
N ASP UA 75 -59.80 -63.67 77.93
CA ASP UA 75 -61.14 -63.14 77.85
C ASP UA 75 -61.10 -61.67 78.24
N GLU UA 76 -62.17 -60.95 77.92
CA GLU UA 76 -62.19 -59.51 78.20
C GLU UA 76 -61.87 -59.17 79.64
N PRO UA 77 -62.42 -59.85 80.64
CA PRO UA 77 -62.02 -59.54 82.02
C PRO UA 77 -60.54 -59.75 82.27
N SER UA 78 -60.02 -60.94 81.97
CA SER UA 78 -58.60 -61.20 82.22
C SER UA 78 -57.73 -60.29 81.37
N SER UA 79 -58.10 -60.07 80.11
CA SER UA 79 -57.31 -59.20 79.25
C SER UA 79 -57.26 -57.79 79.81
N HIS UA 80 -58.38 -57.29 80.32
CA HIS UA 80 -58.40 -55.96 80.92
C HIS UA 80 -57.43 -55.87 82.09
N MET UA 81 -57.47 -56.85 82.99
CA MET UA 81 -56.60 -56.79 84.16
C MET UA 81 -55.14 -56.88 83.77
N MET UA 82 -54.79 -57.83 82.89
CA MET UA 82 -53.40 -57.96 82.48
C MET UA 82 -52.92 -56.70 81.77
N GLY UA 83 -53.76 -56.13 80.91
CA GLY UA 83 -53.35 -54.93 80.20
C GLY UA 83 -53.00 -53.78 81.14
N LEU UA 84 -53.80 -53.58 82.18
CA LEU UA 84 -53.50 -52.51 83.12
C LEU UA 84 -52.27 -52.81 83.96
N ILE UA 85 -51.98 -54.09 84.20
CA ILE UA 85 -50.76 -54.44 84.92
C ILE UA 85 -49.54 -54.01 84.10
N GLU UA 86 -49.52 -54.38 82.82
CA GLU UA 86 -48.37 -54.04 81.99
C GLU UA 86 -48.23 -52.54 81.82
N LEU UA 87 -49.35 -51.83 81.72
CA LEU UA 87 -49.28 -50.37 81.64
C LEU UA 87 -48.68 -49.79 82.91
N TYR UA 88 -49.06 -50.33 84.07
CA TYR UA 88 -48.46 -49.85 85.32
C TYR UA 88 -46.97 -50.14 85.34
N GLU UA 89 -46.58 -51.35 84.94
CA GLU UA 89 -45.16 -51.70 84.93
C GLU UA 89 -44.38 -50.83 83.96
N TYR UA 90 -44.95 -50.58 82.78
CA TYR UA 90 -44.25 -49.77 81.79
C TYR UA 90 -44.03 -48.36 82.31
N LEU UA 91 -45.03 -47.78 82.97
CA LEU UA 91 -44.91 -46.41 83.46
C LEU UA 91 -43.94 -46.28 84.61
N ARG UA 92 -43.44 -47.37 85.18
CA ARG UA 92 -42.46 -47.26 86.25
C ARG UA 92 -41.21 -46.56 85.77
N GLY UA 93 -40.78 -46.85 84.55
CA GLY UA 93 -39.56 -46.25 84.02
C GLY UA 93 -39.73 -45.67 82.63
N ALA UA 94 -40.93 -45.21 82.29
CA ALA UA 94 -41.20 -44.64 80.99
C ALA UA 94 -42.05 -43.38 81.16
N SER UA 95 -41.99 -42.52 80.15
CA SER UA 95 -42.75 -41.28 80.19
C SER UA 95 -44.24 -41.55 80.01
N PHE UA 96 -45.04 -40.60 80.45
CA PHE UA 96 -46.50 -40.71 80.46
C PHE UA 96 -47.05 -39.70 79.44
N VAL UA 97 -47.24 -40.16 78.21
CA VAL UA 97 -47.69 -39.31 77.12
C VAL UA 97 -48.86 -39.99 76.41
N GLY UA 98 -49.91 -39.22 76.14
CA GLY UA 98 -51.09 -39.75 75.51
C GLY UA 98 -52.03 -38.65 75.04
N PRO UA 99 -53.22 -39.04 74.60
CA PRO UA 99 -54.19 -38.05 74.11
C PRO UA 99 -54.74 -37.18 75.24
N PHE UA 100 -55.21 -36.01 74.85
CA PHE UA 100 -55.81 -35.08 75.81
C PHE UA 100 -57.06 -35.70 76.43
N GLY UA 101 -57.18 -35.56 77.75
CA GLY UA 101 -58.26 -36.19 78.48
C GLY UA 101 -59.52 -35.33 78.51
N THR UA 102 -60.66 -36.00 78.34
CA THR UA 102 -61.95 -35.34 78.34
C THR UA 102 -62.90 -36.16 79.20
N ILE UA 103 -64.11 -35.62 79.41
CA ILE UA 103 -65.07 -36.31 80.26
C ILE UA 103 -65.42 -37.67 79.68
N GLU UA 104 -65.59 -37.74 78.36
CA GLU UA 104 -65.88 -39.03 77.74
C GLU UA 104 -64.73 -40.00 77.88
N ASN UA 105 -63.49 -39.52 77.75
CA ASN UA 105 -62.30 -40.35 77.81
C ASN UA 105 -61.30 -39.73 78.78
N PRO UA 106 -61.53 -39.88 80.07
CA PRO UA 106 -60.58 -39.33 81.04
C PRO UA 106 -59.20 -39.95 80.91
N VAL UA 107 -58.18 -39.17 81.26
CA VAL UA 107 -56.84 -39.73 81.39
C VAL UA 107 -56.85 -40.79 82.47
N LEU UA 108 -56.39 -41.99 82.14
CA LEU UA 108 -56.34 -43.09 83.09
C LEU UA 108 -55.03 -43.03 83.87
N VAL UA 109 -55.13 -43.04 85.19
CA VAL UA 109 -53.97 -42.97 86.06
C VAL UA 109 -53.93 -44.24 86.90
N PRO UA 110 -53.27 -45.30 86.46
CA PRO UA 110 -53.27 -46.54 87.24
C PRO UA 110 -52.57 -46.34 88.57
N ALA UA 111 -53.09 -47.01 89.61
CA ALA UA 111 -52.47 -46.95 90.92
C ALA UA 111 -52.84 -48.19 91.70
N VAL UA 112 -51.98 -48.57 92.64
CA VAL UA 112 -52.29 -49.64 93.56
C VAL UA 112 -53.00 -49.12 94.81
N GLY UA 113 -52.52 -48.00 95.35
CA GLY UA 113 -53.13 -47.39 96.51
C GLY UA 113 -54.31 -46.51 96.12
N GLN UA 114 -54.76 -45.73 97.10
CA GLN UA 114 -55.89 -44.84 96.91
C GLN UA 114 -55.49 -43.47 96.36
N GLU UA 115 -54.20 -43.25 96.10
CA GLU UA 115 -53.72 -41.92 95.75
C GLU UA 115 -52.47 -42.05 94.89
N ARG UA 116 -52.30 -41.12 93.96
CA ARG UA 116 -51.09 -41.04 93.17
C ARG UA 116 -50.92 -39.61 92.67
N VAL UA 117 -49.69 -39.11 92.76
CA VAL UA 117 -49.40 -37.73 92.36
C VAL UA 117 -49.32 -37.66 90.84
N VAL UA 118 -49.96 -36.66 90.26
CA VAL UA 118 -50.00 -36.48 88.82
C VAL UA 118 -49.73 -35.02 88.51
N ALA UA 119 -49.19 -34.76 87.32
CA ALA UA 119 -48.97 -33.42 86.82
C ALA UA 119 -49.71 -33.24 85.51
N CYS UA 120 -50.30 -32.07 85.31
CA CYS UA 120 -50.93 -31.71 84.06
C CYS UA 120 -50.02 -30.71 83.35
N THR UA 121 -49.73 -30.96 82.08
CA THR UA 121 -48.94 -30.05 81.27
C THR UA 121 -49.75 -29.45 80.13
N GLY UA 122 -51.07 -29.54 80.18
CA GLY UA 122 -51.91 -28.93 79.17
C GLY UA 122 -51.93 -29.72 77.88
N GLY UA 123 -52.25 -29.01 76.80
CA GLY UA 123 -52.33 -29.59 75.49
C GLY UA 123 -51.01 -29.55 74.75
N VAL UA 124 -51.10 -29.59 73.43
CA VAL UA 124 -49.92 -29.61 72.56
C VAL UA 124 -49.60 -28.19 72.11
N GLY UA 125 -48.33 -27.96 71.83
CA GLY UA 125 -47.93 -26.67 71.29
C GLY UA 125 -48.20 -25.55 72.27
N ASP UA 126 -48.89 -24.52 71.78
CA ASP UA 126 -49.17 -23.35 72.61
C ASP UA 126 -50.05 -23.71 73.81
N GLU UA 127 -50.91 -24.73 73.67
CA GLU UA 127 -51.78 -25.12 74.76
C GLU UA 127 -51.03 -25.73 75.94
N GLU UA 128 -49.77 -26.12 75.75
CA GLU UA 128 -48.99 -26.66 76.85
C GLU UA 128 -48.69 -25.57 77.87
N HIS UA 129 -48.93 -25.85 79.14
CA HIS UA 129 -48.69 -24.91 80.22
C HIS UA 129 -47.71 -25.52 81.21
N PHE UA 130 -47.32 -24.73 82.20
CA PHE UA 130 -46.39 -25.18 83.21
C PHE UA 130 -47.00 -26.33 84.00
N THR UA 131 -46.14 -27.21 84.52
CA THR UA 131 -46.60 -28.37 85.27
C THR UA 131 -47.43 -27.94 86.47
N LEU UA 132 -48.60 -28.57 86.63
CA LEU UA 132 -49.49 -28.33 87.76
C LEU UA 132 -49.71 -29.66 88.45
N TRP UA 133 -49.06 -29.85 89.59
CA TRP UA 133 -49.12 -31.11 90.31
C TRP UA 133 -50.34 -31.17 91.22
N PHE UA 134 -50.96 -32.34 91.29
CA PHE UA 134 -52.10 -32.54 92.17
C PHE UA 134 -52.12 -34.00 92.61
N ARG UA 135 -52.81 -34.27 93.71
CA ARG UA 135 -52.92 -35.62 94.25
C ARG UA 135 -54.21 -36.24 93.72
N CYS UA 136 -54.08 -37.27 92.90
CA CYS UA 136 -55.21 -37.93 92.27
C CYS UA 136 -55.70 -39.02 93.20
N ARG UA 137 -56.82 -38.78 93.87
CA ARG UA 137 -57.40 -39.73 94.80
C ARG UA 137 -58.61 -40.42 94.16
N GLU UA 138 -58.86 -41.64 94.61
CA GLU UA 138 -59.93 -42.44 94.02
C GLU UA 138 -61.29 -41.79 94.24
N GLY UA 139 -62.18 -41.97 93.28
CA GLY UA 139 -63.56 -41.57 93.43
C GLY UA 139 -63.87 -40.14 93.07
N PHE UA 140 -62.96 -39.42 92.42
CA PHE UA 140 -63.21 -38.06 92.00
C PHE UA 140 -62.74 -37.88 90.56
N MET UA 141 -63.54 -37.20 89.76
CA MET UA 141 -63.19 -36.85 88.39
C MET UA 141 -62.46 -35.52 88.44
N TYR UA 142 -61.15 -35.56 88.33
CA TYR UA 142 -60.34 -34.36 88.50
C TYR UA 142 -60.29 -33.53 87.24
N ARG UA 143 -60.37 -32.21 87.42
CA ARG UA 143 -60.39 -31.26 86.32
C ARG UA 143 -59.28 -30.24 86.54
N CYS UA 144 -58.34 -30.17 85.62
CA CYS UA 144 -57.27 -29.19 85.73
C CYS UA 144 -57.86 -27.79 85.73
N GLY UA 145 -57.41 -26.95 86.66
CA GLY UA 145 -57.95 -25.62 86.77
C GLY UA 145 -57.52 -24.67 85.67
N GLU UA 146 -56.54 -25.06 84.87
CA GLU UA 146 -55.99 -24.20 83.82
C GLU UA 146 -56.46 -24.59 82.44
N CYS UA 147 -56.29 -25.85 82.06
CA CYS UA 147 -56.66 -26.32 80.73
C CYS UA 147 -57.96 -27.12 80.72
N ASP UA 148 -58.49 -27.47 81.89
CA ASP UA 148 -59.73 -28.24 81.99
C ASP UA 148 -59.57 -29.67 81.48
N GLN UA 149 -58.38 -30.24 81.62
CA GLN UA 149 -58.17 -31.64 81.28
C GLN UA 149 -58.70 -32.53 82.39
N ILE UA 150 -59.33 -33.62 82.02
CA ILE UA 150 -60.01 -34.51 82.96
C ILE UA 150 -59.13 -35.71 83.26
N PHE UA 151 -58.92 -35.98 84.53
CA PHE UA 151 -58.13 -37.13 85.00
C PHE UA 151 -58.99 -38.02 85.87
N MET UA 152 -58.66 -39.31 85.88
CA MET UA 152 -59.36 -40.28 86.71
C MET UA 152 -58.37 -41.34 87.17
N LEU UA 153 -58.55 -41.81 88.39
CA LEU UA 153 -57.68 -42.82 88.98
C LEU UA 153 -58.28 -44.20 88.77
N VAL UA 154 -57.48 -45.12 88.25
CA VAL UA 154 -57.87 -46.51 88.07
C VAL UA 154 -57.06 -47.33 89.07
N ARG UA 155 -57.75 -48.09 89.91
CA ARG UA 155 -57.12 -48.88 90.95
C ARG UA 155 -57.05 -50.34 90.55
N LEU UA 156 -55.86 -50.92 90.67
CA LEU UA 156 -55.65 -52.34 90.38
C LEU UA 156 -55.92 -53.12 91.66
N TYR UA 157 -57.20 -53.25 91.99
CA TYR UA 157 -57.64 -53.85 93.23
C TYR UA 157 -58.64 -54.96 92.96
N TYR UA 158 -58.57 -56.03 93.74
CA TYR UA 158 -59.52 -57.13 93.63
C TYR UA 158 -59.51 -57.91 94.93
N GLU UA 159 -60.64 -57.90 95.66
CA GLU UA 159 -60.86 -58.76 96.81
C GLU UA 159 -59.66 -58.74 97.76
N ASP UA 160 -59.42 -57.56 98.33
CA ASP UA 160 -58.38 -57.34 99.33
C ASP UA 160 -56.98 -57.61 98.78
N ARG UA 161 -56.82 -57.58 97.46
CA ARG UA 161 -55.54 -57.82 96.82
C ARG UA 161 -55.43 -56.91 95.62
N TYR UA 162 -54.20 -56.68 95.17
CA TYR UA 162 -53.94 -55.90 93.98
C TYR UA 162 -53.60 -56.82 92.81
N TRP UA 163 -53.96 -56.38 91.61
CA TRP UA 163 -53.85 -57.22 90.44
C TRP UA 163 -52.41 -57.66 90.21
N THR UA 164 -52.22 -58.96 90.01
CA THR UA 164 -50.93 -59.53 89.64
C THR UA 164 -51.18 -60.66 88.66
N GLN UA 165 -50.12 -61.05 87.96
CA GLN UA 165 -50.25 -62.13 86.98
C GLN UA 165 -50.79 -63.39 87.63
N THR UA 166 -50.28 -63.74 88.81
CA THR UA 166 -50.77 -64.93 89.50
C THR UA 166 -52.20 -64.76 89.96
N LEU UA 167 -52.56 -63.56 90.43
CA LEU UA 167 -53.93 -63.33 90.89
C LEU UA 167 -54.91 -63.51 89.75
N VAL UA 168 -54.58 -63.01 88.56
CA VAL UA 168 -55.46 -63.15 87.41
C VAL UA 168 -55.63 -64.63 87.07
N ARG UA 169 -54.53 -65.39 87.07
CA ARG UA 169 -54.62 -66.80 86.74
C ARG UA 169 -55.53 -67.54 87.71
N ASP UA 170 -55.35 -67.30 89.01
CA ASP UA 170 -56.14 -68.02 90.01
C ASP UA 170 -57.62 -67.68 89.89
N THR UA 171 -57.93 -66.41 89.67
CA THR UA 171 -59.32 -65.98 89.63
C THR UA 171 -60.07 -66.60 88.45
N PHE UA 172 -59.44 -66.66 87.27
CA PHE UA 172 -60.14 -67.04 86.06
C PHE UA 172 -59.83 -68.45 85.58
N MET UA 173 -58.61 -68.93 85.73
CA MET UA 173 -58.30 -70.29 85.31
C MET UA 173 -59.03 -71.28 86.20
N SER UA 174 -59.59 -72.32 85.58
CA SER UA 174 -60.31 -73.37 86.30
C SER UA 174 -59.55 -74.68 86.13
N ASP UA 175 -59.27 -75.35 87.24
CA ASP UA 175 -58.59 -76.63 87.19
C ASP UA 175 -59.44 -77.65 86.45
N GLY UA 176 -58.83 -78.38 85.54
CA GLY UA 176 -59.52 -79.39 84.76
C GLY UA 176 -59.53 -80.73 85.46
N ASP UA 177 -59.64 -81.79 84.65
CA ASP UA 177 -59.57 -83.13 85.20
C ASP UA 177 -58.23 -83.34 85.91
N MET UA 178 -58.28 -84.02 87.04
CA MET UA 178 -57.07 -84.24 87.82
C MET UA 178 -56.03 -84.99 86.98
N PHE UA 179 -54.78 -84.55 87.07
CA PHE UA 179 -53.72 -85.19 86.31
C PHE UA 179 -53.57 -86.64 86.73
N ASP UA 180 -53.46 -87.53 85.74
CA ASP UA 180 -53.34 -88.96 85.98
C ASP UA 180 -51.87 -89.36 85.95
N LEU UA 181 -51.40 -89.97 87.03
CA LEU UA 181 -50.01 -90.39 87.09
C LEU UA 181 -49.69 -91.50 86.10
N LYS UA 182 -50.70 -92.21 85.59
CA LYS UA 182 -50.45 -93.21 84.56
C LYS UA 182 -49.89 -92.57 83.30
N THR UA 183 -50.37 -91.37 82.97
CA THR UA 183 -49.83 -90.67 81.80
C THR UA 183 -48.36 -90.36 82.00
N LEU UA 184 -47.97 -89.95 83.21
CA LEU UA 184 -46.56 -89.67 83.48
C LEU UA 184 -45.73 -90.92 83.26
N GLU UA 185 -46.18 -92.06 83.79
CA GLU UA 185 -45.43 -93.31 83.60
C GLU UA 185 -45.40 -93.72 82.14
N ARG UA 186 -46.53 -93.60 81.44
CA ARG UA 186 -46.59 -94.05 80.06
C ARG UA 186 -45.64 -93.24 79.18
N VAL UA 187 -45.64 -91.92 79.35
CA VAL UA 187 -44.71 -91.09 78.58
C VAL UA 187 -43.28 -91.32 79.03
N HIS UA 188 -43.07 -91.60 80.31
CA HIS UA 188 -41.73 -91.86 80.81
C HIS UA 188 -41.11 -93.05 80.10
N LYS UA 189 -41.84 -94.16 79.99
CA LYS UA 189 -41.31 -95.33 79.31
C LYS UA 189 -41.13 -95.09 77.82
N MET UA 190 -41.87 -94.15 77.25
CA MET UA 190 -41.75 -93.87 75.82
C MET UA 190 -40.39 -93.30 75.48
N TRP UA 191 -39.90 -92.35 76.28
CA TRP UA 191 -38.70 -91.62 75.94
C TRP UA 191 -37.50 -91.97 76.83
N ASN UA 192 -37.66 -92.89 77.76
CA ASN UA 192 -36.57 -93.27 78.67
C ASN UA 192 -36.49 -94.79 78.70
N LYS UA 193 -35.46 -95.35 78.08
CA LYS UA 193 -35.27 -96.79 78.04
C LYS UA 193 -33.79 -97.10 77.92
N ASP UA 194 -33.39 -98.20 78.56
CA ASP UA 194 -32.04 -98.75 78.46
C ASP UA 194 -30.97 -97.65 78.53
N GLU UA 195 -30.99 -96.92 79.64
CA GLU UA 195 -29.94 -95.96 79.98
C GLU UA 195 -30.01 -94.69 79.16
N MET UA 196 -30.90 -94.62 78.17
CA MET UA 196 -31.11 -93.40 77.41
C MET UA 196 -32.27 -92.64 78.04
N VAL UA 197 -32.04 -91.40 78.43
CA VAL UA 197 -33.03 -90.59 79.11
C VAL UA 197 -33.20 -89.31 78.28
N ARG UA 198 -34.14 -89.33 77.35
CA ARG UA 198 -34.45 -88.15 76.56
C ARG UA 198 -35.60 -87.34 77.15
N TRP UA 199 -36.22 -87.81 78.24
CA TRP UA 199 -37.31 -87.14 78.92
C TRP UA 199 -36.93 -87.10 80.40
N GLU UA 200 -36.12 -86.12 80.77
CA GLU UA 200 -35.43 -86.17 82.05
C GLU UA 200 -36.31 -85.70 83.19
N VAL UA 201 -37.15 -84.70 82.95
CA VAL UA 201 -38.09 -84.24 83.98
C VAL UA 201 -39.02 -85.37 84.39
N GLY UA 202 -39.53 -86.12 83.41
CA GLY UA 202 -40.33 -87.28 83.72
C GLY UA 202 -39.55 -88.36 84.45
N TYR UA 203 -38.28 -88.53 84.08
CA TYR UA 203 -37.45 -89.51 84.76
C TYR UA 203 -37.30 -89.18 86.24
N TRP UA 204 -37.00 -87.91 86.54
CA TRP UA 204 -36.97 -87.48 87.94
C TRP UA 204 -38.35 -87.56 88.57
N ALA UA 205 -39.37 -87.09 87.86
CA ALA UA 205 -40.72 -87.10 88.41
C ALA UA 205 -41.18 -88.52 88.71
N GLN UA 206 -40.92 -89.45 87.79
CA GLN UA 206 -41.31 -90.83 88.03
C GLN UA 206 -40.55 -91.41 89.20
N ASP UA 207 -39.28 -91.07 89.35
CA ASP UA 207 -38.49 -91.57 90.47
C ASP UA 207 -39.06 -91.08 91.79
N TYR UA 208 -39.48 -89.81 91.86
CA TYR UA 208 -40.09 -89.31 93.09
C TYR UA 208 -41.40 -90.02 93.38
N VAL UA 209 -42.21 -90.30 92.35
CA VAL UA 209 -43.46 -91.02 92.57
C VAL UA 209 -43.19 -92.39 93.15
N LEU UA 210 -42.15 -93.07 92.66
CA LEU UA 210 -41.76 -94.37 93.20
C LEU UA 210 -41.03 -94.26 94.52
N GLY UA 211 -41.00 -93.09 95.13
CA GLY UA 211 -40.23 -92.88 96.34
C GLY UA 211 -39.09 -91.91 96.08
N LYS UA 212 -37.86 -92.40 96.12
CA LYS UA 212 -36.71 -91.60 95.72
C LYS UA 212 -35.50 -92.51 95.58
N GLY UA 213 -34.78 -92.40 94.47
CA GLY UA 213 -33.62 -93.24 94.25
C GLY UA 213 -33.93 -94.66 93.85
N VAL UA 214 -35.04 -94.88 93.15
CA VAL UA 214 -35.42 -96.23 92.71
C VAL UA 214 -34.90 -96.52 91.31
N LEU UA 215 -35.08 -95.58 90.38
CA LEU UA 215 -34.68 -95.81 89.01
C LEU UA 215 -33.16 -95.81 88.87
N PRO UA 216 -32.63 -96.46 87.84
CA PRO UA 216 -31.17 -96.55 87.70
C PRO UA 216 -30.51 -95.19 87.68
N GLY UA 217 -29.39 -95.10 88.40
CA GLY UA 217 -28.59 -93.90 88.39
C GLY UA 217 -29.13 -92.75 89.22
N MET UA 218 -30.31 -92.90 89.80
CA MET UA 218 -30.88 -91.78 90.55
C MET UA 218 -30.24 -91.63 91.93
N VAL UA 219 -29.82 -92.73 92.55
CA VAL UA 219 -29.11 -92.62 93.82
C VAL UA 219 -27.82 -91.83 93.63
N GLU UA 220 -27.06 -92.15 92.58
CA GLU UA 220 -25.86 -91.39 92.28
C GLU UA 220 -26.19 -89.96 91.91
N GLU UA 221 -27.36 -89.73 91.33
CA GLU UA 221 -27.75 -88.37 90.95
C GLU UA 221 -28.06 -87.52 92.17
N HIS UA 222 -28.64 -88.12 93.21
CA HIS UA 222 -29.05 -87.38 94.39
C HIS UA 222 -27.96 -87.26 95.45
N THR UA 223 -26.83 -87.97 95.31
CA THR UA 223 -25.76 -87.91 96.29
C THR UA 223 -24.86 -86.72 95.99
N ARG UA 224 -24.71 -85.84 96.98
CA ARG UA 224 -23.91 -84.64 96.83
C ARG UA 224 -22.90 -84.57 97.96
N VAL UA 225 -21.83 -83.81 97.74
CA VAL UA 225 -20.70 -83.78 98.65
C VAL UA 225 -20.80 -82.57 99.57
N ASN UA 226 -21.47 -81.51 99.11
CA ASN UA 226 -21.58 -80.30 99.90
C ASN UA 226 -22.93 -79.61 99.67
N ILE VA 1 -44.50 -18.06 74.18
CA ILE VA 1 -44.90 -17.90 75.57
C ILE VA 1 -46.31 -18.41 75.75
N TYR VA 2 -46.65 -18.78 76.97
CA TYR VA 2 -47.98 -19.29 77.29
C TYR VA 2 -48.93 -18.13 77.55
N GLU VA 3 -50.10 -18.16 76.91
CA GLU VA 3 -51.10 -17.12 77.05
C GLU VA 3 -52.49 -17.70 77.24
N GLY VA 4 -52.57 -18.87 77.85
CA GLY VA 4 -53.84 -19.53 78.04
C GLY VA 4 -54.22 -20.40 76.86
N GLN VA 5 -55.31 -21.13 77.03
CA GLN VA 5 -55.82 -22.00 75.98
C GLN VA 5 -56.52 -21.18 74.91
N THR VA 6 -56.40 -21.63 73.67
CA THR VA 6 -57.08 -20.98 72.56
C THR VA 6 -58.58 -21.28 72.61
N VAL VA 7 -59.38 -20.29 72.27
CA VAL VA 7 -60.83 -20.40 72.33
C VAL VA 7 -61.42 -20.01 70.99
N GLN VA 8 -62.37 -20.80 70.50
CA GLN VA 8 -63.12 -20.49 69.30
C GLN VA 8 -64.42 -19.81 69.67
N GLU VA 9 -64.94 -19.00 68.73
CA GLU VA 9 -66.16 -18.24 69.00
C GLU VA 9 -67.33 -19.16 69.32
N SER VA 10 -67.45 -20.27 68.59
CA SER VA 10 -68.57 -21.18 68.82
C SER VA 10 -68.55 -21.74 70.23
N GLU VA 11 -67.36 -21.90 70.81
CA GLU VA 11 -67.26 -22.46 72.16
C GLU VA 11 -67.82 -21.52 73.22
N LEU VA 12 -67.99 -20.24 72.90
CA LEU VA 12 -68.49 -19.27 73.87
C LEU VA 12 -70.00 -19.11 73.83
N ILE VA 13 -70.69 -19.76 72.90
CA ILE VA 13 -72.13 -19.59 72.76
C ILE VA 13 -72.83 -20.39 73.86
N PRO VA 14 -73.66 -19.77 74.70
CA PRO VA 14 -74.35 -20.53 75.74
C PRO VA 14 -75.59 -21.24 75.21
N GLN VA 15 -76.01 -22.26 75.95
CA GLN VA 15 -77.24 -22.96 75.65
C GLN VA 15 -78.45 -22.34 76.32
N GLU VA 16 -78.25 -21.36 77.20
CA GLU VA 16 -79.35 -20.63 77.81
C GLU VA 16 -78.94 -19.17 77.96
N ASP VA 17 -79.94 -18.29 77.97
CA ASP VA 17 -79.69 -16.86 78.08
C ASP VA 17 -79.38 -16.42 79.50
N ASP VA 18 -79.63 -17.26 80.49
CA ASP VA 18 -79.41 -16.90 81.89
C ASP VA 18 -78.09 -17.43 82.44
N TRP VA 19 -77.23 -17.99 81.60
CA TRP VA 19 -75.98 -18.53 82.07
C TRP VA 19 -75.04 -17.42 82.50
N VAL VA 20 -74.45 -17.55 83.68
CA VAL VA 20 -73.39 -16.68 84.16
C VAL VA 20 -72.33 -17.57 84.80
N ILE VA 21 -71.13 -17.00 84.96
CA ILE VA 21 -70.04 -17.79 85.52
C ILE VA 21 -70.41 -18.23 86.93
N GLU VA 22 -70.16 -19.51 87.22
CA GLU VA 22 -70.54 -20.08 88.50
C GLU VA 22 -69.78 -19.40 89.63
N GLU VA 23 -70.51 -19.10 90.71
CA GLU VA 23 -69.92 -18.46 91.89
C GLU VA 23 -69.67 -19.53 92.94
N THR VA 24 -68.61 -20.31 92.73
CA THR VA 24 -68.18 -21.32 93.67
C THR VA 24 -66.95 -20.81 94.40
N ASN VA 25 -66.96 -20.92 95.73
CA ASN VA 25 -65.88 -20.38 96.53
C ASN VA 25 -64.70 -21.34 96.53
N PHE VA 26 -63.53 -20.84 96.15
CA PHE VA 26 -62.31 -21.64 96.13
C PHE VA 26 -61.43 -21.39 97.35
N CYS VA 27 -61.95 -20.69 98.35
CA CYS VA 27 -61.30 -20.65 99.66
C CYS VA 27 -61.67 -21.93 100.41
N LEU VA 28 -60.66 -22.74 100.73
CA LEU VA 28 -60.92 -24.06 101.29
C LEU VA 28 -61.56 -23.99 102.68
N GLY VA 29 -61.44 -22.88 103.38
CA GLY VA 29 -62.05 -22.70 104.68
C GLY VA 29 -61.12 -21.96 105.60
N ARG VA 30 -61.46 -22.01 106.90
CA ARG VA 30 -60.68 -21.37 107.95
C ARG VA 30 -59.80 -22.40 108.63
N ASN VA 31 -58.51 -22.14 108.71
CA ASN VA 31 -57.55 -23.08 109.28
C ASN VA 31 -56.63 -22.35 110.25
N CYS VA 32 -55.84 -23.15 110.96
CA CYS VA 32 -54.88 -22.68 111.94
C CYS VA 32 -53.92 -23.83 112.20
N TYR VA 33 -53.15 -23.74 113.29
CA TYR VA 33 -52.37 -24.89 113.72
C TYR VA 33 -53.28 -26.10 113.88
N VAL VA 34 -52.80 -27.26 113.41
CA VAL VA 34 -53.53 -28.50 113.65
C VAL VA 34 -53.58 -28.74 115.15
N ARG VA 35 -54.80 -28.91 115.67
CA ARG VA 35 -55.01 -29.04 117.11
C ARG VA 35 -55.30 -30.50 117.43
N PHE VA 36 -54.35 -31.15 118.10
CA PHE VA 36 -54.50 -32.54 118.47
C PHE VA 36 -55.31 -32.67 119.75
N ARG VA 37 -55.81 -33.88 119.99
CA ARG VA 37 -56.52 -34.22 121.20
C ARG VA 37 -55.56 -34.89 122.18
N GLU VA 38 -55.63 -34.49 123.45
CA GLU VA 38 -54.76 -35.09 124.45
C GLU VA 38 -55.00 -36.59 124.57
N GLU VA 39 -56.22 -37.05 124.29
CA GLU VA 39 -56.52 -38.46 124.43
C GLU VA 39 -55.88 -39.29 123.34
N ASP VA 40 -55.60 -38.71 122.18
CA ASP VA 40 -55.03 -39.45 121.07
C ASP VA 40 -53.55 -39.73 121.34
N ASP VA 41 -53.16 -40.98 121.15
CA ASP VA 41 -51.76 -41.38 121.30
C ASP VA 41 -51.02 -41.06 120.01
N LEU VA 42 -49.78 -41.54 119.91
CA LEU VA 42 -48.95 -41.20 118.75
C LEU VA 42 -49.58 -41.69 117.45
N ALA VA 43 -50.11 -42.91 117.45
CA ALA VA 43 -50.69 -43.46 116.22
C ALA VA 43 -51.90 -42.66 115.78
N ARG VA 44 -52.79 -42.31 116.71
CA ARG VA 44 -54.01 -41.63 116.35
C ARG VA 44 -53.79 -40.16 116.01
N ARG VA 45 -52.75 -39.54 116.59
CA ARG VA 45 -52.40 -38.20 116.15
C ARG VA 45 -51.86 -38.21 114.72
N ALA VA 46 -51.16 -39.28 114.34
CA ALA VA 46 -50.73 -39.41 112.95
C ALA VA 46 -51.92 -39.46 112.01
N LEU VA 47 -52.96 -40.21 112.37
CA LEU VA 47 -54.18 -40.23 111.57
C LEU VA 47 -54.80 -38.84 111.51
N HIS VA 48 -54.80 -38.12 112.63
CA HIS VA 48 -55.34 -36.77 112.65
C HIS VA 48 -54.59 -35.88 111.66
N GLN VA 49 -53.24 -35.95 111.67
CA GLN VA 49 -52.46 -35.12 110.77
C GLN VA 49 -52.74 -35.46 109.32
N MET VA 50 -52.89 -36.76 109.02
CA MET VA 50 -53.15 -37.18 107.65
C MET VA 50 -54.52 -36.72 107.14
N ASP VA 51 -55.46 -36.43 108.04
CA ASP VA 51 -56.78 -35.98 107.66
C ASP VA 51 -56.90 -34.47 107.56
N SER VA 52 -55.81 -33.74 107.79
CA SER VA 52 -55.82 -32.28 107.74
C SER VA 52 -54.99 -31.75 106.58
N GLN VA 53 -54.74 -32.57 105.57
CA GLN VA 53 -53.88 -32.19 104.45
C GLN VA 53 -54.65 -31.32 103.49
N LEU VA 54 -54.18 -30.10 103.26
CA LEU VA 54 -54.83 -29.23 102.30
C LEU VA 54 -54.68 -29.74 100.88
N ASN VA 55 -53.58 -30.43 100.58
CA ASN VA 55 -53.37 -30.92 99.22
C ASN VA 55 -54.25 -32.12 98.88
N LYS VA 56 -54.99 -32.65 99.84
CA LYS VA 56 -56.01 -33.65 99.57
C LYS VA 56 -57.39 -33.05 99.38
N MET VA 57 -57.51 -31.72 99.43
CA MET VA 57 -58.80 -31.04 99.30
C MET VA 57 -59.02 -30.60 97.87
N HIS VA 58 -60.29 -30.33 97.55
CA HIS VA 58 -60.67 -29.92 96.21
C HIS VA 58 -61.96 -29.12 96.29
N THR VA 59 -62.35 -28.56 95.15
CA THR VA 59 -63.61 -27.85 95.01
C THR VA 59 -64.44 -28.56 93.94
N ARG VA 60 -65.66 -28.94 94.29
CA ARG VA 60 -66.52 -29.65 93.36
C ARG VA 60 -67.32 -28.65 92.53
N LEU VA 61 -67.25 -28.79 91.22
CA LEU VA 61 -67.97 -27.91 90.32
C LEU VA 61 -69.41 -28.38 90.16
N ARG VA 62 -70.17 -27.66 89.34
CA ARG VA 62 -71.59 -27.94 89.20
C ARG VA 62 -71.85 -29.21 88.40
N ASP VA 63 -70.87 -29.71 87.65
CA ASP VA 63 -71.04 -30.92 86.86
C ASP VA 63 -70.46 -32.15 87.54
N GLY VA 64 -70.05 -32.03 88.80
CA GLY VA 64 -69.53 -33.15 89.54
C GLY VA 64 -68.02 -33.30 89.50
N THR VA 65 -67.36 -32.67 88.54
CA THR VA 65 -65.91 -32.71 88.51
C THR VA 65 -65.34 -31.78 89.59
N VAL VA 66 -64.13 -32.08 90.04
CA VAL VA 66 -63.48 -31.35 91.11
C VAL VA 66 -62.18 -30.75 90.59
N ILE VA 67 -61.92 -29.51 90.97
CA ILE VA 67 -60.62 -28.89 90.73
C ILE VA 67 -59.80 -29.06 92.00
N PRO VA 68 -58.72 -29.84 91.98
CA PRO VA 68 -58.00 -30.12 93.22
C PRO VA 68 -57.02 -29.01 93.58
N TYR VA 69 -56.45 -29.16 94.76
CA TYR VA 69 -55.28 -28.38 95.12
C TYR VA 69 -54.17 -28.67 94.11
N MET VA 70 -53.58 -27.62 93.54
CA MET VA 70 -52.55 -27.76 92.54
C MET VA 70 -51.38 -26.86 92.86
N SER VA 71 -50.19 -27.29 92.44
CA SER VA 71 -48.97 -26.53 92.71
C SER VA 71 -48.05 -26.61 91.50
N PHE VA 72 -47.18 -25.60 91.38
CA PHE VA 72 -46.24 -25.59 90.28
C PHE VA 72 -45.18 -26.67 90.44
N HIS VA 73 -44.86 -27.03 91.68
CA HIS VA 73 -43.79 -27.98 91.95
C HIS VA 73 -44.32 -29.12 92.80
N PRO VA 74 -43.69 -30.29 92.74
CA PRO VA 74 -44.16 -31.44 93.52
C PRO VA 74 -43.83 -31.37 95.00
N ASP VA 75 -43.15 -30.31 95.45
CA ASP VA 75 -42.83 -30.19 96.87
C ASP VA 75 -44.09 -30.06 97.71
N GLU VA 76 -45.16 -29.54 97.14
CA GLU VA 76 -46.40 -29.34 97.85
C GLU VA 76 -47.33 -30.54 97.77
N MET VA 77 -46.86 -31.65 97.20
CA MET VA 77 -47.68 -32.83 97.02
C MET VA 77 -47.46 -33.91 98.08
N VAL VA 78 -46.43 -33.81 98.89
CA VAL VA 78 -46.20 -34.79 99.93
C VAL VA 78 -46.97 -34.36 101.18
N ASP VA 79 -47.24 -35.33 102.05
CA ASP VA 79 -47.91 -35.03 103.30
C ASP VA 79 -47.07 -34.07 104.13
N ARG VA 80 -47.74 -33.18 104.86
CA ARG VA 80 -47.06 -32.18 105.67
C ARG VA 80 -47.26 -32.52 107.13
N PRO VA 81 -46.20 -32.77 107.93
CA PRO VA 81 -44.78 -32.76 107.56
C PRO VA 81 -44.40 -33.95 106.69
N ALA VA 82 -43.28 -33.85 105.99
CA ALA VA 82 -42.91 -34.86 105.02
C ALA VA 82 -42.71 -36.21 105.71
N PRO VA 83 -43.32 -37.28 105.22
CA PRO VA 83 -43.05 -38.60 105.79
C PRO VA 83 -41.70 -39.14 105.35
N ILE VA 84 -41.30 -40.25 105.97
CA ILE VA 84 -40.00 -40.84 105.68
C ILE VA 84 -39.93 -41.29 104.23
N HIS VA 85 -40.96 -41.97 103.75
CA HIS VA 85 -41.03 -42.46 102.38
C HIS VA 85 -42.19 -41.77 101.69
N THR VA 86 -41.90 -40.94 100.69
CA THR VA 86 -42.90 -40.06 100.09
C THR VA 86 -43.54 -40.65 98.84
N PHE VA 87 -42.75 -40.90 97.79
CA PHE VA 87 -43.29 -41.27 96.49
C PHE VA 87 -43.14 -42.78 96.30
N SER VA 88 -43.99 -43.54 96.99
CA SER VA 88 -43.97 -44.99 96.83
C SER VA 88 -44.33 -45.37 95.39
N GLU VA 89 -45.34 -44.73 94.83
CA GLU VA 89 -45.69 -44.88 93.42
C GLU VA 89 -45.19 -43.68 92.66
N LYS VA 90 -44.49 -43.92 91.55
CA LYS VA 90 -43.83 -42.84 90.85
C LYS VA 90 -44.85 -41.82 90.37
N PRO VA 91 -44.71 -40.55 90.74
CA PRO VA 91 -45.61 -39.53 90.17
C PRO VA 91 -45.53 -39.52 88.66
N LEU VA 92 -46.68 -39.35 88.03
CA LEU VA 92 -46.80 -39.39 86.58
C LEU VA 92 -46.89 -37.97 86.05
N LEU VA 93 -45.99 -37.62 85.14
CA LEU VA 93 -46.02 -36.35 84.45
C LEU VA 93 -46.68 -36.58 83.10
N LYS VA 94 -47.89 -36.06 82.94
CA LYS VA 94 -48.72 -36.36 81.77
C LYS VA 94 -48.38 -35.40 80.64
N TRP VA 95 -47.85 -35.92 79.55
CA TRP VA 95 -47.65 -35.18 78.31
C TRP VA 95 -48.78 -35.48 77.34
N THR VA 96 -49.02 -34.55 76.43
CA THR VA 96 -50.07 -34.68 75.44
C THR VA 96 -49.47 -34.57 74.04
N TRP VA 97 -49.96 -35.41 73.14
CA TRP VA 97 -49.59 -35.31 71.73
C TRP VA 97 -50.78 -35.75 70.89
N ASP VA 98 -50.69 -35.51 69.59
CA ASP VA 98 -51.75 -35.85 68.66
C ASP VA 98 -51.58 -37.22 68.03
N GLU VA 99 -50.54 -37.96 68.40
CA GLU VA 99 -50.32 -39.27 67.81
C GLU VA 99 -51.33 -40.28 68.36
N THR VA 100 -51.74 -41.21 67.51
CA THR VA 100 -52.66 -42.26 67.90
C THR VA 100 -52.37 -43.51 67.09
N TYR VA 101 -52.82 -44.64 67.60
CA TYR VA 101 -52.65 -45.92 66.92
C TYR VA 101 -53.98 -46.65 66.89
N GLU VA 102 -54.15 -47.47 65.85
CA GLU VA 102 -55.46 -48.08 65.60
C GLU VA 102 -55.86 -49.06 66.69
N GLU VA 103 -54.90 -49.72 67.33
CA GLU VA 103 -55.25 -50.76 68.31
C GLU VA 103 -56.11 -50.22 69.43
N ALA VA 104 -55.99 -48.93 69.75
CA ALA VA 104 -56.72 -48.36 70.86
C ALA VA 104 -58.21 -48.21 70.58
N TYR VA 105 -58.62 -48.20 69.31
CA TYR VA 105 -59.99 -47.96 68.92
C TYR VA 105 -60.66 -49.25 68.49
N ASP VA 106 -61.98 -49.23 68.48
CA ASP VA 106 -62.79 -50.33 67.98
C ASP VA 106 -63.94 -49.77 67.17
N ASP VA 107 -64.25 -50.42 66.05
CA ASP VA 107 -65.35 -49.99 65.19
C ASP VA 107 -66.60 -50.82 65.44
N PRO WA 1 -42.32 -24.41 64.61
CA PRO WA 1 -42.11 -25.70 65.30
C PRO WA 1 -43.28 -26.66 65.08
N PRO WA 2 -43.07 -27.74 64.33
CA PRO WA 2 -44.17 -28.66 64.04
C PRO WA 2 -44.67 -29.35 65.30
N THR WA 3 -45.95 -29.70 65.29
CA THR WA 3 -46.58 -30.40 66.38
C THR WA 3 -46.90 -31.85 66.06
N ARG WA 4 -46.65 -32.30 64.84
CA ARG WA 4 -46.92 -33.67 64.43
C ARG WA 4 -45.61 -34.34 64.06
N LEU WA 5 -45.39 -35.55 64.60
CA LEU WA 5 -44.15 -36.26 64.31
C LEU WA 5 -44.02 -36.62 62.84
N SER WA 6 -45.13 -36.66 62.10
CA SER WA 6 -45.06 -36.99 60.69
C SER WA 6 -44.33 -35.92 59.89
N THR WA 7 -44.46 -34.65 60.29
CA THR WA 7 -43.81 -33.57 59.58
C THR WA 7 -42.33 -33.54 59.95
N PRO WA 8 -41.40 -33.68 58.98
CA PRO WA 8 -39.99 -33.70 59.32
C PRO WA 8 -39.48 -32.32 59.71
N LEU WA 9 -38.35 -32.32 60.42
CA LEU WA 9 -37.66 -31.10 60.80
C LEU WA 9 -36.54 -30.83 59.81
N TYR WA 10 -36.48 -29.61 59.29
CA TYR WA 10 -35.43 -29.26 58.36
C TYR WA 10 -34.08 -29.24 59.08
N SER WA 11 -33.08 -29.79 58.41
CA SER WA 11 -31.73 -29.85 58.95
C SER WA 11 -30.73 -29.46 57.89
N GLU WA 12 -29.71 -28.73 58.30
CA GLU WA 12 -28.59 -28.39 57.43
C GLU WA 12 -27.46 -29.40 57.62
N GLY WA 13 -26.49 -29.36 56.71
CA GLY WA 13 -25.31 -30.18 56.83
C GLY WA 13 -24.22 -29.45 57.60
N GLY WA 14 -23.50 -30.19 58.40
CA GLY WA 14 -22.42 -29.62 59.19
C GLY WA 14 -22.33 -30.30 60.54
N ALA WA 15 -21.54 -29.68 61.41
CA ALA WA 15 -21.24 -30.24 62.72
C ALA WA 15 -22.12 -29.69 63.84
N PHE WA 16 -23.03 -28.76 63.55
CA PHE WA 16 -23.97 -28.25 64.54
C PHE WA 16 -25.29 -27.98 63.84
N THR WA 17 -26.15 -28.99 63.83
CA THR WA 17 -27.40 -28.93 63.07
C THR WA 17 -28.44 -29.75 63.80
N VAL WA 18 -29.65 -29.80 63.25
CA VAL WA 18 -30.70 -30.59 63.85
C VAL WA 18 -30.35 -32.07 63.80
N ASN WA 19 -29.89 -32.55 62.64
CA ASN WA 19 -29.50 -33.96 62.54
C ASN WA 19 -28.32 -34.26 63.44
N TRP WA 20 -27.33 -33.38 63.47
CA TRP WA 20 -26.18 -33.58 64.34
C TRP WA 20 -26.60 -33.62 65.80
N TRP WA 21 -27.55 -32.76 66.17
CA TRP WA 21 -27.99 -32.72 67.56
C TRP WA 21 -28.83 -33.93 67.91
N ARG WA 22 -29.67 -34.41 66.97
CA ARG WA 22 -30.48 -35.58 67.26
C ARG WA 22 -29.61 -36.80 67.52
N ASN WA 23 -28.55 -36.96 66.74
CA ASN WA 23 -27.71 -38.15 66.88
C ASN WA 23 -27.10 -38.25 68.27
N ARG WA 24 -26.80 -37.12 68.90
CA ARG WA 24 -26.04 -37.12 70.15
C ARG WA 24 -26.87 -36.80 71.37
N TYR WA 25 -28.08 -36.27 71.21
CA TYR WA 25 -28.87 -35.88 72.37
C TYR WA 25 -29.22 -37.07 73.25
N GLY WA 26 -29.57 -38.20 72.64
CA GLY WA 26 -30.05 -39.34 73.40
C GLY WA 26 -29.00 -40.40 73.69
N LEU WA 27 -27.72 -40.06 73.54
CA LEU WA 27 -26.68 -41.06 73.76
C LEU WA 27 -26.67 -41.55 75.20
N TYR WA 28 -26.84 -40.65 76.16
CA TYR WA 28 -26.82 -40.98 77.57
C TYR WA 28 -28.21 -41.04 78.18
N SER WA 29 -29.25 -41.11 77.37
CA SER WA 29 -30.62 -40.98 77.85
C SER WA 29 -31.21 -42.36 78.10
N ARG WA 30 -31.84 -42.52 79.26
CA ARG WA 30 -32.63 -43.70 79.56
C ARG WA 30 -34.10 -43.53 79.18
N ARG WA 31 -34.52 -42.34 78.79
CA ARG WA 31 -35.92 -42.05 78.53
C ARG WA 31 -36.30 -42.21 77.07
N GLN WA 32 -35.34 -42.20 76.16
CA GLN WA 32 -35.61 -42.32 74.73
C GLN WA 32 -35.48 -43.78 74.32
N THR WA 33 -36.50 -44.56 74.66
CA THR WA 33 -36.46 -46.00 74.54
C THR WA 33 -37.07 -46.53 73.25
N ASP WA 34 -37.67 -45.67 72.43
CA ASP WA 34 -38.25 -46.10 71.17
C ASP WA 34 -38.34 -44.90 70.25
N PRO WA 35 -38.53 -45.13 68.95
CA PRO WA 35 -38.54 -43.99 68.02
C PRO WA 35 -39.59 -42.94 68.35
N MET WA 36 -40.85 -43.34 68.54
CA MET WA 36 -41.90 -42.36 68.80
C MET WA 36 -41.56 -41.53 70.03
N LEU WA 37 -41.23 -42.20 71.13
CA LEU WA 37 -40.92 -41.47 72.36
C LEU WA 37 -39.65 -40.65 72.21
N ALA WA 38 -38.65 -41.21 71.53
CA ALA WA 38 -37.39 -40.49 71.35
C ALA WA 38 -37.61 -39.19 70.59
N GLU WA 39 -38.35 -39.24 69.48
CA GLU WA 39 -38.59 -38.04 68.70
C GLU WA 39 -39.37 -37.02 69.49
N PHE WA 40 -40.39 -37.47 70.23
CA PHE WA 40 -41.19 -36.53 71.01
C PHE WA 40 -40.33 -35.78 72.02
N LEU WA 41 -39.45 -36.51 72.73
CA LEU WA 41 -38.60 -35.85 73.69
C LEU WA 41 -37.55 -34.97 73.01
N PHE WA 42 -37.06 -35.40 71.86
CA PHE WA 42 -36.09 -34.59 71.14
C PHE WA 42 -36.69 -33.26 70.70
N ARG WA 43 -37.89 -33.31 70.08
CA ARG WA 43 -38.54 -32.08 69.66
C ARG WA 43 -38.96 -31.23 70.86
N GLN WA 44 -39.29 -31.87 71.98
CA GLN WA 44 -39.62 -31.12 73.19
C GLN WA 44 -38.43 -30.28 73.64
N GLN WA 45 -37.23 -30.86 73.64
CA GLN WA 45 -36.06 -30.11 74.05
C GLN WA 45 -35.71 -29.04 73.02
N VAL WA 46 -35.77 -29.37 71.74
CA VAL WA 46 -35.43 -28.39 70.71
C VAL WA 46 -36.39 -27.21 70.75
N LYS WA 47 -37.69 -27.49 70.90
CA LYS WA 47 -38.67 -26.41 70.99
C LYS WA 47 -38.40 -25.53 72.20
N GLU WA 48 -38.08 -26.14 73.34
CA GLU WA 48 -37.96 -25.37 74.57
C GLU WA 48 -36.73 -24.48 74.58
N TRP WA 49 -35.64 -24.92 73.97
CA TRP WA 49 -34.36 -24.23 74.09
C TRP WA 49 -33.97 -23.45 72.85
N PHE WA 50 -34.09 -24.05 71.67
CA PHE WA 50 -33.62 -23.39 70.45
C PHE WA 50 -34.64 -22.47 69.83
N TYR WA 51 -35.93 -22.63 70.13
CA TYR WA 51 -36.96 -21.72 69.66
C TYR WA 51 -37.28 -20.64 70.67
N ASP WA 52 -36.53 -20.57 71.77
CA ASP WA 52 -36.70 -19.51 72.76
C ASP WA 52 -35.89 -18.30 72.33
N VAL WA 53 -36.58 -17.21 71.98
CA VAL WA 53 -35.90 -16.05 71.45
C VAL WA 53 -34.87 -15.49 72.42
N PRO WA 54 -35.17 -15.26 73.69
CA PRO WA 54 -34.17 -14.65 74.58
C PRO WA 54 -32.93 -15.51 74.77
N SER WA 55 -33.01 -16.82 74.54
CA SER WA 55 -31.85 -17.67 74.74
C SER WA 55 -30.70 -17.28 73.82
N TYR WA 56 -31.01 -16.78 72.62
CA TYR WA 56 -29.95 -16.42 71.68
C TYR WA 56 -29.11 -15.28 72.19
N ASN WA 57 -29.66 -14.43 73.06
CA ASN WA 57 -28.86 -13.35 73.63
C ASN WA 57 -27.71 -13.89 74.45
N TYR WA 58 -27.96 -14.94 75.23
CA TYR WA 58 -26.88 -15.54 76.01
C TYR WA 58 -25.87 -16.23 75.12
N ALA WA 59 -26.30 -16.79 73.99
CA ALA WA 59 -25.35 -17.39 73.06
C ALA WA 59 -24.36 -16.35 72.56
N ALA WA 60 -24.82 -15.14 72.28
CA ALA WA 60 -23.91 -14.09 71.87
C ALA WA 60 -22.92 -13.73 72.97
N LEU WA 61 -23.40 -13.66 74.21
CA LEU WA 61 -22.53 -13.24 75.30
C LEU WA 61 -21.41 -14.24 75.56
N VAL WA 62 -21.74 -15.53 75.56
CA VAL WA 62 -20.70 -16.54 75.79
C VAL WA 62 -19.67 -16.50 74.68
N GLY WA 63 -20.11 -16.30 73.45
CA GLY WA 63 -19.17 -16.20 72.35
C GLY WA 63 -18.20 -15.04 72.53
N LEU WA 64 -18.74 -13.86 72.87
CA LEU WA 64 -17.90 -12.69 73.04
C LEU WA 64 -16.90 -12.88 74.17
N ALA WA 65 -17.38 -13.37 75.32
CA ALA WA 65 -16.50 -13.55 76.46
C ALA WA 65 -15.41 -14.57 76.17
N LEU WA 66 -15.78 -15.70 75.56
CA LEU WA 66 -14.79 -16.70 75.21
C LEU WA 66 -13.81 -16.19 74.18
N GLY WA 67 -14.30 -15.43 73.19
CA GLY WA 67 -13.41 -14.89 72.19
C GLY WA 67 -12.35 -13.99 72.79
N ILE WA 68 -12.76 -13.11 73.71
CA ILE WA 68 -11.79 -12.28 74.41
C ILE WA 68 -10.86 -13.15 75.26
N LEU WA 69 -11.42 -14.14 75.94
CA LEU WA 69 -10.62 -14.99 76.82
C LEU WA 69 -9.51 -15.69 76.04
N VAL WA 70 -9.84 -16.24 74.87
CA VAL WA 70 -8.84 -16.96 74.09
C VAL WA 70 -7.80 -15.99 73.55
N ALA WA 71 -8.23 -14.80 73.11
CA ALA WA 71 -7.30 -13.85 72.54
C ALA WA 71 -6.28 -13.38 73.57
N VAL WA 72 -6.74 -13.05 74.78
CA VAL WA 72 -5.82 -12.55 75.80
C VAL WA 72 -4.81 -13.64 76.19
N ILE WA 73 -5.28 -14.88 76.33
CA ILE WA 73 -4.37 -15.97 76.65
C ILE WA 73 -3.33 -16.11 75.56
N TRP WA 74 -3.77 -16.12 74.31
CA TRP WA 74 -2.84 -16.30 73.20
C TRP WA 74 -1.88 -15.12 73.09
N ARG WA 75 -2.36 -13.91 73.32
CA ARG WA 75 -1.50 -12.74 73.18
C ARG WA 75 -0.36 -12.77 74.19
N HIS WA 76 -0.65 -13.18 75.43
CA HIS WA 76 0.41 -13.23 76.44
C HIS WA 76 1.53 -14.15 76.01
N PHE WA 77 1.20 -15.36 75.57
CA PHE WA 77 2.24 -16.30 75.15
C PHE WA 77 3.02 -15.76 73.97
N LEU WA 78 2.34 -15.19 72.99
CA LEU WA 78 2.99 -14.80 71.73
C LEU WA 78 3.85 -13.56 71.91
N PHE WA 79 3.38 -12.57 72.66
CA PHE WA 79 3.98 -11.25 72.62
C PHE WA 79 4.54 -10.76 73.95
N ASN WA 80 4.04 -11.24 75.08
CA ASN WA 80 4.47 -10.68 76.36
C ASN WA 80 5.94 -10.98 76.59
N PRO WA 81 6.80 -9.98 76.79
CA PRO WA 81 8.22 -10.29 77.02
C PRO WA 81 8.46 -11.14 78.25
N ASP WA 82 7.66 -10.96 79.31
CA ASP WA 82 7.91 -11.65 80.56
C ASP WA 82 7.52 -13.11 80.52
N VAL WA 83 6.75 -13.54 79.53
CA VAL WA 83 6.31 -14.91 79.43
C VAL WA 83 7.32 -15.68 78.59
N TYR WA 84 7.85 -16.75 79.15
CA TYR WA 84 8.84 -17.59 78.48
C TYR WA 84 8.26 -18.96 78.24
N VAL WA 85 8.40 -19.46 77.01
CA VAL WA 85 8.10 -20.84 76.66
C VAL WA 85 9.33 -21.54 76.11
N ARG WA 86 10.03 -20.90 75.19
CA ARG WA 86 11.34 -21.39 74.77
C ARG WA 86 12.36 -21.17 75.89
N ARG WA 87 13.44 -21.93 75.84
CA ARG WA 87 14.40 -21.97 76.92
C ARG WA 87 15.75 -21.35 76.57
N GLN WA 88 15.95 -20.90 75.35
CA GLN WA 88 17.24 -20.36 74.97
C GLN WA 88 17.61 -19.16 75.84
N GLU WA 89 16.67 -18.24 76.03
CA GLU WA 89 16.96 -17.04 76.79
C GLU WA 89 17.04 -17.31 78.29
N LEU WA 90 16.31 -18.31 78.78
CA LEU WA 90 16.35 -18.65 80.19
C LEU WA 90 17.64 -19.34 80.62
N ARG WA 91 18.45 -19.78 79.67
CA ARG WA 91 19.74 -20.38 79.99
C ARG WA 91 20.86 -19.37 80.00
N LYS WA 92 20.55 -18.09 79.89
CA LYS WA 92 21.54 -17.03 79.92
C LYS WA 92 21.17 -16.04 81.02
N MET WA 93 22.17 -15.27 81.46
CA MET WA 93 21.92 -14.22 82.42
C MET WA 93 21.09 -13.11 81.77
N TRP WA 94 20.48 -12.29 82.61
CA TRP WA 94 19.57 -11.26 82.11
C TRP WA 94 20.17 -10.36 81.04
N PRO WA 95 21.38 -9.82 81.19
CA PRO WA 95 21.88 -8.90 80.17
C PRO WA 95 22.03 -9.53 78.79
N ASP WA 96 22.10 -10.85 78.69
CA ASP WA 96 22.35 -11.52 77.43
C ASP WA 96 21.07 -11.92 76.70
N ARG WA 97 19.89 -11.62 77.24
CA ARG WA 97 18.64 -12.08 76.64
C ARG WA 97 18.18 -11.08 75.59
N HIS WA 98 18.97 -10.97 74.53
CA HIS WA 98 18.70 -9.97 73.49
C HIS WA 98 17.41 -10.28 72.75
N ARG WA 99 17.17 -11.55 72.41
CA ARG WA 99 15.98 -11.88 71.65
C ARG WA 99 14.71 -11.54 72.42
N GLN WA 100 14.69 -11.82 73.72
CA GLN WA 100 13.50 -11.52 74.51
C GLN WA 100 13.25 -10.02 74.59
N PHE WA 101 14.31 -9.23 74.69
CA PHE WA 101 14.15 -7.78 74.80
C PHE WA 101 13.51 -7.19 73.55
N ALA WA 102 13.53 -7.91 72.43
CA ALA WA 102 12.91 -7.40 71.21
C ALA WA 102 11.42 -7.20 71.38
N TYR WA 103 10.79 -7.98 72.27
CA TYR WA 103 9.36 -7.84 72.48
C TYR WA 103 8.99 -6.61 73.30
N ALA WA 104 9.94 -6.03 74.03
CA ALA WA 104 9.60 -5.05 75.06
C ALA WA 104 8.92 -3.82 74.47
N VAL WA 105 9.63 -3.07 73.63
CA VAL WA 105 9.11 -1.80 73.15
C VAL WA 105 7.81 -1.98 72.36
N PRO WA 106 7.74 -2.87 71.36
CA PRO WA 106 6.46 -3.02 70.65
C PRO WA 106 5.32 -3.45 71.56
N TYR WA 107 5.61 -4.28 72.56
CA TYR WA 107 4.57 -4.68 73.51
C TYR WA 107 4.16 -3.54 74.42
N LEU WA 108 4.99 -2.51 74.53
CA LEU WA 108 4.71 -1.35 75.35
C LEU WA 108 3.80 -0.34 74.66
N ASN WA 109 3.59 -0.46 73.35
CA ASN WA 109 2.88 0.56 72.57
C ASN WA 109 1.77 -0.10 71.75
N PRO WA 110 0.78 -0.69 72.41
CA PRO WA 110 -0.39 -1.19 71.69
C PRO WA 110 -1.24 -0.04 71.15
N GLN WA 111 -1.99 -0.34 70.10
CA GLN WA 111 -2.76 0.72 69.43
C GLN WA 111 -3.72 1.40 70.39
N LEU WA 112 -4.44 0.61 71.20
CA LEU WA 112 -5.49 1.18 72.02
C LEU WA 112 -4.94 2.14 73.06
N LYS WA 113 -3.74 1.89 73.57
CA LYS WA 113 -3.13 2.82 74.51
C LYS WA 113 -2.91 4.18 73.86
N ASN WA 114 -2.42 4.20 72.62
CA ASN WA 114 -2.22 5.47 71.94
C ASN WA 114 -3.54 6.20 71.72
N LEU WA 115 -4.60 5.46 71.36
CA LEU WA 115 -5.87 6.10 71.06
C LEU WA 115 -6.50 6.74 72.30
N LEU WA 116 -6.45 6.05 73.44
CA LEU WA 116 -7.25 6.43 74.59
C LEU WA 116 -6.50 7.28 75.60
N LEU WA 117 -5.18 7.20 75.66
CA LEU WA 117 -4.43 8.05 76.58
C LEU WA 117 -4.74 9.54 76.41
N PRO WA 118 -4.89 10.09 75.20
CA PRO WA 118 -5.20 11.52 75.09
C PRO WA 118 -6.49 11.93 75.78
N TYR WA 119 -7.35 10.98 76.15
CA TYR WA 119 -8.62 11.30 76.78
C TYR WA 119 -8.52 11.36 78.31
N LYS WA 120 -7.32 11.53 78.86
CA LYS WA 120 -7.19 11.67 80.30
C LYS WA 120 -7.85 12.95 80.79
N ASN WA 121 -7.96 13.97 79.95
CA ASN WA 121 -8.54 15.23 80.39
C ASN WA 121 -10.02 15.12 80.71
N SER WA 122 -10.67 14.02 80.35
CA SER WA 122 -12.06 13.81 80.77
C SER WA 122 -12.17 13.46 82.24
N PHE WA 123 -11.06 13.10 82.89
CA PHE WA 123 -11.05 12.77 84.30
C PHE WA 123 -10.32 13.81 85.14
N ILE WA 124 -9.08 14.14 84.78
CA ILE WA 124 -8.28 15.08 85.57
C ILE WA 124 -8.79 16.49 85.31
N ASP WA 125 -8.96 17.25 86.39
CA ASP WA 125 -9.39 18.64 86.28
C ASP WA 125 -8.21 19.59 86.19
N ASN WA 126 -7.18 19.37 86.99
CA ASN WA 126 -6.00 20.23 87.03
C ASN WA 126 -4.83 19.51 86.39
N GLU WA 127 -4.18 20.18 85.44
CA GLU WA 127 -3.00 19.65 84.76
C GLU WA 127 -3.23 18.23 84.22
N PRO WA 128 -4.24 18.04 83.38
CA PRO WA 128 -4.44 16.71 82.80
C PRO WA 128 -3.30 16.25 81.92
N ASP WA 129 -2.47 17.17 81.44
CA ASP WA 129 -1.33 16.85 80.58
C ASP WA 129 -0.01 16.92 81.33
N TYR WA 130 -0.04 16.62 82.63
CA TYR WA 130 1.18 16.72 83.44
C TYR WA 130 2.24 15.72 82.99
N ALA WA 131 1.83 14.56 82.51
CA ALA WA 131 2.75 13.50 82.09
C ALA WA 131 2.84 13.34 80.58
N ASP WA 132 2.34 14.32 79.81
CA ASP WA 132 2.31 14.17 78.36
C ASP WA 132 3.72 14.14 77.77
N TYR WA 133 4.60 15.01 78.25
CA TYR WA 133 5.93 15.16 77.66
C TYR WA 133 6.92 14.21 78.32
N ASN WA 134 7.69 13.50 77.49
CA ASN WA 134 8.74 12.62 77.96
C ASN WA 134 9.85 12.60 76.91
N PRO WA 135 11.02 13.20 77.19
CA PRO WA 135 12.05 13.30 76.15
C PRO WA 135 12.74 11.99 75.83
N VAL WA 136 12.57 10.94 76.64
CA VAL WA 136 13.32 9.72 76.43
C VAL WA 136 12.98 9.10 75.09
N GLY WA 137 11.69 9.04 74.77
CA GLY WA 137 11.25 8.52 73.48
C GLY WA 137 10.77 7.10 73.47
N LEU WA 138 10.59 6.45 74.63
CA LEU WA 138 10.06 5.10 74.62
C LEU WA 138 8.60 5.08 74.16
N ARG WA 139 7.88 6.18 74.31
CA ARG WA 139 6.50 6.31 73.91
C ARG WA 139 6.31 7.60 73.13
N PRO WA 140 5.23 7.70 72.36
CA PRO WA 140 4.94 8.97 71.68
C PRO WA 140 4.59 10.06 72.67
N GLN WA 141 4.86 11.30 72.27
CA GLN WA 141 4.39 12.44 73.04
C GLN WA 141 2.87 12.51 72.96
N ARG WA 142 2.24 12.77 74.10
CA ARG WA 142 0.79 12.76 74.18
C ARG WA 142 0.23 14.15 73.93
N VAL WA 143 -0.91 14.21 73.25
CA VAL WA 143 -1.64 15.45 73.01
C VAL WA 143 -3.05 15.26 73.55
N MET WA 144 -3.51 16.21 74.36
CA MET WA 144 -4.82 16.06 74.98
C MET WA 144 -5.92 16.02 73.92
N ALA WA 145 -6.96 15.23 74.19
CA ALA WA 145 -8.07 15.12 73.27
C ALA WA 145 -8.88 16.42 73.25
N ILE WA 146 -9.66 16.59 72.18
CA ILE WA 146 -10.46 17.78 71.99
C ILE WA 146 -11.93 17.56 72.32
N ARG WA 147 -12.34 16.33 72.61
CA ARG WA 147 -13.72 16.02 72.95
C ARG WA 147 -13.75 15.10 74.17
N ARG WA 148 -14.84 15.17 74.91
CA ARG WA 148 -15.01 14.31 76.07
C ARG WA 148 -15.27 12.87 75.62
N ILE WA 149 -14.99 11.94 76.53
CA ILE WA 149 -15.25 10.54 76.23
C ILE WA 149 -16.75 10.34 76.03
N PRO WA 150 -17.20 9.66 74.98
CA PRO WA 150 -18.64 9.44 74.82
C PRO WA 150 -19.19 8.60 75.96
N GLY WA 151 -20.44 8.86 76.32
CA GLY WA 151 -21.10 8.07 77.33
C GLY WA 151 -21.66 8.87 78.48
N PHE WA 152 -21.08 8.69 79.67
CA PHE WA 152 -21.64 9.20 80.92
C PHE WA 152 -20.92 10.46 81.41
N PHE WA 153 -20.14 11.11 80.57
CA PHE WA 153 -19.37 12.27 81.01
C PHE WA 153 -20.11 13.58 80.76
N TRP WA 154 -21.35 13.66 81.24
CA TRP WA 154 -22.11 14.89 81.08
C TRP WA 154 -21.62 16.01 82.00
N ALA WA 155 -20.77 15.70 82.97
CA ALA WA 155 -20.29 16.72 83.88
C ALA WA 155 -19.49 17.78 83.15
N ILE WA 156 -18.68 17.37 82.17
CA ILE WA 156 -17.83 18.31 81.44
C ILE WA 156 -18.49 18.66 80.11
N PRO WA 157 -18.13 19.80 79.49
CA PRO WA 157 -18.74 20.15 78.20
C PRO WA 157 -18.39 19.13 77.13
N GLN WA 158 -19.20 19.12 76.08
CA GLN WA 158 -19.02 18.15 75.01
C GLN WA 158 -17.66 18.31 74.35
N TYR WA 159 -17.22 19.56 74.14
CA TYR WA 159 -15.90 19.85 73.60
C TYR WA 159 -15.19 20.81 74.53
N PHE WA 160 -13.87 20.65 74.63
CA PHE WA 160 -13.12 21.40 75.63
C PHE WA 160 -12.94 22.86 75.27
N PHE WA 161 -13.19 23.25 74.02
CA PHE WA 161 -13.17 24.67 73.71
C PHE WA 161 -14.38 25.39 74.27
N GLU WA 162 -15.38 24.66 74.78
CA GLU WA 162 -16.52 25.27 75.45
C GLU WA 162 -16.26 25.56 76.92
N ASP WA 163 -15.17 25.07 77.49
CA ASP WA 163 -14.89 25.26 78.90
C ASP WA 163 -14.05 26.52 79.09
N PRO WA 164 -14.55 27.54 79.79
CA PRO WA 164 -13.76 28.78 79.91
C PRO WA 164 -12.49 28.63 80.71
N LEU WA 165 -12.35 27.60 81.54
CA LEU WA 165 -11.20 27.46 82.43
C LEU WA 165 -10.24 26.36 82.00
N TYR WA 166 -10.52 25.67 80.90
CA TYR WA 166 -9.70 24.52 80.51
C TYR WA 166 -8.26 24.94 80.25
N THR WA 167 -8.07 26.03 79.50
CA THR WA 167 -6.70 26.43 79.16
C THR WA 167 -5.93 26.93 80.36
N SER WA 168 -6.62 27.51 81.34
CA SER WA 168 -5.94 28.06 82.50
C SER WA 168 -5.37 26.97 83.40
N CYS WA 169 -5.97 25.79 83.38
CA CYS WA 169 -5.53 24.69 84.23
C CYS WA 169 -4.51 23.78 83.56
N SER WA 170 -4.08 24.10 82.33
CA SER WA 170 -3.12 23.25 81.65
C SER WA 170 -1.77 23.29 82.35
N THR WA 171 -0.99 22.22 82.17
CA THR WA 171 0.32 22.15 82.81
C THR WA 171 1.20 23.32 82.40
N LYS WA 172 1.00 23.84 81.19
CA LYS WA 172 1.82 24.95 80.74
C LYS WA 172 1.55 26.22 81.54
N ASN WA 173 0.28 26.52 81.79
CA ASN WA 173 -0.04 27.73 82.55
C ASN WA 173 0.42 27.61 83.99
N MET WA 174 0.21 26.45 84.62
CA MET WA 174 0.67 26.27 85.99
C MET WA 174 2.18 26.37 86.07
N GLN WA 175 2.89 25.80 85.11
CA GLN WA 175 4.33 25.95 85.08
C GLN WA 175 4.73 27.41 84.97
N THR WA 176 4.00 28.18 84.18
CA THR WA 176 4.28 29.61 84.08
C THR WA 176 4.08 30.30 85.42
N ILE WA 177 3.01 29.95 86.14
CA ILE WA 177 2.71 30.60 87.41
C ILE WA 177 3.81 30.32 88.42
N TYR WA 178 4.22 29.05 88.53
CA TYR WA 178 5.20 28.68 89.54
C TYR WA 178 6.60 29.10 89.16
N LYS WA 179 6.93 29.09 87.87
CA LYS WA 179 8.24 29.60 87.46
C LYS WA 179 8.37 31.08 87.78
N LYS WA 180 7.29 31.84 87.62
CA LYS WA 180 7.34 33.26 87.92
C LYS WA 180 7.72 33.51 89.37
N LEU WA 181 7.39 32.58 90.26
CA LEU WA 181 7.77 32.69 91.66
C LEU WA 181 9.10 32.00 91.97
N GLY WA 182 9.68 31.30 91.01
CA GLY WA 182 10.83 30.48 91.31
C GLY WA 182 10.50 29.29 92.17
N TYR WA 183 9.23 28.88 92.22
CA TYR WA 183 8.81 27.81 93.11
C TYR WA 183 9.33 26.46 92.64
N SER WA 184 9.17 26.16 91.36
CA SER WA 184 9.56 24.86 90.85
C SER WA 184 9.79 24.94 89.34
N GLU WA 185 10.49 23.95 88.81
CA GLU WA 185 10.77 23.90 87.38
C GLU WA 185 9.55 23.44 86.59
N LEU WA 186 8.77 22.51 87.15
CA LEU WA 186 7.57 22.01 86.48
C LEU WA 186 6.31 22.65 87.04
N ALA XA 1 45.60 -77.91 -44.84
CA ALA XA 1 46.02 -78.36 -43.52
C ALA XA 1 45.35 -79.70 -43.19
N ALA XA 2 44.10 -79.84 -43.62
CA ALA XA 2 43.31 -81.05 -43.39
C ALA XA 2 43.67 -81.73 -42.08
N GLY XA 3 44.57 -82.72 -42.13
CA GLY XA 3 44.97 -83.47 -40.97
C GLY XA 3 44.60 -84.94 -41.07
N SER XA 4 45.57 -85.77 -41.43
CA SER XA 4 45.42 -87.21 -41.54
C SER XA 4 46.51 -87.89 -40.72
N GLY XA 5 46.54 -89.22 -40.76
CA GLY XA 5 47.39 -90.01 -39.88
C GLY XA 5 48.22 -91.12 -40.51
N THR XA 6 48.86 -90.88 -41.65
CA THR XA 6 49.64 -91.92 -42.35
C THR XA 6 51.03 -92.08 -41.72
N ARG XA 7 51.02 -92.51 -40.46
CA ARG XA 7 52.19 -92.68 -39.60
C ARG XA 7 52.81 -91.35 -39.19
N TYR XA 8 52.67 -90.34 -40.05
CA TYR XA 8 53.05 -88.97 -39.79
C TYR XA 8 51.77 -88.14 -39.86
N ALA XA 9 51.92 -86.82 -39.74
CA ALA XA 9 50.79 -85.91 -39.90
C ALA XA 9 50.79 -85.39 -41.33
N VAL XA 10 49.80 -85.80 -42.11
CA VAL XA 10 49.72 -85.47 -43.53
C VAL XA 10 48.67 -84.39 -43.74
N HIS XA 11 49.08 -83.24 -44.25
CA HIS XA 11 48.17 -82.16 -44.63
C HIS XA 11 47.88 -82.28 -46.13
N ASP XA 12 46.60 -82.46 -46.47
CA ASP XA 12 46.20 -82.60 -47.86
C ASP XA 12 45.77 -81.25 -48.42
N HIS XA 13 46.44 -80.82 -49.48
CA HIS XA 13 46.09 -79.62 -50.22
C HIS XA 13 45.52 -80.00 -51.58
N PHE XA 14 44.60 -79.18 -52.10
CA PHE XA 14 44.06 -79.37 -53.43
C PHE XA 14 44.16 -78.08 -54.22
N TYR XA 15 44.74 -78.16 -55.42
CA TYR XA 15 44.95 -77.01 -56.28
C TYR XA 15 44.71 -77.41 -57.72
N ASP XA 16 44.52 -76.40 -58.58
CA ASP XA 16 44.40 -76.67 -60.00
C ASP XA 16 45.74 -77.08 -60.61
N ALA XA 17 46.83 -76.45 -60.17
CA ALA XA 17 48.14 -76.72 -60.72
C ALA XA 17 49.19 -76.55 -59.61
N VAL XA 18 50.28 -77.31 -59.73
CA VAL XA 18 51.36 -77.30 -58.75
C VAL XA 18 52.70 -77.31 -59.47
N VAL XA 19 53.41 -76.19 -59.42
CA VAL XA 19 54.77 -76.10 -59.93
C VAL XA 19 55.73 -76.59 -58.85
N VAL XA 20 56.78 -77.30 -59.25
CA VAL XA 20 57.75 -77.86 -58.31
C VAL XA 20 59.10 -77.26 -58.67
N GLY XA 21 59.42 -76.12 -58.07
CA GLY XA 21 60.65 -75.42 -58.31
C GLY XA 21 60.42 -73.92 -58.33
N ALA XA 22 61.31 -73.14 -57.73
CA ALA XA 22 61.17 -71.70 -57.67
C ALA XA 22 62.34 -71.01 -58.37
N GLY XA 23 62.95 -71.68 -59.33
CA GLY XA 23 63.99 -71.08 -60.13
C GLY XA 23 63.38 -70.16 -61.16
N GLY XA 24 64.15 -69.86 -62.21
CA GLY XA 24 63.63 -69.05 -63.28
C GLY XA 24 62.43 -69.70 -63.95
N ALA XA 25 62.57 -70.97 -64.32
CA ALA XA 25 61.49 -71.66 -65.00
C ALA XA 25 60.25 -71.71 -64.13
N GLY XA 26 60.40 -72.11 -62.86
CA GLY XA 26 59.24 -72.28 -62.01
C GLY XA 26 58.53 -70.98 -61.72
N LEU XA 27 59.28 -69.91 -61.47
CA LEU XA 27 58.66 -68.63 -61.14
C LEU XA 27 57.80 -68.13 -62.30
N ARG XA 28 58.30 -68.25 -63.53
CA ARG XA 28 57.53 -67.79 -64.68
C ARG XA 28 56.26 -68.60 -64.85
N ALA XA 29 56.34 -69.92 -64.68
CA ALA XA 29 55.16 -70.75 -64.83
C ALA XA 29 54.09 -70.39 -63.82
N ALA XA 30 54.49 -70.19 -62.56
CA ALA XA 30 53.53 -69.86 -61.52
C ALA XA 30 52.84 -68.53 -61.82
N SER XA 31 53.61 -67.53 -62.24
CA SER XA 31 53.02 -66.23 -62.57
C SER XA 31 52.05 -66.39 -63.74
N GLY XA 32 52.42 -67.16 -64.75
CA GLY XA 32 51.53 -67.35 -65.88
C GLY XA 32 50.24 -68.05 -65.48
N LEU XA 33 50.35 -69.11 -64.68
CA LEU XA 33 49.16 -69.84 -64.27
C LEU XA 33 48.20 -68.96 -63.49
N VAL XA 34 48.74 -68.18 -62.55
CA VAL XA 34 47.88 -67.29 -61.77
C VAL XA 34 47.27 -66.22 -62.66
N ALA XA 35 48.03 -65.73 -63.64
CA ALA XA 35 47.49 -64.76 -64.57
C ALA XA 35 46.32 -65.35 -65.36
N HIS XA 36 46.41 -66.62 -65.74
CA HIS XA 36 45.32 -67.26 -66.46
C HIS XA 36 44.13 -67.54 -65.56
N GLY XA 37 44.24 -67.34 -64.26
CA GLY XA 37 43.12 -67.49 -63.35
C GLY XA 37 43.01 -68.83 -62.66
N LEU XA 38 44.03 -69.69 -62.79
CA LEU XA 38 44.02 -70.99 -62.14
C LEU XA 38 44.69 -70.91 -60.77
N LYS XA 39 44.13 -71.62 -59.80
CA LYS XA 39 44.71 -71.64 -58.46
C LYS XA 39 45.98 -72.49 -58.46
N THR XA 40 47.08 -71.91 -58.00
CA THR XA 40 48.40 -72.50 -58.17
C THR XA 40 49.18 -72.48 -56.86
N ALA XA 41 50.07 -73.45 -56.70
CA ALA XA 41 50.96 -73.53 -55.55
C ALA XA 41 52.36 -73.87 -56.03
N CYS XA 42 53.34 -73.06 -55.64
CA CYS XA 42 54.73 -73.25 -56.01
C CYS XA 42 55.52 -73.75 -54.81
N ILE XA 43 56.26 -74.85 -55.01
CA ILE XA 43 56.98 -75.54 -53.94
C ILE XA 43 58.48 -75.43 -54.23
N SER XA 44 59.27 -75.11 -53.20
CA SER XA 44 60.71 -74.98 -53.40
C SER XA 44 61.47 -75.31 -52.13
N LYS XA 45 62.65 -75.91 -52.31
CA LYS XA 45 63.56 -76.18 -51.20
C LYS XA 45 64.10 -74.89 -50.60
N VAL XA 46 64.31 -73.87 -51.42
CA VAL XA 46 64.97 -72.65 -51.01
C VAL XA 46 64.08 -71.47 -51.33
N PHE XA 47 64.36 -70.35 -50.69
CA PHE XA 47 63.67 -69.12 -51.03
C PHE XA 47 63.91 -68.81 -52.50
N PRO XA 48 62.89 -68.35 -53.24
CA PRO XA 48 63.01 -68.34 -54.71
C PRO XA 48 64.23 -67.59 -55.21
N THR XA 49 64.61 -66.50 -54.54
CA THR XA 49 65.73 -65.68 -54.99
C THR XA 49 67.06 -66.41 -54.88
N ARG XA 50 67.13 -67.49 -54.10
CA ARG XA 50 68.39 -68.19 -53.85
C ARG XA 50 68.59 -69.38 -54.78
N SER XA 51 67.69 -69.56 -55.75
CA SER XA 51 67.86 -70.62 -56.75
C SER XA 51 69.07 -70.34 -57.63
N HIS XA 52 69.55 -71.37 -58.32
CA HIS XA 52 70.78 -71.24 -59.08
C HIS XA 52 70.64 -70.37 -60.33
N THR XA 53 69.42 -70.06 -60.75
CA THR XA 53 69.27 -69.05 -61.80
C THR XA 53 69.93 -67.74 -61.39
N VAL XA 54 70.01 -67.48 -60.09
CA VAL XA 54 70.63 -66.25 -59.61
C VAL XA 54 72.09 -66.19 -60.02
N ALA XA 55 72.76 -67.34 -60.10
CA ALA XA 55 74.18 -67.37 -60.41
C ALA XA 55 74.47 -67.20 -61.90
N ALA XA 56 73.44 -67.17 -62.75
CA ALA XA 56 73.67 -66.96 -64.17
C ALA XA 56 74.25 -65.58 -64.41
N GLN XA 57 75.21 -65.52 -65.34
CA GLN XA 57 75.96 -64.29 -65.59
C GLN XA 57 75.77 -63.75 -67.00
N GLY XA 58 76.07 -64.55 -68.02
CA GLY XA 58 76.12 -64.07 -69.39
C GLY XA 58 74.92 -63.26 -69.86
N GLY XA 59 73.79 -63.90 -70.06
CA GLY XA 59 72.59 -63.18 -70.47
C GLY XA 59 71.62 -64.09 -71.19
N ILE XA 60 70.63 -63.46 -71.82
CA ILE XA 60 69.54 -64.14 -72.50
C ILE XA 60 69.53 -63.69 -73.95
N ASN XA 61 69.42 -64.65 -74.87
CA ASN XA 61 69.46 -64.36 -76.29
C ASN XA 61 68.10 -63.92 -76.80
N ALA XA 62 68.09 -62.88 -77.63
CA ALA XA 62 66.88 -62.45 -78.31
C ALA XA 62 67.26 -61.81 -79.64
N ALA XA 63 66.37 -61.92 -80.61
CA ALA XA 63 66.62 -61.37 -81.93
C ALA XA 63 66.10 -59.94 -82.03
N LEU XA 64 66.49 -59.11 -81.05
CA LEU XA 64 66.24 -57.69 -81.14
C LEU XA 64 67.29 -57.05 -82.04
N GLY XA 65 66.92 -55.95 -82.68
CA GLY XA 65 67.84 -55.27 -83.58
C GLY XA 65 68.56 -54.12 -82.92
N ASN XA 66 68.70 -54.18 -81.60
CA ASN XA 66 69.20 -53.02 -80.87
C ASN XA 66 70.64 -52.69 -81.24
N MET XA 67 71.49 -53.69 -81.40
CA MET XA 67 72.90 -53.47 -81.74
C MET XA 67 73.16 -53.61 -83.23
N THR XA 68 72.69 -54.70 -83.82
CA THR XA 68 72.81 -54.95 -85.25
C THR XA 68 71.49 -55.54 -85.73
N GLU XA 69 71.22 -55.41 -87.03
CA GLU XA 69 70.02 -56.02 -87.57
C GLU XA 69 70.10 -57.53 -87.43
N ASP XA 70 69.04 -58.12 -86.86
CA ASP XA 70 68.97 -59.55 -86.66
C ASP XA 70 67.59 -60.05 -87.08
N ASP XA 71 67.51 -61.36 -87.32
CA ASP XA 71 66.25 -62.03 -87.62
C ASP XA 71 66.16 -63.27 -86.73
N TRP XA 72 64.96 -63.54 -86.23
CA TRP XA 72 64.82 -64.71 -85.35
C TRP XA 72 65.14 -65.99 -86.10
N ARG XA 73 64.91 -66.02 -87.41
CA ARG XA 73 65.25 -67.19 -88.19
C ARG XA 73 66.76 -67.44 -88.16
N TRP XA 74 67.55 -66.38 -88.19
CA TRP XA 74 69.00 -66.55 -88.09
C TRP XA 74 69.38 -67.16 -86.76
N HIS XA 75 68.76 -66.71 -85.68
CA HIS XA 75 69.03 -67.28 -84.36
C HIS XA 75 68.63 -68.74 -84.30
N ALA XA 76 67.52 -69.10 -84.95
CA ALA XA 76 67.08 -70.49 -84.96
C ALA XA 76 68.09 -71.38 -85.66
N TYR XA 77 68.65 -70.93 -86.79
CA TYR XA 77 69.64 -71.75 -87.49
C TYR XA 77 70.86 -72.00 -86.61
N ASP XA 78 71.29 -70.98 -85.86
CA ASP XA 78 72.43 -71.17 -84.97
C ASP XA 78 72.14 -72.24 -83.94
N THR XA 79 70.92 -72.23 -83.38
CA THR XA 79 70.56 -73.22 -82.38
C THR XA 79 70.59 -74.62 -82.95
N VAL XA 80 70.08 -74.80 -84.18
CA VAL XA 80 70.11 -76.12 -84.80
C VAL XA 80 71.55 -76.57 -85.01
N LYS XA 81 72.40 -75.68 -85.52
CA LYS XA 81 73.80 -76.03 -85.73
C LYS XA 81 74.49 -76.30 -84.40
N GLY XA 82 74.18 -75.51 -83.38
CA GLY XA 82 74.77 -75.75 -82.07
C GLY XA 82 74.34 -77.07 -81.46
N SER XA 83 73.09 -77.45 -81.67
CA SER XA 83 72.60 -78.74 -81.17
C SER XA 83 73.24 -79.90 -81.89
N ASP XA 84 73.97 -79.66 -82.98
CA ASP XA 84 74.55 -80.73 -83.79
C ASP XA 84 73.47 -81.67 -84.31
N TRP XA 85 72.32 -81.09 -84.65
CA TRP XA 85 71.22 -81.82 -85.29
C TRP XA 85 70.74 -82.98 -84.43
N LEU XA 86 70.76 -82.78 -83.11
CA LEU XA 86 70.03 -83.64 -82.18
C LEU XA 86 68.98 -82.86 -81.42
N GLY XA 87 68.56 -81.72 -81.95
CA GLY XA 87 67.59 -80.85 -81.30
C GLY XA 87 66.31 -80.79 -82.11
N ASP XA 88 65.20 -80.66 -81.39
CA ASP XA 88 63.89 -80.63 -82.05
C ASP XA 88 63.70 -79.27 -82.74
N GLN XA 89 63.56 -79.30 -84.06
CA GLN XA 89 63.38 -78.06 -84.80
C GLN XA 89 62.01 -77.45 -84.52
N ASP XA 90 61.02 -78.28 -84.17
CA ASP XA 90 59.73 -77.75 -83.74
C ASP XA 90 59.89 -76.87 -82.51
N ALA XA 91 60.63 -77.36 -81.52
CA ALA XA 91 60.81 -76.60 -80.28
C ALA XA 91 61.68 -75.38 -80.52
N ILE XA 92 62.70 -75.49 -81.36
CA ILE XA 92 63.62 -74.38 -81.58
C ILE XA 92 62.89 -73.21 -82.22
N GLU XA 93 62.02 -73.49 -83.19
CA GLU XA 93 61.28 -72.39 -83.82
C GLU XA 93 60.43 -71.65 -82.80
N HIS XA 94 59.75 -72.39 -81.92
CA HIS XA 94 58.91 -71.76 -80.91
C HIS XA 94 59.73 -70.85 -80.01
N MET XA 95 60.90 -71.33 -79.58
CA MET XA 95 61.73 -70.56 -78.66
C MET XA 95 62.26 -69.29 -79.32
N CYS XA 96 62.80 -69.41 -80.52
CA CYS XA 96 63.42 -68.27 -81.17
C CYS XA 96 62.39 -67.23 -81.57
N ARG XA 97 61.24 -67.66 -82.08
CA ARG XA 97 60.21 -66.72 -82.49
C ARG XA 97 59.67 -65.91 -81.33
N LEU XA 98 59.65 -66.49 -80.13
CA LEU XA 98 59.14 -65.82 -78.95
C LEU XA 98 60.20 -65.03 -78.20
N ALA XA 99 61.48 -65.28 -78.48
CA ALA XA 99 62.55 -64.64 -77.71
C ALA XA 99 62.42 -63.13 -77.63
N PRO XA 100 62.19 -62.40 -78.71
CA PRO XA 100 62.06 -60.94 -78.59
C PRO XA 100 60.96 -60.52 -77.62
N GLN XA 101 59.78 -61.15 -77.72
CA GLN XA 101 58.68 -60.79 -76.84
C GLN XA 101 59.02 -61.10 -75.39
N VAL XA 102 59.59 -62.27 -75.15
CA VAL XA 102 59.88 -62.69 -73.78
C VAL XA 102 60.82 -61.70 -73.11
N VAL XA 103 61.90 -61.33 -73.79
CA VAL XA 103 62.87 -60.42 -73.21
C VAL XA 103 62.23 -59.07 -72.92
N LEU XA 104 61.46 -58.55 -73.87
CA LEU XA 104 60.83 -57.25 -73.68
C LEU XA 104 59.83 -57.28 -72.54
N GLU XA 105 59.10 -58.39 -72.41
CA GLU XA 105 58.20 -58.53 -71.27
C GLU XA 105 58.97 -58.49 -69.96
N LEU XA 106 60.12 -59.17 -69.90
CA LEU XA 106 60.94 -59.13 -68.69
C LEU XA 106 61.34 -57.71 -68.36
N GLU XA 107 61.74 -56.94 -69.37
CA GLU XA 107 62.08 -55.54 -69.13
C GLU XA 107 60.87 -54.76 -68.68
N SER XA 108 59.69 -55.16 -69.14
CA SER XA 108 58.47 -54.46 -68.75
C SER XA 108 58.15 -54.62 -67.27
N TYR XA 109 58.66 -55.67 -66.64
CA TYR XA 109 58.46 -55.90 -65.22
C TYR XA 109 59.55 -55.28 -64.38
N GLY XA 110 60.46 -54.54 -64.98
CA GLY XA 110 61.47 -53.79 -64.25
C GLY XA 110 62.87 -54.36 -64.29
N LEU XA 111 63.16 -55.30 -65.17
CA LEU XA 111 64.49 -55.91 -65.20
C LEU XA 111 65.51 -54.83 -65.52
N PRO XA 112 66.55 -54.65 -64.69
CA PRO XA 112 67.55 -53.61 -64.97
C PRO XA 112 68.56 -54.03 -66.04
N PHE XA 113 68.14 -53.92 -67.29
CA PHE XA 113 69.01 -54.18 -68.42
C PHE XA 113 69.98 -53.01 -68.60
N SER XA 114 71.19 -53.32 -69.03
CA SER XA 114 72.12 -52.27 -69.43
C SER XA 114 71.65 -51.64 -70.73
N ARG XA 115 71.94 -50.36 -70.90
CA ARG XA 115 71.33 -49.56 -71.94
C ARG XA 115 72.37 -49.07 -72.95
N THR XA 116 71.92 -48.87 -74.18
CA THR XA 116 72.72 -48.29 -75.25
C THR XA 116 72.64 -46.77 -75.22
N LYS XA 117 73.42 -46.13 -76.09
CA LYS XA 117 73.40 -44.66 -76.13
C LYS XA 117 72.01 -44.15 -76.44
N GLU XA 118 71.26 -44.84 -77.29
CA GLU XA 118 69.92 -44.41 -77.67
C GLU XA 118 68.85 -44.86 -76.69
N GLY XA 119 69.22 -45.60 -75.64
CA GLY XA 119 68.28 -45.99 -74.61
C GLY XA 119 67.67 -47.35 -74.79
N LYS XA 120 68.07 -48.11 -75.80
CA LYS XA 120 67.58 -49.46 -76.00
C LYS XA 120 68.39 -50.44 -75.16
N ILE XA 121 67.86 -51.66 -75.02
CA ILE XA 121 68.58 -52.69 -74.27
C ILE XA 121 69.88 -53.03 -74.99
N TYR XA 122 70.97 -53.13 -74.23
CA TYR XA 122 72.27 -53.45 -74.78
C TYR XA 122 72.41 -54.96 -74.97
N GLN XA 123 73.08 -55.35 -76.05
CA GLN XA 123 73.32 -56.75 -76.36
C GLN XA 123 74.80 -56.95 -76.66
N ARG XA 124 75.29 -58.16 -76.37
CA ARG XA 124 76.69 -58.48 -76.51
C ARG XA 124 76.85 -59.75 -77.35
N ALA XA 125 78.06 -59.92 -77.88
CA ALA XA 125 78.38 -61.11 -78.67
C ALA XA 125 78.64 -62.29 -77.74
N PHE XA 126 78.03 -63.43 -78.05
CA PHE XA 126 78.18 -64.65 -77.26
C PHE XA 126 78.50 -65.80 -78.21
N GLY XA 127 79.27 -66.76 -77.70
CA GLY XA 127 79.77 -67.85 -78.52
C GLY XA 127 78.72 -68.65 -79.26
N GLY XA 128 78.98 -68.94 -80.53
CA GLY XA 128 78.12 -69.78 -81.33
C GLY XA 128 77.00 -69.09 -82.08
N GLN XA 129 77.00 -67.76 -82.12
CA GLN XA 129 75.91 -67.00 -82.72
C GLN XA 129 76.43 -66.25 -83.94
N SER XA 130 75.71 -66.37 -85.05
CA SER XA 130 76.12 -65.79 -86.33
C SER XA 130 74.92 -65.21 -87.03
N LEU XA 131 75.18 -64.44 -88.09
CA LEU XA 131 74.14 -63.75 -88.85
C LEU XA 131 74.03 -64.34 -90.26
N LYS XA 132 72.89 -64.08 -90.89
CA LYS XA 132 72.61 -64.49 -92.27
C LYS XA 132 72.84 -65.98 -92.48
N PHE XA 133 72.30 -66.77 -91.54
CA PHE XA 133 72.39 -68.23 -91.62
C PHE XA 133 73.84 -68.69 -91.77
N GLY XA 134 74.73 -68.04 -91.04
CA GLY XA 134 76.13 -68.37 -91.04
C GLY XA 134 76.96 -67.65 -92.07
N LYS XA 135 76.34 -67.06 -93.09
CA LYS XA 135 77.09 -66.28 -94.06
C LYS XA 135 77.66 -65.02 -93.43
N GLY XA 136 76.94 -64.43 -92.48
CA GLY XA 136 77.35 -63.20 -91.85
C GLY XA 136 78.34 -63.42 -90.72
N GLY XA 137 78.65 -62.32 -90.04
CA GLY XA 137 79.63 -62.33 -88.96
C GLY XA 137 79.01 -62.61 -87.60
N GLN XA 138 79.75 -62.24 -86.57
CA GLN XA 138 79.30 -62.46 -85.20
C GLN XA 138 78.01 -61.69 -84.94
N ALA XA 139 77.12 -62.28 -84.16
CA ALA XA 139 75.81 -61.73 -83.87
C ALA XA 139 75.76 -61.26 -82.43
N TYR XA 140 75.28 -60.04 -82.22
CA TYR XA 140 75.15 -59.45 -80.88
C TYR XA 140 73.69 -59.59 -80.46
N ARG XA 141 73.37 -60.73 -79.84
CA ARG XA 141 72.02 -61.03 -79.42
C ARG XA 141 71.86 -61.23 -77.92
N CYS XA 142 72.95 -61.28 -77.16
CA CYS XA 142 72.87 -61.65 -75.75
C CYS XA 142 72.53 -60.42 -74.91
N ALA XA 143 71.23 -60.19 -74.73
CA ALA XA 143 70.78 -59.15 -73.81
C ALA XA 143 71.35 -59.42 -72.43
N ALA XA 144 71.81 -58.37 -71.76
CA ALA XA 144 72.58 -58.54 -70.54
C ALA XA 144 72.27 -57.42 -69.56
N ALA XA 145 72.55 -57.70 -68.28
CA ALA XA 145 72.53 -56.72 -67.22
C ALA XA 145 73.89 -56.83 -66.53
N ALA XA 146 74.90 -56.20 -67.14
CA ALA XA 146 76.26 -56.36 -66.67
C ALA XA 146 76.57 -57.86 -66.57
N ASP XA 147 77.35 -58.26 -65.56
CA ASP XA 147 77.67 -59.68 -65.36
C ASP XA 147 76.75 -60.33 -64.35
N ARG XA 148 75.54 -59.81 -64.19
CA ARG XA 148 74.60 -60.28 -63.19
C ARG XA 148 73.22 -60.45 -63.81
N THR XA 149 73.18 -60.99 -65.02
CA THR XA 149 71.90 -61.10 -65.72
C THR XA 149 70.99 -62.11 -65.03
N GLY XA 150 71.54 -63.17 -64.46
CA GLY XA 150 70.73 -64.13 -63.74
C GLY XA 150 70.15 -63.57 -62.46
N HIS XA 151 70.94 -62.79 -61.74
CA HIS XA 151 70.45 -62.13 -60.55
C HIS XA 151 69.25 -61.24 -60.87
N ALA XA 152 69.34 -60.51 -61.99
CA ALA XA 152 68.26 -59.61 -62.36
C ALA XA 152 67.03 -60.36 -62.82
N ILE XA 153 67.21 -61.44 -63.58
CA ILE XA 153 66.07 -62.19 -64.09
C ILE XA 153 65.26 -62.78 -62.93
N LEU XA 154 65.94 -63.39 -61.97
CA LEU XA 154 65.25 -64.08 -60.90
C LEU XA 154 64.51 -63.09 -60.00
N HIS XA 155 65.13 -61.96 -59.69
CA HIS XA 155 64.45 -60.95 -58.88
C HIS XA 155 63.24 -60.40 -59.61
N THR XA 156 63.35 -60.13 -60.90
CA THR XA 156 62.22 -59.60 -61.65
C THR XA 156 61.07 -60.61 -61.70
N LEU XA 157 61.40 -61.88 -61.93
CA LEU XA 157 60.35 -62.89 -61.96
C LEU XA 157 59.71 -63.08 -60.59
N TYR XA 158 60.51 -62.98 -59.53
CA TYR XA 158 59.94 -63.02 -58.19
C TYR XA 158 59.02 -61.83 -57.95
N GLY XA 159 59.41 -60.65 -58.44
CA GLY XA 159 58.52 -59.50 -58.36
C GLY XA 159 57.23 -59.72 -59.14
N MET XA 160 57.35 -60.31 -60.33
CA MET XA 160 56.16 -60.61 -61.11
C MET XA 160 55.24 -61.55 -60.33
N SER XA 161 55.81 -62.57 -59.70
CA SER XA 161 55.01 -63.51 -58.91
C SER XA 161 54.32 -62.79 -57.76
N LEU XA 162 55.02 -61.87 -57.10
CA LEU XA 162 54.39 -61.09 -56.04
C LEU XA 162 53.25 -60.24 -56.58
N LYS XA 163 53.44 -59.66 -57.76
CA LYS XA 163 52.38 -58.84 -58.34
C LYS XA 163 51.12 -59.66 -58.59
N TYR XA 164 51.28 -60.88 -59.08
CA TYR XA 164 50.13 -61.76 -59.31
C TYR XA 164 49.72 -62.51 -58.04
N ASP XA 165 50.45 -62.34 -56.95
CA ASP XA 165 50.11 -62.94 -55.65
C ASP XA 165 50.06 -64.46 -55.75
N CYS XA 166 51.19 -65.04 -56.12
CA CYS XA 166 51.33 -66.49 -56.15
C CYS XA 166 51.50 -67.05 -54.75
N LEU XA 167 51.07 -68.29 -54.57
CA LEU XA 167 51.20 -68.99 -53.29
C LEU XA 167 52.48 -69.80 -53.30
N PHE XA 168 53.36 -69.54 -52.33
CA PHE XA 168 54.67 -70.17 -52.25
C PHE XA 168 54.76 -71.02 -50.99
N PHE XA 169 55.15 -72.28 -51.17
CA PHE XA 169 55.47 -73.17 -50.06
C PHE XA 169 57.00 -73.26 -49.99
N ILE XA 170 57.59 -72.31 -49.28
CA ILE XA 170 59.05 -72.18 -49.23
C ILE XA 170 59.62 -73.18 -48.23
N GLU XA 171 60.83 -73.66 -48.53
CA GLU XA 171 61.52 -74.62 -47.67
C GLU XA 171 60.70 -75.90 -47.49
N TYR XA 172 60.13 -76.37 -48.60
CA TYR XA 172 59.46 -77.66 -48.67
C TYR XA 172 60.22 -78.55 -49.63
N PHE XA 173 60.62 -79.73 -49.17
CA PHE XA 173 61.35 -80.68 -50.00
C PHE XA 173 60.36 -81.65 -50.64
N ALA XA 174 60.47 -81.83 -51.95
CA ALA XA 174 59.51 -82.62 -52.71
C ALA XA 174 59.98 -84.06 -52.82
N LEU XA 175 59.14 -84.97 -52.36
CA LEU XA 175 59.36 -86.40 -52.51
C LEU XA 175 58.68 -86.86 -53.79
N ASP XA 176 58.48 -88.17 -53.96
CA ASP XA 176 58.00 -88.70 -55.22
C ASP XA 176 56.67 -88.05 -55.63
N LEU XA 177 56.35 -88.19 -56.91
CA LEU XA 177 55.08 -87.74 -57.46
C LEU XA 177 53.96 -88.70 -57.06
N ILE XA 178 52.74 -88.18 -57.01
CA ILE XA 178 51.55 -88.99 -56.77
C ILE XA 178 51.02 -89.41 -58.13
N MET XA 179 51.09 -90.71 -58.42
CA MET XA 179 50.74 -91.24 -59.74
C MET XA 179 49.49 -92.10 -59.63
N ASP XA 180 48.56 -91.87 -60.54
CA ASP XA 180 47.37 -92.70 -60.64
C ASP XA 180 47.72 -94.04 -61.29
N GLN XA 181 46.88 -95.05 -61.04
CA GLN XA 181 47.08 -96.35 -61.66
C GLN XA 181 46.99 -96.26 -63.18
N ASP XA 182 46.15 -95.36 -63.69
CA ASP XA 182 46.04 -95.18 -65.13
C ASP XA 182 47.34 -94.66 -65.75
N GLY XA 183 48.22 -94.08 -64.94
CA GLY XA 183 49.45 -93.48 -65.42
C GLY XA 183 49.46 -91.98 -65.40
N SER XA 184 48.37 -91.34 -64.99
CA SER XA 184 48.34 -89.90 -64.86
C SER XA 184 49.07 -89.47 -63.59
N CYS XA 185 49.43 -88.20 -63.53
CA CYS XA 185 50.03 -87.60 -62.35
C CYS XA 185 48.97 -86.75 -61.67
N LYS XA 186 48.69 -87.04 -60.40
CA LYS XA 186 47.66 -86.33 -59.65
C LYS XA 186 48.25 -85.36 -58.63
N GLY XA 187 49.56 -85.14 -58.63
CA GLY XA 187 50.17 -84.19 -57.73
C GLY XA 187 51.49 -84.68 -57.21
N VAL XA 188 51.95 -84.05 -56.12
CA VAL XA 188 53.24 -84.33 -55.50
C VAL XA 188 53.05 -84.46 -53.99
N ILE XA 189 53.92 -85.25 -53.36
CA ILE XA 189 53.96 -85.38 -51.91
C ILE XA 189 55.30 -84.83 -51.43
N ALA XA 190 55.24 -83.88 -50.49
CA ALA XA 190 56.40 -83.14 -50.06
C ALA XA 190 56.48 -83.07 -48.54
N MET XA 191 57.66 -82.72 -48.05
CA MET XA 191 57.94 -82.57 -46.63
C MET XA 191 58.30 -81.13 -46.33
N SER XA 192 57.72 -80.59 -45.25
CA SER XA 192 58.05 -79.24 -44.81
C SER XA 192 59.25 -79.31 -43.89
N MET XA 193 60.38 -78.74 -44.32
CA MET XA 193 61.57 -78.73 -43.50
C MET XA 193 61.37 -77.89 -42.24
N GLU XA 194 60.64 -76.79 -42.35
CA GLU XA 194 60.48 -75.88 -41.22
C GLU XA 194 59.61 -76.49 -40.12
N ASP XA 195 58.54 -77.20 -40.50
CA ASP XA 195 57.61 -77.76 -39.52
C ASP XA 195 57.80 -79.25 -39.29
N GLY XA 196 58.31 -79.99 -40.27
CA GLY XA 196 58.51 -81.41 -40.13
C GLY XA 196 57.35 -82.27 -40.59
N SER XA 197 56.23 -81.67 -40.97
CA SER XA 197 55.07 -82.43 -41.40
C SER XA 197 55.18 -82.78 -42.88
N ILE XA 198 54.39 -83.78 -43.29
CA ILE XA 198 54.29 -84.19 -44.68
C ILE XA 198 53.05 -83.55 -45.29
N HIS XA 199 53.16 -83.15 -46.55
CA HIS XA 199 52.06 -82.52 -47.27
C HIS XA 199 51.82 -83.26 -48.58
N ARG XA 200 50.55 -83.51 -48.89
CA ARG XA 200 50.15 -84.13 -50.16
C ARG XA 200 49.44 -83.07 -50.99
N PHE XA 201 50.14 -82.52 -51.99
CA PHE XA 201 49.56 -81.55 -52.91
C PHE XA 201 48.95 -82.30 -54.08
N GLY XA 202 47.66 -82.09 -54.33
CA GLY XA 202 46.97 -82.76 -55.42
C GLY XA 202 46.47 -81.79 -56.46
N ALA XA 203 46.92 -81.94 -57.70
CA ALA XA 203 46.60 -81.00 -58.76
C ALA XA 203 46.28 -81.73 -60.06
N HIS XA 204 45.49 -81.07 -60.91
CA HIS XA 204 45.16 -81.64 -62.21
C HIS XA 204 46.38 -81.69 -63.11
N GLN XA 205 47.19 -80.63 -63.11
CA GLN XA 205 48.39 -80.56 -63.93
C GLN XA 205 49.56 -80.14 -63.05
N THR XA 206 50.67 -80.87 -63.16
CA THR XA 206 51.87 -80.61 -62.39
C THR XA 206 52.98 -80.17 -63.32
N VAL XA 207 53.80 -79.21 -62.85
CA VAL XA 207 54.95 -78.74 -63.59
C VAL XA 207 56.19 -79.00 -62.75
N ILE XA 208 57.20 -79.62 -63.36
CA ILE XA 208 58.46 -79.92 -62.69
C ILE XA 208 59.50 -78.95 -63.23
N ALA XA 209 59.88 -77.97 -62.42
CA ALA XA 209 60.83 -76.94 -62.78
C ALA XA 209 62.04 -77.00 -61.87
N THR XA 210 62.48 -78.21 -61.53
CA THR XA 210 63.67 -78.37 -60.73
C THR XA 210 64.92 -78.09 -61.57
N GLY XA 211 66.08 -78.19 -60.94
CA GLY XA 211 67.34 -77.93 -61.61
C GLY XA 211 67.94 -79.17 -62.24
N GLY XA 212 69.19 -79.04 -62.67
CA GLY XA 212 69.95 -80.15 -63.20
C GLY XA 212 70.65 -80.93 -62.11
N TYR XA 213 71.37 -81.97 -62.53
CA TYR XA 213 72.08 -82.88 -61.62
C TYR XA 213 73.58 -82.65 -61.67
N GLY XA 214 73.99 -81.39 -61.78
CA GLY XA 214 75.41 -81.08 -61.96
C GLY XA 214 76.28 -81.43 -60.77
N ARG XA 215 75.69 -81.63 -59.60
CA ARG XA 215 76.49 -81.94 -58.42
C ARG XA 215 76.95 -83.38 -58.38
N ALA XA 216 76.62 -84.17 -59.40
CA ALA XA 216 77.08 -85.56 -59.48
C ALA XA 216 78.56 -85.67 -59.81
N TYR XA 217 79.22 -84.57 -60.20
CA TYR XA 217 80.64 -84.58 -60.53
C TYR XA 217 81.42 -83.88 -59.43
N GLN XA 218 82.71 -84.23 -59.30
CA GLN XA 218 83.54 -83.60 -58.29
C GLN XA 218 83.62 -82.10 -58.50
N SER XA 219 84.18 -81.68 -59.64
CA SER XA 219 84.29 -80.28 -59.99
C SER XA 219 83.12 -79.88 -60.87
N CYS XA 220 82.31 -78.94 -60.40
CA CYS XA 220 81.17 -78.47 -61.15
C CYS XA 220 80.98 -76.98 -60.89
N THR XA 221 80.31 -76.31 -61.81
CA THR XA 221 79.88 -74.94 -61.56
C THR XA 221 78.52 -74.89 -60.89
N SER XA 222 77.82 -76.01 -60.82
CA SER XA 222 76.48 -76.05 -60.26
C SER XA 222 76.52 -75.82 -58.75
N ALA XA 223 75.37 -75.45 -58.20
CA ALA XA 223 75.23 -75.18 -56.79
C ALA XA 223 75.14 -76.48 -56.00
N HIS XA 224 75.25 -76.37 -54.67
CA HIS XA 224 75.05 -77.53 -53.81
C HIS XA 224 73.62 -78.03 -53.87
N THR XA 225 72.69 -77.17 -54.25
CA THR XA 225 71.28 -77.53 -54.31
C THR XA 225 70.88 -78.11 -55.66
N CYS XA 226 71.82 -78.25 -56.59
CA CYS XA 226 71.53 -78.76 -57.93
C CYS XA 226 71.75 -80.27 -57.96
N THR XA 227 70.86 -80.97 -57.28
CA THR XA 227 70.89 -82.43 -57.20
C THR XA 227 69.88 -83.09 -58.14
N GLY XA 228 69.24 -82.32 -59.01
CA GLY XA 228 68.34 -82.88 -60.00
C GLY XA 228 67.22 -83.69 -59.41
N ASP XA 229 66.56 -83.15 -58.38
CA ASP XA 229 65.58 -83.93 -57.65
C ASP XA 229 64.36 -84.24 -58.50
N GLY XA 230 63.96 -83.32 -59.37
CA GLY XA 230 62.77 -83.55 -60.18
C GLY XA 230 62.93 -84.74 -61.09
N GLY XA 231 64.10 -84.90 -61.70
CA GLY XA 231 64.33 -86.04 -62.57
C GLY XA 231 64.22 -87.36 -61.84
N GLY XA 232 64.77 -87.43 -60.63
CA GLY XA 232 64.64 -88.65 -59.85
C GLY XA 232 63.21 -89.00 -59.55
N MET XA 233 62.39 -87.99 -59.25
CA MET XA 233 60.97 -88.22 -59.00
C MET XA 233 60.31 -88.82 -60.23
N VAL XA 234 60.63 -88.30 -61.41
CA VAL XA 234 60.05 -88.84 -62.65
C VAL XA 234 60.56 -90.25 -62.89
N SER XA 235 61.85 -90.48 -62.63
CA SER XA 235 62.41 -91.81 -62.84
C SER XA 235 61.78 -92.83 -61.91
N ARG XA 236 61.60 -92.47 -60.65
CA ARG XA 236 60.97 -93.39 -59.71
C ARG XA 236 59.52 -93.66 -60.06
N ALA XA 237 58.87 -92.74 -60.76
CA ALA XA 237 57.52 -92.99 -61.26
C ALA XA 237 57.51 -93.97 -62.42
N GLY XA 238 58.67 -94.34 -62.96
CA GLY XA 238 58.75 -95.24 -64.08
C GLY XA 238 58.79 -94.57 -65.43
N LEU XA 239 58.73 -93.25 -65.48
CA LEU XA 239 58.79 -92.52 -66.73
C LEU XA 239 60.24 -92.30 -67.15
N PRO XA 240 60.49 -92.08 -68.44
CA PRO XA 240 61.87 -92.04 -68.92
C PRO XA 240 62.52 -90.67 -68.77
N LEU XA 241 63.85 -90.69 -68.85
CA LEU XA 241 64.68 -89.49 -68.84
C LEU XA 241 65.57 -89.54 -70.08
N GLN XA 242 65.69 -88.40 -70.77
CA GLN XA 242 66.24 -88.35 -72.12
C GLN XA 242 67.57 -87.63 -72.17
N ASP XA 243 68.46 -88.12 -73.05
CA ASP XA 243 69.71 -87.42 -73.40
C ASP XA 243 70.53 -87.07 -72.17
N LEU XA 244 70.61 -87.99 -71.22
CA LEU XA 244 71.39 -87.71 -70.02
C LEU XA 244 72.90 -87.77 -70.26
N GLU XA 245 73.35 -88.43 -71.33
CA GLU XA 245 74.78 -88.53 -71.56
C GLU XA 245 75.40 -87.18 -71.92
N PHE XA 246 74.65 -86.31 -72.56
CA PHE XA 246 75.17 -85.03 -73.03
C PHE XA 246 75.29 -84.07 -71.86
N VAL XA 247 76.49 -83.97 -71.32
CA VAL XA 247 76.79 -83.07 -70.20
C VAL XA 247 77.74 -82.00 -70.70
N GLN XA 248 77.35 -80.74 -70.55
CA GLN XA 248 78.14 -79.63 -71.05
C GLN XA 248 79.24 -79.28 -70.07
N PHE XA 249 80.40 -78.89 -70.62
CA PHE XA 249 81.51 -78.37 -69.85
C PHE XA 249 81.73 -76.92 -70.26
N HIS XA 250 81.64 -76.00 -69.31
CA HIS XA 250 81.92 -74.61 -69.63
C HIS XA 250 83.42 -74.46 -69.86
N PRO XA 251 83.84 -73.87 -70.97
CA PRO XA 251 85.28 -73.78 -71.22
C PRO XA 251 86.03 -73.04 -70.13
N THR XA 252 85.41 -72.03 -69.52
CA THR XA 252 86.07 -71.13 -68.57
C THR XA 252 85.43 -71.28 -67.21
N GLY XA 253 86.11 -71.99 -66.32
CA GLY XA 253 85.73 -72.05 -64.92
C GLY XA 253 86.96 -71.93 -64.04
N ILE XA 254 86.93 -71.04 -63.05
CA ILE XA 254 88.13 -70.82 -62.24
C ILE XA 254 88.64 -72.14 -61.71
N PHE XA 255 89.96 -72.31 -61.77
CA PHE XA 255 90.64 -73.48 -61.29
C PHE XA 255 91.37 -73.16 -60.00
N PRO XA 256 91.22 -73.96 -58.94
CA PRO XA 256 90.49 -75.21 -58.79
C PRO XA 256 89.08 -75.05 -58.23
N ALA XA 257 88.66 -73.82 -57.97
CA ALA XA 257 87.41 -73.61 -57.24
C ALA XA 257 86.22 -74.15 -58.00
N GLY XA 258 86.19 -73.98 -59.32
CA GLY XA 258 85.06 -74.35 -60.12
C GLY XA 258 84.06 -73.25 -60.35
N CYS XA 259 84.27 -72.07 -59.77
CA CYS XA 259 83.39 -70.94 -60.03
C CYS XA 259 83.50 -70.52 -61.50
N LEU XA 260 82.42 -69.98 -62.02
CA LEU XA 260 82.33 -69.66 -63.44
C LEU XA 260 82.87 -68.27 -63.72
N MET XA 261 83.56 -68.15 -64.86
CA MET XA 261 83.89 -66.86 -65.46
C MET XA 261 83.11 -66.78 -66.77
N THR XA 262 82.28 -65.75 -66.91
CA THR XA 262 81.28 -65.75 -67.96
C THR XA 262 81.92 -65.82 -69.34
N GLU XA 263 81.24 -66.52 -70.26
CA GLU XA 263 81.66 -66.54 -71.65
C GLU XA 263 81.69 -65.15 -72.24
N GLY XA 264 80.96 -64.21 -71.65
CA GLY XA 264 81.05 -62.82 -72.05
C GLY XA 264 82.43 -62.24 -71.87
N CYS XA 265 83.24 -62.81 -70.98
CA CYS XA 265 84.64 -62.40 -70.89
C CYS XA 265 85.34 -62.58 -72.22
N ARG XA 266 85.22 -63.76 -72.81
CA ARG XA 266 85.73 -63.97 -74.16
C ARG XA 266 84.88 -63.22 -75.18
N GLY XA 267 83.59 -63.03 -74.89
CA GLY XA 267 82.72 -62.32 -75.80
C GLY XA 267 83.03 -60.84 -75.92
N GLU XA 268 83.72 -60.27 -74.93
CA GLU XA 268 84.11 -58.88 -74.94
C GLU XA 268 85.58 -58.69 -75.31
N GLY XA 269 86.30 -59.75 -75.66
CA GLY XA 269 87.65 -59.62 -76.13
C GLY XA 269 88.67 -60.53 -75.46
N GLY XA 270 88.23 -61.33 -74.49
CA GLY XA 270 89.16 -62.18 -73.78
C GLY XA 270 89.81 -63.21 -74.68
N ILE XA 271 91.05 -63.56 -74.35
CA ILE XA 271 91.84 -64.53 -75.09
C ILE XA 271 92.24 -65.66 -74.16
N LEU XA 272 92.46 -66.84 -74.74
CA LEU XA 272 92.96 -68.00 -74.01
C LEU XA 272 94.35 -68.33 -74.52
N ARG XA 273 95.30 -68.48 -73.61
CA ARG XA 273 96.70 -68.66 -73.96
C ARG XA 273 97.28 -69.89 -73.26
N ASN XA 274 98.13 -70.61 -73.97
CA ASN XA 274 98.75 -71.83 -73.46
C ASN XA 274 100.11 -71.52 -72.84
N SER XA 275 100.89 -72.55 -72.54
CA SER XA 275 102.21 -72.33 -71.98
C SER XA 275 103.09 -71.52 -72.92
N GLU XA 276 103.03 -71.83 -74.23
CA GLU XA 276 103.79 -71.07 -75.20
C GLU XA 276 103.32 -69.62 -75.29
N GLY XA 277 102.15 -69.31 -74.75
CA GLY XA 277 101.55 -68.01 -74.93
C GLY XA 277 100.75 -67.87 -76.20
N GLU XA 278 100.67 -68.93 -76.99
CA GLU XA 278 99.93 -68.87 -78.24
C GLU XA 278 98.44 -68.72 -77.97
N PRO XA 279 97.72 -67.94 -78.78
CA PRO XA 279 96.25 -68.01 -78.72
C PRO XA 279 95.79 -69.27 -79.45
N PHE XA 280 95.88 -70.39 -78.74
CA PHE XA 280 95.73 -71.70 -79.36
C PHE XA 280 94.38 -71.86 -80.06
N MET XA 281 93.37 -71.09 -79.66
CA MET XA 281 92.03 -71.28 -80.19
C MET XA 281 91.96 -71.03 -81.69
N ALA XA 282 92.97 -70.39 -82.29
CA ALA XA 282 92.97 -70.23 -83.74
C ALA XA 282 93.07 -71.58 -84.46
N ARG XA 283 93.84 -72.51 -83.89
CA ARG XA 283 94.03 -73.80 -84.53
C ARG XA 283 92.72 -74.57 -84.64
N TYR XA 284 91.87 -74.48 -83.62
CA TYR XA 284 90.57 -75.13 -83.62
C TYR XA 284 89.49 -74.10 -83.88
N ALA XA 285 88.59 -74.38 -84.81
CA ALA XA 285 87.52 -73.46 -85.14
C ALA XA 285 88.11 -72.09 -85.51
N PRO XA 286 88.81 -72.00 -86.64
CA PRO XA 286 89.51 -70.75 -86.97
C PRO XA 286 88.62 -69.54 -87.15
N THR XA 287 87.44 -69.68 -87.76
CA THR XA 287 86.66 -68.48 -88.09
C THR XA 287 86.19 -67.76 -86.83
N ALA XA 288 85.77 -68.50 -85.82
CA ALA XA 288 85.42 -67.95 -84.52
C ALA XA 288 86.35 -68.59 -83.49
N LYS XA 289 87.43 -67.90 -83.15
CA LYS XA 289 88.50 -68.54 -82.39
C LYS XA 289 88.06 -68.83 -80.96
N ASP XA 290 87.73 -67.79 -80.19
CA ASP XA 290 87.30 -67.98 -78.80
C ASP XA 290 85.78 -67.98 -78.67
N LEU XA 291 85.05 -67.67 -79.72
CA LEU XA 291 83.60 -67.68 -79.72
C LEU XA 291 83.05 -68.97 -80.32
N ALA XA 292 83.88 -69.98 -80.48
CA ALA XA 292 83.42 -71.28 -80.94
C ALA XA 292 82.47 -71.90 -79.91
N SER XA 293 81.78 -72.95 -80.32
CA SER XA 293 80.85 -73.61 -79.41
C SER XA 293 81.60 -74.10 -78.17
N ARG XA 294 80.90 -74.08 -77.04
CA ARG XA 294 81.54 -74.39 -75.76
C ARG XA 294 82.23 -75.74 -75.80
N ASP XA 295 81.58 -76.75 -76.39
CA ASP XA 295 82.16 -78.08 -76.40
C ASP XA 295 83.46 -78.11 -77.20
N VAL XA 296 83.52 -77.36 -78.30
CA VAL XA 296 84.75 -77.32 -79.09
C VAL XA 296 85.88 -76.71 -78.27
N VAL XA 297 85.59 -75.60 -77.58
CA VAL XA 297 86.63 -74.96 -76.79
C VAL XA 297 87.09 -75.88 -75.66
N SER XA 298 86.14 -76.52 -74.98
CA SER XA 298 86.50 -77.41 -73.88
C SER XA 298 87.36 -78.56 -74.36
N ARG XA 299 86.99 -79.18 -75.48
CA ARG XA 299 87.80 -80.28 -76.01
C ARG XA 299 89.20 -79.81 -76.35
N ALA XA 300 89.31 -78.64 -76.98
CA ALA XA 300 90.63 -78.12 -77.34
C ALA XA 300 91.47 -77.85 -76.11
N MET XA 301 90.88 -77.27 -75.07
CA MET XA 301 91.63 -77.01 -73.84
C MET XA 301 92.14 -78.32 -73.23
N THR XA 302 91.29 -79.35 -73.19
CA THR XA 302 91.71 -80.61 -72.61
C THR XA 302 92.81 -81.26 -73.44
N LEU XA 303 92.71 -81.20 -74.77
CA LEU XA 303 93.76 -81.75 -75.61
C LEU XA 303 95.08 -81.02 -75.39
N GLU XA 304 95.01 -79.70 -75.27
CA GLU XA 304 96.24 -78.92 -75.11
C GLU XA 304 96.94 -79.24 -73.79
N ILE XA 305 96.17 -79.30 -72.70
CA ILE XA 305 96.74 -79.69 -71.42
C ILE XA 305 97.32 -81.10 -71.52
N ARG XA 306 96.62 -81.98 -72.23
CA ARG XA 306 97.12 -83.33 -72.44
C ARG XA 306 98.43 -83.32 -73.21
N GLU XA 307 98.55 -82.42 -74.18
CA GLU XA 307 99.75 -82.36 -75.00
C GLU XA 307 100.97 -81.88 -74.22
N GLY XA 308 100.78 -81.28 -73.05
CA GLY XA 308 101.87 -80.73 -72.28
C GLY XA 308 102.05 -79.24 -72.41
N ARG XA 309 101.10 -78.54 -73.03
CA ARG XA 309 101.16 -77.09 -73.17
C ARG XA 309 100.29 -76.39 -72.14
N GLY XA 310 100.07 -77.01 -70.99
CA GLY XA 310 99.33 -76.38 -69.92
C GLY XA 310 100.15 -75.32 -69.22
N VAL XA 311 99.47 -74.53 -68.38
CA VAL XA 311 100.09 -73.42 -67.68
C VAL XA 311 100.06 -73.70 -66.18
N GLY XA 312 100.80 -72.88 -65.44
CA GLY XA 312 100.89 -73.04 -64.01
C GLY XA 312 101.97 -74.02 -63.62
N PRO XA 313 102.16 -74.22 -62.32
CA PRO XA 313 103.22 -75.13 -61.86
C PRO XA 313 103.05 -76.56 -62.36
N ASN XA 314 101.81 -77.04 -62.38
CA ASN XA 314 101.53 -78.45 -62.61
C ASN XA 314 101.04 -78.75 -64.02
N LYS XA 315 101.01 -77.75 -64.91
CA LYS XA 315 100.52 -77.95 -66.26
C LYS XA 315 99.09 -78.48 -66.26
N ASP XA 316 98.30 -78.09 -65.26
CA ASP XA 316 96.96 -78.63 -65.08
C ASP XA 316 95.87 -77.74 -65.62
N HIS XA 317 96.19 -76.51 -66.04
CA HIS XA 317 95.16 -75.58 -66.45
C HIS XA 317 95.69 -74.68 -67.55
N ILE XA 318 94.82 -73.78 -68.02
CA ILE XA 318 95.11 -72.81 -69.06
C ILE XA 318 94.72 -71.44 -68.52
N TYR XA 319 95.24 -70.39 -69.14
CA TYR XA 319 95.01 -69.03 -68.69
C TYR XA 319 94.02 -68.31 -69.60
N LEU XA 320 93.30 -67.34 -69.01
CA LEU XA 320 92.38 -66.46 -69.72
C LEU XA 320 92.87 -65.03 -69.52
N HIS XA 321 93.40 -64.42 -70.58
CA HIS XA 321 94.06 -63.13 -70.50
C HIS XA 321 93.06 -62.04 -70.86
N LEU XA 322 92.48 -61.42 -69.83
CA LEU XA 322 91.64 -60.24 -69.98
C LEU XA 322 92.38 -58.96 -69.65
N ASP XA 323 93.67 -59.04 -69.31
CA ASP XA 323 94.40 -57.86 -68.85
C ASP XA 323 94.52 -56.82 -69.96
N HIS XA 324 94.62 -57.25 -71.22
CA HIS XA 324 94.81 -56.29 -72.30
C HIS XA 324 93.57 -55.42 -72.51
N LEU XA 325 92.39 -55.91 -72.13
CA LEU XA 325 91.18 -55.13 -72.31
C LEU XA 325 91.21 -53.89 -71.43
N PRO XA 326 90.57 -52.80 -71.85
CA PRO XA 326 90.59 -51.58 -71.04
C PRO XA 326 89.93 -51.78 -69.68
N ALA XA 327 90.48 -51.10 -68.68
CA ALA XA 327 89.95 -51.23 -67.33
C ALA XA 327 88.52 -50.74 -67.24
N GLU XA 328 88.21 -49.65 -67.95
CA GLU XA 328 86.85 -49.12 -67.90
C GLU XA 328 85.83 -50.12 -68.42
N THR XA 329 86.14 -50.78 -69.54
CA THR XA 329 85.22 -51.78 -70.07
C THR XA 329 85.07 -52.95 -69.11
N LEU XA 330 86.17 -53.40 -68.52
CA LEU XA 330 86.10 -54.52 -67.59
C LEU XA 330 85.18 -54.20 -66.42
N ARG XA 331 85.31 -53.00 -65.87
CA ARG XA 331 84.43 -52.61 -64.76
C ARG XA 331 83.00 -52.42 -65.23
N GLU XA 332 82.82 -51.85 -66.42
CA GLU XA 332 81.46 -51.51 -66.86
C GLU XA 332 80.63 -52.76 -67.16
N ARG XA 333 81.17 -53.68 -67.96
CA ARG XA 333 80.39 -54.80 -68.47
C ARG XA 333 80.84 -56.14 -67.93
N LEU XA 334 81.84 -56.18 -67.05
CA LEU XA 334 82.22 -57.43 -66.40
C LEU XA 334 82.59 -57.17 -64.94
N PRO XA 335 81.75 -56.49 -64.18
CA PRO XA 335 82.12 -56.17 -62.78
C PRO XA 335 82.21 -57.37 -61.87
N GLY XA 336 81.22 -58.27 -61.94
CA GLY XA 336 81.20 -59.41 -61.04
C GLY XA 336 82.39 -60.33 -61.22
N ILE XA 337 82.87 -60.46 -62.46
CA ILE XA 337 84.01 -61.33 -62.74
C ILE XA 337 85.23 -60.88 -61.94
N SER XA 338 85.47 -59.56 -61.91
CA SER XA 338 86.68 -59.05 -61.27
C SER XA 338 86.71 -59.42 -59.79
N GLU XA 339 85.58 -59.26 -59.10
CA GLU XA 339 85.54 -59.55 -57.67
C GLU XA 339 85.71 -61.06 -57.42
N THR XA 340 85.04 -61.89 -58.20
CA THR XA 340 85.15 -63.34 -58.02
C THR XA 340 86.60 -63.79 -58.23
N ALA XA 341 87.25 -63.27 -59.28
CA ALA XA 341 88.65 -63.61 -59.49
C ALA XA 341 89.51 -63.11 -58.34
N LYS XA 342 89.23 -61.90 -57.84
CA LYS XA 342 90.03 -61.34 -56.76
C LYS XA 342 89.96 -62.21 -55.52
N ILE XA 343 88.85 -62.91 -55.30
CA ILE XA 343 88.64 -63.66 -54.07
C ILE XA 343 89.10 -65.10 -54.23
N PHE XA 344 88.45 -65.84 -55.13
CA PHE XA 344 88.70 -67.27 -55.22
C PHE XA 344 90.00 -67.58 -55.94
N ALA XA 345 90.33 -66.80 -56.97
CA ALA XA 345 91.57 -67.00 -57.70
C ALA XA 345 92.70 -66.13 -57.20
N GLY XA 346 92.40 -65.10 -56.41
CA GLY XA 346 93.44 -64.18 -55.98
C GLY XA 346 94.14 -63.49 -57.14
N VAL XA 347 93.37 -63.10 -58.16
CA VAL XA 347 93.91 -62.55 -59.39
C VAL XA 347 93.30 -61.18 -59.63
N ASP XA 348 94.13 -60.23 -60.05
CA ASP XA 348 93.66 -58.93 -60.48
C ASP XA 348 93.44 -58.98 -61.99
N VAL XA 349 92.18 -58.91 -62.41
CA VAL XA 349 91.85 -59.14 -63.81
C VAL XA 349 92.52 -58.11 -64.70
N THR XA 350 92.62 -56.87 -64.23
CA THR XA 350 93.17 -55.80 -65.07
C THR XA 350 94.62 -56.07 -65.44
N LYS XA 351 95.40 -56.69 -64.55
CA LYS XA 351 96.83 -56.85 -64.77
C LYS XA 351 97.30 -58.29 -64.87
N GLU XA 352 96.47 -59.28 -64.55
CA GLU XA 352 96.93 -60.66 -64.49
C GLU XA 352 95.94 -61.59 -65.17
N PRO XA 353 96.41 -62.75 -65.65
CA PRO XA 353 95.51 -63.75 -66.21
C PRO XA 353 94.80 -64.53 -65.11
N ILE XA 354 93.68 -65.15 -65.49
CA ILE XA 354 92.84 -65.92 -64.59
C ILE XA 354 93.06 -67.39 -64.88
N PRO XA 355 93.38 -68.22 -63.89
CA PRO XA 355 93.46 -69.67 -64.14
C PRO XA 355 92.08 -70.25 -64.43
N VAL XA 356 92.02 -71.12 -65.43
CA VAL XA 356 90.75 -71.61 -65.95
C VAL XA 356 90.90 -73.05 -66.40
N LEU XA 357 89.80 -73.79 -66.33
CA LEU XA 357 89.78 -75.20 -66.73
C LEU XA 357 88.33 -75.57 -67.03
N PRO XA 358 88.08 -76.48 -67.97
CA PRO XA 358 86.70 -76.90 -68.24
C PRO XA 358 86.07 -77.59 -67.06
N THR XA 359 84.78 -77.36 -66.87
CA THR XA 359 84.04 -77.85 -65.70
C THR XA 359 82.59 -78.09 -66.10
N VAL XA 360 81.98 -79.15 -65.54
CA VAL XA 360 80.60 -79.46 -65.89
C VAL XA 360 79.72 -78.28 -65.50
N HIS XA 361 78.88 -77.84 -66.42
CA HIS XA 361 78.10 -76.62 -66.25
C HIS XA 361 76.61 -76.84 -66.35
N TYR XA 362 76.15 -77.54 -67.39
CA TYR XA 362 74.73 -77.66 -67.67
C TYR XA 362 74.47 -79.08 -68.18
N ASN XA 363 73.25 -79.56 -67.93
CA ASN XA 363 72.83 -80.88 -68.34
C ASN XA 363 71.78 -80.72 -69.44
N MET XA 364 72.17 -81.03 -70.67
CA MET XA 364 71.21 -80.97 -71.77
C MET XA 364 70.09 -81.98 -71.57
N GLY XA 365 70.38 -83.12 -70.95
CA GLY XA 365 69.36 -84.13 -70.75
C GLY XA 365 68.36 -83.73 -69.70
N GLY XA 366 67.22 -84.42 -69.72
CA GLY XA 366 66.16 -84.14 -68.78
C GLY XA 366 64.91 -84.91 -69.14
N ILE XA 367 63.83 -84.54 -68.46
CA ILE XA 367 62.55 -85.21 -68.71
C ILE XA 367 62.12 -84.97 -70.14
N PRO XA 368 61.76 -85.99 -70.92
CA PRO XA 368 61.32 -85.74 -72.30
C PRO XA 368 60.11 -84.82 -72.33
N THR XA 369 60.10 -83.92 -73.31
CA THR XA 369 58.99 -82.99 -73.47
C THR XA 369 58.84 -82.65 -74.95
N ASN XA 370 57.62 -82.22 -75.29
CA ASN XA 370 57.33 -81.73 -76.63
C ASN XA 370 57.41 -80.20 -76.64
N TRP XA 371 57.06 -79.60 -77.77
CA TRP XA 371 57.13 -78.15 -77.87
C TRP XA 371 56.12 -77.44 -76.98
N LYS XA 372 55.14 -78.16 -76.44
CA LYS XA 372 54.17 -77.58 -75.53
C LYS XA 372 54.55 -77.77 -74.07
N ALA XA 373 55.74 -78.29 -73.80
CA ALA XA 373 56.26 -78.49 -72.44
C ALA XA 373 55.54 -79.61 -71.71
N GLN XA 374 54.88 -80.51 -72.42
CA GLN XA 374 54.22 -81.65 -71.82
C GLN XA 374 55.19 -82.82 -71.74
N CYS XA 375 55.26 -83.46 -70.58
CA CYS XA 375 56.14 -84.61 -70.41
C CYS XA 375 55.70 -85.76 -71.29
N LEU XA 376 56.68 -86.51 -71.79
CA LEU XA 376 56.45 -87.58 -72.74
C LEU XA 376 56.74 -88.94 -72.11
N ASN XA 377 55.96 -89.93 -72.52
CA ASN XA 377 56.18 -91.33 -72.14
C ASN XA 377 56.18 -92.15 -73.42
N PRO XA 378 57.25 -92.07 -74.20
CA PRO XA 378 57.22 -92.63 -75.55
C PRO XA 378 56.90 -94.12 -75.56
N THR XA 379 56.21 -94.53 -76.61
CA THR XA 379 55.90 -95.93 -76.86
C THR XA 379 56.29 -96.26 -78.30
N SER XA 380 56.52 -97.55 -78.55
CA SER XA 380 56.95 -97.97 -79.89
C SER XA 380 55.98 -97.48 -80.94
N SER XA 381 54.68 -97.68 -80.71
CA SER XA 381 53.69 -97.21 -81.68
C SER XA 381 53.63 -95.69 -81.71
N ASP XA 382 53.66 -95.05 -80.55
CA ASP XA 382 53.52 -93.60 -80.45
C ASP XA 382 54.80 -93.01 -79.87
N PRO XA 383 55.69 -92.46 -80.69
CA PRO XA 383 56.95 -91.92 -80.16
C PRO XA 383 56.80 -90.57 -79.49
N ASN XA 384 55.59 -90.02 -79.39
CA ASN XA 384 55.38 -88.71 -78.78
C ASN XA 384 54.18 -88.72 -77.85
N LYS XA 385 53.88 -89.85 -77.22
CA LYS XA 385 52.81 -89.90 -76.24
C LYS XA 385 53.16 -89.01 -75.05
N ILE XA 386 52.14 -88.38 -74.49
CA ILE XA 386 52.31 -87.41 -73.41
C ILE XA 386 51.75 -88.00 -72.12
N VAL XA 387 52.46 -87.79 -71.02
CA VAL XA 387 51.89 -88.19 -69.73
C VAL XA 387 50.63 -87.38 -69.49
N PRO XA 388 49.54 -87.97 -69.03
CA PRO XA 388 48.26 -87.23 -69.04
C PRO XA 388 48.29 -85.91 -68.30
N GLY XA 389 48.99 -85.82 -67.18
CA GLY XA 389 48.91 -84.62 -66.36
C GLY XA 389 50.23 -84.10 -65.84
N LEU XA 390 51.29 -84.24 -66.62
CA LEU XA 390 52.63 -83.87 -66.17
C LEU XA 390 53.27 -82.93 -67.18
N LEU XA 391 54.01 -81.94 -66.68
CA LEU XA 391 54.73 -81.00 -67.52
C LEU XA 391 56.08 -80.70 -66.89
N ALA XA 392 57.02 -80.28 -67.73
CA ALA XA 392 58.37 -79.96 -67.27
C ALA XA 392 58.85 -78.68 -67.96
N ALA XA 393 59.75 -77.98 -67.29
CA ALA XA 393 60.31 -76.75 -67.83
C ALA XA 393 61.67 -76.52 -67.19
N GLY XA 394 62.50 -75.75 -67.88
CA GLY XA 394 63.81 -75.39 -67.37
C GLY XA 394 64.86 -76.45 -67.67
N GLU XA 395 66.00 -76.32 -66.98
CA GLU XA 395 67.07 -77.29 -67.12
C GLU XA 395 66.58 -78.70 -66.76
N ALA XA 396 65.53 -78.80 -65.96
CA ALA XA 396 64.99 -80.10 -65.60
C ALA XA 396 64.47 -80.86 -66.82
N GLY XA 397 63.87 -80.14 -67.77
CA GLY XA 397 63.25 -80.76 -68.91
C GLY XA 397 64.17 -80.81 -70.13
N SER XA 398 63.80 -81.66 -71.08
CA SER XA 398 64.54 -81.79 -72.34
C SER XA 398 63.51 -81.72 -73.47
N ALA XA 399 63.15 -80.50 -73.86
CA ALA XA 399 62.38 -80.32 -75.09
C ALA XA 399 63.24 -80.55 -76.32
N SER XA 400 64.55 -80.66 -76.14
CA SER XA 400 65.54 -80.88 -77.17
C SER XA 400 65.91 -79.58 -77.86
N VAL XA 401 65.49 -78.42 -77.35
CA VAL XA 401 65.90 -77.15 -77.94
C VAL XA 401 67.42 -77.07 -78.02
N HIS XA 402 68.12 -77.67 -77.05
CA HIS XA 402 69.56 -77.58 -76.98
C HIS XA 402 70.27 -78.81 -77.53
N GLY XA 403 69.59 -79.94 -77.63
CA GLY XA 403 70.18 -81.10 -78.28
C GLY XA 403 71.49 -81.52 -77.64
N ALA XA 404 72.49 -81.76 -78.48
CA ALA XA 404 73.76 -82.29 -77.99
C ALA XA 404 74.55 -81.23 -77.24
N ASN XA 405 74.62 -80.01 -77.76
CA ASN XA 405 75.36 -78.93 -77.13
C ASN XA 405 74.48 -77.68 -77.06
N ARG XA 406 74.57 -76.98 -75.94
CA ARG XA 406 73.78 -75.79 -75.67
C ARG XA 406 74.54 -74.54 -76.09
N LEU XA 407 73.83 -73.57 -76.64
CA LEU XA 407 74.42 -72.28 -76.97
C LEU XA 407 74.38 -71.37 -75.75
N GLY XA 408 75.49 -70.70 -75.48
CA GLY XA 408 75.52 -69.77 -74.36
C GLY XA 408 74.43 -68.72 -74.49
N ALA XA 409 73.77 -68.45 -73.37
CA ALA XA 409 72.67 -67.50 -73.25
C ALA XA 409 71.39 -68.02 -73.87
N ASN XA 410 71.36 -69.26 -74.34
CA ASN XA 410 70.13 -69.84 -74.85
C ASN XA 410 69.32 -70.51 -73.76
N SER XA 411 69.94 -70.85 -72.63
CA SER XA 411 69.23 -71.53 -71.54
C SER XA 411 68.25 -70.58 -70.85
N LEU XA 412 68.71 -69.39 -70.47
CA LEU XA 412 67.82 -68.45 -69.81
C LEU XA 412 66.62 -68.14 -70.67
N LEU XA 413 66.80 -68.10 -71.99
CA LEU XA 413 65.66 -67.95 -72.89
C LEU XA 413 64.73 -69.14 -72.77
N ASP XA 414 65.28 -70.35 -72.70
CA ASP XA 414 64.45 -71.54 -72.60
C ASP XA 414 63.59 -71.51 -71.34
N LEU XA 415 64.15 -71.02 -70.24
CA LEU XA 415 63.40 -70.97 -68.99
C LEU XA 415 62.10 -70.19 -69.16
N VAL XA 416 62.20 -68.96 -69.65
CA VAL XA 416 61.02 -68.10 -69.68
C VAL XA 416 60.04 -68.56 -70.75
N VAL XA 417 60.54 -68.94 -71.92
CA VAL XA 417 59.63 -69.30 -73.01
C VAL XA 417 58.80 -70.51 -72.63
N PHE XA 418 59.46 -71.58 -72.18
CA PHE XA 418 58.73 -72.80 -71.84
C PHE XA 418 58.04 -72.70 -70.50
N GLY XA 419 58.58 -71.92 -69.56
CA GLY XA 419 57.83 -71.60 -68.37
C GLY XA 419 56.53 -70.89 -68.71
N ARG XA 420 56.60 -69.92 -69.63
CA ARG XA 420 55.39 -69.29 -70.12
C ARG XA 420 54.54 -70.27 -70.91
N THR XA 421 55.16 -71.11 -71.74
CA THR XA 421 54.40 -72.06 -72.54
C THR XA 421 53.68 -73.06 -71.65
N ALA XA 422 54.35 -73.53 -70.59
CA ALA XA 422 53.72 -74.50 -69.71
C ALA XA 422 52.42 -73.95 -69.12
N ALA XA 423 52.43 -72.69 -68.71
CA ALA XA 423 51.21 -72.09 -68.16
C ALA XA 423 50.10 -72.07 -69.19
N ASP XA 424 50.43 -71.74 -70.44
CA ASP XA 424 49.41 -71.71 -71.48
C ASP XA 424 48.82 -73.10 -71.71
N THR XA 425 49.67 -74.12 -71.73
CA THR XA 425 49.17 -75.48 -71.95
C THR XA 425 48.22 -75.90 -70.84
N VAL XA 426 48.58 -75.61 -69.58
CA VAL XA 426 47.73 -75.97 -68.47
C VAL XA 426 46.40 -75.23 -68.56
N ALA XA 427 46.44 -73.95 -68.94
CA ALA XA 427 45.21 -73.17 -69.00
C ALA XA 427 44.22 -73.79 -69.97
N GLU XA 428 44.70 -74.26 -71.12
CA GLU XA 428 43.81 -74.88 -72.09
C GLU XA 428 43.18 -76.15 -71.54
N ILE XA 429 43.97 -76.98 -70.85
CA ILE XA 429 43.46 -78.25 -70.34
C ILE XA 429 42.49 -78.01 -69.18
N VAL XA 430 42.87 -77.13 -68.25
CA VAL XA 430 42.15 -76.97 -66.99
C VAL XA 430 41.43 -75.63 -67.01
N LYS XA 431 40.14 -75.65 -66.69
CA LYS XA 431 39.37 -74.43 -66.58
C LYS XA 431 39.62 -73.76 -65.23
N PRO XA 432 39.31 -72.46 -65.12
CA PRO XA 432 39.65 -71.75 -63.88
C PRO XA 432 39.07 -72.38 -62.63
N ASN XA 433 37.84 -72.89 -62.70
CA ASN XA 433 37.20 -73.55 -61.56
C ASN XA 433 36.73 -74.92 -62.02
N SER XA 434 37.26 -75.96 -61.38
CA SER XA 434 36.93 -77.34 -61.73
C SER XA 434 36.82 -78.15 -60.45
N PRO XA 435 36.14 -79.28 -60.48
CA PRO XA 435 36.04 -80.11 -59.30
C PRO XA 435 37.41 -80.53 -58.81
N PRO XA 436 37.61 -80.64 -57.50
CA PRO XA 436 38.93 -81.00 -56.99
C PRO XA 436 39.35 -82.38 -57.46
N VAL XA 437 40.66 -82.55 -57.67
CA VAL XA 437 41.19 -83.83 -58.11
C VAL XA 437 41.01 -84.87 -57.02
N THR XA 438 40.72 -86.09 -57.42
CA THR XA 438 40.50 -87.20 -56.50
C THR XA 438 41.79 -88.01 -56.41
N LEU XA 439 42.48 -87.90 -55.27
CA LEU XA 439 43.71 -88.66 -55.07
C LEU XA 439 43.38 -90.15 -54.90
N PRO XA 440 44.29 -91.03 -55.34
CA PRO XA 440 44.07 -92.46 -55.08
C PRO XA 440 44.11 -92.75 -53.60
N LYS XA 441 43.40 -93.81 -53.19
CA LYS XA 441 43.24 -94.10 -51.78
C LYS XA 441 44.58 -94.29 -51.09
N ASP XA 442 45.51 -94.99 -51.76
CA ASP XA 442 46.83 -95.25 -51.21
C ASP XA 442 47.85 -94.20 -51.63
N ALA XA 443 47.41 -92.97 -51.87
CA ALA XA 443 48.32 -91.92 -52.31
C ALA XA 443 49.37 -91.66 -51.25
N GLY XA 444 50.64 -91.76 -51.66
CA GLY XA 444 51.75 -91.51 -50.76
C GLY XA 444 52.09 -92.65 -49.82
N GLY XA 445 51.39 -93.78 -49.90
CA GLY XA 445 51.69 -94.87 -48.99
C GLY XA 445 53.11 -95.37 -49.15
N GLY XA 446 53.55 -95.58 -50.39
CA GLY XA 446 54.91 -96.04 -50.62
C GLY XA 446 55.95 -95.01 -50.24
N THR XA 447 55.67 -93.74 -50.53
CA THR XA 447 56.65 -92.69 -50.26
C THR XA 447 56.93 -92.58 -48.76
N ILE XA 448 55.89 -92.62 -47.94
CA ILE XA 448 56.07 -92.48 -46.50
C ILE XA 448 56.93 -93.61 -45.96
N ASP XA 449 56.65 -94.84 -46.39
CA ASP XA 449 57.43 -95.97 -45.91
C ASP XA 449 58.89 -95.83 -46.29
N ARG XA 450 59.17 -95.43 -47.53
CA ARG XA 450 60.55 -95.20 -47.94
C ARG XA 450 61.17 -94.06 -47.13
N PHE XA 451 60.42 -92.98 -46.93
CA PHE XA 451 60.92 -91.87 -46.14
C PHE XA 451 61.20 -92.29 -44.71
N ASP XA 452 60.30 -93.08 -44.12
CA ASP XA 452 60.49 -93.53 -42.76
C ASP XA 452 61.71 -94.44 -42.64
N LYS XA 453 61.88 -95.36 -43.59
CA LYS XA 453 63.01 -96.28 -43.52
C LYS XA 453 64.33 -95.53 -43.60
N ILE XA 454 64.42 -94.54 -44.49
CA ILE XA 454 65.65 -93.76 -44.58
C ILE XA 454 65.85 -92.95 -43.30
N ARG XA 455 64.77 -92.48 -42.69
CA ARG XA 455 64.90 -91.69 -41.46
C ARG XA 455 65.57 -92.51 -40.36
N HIS XA 456 65.20 -93.79 -40.24
CA HIS XA 456 65.78 -94.68 -39.25
C HIS XA 456 66.85 -95.58 -39.83
N ALA XA 457 67.49 -95.16 -40.92
CA ALA XA 457 68.51 -95.96 -41.57
C ALA XA 457 69.81 -95.87 -40.78
N LYS XA 458 70.35 -97.01 -40.38
CA LYS XA 458 71.62 -97.09 -39.69
C LYS XA 458 72.51 -98.09 -40.42
N GLY XA 459 73.69 -97.64 -40.84
CA GLY XA 459 74.59 -98.48 -41.59
C GLY XA 459 76.00 -97.95 -41.56
N PRO XA 460 76.95 -98.77 -42.00
CA PRO XA 460 78.37 -98.35 -41.91
C PRO XA 460 78.71 -97.20 -42.85
N VAL XA 461 78.25 -97.26 -44.09
CA VAL XA 461 78.60 -96.23 -45.07
C VAL XA 461 77.77 -94.98 -44.79
N SER XA 462 78.45 -93.83 -44.74
CA SER XA 462 77.78 -92.56 -44.50
C SER XA 462 77.39 -91.91 -45.82
N THR XA 463 76.44 -90.98 -45.73
CA THR XA 463 75.97 -90.29 -46.92
C THR XA 463 77.09 -89.51 -47.59
N ALA XA 464 77.91 -88.81 -46.81
CA ALA XA 464 78.98 -88.02 -47.38
C ALA XA 464 80.00 -88.91 -48.09
N ASP XA 465 80.35 -90.04 -47.48
CA ASP XA 465 81.31 -90.94 -48.11
C ASP XA 465 80.78 -91.47 -49.43
N LEU XA 466 79.51 -91.89 -49.45
CA LEU XA 466 78.95 -92.43 -50.68
C LEU XA 466 78.89 -91.37 -51.76
N ARG XA 467 78.49 -90.14 -51.42
CA ARG XA 467 78.44 -89.08 -52.42
C ARG XA 467 79.82 -88.78 -52.96
N SER XA 468 80.84 -88.76 -52.10
CA SER XA 468 82.19 -88.54 -52.58
C SER XA 468 82.62 -89.63 -53.55
N LYS XA 469 82.28 -90.89 -53.25
CA LYS XA 469 82.63 -91.98 -54.14
C LYS XA 469 81.93 -91.82 -55.49
N LEU XA 470 80.65 -91.43 -55.47
CA LEU XA 470 79.93 -91.25 -56.73
C LEU XA 470 80.56 -90.15 -57.58
N GLN XA 471 80.92 -89.04 -56.95
CA GLN XA 471 81.51 -87.93 -57.69
C GLN XA 471 82.85 -88.34 -58.29
N ARG XA 472 83.62 -89.14 -57.57
CA ARG XA 472 84.93 -89.58 -58.06
C ARG XA 472 84.77 -90.37 -59.35
N THR XA 473 83.81 -91.30 -59.39
CA THR XA 473 83.63 -92.13 -60.57
C THR XA 473 83.19 -91.28 -61.76
N MET XA 474 82.20 -90.41 -61.56
CA MET XA 474 81.68 -89.60 -62.65
C MET XA 474 82.77 -88.70 -63.23
N GLN XA 475 83.57 -88.08 -62.37
CA GLN XA 475 84.62 -87.19 -62.86
C GLN XA 475 85.66 -87.96 -63.64
N THR XA 476 86.12 -89.09 -63.11
CA THR XA 476 87.16 -89.86 -63.77
C THR XA 476 86.61 -90.63 -64.97
N ARG XA 477 85.45 -91.24 -64.83
CA ARG XA 477 84.92 -92.13 -65.86
C ARG XA 477 84.13 -91.42 -66.94
N ALA XA 478 83.75 -90.17 -66.73
CA ALA XA 478 82.98 -89.40 -67.72
C ALA XA 478 83.60 -88.01 -67.88
N PRO XA 479 84.82 -87.94 -68.39
CA PRO XA 479 85.46 -86.64 -68.62
C PRO XA 479 85.04 -86.04 -69.94
N VAL XA 480 85.69 -84.96 -70.35
CA VAL XA 480 85.37 -84.34 -71.64
C VAL XA 480 85.56 -85.34 -72.78
N TYR XA 481 86.65 -86.09 -72.76
CA TYR XA 481 86.92 -87.12 -73.76
C TYR XA 481 86.70 -88.49 -73.12
N ARG XA 482 85.65 -89.19 -73.56
CA ARG XA 482 85.22 -90.42 -72.93
C ARG XA 482 85.71 -91.61 -73.74
N ASN XA 483 86.41 -92.53 -73.07
CA ASN XA 483 86.88 -93.77 -73.68
C ASN XA 483 85.94 -94.90 -73.31
N GLY XA 484 85.66 -95.78 -74.28
CA GLY XA 484 84.68 -96.83 -74.06
C GLY XA 484 85.06 -97.77 -72.93
N ASP XA 485 86.34 -98.14 -72.85
CA ASP XA 485 86.77 -99.04 -71.79
C ASP XA 485 86.53 -98.45 -70.41
N ASP XA 486 86.85 -97.16 -70.24
CA ASP XA 486 86.57 -96.51 -68.97
C ASP XA 486 85.08 -96.45 -68.70
N LEU XA 487 84.29 -96.11 -69.71
CA LEU XA 487 82.85 -96.02 -69.52
C LEU XA 487 82.27 -97.35 -69.06
N LYS XA 488 82.76 -98.46 -69.62
CA LYS XA 488 82.29 -99.77 -69.20
C LYS XA 488 82.63 -100.01 -67.73
N LYS XA 489 83.86 -99.70 -67.33
CA LYS XA 489 84.23 -99.86 -65.93
C LYS XA 489 83.41 -98.93 -65.04
N GLY XA 490 83.18 -97.70 -65.48
CA GLY XA 490 82.37 -96.79 -64.69
C GLY XA 490 80.94 -97.28 -64.54
N CYS XA 491 80.40 -97.90 -65.59
CA CYS XA 491 79.04 -98.43 -65.50
C CYS XA 491 78.94 -99.49 -64.41
N GLU XA 492 79.94 -100.37 -64.32
CA GLU XA 492 79.94 -101.35 -63.24
C GLU XA 492 80.06 -100.68 -61.88
N GLU XA 493 80.96 -99.69 -61.77
CA GLU XA 493 81.16 -99.02 -60.48
C GLU XA 493 79.89 -98.35 -60.00
N VAL XA 494 79.20 -97.64 -60.89
CA VAL XA 494 78.00 -96.93 -60.48
C VAL XA 494 76.91 -97.89 -60.08
N ARG XA 495 76.82 -99.05 -60.76
CA ARG XA 495 75.85 -100.04 -60.36
C ARG XA 495 76.14 -100.56 -58.96
N GLU XA 496 77.42 -100.74 -58.62
CA GLU XA 496 77.78 -101.09 -57.26
C GLU XA 496 77.40 -100.00 -56.29
N ILE XA 497 77.61 -98.74 -56.68
CA ILE XA 497 77.24 -97.62 -55.82
C ILE XA 497 75.74 -97.61 -55.57
N MET XA 498 74.95 -97.97 -56.58
CA MET XA 498 73.51 -98.08 -56.38
C MET XA 498 73.18 -99.13 -55.33
N LYS XA 499 73.86 -100.28 -55.39
CA LYS XA 499 73.56 -101.36 -54.45
C LYS XA 499 73.86 -100.95 -53.02
N GLU XA 500 74.94 -100.20 -52.81
CA GLU XA 500 75.37 -99.89 -51.45
C GLU XA 500 74.62 -98.71 -50.85
N TYR XA 501 73.72 -98.08 -51.60
CA TYR XA 501 72.79 -97.14 -50.98
C TYR XA 501 71.92 -97.84 -49.97
N LYS XA 502 71.80 -99.17 -50.05
CA LYS XA 502 71.08 -99.94 -49.05
C LYS XA 502 71.69 -99.79 -47.67
N ASP XA 503 73.00 -99.58 -47.58
CA ASP XA 503 73.72 -99.54 -46.32
C ASP XA 503 73.91 -98.13 -45.79
N VAL XA 504 73.33 -97.12 -46.43
CA VAL XA 504 73.52 -95.75 -45.96
C VAL XA 504 72.87 -95.56 -44.60
N GLY XA 505 73.48 -94.72 -43.78
CA GLY XA 505 72.96 -94.45 -42.45
C GLY XA 505 73.10 -92.98 -42.11
N ILE XA 506 72.13 -92.48 -41.34
CA ILE XA 506 72.11 -91.09 -40.90
C ILE XA 506 72.07 -91.05 -39.39
N LYS XA 507 72.91 -90.20 -38.79
CA LYS XA 507 72.95 -90.09 -37.34
C LYS XA 507 71.77 -89.29 -36.79
N ASP XA 508 71.33 -88.25 -37.51
CA ASP XA 508 70.24 -87.42 -37.06
C ASP XA 508 68.90 -88.07 -37.35
N ARG XA 509 67.93 -87.83 -36.47
CA ARG XA 509 66.61 -88.46 -36.60
C ARG XA 509 65.45 -87.50 -36.40
N THR XA 510 65.70 -86.19 -36.41
CA THR XA 510 64.63 -85.22 -36.29
C THR XA 510 64.01 -84.94 -37.67
N LEU XA 511 62.98 -84.11 -37.69
CA LEU XA 511 62.29 -83.77 -38.93
C LEU XA 511 62.36 -82.28 -39.26
N VAL XA 512 62.94 -81.45 -38.41
CA VAL XA 512 63.01 -80.01 -38.65
C VAL XA 512 64.44 -79.69 -39.10
N TRP XA 513 64.58 -79.29 -40.35
CA TRP XA 513 65.88 -78.95 -40.93
C TRP XA 513 66.90 -80.06 -40.66
N ASN XA 514 66.47 -81.29 -40.91
CA ASN XA 514 67.36 -82.45 -40.81
C ASN XA 514 68.13 -82.56 -42.12
N THR XA 515 69.14 -81.69 -42.26
CA THR XA 515 69.92 -81.68 -43.49
C THR XA 515 70.55 -83.03 -43.77
N ASP XA 516 70.89 -83.78 -42.72
CA ASP XA 516 71.46 -85.10 -42.92
C ASP XA 516 70.47 -86.01 -43.63
N LEU XA 517 69.19 -85.96 -43.23
CA LEU XA 517 68.17 -86.74 -43.92
C LEU XA 517 67.97 -86.25 -45.34
N ILE XA 518 67.89 -84.93 -45.52
CA ILE XA 518 67.61 -84.38 -46.84
C ILE XA 518 68.74 -84.74 -47.80
N GLU XA 519 69.98 -84.62 -47.36
CA GLU XA 519 71.10 -84.96 -48.24
C GLU XA 519 71.04 -86.43 -48.66
N THR XA 520 70.64 -87.31 -47.75
CA THR XA 520 70.52 -88.72 -48.11
C THR XA 520 69.45 -88.90 -49.18
N LEU XA 521 68.31 -88.23 -49.03
CA LEU XA 521 67.27 -88.30 -50.05
C LEU XA 521 67.76 -87.71 -51.37
N GLU XA 522 68.49 -86.60 -51.31
CA GLU XA 522 69.04 -86.02 -52.51
C GLU XA 522 70.03 -86.98 -53.17
N LEU XA 523 70.85 -87.66 -52.38
CA LEU XA 523 71.80 -88.59 -52.95
C LEU XA 523 71.12 -89.68 -53.75
N GLU XA 524 69.92 -90.11 -53.34
CA GLU XA 524 69.20 -91.10 -54.11
C GLU XA 524 68.88 -90.58 -55.50
N ASN XA 525 68.43 -89.33 -55.60
CA ASN XA 525 68.19 -88.74 -56.91
C ASN XA 525 69.48 -88.58 -57.69
N LEU XA 526 70.56 -88.19 -57.00
CA LEU XA 526 71.83 -87.98 -57.67
C LEU XA 526 72.37 -89.29 -58.23
N ILE XA 527 72.22 -90.39 -57.49
CA ILE XA 527 72.77 -91.66 -57.95
C ILE XA 527 72.03 -92.14 -59.19
N THR XA 528 70.70 -92.11 -59.16
CA THR XA 528 69.94 -92.67 -60.27
C THR XA 528 70.21 -91.90 -61.57
N GLN XA 529 70.25 -90.56 -61.49
CA GLN XA 529 70.57 -89.78 -62.67
C GLN XA 529 72.00 -90.00 -63.13
N ALA XA 530 72.93 -90.11 -62.18
CA ALA XA 530 74.32 -90.36 -62.54
C ALA XA 530 74.47 -91.70 -63.24
N ALA XA 531 73.76 -92.73 -62.76
CA ALA XA 531 73.85 -94.04 -63.38
C ALA XA 531 73.40 -93.99 -64.83
N GLN XA 532 72.26 -93.35 -65.08
CA GLN XA 532 71.74 -93.27 -66.44
C GLN XA 532 72.69 -92.50 -67.36
N THR XA 533 73.41 -91.52 -66.81
CA THR XA 533 74.37 -90.78 -67.63
C THR XA 533 75.47 -91.69 -68.14
N ILE XA 534 76.01 -92.54 -67.26
CA ILE XA 534 77.09 -93.43 -67.68
C ILE XA 534 76.57 -94.48 -68.66
N VAL XA 535 75.44 -95.09 -68.35
CA VAL XA 535 74.91 -96.14 -69.21
C VAL XA 535 74.54 -95.57 -70.58
N SER XA 536 73.89 -94.41 -70.60
CA SER XA 536 73.55 -93.80 -71.88
C SER XA 536 74.81 -93.43 -72.66
N GLY XA 537 75.81 -92.86 -71.98
CA GLY XA 537 77.03 -92.50 -72.66
C GLY XA 537 77.77 -93.70 -73.21
N GLU XA 538 77.84 -94.77 -72.42
CA GLU XA 538 78.52 -95.98 -72.87
C GLU XA 538 77.82 -96.57 -74.09
N ALA XA 539 76.49 -96.57 -74.08
CA ALA XA 539 75.75 -97.17 -75.18
C ALA XA 539 75.98 -96.41 -76.48
N ARG XA 540 76.06 -95.09 -76.42
CA ARG XA 540 76.16 -94.26 -77.62
C ARG XA 540 77.54 -94.43 -78.24
N LYS XA 541 77.60 -95.12 -79.38
CA LYS XA 541 78.86 -95.40 -80.06
C LYS XA 541 79.13 -94.38 -81.15
N GLU XA 542 79.21 -93.11 -80.75
CA GLU XA 542 79.51 -92.03 -81.68
C GLU XA 542 80.08 -90.86 -80.90
N SER XA 543 80.28 -89.73 -81.59
CA SER XA 543 80.80 -88.51 -80.99
C SER XA 543 79.98 -87.35 -81.53
N ARG XA 544 79.08 -86.82 -80.71
CA ARG XA 544 78.17 -85.76 -81.12
C ARG XA 544 78.10 -84.71 -80.04
N GLY XA 545 78.33 -83.46 -80.41
CA GLY XA 545 78.21 -82.37 -79.45
C GLY XA 545 79.13 -82.58 -78.26
N ALA XA 546 78.56 -82.44 -77.06
CA ALA XA 546 79.36 -82.60 -75.85
C ALA XA 546 79.89 -84.02 -75.71
N HIS XA 547 79.07 -85.02 -76.04
CA HIS XA 547 79.49 -86.40 -75.95
C HIS XA 547 80.54 -86.69 -77.00
N ALA XA 548 81.80 -86.81 -76.57
CA ALA XA 548 82.92 -87.09 -77.45
C ALA XA 548 83.56 -88.41 -77.04
N ARG XA 549 83.72 -89.30 -78.01
CA ARG XA 549 84.31 -90.61 -77.80
C ARG XA 549 85.58 -90.75 -78.61
N GLU XA 550 86.67 -91.10 -77.95
CA GLU XA 550 87.92 -91.35 -78.67
C GLU XA 550 87.84 -92.65 -79.47
N ASP XA 551 87.10 -93.64 -78.97
CA ASP XA 551 86.93 -94.88 -79.72
C ASP XA 551 86.16 -94.63 -81.02
N PHE XA 552 85.13 -93.78 -80.97
CA PHE XA 552 84.30 -93.46 -82.12
C PHE XA 552 84.35 -91.95 -82.33
N THR XA 553 85.34 -91.50 -83.10
CA THR XA 553 85.54 -90.07 -83.33
C THR XA 553 84.87 -89.64 -84.63
N GLU XA 554 83.55 -89.74 -84.65
CA GLU XA 554 82.78 -89.33 -85.82
C GLU XA 554 81.31 -89.26 -85.42
N ARG XA 555 80.56 -88.47 -86.18
CA ARG XA 555 79.15 -88.24 -85.93
C ARG XA 555 78.35 -89.14 -86.87
N ASP XA 556 77.75 -90.20 -86.33
CA ASP XA 556 76.96 -91.15 -87.11
C ASP XA 556 75.52 -90.67 -87.13
N ASP XA 557 75.10 -90.09 -88.25
CA ASP XA 557 73.73 -89.63 -88.39
C ASP XA 557 72.80 -90.72 -88.88
N LYS XA 558 73.33 -91.73 -89.58
CA LYS XA 558 72.48 -92.80 -90.09
C LYS XA 558 71.89 -93.63 -88.97
N LYS XA 559 72.71 -94.00 -87.99
CA LYS XA 559 72.31 -94.97 -86.98
C LYS XA 559 72.33 -94.39 -85.58
N TRP XA 560 72.54 -93.07 -85.42
CA TRP XA 560 72.63 -92.52 -84.08
C TRP XA 560 72.03 -91.13 -83.94
N MET XA 561 71.20 -90.68 -84.88
CA MET XA 561 70.47 -89.43 -84.72
C MET XA 561 69.13 -89.67 -84.02
N LYS XA 562 69.24 -90.15 -82.78
CA LYS XA 562 68.09 -90.59 -82.01
C LYS XA 562 68.27 -90.18 -80.55
N HIS XA 563 67.21 -89.65 -79.95
CA HIS XA 563 67.24 -89.37 -78.51
C HIS XA 563 67.40 -90.65 -77.73
N SER XA 564 68.10 -90.57 -76.59
CA SER XA 564 68.44 -91.74 -75.78
C SER XA 564 67.65 -91.71 -74.47
N LEU XA 565 66.54 -92.44 -74.44
CA LEU XA 565 65.73 -92.57 -73.24
C LEU XA 565 66.32 -93.58 -72.28
N SER XA 566 66.11 -93.35 -70.98
CA SER XA 566 66.64 -94.21 -69.93
C SER XA 566 65.55 -94.49 -68.92
N TYR XA 567 65.42 -95.75 -68.51
CA TYR XA 567 64.37 -96.20 -67.60
C TYR XA 567 64.98 -96.83 -66.36
N GLN XA 568 64.39 -96.57 -65.20
CA GLN XA 568 64.74 -97.22 -63.95
C GLN XA 568 63.76 -98.37 -63.71
N THR XA 569 64.30 -99.58 -63.56
CA THR XA 569 63.43 -100.75 -63.55
C THR XA 569 62.45 -100.72 -62.37
N LYS XA 570 62.93 -100.38 -61.19
CA LYS XA 570 62.10 -100.40 -60.00
C LYS XA 570 62.24 -99.10 -59.23
N PRO XA 571 61.24 -98.72 -58.43
CA PRO XA 571 61.31 -97.43 -57.73
C PRO XA 571 62.53 -97.29 -56.85
N HIS XA 572 62.96 -98.38 -56.22
CA HIS XA 572 64.11 -98.34 -55.33
C HIS XA 572 65.39 -98.42 -56.14
N VAL XA 573 66.28 -97.43 -55.97
CA VAL XA 573 67.54 -97.44 -56.71
C VAL XA 573 68.36 -98.66 -56.34
N GLU XA 574 68.19 -99.17 -55.12
CA GLU XA 574 68.97 -100.33 -54.68
C GLU XA 574 68.62 -101.57 -55.50
N GLU XA 575 67.34 -101.72 -55.86
CA GLU XA 575 66.85 -102.93 -56.51
C GLU XA 575 66.49 -102.71 -57.98
N SER XA 576 67.07 -101.70 -58.60
CA SER XA 576 66.70 -101.31 -59.95
C SER XA 576 67.87 -101.47 -60.90
N ASP XA 577 67.55 -101.57 -62.19
CA ASP XA 577 68.53 -101.62 -63.25
C ASP XA 577 68.14 -100.62 -64.33
N ILE XA 578 69.15 -100.10 -65.03
CA ILE XA 578 68.92 -99.09 -66.05
C ILE XA 578 68.70 -99.76 -67.39
N VAL XA 579 67.62 -99.37 -68.08
CA VAL XA 579 67.27 -99.89 -69.38
C VAL XA 579 67.21 -98.73 -70.36
N LEU XA 580 67.72 -98.94 -71.57
CA LEU XA 580 67.86 -97.90 -72.57
C LEU XA 580 66.94 -98.17 -73.75
N LYS XA 581 66.20 -97.13 -74.17
CA LYS XA 581 65.41 -97.17 -75.38
C LYS XA 581 65.55 -95.83 -76.08
N TYR XA 582 65.21 -95.80 -77.36
CA TYR XA 582 65.45 -94.63 -78.19
C TYR XA 582 64.17 -94.22 -78.90
N ARG XA 583 64.07 -92.92 -79.18
CA ARG XA 583 62.99 -92.37 -79.99
C ARG XA 583 63.57 -91.39 -81.00
N PRO XA 584 62.95 -91.26 -82.17
CA PRO XA 584 63.51 -90.40 -83.21
C PRO XA 584 63.39 -88.93 -82.85
N VAL XA 585 64.27 -88.15 -83.46
CA VAL XA 585 64.29 -86.71 -83.26
C VAL XA 585 63.32 -86.05 -84.23
N VAL XA 586 62.75 -84.92 -83.81
CA VAL XA 586 61.80 -84.17 -84.63
C VAL XA 586 62.57 -83.13 -85.42
N ASP XA 587 62.56 -83.25 -86.75
CA ASP XA 587 63.34 -82.39 -87.61
C ASP XA 587 62.50 -81.39 -88.40
N GLN XA 588 61.19 -81.56 -88.44
CA GLN XA 588 60.33 -80.70 -89.24
C GLN XA 588 59.80 -79.56 -88.38
N PRO XA 589 60.06 -78.30 -88.72
CA PRO XA 589 59.49 -77.20 -87.94
C PRO XA 589 57.97 -77.19 -88.03
N LEU XA 590 57.34 -76.76 -86.94
CA LEU XA 590 55.88 -76.79 -86.87
C LEU XA 590 55.26 -75.86 -87.91
N ASP XA 591 55.83 -74.68 -88.10
CA ASP XA 591 55.32 -73.70 -89.05
C ASP XA 591 56.27 -73.58 -90.24
N SER XA 592 55.75 -72.99 -91.31
CA SER XA 592 56.54 -72.79 -92.52
C SER XA 592 57.38 -71.53 -92.47
N GLU XA 593 57.28 -70.74 -91.40
CA GLU XA 593 58.08 -69.52 -91.32
C GLU XA 593 59.57 -69.85 -91.33
N MET XA 594 59.96 -70.88 -90.61
CA MET XA 594 61.35 -71.32 -90.55
C MET XA 594 61.50 -72.58 -91.40
N HIS XA 595 62.44 -72.55 -92.34
CA HIS XA 595 62.68 -73.71 -93.19
C HIS XA 595 63.48 -74.76 -92.44
N HIS XA 596 63.38 -75.99 -92.91
CA HIS XA 596 64.14 -77.09 -92.33
C HIS XA 596 65.63 -76.87 -92.55
N VAL XA 597 66.44 -77.27 -91.56
CA VAL XA 597 67.89 -77.16 -91.64
C VAL XA 597 68.48 -78.55 -91.80
N PRO XA 598 68.93 -78.94 -93.00
CA PRO XA 598 69.44 -80.30 -93.17
C PRO XA 598 70.74 -80.49 -92.41
N PRO XA 599 71.03 -81.71 -91.97
CA PRO XA 599 72.30 -81.94 -91.28
C PRO XA 599 73.48 -81.62 -92.16
N ALA XA 600 74.54 -81.10 -91.55
CA ALA XA 600 75.74 -80.73 -92.27
C ALA XA 600 76.91 -80.73 -91.28
N LYS XA 601 78.10 -80.49 -91.81
CA LYS XA 601 79.29 -80.44 -90.96
C LYS XA 601 79.21 -79.29 -89.98
N ARG XA 602 79.77 -79.51 -88.79
CA ARG XA 602 79.73 -78.54 -87.70
C ARG XA 602 81.17 -78.20 -87.34
N VAL XA 603 81.73 -77.20 -88.02
CA VAL XA 603 83.13 -76.83 -87.84
C VAL XA 603 83.27 -75.62 -86.91
N TYR XA 604 82.38 -74.65 -87.01
CA TYR XA 604 82.50 -73.42 -86.23
C TYR XA 604 83.84 -72.74 -86.47
N MET YA 1 95.82 -77.16 -37.27
CA MET YA 1 94.71 -77.73 -36.51
C MET YA 1 93.91 -76.64 -35.82
N GLN YA 2 93.14 -75.89 -36.62
CA GLN YA 2 92.32 -74.82 -36.08
C GLN YA 2 91.14 -75.38 -35.29
N THR YA 3 90.73 -74.62 -34.28
CA THR YA 3 89.58 -74.98 -33.45
C THR YA 3 88.38 -74.15 -33.85
N PHE YA 4 87.27 -74.82 -34.14
CA PHE YA 4 86.03 -74.18 -34.55
C PHE YA 4 84.96 -74.41 -33.50
N ARG YA 5 84.36 -73.33 -33.02
CA ARG YA 5 83.24 -73.39 -32.10
C ARG YA 5 81.97 -73.04 -32.86
N VAL YA 6 80.96 -73.90 -32.78
CA VAL YA 6 79.76 -73.78 -33.59
C VAL YA 6 78.54 -73.75 -32.67
N TYR YA 7 77.66 -72.80 -32.92
CA TYR YA 7 76.40 -72.72 -32.18
C TYR YA 7 75.53 -73.92 -32.51
N ARG YA 8 74.99 -74.56 -31.47
CA ARG YA 8 74.21 -75.78 -31.64
C ARG YA 8 72.92 -75.67 -30.85
N TYR YA 9 71.82 -76.12 -31.47
CA TYR YA 9 70.52 -76.13 -30.83
C TYR YA 9 69.65 -77.17 -31.50
N ASP YA 10 69.07 -78.07 -30.71
CA ASP YA 10 68.22 -79.12 -31.23
C ASP YA 10 66.77 -78.73 -31.03
N PRO YA 11 66.00 -78.48 -32.10
CA PRO YA 11 64.61 -78.04 -31.89
C PRO YA 11 63.76 -79.05 -31.14
N LEU YA 12 64.00 -80.35 -31.33
CA LEU YA 12 63.18 -81.34 -30.65
C LEU YA 12 63.47 -81.38 -29.15
N LEU YA 13 64.74 -81.42 -28.78
CA LEU YA 13 65.09 -81.44 -27.37
C LEU YA 13 64.74 -80.11 -26.70
N GLN YA 14 64.92 -79.01 -27.43
CA GLN YA 14 64.65 -77.69 -26.89
C GLN YA 14 65.52 -77.39 -25.67
N ASP YA 15 66.73 -77.92 -25.67
CA ASP YA 15 67.67 -77.65 -24.58
C ASP YA 15 68.34 -76.31 -24.80
N LYS YA 16 69.04 -75.86 -23.76
CA LYS YA 16 69.74 -74.59 -23.84
C LYS YA 16 70.80 -74.65 -24.94
N PRO YA 17 70.80 -73.73 -25.90
CA PRO YA 17 71.85 -73.75 -26.92
C PRO YA 17 73.23 -73.61 -26.30
N HIS YA 18 74.21 -74.27 -26.91
CA HIS YA 18 75.58 -74.25 -26.42
C HIS YA 18 76.53 -74.23 -27.60
N MET YA 19 77.78 -73.87 -27.32
CA MET YA 19 78.83 -73.81 -28.33
C MET YA 19 79.67 -75.08 -28.22
N GLN YA 20 79.77 -75.81 -29.32
CA GLN YA 20 80.56 -77.04 -29.38
C GLN YA 20 81.80 -76.80 -30.23
N GLU YA 21 82.95 -77.25 -29.73
CA GLU YA 21 84.22 -76.99 -30.38
C GLU YA 21 84.67 -78.19 -31.19
N PHE YA 22 85.10 -77.95 -32.42
CA PHE YA 22 85.62 -78.97 -33.32
C PHE YA 22 87.05 -78.61 -33.71
N ASN YA 23 87.86 -79.62 -33.97
CA ASN YA 23 89.22 -79.45 -34.45
C ASN YA 23 89.32 -79.93 -35.88
N ILE YA 24 89.82 -79.08 -36.76
CA ILE YA 24 89.92 -79.37 -38.18
C ILE YA 24 91.32 -79.04 -38.64
N ASP YA 25 91.86 -79.85 -39.54
CA ASP YA 25 93.16 -79.61 -40.15
C ASP YA 25 92.94 -78.75 -41.39
N LEU YA 26 93.42 -77.50 -41.33
CA LEU YA 26 93.24 -76.59 -42.46
C LEU YA 26 93.96 -77.06 -43.70
N ALA YA 27 94.93 -77.97 -43.57
CA ALA YA 27 95.62 -78.47 -44.75
C ALA YA 27 94.67 -79.19 -45.68
N GLN YA 28 93.73 -79.95 -45.13
CA GLN YA 28 92.77 -80.72 -45.92
C GLN YA 28 91.41 -80.02 -46.01
N CYS YA 29 91.39 -78.70 -45.93
CA CYS YA 29 90.15 -77.94 -45.97
C CYS YA 29 90.32 -76.74 -46.87
N GLY YA 30 89.20 -76.26 -47.43
CA GLY YA 30 89.21 -75.10 -48.28
C GLY YA 30 89.43 -73.82 -47.50
N PRO YA 31 89.89 -72.78 -48.18
CA PRO YA 31 90.19 -71.53 -47.47
C PRO YA 31 88.99 -70.91 -46.78
N MET YA 32 87.79 -71.06 -47.34
CA MET YA 32 86.64 -70.34 -46.83
C MET YA 32 86.03 -71.06 -45.64
N ILE YA 33 85.27 -70.29 -44.85
CA ILE YA 33 84.64 -70.85 -43.65
C ILE YA 33 83.66 -71.95 -44.03
N LEU YA 34 82.86 -71.72 -45.07
CA LEU YA 34 81.87 -72.72 -45.46
C LEU YA 34 82.51 -74.07 -45.71
N ASP YA 35 83.75 -74.09 -46.23
CA ASP YA 35 84.44 -75.36 -46.43
C ASP YA 35 84.67 -76.07 -45.11
N ALA YA 36 85.05 -75.32 -44.08
CA ALA YA 36 85.27 -75.94 -42.78
C ALA YA 36 83.96 -76.53 -42.24
N LEU YA 37 82.86 -75.80 -42.38
CA LEU YA 37 81.58 -76.33 -41.90
C LEU YA 37 81.19 -77.59 -42.64
N ILE YA 38 81.40 -77.61 -43.96
CA ILE YA 38 81.08 -78.81 -44.73
C ILE YA 38 81.97 -79.96 -44.30
N LYS YA 39 83.26 -79.70 -44.09
CA LYS YA 39 84.15 -80.77 -43.67
C LYS YA 39 83.75 -81.32 -42.30
N ILE YA 40 83.37 -80.43 -41.39
CA ILE YA 40 82.91 -80.88 -40.08
C ILE YA 40 81.69 -81.78 -40.22
N LYS YA 41 80.73 -81.36 -41.05
CA LYS YA 41 79.53 -82.15 -41.24
C LYS YA 41 79.86 -83.50 -41.89
N ALA YA 42 80.76 -83.48 -42.87
CA ALA YA 42 81.05 -84.71 -43.61
C ALA YA 42 81.77 -85.72 -42.74
N THR YA 43 82.69 -85.27 -41.88
CA THR YA 43 83.58 -86.17 -41.16
C THR YA 43 83.15 -86.40 -39.71
N GLN YA 44 82.99 -85.33 -38.94
CA GLN YA 44 82.86 -85.46 -37.49
C GLN YA 44 81.41 -85.55 -37.04
N ASP YA 45 80.60 -84.55 -37.33
CA ASP YA 45 79.23 -84.48 -36.83
C ASP YA 45 78.29 -84.12 -37.98
N SER YA 46 77.65 -85.13 -38.57
CA SER YA 46 76.75 -84.90 -39.68
C SER YA 46 75.45 -84.23 -39.26
N THR YA 47 75.17 -84.14 -37.96
CA THR YA 47 73.94 -83.52 -37.51
C THR YA 47 73.92 -82.01 -37.76
N LEU YA 48 75.09 -81.39 -37.91
CA LEU YA 48 75.16 -79.95 -38.09
C LEU YA 48 74.37 -79.52 -39.33
N ALA YA 49 73.60 -78.45 -39.18
CA ALA YA 49 72.72 -77.97 -40.24
C ALA YA 49 72.99 -76.50 -40.54
N PHE YA 50 73.05 -76.17 -41.83
CA PHE YA 50 73.29 -74.81 -42.26
C PHE YA 50 72.85 -74.66 -43.71
N ARG YA 51 72.46 -73.43 -44.07
CA ARG YA 51 72.02 -73.12 -45.43
C ARG YA 51 73.21 -72.75 -46.29
N ARG YA 52 73.38 -73.43 -47.43
CA ARG YA 52 74.47 -73.15 -48.37
C ARG YA 52 74.02 -73.52 -49.77
N SER YA 53 74.40 -72.72 -50.77
CA SER YA 53 74.14 -73.14 -52.14
C SER YA 53 75.17 -72.76 -53.20
N CYS YA 54 75.62 -71.51 -53.20
CA CYS YA 54 76.28 -70.96 -54.39
C CYS YA 54 77.75 -71.32 -54.46
N ARG YA 55 78.50 -71.02 -53.40
CA ARG YA 55 79.96 -71.05 -53.33
C ARG YA 55 80.58 -69.82 -53.97
N GLU YA 56 79.83 -69.02 -54.73
CA GLU YA 56 80.38 -67.85 -55.37
C GLU YA 56 80.09 -66.56 -54.61
N GLY YA 57 79.14 -66.59 -53.70
CA GLY YA 57 78.73 -65.40 -52.98
C GLY YA 57 77.52 -64.72 -53.57
N ILE YA 58 76.97 -65.23 -54.67
CA ILE YA 58 75.90 -64.51 -55.36
C ILE YA 58 74.54 -64.78 -54.73
N CYS YA 59 74.31 -65.99 -54.23
CA CYS YA 59 72.96 -66.32 -53.78
C CYS YA 59 72.62 -65.71 -52.42
N GLY YA 60 73.57 -65.73 -51.48
CA GLY YA 60 73.36 -65.10 -50.19
C GLY YA 60 72.60 -65.94 -49.19
N SER YA 61 72.69 -67.27 -49.29
CA SER YA 61 72.00 -68.15 -48.37
C SER YA 61 72.82 -68.48 -47.12
N CYS YA 62 74.14 -68.33 -47.17
CA CYS YA 62 75.03 -68.78 -46.12
C CYS YA 62 75.43 -67.65 -45.18
N ALA YA 63 74.54 -66.70 -44.94
CA ALA YA 63 74.84 -65.60 -44.02
C ALA YA 63 74.97 -66.14 -42.59
N MET YA 64 76.04 -65.73 -41.90
CA MET YA 64 76.31 -66.21 -40.55
C MET YA 64 77.02 -65.10 -39.80
N ASN YA 65 77.24 -65.33 -38.51
CA ASN YA 65 77.95 -64.40 -37.64
C ASN YA 65 79.26 -65.07 -37.23
N ILE YA 66 80.36 -64.64 -37.83
CA ILE YA 66 81.68 -65.19 -37.57
C ILE YA 66 82.45 -64.18 -36.76
N ASN YA 67 82.89 -64.59 -35.57
CA ASN YA 67 83.68 -63.73 -34.68
C ASN YA 67 82.99 -62.41 -34.40
N GLY YA 68 81.66 -62.43 -34.32
CA GLY YA 68 80.89 -61.27 -33.92
C GLY YA 68 80.46 -60.36 -35.05
N LYS YA 69 80.94 -60.57 -36.27
CA LYS YA 69 80.57 -59.74 -37.41
C LYS YA 69 79.88 -60.59 -38.46
N ASN YA 70 78.73 -60.12 -38.93
CA ASN YA 70 77.97 -60.87 -39.93
C ASN YA 70 78.75 -60.97 -41.24
N GLY YA 71 78.51 -62.05 -41.97
CA GLY YA 71 79.14 -62.24 -43.25
C GLY YA 71 78.63 -63.51 -43.89
N LEU YA 72 78.99 -63.68 -45.15
CA LEU YA 72 78.69 -64.91 -45.88
C LEU YA 72 79.88 -65.86 -45.71
N ALA YA 73 79.58 -67.09 -45.30
CA ALA YA 73 80.64 -68.05 -45.03
C ALA YA 73 81.44 -68.36 -46.28
N CYS YA 74 80.81 -68.30 -47.45
CA CYS YA 74 81.49 -68.74 -48.66
C CYS YA 74 82.53 -67.73 -49.13
N LEU YA 75 82.34 -66.46 -48.84
CA LEU YA 75 83.33 -65.44 -49.16
C LEU YA 75 84.27 -65.14 -47.99
N GLN YA 76 83.84 -65.44 -46.77
CA GLN YA 76 84.68 -65.22 -45.60
C GLN YA 76 85.88 -66.15 -45.63
N TYR YA 77 87.05 -65.64 -45.26
CA TYR YA 77 88.28 -66.41 -45.25
C TYR YA 77 88.54 -66.93 -43.84
N ILE YA 78 89.09 -68.15 -43.77
CA ILE YA 78 89.50 -68.71 -42.50
C ILE YA 78 90.80 -68.04 -42.05
N GLU YA 79 90.81 -67.53 -40.83
CA GLU YA 79 91.98 -66.87 -40.27
C GLU YA 79 92.57 -67.74 -39.15
N PRO YA 80 93.62 -68.52 -39.41
CA PRO YA 80 94.13 -69.39 -38.35
C PRO YA 80 94.69 -68.60 -37.19
N GLY YA 81 94.58 -69.21 -36.01
CA GLY YA 81 95.11 -68.58 -34.81
C GLY YA 81 94.79 -69.43 -33.61
N ALA YA 82 95.42 -69.06 -32.49
CA ALA YA 82 95.17 -69.77 -31.24
C ALA YA 82 93.72 -69.63 -30.81
N ALA YA 83 93.15 -68.44 -30.96
CA ALA YA 83 91.78 -68.21 -30.53
C ALA YA 83 90.82 -69.02 -31.38
N PRO YA 84 89.94 -69.82 -30.79
CA PRO YA 84 88.98 -70.56 -31.60
C PRO YA 84 88.08 -69.64 -32.41
N ILE YA 85 87.69 -70.10 -33.59
CA ILE YA 85 86.77 -69.35 -34.43
C ILE YA 85 85.34 -69.67 -34.00
N ASP YA 86 84.58 -68.64 -33.68
CA ASP YA 86 83.21 -68.80 -33.20
C ASP YA 86 82.24 -68.52 -34.32
N ILE YA 87 81.35 -69.48 -34.58
CA ILE YA 87 80.36 -69.37 -35.65
C ILE YA 87 78.98 -69.45 -35.02
N GLN YA 88 78.14 -68.46 -35.31
CA GLN YA 88 76.80 -68.38 -34.75
C GLN YA 88 75.84 -67.94 -35.84
N PRO YA 89 74.56 -68.20 -35.66
CA PRO YA 89 73.58 -67.70 -36.64
C PRO YA 89 73.44 -66.19 -36.59
N LEU YA 90 72.60 -65.63 -37.44
CA LEU YA 90 72.48 -64.18 -37.50
C LEU YA 90 71.95 -63.65 -36.17
N PRO YA 91 72.43 -62.48 -35.71
CA PRO YA 91 72.04 -62.01 -34.38
C PRO YA 91 70.54 -61.76 -34.26
N HIS YA 92 70.03 -62.01 -33.05
CA HIS YA 92 68.65 -61.70 -32.69
C HIS YA 92 67.64 -62.27 -33.69
N THR YA 93 67.90 -63.50 -34.14
CA THR YA 93 66.98 -64.23 -34.99
C THR YA 93 66.57 -65.50 -34.27
N TYR YA 94 65.37 -65.99 -34.59
CA TYR YA 94 64.93 -67.26 -34.04
C TYR YA 94 65.58 -68.40 -34.81
N VAL YA 95 66.39 -69.20 -34.12
CA VAL YA 95 67.14 -70.27 -34.76
C VAL YA 95 66.22 -71.46 -34.95
N LEU YA 96 66.06 -71.90 -36.20
CA LEU YA 96 65.27 -73.10 -36.46
C LEU YA 96 66.04 -74.35 -36.07
N LYS YA 97 67.32 -74.41 -36.39
CA LYS YA 97 68.19 -75.51 -35.98
C LYS YA 97 69.63 -75.09 -36.23
N ASP YA 98 70.50 -75.38 -35.26
CA ASP YA 98 71.92 -75.09 -35.37
C ASP YA 98 72.15 -73.69 -35.91
N LEU YA 99 72.65 -73.54 -37.14
CA LEU YA 99 72.96 -72.23 -37.68
C LEU YA 99 71.89 -71.70 -38.64
N VAL YA 100 70.81 -72.43 -38.84
CA VAL YA 100 69.78 -72.03 -39.80
C VAL YA 100 68.84 -71.02 -39.14
N PRO YA 101 68.79 -69.77 -39.59
CA PRO YA 101 67.93 -68.77 -38.95
C PRO YA 101 66.50 -68.82 -39.49
N ASP YA 102 65.63 -68.02 -38.86
CA ASP YA 102 64.24 -67.89 -39.28
C ASP YA 102 64.06 -66.47 -39.82
N LEU YA 103 64.10 -66.33 -41.15
CA LEU YA 103 64.08 -65.04 -41.80
C LEU YA 103 62.73 -64.73 -42.45
N SER YA 104 61.66 -65.34 -41.94
CA SER YA 104 60.36 -65.15 -42.55
C SER YA 104 59.92 -63.69 -42.47
N ASN YA 105 60.19 -63.03 -41.35
CA ASN YA 105 59.82 -61.63 -41.22
C ASN YA 105 60.51 -60.77 -42.27
N PHE YA 106 61.77 -61.08 -42.55
CA PHE YA 106 62.49 -60.34 -43.57
C PHE YA 106 61.83 -60.48 -44.93
N TYR YA 107 61.42 -61.70 -45.29
CA TYR YA 107 60.73 -61.91 -46.56
C TYR YA 107 59.41 -61.15 -46.58
N ASN YA 108 58.66 -61.19 -45.48
CA ASN YA 108 57.39 -60.49 -45.42
C ASN YA 108 57.57 -58.99 -45.60
N GLN YA 109 58.58 -58.41 -44.96
CA GLN YA 109 58.83 -56.98 -45.11
C GLN YA 109 59.18 -56.66 -46.56
N TYR YA 110 59.98 -57.49 -47.20
CA TYR YA 110 60.37 -57.24 -48.58
C TYR YA 110 59.15 -57.22 -49.50
N LYS YA 111 58.24 -58.17 -49.31
CA LYS YA 111 57.04 -58.21 -50.12
C LYS YA 111 56.16 -57.00 -49.89
N SER YA 112 56.31 -56.32 -48.75
CA SER YA 112 55.43 -55.19 -48.43
C SER YA 112 55.62 -54.05 -49.43
N ILE YA 113 56.86 -53.76 -49.79
CA ILE YA 113 57.14 -52.62 -50.66
C ILE YA 113 56.73 -52.84 -52.10
N GLU YA 114 56.29 -54.05 -52.45
CA GLU YA 114 55.84 -54.34 -53.80
C GLU YA 114 56.95 -54.04 -54.79
N PRO YA 115 58.01 -54.84 -54.82
CA PRO YA 115 59.16 -54.58 -55.70
C PRO YA 115 58.94 -55.05 -57.13
N PHE YA 116 57.97 -54.44 -57.81
CA PHE YA 116 57.73 -54.71 -59.21
C PHE YA 116 57.34 -53.40 -59.90
N LEU YA 117 57.80 -53.23 -61.12
CA LEU YA 117 57.58 -51.98 -61.84
C LEU YA 117 56.10 -51.70 -61.99
N LYS YA 118 55.70 -50.46 -61.70
CA LYS YA 118 54.32 -50.02 -61.82
C LYS YA 118 54.26 -48.87 -62.83
N ARG YA 119 53.32 -48.96 -63.76
CA ARG YA 119 53.12 -47.91 -64.75
C ARG YA 119 51.63 -47.61 -64.88
N ARG YA 120 51.34 -46.35 -65.16
CA ARG YA 120 49.94 -45.93 -65.24
C ARG YA 120 49.27 -46.46 -66.50
N ARG YA 121 50.01 -46.56 -67.59
CA ARG YA 121 49.48 -47.03 -68.87
C ARG YA 121 50.09 -48.37 -69.22
N ALA YA 122 49.25 -49.33 -69.58
CA ALA YA 122 49.73 -50.64 -70.00
C ALA YA 122 50.49 -50.52 -71.32
N LYS YA 123 51.42 -51.45 -71.53
CA LYS YA 123 52.23 -51.46 -72.74
C LYS YA 123 51.35 -51.45 -73.99
N GLN YA 124 51.43 -50.38 -74.76
CA GLN YA 124 50.64 -50.29 -75.97
C GLN YA 124 51.12 -51.33 -76.99
N PRO YA 125 50.23 -51.81 -77.86
CA PRO YA 125 50.65 -52.77 -78.88
C PRO YA 125 51.73 -52.18 -79.79
N GLY YA 126 52.70 -53.01 -80.15
CA GLY YA 126 53.77 -52.57 -81.01
C GLY YA 126 54.83 -51.73 -80.33
N GLU YA 127 54.76 -51.58 -79.02
CA GLU YA 127 55.73 -50.78 -78.27
C GLU YA 127 56.82 -51.69 -77.73
N LYS YA 128 58.07 -51.27 -77.92
CA LYS YA 128 59.22 -52.04 -77.48
C LYS YA 128 59.63 -51.57 -76.08
N GLU YA 129 60.83 -51.97 -75.64
CA GLU YA 129 61.29 -51.68 -74.29
C GLU YA 129 61.15 -50.19 -73.97
N TYR YA 130 60.83 -49.91 -72.70
CA TYR YA 130 60.73 -48.53 -72.27
C TYR YA 130 62.05 -47.82 -72.39
N TYR YA 131 62.00 -46.55 -72.78
CA TYR YA 131 63.22 -45.78 -72.93
C TYR YA 131 63.85 -45.52 -71.58
N GLN YA 132 65.16 -45.70 -71.50
CA GLN YA 132 65.91 -45.37 -70.29
C GLN YA 132 67.35 -45.09 -70.71
N SER YA 133 67.82 -43.88 -70.45
CA SER YA 133 69.15 -43.50 -70.85
C SER YA 133 70.20 -44.16 -69.96
N ILE YA 134 71.45 -44.12 -70.42
CA ILE YA 134 72.54 -44.68 -69.63
C ILE YA 134 72.67 -43.95 -68.31
N GLU YA 135 72.53 -42.63 -68.33
CA GLU YA 135 72.68 -41.86 -67.09
C GLU YA 135 71.67 -42.29 -66.05
N ASP YA 136 70.41 -42.45 -66.46
CA ASP YA 136 69.39 -42.91 -65.53
C ASP YA 136 69.67 -44.33 -65.06
N ARG YA 137 70.08 -45.20 -65.99
CA ARG YA 137 70.39 -46.57 -65.61
C ARG YA 137 71.55 -46.63 -64.62
N GLU YA 138 72.47 -45.66 -64.70
CA GLU YA 138 73.61 -45.66 -63.81
C GLU YA 138 73.22 -45.42 -62.36
N LYS YA 139 72.06 -44.79 -62.12
CA LYS YA 139 71.67 -44.51 -60.74
C LYS YA 139 71.38 -45.78 -59.96
N LEU YA 140 71.00 -46.86 -60.64
CA LEU YA 140 70.64 -48.09 -59.98
C LEU YA 140 71.84 -48.98 -59.67
N ASP YA 141 73.05 -48.57 -60.06
CA ASP YA 141 74.18 -49.49 -60.00
C ASP YA 141 74.42 -50.01 -58.59
N GLY YA 142 74.38 -49.13 -57.61
CA GLY YA 142 74.69 -49.55 -56.26
C GLY YA 142 73.57 -50.19 -55.49
N MET YA 143 72.39 -50.35 -56.09
CA MET YA 143 71.22 -50.82 -55.37
C MET YA 143 70.61 -52.10 -55.92
N TYR YA 144 70.79 -52.39 -57.21
CA TYR YA 144 70.18 -53.58 -57.79
C TYR YA 144 71.01 -54.83 -57.57
N GLU YA 145 72.16 -54.72 -56.91
CA GLU YA 145 73.07 -55.84 -56.72
C GLU YA 145 72.83 -56.59 -55.41
N CYS YA 146 71.84 -56.17 -54.62
CA CYS YA 146 71.61 -56.79 -53.32
C CYS YA 146 71.18 -58.23 -53.46
N ASN YA 147 71.83 -59.11 -52.70
CA ASN YA 147 71.51 -60.53 -52.72
C ASN YA 147 70.53 -60.94 -51.63
N LEU YA 148 70.04 -59.98 -50.84
CA LEU YA 148 69.05 -60.26 -49.80
C LEU YA 148 69.58 -61.26 -48.78
N CYS YA 149 70.89 -61.22 -48.50
CA CYS YA 149 71.46 -62.14 -47.53
C CYS YA 149 70.97 -61.84 -46.11
N ALA YA 150 70.62 -60.59 -45.83
CA ALA YA 150 70.13 -60.14 -44.53
C ALA YA 150 71.26 -59.92 -43.53
N CYS YA 151 72.51 -59.88 -43.97
CA CYS YA 151 73.58 -59.51 -43.05
C CYS YA 151 73.35 -58.12 -42.49
N CYS YA 152 73.02 -57.16 -43.35
CA CYS YA 152 72.77 -55.81 -42.90
C CYS YA 152 71.53 -55.74 -42.02
N MET YA 153 70.50 -56.54 -42.34
CA MET YA 153 69.27 -56.50 -41.57
C MET YA 153 69.53 -56.81 -40.09
N THR YA 154 70.33 -57.82 -39.83
CA THR YA 154 70.58 -58.29 -38.47
C THR YA 154 71.73 -57.58 -37.79
N SER YA 155 72.41 -56.67 -38.47
CA SER YA 155 73.46 -55.87 -37.86
C SER YA 155 72.99 -54.49 -37.46
N CYS YA 156 71.73 -54.15 -37.71
CA CYS YA 156 71.22 -52.83 -37.40
C CYS YA 156 70.60 -52.85 -36.01
N PRO YA 157 71.13 -52.10 -35.04
CA PRO YA 157 70.53 -52.13 -33.71
C PRO YA 157 69.06 -51.76 -33.72
N SER YA 158 68.65 -50.83 -34.57
CA SER YA 158 67.23 -50.48 -34.64
C SER YA 158 66.39 -51.67 -35.03
N TYR YA 159 66.93 -52.59 -35.83
CA TYR YA 159 66.19 -53.79 -36.19
C TYR YA 159 66.15 -54.78 -35.04
N TRP YA 160 67.16 -54.76 -34.16
CA TRP YA 160 67.14 -55.61 -32.98
C TRP YA 160 65.97 -55.24 -32.08
N TRP YA 161 65.70 -53.94 -31.93
CA TRP YA 161 64.69 -53.51 -30.97
C TRP YA 161 63.29 -53.60 -31.54
N ASN YA 162 63.10 -53.24 -32.81
CA ASN YA 162 61.77 -53.19 -33.42
C ASN YA 162 61.78 -53.96 -34.73
N PRO YA 163 62.01 -55.27 -34.68
CA PRO YA 163 62.04 -56.06 -35.92
C PRO YA 163 60.75 -56.05 -36.69
N GLU YA 164 59.60 -55.95 -36.01
CA GLU YA 164 58.31 -56.06 -36.68
C GLU YA 164 57.72 -54.72 -37.08
N TYR YA 165 58.39 -53.61 -36.79
CA TYR YA 165 57.94 -52.30 -37.21
C TYR YA 165 58.93 -51.59 -38.12
N TYR YA 166 60.21 -51.91 -38.06
CA TYR YA 166 61.24 -51.25 -38.84
C TYR YA 166 61.60 -52.12 -40.03
N LEU YA 167 61.55 -51.54 -41.23
CA LEU YA 167 61.77 -52.32 -42.44
C LEU YA 167 63.20 -52.81 -42.55
N GLY YA 168 64.16 -52.09 -41.98
CA GLY YA 168 65.53 -52.52 -41.97
C GLY YA 168 66.33 -52.03 -43.15
N PRO YA 169 67.65 -52.10 -43.05
CA PRO YA 169 68.49 -51.55 -44.13
C PRO YA 169 68.27 -52.19 -45.48
N ALA YA 170 68.02 -53.50 -45.55
CA ALA YA 170 67.90 -54.15 -46.84
C ALA YA 170 66.61 -53.77 -47.54
N VAL YA 171 65.50 -53.77 -46.83
CA VAL YA 171 64.22 -53.47 -47.45
C VAL YA 171 64.12 -52.01 -47.82
N LEU YA 172 64.71 -51.12 -47.01
CA LEU YA 172 64.71 -49.70 -47.35
C LEU YA 172 65.59 -49.43 -48.57
N LEU YA 173 66.70 -50.15 -48.69
CA LEU YA 173 67.55 -49.96 -49.87
C LEU YA 173 66.79 -50.34 -51.13
N GLN YA 174 66.04 -51.44 -51.09
CA GLN YA 174 65.27 -51.85 -52.26
C GLN YA 174 64.14 -50.89 -52.56
N ALA YA 175 63.52 -50.31 -51.51
CA ALA YA 175 62.45 -49.36 -51.74
C ALA YA 175 62.95 -48.15 -52.51
N TYR YA 176 64.15 -47.67 -52.18
CA TYR YA 176 64.69 -46.52 -52.89
C TYR YA 176 65.13 -46.91 -54.30
N ARG YA 177 65.46 -48.18 -54.52
CA ARG YA 177 65.83 -48.62 -55.85
C ARG YA 177 64.68 -48.43 -56.83
N TRP YA 178 63.46 -48.75 -56.40
CA TRP YA 178 62.31 -48.54 -57.26
C TRP YA 178 61.91 -47.08 -57.33
N ILE YA 179 62.11 -46.32 -56.25
CA ILE YA 179 61.84 -44.89 -56.29
C ILE YA 179 62.78 -44.22 -57.28
N ALA YA 180 64.07 -44.58 -57.23
CA ALA YA 180 65.05 -43.95 -58.12
C ALA YA 180 64.84 -44.34 -59.57
N ASP YA 181 64.28 -45.51 -59.83
CA ASP YA 181 64.16 -46.00 -61.20
C ASP YA 181 63.31 -45.06 -62.04
N SER YA 182 63.82 -44.69 -63.22
CA SER YA 182 63.11 -43.71 -64.04
C SER YA 182 61.86 -44.31 -64.67
N ARG YA 183 61.86 -45.60 -64.98
CA ARG YA 183 60.72 -46.20 -65.65
C ARG YA 183 59.50 -46.21 -64.75
N ASP YA 184 59.69 -46.40 -63.45
CA ASP YA 184 58.56 -46.45 -62.53
C ASP YA 184 57.87 -45.09 -62.45
N GLU YA 185 56.54 -45.12 -62.46
CA GLU YA 185 55.72 -43.92 -62.48
C GLU YA 185 54.94 -43.71 -61.18
N PHE YA 186 55.20 -44.52 -60.16
CA PHE YA 186 54.51 -44.42 -58.88
C PHE YA 186 55.45 -43.91 -57.79
N THR YA 187 56.30 -42.95 -58.14
CA THR YA 187 57.28 -42.46 -57.18
C THR YA 187 56.61 -41.84 -55.96
N THR YA 188 55.58 -41.03 -56.17
CA THR YA 188 54.95 -40.36 -55.05
C THR YA 188 54.25 -41.35 -54.14
N GLU YA 189 53.59 -42.37 -54.72
CA GLU YA 189 52.92 -43.37 -53.91
C GLU YA 189 53.92 -44.11 -53.02
N ARG YA 190 55.06 -44.48 -53.59
CA ARG YA 190 56.05 -45.21 -52.81
C ARG YA 190 56.63 -44.35 -51.70
N MET YA 191 56.93 -43.08 -52.00
CA MET YA 191 57.47 -42.20 -50.97
C MET YA 191 56.46 -41.96 -49.87
N ALA YA 192 55.18 -41.82 -50.22
CA ALA YA 192 54.17 -41.59 -49.20
C ALA YA 192 54.07 -42.76 -48.24
N TRP YA 193 54.08 -43.99 -48.77
CA TRP YA 193 53.96 -45.16 -47.92
C TRP YA 193 55.18 -45.30 -47.01
N ILE YA 194 56.37 -45.09 -47.56
CA ILE YA 194 57.58 -45.29 -46.77
C ILE YA 194 57.78 -44.17 -45.74
N ASN YA 195 57.07 -43.06 -45.88
CA ASN YA 195 57.22 -41.91 -44.99
C ASN YA 195 56.46 -42.17 -43.69
N ASP YA 196 57.02 -43.08 -42.89
CA ASP YA 196 56.44 -43.44 -41.60
C ASP YA 196 57.54 -43.45 -40.56
N SER YA 197 57.19 -43.04 -39.33
CA SER YA 197 58.19 -42.93 -38.28
C SER YA 197 58.86 -44.28 -37.99
N MET YA 198 58.06 -45.34 -37.91
CA MET YA 198 58.63 -46.65 -37.64
C MET YA 198 59.32 -47.23 -38.86
N ARG YA 199 58.68 -47.15 -40.03
CA ARG YA 199 59.21 -47.85 -41.19
C ARG YA 199 60.59 -47.35 -41.59
N LEU YA 200 60.79 -46.04 -41.58
CA LEU YA 200 61.99 -45.44 -42.15
C LEU YA 200 62.85 -44.71 -41.13
N TYR YA 201 62.27 -43.97 -40.21
CA TYR YA 201 63.02 -43.05 -39.39
C TYR YA 201 63.59 -43.68 -38.13
N ARG YA 202 63.43 -44.99 -37.95
CA ARG YA 202 64.17 -45.67 -36.91
C ARG YA 202 65.65 -45.80 -37.25
N CYS YA 203 66.05 -45.51 -38.48
CA CYS YA 203 67.47 -45.53 -38.81
C CYS YA 203 68.16 -44.36 -38.14
N HIS YA 204 69.15 -44.67 -37.31
CA HIS YA 204 69.86 -43.66 -36.53
C HIS YA 204 71.28 -43.43 -37.05
N GLY YA 205 71.57 -43.86 -38.27
CA GLY YA 205 72.88 -43.62 -38.84
C GLY YA 205 74.00 -44.35 -38.15
N ILE YA 206 73.74 -45.55 -37.65
CA ILE YA 206 74.77 -46.29 -36.93
C ILE YA 206 75.83 -46.82 -37.89
N MET YA 207 75.44 -47.19 -39.10
CA MET YA 207 76.34 -47.61 -40.17
C MET YA 207 76.88 -49.02 -39.97
N ASN YA 208 76.31 -49.81 -39.06
CA ASN YA 208 76.68 -51.22 -39.01
C ASN YA 208 76.22 -51.95 -40.25
N CYS YA 209 75.33 -51.34 -41.04
CA CYS YA 209 74.81 -51.99 -42.24
C CYS YA 209 75.83 -51.97 -43.37
N THR YA 210 76.40 -50.80 -43.66
CA THR YA 210 77.38 -50.70 -44.74
C THR YA 210 78.65 -51.48 -44.43
N SER YA 211 79.03 -51.57 -43.15
CA SER YA 211 80.29 -52.20 -42.81
C SER YA 211 80.29 -53.69 -43.15
N CYS YA 212 79.18 -54.37 -42.90
CA CYS YA 212 79.12 -55.82 -43.02
C CYS YA 212 78.55 -56.31 -44.34
N CYS YA 213 78.25 -55.42 -45.28
CA CYS YA 213 77.63 -55.87 -46.51
C CYS YA 213 78.61 -56.71 -47.31
N PRO YA 214 78.31 -57.98 -47.60
CA PRO YA 214 79.27 -58.80 -48.35
C PRO YA 214 79.56 -58.28 -49.73
N LYS YA 215 78.57 -57.67 -50.38
CA LYS YA 215 78.72 -57.20 -51.75
C LYS YA 215 79.18 -55.76 -51.83
N GLY YA 216 79.49 -55.15 -50.68
CA GLY YA 216 80.04 -53.81 -50.69
C GLY YA 216 79.06 -52.73 -51.05
N LEU YA 217 77.76 -52.98 -50.92
CA LEU YA 217 76.76 -51.95 -51.16
C LEU YA 217 76.72 -50.99 -49.97
N ASP YA 218 76.00 -49.88 -50.14
CA ASP YA 218 75.96 -48.82 -49.15
C ASP YA 218 74.50 -48.52 -48.80
N PRO YA 219 73.87 -49.40 -48.02
CA PRO YA 219 72.48 -49.13 -47.60
C PRO YA 219 72.33 -47.83 -46.83
N ALA YA 220 73.32 -47.45 -46.02
CA ALA YA 220 73.20 -46.21 -45.26
C ALA YA 220 73.13 -45.01 -46.19
N LYS YA 221 73.95 -45.00 -47.24
CA LYS YA 221 73.91 -43.90 -48.20
C LYS YA 221 72.54 -43.81 -48.86
N ALA YA 222 71.98 -44.96 -49.27
CA ALA YA 222 70.70 -44.95 -49.95
C ALA YA 222 69.58 -44.53 -49.00
N ILE YA 223 69.65 -44.97 -47.75
CA ILE YA 223 68.63 -44.59 -46.78
C ILE YA 223 68.67 -43.09 -46.54
N ALA YA 224 69.86 -42.50 -46.49
CA ALA YA 224 69.97 -41.07 -46.28
C ALA YA 224 69.38 -40.29 -47.44
N LYS YA 225 69.63 -40.74 -48.68
CA LYS YA 225 69.08 -40.06 -49.83
C LYS YA 225 67.56 -40.11 -49.82
N MET YA 226 66.98 -41.26 -49.46
CA MET YA 226 65.54 -41.39 -49.47
C MET YA 226 64.90 -40.44 -48.48
N LYS YA 227 65.50 -40.27 -47.30
CA LYS YA 227 64.98 -39.32 -46.32
C LYS YA 227 64.99 -37.90 -46.88
N ALA YA 228 66.09 -37.51 -47.51
CA ALA YA 228 66.19 -36.15 -48.06
C ALA YA 228 65.14 -35.93 -49.15
N ALA YA 229 64.96 -36.91 -50.02
CA ALA YA 229 63.97 -36.77 -51.08
C ALA YA 229 62.57 -36.63 -50.51
N ILE YA 230 62.24 -37.45 -49.50
CA ILE YA 230 60.91 -37.40 -48.91
C ILE YA 230 60.65 -36.05 -48.26
N ALA YA 231 61.65 -35.54 -47.53
CA ALA YA 231 61.46 -34.28 -46.82
C ALA YA 231 61.19 -33.14 -47.79
N ALA YA 232 61.89 -33.11 -48.92
CA ALA YA 232 61.73 -32.02 -49.86
C ALA YA 232 60.43 -32.12 -50.64
N ALA YA 233 59.95 -33.34 -50.89
CA ALA YA 233 58.81 -33.55 -51.77
C ALA YA 233 57.49 -33.74 -51.04
N TYR YA 234 57.47 -33.64 -49.72
CA TYR YA 234 56.24 -33.90 -48.99
C TYR YA 234 55.17 -32.88 -49.31
N GLU YA 235 53.94 -33.36 -49.45
CA GLU YA 235 52.77 -32.52 -49.69
C GLU YA 235 51.66 -32.91 -48.73
N PRO YA 236 50.75 -31.99 -48.42
CA PRO YA 236 49.66 -32.34 -47.50
C PRO YA 236 48.79 -33.49 -47.99
N GLY YA 237 48.72 -33.70 -49.29
CA GLY YA 237 47.84 -34.69 -49.86
C GLY YA 237 48.39 -36.09 -49.95
N TRP YA 238 49.58 -36.34 -49.38
CA TRP YA 238 50.17 -37.67 -49.48
C TRP YA 238 49.32 -38.71 -48.76
N THR YA 239 48.74 -38.37 -47.62
CA THR YA 239 47.94 -39.34 -46.89
C THR YA 239 46.77 -39.84 -47.73
N LYS YA 240 46.12 -38.93 -48.46
CA LYS YA 240 45.04 -39.36 -49.34
C LYS YA 240 45.57 -40.29 -50.43
N ILE YA 241 46.77 -40.02 -50.93
CA ILE YA 241 47.34 -40.87 -51.97
C ILE YA 241 47.51 -42.29 -51.48
N VAL YA 242 48.00 -42.45 -50.24
CA VAL YA 242 48.16 -43.78 -49.68
C VAL YA 242 46.80 -44.48 -49.58
N ALA YA 243 45.78 -43.75 -49.13
CA ALA YA 243 44.47 -44.35 -49.00
C ALA YA 243 43.93 -44.84 -50.33
N GLN YA 244 44.08 -44.04 -51.38
CA GLN YA 244 43.55 -44.41 -52.68
C GLN YA 244 44.23 -45.67 -53.20
N GLU YA 245 45.55 -45.77 -53.01
CA GLU YA 245 46.25 -46.99 -53.42
C GLU YA 245 45.78 -48.19 -52.61
N SER YA 246 45.49 -47.98 -51.33
CA SER YA 246 44.98 -49.08 -50.51
C SER YA 246 43.65 -49.60 -51.06
N ILE YA 247 42.78 -48.70 -51.50
CA ILE YA 247 41.52 -49.11 -52.11
C ILE YA 247 41.77 -49.92 -53.36
N ALA YA 248 42.82 -49.58 -54.11
CA ALA YA 248 43.12 -50.33 -55.32
C ALA YA 248 43.58 -51.75 -55.03
N ASN YA 249 44.07 -52.01 -53.81
CA ASN YA 249 44.54 -53.32 -53.42
C ASN YA 249 43.47 -54.12 -52.68
N LYS YA 250 42.21 -53.69 -52.78
CA LYS YA 250 41.15 -54.30 -51.99
C LYS YA 250 40.94 -55.77 -52.33
N LYS YA 251 41.13 -56.16 -53.58
CA LYS YA 251 40.83 -57.51 -54.03
C LYS YA 251 42.04 -58.44 -54.04
N ARG YA 252 43.17 -57.99 -53.50
CA ARG YA 252 44.37 -58.81 -53.44
C ARG YA 252 44.20 -59.93 -52.42
N GLU YA 253 45.02 -60.98 -52.56
CA GLU YA 253 45.00 -62.09 -51.62
C GLU YA 253 45.66 -61.68 -50.31
N SER YA 254 45.65 -62.59 -49.34
CA SER YA 254 46.30 -62.34 -48.07
C SER YA 254 47.81 -62.26 -48.24
N GLY YA 255 48.46 -61.58 -47.30
CA GLY YA 255 49.88 -61.32 -47.35
C GLY YA 255 50.19 -59.84 -47.23
N MET YA 256 51.47 -59.56 -47.00
CA MET YA 256 51.91 -58.18 -46.87
C MET YA 256 51.79 -57.46 -48.22
N MET YA 257 51.48 -56.16 -48.16
CA MET YA 257 51.25 -55.40 -49.39
C MET YA 257 51.24 -53.92 -49.05
N TYR YA 258 50.98 -53.10 -50.07
CA TYR YA 258 50.77 -51.67 -49.89
C TYR YA 258 49.39 -51.45 -49.29
N ALA YA 259 49.34 -50.77 -48.15
CA ALA YA 259 48.07 -50.51 -47.48
C ALA YA 259 48.21 -49.34 -46.50
N LYS ZA 1 -26.04 -59.58 36.47
CA LYS ZA 1 -24.78 -58.88 36.24
C LYS ZA 1 -24.65 -58.48 34.77
N ALA ZA 2 -24.70 -57.17 34.52
CA ALA ZA 2 -24.60 -56.60 33.18
C ALA ZA 2 -25.73 -57.09 32.26
N SER ZA 3 -26.87 -57.45 32.84
CA SER ZA 3 -28.01 -57.86 32.04
C SER ZA 3 -28.71 -56.69 31.38
N THR ZA 4 -28.77 -55.54 32.06
CA THR ZA 4 -29.43 -54.36 31.55
C THR ZA 4 -28.49 -53.17 31.63
N LEU ZA 5 -28.82 -52.09 30.91
CA LEU ZA 5 -27.94 -50.93 30.93
C LEU ZA 5 -27.74 -50.39 32.33
N ALA ZA 6 -28.77 -50.50 33.18
CA ALA ZA 6 -28.63 -50.07 34.57
C ALA ZA 6 -27.66 -50.94 35.32
N THR ZA 7 -27.67 -52.25 35.06
CA THR ZA 7 -26.75 -53.16 35.74
C THR ZA 7 -25.32 -53.04 35.21
N GLY ZA 8 -25.14 -52.43 34.04
CA GLY ZA 8 -23.80 -52.20 33.53
C GLY ZA 8 -23.55 -52.86 32.19
N LYS ZA 9 -24.61 -53.27 31.51
CA LYS ZA 9 -24.44 -53.86 30.19
C LYS ZA 9 -23.76 -52.87 29.25
N GLY ZA 10 -22.75 -53.33 28.55
CA GLY ZA 10 -22.05 -52.49 27.60
C GLY ZA 10 -21.01 -51.57 28.19
N ILE ZA 11 -20.72 -51.67 29.48
CA ILE ZA 11 -19.71 -50.85 30.13
C ILE ZA 11 -18.45 -51.69 30.26
N PRO ZA 12 -17.36 -51.35 29.55
CA PRO ZA 12 -16.15 -52.17 29.66
C PRO ZA 12 -15.69 -52.27 31.11
N GLY ZA 13 -15.26 -53.46 31.48
CA GLY ZA 13 -14.89 -53.73 32.86
C GLY ZA 13 -16.03 -54.31 33.66
N ILE ZA 14 -17.11 -53.54 33.81
CA ILE ZA 14 -18.28 -54.03 34.54
C ILE ZA 14 -18.93 -55.17 33.78
N ASP ZA 15 -19.11 -55.01 32.48
CA ASP ZA 15 -19.71 -56.06 31.67
C ASP ZA 15 -18.69 -57.18 31.45
N PRO ZA 16 -19.04 -58.44 31.72
CA PRO ZA 16 -18.07 -59.52 31.49
C PRO ZA 16 -17.61 -59.63 30.05
N LYS ZA 17 -18.51 -59.40 29.09
CA LYS ZA 17 -18.16 -59.65 27.70
C LYS ZA 17 -17.13 -58.66 27.18
N LEU ZA 18 -17.11 -57.43 27.70
CA LEU ZA 18 -16.24 -56.39 27.19
C LEU ZA 18 -14.99 -56.27 28.07
N PRO ZA 19 -13.79 -56.37 27.53
CA PRO ZA 19 -12.59 -56.24 28.36
C PRO ZA 19 -12.29 -54.79 28.70
N THR ZA 20 -11.48 -54.61 29.74
CA THR ZA 20 -11.07 -53.26 30.11
C THR ZA 20 -10.20 -52.62 29.04
N HIS ZA 21 -9.33 -53.40 28.42
CA HIS ZA 21 -8.45 -52.91 27.38
C HIS ZA 21 -8.51 -53.86 26.19
N THR ZA 22 -8.15 -53.34 25.02
CA THR ZA 22 -8.18 -54.10 23.77
C THR ZA 22 -6.81 -54.03 23.12
N PRO ZA 23 -5.80 -54.63 23.73
CA PRO ZA 23 -4.48 -54.69 23.11
C PRO ZA 23 -4.48 -55.69 21.95
N PRO ZA 24 -3.76 -55.40 20.87
CA PRO ZA 24 -3.69 -56.36 19.77
C PRO ZA 24 -3.05 -57.66 20.23
N ALA ZA 25 -3.56 -58.77 19.70
CA ALA ZA 25 -3.00 -60.07 20.02
C ALA ZA 25 -1.74 -60.35 19.19
N SER ZA 26 -0.87 -61.18 19.74
CA SER ZA 26 0.37 -61.52 19.05
C SER ZA 26 0.11 -62.51 17.93
N TYR ZA 27 0.98 -62.49 16.93
CA TYR ZA 27 0.90 -63.35 15.77
C TYR ZA 27 2.27 -63.96 15.51
N ASP ZA 28 2.28 -65.16 14.92
CA ASP ZA 28 3.52 -65.86 14.63
C ASP ZA 28 3.91 -65.84 13.16
N VAL ZA 29 3.03 -65.36 12.27
CA VAL ZA 29 3.34 -65.22 10.86
C VAL ZA 29 2.85 -63.86 10.40
N LEU ZA 30 3.60 -63.26 9.47
CA LEU ZA 30 3.15 -62.00 8.91
C LEU ZA 30 1.96 -62.24 7.98
N SER ZA 31 1.23 -61.17 7.69
CA SER ZA 31 0.07 -61.31 6.80
C SER ZA 31 0.49 -61.73 5.40
N SER ZA 32 1.70 -61.37 5.00
CA SER ZA 32 2.22 -61.85 3.71
C SER ZA 32 2.30 -63.37 3.68
N GLY ZA 33 2.58 -63.99 4.81
CA GLY ZA 33 2.89 -65.40 4.88
C GLY ZA 33 4.32 -65.69 5.26
N LYS ZA 34 5.20 -64.69 5.21
CA LYS ZA 34 6.54 -64.86 5.75
C LYS ZA 34 6.47 -65.10 7.25
N ALA ZA 35 7.42 -65.87 7.76
CA ALA ZA 35 7.54 -66.03 9.20
C ALA ZA 35 7.95 -64.70 9.82
N ARG ZA 36 7.38 -64.39 10.96
CA ARG ZA 36 7.73 -63.15 11.64
C ARG ZA 36 9.18 -63.22 12.09
N PRO ZA 37 10.03 -62.27 11.70
CA PRO ZA 37 11.43 -62.32 12.14
C PRO ZA 37 11.52 -62.08 13.64
N VAL ZA 38 12.58 -62.63 14.24
CA VAL ZA 38 12.79 -62.54 15.68
C VAL ZA 38 14.16 -61.92 15.93
N GLN ZA 39 14.19 -60.93 16.82
CA GLN ZA 39 15.41 -60.19 17.14
C GLN ZA 39 15.52 -60.10 18.66
N VAL ZA 40 16.54 -60.73 19.22
CA VAL ZA 40 16.77 -60.74 20.66
C VAL ZA 40 17.81 -59.67 20.97
N ALA ZA 41 17.39 -58.59 21.60
CA ALA ZA 41 18.27 -57.48 21.91
C ALA ZA 41 19.17 -57.82 23.09
N LYS ZA 42 20.37 -57.23 23.06
CA LYS ZA 42 21.32 -57.35 24.17
C LYS ZA 42 21.90 -56.01 24.60
N TRP ZA 43 21.50 -54.92 23.96
CA TRP ZA 43 21.90 -53.57 24.33
C TRP ZA 43 20.67 -52.68 24.26
N PRO ZA 44 20.64 -51.58 25.02
CA PRO ZA 44 19.45 -50.73 25.04
C PRO ZA 44 19.16 -50.16 23.67
N PRO ZA 45 17.93 -49.73 23.42
CA PRO ZA 45 17.57 -49.24 22.08
C PRO ZA 45 18.22 -47.90 21.76
N MET ZA 46 18.23 -47.58 20.47
CA MET ZA 46 18.82 -46.33 20.02
C MET ZA 46 18.02 -45.16 20.57
N PRO ZA 47 18.68 -44.03 20.85
CA PRO ZA 47 17.97 -42.92 21.49
C PRO ZA 47 16.78 -42.42 20.71
N GLY ZA 48 16.85 -42.39 19.38
CA GLY ZA 48 15.73 -41.85 18.62
C GLY ZA 48 15.06 -42.87 17.72
N GLY ZA 49 15.34 -44.15 17.94
CA GLY ZA 49 14.85 -45.15 17.02
C GLY ZA 49 15.57 -45.15 15.69
N VAL ZA 50 16.74 -44.52 15.61
CA VAL ZA 50 17.47 -44.39 14.37
C VAL ZA 50 17.91 -45.78 13.90
N PRO ZA 51 17.56 -46.19 12.69
CA PRO ZA 51 18.03 -47.49 12.21
C PRO ZA 51 19.43 -47.40 11.64
N LEU ZA 52 20.15 -48.45 11.78
CA LEU ZA 52 21.49 -48.46 11.23
C LEU ZA 52 21.47 -48.92 9.77
N PRO ZA 53 22.40 -48.42 8.94
CA PRO ZA 53 22.43 -48.86 7.54
C PRO ZA 53 22.71 -50.35 7.43
N LYS ZA 54 22.19 -50.95 6.35
CA LYS ZA 54 22.27 -52.40 6.21
C LYS ZA 54 23.70 -52.89 6.25
N GLY ZA 55 24.60 -52.22 5.55
CA GLY ZA 55 25.99 -52.64 5.52
C GLY ZA 55 26.80 -52.24 6.71
N GLY ZA 56 26.22 -51.50 7.64
CA GLY ZA 56 26.97 -51.07 8.80
C GLY ZA 56 27.94 -49.95 8.45
N ILE ZA 57 28.93 -49.78 9.32
CA ILE ZA 57 29.93 -48.74 9.11
C ILE ZA 57 30.75 -49.04 7.86
N GLY ZA 58 31.02 -50.31 7.59
CA GLY ZA 58 31.77 -50.66 6.41
C GLY ZA 58 31.07 -50.23 5.13
N GLY ZA 59 29.75 -50.38 5.09
CA GLY ZA 59 29.01 -49.98 3.91
C GLY ZA 59 29.18 -48.50 3.60
N VAL ZA 60 29.17 -47.66 4.64
CA VAL ZA 60 29.40 -46.24 4.43
C VAL ZA 60 30.81 -46.01 3.93
N TRP ZA 61 31.78 -46.73 4.50
CA TRP ZA 61 33.17 -46.57 4.07
C TRP ZA 61 33.34 -46.90 2.60
N ARG ZA 62 32.77 -48.03 2.17
CA ARG ZA 62 32.88 -48.41 0.76
C ARG ZA 62 32.08 -47.47 -0.12
N GLY ZA 63 30.89 -47.06 0.32
CA GLY ZA 63 30.08 -46.16 -0.48
C GLY ZA 63 30.76 -44.83 -0.73
N ALA ZA 64 31.37 -44.25 0.31
CA ALA ZA 64 32.05 -42.98 0.14
C ALA ZA 64 33.22 -43.10 -0.82
N PHE ZA 65 33.98 -44.19 -0.71
CA PHE ZA 65 35.10 -44.38 -1.62
C PHE ZA 65 34.61 -44.53 -3.05
N GLU ZA 66 33.49 -45.22 -3.26
CA GLU ZA 66 32.98 -45.41 -4.60
C GLU ZA 66 32.67 -44.08 -5.26
N VAL ZA 67 32.07 -43.15 -4.53
CA VAL ZA 67 31.83 -41.81 -5.08
C VAL ZA 67 33.13 -41.06 -5.25
N ALA ZA 68 34.05 -41.20 -4.31
CA ALA ZA 68 35.29 -40.43 -4.35
C ALA ZA 68 36.11 -40.77 -5.59
N SER ZA 69 36.18 -42.06 -5.95
CA SER ZA 69 36.99 -42.50 -7.08
C SER ZA 69 36.19 -42.60 -8.36
N ALA ZA 70 35.15 -41.77 -8.52
CA ALA ZA 70 34.25 -41.90 -9.65
C ALA ZA 70 34.90 -41.40 -10.94
N TYR ZA 71 35.66 -40.32 -10.87
CA TYR ZA 71 36.13 -39.65 -12.07
C TYR ZA 71 37.13 -40.51 -12.84
N THR ZA 72 36.95 -40.55 -14.16
CA THR ZA 72 37.91 -41.19 -15.05
C THR ZA 72 37.94 -40.39 -16.35
N ALA ZA 73 39.07 -40.46 -17.04
CA ALA ZA 73 39.20 -39.75 -18.30
C ALA ZA 73 38.24 -40.28 -19.35
N LEU ZA 74 37.81 -41.54 -19.24
CA LEU ZA 74 36.90 -42.10 -20.22
C LEU ZA 74 35.51 -41.48 -20.16
N ASN ZA 75 35.17 -40.81 -19.07
CA ASN ZA 75 33.87 -40.17 -18.96
C ASN ZA 75 33.81 -38.83 -19.67
N LEU ZA 76 34.93 -38.33 -20.17
CA LEU ZA 76 34.94 -37.03 -20.84
C LEU ZA 76 34.26 -37.11 -22.20
N GLU ZA 77 33.69 -35.99 -22.62
CA GLU ZA 77 33.11 -35.89 -23.95
C GLU ZA 77 34.22 -35.92 -25.00
N ARG ZA 78 33.84 -36.30 -26.22
CA ARG ZA 78 34.82 -36.43 -27.29
C ARG ZA 78 35.50 -35.10 -27.58
N GLN ZA 79 34.74 -34.00 -27.59
CA GLN ZA 79 35.34 -32.71 -27.88
C GLN ZA 79 36.32 -32.30 -26.79
N ARG ZA 80 35.95 -32.47 -25.52
CA ARG ZA 80 36.84 -32.07 -24.45
C ARG ZA 80 38.07 -32.95 -24.37
N PHE ZA 81 37.93 -34.23 -24.72
CA PHE ZA 81 39.08 -35.12 -24.70
C PHE ZA 81 40.14 -34.64 -25.67
N ALA ZA 82 39.73 -34.21 -26.87
CA ALA ZA 82 40.71 -33.73 -27.84
C ALA ZA 82 41.22 -32.35 -27.47
N ASN ZA 83 40.35 -31.47 -26.99
CA ASN ZA 83 40.78 -30.11 -26.67
C ASN ZA 83 41.86 -30.11 -25.60
N ILE ZA 84 41.75 -31.01 -24.63
CA ILE ZA 84 42.78 -31.10 -23.59
C ILE ZA 84 44.12 -31.48 -24.21
N ILE ZA 85 44.10 -32.41 -25.14
CA ILE ZA 85 45.33 -32.76 -25.84
C ILE ZA 85 45.83 -31.61 -26.69
N ARG ZA 86 44.92 -30.94 -27.39
CA ARG ZA 86 45.32 -29.79 -28.20
C ARG ZA 86 45.94 -28.70 -27.33
N LEU ZA 87 45.28 -28.36 -26.23
CA LEU ZA 87 45.79 -27.30 -25.37
C LEU ZA 87 47.14 -27.68 -24.80
N GLY ZA 88 47.31 -28.94 -24.41
CA GLY ZA 88 48.59 -29.38 -23.90
C GLY ZA 88 49.68 -29.32 -24.95
N THR ZA 89 49.37 -29.73 -26.18
CA THR ZA 89 50.34 -29.64 -27.26
C THR ZA 89 50.67 -28.20 -27.60
N PHE ZA 90 49.66 -27.33 -27.58
CA PHE ZA 90 49.90 -25.91 -27.81
C PHE ZA 90 50.85 -25.35 -26.76
N CYS ZA 91 50.70 -25.76 -25.50
CA CYS ZA 91 51.57 -25.25 -24.45
C CYS ZA 91 53.03 -25.60 -24.71
N ARG ZA 92 53.30 -26.87 -25.04
CA ARG ZA 92 54.69 -27.30 -25.22
C ARG ZA 92 55.33 -26.60 -26.39
N VAL ZA 93 54.60 -26.46 -27.50
CA VAL ZA 93 55.20 -25.96 -28.72
C VAL ZA 93 55.32 -24.44 -28.68
N VAL ZA 94 54.22 -23.75 -28.42
CA VAL ZA 94 54.18 -22.30 -28.57
C VAL ZA 94 54.53 -21.62 -27.25
N ILE ZA 95 53.74 -21.87 -26.21
CA ILE ZA 95 53.82 -21.05 -25.01
C ILE ZA 95 55.16 -21.20 -24.32
N TRP ZA 96 55.68 -22.43 -24.21
CA TRP ZA 96 56.90 -22.62 -23.44
C TRP ZA 96 58.07 -21.83 -23.99
N PRO ZA 97 58.41 -21.91 -25.27
CA PRO ZA 97 59.56 -21.12 -25.77
C PRO ZA 97 59.34 -19.62 -25.69
N VAL ZA 98 58.09 -19.16 -25.73
CA VAL ZA 98 57.84 -17.72 -25.69
C VAL ZA 98 58.11 -17.16 -24.30
N ILE ZA 99 57.77 -17.91 -23.25
CA ILE ZA 99 57.81 -17.35 -21.89
C ILE ZA 99 59.18 -16.81 -21.54
N PRO ZA 100 60.28 -17.51 -21.79
CA PRO ZA 100 61.59 -16.94 -21.46
C PRO ZA 100 61.86 -15.62 -22.14
N LEU ZA 101 61.39 -15.44 -23.36
CA LEU ZA 101 61.59 -14.16 -24.04
C LEU ZA 101 60.87 -13.04 -23.29
N VAL ZA 102 59.64 -13.29 -22.85
CA VAL ZA 102 58.93 -12.29 -22.08
C VAL ZA 102 59.63 -12.03 -20.76
N GLY ZA 103 60.13 -13.08 -20.13
CA GLY ZA 103 60.87 -12.92 -18.89
C GLY ZA 103 62.12 -12.08 -19.10
N LEU ZA 104 62.82 -12.29 -20.21
CA LEU ZA 104 63.99 -11.48 -20.51
C LEU ZA 104 63.61 -10.01 -20.69
N PHE ZA 105 62.48 -9.76 -21.33
CA PHE ZA 105 62.04 -8.38 -21.51
C PHE ZA 105 61.83 -7.70 -20.17
N HIS ZA 106 61.13 -8.38 -19.25
CA HIS ZA 106 60.86 -7.79 -17.95
C HIS ZA 106 62.12 -7.64 -17.13
N TYR ZA 107 63.06 -8.58 -17.26
CA TYR ZA 107 64.32 -8.44 -16.54
C TYR ZA 107 65.04 -7.17 -16.96
N ILE ZA 108 65.10 -6.92 -18.27
CA ILE ZA 108 65.81 -5.74 -18.75
C ILE ZA 108 65.12 -4.47 -18.25
N ARG ZA 109 63.80 -4.43 -18.36
CA ARG ZA 109 63.08 -3.22 -17.97
C ARG ZA 109 63.25 -2.94 -16.48
N GLN ZA 110 63.17 -3.98 -15.65
CA GLN ZA 110 63.27 -3.76 -14.21
C GLN ZA 110 64.69 -3.39 -13.80
N ARG ZA 111 65.69 -4.05 -14.37
CA ARG ZA 111 67.07 -3.70 -14.04
C ARG ZA 111 67.39 -2.29 -14.51
N ASP ZA 112 66.87 -1.90 -15.68
CA ASP ZA 112 67.06 -0.53 -16.13
C ASP ZA 112 66.43 0.45 -15.16
N ARG ZA 113 65.23 0.15 -14.69
CA ARG ZA 113 64.58 0.99 -13.69
C ARG ZA 113 65.45 1.11 -12.45
N ASP ZA 114 66.05 -0.01 -12.01
CA ASP ZA 114 66.88 0.02 -10.81
C ASP ZA 114 68.15 0.82 -11.05
N TRP ZA 115 68.87 0.56 -12.13
CA TRP ZA 115 70.12 1.25 -12.37
C TRP ZA 115 69.90 2.75 -12.57
N TYR ZA 116 68.86 3.11 -13.32
CA TYR ZA 116 68.64 4.52 -13.59
C TYR ZA 116 68.34 5.28 -12.31
N ALA ZA 117 67.67 4.64 -11.35
CA ALA ZA 117 67.42 5.30 -10.07
C ALA ZA 117 68.73 5.68 -9.41
N LEU ZA 118 69.75 4.83 -9.53
CA LEU ZA 118 71.06 5.18 -8.99
C LEU ZA 118 71.64 6.40 -9.71
N GLU ZA 119 71.44 6.47 -11.02
CA GLU ZA 119 71.93 7.62 -11.77
C GLU ZA 119 71.20 8.89 -11.36
N LEU ZA 120 69.88 8.81 -11.15
CA LEU ZA 120 69.15 9.96 -10.67
C LEU ZA 120 69.67 10.44 -9.32
N LEU ZA 121 69.93 9.51 -8.40
CA LEU ZA 121 70.43 9.89 -7.10
C LEU ZA 121 71.77 10.60 -7.22
N ARG ZA 122 72.68 10.08 -8.02
CA ARG ZA 122 73.98 10.71 -8.15
C ARG ZA 122 73.86 12.10 -8.74
N SER ZA 123 72.99 12.27 -9.73
CA SER ZA 123 72.86 13.59 -10.36
C SER ZA 123 72.36 14.63 -9.36
N ARG ZA 124 71.38 14.28 -8.54
CA ARG ZA 124 70.90 15.23 -7.54
C ARG ZA 124 71.99 15.54 -6.53
N CYS ZA 125 72.75 14.52 -6.11
CA CYS ZA 125 73.86 14.76 -5.21
C CYS ZA 125 74.99 15.54 -5.88
N LYS ZA 126 75.07 15.49 -7.20
CA LYS ZA 126 76.13 16.18 -7.94
C LYS ZA 126 77.50 15.80 -7.41
N SER ZA 127 77.70 14.52 -7.18
CA SER ZA 127 78.96 14.00 -6.66
C SER ZA 127 79.64 13.14 -7.71
N GLU ZA 128 80.95 13.29 -7.81
CA GLU ZA 128 81.75 12.48 -8.73
C GLU ZA 128 82.38 11.27 -8.05
N ASP ZA 129 82.10 11.06 -6.77
CA ASP ZA 129 82.66 9.92 -6.03
C ASP ZA 129 81.83 8.70 -6.36
N CYS ZA 130 82.20 8.01 -7.43
CA CYS ZA 130 81.40 6.88 -7.90
C CYS ZA 130 81.35 5.76 -6.87
N ALA ZA 131 82.49 5.44 -6.28
CA ALA ZA 131 82.53 4.32 -5.34
C ALA ZA 131 81.54 4.52 -4.19
N ALA ZA 132 81.23 5.76 -3.86
CA ALA ZA 132 80.29 6.01 -2.78
C ALA ZA 132 78.89 5.55 -3.14
N PHE ZA 133 78.56 5.48 -4.42
CA PHE ZA 133 77.23 5.08 -4.86
C PHE ZA 133 77.16 3.60 -5.24
N TYR ZA 134 78.16 3.11 -5.98
CA TYR ZA 134 78.23 1.67 -6.26
C TYR ZA 134 79.71 1.32 -6.43
N ASP ZA 135 80.28 0.69 -5.42
CA ASP ZA 135 81.66 0.24 -5.47
C ASP ZA 135 81.70 -1.13 -6.11
N TRP ZA 136 82.36 -1.22 -7.27
CA TRP ZA 136 82.36 -2.47 -8.04
C TRP ZA 136 83.37 -3.48 -7.51
N THR ZA 137 84.21 -3.12 -6.55
CA THR ZA 137 85.20 -4.04 -6.03
C THR ZA 137 84.67 -4.89 -4.88
N MET ZA 138 83.53 -4.55 -4.31
CA MET ZA 138 83.03 -5.30 -3.17
C MET ZA 138 82.29 -6.56 -3.63
N PRO ZA 139 82.32 -7.62 -2.82
CA PRO ZA 139 81.72 -8.88 -3.25
C PRO ZA 139 80.20 -8.84 -3.22
N GLY ZA 140 79.61 -9.72 -4.01
CA GLY ZA 140 78.17 -9.85 -4.02
C GLY ZA 140 77.50 -8.53 -4.36
N SER ZA 141 76.43 -8.23 -3.62
CA SER ZA 141 75.67 -7.02 -3.83
C SER ZA 141 76.10 -5.89 -2.90
N SER ZA 142 77.17 -6.10 -2.13
CA SER ZA 142 77.57 -5.11 -1.13
C SER ZA 142 78.05 -3.80 -1.75
N GLY ZA 143 78.30 -3.77 -3.06
CA GLY ZA 143 78.74 -2.52 -3.68
C GLY ZA 143 77.71 -1.41 -3.59
N HIS ZA 144 76.44 -1.75 -3.65
CA HIS ZA 144 75.39 -0.75 -3.60
C HIS ZA 144 75.48 0.07 -2.32
N TRP ZA 145 75.23 1.36 -2.43
CA TRP ZA 145 75.46 2.25 -1.30
C TRP ZA 145 74.59 1.84 -0.11
N ARG ZA 146 73.35 1.43 -0.36
CA ARG ZA 146 72.49 0.99 0.73
C ARG ZA 146 73.11 -0.21 1.45
N MET ZA 147 73.63 -1.17 0.70
CA MET ZA 147 74.28 -2.33 1.32
C MET ZA 147 75.52 -1.90 2.10
N GLN ZA 148 76.28 -0.96 1.55
CA GLN ZA 148 77.46 -0.47 2.28
C GLN ZA 148 77.04 0.13 3.61
N ASN ZA 149 75.96 0.89 3.65
CA ASN ZA 149 75.52 1.47 4.90
C ASN ZA 149 75.14 0.39 5.90
N ASP ZA 150 74.46 -0.66 5.44
CA ASP ZA 150 74.09 -1.75 6.33
C ASP ZA 150 75.32 -2.41 6.93
N LEU ZA 151 76.36 -2.63 6.12
CA LEU ZA 151 77.60 -3.17 6.66
C LEU ZA 151 78.23 -2.19 7.65
N GLU ZA 152 78.16 -0.90 7.36
CA GLU ZA 152 78.72 0.09 8.28
C GLU ZA 152 77.99 0.05 9.62
N ILE ZA 153 76.67 -0.07 9.58
CA ILE ZA 153 75.91 -0.17 10.83
C ILE ZA 153 76.33 -1.42 11.59
N ILE ZA 154 76.49 -2.54 10.88
CA ILE ZA 154 76.89 -3.78 11.53
C ILE ZA 154 78.26 -3.62 12.18
N ARG ZA 155 79.21 -3.02 11.47
CA ARG ZA 155 80.54 -2.85 12.02
C ARG ZA 155 80.49 -1.98 13.27
N ARG ZA 156 79.77 -0.87 13.22
CA ARG ZA 156 79.73 0.03 14.35
C ARG ZA 156 79.11 -0.64 15.57
N ALA ZA 157 78.01 -1.35 15.38
CA ALA ZA 157 77.32 -1.96 16.50
C ALA ZA 157 78.06 -3.16 17.06
N ALA ZA 158 78.97 -3.76 16.29
CA ALA ZA 158 79.69 -4.93 16.74
C ALA ZA 158 80.99 -4.56 17.44
N ASN ZA 159 81.83 -3.78 16.77
CA ASN ZA 159 83.11 -3.38 17.36
C ASN ZA 159 82.90 -2.32 18.43
N VAL ZA 160 83.94 -2.11 19.23
CA VAL ZA 160 83.91 -1.10 20.28
C VAL ZA 160 84.74 0.11 19.86
N ALA AB 1 100.50 -22.96 10.08
CA ALA AB 1 99.75 -21.97 10.91
C ALA AB 1 98.38 -22.53 11.28
N ASN AB 2 97.53 -21.69 11.87
CA ASN AB 2 96.24 -22.12 12.39
C ASN AB 2 95.15 -21.16 11.96
N LEU AB 3 93.93 -21.68 11.87
CA LEU AB 3 92.75 -20.89 11.51
C LEU AB 3 91.81 -20.82 12.70
N LEU AB 4 91.31 -19.63 12.98
CA LEU AB 4 90.38 -19.40 14.09
C LEU AB 4 89.01 -19.02 13.53
N LEU AB 5 88.00 -19.76 13.94
CA LEU AB 5 86.62 -19.48 13.54
C LEU AB 5 85.88 -18.80 14.68
N VAL AB 6 85.28 -17.66 14.40
CA VAL AB 6 84.59 -16.89 15.44
C VAL AB 6 83.26 -16.44 14.87
N PRO AB 7 82.30 -16.13 15.75
CA PRO AB 7 81.02 -15.61 15.26
C PRO AB 7 81.22 -14.32 14.48
N SER AB 8 80.40 -14.15 13.45
CA SER AB 8 80.50 -12.96 12.61
C SER AB 8 79.89 -11.77 13.32
N ASP AB 9 80.17 -10.58 12.78
CA ASP AB 9 79.68 -9.36 13.40
C ASP AB 9 78.17 -9.37 13.50
N ILE AB 10 77.48 -9.80 12.43
CA ILE AB 10 76.03 -9.80 12.47
C ILE AB 10 75.53 -10.81 13.50
N THR AB 11 76.23 -11.93 13.67
CA THR AB 11 75.86 -12.85 14.74
C THR AB 11 76.00 -12.20 16.11
N ILE AB 12 77.05 -11.42 16.30
CA ILE AB 12 77.24 -10.74 17.58
C ILE AB 12 76.08 -9.80 17.87
N ILE AB 13 75.65 -9.05 16.86
CA ILE AB 13 74.56 -8.11 17.07
C ILE AB 13 73.27 -8.84 17.44
N GLU AB 14 73.02 -9.97 16.79
CA GLU AB 14 71.81 -10.72 17.09
C GLU AB 14 71.79 -11.19 18.54
N GLU AB 15 72.93 -11.68 19.03
CA GLU AB 15 73.00 -12.10 20.42
C GLU AB 15 72.77 -10.94 21.37
N LYS AB 16 73.31 -9.77 21.04
CA LYS AB 16 73.20 -8.62 21.92
C LYS AB 16 71.76 -8.09 21.99
N ASN AB 17 71.03 -8.16 20.89
CA ASN AB 17 69.72 -7.52 20.79
C ASN AB 17 68.55 -8.47 21.00
N LYS AB 18 68.80 -9.77 21.14
CA LYS AB 18 67.70 -10.71 21.35
C LYS AB 18 67.05 -10.46 22.71
N ILE AB 19 65.72 -10.53 22.75
CA ILE AB 19 64.98 -10.30 23.97
C ILE AB 19 64.44 -11.59 24.58
N ALA AB 20 64.14 -12.60 23.77
CA ALA AB 20 63.60 -13.85 24.29
C ALA AB 20 63.77 -14.92 23.22
N LYS AB 21 63.26 -16.11 23.50
CA LYS AB 21 63.22 -17.17 22.51
C LYS AB 21 62.06 -16.96 21.55
N ARG AB 22 62.23 -17.40 20.32
CA ARG AB 22 61.19 -17.33 19.31
C ARG AB 22 60.72 -18.74 19.01
N ARG AB 23 59.41 -18.95 19.07
CA ARG AB 23 58.86 -20.25 18.74
C ARG AB 23 59.10 -20.59 17.28
N ILE AB 24 59.46 -21.84 17.02
CA ILE AB 24 59.69 -22.31 15.67
C ILE AB 24 58.38 -22.86 15.13
N ARG AB 25 57.91 -22.29 14.03
CA ARG AB 25 56.63 -22.72 13.47
C ARG AB 25 56.77 -24.11 12.86
N LEU AB 26 55.63 -24.74 12.61
CA LEU AB 26 55.63 -26.11 12.12
C LEU AB 26 56.38 -26.22 10.80
N LEU AB 27 56.04 -25.37 9.82
CA LEU AB 27 56.72 -25.43 8.54
C LEU AB 27 58.22 -25.15 8.68
N GLU AB 28 58.59 -24.29 9.63
CA GLU AB 28 60.01 -24.04 9.86
C GLU AB 28 60.72 -25.29 10.34
N LYS AB 29 60.07 -26.05 11.22
CA LYS AB 29 60.69 -27.29 11.71
C LYS AB 29 60.86 -28.29 10.58
N THR AB 30 59.82 -28.49 9.78
CA THR AB 30 59.92 -29.41 8.65
C THR AB 30 60.96 -28.93 7.65
N GLY AB 31 60.97 -27.63 7.37
CA GLY AB 31 61.94 -27.10 6.43
C GLY AB 31 63.37 -27.38 6.86
N LEU AB 32 63.67 -27.12 8.13
CA LEU AB 32 65.02 -27.39 8.62
C LEU AB 32 65.34 -28.87 8.53
N ALA AB 33 64.37 -29.73 8.85
CA ALA AB 33 64.62 -31.17 8.83
C ALA AB 33 64.95 -31.63 7.41
N LEU AB 34 64.22 -31.12 6.43
CA LEU AB 34 64.40 -31.57 5.04
C LEU AB 34 65.60 -30.91 4.36
N MET AB 35 66.25 -29.96 5.00
CA MET AB 35 67.37 -29.28 4.37
C MET AB 35 68.58 -30.22 4.34
N PHE AB 36 69.25 -30.26 3.20
CA PHE AB 36 70.36 -31.18 3.01
C PHE AB 36 71.50 -30.83 3.97
N PRO AB 37 72.32 -31.80 4.34
CA PRO AB 37 73.55 -31.46 5.08
C PRO AB 37 74.51 -30.70 4.20
N VAL AB 38 75.30 -29.82 4.82
CA VAL AB 38 76.27 -28.99 4.11
C VAL AB 38 77.64 -29.30 4.71
N PHE AB 39 78.43 -30.13 4.03
CA PHE AB 39 79.82 -30.32 4.41
C PHE AB 39 80.56 -29.00 4.27
N HIS AB 40 81.53 -28.78 5.15
CA HIS AB 40 82.26 -27.51 5.20
C HIS AB 40 83.75 -27.78 4.98
N TRP AB 41 84.15 -27.89 3.72
CA TRP AB 41 85.58 -27.87 3.39
C TRP AB 41 86.18 -26.52 3.74
N ARG AB 42 85.42 -25.45 3.48
CA ARG AB 42 85.71 -24.09 3.92
C ARG AB 42 84.43 -23.52 4.51
N TYR AB 43 84.51 -22.32 5.07
CA TYR AB 43 83.35 -21.66 5.67
C TYR AB 43 82.98 -20.43 4.84
N SER AB 44 81.85 -20.50 4.14
CA SER AB 44 81.33 -19.32 3.47
C SER AB 44 79.81 -19.31 3.32
N LYS AB 45 79.09 -20.31 3.81
CA LYS AB 45 77.67 -20.46 3.53
C LYS AB 45 76.94 -20.83 4.83
N LEU AB 46 75.70 -20.40 4.95
CA LEU AB 46 74.88 -20.74 6.12
C LEU AB 46 74.31 -22.15 5.95
N ASP AB 47 74.37 -22.95 7.01
CA ASP AB 47 73.83 -24.31 7.01
C ASP AB 47 72.56 -24.35 7.86
N LYS AB 48 71.98 -25.54 7.97
CA LYS AB 48 70.72 -25.68 8.70
C LYS AB 48 70.88 -25.31 10.17
N HIS AB 49 72.05 -25.55 10.74
CA HIS AB 49 72.24 -25.24 12.16
C HIS AB 49 72.29 -23.74 12.38
N ASP AB 50 73.04 -23.02 11.55
CA ASP AB 50 73.09 -21.57 11.68
C ASP AB 50 71.71 -20.96 11.50
N MET AB 51 70.93 -21.48 10.56
CA MET AB 51 69.59 -20.96 10.33
C MET AB 51 68.70 -21.17 11.55
N TYR AB 52 68.85 -22.32 12.22
CA TYR AB 52 68.04 -22.57 13.40
C TYR AB 52 68.30 -21.53 14.47
N ASN AB 53 69.57 -21.19 14.70
CA ASN AB 53 69.89 -20.17 15.69
C ASN AB 53 69.26 -18.84 15.31
N ILE AB 54 69.29 -18.49 14.04
CA ILE AB 54 68.71 -17.22 13.61
C ILE AB 54 67.21 -17.21 13.88
N LEU AB 55 66.53 -18.33 13.60
CA LEU AB 55 65.09 -18.39 13.80
C LEU AB 55 64.71 -18.51 15.26
N ARG AB 56 65.62 -18.93 16.13
CA ARG AB 56 65.27 -19.15 17.53
C ARG AB 56 65.21 -17.83 18.30
N ARG AB 57 66.02 -16.85 17.94
CA ARG AB 57 66.07 -15.59 18.66
C ARG AB 57 64.84 -14.75 18.37
N LYS AB 58 64.45 -13.95 19.35
CA LYS AB 58 63.30 -13.06 19.26
C LYS AB 58 63.75 -11.62 19.39
N PHE AB 59 63.21 -10.75 18.56
CA PHE AB 59 63.55 -9.34 18.56
C PHE AB 59 62.31 -8.50 18.78
N ASP AB 60 62.53 -7.28 19.26
CA ASP AB 60 61.43 -6.37 19.53
C ASP AB 60 60.87 -5.84 18.22
N PRO AB 61 59.60 -6.09 17.90
CA PRO AB 61 59.06 -5.57 16.62
C PRO AB 61 59.10 -4.06 16.52
N SER AB 62 58.91 -3.34 17.63
CA SER AB 62 58.79 -1.90 17.59
C SER AB 62 60.13 -1.17 17.72
N ALA AB 63 61.21 -1.88 18.00
CA ALA AB 63 62.50 -1.22 18.16
C ALA AB 63 62.87 -0.48 16.88
N SER AB 64 63.29 0.77 17.03
CA SER AB 64 63.69 1.60 15.90
C SER AB 64 65.19 1.64 15.71
N ASP AB 65 65.95 0.90 16.50
CA ASP AB 65 67.39 0.90 16.33
C ASP AB 65 67.73 0.35 14.95
N PRO AB 66 68.59 1.02 14.18
CA PRO AB 66 68.95 0.49 12.86
C PRO AB 66 69.55 -0.91 12.95
N ALA AB 67 70.37 -1.17 13.95
CA ALA AB 67 70.97 -2.50 14.07
C ALA AB 67 69.92 -3.56 14.27
N ILE AB 68 68.93 -3.30 15.13
CA ILE AB 68 67.87 -4.28 15.35
C ILE AB 68 67.05 -4.48 14.08
N ASP AB 69 66.85 -3.40 13.31
CA ASP AB 69 66.12 -3.52 12.07
C ASP AB 69 66.82 -4.47 11.10
N ILE AB 70 68.14 -4.41 11.05
CA ILE AB 70 68.88 -5.35 10.21
C ILE AB 70 68.65 -6.78 10.68
N CYS AB 71 68.67 -7.00 11.99
CA CYS AB 71 68.46 -8.34 12.52
C CYS AB 71 67.09 -8.88 12.12
N ARG AB 72 66.06 -8.07 12.23
CA ARG AB 72 64.74 -8.52 11.82
C ARG AB 72 64.71 -8.85 10.33
N ARG AB 73 65.33 -7.99 9.51
CA ARG AB 73 65.34 -8.24 8.08
C ARG AB 73 66.10 -9.52 7.75
N ARG AB 74 67.22 -9.77 8.43
CA ARG AB 74 67.96 -11.00 8.20
C ARG AB 74 67.12 -12.22 8.60
N GLN AB 75 66.42 -12.12 9.73
CA GLN AB 75 65.63 -13.25 10.18
C GLN AB 75 64.52 -13.57 9.20
N GLU AB 76 63.85 -12.55 8.66
CA GLU AB 76 62.78 -12.79 7.71
C GLU AB 76 63.31 -13.46 6.46
N SER AB 77 64.48 -13.04 5.99
CA SER AB 77 65.05 -13.66 4.80
C SER AB 77 65.34 -15.13 5.04
N VAL AB 78 65.91 -15.46 6.20
CA VAL AB 78 66.20 -16.86 6.52
C VAL AB 78 64.90 -17.65 6.62
N ARG AB 79 63.86 -17.07 7.23
CA ARG AB 79 62.61 -17.79 7.35
C ARG AB 79 62.08 -18.20 5.99
N ARG AB 80 62.10 -17.27 5.03
CA ARG AB 80 61.59 -17.58 3.70
C ARG AB 80 62.41 -18.70 3.05
N ARG AB 81 63.72 -18.70 3.29
CA ARG AB 81 64.55 -19.78 2.77
C ARG AB 81 64.17 -21.12 3.39
N VAL AB 82 63.93 -21.14 4.70
CA VAL AB 82 63.69 -22.41 5.38
C VAL AB 82 62.36 -23.01 4.96
N ILE AB 83 61.29 -22.21 4.99
CA ILE AB 83 59.99 -22.75 4.65
C ILE AB 83 59.94 -23.16 3.19
N ALA AB 84 60.74 -22.53 2.33
CA ALA AB 84 60.77 -22.91 0.93
C ALA AB 84 61.29 -24.33 0.73
N GLN AB 85 62.04 -24.86 1.70
CA GLN AB 85 62.57 -26.21 1.57
C GLN AB 85 61.48 -27.27 1.61
N ASN AB 86 60.28 -26.94 2.10
CA ASN AB 86 59.23 -27.92 2.17
C ASN AB 86 58.74 -28.37 0.81
N GLY AB 87 58.98 -27.57 -0.24
CA GLY AB 87 58.50 -27.92 -1.56
C GLY AB 87 59.29 -29.01 -2.25
N LEU AB 88 60.50 -29.29 -1.77
CA LEU AB 88 61.34 -30.28 -2.45
C LEU AB 88 60.74 -31.67 -2.35
N LEU AB 89 60.39 -32.10 -1.14
CA LEU AB 89 59.96 -33.47 -0.95
C LEU AB 89 58.68 -33.79 -1.73
N PRO AB 90 57.62 -32.98 -1.66
CA PRO AB 90 56.43 -33.31 -2.45
C PRO AB 90 56.69 -33.44 -3.93
N GLY AB 91 57.55 -32.59 -4.48
CA GLY AB 91 57.87 -32.68 -5.88
C GLY AB 91 58.57 -33.97 -6.23
N LEU AB 92 59.54 -34.36 -5.40
CA LEU AB 92 60.28 -35.59 -5.66
C LEU AB 92 59.36 -36.81 -5.60
N LEU AB 93 58.50 -36.87 -4.58
CA LEU AB 93 57.60 -38.01 -4.47
C LEU AB 93 56.63 -38.07 -5.64
N LEU AB 94 56.04 -36.93 -5.99
CA LEU AB 94 55.17 -36.90 -7.16
C LEU AB 94 55.95 -37.15 -8.43
N GLY AB 95 57.20 -36.71 -8.48
CA GLY AB 95 58.00 -36.92 -9.66
C GLY AB 95 58.33 -38.37 -9.93
N VAL AB 96 58.29 -39.20 -8.91
CA VAL AB 96 58.57 -40.62 -9.04
C VAL AB 96 57.30 -41.45 -9.12
N SER AB 97 56.37 -41.21 -8.19
CA SER AB 97 55.19 -42.06 -8.11
C SER AB 97 54.33 -41.91 -9.36
N LEU AB 98 54.04 -40.67 -9.78
CA LEU AB 98 53.13 -40.49 -10.90
C LEU AB 98 53.66 -41.12 -12.18
N PRO AB 99 54.90 -40.87 -12.62
CA PRO AB 99 55.38 -41.60 -13.80
C PRO AB 99 55.44 -43.09 -13.60
N TRP AB 100 55.79 -43.54 -12.40
CA TRP AB 100 55.89 -44.98 -12.17
C TRP AB 100 54.55 -45.66 -12.31
N TRP AB 101 53.48 -45.05 -11.79
CA TRP AB 101 52.16 -45.60 -12.01
C TRP AB 101 51.80 -45.59 -13.48
N SER AB 102 52.17 -44.52 -14.18
CA SER AB 102 51.85 -44.43 -15.60
C SER AB 102 52.54 -45.52 -16.40
N LEU AB 103 53.79 -45.82 -16.06
CA LEU AB 103 54.56 -46.83 -16.79
C LEU AB 103 54.56 -48.17 -16.08
N ARG AB 104 53.56 -48.44 -15.24
CA ARG AB 104 53.60 -49.65 -14.44
C ARG AB 104 53.57 -50.89 -15.33
N ARG AB 105 52.76 -50.88 -16.38
CA ARG AB 105 52.63 -52.05 -17.23
C ARG AB 105 53.78 -52.22 -18.21
N TYR AB 106 54.67 -51.24 -18.35
CA TYR AB 106 55.74 -51.31 -19.32
C TYR AB 106 56.95 -52.02 -18.76
N ASN AB 107 57.93 -52.27 -19.64
CA ASN AB 107 59.09 -53.06 -19.26
C ASN AB 107 60.01 -52.26 -18.34
N TYR AB 108 60.99 -52.96 -17.78
CA TYR AB 108 61.88 -52.33 -16.81
C TYR AB 108 62.75 -51.26 -17.46
N GLN AB 109 63.14 -51.45 -18.73
CA GLN AB 109 63.99 -50.46 -19.38
C GLN AB 109 63.34 -49.09 -19.36
N SER AB 110 62.04 -49.03 -19.64
CA SER AB 110 61.36 -47.75 -19.67
C SER AB 110 61.45 -47.05 -18.32
N LYS AB 111 61.27 -47.80 -17.23
CA LYS AB 111 61.31 -47.19 -15.91
C LYS AB 111 62.70 -46.66 -15.59
N LEU AB 112 63.74 -47.39 -16.00
CA LEU AB 112 65.09 -46.88 -15.81
C LEU AB 112 65.33 -45.62 -16.64
N ILE AB 113 64.79 -45.58 -17.86
CA ILE AB 113 65.03 -44.43 -18.72
C ILE AB 113 64.27 -43.21 -18.22
N VAL AB 114 63.02 -43.38 -17.81
CA VAL AB 114 62.13 -42.25 -17.59
C VAL AB 114 62.15 -41.79 -16.15
N LEU AB 115 62.10 -42.71 -15.19
CA LEU AB 115 61.92 -42.30 -13.80
C LEU AB 115 63.04 -41.39 -13.31
N PRO AB 116 64.32 -41.68 -13.56
CA PRO AB 116 65.36 -40.77 -13.06
C PRO AB 116 65.16 -39.34 -13.52
N PHE AB 117 64.79 -39.14 -14.78
CA PHE AB 117 64.61 -37.78 -15.27
C PHE AB 117 63.35 -37.15 -14.68
N CYS AB 118 62.27 -37.92 -14.58
CA CYS AB 118 61.05 -37.38 -13.99
C CYS AB 118 61.25 -37.05 -12.52
N ALA AB 119 62.03 -37.88 -11.82
CA ALA AB 119 62.30 -37.61 -10.42
C ALA AB 119 62.99 -36.27 -10.25
N TYR AB 120 64.05 -36.02 -11.03
CA TYR AB 120 64.75 -34.75 -10.93
C TYR AB 120 63.85 -33.60 -11.36
N PHE AB 121 63.08 -33.79 -12.43
CA PHE AB 121 62.20 -32.72 -12.88
C PHE AB 121 61.14 -32.42 -11.83
N GLY AB 122 60.59 -33.45 -11.19
CA GLY AB 122 59.62 -33.23 -10.15
C GLY AB 122 60.20 -32.44 -8.98
N ALA AB 123 61.41 -32.79 -8.57
CA ALA AB 123 62.07 -32.04 -7.50
C ALA AB 123 62.29 -30.59 -7.91
N ILE AB 124 62.71 -30.38 -9.14
CA ILE AB 124 62.92 -29.02 -9.63
C ILE AB 124 61.62 -28.23 -9.58
N CYS AB 125 60.52 -28.84 -10.02
CA CYS AB 125 59.25 -28.16 -9.97
C CYS AB 125 58.85 -27.87 -8.53
N GLY AB 126 59.12 -28.80 -7.62
CA GLY AB 126 58.81 -28.56 -6.23
C GLY AB 126 59.63 -27.42 -5.65
N ARG AB 127 60.91 -27.36 -5.99
CA ARG AB 127 61.75 -26.30 -5.47
C ARG AB 127 61.31 -24.94 -6.01
N ILE AB 128 60.93 -24.88 -7.29
CA ILE AB 128 60.42 -23.62 -7.83
C ILE AB 128 59.15 -23.21 -7.09
N ALA AB 129 58.23 -24.17 -6.90
CA ALA AB 129 57.00 -23.85 -6.22
C ALA AB 129 57.25 -23.42 -4.78
N GLY AB 130 58.16 -24.12 -4.09
CA GLY AB 130 58.43 -23.76 -2.72
C GLY AB 130 59.04 -22.38 -2.59
N HIS AB 131 60.03 -22.07 -3.41
CA HIS AB 131 60.66 -20.76 -3.37
C HIS AB 131 59.69 -19.67 -3.82
N GLY AB 132 58.85 -19.96 -4.79
CA GLY AB 132 57.87 -18.99 -5.23
C GLY AB 132 56.85 -18.68 -4.15
N LEU AB 133 56.34 -19.72 -3.49
CA LEU AB 133 55.34 -19.52 -2.46
C LEU AB 133 55.92 -18.92 -1.19
N SER AB 134 57.23 -19.01 -1.01
CA SER AB 134 57.89 -18.45 0.16
C SER AB 134 58.29 -16.99 -0.04
N TRP AB 135 57.79 -16.36 -1.10
CA TRP AB 135 58.02 -14.95 -1.35
C TRP AB 135 59.48 -14.65 -1.64
N ARG AB 136 60.23 -15.62 -2.16
CA ARG AB 136 61.63 -15.39 -2.49
C ARG AB 136 61.81 -14.61 -3.78
N TRP AB 137 60.85 -14.68 -4.69
CA TRP AB 137 60.98 -13.99 -5.97
C TRP AB 137 60.78 -12.49 -5.86
N VAL AB 138 60.30 -12.00 -4.73
CA VAL AB 138 60.05 -10.58 -4.53
C VAL AB 138 61.02 -9.95 -3.55
N GLU AB 139 61.96 -10.70 -3.02
CA GLU AB 139 62.95 -10.11 -2.12
C GLU AB 139 63.87 -9.18 -2.89
N THR AB 140 64.18 -8.04 -2.29
CA THR AB 140 65.15 -7.13 -2.89
C THR AB 140 66.55 -7.69 -2.71
N ASP AB 141 67.49 -7.14 -3.48
CA ASP AB 141 68.89 -7.57 -3.34
C ASP AB 141 69.40 -7.32 -1.94
N ARG AB 142 68.93 -6.26 -1.29
CA ARG AB 142 69.37 -5.97 0.07
C ARG AB 142 68.94 -7.08 1.02
N GLN AB 143 67.66 -7.46 0.97
CA GLN AB 143 67.17 -8.50 1.87
C GLN AB 143 67.89 -9.82 1.62
N ARG AB 144 68.10 -10.17 0.35
CA ARG AB 144 68.78 -11.41 0.04
C ARG AB 144 70.20 -11.42 0.59
N MET AB 145 70.90 -10.28 0.47
CA MET AB 145 72.26 -10.23 0.98
C MET AB 145 72.29 -10.44 2.48
N LEU AB 146 71.37 -9.82 3.21
CA LEU AB 146 71.35 -9.98 4.66
C LEU AB 146 71.08 -11.42 5.06
N GLY AB 147 70.16 -12.08 4.36
CA GLY AB 147 69.87 -13.47 4.68
C GLY AB 147 71.00 -14.43 4.36
N ASN AB 148 71.96 -14.00 3.53
CA ASN AB 148 73.07 -14.86 3.13
C ASN AB 148 74.38 -14.50 3.80
N LEU AB 149 74.40 -13.53 4.70
CA LEU AB 149 75.63 -13.18 5.38
C LEU AB 149 76.09 -14.34 6.24
N PRO AB 150 77.36 -14.72 6.20
CA PRO AB 150 77.80 -15.88 6.98
C PRO AB 150 77.68 -15.64 8.47
N ALA AB 151 77.46 -16.71 9.21
CA ALA AB 151 77.39 -16.63 10.66
C ALA AB 151 78.74 -16.82 11.32
N LYS AB 152 79.66 -17.51 10.66
CA LYS AB 152 81.00 -17.73 11.18
C LYS AB 152 82.00 -17.24 10.16
N VAL AB 153 83.03 -16.55 10.64
CA VAL AB 153 84.04 -15.94 9.79
C VAL AB 153 85.41 -16.23 10.37
N TYR AB 154 86.37 -16.50 9.50
CA TYR AB 154 87.75 -16.64 9.95
C TYR AB 154 88.22 -15.32 10.53
N TYR AB 155 88.84 -15.39 11.71
CA TYR AB 155 89.28 -14.16 12.37
C TYR AB 155 90.44 -13.53 11.62
N ARG AB 156 90.38 -12.20 11.48
CA ARG AB 156 91.42 -11.44 10.81
C ARG AB 156 92.15 -10.59 11.86
N PRO AB 157 93.37 -10.92 12.24
CA PRO AB 157 94.03 -10.15 13.30
C PRO AB 157 94.25 -8.70 12.89
N LYS AB 158 94.27 -7.83 13.89
CA LYS AB 158 94.47 -6.39 13.69
C LYS AB 158 93.32 -5.78 12.90
N ASN BB 1 82.58 12.06 -21.12
CA ASN BB 1 82.30 11.47 -19.83
C ASN BB 1 80.92 11.88 -19.32
N LYS BB 2 80.38 12.97 -19.86
CA LYS BB 2 79.07 13.47 -19.44
C LYS BB 2 78.20 13.73 -20.66
N PRO BB 3 77.89 12.69 -21.42
CA PRO BB 3 77.05 12.88 -22.61
C PRO BB 3 75.65 13.31 -22.23
N VAL BB 4 75.03 14.08 -23.12
CA VAL BB 4 73.66 14.51 -22.86
C VAL BB 4 72.69 13.33 -22.95
N VAL BB 5 72.94 12.42 -23.90
CA VAL BB 5 72.12 11.24 -24.06
C VAL BB 5 73.03 10.03 -24.28
N VAL BB 6 72.47 8.85 -24.04
CA VAL BB 6 73.18 7.59 -24.23
C VAL BB 6 72.33 6.71 -25.13
N ASN BB 7 72.97 6.14 -26.16
CA ASN BB 7 72.29 5.26 -27.10
C ASN BB 7 72.33 3.84 -26.56
N THR BB 8 71.16 3.31 -26.19
CA THR BB 8 71.06 1.97 -25.65
C THR BB 8 70.27 1.02 -26.53
N SER BB 9 69.51 1.54 -27.50
CA SER BB 9 68.66 0.67 -28.30
C SER BB 9 69.49 -0.34 -29.08
N GLY BB 10 70.61 0.09 -29.65
CA GLY BB 10 71.41 -0.82 -30.44
C GLY BB 10 71.97 -1.97 -29.63
N VAL BB 11 72.55 -1.65 -28.47
CA VAL BB 11 73.17 -2.68 -27.66
C VAL BB 11 72.13 -3.62 -27.07
N VAL BB 12 71.02 -3.06 -26.58
CA VAL BB 12 69.98 -3.89 -25.99
C VAL BB 12 69.37 -4.80 -27.03
N ASN BB 13 69.07 -4.26 -28.21
CA ASN BB 13 68.46 -5.08 -29.27
C ASN BB 13 69.39 -6.20 -29.70
N THR BB 14 70.69 -5.92 -29.78
CA THR BB 14 71.64 -6.97 -30.14
C THR BB 14 71.60 -8.10 -29.12
N ALA BB 15 71.58 -7.76 -27.83
CA ALA BB 15 71.52 -8.80 -26.81
C ALA BB 15 70.23 -9.59 -26.91
N VAL BB 16 69.12 -8.92 -27.17
CA VAL BB 16 67.84 -9.62 -27.28
C VAL BB 16 67.89 -10.64 -28.41
N LEU BB 17 68.42 -10.24 -29.57
CA LEU BB 17 68.50 -11.16 -30.69
C LEU BB 17 69.42 -12.33 -30.39
N GLY BB 18 70.58 -12.06 -29.79
CA GLY BB 18 71.49 -13.13 -29.48
C GLY BB 18 70.93 -14.11 -28.47
N ILE BB 19 70.31 -13.60 -27.41
CA ILE BB 19 69.72 -14.48 -26.40
C ILE BB 19 68.50 -15.17 -26.97
N SER BB 20 67.63 -14.43 -27.66
CA SER BB 20 66.43 -15.04 -28.22
C SER BB 20 66.81 -16.06 -29.29
N GLY BB 21 67.76 -15.74 -30.15
CA GLY BB 21 68.13 -16.66 -31.21
C GLY BB 21 68.64 -17.98 -30.68
N ALA BB 22 69.54 -17.92 -29.69
CA ALA BB 22 70.10 -19.15 -29.15
C ALA BB 22 69.02 -20.02 -28.53
N TRP BB 23 68.16 -19.42 -27.71
CA TRP BB 23 67.10 -20.20 -27.08
C TRP BB 23 66.13 -20.76 -28.11
N LEU BB 24 65.70 -19.92 -29.05
CA LEU BB 24 64.77 -20.40 -30.07
C LEU BB 24 65.42 -21.44 -30.97
N TYR BB 25 66.72 -21.31 -31.24
CA TYR BB 25 67.40 -22.34 -32.00
C TYR BB 25 67.34 -23.68 -31.26
N PHE BB 26 67.90 -23.73 -30.05
CA PHE BB 26 67.99 -24.98 -29.32
C PHE BB 26 66.64 -25.66 -29.20
N TYR BB 27 65.57 -24.88 -29.06
CA TYR BB 27 64.23 -25.41 -28.87
C TYR BB 27 63.50 -25.71 -30.17
N CYS BB 28 64.00 -25.25 -31.31
CA CYS BB 28 63.23 -25.39 -32.56
C CYS BB 28 63.99 -26.08 -33.68
N VAL BB 29 65.25 -25.72 -33.92
CA VAL BB 29 65.96 -26.12 -35.12
C VAL BB 29 66.53 -27.53 -35.05
N PRO BB 30 67.32 -27.89 -34.04
CA PRO BB 30 68.07 -29.15 -34.08
C PRO BB 30 67.18 -30.38 -34.18
N LEU BB 31 67.70 -31.42 -34.85
CA LEU BB 31 67.06 -32.72 -34.81
C LEU BB 31 67.33 -33.45 -33.50
N ARG BB 32 68.48 -33.17 -32.88
CA ARG BB 32 68.75 -33.74 -31.56
C ARG BB 32 67.66 -33.40 -30.57
N ARG BB 33 66.94 -32.31 -30.81
CA ARG BB 33 65.89 -31.91 -29.89
C ARG BB 33 64.79 -32.95 -29.81
N LYS BB 34 64.71 -33.86 -30.77
CA LYS BB 34 63.73 -34.95 -30.76
C LYS BB 34 64.35 -36.26 -30.27
N GLU BB 35 65.41 -36.17 -29.47
CA GLU BB 35 66.07 -37.38 -28.97
C GLU BB 35 65.16 -38.16 -28.03
N TRP BB 36 64.40 -37.47 -27.18
CA TRP BB 36 63.56 -38.19 -26.24
C TRP BB 36 62.44 -38.94 -26.94
N TYR BB 37 61.92 -38.40 -28.04
CA TYR BB 37 60.93 -39.12 -28.83
C TYR BB 37 61.51 -40.41 -29.38
N ASP BB 38 62.77 -40.37 -29.82
CA ASP BB 38 63.38 -41.56 -30.41
C ASP BB 38 63.61 -42.65 -29.36
N ILE BB 39 64.13 -42.26 -28.20
CA ILE BB 39 64.41 -43.25 -27.16
C ILE BB 39 63.14 -43.97 -26.76
N MET BB 40 62.06 -43.22 -26.55
CA MET BB 40 60.80 -43.85 -26.17
C MET BB 40 60.33 -44.82 -27.26
N MET BB 41 60.44 -44.43 -28.53
CA MET BB 41 60.02 -45.32 -29.60
C MET BB 41 60.89 -46.56 -29.65
N ASP BB 42 62.19 -46.41 -29.42
CA ASP BB 42 63.09 -47.54 -29.55
C ASP BB 42 62.84 -48.58 -28.47
N TYR BB 43 62.72 -48.14 -27.21
CA TYR BB 43 62.79 -49.07 -26.09
C TYR BB 43 61.52 -49.16 -25.25
N VAL BB 44 60.62 -48.19 -25.34
CA VAL BB 44 59.45 -48.18 -24.48
C VAL BB 44 58.17 -48.52 -25.23
N HIS BB 45 58.05 -48.19 -26.51
CA HIS BB 45 56.80 -48.34 -27.23
C HIS BB 45 56.43 -49.81 -27.37
N HIS BB 46 55.14 -50.09 -27.20
CA HIS BB 46 54.50 -51.40 -27.37
C HIS BB 46 55.11 -52.50 -26.52
N LYS BB 47 55.94 -52.16 -25.55
CA LYS BB 47 56.51 -53.15 -24.64
C LYS BB 47 55.79 -53.13 -23.29
N ARG BB 48 54.50 -53.49 -23.33
CA ARG BB 48 53.63 -53.43 -22.17
C ARG BB 48 52.72 -54.66 -22.15
N THR BB 49 52.34 -55.08 -20.94
CA THR BB 49 51.37 -56.17 -20.78
C THR BB 49 50.55 -55.91 -19.53
N GLN BB 50 49.35 -56.50 -19.51
CA GLN BB 50 48.48 -56.44 -18.35
C GLN BB 50 48.46 -57.74 -17.56
N TYR BB 51 49.10 -58.79 -18.07
CA TYR BB 51 49.09 -60.09 -17.43
C TYR BB 51 50.37 -60.38 -16.67
N ALA BB 52 51.22 -59.39 -16.47
CA ALA BB 52 52.43 -59.52 -15.69
C ALA BB 52 52.33 -58.63 -14.45
N SER BB 53 52.79 -59.14 -13.33
CA SER BB 53 52.66 -58.41 -12.07
C SER BB 53 53.67 -57.26 -12.01
N ASN BB 54 53.24 -56.15 -11.42
CA ASN BB 54 54.08 -54.99 -11.21
C ASN BB 54 53.83 -54.42 -9.83
N PHE BB 55 54.85 -53.83 -9.24
CA PHE BB 55 54.72 -53.35 -7.87
C PHE BB 55 53.63 -52.30 -7.72
N PRO BB 56 53.50 -51.29 -8.58
CA PRO BB 56 52.45 -50.28 -8.36
C PRO BB 56 51.06 -50.87 -8.28
N ASP BB 57 50.73 -51.84 -9.12
CA ASP BB 57 49.43 -52.48 -9.02
C ASP BB 57 49.32 -53.29 -7.75
N LYS BB 58 50.37 -54.03 -7.40
CA LYS BB 58 50.33 -54.83 -6.19
C LYS BB 58 50.18 -53.95 -4.96
N ALA BB 59 50.89 -52.83 -4.91
CA ALA BB 59 50.82 -51.94 -3.75
C ALA BB 59 49.42 -51.37 -3.60
N VAL BB 60 48.83 -50.89 -4.68
CA VAL BB 60 47.48 -50.35 -4.62
C VAL BB 60 46.49 -51.43 -4.22
N ARG BB 61 46.64 -52.62 -4.79
CA ARG BB 61 45.72 -53.70 -4.49
C ARG BB 61 45.77 -54.09 -3.02
N THR BB 62 46.98 -54.22 -2.46
CA THR BB 62 47.09 -54.62 -1.06
C THR BB 62 46.50 -53.57 -0.14
N ALA BB 63 46.76 -52.30 -0.42
CA ALA BB 63 46.23 -51.25 0.45
C ALA BB 63 44.71 -51.25 0.43
N LEU BB 64 44.10 -51.41 -0.74
CA LEU BB 64 42.64 -51.48 -0.81
C LEU BB 64 42.12 -52.68 -0.02
N ARG BB 65 42.77 -53.83 -0.17
CA ARG BB 65 42.37 -55.00 0.59
C ARG BB 65 42.55 -54.76 2.08
N PHE BB 66 43.64 -54.11 2.48
CA PHE BB 66 43.91 -53.88 3.89
C PHE BB 66 42.84 -52.99 4.50
N ALA BB 67 42.39 -51.98 3.78
CA ALA BB 67 41.37 -51.05 4.27
C ALA BB 67 39.96 -51.51 3.95
N LYS BB 68 39.80 -52.70 3.37
CA LYS BB 68 38.48 -53.19 2.97
C LYS BB 68 37.83 -52.23 1.98
N VAL BB 69 38.65 -51.66 1.10
CA VAL BB 69 38.18 -50.75 0.07
C VAL BB 69 37.66 -49.47 0.69
N SER CB 1 66.10 -41.25 -36.73
CA SER CB 1 66.06 -40.09 -35.80
C SER CB 1 65.07 -39.05 -36.28
N GLY CB 2 63.96 -38.91 -35.58
CA GLY CB 2 62.95 -37.91 -35.89
C GLY CB 2 61.62 -38.55 -36.28
N ASN CB 3 60.63 -37.68 -36.43
CA ASN CB 3 59.31 -38.12 -36.86
C ASN CB 3 59.31 -38.32 -38.37
N ALA CB 4 58.18 -38.78 -38.89
CA ALA CB 4 58.00 -38.80 -40.33
C ALA CB 4 57.70 -37.40 -40.83
N ALA CB 5 58.08 -37.13 -42.07
CA ALA CB 5 57.89 -35.80 -42.64
C ALA CB 5 56.45 -35.34 -42.44
N ARG CB 6 56.30 -34.16 -41.85
CA ARG CB 6 54.98 -33.61 -41.54
C ARG CB 6 54.69 -32.29 -42.25
N GLY CB 7 55.69 -31.62 -42.81
CA GLY CB 7 55.49 -30.34 -43.44
C GLY CB 7 56.76 -29.72 -43.98
N PRO CB 8 56.77 -28.41 -44.18
CA PRO CB 8 57.91 -27.74 -44.81
C PRO CB 8 59.01 -27.49 -43.80
N PRO CB 9 60.23 -27.17 -44.26
CA PRO CB 9 61.29 -26.76 -43.33
C PRO CB 9 61.04 -25.37 -42.79
N LEU CB 10 61.81 -25.01 -41.76
CA LEU CB 10 61.60 -23.74 -41.09
C LEU CB 10 61.79 -22.56 -42.03
N TYR CB 11 62.84 -22.59 -42.85
CA TYR CB 11 63.16 -21.44 -43.68
C TYR CB 11 62.14 -21.20 -44.78
N ASP CB 12 61.23 -22.12 -45.02
CA ASP CB 12 60.20 -21.95 -46.05
C ASP CB 12 59.08 -21.10 -45.49
N LEU CB 13 59.22 -19.79 -45.61
CA LEU CB 13 58.21 -18.88 -45.07
C LEU CB 13 56.84 -19.08 -45.69
N PRO CB 14 56.67 -19.07 -47.01
CA PRO CB 14 55.32 -19.24 -47.56
C PRO CB 14 54.67 -20.56 -47.17
N GLY CB 15 55.45 -21.64 -47.11
CA GLY CB 15 54.88 -22.91 -46.71
C GLY CB 15 54.43 -22.92 -45.27
N ASN CB 16 55.24 -22.36 -44.37
CA ASN CB 16 54.87 -22.31 -42.97
C ASN CB 16 53.66 -21.41 -42.75
N PHE CB 17 53.57 -20.30 -43.47
CA PHE CB 17 52.41 -19.43 -43.30
C PHE CB 17 51.12 -20.14 -43.61
N ARG CB 18 51.14 -21.06 -44.57
CA ARG CB 18 49.93 -21.81 -44.90
C ARG CB 18 49.46 -22.64 -43.72
N TYR CB 19 50.38 -23.37 -43.09
CA TYR CB 19 50.01 -24.18 -41.93
C TYR CB 19 49.57 -23.31 -40.76
N ALA CB 20 50.27 -22.20 -40.54
CA ALA CB 20 49.88 -21.31 -39.46
C ALA CB 20 48.48 -20.78 -39.67
N LYS CB 21 48.14 -20.44 -40.91
CA LYS CB 21 46.80 -19.95 -41.19
C LYS CB 21 45.75 -21.04 -40.92
N GLU CB 22 46.03 -22.27 -41.34
CA GLU CB 22 45.07 -23.35 -41.15
C GLU CB 22 44.81 -23.62 -39.68
N PHE CB 23 45.72 -23.23 -38.80
CA PHE CB 23 45.48 -23.40 -37.37
C PHE CB 23 44.18 -22.75 -36.95
N PHE CB 24 43.76 -21.69 -37.64
CA PHE CB 24 42.54 -20.99 -37.31
C PHE CB 24 41.36 -21.33 -38.22
N THR CB 25 41.63 -21.76 -39.46
CA THR CB 25 40.56 -21.98 -40.43
C THR CB 25 40.18 -23.45 -40.56
N LYS CB 26 41.15 -24.31 -40.86
CA LYS CB 26 40.87 -25.72 -41.08
C LYS CB 26 41.28 -26.53 -39.87
N PRO CB 27 40.36 -27.08 -39.08
CA PRO CB 27 40.78 -27.89 -37.93
C PRO CB 27 41.53 -29.14 -38.37
N ALA CB 28 42.51 -29.52 -37.57
CA ALA CB 28 43.34 -30.69 -37.88
C ALA CB 28 42.58 -31.97 -37.58
N ILE CB 29 42.83 -32.98 -38.40
CA ILE CB 29 42.21 -34.29 -38.24
C ILE CB 29 43.25 -35.37 -37.93
N SER CB 30 44.41 -34.96 -37.43
CA SER CB 30 45.41 -35.91 -36.99
C SER CB 30 46.40 -35.16 -36.11
N TYR CB 31 47.06 -35.90 -35.22
CA TYR CB 31 48.02 -35.26 -34.32
C TYR CB 31 49.18 -34.67 -35.09
N GLY CB 32 49.68 -35.38 -36.09
CA GLY CB 32 50.84 -34.90 -36.82
C GLY CB 32 50.61 -33.54 -37.44
N GLU CB 33 49.48 -33.36 -38.12
CA GLU CB 33 49.24 -32.09 -38.78
C GLU CB 33 48.94 -30.99 -37.76
N PHE CB 34 48.25 -31.32 -36.68
CA PHE CB 34 48.03 -30.32 -35.64
C PHE CB 34 49.35 -29.88 -35.04
N HIS CB 35 50.26 -30.82 -34.81
CA HIS CB 35 51.58 -30.45 -34.31
C HIS CB 35 52.30 -29.56 -35.31
N GLN CB 36 52.17 -29.85 -36.60
CA GLN CB 36 52.78 -29.01 -37.62
C GLN CB 36 52.19 -27.61 -37.60
N GLN CB 37 50.87 -27.51 -37.41
CA GLN CB 37 50.25 -26.19 -37.35
C GLN CB 37 50.83 -25.38 -36.19
N CYS CB 38 51.06 -26.01 -35.05
CA CYS CB 38 51.66 -25.30 -33.92
C CYS CB 38 53.10 -24.89 -34.23
N THR CB 39 53.89 -25.80 -34.81
CA THR CB 39 55.29 -25.44 -35.08
C THR CB 39 55.38 -24.32 -36.09
N SER CB 40 54.57 -24.38 -37.15
CA SER CB 40 54.55 -23.27 -38.10
C SER CB 40 54.03 -22.01 -37.44
N LEU CB 41 53.00 -22.13 -36.60
CA LEU CB 41 52.51 -20.98 -35.85
C LEU CB 41 53.58 -20.45 -34.89
N ARG CB 42 54.37 -21.36 -34.31
CA ARG CB 42 55.43 -20.95 -33.40
C ARG CB 42 56.41 -20.01 -34.07
N LEU CB 43 56.69 -20.24 -35.35
CA LEU CB 43 57.64 -19.40 -36.07
C LEU CB 43 57.20 -17.94 -36.03
N PHE CB 44 55.94 -17.69 -36.32
CA PHE CB 44 55.46 -16.32 -36.38
C PHE CB 44 55.20 -15.75 -34.99
N VAL CB 45 54.73 -16.56 -34.06
CA VAL CB 45 54.50 -16.08 -32.70
C VAL CB 45 55.81 -15.66 -32.07
N CYS CB 46 56.85 -16.48 -32.23
CA CYS CB 46 58.16 -16.10 -31.69
C CYS CB 46 58.70 -14.87 -32.39
N ALA CB 47 58.52 -14.79 -33.71
CA ALA CB 47 59.01 -13.62 -34.44
C ALA CB 47 58.29 -12.35 -33.98
N GLY CB 48 56.98 -12.45 -33.74
CA GLY CB 48 56.24 -11.30 -33.24
C GLY CB 48 56.72 -10.86 -31.87
N THR CB 49 56.98 -11.83 -30.98
CA THR CB 49 57.45 -11.48 -29.64
C THR CB 49 58.80 -10.80 -29.70
N VAL CB 50 59.72 -11.33 -30.50
CA VAL CB 50 61.00 -10.66 -30.64
C VAL CB 50 60.82 -9.32 -31.35
N GLY CB 51 59.91 -9.26 -32.30
CA GLY CB 51 59.70 -8.02 -33.03
C GLY CB 51 59.27 -6.89 -32.11
N TYR CB 52 58.30 -7.16 -31.25
CA TYR CB 52 57.84 -6.11 -30.34
C TYR CB 52 58.95 -5.70 -29.38
N MET CB 53 59.73 -6.65 -28.89
CA MET CB 53 60.81 -6.32 -27.98
C MET CB 53 61.79 -5.36 -28.63
N LEU CB 54 62.18 -5.63 -29.88
CA LEU CB 54 63.07 -4.71 -30.57
C LEU CB 54 62.40 -3.36 -30.78
N PHE CB 55 61.12 -3.36 -31.15
CA PHE CB 55 60.40 -2.11 -31.31
C PHE CB 55 60.30 -1.37 -29.99
N SER CB 56 60.01 -2.09 -28.90
CA SER CB 56 59.81 -1.43 -27.62
C SER CB 56 61.08 -0.73 -27.16
N PHE CB 57 62.23 -1.36 -27.33
CA PHE CB 57 63.48 -0.75 -26.89
C PHE CB 57 63.96 0.35 -27.82
N THR CB 58 63.35 0.51 -28.98
CA THR CB 58 63.63 1.67 -29.83
C THR CB 58 62.66 2.79 -29.55
N MET CB 59 61.36 2.50 -29.49
CA MET CB 59 60.38 3.52 -29.21
C MET CB 59 60.56 4.10 -27.81
N TRP CB 60 60.87 3.25 -26.84
CA TRP CB 60 61.06 3.65 -25.45
C TRP CB 60 62.38 3.09 -24.95
N PRO CB 61 63.50 3.74 -25.27
CA PRO CB 61 64.80 3.17 -24.95
C PRO CB 61 65.04 3.09 -23.46
N CYS CB 62 65.91 2.16 -23.08
CA CYS CB 62 66.40 2.11 -21.70
C CYS CB 62 67.19 3.37 -21.39
N ARG CB 63 66.96 3.92 -20.21
CA ARG CB 63 67.50 5.22 -19.85
C ARG CB 63 68.86 5.14 -19.17
N SER CB 64 69.15 4.06 -18.47
CA SER CB 64 70.41 3.96 -17.75
C SER CB 64 71.56 3.68 -18.72
N SER CB 65 72.76 4.08 -18.31
CA SER CB 65 73.97 3.82 -19.08
C SER CB 65 74.62 2.49 -18.73
N TYR CB 66 74.00 1.71 -17.83
CA TYR CB 66 74.57 0.42 -17.47
C TYR CB 66 74.67 -0.51 -18.66
N TRP CB 67 73.73 -0.39 -19.60
CA TRP CB 67 73.65 -1.35 -20.69
C TRP CB 67 74.83 -1.26 -21.65
N LYS CB 68 75.67 -0.23 -21.54
CA LYS CB 68 76.92 -0.24 -22.28
C LYS CB 68 77.81 -1.40 -21.86
N ASN CB 69 77.56 -1.98 -20.69
CA ASN CB 69 78.33 -3.13 -20.23
C ASN CB 69 77.93 -4.43 -20.91
N TRP CB 70 76.80 -4.45 -21.60
CA TRP CB 70 76.33 -5.64 -22.28
C TRP CB 70 76.78 -5.72 -23.73
N ALA CB 71 77.67 -4.82 -24.16
CA ALA CB 71 78.23 -4.94 -25.49
C ALA CB 71 78.98 -6.25 -25.63
N VAL CB 72 78.94 -6.83 -26.83
CA VAL CB 72 79.52 -8.16 -27.04
C VAL CB 72 81.00 -8.16 -26.73
N TRP CB 73 81.72 -7.13 -27.18
CA TRP CB 73 83.15 -7.11 -26.98
C TRP CB 73 83.54 -6.91 -25.52
N LYS CB 74 82.62 -6.46 -24.68
CA LYS CB 74 82.90 -6.31 -23.26
C LYS CB 74 82.53 -7.54 -22.44
N VAL CB 75 81.90 -8.54 -23.06
CA VAL CB 75 81.46 -9.72 -22.30
C VAL CB 75 82.64 -10.45 -21.67
N PRO CB 76 83.71 -10.79 -22.40
CA PRO CB 76 84.82 -11.48 -21.73
C PRO CB 76 85.41 -10.69 -20.58
N GLY CB 77 85.48 -9.37 -20.70
CA GLY CB 77 85.97 -8.57 -19.59
C GLY CB 77 85.08 -8.70 -18.37
N ASN CB 78 83.76 -8.69 -18.57
CA ASN CB 78 82.84 -8.85 -17.45
C ASN CB 78 83.01 -10.21 -16.80
N ILE CB 79 83.25 -11.24 -17.59
CA ILE CB 79 83.47 -12.58 -17.03
C ILE CB 79 84.70 -12.57 -16.14
N MET CB 80 85.79 -11.97 -16.63
CA MET CB 80 87.01 -11.91 -15.84
C MET CB 80 86.82 -11.08 -14.58
N HIS CB 81 85.93 -10.10 -14.62
CA HIS CB 81 85.72 -9.26 -13.46
C HIS CB 81 85.20 -10.06 -12.28
N HIS CB 82 84.25 -10.96 -12.50
CA HIS CB 82 83.68 -11.73 -11.41
C HIS CB 82 84.64 -12.78 -10.86
N PHE CB 83 85.66 -13.15 -11.63
CA PHE CB 83 86.65 -14.11 -11.17
C PHE CB 83 87.87 -13.46 -10.56
N SER CB 84 87.94 -12.14 -10.51
CA SER CB 84 89.15 -11.45 -10.09
C SER CB 84 88.86 -10.38 -9.04
N LYS CB 85 87.80 -10.56 -8.26
CA LYS CB 85 87.53 -9.63 -7.17
C LYS CB 85 88.48 -9.88 -6.02
N ARG CB 86 88.78 -8.82 -5.28
CA ARG CB 86 89.74 -8.90 -4.20
C ARG CB 86 89.26 -9.86 -3.12
N SER CB 87 90.17 -10.69 -2.62
CA SER CB 87 89.83 -11.60 -1.54
C SER CB 87 89.73 -10.84 -0.23
N GLY CB 88 88.89 -11.35 0.67
CA GLY CB 88 88.70 -10.71 1.96
C GLY CB 88 87.41 -11.17 2.59
N SER CB 89 86.86 -10.31 3.45
CA SER CB 89 85.60 -10.58 4.12
C SER CB 89 84.55 -9.58 3.66
N ILE CB 90 83.31 -10.06 3.54
CA ILE CB 90 82.23 -9.16 3.15
C ILE CB 90 82.01 -8.11 4.22
N PHE CB 91 82.20 -8.46 5.48
CA PHE CB 91 82.09 -7.49 6.56
C PHE CB 91 83.24 -6.49 6.49
N LEU CB 92 82.96 -5.27 6.92
CA LEU CB 92 83.93 -4.18 6.88
C LEU CB 92 84.78 -4.22 8.14
N ASP CB 93 86.10 -4.31 7.97
CA ASP CB 93 86.99 -4.26 9.12
C ASP CB 93 87.20 -2.83 9.61
N GLU CB 94 87.25 -1.87 8.69
CA GLU CB 94 87.51 -0.48 9.01
C GLU CB 94 86.50 0.40 8.27
N PRO CB 95 86.09 1.53 8.86
CA PRO CB 95 85.09 2.37 8.18
C PRO CB 95 85.56 2.81 6.81
N LEU CB 96 84.63 2.81 5.86
CA LEU CB 96 84.91 3.31 4.51
C LEU CB 96 84.95 4.83 4.52
N LYS CB 97 85.87 5.39 3.73
CA LYS CB 97 86.07 6.83 3.65
C LYS CB 97 85.55 7.31 2.30
N ARG CB 98 84.37 7.91 2.32
CA ARG CB 98 83.75 8.49 1.14
C ARG CB 98 83.64 10.00 1.31
N THR CB 99 83.79 10.72 0.20
CA THR CB 99 83.69 12.18 0.26
C THR CB 99 82.25 12.65 0.46
N ILE CB 100 81.27 11.77 0.25
CA ILE CB 100 79.87 12.13 0.42
C ILE CB 100 79.18 11.05 1.25
N ASP CB 101 78.32 11.46 2.15
CA ASP CB 101 77.53 10.54 2.98
C ASP CB 101 76.22 10.30 2.27
N VAL CB 102 76.20 9.32 1.37
CA VAL CB 102 75.02 9.10 0.54
C VAL CB 102 73.80 8.78 1.38
N PRO CB 103 73.86 7.89 2.37
CA PRO CB 103 72.63 7.61 3.15
C PRO CB 103 72.05 8.83 3.80
N LYS CB 104 72.90 9.73 4.32
CA LYS CB 104 72.39 10.94 4.95
C LYS CB 104 71.84 11.90 3.91
N THR CB 105 72.57 12.08 2.81
CA THR CB 105 72.08 12.93 1.73
C THR CB 105 70.78 12.40 1.16
N TYR CB 106 70.70 11.08 0.98
CA TYR CB 106 69.48 10.48 0.46
C TYR CB 106 68.30 10.77 1.38
N ALA CB 107 68.50 10.67 2.70
CA ALA CB 107 67.40 10.92 3.63
C ALA CB 107 66.89 12.34 3.49
N HIS CB 108 67.80 13.31 3.36
CA HIS CB 108 67.36 14.70 3.24
C HIS CB 108 66.59 14.93 1.95
N LEU CB 109 67.05 14.34 0.84
CA LEU CB 109 66.37 14.55 -0.43
C LEU CB 109 64.95 14.01 -0.40
N ILE CB 110 64.76 12.82 0.17
CA ILE CB 110 63.42 12.26 0.24
C ILE CB 110 62.53 13.10 1.12
N ALA CB 111 63.06 13.59 2.24
CA ALA CB 111 62.23 14.33 3.19
C ALA CB 111 61.88 15.71 2.66
N THR CB 112 62.75 16.33 1.86
CA THR CB 112 62.57 17.72 1.47
C THR CB 112 62.74 17.98 -0.02
N ARG CB 113 63.20 17.01 -0.80
CA ARG CB 113 63.51 17.25 -2.21
C ARG CB 113 64.49 18.40 -2.35
N ARG CB 114 65.45 18.45 -1.44
CA ARG CB 114 66.41 19.55 -1.40
C ARG CB 114 67.68 19.04 -0.75
N LEU CB 115 68.82 19.42 -1.30
CA LEU CB 115 70.09 19.00 -0.73
C LEU CB 115 70.29 19.65 0.64
N PRO CB 116 70.96 18.96 1.56
CA PRO CB 116 71.23 19.58 2.87
C PRO CB 116 72.08 20.83 2.71
N GLY CB 117 71.78 21.83 3.53
CA GLY CB 117 72.49 23.10 3.47
C GLY CB 117 72.33 23.79 2.13
C ACE DB 1 24.74 -34.60 -31.84
O ACE DB 1 25.65 -35.28 -31.40
CH3 ACE DB 1 23.53 -35.20 -32.49
N MET DB 2 24.77 -33.26 -31.79
CA MET DB 2 25.91 -32.54 -31.25
C MET DB 2 25.51 -31.11 -30.95
N LEU DB 3 26.10 -30.55 -29.90
CA LEU DB 3 25.81 -29.17 -29.53
C LEU DB 3 26.76 -28.24 -30.26
N THR DB 4 26.25 -27.59 -31.31
CA THR DB 4 27.06 -26.65 -32.06
C THR DB 4 26.13 -25.71 -32.81
N VAL DB 5 26.60 -24.48 -33.04
CA VAL DB 5 25.86 -23.51 -33.83
C VAL DB 5 26.44 -23.33 -35.22
N ASP DB 6 27.53 -24.03 -35.54
CA ASP DB 6 28.14 -23.88 -36.85
C ASP DB 6 27.23 -24.48 -37.93
N LYS DB 7 27.30 -23.89 -39.12
CA LYS DB 7 26.52 -24.34 -40.27
C LYS DB 7 27.45 -24.56 -41.44
N PHE DB 8 27.18 -25.63 -42.21
CA PHE DB 8 28.00 -25.98 -43.35
C PHE DB 8 27.08 -26.32 -44.53
N THR DB 9 27.54 -25.97 -45.72
CA THR DB 9 26.86 -26.38 -46.94
C THR DB 9 27.18 -27.83 -47.26
N ARG DB 10 26.43 -28.41 -48.18
CA ARG DB 10 26.67 -29.81 -48.52
C ARG DB 10 28.04 -29.99 -49.15
N ALA DB 11 28.50 -29.01 -49.94
CA ALA DB 11 29.82 -29.10 -50.51
C ALA DB 11 30.90 -29.14 -49.44
N GLU DB 12 30.75 -28.30 -48.41
CA GLU DB 12 31.69 -28.34 -47.29
C GLU DB 12 31.57 -29.65 -46.53
N ALA DB 13 30.34 -30.12 -46.31
CA ALA DB 13 30.17 -31.39 -45.61
C ALA DB 13 30.77 -32.54 -46.38
N LEU DB 14 30.61 -32.54 -47.70
CA LEU DB 14 31.23 -33.58 -48.50
C LEU DB 14 32.74 -33.55 -48.35
N GLN DB 15 33.33 -32.35 -48.37
CA GLN DB 15 34.79 -32.25 -48.28
C GLN DB 15 35.29 -32.75 -46.93
N ARG DB 16 34.62 -32.36 -45.85
CA ARG DB 16 35.05 -32.79 -44.53
C ARG DB 16 34.97 -34.30 -44.39
N ALA DB 17 33.87 -34.90 -44.84
CA ALA DB 17 33.71 -36.35 -44.72
C ALA DB 17 34.74 -37.09 -45.57
N SER DB 18 34.98 -36.61 -46.79
CA SER DB 18 35.95 -37.28 -47.64
C SER DB 18 37.36 -37.15 -47.08
N ASN DB 19 37.71 -35.98 -46.54
CA ASN DB 19 39.03 -35.80 -45.97
C ASN DB 19 39.27 -36.75 -44.80
N LEU DB 20 38.28 -36.87 -43.93
CA LEU DB 20 38.43 -37.78 -42.79
C LEU DB 20 38.53 -39.23 -43.24
N TYR DB 21 37.74 -39.61 -44.24
CA TYR DB 21 37.74 -40.99 -44.70
C TYR DB 21 39.11 -41.41 -45.21
N TYR DB 22 39.77 -40.56 -45.99
CA TYR DB 22 41.08 -40.91 -46.51
C TYR DB 22 42.17 -40.76 -45.46
N GLN DB 23 42.00 -39.84 -44.51
CA GLN DB 23 42.97 -39.71 -43.44
C GLN DB 23 43.05 -40.98 -42.62
N VAL DB 24 41.89 -41.56 -42.28
CA VAL DB 24 41.88 -42.78 -41.48
C VAL DB 24 42.42 -43.95 -42.29
N LEU DB 25 41.96 -44.08 -43.52
CA LEU DB 25 42.34 -45.24 -44.32
C LEU DB 25 43.81 -45.18 -44.74
N GLY DB 26 44.33 -43.98 -44.97
CA GLY DB 26 45.72 -43.85 -45.37
C GLY DB 26 46.71 -43.99 -44.24
N THR DB 27 46.26 -43.84 -43.00
CA THR DB 27 47.16 -43.95 -41.87
C THR DB 27 47.63 -45.38 -41.69
N ASN DB 28 48.85 -45.52 -41.18
CA ASN DB 28 49.43 -46.83 -40.92
C ASN DB 28 48.93 -47.32 -39.57
N TRP DB 29 48.00 -48.27 -39.59
CA TRP DB 29 47.43 -48.77 -38.34
C TRP DB 29 48.38 -49.66 -37.59
N GLU DB 30 49.38 -50.24 -38.25
CA GLU DB 30 50.27 -51.18 -37.58
C GLU DB 30 51.01 -50.49 -36.43
N ASP DB 31 51.50 -49.29 -36.66
CA ASP DB 31 52.16 -48.54 -35.60
C ASP DB 31 51.14 -48.14 -34.55
N GLY DB 32 51.31 -48.67 -33.34
CA GLY DB 32 50.34 -48.39 -32.29
C GLY DB 32 50.25 -46.91 -31.96
N LEU DB 33 51.38 -46.20 -32.00
CA LEU DB 33 51.37 -44.80 -31.63
C LEU DB 33 50.53 -43.96 -32.58
N ASN DB 34 50.44 -44.38 -33.84
CA ASN DB 34 49.61 -43.64 -34.79
C ASN DB 34 48.16 -43.61 -34.35
N LEU DB 35 47.64 -44.75 -33.89
CA LEU DB 35 46.26 -44.79 -33.44
C LEU DB 35 46.09 -44.07 -32.11
N VAL DB 36 47.08 -44.19 -31.22
CA VAL DB 36 46.98 -43.53 -29.93
C VAL DB 36 46.91 -42.02 -30.10
N LEU DB 37 47.78 -41.48 -30.96
CA LEU DB 37 47.84 -40.02 -31.12
C LEU DB 37 46.67 -39.50 -31.94
N ASP DB 38 46.24 -40.25 -32.96
CA ASP DB 38 45.29 -39.71 -33.92
C ASP DB 38 43.84 -39.96 -33.54
N VAL DB 39 43.53 -41.08 -32.91
CA VAL DB 39 42.15 -41.46 -32.63
C VAL DB 39 41.44 -40.34 -31.90
N PRO DB 40 42.05 -39.69 -30.91
CA PRO DB 40 41.37 -38.56 -30.27
C PRO DB 40 40.99 -37.46 -31.25
N PHE DB 41 41.81 -37.25 -32.28
CA PHE DB 41 41.47 -36.25 -33.30
C PHE DB 41 40.39 -36.78 -34.23
N TRP DB 42 40.43 -38.07 -34.58
CA TRP DB 42 39.41 -38.63 -35.44
C TRP DB 42 38.04 -38.56 -34.78
N GLU DB 43 37.95 -38.91 -33.51
CA GLU DB 43 36.65 -38.91 -32.84
C GLU DB 43 36.05 -37.52 -32.82
N SER DB 44 36.85 -36.51 -32.49
CA SER DB 44 36.33 -35.14 -32.47
C SER DB 44 35.82 -34.74 -33.84
N GLU DB 45 36.58 -35.04 -34.89
CA GLU DB 45 36.13 -34.73 -36.24
C GLU DB 45 34.93 -35.58 -36.61
N LEU DB 46 34.97 -36.87 -36.31
CA LEU DB 46 33.88 -37.76 -36.70
C LEU DB 46 32.56 -37.31 -36.10
N GLU DB 47 32.59 -36.78 -34.87
CA GLU DB 47 31.38 -36.24 -34.28
C GLU DB 47 30.86 -35.05 -35.09
N LYS DB 48 31.76 -34.16 -35.52
CA LYS DB 48 31.33 -33.03 -36.33
C LYS DB 48 30.82 -33.48 -37.70
N VAL DB 49 31.51 -34.44 -38.32
CA VAL DB 49 31.11 -34.89 -39.64
C VAL DB 49 29.73 -35.51 -39.61
N ASP DB 50 29.44 -36.33 -38.60
CA ASP DB 50 28.12 -36.95 -38.50
C ASP DB 50 27.04 -35.90 -38.33
N HIS DB 51 27.30 -34.88 -37.53
CA HIS DB 51 26.29 -33.86 -37.31
C HIS DB 51 25.96 -33.10 -38.59
N MET DB 52 27.00 -32.71 -39.34
CA MET DB 52 26.74 -31.92 -40.54
C MET DB 52 26.24 -32.77 -41.70
N CYS DB 53 26.60 -34.05 -41.73
CA CYS DB 53 26.19 -34.93 -42.82
C CYS DB 53 24.89 -35.67 -42.52
N GLU DB 54 24.27 -35.42 -41.37
CA GLU DB 54 23.01 -36.08 -41.04
C GLU DB 54 21.94 -35.89 -42.12
N PRO DB 55 21.70 -34.69 -42.65
CA PRO DB 55 20.68 -34.53 -43.68
C PRO DB 55 21.05 -35.13 -45.03
N TYR DB 56 22.27 -35.66 -45.19
CA TYR DB 56 22.71 -36.18 -46.47
C TYR DB 56 22.97 -37.68 -46.43
N LEU DB 57 22.42 -38.37 -45.44
CA LEU DB 57 22.62 -39.81 -45.34
C LEU DB 57 21.99 -40.56 -46.51
N CYS DB 58 21.05 -39.94 -47.21
CA CYS DB 58 20.48 -40.50 -48.43
C CYS DB 58 21.07 -39.90 -49.69
N ASP DB 59 21.98 -38.93 -49.55
CA ASP DB 59 22.58 -38.30 -50.72
C ASP DB 59 23.40 -39.31 -51.51
N ASP DB 60 23.35 -39.21 -52.84
CA ASP DB 60 24.03 -40.18 -53.69
C ASP DB 60 25.54 -40.04 -53.64
N GLU DB 61 26.07 -38.92 -53.16
CA GLU DB 61 27.51 -38.74 -53.02
C GLU DB 61 27.96 -38.82 -51.58
N ILE DB 62 27.36 -38.04 -50.68
CA ILE DB 62 27.78 -38.04 -49.29
C ILE DB 62 27.42 -39.36 -48.62
N GLY DB 63 26.31 -39.98 -49.02
CA GLY DB 63 25.86 -41.18 -48.39
C GLY DB 63 26.90 -42.29 -48.41
N PRO DB 64 27.36 -42.67 -49.60
CA PRO DB 64 28.38 -43.71 -49.67
C PRO DB 64 29.65 -43.40 -48.91
N ILE DB 65 30.06 -42.12 -48.88
CA ILE DB 65 31.25 -41.75 -48.13
C ILE DB 65 31.05 -42.00 -46.65
N ILE DB 66 29.88 -41.65 -46.13
CA ILE DB 66 29.60 -41.86 -44.72
C ILE DB 66 29.64 -43.35 -44.39
N ARG DB 67 29.04 -44.19 -45.24
CA ARG DB 67 29.04 -45.61 -44.97
C ARG DB 67 30.45 -46.17 -44.95
N ASN DB 68 31.28 -45.78 -45.91
CA ASN DB 68 32.67 -46.23 -45.90
C ASN DB 68 33.44 -45.69 -44.71
N LEU DB 69 33.21 -44.42 -44.37
CA LEU DB 69 33.90 -43.85 -43.21
C LEU DB 69 33.55 -44.61 -41.95
N HIS DB 70 32.26 -44.85 -41.72
CA HIS DB 70 31.86 -45.59 -40.53
C HIS DB 70 32.41 -47.00 -40.55
N GLU DB 71 32.37 -47.67 -41.70
CA GLU DB 71 32.88 -49.02 -41.78
C GLU DB 71 34.37 -49.06 -41.50
N THR DB 72 35.11 -48.07 -42.01
CA THR DB 72 36.55 -48.04 -41.77
C THR DB 72 36.87 -47.84 -40.31
N VAL DB 73 36.13 -46.98 -39.63
CA VAL DB 73 36.35 -46.77 -38.21
C VAL DB 73 36.02 -48.04 -37.43
N ASN DB 74 34.97 -48.76 -37.84
CA ASN DB 74 34.67 -50.04 -37.19
C ASN DB 74 35.84 -51.00 -37.33
N CYS DB 75 36.41 -51.09 -38.53
CA CYS DB 75 37.51 -52.02 -38.75
C CYS DB 75 38.75 -51.59 -37.97
N MET DB 76 39.00 -50.29 -37.88
CA MET DB 76 40.18 -49.80 -37.18
C MET DB 76 40.16 -50.21 -35.72
N TYR DB 77 39.02 -50.04 -35.06
CA TYR DB 77 38.92 -50.43 -33.66
C TYR DB 77 39.04 -51.93 -33.50
N ALA DB 78 38.42 -52.70 -34.39
CA ALA DB 78 38.48 -54.15 -34.28
C ALA DB 78 39.89 -54.67 -34.48
N CYS DB 79 40.59 -54.17 -35.49
CA CYS DB 79 41.96 -54.61 -35.73
C CYS DB 79 42.88 -54.19 -34.60
N GLU DB 80 42.69 -52.98 -34.07
CA GLU DB 80 43.54 -52.52 -32.99
C GLU DB 80 43.40 -53.43 -31.77
N ASP DB 81 42.17 -53.83 -31.45
CA ASP DB 81 41.96 -54.66 -30.26
C ASP DB 81 42.68 -56.00 -30.39
N VAL DB 82 42.57 -56.64 -31.55
CA VAL DB 82 43.21 -57.94 -31.73
C VAL DB 82 44.71 -57.79 -31.72
N ARG DB 83 45.24 -56.82 -32.46
CA ARG DB 83 46.69 -56.64 -32.49
C ARG DB 83 47.22 -56.20 -31.13
N ASP DB 84 46.42 -55.48 -30.35
CA ASP DB 84 46.84 -55.11 -29.01
C ASP DB 84 47.07 -56.33 -28.15
N HIS DB 85 46.20 -57.34 -28.29
CA HIS DB 85 46.39 -58.59 -27.55
C HIS DB 85 47.64 -59.32 -28.00
N ILE DB 86 47.91 -59.31 -29.32
CA ILE DB 86 49.12 -59.98 -29.81
C ILE DB 86 50.36 -59.32 -29.24
N ASN DB 87 50.37 -57.98 -29.18
CA ASN DB 87 51.52 -57.29 -28.62
C ASN DB 87 51.77 -57.72 -27.19
N GLU DB 88 50.70 -57.91 -26.41
CA GLU DB 88 50.87 -58.37 -25.05
C GLU DB 88 51.52 -59.75 -25.01
N LEU DB 89 51.10 -60.66 -25.89
CA LEU DB 89 51.70 -61.98 -25.92
C LEU DB 89 53.17 -61.92 -26.29
N LEU DB 90 53.52 -61.08 -27.27
CA LEU DB 90 54.92 -60.95 -27.64
C LEU DB 90 55.73 -60.34 -26.51
N GLU DB 91 55.18 -59.35 -25.81
CA GLU DB 91 55.90 -58.73 -24.70
C GLU DB 91 56.11 -59.74 -23.58
N LEU DB 92 55.09 -60.56 -23.29
CA LEU DB 92 55.28 -61.59 -22.27
C LEU DB 92 56.39 -62.54 -22.65
N SER DB 93 56.45 -62.95 -23.91
CA SER DB 93 57.51 -63.85 -24.35
C SER DB 93 58.88 -63.19 -24.20
N SER DB 94 58.98 -61.90 -24.55
CA SER DB 94 60.27 -61.22 -24.45
C SER DB 94 60.74 -61.17 -22.99
N ARG DB 95 59.84 -60.81 -22.08
CA ARG DB 95 60.23 -60.73 -20.68
C ARG DB 95 60.62 -62.08 -20.12
N ALA DB 96 60.03 -63.16 -20.64
CA ALA DB 96 60.40 -64.49 -20.20
C ALA DB 96 61.82 -64.85 -20.57
N GLU DB 97 62.44 -64.11 -21.49
CA GLU DB 97 63.81 -64.41 -21.89
C GLU DB 97 64.81 -64.07 -20.80
N GLY DB 98 64.48 -63.09 -19.95
CA GLY DB 98 65.40 -62.63 -18.92
C GLY DB 98 66.08 -61.33 -19.30
N VAL DB 99 67.12 -60.99 -18.53
CA VAL DB 99 67.90 -59.79 -18.78
C VAL DB 99 68.97 -60.11 -19.80
N MET DB 100 69.09 -59.27 -20.82
CA MET DB 100 70.03 -59.49 -21.91
C MET DB 100 69.72 -60.82 -22.61
N GLY DB 101 68.46 -61.23 -22.58
CA GLY DB 101 68.08 -62.52 -23.11
C GLY DB 101 68.82 -63.67 -22.49
N SER DB 102 69.41 -63.47 -21.30
CA SER DB 102 70.21 -64.48 -20.65
C SER DB 102 69.42 -65.32 -19.65
N GLY DB 103 68.18 -64.93 -19.36
CA GLY DB 103 67.43 -65.60 -18.31
C GLY DB 103 67.84 -65.19 -16.91
N ALA DB 104 68.61 -64.12 -16.77
CA ALA DB 104 69.11 -63.72 -15.46
C ALA DB 104 67.98 -63.49 -14.48
N ALA DB 105 66.95 -62.75 -14.90
CA ALA DB 105 65.76 -62.51 -14.10
C ALA DB 105 64.52 -62.90 -14.89
N ALA DB 106 64.61 -64.00 -15.62
CA ALA DB 106 63.53 -64.45 -16.48
C ALA DB 106 62.23 -64.59 -15.70
N SER DB 107 61.13 -64.14 -16.31
CA SER DB 107 59.82 -64.23 -15.70
C SER DB 107 59.18 -65.58 -16.03
N GLU DB 108 57.93 -65.75 -15.61
CA GLU DB 108 57.19 -66.97 -15.92
C GLU DB 108 56.68 -66.93 -17.35
N GLU DB 109 56.84 -68.05 -18.05
CA GLU DB 109 56.41 -68.13 -19.45
C GLU DB 109 54.89 -68.24 -19.54
N VAL DB 110 54.39 -68.10 -20.76
CA VAL DB 110 52.98 -68.30 -21.04
C VAL DB 110 52.74 -69.79 -21.20
N GLU DB 111 51.94 -70.38 -20.32
CA GLU DB 111 51.74 -71.82 -20.31
C GLU DB 111 50.72 -72.29 -21.33
N ASN DB 112 49.89 -71.38 -21.85
CA ASN DB 112 48.86 -71.73 -22.81
C ASN DB 112 49.07 -70.98 -24.13
N MET DB 113 50.32 -70.90 -24.58
CA MET DB 113 50.62 -70.20 -25.81
C MET DB 113 49.85 -70.76 -27.00
N PRO DB 114 49.82 -72.07 -27.25
CA PRO DB 114 49.04 -72.56 -28.39
C PRO DB 114 47.56 -72.21 -28.31
N GLU DB 115 46.98 -72.20 -27.11
CA GLU DB 115 45.59 -71.79 -26.99
C GLU DB 115 45.41 -70.35 -27.40
N GLN DB 116 46.32 -69.48 -26.99
CA GLN DB 116 46.24 -68.08 -27.38
C GLN DB 116 46.36 -67.94 -28.89
N CYS DB 117 47.28 -68.69 -29.49
CA CYS DB 117 47.42 -68.63 -30.94
C CYS DB 117 46.13 -69.09 -31.62
N GLY DB 118 45.52 -70.16 -31.12
CA GLY DB 118 44.24 -70.58 -31.65
C GLY DB 118 43.17 -69.52 -31.50
N MET DB 119 43.17 -68.82 -30.37
CA MET DB 119 42.17 -67.78 -30.16
C MET DB 119 42.41 -66.60 -31.09
N VAL DB 120 43.66 -66.17 -31.23
CA VAL DB 120 43.97 -65.00 -32.04
C VAL DB 120 43.64 -65.28 -33.51
N THR DB 121 44.04 -66.45 -34.01
CA THR DB 121 43.77 -66.77 -35.41
C THR DB 121 42.28 -66.80 -35.68
N LYS DB 122 41.49 -67.32 -34.73
CA LYS DB 122 40.04 -67.32 -34.90
C LYS DB 122 39.51 -65.91 -35.02
N ALA DB 123 40.01 -65.00 -34.19
CA ALA DB 123 39.61 -63.60 -34.31
C ALA DB 123 40.04 -63.02 -35.64
N TYR DB 124 41.23 -63.38 -36.10
CA TYR DB 124 41.71 -62.89 -37.39
C TYR DB 124 40.77 -63.31 -38.51
N GLU DB 125 40.31 -64.56 -38.50
CA GLU DB 125 39.38 -65.01 -39.52
C GLU DB 125 38.07 -64.24 -39.44
N ASP DB 126 37.61 -63.93 -38.23
CA ASP DB 126 36.36 -63.19 -38.08
C ASP DB 126 36.47 -61.81 -38.71
N LEU DB 127 37.60 -61.13 -38.54
CA LEU DB 127 37.78 -59.82 -39.16
C LEU DB 127 37.66 -59.91 -40.66
N LEU DB 128 38.29 -60.92 -41.27
CA LEU DB 128 38.26 -61.03 -42.72
C LEU DB 128 36.84 -61.19 -43.23
N ALA DB 129 36.04 -62.02 -42.56
CA ALA DB 129 34.65 -62.20 -42.97
C ALA DB 129 33.84 -60.94 -42.70
N ARG DB 130 34.07 -60.30 -41.56
CA ARG DB 130 33.25 -59.15 -41.19
C ARG DB 130 33.54 -57.94 -42.05
N TYR DB 131 34.78 -57.75 -42.50
CA TYR DB 131 35.20 -56.56 -43.24
C TYR DB 131 35.84 -57.00 -44.54
N PRO DB 132 35.05 -57.45 -45.51
CA PRO DB 132 35.63 -57.95 -46.76
C PRO DB 132 36.33 -56.89 -47.58
N GLU DB 133 36.06 -55.61 -47.34
CA GLU DB 133 36.64 -54.53 -48.13
C GLU DB 133 37.80 -53.86 -47.43
N HIS DB 134 38.31 -54.45 -46.35
CA HIS DB 134 39.45 -53.86 -45.64
C HIS DB 134 40.56 -54.88 -45.44
N HIS DB 135 40.63 -55.91 -46.27
CA HIS DB 135 41.68 -56.90 -46.12
C HIS DB 135 43.07 -56.29 -46.12
N PRO DB 136 43.40 -55.33 -46.98
CA PRO DB 136 44.75 -54.76 -46.91
C PRO DB 136 45.11 -54.22 -45.55
N LYS DB 137 44.16 -53.58 -44.87
CA LYS DB 137 44.45 -53.05 -43.54
C LYS DB 137 44.53 -54.17 -42.51
N ILE DB 138 43.67 -55.18 -42.65
CA ILE DB 138 43.67 -56.29 -41.70
C ILE DB 138 45.00 -57.04 -41.77
N GLU DB 139 45.46 -57.33 -42.99
CA GLU DB 139 46.74 -58.02 -43.13
C GLU DB 139 47.88 -57.17 -42.60
N GLN DB 140 47.79 -55.86 -42.74
CA GLN DB 140 48.85 -54.98 -42.26
C GLN DB 140 49.02 -55.10 -40.76
N THR DB 141 47.91 -55.09 -40.01
CA THR DB 141 47.98 -55.08 -38.55
C THR DB 141 47.91 -56.48 -37.96
N VAL DB 142 46.82 -57.20 -38.21
CA VAL DB 142 46.62 -58.49 -37.56
C VAL DB 142 47.38 -59.59 -38.30
N GLY DB 143 47.33 -59.59 -39.63
CA GLY DB 143 48.02 -60.62 -40.37
C GLY DB 143 49.50 -60.63 -40.10
N HIS DB 144 50.12 -59.45 -40.08
CA HIS DB 144 51.55 -59.38 -39.76
C HIS DB 144 51.80 -59.79 -38.33
N GLY DB 145 50.90 -59.45 -37.41
CA GLY DB 145 51.07 -59.86 -36.03
C GLY DB 145 51.11 -61.36 -35.88
N LEU DB 146 50.24 -62.07 -36.60
CA LEU DB 146 50.25 -63.53 -36.54
C LEU DB 146 51.57 -64.08 -37.04
N ALA DB 147 52.14 -63.48 -38.09
CA ALA DB 147 53.42 -63.96 -38.59
C ALA DB 147 54.51 -63.84 -37.54
N VAL DB 148 54.51 -62.74 -36.78
CA VAL DB 148 55.49 -62.60 -35.71
C VAL DB 148 55.29 -63.69 -34.66
N LEU DB 149 54.04 -63.94 -34.27
CA LEU DB 149 53.77 -65.00 -33.31
C LEU DB 149 54.19 -66.35 -33.87
N ARG DB 150 54.01 -66.57 -35.17
CA ARG DB 150 54.36 -67.85 -35.75
C ARG DB 150 55.83 -68.17 -35.57
N GLN DB 151 56.67 -67.14 -35.45
CA GLN DB 151 58.08 -67.38 -35.15
C GLN DB 151 58.26 -67.97 -33.76
N LEU DB 152 57.49 -67.47 -32.78
CA LEU DB 152 57.61 -67.96 -31.41
C LEU DB 152 57.05 -69.37 -31.29
N GLU DB 153 55.86 -69.60 -31.85
CA GLU DB 153 55.15 -70.86 -31.70
C GLU DB 153 54.74 -71.35 -33.07
N LYS DB 154 54.77 -72.68 -33.24
CA LYS DB 154 54.40 -73.29 -34.51
C LYS DB 154 52.93 -73.65 -34.48
N PHE DB 155 52.11 -72.84 -35.14
CA PHE DB 155 50.68 -73.08 -35.28
C PHE DB 155 50.28 -72.85 -36.73
N ASN DB 156 49.10 -73.35 -37.08
CA ASN DB 156 48.62 -73.33 -38.45
C ASN DB 156 47.46 -72.36 -38.59
N PHE DB 157 47.56 -71.47 -39.58
CA PHE DB 157 46.44 -70.63 -39.98
C PHE DB 157 46.40 -70.60 -41.49
N LYS DB 158 45.22 -70.27 -42.04
CA LYS DB 158 44.98 -70.46 -43.46
C LYS DB 158 46.00 -69.72 -44.30
N SER DB 159 46.30 -68.47 -43.95
CA SER DB 159 47.22 -67.65 -44.71
C SER DB 159 48.67 -67.82 -44.28
N SER DB 160 48.99 -68.89 -43.55
CA SER DB 160 50.36 -69.07 -43.08
C SER DB 160 51.32 -69.21 -44.25
N HIS DB 161 50.93 -69.95 -45.29
CA HIS DB 161 51.83 -70.16 -46.41
C HIS DB 161 52.11 -68.88 -47.16
N ARG DB 162 51.17 -67.93 -47.13
CA ARG DB 162 51.39 -66.65 -47.80
C ARG DB 162 52.30 -65.72 -47.01
N TYR DB 163 52.66 -66.08 -45.78
CA TYR DB 163 53.65 -65.34 -45.01
C TYR DB 163 54.97 -66.09 -44.92
N PHE DB 164 55.22 -67.02 -45.85
CA PHE DB 164 56.47 -67.78 -45.90
C PHE DB 164 56.61 -68.67 -44.66
N PHE DB 165 55.54 -69.35 -44.30
CA PHE DB 165 55.57 -70.33 -43.21
C PHE DB 165 55.00 -71.66 -43.68
N ALA EB 1 52.28 -68.15 -16.20
CA ALA EB 1 50.86 -67.75 -16.07
C ALA EB 1 50.04 -68.32 -17.22
N ARG EB 2 48.73 -68.09 -17.18
CA ARG EB 2 47.82 -68.55 -18.22
C ARG EB 2 46.91 -67.38 -18.60
N VAL EB 3 47.14 -66.83 -19.78
CA VAL EB 3 46.34 -65.70 -20.23
C VAL EB 3 44.90 -66.15 -20.44
N PRO EB 4 43.90 -65.31 -20.17
CA PRO EB 4 42.51 -65.73 -20.39
C PRO EB 4 42.29 -66.15 -21.83
N GLU EB 5 41.46 -67.18 -22.01
CA GLU EB 5 41.22 -67.76 -23.33
C GLU EB 5 39.85 -67.44 -23.89
N ASP EB 6 39.09 -66.57 -23.24
CA ASP EB 6 37.73 -66.26 -23.66
C ASP EB 6 37.56 -64.76 -23.85
N ILE EB 7 38.53 -64.12 -24.50
CA ILE EB 7 38.48 -62.68 -24.67
C ILE EB 7 37.46 -62.34 -25.74
N GLU EB 8 36.60 -61.36 -25.44
CA GLU EB 8 35.61 -60.87 -26.39
C GLU EB 8 36.21 -59.66 -27.10
N PHE EB 9 36.80 -59.89 -28.27
CA PHE EB 9 37.46 -58.81 -28.99
C PHE EB 9 36.44 -57.81 -29.52
N THR EB 10 36.92 -56.58 -29.71
CA THR EB 10 36.09 -55.54 -30.27
C THR EB 10 35.57 -55.96 -31.64
N LYS EB 11 34.30 -55.67 -31.90
CA LYS EB 11 33.67 -55.98 -33.18
C LYS EB 11 33.43 -54.75 -34.03
N ASN EB 12 33.25 -53.58 -33.43
CA ASN EB 12 32.99 -52.36 -34.18
C ASN EB 12 33.20 -51.19 -33.24
N ARG EB 13 32.98 -49.98 -33.77
CA ARG EB 13 33.31 -48.79 -32.99
C ARG EB 13 32.37 -48.61 -31.80
N TYR EB 14 31.21 -49.27 -31.78
CA TYR EB 14 30.27 -49.11 -30.69
C TYR EB 14 30.20 -50.33 -29.78
N THR EB 15 30.97 -51.37 -30.04
CA THR EB 15 31.06 -52.55 -29.17
C THR EB 15 32.54 -52.81 -28.92
N ARG EB 16 33.10 -52.10 -27.95
CA ARG EB 16 34.54 -52.03 -27.77
C ARG EB 16 34.97 -52.68 -26.46
N ARG EB 17 36.05 -53.46 -26.52
CA ARG EB 17 36.68 -53.99 -25.33
C ARG EB 17 37.73 -53.00 -24.83
N TYR EB 18 37.91 -52.97 -23.52
CA TYR EB 18 38.94 -52.12 -22.91
C TYR EB 18 40.29 -52.80 -23.06
N ASN EB 19 41.21 -52.14 -23.75
CA ASN EB 19 42.52 -52.69 -24.03
C ASN EB 19 43.58 -51.64 -23.70
N LEU EB 20 44.85 -52.06 -23.78
CA LEU EB 20 45.93 -51.15 -23.43
C LEU EB 20 46.01 -49.97 -24.38
N ALA EB 21 45.53 -50.13 -25.61
CA ALA EB 21 45.52 -49.00 -26.53
C ALA EB 21 44.64 -47.88 -25.99
N THR EB 22 43.47 -48.22 -25.47
CA THR EB 22 42.62 -47.20 -24.86
C THR EB 22 43.29 -46.61 -23.63
N GLU EB 23 43.95 -47.45 -22.84
CA GLU EB 23 44.62 -46.95 -21.64
C GLU EB 23 45.76 -46.01 -22.01
N ASP EB 24 46.45 -46.29 -23.11
CA ASP EB 24 47.48 -45.37 -23.59
C ASP EB 24 46.88 -44.03 -23.96
N ARG EB 25 45.71 -44.04 -24.60
CA ARG EB 25 45.04 -42.78 -24.92
C ARG EB 25 44.72 -42.00 -23.66
N VAL EB 26 44.37 -42.69 -22.58
CA VAL EB 26 44.15 -42.00 -21.32
C VAL EB 26 45.45 -41.42 -20.79
N LYS EB 27 46.57 -42.13 -20.98
CA LYS EB 27 47.84 -41.55 -20.60
C LYS EB 27 48.12 -40.28 -21.38
N LEU EB 28 47.81 -40.29 -22.67
CA LEU EB 28 48.06 -39.10 -23.48
C LEU EB 28 47.31 -37.91 -22.93
N LEU EB 29 46.05 -38.10 -22.53
CA LEU EB 29 45.29 -37.00 -21.97
C LEU EB 29 45.88 -36.53 -20.65
N ASN EB 30 46.29 -37.46 -19.80
CA ASN EB 30 46.80 -37.07 -18.49
C ASN EB 30 48.15 -36.38 -18.59
N TRP EB 31 49.05 -36.90 -19.41
CA TRP EB 31 50.33 -36.24 -19.58
C TRP EB 31 50.16 -34.85 -20.17
N ASN EB 32 49.23 -34.69 -21.11
CA ASN EB 32 48.97 -33.36 -21.65
C ASN EB 32 48.26 -32.48 -20.64
N ALA EB 33 47.45 -33.07 -19.76
CA ALA EB 33 46.87 -32.29 -18.67
C ALA EB 33 47.95 -31.76 -17.75
N PHE EB 34 49.00 -32.54 -17.53
CA PHE EB 34 50.11 -32.07 -16.71
C PHE EB 34 50.81 -30.89 -17.38
N CYS EB 35 50.97 -30.95 -18.70
CA CYS EB 35 51.64 -29.87 -19.41
C CYS EB 35 50.89 -28.56 -19.27
N ILE EB 36 49.56 -28.60 -19.27
CA ILE EB 36 48.79 -27.39 -19.06
C ILE EB 36 49.03 -26.87 -17.64
N ALA EB 37 48.99 -27.76 -16.66
CA ALA EB 37 49.14 -27.34 -15.27
C ALA EB 37 50.55 -26.84 -15.00
N VAL EB 38 51.56 -27.52 -15.54
CA VAL EB 38 52.93 -27.14 -15.24
C VAL EB 38 53.29 -25.81 -15.89
N THR EB 39 52.51 -25.37 -16.88
CA THR EB 39 52.78 -24.09 -17.50
C THR EB 39 52.57 -22.94 -16.52
N ALA EB 40 51.87 -23.17 -15.42
CA ALA EB 40 51.64 -22.11 -14.45
C ALA EB 40 52.95 -21.67 -13.79
N LEU EB 41 53.88 -22.59 -13.59
CA LEU EB 41 55.15 -22.21 -12.95
C LEU EB 41 55.89 -21.15 -13.73
N PRO EB 42 56.31 -21.38 -14.97
CA PRO EB 42 57.03 -20.32 -15.70
C PRO EB 42 56.22 -19.04 -15.81
N ILE EB 43 54.92 -19.12 -16.04
CA ILE EB 43 54.11 -17.91 -16.12
C ILE EB 43 54.09 -17.21 -14.76
N ALA EB 44 53.96 -17.97 -13.68
CA ALA EB 44 53.94 -17.37 -12.35
C ALA EB 44 55.24 -16.65 -12.05
N TYR EB 45 56.36 -17.24 -12.43
CA TYR EB 45 57.65 -16.61 -12.14
C TYR EB 45 57.78 -15.28 -12.86
N VAL EB 46 57.40 -15.23 -14.13
CA VAL EB 46 57.55 -13.99 -14.89
C VAL EB 46 56.60 -12.93 -14.35
N TYR EB 47 55.40 -13.33 -13.95
CA TYR EB 47 54.42 -12.34 -13.51
C TYR EB 47 54.75 -11.80 -12.12
N TYR EB 48 55.39 -12.58 -11.28
CA TYR EB 48 55.60 -12.19 -9.89
C TYR EB 48 57.02 -11.74 -9.58
N SER EB 49 58.00 -12.12 -10.38
CA SER EB 49 59.38 -11.81 -10.05
C SER EB 49 59.64 -10.32 -10.19
N TRP EB 50 60.47 -9.79 -9.30
CA TRP EB 50 60.91 -8.40 -9.34
C TRP EB 50 62.42 -8.36 -9.16
N TYR EB 51 63.04 -7.36 -9.78
CA TYR EB 51 64.49 -7.17 -9.73
C TYR EB 51 64.76 -5.74 -9.28
N GLU EB 52 64.98 -5.57 -7.98
CA GLU EB 52 65.22 -4.24 -7.41
C GLU EB 52 66.30 -4.34 -6.35
N SER EB 53 67.20 -3.36 -6.34
CA SER EB 53 68.32 -3.39 -5.40
C SER EB 53 67.83 -3.25 -3.96
N SER EB 54 66.91 -2.34 -3.70
CA SER EB 54 66.39 -2.15 -2.35
C SER EB 54 65.08 -1.39 -2.45
N GLU EB 55 64.57 -0.96 -1.30
CA GLU EB 55 63.31 -0.21 -1.26
C GLU EB 55 63.49 1.25 -1.63
N ASP EB 56 64.73 1.71 -1.79
CA ASP EB 56 64.95 3.09 -2.17
C ASP EB 56 64.55 3.36 -3.61
N THR EB 57 64.59 2.35 -4.47
CA THR EB 57 64.26 2.56 -5.87
C THR EB 57 62.90 3.19 -6.02
N ASP EB 58 61.88 2.61 -5.37
CA ASP EB 58 60.54 3.17 -5.49
C ASP EB 58 60.48 4.57 -4.90
N MET EB 59 61.17 4.79 -3.79
CA MET EB 59 61.16 6.10 -3.17
C MET EB 59 61.83 7.15 -4.06
N ILE EB 60 62.86 6.76 -4.81
CA ILE EB 60 63.53 7.72 -5.69
C ILE EB 60 62.59 8.17 -6.79
N TYR EB 61 61.91 7.24 -7.43
CA TYR EB 61 60.99 7.62 -8.50
C TYR EB 61 59.83 8.44 -7.96
N ARG EB 62 59.38 8.13 -6.74
CA ARG EB 62 58.28 8.89 -6.16
C ARG EB 62 58.68 10.34 -5.88
N THR EB 63 59.95 10.60 -5.58
CA THR EB 63 60.38 11.94 -5.19
C THR EB 63 61.19 12.67 -6.25
N MET EB 64 61.88 11.96 -7.13
CA MET EB 64 62.78 12.60 -8.09
C MET EB 64 62.44 12.34 -9.54
N ASP EB 65 61.47 11.49 -9.84
CA ASP EB 65 61.10 11.21 -11.22
C ASP EB 65 59.70 10.60 -11.27
N PRO EB 66 58.69 11.32 -10.81
CA PRO EB 66 57.34 10.73 -10.74
C PRO EB 66 56.72 10.45 -12.09
N MET EB 67 57.13 11.14 -13.14
CA MET EB 67 56.54 10.98 -14.46
C MET EB 67 57.41 10.17 -15.40
N ARG EB 68 58.54 9.66 -14.93
CA ARG EB 68 59.46 8.90 -15.77
C ARG EB 68 59.94 9.75 -16.94
N GLU EB 69 60.11 11.04 -16.69
CA GLU EB 69 60.62 11.97 -17.67
C GLU EB 69 61.87 12.70 -17.21
N ALA EB 70 62.03 12.89 -15.91
CA ALA EB 70 63.12 13.70 -15.38
C ALA EB 70 64.45 13.17 -15.85
N LYS EB 71 65.13 13.93 -16.72
CA LYS EB 71 66.45 13.54 -17.18
C LYS EB 71 67.48 13.71 -16.07
N ALA EB 72 68.48 12.85 -16.09
CA ALA EB 72 69.55 12.87 -15.11
C ALA EB 72 70.88 13.03 -15.82
N ASP EB 73 71.73 13.91 -15.30
CA ASP EB 73 73.06 14.07 -15.87
C ASP EB 73 73.79 12.74 -15.81
N TYR EB 74 74.37 12.33 -16.93
CA TYR EB 74 75.10 11.07 -17.02
C TYR EB 74 76.56 11.31 -16.64
N TYR EB 75 77.10 10.41 -15.83
CA TYR EB 75 78.53 10.39 -15.52
C TYR EB 75 78.99 8.96 -15.76
N LEU EB 76 79.62 8.72 -16.91
CA LEU EB 76 79.89 7.35 -17.34
C LEU EB 76 80.68 6.53 -16.34
N PRO EB 77 81.72 7.06 -15.69
CA PRO EB 77 82.51 6.21 -14.79
C PRO EB 77 81.69 5.53 -13.71
N LEU EB 78 80.51 6.05 -13.36
CA LEU EB 78 79.71 5.45 -12.30
C LEU EB 78 79.42 3.98 -12.59
N LEU EB 79 78.69 3.72 -13.67
CA LEU EB 79 78.31 2.36 -14.01
C LEU EB 79 79.29 1.68 -14.95
N ARG EB 80 80.28 2.40 -15.47
CA ARG EB 80 81.25 1.81 -16.37
C ARG EB 80 82.38 1.12 -15.65
N GLY EB 81 82.53 1.33 -14.34
CA GLY EB 81 83.58 0.71 -13.57
C GLY EB 81 84.88 1.48 -13.53
N HIS EB 82 85.23 2.16 -14.61
CA HIS EB 82 86.46 2.93 -14.67
C HIS EB 82 86.21 4.30 -15.27
N SER FB 1 55.74 -79.81 -31.04
CA SER FB 1 56.84 -80.69 -30.57
C SER FB 1 58.18 -80.04 -30.80
N TYR FB 2 58.29 -79.26 -31.88
CA TYR FB 2 59.49 -78.53 -32.23
C TYR FB 2 59.29 -77.06 -31.91
N LYS FB 3 60.29 -76.45 -31.26
CA LYS FB 3 60.25 -75.03 -30.96
C LYS FB 3 61.57 -74.40 -31.33
N SER FB 4 61.52 -73.15 -31.79
CA SER FB 4 62.71 -72.41 -32.18
C SER FB 4 63.24 -71.62 -30.99
N ALA FB 5 64.56 -71.53 -30.91
CA ALA FB 5 65.19 -70.78 -29.82
C ALA FB 5 65.34 -69.32 -30.20
N HIS FB 6 65.48 -68.49 -29.17
CA HIS FB 6 65.69 -67.06 -29.34
C HIS FB 6 67.07 -66.70 -28.80
N GLN FB 7 67.87 -66.03 -29.61
CA GLN FB 7 69.23 -65.72 -29.22
C GLN FB 7 69.25 -64.61 -28.17
N GLU FB 8 70.39 -64.47 -27.52
CA GLU FB 8 70.58 -63.44 -26.52
C GLU FB 8 70.74 -62.08 -27.19
N THR FB 9 70.99 -61.06 -26.37
CA THR FB 9 71.18 -59.72 -26.91
C THR FB 9 72.49 -59.65 -27.69
N PRO FB 10 72.47 -59.13 -28.92
CA PRO FB 10 73.73 -59.03 -29.68
C PRO FB 10 74.75 -58.11 -29.05
N LEU FB 11 74.35 -57.21 -28.16
CA LEU FB 11 75.28 -56.23 -27.62
C LEU FB 11 76.47 -56.88 -26.95
N THR FB 12 76.31 -58.08 -26.40
CA THR FB 12 77.38 -58.69 -25.63
C THR FB 12 78.54 -59.13 -26.51
N TYR FB 13 78.28 -59.51 -27.76
CA TYR FB 13 79.32 -60.08 -28.60
C TYR FB 13 79.50 -59.39 -29.95
N TYR FB 14 78.50 -58.70 -30.48
CA TYR FB 14 78.62 -58.16 -31.82
C TYR FB 14 79.76 -57.15 -31.90
N ARG FB 15 80.50 -57.21 -32.99
CA ARG FB 15 81.69 -56.38 -33.15
C ARG FB 15 81.32 -54.91 -33.25
N ALA FB 16 82.14 -54.06 -32.66
CA ALA FB 16 81.90 -52.62 -32.65
C ALA FB 16 82.61 -51.94 -33.81
N THR FB 17 82.11 -50.76 -34.18
CA THR FB 17 82.70 -49.93 -35.20
C THR FB 17 82.89 -48.52 -34.67
N GLN FB 18 83.90 -47.83 -35.19
CA GLN FB 18 84.19 -46.49 -34.71
C GLN FB 18 82.99 -45.57 -34.91
N HIS FB 19 82.33 -45.67 -36.07
CA HIS FB 19 81.18 -44.81 -36.32
C HIS FB 19 80.03 -45.14 -35.40
N ALA FB 20 79.83 -46.43 -35.10
CA ALA FB 20 78.72 -46.81 -34.22
C ALA FB 20 78.89 -46.21 -32.82
N THR FB 21 80.11 -46.26 -32.28
CA THR FB 21 80.34 -45.70 -30.96
C THR FB 21 80.08 -44.20 -30.95
N SER FB 22 80.55 -43.49 -31.99
CA SER FB 22 80.37 -42.04 -32.03
C SER FB 22 78.89 -41.68 -32.07
N SER FB 23 78.08 -42.47 -32.77
CA SER FB 23 76.65 -42.18 -32.83
C SER FB 23 76.02 -42.24 -31.46
N ILE FB 24 76.42 -43.23 -30.65
CA ILE FB 24 75.91 -43.30 -29.28
C ILE FB 24 76.28 -42.06 -28.52
N ASN FB 25 77.53 -41.61 -28.64
CA ASN FB 25 77.94 -40.38 -27.98
C ASN FB 25 77.07 -39.21 -28.44
N HIS FB 26 76.75 -39.16 -29.73
CA HIS FB 26 75.91 -38.09 -30.24
C HIS FB 26 74.54 -38.11 -29.56
N ARG FB 27 73.98 -39.30 -29.35
CA ARG FB 27 72.67 -39.41 -28.74
C ARG FB 27 72.70 -39.18 -27.23
N LEU FB 28 73.85 -39.34 -26.60
CA LEU FB 28 73.96 -39.19 -25.16
C LEU FB 28 74.40 -37.79 -24.74
N ALA FB 29 74.53 -36.86 -25.67
CA ALA FB 29 75.01 -35.53 -25.32
C ALA FB 29 74.08 -34.86 -24.32
N TYR FB 30 72.77 -34.92 -24.56
CA TYR FB 30 71.84 -34.29 -23.65
C TYR FB 30 71.80 -34.99 -22.30
N ILE FB 31 71.89 -36.33 -22.30
CA ILE FB 31 71.87 -37.06 -21.04
C ILE FB 31 73.03 -36.62 -20.17
N ASN FB 32 74.21 -36.48 -20.75
CA ASN FB 32 75.36 -36.01 -19.98
C ASN FB 32 75.12 -34.60 -19.47
N ALA FB 33 74.54 -33.74 -20.29
CA ALA FB 33 74.31 -32.36 -19.86
C ALA FB 33 73.42 -32.32 -18.63
N VAL FB 34 72.35 -33.11 -18.62
CA VAL FB 34 71.49 -33.16 -17.44
C VAL FB 34 72.27 -33.69 -16.25
N PHE FB 35 73.10 -34.70 -16.47
CA PHE FB 35 73.87 -35.26 -15.37
C PHE FB 35 74.79 -34.21 -14.76
N VAL FB 36 75.47 -33.43 -15.59
CA VAL FB 36 76.39 -32.42 -15.08
C VAL FB 36 75.64 -31.37 -14.28
N ILE FB 37 74.50 -30.92 -14.81
CA ILE FB 37 73.71 -29.92 -14.09
C ILE FB 37 73.31 -30.44 -12.72
N TRP FB 38 72.93 -31.71 -12.64
CA TRP FB 38 72.57 -32.30 -11.36
C TRP FB 38 73.77 -32.32 -10.41
N VAL FB 39 74.95 -32.66 -10.93
CA VAL FB 39 76.14 -32.69 -10.07
C VAL FB 39 76.43 -31.30 -9.53
N CYS FB 40 76.42 -30.29 -10.41
CA CYS FB 40 76.67 -28.93 -9.95
C CYS FB 40 75.62 -28.49 -8.95
N ASP FB 41 74.35 -28.82 -9.21
CA ASP FB 41 73.29 -28.48 -8.27
C ASP FB 41 73.55 -29.09 -6.91
N SER FB 42 73.94 -30.37 -6.89
CA SER FB 42 74.22 -31.02 -5.61
C SER FB 42 75.41 -30.39 -4.92
N LEU FB 43 76.49 -30.13 -5.66
CA LEU FB 43 77.67 -29.52 -5.06
C LEU FB 43 77.34 -28.16 -4.46
N ASN FB 44 76.57 -27.36 -5.19
CA ASN FB 44 76.20 -26.05 -4.67
C ASN FB 44 75.42 -26.13 -3.37
N ASP FB 45 74.80 -27.28 -3.08
CA ASP FB 45 73.97 -27.42 -1.89
C ASP FB 45 74.67 -28.12 -0.75
N VAL FB 46 75.59 -29.03 -1.03
CA VAL FB 46 76.19 -29.89 -0.01
C VAL FB 46 77.64 -29.58 0.27
N ASP FB 47 78.28 -28.77 -0.55
CA ASP FB 47 79.72 -28.53 -0.44
C ASP FB 47 79.99 -27.08 -0.05
N GLN FB 48 80.93 -26.90 0.88
CA GLN FB 48 81.31 -25.57 1.35
C GLN FB 48 80.09 -24.74 1.73
N MET GB 1 76.91 -65.46 -20.67
CA MET GB 1 76.77 -64.92 -22.06
C MET GB 1 78.14 -64.85 -22.74
N MET GB 2 78.12 -64.56 -24.04
CA MET GB 2 79.35 -64.43 -24.82
C MET GB 2 79.80 -62.98 -24.76
N LEU GB 3 80.92 -62.74 -24.09
CA LEU GB 3 81.46 -61.40 -23.89
C LEU GB 3 82.77 -61.27 -24.64
N ARG GB 4 82.94 -60.17 -25.38
CA ARG GB 4 84.15 -59.91 -26.13
C ARG GB 4 84.57 -58.47 -25.91
N TYR GB 5 85.88 -58.25 -25.80
CA TYR GB 5 86.37 -56.90 -25.56
C TYR GB 5 86.00 -55.97 -26.72
N ASP GB 6 86.05 -56.47 -27.94
CA ASP GB 6 85.66 -55.69 -29.10
C ASP GB 6 84.14 -55.65 -29.30
N SER GB 7 83.37 -56.04 -28.29
CA SER GB 7 81.93 -55.99 -28.39
C SER GB 7 81.42 -54.56 -28.41
N LEU GB 8 80.21 -54.39 -28.94
CA LEU GB 8 79.62 -53.06 -28.99
C LEU GB 8 79.38 -52.52 -27.59
N LEU GB 9 78.95 -53.38 -26.67
CA LEU GB 9 78.68 -52.92 -25.31
C LEU GB 9 79.94 -52.37 -24.65
N TRP GB 10 81.02 -53.14 -24.67
CA TRP GB 10 82.23 -52.69 -23.99
C TRP GB 10 82.88 -51.52 -24.73
N GLN GB 11 82.93 -51.59 -26.06
CA GLN GB 11 83.56 -50.52 -26.81
C GLN GB 11 82.79 -49.22 -26.67
N CYS GB 12 81.46 -49.28 -26.65
CA CYS GB 12 80.68 -48.07 -26.44
C CYS GB 12 80.98 -47.45 -25.09
N THR GB 13 81.11 -48.28 -24.05
CA THR GB 13 81.40 -47.75 -22.73
C THR GB 13 82.73 -47.03 -22.70
N LEU GB 14 83.77 -47.63 -23.30
CA LEU GB 14 85.07 -46.98 -23.35
C LEU GB 14 84.99 -45.69 -24.15
N ALA GB 15 84.30 -45.72 -25.29
CA ALA GB 15 84.17 -44.51 -26.09
C ALA GB 15 83.44 -43.42 -25.31
N ALA GB 16 82.36 -43.79 -24.61
CA ALA GB 16 81.65 -42.82 -23.81
C ALA GB 16 82.52 -42.25 -22.70
N GLY GB 17 83.27 -43.11 -22.02
CA GLY GB 17 84.12 -42.63 -20.95
C GLY GB 17 85.19 -41.67 -21.44
N ILE GB 18 85.85 -42.01 -22.54
CA ILE GB 18 86.88 -41.13 -23.08
C ILE GB 18 86.28 -39.81 -23.54
N TRP GB 19 85.11 -39.87 -24.17
CA TRP GB 19 84.53 -38.65 -24.75
C TRP GB 19 83.97 -37.74 -23.66
N PHE GB 20 83.32 -38.29 -22.65
CA PHE GB 20 82.58 -37.45 -21.71
C PHE GB 20 83.39 -37.11 -20.46
N ILE GB 21 84.16 -38.05 -19.93
CA ILE GB 21 84.87 -37.78 -18.68
C ILE GB 21 85.73 -36.53 -18.79
N PRO GB 22 86.54 -36.35 -19.83
CA PRO GB 22 87.31 -35.10 -19.93
C PRO GB 22 86.43 -33.86 -19.96
N GLN GB 23 85.28 -33.93 -20.63
CA GLN GB 23 84.37 -32.79 -20.65
C GLN GB 23 83.75 -32.56 -19.29
N ASP GB 24 83.24 -33.62 -18.67
CA ASP GB 24 82.55 -33.47 -17.39
C ASP GB 24 83.50 -32.93 -16.34
N VAL GB 25 84.70 -33.48 -16.25
CA VAL GB 25 85.63 -33.01 -15.23
C VAL GB 25 85.94 -31.54 -15.43
N ALA GB 26 86.18 -31.12 -16.67
CA ALA GB 26 86.41 -29.72 -16.94
C ALA GB 26 85.20 -28.89 -16.55
N ALA GB 27 84.00 -29.35 -16.93
CA ALA GB 27 82.81 -28.58 -16.61
C ALA GB 27 82.57 -28.50 -15.12
N ILE GB 28 82.76 -29.62 -14.41
CA ILE GB 28 82.61 -29.59 -12.97
C ILE GB 28 83.67 -28.71 -12.32
N SER GB 29 84.91 -28.81 -12.80
CA SER GB 29 85.97 -27.98 -12.24
C SER GB 29 85.65 -26.50 -12.41
N ALA GB 30 85.14 -26.12 -13.58
CA ALA GB 30 84.81 -24.71 -13.81
C ALA GB 30 83.79 -24.23 -12.80
N PHE GB 31 82.76 -25.05 -12.52
CA PHE GB 31 81.77 -24.66 -11.53
C PHE GB 31 82.40 -24.56 -10.15
N LEU GB 32 83.27 -25.51 -9.80
CA LEU GB 32 83.96 -25.42 -8.53
C LEU GB 32 84.79 -24.16 -8.44
N LEU GB 33 85.46 -23.80 -9.53
CA LEU GB 33 86.27 -22.58 -9.53
C LEU GB 33 85.40 -21.35 -9.27
N TYR GB 34 84.23 -21.29 -9.89
CA TYR GB 34 83.34 -20.16 -9.66
C TYR GB 34 82.91 -20.10 -8.20
N GLY GB 35 82.61 -21.25 -7.61
CA GLY GB 35 82.27 -21.25 -6.19
C GLY GB 35 83.41 -20.78 -5.32
N ARG GB 36 84.64 -21.19 -5.65
CA ARG GB 36 85.80 -20.75 -4.89
C ARG GB 36 85.99 -19.24 -5.03
N SER GB 37 85.73 -18.72 -6.23
CA SER GB 37 85.91 -17.28 -6.45
C SER GB 37 85.01 -16.48 -5.53
N LYS GB 38 83.74 -16.89 -5.39
CA LYS GB 38 82.84 -16.17 -4.51
C LYS GB 38 83.19 -16.42 -3.05
N SER GB 39 83.60 -17.65 -2.72
CA SER GB 39 83.87 -17.98 -1.32
C SER GB 39 85.01 -17.14 -0.76
N ARG GB 40 86.09 -17.00 -1.51
CA ARG GB 40 87.25 -16.28 -0.99
C ARG GB 40 86.95 -14.81 -0.77
N THR GB 41 86.14 -14.21 -1.63
CA THR GB 41 85.76 -12.81 -1.44
C THR GB 41 84.85 -12.64 -0.24
N ILE GB 42 83.93 -13.59 -0.02
CA ILE GB 42 82.99 -13.45 1.09
C ILE GB 42 83.68 -13.72 2.42
N ASN GB 43 84.50 -14.76 2.48
CA ASN GB 43 85.18 -15.10 3.73
C ASN GB 43 86.48 -15.82 3.37
N GLN GB 44 87.55 -15.09 3.38
CA GLN GB 44 88.86 -15.66 3.05
C GLN GB 44 89.48 -16.25 4.31
N PRO GB 45 89.99 -17.48 4.27
CA PRO GB 45 90.73 -17.98 5.42
C PRO GB 45 91.94 -17.11 5.72
N VAL GB 46 92.15 -16.86 7.01
CA VAL GB 46 93.27 -16.06 7.50
C VAL GB 46 93.93 -16.83 8.62
N TYR GB 47 95.25 -16.90 8.60
CA TYR GB 47 96.00 -17.70 9.54
C TYR GB 47 96.55 -16.84 10.67
N VAL GB 48 96.43 -17.33 11.90
CA VAL GB 48 96.92 -16.65 13.09
C VAL GB 48 97.96 -17.53 13.76
N ASP GB 49 99.07 -16.91 14.17
CA ASP GB 49 100.16 -17.68 14.75
C ASP GB 49 99.75 -18.38 16.04
N ASN GB 50 99.19 -17.62 16.98
CA ASN GB 50 98.80 -18.15 18.29
C ASN GB 50 97.31 -17.94 18.49
N ILE GB 51 96.60 -19.01 18.81
CA ILE GB 51 95.16 -18.92 19.00
C ILE GB 51 94.82 -18.06 20.20
N ASP GB 52 95.53 -18.27 21.32
CA ASP GB 52 95.17 -17.58 22.55
C ASP GB 52 95.25 -16.07 22.38
N THR GB 53 96.34 -15.58 21.81
CA THR GB 53 96.49 -14.14 21.62
C THR GB 53 95.38 -13.61 20.73
N ALA GB 54 95.08 -14.31 19.63
CA ALA GB 54 94.02 -13.88 18.74
C ALA GB 54 92.67 -13.93 19.44
N ALA GB 55 92.41 -15.00 20.19
CA ALA GB 55 91.13 -15.11 20.88
C ALA GB 55 90.94 -13.98 21.89
N ASN GB 56 92.00 -13.66 22.64
CA ASN GB 56 91.91 -12.54 23.58
C ASN GB 56 91.65 -11.24 22.85
N GLU GB 57 92.34 -11.02 21.73
CA GLU GB 57 92.11 -9.81 20.96
C GLU GB 57 90.68 -9.76 20.45
N TYR GB 58 90.14 -10.90 20.01
CA TYR GB 58 88.78 -10.93 19.51
C TYR GB 58 87.79 -10.53 20.61
N PHE GB 59 87.96 -11.07 21.82
CA PHE GB 59 87.07 -10.72 22.91
C PHE GB 59 87.14 -9.24 23.23
N LYS GB 60 88.36 -8.68 23.27
CA LYS GB 60 88.51 -7.27 23.58
C LYS GB 60 87.80 -6.40 22.55
N ARG GB 61 88.03 -6.69 21.26
CA ARG GB 61 87.47 -5.84 20.21
C ARG GB 61 85.95 -5.85 20.25
N LYS GB 62 85.35 -7.02 20.44
CA LYS GB 62 83.91 -7.15 20.42
C LYS GB 62 83.26 -6.94 21.78
N GLY GB 63 84.05 -6.69 22.81
CA GLY GB 63 83.47 -6.50 24.13
C GLY GB 63 82.74 -7.72 24.64
N LEU GB 64 83.31 -8.91 24.47
CA LEU GB 64 82.73 -10.15 24.94
C LEU GB 64 83.54 -10.67 26.11
N ASP GB 65 82.85 -11.04 27.18
CA ASP GB 65 83.53 -11.59 28.35
C ASP GB 65 83.98 -13.01 28.04
N PRO GB 66 85.26 -13.33 28.18
CA PRO GB 66 85.71 -14.68 27.82
C PRO GB 66 85.00 -15.78 28.59
N THR GB 67 84.52 -15.49 29.80
CA THR GB 67 83.91 -16.54 30.61
C THR GB 67 82.71 -17.16 29.92
N LYS GB 68 81.88 -16.33 29.29
CA LYS GB 68 80.66 -16.82 28.66
C LYS GB 68 80.87 -17.39 27.27
N MET GB 69 82.09 -17.34 26.74
CA MET GB 69 82.40 -17.84 25.41
C MET GB 69 83.14 -19.16 25.53
N ILE GB 70 82.65 -20.17 24.81
CA ILE GB 70 83.23 -21.50 24.84
C ILE GB 70 84.16 -21.66 23.64
N MET GB 71 85.36 -22.12 23.88
CA MET GB 71 86.36 -22.35 22.84
C MET GB 71 86.60 -23.85 22.69
N MET GB 72 86.49 -24.34 21.46
CA MET GB 72 86.69 -25.75 21.18
C MET GB 72 87.54 -25.89 19.93
N ARG GB 73 88.26 -27.00 19.85
CA ARG GB 73 89.18 -27.27 18.74
C ARG GB 73 88.58 -28.35 17.86
N LYS GB 74 87.92 -27.94 16.78
CA LYS GB 74 87.30 -28.91 15.88
C LYS GB 74 88.33 -29.82 15.23
N SER GB 75 89.44 -29.25 14.79
CA SER GB 75 90.49 -30.02 14.12
C SER GB 75 91.84 -29.54 14.63
N SER GB 76 92.91 -30.14 14.09
CA SER GB 76 94.25 -29.74 14.50
C SER GB 76 94.50 -28.28 14.14
N LYS GB 77 94.09 -27.86 12.95
CA LYS GB 77 94.34 -26.51 12.47
C LYS GB 77 93.11 -25.62 12.55
N ILE GB 78 92.02 -26.10 13.15
CA ILE GB 78 90.78 -25.35 13.24
C ILE GB 78 90.37 -25.23 14.69
N THR GB 79 90.13 -24.00 15.15
CA THR GB 79 89.60 -23.73 16.47
C THR GB 79 88.38 -22.83 16.32
N GLU GB 80 87.30 -23.17 17.00
CA GLU GB 80 86.04 -22.46 16.88
C GLU GB 80 85.61 -21.93 18.24
N ILE GB 81 85.08 -20.71 18.24
CA ILE GB 81 84.55 -20.07 19.44
C ILE GB 81 83.04 -19.97 19.30
N ARG GB 82 82.33 -20.32 20.37
CA ARG GB 82 80.87 -20.31 20.36
C ARG GB 82 80.36 -19.63 21.63
N TYR GB 83 79.14 -19.09 21.53
CA TYR GB 83 78.47 -18.53 22.70
C TYR GB 83 78.05 -19.66 23.64
N GLY GB 84 78.48 -19.56 24.89
CA GLY GB 84 78.08 -20.55 25.87
C GLY GB 84 76.58 -20.53 26.14
N GLU GB 85 76.02 -19.33 26.30
CA GLU GB 85 74.60 -19.18 26.59
C GLU GB 85 73.85 -18.87 25.31
N MET GB 86 73.67 -19.92 24.51
CA MET GB 86 72.94 -19.83 23.26
C MET GB 86 71.81 -20.85 23.28
N TYR GB 87 70.61 -20.40 22.92
CA TYR GB 87 69.43 -21.25 22.96
C TYR GB 87 69.68 -22.57 22.23
N TYR HB 1 19.16 -44.08 -17.13
CA TYR HB 1 19.79 -45.22 -16.47
C TYR HB 1 19.33 -46.51 -17.12
N TYR HB 2 20.18 -47.53 -17.12
CA TYR HB 2 19.89 -48.77 -17.81
C TYR HB 2 19.18 -49.74 -16.87
N TRP HB 3 18.03 -50.26 -17.31
CA TRP HB 3 17.21 -51.12 -16.48
C TRP HB 3 17.06 -52.52 -17.06
N GLY HB 4 17.80 -52.86 -18.10
CA GLY HB 4 17.79 -54.20 -18.66
C GLY HB 4 17.21 -54.21 -20.06
N SER HB 5 17.13 -55.42 -20.60
CA SER HB 5 16.65 -55.65 -21.95
C SER HB 5 15.21 -56.13 -21.91
N THR HB 6 14.37 -55.53 -22.75
CA THR HB 6 12.97 -55.90 -22.84
C THR HB 6 12.68 -56.78 -24.06
N VAL HB 7 13.71 -57.22 -24.78
CA VAL HB 7 13.51 -58.14 -25.89
C VAL HB 7 13.10 -59.50 -25.34
N THR HB 8 12.15 -60.14 -26.01
CA THR HB 8 11.60 -61.41 -25.59
C THR HB 8 11.77 -62.45 -26.68
N THR HB 9 11.55 -63.71 -26.31
CA THR HB 9 11.62 -64.78 -27.30
C THR HB 9 10.55 -64.64 -28.36
N GLU HB 10 9.38 -64.13 -27.99
CA GLU HB 10 8.30 -63.99 -28.95
C GLU HB 10 8.64 -62.98 -30.05
N MET HB 11 9.44 -61.96 -29.72
CA MET HB 11 9.81 -60.98 -30.74
C MET HB 11 10.61 -61.63 -31.86
N HIS HB 12 11.40 -62.66 -31.56
CA HIS HB 12 12.16 -63.33 -32.59
C HIS HB 12 11.30 -64.26 -33.43
N ASN HB 13 10.10 -64.62 -32.96
CA ASN HB 13 9.23 -65.54 -33.69
C ASN HB 13 8.32 -64.78 -34.64
N VAL HB 14 8.91 -64.29 -35.72
CA VAL HB 14 8.17 -63.63 -36.79
C VAL HB 14 8.77 -64.06 -38.12
N SER HB 15 7.92 -64.25 -39.12
CA SER HB 15 8.40 -64.69 -40.41
C SER HB 15 9.32 -63.62 -41.01
N PRO HB 16 10.42 -64.01 -41.64
CA PRO HB 16 11.34 -63.00 -42.18
C PRO HB 16 10.77 -62.29 -43.38
N THR HB 17 11.18 -61.04 -43.56
CA THR HB 17 10.86 -60.27 -44.76
C THR HB 17 11.97 -60.49 -45.78
N GLN HB 18 11.63 -61.11 -46.90
CA GLN HB 18 12.60 -61.40 -47.95
C GLN HB 18 12.53 -60.29 -49.00
N VAL HB 19 13.66 -59.63 -49.24
CA VAL HB 19 13.75 -58.55 -50.21
C VAL HB 19 14.75 -58.95 -51.27
N THR HB 20 14.34 -58.93 -52.53
CA THR HB 20 15.23 -59.20 -53.65
C THR HB 20 15.10 -58.08 -54.67
N ARG HB 21 16.20 -57.75 -55.33
CA ARG HB 21 16.23 -56.73 -56.36
C ARG HB 21 16.16 -57.41 -57.73
N LEU HB 22 15.11 -57.12 -58.49
CA LEU HB 22 15.00 -57.64 -59.83
C LEU HB 22 16.06 -57.00 -60.71
N PRO HB 23 16.38 -57.61 -61.85
CA PRO HB 23 17.41 -57.02 -62.72
C PRO HB 23 17.12 -55.59 -63.12
N ASN HB 24 15.86 -55.24 -63.35
CA ASN HB 24 15.53 -53.87 -63.73
C ASN HB 24 15.76 -52.89 -62.60
N GLY HB 25 15.90 -53.37 -61.36
CA GLY HB 25 16.11 -52.50 -60.22
C GLY HB 25 14.92 -52.41 -59.29
N MET HB 26 13.81 -53.07 -59.60
CA MET HB 26 12.66 -53.08 -58.72
C MET HB 26 12.91 -54.05 -57.57
N ARG HB 27 12.76 -53.56 -56.34
CA ARG HB 27 12.83 -54.40 -55.17
C ARG HB 27 11.51 -55.10 -54.93
N VAL HB 28 11.56 -56.38 -54.62
CA VAL HB 28 10.38 -57.18 -54.28
C VAL HB 28 10.55 -57.68 -52.86
N ALA HB 29 9.64 -57.28 -51.97
CA ALA HB 29 9.68 -57.64 -50.56
C ALA HB 29 8.41 -58.39 -50.20
N THR HB 30 8.55 -59.51 -49.49
CA THR HB 30 7.41 -60.30 -49.06
C THR HB 30 7.63 -60.81 -47.65
N GLN HB 31 6.52 -60.96 -46.90
CA GLN HB 31 6.51 -61.64 -45.62
C GLN HB 31 5.34 -62.60 -45.60
N PHE HB 32 5.59 -63.86 -45.26
CA PHE HB 32 4.52 -64.83 -45.15
C PHE HB 32 3.77 -64.65 -43.84
N SER HB 33 2.45 -64.80 -43.90
CA SER HB 33 1.62 -64.79 -42.71
C SER HB 33 0.53 -65.84 -42.86
N TYR HB 34 0.12 -66.42 -41.73
CA TYR HB 34 -0.93 -67.44 -41.72
C TYR HB 34 -2.30 -66.75 -41.73
N THR HB 35 -2.64 -66.21 -42.89
CA THR HB 35 -3.90 -65.51 -43.08
C THR HB 35 -4.56 -66.00 -44.35
N ASP HB 36 -5.86 -65.77 -44.45
CA ASP HB 36 -6.60 -66.08 -45.66
C ASP HB 36 -6.73 -64.89 -46.59
N SER HB 37 -6.18 -63.74 -46.20
CA SER HB 37 -6.22 -62.53 -47.00
C SER HB 37 -4.80 -61.98 -47.14
N ALA HB 38 -4.59 -61.20 -48.19
CA ALA HB 38 -3.26 -60.69 -48.52
C ALA HB 38 -3.37 -59.23 -48.93
N THR HB 39 -2.22 -58.56 -48.97
CA THR HB 39 -2.10 -57.20 -49.46
C THR HB 39 -0.91 -57.14 -50.39
N VAL HB 40 -1.14 -56.78 -51.65
CA VAL HB 40 -0.09 -56.64 -52.65
C VAL HB 40 -0.16 -55.25 -53.23
N GLY HB 41 0.99 -54.57 -53.34
CA GLY HB 41 1.00 -53.21 -53.82
C GLY HB 41 2.38 -52.79 -54.29
N LEU HB 42 2.46 -51.55 -54.77
CA LEU HB 42 3.68 -50.93 -55.23
C LEU HB 42 3.89 -49.64 -54.45
N TRP HB 43 4.90 -49.60 -53.59
CA TRP HB 43 5.26 -48.38 -52.86
C TRP HB 43 6.36 -47.69 -53.65
N ILE HB 44 6.05 -46.53 -54.23
CA ILE HB 44 6.95 -45.82 -55.13
C ILE HB 44 7.48 -44.58 -54.45
N ASP HB 45 8.75 -44.28 -54.68
CA ASP HB 45 9.38 -43.06 -54.19
C ASP HB 45 9.03 -41.91 -55.13
N ALA HB 46 7.94 -41.21 -54.82
CA ALA HB 46 7.44 -40.11 -55.62
C ALA HB 46 6.48 -39.30 -54.77
N GLY HB 47 6.21 -38.07 -55.19
CA GLY HB 47 5.28 -37.24 -54.47
C GLY HB 47 5.37 -35.79 -54.87
N ALA HB 48 4.65 -34.96 -54.12
CA ALA HB 48 4.57 -33.53 -54.42
C ALA HB 48 5.93 -32.87 -54.34
N ARG HB 49 6.79 -33.33 -53.45
CA ARG HB 49 8.10 -32.73 -53.29
C ARG HB 49 8.88 -32.75 -54.60
N TYR HB 50 8.77 -33.83 -55.35
CA TYR HB 50 9.52 -34.02 -56.58
C TYR HB 50 8.81 -33.39 -57.78
N GLU HB 51 7.74 -32.63 -57.55
CA GLU HB 51 7.08 -31.87 -58.59
C GLU HB 51 7.60 -30.45 -58.61
N THR HB 52 7.55 -29.82 -59.77
CA THR HB 52 7.95 -28.44 -59.89
C THR HB 52 6.77 -27.51 -59.59
N LYS HB 53 7.07 -26.23 -59.37
CA LYS HB 53 6.04 -25.32 -58.89
C LYS HB 53 4.88 -25.24 -59.87
N GLU HB 54 5.18 -25.21 -61.17
CA GLU HB 54 4.12 -25.11 -62.17
C GLU HB 54 3.30 -26.39 -62.24
N SER HB 55 3.91 -27.55 -62.05
CA SER HB 55 3.22 -28.82 -62.21
C SER HB 55 2.69 -29.39 -60.89
N ASN HB 56 2.83 -28.67 -59.79
CA ASN HB 56 2.37 -29.18 -58.50
C ASN HB 56 0.89 -29.52 -58.59
N GLY HB 57 0.53 -30.70 -58.08
CA GLY HB 57 -0.82 -31.21 -58.19
C GLY HB 57 -1.00 -32.29 -59.22
N THR HB 58 -0.03 -32.48 -60.11
CA THR HB 58 -0.15 -33.52 -61.12
C THR HB 58 -0.17 -34.91 -60.49
N ALA HB 59 0.69 -35.14 -59.50
CA ALA HB 59 0.77 -36.46 -58.90
C ALA HB 59 -0.55 -36.85 -58.25
N HIS HB 60 -1.17 -35.91 -57.54
CA HIS HB 60 -2.47 -36.19 -56.93
C HIS HB 60 -3.52 -36.46 -57.99
N PHE HB 61 -3.51 -35.68 -59.08
CA PHE HB 61 -4.44 -35.91 -60.17
C PHE HB 61 -4.26 -37.29 -60.77
N LEU HB 62 -3.01 -37.69 -60.99
CA LEU HB 62 -2.75 -39.00 -61.58
C LEU HB 62 -3.24 -40.12 -60.67
N GLU HB 63 -3.02 -40.00 -59.36
CA GLU HB 63 -3.46 -41.04 -58.45
C GLU HB 63 -4.96 -41.24 -58.53
N ARG HB 64 -5.72 -40.16 -58.67
CA ARG HB 64 -7.17 -40.28 -58.72
C ARG HB 64 -7.66 -40.87 -60.03
N VAL HB 65 -6.94 -40.65 -61.12
CA VAL HB 65 -7.39 -41.10 -62.43
C VAL HB 65 -6.76 -42.44 -62.84
N LEU HB 66 -5.79 -42.95 -62.08
CA LEU HB 66 -5.08 -44.15 -62.52
C LEU HB 66 -5.99 -45.35 -62.61
N TYR HB 67 -6.90 -45.50 -61.65
CA TYR HB 67 -7.79 -46.66 -61.61
C TYR HB 67 -9.04 -46.48 -62.47
N LEU HB 68 -9.19 -45.34 -63.14
CA LEU HB 68 -10.38 -45.08 -63.95
C LEU HB 68 -10.14 -45.54 -65.39
N GLY HB 69 -9.82 -46.81 -65.54
CA GLY HB 69 -9.65 -47.40 -66.85
C GLY HB 69 -8.18 -47.52 -67.25
N THR HB 70 -7.88 -48.53 -68.05
CA THR HB 70 -6.56 -48.75 -68.62
C THR HB 70 -6.72 -48.95 -70.12
N LYS HB 71 -5.59 -49.05 -70.81
CA LYS HB 71 -5.65 -49.26 -72.25
C LYS HB 71 -6.32 -50.58 -72.59
N ASN HB 72 -5.99 -51.64 -71.84
CA ASN HB 72 -6.60 -52.95 -72.10
C ASN HB 72 -8.02 -53.04 -71.54
N ARG HB 73 -8.26 -52.47 -70.36
CA ARG HB 73 -9.55 -52.58 -69.70
C ARG HB 73 -10.34 -51.28 -69.85
N SER HB 74 -11.48 -51.21 -69.18
CA SER HB 74 -12.29 -50.01 -69.07
C SER HB 74 -12.65 -49.84 -67.61
N ARG HB 75 -13.15 -48.66 -67.24
CA ARG HB 75 -13.44 -48.43 -65.83
C ARG HB 75 -14.46 -49.44 -65.32
N ASP HB 76 -15.50 -49.71 -66.10
CA ASP HB 76 -16.49 -50.70 -65.68
C ASP HB 76 -15.89 -52.10 -65.63
N GLN HB 77 -15.13 -52.48 -66.65
CA GLN HB 77 -14.52 -53.81 -66.65
C GLN HB 77 -13.53 -53.97 -65.51
N LEU HB 78 -12.70 -52.95 -65.28
CA LEU HB 78 -11.73 -53.03 -64.20
C LEU HB 78 -12.43 -53.13 -62.85
N GLU HB 79 -13.44 -52.30 -62.62
CA GLU HB 79 -14.17 -52.35 -61.36
C GLU HB 79 -14.90 -53.67 -61.21
N THR HB 80 -15.46 -54.19 -62.31
CA THR HB 80 -16.12 -55.49 -62.26
C THR HB 80 -15.15 -56.60 -61.92
N GLU HB 81 -13.96 -56.59 -62.55
CA GLU HB 81 -13.02 -57.68 -62.32
C GLU HB 81 -12.54 -57.70 -60.88
N VAL HB 82 -12.23 -56.54 -60.31
CA VAL HB 82 -11.76 -56.50 -58.93
C VAL HB 82 -12.85 -57.01 -57.99
N GLU HB 83 -14.10 -56.62 -58.25
CA GLU HB 83 -15.21 -57.07 -57.41
C GLU HB 83 -15.40 -58.58 -57.50
N ASN HB 84 -15.24 -59.15 -58.70
CA ASN HB 84 -15.39 -60.59 -58.83
C ASN HB 84 -14.32 -61.34 -58.03
N LEU HB 85 -13.11 -60.79 -57.95
CA LEU HB 85 -12.08 -61.38 -57.12
C LEU HB 85 -12.33 -61.16 -55.64
N GLY HB 86 -13.32 -60.34 -55.29
CA GLY HB 86 -13.55 -60.02 -53.90
C GLY HB 86 -12.48 -59.15 -53.28
N ALA HB 87 -11.85 -58.28 -54.07
CA ALA HB 87 -10.74 -57.44 -53.64
C ALA HB 87 -11.13 -55.97 -53.74
N ASN HB 88 -10.24 -55.10 -53.30
CA ASN HB 88 -10.45 -53.67 -53.40
C ASN HB 88 -9.13 -52.97 -53.64
N LEU HB 89 -9.04 -52.22 -54.73
CA LEU HB 89 -7.83 -51.46 -55.06
C LEU HB 89 -7.80 -50.14 -54.31
N ASN HB 90 -6.69 -49.86 -53.64
CA ASN HB 90 -6.51 -48.63 -52.86
C ASN HB 90 -5.28 -47.89 -53.37
N SER HB 91 -5.14 -46.63 -52.97
CA SER HB 91 -3.99 -45.83 -53.37
C SER HB 91 -3.93 -44.54 -52.56
N TYR HB 92 -2.73 -43.98 -52.46
CA TYR HB 92 -2.53 -42.69 -51.80
C TYR HB 92 -1.26 -42.05 -52.35
N THR HB 93 -1.19 -40.72 -52.24
CA THR HB 93 -0.03 -39.96 -52.66
C THR HB 93 0.35 -38.95 -51.59
N GLY HB 94 1.63 -38.93 -51.22
CA GLY HB 94 2.11 -38.01 -50.20
C GLY HB 94 3.20 -37.11 -50.73
N ARG HB 95 3.81 -36.31 -49.83
CA ARG HB 95 4.87 -35.40 -50.28
C ARG HB 95 6.07 -36.16 -50.80
N GLU HB 96 6.46 -37.25 -50.14
CA GLU HB 96 7.64 -38.00 -50.54
C GLU HB 96 7.38 -39.43 -51.00
N GLN HB 97 6.23 -40.02 -50.68
CA GLN HB 97 6.00 -41.41 -51.07
C GLN HB 97 4.57 -41.60 -51.54
N THR HB 98 4.39 -42.63 -52.36
CA THR HB 98 3.11 -42.95 -53.00
C THR HB 98 2.94 -44.46 -52.96
N ALA HB 99 1.68 -44.92 -52.96
CA ALA HB 99 1.41 -46.34 -52.89
C ALA HB 99 0.17 -46.69 -53.71
N PHE HB 100 0.19 -47.87 -54.33
CA PHE HB 100 -0.94 -48.41 -55.09
C PHE HB 100 -1.08 -49.89 -54.72
N TYR HB 101 -1.93 -50.20 -53.74
CA TYR HB 101 -2.04 -51.55 -53.22
C TYR HB 101 -3.46 -52.09 -53.31
N ALA HB 102 -3.55 -53.42 -53.25
CA ALA HB 102 -4.82 -54.13 -53.33
C ALA HB 102 -4.95 -55.09 -52.15
N LYS HB 103 -6.07 -54.99 -51.43
CA LYS HB 103 -6.42 -55.95 -50.40
C LYS HB 103 -7.26 -57.05 -51.06
N THR HB 104 -6.82 -58.29 -50.94
CA THR HB 104 -7.40 -59.37 -51.72
C THR HB 104 -7.41 -60.66 -50.91
N THR HB 105 -8.15 -61.64 -51.42
CA THR HB 105 -8.12 -62.99 -50.90
C THR HB 105 -6.89 -63.72 -51.44
N LYS HB 106 -6.67 -64.94 -50.93
CA LYS HB 106 -5.46 -65.66 -51.30
C LYS HB 106 -5.43 -65.95 -52.80
N ASP HB 107 -6.55 -66.34 -53.38
CA ASP HB 107 -6.57 -66.69 -54.80
C ASP HB 107 -6.37 -65.48 -55.69
N GLY HB 108 -6.62 -64.29 -55.19
CA GLY HB 108 -6.51 -63.07 -55.98
C GLY HB 108 -5.18 -62.35 -55.90
N ILE HB 109 -4.15 -62.95 -55.30
CA ILE HB 109 -2.87 -62.26 -55.18
C ILE HB 109 -2.26 -62.03 -56.55
N LEU HB 110 -2.14 -63.08 -57.36
CA LEU HB 110 -1.47 -62.94 -58.64
C LEU HB 110 -2.35 -62.17 -59.62
N PRO HB 111 -3.66 -62.42 -59.66
CA PRO HB 111 -4.51 -61.58 -60.52
C PRO HB 111 -4.41 -60.11 -60.20
N CYS HB 112 -4.29 -59.75 -58.92
CA CYS HB 112 -4.19 -58.35 -58.55
C CYS HB 112 -2.88 -57.73 -59.01
N ILE HB 113 -1.79 -58.51 -59.02
CA ILE HB 113 -0.53 -57.98 -59.54
C ILE HB 113 -0.72 -57.54 -60.98
N ASP HB 114 -1.43 -58.33 -61.77
CA ASP HB 114 -1.67 -57.98 -63.15
C ASP HB 114 -2.44 -56.67 -63.26
N ILE HB 115 -3.49 -56.52 -62.46
CA ILE HB 115 -4.31 -55.31 -62.53
C ILE HB 115 -3.48 -54.10 -62.14
N LEU HB 116 -2.72 -54.21 -61.05
CA LEU HB 116 -1.92 -53.08 -60.59
C LEU HB 116 -0.83 -52.73 -61.59
N ALA HB 117 -0.24 -53.74 -62.22
CA ALA HB 117 0.77 -53.46 -63.24
C ALA HB 117 0.16 -52.75 -64.43
N ASP HB 118 -1.00 -53.19 -64.89
CA ASP HB 118 -1.64 -52.57 -66.03
C ASP HB 118 -1.99 -51.11 -65.74
N CYS HB 119 -2.50 -50.84 -64.55
CA CYS HB 119 -2.85 -49.46 -64.20
C CYS HB 119 -1.62 -48.57 -64.17
N ILE HB 120 -0.53 -49.05 -63.59
CA ILE HB 120 0.66 -48.23 -63.43
C ILE HB 120 1.39 -48.06 -64.75
N LEU HB 121 1.43 -49.11 -65.58
CA LEU HB 121 2.24 -49.06 -66.79
C LEU HB 121 1.48 -48.60 -68.01
N ASN HB 122 0.16 -48.83 -68.08
CA ASN HB 122 -0.62 -48.51 -69.27
C ASN HB 122 -1.86 -47.70 -68.93
N PRO HB 123 -1.72 -46.64 -68.14
CA PRO HB 123 -2.91 -45.87 -67.73
C PRO HB 123 -3.55 -45.19 -68.93
N LYS HB 124 -4.86 -45.34 -69.04
CA LYS HB 124 -5.64 -44.69 -70.10
C LYS HB 124 -6.24 -43.44 -69.47
N LEU HB 125 -5.54 -42.32 -69.63
CA LEU HB 125 -5.93 -41.09 -68.96
C LEU HB 125 -6.94 -40.33 -69.82
N ASP HB 126 -8.14 -40.90 -69.88
CA ASP HB 126 -9.19 -40.37 -70.75
C ASP HB 126 -9.54 -38.94 -70.36
N GLY HB 127 -9.79 -38.10 -71.36
CA GLY HB 127 -10.10 -36.70 -71.10
C GLY HB 127 -11.36 -36.52 -70.28
N ASP HB 128 -12.39 -37.32 -70.56
CA ASP HB 128 -13.63 -37.21 -69.79
C ASP HB 128 -13.38 -37.51 -68.32
N GLU HB 129 -12.62 -38.55 -68.03
CA GLU HB 129 -12.30 -38.86 -66.64
C GLU HB 129 -11.54 -37.70 -66.01
N ILE HB 130 -10.60 -37.11 -66.75
CA ILE HB 130 -9.81 -36.01 -66.22
C ILE HB 130 -10.72 -34.83 -65.89
N GLU HB 131 -11.66 -34.52 -66.78
CA GLU HB 131 -12.50 -33.35 -66.56
C GLU HB 131 -13.44 -33.55 -65.37
N LYS HB 132 -14.01 -34.74 -65.22
CA LYS HB 132 -14.85 -34.98 -64.05
C LYS HB 132 -14.04 -34.89 -62.77
N GLU HB 133 -12.83 -35.46 -62.76
CA GLU HB 133 -11.99 -35.38 -61.58
C GLU HB 133 -11.56 -33.95 -61.30
N ARG HB 134 -11.42 -33.12 -62.34
CA ARG HB 134 -11.07 -31.73 -62.12
C ARG HB 134 -12.12 -31.04 -61.28
N VAL HB 135 -13.39 -31.34 -61.52
CA VAL HB 135 -14.46 -30.76 -60.73
C VAL HB 135 -14.36 -31.24 -59.28
N ARG HB 136 -14.15 -32.55 -59.09
CA ARG HB 136 -14.05 -33.07 -57.74
C ARG HB 136 -12.84 -32.50 -57.01
N ILE HB 137 -11.69 -32.42 -57.68
CA ILE HB 137 -10.50 -31.89 -57.04
C ILE HB 137 -10.70 -30.42 -56.70
N THR HB 138 -11.35 -29.67 -57.59
CA THR HB 138 -11.58 -28.26 -57.34
C THR HB 138 -12.44 -28.05 -56.11
N GLN HB 139 -13.47 -28.86 -55.93
CA GLN HB 139 -14.28 -28.77 -54.73
C GLN HB 139 -13.46 -29.14 -53.50
N ASP HB 140 -12.66 -30.20 -53.60
CA ASP HB 140 -11.80 -30.58 -52.48
C ASP HB 140 -10.85 -29.46 -52.12
N LEU HB 141 -10.38 -28.72 -53.12
CA LEU HB 141 -9.37 -27.71 -52.89
C LEU HB 141 -9.89 -26.56 -52.04
N GLN HB 142 -11.20 -26.31 -52.07
CA GLN HB 142 -11.77 -25.22 -51.29
C GLN HB 142 -11.50 -25.43 -49.80
N ALA HB 143 -11.11 -24.36 -49.11
CA ALA HB 143 -10.81 -24.46 -47.69
C ALA HB 143 -12.05 -24.80 -46.87
N VAL HB 144 -13.22 -24.32 -47.29
CA VAL HB 144 -14.44 -24.62 -46.55
C VAL HB 144 -14.70 -26.12 -46.51
N ASN HB 145 -14.25 -26.84 -47.53
CA ASN HB 145 -14.46 -28.27 -47.63
C ASN HB 145 -13.34 -29.09 -47.00
N GLN HB 146 -12.36 -28.45 -46.37
CA GLN HB 146 -11.27 -29.13 -45.70
C GLN HB 146 -11.44 -29.03 -44.19
N SER HB 147 -10.96 -30.06 -43.48
CA SER HB 147 -10.95 -30.02 -42.04
C SER HB 147 -9.84 -29.10 -41.55
N TYR HB 148 -9.99 -28.64 -40.31
CA TYR HB 148 -9.00 -27.73 -39.75
C TYR HB 148 -7.69 -28.44 -39.45
N GLU HB 149 -7.74 -29.74 -39.16
CA GLU HB 149 -6.50 -30.50 -39.01
C GLU HB 149 -5.75 -30.59 -40.34
N GLU HB 150 -6.48 -30.83 -41.43
CA GLU HB 150 -5.83 -30.88 -42.74
C GLU HB 150 -5.24 -29.54 -43.13
N LEU HB 151 -5.97 -28.45 -42.85
CA LEU HB 151 -5.44 -27.13 -43.20
C LEU HB 151 -4.14 -26.86 -42.47
N LEU HB 152 -4.12 -27.12 -41.17
CA LEU HB 152 -2.92 -26.82 -40.39
C LEU HB 152 -1.75 -27.71 -40.80
N TYR HB 153 -2.01 -28.95 -41.17
CA TYR HB 153 -0.93 -29.83 -41.60
C TYR HB 153 -0.23 -29.27 -42.84
N ASP HB 154 -1.02 -28.77 -43.80
CA ASP HB 154 -0.43 -28.15 -44.97
C ASP HB 154 0.24 -26.83 -44.62
N LYS HB 155 -0.37 -26.03 -43.75
CA LYS HB 155 0.19 -24.71 -43.46
C LYS HB 155 1.47 -24.83 -42.63
N VAL HB 156 1.62 -25.89 -41.84
CA VAL HB 156 2.87 -26.09 -41.13
C VAL HB 156 4.01 -26.26 -42.13
N HIS HB 157 3.77 -27.02 -43.20
CA HIS HB 157 4.80 -27.20 -44.21
C HIS HB 157 5.03 -25.92 -45.00
N THR HB 158 3.96 -25.19 -45.31
CA THR HB 158 4.12 -23.94 -46.04
C THR HB 158 4.96 -22.96 -45.25
N ALA HB 159 4.73 -22.86 -43.94
CA ALA HB 159 5.46 -21.91 -43.13
C ALA HB 159 6.90 -22.35 -42.88
N CYS HB 160 7.10 -23.65 -42.63
CA CYS HB 160 8.42 -24.12 -42.22
C CYS HB 160 9.40 -24.23 -43.38
N TYR HB 161 8.91 -24.49 -44.59
CA TYR HB 161 9.76 -24.84 -45.73
C TYR HB 161 9.51 -23.90 -46.90
N ARG HB 162 9.61 -22.61 -46.63
CA ARG HB 162 9.34 -21.60 -47.65
C ARG HB 162 10.28 -21.71 -48.84
N ASP HB 163 11.50 -22.20 -48.65
CA ASP HB 163 12.51 -22.15 -49.70
C ASP HB 163 12.57 -23.42 -50.57
N CYS HB 164 11.87 -24.49 -50.21
CA CYS HB 164 12.05 -25.76 -50.90
C CYS HB 164 10.69 -26.36 -51.23
N SER HB 165 10.72 -27.44 -52.00
CA SER HB 165 9.51 -28.05 -52.50
C SER HB 165 8.70 -28.75 -51.41
N LEU HB 166 9.29 -29.06 -50.26
CA LEU HB 166 8.49 -29.68 -49.20
C LEU HB 166 7.36 -28.77 -48.76
N GLY HB 167 7.46 -27.46 -49.02
CA GLY HB 167 6.38 -26.56 -48.68
C GLY HB 167 5.16 -26.72 -49.58
N GLN HB 168 5.33 -27.28 -50.77
CA GLN HB 168 4.22 -27.48 -51.67
C GLN HB 168 3.19 -28.45 -51.08
N THR HB 169 1.92 -28.21 -51.38
CA THR HB 169 0.85 -29.10 -50.96
C THR HB 169 0.65 -30.20 -52.00
N VAL HB 170 0.08 -31.32 -51.55
CA VAL HB 170 -0.12 -32.45 -52.44
C VAL HB 170 -1.18 -32.13 -53.48
N ILE HB 171 -2.31 -31.57 -53.05
CA ILE HB 171 -3.40 -31.30 -53.98
C ILE HB 171 -2.97 -30.25 -55.00
N GLY HB 172 -2.17 -29.27 -54.58
CA GLY HB 172 -1.67 -28.25 -55.46
C GLY HB 172 -2.51 -27.01 -55.44
N PRO HB 173 -2.00 -25.91 -56.02
CA PRO HB 173 -2.78 -24.68 -56.08
C PRO HB 173 -3.89 -24.79 -57.11
N GLU HB 174 -4.92 -23.97 -56.92
CA GLU HB 174 -6.07 -24.04 -57.82
C GLU HB 174 -5.72 -23.67 -59.24
N GLU HB 175 -4.71 -22.81 -59.43
CA GLU HB 175 -4.30 -22.44 -60.76
C GLU HB 175 -3.75 -23.64 -61.53
N ASN HB 176 -2.95 -24.47 -60.86
CA ASN HB 176 -2.42 -25.65 -61.52
C ASN HB 176 -3.52 -26.68 -61.77
N VAL HB 177 -4.39 -26.90 -60.78
CA VAL HB 177 -5.45 -27.87 -60.94
C VAL HB 177 -6.30 -27.53 -62.16
N ALA HB 178 -6.52 -26.24 -62.40
CA ALA HB 178 -7.32 -25.82 -63.54
C ALA HB 178 -6.66 -26.16 -64.86
N THR HB 179 -5.33 -26.26 -64.90
CA THR HB 179 -4.60 -26.40 -66.15
C THR HB 179 -4.03 -27.79 -66.40
N ILE HB 180 -4.06 -28.70 -65.43
CA ILE HB 180 -3.45 -30.00 -65.64
C ILE HB 180 -4.15 -30.73 -66.79
N LYS HB 181 -3.38 -31.42 -67.61
CA LYS HB 181 -3.90 -32.13 -68.77
C LYS HB 181 -3.23 -33.50 -68.84
N ARG HB 182 -3.64 -34.30 -69.82
CA ARG HB 182 -3.11 -35.66 -69.92
C ARG HB 182 -1.59 -35.64 -70.08
N ASP HB 183 -1.07 -34.69 -70.85
CA ASP HB 183 0.37 -34.66 -71.10
C ASP HB 183 1.15 -34.47 -69.80
N HIS HB 184 0.67 -33.59 -68.92
CA HIS HB 184 1.33 -33.44 -67.63
C HIS HB 184 1.41 -34.78 -66.92
N MET HB 185 0.30 -35.51 -66.87
CA MET HB 185 0.29 -36.78 -66.17
C MET HB 185 1.18 -37.81 -66.86
N VAL HB 186 1.18 -37.81 -68.19
CA VAL HB 186 2.03 -38.75 -68.92
C VAL HB 186 3.49 -38.49 -68.62
N ASN HB 187 3.88 -37.22 -68.55
CA ASN HB 187 5.26 -36.90 -68.22
C ASN HB 187 5.60 -37.36 -66.81
N TYR HB 188 4.71 -37.13 -65.85
CA TYR HB 188 5.00 -37.53 -64.48
C TYR HB 188 5.17 -39.03 -64.37
N LEU HB 189 4.32 -39.79 -65.06
CA LEU HB 189 4.49 -41.25 -65.07
C LEU HB 189 5.84 -41.65 -65.60
N TYR HB 190 6.26 -41.04 -66.71
CA TYR HB 190 7.51 -41.40 -67.34
C TYR HB 190 8.70 -41.08 -66.45
N ASN HB 191 8.69 -39.92 -65.80
CA ASN HB 191 9.86 -39.49 -65.05
C ASN HB 191 9.94 -40.14 -63.68
N ASN HB 192 8.81 -40.32 -63.00
CA ASN HB 192 8.84 -40.71 -61.60
C ASN HB 192 8.52 -42.18 -61.36
N PHE HB 193 7.59 -42.77 -62.11
CA PHE HB 193 7.21 -44.16 -61.89
C PHE HB 193 8.14 -45.07 -62.67
N THR HB 194 9.36 -45.22 -62.14
CA THR HB 194 10.39 -46.05 -62.73
C THR HB 194 10.77 -47.17 -61.76
N ALA HB 195 11.36 -48.22 -62.32
CA ALA HB 195 11.61 -49.43 -61.53
C ALA HB 195 12.49 -49.14 -60.32
N ASP HB 196 13.53 -48.34 -60.50
CA ASP HB 196 14.46 -48.11 -59.40
C ASP HB 196 13.79 -47.47 -58.20
N ARG HB 197 12.62 -46.86 -58.38
CA ARG HB 197 11.92 -46.20 -57.29
C ARG HB 197 10.71 -46.99 -56.78
N MET HB 198 10.49 -48.21 -57.26
CA MET HB 198 9.33 -49.01 -56.90
C MET HB 198 9.70 -50.21 -56.05
N VAL HB 199 8.82 -50.55 -55.10
CA VAL HB 199 8.95 -51.75 -54.27
C VAL HB 199 7.63 -52.50 -54.33
N LEU HB 200 7.66 -53.75 -54.77
CA LEU HB 200 6.48 -54.60 -54.79
C LEU HB 200 6.41 -55.36 -53.46
N VAL HB 201 5.40 -55.06 -52.66
CA VAL HB 201 5.24 -55.62 -51.32
C VAL HB 201 4.06 -56.58 -51.33
N ALA HB 202 4.30 -57.83 -50.95
CA ALA HB 202 3.26 -58.84 -50.82
C ALA HB 202 3.29 -59.43 -49.42
N VAL HB 203 2.17 -59.34 -48.71
CA VAL HB 203 2.05 -59.87 -47.35
C VAL HB 203 0.82 -60.76 -47.31
N GLY HB 204 1.00 -62.00 -46.85
CA GLY HB 204 -0.09 -62.93 -46.77
C GLY HB 204 0.37 -64.35 -47.00
N PRO HB 205 -0.53 -65.23 -47.41
CA PRO HB 205 -0.11 -66.58 -47.78
C PRO HB 205 0.59 -66.57 -49.12
N VAL HB 206 1.83 -66.08 -49.15
CA VAL HB 206 2.53 -65.81 -50.39
C VAL HB 206 3.86 -66.55 -50.37
N ASP HB 207 4.34 -66.89 -51.56
CA ASP HB 207 5.65 -67.48 -51.74
C ASP HB 207 6.54 -66.48 -52.47
N HIS HB 208 7.72 -66.23 -51.89
CA HIS HB 208 8.60 -65.19 -52.43
C HIS HB 208 8.97 -65.47 -53.88
N ALA HB 209 9.28 -66.72 -54.21
CA ALA HB 209 9.69 -67.04 -55.57
C ALA HB 209 8.57 -66.76 -56.56
N GLN HB 210 7.34 -67.15 -56.22
CA GLN HB 210 6.23 -66.97 -57.15
C GLN HB 210 5.93 -65.49 -57.37
N ILE HB 211 5.97 -64.69 -56.30
CA ILE HB 211 5.74 -63.26 -56.45
C ILE HB 211 6.81 -62.64 -57.32
N VAL HB 212 8.06 -63.07 -57.15
CA VAL HB 212 9.16 -62.53 -57.94
C VAL HB 212 8.99 -62.89 -59.41
N LYS HB 213 8.60 -64.12 -59.70
CA LYS HB 213 8.41 -64.53 -61.09
C LYS HB 213 7.30 -63.73 -61.75
N GLU HB 214 6.18 -63.54 -61.05
CA GLU HB 214 5.09 -62.73 -61.60
C GLU HB 214 5.51 -61.29 -61.77
N ALA HB 215 6.25 -60.75 -60.79
CA ALA HB 215 6.65 -59.35 -60.87
C ALA HB 215 7.55 -59.10 -62.07
N GLU HB 216 8.50 -60.01 -62.31
CA GLU HB 216 9.40 -59.83 -63.44
C GLU HB 216 8.65 -59.91 -64.76
N LYS HB 217 7.62 -60.76 -64.81
CA LYS HB 217 6.84 -60.90 -66.04
C LYS HB 217 5.99 -59.66 -66.30
N LYS HB 218 5.30 -59.16 -65.26
CA LYS HB 218 4.34 -58.09 -65.47
C LYS HB 218 4.99 -56.71 -65.55
N PHE HB 219 6.14 -56.53 -64.90
CA PHE HB 219 6.82 -55.24 -64.91
C PHE HB 219 8.08 -55.28 -65.78
N ALA HB 220 8.07 -56.14 -66.80
CA ALA HB 220 9.22 -56.26 -67.67
C ALA HB 220 9.48 -54.98 -68.45
N ASN HB 221 8.42 -54.31 -68.91
CA ASN HB 221 8.54 -53.17 -69.80
C ASN HB 221 8.58 -51.83 -69.07
N ILE HB 222 8.64 -51.85 -67.73
CA ILE HB 222 8.76 -50.60 -67.01
C ILE HB 222 10.08 -49.94 -67.36
N ARG HB 223 10.10 -48.61 -67.31
CA ARG HB 223 11.33 -47.87 -67.57
C ARG HB 223 12.35 -48.23 -66.48
N PRO HB 224 13.55 -48.71 -66.84
CA PRO HB 224 14.47 -49.19 -65.79
C PRO HB 224 14.82 -48.11 -64.77
N THR HB 225 15.21 -46.93 -65.22
CA THR HB 225 15.64 -45.88 -64.32
C THR HB 225 15.32 -44.53 -64.95
N ALA HB 226 15.35 -43.50 -64.13
CA ALA HB 226 15.35 -42.12 -64.57
C ALA HB 226 16.58 -41.44 -63.99
N GLY HB 227 16.90 -40.26 -64.52
CA GLY HB 227 18.09 -39.57 -64.10
C GLY HB 227 18.08 -39.31 -62.61
N PRO HB 228 19.25 -39.30 -61.98
CA PRO HB 228 19.31 -39.06 -60.54
C PRO HB 228 18.73 -37.70 -60.18
N ARG HB 229 18.08 -37.64 -59.02
CA ARG HB 229 17.45 -36.40 -58.59
C ARG HB 229 18.51 -35.33 -58.35
N MET HB 230 18.12 -34.08 -58.54
CA MET HB 230 19.04 -32.97 -58.32
C MET HB 230 19.56 -33.00 -56.88
N LEU HB 231 20.84 -32.69 -56.72
CA LEU HB 231 21.43 -32.55 -55.40
C LEU HB 231 21.01 -31.22 -54.80
N GLU HB 232 20.52 -31.24 -53.57
CA GLU HB 232 20.01 -30.04 -52.93
C GLU HB 232 20.54 -29.94 -51.51
N GLU HB 233 20.54 -28.71 -51.01
CA GLU HB 233 20.98 -28.45 -49.65
C GLU HB 233 19.94 -28.95 -48.64
N LYS HB 234 20.36 -29.03 -47.39
CA LYS HB 234 19.43 -29.33 -46.32
C LYS HB 234 18.26 -28.37 -46.38
N PRO HB 235 17.02 -28.85 -46.37
CA PRO HB 235 15.88 -27.93 -46.36
C PRO HB 235 16.01 -26.96 -45.19
N TYR HB 236 15.89 -25.68 -45.49
CA TYR HB 236 16.04 -24.64 -44.48
C TYR HB 236 14.73 -24.51 -43.70
N PHE HB 237 14.82 -24.59 -42.38
CA PHE HB 237 13.67 -24.45 -41.51
C PHE HB 237 13.47 -22.97 -41.21
N CYS HB 238 12.34 -22.43 -41.62
CA CYS HB 238 12.04 -21.01 -41.41
C CYS HB 238 11.15 -20.87 -40.19
N ALA HB 239 11.66 -20.19 -39.18
CA ALA HB 239 10.88 -19.89 -37.99
C ALA HB 239 9.93 -18.75 -38.31
N SER HB 240 8.64 -19.06 -38.40
CA SER HB 240 7.68 -18.12 -38.94
C SER HB 240 6.32 -18.37 -38.31
N GLU HB 241 5.43 -17.41 -38.48
CA GLU HB 241 4.03 -17.57 -38.09
C GLU HB 241 3.16 -17.47 -39.32
N LEU HB 242 2.14 -18.32 -39.39
CA LEU HB 242 1.13 -18.28 -40.44
C LEU HB 242 -0.21 -18.56 -39.78
N VAL HB 243 -0.86 -17.51 -39.30
CA VAL HB 243 -2.05 -17.62 -38.45
C VAL HB 243 -3.24 -17.01 -39.18
N TYR HB 244 -4.32 -17.78 -39.27
CA TYR HB 244 -5.56 -17.32 -39.88
C TYR HB 244 -6.55 -16.96 -38.77
N ARG HB 245 -6.61 -15.68 -38.43
CA ARG HB 245 -7.45 -15.20 -37.34
C ARG HB 245 -8.87 -15.04 -37.87
N ASN HB 246 -9.76 -15.94 -37.47
CA ASN HB 246 -11.16 -15.92 -37.88
C ASN HB 246 -12.02 -16.04 -36.62
N ASP HB 247 -12.76 -14.98 -36.30
CA ASP HB 247 -13.68 -14.99 -35.18
C ASP HB 247 -15.10 -15.32 -35.59
N ASP HB 248 -15.29 -15.85 -36.80
CA ASP HB 248 -16.61 -16.21 -37.30
C ASP HB 248 -16.71 -17.72 -37.57
N MET HB 249 -15.90 -18.53 -36.88
CA MET HB 249 -15.93 -19.98 -37.09
C MET HB 249 -16.16 -20.73 -35.78
N GLY HB 250 -16.66 -20.07 -34.75
CA GLY HB 250 -17.01 -20.75 -33.52
C GLY HB 250 -15.96 -20.62 -32.45
N PRO HB 251 -16.18 -21.29 -31.33
CA PRO HB 251 -15.29 -21.11 -30.17
C PRO HB 251 -13.94 -21.80 -30.25
N THR HB 252 -13.82 -22.94 -30.93
CA THR HB 252 -12.59 -23.71 -30.90
C THR HB 252 -11.51 -23.09 -31.76
N ALA HB 253 -10.29 -23.07 -31.24
CA ALA HB 253 -9.12 -22.59 -31.95
C ALA HB 253 -8.17 -23.76 -32.19
N HIS HB 254 -7.57 -23.81 -33.36
CA HIS HB 254 -6.63 -24.87 -33.72
C HIS HB 254 -5.25 -24.28 -33.91
N ILE HB 255 -4.27 -24.79 -33.16
CA ILE HB 255 -2.90 -24.29 -33.18
C ILE HB 255 -1.97 -25.46 -33.41
N ALA HB 256 -0.93 -25.25 -34.21
CA ALA HB 256 0.15 -26.22 -34.37
C ALA HB 256 1.48 -25.50 -34.23
N ILE HB 257 2.34 -26.03 -33.38
CA ILE HB 257 3.67 -25.47 -33.13
C ILE HB 257 4.69 -26.53 -33.52
N ALA HB 258 5.70 -26.13 -34.29
CA ALA HB 258 6.67 -27.07 -34.82
C ALA HB 258 8.09 -26.65 -34.45
N TYR HB 259 8.94 -27.66 -34.25
CA TYR HB 259 10.37 -27.51 -34.10
C TYR HB 259 11.00 -28.24 -35.28
N GLU HB 260 12.26 -27.95 -35.56
CA GLU HB 260 12.96 -28.74 -36.57
C GLU HB 260 13.25 -30.12 -36.01
N GLY HB 261 12.90 -31.15 -36.77
CA GLY HB 261 13.06 -32.52 -36.38
C GLY HB 261 14.29 -33.15 -37.01
N VAL HB 262 14.20 -34.45 -37.27
CA VAL HB 262 15.34 -35.19 -37.79
C VAL HB 262 14.89 -36.03 -38.98
N PRO HB 263 15.80 -36.37 -39.89
CA PRO HB 263 15.45 -37.24 -41.01
C PRO HB 263 15.21 -38.67 -40.56
N TRP HB 264 14.67 -39.47 -41.48
CA TRP HB 264 14.37 -40.87 -41.18
C TRP HB 264 15.60 -41.61 -40.65
N ARG HB 265 16.72 -41.49 -41.35
CA ARG HB 265 17.90 -42.30 -41.05
C ARG HB 265 18.75 -41.72 -39.94
N SER HB 266 18.33 -40.62 -39.34
CA SER HB 266 19.10 -40.03 -38.25
C SER HB 266 19.25 -41.02 -37.11
N PRO HB 267 20.41 -41.06 -36.45
CA PRO HB 267 20.52 -41.88 -35.24
C PRO HB 267 19.59 -41.45 -34.14
N ASP HB 268 19.10 -40.21 -34.17
CA ASP HB 268 18.23 -39.70 -33.14
C ASP HB 268 16.76 -39.91 -33.44
N TYR HB 269 16.40 -40.56 -34.55
CA TYR HB 269 14.99 -40.63 -34.90
C TYR HB 269 14.20 -41.39 -33.85
N ILE HB 270 14.73 -42.51 -33.36
CA ILE HB 270 13.99 -43.27 -32.36
C ILE HB 270 13.83 -42.47 -31.08
N THR HB 271 14.82 -41.65 -30.74
CA THR HB 271 14.65 -40.76 -29.61
C THR HB 271 13.50 -39.79 -29.83
N PHE HB 272 13.35 -39.29 -31.06
CA PHE HB 272 12.24 -38.38 -31.35
C PHE HB 272 10.91 -39.11 -31.36
N MET HB 273 10.91 -40.39 -31.72
CA MET HB 273 9.69 -41.19 -31.58
C MET HB 273 9.28 -41.31 -30.12
N LEU HB 274 10.25 -41.57 -29.25
CA LEU HB 274 9.95 -41.68 -27.82
C LEU HB 274 9.49 -40.36 -27.25
N MET HB 275 10.14 -39.26 -27.64
CA MET HB 275 9.69 -37.95 -27.17
C MET HB 275 8.28 -37.66 -27.66
N ASN HB 276 7.94 -38.12 -28.86
CA ASN HB 276 6.57 -37.96 -29.35
C ASN HB 276 5.60 -38.74 -28.49
N ALA HB 277 5.99 -39.93 -28.04
CA ALA HB 277 5.13 -40.73 -27.18
C ALA HB 277 5.01 -40.13 -25.79
N ILE HB 278 6.06 -39.50 -25.28
CA ILE HB 278 5.99 -38.86 -23.97
C ILE HB 278 5.01 -37.69 -24.01
N ILE HB 279 5.04 -36.89 -25.09
CA ILE HB 279 4.03 -35.84 -25.23
C ILE HB 279 2.65 -36.45 -25.24
N GLY HB 280 2.46 -37.52 -26.00
CA GLY HB 280 1.21 -38.23 -25.99
C GLY HB 280 0.08 -37.44 -26.62
N SER HB 281 -1.14 -37.88 -26.30
CA SER HB 281 -2.34 -37.24 -26.79
C SER HB 281 -3.42 -37.32 -25.72
N TYR HB 282 -4.33 -36.37 -25.75
CA TYR HB 282 -5.42 -36.30 -24.79
C TYR HB 282 -6.66 -35.76 -25.46
N ASP HB 283 -7.82 -36.27 -25.07
CA ASP HB 283 -9.10 -35.81 -25.58
C ASP HB 283 -10.09 -35.73 -24.43
N LYS HB 284 -10.72 -34.57 -24.23
CA LYS HB 284 -11.69 -34.45 -23.16
C LYS HB 284 -12.87 -35.40 -23.36
N LYS HB 285 -13.17 -35.75 -24.60
CA LYS HB 285 -14.28 -36.63 -24.88
C LYS HB 285 -13.91 -38.11 -24.91
N ASN HB 286 -12.61 -38.45 -24.93
CA ASN HB 286 -12.17 -39.83 -24.74
C ASN HB 286 -11.01 -39.81 -23.75
N GLU HB 287 -11.33 -39.75 -22.45
CA GLU HB 287 -10.27 -39.63 -21.46
C GLU HB 287 -9.56 -40.95 -21.21
N GLY HB 288 -10.28 -42.06 -21.33
CA GLY HB 288 -9.70 -43.34 -21.04
C GLY HB 288 -9.95 -43.76 -19.61
N LEU HB 289 -9.26 -44.82 -19.20
CA LEU HB 289 -9.46 -45.36 -17.86
C LEU HB 289 -8.97 -44.38 -16.79
N VAL HB 290 -7.88 -43.69 -17.05
CA VAL HB 290 -7.31 -42.74 -16.10
C VAL HB 290 -7.82 -41.34 -16.43
N PRO HB 291 -8.41 -40.62 -15.49
CA PRO HB 291 -8.82 -39.24 -15.77
C PRO HB 291 -7.61 -38.33 -15.92
N GLY HB 292 -7.84 -37.20 -16.57
CA GLY HB 292 -6.76 -36.24 -16.77
C GLY HB 292 -6.16 -35.78 -15.46
N LEU HB 293 -7.00 -35.54 -14.45
CA LEU HB 293 -6.51 -35.02 -13.18
C LEU HB 293 -5.54 -35.98 -12.50
N GLN HB 294 -5.57 -37.26 -12.85
CA GLN HB 294 -4.71 -38.26 -12.25
C GLN HB 294 -3.88 -38.98 -13.30
N SER HB 295 -3.53 -38.31 -14.38
CA SER HB 295 -2.79 -38.93 -15.46
C SER HB 295 -1.31 -39.03 -15.12
N ALA HB 296 -0.66 -40.04 -15.67
CA ALA HB 296 0.79 -40.14 -15.56
C ALA HB 296 1.49 -39.17 -16.49
N ASN HB 297 0.89 -38.89 -17.64
CA ASN HB 297 1.42 -37.86 -18.54
C ASN HB 297 1.39 -36.51 -17.83
N ARG HB 298 2.56 -35.87 -17.73
CA ARG HB 298 2.65 -34.63 -16.98
C ARG HB 298 1.93 -33.49 -17.68
N ILE HB 299 2.03 -33.42 -19.01
CA ILE HB 299 1.34 -32.36 -19.74
C ILE HB 299 -0.16 -32.48 -19.54
N THR HB 300 -0.68 -33.70 -19.65
CA THR HB 300 -2.10 -33.91 -19.49
C THR HB 300 -2.56 -33.56 -18.08
N GLN HB 301 -1.78 -33.94 -17.07
CA GLN HB 301 -2.23 -33.77 -15.70
C GLN HB 301 -2.25 -32.29 -15.32
N THR HB 302 -1.19 -31.56 -15.63
CA THR HB 302 -1.18 -30.14 -15.31
C THR HB 302 -2.26 -29.40 -16.10
N GLY HB 303 -2.50 -29.81 -17.34
CA GLY HB 303 -3.52 -29.16 -18.14
C GLY HB 303 -4.91 -29.32 -17.55
N ALA HB 304 -5.23 -30.53 -17.09
CA ALA HB 304 -6.58 -30.79 -16.59
C ALA HB 304 -6.91 -29.94 -15.38
N THR HB 305 -5.90 -29.47 -14.65
CA THR HB 305 -6.14 -28.71 -13.42
C THR HB 305 -6.40 -27.23 -13.67
N ARG HB 306 -6.09 -26.72 -14.86
CA ARG HB 306 -6.08 -25.28 -15.08
C ARG HB 306 -7.50 -24.73 -14.97
N MET HB 307 -7.69 -23.80 -14.03
CA MET HB 307 -8.96 -23.10 -13.83
C MET HB 307 -10.09 -24.05 -13.44
N ASP HB 308 -9.77 -25.24 -12.95
CA ASP HB 308 -10.76 -26.24 -12.58
C ASP HB 308 -11.58 -26.71 -13.77
N VAL HB 309 -11.12 -26.44 -14.99
CA VAL HB 309 -11.88 -26.79 -16.19
C VAL HB 309 -11.03 -27.58 -17.17
N GLY HB 310 -9.72 -27.38 -17.15
CA GLY HB 310 -8.85 -27.99 -18.15
C GLY HB 310 -8.63 -27.11 -19.37
N CYS HB 311 -7.39 -27.04 -19.85
CA CYS HB 311 -7.02 -26.13 -20.94
C CYS HB 311 -6.73 -26.86 -22.24
N PHE HB 312 -7.20 -28.09 -22.41
CA PHE HB 312 -6.92 -28.88 -23.60
C PHE HB 312 -8.19 -29.64 -23.96
N ASP HB 313 -8.94 -29.16 -24.95
CA ASP HB 313 -10.01 -30.02 -25.47
C ASP HB 313 -9.44 -31.19 -26.24
N TYR HB 314 -8.34 -30.97 -26.95
CA TYR HB 314 -7.63 -32.05 -27.64
C TYR HB 314 -6.21 -31.59 -27.91
N TYR HB 315 -5.27 -32.52 -27.79
CA TYR HB 315 -3.92 -32.26 -28.26
C TYR HB 315 -3.26 -33.58 -28.64
N THR HB 316 -2.26 -33.48 -29.51
CA THR HB 316 -1.45 -34.61 -29.91
C THR HB 316 -0.08 -34.12 -30.29
N GLY HB 317 0.93 -34.94 -30.03
CA GLY HB 317 2.25 -34.69 -30.58
C GLY HB 317 2.34 -35.19 -32.00
N PHE HB 318 3.32 -34.68 -32.74
CA PHE HB 318 3.56 -35.18 -34.08
C PHE HB 318 5.05 -35.20 -34.34
N ASN HB 319 5.49 -36.21 -35.08
CA ASN HB 319 6.89 -36.38 -35.46
C ASN HB 319 6.89 -36.79 -36.92
N ILE HB 320 7.20 -35.87 -37.81
CA ILE HB 320 7.16 -36.08 -39.25
C ILE HB 320 8.59 -36.11 -39.75
N ALA HB 321 8.93 -37.16 -40.49
CA ALA HB 321 10.28 -37.34 -40.99
C ALA HB 321 10.28 -37.42 -42.51
N TYR HB 322 11.29 -36.82 -43.12
CA TYR HB 322 11.52 -36.88 -44.55
C TYR HB 322 12.96 -37.30 -44.77
N LYS HB 323 13.38 -37.42 -46.03
CA LYS HB 323 14.70 -37.98 -46.29
C LYS HB 323 15.81 -37.13 -45.68
N ASP HB 324 15.65 -35.81 -45.69
CA ASP HB 324 16.70 -34.93 -45.21
C ASP HB 324 16.24 -33.91 -44.19
N THR HB 325 15.04 -34.04 -43.65
CA THR HB 325 14.56 -33.09 -42.65
C THR HB 325 13.39 -33.73 -41.92
N GLY HB 326 12.94 -33.07 -40.87
CA GLY HB 326 11.78 -33.53 -40.13
C GLY HB 326 11.16 -32.40 -39.35
N LEU HB 327 9.95 -32.65 -38.87
CA LEU HB 327 9.21 -31.70 -38.05
C LEU HB 327 8.73 -32.41 -36.80
N PHE HB 328 8.92 -31.76 -35.65
CA PHE HB 328 8.50 -32.31 -34.36
C PHE HB 328 7.73 -31.22 -33.63
N GLY HB 329 6.56 -31.55 -33.12
CA GLY HB 329 5.78 -30.55 -32.43
C GLY HB 329 4.49 -31.12 -31.87
N PHE HB 330 3.53 -30.25 -31.64
CA PHE HB 330 2.24 -30.63 -31.09
C PHE HB 330 1.13 -29.86 -31.79
N TYR HB 331 -0.06 -30.44 -31.79
CA TYR HB 331 -1.26 -29.82 -32.32
C TYR HB 331 -2.29 -29.70 -31.22
N ILE HB 332 -2.96 -28.56 -31.13
CA ILE HB 332 -3.93 -28.29 -30.07
C ILE HB 332 -5.25 -27.87 -30.69
N ALA HB 333 -6.34 -28.32 -30.10
CA ALA HB 333 -7.68 -27.82 -30.40
C ALA HB 333 -8.32 -27.47 -29.07
N THR HB 334 -8.51 -26.18 -28.81
CA THR HB 334 -8.87 -25.74 -27.47
C THR HB 334 -9.75 -24.50 -27.54
N ASP HB 335 -10.42 -24.23 -26.43
CA ASP HB 335 -11.25 -23.05 -26.32
C ASP HB 335 -10.45 -21.79 -26.56
N GLU HB 336 -11.12 -20.77 -27.09
CA GLU HB 336 -10.43 -19.52 -27.42
C GLU HB 336 -9.70 -18.95 -26.22
N VAL HB 337 -10.36 -18.90 -25.06
CA VAL HB 337 -9.77 -18.26 -23.90
C VAL HB 337 -8.68 -19.11 -23.27
N ALA HB 338 -8.57 -20.37 -23.66
CA ALA HB 338 -7.59 -21.29 -23.09
C ALA HB 338 -6.29 -21.37 -23.89
N VAL HB 339 -6.14 -20.64 -25.00
CA VAL HB 339 -5.02 -20.91 -25.88
C VAL HB 339 -3.70 -20.55 -25.23
N GLU HB 340 -3.64 -19.46 -24.46
CA GLU HB 340 -2.39 -19.07 -23.84
C GLU HB 340 -1.94 -20.11 -22.83
N HIS HB 341 -2.86 -20.62 -22.02
CA HIS HB 341 -2.51 -21.68 -21.09
C HIS HB 341 -2.12 -22.95 -21.83
N ALA HB 342 -2.83 -23.28 -22.91
CA ALA HB 342 -2.55 -24.53 -23.61
C ALA HB 342 -1.20 -24.51 -24.30
N VAL HB 343 -0.89 -23.45 -25.06
CA VAL HB 343 0.41 -23.41 -25.72
C VAL HB 343 1.52 -23.30 -24.69
N GLY HB 344 1.27 -22.55 -23.62
CA GLY HB 344 2.28 -22.41 -22.59
C GLY HB 344 2.58 -23.71 -21.88
N ASP HB 345 1.55 -24.52 -21.64
CA ASP HB 345 1.74 -25.78 -20.93
C ASP HB 345 2.39 -26.84 -21.82
N LEU HB 346 2.01 -26.90 -23.09
CA LEU HB 346 2.61 -27.88 -23.97
C LEU HB 346 4.02 -27.48 -24.38
N MET HB 347 4.37 -26.20 -24.28
CA MET HB 347 5.75 -25.80 -24.52
C MET HB 347 6.60 -26.00 -23.27
N PHE HB 348 6.03 -25.75 -22.09
CA PHE HB 348 6.72 -26.08 -20.85
C PHE HB 348 7.02 -27.57 -20.76
N GLY HB 349 6.12 -28.40 -21.28
CA GLY HB 349 6.37 -29.84 -21.27
C GLY HB 349 7.52 -30.24 -22.17
N VAL HB 350 7.63 -29.63 -23.35
CA VAL HB 350 8.72 -29.97 -24.25
C VAL HB 350 10.04 -29.44 -23.70
N THR HB 351 10.03 -28.25 -23.11
CA THR HB 351 11.24 -27.74 -22.50
C THR HB 351 11.68 -28.60 -21.32
N SER HB 352 10.74 -29.27 -20.67
CA SER HB 352 11.12 -30.10 -19.52
C SER HB 352 11.97 -31.30 -19.93
N PHE HB 353 11.82 -31.77 -21.17
CA PHE HB 353 12.67 -32.87 -21.63
C PHE HB 353 14.15 -32.52 -21.48
N SER HB 354 14.48 -31.24 -21.64
CA SER HB 354 15.87 -30.82 -21.55
C SER HB 354 16.37 -30.70 -20.12
N TYR HB 355 15.47 -30.61 -19.15
CA TYR HB 355 15.87 -30.35 -17.76
C TYR HB 355 15.49 -31.49 -16.81
N SER HB 356 14.21 -31.80 -16.68
CA SER HB 356 13.72 -32.68 -15.61
C SER HB 356 12.69 -33.64 -16.19
N LEU HB 357 13.17 -34.74 -16.73
CA LEU HB 357 12.32 -35.84 -17.21
C LEU HB 357 12.63 -37.05 -16.35
N THR HB 358 11.59 -37.65 -15.80
CA THR HB 358 11.76 -38.77 -14.88
C THR HB 358 11.89 -40.08 -15.63
N GLU HB 359 12.56 -41.04 -15.01
CA GLU HB 359 12.63 -42.38 -15.58
C GLU HB 359 11.27 -43.01 -15.70
N GLU HB 360 10.36 -42.71 -14.77
CA GLU HB 360 9.03 -43.31 -14.80
C GLU HB 360 8.28 -42.94 -16.06
N GLU HB 361 8.31 -41.66 -16.43
CA GLU HB 361 7.58 -41.23 -17.62
C GLU HB 361 8.16 -41.86 -18.87
N VAL HB 362 9.50 -41.98 -18.93
CA VAL HB 362 10.14 -42.59 -20.08
C VAL HB 362 9.73 -44.06 -20.22
N MET HB 363 9.74 -44.78 -19.10
CA MET HB 363 9.45 -46.21 -19.18
C MET HB 363 7.99 -46.46 -19.53
N LYS HB 364 7.07 -45.66 -19.00
CA LYS HB 364 5.69 -45.75 -19.45
C LYS HB 364 5.60 -45.48 -20.94
N ALA HB 365 6.29 -44.44 -21.41
CA ALA HB 365 6.19 -44.08 -22.81
C ALA HB 365 6.76 -45.18 -23.71
N LYS HB 366 7.83 -45.84 -23.28
CA LYS HB 366 8.37 -46.93 -24.09
C LYS HB 366 7.34 -48.01 -24.29
N ARG HB 367 6.60 -48.34 -23.23
CA ARG HB 367 5.61 -49.41 -23.34
C ARG HB 367 4.44 -49.00 -24.22
N GLU HB 368 3.99 -47.76 -24.12
CA GLU HB 368 2.88 -47.34 -24.97
C GLU HB 368 3.33 -47.09 -26.41
N LEU HB 369 4.61 -46.73 -26.62
CA LEU HB 369 5.14 -46.68 -27.98
C LEU HB 369 5.20 -48.07 -28.59
N LYS HB 370 5.67 -49.06 -27.83
CA LYS HB 370 5.73 -50.42 -28.35
C LYS HB 370 4.34 -50.98 -28.63
N THR HB 371 3.39 -50.67 -27.76
CA THR HB 371 2.03 -51.15 -27.97
C THR HB 371 1.44 -50.58 -29.26
N ASN HB 372 1.66 -49.29 -29.51
CA ASN HB 372 1.16 -48.67 -30.73
C ASN HB 372 1.80 -49.30 -31.95
N PHE HB 373 3.13 -49.47 -31.92
CA PHE HB 373 3.83 -50.00 -33.09
C PHE HB 373 3.45 -51.44 -33.37
N PHE HB 374 3.48 -52.30 -32.35
CA PHE HB 374 3.19 -53.71 -32.57
C PHE HB 374 1.75 -53.93 -32.97
N SER HB 375 0.82 -53.19 -32.38
CA SER HB 375 -0.58 -53.35 -32.74
C SER HB 375 -0.84 -52.92 -34.19
N GLY HB 376 -0.05 -51.99 -34.70
CA GLY HB 376 -0.19 -51.61 -36.10
C GLY HB 376 0.19 -52.71 -37.07
N LEU HB 377 1.02 -53.66 -36.63
CA LEU HB 377 1.45 -54.76 -37.47
C LEU HB 377 0.53 -55.97 -37.38
N ASP HB 378 -0.72 -55.77 -36.97
CA ASP HB 378 -1.62 -56.90 -36.75
C ASP HB 378 -2.17 -57.45 -38.05
N ASN HB 379 -2.63 -56.57 -38.95
CA ASN HB 379 -3.24 -57.00 -40.20
C ASN HB 379 -2.24 -56.91 -41.34
N THR HB 380 -2.60 -57.54 -42.46
CA THR HB 380 -1.68 -57.60 -43.59
C THR HB 380 -1.40 -56.20 -44.16
N THR HB 381 -2.44 -55.36 -44.25
CA THR HB 381 -2.23 -54.02 -44.77
C THR HB 381 -1.32 -53.21 -43.85
N GLY HB 382 -1.46 -53.41 -42.55
CA GLY HB 382 -0.52 -52.77 -41.62
C GLY HB 382 0.90 -53.25 -41.85
N VAL HB 383 1.08 -54.55 -42.02
CA VAL HB 383 2.41 -55.08 -42.31
C VAL HB 383 2.92 -54.53 -43.64
N ALA HB 384 2.07 -54.51 -44.67
CA ALA HB 384 2.51 -54.06 -45.97
C ALA HB 384 2.92 -52.59 -45.95
N GLU HB 385 2.16 -51.74 -45.27
CA GLU HB 385 2.57 -50.35 -45.13
C GLU HB 385 3.91 -50.26 -44.44
N ASP HB 386 4.11 -51.07 -43.39
CA ASP HB 386 5.36 -51.04 -42.66
C ASP HB 386 6.52 -51.48 -43.53
N ILE HB 387 6.34 -52.56 -44.29
CA ILE HB 387 7.43 -53.02 -45.16
C ILE HB 387 7.75 -51.98 -46.21
N GLY HB 388 6.72 -51.46 -46.89
CA GLY HB 388 6.95 -50.53 -47.98
C GLY HB 388 7.51 -49.22 -47.51
N ARG HB 389 6.90 -48.64 -46.47
CA ARG HB 389 7.40 -47.37 -45.96
C ARG HB 389 8.83 -47.50 -45.45
N GLN HB 390 9.13 -48.60 -44.76
CA GLN HB 390 10.47 -48.75 -44.18
C GLN HB 390 11.52 -48.95 -45.26
N ILE HB 391 11.25 -49.78 -46.25
CA ILE HB 391 12.25 -50.01 -47.30
C ILE HB 391 12.54 -48.72 -48.03
N LEU HB 392 11.50 -47.91 -48.29
CA LEU HB 392 11.73 -46.62 -48.92
C LEU HB 392 12.52 -45.70 -47.99
N ALA HB 393 12.17 -45.69 -46.71
CA ALA HB 393 12.81 -44.76 -45.78
C ALA HB 393 14.23 -45.20 -45.43
N TYR HB 394 14.44 -46.49 -45.21
CA TYR HB 394 15.73 -46.99 -44.73
C TYR HB 394 16.46 -47.89 -45.70
N GLY HB 395 15.79 -48.41 -46.72
CA GLY HB 395 16.39 -49.42 -47.56
C GLY HB 395 16.27 -50.82 -47.01
N ARG HB 396 15.68 -50.98 -45.82
CA ARG HB 396 15.51 -52.28 -45.18
C ARG HB 396 14.36 -52.12 -44.20
N ARG HB 397 13.86 -53.24 -43.72
CA ARG HB 397 12.82 -53.24 -42.69
C ARG HB 397 13.45 -53.58 -41.35
N LEU HB 398 13.31 -52.69 -40.39
CA LEU HB 398 13.78 -52.97 -39.04
C LEU HB 398 12.85 -53.98 -38.38
N SER HB 399 13.44 -55.00 -37.78
CA SER HB 399 12.68 -56.03 -37.10
C SER HB 399 12.12 -55.49 -35.79
N PRO HB 400 11.04 -56.09 -35.28
CA PRO HB 400 10.57 -55.68 -33.95
C PRO HB 400 11.65 -55.83 -32.90
N ALA HB 401 12.45 -56.89 -32.99
CA ALA HB 401 13.52 -57.08 -32.03
C ALA HB 401 14.54 -55.95 -32.11
N GLU HB 402 14.92 -55.55 -33.32
CA GLU HB 402 15.91 -54.49 -33.45
C GLU HB 402 15.37 -53.18 -32.91
N PHE HB 403 14.10 -52.87 -33.19
CA PHE HB 403 13.51 -51.65 -32.65
C PHE HB 403 13.56 -51.63 -31.13
N VAL HB 404 13.27 -52.78 -30.51
CA VAL HB 404 13.29 -52.86 -29.06
C VAL HB 404 14.72 -52.77 -28.54
N GLU HB 405 15.67 -53.41 -29.23
CA GLU HB 405 17.06 -53.32 -28.82
C GLU HB 405 17.53 -51.87 -28.79
N ARG HB 406 17.24 -51.12 -29.85
CA ARG HB 406 17.68 -49.74 -29.91
C ARG HB 406 16.92 -48.89 -28.90
N LEU HB 407 15.64 -49.18 -28.69
CA LEU HB 407 14.85 -48.42 -27.73
C LEU HB 407 15.32 -48.68 -26.30
N ASP HB 408 15.81 -49.89 -26.02
CA ASP HB 408 16.32 -50.18 -24.68
C ASP HB 408 17.46 -49.24 -24.31
N GLN HB 409 18.31 -48.89 -25.27
CA GLN HB 409 19.44 -48.03 -24.98
C GLN HB 409 19.00 -46.61 -24.64
N ILE HB 410 17.89 -46.16 -25.19
CA ILE HB 410 17.44 -44.80 -24.96
C ILE HB 410 16.86 -44.69 -23.56
N ASP HB 411 17.32 -43.70 -22.80
CA ASP HB 411 16.86 -43.50 -21.44
C ASP HB 411 16.56 -42.03 -21.21
N SER HB 412 16.27 -41.65 -19.97
CA SER HB 412 15.99 -40.26 -19.68
C SER HB 412 17.20 -39.38 -20.00
N GLN HB 413 18.40 -39.88 -19.75
CA GLN HB 413 19.59 -39.09 -20.04
C GLN HB 413 19.78 -38.89 -21.54
N GLU HB 414 19.49 -39.92 -22.35
CA GLU HB 414 19.60 -39.77 -23.79
C GLU HB 414 18.57 -38.80 -24.33
N VAL HB 415 17.34 -38.88 -23.83
CA VAL HB 415 16.33 -37.90 -24.23
C VAL HB 415 16.79 -36.50 -23.87
N GLN HB 416 17.41 -36.35 -22.70
CA GLN HB 416 17.85 -35.02 -22.27
C GLN HB 416 18.96 -34.51 -23.16
N ARG HB 417 19.88 -35.38 -23.58
CA ARG HB 417 20.97 -34.93 -24.44
C ARG HB 417 20.44 -34.49 -25.78
N VAL HB 418 19.55 -35.27 -26.39
CA VAL HB 418 19.02 -34.93 -27.69
C VAL HB 418 18.20 -33.65 -27.63
N ALA HB 419 17.36 -33.53 -26.60
CA ALA HB 419 16.54 -32.34 -26.47
C ALA HB 419 17.40 -31.10 -26.21
N TRP HB 420 18.44 -31.24 -25.39
CA TRP HB 420 19.32 -30.10 -25.12
C TRP HB 420 20.02 -29.65 -26.39
N ASN HB 421 20.43 -30.59 -27.23
CA ASN HB 421 21.13 -30.24 -28.46
C ASN HB 421 20.19 -29.63 -29.49
N ARG HB 422 18.98 -30.16 -29.64
CA ARG HB 422 18.14 -29.81 -30.77
C ARG HB 422 16.92 -28.98 -30.41
N LEU HB 423 16.31 -29.22 -29.26
CA LEU HB 423 15.04 -28.56 -28.93
C LEU HB 423 15.19 -27.41 -27.95
N HIS HB 424 16.18 -27.43 -27.08
CA HIS HB 424 16.35 -26.35 -26.12
C HIS HB 424 16.76 -25.07 -26.82
N ASP HB 425 16.12 -23.96 -26.47
CA ASP HB 425 16.45 -22.65 -27.03
C ASP HB 425 16.44 -22.68 -28.55
N ALA HB 426 15.52 -23.45 -29.11
CA ALA HB 426 15.44 -23.69 -30.54
C ALA HB 426 14.42 -22.74 -31.18
N GLU HB 427 14.49 -22.65 -32.51
CA GLU HB 427 13.52 -21.87 -33.27
C GLU HB 427 12.25 -22.67 -33.48
N ILE HB 428 11.10 -21.98 -33.49
CA ILE HB 428 9.81 -22.63 -33.62
C ILE HB 428 8.99 -21.92 -34.69
N THR HB 429 8.02 -22.65 -35.22
CA THR HB 429 7.03 -22.13 -36.15
C THR HB 429 5.65 -22.32 -35.56
N MET HB 430 4.82 -21.29 -35.62
CA MET HB 430 3.45 -21.39 -35.13
C MET HB 430 2.47 -21.15 -36.28
N THR HB 431 1.44 -21.98 -36.32
CA THR HB 431 0.40 -21.92 -37.33
C THR HB 431 -0.93 -22.04 -36.62
N GLY HB 432 -1.98 -21.46 -37.20
CA GLY HB 432 -3.24 -21.41 -36.50
C GLY HB 432 -4.42 -21.10 -37.39
N VAL HB 433 -5.60 -21.46 -36.90
CA VAL HB 433 -6.88 -21.12 -37.51
C VAL HB 433 -7.88 -20.92 -36.38
N GLY HB 434 -8.76 -19.93 -36.55
CA GLY HB 434 -9.81 -19.71 -35.59
C GLY HB 434 -9.57 -18.52 -34.69
N PRO HB 435 -10.36 -18.41 -33.64
CA PRO HB 435 -10.25 -17.24 -32.76
C PRO HB 435 -9.01 -17.28 -31.90
N LEU HB 436 -8.01 -16.48 -32.25
CA LEU HB 436 -6.68 -16.62 -31.68
C LEU HB 436 -6.19 -15.30 -31.12
N HIS HB 437 -7.07 -14.57 -30.43
CA HIS HB 437 -6.64 -13.40 -29.70
C HIS HB 437 -5.62 -13.76 -28.63
N GLY HB 438 -5.77 -14.93 -28.01
CA GLY HB 438 -4.87 -15.34 -26.94
C GLY HB 438 -3.48 -15.73 -27.40
N LEU HB 439 -3.34 -16.14 -28.66
CA LEU HB 439 -2.03 -16.54 -29.17
C LEU HB 439 -1.10 -15.33 -29.22
N LEU HB 440 0.08 -15.48 -28.64
CA LEU HB 440 1.05 -14.39 -28.55
C LEU HB 440 1.93 -14.38 -29.79
N GLN HB 441 2.86 -13.45 -29.84
CA GLN HB 441 3.78 -13.37 -30.97
C GLN HB 441 4.76 -14.55 -30.95
N LEU HB 442 5.33 -14.83 -32.12
CA LEU HB 442 6.24 -15.96 -32.22
C LEU HB 442 7.42 -15.82 -31.27
N TRP HB 443 7.95 -14.61 -31.13
CA TRP HB 443 9.10 -14.40 -30.26
C TRP HB 443 8.75 -14.68 -28.80
N ASP HB 444 7.53 -14.33 -28.39
CA ASP HB 444 7.11 -14.62 -27.03
C ASP HB 444 7.04 -16.11 -26.78
N LEU HB 445 6.51 -16.86 -27.76
CA LEU HB 445 6.44 -18.31 -27.59
C LEU HB 445 7.81 -18.95 -27.72
N ARG HB 446 8.72 -18.32 -28.46
CA ARG HB 446 10.06 -18.86 -28.66
C ARG HB 446 10.94 -18.68 -27.44
N ARG HB 447 10.53 -17.85 -26.48
CA ARG HB 447 11.26 -17.70 -25.23
C ARG HB 447 10.88 -18.76 -24.22
N GLN HB 448 9.83 -19.54 -24.47
CA GLN HB 448 9.41 -20.61 -23.58
C GLN HB 448 10.17 -21.90 -23.82
N THR HB 449 11.09 -21.92 -24.78
CA THR HB 449 11.91 -23.09 -25.03
C THR HB 449 13.11 -23.19 -24.10
N TRP HB 450 13.24 -22.33 -23.10
CA TRP HB 450 14.29 -22.42 -22.10
C TRP HB 450 13.72 -21.94 -20.77
N TRP HB 451 14.39 -22.29 -19.68
CA TRP HB 451 13.90 -22.01 -18.34
C TRP HB 451 14.87 -21.13 -17.57
N TRP HB 452 14.34 -20.23 -16.75
CA TRP HB 452 15.19 -19.50 -15.81
C TRP HB 452 15.64 -20.38 -14.66
N ARG HB 453 14.75 -21.24 -14.18
CA ARG HB 453 15.13 -22.20 -13.15
C ARG HB 453 16.11 -23.21 -13.73
N TYR HB 454 16.79 -23.93 -12.86
CA TYR HB 454 17.81 -24.89 -13.28
C TYR HB 454 18.64 -24.31 -14.42
N GLY IB 1 -11.08 -83.46 -25.06
CA GLY IB 1 -12.26 -82.83 -24.52
C GLY IB 1 -12.85 -83.59 -23.37
N LYS IB 2 -13.01 -82.91 -22.23
CA LYS IB 2 -13.52 -83.53 -21.02
C LYS IB 2 -14.94 -83.08 -20.69
N SER IB 3 -15.44 -82.01 -21.29
CA SER IB 3 -16.75 -81.50 -20.96
C SER IB 3 -17.38 -80.84 -22.18
N THR IB 4 -18.65 -81.15 -22.43
CA THR IB 4 -19.41 -80.56 -23.53
C THR IB 4 -20.41 -79.57 -22.95
N ILE IB 5 -20.31 -78.32 -23.36
CA ILE IB 5 -21.14 -77.24 -22.84
C ILE IB 5 -21.82 -76.57 -24.02
N GLN IB 6 -23.14 -76.67 -24.08
CA GLN IB 6 -23.93 -75.97 -25.09
C GLN IB 6 -23.40 -76.26 -26.50
N GLY IB 7 -23.07 -77.53 -26.75
CA GLY IB 7 -22.69 -77.96 -28.08
C GLY IB 7 -21.22 -77.90 -28.40
N THR IB 8 -20.38 -77.39 -27.51
CA THR IB 8 -18.94 -77.31 -27.72
C THR IB 8 -18.23 -78.09 -26.64
N SER IB 9 -17.13 -78.76 -27.01
CA SER IB 9 -16.35 -79.55 -26.07
C SER IB 9 -15.17 -78.74 -25.57
N TYR IB 10 -14.95 -78.75 -24.27
CA TYR IB 10 -13.87 -78.02 -23.64
C TYR IB 10 -13.00 -78.97 -22.84
N ASN IB 11 -11.75 -78.58 -22.63
CA ASN IB 11 -10.84 -79.31 -21.77
C ASN IB 11 -10.95 -78.76 -20.36
N VAL IB 12 -11.23 -79.63 -19.39
CA VAL IB 12 -11.46 -79.19 -18.02
C VAL IB 12 -10.12 -78.89 -17.36
N VAL IB 13 -10.01 -77.70 -16.77
CA VAL IB 13 -8.82 -77.29 -16.05
C VAL IB 13 -9.10 -77.45 -14.56
N LYS IB 14 -8.26 -78.22 -13.88
CA LYS IB 14 -8.46 -78.49 -12.46
C LYS IB 14 -7.87 -77.36 -11.61
N PHE IB 15 -8.58 -77.01 -10.54
CA PHE IB 15 -8.03 -76.06 -9.58
C PHE IB 15 -6.89 -76.71 -8.82
N GLN IB 16 -5.85 -75.93 -8.54
CA GLN IB 16 -4.70 -76.40 -7.79
C GLN IB 16 -4.37 -75.38 -6.71
N GLN IB 17 -3.94 -75.88 -5.55
CA GLN IB 17 -3.53 -75.02 -4.45
C GLN IB 17 -2.03 -74.77 -4.57
N GLU IB 18 -1.65 -73.51 -4.73
CA GLU IB 18 -0.27 -73.11 -4.90
C GLU IB 18 0.07 -72.07 -3.84
N ASP IB 19 1.21 -72.25 -3.17
CA ASP IB 19 1.64 -71.26 -2.19
C ASP IB 19 1.90 -69.93 -2.86
N VAL IB 20 1.53 -68.85 -2.17
CA VAL IB 20 1.71 -67.52 -2.75
C VAL IB 20 3.17 -67.25 -3.05
N SER IB 21 4.08 -67.81 -2.25
CA SER IB 21 5.50 -67.59 -2.49
C SER IB 21 5.93 -68.15 -3.83
N GLU IB 22 5.45 -69.34 -4.18
CA GLU IB 22 5.85 -69.96 -5.45
C GLU IB 22 5.34 -69.17 -6.64
N VAL IB 23 4.09 -68.73 -6.60
CA VAL IB 23 3.52 -68.02 -7.74
C VAL IB 23 4.21 -66.68 -7.94
N VAL IB 24 4.63 -66.02 -6.85
CA VAL IB 24 5.24 -64.72 -6.98
C VAL IB 24 6.47 -64.77 -7.88
N LYS IB 25 7.15 -65.91 -7.90
CA LYS IB 25 8.32 -66.04 -8.76
C LYS IB 25 7.96 -65.92 -10.24
N GLU IB 26 6.73 -66.28 -10.60
CA GLU IB 26 6.33 -66.29 -11.99
C GLU IB 26 5.67 -65.00 -12.44
N VAL IB 27 5.41 -64.07 -11.54
CA VAL IB 27 4.74 -62.83 -11.95
C VAL IB 27 5.69 -62.01 -12.80
N PRO IB 28 5.23 -61.37 -13.89
CA PRO IB 28 6.14 -60.59 -14.71
C PRO IB 28 6.80 -59.49 -13.91
N HIS IB 29 8.07 -59.23 -14.21
CA HIS IB 29 8.85 -58.25 -13.48
C HIS IB 29 8.62 -56.86 -14.04
N PHE IB 30 8.28 -55.92 -13.16
CA PHE IB 30 8.18 -54.53 -13.55
C PHE IB 30 8.34 -53.70 -12.29
N GLN IB 31 8.63 -52.41 -12.49
CA GLN IB 31 8.84 -51.48 -11.39
C GLN IB 31 7.92 -50.29 -11.56
N PHE IB 32 7.54 -49.70 -10.43
CA PHE IB 32 6.85 -48.43 -10.43
C PHE IB 32 7.78 -47.28 -10.07
N TYR IB 33 8.78 -47.53 -9.24
CA TYR IB 33 9.75 -46.52 -8.86
C TYR IB 33 11.11 -46.89 -9.42
N TYR IB 34 11.87 -45.87 -9.82
CA TYR IB 34 13.25 -46.03 -10.26
C TYR IB 34 14.09 -45.12 -9.37
N ILE IB 35 14.55 -45.66 -8.24
CA ILE IB 35 15.11 -44.81 -7.20
C ILE IB 35 16.48 -44.27 -7.62
N GLY IB 36 17.31 -45.10 -8.21
CA GLY IB 36 18.59 -44.62 -8.71
C GLY IB 36 18.83 -45.09 -10.12
N GLY IB 37 19.98 -45.72 -10.35
CA GLY IB 37 20.21 -46.40 -11.61
C GLY IB 37 21.69 -46.51 -11.89
N GLU IB 38 21.99 -47.32 -12.90
CA GLU IB 38 23.34 -47.50 -13.41
C GLU IB 38 23.43 -46.77 -14.74
N HIS IB 39 24.24 -45.72 -14.80
CA HIS IB 39 24.35 -44.92 -16.02
C HIS IB 39 25.00 -45.72 -17.14
N LYS IB 40 24.47 -45.57 -18.35
CA LYS IB 40 25.01 -46.24 -19.51
C LYS IB 40 24.70 -45.39 -20.73
N ASP IB 41 25.75 -44.94 -21.43
CA ASP IB 41 25.56 -44.12 -22.62
C ASP IB 41 24.93 -44.93 -23.73
N ASN IB 42 24.08 -44.28 -24.51
CA ASN IB 42 23.43 -44.91 -25.65
C ASN IB 42 24.49 -45.41 -26.62
N LYS IB 43 24.64 -46.73 -26.73
CA LYS IB 43 25.70 -47.28 -27.56
C LYS IB 43 25.46 -47.04 -29.04
N TYR IB 44 24.21 -46.86 -29.45
CA TYR IB 44 23.88 -46.64 -30.86
C TYR IB 44 23.70 -45.15 -31.17
N ARG IB 45 24.23 -44.28 -30.33
CA ARG IB 45 24.03 -42.84 -30.53
C ARG IB 45 24.62 -42.36 -31.85
N ASP IB 46 25.60 -43.07 -32.41
CA ASP IB 46 26.25 -42.67 -33.64
C ASP IB 46 25.99 -43.63 -34.79
N VAL IB 47 24.98 -44.48 -34.69
CA VAL IB 47 24.68 -45.49 -35.70
C VAL IB 47 23.41 -45.08 -36.42
N PRO IB 48 23.45 -44.78 -37.72
CA PRO IB 48 22.23 -44.45 -38.44
C PRO IB 48 21.30 -45.65 -38.58
N LEU IB 49 20.02 -45.35 -38.66
CA LEU IB 49 19.01 -46.42 -38.66
C LEU IB 49 19.13 -47.33 -39.87
N ASP IB 50 19.77 -46.88 -40.94
CA ASP IB 50 19.89 -47.72 -42.12
C ASP IB 50 20.92 -48.83 -41.96
N ILE IB 51 21.69 -48.83 -40.89
CA ILE IB 51 22.71 -49.84 -40.64
C ILE IB 51 22.15 -50.84 -39.63
N PRO IB 52 22.03 -52.12 -39.97
CA PRO IB 52 21.56 -53.08 -38.98
C PRO IB 52 22.56 -53.24 -37.84
N VAL IB 53 22.02 -53.40 -36.63
CA VAL IB 53 22.85 -53.48 -35.44
C VAL IB 53 22.64 -54.77 -34.66
N LEU IB 54 21.62 -55.55 -34.97
CA LEU IB 54 21.32 -56.77 -34.23
C LEU IB 54 21.89 -57.97 -34.98
N THR IB 55 22.59 -58.82 -34.26
CA THR IB 55 23.23 -59.99 -34.84
C THR IB 55 22.93 -61.22 -34.00
N GLU IB 56 22.99 -62.38 -34.64
CA GLU IB 56 22.78 -63.67 -33.96
C GLU IB 56 21.36 -63.76 -33.41
N ALA IB 57 20.39 -63.44 -34.24
CA ALA IB 57 19.00 -63.57 -33.85
C ALA IB 57 18.58 -65.03 -33.87
N PRO IB 58 17.94 -65.54 -32.82
CA PRO IB 58 17.49 -66.93 -32.83
C PRO IB 58 16.53 -67.18 -33.98
N PRO IB 59 16.57 -68.36 -34.59
CA PRO IB 59 15.67 -68.65 -35.71
C PRO IB 59 14.21 -68.59 -35.27
N PRO IB 60 13.32 -68.08 -36.12
CA PRO IB 60 11.92 -67.98 -35.72
C PRO IB 60 11.24 -69.32 -35.59
N GLN IB 61 10.21 -69.36 -34.75
CA GLN IB 61 9.40 -70.55 -34.51
C GLN IB 61 7.96 -70.20 -34.87
N LEU IB 62 7.52 -70.60 -36.05
CA LEU IB 62 6.19 -70.28 -36.55
C LEU IB 62 5.28 -71.50 -36.41
N LYS IB 63 4.08 -71.28 -35.88
CA LYS IB 63 3.08 -72.33 -35.76
C LYS IB 63 1.76 -71.81 -36.32
N LYS IB 64 1.05 -72.68 -37.01
CA LYS IB 64 -0.25 -72.27 -37.56
C LYS IB 64 -1.21 -72.02 -36.41
N PRO IB 65 -1.83 -70.85 -36.32
CA PRO IB 65 -2.73 -70.59 -35.20
C PRO IB 65 -3.90 -71.55 -35.19
N GLU IB 66 -4.32 -71.95 -33.99
CA GLU IB 66 -5.49 -72.78 -33.80
C GLU IB 66 -6.25 -72.31 -32.57
N MET IB 67 -7.57 -72.34 -32.66
CA MET IB 67 -8.41 -71.93 -31.55
C MET IB 67 -8.58 -73.11 -30.60
N LYS IB 68 -8.28 -72.88 -29.32
CA LYS IB 68 -8.36 -73.91 -28.31
C LYS IB 68 -9.39 -73.52 -27.25
N PHE IB 69 -10.05 -74.53 -26.69
CA PHE IB 69 -11.18 -74.35 -25.79
C PHE IB 69 -10.91 -75.06 -24.48
N SER IB 70 -11.13 -74.36 -23.36
CA SER IB 70 -10.95 -74.93 -22.04
C SER IB 70 -11.99 -74.32 -21.11
N VAL IB 71 -12.18 -74.97 -19.97
CA VAL IB 71 -13.17 -74.51 -18.99
C VAL IB 71 -12.67 -74.82 -17.59
N LEU IB 72 -12.92 -73.91 -16.66
CA LEU IB 72 -12.57 -74.11 -15.26
C LEU IB 72 -13.64 -74.96 -14.57
N GLU IB 73 -13.32 -75.42 -13.36
CA GLU IB 73 -14.27 -76.20 -12.59
C GLU IB 73 -15.46 -75.37 -12.13
N ASN IB 74 -15.34 -74.05 -12.08
CA ASN IB 74 -16.48 -73.22 -11.73
C ASN IB 74 -17.38 -72.93 -12.93
N GLY IB 75 -16.97 -73.33 -14.13
CA GLY IB 75 -17.81 -73.19 -15.30
C GLY IB 75 -17.45 -72.05 -16.23
N MET IB 76 -16.33 -71.37 -16.01
CA MET IB 76 -15.92 -70.29 -16.89
C MET IB 76 -15.20 -70.88 -18.10
N ARG IB 77 -15.67 -70.55 -19.29
CA ARG IB 77 -15.11 -71.08 -20.53
C ARG IB 77 -13.99 -70.16 -21.01
N ILE IB 78 -12.93 -70.77 -21.53
CA ILE IB 78 -11.73 -70.05 -21.95
C ILE IB 78 -11.44 -70.43 -23.40
N VAL IB 79 -11.43 -69.44 -24.27
CA VAL IB 79 -11.15 -69.64 -25.69
C VAL IB 79 -10.03 -68.68 -26.08
N SER IB 80 -8.96 -69.21 -26.66
CA SER IB 80 -7.84 -68.36 -27.06
C SER IB 80 -7.30 -68.80 -28.41
N VAL IB 81 -6.74 -67.83 -29.12
CA VAL IB 81 -6.04 -68.05 -30.37
C VAL IB 81 -4.70 -67.34 -30.26
N ASP IB 82 -3.65 -67.99 -30.70
CA ASP IB 82 -2.30 -67.42 -30.68
C ASP IB 82 -1.84 -67.21 -32.12
N LYS IB 83 -1.93 -65.97 -32.59
CA LYS IB 83 -1.43 -65.59 -33.89
C LYS IB 83 0.04 -65.20 -33.85
N GLN IB 84 0.68 -65.32 -32.71
CA GLN IB 84 2.09 -64.98 -32.52
C GLN IB 84 2.35 -63.49 -32.69
N GLY IB 85 1.34 -62.66 -32.51
CA GLY IB 85 1.55 -61.24 -32.42
C GLY IB 85 2.15 -60.85 -31.09
N LEU IB 86 2.60 -59.60 -31.02
CA LEU IB 86 3.27 -59.11 -29.82
C LEU IB 86 2.33 -58.37 -28.87
N THR IB 87 1.08 -58.15 -29.25
CA THR IB 87 0.10 -57.53 -28.38
C THR IB 87 -1.06 -58.49 -28.18
N SER IB 88 -1.48 -58.64 -26.93
CA SER IB 88 -2.61 -59.50 -26.61
C SER IB 88 -3.89 -58.69 -26.54
N ASN IB 89 -5.01 -59.39 -26.65
CA ASN IB 89 -6.33 -58.78 -26.49
C ASN IB 89 -7.14 -59.72 -25.60
N LEU IB 90 -7.25 -59.37 -24.32
CA LEU IB 90 -8.03 -60.15 -23.39
C LEU IB 90 -9.46 -59.61 -23.33
N GLY IB 91 -10.42 -60.52 -23.32
CA GLY IB 91 -11.81 -60.12 -23.28
C GLY IB 91 -12.67 -61.01 -22.41
N LEU IB 92 -13.41 -60.40 -21.50
CA LEU IB 92 -14.35 -61.11 -20.64
C LEU IB 92 -15.76 -60.74 -21.08
N PHE IB 93 -16.53 -61.74 -21.51
CA PHE IB 93 -17.90 -61.54 -21.98
C PHE IB 93 -18.87 -62.19 -21.00
N VAL IB 94 -19.86 -61.44 -20.55
CA VAL IB 94 -20.87 -61.93 -19.62
C VAL IB 94 -22.23 -61.78 -20.28
N HIS IB 95 -23.05 -62.82 -20.14
CA HIS IB 95 -24.34 -62.88 -20.80
C HIS IB 95 -25.40 -62.09 -20.03
N ALA IB 96 -25.12 -60.81 -19.78
CA ALA IB 96 -26.03 -59.95 -19.03
C ALA IB 96 -26.08 -58.57 -19.70
N GLY IB 97 -26.98 -58.41 -20.67
CA GLY IB 97 -27.17 -57.15 -21.33
C GLY IB 97 -28.49 -56.50 -20.95
N SER IB 98 -28.83 -55.44 -21.69
CA SER IB 98 -30.03 -54.69 -21.40
C SER IB 98 -31.29 -55.51 -21.60
N ARG IB 99 -31.24 -56.57 -22.42
CA ARG IB 99 -32.46 -57.32 -22.70
C ARG IB 99 -32.98 -58.05 -21.48
N PHE IB 100 -32.13 -58.30 -20.48
CA PHE IB 100 -32.53 -59.04 -19.30
C PHE IB 100 -33.04 -58.14 -18.19
N GLU IB 101 -33.13 -56.83 -18.43
CA GLU IB 101 -33.63 -55.90 -17.44
C GLU IB 101 -35.14 -55.94 -17.37
N THR IB 102 -35.67 -55.87 -16.15
CA THR IB 102 -37.08 -55.63 -15.94
C THR IB 102 -37.34 -54.13 -15.98
N PRO IB 103 -38.60 -53.72 -16.20
CA PRO IB 103 -38.87 -52.27 -16.29
C PRO IB 103 -38.44 -51.49 -15.04
N ALA IB 104 -38.51 -52.11 -13.86
CA ALA IB 104 -38.03 -51.44 -12.66
C ALA IB 104 -36.51 -51.41 -12.58
N GLU IB 105 -35.82 -52.22 -13.38
CA GLU IB 105 -34.38 -52.29 -13.40
C GLU IB 105 -33.76 -51.52 -14.58
N GLU IB 106 -34.48 -50.56 -15.13
CA GLU IB 106 -34.05 -49.90 -16.35
C GLU IB 106 -32.66 -49.30 -16.17
N GLY IB 107 -31.77 -49.61 -17.11
CA GLY IB 107 -30.46 -49.00 -17.14
C GLY IB 107 -29.41 -49.66 -16.29
N LEU IB 108 -29.74 -50.75 -15.58
CA LEU IB 108 -28.75 -51.34 -14.70
C LEU IB 108 -27.58 -51.95 -15.46
N SER IB 109 -27.83 -52.49 -16.66
CA SER IB 109 -26.72 -53.02 -17.45
C SER IB 109 -25.71 -51.93 -17.77
N HIS IB 110 -26.20 -50.75 -18.15
CA HIS IB 110 -25.28 -49.64 -18.42
C HIS IB 110 -24.58 -49.21 -17.14
N MET IB 111 -25.27 -49.25 -16.01
CA MET IB 111 -24.66 -48.85 -14.75
C MET IB 111 -23.49 -49.76 -14.40
N VAL IB 112 -23.61 -51.06 -14.68
CA VAL IB 112 -22.50 -51.97 -14.43
C VAL IB 112 -21.28 -51.56 -15.23
N GLU IB 113 -21.48 -51.22 -16.50
CA GLU IB 113 -20.37 -50.75 -17.32
C GLU IB 113 -19.74 -49.50 -16.71
N CYS IB 114 -20.55 -48.60 -16.15
CA CYS IB 114 -20.02 -47.35 -15.63
C CYS IB 114 -19.13 -47.58 -14.41
N VAL IB 115 -19.37 -48.62 -13.63
CA VAL IB 115 -18.61 -48.86 -12.41
C VAL IB 115 -17.45 -49.81 -12.65
N ALA IB 116 -17.13 -50.08 -13.91
CA ALA IB 116 -16.09 -51.05 -14.21
C ALA IB 116 -14.71 -50.52 -13.81
N PHE IB 117 -13.87 -51.44 -13.36
CA PHE IB 117 -12.49 -51.13 -12.96
C PHE IB 117 -12.44 -50.16 -11.79
N ARG IB 118 -13.46 -50.18 -10.94
CA ARG IB 118 -13.43 -49.46 -9.68
C ARG IB 118 -12.89 -50.41 -8.60
N SER IB 119 -12.97 -50.01 -7.34
CA SER IB 119 -12.32 -50.75 -6.26
C SER IB 119 -12.79 -52.20 -6.22
N THR IB 120 -11.86 -53.10 -5.97
CA THR IB 120 -12.13 -54.52 -5.76
C THR IB 120 -11.63 -54.91 -4.38
N ALA IB 121 -11.80 -56.18 -4.05
CA ALA IB 121 -11.44 -56.64 -2.71
C ALA IB 121 -9.96 -56.45 -2.43
N HIS IB 122 -9.10 -56.67 -3.43
CA HIS IB 122 -7.66 -56.63 -3.24
C HIS IB 122 -6.98 -55.48 -3.96
N LEU IB 123 -7.74 -54.50 -4.46
CA LEU IB 123 -7.12 -53.36 -5.13
C LEU IB 123 -8.06 -52.18 -5.04
N SER IB 124 -7.47 -50.99 -4.98
CA SER IB 124 -8.24 -49.76 -5.01
C SER IB 124 -8.50 -49.35 -6.45
N HIS IB 125 -9.42 -48.41 -6.62
CA HIS IB 125 -9.69 -47.88 -7.95
C HIS IB 125 -8.45 -47.24 -8.54
N LEU IB 126 -7.77 -46.41 -7.76
CA LEU IB 126 -6.60 -45.72 -8.28
C LEU IB 126 -5.50 -46.69 -8.67
N ARG IB 127 -5.26 -47.69 -7.83
CA ARG IB 127 -4.18 -48.63 -8.10
C ARG IB 127 -4.47 -49.46 -9.34
N THR IB 128 -5.73 -49.81 -9.58
CA THR IB 128 -6.07 -50.56 -10.79
C THR IB 128 -5.79 -49.74 -12.04
N ILE IB 129 -6.23 -48.49 -12.06
CA ILE IB 129 -6.12 -47.71 -13.29
C ILE IB 129 -4.69 -47.23 -13.48
N LYS IB 130 -3.94 -46.97 -12.41
CA LYS IB 130 -2.54 -46.60 -12.59
C LYS IB 130 -1.71 -47.77 -13.05
N THR IB 131 -2.04 -48.99 -12.61
CA THR IB 131 -1.35 -50.16 -13.13
C THR IB 131 -1.62 -50.35 -14.61
N ILE IB 132 -2.88 -50.21 -15.02
CA ILE IB 132 -3.21 -50.32 -16.44
C ILE IB 132 -2.45 -49.27 -17.24
N GLU IB 133 -2.32 -48.05 -16.69
CA GLU IB 133 -1.67 -46.98 -17.41
C GLU IB 133 -0.15 -47.19 -17.47
N VAL IB 134 0.47 -47.56 -16.35
CA VAL IB 134 1.92 -47.65 -16.33
C VAL IB 134 2.39 -48.76 -17.25
N LEU IB 135 1.64 -49.84 -17.37
CA LEU IB 135 2.02 -50.95 -18.23
C LEU IB 135 1.62 -50.73 -19.68
N GLY IB 136 1.08 -49.56 -20.02
CA GLY IB 136 0.78 -49.24 -21.39
C GLY IB 136 -0.42 -49.94 -21.96
N MET IB 137 -1.33 -50.40 -21.11
CA MET IB 137 -2.52 -51.11 -21.57
C MET IB 137 -3.66 -50.13 -21.77
N ASN IB 138 -4.51 -50.42 -22.73
CA ASN IB 138 -5.74 -49.68 -22.97
C ASN IB 138 -6.92 -50.63 -22.95
N GLY IB 139 -8.12 -50.08 -22.83
CA GLY IB 139 -9.30 -50.92 -22.80
C GLY IB 139 -10.45 -50.20 -22.11
N GLY IB 140 -11.45 -51.00 -21.74
CA GLY IB 140 -12.63 -50.45 -21.10
C GLY IB 140 -13.72 -51.50 -21.01
N CYS IB 141 -14.94 -51.03 -20.79
CA CYS IB 141 -16.10 -51.90 -20.72
C CYS IB 141 -17.20 -51.36 -21.62
N GLN IB 142 -17.92 -52.25 -22.29
CA GLN IB 142 -19.05 -51.86 -23.12
C GLN IB 142 -20.22 -52.80 -22.86
N ALA IB 143 -21.37 -52.23 -22.52
CA ALA IB 143 -22.56 -53.00 -22.25
C ALA IB 143 -23.46 -52.96 -23.48
N GLY IB 144 -23.82 -54.14 -24.00
CA GLY IB 144 -24.69 -54.26 -25.13
C GLY IB 144 -26.08 -54.71 -24.77
N ARG IB 145 -26.82 -55.16 -25.78
CA ARG IB 145 -28.17 -55.62 -25.54
C ARG IB 145 -28.20 -57.04 -24.98
N GLU IB 146 -27.22 -57.87 -25.35
CA GLU IB 146 -27.18 -59.25 -24.89
C GLU IB 146 -25.99 -59.60 -24.02
N HIS IB 147 -24.95 -58.77 -23.99
CA HIS IB 147 -23.74 -59.10 -23.25
C HIS IB 147 -23.05 -57.83 -22.84
N ILE IB 148 -22.15 -57.97 -21.87
CA ILE IB 148 -21.27 -56.89 -21.43
C ILE IB 148 -19.85 -57.40 -21.55
N MET IB 149 -18.98 -56.57 -22.13
CA MET IB 149 -17.61 -56.97 -22.45
C MET IB 149 -16.62 -56.11 -21.70
N TYR IB 150 -15.65 -56.76 -21.08
CA TYR IB 150 -14.46 -56.10 -20.54
C TYR IB 150 -13.28 -56.50 -21.42
N ASN IB 151 -12.51 -55.52 -21.87
CA ASN IB 151 -11.39 -55.80 -22.77
C ASN IB 151 -10.18 -54.98 -22.37
N LEU IB 152 -9.00 -55.58 -22.53
CA LEU IB 152 -7.74 -54.88 -22.37
C LEU IB 152 -6.82 -55.24 -23.53
N GLU IB 153 -6.06 -54.26 -24.00
CA GLU IB 153 -5.06 -54.46 -25.04
C GLU IB 153 -3.70 -54.18 -24.44
N LEU IB 154 -2.77 -55.12 -24.58
CA LEU IB 154 -1.53 -55.02 -23.82
C LEU IB 154 -0.43 -55.81 -24.52
N LEU IB 155 0.80 -55.48 -24.15
CA LEU IB 155 1.93 -56.33 -24.51
C LEU IB 155 1.79 -57.69 -23.83
N ARG IB 156 2.03 -58.75 -24.60
CA ARG IB 156 1.66 -60.07 -24.13
C ARG IB 156 2.46 -60.54 -22.92
N GLU IB 157 3.60 -59.91 -22.62
CA GLU IB 157 4.36 -60.33 -21.45
C GLU IB 157 3.65 -59.98 -20.15
N TYR IB 158 2.70 -59.05 -20.17
CA TYR IB 158 1.99 -58.63 -18.98
C TYR IB 158 0.62 -59.29 -18.87
N MET IB 159 0.39 -60.37 -19.61
CA MET IB 159 -0.90 -61.04 -19.54
C MET IB 159 -1.29 -61.43 -18.13
N PRO IB 160 -0.40 -61.98 -17.29
CA PRO IB 160 -0.83 -62.37 -15.94
C PRO IB 160 -1.46 -61.24 -15.16
N VAL IB 161 -0.94 -60.02 -15.30
CA VAL IB 161 -1.52 -58.89 -14.58
C VAL IB 161 -2.87 -58.52 -15.17
N ALA IB 162 -2.96 -58.45 -16.49
CA ALA IB 162 -4.20 -58.00 -17.12
C ALA IB 162 -5.35 -58.94 -16.81
N SER IB 163 -5.12 -60.25 -16.87
CA SER IB 163 -6.20 -61.19 -16.61
C SER IB 163 -6.73 -61.03 -15.19
N THR IB 164 -5.83 -60.81 -14.23
CA THR IB 164 -6.26 -60.60 -12.86
C THR IB 164 -7.15 -59.37 -12.74
N LEU IB 165 -6.77 -58.27 -13.38
CA LEU IB 165 -7.55 -57.04 -13.25
C LEU IB 165 -8.93 -57.20 -13.85
N VAL IB 166 -9.03 -57.83 -15.02
CA VAL IB 166 -10.33 -58.00 -15.65
C VAL IB 166 -11.23 -58.86 -14.79
N VAL IB 167 -10.69 -59.96 -14.26
CA VAL IB 167 -11.52 -60.90 -13.50
C VAL IB 167 -12.04 -60.25 -12.23
N GLY IB 168 -11.24 -59.37 -11.61
CA GLY IB 168 -11.67 -58.72 -10.39
C GLY IB 168 -12.94 -57.93 -10.53
N ASN IB 169 -13.29 -57.52 -11.75
CA ASN IB 169 -14.53 -56.78 -11.95
C ASN IB 169 -15.76 -57.62 -11.63
N VAL IB 170 -15.70 -58.92 -11.91
CA VAL IB 170 -16.84 -59.80 -11.70
C VAL IB 170 -16.65 -60.73 -10.53
N LEU IB 171 -15.46 -60.84 -9.97
CA LEU IB 171 -15.22 -61.76 -8.86
C LEU IB 171 -15.58 -61.14 -7.53
N PHE IB 172 -14.99 -60.00 -7.19
CA PHE IB 172 -15.26 -59.37 -5.92
C PHE IB 172 -15.15 -57.86 -5.99
N PRO IB 173 -16.00 -57.18 -6.76
CA PRO IB 173 -15.95 -55.73 -6.78
C PRO IB 173 -16.55 -55.13 -5.52
N ARG IB 174 -15.91 -54.09 -5.01
CA ARG IB 174 -16.45 -53.31 -3.90
C ARG IB 174 -17.27 -52.19 -4.50
N LEU IB 175 -18.59 -52.33 -4.46
CA LEU IB 175 -19.46 -51.30 -5.01
C LEU IB 175 -19.72 -50.26 -3.90
N LEU IB 176 -18.65 -49.56 -3.55
CA LEU IB 176 -18.71 -48.63 -2.43
C LEU IB 176 -19.64 -47.46 -2.77
N PRO IB 177 -20.40 -46.95 -1.80
CA PRO IB 177 -21.37 -45.91 -2.12
C PRO IB 177 -20.76 -44.69 -2.77
N TRP IB 178 -19.62 -44.20 -2.29
CA TRP IB 178 -19.09 -42.96 -2.81
C TRP IB 178 -18.44 -43.17 -4.18
N GLU IB 179 -17.85 -44.33 -4.43
CA GLU IB 179 -17.31 -44.59 -5.76
C GLU IB 179 -18.42 -44.68 -6.79
N VAL IB 180 -19.52 -45.36 -6.47
CA VAL IB 180 -20.62 -45.48 -7.41
C VAL IB 180 -21.21 -44.11 -7.72
N ASN IB 181 -21.38 -43.28 -6.69
CA ASN IB 181 -21.95 -41.95 -6.89
C ASN IB 181 -21.10 -41.10 -7.81
N ALA IB 182 -19.79 -41.37 -7.87
CA ALA IB 182 -18.93 -40.64 -8.78
C ALA IB 182 -19.12 -41.07 -10.23
N CYS IB 183 -19.84 -42.16 -10.48
CA CYS IB 183 -20.06 -42.64 -11.82
C CYS IB 183 -21.34 -42.12 -12.44
N HIS IB 184 -22.12 -41.33 -11.71
CA HIS IB 184 -23.31 -40.73 -12.30
C HIS IB 184 -22.98 -39.82 -13.46
N LYS IB 185 -21.74 -39.30 -13.51
CA LYS IB 185 -21.36 -38.41 -14.60
C LYS IB 185 -21.40 -39.14 -15.94
N GLU IB 186 -21.03 -40.42 -15.95
CA GLU IB 186 -20.86 -41.13 -17.21
C GLU IB 186 -22.15 -41.25 -18.00
N ILE IB 187 -23.31 -41.14 -17.34
CA ILE IB 187 -24.57 -41.32 -18.07
C ILE IB 187 -24.76 -40.21 -19.09
N LYS IB 188 -24.49 -38.97 -18.71
CA LYS IB 188 -24.63 -37.88 -19.66
C LYS IB 188 -23.64 -38.00 -20.79
N LYS IB 189 -22.40 -38.41 -20.48
CA LYS IB 189 -21.40 -38.59 -21.52
C LYS IB 189 -21.81 -39.69 -22.49
N ALA IB 190 -22.40 -40.77 -21.98
CA ALA IB 190 -22.81 -41.87 -22.85
C ALA IB 190 -23.87 -41.42 -23.83
N HIS IB 191 -24.83 -40.61 -23.38
CA HIS IB 191 -25.86 -40.11 -24.29
C HIS IB 191 -25.25 -39.25 -25.39
N GLU IB 192 -24.32 -38.36 -25.01
CA GLU IB 192 -23.70 -37.49 -26.00
C GLU IB 192 -22.93 -38.32 -27.02
N ARG IB 193 -22.22 -39.34 -26.57
CA ARG IB 193 -21.46 -40.19 -27.49
C ARG IB 193 -22.40 -40.91 -28.46
N LEU IB 194 -23.53 -41.40 -27.95
CA LEU IB 194 -24.47 -42.11 -28.80
C LEU IB 194 -25.11 -41.20 -29.83
N LYS IB 195 -25.61 -40.05 -29.40
CA LYS IB 195 -26.30 -39.15 -30.31
C LYS IB 195 -25.37 -38.54 -31.34
N ALA IB 196 -24.08 -38.44 -31.03
CA ALA IB 196 -23.14 -37.92 -32.01
C ALA IB 196 -23.07 -38.82 -33.24
N ASP IB 197 -23.09 -40.13 -33.04
CA ASP IB 197 -23.06 -41.08 -34.15
C ASP IB 197 -24.46 -41.24 -34.69
N THR IB 198 -24.76 -40.53 -35.78
CA THR IB 198 -26.11 -40.52 -36.32
C THR IB 198 -26.56 -41.92 -36.72
N ASP IB 199 -25.67 -42.70 -37.32
CA ASP IB 199 -26.03 -44.04 -37.75
C ASP IB 199 -26.41 -44.91 -36.57
N GLN IB 200 -25.64 -44.84 -35.48
CA GLN IB 200 -25.96 -45.64 -34.31
C GLN IB 200 -27.21 -45.14 -33.62
N TYR IB 201 -27.38 -43.82 -33.55
CA TYR IB 201 -28.56 -43.28 -32.89
C TYR IB 201 -29.83 -43.72 -33.61
N VAL IB 202 -29.80 -43.73 -34.94
CA VAL IB 202 -30.96 -44.21 -35.68
C VAL IB 202 -31.16 -45.69 -35.44
N SER IB 203 -30.07 -46.44 -35.28
CA SER IB 203 -30.20 -47.87 -35.01
C SER IB 203 -30.92 -48.12 -33.69
N GLU IB 204 -30.61 -47.33 -32.67
CA GLU IB 204 -31.29 -47.49 -31.39
C GLU IB 204 -32.76 -47.13 -31.51
N LEU IB 205 -33.09 -46.10 -32.28
CA LEU IB 205 -34.49 -45.77 -32.50
C LEU IB 205 -35.21 -46.93 -33.18
N LEU IB 206 -34.54 -47.60 -34.12
CA LEU IB 206 -35.17 -48.74 -34.78
C LEU IB 206 -35.52 -49.83 -33.78
N HIS IB 207 -34.57 -50.21 -32.93
CA HIS IB 207 -34.80 -51.33 -32.03
C HIS IB 207 -35.87 -51.01 -31.01
N GLN IB 208 -35.89 -49.78 -30.51
CA GLN IB 208 -36.94 -49.41 -29.56
C GLN IB 208 -38.31 -49.48 -30.21
N THR IB 209 -38.41 -49.05 -31.47
CA THR IB 209 -39.68 -49.13 -32.17
C THR IB 209 -40.00 -50.54 -32.63
N ALA IB 210 -38.99 -51.29 -33.07
CA ALA IB 210 -39.24 -52.63 -33.58
C ALA IB 210 -39.77 -53.55 -32.49
N TYR IB 211 -39.16 -53.51 -31.31
CA TYR IB 211 -39.55 -54.34 -30.17
C TYR IB 211 -40.08 -53.41 -29.10
N HIS IB 212 -41.38 -53.21 -29.08
CA HIS IB 212 -41.96 -52.20 -28.20
C HIS IB 212 -41.89 -52.67 -26.76
N ASN IB 213 -41.09 -51.98 -25.95
CA ASN IB 213 -41.09 -52.16 -24.50
C ASN IB 213 -40.91 -53.62 -24.11
N ASN IB 214 -39.97 -54.29 -24.76
CA ASN IB 214 -39.63 -55.65 -24.36
C ASN IB 214 -38.15 -55.86 -24.64
N THR IB 215 -37.72 -57.12 -24.66
CA THR IB 215 -36.32 -57.47 -24.50
C THR IB 215 -35.37 -56.62 -25.33
N LEU IB 216 -35.43 -56.74 -26.66
CA LEU IB 216 -34.46 -56.04 -27.49
C LEU IB 216 -34.79 -54.57 -27.68
N GLY IB 217 -35.93 -54.12 -27.18
CA GLY IB 217 -36.28 -52.71 -27.23
C GLY IB 217 -35.93 -51.92 -26.00
N ASN IB 218 -35.45 -52.57 -24.95
CA ASN IB 218 -35.02 -51.84 -23.77
C ASN IB 218 -33.89 -50.88 -24.14
N ALA IB 219 -33.97 -49.66 -23.61
CA ALA IB 219 -32.94 -48.67 -23.88
C ALA IB 219 -31.57 -49.18 -23.46
N LEU IB 220 -30.59 -49.00 -24.32
CA LEU IB 220 -29.23 -49.39 -23.98
C LEU IB 220 -28.67 -48.56 -22.83
N LEU IB 221 -28.94 -47.27 -22.83
CA LEU IB 221 -28.36 -46.36 -21.86
C LEU IB 221 -29.38 -46.00 -20.78
N ALA IB 222 -28.89 -45.83 -19.57
CA ALA IB 222 -29.74 -45.37 -18.48
C ALA IB 222 -30.04 -43.89 -18.62
N ASN IB 223 -31.25 -43.49 -18.24
CA ASN IB 223 -31.59 -42.08 -18.23
C ASN IB 223 -30.99 -41.41 -17.00
N GLU IB 224 -30.97 -40.08 -17.04
CA GLU IB 224 -30.35 -39.29 -15.98
C GLU IB 224 -31.37 -38.70 -15.02
N GLY IB 225 -32.61 -39.18 -15.07
CA GLY IB 225 -33.63 -38.68 -14.17
C GLY IB 225 -34.00 -39.69 -13.10
N ARG IB 226 -35.14 -40.35 -13.27
CA ARG IB 226 -35.64 -41.28 -12.27
C ARG IB 226 -34.77 -42.52 -12.15
N ALA IB 227 -33.95 -42.83 -13.15
CA ALA IB 227 -33.11 -44.01 -13.07
C ALA IB 227 -32.04 -43.88 -12.00
N LEU IB 228 -31.61 -42.65 -11.71
CA LEU IB 228 -30.56 -42.45 -10.71
C LEU IB 228 -31.00 -42.87 -9.32
N GLU IB 229 -32.28 -43.10 -9.10
CA GLU IB 229 -32.74 -43.52 -7.78
C GLU IB 229 -32.14 -44.87 -7.40
N HIS IB 230 -32.05 -45.80 -8.35
CA HIS IB 230 -31.49 -47.11 -8.09
C HIS IB 230 -30.10 -47.27 -8.68
N PHE IB 231 -29.43 -46.18 -9.02
CA PHE IB 231 -28.02 -46.21 -9.39
C PHE IB 231 -27.19 -46.23 -8.11
N THR IB 232 -27.21 -47.37 -7.46
CA THR IB 232 -26.60 -47.54 -6.16
C THR IB 232 -25.79 -48.83 -6.13
N GLY IB 233 -24.78 -48.86 -5.27
CA GLY IB 233 -23.97 -50.06 -5.15
C GLY IB 233 -24.80 -51.28 -4.79
N ASP IB 234 -25.76 -51.12 -3.88
CA ASP IB 234 -26.60 -52.24 -3.49
C ASP IB 234 -27.44 -52.74 -4.65
N ASN IB 235 -28.04 -51.84 -5.42
CA ASN IB 235 -28.85 -52.25 -6.55
C ASN IB 235 -28.00 -52.96 -7.60
N ILE IB 236 -26.80 -52.43 -7.86
CA ILE IB 236 -25.93 -53.05 -8.85
C ILE IB 236 -25.52 -54.44 -8.39
N ARG IB 237 -25.24 -54.60 -7.10
CA ARG IB 237 -24.84 -55.91 -6.60
C ARG IB 237 -25.96 -56.91 -6.76
N GLU IB 238 -27.21 -56.51 -6.49
CA GLU IB 238 -28.33 -57.42 -6.66
C GLU IB 238 -28.49 -57.82 -8.12
N PHE IB 239 -28.31 -56.88 -9.04
CA PHE IB 239 -28.39 -57.21 -10.45
C PHE IB 239 -27.31 -58.20 -10.85
N MET IB 240 -26.08 -58.01 -10.35
CA MET IB 240 -24.99 -58.90 -10.71
C MET IB 240 -25.21 -60.29 -10.17
N MET IB 241 -25.80 -60.41 -8.98
CA MET IB 241 -26.09 -61.72 -8.42
C MET IB 241 -27.12 -62.47 -9.26
N LYS IB 242 -27.99 -61.74 -9.96
CA LYS IB 242 -28.99 -62.41 -10.78
C LYS IB 242 -28.38 -62.99 -12.05
N HIS IB 243 -27.47 -62.26 -12.68
CA HIS IB 243 -27.04 -62.59 -14.03
C HIS IB 243 -25.57 -62.96 -14.15
N PHE IB 244 -24.69 -62.28 -13.44
CA PHE IB 244 -23.27 -62.56 -13.55
C PHE IB 244 -22.96 -63.88 -12.85
N SER IB 245 -22.49 -64.87 -13.60
CA SER IB 245 -22.05 -66.12 -13.02
C SER IB 245 -21.00 -66.72 -13.94
N ALA IB 246 -20.17 -67.58 -13.37
CA ALA IB 246 -19.13 -68.21 -14.17
C ALA IB 246 -19.70 -69.00 -15.33
N GLU IB 247 -20.93 -69.49 -15.20
CA GLU IB 247 -21.55 -70.27 -16.26
C GLU IB 247 -22.00 -69.41 -17.42
N ARG IB 248 -22.22 -68.12 -17.20
CA ARG IB 248 -22.63 -67.19 -18.25
C ARG IB 248 -21.50 -66.32 -18.73
N SER IB 249 -20.26 -66.62 -18.33
CA SER IB 249 -19.11 -65.79 -18.68
C SER IB 249 -18.16 -66.58 -19.56
N VAL IB 250 -17.50 -65.87 -20.47
CA VAL IB 250 -16.50 -66.45 -21.36
C VAL IB 250 -15.30 -65.52 -21.40
N PHE IB 251 -14.12 -66.09 -21.26
CA PHE IB 251 -12.87 -65.32 -21.34
C PHE IB 251 -12.23 -65.63 -22.68
N VAL IB 252 -11.95 -64.59 -23.46
CA VAL IB 252 -11.37 -64.73 -24.78
C VAL IB 252 -10.01 -64.03 -24.79
N GLY IB 253 -9.00 -64.71 -25.32
CA GLY IB 253 -7.69 -64.13 -25.43
C GLY IB 253 -7.08 -64.32 -26.80
N ILE IB 254 -6.63 -63.25 -27.42
CA ILE IB 254 -5.98 -63.30 -28.71
C ILE IB 254 -4.50 -63.01 -28.52
N ASN IB 255 -3.66 -63.78 -29.22
CA ASN IB 255 -2.21 -63.63 -29.11
C ASN IB 255 -1.74 -63.88 -27.68
N VAL IB 256 -2.20 -64.99 -27.11
CA VAL IB 256 -1.79 -65.42 -25.77
C VAL IB 256 -1.65 -66.92 -25.79
N ASP IB 257 -0.62 -67.43 -25.12
CA ASP IB 257 -0.48 -68.88 -24.96
C ASP IB 257 -1.66 -69.42 -24.16
N HIS IB 258 -2.29 -70.48 -24.67
CA HIS IB 258 -3.50 -70.98 -24.04
C HIS IB 258 -3.20 -71.53 -22.66
N ASP IB 259 -2.15 -72.34 -22.53
CA ASP IB 259 -1.84 -72.94 -21.24
C ASP IB 259 -1.52 -71.89 -20.19
N GLU IB 260 -0.75 -70.88 -20.55
CA GLU IB 260 -0.47 -69.80 -19.60
C GLU IB 260 -1.75 -69.06 -19.23
N LEU IB 261 -2.59 -68.75 -20.22
CA LEU IB 261 -3.83 -68.04 -19.93
C LEU IB 261 -4.72 -68.86 -19.01
N CYS IB 262 -4.85 -70.15 -19.29
CA CYS IB 262 -5.66 -71.00 -18.43
C CYS IB 262 -5.08 -71.09 -17.03
N LYS IB 263 -3.76 -71.20 -16.93
CA LYS IB 263 -3.12 -71.31 -15.63
C LYS IB 263 -3.40 -70.09 -14.78
N TRP IB 264 -3.22 -68.90 -15.34
CA TRP IB 264 -3.38 -67.69 -14.54
C TRP IB 264 -4.85 -67.43 -14.20
N LEU IB 265 -5.76 -67.72 -15.13
CA LEU IB 265 -7.18 -67.60 -14.81
C LEU IB 265 -7.57 -68.58 -13.71
N MET IB 266 -7.03 -69.80 -13.76
CA MET IB 266 -7.30 -70.76 -12.71
C MET IB 266 -6.85 -70.24 -11.36
N ARG IB 267 -5.65 -69.65 -11.29
CA ARG IB 267 -5.15 -69.14 -10.02
C ARG IB 267 -6.01 -68.00 -9.49
N SER IB 268 -6.73 -67.30 -10.35
CA SER IB 268 -7.57 -66.20 -9.89
C SER IB 268 -8.82 -66.69 -9.19
N PHE IB 269 -9.40 -67.80 -9.63
CA PHE IB 269 -10.61 -68.35 -9.04
C PHE IB 269 -10.34 -69.48 -8.08
N ALA IB 270 -9.07 -69.79 -7.79
CA ALA IB 270 -8.75 -70.99 -7.03
C ALA IB 270 -9.32 -70.93 -5.62
N GLU IB 271 -9.10 -69.82 -4.92
CA GLU IB 271 -9.45 -69.70 -3.52
C GLU IB 271 -10.67 -68.84 -3.28
N TYR IB 272 -11.43 -68.52 -4.33
CA TYR IB 272 -12.61 -67.69 -4.20
C TYR IB 272 -13.80 -68.39 -4.82
N VAL IB 273 -14.99 -67.95 -4.45
CA VAL IB 273 -16.25 -68.49 -4.95
C VAL IB 273 -16.86 -67.46 -5.90
N ALA IB 274 -17.15 -67.89 -7.12
CA ALA IB 274 -17.80 -67.03 -8.09
C ALA IB 274 -19.28 -66.93 -7.80
N ILE IB 275 -19.93 -65.96 -8.43
CA ILE IB 275 -21.37 -65.80 -8.22
C ILE IB 275 -22.08 -67.07 -8.67
N PRO IB 276 -22.93 -67.68 -7.85
CA PRO IB 276 -23.58 -68.93 -8.26
C PRO IB 276 -24.56 -68.69 -9.39
N ASN IB 277 -24.75 -69.71 -10.21
CA ASN IB 277 -25.65 -69.61 -11.35
C ASN IB 277 -27.07 -69.89 -10.89
N LEU IB 278 -27.98 -68.97 -11.23
CA LEU IB 278 -29.38 -69.12 -10.88
C LEU IB 278 -30.25 -68.97 -12.12
N PRO IB 279 -31.39 -69.65 -12.16
CA PRO IB 279 -32.29 -69.48 -13.31
C PRO IB 279 -32.82 -68.06 -13.40
N ARG IB 280 -33.07 -67.61 -14.62
CA ARG IB 280 -33.59 -66.28 -14.88
C ARG IB 280 -34.63 -66.35 -15.96
N ASP IB 281 -35.48 -65.33 -16.00
CA ASP IB 281 -36.53 -65.24 -17.02
C ASP IB 281 -35.90 -64.84 -18.34
N GLU IB 282 -36.00 -65.72 -19.33
CA GLU IB 282 -35.47 -65.47 -20.67
C GLU IB 282 -36.64 -65.58 -21.64
N ALA IB 283 -37.20 -64.44 -22.03
CA ALA IB 283 -38.37 -64.39 -22.89
C ALA IB 283 -37.94 -64.02 -24.31
N LYS IB 284 -38.57 -64.67 -25.29
CA LYS IB 284 -38.28 -64.37 -26.67
C LYS IB 284 -38.72 -62.94 -27.00
N PRO IB 285 -38.00 -62.26 -27.88
CA PRO IB 285 -38.42 -60.90 -28.27
C PRO IB 285 -39.78 -60.93 -28.95
N VAL IB 286 -40.54 -59.86 -28.74
CA VAL IB 286 -41.84 -59.68 -29.37
C VAL IB 286 -41.68 -58.55 -30.38
N TYR IB 287 -41.80 -58.86 -31.66
CA TYR IB 287 -41.66 -57.87 -32.71
C TYR IB 287 -43.01 -57.25 -33.01
N THR IB 288 -43.10 -55.93 -32.92
CA THR IB 288 -44.36 -55.23 -33.18
C THR IB 288 -44.31 -54.29 -34.36
N GLY IB 289 -43.13 -53.87 -34.80
CA GLY IB 289 -43.08 -52.85 -35.82
C GLY IB 289 -43.47 -51.50 -35.24
N GLY IB 290 -43.90 -50.61 -36.13
CA GLY IB 290 -44.31 -49.28 -35.72
C GLY IB 290 -43.52 -48.18 -36.37
N TYR IB 291 -43.55 -46.98 -35.81
CA TYR IB 291 -42.80 -45.87 -36.38
C TYR IB 291 -42.50 -44.85 -35.30
N LYS IB 292 -41.49 -44.02 -35.59
CA LYS IB 292 -41.10 -42.96 -34.67
C LYS IB 292 -40.46 -41.85 -35.49
N LEU IB 293 -40.95 -40.62 -35.32
CA LEU IB 293 -40.40 -39.45 -35.98
C LEU IB 293 -39.71 -38.61 -34.94
N GLU IB 294 -38.38 -38.57 -34.97
CA GLU IB 294 -37.59 -37.87 -33.98
C GLU IB 294 -37.00 -36.62 -34.61
N GLU IB 295 -37.46 -35.46 -34.16
CA GLU IB 295 -36.96 -34.20 -34.70
C GLU IB 295 -35.62 -33.85 -34.08
N ASN IB 296 -34.72 -33.33 -34.92
CA ASN IB 296 -33.47 -32.73 -34.45
C ASN IB 296 -33.41 -31.36 -35.10
N ALA IB 297 -33.71 -30.32 -34.31
CA ALA IB 297 -33.89 -29.00 -34.88
C ALA IB 297 -32.65 -28.52 -35.62
N ASP IB 298 -31.47 -28.98 -35.22
CA ASP IB 298 -30.25 -28.50 -35.86
C ASP IB 298 -30.01 -29.15 -37.21
N MET IB 299 -30.40 -30.40 -37.39
CA MET IB 299 -30.06 -31.09 -38.63
C MET IB 299 -31.00 -30.67 -39.75
N PRO IB 300 -30.48 -30.26 -40.90
CA PRO IB 300 -31.33 -30.03 -42.07
C PRO IB 300 -31.61 -31.27 -42.90
N VAL IB 301 -30.89 -32.36 -42.68
CA VAL IB 301 -31.05 -33.56 -43.47
C VAL IB 301 -32.04 -34.49 -42.79
N CYS IB 302 -32.60 -35.40 -43.58
CA CYS IB 302 -33.57 -36.37 -43.11
C CYS IB 302 -32.97 -37.77 -43.23
N ASN IB 303 -32.89 -38.49 -42.11
CA ASN IB 303 -32.43 -39.86 -42.09
C ASN IB 303 -33.64 -40.77 -41.94
N ILE IB 304 -33.85 -41.65 -42.92
CA ILE IB 304 -35.00 -42.54 -42.95
C ILE IB 304 -34.50 -43.96 -42.90
N ALA IB 305 -35.19 -44.80 -42.13
CA ALA IB 305 -34.85 -46.21 -42.04
C ALA IB 305 -36.15 -47.02 -42.05
N ILE IB 306 -36.16 -48.09 -42.83
CA ILE IB 306 -37.30 -49.01 -42.89
C ILE IB 306 -36.74 -50.40 -42.63
N GLY IB 307 -37.22 -51.05 -41.57
CA GLY IB 307 -36.66 -52.31 -41.14
C GLY IB 307 -37.71 -53.39 -41.04
N PHE IB 308 -37.22 -54.63 -41.01
CA PHE IB 308 -38.06 -55.81 -40.89
C PHE IB 308 -37.39 -56.82 -39.99
N GLU IB 309 -38.18 -57.68 -39.36
CA GLU IB 309 -37.64 -58.64 -38.40
C GLU IB 309 -36.98 -59.82 -39.11
N THR IB 310 -35.84 -60.23 -38.59
CA THR IB 310 -35.15 -61.43 -39.04
C THR IB 310 -35.06 -62.41 -37.87
N GLU IB 311 -34.97 -63.69 -38.19
CA GLU IB 311 -35.02 -64.71 -37.14
C GLU IB 311 -33.82 -64.63 -36.22
N GLY IB 312 -32.65 -64.24 -36.74
CA GLY IB 312 -31.52 -63.97 -35.89
C GLY IB 312 -30.30 -64.79 -36.22
N TRP IB 313 -29.36 -64.84 -35.28
CA TRP IB 313 -28.07 -65.48 -35.55
C TRP IB 313 -28.18 -67.01 -35.57
N ASN IB 314 -29.06 -67.58 -34.75
CA ASN IB 314 -29.14 -69.02 -34.64
C ASN IB 314 -29.99 -69.66 -35.72
N SER IB 315 -30.55 -68.87 -36.64
CA SER IB 315 -31.38 -69.42 -37.70
C SER IB 315 -30.53 -69.89 -38.87
N ALA IB 316 -31.16 -70.65 -39.77
CA ALA IB 316 -30.51 -71.07 -41.00
C ALA IB 316 -30.50 -69.97 -42.06
N ASP IB 317 -31.17 -68.86 -41.81
CA ASP IB 317 -31.22 -67.73 -42.72
C ASP IB 317 -30.12 -66.72 -42.48
N LEU IB 318 -29.15 -67.04 -41.62
CA LEU IB 318 -28.12 -66.07 -41.27
C LEU IB 318 -27.30 -65.68 -42.49
N VAL IB 319 -26.89 -66.65 -43.29
CA VAL IB 319 -25.99 -66.37 -44.40
C VAL IB 319 -26.78 -65.79 -45.57
N PRO IB 320 -27.90 -66.40 -45.99
CA PRO IB 320 -28.65 -65.83 -47.11
C PRO IB 320 -29.03 -64.38 -46.90
N VAL IB 321 -29.43 -64.00 -45.69
CA VAL IB 321 -29.78 -62.61 -45.43
C VAL IB 321 -28.52 -61.74 -45.49
N THR IB 322 -27.39 -62.26 -45.01
CA THR IB 322 -26.15 -61.51 -45.11
C THR IB 322 -25.72 -61.33 -46.55
N VAL IB 323 -25.91 -62.35 -47.38
CA VAL IB 323 -25.64 -62.20 -48.80
C VAL IB 323 -26.56 -61.15 -49.40
N LEU IB 324 -27.83 -61.12 -48.96
CA LEU IB 324 -28.75 -60.13 -49.48
C LEU IB 324 -28.27 -58.72 -49.14
N GLN IB 325 -27.68 -58.53 -47.97
CA GLN IB 325 -27.16 -57.23 -47.61
C GLN IB 325 -26.01 -56.82 -48.51
N THR IB 326 -25.12 -57.76 -48.85
CA THR IB 326 -23.99 -57.42 -49.71
C THR IB 326 -24.44 -57.18 -51.14
N LEU IB 327 -25.41 -57.96 -51.63
CA LEU IB 327 -25.93 -57.73 -52.96
C LEU IB 327 -26.46 -56.30 -53.08
N LEU IB 328 -27.37 -55.94 -52.20
CA LEU IB 328 -27.88 -54.57 -52.20
C LEU IB 328 -26.80 -53.57 -51.83
N GLY IB 329 -25.87 -53.96 -50.97
CA GLY IB 329 -24.76 -53.10 -50.61
C GLY IB 329 -25.19 -51.69 -50.27
N GLY IB 330 -24.84 -50.74 -51.13
CA GLY IB 330 -25.16 -49.35 -50.91
C GLY IB 330 -23.93 -48.47 -50.98
N GLY IB 331 -23.98 -47.33 -50.31
CA GLY IB 331 -22.88 -46.40 -50.35
C GLY IB 331 -23.36 -45.00 -50.04
N GLY IB 332 -22.48 -44.04 -50.27
CA GLY IB 332 -22.81 -42.65 -49.99
C GLY IB 332 -21.99 -41.72 -50.86
N SER IB 333 -22.52 -40.51 -51.02
CA SER IB 333 -21.80 -39.49 -51.79
C SER IB 333 -20.54 -39.04 -51.07
N PHE IB 334 -20.61 -38.93 -49.73
CA PHE IB 334 -19.46 -38.50 -48.94
C PHE IB 334 -18.16 -39.12 -49.43
N SER IB 335 -18.13 -40.44 -49.52
CA SER IB 335 -16.94 -41.16 -49.94
C SER IB 335 -16.92 -41.32 -51.46
N THR IB 336 -15.71 -41.54 -51.99
CA THR IB 336 -15.50 -41.85 -53.40
C THR IB 336 -14.70 -43.14 -53.43
N GLY IB 337 -15.40 -44.27 -53.35
CA GLY IB 337 -14.71 -45.55 -53.31
C GLY IB 337 -14.12 -45.92 -54.65
N GLY IB 338 -12.96 -46.55 -54.61
CA GLY IB 338 -12.32 -47.05 -55.80
C GLY IB 338 -12.88 -48.39 -56.19
N PRO IB 339 -12.18 -49.11 -57.06
CA PRO IB 339 -12.67 -50.42 -57.49
C PRO IB 339 -12.84 -51.36 -56.32
N GLY IB 340 -13.87 -52.20 -56.39
CA GLY IB 340 -14.10 -53.21 -55.38
C GLY IB 340 -14.64 -52.68 -54.07
N LYS IB 341 -15.18 -51.46 -54.06
CA LYS IB 341 -15.67 -50.86 -52.83
C LYS IB 341 -17.16 -50.57 -52.95
N GLY IB 342 -17.92 -51.53 -53.47
CA GLY IB 342 -19.36 -51.40 -53.52
C GLY IB 342 -19.89 -50.53 -54.63
N MET IB 343 -19.05 -50.16 -55.59
CA MET IB 343 -19.51 -49.30 -56.67
C MET IB 343 -20.56 -49.97 -57.55
N HIS IB 344 -20.66 -51.31 -57.51
CA HIS IB 344 -21.60 -52.03 -58.36
C HIS IB 344 -22.64 -52.80 -57.56
N SER IB 345 -22.87 -52.42 -56.30
CA SER IB 345 -24.00 -52.97 -55.58
C SER IB 345 -25.30 -52.40 -56.13
N ARG IB 346 -26.40 -53.14 -55.89
CA ARG IB 346 -27.66 -52.77 -56.52
C ARG IB 346 -28.12 -51.38 -56.07
N LEU IB 347 -27.98 -51.08 -54.78
CA LEU IB 347 -28.39 -49.76 -54.31
C LEU IB 347 -27.53 -48.67 -54.93
N TYR IB 348 -26.23 -48.92 -55.06
CA TYR IB 348 -25.36 -47.92 -55.68
C TYR IB 348 -25.75 -47.67 -57.12
N LEU IB 349 -26.06 -48.74 -57.86
CA LEU IB 349 -26.41 -48.58 -59.27
C LEU IB 349 -27.80 -48.01 -59.44
N ASN IB 350 -28.76 -48.49 -58.65
CA ASN IB 350 -30.16 -48.12 -58.86
C ASN IB 350 -30.58 -46.86 -58.12
N VAL IB 351 -29.80 -46.40 -57.15
CA VAL IB 351 -30.22 -45.27 -56.33
C VAL IB 351 -29.22 -44.13 -56.44
N LEU IB 352 -27.99 -44.37 -56.00
CA LEU IB 352 -27.02 -43.29 -55.94
C LEU IB 352 -26.68 -42.77 -57.33
N ASN IB 353 -26.53 -43.66 -58.31
CA ASN IB 353 -26.15 -43.21 -59.65
C ASN IB 353 -27.30 -42.53 -60.38
N GLN IB 354 -28.54 -42.78 -59.98
CA GLN IB 354 -29.70 -42.26 -60.72
C GLN IB 354 -30.44 -41.15 -60.00
N ASN IB 355 -30.14 -40.89 -58.73
CA ASN IB 355 -30.87 -39.90 -57.93
C ASN IB 355 -29.86 -38.97 -57.28
N PRO IB 356 -29.54 -37.84 -57.92
CA PRO IB 356 -28.56 -36.92 -57.33
C PRO IB 356 -29.00 -36.32 -56.00
N ASN IB 357 -30.30 -36.33 -55.71
CA ASN IB 357 -30.79 -35.77 -54.46
C ASN IB 357 -30.61 -36.70 -53.26
N VAL IB 358 -30.24 -37.96 -53.50
CA VAL IB 358 -30.04 -38.92 -52.42
C VAL IB 358 -28.63 -38.75 -51.89
N GLU IB 359 -28.50 -38.41 -50.61
CA GLU IB 359 -27.19 -38.22 -50.01
C GLU IB 359 -26.51 -39.54 -49.70
N SER IB 360 -27.27 -40.56 -49.31
CA SER IB 360 -26.69 -41.85 -48.98
C SER IB 360 -27.81 -42.88 -48.89
N CYS IB 361 -27.51 -44.11 -49.34
CA CYS IB 361 -28.46 -45.21 -49.22
C CYS IB 361 -27.67 -46.48 -48.90
N MET IB 362 -28.10 -47.20 -47.87
CA MET IB 362 -27.40 -48.38 -47.42
C MET IB 362 -28.42 -49.40 -46.93
N ALA IB 363 -27.98 -50.65 -46.84
CA ALA IB 363 -28.76 -51.72 -46.24
C ALA IB 363 -28.09 -52.17 -44.96
N PHE IB 364 -28.86 -52.22 -43.88
CA PHE IB 364 -28.36 -52.62 -42.57
C PHE IB 364 -28.91 -53.98 -42.20
N ASN IB 365 -28.20 -54.65 -41.29
CA ASN IB 365 -28.57 -56.00 -40.90
C ASN IB 365 -27.98 -56.25 -39.51
N THR IB 366 -28.81 -56.18 -38.48
CA THR IB 366 -28.39 -56.49 -37.12
C THR IB 366 -28.86 -57.89 -36.75
N GLN IB 367 -27.99 -58.66 -36.11
CA GLN IB 367 -28.26 -60.03 -35.75
C GLN IB 367 -28.03 -60.23 -34.27
N TYR IB 368 -29.01 -60.83 -33.60
CA TYR IB 368 -28.88 -61.25 -32.21
C TYR IB 368 -29.21 -62.73 -32.11
N SER IB 369 -29.17 -63.26 -30.89
CA SER IB 369 -29.28 -64.70 -30.72
C SER IB 369 -30.54 -65.24 -31.36
N ASP IB 370 -31.70 -64.62 -31.08
CA ASP IB 370 -32.97 -65.15 -31.55
C ASP IB 370 -33.77 -64.14 -32.35
N SER IB 371 -33.20 -63.02 -32.74
CA SER IB 371 -33.94 -62.03 -33.51
C SER IB 371 -32.96 -61.08 -34.17
N GLY IB 372 -33.47 -60.33 -35.14
CA GLY IB 372 -32.64 -59.36 -35.84
C GLY IB 372 -33.51 -58.44 -36.66
N LEU IB 373 -32.86 -57.44 -37.26
CA LEU IB 373 -33.53 -56.45 -38.08
C LEU IB 373 -32.78 -56.28 -39.40
N PHE IB 374 -33.53 -56.22 -40.49
CA PHE IB 374 -32.98 -56.00 -41.81
C PHE IB 374 -33.77 -54.88 -42.47
N GLY IB 375 -33.09 -54.01 -43.19
CA GLY IB 375 -33.79 -52.91 -43.83
C GLY IB 375 -32.83 -52.02 -44.59
N MET IB 376 -33.39 -50.92 -45.10
CA MET IB 376 -32.65 -49.94 -45.86
C MET IB 376 -32.58 -48.63 -45.10
N TYR IB 377 -31.43 -47.95 -45.21
CA TYR IB 377 -31.21 -46.66 -44.57
C TYR IB 377 -30.83 -45.66 -45.65
N ILE IB 378 -31.64 -44.62 -45.79
CA ILE IB 378 -31.47 -43.64 -46.86
C ILE IB 378 -31.56 -42.24 -46.26
N THR IB 379 -30.71 -41.33 -46.74
CA THR IB 379 -30.63 -39.98 -46.20
C THR IB 379 -30.69 -38.96 -47.33
N GLY IB 380 -31.08 -37.75 -46.97
CA GLY IB 380 -31.17 -36.68 -47.94
C GLY IB 380 -31.67 -35.41 -47.27
N PHE IB 381 -31.97 -34.40 -48.09
CA PHE IB 381 -32.49 -33.16 -47.56
C PHE IB 381 -33.94 -33.31 -47.13
N GLY IB 382 -34.34 -32.48 -46.15
CA GLY IB 382 -35.64 -32.67 -45.53
C GLY IB 382 -36.79 -32.64 -46.52
N GLN IB 383 -36.79 -31.64 -47.41
CA GLN IB 383 -37.89 -31.51 -48.35
C GLN IB 383 -37.98 -32.70 -49.30
N GLU IB 384 -36.91 -33.48 -49.42
CA GLU IB 384 -36.89 -34.62 -50.33
C GLU IB 384 -37.51 -35.87 -49.73
N ALA IB 385 -37.91 -35.82 -48.46
CA ALA IB 385 -38.35 -37.04 -47.78
C ALA IB 385 -39.41 -37.80 -48.54
N PRO IB 386 -40.45 -37.18 -49.08
CA PRO IB 386 -41.45 -37.97 -49.81
C PRO IB 386 -40.85 -38.77 -50.94
N ARG IB 387 -39.86 -38.22 -51.64
CA ARG IB 387 -39.21 -38.94 -52.72
C ARG IB 387 -38.24 -39.99 -52.21
N LEU IB 388 -37.56 -39.71 -51.09
CA LEU IB 388 -36.63 -40.68 -50.54
C LEU IB 388 -37.35 -41.96 -50.14
N VAL IB 389 -38.53 -41.84 -49.53
CA VAL IB 389 -39.27 -43.02 -49.14
C VAL IB 389 -39.71 -43.81 -50.36
N ASP IB 390 -40.15 -43.13 -51.40
CA ASP IB 390 -40.55 -43.83 -52.62
C ASP IB 390 -39.40 -44.62 -53.21
N ILE IB 391 -38.20 -44.05 -53.21
CA ILE IB 391 -37.04 -44.78 -53.71
C ILE IB 391 -36.80 -46.03 -52.87
N ALA IB 392 -36.86 -45.88 -51.55
CA ALA IB 392 -36.63 -47.02 -50.67
C ALA IB 392 -37.68 -48.11 -50.91
N LEU IB 393 -38.95 -47.71 -51.00
CA LEU IB 393 -40.00 -48.68 -51.23
C LEU IB 393 -39.82 -49.39 -52.57
N ASN IB 394 -39.42 -48.65 -53.60
CA ASN IB 394 -39.24 -49.27 -54.91
C ASN IB 394 -38.16 -50.34 -54.87
N GLU IB 395 -37.07 -50.09 -54.15
CA GLU IB 395 -36.03 -51.10 -54.03
C GLU IB 395 -36.54 -52.34 -53.29
N LEU IB 396 -37.35 -52.14 -52.26
CA LEU IB 396 -37.90 -53.27 -51.53
C LEU IB 396 -38.78 -54.13 -52.42
N ARG IB 397 -39.41 -53.54 -53.43
CA ARG IB 397 -40.24 -54.32 -54.34
C ARG IB 397 -39.44 -55.05 -55.41
N LYS IB 398 -38.15 -54.79 -55.51
CA LYS IB 398 -37.31 -55.46 -56.50
C LYS IB 398 -36.60 -56.68 -55.93
N LEU IB 399 -36.83 -57.02 -54.66
CA LEU IB 399 -36.20 -58.18 -54.06
C LEU IB 399 -36.86 -59.48 -54.46
N ASP IB 400 -37.77 -59.45 -55.43
CA ASP IB 400 -38.42 -60.67 -55.88
C ASP IB 400 -37.51 -61.53 -56.73
N SER IB 401 -36.58 -60.92 -57.47
CA SER IB 401 -35.69 -61.68 -58.35
C SER IB 401 -34.29 -61.09 -58.30
N PHE IB 402 -33.30 -61.95 -58.59
CA PHE IB 402 -31.91 -61.55 -58.59
C PHE IB 402 -31.20 -62.20 -59.78
N THR IB 403 -30.33 -61.44 -60.44
CA THR IB 403 -29.60 -61.96 -61.59
C THR IB 403 -28.45 -62.86 -61.14
N PRO IB 404 -28.05 -63.83 -61.97
CA PRO IB 404 -26.91 -64.67 -61.59
C PRO IB 404 -25.63 -63.89 -61.34
N ASP IB 405 -25.37 -62.84 -62.13
CA ASP IB 405 -24.16 -62.07 -61.93
C ASP IB 405 -24.17 -61.36 -60.58
N GLU IB 406 -25.32 -60.82 -60.19
CA GLU IB 406 -25.40 -60.15 -58.90
C GLU IB 406 -25.15 -61.13 -57.76
N VAL IB 407 -25.70 -62.33 -57.85
CA VAL IB 407 -25.52 -63.30 -56.76
C VAL IB 407 -24.05 -63.64 -56.60
N SER IB 408 -23.36 -63.91 -57.72
CA SER IB 408 -21.95 -64.28 -57.64
C SER IB 408 -21.11 -63.15 -57.10
N ARG IB 409 -21.35 -61.93 -57.56
CA ARG IB 409 -20.59 -60.79 -57.06
C ARG IB 409 -20.82 -60.61 -55.56
N ALA IB 410 -22.06 -60.76 -55.11
CA ALA IB 410 -22.35 -60.62 -53.69
C ALA IB 410 -21.65 -61.70 -52.88
N LYS IB 411 -21.66 -62.94 -53.36
CA LYS IB 411 -21.00 -64.01 -52.63
C LYS IB 411 -19.50 -63.76 -52.53
N ASN IB 412 -18.88 -63.32 -53.61
CA ASN IB 412 -17.44 -63.08 -53.59
C ASN IB 412 -17.08 -61.90 -52.70
N THR IB 413 -17.88 -60.84 -52.72
CA THR IB 413 -17.58 -59.70 -51.86
C THR IB 413 -17.77 -60.06 -50.39
N LEU IB 414 -18.78 -60.86 -50.08
CA LEU IB 414 -18.98 -61.27 -48.70
C LEU IB 414 -17.81 -62.09 -48.18
N LYS IB 415 -17.31 -63.02 -49.01
CA LYS IB 415 -16.17 -63.82 -48.58
C LYS IB 415 -14.95 -62.93 -48.36
N GLY IB 416 -14.71 -61.97 -49.25
CA GLY IB 416 -13.62 -61.05 -49.03
C GLY IB 416 -13.77 -60.26 -47.75
N ASN IB 417 -14.99 -59.80 -47.47
CA ASN IB 417 -15.23 -59.07 -46.23
C ASN IB 417 -14.97 -59.94 -45.02
N ILE IB 418 -15.40 -61.20 -45.06
CA ILE IB 418 -15.22 -62.08 -43.92
C ILE IB 418 -13.74 -62.26 -43.62
N PHE IB 419 -12.96 -62.60 -44.64
CA PHE IB 419 -11.55 -62.87 -44.42
C PHE IB 419 -10.79 -61.60 -44.03
N MET IB 420 -11.13 -60.47 -44.66
CA MET IB 420 -10.42 -59.24 -44.34
C MET IB 420 -10.80 -58.69 -42.99
N ASN IB 421 -12.06 -58.87 -42.56
CA ASN IB 421 -12.41 -58.43 -41.22
C ASN IB 421 -11.77 -59.31 -40.17
N ALA IB 422 -11.56 -60.58 -40.47
CA ALA IB 422 -11.05 -61.52 -39.47
C ALA IB 422 -9.62 -61.18 -39.05
N GLU IB 423 -8.80 -60.65 -39.96
CA GLU IB 423 -7.40 -60.44 -39.64
C GLU IB 423 -7.19 -59.38 -38.56
N ASN IB 424 -8.21 -58.62 -38.21
CA ASN IB 424 -8.11 -57.68 -37.11
C ASN IB 424 -8.36 -58.40 -35.79
N SER IB 425 -7.42 -58.30 -34.86
CA SER IB 425 -7.48 -59.11 -33.65
C SER IB 425 -8.62 -58.66 -32.74
N LYS IB 426 -8.81 -57.36 -32.55
CA LYS IB 426 -9.93 -56.90 -31.74
C LYS IB 426 -11.25 -57.37 -32.31
N VAL IB 427 -11.36 -57.38 -33.64
CA VAL IB 427 -12.58 -57.88 -34.27
C VAL IB 427 -12.74 -59.37 -33.99
N LEU IB 428 -11.65 -60.13 -34.11
CA LEU IB 428 -11.74 -61.57 -33.88
C LEU IB 428 -12.15 -61.87 -32.43
N MET IB 429 -11.60 -61.10 -31.48
CA MET IB 429 -11.95 -61.31 -30.08
C MET IB 429 -13.44 -61.05 -29.86
N GLU IB 430 -13.95 -59.93 -30.38
CA GLU IB 430 -15.35 -59.60 -30.17
C GLU IB 430 -16.27 -60.56 -30.92
N ASP IB 431 -15.82 -61.07 -32.07
CA ASP IB 431 -16.64 -62.04 -32.79
C ASP IB 431 -16.76 -63.34 -32.03
N ILE IB 432 -15.64 -63.83 -31.49
CA ILE IB 432 -15.66 -65.11 -30.79
C ILE IB 432 -16.53 -65.01 -29.54
N GLY IB 433 -16.34 -63.95 -28.75
CA GLY IB 433 -17.09 -63.82 -27.52
C GLY IB 433 -18.58 -63.70 -27.76
N ARG IB 434 -18.97 -62.90 -28.75
CA ARG IB 434 -20.40 -62.75 -29.05
C ARG IB 434 -20.99 -64.04 -29.56
N GLN IB 435 -20.25 -64.79 -30.38
CA GLN IB 435 -20.79 -66.04 -30.91
C GLN IB 435 -21.05 -67.04 -29.80
N ILE IB 436 -20.11 -67.19 -28.88
CA ILE IB 436 -20.30 -68.18 -27.81
C ILE IB 436 -21.46 -67.76 -26.92
N ILE IB 437 -21.56 -66.47 -26.60
CA ILE IB 437 -22.67 -65.99 -25.79
C ILE IB 437 -23.99 -66.22 -26.51
N MET IB 438 -24.04 -65.93 -27.82
CA MET IB 438 -25.28 -66.09 -28.57
C MET IB 438 -25.61 -67.56 -28.79
N SER IB 439 -24.63 -68.35 -29.20
CA SER IB 439 -24.88 -69.71 -29.66
C SER IB 439 -24.19 -70.80 -28.86
N GLY IB 440 -23.17 -70.46 -28.08
CA GLY IB 440 -22.36 -71.48 -27.45
C GLY IB 440 -21.36 -72.14 -28.36
N LYS IB 441 -21.25 -71.69 -29.62
CA LYS IB 441 -20.38 -72.29 -30.61
C LYS IB 441 -19.67 -71.18 -31.35
N VAL IB 442 -18.53 -71.53 -31.95
CA VAL IB 442 -17.76 -70.60 -32.78
C VAL IB 442 -17.73 -71.17 -34.19
N VAL IB 443 -18.16 -70.38 -35.16
CA VAL IB 443 -18.04 -70.70 -36.57
C VAL IB 443 -16.88 -69.92 -37.12
N THR IB 444 -15.89 -70.61 -37.68
CA THR IB 444 -14.68 -69.97 -38.13
C THR IB 444 -14.92 -69.21 -39.44
N PRO IB 445 -14.06 -68.26 -39.78
CA PRO IB 445 -14.25 -67.54 -41.05
C PRO IB 445 -14.29 -68.47 -42.25
N GLU IB 446 -13.47 -69.52 -42.25
CA GLU IB 446 -13.49 -70.45 -43.38
C GLU IB 446 -14.80 -71.19 -43.47
N GLU IB 447 -15.37 -71.58 -42.33
CA GLU IB 447 -16.65 -72.29 -42.35
C GLU IB 447 -17.77 -71.39 -42.83
N PHE IB 448 -17.73 -70.11 -42.46
CA PHE IB 448 -18.71 -69.18 -42.99
C PHE IB 448 -18.56 -69.01 -44.49
N ALA IB 449 -17.33 -69.05 -44.99
CA ALA IB 449 -17.12 -68.97 -46.44
C ALA IB 449 -17.75 -70.15 -47.15
N ALA IB 450 -17.64 -71.35 -46.58
CA ALA IB 450 -18.26 -72.52 -47.19
C ALA IB 450 -19.78 -72.35 -47.25
N ARG IB 451 -20.39 -71.82 -46.19
CA ARG IB 451 -21.82 -71.58 -46.22
C ARG IB 451 -22.19 -70.55 -47.28
N VAL IB 452 -21.38 -69.50 -47.41
CA VAL IB 452 -21.70 -68.44 -48.36
C VAL IB 452 -21.73 -68.99 -49.78
N ASP IB 453 -20.84 -69.94 -50.09
CA ASP IB 453 -20.81 -70.50 -51.43
C ASP IB 453 -22.04 -71.32 -51.74
N ALA IB 454 -22.76 -71.80 -50.73
CA ALA IB 454 -23.91 -72.66 -50.95
C ALA IB 454 -25.22 -71.88 -51.11
N VAL IB 455 -25.17 -70.55 -51.02
CA VAL IB 455 -26.39 -69.75 -51.11
C VAL IB 455 -26.79 -69.63 -52.58
N THR IB 456 -28.05 -69.92 -52.87
CA THR IB 456 -28.59 -69.83 -54.22
C THR IB 456 -29.60 -68.70 -54.30
N GLU IB 457 -30.02 -68.39 -55.52
CA GLU IB 457 -31.03 -67.36 -55.70
C GLU IB 457 -32.34 -67.74 -55.02
N ALA IB 458 -32.66 -69.03 -54.99
CA ALA IB 458 -33.89 -69.46 -54.33
C ALA IB 458 -33.85 -69.09 -52.85
N ASP IB 459 -32.72 -69.29 -52.19
CA ASP IB 459 -32.61 -68.92 -50.78
C ASP IB 459 -32.83 -67.43 -50.58
N LEU IB 460 -32.24 -66.61 -51.45
CA LEU IB 460 -32.42 -65.17 -51.32
C LEU IB 460 -33.88 -64.78 -51.48
N LYS IB 461 -34.55 -65.36 -52.47
CA LYS IB 461 -35.97 -65.05 -52.66
C LYS IB 461 -36.78 -65.46 -51.46
N LYS IB 462 -36.52 -66.64 -50.91
CA LYS IB 462 -37.29 -67.13 -49.77
C LYS IB 462 -37.10 -66.22 -48.57
N VAL IB 463 -35.85 -65.86 -48.27
CA VAL IB 463 -35.59 -65.03 -47.09
C VAL IB 463 -36.19 -63.66 -47.27
N ALA IB 464 -36.06 -63.08 -48.47
CA ALA IB 464 -36.64 -61.76 -48.70
C ALA IB 464 -38.15 -61.77 -48.56
N ALA IB 465 -38.79 -62.84 -49.04
CA ALA IB 465 -40.24 -62.93 -48.92
C ALA IB 465 -40.68 -62.92 -47.46
N LYS IB 466 -39.97 -63.65 -46.61
CA LYS IB 466 -40.32 -63.68 -45.19
C LYS IB 466 -40.16 -62.31 -44.55
N LEU IB 467 -39.06 -61.61 -44.86
CA LEU IB 467 -38.85 -60.30 -44.26
C LEU IB 467 -39.96 -59.35 -44.62
N LEU IB 468 -40.40 -59.36 -45.88
CA LEU IB 468 -41.38 -58.39 -46.35
C LEU IB 468 -42.77 -58.66 -45.80
N ARG IB 469 -43.03 -59.82 -45.22
CA ARG IB 469 -44.32 -60.09 -44.62
C ARG IB 469 -44.45 -59.53 -43.21
N LYS IB 470 -43.35 -59.11 -42.59
CA LYS IB 470 -43.41 -58.56 -41.25
C LYS IB 470 -43.90 -57.12 -41.29
N ASN IB 471 -44.47 -56.69 -40.19
CA ASN IB 471 -44.90 -55.31 -40.06
C ASN IB 471 -43.67 -54.40 -40.09
N PRO IB 472 -43.59 -53.45 -40.99
CA PRO IB 472 -42.36 -52.65 -41.10
C PRO IB 472 -42.15 -51.76 -39.88
N THR IB 473 -40.89 -51.46 -39.61
CA THR IB 473 -40.53 -50.46 -38.62
C THR IB 473 -39.96 -49.26 -39.35
N TYR IB 474 -40.50 -48.08 -39.07
CA TYR IB 474 -40.31 -46.90 -39.89
C TYR IB 474 -39.82 -45.76 -39.02
N VAL IB 475 -38.55 -45.40 -39.16
CA VAL IB 475 -37.92 -44.39 -38.33
C VAL IB 475 -37.48 -43.23 -39.20
N VAL IB 476 -37.80 -42.02 -38.77
CA VAL IB 476 -37.35 -40.80 -39.44
C VAL IB 476 -36.69 -39.91 -38.42
N TYR IB 477 -35.48 -39.46 -38.71
CA TYR IB 477 -34.68 -38.68 -37.77
C TYR IB 477 -34.13 -37.46 -38.47
N GLY IB 478 -34.15 -36.33 -37.77
CA GLY IB 478 -33.63 -35.09 -38.30
C GLY IB 478 -34.73 -34.12 -38.66
N ASP IB 479 -34.81 -33.75 -39.94
CA ASP IB 479 -35.88 -32.89 -40.44
C ASP IB 479 -37.01 -33.79 -40.90
N THR IB 480 -38.01 -33.96 -40.05
CA THR IB 480 -39.11 -34.89 -40.30
C THR IB 480 -40.37 -34.20 -40.80
N LYS IB 481 -40.32 -32.91 -41.06
CA LYS IB 481 -41.53 -32.15 -41.33
C LYS IB 481 -42.16 -32.47 -42.66
N SER IB 482 -41.51 -33.24 -43.52
CA SER IB 482 -42.05 -33.58 -44.82
C SER IB 482 -42.20 -35.09 -45.03
N ALA IB 483 -41.80 -35.91 -44.06
CA ALA IB 483 -41.83 -37.34 -44.26
C ALA IB 483 -43.27 -37.84 -44.41
N PRO IB 484 -43.49 -38.91 -45.17
CA PRO IB 484 -44.83 -39.49 -45.26
C PRO IB 484 -45.24 -40.15 -43.96
N HIS IB 485 -46.55 -40.36 -43.82
CA HIS IB 485 -47.08 -41.01 -42.63
C HIS IB 485 -46.84 -42.51 -42.69
N TYR IB 486 -46.95 -43.15 -41.52
CA TYR IB 486 -46.68 -44.57 -41.42
C TYR IB 486 -47.65 -45.38 -42.28
N GLU IB 487 -48.92 -45.00 -42.29
CA GLU IB 487 -49.89 -45.75 -43.07
C GLU IB 487 -49.54 -45.75 -44.55
N TYR IB 488 -48.87 -44.71 -45.04
CA TYR IB 488 -48.43 -44.70 -46.42
C TYR IB 488 -47.45 -45.83 -46.69
N VAL IB 489 -46.49 -46.02 -45.78
CA VAL IB 489 -45.49 -47.08 -45.95
C VAL IB 489 -46.16 -48.44 -45.91
N ARG IB 490 -47.05 -48.65 -44.95
CA ARG IB 490 -47.67 -49.97 -44.79
C ARG IB 490 -48.53 -50.33 -45.99
N THR IB 491 -49.29 -49.37 -46.52
CA THR IB 491 -50.08 -49.66 -47.71
C THR IB 491 -49.19 -49.98 -48.89
N ALA IB 492 -48.07 -49.27 -49.02
CA ALA IB 492 -47.15 -49.55 -50.11
C ALA IB 492 -46.61 -50.97 -50.02
N LEU IB 493 -46.26 -51.41 -48.81
CA LEU IB 493 -45.74 -52.75 -48.61
C LEU IB 493 -46.85 -53.79 -48.45
N ALA IB 494 -48.09 -53.36 -48.26
CA ALA IB 494 -49.17 -54.32 -48.07
C ALA IB 494 -49.37 -55.20 -49.28
N SER IB 495 -49.02 -54.70 -50.47
CA SER IB 495 -49.19 -55.50 -51.68
C SER IB 495 -48.35 -56.76 -51.63
N LEU IB 496 -47.10 -56.65 -51.17
CA LEU IB 496 -46.22 -57.79 -51.05
C LEU IB 496 -46.76 -58.79 -50.02
N LYS JB 1 20.73 46.19 -15.21
CA LYS JB 1 21.21 46.67 -13.92
C LYS JB 1 21.88 45.56 -13.13
N ASP JB 2 21.87 44.33 -13.67
CA ASP JB 2 22.56 43.26 -13.00
C ASP JB 2 24.07 43.41 -13.22
N PRO JB 3 24.88 42.92 -12.29
CA PRO JB 3 26.32 43.17 -12.38
C PRO JB 3 26.88 42.62 -13.67
N PRO JB 4 27.90 43.25 -14.23
CA PRO JB 4 28.52 42.73 -15.45
C PRO JB 4 28.95 41.28 -15.30
N SER JB 5 28.66 40.48 -16.31
CA SER JB 5 28.97 39.06 -16.28
C SER JB 5 30.46 38.85 -16.51
N PRO JB 6 31.12 37.98 -15.73
CA PRO JB 6 32.55 37.79 -15.91
C PRO JB 6 32.85 37.10 -17.24
N PRO JB 7 34.01 37.35 -17.81
CA PRO JB 7 34.43 36.59 -18.99
C PRO JB 7 34.77 35.15 -18.62
N ASP JB 8 34.84 34.31 -19.65
CA ASP JB 8 35.11 32.88 -19.48
C ASP JB 8 36.61 32.66 -19.53
N TRP JB 9 37.23 32.59 -18.38
CA TRP JB 9 38.67 32.37 -18.32
C TRP JB 9 38.98 30.90 -18.61
N PRO JB 10 40.04 30.61 -19.35
CA PRO JB 10 40.35 29.22 -19.70
C PRO JB 10 41.17 28.50 -18.64
N PHE JB 11 40.53 28.20 -17.51
CA PHE JB 11 41.18 27.42 -16.48
C PHE JB 11 41.34 25.98 -16.92
N TRP JB 12 42.40 25.33 -16.45
CA TRP JB 12 42.68 23.97 -16.89
C TRP JB 12 41.55 23.03 -16.49
N PHE JB 13 40.99 23.20 -15.30
CA PHE JB 13 40.04 22.23 -14.80
C PHE JB 13 38.69 22.31 -15.47
N LYS JB 14 38.48 23.20 -16.44
CA LYS JB 14 37.16 23.34 -17.02
C LYS JB 14 36.82 22.20 -17.96
N ALA JB 15 37.81 21.53 -18.54
CA ALA JB 15 37.53 20.46 -19.48
C ALA JB 15 37.08 19.20 -18.76
N PHE JB 16 36.45 18.29 -19.51
CA PHE JB 16 35.80 17.14 -18.90
C PHE JB 16 36.80 16.22 -18.21
N SER JB 17 37.98 16.06 -18.77
CA SER JB 17 38.95 15.09 -18.26
C SER JB 17 40.14 15.77 -17.60
N HIS JB 18 39.96 16.97 -17.09
CA HIS JB 18 41.05 17.74 -16.50
C HIS JB 18 40.86 17.87 -15.00
N CYS JB 19 41.97 17.88 -14.29
CA CYS JB 19 41.99 17.95 -12.84
C CYS JB 19 42.25 19.39 -12.39
N HIS JB 20 42.27 19.58 -11.08
CA HIS JB 20 42.77 20.83 -10.52
C HIS JB 20 44.28 20.86 -10.63
N ASP JB 21 44.82 21.97 -11.15
CA ASP JB 21 46.26 22.11 -11.31
C ASP JB 21 46.88 22.30 -9.94
N ILE JB 22 47.50 21.25 -9.41
CA ILE JB 22 48.02 21.31 -8.04
C ILE JB 22 49.07 22.39 -7.88
N PRO JB 23 50.04 22.54 -8.78
CA PRO JB 23 51.01 23.63 -8.59
C PRO JB 23 50.37 24.99 -8.47
N SER JB 24 49.29 25.24 -9.23
CA SER JB 24 48.57 26.50 -9.08
C SER JB 24 47.82 26.56 -7.76
N CYS JB 25 47.28 25.43 -7.31
CA CYS JB 25 46.62 25.41 -6.01
C CYS JB 25 47.60 25.72 -4.90
N ARG JB 26 48.82 25.20 -4.98
CA ARG JB 26 49.83 25.52 -3.98
C ARG JB 26 50.11 27.01 -3.96
N ARG JB 27 50.29 27.62 -5.13
CA ARG JB 27 50.52 29.05 -5.18
C ARG JB 27 49.30 29.82 -4.70
N GLY JB 28 48.10 29.30 -4.96
CA GLY JB 28 46.90 29.97 -4.50
C GLY JB 28 46.82 30.05 -2.98
N TYR JB 29 47.20 28.98 -2.29
CA TYR JB 29 47.16 29.01 -0.84
C TYR JB 29 48.15 30.03 -0.28
N GLU JB 30 49.30 30.18 -0.90
CA GLU JB 30 50.25 31.19 -0.44
C GLU JB 30 49.64 32.57 -0.52
N VAL JB 31 48.92 32.86 -1.60
CA VAL JB 31 48.27 34.16 -1.72
C VAL JB 31 47.22 34.33 -0.63
N TYR JB 32 46.41 33.30 -0.41
CA TYR JB 32 45.36 33.40 0.60
C TYR JB 32 45.96 33.61 1.98
N ARG JB 33 47.00 32.85 2.32
CA ARG JB 33 47.57 32.96 3.65
C ARG JB 33 48.17 34.33 3.90
N GLN JB 34 48.84 34.90 2.89
CA GLN JB 34 49.60 36.12 3.09
C GLN JB 34 48.85 37.38 2.70
N VAL JB 35 47.72 37.27 1.99
CA VAL JB 35 46.98 38.44 1.54
C VAL JB 35 45.54 38.36 2.01
N CYS JB 36 44.82 37.33 1.58
CA CYS JB 36 43.39 37.28 1.83
C CYS JB 36 43.07 37.00 3.29
N ALA JB 37 43.93 36.25 3.98
CA ALA JB 37 43.60 35.79 5.33
C ALA JB 37 43.60 36.93 6.34
N THR JB 38 44.17 38.09 6.01
CA THR JB 38 44.17 39.18 6.97
C THR JB 38 42.77 39.66 7.28
N CYS JB 39 41.89 39.69 6.27
CA CYS JB 39 40.52 40.13 6.46
C CYS JB 39 39.49 39.03 6.34
N HIS JB 40 39.75 38.01 5.53
CA HIS JB 40 38.75 36.98 5.29
C HIS JB 40 39.06 35.72 6.09
N ALA JB 41 38.03 34.90 6.29
CA ALA JB 41 38.15 33.63 6.99
C ALA JB 41 37.68 32.51 6.08
N ALA JB 42 38.24 31.32 6.28
CA ALA JB 42 37.80 30.11 5.61
C ALA JB 42 37.38 29.13 6.69
N ARG JB 43 36.16 29.28 7.17
CA ARG JB 43 35.71 28.55 8.34
C ARG JB 43 35.64 27.06 8.06
N PHE JB 44 35.20 26.67 6.87
CA PHE JB 44 34.91 25.29 6.56
C PHE JB 44 36.07 24.58 5.87
N VAL JB 45 37.23 25.22 5.79
CA VAL JB 45 38.42 24.60 5.21
C VAL JB 45 39.34 24.22 6.36
N CYS JB 46 39.72 22.95 6.42
CA CYS JB 46 40.58 22.44 7.47
C CYS JB 46 41.93 22.03 6.89
N PHE JB 47 42.95 22.03 7.74
CA PHE JB 47 44.28 21.70 7.27
C PHE JB 47 44.36 20.29 6.75
N ARG JB 48 43.67 19.36 7.39
CA ARG JB 48 43.71 17.97 6.93
C ARG JB 48 43.21 17.82 5.51
N HIS JB 49 42.39 18.76 5.03
CA HIS JB 49 41.92 18.68 3.66
C HIS JB 49 43.07 18.81 2.66
N MET JB 50 44.15 19.48 3.06
CA MET JB 50 45.27 19.72 2.17
C MET JB 50 46.32 18.62 2.22
N VAL JB 51 46.19 17.65 3.11
CA VAL JB 51 47.23 16.66 3.29
C VAL JB 51 47.15 15.62 2.19
N ASN JB 52 48.26 15.39 1.51
CA ASN JB 52 48.36 14.43 0.42
C ASN JB 52 47.52 14.82 -0.78
N THR JB 53 46.96 16.03 -0.78
CA THR JB 53 46.23 16.57 -1.92
C THR JB 53 46.90 17.81 -2.47
N ILE JB 54 47.28 18.75 -1.61
CA ILE JB 54 48.03 19.92 -2.01
C ILE JB 54 49.45 19.89 -1.46
N TYR JB 55 49.59 19.53 -0.19
CA TYR JB 55 50.89 19.49 0.46
C TYR JB 55 51.08 18.15 1.15
N PRO JB 56 52.33 17.74 1.36
CA PRO JB 56 52.59 16.54 2.16
C PRO JB 56 52.27 16.79 3.62
N GLU JB 57 52.11 15.68 4.36
CA GLU JB 57 51.60 15.77 5.71
C GLU JB 57 52.51 16.61 6.61
N ASN JB 58 53.83 16.40 6.52
CA ASN JB 58 54.72 17.17 7.37
C ASN JB 58 54.61 18.66 7.10
N ARG JB 59 54.50 19.04 5.82
CA ARG JB 59 54.39 20.46 5.50
C ARG JB 59 53.12 21.06 6.07
N VAL JB 60 52.01 20.33 5.99
CA VAL JB 60 50.75 20.87 6.52
C VAL JB 60 50.83 21.02 8.02
N LYS JB 61 51.55 20.13 8.71
CA LYS JB 61 51.72 20.27 10.14
C LYS JB 61 52.46 21.56 10.49
N GLN JB 62 53.48 21.91 9.70
CA GLN JB 62 54.19 23.15 9.95
C GLN JB 62 53.28 24.36 9.74
N LEU JB 63 52.45 24.33 8.70
CA LEU JB 63 51.55 25.44 8.46
C LEU JB 63 50.57 25.60 9.61
N ALA JB 64 49.96 24.50 10.03
CA ALA JB 64 48.99 24.56 11.12
C ALA JB 64 49.67 25.00 12.42
N ALA JB 65 50.88 24.50 12.68
CA ALA JB 65 51.57 24.84 13.91
C ALA JB 65 51.99 26.29 13.97
N SER JB 66 51.97 26.99 12.83
CA SER JB 66 52.31 28.41 12.84
C SER JB 66 51.28 29.22 13.58
N PHE JB 67 50.02 28.83 13.52
CA PHE JB 67 48.92 29.57 14.12
C PHE JB 67 48.68 29.12 15.55
N ASP JB 68 47.99 29.97 16.31
CA ASP JB 68 47.62 29.70 17.69
C ASP JB 68 46.11 29.66 17.81
N TYR JB 69 45.60 28.65 18.51
CA TYR JB 69 44.16 28.44 18.64
C TYR JB 69 43.79 28.43 20.11
N GLU JB 70 42.73 29.15 20.45
CA GLU JB 70 42.20 29.11 21.81
C GLU JB 70 41.49 27.78 22.03
N ASP JB 71 41.97 27.00 22.99
CA ASP JB 71 41.41 25.70 23.29
C ASP JB 71 41.22 25.55 24.79
N GLY JB 72 40.36 24.63 25.18
CA GLY JB 72 40.04 24.42 26.56
C GLY JB 72 38.73 23.67 26.71
N PRO JB 73 38.18 23.62 27.92
CA PRO JB 73 38.75 24.07 29.20
C PRO JB 73 39.81 23.11 29.73
N ASN JB 74 40.71 23.60 30.57
CA ASN JB 74 41.68 22.74 31.20
C ASN JB 74 41.11 22.25 32.53
N ASP JB 75 41.94 21.61 33.35
CA ASP JB 75 41.44 21.03 34.59
C ASP JB 75 40.92 22.09 35.55
N ARG JB 76 41.47 23.30 35.49
CA ARG JB 76 41.02 24.40 36.33
C ARG JB 76 39.88 25.18 35.70
N GLY JB 77 39.37 24.73 34.55
CA GLY JB 77 38.28 25.42 33.89
C GLY JB 77 38.70 26.62 33.09
N GLU JB 78 40.00 26.83 32.90
CA GLU JB 78 40.51 27.95 32.14
C GLU JB 78 40.66 27.57 30.68
N MET JB 79 40.54 28.57 29.81
CA MET JB 79 40.81 28.38 28.39
C MET JB 79 42.28 28.71 28.14
N PHE JB 80 42.98 27.82 27.44
CA PHE JB 80 44.38 27.99 27.13
C PHE JB 80 44.56 28.17 25.64
N THR JB 81 45.82 28.38 25.23
CA THR JB 81 46.19 28.55 23.84
C THR JB 81 47.19 27.48 23.45
N ARG JB 82 47.03 26.91 22.26
CA ARG JB 82 47.89 25.87 21.77
C ARG JB 82 48.20 26.13 20.30
N PRO JB 83 49.29 25.57 19.79
CA PRO JB 83 49.52 25.60 18.34
C PRO JB 83 48.51 24.72 17.61
N GLY JB 84 48.32 25.02 16.33
CA GLY JB 84 47.34 24.32 15.56
C GLY JB 84 47.76 22.90 15.24
N ASN JB 85 46.81 22.13 14.72
CA ASN JB 85 47.04 20.77 14.28
C ASN JB 85 46.19 20.51 13.04
N LEU JB 86 46.31 19.31 12.49
CA LEU JB 86 45.62 19.01 11.25
C LEU JB 86 44.11 19.07 11.40
N LEU JB 87 43.58 18.96 12.60
CA LEU JB 87 42.14 18.96 12.78
C LEU JB 87 41.54 20.36 12.85
N ASP JB 88 42.36 21.38 13.00
CA ASP JB 88 41.83 22.72 13.16
C ASP JB 88 41.41 23.33 11.82
N PRO JB 89 40.44 24.22 11.82
CA PRO JB 89 40.12 24.97 10.62
C PRO JB 89 41.11 26.10 10.40
N PHE JB 90 41.00 26.74 9.25
CA PHE JB 90 41.86 27.87 8.98
C PHE JB 90 41.55 28.97 9.98
N PRO JB 91 42.55 29.72 10.44
CA PRO JB 91 42.30 30.72 11.47
C PRO JB 91 41.41 31.84 10.95
N SER JB 92 40.62 32.40 11.87
CA SER JB 92 39.75 33.52 11.54
C SER JB 92 40.38 34.81 12.03
N PRO JB 93 40.51 35.84 11.19
CA PRO JB 93 41.14 37.08 11.65
C PRO JB 93 40.39 37.77 12.77
N TYR JB 94 39.07 37.65 12.81
CA TYR JB 94 38.25 38.36 13.79
C TYR JB 94 37.40 37.38 14.59
N PRO JB 95 37.05 37.72 15.82
CA PRO JB 95 36.26 36.79 16.64
C PRO JB 95 34.80 36.71 16.24
N ASN JB 96 34.25 37.76 15.64
CA ASN JB 96 32.85 37.75 15.26
C ASN JB 96 32.62 38.79 14.17
N GLU JB 97 31.42 38.74 13.60
CA GLU JB 97 31.12 39.63 12.48
C GLU JB 97 31.17 41.10 12.89
N GLU JB 98 30.69 41.41 14.10
CA GLU JB 98 30.72 42.79 14.56
C GLU JB 98 32.15 43.32 14.59
N ALA JB 99 33.09 42.51 15.07
CA ALA JB 99 34.48 42.91 15.08
C ALA JB 99 35.00 43.12 13.67
N ALA JB 100 34.61 42.24 12.75
CA ALA JB 100 35.06 42.38 11.37
C ALA JB 100 34.53 43.66 10.74
N ARG JB 101 33.25 43.97 10.97
CA ARG JB 101 32.68 45.18 10.40
C ARG JB 101 33.37 46.41 10.94
N PHE JB 102 33.66 46.42 12.24
CA PHE JB 102 34.27 47.60 12.84
C PHE JB 102 35.65 47.86 12.23
N ALA JB 103 36.42 46.81 11.99
CA ALA JB 103 37.75 46.97 11.43
C ALA JB 103 37.75 47.26 9.93
N ASN JB 104 36.61 47.12 9.26
CA ASN JB 104 36.51 47.31 7.82
C ASN JB 104 35.45 48.35 7.48
N GLN JB 105 35.35 49.39 8.30
CA GLN JB 105 34.45 50.51 8.03
C GLN JB 105 33.02 50.02 7.79
N GLY JB 106 32.58 49.08 8.61
CA GLY JB 106 31.20 48.62 8.54
C GLY JB 106 30.92 47.61 7.45
N ALA JB 107 31.93 47.21 6.67
CA ALA JB 107 31.76 46.19 5.65
C ALA JB 107 32.27 44.85 6.19
N SER JB 108 31.52 43.79 5.94
CA SER JB 108 31.87 42.48 6.44
C SER JB 108 32.54 41.68 5.34
N PRO JB 109 33.83 41.34 5.47
CA PRO JB 109 34.46 40.45 4.49
C PRO JB 109 33.87 39.06 4.57
N PRO JB 110 33.22 38.59 3.51
CA PRO JB 110 32.56 37.30 3.60
C PRO JB 110 33.55 36.15 3.74
N ASP JB 111 33.08 35.08 4.36
CA ASP JB 111 33.87 33.86 4.44
C ASP JB 111 34.11 33.30 3.03
N LEU JB 112 35.34 32.92 2.75
CA LEU JB 112 35.73 32.50 1.41
C LEU JB 112 35.62 31.00 1.21
N SER JB 113 34.98 30.28 2.11
CA SER JB 113 34.93 28.82 1.98
C SER JB 113 34.20 28.41 0.72
N GLN JB 114 33.09 29.08 0.39
CA GLN JB 114 32.28 28.74 -0.77
C GLN JB 114 32.14 29.90 -1.74
N GLN JB 115 32.95 30.94 -1.61
CA GLN JB 115 32.79 32.08 -2.49
C GLN JB 115 33.16 31.76 -3.93
N ALA JB 116 33.94 30.71 -4.17
CA ALA JB 116 34.28 30.35 -5.54
C ALA JB 116 33.07 29.92 -6.34
N ALA JB 117 32.00 29.48 -5.67
CA ALA JB 117 30.80 29.02 -6.36
C ALA JB 117 29.56 29.79 -5.94
N ALA JB 118 29.72 30.90 -5.21
CA ALA JB 118 28.58 31.61 -4.64
C ALA JB 118 28.15 32.81 -5.47
N HIS JB 119 28.77 33.03 -6.61
CA HIS JB 119 28.46 34.18 -7.46
C HIS JB 119 28.18 33.69 -8.87
N HIS JB 120 27.36 34.45 -9.60
CA HIS JB 120 27.12 34.13 -10.99
C HIS JB 120 28.42 34.31 -11.77
N GLY JB 121 28.84 33.25 -12.43
CA GLY JB 121 30.15 33.17 -13.04
C GLY JB 121 31.11 32.27 -12.31
N GLY JB 122 30.84 31.96 -11.05
CA GLY JB 122 31.68 31.04 -10.31
C GLY JB 122 33.13 31.48 -10.25
N CYS JB 123 34.04 30.56 -10.56
CA CYS JB 123 35.46 30.88 -10.46
C CYS JB 123 35.82 32.09 -11.29
N ASP JB 124 35.15 32.27 -12.43
CA ASP JB 124 35.42 33.45 -13.25
C ASP JB 124 35.15 34.73 -12.49
N TYR JB 125 34.16 34.73 -11.60
CA TYR JB 125 33.86 35.93 -10.85
C TYR JB 125 35.03 36.34 -9.96
N ILE JB 126 35.68 35.37 -9.33
CA ILE JB 126 36.80 35.69 -8.46
C ILE JB 126 37.96 36.27 -9.26
N MET JB 127 38.30 35.62 -10.37
CA MET JB 127 39.39 36.11 -11.20
C MET JB 127 39.09 37.50 -11.73
N SER JB 128 37.86 37.72 -12.20
CA SER JB 128 37.50 39.02 -12.75
C SER JB 128 37.44 40.08 -11.67
N LEU JB 129 36.88 39.75 -10.52
CA LEU JB 129 36.74 40.75 -9.46
C LEU JB 129 38.10 41.26 -9.00
N LEU JB 130 39.07 40.36 -8.83
CA LEU JB 130 40.38 40.78 -8.36
C LEU JB 130 41.09 41.67 -9.37
N THR JB 131 40.87 41.44 -10.65
CA THR JB 131 41.47 42.23 -11.70
C THR JB 131 40.50 43.25 -12.29
N GLY JB 132 39.38 43.50 -11.64
CA GLY JB 132 38.38 44.40 -12.16
C GLY JB 132 38.39 45.78 -11.56
N TYR JB 133 39.49 46.15 -10.91
CA TYR JB 133 39.62 47.45 -10.22
C TYR JB 133 40.13 48.49 -11.20
N ARG JB 134 39.27 49.38 -11.67
CA ARG JB 134 39.66 50.47 -12.61
C ARG JB 134 39.41 51.81 -11.95
N ASP JB 135 39.86 52.91 -12.53
CA ASP JB 135 39.57 54.26 -12.02
C ASP JB 135 38.08 54.51 -12.19
N PRO JB 136 37.41 55.31 -11.33
CA PRO JB 136 35.97 55.46 -11.42
C PRO JB 136 35.48 56.00 -12.77
N PRO JB 137 34.26 55.66 -13.22
CA PRO JB 137 33.72 56.21 -14.46
C PRO JB 137 33.49 57.71 -14.27
N ALA JB 138 33.72 58.52 -15.30
CA ALA JB 138 33.47 59.97 -15.26
C ALA JB 138 32.07 60.22 -14.71
N GLY JB 139 31.92 61.10 -13.72
CA GLY JB 139 30.60 61.46 -13.16
C GLY JB 139 30.24 60.61 -11.97
N VAL JB 140 31.08 59.65 -11.59
CA VAL JB 140 30.85 58.78 -10.40
C VAL JB 140 31.94 59.11 -9.38
N SER JB 141 31.58 59.64 -8.21
CA SER JB 141 32.52 59.98 -7.12
C SER JB 141 32.25 59.05 -5.95
N LEU JB 142 33.28 58.36 -5.45
CA LEU JB 142 33.10 57.34 -4.39
C LEU JB 142 33.52 57.90 -3.03
N ARG JB 143 32.66 57.77 -2.01
CA ARG JB 143 33.00 58.19 -0.63
C ARG JB 143 34.28 57.43 -0.26
N SER JB 144 35.12 58.00 0.61
CA SER JB 144 36.39 57.37 1.02
C SER JB 144 36.13 55.97 1.54
N GLY JB 145 36.95 55.00 1.17
CA GLY JB 145 36.81 53.61 1.62
C GLY JB 145 36.03 52.79 0.62
N LEU JB 146 35.60 53.40 -0.48
CA LEU JB 146 34.89 52.69 -1.56
C LEU JB 146 35.75 52.82 -2.82
N TYR JB 147 35.86 51.76 -3.62
CA TYR JB 147 36.72 51.73 -4.82
C TYR JB 147 35.90 51.24 -5.99
N TYR JB 148 36.27 51.53 -7.23
CA TYR JB 148 35.44 51.15 -8.41
C TYR JB 148 35.88 49.78 -8.92
N ASN JB 149 34.96 48.82 -8.94
CA ASN JB 149 35.22 47.48 -9.52
C ASN JB 149 34.07 47.22 -10.48
N THR JB 150 34.37 46.90 -11.73
CA THR JB 150 33.35 46.72 -12.77
C THR JB 150 32.46 45.53 -12.45
N TYR JB 151 32.90 44.54 -11.67
CA TYR JB 151 32.14 43.29 -11.44
C TYR JB 151 31.39 43.28 -10.11
N PHE JB 152 31.80 43.99 -9.07
CA PHE JB 152 31.05 44.03 -7.82
C PHE JB 152 29.67 44.65 -8.09
N PRO JB 153 28.60 44.08 -7.54
CA PRO JB 153 27.28 44.69 -7.73
C PRO JB 153 27.26 46.12 -7.22
N GLY JB 154 26.86 47.03 -8.11
CA GLY JB 154 26.80 48.44 -7.79
C GLY JB 154 28.04 49.22 -8.17
N GLY JB 155 29.18 48.55 -8.33
CA GLY JB 155 30.38 49.20 -8.79
C GLY JB 155 31.32 49.68 -7.70
N ALA JB 156 30.87 49.75 -6.45
CA ALA JB 156 31.69 50.26 -5.36
C ALA JB 156 31.84 49.18 -4.31
N ILE JB 157 33.08 48.80 -4.03
CA ILE JB 157 33.40 47.72 -3.10
C ILE JB 157 34.27 48.29 -1.99
N SER JB 158 34.06 47.81 -0.77
CA SER JB 158 34.80 48.28 0.37
C SER JB 158 36.13 47.54 0.56
N MET JB 159 36.47 46.65 -0.36
CA MET JB 159 37.74 45.94 -0.31
C MET JB 159 38.80 46.77 -1.00
N PRO JB 160 39.87 47.17 -0.32
CA PRO JB 160 41.00 47.76 -1.03
C PRO JB 160 41.51 46.79 -2.08
N PRO JB 161 41.99 47.29 -3.21
CA PRO JB 161 42.66 46.41 -4.18
C PRO JB 161 43.70 45.56 -3.51
N PRO JB 162 43.50 44.25 -3.43
CA PRO JB 162 44.34 43.43 -2.55
C PRO JB 162 45.64 42.96 -3.17
N LEU JB 163 45.74 42.92 -4.49
CA LEU JB 163 46.88 42.34 -5.17
C LEU JB 163 47.76 43.43 -5.74
N ASN JB 164 49.05 43.38 -5.40
CA ASN JB 164 50.03 44.30 -5.96
C ASN JB 164 51.26 43.50 -6.33
N ASP JB 165 51.87 43.86 -7.46
CA ASP JB 165 53.03 43.11 -7.94
C ASP JB 165 54.12 43.10 -6.88
N GLY JB 166 54.70 41.93 -6.66
CA GLY JB 166 55.74 41.78 -5.66
C GLY JB 166 55.24 41.68 -4.24
N ALA JB 167 53.93 41.51 -4.03
CA ALA JB 167 53.42 41.41 -2.67
C ALA JB 167 54.00 40.23 -1.93
N ILE JB 168 54.12 39.09 -2.61
CA ILE JB 168 54.67 37.88 -2.02
C ILE JB 168 55.71 37.30 -2.97
N GLU JB 169 56.54 36.42 -2.44
CA GLU JB 169 57.51 35.68 -3.23
C GLU JB 169 57.06 34.23 -3.30
N TYR JB 170 56.77 33.77 -4.51
CA TYR JB 170 56.37 32.38 -4.68
C TYR JB 170 57.53 31.45 -4.38
N GLU JB 171 57.23 30.35 -3.68
CA GLU JB 171 58.28 29.39 -3.34
C GLU JB 171 58.86 28.74 -4.58
N ASP JB 172 58.01 28.39 -5.54
CA ASP JB 172 58.49 27.73 -6.75
C ASP JB 172 59.23 28.66 -7.69
N GLY JB 173 59.23 29.96 -7.43
CA GLY JB 173 59.93 30.90 -8.27
C GLY JB 173 59.11 31.54 -9.38
N THR JB 174 57.83 31.22 -9.46
CA THR JB 174 56.98 31.85 -10.47
C THR JB 174 56.97 33.35 -10.27
N PRO JB 175 57.08 34.15 -11.33
CA PRO JB 175 57.00 35.60 -11.16
C PRO JB 175 55.69 35.99 -10.50
N ALA JB 176 55.78 36.88 -9.52
CA ALA JB 176 54.63 37.29 -8.71
C ALA JB 176 54.09 38.59 -9.30
N VAL JB 177 52.98 38.49 -10.03
CA VAL JB 177 52.31 39.65 -10.60
C VAL JB 177 50.84 39.54 -10.26
N ALA JB 178 50.16 40.68 -10.33
CA ALA JB 178 48.78 40.73 -9.88
C ALA JB 178 47.93 39.68 -10.59
N SER JB 179 48.05 39.61 -11.91
CA SER JB 179 47.23 38.66 -12.65
C SER JB 179 47.55 37.23 -12.26
N GLN JB 180 48.83 36.92 -12.06
CA GLN JB 180 49.20 35.57 -11.65
C GLN JB 180 48.60 35.22 -10.30
N MET JB 181 48.68 36.14 -9.35
CA MET JB 181 48.13 35.87 -8.03
C MET JB 181 46.62 35.71 -8.07
N ALA JB 182 45.93 36.50 -8.88
CA ALA JB 182 44.49 36.33 -9.01
C ALA JB 182 44.15 34.96 -9.61
N LYS JB 183 44.91 34.53 -10.60
CA LYS JB 183 44.67 33.21 -11.20
C LYS JB 183 44.88 32.10 -10.17
N ASP JB 184 45.94 32.21 -9.36
CA ASP JB 184 46.23 31.15 -8.41
C ASP JB 184 45.22 31.10 -7.29
N VAL JB 185 44.90 32.25 -6.70
CA VAL JB 185 43.96 32.25 -5.58
C VAL JB 185 42.59 31.80 -6.05
N SER JB 186 42.20 32.18 -7.27
CA SER JB 186 40.94 31.68 -7.82
C SER JB 186 40.97 30.17 -7.95
N GLN JB 187 42.09 29.62 -8.40
CA GLN JB 187 42.22 28.17 -8.47
C GLN JB 187 42.08 27.55 -7.08
N PHE JB 188 42.79 28.10 -6.10
CA PHE JB 188 42.78 27.51 -4.77
C PHE JB 188 41.39 27.55 -4.17
N LEU JB 189 40.71 28.69 -4.27
CA LEU JB 189 39.38 28.80 -3.68
C LEU JB 189 38.40 27.87 -4.37
N THR JB 190 38.57 27.64 -5.67
CA THR JB 190 37.74 26.66 -6.35
C THR JB 190 37.94 25.28 -5.75
N TRP JB 191 39.19 24.90 -5.50
CA TRP JB 191 39.45 23.62 -4.87
C TRP JB 191 38.84 23.56 -3.48
N ALA JB 192 38.98 24.63 -2.70
CA ALA JB 192 38.47 24.61 -1.33
C ALA JB 192 36.97 24.38 -1.30
N GLN JB 193 36.24 24.97 -2.24
CA GLN JB 193 34.79 24.77 -2.28
C GLN JB 193 34.45 23.29 -2.38
N ASP JB 194 35.10 22.57 -3.28
CA ASP JB 194 34.81 21.15 -3.51
C ASP JB 194 36.11 20.39 -3.66
N PRO JB 195 36.74 20.01 -2.55
CA PRO JB 195 37.99 19.24 -2.66
C PRO JB 195 37.84 17.89 -3.31
N GLN JB 196 36.64 17.32 -3.35
CA GLN JB 196 36.40 16.06 -4.05
C GLN JB 196 36.11 16.27 -5.53
N HIS JB 197 36.52 17.41 -6.07
CA HIS JB 197 36.25 17.70 -7.47
C HIS JB 197 36.95 16.70 -8.39
N ASP JB 198 38.21 16.38 -8.11
CA ASP JB 198 38.94 15.45 -8.96
C ASP JB 198 38.35 14.05 -8.88
N GLU JB 199 37.98 13.60 -7.69
CA GLU JB 199 37.36 12.29 -7.54
C GLU JB 199 36.05 12.21 -8.31
N ARG JB 200 35.26 13.27 -8.26
CA ARG JB 200 33.98 13.27 -8.96
C ARG JB 200 34.19 13.10 -10.46
N LYS JB 201 35.15 13.81 -11.05
CA LYS JB 201 35.31 13.79 -12.48
C LYS JB 201 35.92 12.48 -12.96
N LEU JB 202 36.90 11.95 -12.22
CA LEU JB 202 37.49 10.68 -12.61
C LEU JB 202 36.46 9.56 -12.58
N ILE JB 203 35.62 9.52 -11.55
CA ILE JB 203 34.56 8.51 -11.51
C ILE JB 203 33.51 8.80 -12.57
N GLY JB 204 33.21 10.08 -12.80
CA GLY JB 204 32.28 10.42 -13.85
C GLY JB 204 32.76 9.96 -15.21
N LEU JB 205 34.06 10.05 -15.46
CA LEU JB 205 34.61 9.60 -16.73
C LEU JB 205 34.35 8.11 -16.95
N LYS JB 206 34.54 7.30 -15.91
CA LYS JB 206 34.28 5.87 -16.04
C LYS JB 206 32.78 5.60 -16.26
N MET JB 207 31.92 6.30 -15.54
CA MET JB 207 30.49 6.08 -15.70
C MET JB 207 30.02 6.50 -17.07
N SER JB 208 30.40 7.70 -17.52
CA SER JB 208 29.90 8.21 -18.79
C SER JB 208 30.31 7.30 -19.94
N THR JB 209 31.57 6.89 -19.96
CA THR JB 209 32.03 6.00 -21.04
C THR JB 209 31.33 4.65 -20.98
N ALA JB 210 31.14 4.12 -19.77
CA ALA JB 210 30.44 2.84 -19.63
C ALA JB 210 28.98 2.97 -20.05
N ALA JB 211 28.36 4.10 -19.74
CA ALA JB 211 26.96 4.29 -20.13
C ALA JB 211 26.80 4.27 -21.64
N LEU JB 212 27.79 4.75 -22.38
CA LEU JB 212 27.71 4.69 -23.84
C LEU JB 212 27.70 3.24 -24.32
N VAL JB 213 28.54 2.40 -23.74
CA VAL JB 213 28.54 0.99 -24.12
C VAL JB 213 27.22 0.34 -23.73
N TRP JB 214 26.66 0.75 -22.60
CA TRP JB 214 25.38 0.22 -22.14
C TRP JB 214 24.26 0.62 -23.09
N LEU JB 215 24.35 1.82 -23.68
CA LEU JB 215 23.34 2.27 -24.62
C LEU JB 215 23.35 1.42 -25.89
N PHE JB 216 24.54 1.04 -26.35
CA PHE JB 216 24.64 0.22 -27.55
C PHE JB 216 24.01 -1.16 -27.34
N SER JB 217 24.20 -1.73 -26.16
CA SER JB 217 23.67 -3.07 -25.92
C SER JB 217 22.14 -3.06 -25.90
N ILE JB 218 21.54 -2.09 -25.19
CA ILE JB 218 20.09 -2.05 -25.13
C ILE JB 218 19.51 -1.69 -26.49
N SER JB 219 20.25 -0.92 -27.28
CA SER JB 219 19.77 -0.58 -28.62
C SER JB 219 19.73 -1.81 -29.51
N VAL JB 220 20.77 -2.65 -29.46
CA VAL JB 220 20.77 -3.89 -30.22
C VAL JB 220 19.62 -4.79 -29.78
N TRP JB 221 19.41 -4.87 -28.48
CA TRP JB 221 18.30 -5.65 -27.95
C TRP JB 221 16.96 -5.08 -28.43
N ASN JB 222 16.81 -3.76 -28.36
CA ASN JB 222 15.56 -3.14 -28.79
C ASN JB 222 15.32 -3.37 -30.28
N ARG JB 223 16.36 -3.24 -31.10
CA ARG JB 223 16.20 -3.50 -32.53
C ARG JB 223 15.82 -4.95 -32.79
N HIS JB 224 16.44 -5.87 -32.07
CA HIS JB 224 16.20 -7.29 -32.34
C HIS JB 224 14.75 -7.66 -32.12
N VAL JB 225 14.18 -7.30 -30.96
CA VAL JB 225 12.84 -7.77 -30.62
C VAL JB 225 11.80 -7.09 -31.49
N TRP JB 226 11.98 -5.81 -31.78
CA TRP JB 226 10.99 -5.08 -32.56
C TRP JB 226 11.01 -5.43 -34.03
N THR JB 227 12.02 -6.15 -34.50
CA THR JB 227 11.99 -6.63 -35.88
C THR JB 227 10.82 -7.60 -36.08
N MET JB 228 10.52 -8.40 -35.06
CA MET JB 228 9.37 -9.28 -35.15
C MET JB 228 8.09 -8.50 -35.46
N ILE JB 229 7.99 -7.27 -34.97
CA ILE JB 229 6.76 -6.49 -35.10
C ILE JB 229 6.74 -5.67 -36.37
N LYS JB 230 7.84 -4.95 -36.65
CA LYS JB 230 7.85 -3.98 -37.73
C LYS JB 230 7.95 -4.59 -39.11
N THR JB 231 8.16 -5.90 -39.23
CA THR JB 231 8.23 -6.55 -40.53
C THR JB 231 7.10 -7.53 -40.76
N ARG JB 232 6.11 -7.58 -39.86
CA ARG JB 232 4.98 -8.47 -40.08
C ARG JB 232 4.16 -8.00 -41.27
N ARG JB 233 3.45 -8.94 -41.87
CA ARG JB 233 2.59 -8.68 -43.00
C ARG JB 233 1.21 -9.24 -42.68
N ILE JB 234 0.20 -8.38 -42.63
CA ILE JB 234 -1.17 -8.79 -42.41
C ILE JB 234 -1.92 -8.63 -43.73
N ASP JB 235 -2.50 -9.71 -44.21
CA ASP JB 235 -3.21 -9.72 -45.48
C ASP JB 235 -4.68 -10.01 -45.24
N PHE JB 236 -5.52 -9.55 -46.15
CA PHE JB 236 -6.96 -9.74 -46.05
C PHE JB 236 -7.53 -10.54 -47.20
N THR JB 237 -7.26 -10.14 -48.44
CA THR JB 237 -7.69 -10.85 -49.62
C THR JB 237 -6.50 -11.35 -50.44
N LYS JB 238 -5.31 -11.34 -49.84
CA LYS JB 238 -4.07 -11.62 -50.54
C LYS JB 238 -3.25 -12.60 -49.70
N THR JB 239 -2.33 -13.30 -50.35
CA THR JB 239 -1.44 -14.20 -49.64
C THR JB 239 -0.12 -14.29 -50.40
N VAL JB 240 0.97 -14.02 -49.69
CA VAL JB 240 2.31 -14.12 -50.26
C VAL JB 240 3.20 -14.81 -49.23
N TYR JB 241 4.01 -15.76 -49.68
CA TYR JB 241 4.90 -16.50 -48.79
C TYR JB 241 6.35 -16.22 -49.12
N PRO KB 1 -11.62 -0.52 -21.03
CA PRO KB 1 -11.73 -1.65 -21.96
C PRO KB 1 -12.35 -1.25 -23.28
N ASN KB 2 -12.33 -2.15 -24.26
CA ASN KB 2 -12.93 -1.88 -25.55
C ASN KB 2 -14.45 -1.92 -25.45
N THR KB 3 -15.11 -1.75 -26.58
CA THR KB 3 -16.58 -1.80 -26.60
C THR KB 3 -17.05 -3.16 -26.12
N LYS KB 4 -18.33 -3.21 -25.74
CA LYS KB 4 -18.90 -4.47 -25.27
C LYS KB 4 -18.92 -5.51 -26.37
N ARG KB 5 -19.22 -5.08 -27.60
CA ARG KB 5 -19.21 -6.03 -28.72
C ARG KB 5 -17.82 -6.60 -28.94
N ASP KB 6 -16.79 -5.75 -28.85
CA ASP KB 6 -15.43 -6.21 -29.08
C ASP KB 6 -14.99 -7.24 -28.04
N ILE KB 7 -15.23 -6.95 -26.76
CA ILE KB 7 -14.72 -7.82 -25.69
C ILE KB 7 -15.63 -8.99 -25.40
N ARG KB 8 -16.75 -9.12 -26.11
CA ARG KB 8 -17.63 -10.27 -25.92
C ARG KB 8 -16.93 -11.52 -26.40
N ARG KB 9 -16.72 -12.47 -25.50
CA ARG KB 9 -15.94 -13.66 -25.80
C ARG KB 9 -16.79 -14.76 -26.41
N LEU KB 10 -16.19 -15.52 -27.32
CA LEU KB 10 -16.86 -16.66 -27.92
C LEU KB 10 -16.71 -17.91 -27.07
N GLY KB 11 -15.55 -18.10 -26.43
CA GLY KB 11 -15.33 -19.29 -25.65
C GLY KB 11 -15.86 -19.20 -24.24
N SER KB 12 -16.21 -20.36 -23.68
CA SER KB 12 -16.75 -20.44 -22.33
C SER KB 12 -15.69 -20.76 -21.28
N TYR KB 13 -14.44 -20.90 -21.67
CA TYR KB 13 -13.38 -21.09 -20.72
C TYR KB 13 -13.17 -19.80 -19.93
N PRO KB 14 -13.09 -19.86 -18.60
CA PRO KB 14 -13.04 -18.62 -17.83
C PRO KB 14 -11.74 -17.86 -18.04
N VAL KB 15 -11.82 -16.54 -17.93
CA VAL KB 15 -10.65 -15.70 -18.12
C VAL KB 15 -9.70 -15.91 -16.95
N PRO KB 16 -8.44 -16.29 -17.20
CA PRO KB 16 -7.52 -16.48 -16.10
C PRO KB 16 -7.31 -15.18 -15.35
N PRO KB 17 -7.07 -15.24 -14.04
CA PRO KB 17 -6.93 -14.01 -13.26
C PRO KB 17 -5.73 -13.18 -13.65
N GLU KB 18 -4.74 -13.74 -14.32
CA GLU KB 18 -3.55 -12.99 -14.72
C GLU KB 18 -3.68 -12.39 -16.10
N SER KB 19 -4.80 -12.63 -16.79
CA SER KB 19 -5.02 -12.13 -18.14
C SER KB 19 -6.25 -11.25 -18.22
N LYS KB 20 -6.68 -10.71 -17.09
CA LYS KB 20 -7.87 -9.86 -17.07
C LYS KB 20 -7.73 -8.69 -18.04
N ASN KB 21 -6.63 -7.93 -17.90
CA ASN KB 21 -6.44 -6.80 -18.77
C ASN KB 21 -6.26 -7.24 -20.22
N PHE KB 22 -5.59 -8.37 -20.43
CA PHE KB 22 -5.35 -8.82 -21.79
C PHE KB 22 -6.66 -9.08 -22.54
N TRP KB 23 -7.66 -9.60 -21.86
CA TRP KB 23 -8.92 -9.91 -22.53
C TRP KB 23 -9.91 -8.75 -22.52
N ARG KB 24 -9.63 -7.68 -21.78
CA ARG KB 24 -10.41 -6.47 -21.91
C ARG KB 24 -10.03 -5.66 -23.14
N GLY KB 25 -8.90 -5.97 -23.76
CA GLY KB 25 -8.49 -5.32 -24.98
C GLY KB 25 -8.75 -6.19 -26.20
N ARG KB 26 -9.63 -7.18 -26.07
CA ARG KB 26 -9.99 -8.02 -27.20
C ARG KB 26 -10.71 -7.21 -28.27
N PHE KB 27 -10.56 -7.66 -29.52
CA PHE KB 27 -11.26 -7.10 -30.67
C PHE KB 27 -12.00 -8.22 -31.39
N GLN KB 28 -13.16 -7.89 -31.94
CA GLN KB 28 -13.93 -8.83 -32.77
C GLN KB 28 -13.58 -8.55 -34.21
N VAL KB 29 -12.71 -9.37 -34.79
CA VAL KB 29 -12.20 -9.13 -36.13
C VAL KB 29 -13.26 -9.47 -37.17
N PRO KB 30 -13.68 -8.52 -38.01
CA PRO KB 30 -14.63 -8.86 -39.07
C PRO KB 30 -13.94 -9.29 -40.36
N GLY KB 31 -14.35 -10.43 -40.91
CA GLY KB 31 -13.83 -10.87 -42.19
C GLY KB 31 -12.53 -11.63 -42.16
N GLY KB 32 -11.90 -11.77 -41.01
CA GLY KB 32 -10.68 -12.53 -40.90
C GLY KB 32 -9.47 -11.80 -41.46
N GLN KB 33 -8.29 -12.30 -41.08
CA GLN KB 33 -7.02 -11.73 -41.54
C GLN KB 33 -5.96 -12.80 -41.45
N ILE KB 34 -4.94 -12.69 -42.30
CA ILE KB 34 -3.78 -13.58 -42.30
C ILE KB 34 -2.60 -12.80 -41.75
N GLN KB 35 -2.01 -13.29 -40.67
CA GLN KB 35 -0.85 -12.67 -40.04
C GLN KB 35 0.38 -13.52 -40.33
N GLN KB 36 1.44 -12.88 -40.78
CA GLN KB 36 2.68 -13.59 -41.05
C GLN KB 36 3.86 -12.80 -40.50
N GLY KB 37 4.89 -13.54 -40.09
CA GLY KB 37 6.08 -12.94 -39.52
C GLY KB 37 7.20 -13.95 -39.53
N VAL KB 38 8.39 -13.46 -39.21
CA VAL KB 38 9.58 -14.30 -39.13
C VAL KB 38 10.34 -13.93 -37.86
N SER KB 39 10.97 -14.93 -37.24
CA SER KB 39 11.67 -14.68 -36.00
C SER KB 39 12.80 -13.67 -36.25
N PRO KB 40 13.04 -12.74 -35.32
CA PRO KB 40 14.14 -11.80 -35.52
C PRO KB 40 15.48 -12.48 -35.67
N MET KB 41 15.64 -13.69 -35.14
CA MET KB 41 16.89 -14.42 -35.25
C MET KB 41 17.23 -14.80 -36.69
N GLN KB 42 16.28 -14.69 -37.61
CA GLN KB 42 16.49 -15.03 -39.02
C GLN KB 42 16.27 -13.82 -39.92
N GLN KB 43 16.48 -12.61 -39.40
CA GLN KB 43 16.20 -11.39 -40.14
C GLN KB 43 17.31 -10.38 -39.91
N LYS KB 44 17.36 -9.39 -40.80
CA LYS KB 44 18.19 -8.21 -40.58
C LYS KB 44 17.47 -7.30 -39.59
N ILE KB 45 18.16 -6.92 -38.51
CA ILE KB 45 17.50 -6.18 -37.43
C ILE KB 45 17.76 -4.69 -37.47
N PHE KB 46 18.63 -4.20 -38.35
CA PHE KB 46 18.93 -2.77 -38.40
C PHE KB 46 18.67 -2.14 -39.76
N PHE KB 47 18.45 -2.94 -40.80
CA PHE KB 47 18.30 -2.36 -42.14
C PHE KB 47 17.05 -1.49 -42.25
N GLN KB 48 15.95 -1.91 -41.61
CA GLN KB 48 14.71 -1.14 -41.72
C GLN KB 48 14.90 0.29 -41.24
N TRP KB 49 15.73 0.51 -40.22
CA TRP KB 49 16.02 1.87 -39.78
C TRP KB 49 16.64 2.68 -40.91
N TRP KB 50 17.55 2.07 -41.65
CA TRP KB 50 18.24 2.77 -42.73
C TRP KB 50 17.33 2.94 -43.94
N TRP KB 51 16.52 1.92 -44.24
CA TRP KB 51 15.63 1.98 -45.38
C TRP KB 51 14.60 3.09 -45.21
N ASN KB 52 14.06 3.24 -44.01
CA ASN KB 52 13.03 4.22 -43.71
C ASN KB 52 13.58 5.58 -43.33
N LEU KB 53 14.90 5.72 -43.24
CA LEU KB 53 15.49 6.94 -42.68
C LEU KB 53 15.11 8.20 -43.46
N PRO KB 54 15.29 8.27 -44.78
CA PRO KB 54 15.01 9.54 -45.47
C PRO KB 54 13.55 9.92 -45.47
N THR KB 55 12.64 8.97 -45.71
CA THR KB 55 11.23 9.32 -45.73
C THR KB 55 10.76 9.73 -44.34
N ARG KB 56 11.31 9.12 -43.31
CA ARG KB 56 10.93 9.47 -41.94
C ARG KB 56 11.23 10.93 -41.65
N TYR KB 57 12.42 11.38 -42.03
CA TYR KB 57 12.81 12.75 -41.73
C TYR KB 57 12.15 13.76 -42.67
N PHE KB 58 11.86 13.38 -43.90
CA PHE KB 58 11.17 14.29 -44.80
C PHE KB 58 9.78 14.61 -44.28
N TRP KB 59 9.03 13.59 -43.89
CA TRP KB 59 7.68 13.82 -43.43
C TRP KB 59 7.66 14.50 -42.07
N ARG KB 60 8.67 14.24 -41.25
CA ARG KB 60 8.77 14.93 -39.97
C ARG KB 60 8.95 16.43 -40.18
N PHE KB 61 9.83 16.81 -41.10
CA PHE KB 61 10.15 18.23 -41.27
C PHE KB 61 9.00 18.96 -41.95
N THR KB 62 8.35 18.34 -42.92
CA THR KB 62 7.25 19.02 -43.59
C THR KB 62 6.10 19.28 -42.63
N LYS KB 63 5.88 18.37 -41.68
CA LYS KB 63 4.86 18.61 -40.66
C LYS KB 63 5.28 19.72 -39.71
N TRP KB 64 6.55 19.74 -39.32
CA TRP KB 64 7.02 20.75 -38.38
C TRP KB 64 7.13 22.13 -39.01
N SER KB 65 7.15 22.20 -40.34
CA SER KB 65 7.20 23.49 -41.00
C SER KB 65 5.92 24.28 -40.80
N ASP KB 66 4.83 23.62 -40.37
CA ASP KB 66 3.60 24.35 -40.08
C ASP KB 66 3.81 25.39 -39.00
N PHE KB 67 4.77 25.17 -38.12
CA PHE KB 67 5.07 26.08 -37.02
C PHE KB 67 6.09 27.13 -37.39
N LEU KB 68 6.41 27.28 -38.67
CA LEU KB 68 7.40 28.26 -39.07
C LEU KB 68 6.90 29.68 -38.84
N ILE KB 69 5.71 30.00 -39.35
CA ILE KB 69 5.18 31.36 -39.18
C ILE KB 69 4.94 31.69 -37.72
N PRO KB 70 4.28 30.85 -36.92
CA PRO KB 70 4.14 31.18 -35.49
C PRO KB 70 5.48 31.43 -34.82
N SER KB 71 6.48 30.60 -35.08
CA SER KB 71 7.75 30.74 -34.40
C SER KB 71 8.45 32.03 -34.79
N LEU KB 72 8.35 32.41 -36.06
CA LEU KB 72 8.95 33.67 -36.50
C LEU KB 72 8.27 34.86 -35.83
N MET KB 73 6.94 34.81 -35.68
CA MET KB 73 6.25 35.91 -35.02
C MET KB 73 6.66 36.01 -33.56
N TRP KB 74 6.73 34.89 -32.86
CA TRP KB 74 7.21 34.93 -31.48
C TRP KB 74 8.64 35.44 -31.42
N TYR KB 75 9.48 35.00 -32.37
CA TYR KB 75 10.86 35.48 -32.41
C TYR KB 75 10.93 36.96 -32.70
N THR KB 76 10.06 37.45 -33.58
CA THR KB 76 9.99 38.88 -33.83
C THR KB 76 9.58 39.63 -32.56
N GLY KB 77 8.67 39.06 -31.78
CA GLY KB 77 8.34 39.66 -30.51
C GLY KB 77 9.51 39.65 -29.55
N PHE KB 78 10.30 38.57 -29.57
CA PHE KB 78 11.45 38.47 -28.69
C PHE KB 78 12.47 39.56 -28.99
N LEU KB 79 12.67 39.87 -30.27
CA LEU KB 79 13.66 40.88 -30.63
C LEU KB 79 13.18 42.28 -30.26
N MET KB 80 11.92 42.60 -30.56
CA MET KB 80 11.41 43.92 -30.24
C MET KB 80 11.53 44.22 -28.75
N CYS KB 81 11.12 43.26 -27.91
CA CYS KB 81 11.17 43.47 -26.47
C CYS KB 81 12.61 43.67 -26.00
N LYS KB 82 13.53 42.87 -26.51
CA LYS KB 82 14.91 42.96 -26.07
C LYS KB 82 15.49 44.33 -26.38
N ASN KB 83 15.19 44.87 -27.55
CA ASN KB 83 15.71 46.18 -27.92
C ASN KB 83 14.86 47.33 -27.43
N ASP KB 84 13.58 47.08 -27.13
CA ASP KB 84 12.80 48.08 -26.41
C ASP KB 84 13.30 48.24 -24.98
N VAL KB 85 13.81 47.15 -24.40
CA VAL KB 85 14.35 47.21 -23.05
C VAL KB 85 15.65 48.00 -23.02
N GLU KB 86 16.51 47.81 -24.02
CA GLU KB 86 17.78 48.52 -24.05
C GLU KB 86 17.55 50.02 -24.18
N GLU KB 87 16.68 50.43 -25.11
CA GLU KB 87 16.43 51.85 -25.29
C GLU KB 87 15.85 52.48 -24.04
N GLY KB 88 14.92 51.77 -23.38
CA GLY KB 88 14.35 52.30 -22.15
C GLY KB 88 15.38 52.52 -21.08
N THR KB 89 16.27 51.56 -20.89
CA THR KB 89 17.30 51.69 -19.85
C THR KB 89 18.21 52.87 -20.14
N ARG KB 90 18.65 53.02 -21.39
CA ARG KB 90 19.54 54.11 -21.74
C ARG KB 90 18.85 55.45 -21.57
N SER KB 91 17.59 55.55 -22.02
CA SER KB 91 16.88 56.82 -21.91
C SER KB 91 16.70 57.22 -20.46
N ARG KB 92 16.37 56.26 -19.59
CA ARG KB 92 16.10 56.58 -18.20
C ARG KB 92 17.37 56.84 -17.40
N TYR KB 93 18.49 56.23 -17.78
CA TYR KB 93 19.70 56.30 -16.97
C TYR KB 93 20.88 56.93 -17.70
N TRP KB 94 21.17 56.51 -18.92
CA TRP KB 94 22.38 57.00 -19.58
C TRP KB 94 22.27 58.49 -19.89
N TYR KB 95 23.41 59.15 -19.86
CA TYR KB 95 23.50 60.57 -20.18
C TYR KB 95 24.31 60.79 -21.45
N SER LB 1 9.15 16.68 -53.47
CA SER LB 1 8.80 18.07 -53.68
C SER LB 1 7.48 18.38 -52.99
N GLY LB 2 6.99 19.60 -53.16
CA GLY LB 2 5.82 20.01 -52.43
C GLY LB 2 6.05 20.22 -50.96
N PHE LB 3 7.31 20.26 -50.53
CA PHE LB 3 7.63 20.38 -49.11
C PHE LB 3 6.91 21.57 -48.50
N GLY LB 4 6.29 21.34 -47.35
CA GLY LB 4 5.63 22.41 -46.64
C GLY LB 4 4.22 22.72 -47.08
N THR LB 5 3.58 21.83 -47.84
CA THR LB 5 2.23 22.06 -48.32
C THR LB 5 1.45 20.76 -48.17
N SER LB 6 0.16 20.83 -48.51
CA SER LB 6 -0.65 19.63 -48.57
C SER LB 6 -0.29 18.74 -49.76
N TYR LB 7 0.50 19.26 -50.69
CA TYR LB 7 0.96 18.51 -51.85
C TYR LB 7 2.29 17.81 -51.60
N ALA LB 8 2.79 17.85 -50.37
CA ALA LB 8 4.08 17.24 -50.08
C ALA LB 8 4.06 15.76 -50.46
N HIS LB 9 5.14 15.31 -51.10
CA HIS LB 9 5.30 13.92 -51.48
C HIS LB 9 6.78 13.59 -51.46
N ASP LB 10 7.08 12.31 -51.35
CA ASP LB 10 8.48 11.89 -51.28
C ASP LB 10 9.19 12.25 -52.59
N PRO LB 11 10.35 12.90 -52.53
CA PRO LB 11 11.11 13.16 -53.76
C PRO LB 11 11.53 11.88 -54.44
N LYS LB 12 12.05 12.02 -55.67
CA LYS LB 12 12.47 10.85 -56.42
C LYS LB 12 13.60 10.11 -55.72
N TRP LB 13 14.58 10.84 -55.17
CA TRP LB 13 15.74 10.17 -54.62
C TRP LB 13 15.36 9.37 -53.38
N ILE LB 14 14.33 9.78 -52.65
CA ILE LB 14 13.85 8.97 -51.55
C ILE LB 14 13.15 7.72 -52.09
N GLU LB 15 12.39 7.87 -53.17
CA GLU LB 15 11.76 6.69 -53.77
C GLU LB 15 12.81 5.70 -54.26
N ASP LB 16 13.88 6.19 -54.89
CA ASP LB 16 14.95 5.30 -55.29
C ASP LB 16 15.60 4.65 -54.08
N TRP LB 17 15.79 5.42 -53.01
CA TRP LB 17 16.34 4.86 -51.79
C TRP LB 17 15.53 3.67 -51.31
N MET LB 18 14.21 3.83 -51.25
CA MET LB 18 13.37 2.76 -50.76
C MET LB 18 13.20 1.63 -51.76
N ALA LB 19 13.63 1.82 -53.01
CA ALA LB 19 13.61 0.74 -53.98
C ALA LB 19 14.79 -0.21 -53.82
N ARG LB 20 15.80 0.16 -53.05
CA ARG LB 20 16.97 -0.70 -52.81
C ARG LB 20 16.69 -1.52 -51.57
N LYS LB 21 16.25 -2.76 -51.76
CA LYS LB 21 15.89 -3.63 -50.66
C LYS LB 21 17.03 -4.49 -50.16
N ARG LB 22 18.11 -4.62 -50.91
CA ARG LB 22 19.25 -5.44 -50.52
C ARG LB 22 18.82 -6.89 -50.25
N VAL LB 23 17.95 -7.42 -51.10
CA VAL LB 23 17.45 -8.77 -50.89
C VAL LB 23 18.57 -9.77 -51.18
N GLY LB 24 18.77 -10.70 -50.25
CA GLY LB 24 19.76 -11.74 -50.45
C GLY LB 24 21.19 -11.28 -50.32
N VAL LB 25 21.43 -10.17 -49.63
CA VAL LB 25 22.76 -9.62 -49.44
C VAL LB 25 23.05 -9.59 -47.95
N ASP LB 26 24.20 -10.11 -47.57
CA ASP LB 26 24.62 -10.11 -46.17
C ASP LB 26 26.11 -9.77 -46.15
N ARG LB 27 26.43 -8.52 -45.85
CA ARG LB 27 27.81 -8.07 -45.83
C ARG LB 27 28.46 -8.20 -44.46
N MET LB 28 27.68 -8.54 -43.42
CA MET LB 28 28.20 -8.67 -42.08
C MET LB 28 28.20 -10.11 -41.59
N ASP LB 29 27.97 -11.07 -42.49
CA ASP LB 29 27.92 -12.46 -42.06
C ASP LB 29 29.27 -12.93 -41.53
N TRP LB 30 30.36 -12.39 -42.07
CA TRP LB 30 31.68 -12.77 -41.59
C TRP LB 30 31.82 -12.52 -40.10
N PHE LB 31 31.28 -11.41 -39.61
CA PHE LB 31 31.41 -11.08 -38.21
C PHE LB 31 30.76 -12.14 -37.33
N PHE LB 32 29.51 -12.48 -37.62
CA PHE LB 32 28.83 -13.50 -36.83
C PHE LB 32 29.49 -14.86 -36.98
N ARG LB 33 29.94 -15.18 -38.19
CA ARG LB 33 30.61 -16.46 -38.41
C ARG LB 33 31.86 -16.58 -37.53
N ALA LB 34 32.65 -15.52 -37.46
CA ALA LB 34 33.84 -15.55 -36.62
C ALA LB 34 33.50 -15.44 -35.14
N PHE LB 35 32.48 -14.68 -34.79
CA PHE LB 35 32.09 -14.57 -33.39
C PHE LB 35 31.63 -15.92 -32.84
N ASN LB 36 30.92 -16.70 -33.64
CA ASN LB 36 30.42 -17.99 -33.17
C ASN LB 36 31.55 -18.94 -32.80
N ARG LB 37 32.73 -18.75 -33.40
CA ARG LB 37 33.84 -19.65 -33.11
C ARG LB 37 34.39 -19.46 -31.70
N LEU LB 38 34.03 -18.38 -31.01
CA LEU LB 38 34.40 -18.23 -29.62
C LEU LB 38 33.66 -19.19 -28.70
N ARG LB 39 32.61 -19.84 -29.20
CA ARG LB 39 31.87 -20.84 -28.42
C ARG LB 39 31.30 -20.25 -27.14
N LEU LB 40 31.03 -18.95 -27.12
CA LEU LB 40 30.43 -18.37 -25.93
C LEU LB 40 29.05 -18.94 -25.68
N TYR LB 41 28.28 -19.18 -26.75
CA TYR LB 41 26.93 -19.69 -26.58
C TYR LB 41 26.94 -21.11 -26.03
N GLU LB 42 27.79 -21.97 -26.58
CA GLU LB 42 27.85 -23.35 -26.10
C GLU LB 42 28.33 -23.42 -24.66
N LEU LB 43 29.29 -22.58 -24.31
CA LEU LB 43 29.92 -22.68 -22.99
C LEU LB 43 29.13 -21.95 -21.93
N PHE LB 44 28.70 -20.71 -22.21
CA PHE LB 44 28.15 -19.83 -21.18
C PHE LB 44 26.68 -19.51 -21.37
N PHE LB 45 26.29 -18.99 -22.54
CA PHE LB 45 24.98 -18.38 -22.65
C PHE LB 45 23.85 -19.40 -22.55
N LYS LB 46 24.05 -20.59 -23.11
CA LYS LB 46 22.92 -21.52 -23.24
C LYS LB 46 22.34 -21.89 -21.88
N SER LB 47 23.18 -22.13 -20.89
CA SER LB 47 22.73 -22.53 -19.57
C SER LB 47 22.52 -21.31 -18.69
N THR LB 48 21.36 -21.21 -18.05
CA THR LB 48 21.06 -20.04 -17.24
C THR LB 48 22.06 -19.82 -16.12
N PRO LB 49 22.43 -20.83 -15.32
CA PRO LB 49 23.43 -20.57 -14.27
C PRO LB 49 24.75 -20.07 -14.83
N ARG LB 50 25.18 -20.59 -15.98
CA ARG LB 50 26.41 -20.09 -16.58
C ARG LB 50 26.20 -18.71 -17.19
N PHE LB 51 24.99 -18.43 -17.68
CA PHE LB 51 24.69 -17.10 -18.17
C PHE LB 51 24.82 -16.08 -17.04
N TYR LB 52 24.32 -16.41 -15.86
CA TYR LB 52 24.49 -15.52 -14.71
C TYR LB 52 25.97 -15.34 -14.37
N ALA LB 53 26.71 -16.43 -14.35
CA ALA LB 53 28.12 -16.35 -14.00
C ALA LB 53 28.88 -15.47 -14.96
N PHE LB 54 28.54 -15.52 -16.25
CA PHE LB 54 29.17 -14.63 -17.22
C PHE LB 54 28.92 -13.17 -16.88
N MET LB 55 27.67 -12.84 -16.54
CA MET LB 55 27.35 -11.46 -16.19
C MET LB 55 28.07 -11.04 -14.91
N VAL LB 56 28.13 -11.92 -13.92
CA VAL LB 56 28.76 -11.56 -12.65
C VAL LB 56 30.27 -11.49 -12.80
N ILE LB 57 30.88 -12.56 -13.29
CA ILE LB 57 32.34 -12.60 -13.39
C ILE LB 57 32.82 -11.63 -14.45
N GLY LB 58 32.08 -11.50 -15.55
CA GLY LB 58 32.43 -10.51 -16.54
C GLY LB 58 32.34 -9.10 -16.00
N GLY LB 59 31.28 -8.80 -15.24
CA GLY LB 59 31.14 -7.49 -14.65
C GLY LB 59 32.25 -7.21 -13.66
N LEU LB 60 32.64 -8.22 -12.89
CA LEU LB 60 33.74 -8.06 -11.95
C LEU LB 60 35.02 -7.69 -12.68
N LEU LB 61 35.47 -8.55 -13.60
CA LEU LB 61 36.70 -8.26 -14.33
C LEU LB 61 36.55 -7.02 -15.21
N GLY LB 62 35.42 -6.89 -15.89
CA GLY LB 62 35.23 -5.74 -16.76
C GLY LB 62 35.30 -4.43 -15.99
N SER LB 63 34.63 -4.37 -14.84
CA SER LB 63 34.62 -3.14 -14.06
C SER LB 63 36.02 -2.76 -13.61
N TYR LB 64 36.81 -3.74 -13.17
CA TYR LB 64 38.15 -3.43 -12.68
C TYR LB 64 39.03 -2.89 -13.80
N TYR LB 65 39.07 -3.58 -14.94
CA TYR LB 65 39.95 -3.13 -16.00
C TYR LB 65 39.42 -1.90 -16.73
N TRP LB 66 38.10 -1.72 -16.74
CA TRP LB 66 37.56 -0.47 -17.25
C TRP LB 66 38.04 0.71 -16.40
N SER LB 67 37.99 0.55 -15.08
CA SER LB 67 38.53 1.58 -14.20
C SER LB 67 40.02 1.76 -14.42
N ARG LB 68 40.74 0.66 -14.58
CA ARG LB 68 42.18 0.74 -14.75
C ARG LB 68 42.55 1.50 -16.03
N PHE LB 69 41.81 1.25 -17.11
CA PHE LB 69 42.14 1.90 -18.38
C PHE LB 69 41.96 3.41 -18.30
N TRP LB 70 40.84 3.87 -17.74
CA TRP LB 70 40.58 5.30 -17.69
C TRP LB 70 41.38 6.01 -16.63
N GLU LB 71 41.85 5.30 -15.60
CA GLU LB 71 42.78 5.91 -14.67
C GLU LB 71 44.10 6.25 -15.36
N GLN LB 72 44.56 5.37 -16.25
CA GLN LB 72 45.76 5.68 -17.02
C GLN LB 72 45.52 6.82 -17.99
N TYR LB 73 44.33 6.86 -18.59
CA TYR LB 73 44.00 7.98 -19.48
C TYR LB 73 44.03 9.29 -18.72
N TRP LB 74 43.49 9.31 -17.50
CA TRP LB 74 43.50 10.53 -16.70
C TRP LB 74 44.93 10.95 -16.37
N ILE LB 75 45.78 9.98 -16.04
CA ILE LB 75 47.15 10.32 -15.66
C ILE LB 75 47.91 10.89 -16.84
N ARG LB 76 47.62 10.40 -18.04
CA ARG LB 76 48.34 10.90 -19.21
C ARG LB 76 47.88 12.30 -19.58
N VAL LB 77 46.57 12.55 -19.58
CA VAL LB 77 46.06 13.85 -19.98
C VAL LB 77 46.56 14.93 -19.03
N ASN LB 78 46.51 14.67 -17.73
CA ASN LB 78 46.90 15.63 -16.72
C ASN LB 78 48.35 15.51 -16.31
N LYS LB 79 49.20 15.02 -17.20
CA LYS LB 79 50.61 14.86 -16.88
C LYS LB 79 51.21 16.20 -16.47
N GLY LB 80 51.95 16.19 -15.36
CA GLY LB 80 52.61 17.38 -14.87
C GLY LB 80 51.74 18.30 -14.05
N ARG LB 81 50.47 17.99 -13.88
CA ARG LB 81 49.57 18.82 -13.10
C ARG LB 81 48.95 18.09 -11.92
N LEU LB 82 49.34 16.85 -11.68
CA LEU LB 82 48.84 16.09 -10.55
C LEU LB 82 49.74 16.26 -9.34
N TYR LB 83 49.18 16.00 -8.16
CA TYR LB 83 49.95 16.11 -6.93
C TYR LB 83 51.13 15.15 -6.93
N LYS LB 84 50.93 13.93 -7.44
CA LYS LB 84 52.00 12.96 -7.44
C LYS LB 84 53.10 13.33 -8.44
N ASP LB 85 52.75 14.04 -9.51
CA ASP LB 85 53.72 14.39 -10.53
C ASP LB 85 54.63 15.54 -10.13
N VAL LB 86 54.29 16.29 -9.09
CA VAL LB 86 55.04 17.48 -8.73
C VAL LB 86 55.46 17.41 -7.27
N PRO LB 87 56.52 16.66 -6.94
CA PRO LB 87 56.96 16.59 -5.55
C PRO LB 87 57.28 17.96 -4.99
N TYR LB 88 56.82 18.21 -3.77
CA TYR LB 88 56.92 19.53 -3.18
C TYR LB 88 58.29 19.75 -2.58
N VAL LB 89 58.86 20.93 -2.83
CA VAL LB 89 60.16 21.31 -2.30
C VAL LB 89 59.92 22.12 -1.05
N TYR LB 90 60.42 21.64 0.08
CA TYR LB 90 60.25 22.35 1.33
C TYR LB 90 61.07 23.64 1.31
N PRO LB 91 60.51 24.76 1.78
CA PRO LB 91 61.29 25.98 1.87
C PRO LB 91 62.45 25.82 2.82
N PRO LB 92 63.60 26.44 2.53
CA PRO LB 92 64.78 26.25 3.39
C PRO LB 92 64.60 26.86 4.76
N THR MB 1 -3.50 -65.43 -8.08
CA THR MB 1 -3.72 -63.99 -8.31
C THR MB 1 -3.27 -63.15 -7.12
N LEU MB 2 -3.34 -63.73 -5.92
CA LEU MB 2 -2.84 -63.04 -4.74
C LEU MB 2 -1.38 -62.63 -4.94
N ALA MB 3 -0.60 -63.47 -5.63
CA ALA MB 3 0.78 -63.11 -5.92
C ALA MB 3 0.83 -61.82 -6.74
N VAL MB 4 -0.04 -61.70 -7.73
CA VAL MB 4 -0.08 -60.47 -8.52
C VAL MB 4 -0.40 -59.29 -7.63
N TYR MB 5 -1.37 -59.44 -6.73
CA TYR MB 5 -1.71 -58.35 -5.84
C TYR MB 5 -0.55 -58.01 -4.92
N HIS MB 6 0.19 -59.02 -4.47
CA HIS MB 6 1.36 -58.74 -3.65
C HIS MB 6 2.35 -57.85 -4.39
N ARG MB 7 2.61 -58.15 -5.65
CA ARG MB 7 3.52 -57.31 -6.44
C ARG MB 7 2.96 -55.92 -6.62
N LEU MB 8 1.66 -55.81 -6.89
CA LEU MB 8 1.06 -54.49 -7.07
C LEU MB 8 1.04 -53.71 -5.77
N TRP MB 9 0.81 -54.38 -4.65
CA TRP MB 9 0.91 -53.68 -3.37
C TRP MB 9 2.33 -53.20 -3.11
N GLY MB 10 3.31 -54.05 -3.40
CA GLY MB 10 4.67 -53.81 -2.99
C GLY MB 10 5.46 -52.87 -3.88
N MET MB 11 4.94 -52.51 -5.05
CA MET MB 11 5.73 -51.69 -5.96
C MET MB 11 5.87 -50.26 -5.46
N THR MB 12 5.17 -49.88 -4.40
CA THR MB 12 5.33 -48.55 -3.81
C THR MB 12 5.83 -48.62 -2.38
N GLU MB 13 6.35 -49.78 -1.95
CA GLU MB 13 6.87 -49.90 -0.59
C GLU MB 13 7.87 -48.81 -0.27
N GLN MB 14 8.74 -48.50 -1.23
CA GLN MB 14 9.85 -47.57 -0.99
C GLN MB 14 9.50 -46.15 -1.43
N PHE MB 15 8.37 -45.63 -0.95
CA PHE MB 15 7.97 -44.28 -1.33
C PHE MB 15 8.92 -43.23 -0.76
N ALA MB 16 9.32 -43.38 0.51
CA ALA MB 16 10.14 -42.37 1.14
C ALA MB 16 11.50 -42.24 0.44
N ALA MB 17 12.09 -43.38 0.06
CA ALA MB 17 13.35 -43.34 -0.65
C ALA MB 17 13.20 -42.70 -2.03
N ARG MB 18 12.08 -42.98 -2.70
CA ARG MB 18 11.89 -42.42 -4.03
C ARG MB 18 11.64 -40.92 -3.97
N LYS MB 19 10.90 -40.44 -2.97
CA LYS MB 19 10.66 -39.01 -2.87
C LYS MB 19 11.92 -38.28 -2.42
N LYS MB 20 12.75 -38.92 -1.59
CA LYS MB 20 14.05 -38.33 -1.26
C LYS MB 20 14.90 -38.17 -2.51
N TRP MB 21 14.94 -39.19 -3.35
CA TRP MB 21 15.71 -39.11 -4.57
C TRP MB 21 15.22 -37.97 -5.46
N GLY MB 22 13.90 -37.81 -5.56
CA GLY MB 22 13.37 -36.73 -6.37
C GLY MB 22 13.89 -35.37 -5.93
N TRP MB 23 13.85 -35.10 -4.63
CA TRP MB 23 14.34 -33.82 -4.14
C TRP MB 23 15.85 -33.73 -4.28
N ARG MB 24 16.56 -34.83 -4.12
CA ARG MB 24 18.00 -34.80 -4.31
C ARG MB 24 18.36 -34.44 -5.75
N GLN MB 25 17.48 -34.74 -6.70
CA GLN MB 25 17.74 -34.38 -8.08
C GLN MB 25 17.40 -32.92 -8.36
N VAL MB 26 16.43 -32.37 -7.63
CA VAL MB 26 16.18 -30.93 -7.73
C VAL MB 26 17.36 -30.16 -7.16
N TYR MB 27 17.96 -30.66 -6.07
CA TYR MB 27 19.10 -29.97 -5.49
C TYR MB 27 20.33 -30.09 -6.36
N HIS MB 28 20.48 -31.22 -7.05
CA HIS MB 28 21.61 -31.38 -7.96
C HIS MB 28 21.56 -30.36 -9.08
N ARG MB 29 20.36 -30.09 -9.59
CA ARG MB 29 20.17 -29.13 -10.66
C ARG MB 29 20.38 -27.70 -10.22
N MET MB 30 20.46 -27.45 -8.91
CA MET MB 30 20.62 -26.10 -8.39
C MET MB 30 22.05 -25.79 -7.97
N LEU MB 31 22.93 -26.78 -7.96
CA LEU MB 31 24.32 -26.61 -7.58
C LEU MB 31 25.07 -25.66 -8.52
N PRO MB 32 24.80 -25.69 -9.82
CA PRO MB 32 25.52 -24.77 -10.71
C PRO MB 32 25.34 -23.30 -10.37
N PHE MB 33 24.24 -22.92 -9.73
CA PHE MB 33 24.05 -21.52 -9.39
C PHE MB 33 25.10 -20.99 -8.43
N GLN MB 34 25.87 -21.86 -7.79
CA GLN MB 34 26.95 -21.41 -6.93
C GLN MB 34 28.02 -20.66 -7.71
N ILE MB 35 28.19 -20.99 -8.99
CA ILE MB 35 29.26 -20.39 -9.77
C ILE MB 35 29.12 -18.88 -9.82
N ALA MB 36 27.89 -18.38 -9.80
CA ALA MB 36 27.67 -16.94 -9.80
C ALA MB 36 27.44 -16.36 -8.42
N LEU MB 37 26.89 -17.15 -7.49
CA LEU MB 37 26.59 -16.63 -6.16
C LEU MB 37 27.87 -16.30 -5.40
N TYR MB 38 28.81 -17.23 -5.33
CA TYR MB 38 30.00 -17.00 -4.51
C TYR MB 38 30.83 -15.82 -5.00
N PRO MB 39 31.18 -15.71 -6.28
CA PRO MB 39 31.92 -14.52 -6.71
C PRO MB 39 31.15 -13.23 -6.51
N SER MB 40 29.83 -13.24 -6.65
CA SER MB 40 29.07 -12.02 -6.40
C SER MB 40 29.20 -11.59 -4.95
N LEU MB 41 29.18 -12.54 -4.02
CA LEU MB 41 29.37 -12.20 -2.62
C LEU MB 41 30.73 -11.56 -2.38
N MET MB 42 31.80 -12.22 -2.83
CA MET MB 42 33.13 -11.67 -2.63
C MET MB 42 33.29 -10.35 -3.36
N TRP MB 43 32.55 -10.16 -4.45
CA TRP MB 43 32.60 -8.90 -5.18
C TRP MB 43 32.03 -7.77 -4.33
N TYR MB 44 30.92 -8.02 -3.63
CA TYR MB 44 30.32 -7.01 -2.78
C TYR MB 44 31.07 -6.84 -1.46
N LEU MB 45 31.71 -7.89 -0.97
CA LEU MB 45 32.40 -7.84 0.32
C LEU MB 45 33.89 -7.59 0.19
N PHE MB 46 34.36 -7.25 -1.01
CA PHE MB 46 35.80 -7.09 -1.23
C PHE MB 46 36.37 -6.00 -0.34
N GLY MB 47 35.69 -4.86 -0.24
CA GLY MB 47 36.19 -3.76 0.56
C GLY MB 47 36.27 -4.07 2.04
N TRP MB 48 35.61 -5.14 2.49
CA TRP MB 48 35.65 -5.49 3.89
C TRP MB 48 36.96 -6.12 4.32
N PHE MB 49 37.60 -6.87 3.43
CA PHE MB 49 38.80 -7.60 3.79
C PHE MB 49 40.00 -6.66 3.93
N ASP MB 50 41.01 -7.13 4.64
CA ASP MB 50 42.25 -6.39 4.76
C ASP MB 50 43.04 -6.47 3.45
N ASP MB 51 43.95 -5.51 3.29
CA ASP MB 51 44.73 -5.44 2.04
C ASP MB 51 45.45 -6.74 1.74
N PRO MB 52 46.20 -7.34 2.68
CA PRO MB 52 46.88 -8.60 2.34
C PRO MB 52 45.94 -9.69 1.90
N TYR MB 53 44.71 -9.72 2.41
CA TYR MB 53 43.74 -10.70 1.93
C TYR MB 53 43.15 -10.30 0.59
N LYS MB 54 43.05 -9.00 0.30
CA LYS MB 54 42.64 -8.59 -1.04
C LYS MB 54 43.65 -9.08 -2.06
N GLU MB 55 44.94 -8.95 -1.76
CA GLU MB 55 45.96 -9.35 -2.70
C GLU MB 55 45.94 -10.87 -2.92
N ALA MB 56 45.85 -11.64 -1.84
CA ALA MB 56 45.83 -13.09 -1.98
C ALA MB 56 44.56 -13.56 -2.70
N MET MB 57 43.42 -12.96 -2.37
CA MET MB 57 42.16 -13.40 -2.96
C MET MB 57 42.14 -13.20 -4.46
N THR MB 58 42.88 -12.22 -4.97
CA THR MB 58 42.95 -11.95 -6.40
C THR MB 58 44.22 -12.49 -7.03
N LEU MB 59 44.95 -13.35 -6.32
CA LEU MB 59 46.20 -13.92 -6.82
C LEU MB 59 47.23 -12.84 -7.14
N GLY MB 60 47.22 -11.76 -6.38
CA GLY MB 60 48.20 -10.72 -6.54
C GLY MB 60 47.89 -9.72 -7.63
N ILE MB 61 46.81 -9.89 -8.38
CA ILE MB 61 46.46 -8.91 -9.39
C ILE MB 61 46.17 -7.57 -8.75
N TRP MB 62 45.40 -7.57 -7.66
CA TRP MB 62 45.14 -6.37 -6.90
C TRP MB 62 46.19 -6.21 -5.81
N ASN MB 63 46.67 -4.98 -5.65
CA ASN MB 63 47.58 -4.65 -4.56
C ASN MB 63 47.40 -3.17 -4.26
N VAL MB 64 48.22 -2.66 -3.34
CA VAL MB 64 48.07 -1.27 -2.92
C VAL MB 64 48.31 -0.32 -4.08
N SER MB 65 49.22 -0.69 -4.98
CA SER MB 65 49.49 0.17 -6.14
C SER MB 65 48.28 0.30 -7.05
N LYS MB 66 47.33 -0.60 -6.95
CA LYS MB 66 46.15 -0.58 -7.81
C LYS MB 66 45.03 0.29 -7.24
N ARG MB 67 45.20 0.86 -6.07
CA ARG MB 67 44.18 1.75 -5.54
C ARG MB 67 44.10 3.01 -6.40
N SER MB 68 42.91 3.59 -6.46
CA SER MB 68 42.66 4.67 -7.39
C SER MB 68 43.56 5.86 -7.11
N LEU MB 69 43.80 6.65 -8.15
CA LEU MB 69 44.62 7.85 -8.00
C LEU MB 69 44.07 8.76 -6.91
N TYR MB 70 42.77 8.77 -6.71
CA TYR MB 70 42.13 9.57 -5.68
C TYR MB 70 41.40 8.58 -4.76
N PHE MB 71 42.14 8.05 -3.79
CA PHE MB 71 41.58 7.07 -2.88
C PHE MB 71 40.54 7.71 -1.98
N TRP MB 72 39.51 6.93 -1.62
CA TRP MB 72 38.45 7.49 -0.80
C TRP MB 72 38.99 8.06 0.50
N ASP MB 73 40.11 7.56 0.98
CA ASP MB 73 40.85 8.21 2.04
C ASP MB 73 42.01 8.97 1.42
N PRO MB 74 41.84 10.26 1.13
CA PRO MB 74 42.88 10.95 0.36
C PRO MB 74 44.23 10.96 1.03
N LEU MB 75 44.29 10.83 2.34
CA LEU MB 75 45.58 10.75 3.02
C LEU MB 75 46.33 9.46 2.72
N ARG MB 76 45.67 8.46 2.13
CA ARG MB 76 46.30 7.20 1.81
C ARG MB 76 46.37 6.94 0.32
N SER MB 77 46.12 7.95 -0.51
CA SER MB 77 46.35 7.80 -1.94
C SER MB 77 47.83 7.60 -2.20
N GLY MB 78 48.16 6.61 -3.01
CA GLY MB 78 49.55 6.31 -3.29
C GLY MB 78 50.26 5.52 -2.22
N GLY MB 79 49.54 5.01 -1.23
CA GLY MB 79 50.12 4.24 -0.16
C GLY MB 79 49.65 4.73 1.20
N ASP MB 80 49.97 3.92 2.22
CA ASP MB 80 49.55 4.27 3.56
C ASP MB 80 50.26 5.50 4.07
N LYS MB 81 51.46 5.79 3.56
CA LYS MB 81 52.22 6.97 3.95
C LYS MB 81 52.15 8.08 2.91
N GLY MB 82 51.21 7.99 1.96
CA GLY MB 82 51.09 9.01 0.93
C GLY MB 82 52.08 8.80 -0.19
N TRP MB 83 52.02 9.71 -1.16
CA TRP MB 83 52.90 9.60 -2.32
C TRP MB 83 54.36 9.79 -1.94
N TYR MB 84 54.66 10.75 -1.09
CA TYR MB 84 56.03 10.99 -0.68
C TYR MB 84 56.15 11.69 0.67
N PHE NB 1 0.90 -11.15 -4.60
CA PHE NB 1 0.73 -10.10 -5.62
C PHE NB 1 1.58 -10.40 -6.86
N ILE NB 2 1.94 -11.66 -7.04
CA ILE NB 2 2.67 -12.04 -8.24
C ILE NB 2 1.73 -12.23 -9.43
N LEU NB 3 0.45 -12.43 -9.17
CA LEU NB 3 -0.52 -12.49 -10.25
C LEU NB 3 -1.03 -11.11 -10.62
N ILE NB 4 -0.87 -10.13 -9.74
CA ILE NB 4 -1.17 -8.75 -10.11
C ILE NB 4 -0.03 -8.15 -10.93
N ILE NB 5 1.21 -8.49 -10.55
CA ILE NB 5 2.36 -8.07 -11.35
C ILE NB 5 2.29 -8.68 -12.74
N LYS NB 6 1.87 -9.93 -12.85
CA LYS NB 6 1.82 -10.59 -14.15
C LYS NB 6 0.73 -10.01 -15.03
N ASP NB 7 -0.32 -9.46 -14.43
CA ASP NB 7 -1.42 -8.93 -15.21
C ASP NB 7 -1.19 -7.49 -15.65
N ASN NB 8 -0.22 -6.81 -15.03
CA ASN NB 8 0.06 -5.43 -15.34
C ASN NB 8 1.44 -5.19 -15.91
N ILE NB 9 2.28 -6.22 -16.01
CA ILE NB 9 3.60 -6.06 -16.63
C ILE NB 9 3.81 -7.11 -17.72
N ILE NB 10 3.49 -8.37 -17.42
CA ILE NB 10 3.83 -9.44 -18.34
C ILE NB 10 2.79 -9.56 -19.45
N LEU NB 11 1.52 -9.62 -19.08
CA LEU NB 11 0.44 -9.76 -20.05
C LEU NB 11 -0.35 -8.46 -20.22
N TYR NB 12 0.32 -7.33 -20.08
CA TYR NB 12 -0.29 -6.04 -20.33
C TYR NB 12 -0.06 -5.66 -21.79
N ASN NB 13 -1.15 -5.33 -22.49
CA ASN NB 13 -1.13 -5.08 -23.92
C ASN NB 13 -1.14 -3.59 -24.21
N ILE NB 14 -0.29 -3.16 -25.13
CA ILE NB 14 -0.23 -1.77 -25.57
C ILE NB 14 -0.11 -1.76 -27.08
N ASN NB 15 -0.58 -0.68 -27.70
CA ASN NB 15 -0.48 -0.53 -29.15
C ASN NB 15 0.98 -0.50 -29.58
N ASP NB 16 1.23 -1.01 -30.79
CA ASP NB 16 2.58 -1.01 -31.35
C ASP NB 16 2.99 0.35 -31.91
N SER NB 17 2.03 1.22 -32.19
CA SER NB 17 2.31 2.43 -32.95
C SER NB 17 2.76 3.61 -32.08
N ILE NB 18 2.88 3.42 -30.76
CA ILE NB 18 3.27 4.54 -29.90
C ILE NB 18 4.70 4.97 -30.19
N ASN NB 19 4.99 6.23 -29.91
CA ASN NB 19 6.31 6.82 -30.13
C ASN NB 19 7.15 6.71 -28.86
N TYR NB 20 8.33 7.33 -28.88
CA TYR NB 20 9.13 7.46 -27.67
C TYR NB 20 8.54 8.47 -26.70
N LEU NB 21 7.59 9.28 -27.12
CA LEU NB 21 6.93 10.19 -26.20
C LEU NB 21 6.07 9.45 -25.19
N TRP NB 22 5.74 8.20 -25.47
CA TRP NB 22 5.04 7.36 -24.50
C TRP NB 22 5.97 6.73 -23.50
N ASN NB 23 7.27 6.94 -23.62
CA ASN NB 23 8.23 6.44 -22.66
C ASN NB 23 8.47 7.41 -21.52
N ILE NB 24 7.95 8.63 -21.59
CA ILE NB 24 8.23 9.63 -20.58
C ILE NB 24 7.71 9.19 -19.21
N GLY NB 25 6.49 8.65 -19.18
CA GLY NB 25 5.92 8.24 -17.92
C GLY NB 25 6.78 7.24 -17.17
N TYR NB 26 7.33 6.26 -17.89
CA TYR NB 26 8.22 5.28 -17.26
C TYR NB 26 9.44 5.97 -16.66
N ILE NB 27 9.99 6.95 -17.36
CA ILE NB 27 11.15 7.67 -16.84
C ILE NB 27 10.80 8.40 -15.55
N ILE NB 28 9.60 8.99 -15.48
CA ILE NB 28 9.21 9.68 -14.26
C ILE NB 28 9.18 8.71 -13.09
N MET NB 29 8.66 7.51 -13.31
CA MET NB 29 8.51 6.56 -12.21
C MET NB 29 9.87 6.13 -11.68
N VAL NB 30 10.85 5.96 -12.57
CA VAL NB 30 12.15 5.48 -12.16
C VAL NB 30 12.94 6.57 -11.45
N VAL NB 31 12.95 7.78 -12.01
CA VAL NB 31 13.69 8.86 -11.38
C VAL NB 31 13.05 9.25 -10.06
N MET NB 32 11.73 9.08 -9.94
CA MET NB 32 11.07 9.35 -8.67
C MET NB 32 11.58 8.42 -7.58
N ILE NB 33 11.74 7.14 -7.91
CA ILE NB 33 12.27 6.19 -6.93
C ILE NB 33 13.66 6.62 -6.49
N VAL NB 34 14.50 7.02 -7.44
CA VAL NB 34 15.86 7.43 -7.12
C VAL NB 34 15.86 8.63 -6.18
N GLN NB 35 14.97 9.59 -6.42
CA GLN NB 35 14.93 10.78 -5.58
C GLN NB 35 14.54 10.44 -4.15
N VAL NB 36 13.61 9.50 -3.98
CA VAL NB 36 13.23 9.09 -2.64
C VAL NB 36 14.37 8.35 -1.96
N ILE NB 37 15.07 7.47 -2.69
CA ILE NB 37 16.14 6.69 -2.09
C ILE NB 37 17.30 7.59 -1.69
N THR NB 38 17.73 8.47 -2.59
CA THR NB 38 18.85 9.34 -2.26
C THR NB 38 18.48 10.32 -1.15
N GLY NB 39 17.22 10.70 -1.05
CA GLY NB 39 16.81 11.55 0.06
C GLY NB 39 16.94 10.85 1.40
N ILE NB 40 16.47 9.61 1.48
CA ILE NB 40 16.58 8.87 2.74
C ILE NB 40 18.04 8.72 3.14
N ILE NB 41 18.90 8.38 2.18
CA ILE NB 41 20.31 8.21 2.50
C ILE NB 41 20.93 9.54 2.94
N ILE NB 42 20.56 10.63 2.27
CA ILE NB 42 21.14 11.92 2.62
C ILE NB 42 20.76 12.30 4.03
N ASN NB 43 19.59 11.88 4.50
CA ASN NB 43 19.17 12.25 5.85
C ASN NB 43 19.91 11.47 6.91
N LEU NB 44 20.67 10.43 6.55
CA LEU NB 44 21.51 9.75 7.53
C LEU NB 44 22.65 10.63 7.99
N TYR NB 45 22.97 11.68 7.24
CA TYR NB 45 24.11 12.54 7.52
C TYR NB 45 23.73 14.00 7.69
N MET NB 46 22.53 14.38 7.29
CA MET NB 46 22.16 15.78 7.23
C MET NB 46 21.89 16.35 8.62
N ASN NB 47 22.19 17.63 8.78
CA ASN NB 47 21.96 18.36 10.02
C ASN NB 47 20.86 19.39 9.78
N ILE NB 48 19.73 19.21 10.47
CA ILE NB 48 18.60 20.12 10.27
C ILE NB 48 18.76 21.41 11.05
N ASN NB 49 19.63 21.45 12.06
CA ASN NB 49 19.83 22.69 12.79
C ASN NB 49 20.58 23.71 11.97
N ASN NB 50 21.39 23.26 11.01
CA ASN NB 50 22.08 24.19 10.12
C ASN NB 50 22.25 23.48 8.77
N GLY NB 51 21.29 23.68 7.88
CA GLY NB 51 21.37 23.04 6.58
C GLY NB 51 22.57 23.49 5.78
N TYR NB 52 23.04 24.70 6.02
CA TYR NB 52 24.21 25.20 5.31
C TYR NB 52 25.44 24.38 5.64
N LYS NB 53 25.66 24.08 6.92
CA LYS NB 53 26.83 23.32 7.32
C LYS NB 53 26.66 21.83 7.09
N GLY NB 54 25.42 21.34 6.99
CA GLY NB 54 25.22 19.95 6.67
C GLY NB 54 25.66 19.61 5.25
N ILE NB 55 25.31 20.47 4.30
CA ILE NB 55 25.69 20.20 2.91
C ILE NB 55 27.21 20.18 2.78
N ILE NB 56 27.89 21.13 3.40
CA ILE NB 56 29.35 21.13 3.37
C ILE NB 56 29.89 19.84 3.97
N TYR NB 57 29.32 19.41 5.08
CA TYR NB 57 29.79 18.19 5.73
C TYR NB 57 29.61 16.97 4.84
N ILE NB 58 28.48 16.89 4.13
CA ILE NB 58 28.26 15.75 3.26
C ILE NB 58 29.22 15.77 2.09
N ILE NB 59 29.45 16.94 1.49
CA ILE NB 59 30.27 17.01 0.29
C ILE NB 59 31.73 16.70 0.60
N LYS NB 60 32.22 17.14 1.76
CA LYS NB 60 33.63 17.02 2.09
C LYS NB 60 33.98 15.78 2.91
N GLU NB 61 33.17 15.44 3.92
CA GLU NB 61 33.58 14.43 4.90
C GLU NB 61 33.03 13.05 4.61
N ILE NB 62 31.85 12.94 4.05
CA ILE NB 62 31.23 11.64 3.81
C ILE NB 62 31.85 11.04 2.55
N TYR NB 63 32.10 9.74 2.57
CA TYR NB 63 32.68 9.07 1.42
C TYR NB 63 31.63 8.95 0.33
N TYR NB 64 31.90 9.55 -0.82
CA TYR NB 64 30.96 9.60 -1.92
C TYR NB 64 29.70 10.36 -1.56
N GLY NB 65 29.79 11.26 -0.59
CA GLY NB 65 28.66 12.10 -0.24
C GLY NB 65 28.36 13.16 -1.27
N TYR NB 66 29.35 13.52 -2.09
CA TYR NB 66 29.08 14.46 -3.17
C TYR NB 66 28.10 13.86 -4.17
N ILE NB 67 28.16 12.54 -4.38
CA ILE NB 67 27.23 11.92 -5.31
C ILE NB 67 25.81 12.07 -4.82
N LEU NB 68 25.59 11.83 -3.53
CA LEU NB 68 24.25 11.98 -2.96
C LEU NB 68 23.77 13.42 -3.06
N ARG NB 69 24.65 14.37 -2.77
CA ARG NB 69 24.25 15.77 -2.78
C ARG NB 69 23.86 16.22 -4.17
N TYR NB 70 24.68 15.91 -5.16
CA TYR NB 70 24.44 16.40 -6.52
C TYR NB 70 23.33 15.62 -7.20
N ILE NB 71 23.22 14.32 -6.94
CA ILE NB 71 22.13 13.55 -7.54
C ILE NB 71 20.79 14.09 -7.07
N HIS NB 72 20.67 14.34 -5.76
CA HIS NB 72 19.39 14.80 -5.24
C HIS NB 72 19.03 16.16 -5.81
N ASN NB 73 19.99 17.07 -5.91
CA ASN NB 73 19.71 18.38 -6.50
C ASN NB 73 19.45 18.26 -7.99
N ASN NB 74 20.29 17.54 -8.72
CA ASN NB 74 20.14 17.48 -10.17
C ASN NB 74 18.98 16.61 -10.59
N ASN NB 75 18.71 15.54 -9.85
CA ASN NB 75 17.60 14.67 -10.22
C ASN NB 75 16.26 15.37 -10.00
N SER NB 76 16.21 16.34 -9.09
CA SER NB 76 14.98 17.12 -8.95
C SER NB 76 14.73 17.95 -10.19
N THR NB 77 15.78 18.52 -10.78
CA THR NB 77 15.65 19.20 -12.06
C THR NB 77 15.16 18.25 -13.13
N LEU NB 78 15.68 17.02 -13.15
CA LEU NB 78 15.25 16.05 -14.14
C LEU NB 78 13.80 15.63 -13.91
N ILE NB 79 13.36 15.57 -12.66
CA ILE NB 79 11.98 15.20 -12.38
C ILE NB 79 11.02 16.22 -12.97
N TYR NB 80 11.36 17.50 -12.88
CA TYR NB 80 10.47 18.53 -13.40
C TYR NB 80 10.54 18.61 -14.92
N VAL NB 81 11.72 18.42 -15.50
CA VAL NB 81 11.84 18.42 -16.95
C VAL NB 81 10.99 17.30 -17.54
N VAL NB 82 11.10 16.10 -16.98
CA VAL NB 82 10.38 14.97 -17.54
C VAL NB 82 8.89 15.13 -17.29
N VAL NB 83 8.51 15.62 -16.13
CA VAL NB 83 7.08 15.80 -15.84
C VAL NB 83 6.48 16.88 -16.73
N TYR NB 84 7.17 18.01 -16.89
CA TYR NB 84 6.66 19.06 -17.76
C TYR NB 84 6.57 18.57 -19.20
N LEU NB 85 7.55 17.81 -19.67
CA LEU NB 85 7.48 17.27 -21.02
C LEU NB 85 6.30 16.30 -21.15
N HIS NB 86 6.00 15.56 -20.09
CA HIS NB 86 4.83 14.68 -20.09
C HIS NB 86 3.55 15.49 -20.17
N ILE NB 87 3.50 16.62 -19.48
CA ILE NB 87 2.35 17.51 -19.57
C ILE NB 87 2.20 18.05 -20.98
N ILE NB 88 3.30 18.50 -21.59
CA ILE NB 88 3.25 18.99 -22.96
C ILE NB 88 2.78 17.90 -23.90
N ARG NB 89 3.26 16.69 -23.69
CA ARG NB 89 2.86 15.55 -24.50
C ARG NB 89 1.34 15.34 -24.42
N ASN NB 90 0.81 15.35 -23.20
CA ASN NB 90 -0.62 15.12 -23.01
C ASN NB 90 -1.44 16.24 -23.66
N LEU NB 91 -0.94 17.48 -23.59
CA LEU NB 91 -1.65 18.59 -24.21
C LEU NB 91 -1.67 18.46 -25.73
N TYR NB 92 -0.56 17.98 -26.31
CA TYR NB 92 -0.45 17.92 -27.76
C TYR NB 92 -1.43 16.91 -28.35
N TYR NB 93 -1.47 15.71 -27.80
CA TYR NB 93 -2.38 14.68 -28.28
C TYR NB 93 -3.76 14.76 -27.66
N LYS NB 94 -3.99 15.71 -26.76
CA LYS NB 94 -5.29 15.87 -26.13
C LYS NB 94 -5.76 14.56 -25.51
N THR NB 95 -4.86 13.92 -24.79
CA THR NB 95 -5.19 12.68 -24.11
C THR NB 95 -6.22 12.88 -23.01
N TYR NB 96 -6.43 14.13 -22.57
CA TYR NB 96 -7.42 14.42 -21.55
C TYR NB 96 -8.84 14.34 -22.07
N TYR NB 97 -9.04 14.23 -23.38
CA TYR NB 97 -10.38 14.32 -23.93
C TYR NB 97 -11.25 13.18 -23.44
N TYR NB 98 -10.74 11.95 -23.50
CA TYR NB 98 -11.46 10.79 -23.00
C TYR NB 98 -10.89 10.22 -21.71
N ASN NB 99 -9.59 10.31 -21.50
CA ASN NB 99 -8.97 9.80 -20.30
C ASN NB 99 -8.80 10.89 -19.26
N ILE NB 100 -9.91 11.55 -18.92
CA ILE NB 100 -9.85 12.67 -18.00
C ILE NB 100 -9.46 12.18 -16.60
N LEU NB 101 -9.93 11.01 -16.20
CA LEU NB 101 -9.56 10.48 -14.89
C LEU NB 101 -8.05 10.31 -14.79
N ILE NB 102 -7.40 9.90 -15.86
CA ILE NB 102 -5.94 9.86 -15.85
C ILE NB 102 -5.37 11.26 -15.68
N TRP NB 103 -5.97 12.24 -16.36
CA TRP NB 103 -5.50 13.61 -16.24
C TRP NB 103 -5.69 14.14 -14.82
N TYR NB 104 -6.83 13.82 -14.19
CA TYR NB 104 -7.05 14.27 -12.82
C TYR NB 104 -6.07 13.64 -11.86
N SER NB 105 -5.84 12.33 -11.98
CA SER NB 105 -4.88 11.68 -11.10
C SER NB 105 -3.49 12.28 -11.27
N GLY NB 106 -3.13 12.62 -12.51
CA GLY NB 106 -1.83 13.23 -12.72
C GLY NB 106 -1.73 14.60 -12.10
N MET NB 107 -2.76 15.42 -12.23
CA MET NB 107 -2.69 16.79 -11.71
C MET NB 107 -2.48 16.80 -10.21
N ILE NB 108 -3.08 15.84 -9.51
CA ILE NB 108 -2.84 15.74 -8.07
C ILE NB 108 -1.36 15.55 -7.79
N MET NB 109 -0.70 14.66 -8.53
CA MET NB 109 0.73 14.48 -8.36
C MET NB 109 1.50 15.74 -8.71
N LEU NB 110 1.01 16.51 -9.69
CA LEU NB 110 1.64 17.77 -10.00
C LEU NB 110 1.53 18.73 -8.82
N TYR NB 111 0.35 18.81 -8.21
CA TYR NB 111 0.19 19.73 -7.09
C TYR NB 111 1.10 19.34 -5.93
N GLN NB 112 1.18 18.05 -5.64
CA GLN NB 112 2.06 17.60 -4.57
C GLN NB 112 3.51 17.90 -4.88
N LEU NB 113 3.92 17.66 -6.12
CA LEU NB 113 5.32 17.87 -6.50
C LEU NB 113 5.72 19.32 -6.29
N ILE NB 114 4.83 20.26 -6.59
CA ILE NB 114 5.14 21.66 -6.42
C ILE NB 114 5.50 21.96 -4.98
N ILE NB 115 4.72 21.42 -4.04
CA ILE NB 115 5.01 21.64 -2.63
C ILE NB 115 6.30 20.94 -2.22
N ILE NB 116 6.50 19.71 -2.71
CA ILE NB 116 7.70 18.96 -2.34
C ILE NB 116 8.94 19.72 -2.75
N GLY NB 117 9.00 20.16 -4.01
CA GLY NB 117 10.21 20.77 -4.51
C GLY NB 117 10.52 22.08 -3.81
N PHE NB 118 9.50 22.88 -3.52
CA PHE NB 118 9.74 24.19 -2.93
C PHE NB 118 10.32 24.05 -1.52
N ILE NB 119 9.69 23.24 -0.68
CA ILE NB 119 10.19 23.10 0.68
C ILE NB 119 11.60 22.55 0.68
N GLY NB 120 11.87 21.58 -0.20
CA GLY NB 120 13.22 21.05 -0.29
C GLY NB 120 14.23 22.12 -0.60
N TYR NB 121 13.89 23.03 -1.50
CA TYR NB 121 14.77 24.16 -1.79
C TYR NB 121 15.07 24.95 -0.54
N ILE NB 122 14.08 25.10 0.35
CA ILE NB 122 14.29 25.84 1.59
C ILE NB 122 15.28 25.12 2.49
N LEU NB 123 15.29 23.78 2.47
CA LEU NB 123 16.15 23.02 3.35
C LEU NB 123 17.63 23.28 3.09
N GLY NB 124 17.97 23.83 1.93
CA GLY NB 124 19.36 24.20 1.69
C GLY NB 124 19.85 25.22 2.70
N TRP NB 125 18.98 26.14 3.11
CA TRP NB 125 19.30 27.12 4.15
C TRP NB 125 20.38 28.09 3.68
N GLY NB 126 20.23 28.60 2.46
CA GLY NB 126 21.05 29.67 1.95
C GLY NB 126 20.28 30.98 1.83
N GLN NB 127 20.94 31.96 1.24
CA GLN NB 127 20.31 33.27 1.10
C GLN NB 127 19.00 33.18 0.33
N LEU NB 128 19.01 32.54 -0.84
CA LEU NB 128 17.79 32.44 -1.62
C LEU NB 128 16.72 31.63 -0.90
N SER NB 129 17.13 30.57 -0.22
CA SER NB 129 16.17 29.77 0.53
C SER NB 129 15.43 30.61 1.56
N TYR NB 130 16.17 31.34 2.39
CA TYR NB 130 15.54 32.14 3.44
C TYR NB 130 14.64 33.21 2.84
N TRP NB 131 15.15 33.92 1.83
CA TRP NB 131 14.39 35.04 1.29
C TRP NB 131 13.28 34.60 0.36
N GLY NB 132 13.42 33.44 -0.29
CA GLY NB 132 12.34 32.95 -1.12
C GLY NB 132 11.10 32.61 -0.32
N ILE NB 133 11.28 31.88 0.78
CA ILE NB 133 10.13 31.49 1.60
C ILE NB 133 9.56 32.71 2.31
N THR NB 134 10.39 33.67 2.70
CA THR NB 134 9.89 34.88 3.31
C THR NB 134 8.96 35.63 2.39
N VAL NB 135 9.31 35.70 1.10
CA VAL NB 135 8.49 36.43 0.15
C VAL NB 135 7.19 35.69 -0.12
N ILE NB 136 7.26 34.38 -0.32
CA ILE NB 136 6.07 33.63 -0.69
C ILE NB 136 5.08 33.58 0.47
N ILE NB 137 5.59 33.44 1.70
CA ILE NB 137 4.70 33.33 2.85
C ILE NB 137 3.94 34.62 3.07
N ASN NB 138 4.51 35.77 2.70
CA ASN NB 138 3.80 37.02 2.86
C ASN NB 138 2.56 37.11 1.97
N LEU NB 139 2.42 36.24 0.98
CA LEU NB 139 1.23 36.28 0.14
C LEU NB 139 -0.02 35.96 0.93
N ILE NB 140 0.09 35.16 1.98
CA ILE NB 140 -1.05 34.77 2.78
C ILE NB 140 -1.14 35.64 4.04
N SER NB 141 -0.47 36.78 4.07
CA SER NB 141 -0.57 37.66 5.23
C SER NB 141 -1.98 38.22 5.40
N GLY NB 142 -2.82 38.14 4.39
CA GLY NB 142 -4.19 38.61 4.53
C GLY NB 142 -4.97 37.82 5.56
N ILE NB 143 -4.80 36.51 5.57
CA ILE NB 143 -5.49 35.64 6.52
C ILE NB 143 -4.90 35.86 7.90
N PRO NB 144 -5.68 36.28 8.89
CA PRO NB 144 -5.09 36.63 10.20
C PRO NB 144 -4.40 35.44 10.85
N TYR NB 145 -3.29 35.73 11.52
CA TYR NB 145 -2.56 34.77 12.36
C TYR NB 145 -2.21 33.49 11.63
N LEU NB 146 -2.28 33.46 10.30
CA LEU NB 146 -1.94 32.25 9.59
C LEU NB 146 -0.43 32.11 9.40
N ILE NB 147 0.26 33.24 9.20
CA ILE NB 147 1.70 33.20 9.03
C ILE NB 147 2.38 32.74 10.31
N LEU NB 148 1.90 33.22 11.46
CA LEU NB 148 2.52 32.84 12.73
C LEU NB 148 2.40 31.35 12.98
N LEU NB 149 1.23 30.77 12.69
CA LEU NB 149 1.05 29.34 12.92
C LEU NB 149 1.96 28.53 12.01
N ILE NB 150 2.13 28.96 10.75
CA ILE NB 150 2.92 28.19 9.81
C ILE NB 150 4.40 28.32 10.13
N SER NB 151 4.88 29.53 10.35
CA SER NB 151 6.30 29.74 10.59
C SER NB 151 6.73 29.30 11.98
N GLY NB 152 5.82 29.33 12.94
CA GLY NB 152 6.18 29.00 14.30
C GLY NB 152 6.93 30.08 15.03
N ASN NB 153 7.09 31.24 14.42
CA ASN NB 153 7.75 32.39 15.02
C ASN NB 153 7.31 33.62 14.24
N TYR NB 154 7.89 34.76 14.55
CA TYR NB 154 7.59 35.97 13.80
C TYR NB 154 8.50 36.15 12.59
N TYR NB 155 9.49 35.28 12.43
CA TYR NB 155 10.35 35.26 11.26
C TYR NB 155 10.74 33.82 11.04
N ILE NB 156 11.17 33.51 9.82
CA ILE NB 156 11.54 32.14 9.51
C ILE NB 156 12.78 31.76 10.30
N THR NB 157 12.75 30.58 10.93
CA THR NB 157 13.83 30.12 11.79
C THR NB 157 13.97 28.62 11.62
N ILE NB 158 14.84 28.02 12.43
CA ILE NB 158 14.97 26.57 12.41
C ILE NB 158 13.66 25.90 12.83
N VAL NB 159 12.84 26.60 13.61
CA VAL NB 159 11.53 26.07 13.95
C VAL NB 159 10.74 25.77 12.68
N THR NB 160 10.79 26.70 11.71
CA THR NB 160 10.10 26.46 10.45
C THR NB 160 10.74 25.32 9.68
N ILE NB 161 12.06 25.23 9.74
CA ILE NB 161 12.76 24.19 9.00
C ILE NB 161 12.37 22.82 9.51
N LYS NB 162 12.25 22.68 10.83
CA LYS NB 162 11.95 21.38 11.40
C LYS NB 162 10.60 20.86 10.91
N ARG NB 163 9.60 21.73 10.86
CA ARG NB 163 8.28 21.26 10.46
C ARG NB 163 8.20 21.06 8.94
N LEU NB 164 8.83 21.91 8.16
CA LEU NB 164 8.83 21.72 6.72
C LEU NB 164 9.57 20.46 6.32
N TYR NB 165 10.58 20.08 7.10
CA TYR NB 165 11.33 18.86 6.81
C TYR NB 165 10.42 17.63 6.89
N ILE NB 166 9.49 17.63 7.84
CA ILE NB 166 8.60 16.47 7.98
C ILE NB 166 7.68 16.37 6.78
N VAL NB 167 7.23 17.51 6.26
CA VAL NB 167 6.39 17.48 5.06
C VAL NB 167 7.19 16.98 3.87
N HIS NB 168 8.45 17.39 3.79
CA HIS NB 168 9.30 16.96 2.67
C HIS NB 168 9.62 15.49 2.77
N PHE NB 169 9.70 14.94 3.97
CA PHE NB 169 10.00 13.53 4.16
C PHE NB 169 8.80 12.66 3.80
N ILE NB 170 7.59 13.11 4.13
CA ILE NB 170 6.41 12.27 4.07
C ILE NB 170 5.63 12.47 2.79
N LEU NB 171 5.48 13.71 2.34
CA LEU NB 171 4.65 13.96 1.16
C LEU NB 171 5.11 13.17 -0.06
N PRO NB 172 6.40 13.03 -0.35
CA PRO NB 172 6.80 12.21 -1.51
C PRO NB 172 6.32 10.78 -1.42
N ILE NB 173 6.19 10.23 -0.22
CA ILE NB 173 5.67 8.87 -0.08
C ILE NB 173 4.20 8.82 -0.48
N ILE NB 174 3.44 9.84 -0.12
CA ILE NB 174 2.05 9.90 -0.56
C ILE NB 174 1.98 10.05 -2.07
N LEU NB 175 2.90 10.81 -2.66
CA LEU NB 175 2.91 10.95 -4.11
C LEU NB 175 3.06 9.60 -4.79
N ILE NB 176 3.90 8.72 -4.23
CA ILE NB 176 4.08 7.40 -4.81
C ILE NB 176 2.77 6.62 -4.78
N TYR NB 177 1.99 6.80 -3.72
CA TYR NB 177 0.69 6.13 -3.67
C TYR NB 177 -0.23 6.62 -4.78
N VAL NB 178 -0.23 7.92 -5.04
CA VAL NB 178 -1.07 8.44 -6.10
C VAL NB 178 -0.62 7.90 -7.45
N GLU NB 179 0.65 7.55 -7.59
CA GLU NB 179 1.13 6.95 -8.83
C GLU NB 179 0.44 5.62 -9.10
N ILE NB 180 -0.04 4.94 -8.06
CA ILE NB 180 -0.73 3.68 -8.25
C ILE NB 180 -2.15 3.92 -8.75
N ILE NB 181 -2.80 4.99 -8.31
CA ILE NB 181 -4.10 5.35 -8.85
C ILE NB 181 -3.97 5.76 -10.31
N HIS NB 182 -2.87 6.43 -10.63
CA HIS NB 182 -2.61 6.85 -12.00
C HIS NB 182 -2.42 5.64 -12.91
N VAL NB 183 -1.65 4.65 -12.45
CA VAL NB 183 -1.42 3.46 -13.24
C VAL NB 183 -2.67 2.59 -13.28
N TYR NB 184 -3.47 2.59 -12.20
CA TYR NB 184 -4.71 1.84 -12.25
C TYR NB 184 -5.63 2.36 -13.34
N TYR NB 185 -5.75 3.69 -13.44
CA TYR NB 185 -6.64 4.27 -14.44
C TYR NB 185 -6.08 4.10 -15.85
N ILE NB 186 -4.75 4.10 -15.99
CA ILE NB 186 -4.15 3.90 -17.29
C ILE NB 186 -4.43 2.49 -17.79
N HIS NB 187 -4.30 1.50 -16.91
CA HIS NB 187 -4.51 0.11 -17.32
C HIS NB 187 -5.98 -0.20 -17.56
N TYR NB 188 -6.88 0.43 -16.82
CA TYR NB 188 -8.31 0.22 -17.06
C TYR NB 188 -8.78 1.04 -18.24
N LEU NB 189 -8.59 2.34 -18.20
CA LEU NB 189 -8.89 3.22 -19.34
C LEU NB 189 -7.68 3.14 -20.26
N ILE NB 190 -7.82 2.41 -21.36
CA ILE NB 190 -6.67 2.10 -22.19
C ILE NB 190 -6.00 3.39 -22.68
N ASN NB 191 -4.70 3.31 -22.93
CA ASN NB 191 -3.94 4.46 -23.36
C ASN NB 191 -4.35 4.92 -24.75
N ASN NB 192 -4.06 6.18 -25.05
CA ASN NB 192 -4.29 6.70 -26.39
C ASN NB 192 -3.16 6.28 -27.33
N ASN NB 193 -3.42 6.43 -28.60
CA ASN NB 193 -2.49 6.07 -29.65
C ASN NB 193 -2.16 7.30 -30.49
N ILE NB 194 -1.15 7.17 -31.34
CA ILE NB 194 -0.80 8.29 -32.21
C ILE NB 194 -1.92 8.57 -33.21
N VAL NB 195 -2.73 7.57 -33.54
CA VAL NB 195 -3.90 7.79 -34.37
C VAL NB 195 -5.10 8.00 -33.46
N GLU NB 196 -6.13 8.68 -34.00
CA GLU NB 196 -7.29 9.01 -33.18
C GLU NB 196 -8.07 7.77 -32.76
N TYR NB 197 -8.21 6.82 -33.66
CA TYR NB 197 -9.11 5.70 -33.45
C TYR NB 197 -8.44 4.58 -32.68
N ASN NB 198 -9.22 3.55 -32.35
CA ASN NB 198 -8.75 2.39 -31.61
C ASN NB 198 -8.61 1.21 -32.56
N VAL NB 199 -7.43 0.61 -32.58
CA VAL NB 199 -7.07 -0.38 -33.60
C VAL NB 199 -6.49 -1.61 -32.91
N ASN NB 200 -6.53 -2.73 -33.64
CA ASN NB 200 -6.18 -4.04 -33.10
C ASN NB 200 -4.73 -4.39 -33.45
N ASN NB 201 -3.80 -3.78 -32.72
CA ASN NB 201 -2.38 -4.03 -32.97
C ASN NB 201 -1.57 -4.05 -31.69
N LYS NB 202 -2.15 -4.51 -30.58
CA LYS NB 202 -1.46 -4.45 -29.30
C LYS NB 202 -0.49 -5.61 -29.11
N ILE NB 203 0.59 -5.35 -28.37
CA ILE NB 203 1.60 -6.34 -28.04
C ILE NB 203 1.90 -6.26 -26.55
N ILE NB 204 2.45 -7.35 -26.00
CA ILE NB 204 2.70 -7.41 -24.58
C ILE NB 204 3.82 -6.45 -24.18
N PHE NB 205 3.79 -6.02 -22.92
CA PHE NB 205 4.64 -4.93 -22.48
C PHE NB 205 6.06 -5.39 -22.17
N ASN NB 206 6.20 -6.52 -21.50
CA ASN NB 206 7.52 -6.90 -20.97
C ASN NB 206 8.52 -7.17 -22.07
N ASN NB 207 8.10 -7.86 -23.13
CA ASN NB 207 9.05 -8.27 -24.16
C ASN NB 207 9.35 -7.17 -25.17
N TYR NB 208 8.47 -6.20 -25.36
CA TYR NB 208 8.66 -5.18 -26.38
C TYR NB 208 8.72 -3.77 -25.80
N ILE NB 209 7.71 -3.35 -25.04
CA ILE NB 209 7.67 -1.96 -24.61
C ILE NB 209 8.73 -1.69 -23.55
N LEU NB 210 8.98 -2.65 -22.67
CA LEU NB 210 9.96 -2.44 -21.62
C LEU NB 210 11.37 -2.33 -22.19
N VAL NB 211 11.67 -3.09 -23.24
CA VAL NB 211 12.98 -2.98 -23.88
C VAL NB 211 13.14 -1.60 -24.50
N LYS NB 212 12.11 -1.10 -25.17
CA LYS NB 212 12.16 0.23 -25.75
C LYS NB 212 12.22 1.30 -24.66
N ASP NB 213 11.48 1.10 -23.56
CA ASP NB 213 11.52 2.06 -22.46
C ASP NB 213 12.89 2.10 -21.81
N ASN NB 214 13.56 0.96 -21.70
CA ASN NB 214 14.91 0.95 -21.14
C ASN NB 214 15.87 1.68 -22.06
N ASN NB 215 15.71 1.52 -23.37
CA ASN NB 215 16.57 2.22 -24.30
C ASN NB 215 16.44 3.72 -24.12
N GLY NB 216 15.22 4.20 -23.94
CA GLY NB 216 15.02 5.62 -23.69
C GLY NB 216 15.59 6.07 -22.37
N ILE NB 217 15.39 5.28 -21.31
CA ILE NB 217 15.85 5.70 -20.00
C ILE NB 217 17.37 5.61 -19.89
N ILE NB 218 18.01 4.75 -20.68
CA ILE NB 218 19.46 4.69 -20.69
C ILE NB 218 20.03 5.85 -21.50
N PHE NB 219 19.32 6.29 -22.53
CA PHE NB 219 19.74 7.45 -23.28
C PHE NB 219 19.64 8.72 -22.44
N ILE NB 220 18.59 8.83 -21.63
CA ILE NB 220 18.49 9.98 -20.74
C ILE NB 220 19.53 9.89 -19.63
N LEU NB 221 19.96 8.68 -19.28
CA LEU NB 221 20.96 8.55 -18.24
C LEU NB 221 22.33 9.01 -18.73
N ASN NB 222 22.64 8.77 -20.00
CA ASN NB 222 23.89 9.26 -20.54
C ASN NB 222 23.97 10.77 -20.46
N ILE NB 223 22.84 11.44 -20.61
CA ILE NB 223 22.80 12.89 -20.51
C ILE NB 223 22.83 13.32 -19.05
N PHE NB 224 22.13 12.60 -18.19
CA PHE NB 224 22.08 12.99 -16.77
C PHE NB 224 23.42 12.78 -16.09
N ILE NB 225 24.20 11.80 -16.54
CA ILE NB 225 25.50 11.57 -15.91
C ILE NB 225 26.48 12.67 -16.30
N LEU NB 226 26.37 13.19 -17.52
CA LEU NB 226 27.22 14.31 -17.91
C LEU NB 226 26.92 15.54 -17.09
N GLU NB 227 25.64 15.87 -16.92
CA GLU NB 227 25.27 17.00 -16.07
C GLU NB 227 25.66 16.73 -14.62
N LEU NB 228 25.49 15.49 -14.16
CA LEU NB 228 25.74 15.19 -12.75
C LEU NB 228 27.19 15.43 -12.39
N ASN NB 229 28.12 15.03 -13.25
CA ASN NB 229 29.53 15.09 -12.92
C ASN NB 229 30.24 16.34 -13.42
N ASN NB 230 29.66 17.06 -14.38
CA ASN NB 230 30.37 18.18 -14.99
C ASN NB 230 29.55 19.46 -15.09
N ASN NB 231 28.27 19.44 -14.76
CA ASN NB 231 27.49 20.68 -14.70
C ASN NB 231 27.53 21.41 -16.03
N ILE NB 232 27.15 20.71 -17.10
CA ILE NB 232 27.15 21.34 -18.42
C ILE NB 232 26.06 22.40 -18.54
N PHE NB 233 25.00 22.32 -17.74
CA PHE NB 233 23.95 23.32 -17.71
C PHE NB 233 23.88 23.89 -16.29
N ILE NB 234 23.77 25.21 -16.18
CA ILE NB 234 23.56 25.84 -14.88
C ILE NB 234 22.09 25.65 -14.50
N ILE NB 235 21.84 24.73 -13.57
CA ILE NB 235 20.48 24.45 -13.12
C ILE NB 235 20.27 24.82 -11.66
N ALA NB 236 21.30 25.27 -10.96
CA ALA NB 236 21.16 25.73 -9.58
C ALA NB 236 21.80 27.10 -9.46
N ASP NB 237 21.04 28.06 -8.94
CA ASP NB 237 21.56 29.41 -8.78
C ASP NB 237 22.66 29.42 -7.74
N ASN NB 238 23.72 30.19 -8.02
CA ASN NB 238 24.87 30.22 -7.12
C ASN NB 238 24.57 30.98 -5.83
N ASP NB 239 23.57 31.85 -5.82
CA ASP NB 239 23.32 32.69 -4.67
C ASP NB 239 22.91 31.90 -3.44
N ASN NB 240 22.55 30.63 -3.58
CA ASN NB 240 22.15 29.83 -2.44
C ASN NB 240 23.33 29.26 -1.69
N LEU NB 241 24.56 29.54 -2.11
CA LEU NB 241 25.75 29.18 -1.36
C LEU NB 241 26.25 30.31 -0.48
N ILE NB 242 25.51 31.39 -0.39
CA ILE NB 242 25.83 32.48 0.53
C ILE NB 242 25.08 32.25 1.84
N GLU NB 243 25.77 32.49 2.95
CA GLU NB 243 25.16 32.33 4.26
C GLU NB 243 24.04 33.34 4.46
N ILE NB 244 23.00 32.92 5.19
CA ILE NB 244 21.81 33.73 5.36
C ILE NB 244 22.14 34.98 6.16
N ASN NB 245 21.64 36.12 5.69
CA ASN NB 245 21.70 37.38 6.41
C ASN NB 245 20.31 37.98 6.38
N ILE NB 246 19.64 38.05 7.53
CA ILE NB 246 18.24 38.46 7.55
C ILE NB 246 18.08 39.95 7.37
N LEU NB 247 19.16 40.72 7.41
CA LEU NB 247 19.07 42.16 7.26
C LEU NB 247 19.39 42.63 5.84
N VAL NB 248 20.05 41.82 5.03
CA VAL NB 248 20.48 42.20 3.69
C VAL NB 248 19.87 41.24 2.70
N THR NB 249 19.22 41.77 1.67
CA THR NB 249 18.65 40.93 0.64
C THR NB 249 19.71 40.58 -0.41
N PRO NB 250 19.56 39.44 -1.07
CA PRO NB 250 20.50 39.10 -2.14
C PRO NB 250 20.27 39.94 -3.39
N ILE NB 251 21.11 39.75 -4.40
CA ILE NB 251 20.99 40.55 -5.62
C ILE NB 251 19.63 40.34 -6.26
N HIS NB 252 19.19 39.09 -6.34
CA HIS NB 252 17.87 38.78 -6.86
C HIS NB 252 17.28 37.65 -6.03
N ILE NB 253 15.96 37.59 -5.96
CA ILE NB 253 15.25 36.59 -5.18
C ILE NB 253 14.38 35.80 -6.14
N ILE NB 254 14.88 34.64 -6.57
CA ILE NB 254 14.17 33.81 -7.55
C ILE NB 254 14.25 32.37 -7.14
N PRO NB 255 13.27 31.58 -7.54
CA PRO NB 255 13.32 30.15 -7.25
C PRO NB 255 14.13 29.38 -8.28
N GLU NB 256 14.09 28.05 -8.18
CA GLU NB 256 14.69 27.21 -9.20
C GLU NB 256 14.03 27.47 -10.56
N TRP NB 257 14.69 26.99 -11.62
CA TRP NB 257 14.20 27.25 -12.96
C TRP NB 257 12.77 26.75 -13.15
N TYR NB 258 12.39 25.68 -12.47
CA TYR NB 258 11.10 25.07 -12.73
C TYR NB 258 9.94 25.78 -12.04
N TYR NB 259 10.22 26.85 -11.28
CA TYR NB 259 9.19 27.70 -10.71
C TYR NB 259 9.16 29.08 -11.35
N LEU NB 260 9.98 29.29 -12.38
CA LEU NB 260 10.10 30.63 -12.96
C LEU NB 260 8.79 31.09 -13.58
N TYR NB 261 8.04 30.17 -14.19
CA TYR NB 261 6.81 30.57 -14.85
C TYR NB 261 5.85 31.21 -13.86
N TRP NB 262 5.66 30.56 -12.71
CA TRP NB 262 4.76 31.12 -11.71
C TRP NB 262 5.36 32.34 -11.04
N TYR NB 263 6.69 32.39 -10.92
CA TYR NB 263 7.32 33.55 -10.30
C TYR NB 263 7.06 34.81 -11.10
N SER NB 264 7.14 34.72 -12.42
CA SER NB 264 6.94 35.90 -13.26
C SER NB 264 5.50 36.38 -13.21
N ILE NB 265 4.55 35.46 -13.13
CA ILE NB 265 3.14 35.85 -13.05
C ILE NB 265 2.92 36.78 -11.86
N LEU NB 266 3.48 36.43 -10.70
CA LEU NB 266 3.35 37.29 -9.54
C LEU NB 266 4.06 38.62 -9.75
N LYS NB 267 5.29 38.56 -10.25
CA LYS NB 267 6.07 39.76 -10.45
C LYS NB 267 5.43 40.71 -11.45
N LEU NB 268 4.56 40.21 -12.32
CA LEU NB 268 3.98 41.02 -13.39
C LEU NB 268 2.71 41.75 -12.94
N LEU NB 269 1.77 41.02 -12.37
CA LEU NB 269 0.50 41.62 -11.99
C LEU NB 269 0.70 42.59 -10.84
N PRO NB 270 0.04 43.76 -10.86
CA PRO NB 270 0.30 44.76 -9.84
C PRO NB 270 -0.21 44.37 -8.45
N ASN NB 271 -1.43 43.88 -8.36
CA ASN NB 271 -1.98 43.47 -7.07
C ASN NB 271 -1.45 42.10 -6.68
N LYS NB 272 -1.04 41.96 -5.43
CA LYS NB 272 -0.44 40.71 -4.99
C LYS NB 272 -1.43 39.56 -5.10
N TYR NB 273 -2.66 39.77 -4.65
CA TYR NB 273 -3.64 38.69 -4.66
C TYR NB 273 -3.99 38.29 -6.08
N SER NB 274 -4.13 39.27 -6.98
CA SER NB 274 -4.41 38.93 -8.37
C SER NB 274 -3.33 38.03 -8.93
N GLY NB 275 -2.07 38.30 -8.60
CA GLY NB 275 -0.99 37.43 -9.05
C GLY NB 275 -1.17 36.01 -8.57
N LEU NB 276 -1.53 35.84 -7.30
CA LEU NB 276 -1.76 34.51 -6.77
C LEU NB 276 -2.91 33.82 -7.48
N TYR NB 277 -3.97 34.57 -7.76
CA TYR NB 277 -5.14 33.97 -8.40
C TYR NB 277 -4.85 33.56 -9.83
N ILE NB 278 -4.07 34.36 -10.56
CA ILE NB 278 -3.70 33.96 -11.92
C ILE NB 278 -2.86 32.71 -11.89
N VAL NB 279 -2.01 32.55 -10.86
CA VAL NB 279 -1.29 31.29 -10.70
C VAL NB 279 -2.26 30.14 -10.52
N VAL NB 280 -3.30 30.35 -9.71
CA VAL NB 280 -4.31 29.31 -9.53
C VAL NB 280 -5.02 29.01 -10.84
N ASN NB 281 -5.27 30.05 -11.63
CA ASN NB 281 -6.02 29.87 -12.86
C ASN NB 281 -5.29 28.94 -13.82
N SER NB 282 -3.98 29.13 -14.00
CA SER NB 282 -3.27 28.40 -15.04
C SER NB 282 -3.31 26.91 -14.80
N ILE NB 283 -3.12 26.47 -13.56
CA ILE NB 283 -3.10 25.02 -13.30
C ILE NB 283 -4.52 24.46 -13.31
N SER NB 284 -5.50 25.20 -12.82
CA SER NB 284 -6.85 24.67 -12.75
C SER NB 284 -7.60 24.75 -14.08
N ILE NB 285 -7.33 25.80 -14.87
CA ILE NB 285 -8.11 25.99 -16.09
C ILE NB 285 -7.86 24.85 -17.07
N ILE NB 286 -6.65 24.27 -17.07
CA ILE NB 286 -6.35 23.20 -18.01
C ILE NB 286 -6.99 21.88 -17.62
N ASN NB 287 -7.75 21.85 -16.53
CA ASN NB 287 -8.47 20.63 -16.16
C ASN NB 287 -9.83 20.50 -16.83
N ILE NB 288 -10.32 21.55 -17.49
CA ILE NB 288 -11.66 21.50 -18.09
C ILE NB 288 -11.62 21.89 -19.56
N LEU NB 289 -10.51 21.62 -20.23
CA LEU NB 289 -10.34 22.11 -21.59
C LEU NB 289 -11.39 21.53 -22.53
N SER NB 290 -11.76 20.27 -22.35
CA SER NB 290 -12.66 19.59 -23.28
C SER NB 290 -14.09 19.53 -22.77
N GLU NB 291 -14.40 20.18 -21.64
CA GLU NB 291 -15.68 19.92 -20.98
C GLU NB 291 -16.85 20.54 -21.71
N TYR NB 292 -16.63 21.59 -22.48
CA TYR NB 292 -17.72 22.30 -23.14
C TYR NB 292 -17.92 21.90 -24.59
N LYS NB 293 -17.11 20.99 -25.12
CA LYS NB 293 -17.27 20.57 -26.50
C LYS NB 293 -18.58 19.81 -26.69
N ILE NB 294 -19.12 19.84 -27.90
CA ILE NB 294 -20.39 19.20 -28.20
C ILE NB 294 -20.33 18.32 -29.44
N VAL NB 295 -19.21 18.37 -30.17
CA VAL NB 295 -19.10 17.61 -31.41
C VAL NB 295 -18.44 16.27 -31.13
N ILE NB 296 -18.63 15.33 -32.05
CA ILE NB 296 -18.02 14.01 -31.94
C ILE NB 296 -16.64 14.11 -32.58
N SER NB 297 -15.68 14.55 -31.78
CA SER NB 297 -14.30 14.66 -32.24
C SER NB 297 -13.45 15.05 -31.05
N GLU NB 298 -12.19 14.62 -31.07
CA GLU NB 298 -11.24 14.96 -30.02
C GLU NB 298 -10.23 16.01 -30.45
N TYR NB 299 -10.48 16.69 -31.56
CA TYR NB 299 -9.63 17.78 -32.01
C TYR NB 299 -8.18 17.34 -32.14
N LYS NB 300 -7.97 16.10 -32.56
CA LYS NB 300 -6.65 15.47 -32.53
C LYS NB 300 -6.06 15.42 -33.93
N ASN NB 301 -4.76 15.71 -34.02
CA ASN NB 301 -4.01 15.59 -35.27
C ASN NB 301 -4.42 16.62 -36.30
N TYR NB 302 -4.75 17.81 -35.86
CA TYR NB 302 -4.81 18.98 -36.73
C TYR NB 302 -3.43 19.63 -36.70
N LYS NB 303 -3.31 20.88 -37.15
CA LYS NB 303 -2.00 21.52 -37.14
C LYS NB 303 -1.55 21.97 -35.76
N ASN NB 304 -2.40 21.88 -34.74
CA ASN NB 304 -2.04 22.19 -33.36
C ASN NB 304 -1.32 23.53 -33.24
N ILE NB 305 -1.92 24.56 -33.86
CA ILE NB 305 -1.34 25.89 -33.76
C ILE NB 305 -1.46 26.43 -32.34
N ILE NB 306 -2.66 26.35 -31.76
CA ILE NB 306 -2.86 26.88 -30.42
C ILE NB 306 -1.92 26.22 -29.44
N TRP NB 307 -1.73 24.90 -29.58
CA TRP NB 307 -0.79 24.20 -28.70
C TRP NB 307 0.59 24.82 -28.78
N TYR NB 308 1.10 25.02 -29.99
CA TYR NB 308 2.48 25.50 -30.13
C TYR NB 308 2.63 26.89 -29.53
N ASN NB 309 1.66 27.76 -29.75
CA ASN NB 309 1.74 29.08 -29.16
C ASN NB 309 1.75 29.00 -27.64
N GLN NB 310 0.99 28.07 -27.07
CA GLN NB 310 0.97 27.94 -25.62
C GLN NB 310 2.32 27.47 -25.09
N ILE NB 311 2.95 26.50 -25.75
CA ILE NB 311 4.24 26.03 -25.27
C ILE NB 311 5.27 27.14 -25.33
N ILE NB 312 5.29 27.90 -26.43
CA ILE NB 312 6.22 29.01 -26.51
C ILE NB 312 5.88 30.08 -25.49
N GLN NB 313 4.60 30.22 -25.16
CA GLN NB 313 4.21 31.20 -24.16
C GLN NB 313 4.77 30.84 -22.79
N TYR NB 314 4.78 29.55 -22.45
CA TYR NB 314 5.43 29.13 -21.21
C TYR NB 314 6.90 29.47 -21.23
N ILE NB 315 7.56 29.22 -22.37
CA ILE NB 315 9.00 29.47 -22.47
C ILE NB 315 9.30 30.95 -22.33
N SER NB 316 8.51 31.79 -22.96
CA SER NB 316 8.76 33.23 -22.90
C SER NB 316 8.51 33.76 -21.50
N MET NB 317 7.46 33.28 -20.83
CA MET NB 317 7.21 33.69 -19.45
C MET NB 317 8.36 33.27 -18.55
N ILE NB 318 8.89 32.08 -18.76
CA ILE NB 318 10.06 31.63 -18.01
C ILE NB 318 11.24 32.56 -18.26
N TYR NB 319 11.39 33.04 -19.50
CA TYR NB 319 12.48 33.95 -19.82
C TYR NB 319 12.33 35.28 -19.11
N ILE NB 320 11.11 35.80 -19.04
CA ILE NB 320 10.89 37.09 -18.40
C ILE NB 320 11.18 37.01 -16.92
N GLY NB 321 10.94 35.86 -16.29
CA GLY NB 321 11.22 35.74 -14.87
C GLY NB 321 12.68 35.95 -14.53
N ILE NB 322 13.58 35.50 -15.42
CA ILE NB 322 15.01 35.64 -15.17
C ILE NB 322 15.41 37.11 -15.14
N GLN NB 323 14.78 37.94 -15.95
CA GLN NB 323 15.20 39.32 -16.08
C GLN NB 323 14.79 40.14 -14.87
N LEU NB 324 15.49 41.26 -14.67
CA LEU NB 324 15.18 42.17 -13.58
C LEU NB 324 13.78 42.75 -13.77
N PRO NB 325 13.19 43.38 -12.76
CA PRO NB 325 11.87 43.99 -12.93
C PRO NB 325 11.93 45.30 -13.71
N ILE NB 326 12.34 45.21 -14.96
CA ILE NB 326 12.34 46.37 -15.84
C ILE NB 326 10.93 46.65 -16.31
N ILE NB 327 10.61 47.94 -16.47
CA ILE NB 327 9.24 48.32 -16.82
C ILE NB 327 8.86 47.72 -18.17
N GLU NB 328 9.77 47.75 -19.13
CA GLU NB 328 9.44 47.25 -20.47
C GLU NB 328 9.11 45.77 -20.43
N TYR NB 329 9.86 44.99 -19.66
CA TYR NB 329 9.54 43.58 -19.51
C TYR NB 329 8.16 43.40 -18.90
N ILE NB 330 7.78 44.25 -17.95
CA ILE NB 330 6.49 44.13 -17.32
C ILE NB 330 5.38 44.28 -18.35
N ASN NB 331 5.51 45.26 -19.24
CA ASN NB 331 4.48 45.47 -20.25
C ASN NB 331 4.34 44.25 -21.15
N TYR NB 332 5.45 43.76 -21.69
CA TYR NB 332 5.37 42.61 -22.59
C TYR NB 332 4.85 41.39 -21.87
N GLY NB 333 5.29 41.17 -20.63
CA GLY NB 333 4.78 40.05 -19.87
C GLY NB 333 3.27 40.08 -19.72
N ARG NB 334 2.72 41.27 -19.50
CA ARG NB 334 1.29 41.40 -19.37
C ARG NB 334 0.57 41.05 -20.66
N TYR NB 335 1.14 41.44 -21.81
CA TYR NB 335 0.57 41.03 -23.09
C TYR NB 335 0.57 39.52 -23.22
N ILE NB 336 1.65 38.87 -22.80
CA ILE NB 336 1.70 37.41 -22.88
C ILE NB 336 0.60 36.79 -22.03
N ILE NB 337 0.36 37.34 -20.83
CA ILE NB 337 -0.69 36.82 -19.99
C ILE NB 337 -2.04 36.96 -20.68
N ILE NB 338 -2.31 38.13 -21.25
CA ILE NB 338 -3.55 38.32 -21.99
C ILE NB 338 -3.62 37.35 -23.15
N PHE NB 339 -2.51 37.19 -23.87
CA PHE NB 339 -2.49 36.26 -24.99
C PHE NB 339 -2.79 34.85 -24.53
N ASN NB 340 -2.23 34.45 -23.38
CA ASN NB 340 -2.48 33.10 -22.88
C ASN NB 340 -3.95 32.90 -22.56
N ILE NB 341 -4.61 33.92 -22.02
CA ILE NB 341 -6.03 33.80 -21.71
C ILE NB 341 -6.83 33.55 -22.98
N LEU NB 342 -6.51 34.27 -24.05
CA LEU NB 342 -7.22 34.08 -25.30
C LEU NB 342 -7.02 32.67 -25.85
N LEU NB 343 -5.80 32.15 -25.73
CA LEU NB 343 -5.55 30.78 -26.21
C LEU NB 343 -6.41 29.80 -25.44
N LEU NB 344 -6.50 29.93 -24.13
CA LEU NB 344 -7.31 29.01 -23.34
C LEU NB 344 -8.77 29.11 -23.74
N ILE NB 345 -9.25 30.32 -24.01
CA ILE NB 345 -10.64 30.48 -24.41
C ILE NB 345 -10.89 29.77 -25.73
N MET NB 346 -9.90 29.78 -26.63
CA MET NB 346 -10.04 29.03 -27.87
C MET NB 346 -10.21 27.55 -27.58
N TYR NB 347 -9.45 27.00 -26.63
CA TYR NB 347 -9.62 25.61 -26.26
C TYR NB 347 -11.01 25.33 -25.74
N LEU NB 348 -11.52 26.21 -24.87
CA LEU NB 348 -12.76 25.91 -24.15
C LEU NB 348 -13.98 26.02 -25.05
N TYR NB 349 -14.01 27.03 -25.91
CA TYR NB 349 -15.26 27.40 -26.55
C TYR NB 349 -15.71 26.34 -27.55
N PRO NB 350 -16.97 25.93 -27.53
CA PRO NB 350 -17.50 25.10 -28.61
C PRO NB 350 -17.89 25.96 -29.80
N LYS NB 351 -18.03 25.30 -30.94
CA LYS NB 351 -18.26 26.00 -32.20
C LYS NB 351 -19.74 25.98 -32.54
N LYS NB 352 -20.20 27.09 -33.13
CA LYS NB 352 -21.54 27.16 -33.68
C LYS NB 352 -21.51 26.60 -35.10
N LYS NB 353 -22.66 26.57 -35.76
CA LYS NB 353 -22.78 25.97 -37.08
C LYS NB 353 -23.17 27.03 -38.10
N LYS NB 354 -22.44 27.07 -39.20
CA LYS NB 354 -22.72 27.97 -40.29
C LYS NB 354 -24.09 27.68 -40.88
N HIS OB 1 -21.47 -0.05 -18.53
CA HIS OB 1 -20.36 0.80 -18.91
C HIS OB 1 -19.84 1.55 -17.71
N ARG OB 2 -18.61 2.01 -17.81
CA ARG OB 2 -18.00 2.77 -16.75
C ARG OB 2 -18.72 4.12 -16.64
N PRO OB 3 -18.53 4.83 -15.53
CA PRO OB 3 -19.09 6.19 -15.45
C PRO OB 3 -18.80 6.99 -16.70
N THR OB 4 -19.84 7.45 -17.39
CA THR OB 4 -19.64 8.10 -18.68
C THR OB 4 -20.74 9.12 -18.90
N THR OB 5 -20.45 10.08 -19.79
CA THR OB 5 -21.37 11.19 -20.04
C THR OB 5 -21.31 11.58 -21.51
N VAL OB 6 -22.46 12.00 -22.03
CA VAL OB 6 -22.61 12.50 -23.39
C VAL OB 6 -23.24 13.90 -23.30
N LYS OB 7 -22.91 14.74 -24.26
CA LYS OB 7 -23.40 16.12 -24.24
C LYS OB 7 -24.74 16.25 -24.96
N MET OB 8 -25.68 15.38 -24.61
CA MET OB 8 -27.01 15.37 -25.21
C MET OB 8 -27.85 16.43 -24.51
N ILE OB 9 -27.75 17.66 -25.00
CA ILE OB 9 -28.35 18.82 -24.36
C ILE OB 9 -29.10 19.62 -25.42
N ASP OB 10 -29.77 20.68 -24.97
CA ASP OB 10 -30.42 21.64 -25.85
C ASP OB 10 -29.61 22.94 -25.80
N SER OB 11 -28.72 23.11 -26.76
CA SER OB 11 -27.85 24.28 -26.78
C SER OB 11 -28.65 25.56 -26.96
N TRP OB 12 -28.06 26.66 -26.50
CA TRP OB 12 -28.64 27.98 -26.67
C TRP OB 12 -28.15 28.69 -27.92
N ARG OB 13 -27.11 28.16 -28.57
CA ARG OB 13 -26.47 28.83 -29.69
C ARG OB 13 -26.22 27.95 -30.90
N THR OB 14 -26.24 26.63 -30.75
CA THR OB 14 -25.93 25.70 -31.84
C THR OB 14 -27.15 24.87 -32.18
N GLU OB 15 -27.50 24.80 -33.48
CA GLU OB 15 -28.68 24.07 -33.92
C GLU OB 15 -28.43 22.56 -33.90
N PRO OB 16 -29.49 21.77 -33.87
CA PRO OB 16 -29.33 20.31 -33.94
C PRO OB 16 -29.07 19.84 -35.36
N SER OB 17 -28.64 18.58 -35.47
CA SER OB 17 -28.30 18.03 -36.78
C SER OB 17 -29.50 17.99 -37.70
N SER OB 18 -30.69 17.72 -37.17
CA SER OB 18 -31.88 17.69 -38.01
C SER OB 18 -32.12 19.05 -38.64
N GLU OB 19 -31.85 20.13 -37.90
CA GLU OB 19 -32.06 21.46 -38.44
C GLU OB 19 -31.00 21.81 -39.47
N LYS OB 20 -29.73 21.52 -39.17
CA LYS OB 20 -28.61 21.87 -40.05
C LYS OB 20 -27.60 20.73 -40.08
N PRO OB 21 -27.72 19.83 -41.04
CA PRO OB 21 -26.71 18.77 -41.17
C PRO OB 21 -25.35 19.36 -41.53
N MET OB 22 -24.31 18.81 -40.92
CA MET OB 22 -22.94 19.22 -41.21
C MET OB 22 -22.28 18.34 -42.26
N TRP OB 23 -22.92 17.26 -42.69
CA TRP OB 23 -22.40 16.38 -43.71
C TRP OB 23 -22.99 16.75 -45.06
N TYR OB 24 -22.37 16.23 -46.12
CA TYR OB 24 -22.90 16.41 -47.47
C TYR OB 24 -24.20 15.65 -47.58
N ASN OB 25 -25.32 16.36 -47.66
CA ASN OB 25 -26.64 15.76 -47.52
C ASN OB 25 -27.16 15.28 -48.88
N ARG OB 26 -26.47 14.30 -49.45
CA ARG OB 26 -26.92 13.63 -50.66
C ARG OB 26 -26.63 12.14 -50.50
N PHE OB 27 -27.68 11.35 -50.33
CA PHE OB 27 -27.58 9.91 -50.16
C PHE OB 27 -28.45 9.24 -51.22
N ASP OB 28 -28.12 8.00 -51.57
CA ASP OB 28 -28.92 7.18 -52.46
C ASP OB 28 -29.69 6.15 -51.65
N GLN OB 29 -30.99 6.04 -51.91
CA GLN OB 29 -31.86 5.13 -51.18
C GLN OB 29 -32.25 3.94 -52.04
N VAL OB 30 -32.21 2.75 -51.44
CA VAL OB 30 -32.60 1.51 -52.11
C VAL OB 30 -33.81 0.95 -51.40
N ASP OB 31 -34.37 -0.13 -51.97
CA ASP OB 31 -35.46 -0.84 -51.32
C ASP OB 31 -34.95 -1.96 -50.42
N HIS OB 32 -33.85 -2.60 -50.78
CA HIS OB 32 -33.23 -3.61 -49.95
C HIS OB 32 -31.72 -3.44 -50.01
N ILE OB 33 -31.05 -3.71 -48.89
CA ILE OB 33 -29.62 -3.44 -48.78
C ILE OB 33 -28.85 -4.15 -49.89
N SER OB 34 -29.37 -5.28 -50.38
CA SER OB 34 -28.68 -6.01 -51.42
C SER OB 34 -28.65 -5.26 -52.75
N GLN OB 35 -29.45 -4.21 -52.89
CA GLN OB 35 -29.48 -3.45 -54.13
C GLN OB 35 -28.37 -2.41 -54.22
N HIS OB 36 -27.67 -2.16 -53.12
CA HIS OB 36 -26.53 -1.24 -53.16
C HIS OB 36 -25.41 -1.82 -54.04
N PRO OB 37 -24.65 -0.96 -54.70
CA PRO OB 37 -23.48 -1.44 -55.45
C PRO OB 37 -22.42 -2.02 -54.52
N ASP OB 38 -21.61 -2.92 -55.07
CA ASP OB 38 -20.57 -3.57 -54.30
C ASP OB 38 -19.26 -2.81 -54.48
N PRO OB 39 -18.71 -2.20 -53.43
CA PRO OB 39 -17.47 -1.41 -53.64
C PRO OB 39 -16.32 -2.22 -54.16
N GLU OB 40 -16.18 -3.47 -53.73
CA GLU OB 40 -15.05 -4.28 -54.16
C GLU OB 40 -15.08 -4.51 -55.67
N LYS OB 41 -16.26 -4.66 -56.23
CA LYS OB 41 -16.43 -4.89 -57.66
C LYS OB 41 -16.74 -3.62 -58.43
N THR OB 42 -16.70 -2.47 -57.78
CA THR OB 42 -16.99 -1.18 -58.42
C THR OB 42 -15.68 -0.48 -58.76
N GLU OB 43 -15.58 -0.01 -59.99
CA GLU OB 43 -14.39 0.71 -60.41
C GLU OB 43 -14.25 2.03 -59.65
N LYS OB 44 -13.03 2.33 -59.23
CA LYS OB 44 -12.74 3.56 -58.52
C LYS OB 44 -12.30 4.63 -59.51
N TYR OB 45 -11.94 5.81 -59.00
CA TYR OB 45 -11.52 6.89 -59.88
C TYR OB 45 -10.15 6.60 -60.47
N PRO OB 46 -9.86 7.11 -61.66
CA PRO OB 46 -8.60 6.78 -62.32
C PRO OB 46 -7.41 7.32 -61.55
N PRO OB 47 -6.41 6.49 -61.26
CA PRO OB 47 -5.27 6.93 -60.45
C PRO OB 47 -4.53 8.11 -61.07
N VAL OB 48 -4.04 9.01 -60.21
CA VAL OB 48 -3.29 10.17 -60.63
C VAL OB 48 -1.81 9.93 -60.35
N ASP OB 49 -0.96 10.73 -61.00
CA ASP OB 49 0.47 10.66 -60.78
C ASP OB 49 1.03 11.82 -59.98
N ASP OB 50 0.29 12.91 -59.87
CA ASP OB 50 0.72 14.10 -59.15
C ASP OB 50 -0.24 14.37 -58.01
N THR OB 51 0.30 14.77 -56.86
CA THR OB 51 -0.56 15.11 -55.73
C THR OB 51 -1.47 16.28 -56.05
N ARG OB 52 -1.13 17.09 -57.04
CA ARG OB 52 -1.95 18.21 -57.43
C ARG OB 52 -3.10 17.82 -58.34
N LYS OB 53 -3.10 16.59 -58.86
CA LYS OB 53 -4.15 16.10 -59.73
C LYS OB 53 -5.21 15.32 -58.99
N LEU OB 54 -4.99 15.00 -57.71
CA LEU OB 54 -5.99 14.31 -56.92
C LEU OB 54 -7.31 15.07 -56.96
N MET OB 55 -8.41 14.33 -56.79
CA MET OB 55 -9.73 14.89 -56.95
C MET OB 55 -10.05 15.88 -55.83
N LYS OB 56 -11.19 16.55 -55.96
CA LYS OB 56 -11.69 17.45 -54.94
C LYS OB 56 -12.54 16.68 -53.93
N THR OB 57 -12.71 17.26 -52.76
CA THR OB 57 -13.50 16.65 -51.70
C THR OB 57 -14.82 17.38 -51.55
N ARG OB 58 -15.82 16.68 -51.03
CA ARG OB 58 -17.15 17.25 -50.88
C ARG OB 58 -17.29 18.06 -49.60
N GLY OB 59 -16.38 17.88 -48.64
CA GLY OB 59 -16.50 18.59 -47.38
C GLY OB 59 -16.43 20.10 -47.57
N ASP OB 60 -17.13 20.81 -46.69
CA ASP OB 60 -17.12 22.26 -46.68
C ASP OB 60 -16.15 22.74 -45.61
N PRO OB 61 -15.06 23.42 -45.97
CA PRO OB 61 -14.07 23.79 -44.94
C PRO OB 61 -14.63 24.67 -43.85
N HIS OB 62 -15.70 25.41 -44.11
CA HIS OB 62 -16.21 26.43 -43.20
C HIS OB 62 -17.57 26.04 -42.63
N ILE OB 63 -17.75 24.74 -42.40
CA ILE OB 63 -19.04 24.22 -41.95
C ILE OB 63 -19.42 24.80 -40.59
N MET OB 64 -18.43 25.10 -39.75
CA MET OB 64 -18.66 25.61 -38.41
C MET OB 64 -18.06 27.02 -38.28
N ARG OB 65 -18.61 27.80 -37.34
CA ARG OB 65 -18.29 29.21 -37.20
C ARG OB 65 -18.08 29.56 -35.74
N GLY OB 66 -17.66 30.81 -35.50
CA GLY OB 66 -17.52 31.33 -34.16
C GLY OB 66 -16.16 31.09 -33.54
N TRP OB 67 -15.97 31.65 -32.34
CA TRP OB 67 -14.71 31.49 -31.62
C TRP OB 67 -14.44 30.02 -31.34
N GLY OB 68 -13.17 29.67 -31.22
CA GLY OB 68 -12.78 28.32 -30.87
C GLY OB 68 -11.76 27.77 -31.85
N GLU OB 69 -11.19 26.64 -31.46
CA GLU OB 69 -10.21 25.95 -32.29
C GLU OB 69 -10.88 25.32 -33.50
N TYR OB 70 -10.22 25.39 -34.64
CA TYR OB 70 -10.79 24.85 -35.87
C TYR OB 70 -11.04 23.36 -35.75
N VAL OB 71 -12.13 22.91 -36.37
CA VAL OB 71 -12.47 21.49 -36.38
C VAL OB 71 -13.41 21.25 -37.55
N TYR OB 72 -13.23 20.11 -38.21
CA TYR OB 72 -14.16 19.63 -39.23
C TYR OB 72 -14.65 18.25 -38.80
N CYS OB 73 -15.97 18.13 -38.65
CA CYS OB 73 -16.59 16.86 -38.34
C CYS OB 73 -18.03 16.91 -38.86
N HIS OB 74 -18.67 15.76 -38.89
CA HIS OB 74 -20.02 15.66 -39.44
C HIS OB 74 -21.10 15.55 -38.39
N TYR OB 75 -20.76 15.26 -37.14
CA TYR OB 75 -21.77 14.86 -36.15
C TYR OB 75 -21.58 15.60 -34.83
N GLU OB 76 -22.67 15.68 -34.07
CA GLU OB 76 -22.70 16.31 -32.75
C GLU OB 76 -23.57 15.47 -31.83
N HIS OB 77 -23.66 15.86 -30.55
CA HIS OB 77 -24.47 15.11 -29.59
C HIS OB 77 -25.82 15.74 -29.29
N LEU OB 78 -26.12 16.91 -29.84
CA LEU OB 78 -27.27 17.71 -29.41
C LEU OB 78 -28.60 16.95 -29.59
N ARG OB 79 -29.56 17.28 -28.72
CA ARG OB 79 -30.90 16.69 -28.78
C ARG OB 79 -31.72 17.27 -29.93
N GLU OB 80 -32.67 16.48 -30.43
CA GLU OB 80 -33.57 16.89 -31.50
C GLU OB 80 -34.92 17.32 -30.94
N PRO OB 81 -35.67 18.13 -31.67
CA PRO OB 81 -37.02 18.50 -31.23
C PRO OB 81 -38.03 17.42 -31.54
N VAL OB 82 -39.11 17.37 -30.75
CA VAL OB 82 -40.11 16.33 -30.97
C VAL OB 82 -40.75 16.47 -32.33
N PHE OB 83 -40.70 17.65 -32.94
CA PHE OB 83 -41.25 17.89 -34.26
C PHE OB 83 -40.12 18.32 -35.18
N PRO OB 84 -39.27 17.39 -35.61
CA PRO OB 84 -38.10 17.76 -36.41
C PRO OB 84 -38.47 18.15 -37.83
N ARG OB 85 -37.61 18.99 -38.41
CA ARG OB 85 -37.76 19.42 -39.79
C ARG OB 85 -37.89 18.22 -40.72
N LYS OB 86 -38.81 18.31 -41.67
CA LYS OB 86 -39.07 17.19 -42.57
C LYS OB 86 -37.97 17.12 -43.62
N PRO OB 87 -37.25 16.00 -43.72
CA PRO OB 87 -36.15 15.94 -44.68
C PRO OB 87 -36.65 15.83 -46.11
N ASP OB 88 -35.84 16.35 -47.04
CA ASP OB 88 -36.18 16.32 -48.46
C ASP OB 88 -35.50 15.11 -49.10
N VAL OB 89 -36.08 13.93 -48.87
CA VAL OB 89 -35.52 12.71 -49.44
C VAL OB 89 -35.61 12.71 -50.95
N ALA OB 90 -36.53 13.49 -51.54
CA ALA OB 90 -36.63 13.54 -52.98
C ALA OB 90 -35.35 14.06 -53.61
N LYS OB 91 -34.70 15.03 -52.96
CA LYS OB 91 -33.44 15.57 -53.45
C LYS OB 91 -32.24 14.75 -53.02
N GLY OB 92 -32.40 13.83 -52.08
CA GLY OB 92 -31.32 13.00 -51.62
C GLY OB 92 -30.99 13.15 -50.15
N GLU OB 93 -31.65 14.05 -49.42
CA GLU OB 93 -31.32 14.25 -48.02
C GLU OB 93 -31.57 12.97 -47.23
N LEU OB 94 -30.72 12.74 -46.23
CA LEU OB 94 -30.82 11.54 -45.40
C LEU OB 94 -31.97 11.66 -44.41
N ALA OB 95 -32.71 10.56 -44.26
CA ALA OB 95 -33.81 10.48 -43.31
C ALA OB 95 -33.50 9.33 -42.36
N ALA OB 96 -33.06 9.64 -41.15
CA ALA OB 96 -32.77 8.61 -40.16
C ALA OB 96 -32.93 9.21 -38.77
N GLY OB 97 -33.58 8.47 -37.89
CA GLY OB 97 -33.77 8.90 -36.52
C GLY OB 97 -35.11 9.59 -36.33
N ALA OB 98 -35.09 10.75 -35.67
CA ALA OB 98 -36.34 11.45 -35.39
C ALA OB 98 -36.99 11.95 -36.67
N ASN OB 99 -36.21 12.35 -37.66
CA ASN OB 99 -36.82 12.89 -38.87
C ASN OB 99 -37.59 11.84 -39.65
N VAL OB 100 -37.44 10.55 -39.31
CA VAL OB 100 -38.28 9.49 -39.87
C VAL OB 100 -39.45 9.18 -38.96
N THR OB 101 -39.19 8.94 -37.69
CA THR OB 101 -40.25 8.51 -36.78
C THR OB 101 -41.23 9.63 -36.49
N ARG OB 102 -40.73 10.82 -36.15
CA ARG OB 102 -41.59 11.94 -35.77
C ARG OB 102 -41.85 12.87 -36.94
N THR OB 103 -41.96 12.31 -38.15
CA THR OB 103 -42.33 13.05 -39.35
C THR OB 103 -43.10 12.09 -40.25
N ASP OB 104 -43.57 12.59 -41.39
CA ASP OB 104 -44.30 11.77 -42.34
C ASP OB 104 -43.59 11.70 -43.70
N VAL OB 105 -42.27 11.78 -43.70
CA VAL OB 105 -41.52 11.68 -44.95
C VAL OB 105 -41.65 10.29 -45.54
N TRP OB 106 -41.73 9.27 -44.70
CA TRP OB 106 -41.80 7.90 -45.17
C TRP OB 106 -43.09 7.60 -45.94
N LYS OB 107 -44.12 8.41 -45.77
CA LYS OB 107 -45.42 8.11 -46.37
C LYS OB 107 -45.38 8.31 -47.87
N ARG OB 108 -45.70 7.25 -48.62
CA ARG OB 108 -45.97 7.34 -50.04
C ARG OB 108 -47.47 7.52 -50.25
N GLU OB 109 -47.96 7.33 -51.47
CA GLU OB 109 -49.37 7.59 -51.76
C GLU OB 109 -50.24 6.34 -51.58
N GLY OB 110 -49.96 5.29 -52.34
CA GLY OB 110 -50.80 4.11 -52.30
C GLY OB 110 -50.09 2.86 -51.82
N GLU OB 111 -48.84 3.00 -51.43
CA GLU OB 111 -48.09 1.85 -50.94
C GLU OB 111 -48.57 1.47 -49.54
N PRO OB 112 -48.67 0.18 -49.23
CA PRO OB 112 -49.00 -0.20 -47.86
C PRO OB 112 -47.99 0.41 -46.89
N ALA OB 113 -48.50 0.98 -45.81
CA ALA OB 113 -47.62 1.67 -44.88
C ALA OB 113 -46.48 0.78 -44.42
N ILE OB 114 -46.74 -0.53 -44.29
CA ILE OB 114 -45.69 -1.45 -43.87
C ILE OB 114 -44.56 -1.47 -44.89
N GLN OB 115 -44.89 -1.40 -46.18
CA GLN OB 115 -43.86 -1.37 -47.22
C GLN OB 115 -43.16 -0.01 -47.24
N SER OB 116 -43.92 1.07 -47.05
CA SER OB 116 -43.32 2.40 -47.11
C SER OB 116 -42.29 2.60 -46.01
N ILE OB 117 -42.62 2.21 -44.78
CA ILE OB 117 -41.69 2.41 -43.68
C ILE OB 117 -40.52 1.45 -43.78
N ALA OB 118 -40.66 0.38 -44.53
CA ALA OB 118 -39.56 -0.58 -44.66
C ALA OB 118 -38.42 0.00 -45.47
N ARG OB 119 -38.73 0.86 -46.44
CA ARG OB 119 -37.70 1.45 -47.27
C ARG OB 119 -36.80 2.39 -46.49
N PHE OB 120 -37.33 3.07 -45.48
CA PHE OB 120 -36.58 4.07 -44.73
C PHE OB 120 -35.78 3.46 -43.61
N ASN OB 121 -35.50 2.16 -43.68
CA ASN OB 121 -34.51 1.55 -42.82
C ASN OB 121 -33.15 2.19 -43.06
N PRO OB 122 -32.38 2.49 -42.01
CA PRO OB 122 -31.08 3.12 -42.21
C PRO OB 122 -30.13 2.34 -43.12
N ASP OB 123 -30.34 1.03 -43.28
CA ASP OB 123 -29.47 0.25 -44.14
C ASP OB 123 -29.68 0.54 -45.60
N ASN OB 124 -30.77 1.21 -45.97
CA ASN OB 124 -31.08 1.50 -47.35
C ASN OB 124 -30.51 2.83 -47.84
N PHE OB 125 -29.86 3.58 -46.98
CA PHE OB 125 -29.25 4.86 -47.33
C PHE OB 125 -27.74 4.69 -47.33
N ARG OB 126 -27.09 5.00 -48.46
CA ARG OB 126 -25.65 5.08 -48.52
C ARG OB 126 -25.25 6.36 -49.24
N PRO OB 127 -24.18 7.02 -48.81
CA PRO OB 127 -23.82 8.30 -49.44
C PRO OB 127 -23.58 8.11 -50.92
N VAL OB 128 -23.94 9.12 -51.71
CA VAL OB 128 -23.68 9.07 -53.14
C VAL OB 128 -22.20 8.90 -53.36
N GLY OB 129 -21.81 7.87 -54.11
CA GLY OB 129 -20.43 7.62 -54.42
C GLY OB 129 -19.71 6.73 -53.44
N TYR OB 130 -20.43 6.03 -52.56
CA TYR OB 130 -19.76 5.17 -51.59
C TYR OB 130 -18.94 4.11 -52.27
N ALA OB 131 -19.48 3.50 -53.32
CA ALA OB 131 -18.81 2.38 -53.97
C ALA OB 131 -17.62 2.79 -54.82
N GLU OB 132 -17.51 4.06 -55.17
CA GLU OB 132 -16.45 4.54 -56.04
C GLU OB 132 -15.35 5.25 -55.28
N ASN OB 133 -15.50 5.45 -53.98
CA ASN OB 133 -14.50 6.17 -53.20
C ASN OB 133 -13.94 5.35 -52.06
N ILE OB 134 -14.76 4.63 -51.31
CA ILE OB 134 -14.24 4.04 -50.07
C ILE OB 134 -13.10 3.09 -50.39
N PRO OB 135 -11.94 3.21 -49.74
CA PRO OB 135 -10.85 2.26 -49.98
C PRO OB 135 -11.21 0.86 -49.52
N CYS OB 136 -10.68 -0.13 -50.23
CA CYS OB 136 -10.90 -1.54 -49.94
C CYS OB 136 -9.56 -2.25 -49.82
N PRO OB 137 -8.85 -2.05 -48.73
CA PRO OB 137 -7.49 -2.60 -48.63
C PRO OB 137 -7.45 -4.11 -48.82
N ASP OB 138 -6.45 -4.56 -49.56
CA ASP OB 138 -6.16 -5.98 -49.70
C ASP OB 138 -5.02 -6.42 -48.80
N THR OB 139 -4.30 -5.48 -48.20
CA THR OB 139 -3.17 -5.79 -47.36
C THR OB 139 -2.85 -4.57 -46.52
N CYS OB 140 -2.23 -4.79 -45.37
CA CYS OB 140 -1.75 -3.69 -44.54
C CYS OB 140 -0.34 -3.27 -44.93
N VAL OB 141 0.26 -3.92 -45.90
CA VAL OB 141 1.61 -3.62 -46.35
C VAL OB 141 1.56 -3.36 -47.85
N PRO OB 142 1.33 -2.12 -48.28
CA PRO OB 142 1.21 -1.86 -49.71
C PRO OB 142 2.47 -2.24 -50.47
N GLU OB 143 2.32 -2.40 -51.77
CA GLU OB 143 3.47 -2.72 -52.62
C GLU OB 143 4.52 -1.64 -52.51
N GLY OB 144 5.78 -2.06 -52.46
CA GLY OB 144 6.89 -1.14 -52.33
C GLY OB 144 7.35 -0.91 -50.91
N HIS OB 145 6.67 -1.48 -49.93
CA HIS OB 145 7.04 -1.35 -48.53
C HIS OB 145 7.81 -2.58 -48.08
N LEU OB 146 8.77 -2.35 -47.18
CA LEU OB 146 9.62 -3.43 -46.71
C LEU OB 146 8.85 -4.37 -45.79
N ASP OB 147 9.15 -5.66 -45.88
CA ASP OB 147 8.50 -6.65 -45.01
C ASP OB 147 9.47 -7.81 -44.80
N PHE OB 148 8.98 -8.88 -44.18
CA PHE OB 148 9.86 -10.00 -43.85
C PHE OB 148 10.43 -10.66 -45.09
N ARG OB 149 9.74 -10.56 -46.23
CA ARG OB 149 10.23 -11.17 -47.45
C ARG OB 149 11.47 -10.48 -47.99
N HIS OB 150 11.80 -9.29 -47.48
CA HIS OB 150 12.98 -8.57 -47.91
C HIS OB 150 14.09 -8.56 -46.87
N THR OB 151 13.75 -8.77 -45.60
CA THR OB 151 14.73 -8.74 -44.52
C THR OB 151 15.23 -10.11 -44.12
N ARG OB 152 14.55 -11.18 -44.50
CA ARG OB 152 15.04 -12.52 -44.23
C ARG OB 152 16.49 -12.65 -44.69
N LEU OB 153 17.32 -13.22 -43.81
CA LEU OB 153 18.72 -13.40 -44.13
C LEU OB 153 18.88 -14.51 -45.16
N PRO OB 154 20.02 -14.54 -45.84
CA PRO OB 154 20.30 -15.67 -46.74
C PRO OB 154 20.33 -16.99 -45.98
N THR OB 155 20.05 -18.07 -46.69
CA THR OB 155 19.98 -19.37 -46.04
C THR OB 155 21.34 -19.91 -45.65
N TRP OB 156 22.43 -19.31 -46.12
CA TRP OB 156 23.77 -19.74 -45.74
C TRP OB 156 24.31 -18.96 -44.56
N HIS OB 157 23.47 -18.16 -43.90
CA HIS OB 157 23.95 -17.26 -42.87
C HIS OB 157 24.47 -18.04 -41.67
N ALA OB 158 25.01 -17.30 -40.71
CA ALA OB 158 25.55 -17.86 -39.48
C ALA OB 158 24.54 -17.66 -38.36
N ASP OB 159 24.64 -18.52 -37.34
CA ASP OB 159 23.73 -18.41 -36.22
C ASP OB 159 23.81 -17.02 -35.62
N ARG OB 160 22.66 -16.42 -35.36
CA ARG OB 160 22.59 -15.11 -34.75
C ARG OB 160 22.26 -15.18 -33.26
N ARG OB 161 21.95 -16.35 -32.73
CA ARG OB 161 21.73 -16.49 -31.29
C ARG OB 161 22.95 -16.12 -30.48
N PRO OB 162 24.15 -16.61 -30.78
CA PRO OB 162 25.29 -16.30 -29.90
C PRO OB 162 25.50 -14.81 -29.70
N PHE OB 163 25.43 -14.01 -30.76
CA PHE OB 163 25.65 -12.59 -30.58
C PHE OB 163 24.48 -11.92 -29.86
N HIS OB 164 23.25 -12.39 -30.12
CA HIS OB 164 22.12 -11.82 -29.43
C HIS OB 164 22.27 -11.96 -27.92
N TYR OB 165 22.64 -13.15 -27.46
CA TYR OB 165 22.77 -13.36 -26.03
C TYR OB 165 23.99 -12.65 -25.47
N PHE OB 166 25.01 -12.40 -26.30
CA PHE OB 166 26.11 -11.56 -25.87
C PHE OB 166 25.64 -10.14 -25.61
N ALA OB 167 24.77 -9.61 -26.47
CA ALA OB 167 24.29 -8.24 -26.30
C ALA OB 167 23.42 -8.12 -25.06
N THR OB 168 22.49 -9.04 -24.87
CA THR OB 168 21.67 -9.00 -23.67
C THR OB 168 22.48 -9.34 -22.43
N GLY OB 169 23.51 -10.18 -22.57
CA GLY OB 169 24.40 -10.41 -21.47
C GLY OB 169 25.21 -9.17 -21.10
N MET OB 170 25.64 -8.41 -22.10
CA MET OB 170 26.41 -7.20 -21.82
C MET OB 170 25.56 -6.17 -21.09
N PHE OB 171 24.28 -6.08 -21.44
CA PHE OB 171 23.39 -5.20 -20.70
C PHE OB 171 23.36 -5.59 -19.23
N GLY OB 172 23.25 -6.88 -18.95
CA GLY OB 172 23.28 -7.33 -17.57
C GLY OB 172 24.63 -7.14 -16.93
N LEU OB 173 25.71 -7.40 -17.68
CA LEU OB 173 27.05 -7.24 -17.14
C LEU OB 173 27.28 -5.82 -16.65
N ILE OB 174 27.01 -4.84 -17.50
CA ILE OB 174 27.22 -3.45 -17.12
C ILE OB 174 26.26 -3.05 -16.02
N GLY OB 175 25.01 -3.50 -16.10
CA GLY OB 175 24.05 -3.16 -15.06
C GLY OB 175 24.46 -3.68 -13.70
N LEU OB 176 24.96 -4.90 -13.64
CA LEU OB 176 25.41 -5.45 -12.37
C LEU OB 176 26.61 -4.71 -11.83
N ALA OB 177 27.53 -4.29 -12.69
CA ALA OB 177 28.67 -3.51 -12.25
C ALA OB 177 28.25 -2.16 -11.69
N PHE OB 178 27.30 -1.50 -12.33
CA PHE OB 178 26.79 -0.24 -11.80
C PHE OB 178 26.07 -0.46 -10.49
N LEU OB 179 25.34 -1.57 -10.36
CA LEU OB 179 24.63 -1.86 -9.14
C LEU OB 179 25.59 -2.11 -7.98
N ARG OB 180 26.63 -2.89 -8.21
CA ARG OB 180 27.59 -3.17 -7.16
C ARG OB 180 28.30 -1.89 -6.71
N GLY OB 181 28.67 -1.04 -7.66
CA GLY OB 181 29.31 0.21 -7.30
C GLY OB 181 28.41 1.09 -6.45
N THR OB 182 27.12 1.15 -6.79
CA THR OB 182 26.18 1.97 -6.04
C THR OB 182 26.03 1.45 -4.61
N VAL OB 183 25.82 0.15 -4.46
CA VAL OB 183 25.60 -0.42 -3.14
C VAL OB 183 26.82 -0.23 -2.26
N VAL OB 184 28.00 -0.57 -2.78
CA VAL OB 184 29.21 -0.46 -1.99
C VAL OB 184 29.46 0.98 -1.58
N LYS OB 185 29.22 1.91 -2.50
CA LYS OB 185 29.48 3.32 -2.20
C LYS OB 185 28.55 3.81 -1.10
N VAL OB 186 27.30 3.40 -1.12
CA VAL OB 186 26.35 3.84 -0.10
C VAL OB 186 26.76 3.31 1.27
N VAL OB 187 27.03 2.00 1.35
CA VAL OB 187 27.46 1.41 2.61
C VAL OB 187 28.76 2.05 3.09
N HIS OB 188 29.64 2.41 2.15
CA HIS OB 188 30.89 3.03 2.52
C HIS OB 188 30.69 4.34 3.26
N GLY OB 189 29.64 5.09 2.93
CA GLY OB 189 29.38 6.34 3.59
C GLY OB 189 29.13 6.20 5.08
N LEU OB 190 28.75 5.01 5.54
CA LEU OB 190 28.52 4.79 6.96
C LEU OB 190 29.81 4.59 7.75
N TRP OB 191 30.92 4.29 7.09
CA TRP OB 191 32.22 4.20 7.74
C TRP OB 191 32.50 5.51 8.46
N PRO OB 192 33.27 5.54 9.54
CA PRO OB 192 33.56 6.82 10.19
C PRO OB 192 34.11 7.82 9.17
N ALA OB 193 33.61 9.05 9.27
CA ALA OB 193 33.88 10.06 8.27
C ALA OB 193 35.31 10.58 8.38
N ARG OB 194 35.71 11.35 7.36
CA ARG OB 194 37.09 11.81 7.28
C ARG OB 194 37.49 12.62 8.51
N ASP OB 195 36.59 13.45 9.03
CA ASP OB 195 36.91 14.19 10.25
C ASP OB 195 37.07 13.26 11.45
N ALA OB 196 36.24 12.23 11.53
CA ALA OB 196 36.27 11.34 12.68
C ALA OB 196 37.50 10.43 12.65
N ILE OB 197 37.79 9.84 11.49
CA ILE OB 197 38.98 9.02 11.37
C ILE OB 197 40.22 9.83 11.74
N ALA OB 198 40.27 11.08 11.29
CA ALA OB 198 41.40 11.94 11.58
C ALA OB 198 41.54 12.20 13.07
N ALA OB 199 40.42 12.43 13.76
CA ALA OB 199 40.46 12.75 15.17
C ALA OB 199 40.77 11.53 16.03
N GLY OB 200 40.59 10.33 15.50
CA GLY OB 200 40.81 9.12 16.25
C GLY OB 200 42.24 8.66 16.31
N VAL OB 201 43.19 9.51 15.91
CA VAL OB 201 44.61 9.17 15.93
C VAL OB 201 45.35 10.36 16.53
N ILE OB 202 45.94 10.17 17.70
CA ILE OB 202 46.76 11.17 18.35
C ILE OB 202 48.19 10.64 18.41
N GLU OB 203 49.15 11.47 18.00
CA GLU OB 203 50.56 11.14 18.06
C GLU OB 203 51.17 11.76 19.31
N VAL OB 204 51.89 10.96 20.09
CA VAL OB 204 52.51 11.41 21.33
C VAL OB 204 53.95 11.78 21.03
N ASP OB 205 54.27 13.07 21.15
CA ASP OB 205 55.66 13.49 21.01
C ASP OB 205 56.34 13.30 22.37
N LEU OB 206 57.01 12.15 22.53
CA LEU OB 206 57.69 11.85 23.77
C LEU OB 206 58.84 12.84 24.00
N ARG OB 207 58.98 13.82 23.13
CA ARG OB 207 60.03 14.83 23.28
C ARG OB 207 59.57 15.92 24.23
N GLY OB 208 60.33 16.13 25.29
CA GLY OB 208 60.05 17.12 26.31
C GLY OB 208 59.52 16.55 27.60
N ILE OB 209 59.03 15.31 27.58
CA ILE OB 209 58.65 14.66 28.82
C ILE OB 209 59.88 14.42 29.68
N GLN OB 210 59.68 14.46 30.99
CA GLN OB 210 60.74 14.20 31.94
C GLN OB 210 60.43 12.92 32.71
N PRO OB 211 61.45 12.18 33.14
CA PRO OB 211 61.19 10.92 33.82
C PRO OB 211 60.35 11.16 35.08
N GLY OB 212 59.26 10.40 35.19
CA GLY OB 212 58.34 10.54 36.30
C GLY OB 212 57.11 11.37 36.01
N GLN OB 213 57.05 12.03 34.86
CA GLN OB 213 55.92 12.88 34.53
C GLN OB 213 54.80 12.09 33.89
N ASN OB 214 53.56 12.41 34.27
CA ASN OB 214 52.37 11.79 33.72
C ASN OB 214 51.54 12.84 33.01
N PHE OB 215 51.19 12.58 31.76
CA PHE OB 215 50.35 13.45 30.97
C PHE OB 215 49.13 12.69 30.47
N VAL OB 216 48.07 13.44 30.15
CA VAL OB 216 46.79 12.86 29.76
C VAL OB 216 46.47 13.30 28.35
N VAL OB 217 46.06 12.34 27.51
CA VAL OB 217 45.65 12.61 26.15
C VAL OB 217 44.23 12.08 25.99
N LYS OB 218 43.32 12.93 25.53
CA LYS OB 218 41.96 12.50 25.26
C LYS OB 218 41.94 11.76 23.93
N TRP OB 219 41.74 10.44 23.98
CA TRP OB 219 41.78 9.59 22.80
C TRP OB 219 40.49 8.81 22.73
N ARG OB 220 39.70 9.07 21.68
CA ARG OB 220 38.42 8.39 21.49
C ARG OB 220 37.51 8.55 22.71
N GLY OB 221 37.54 9.75 23.28
CA GLY OB 221 36.67 10.11 24.38
C GLY OB 221 37.16 9.74 25.76
N LYS OB 222 38.31 9.08 25.88
CA LYS OB 222 38.73 8.58 27.18
C LYS OB 222 40.09 9.16 27.55
N PRO OB 223 40.37 9.31 28.84
CA PRO OB 223 41.70 9.77 29.26
C PRO OB 223 42.72 8.66 29.10
N VAL OB 224 43.82 8.97 28.42
CA VAL OB 224 44.90 8.02 28.17
C VAL OB 224 46.14 8.57 28.87
N PHE OB 225 46.46 7.99 30.03
CA PHE OB 225 47.65 8.41 30.77
C PHE OB 225 48.91 7.89 30.08
N VAL OB 226 49.85 8.78 29.82
CA VAL OB 226 51.14 8.43 29.23
C VAL OB 226 52.22 8.91 30.19
N ARG OB 227 52.83 7.99 30.92
CA ARG OB 227 53.80 8.33 31.96
C ARG OB 227 55.17 7.78 31.62
N ARG OB 228 56.17 8.65 31.60
CA ARG OB 228 57.56 8.21 31.61
C ARG OB 228 57.90 7.71 33.00
N ARG OB 229 58.52 6.54 33.08
CA ARG OB 229 58.75 5.87 34.35
C ARG OB 229 60.22 5.93 34.71
N THR OB 230 60.51 6.44 35.90
CA THR OB 230 61.87 6.43 36.41
C THR OB 230 62.30 5.01 36.71
N GLN OB 231 63.62 4.82 36.81
CA GLN OB 231 64.14 3.49 37.11
C GLN OB 231 63.53 2.93 38.38
N ALA OB 232 63.27 3.78 39.37
CA ALA OB 232 62.63 3.30 40.60
C ALA OB 232 61.23 2.76 40.30
N MET OB 233 60.46 3.47 39.50
CA MET OB 233 59.12 2.98 39.13
C MET OB 233 59.22 1.66 38.37
N ILE OB 234 60.14 1.58 37.41
CA ILE OB 234 60.28 0.37 36.62
C ILE OB 234 60.69 -0.80 37.50
N ASP OB 235 61.66 -0.57 38.38
CA ASP OB 235 62.11 -1.64 39.27
C ASP OB 235 60.97 -2.09 40.19
N ALA OB 236 60.15 -1.15 40.65
CA ALA OB 236 59.06 -1.51 41.55
C ALA OB 236 58.11 -2.51 40.90
N ALA OB 237 57.70 -2.24 39.66
CA ALA OB 237 56.82 -3.17 38.96
C ALA OB 237 57.52 -4.49 38.69
N THR OB 238 58.82 -4.43 38.38
CA THR OB 238 59.58 -5.65 38.18
C THR OB 238 59.62 -6.50 39.44
N ALA OB 239 59.67 -5.86 40.61
CA ALA OB 239 59.65 -6.60 41.87
C ALA OB 239 58.32 -7.33 42.06
N ASP OB 240 57.21 -6.67 41.75
CA ASP OB 240 55.91 -7.33 41.81
C ASP OB 240 55.75 -8.36 40.70
N ASP OB 241 56.60 -8.30 39.67
CA ASP OB 241 56.54 -9.28 38.59
C ASP OB 241 56.86 -10.68 39.10
N ALA OB 242 57.55 -10.79 40.23
CA ALA OB 242 57.83 -12.09 40.84
C ALA OB 242 56.70 -12.55 41.75
N ILE OB 243 55.92 -11.63 42.29
CA ILE OB 243 54.85 -11.95 43.23
C ILE OB 243 53.55 -12.13 42.46
N VAL OB 244 53.64 -12.16 41.13
CA VAL OB 244 52.46 -12.42 40.30
C VAL OB 244 51.82 -13.72 40.78
N ASN OB 245 50.53 -13.87 40.54
CA ASN OB 245 49.65 -14.89 41.10
C ASN OB 245 49.23 -14.54 42.52
N SER OB 246 49.81 -13.51 43.14
CA SER OB 246 49.33 -12.96 44.39
C SER OB 246 48.53 -11.69 44.16
N LEU OB 247 48.17 -11.42 42.90
CA LEU OB 247 47.45 -10.22 42.51
C LEU OB 247 46.07 -10.61 41.99
N ARG OB 248 45.10 -9.72 42.20
CA ARG OB 248 43.74 -9.98 41.76
C ARG OB 248 43.70 -10.33 40.29
N ASP OB 249 44.46 -9.60 39.47
CA ASP OB 249 44.53 -9.82 38.02
C ASP OB 249 46.00 -10.02 37.66
N PRO OB 250 46.49 -11.26 37.71
CA PRO OB 250 47.92 -11.49 37.50
C PRO OB 250 48.38 -11.11 36.09
N GLU OB 251 49.22 -10.08 36.01
CA GLU OB 251 49.81 -9.64 34.75
C GLU OB 251 51.23 -9.17 35.02
N ARG OB 252 52.12 -9.42 34.07
CA ARG OB 252 53.53 -9.05 34.21
C ARG OB 252 53.78 -7.73 33.49
N ASP OB 253 54.65 -6.90 34.09
CA ASP OB 253 54.90 -5.58 33.54
C ASP OB 253 55.39 -5.65 32.10
N LYS OB 254 56.13 -6.71 31.76
CA LYS OB 254 56.61 -6.85 30.38
C LYS OB 254 55.45 -6.96 29.39
N ASP OB 255 54.32 -7.51 29.83
CA ASP OB 255 53.16 -7.70 28.97
C ASP OB 255 52.21 -6.51 28.99
N ARG OB 256 52.53 -5.47 29.76
CA ARG OB 256 51.73 -4.26 29.80
C ARG OB 256 52.45 -3.05 29.26
N VAL OB 257 53.75 -3.13 29.01
CA VAL OB 257 54.54 -2.02 28.48
C VAL OB 257 55.36 -2.53 27.30
N LYS OB 258 55.38 -1.76 26.22
CA LYS OB 258 56.23 -2.10 25.08
C LYS OB 258 57.67 -1.66 25.33
N LYS OB 259 57.86 -0.51 25.98
CA LYS OB 259 59.16 -0.03 26.41
C LYS OB 259 59.08 0.25 27.90
N PRO OB 260 60.02 -0.26 28.70
CA PRO OB 260 59.90 -0.08 30.15
C PRO OB 260 59.80 1.36 30.59
N GLU OB 261 60.46 2.28 29.87
CA GLU OB 261 60.45 3.67 30.28
C GLU OB 261 59.09 4.33 30.10
N TRP OB 262 58.19 3.71 29.33
CA TRP OB 262 56.94 4.34 28.93
C TRP OB 262 55.78 3.44 29.28
N LEU OB 263 54.82 3.97 30.04
CA LEU OB 263 53.58 3.28 30.36
C LEU OB 263 52.43 4.08 29.75
N VAL OB 264 51.76 3.49 28.76
CA VAL OB 264 50.57 4.08 28.17
C VAL OB 264 49.38 3.24 28.60
N MET OB 265 48.45 3.86 29.32
CA MET OB 265 47.30 3.17 29.86
C MET OB 265 46.08 4.07 29.76
N LEU OB 266 44.90 3.47 29.74
CA LEU OB 266 43.66 4.22 29.79
C LEU OB 266 43.32 4.51 31.25
N GLY OB 267 43.21 5.79 31.60
CA GLY OB 267 43.01 6.19 32.97
C GLY OB 267 41.56 6.15 33.40
N VAL OB 268 41.00 4.94 33.50
CA VAL OB 268 39.62 4.75 33.90
C VAL OB 268 39.60 3.64 34.95
N CYS OB 269 39.23 3.99 36.17
CA CYS OB 269 39.16 3.00 37.24
C CYS OB 269 38.26 1.85 36.80
N THR OB 270 38.72 0.62 37.03
CA THR OB 270 37.93 -0.54 36.66
C THR OB 270 36.77 -0.79 37.61
N HIS OB 271 36.60 0.02 38.66
CA HIS OB 271 35.46 -0.19 39.54
C HIS OB 271 34.21 0.48 38.97
N LEU OB 272 34.20 1.81 38.91
CA LEU OB 272 33.01 2.55 38.48
C LEU OB 272 33.37 3.71 37.57
N GLY OB 273 34.54 3.65 36.93
CA GLY OB 273 34.86 4.54 35.84
C GLY OB 273 35.54 5.85 36.23
N CYS OB 274 35.57 6.19 37.52
CA CYS OB 274 36.29 7.39 37.93
C CYS OB 274 37.70 7.37 37.37
N VAL OB 275 38.28 8.56 37.19
CA VAL OB 275 39.61 8.71 36.63
C VAL OB 275 40.62 8.80 37.78
N PRO OB 276 41.56 7.87 37.90
CA PRO OB 276 42.51 7.92 39.00
C PRO OB 276 43.50 9.07 38.84
N TYR OB 277 44.07 9.48 39.97
CA TYR OB 277 45.07 10.54 40.00
C TYR OB 277 46.46 9.94 40.23
N PRO OB 278 47.47 10.35 39.47
CA PRO OB 278 48.79 9.74 39.59
C PRO OB 278 49.55 10.19 40.82
N ASP OB 279 50.59 9.43 41.14
CA ASP OB 279 51.45 9.71 42.29
C ASP OB 279 50.65 9.71 43.59
N GLN OB 280 49.67 8.82 43.67
CA GLN OB 280 48.81 8.72 44.83
C GLN OB 280 48.60 7.25 45.17
N GLY OB 281 48.26 7.00 46.42
CA GLY OB 281 48.01 5.66 46.90
C GLY OB 281 49.13 5.14 47.78
N LEU OB 282 49.12 3.82 47.97
CA LEU OB 282 50.14 3.15 48.75
C LEU OB 282 51.34 2.73 47.93
N TYR OB 283 51.17 2.58 46.62
CA TYR OB 283 52.24 2.16 45.72
C TYR OB 283 52.78 3.30 44.89
N GLY OB 284 52.41 4.54 45.21
CA GLY OB 284 52.88 5.67 44.42
C GLY OB 284 52.52 5.58 42.96
N GLY OB 285 51.46 4.84 42.64
CA GLY OB 285 51.04 4.64 41.28
C GLY OB 285 49.90 5.56 40.92
N TYR OB 286 48.68 5.05 41.01
CA TYR OB 286 47.49 5.84 40.68
C TYR OB 286 46.40 5.46 41.66
N PHE OB 287 45.88 6.44 42.39
CA PHE OB 287 44.85 6.22 43.41
C PHE OB 287 43.54 6.83 42.94
N CYS OB 288 42.51 6.00 42.82
CA CYS OB 288 41.18 6.53 42.53
C CYS OB 288 40.52 6.97 43.83
N PRO OB 289 40.24 8.26 44.01
CA PRO OB 289 39.69 8.74 45.29
C PRO OB 289 38.22 8.41 45.47
N CYS OB 290 37.52 7.96 44.43
CA CYS OB 290 36.10 7.72 44.55
C CYS OB 290 35.80 6.70 45.63
N HIS OB 291 36.38 5.51 45.53
CA HIS OB 291 36.12 4.45 46.47
C HIS OB 291 37.41 3.81 47.01
N GLY OB 292 38.57 4.34 46.64
CA GLY OB 292 39.82 3.95 47.25
C GLY OB 292 40.53 2.78 46.59
N SER OB 293 40.70 2.81 45.27
CA SER OB 293 41.43 1.78 44.56
C SER OB 293 42.87 2.24 44.33
N HIS OB 294 43.82 1.38 44.66
CA HIS OB 294 45.24 1.68 44.53
C HIS OB 294 45.82 0.81 43.42
N TYR OB 295 46.46 1.45 42.44
CA TYR OB 295 47.14 0.76 41.36
C TYR OB 295 48.64 1.00 41.48
N ASP OB 296 49.43 0.05 40.99
CA ASP OB 296 50.88 0.12 41.14
C ASP OB 296 51.47 0.95 39.98
N HIS OB 297 52.79 0.93 39.85
CA HIS OB 297 53.46 1.68 38.81
C HIS OB 297 53.31 1.05 37.43
N SER OB 298 52.73 -0.14 37.36
CA SER OB 298 52.39 -0.78 36.09
C SER OB 298 50.91 -0.68 35.77
N GLY OB 299 50.11 -0.11 36.65
CA GLY OB 299 48.68 -0.01 36.42
C GLY OB 299 47.87 -1.21 36.87
N ARG OB 300 48.45 -2.09 37.68
CA ARG OB 300 47.75 -3.28 38.16
C ARG OB 300 47.10 -2.99 39.50
N ILE OB 301 45.86 -3.46 39.66
CA ILE OB 301 45.11 -3.18 40.87
C ILE OB 301 45.74 -3.93 42.04
N ARG OB 302 46.04 -3.20 43.12
CA ARG OB 302 46.68 -3.76 44.28
C ARG OB 302 45.84 -3.67 45.55
N LEU OB 303 44.85 -2.78 45.59
CA LEU OB 303 44.00 -2.60 46.76
C LEU OB 303 42.79 -1.78 46.33
N GLY OB 304 41.67 -2.00 47.03
CA GLY OB 304 40.48 -1.22 46.80
C GLY OB 304 39.31 -2.06 46.30
N PRO OB 305 38.26 -1.39 45.81
CA PRO OB 305 37.12 -2.13 45.25
C PRO OB 305 37.30 -2.56 43.81
N ALA OB 306 38.24 -1.93 43.09
CA ALA OB 306 38.36 -2.19 41.65
C ALA OB 306 38.66 -3.66 41.39
N PRO OB 307 38.08 -4.25 40.34
CA PRO OB 307 38.26 -5.69 40.10
C PRO OB 307 39.44 -6.08 39.21
N LEU OB 308 39.84 -5.21 38.28
CA LEU OB 308 40.81 -5.58 37.24
C LEU OB 308 41.92 -4.53 37.16
N ASN OB 309 42.86 -4.75 36.26
CA ASN OB 309 43.92 -3.78 36.01
C ASN OB 309 43.47 -2.75 34.97
N MET OB 310 44.05 -1.56 35.06
CA MET OB 310 43.78 -0.53 34.06
C MET OB 310 44.21 -1.01 32.68
N GLU OB 311 43.33 -0.83 31.70
CA GLU OB 311 43.55 -1.39 30.37
C GLU OB 311 44.66 -0.67 29.62
N ILE OB 312 45.39 -1.43 28.81
CA ILE OB 312 46.44 -0.89 27.96
C ILE OB 312 45.87 -0.66 26.57
N PRO OB 313 45.87 0.57 26.06
CA PRO OB 313 45.25 0.83 24.76
C PRO OB 313 46.09 0.25 23.63
N THR OB 314 45.51 0.28 22.43
CA THR OB 314 46.22 -0.08 21.21
C THR OB 314 47.10 1.10 20.82
N TYR OB 315 48.42 0.90 20.86
CA TYR OB 315 49.35 1.96 20.52
C TYR OB 315 50.67 1.34 20.12
N GLU OB 316 51.32 1.93 19.12
CA GLU OB 316 52.63 1.51 18.66
C GLU OB 316 53.60 2.68 18.73
N PHE OB 317 54.89 2.36 18.68
CA PHE OB 317 55.96 3.37 18.67
C PHE OB 317 56.38 3.61 17.22
N THR OB 318 56.11 4.82 16.74
CA THR OB 318 56.55 5.19 15.39
C THR OB 318 58.06 5.29 15.32
N ASP OB 319 58.67 5.90 16.33
CA ASP OB 319 60.12 6.04 16.45
C ASP OB 319 60.42 5.99 17.95
N ASP OB 320 61.59 6.48 18.34
CA ASP OB 320 61.94 6.50 19.76
C ASP OB 320 61.25 7.61 20.54
N ASP OB 321 60.82 8.69 19.88
CA ASP OB 321 60.21 9.82 20.57
C ASP OB 321 58.83 10.14 20.01
N THR OB 322 58.10 9.11 19.56
CA THR OB 322 56.75 9.31 19.06
C THR OB 322 55.98 8.00 19.18
N ILE OB 323 54.73 8.12 19.64
CA ILE OB 323 53.79 7.01 19.72
C ILE OB 323 52.60 7.38 18.84
N ILE OB 324 51.87 6.36 18.40
CA ILE OB 324 50.64 6.56 17.64
C ILE OB 324 49.54 5.74 18.29
N LEU OB 325 48.58 6.43 18.91
CA LEU OB 325 47.46 5.76 19.55
C LEU OB 325 46.42 5.39 18.50
N GLY OB 326 46.13 4.10 18.38
CA GLY OB 326 45.23 3.60 17.36
C GLY OB 326 45.95 2.76 16.33
N SER PB 1 31.92 -38.54 -13.32
CA SER PB 1 30.89 -37.75 -12.66
C SER PB 1 30.53 -38.41 -11.35
N PHE PB 2 30.50 -37.61 -10.28
CA PHE PB 2 30.24 -38.13 -8.97
C PHE PB 2 28.76 -38.37 -8.73
N HIS PB 3 27.89 -37.63 -9.43
CA HIS PB 3 26.46 -37.87 -9.28
C HIS PB 3 26.09 -39.25 -9.79
N ARG PB 4 26.71 -39.69 -10.88
CA ARG PB 4 26.42 -41.03 -11.39
C ARG PB 4 26.82 -42.10 -10.40
N ALA PB 5 27.97 -41.93 -9.75
CA ALA PB 5 28.37 -42.89 -8.73
C ALA PB 5 27.41 -42.87 -7.55
N PHE PB 6 26.98 -41.69 -7.12
CA PHE PB 6 26.03 -41.61 -6.03
C PHE PB 6 24.71 -42.27 -6.40
N ALA PB 7 24.26 -42.09 -7.64
CA ALA PB 7 23.01 -42.69 -8.06
C ALA PB 7 23.08 -44.21 -8.00
N ARG PB 8 24.23 -44.77 -8.36
CA ARG PB 8 24.37 -46.22 -8.31
C ARG PB 8 24.37 -46.72 -6.86
N VAL PB 9 24.99 -45.97 -5.95
CA VAL PB 9 24.99 -46.38 -4.56
C VAL PB 9 23.57 -46.41 -4.01
N VAL PB 10 22.79 -45.37 -4.31
CA VAL PB 10 21.41 -45.32 -3.82
C VAL PB 10 20.61 -46.49 -4.38
N CYS PB 11 20.80 -46.79 -5.66
CA CYS PB 11 20.06 -47.88 -6.28
C CYS PB 11 20.38 -49.21 -5.63
N ASN PB 12 21.67 -49.47 -5.41
CA ASN PB 12 22.07 -50.75 -4.83
C ASN PB 12 21.59 -50.89 -3.41
N TYR PB 13 21.67 -49.83 -2.61
CA TYR PB 13 21.23 -49.93 -1.23
C TYR PB 13 19.74 -50.22 -1.15
N ASN PB 14 18.93 -49.42 -1.85
CA ASN PB 14 17.49 -49.62 -1.78
C ASN PB 14 17.10 -50.99 -2.30
N LYS PB 15 17.78 -51.48 -3.33
CA LYS PB 15 17.51 -52.83 -3.80
C LYS PB 15 17.82 -53.88 -2.76
N SER PB 16 18.68 -53.57 -1.79
CA SER PB 16 19.09 -54.53 -0.78
C SER PB 16 18.20 -54.52 0.44
N ILE PB 17 17.19 -53.64 0.50
CA ILE PB 17 16.26 -53.59 1.61
C ILE PB 17 14.81 -53.71 1.15
N GLU PB 18 14.59 -54.11 -0.10
CA GLU PB 18 13.23 -54.36 -0.55
C GLU PB 18 12.66 -55.55 0.18
N GLY PB 19 11.39 -55.44 0.58
CA GLY PB 19 10.74 -56.51 1.29
C GLY PB 19 11.11 -56.63 2.75
N SER PB 20 11.85 -55.67 3.29
CA SER PB 20 12.23 -55.73 4.70
C SER PB 20 11.00 -55.55 5.58
N VAL PB 21 10.96 -56.30 6.67
CA VAL PB 21 9.84 -56.22 7.60
C VAL PB 21 9.97 -54.94 8.41
N PRO PB 22 8.91 -54.15 8.57
CA PRO PB 22 9.02 -52.93 9.37
C PRO PB 22 9.36 -53.24 10.82
N TRP PB 23 9.97 -52.25 11.49
CA TRP PB 23 10.47 -52.50 12.83
C TRP PB 23 9.35 -52.95 13.76
N TYR PB 24 8.14 -52.42 13.58
CA TYR PB 24 7.05 -52.77 14.49
C TYR PB 24 6.54 -54.19 14.28
N GLN PB 25 6.74 -54.77 13.11
CA GLN PB 25 6.26 -56.12 12.83
C GLN PB 25 7.27 -57.19 13.19
N VAL PB 26 8.40 -56.83 13.74
CA VAL PB 26 9.39 -57.78 14.24
C VAL PB 26 9.01 -58.16 15.66
N LYS PB 27 9.20 -59.44 16.00
CA LYS PB 27 8.95 -59.92 17.36
C LYS PB 27 10.20 -59.63 18.18
N ARG PB 28 10.16 -58.54 18.95
CA ARG PB 28 11.33 -58.00 19.62
C ARG PB 28 11.29 -58.31 21.11
N GLU PB 29 12.39 -58.85 21.62
CA GLU PB 29 12.56 -59.10 23.04
C GLU PB 29 13.39 -57.97 23.64
N LYS PB 30 12.96 -57.44 24.78
CA LYS PB 30 13.69 -56.37 25.41
C LYS PB 30 15.06 -56.85 25.86
N SER PB 31 16.02 -55.95 25.85
CA SER PB 31 17.36 -56.27 26.29
C SER PB 31 17.39 -56.49 27.79
N PRO PB 32 18.41 -57.19 28.31
CA PRO PB 32 18.51 -57.37 29.76
C PRO PB 32 18.64 -56.07 30.54
N PHE PB 33 18.89 -54.95 29.87
CA PHE PB 33 18.99 -53.66 30.54
C PHE PB 33 17.66 -52.93 30.56
N GLN PB 34 16.91 -52.97 29.45
CA GLN PB 34 15.60 -52.34 29.44
C GLN PB 34 14.62 -53.07 30.36
N GLN PB 35 14.81 -54.37 30.53
CA GLN PB 35 13.95 -55.13 31.43
C GLN PB 35 14.16 -54.70 32.87
N VAL PB 36 15.41 -54.46 33.27
CA VAL PB 36 15.68 -53.98 34.62
C VAL PB 36 15.08 -52.61 34.85
N TRP PB 37 15.23 -51.71 33.88
CA TRP PB 37 14.65 -50.38 33.99
C TRP PB 37 13.14 -50.45 34.12
N ASP PB 38 12.50 -51.33 33.33
CA ASP PB 38 11.06 -51.50 33.43
C ASP PB 38 10.66 -52.09 34.77
N GLU PB 39 11.53 -52.92 35.37
CA GLU PB 39 11.19 -53.55 36.64
C GLU PB 39 11.20 -52.54 37.78
N VAL PB 40 12.06 -51.53 37.73
CA VAL PB 40 12.26 -50.60 38.83
C VAL PB 40 11.60 -49.26 38.57
N PHE PB 41 12.05 -48.54 37.54
CA PHE PB 41 11.57 -47.18 37.33
C PHE PB 41 10.09 -47.16 36.97
N THR PB 42 9.70 -47.98 36.00
CA THR PB 42 8.35 -47.87 35.45
C THR PB 42 7.27 -48.06 36.51
N PRO PB 43 7.31 -49.09 37.36
CA PRO PB 43 6.23 -49.22 38.36
C PRO PB 43 6.15 -48.05 39.31
N ILE PB 44 7.27 -47.61 39.87
CA ILE PB 44 7.23 -46.50 40.82
C ILE PB 44 6.78 -45.23 40.12
N TRP PB 45 7.29 -44.97 38.91
CA TRP PB 45 6.92 -43.78 38.18
C TRP PB 45 5.43 -43.76 37.88
N PHE PB 46 4.84 -44.91 37.54
CA PHE PB 46 3.41 -44.95 37.30
C PHE PB 46 2.62 -44.68 38.57
N LYS PB 47 3.04 -45.28 39.69
CA LYS PB 47 2.28 -45.14 40.92
C LYS PB 47 2.27 -43.70 41.41
N LEU PB 48 3.41 -43.01 41.32
CA LEU PB 48 3.56 -41.72 41.96
C LEU PB 48 3.34 -40.55 41.03
N VAL PB 49 3.71 -40.64 39.75
CA VAL PB 49 3.67 -39.48 38.89
C VAL PB 49 2.78 -39.70 37.68
N LYS PB 50 3.14 -40.65 36.82
CA LYS PB 50 2.45 -40.77 35.53
C LYS PB 50 0.99 -41.16 35.74
N GLY PB 51 0.73 -42.16 36.56
CA GLY PB 51 -0.62 -42.63 36.77
C GLY PB 51 -1.55 -41.53 37.27
N PRO PB 52 -1.21 -40.91 38.39
CA PRO PB 52 -2.08 -39.84 38.90
C PRO PB 52 -2.19 -38.64 37.97
N TYR PB 53 -1.09 -38.20 37.35
CA TYR PB 53 -1.18 -37.03 36.48
C TYR PB 53 -2.10 -37.31 35.30
N GLU PB 54 -1.94 -38.48 34.66
CA GLU PB 54 -2.69 -38.76 33.46
C GLU PB 54 -4.15 -39.08 33.78
N ARG PB 55 -4.42 -39.69 34.92
CA ARG PB 55 -5.81 -39.84 35.34
C ARG PB 55 -6.45 -38.49 35.58
N TRP PB 56 -5.72 -37.58 36.20
CA TRP PB 56 -6.23 -36.25 36.47
C TRP PB 56 -6.58 -35.53 35.17
N GLU PB 57 -5.71 -35.63 34.16
CA GLU PB 57 -5.99 -34.98 32.89
C GLU PB 57 -7.12 -35.68 32.14
N TYR PB 58 -7.14 -37.01 32.17
CA TYR PB 58 -8.18 -37.75 31.45
C TYR PB 58 -9.55 -37.49 32.05
N ASN PB 59 -9.65 -37.54 33.37
CA ASN PB 59 -10.95 -37.32 33.99
C ASN PB 59 -11.45 -35.92 33.73
N ALA PB 60 -10.55 -34.94 33.67
CA ALA PB 60 -10.96 -33.59 33.34
C ALA PB 60 -11.47 -33.51 31.92
N LEU PB 61 -10.82 -34.21 30.99
CA LEU PB 61 -11.26 -34.17 29.60
C LEU PB 61 -12.64 -34.79 29.44
N VAL PB 62 -12.90 -35.89 30.14
CA VAL PB 62 -14.22 -36.51 30.06
C VAL PB 62 -15.28 -35.57 30.60
N ALA PB 63 -14.96 -34.85 31.68
CA ALA PB 63 -15.91 -33.90 32.23
C ALA PB 63 -16.17 -32.75 31.26
N ARG PB 64 -15.12 -32.25 30.62
CA ARG PB 64 -15.30 -31.15 29.67
C ARG PB 64 -16.19 -31.58 28.52
N TYR PB 65 -15.97 -32.79 27.99
CA TYR PB 65 -16.83 -33.27 26.92
C TYR PB 65 -18.27 -33.44 27.39
N ARG PB 66 -18.45 -34.00 28.58
CA ARG PB 66 -19.80 -34.19 29.11
C ARG PB 66 -20.49 -32.86 29.38
N GLY PB 67 -19.73 -31.84 29.81
CA GLY PB 67 -20.33 -30.53 30.00
C GLY PB 67 -20.83 -29.92 28.72
N MET PB 68 -20.07 -30.10 27.63
CA MET PB 68 -20.50 -29.61 26.33
C MET PB 68 -21.51 -30.54 25.67
N GLY PB 69 -21.69 -31.76 26.18
CA GLY PB 69 -22.54 -32.73 25.54
C GLY PB 69 -22.03 -33.24 24.21
N ILE PB 70 -20.70 -33.29 24.03
CA ILE PB 70 -20.10 -33.71 22.77
C ILE PB 70 -19.34 -35.01 23.01
N MET PB 71 -19.03 -35.69 21.91
CA MET PB 71 -18.16 -36.86 21.93
C MET PB 71 -16.72 -36.43 21.66
N ALA PB 72 -15.78 -37.33 21.96
CA ALA PB 72 -14.39 -37.01 21.70
C ALA PB 72 -14.14 -36.82 20.21
N ASP PB 73 -14.73 -37.67 19.37
CA ASP PB 73 -14.51 -37.56 17.94
C ASP PB 73 -15.15 -36.32 17.34
N ASP PB 74 -16.12 -35.71 18.04
CA ASP PB 74 -16.65 -34.44 17.58
C ASP PB 74 -15.59 -33.36 17.63
N ALA PB 75 -14.65 -33.47 18.57
CA ALA PB 75 -13.69 -32.40 18.83
C ALA PB 75 -12.66 -32.24 17.72
N MET PB 76 -12.59 -33.17 16.77
CA MET PB 76 -11.60 -33.09 15.71
C MET PB 76 -11.86 -31.89 14.81
N ASN PB 77 -10.79 -31.21 14.43
CA ASN PB 77 -10.87 -30.01 13.60
C ASN PB 77 -10.78 -30.41 12.14
N ASP PB 78 -11.67 -29.88 11.32
CA ASP PB 78 -11.68 -30.25 9.91
C ASP PB 78 -10.63 -29.50 9.10
N LYS PB 79 -9.86 -28.62 9.72
CA LYS PB 79 -8.67 -28.08 9.06
C LYS PB 79 -7.63 -29.15 8.82
N ASP PB 80 -7.67 -30.25 9.57
CA ASP PB 80 -6.84 -31.41 9.27
C ASP PB 80 -7.40 -32.16 8.07
N MET PB 81 -6.53 -32.48 7.11
CA MET PB 81 -7.00 -33.01 5.84
C MET PB 81 -7.58 -34.42 5.98
N ILE PB 82 -7.00 -35.24 6.84
CA ILE PB 82 -7.57 -36.57 7.05
C ILE PB 82 -8.98 -36.46 7.59
N VAL PB 83 -9.20 -35.54 8.53
CA VAL PB 83 -10.55 -35.36 9.07
C VAL PB 83 -11.49 -34.92 7.97
N GLU PB 84 -11.06 -33.97 7.13
CA GLU PB 84 -11.92 -33.50 6.04
C GLU PB 84 -12.26 -34.62 5.08
N ARG PB 85 -11.27 -35.45 4.73
CA ARG PB 85 -11.53 -36.53 3.79
C ARG PB 85 -12.42 -37.59 4.41
N ALA PB 86 -12.27 -37.84 5.71
CA ALA PB 86 -13.17 -38.76 6.40
C ALA PB 86 -14.58 -38.21 6.47
N LEU PB 87 -14.73 -36.91 6.72
CA LEU PB 87 -16.07 -36.34 6.84
C LEU PB 87 -16.82 -36.35 5.52
N ASP PB 88 -16.12 -36.43 4.40
CA ASP PB 88 -16.80 -36.52 3.12
C ASP PB 88 -17.64 -37.78 3.00
N ILE PB 89 -17.24 -38.86 3.68
CA ILE PB 89 -17.83 -40.17 3.42
C ILE PB 89 -18.65 -40.69 4.59
N ILE PB 90 -18.83 -39.91 5.65
CA ILE PB 90 -19.61 -40.44 6.77
C ILE PB 90 -21.09 -40.49 6.38
N PRO PB 91 -21.84 -41.48 6.86
CA PRO PB 91 -23.25 -41.57 6.51
C PRO PB 91 -24.08 -40.47 7.15
N GLU PB 92 -25.24 -40.22 6.56
CA GLU PB 92 -26.01 -39.03 6.91
C GLU PB 92 -26.50 -39.06 8.35
N ASP PB 93 -26.92 -40.22 8.85
CA ASP PB 93 -27.43 -40.28 10.22
C ASP PB 93 -26.34 -39.93 11.22
N ILE PB 94 -25.12 -40.42 11.01
CA ILE PB 94 -24.01 -40.01 11.87
C ILE PB 94 -23.77 -38.52 11.73
N ARG PB 95 -23.86 -38.00 10.51
CA ARG PB 95 -23.58 -36.58 10.27
C ARG PB 95 -24.57 -35.70 11.01
N ILE PB 96 -25.85 -36.06 10.98
CA ILE PB 96 -26.88 -35.18 11.55
C ILE PB 96 -26.64 -35.00 13.04
N GLN PB 97 -26.44 -36.09 13.76
CA GLN PB 97 -26.24 -35.99 15.20
C GLN PB 97 -24.93 -35.31 15.55
N ARG PB 98 -23.88 -35.54 14.76
CA ARG PB 98 -22.62 -34.85 14.99
C ARG PB 98 -22.78 -33.34 14.90
N TYR PB 99 -23.51 -32.87 13.89
CA TYR PB 99 -23.72 -31.45 13.73
C TYR PB 99 -24.52 -30.87 14.88
N ARG PB 100 -25.56 -31.58 15.31
CA ARG PB 100 -26.40 -31.08 16.39
C ARG PB 100 -25.64 -31.03 17.70
N ARG PB 101 -24.84 -32.06 17.99
CA ARG PB 101 -24.04 -32.03 19.20
C ARG PB 101 -23.04 -30.89 19.17
N MET PB 102 -22.38 -30.67 18.04
CA MET PB 102 -21.38 -29.63 17.97
C MET PB 102 -22.01 -28.25 18.08
N MET PB 103 -23.20 -28.07 17.51
CA MET PB 103 -23.89 -26.79 17.63
C MET PB 103 -24.29 -26.51 19.07
N ARG PB 104 -24.81 -27.52 19.76
CA ARG PB 104 -25.19 -27.32 21.15
C ARG PB 104 -23.97 -26.98 22.00
N GLY PB 105 -22.85 -27.66 21.74
CA GLY PB 105 -21.65 -27.38 22.52
C GLY PB 105 -21.19 -25.94 22.39
N ALA PB 106 -21.20 -25.42 21.17
CA ALA PB 106 -20.72 -24.06 20.96
C ALA PB 106 -21.65 -23.05 21.61
N VAL PB 107 -22.97 -23.30 21.57
CA VAL PB 107 -23.90 -22.43 22.25
C VAL PB 107 -23.65 -22.44 23.74
N LEU PB 108 -23.48 -23.64 24.31
CA LEU PB 108 -23.22 -23.73 25.74
C LEU PB 108 -21.92 -23.03 26.10
N ALA PB 109 -20.86 -23.28 25.35
CA ALA PB 109 -19.58 -22.67 25.65
C ALA PB 109 -19.63 -21.16 25.49
N GLY PB 110 -20.28 -20.69 24.43
CA GLY PB 110 -20.33 -19.26 24.20
C GLY PB 110 -21.13 -18.51 25.26
N ARG PB 111 -22.21 -19.12 25.74
CA ARG PB 111 -23.04 -18.51 26.77
C ARG PB 111 -22.58 -18.86 28.17
N LYS PB 112 -21.46 -19.58 28.29
CA LYS PB 112 -20.87 -19.92 29.58
C LYS PB 112 -21.84 -20.73 30.45
N LEU PB 113 -22.40 -21.76 29.84
CA LEU PB 113 -23.34 -22.68 30.49
C LEU PB 113 -22.84 -24.10 30.30
N HIS PB 114 -23.43 -25.02 31.05
CA HIS PB 114 -23.05 -26.43 30.98
C HIS PB 114 -24.28 -27.29 30.78
N LEU PB 115 -24.07 -28.44 30.16
CA LEU PB 115 -25.19 -29.33 29.88
C LEU PB 115 -25.84 -29.76 31.20
N PRO PB 116 -27.16 -29.86 31.27
CA PRO PB 116 -27.78 -30.38 32.49
C PRO PB 116 -27.26 -31.76 32.83
N LEU PB 117 -27.10 -32.02 34.12
CA LEU PB 117 -26.57 -33.30 34.55
C LEU PB 117 -27.45 -34.47 34.12
N GLU PB 118 -28.73 -34.22 33.88
CA GLU PB 118 -29.63 -35.29 33.45
C GLU PB 118 -29.17 -35.88 32.13
N LEU PB 119 -28.48 -35.11 31.31
CA LEU PB 119 -28.07 -35.54 29.97
C LEU PB 119 -26.60 -35.94 29.89
N GLN PB 120 -25.90 -36.03 31.02
CA GLN PB 120 -24.46 -36.22 31.00
C GLN PB 120 -24.02 -37.66 31.17
N ASN PB 121 -24.94 -38.61 31.35
CA ASN PB 121 -24.55 -39.99 31.62
C ASN PB 121 -24.36 -40.74 30.30
N TYR PB 122 -23.21 -40.51 29.68
CA TYR PB 122 -22.84 -41.21 28.45
C TYR PB 122 -21.32 -41.33 28.41
N ASP PB 123 -20.84 -42.27 27.61
CA ASP PB 123 -19.41 -42.46 27.45
C ASP PB 123 -18.95 -41.59 26.28
N PRO PB 124 -18.13 -40.57 26.51
CA PRO PB 124 -17.75 -39.68 25.39
C PRO PB 124 -16.67 -40.24 24.51
N MET PB 125 -16.05 -41.35 24.89
CA MET PB 125 -14.88 -41.88 24.18
C MET PB 125 -15.24 -43.04 23.26
N VAL PB 126 -16.47 -43.07 22.75
CA VAL PB 126 -16.86 -44.08 21.75
C VAL PB 126 -16.29 -43.66 20.39
N PRO PB 127 -15.52 -44.52 19.72
CA PRO PB 127 -14.80 -44.09 18.50
C PRO PB 127 -15.61 -44.23 17.22
N TYR PB 128 -16.63 -43.39 17.06
CA TYR PB 128 -17.54 -43.59 15.94
C TYR PB 128 -16.93 -43.20 14.60
N MET PB 129 -15.89 -42.37 14.58
CA MET PB 129 -15.26 -41.97 13.33
C MET PB 129 -14.19 -42.95 12.86
N ALA PB 130 -13.84 -43.96 13.64
CA ALA PB 130 -12.70 -44.80 13.31
C ALA PB 130 -12.81 -45.46 11.94
N PRO PB 131 -13.93 -46.06 11.56
CA PRO PB 131 -13.98 -46.70 10.24
C PRO PB 131 -13.69 -45.75 9.11
N TYR PB 132 -14.13 -44.50 9.24
CA TYR PB 132 -13.99 -43.53 8.16
C TYR PB 132 -12.64 -42.86 8.17
N ILE PB 133 -12.02 -42.70 9.34
CA ILE PB 133 -10.67 -42.17 9.40
C ILE PB 133 -9.71 -43.15 8.73
N GLU PB 134 -9.90 -44.45 8.96
CA GLU PB 134 -9.03 -45.44 8.36
C GLU PB 134 -9.21 -45.52 6.85
N GLU PB 135 -10.45 -45.42 6.37
CA GLU PB 135 -10.67 -45.38 4.93
C GLU PB 135 -10.02 -44.16 4.31
N ALA PB 136 -10.16 -43.00 4.95
CA ALA PB 136 -9.59 -41.79 4.41
C ALA PB 136 -8.07 -41.87 4.36
N LYS PB 137 -7.44 -42.46 5.39
CA LYS PB 137 -6.00 -42.60 5.37
C LYS PB 137 -5.55 -43.53 4.25
N PHE PB 138 -6.30 -44.59 3.99
CA PHE PB 138 -5.99 -45.48 2.90
C PHE PB 138 -6.08 -44.76 1.56
N GLN PB 139 -7.16 -44.00 1.34
CA GLN PB 139 -7.29 -43.25 0.10
C GLN PB 139 -6.14 -42.27 -0.08
N MET PB 140 -5.75 -41.59 1.01
CA MET PB 140 -4.69 -40.60 0.90
C MET PB 140 -3.33 -41.26 0.70
N GLN PB 141 -3.10 -42.43 1.29
CA GLN PB 141 -1.82 -43.08 1.08
C GLN PB 141 -1.67 -43.58 -0.34
N GLU PB 142 -2.75 -44.09 -0.94
CA GLU PB 142 -2.69 -44.48 -2.35
C GLU PB 142 -2.36 -43.29 -3.23
N GLU PB 143 -3.01 -42.15 -2.98
CA GLU PB 143 -2.73 -40.96 -3.78
C GLU PB 143 -1.31 -40.49 -3.58
N GLN PB 144 -0.82 -40.52 -2.35
CA GLN PB 144 0.55 -40.11 -2.08
C GLN PB 144 1.53 -40.93 -2.89
N GLU PB 145 1.34 -42.24 -2.91
CA GLU PB 145 2.33 -43.12 -3.52
C GLU PB 145 2.24 -43.12 -5.04
N LEU PB 146 1.05 -43.34 -5.59
CA LEU PB 146 0.91 -43.47 -7.02
C LEU PB 146 0.91 -42.15 -7.77
N LEU PB 147 0.76 -41.02 -7.10
CA LEU PB 147 0.64 -39.75 -7.80
C LEU PB 147 1.53 -38.63 -7.29
N ALA PB 148 2.26 -38.81 -6.19
CA ALA PB 148 3.04 -37.73 -5.61
C ALA PB 148 4.40 -38.23 -5.14
N TYR PB 149 5.07 -39.02 -5.96
CA TYR PB 149 6.33 -39.63 -5.56
C TYR PB 149 7.56 -38.83 -6.00
N HIS PB 150 7.37 -37.66 -6.61
CA HIS PB 150 8.46 -36.87 -7.14
C HIS PB 150 8.07 -35.40 -7.01
N PRO PB 151 9.03 -34.50 -6.82
CA PRO PB 151 8.70 -33.08 -6.88
C PRO PB 151 8.53 -32.58 -8.31
N TRP PB 152 7.28 -32.38 -8.74
CA TRP PB 152 6.99 -32.12 -10.14
C TRP PB 152 7.25 -30.66 -10.49
N ASP PB 153 7.66 -30.43 -11.73
CA ASP PB 153 7.86 -29.09 -12.26
C ASP PB 153 6.61 -28.65 -13.01
N ARG PB 154 6.12 -27.45 -12.68
CA ARG PB 154 4.98 -26.87 -13.36
C ARG PB 154 5.28 -25.41 -13.66
N ARG PB 155 4.57 -24.85 -14.64
CA ARG PB 155 4.69 -23.43 -14.91
C ARG PB 155 4.18 -22.63 -13.71
N LEU PB 156 4.93 -21.59 -13.34
CA LEU PB 156 4.68 -20.90 -12.09
C LEU PB 156 3.69 -19.75 -12.23
N TYR PB 157 2.94 -19.51 -11.17
CA TYR PB 157 1.99 -18.41 -11.05
C TYR PB 157 1.15 -18.25 -12.32
N THR PB 158 0.40 -19.29 -12.62
CA THR PB 158 -0.47 -19.33 -13.78
C THR PB 158 -1.79 -19.95 -13.37
N ALA PB 159 -2.89 -19.39 -13.87
CA ALA PB 159 -4.23 -19.91 -13.61
C ALA PB 159 -4.62 -19.78 -12.14
N GLY PB 160 -4.10 -18.77 -11.45
CA GLY PB 160 -4.46 -18.52 -10.08
C GLY PB 160 -3.73 -19.36 -9.06
N VAL PB 161 -2.77 -20.17 -9.47
CA VAL PB 161 -2.11 -21.14 -8.61
C VAL PB 161 -0.61 -20.95 -8.76
N SER PB 162 0.12 -21.08 -7.65
CA SER PB 162 1.55 -20.76 -7.67
C SER PB 162 2.33 -21.69 -8.58
N GLY PB 163 1.83 -22.90 -8.82
CA GLY PB 163 2.59 -23.90 -9.53
C GLY PB 163 3.51 -24.72 -8.65
N PHE PB 164 3.52 -24.49 -7.35
CA PHE PB 164 4.34 -25.26 -6.44
C PHE PB 164 3.58 -26.43 -5.83
N GLY PB 165 2.34 -26.67 -6.24
CA GLY PB 165 1.61 -27.84 -5.80
C GLY PB 165 0.19 -27.63 -5.34
N GLU PB 166 -0.11 -26.53 -4.65
CA GLU PB 166 -1.47 -26.34 -4.16
C GLU PB 166 -2.44 -26.33 -5.32
N THR PB 167 -3.68 -26.76 -5.06
CA THR PB 167 -4.66 -26.95 -6.11
C THR PB 167 -5.79 -25.94 -6.12
N SER PB 168 -5.89 -25.07 -5.13
CA SER PB 168 -6.96 -24.08 -5.07
C SER PB 168 -6.43 -22.73 -5.54
N MET PB 169 -7.23 -22.04 -6.34
CA MET PB 169 -6.85 -20.73 -6.82
C MET PB 169 -6.97 -19.70 -5.70
N HIS PB 170 -6.06 -18.73 -5.73
CA HIS PB 170 -6.10 -17.60 -4.78
C HIS PB 170 -6.04 -18.09 -3.34
N SER PB 171 -5.20 -19.08 -3.08
CA SER PB 171 -5.08 -19.67 -1.75
C SER PB 171 -3.77 -19.34 -1.08
N THR PB 172 -3.01 -18.38 -1.61
CA THR PB 172 -1.78 -17.93 -0.96
C THR PB 172 -1.71 -16.41 -1.08
N PHE PB 173 -0.80 -15.80 -0.34
CA PHE PB 173 -0.67 -14.35 -0.40
C PHE PB 173 -0.12 -13.89 -1.74
N LEU PB 174 0.78 -14.66 -2.34
CA LEU PB 174 1.38 -14.27 -3.60
C LEU PB 174 0.53 -14.61 -4.80
N THR PB 175 -0.57 -15.34 -4.60
CA THR PB 175 -1.60 -15.48 -5.62
C THR PB 175 -2.86 -14.73 -5.24
N MET PB 176 -2.77 -13.86 -4.23
CA MET PB 176 -3.88 -13.06 -3.71
C MET PB 176 -5.23 -13.71 -3.95
N ALA QB 1 25.42 25.94 -7.59
CA ALA QB 1 25.87 24.73 -6.93
C ALA QB 1 27.35 24.48 -7.22
N ARG QB 2 27.83 24.86 -8.40
CA ARG QB 2 29.20 24.54 -8.78
C ARG QB 2 29.85 25.70 -9.50
N ALA QB 3 31.18 25.68 -9.52
CA ALA QB 3 31.96 26.85 -9.91
C ALA QB 3 31.94 27.10 -11.41
N TYR QB 4 31.91 26.05 -12.21
CA TYR QB 4 32.10 26.20 -13.66
C TYR QB 4 31.21 25.19 -14.38
N CYS QB 5 31.01 25.44 -15.66
CA CYS QB 5 30.35 24.49 -16.54
C CYS QB 5 31.39 23.73 -17.35
N GLY QB 6 31.33 22.40 -17.31
CA GLY QB 6 32.31 21.61 -18.02
C GLY QB 6 32.08 21.60 -19.52
N ARG QB 7 33.16 21.36 -20.26
CA ARG QB 7 33.14 21.40 -21.71
C ARG QB 7 34.21 20.44 -22.23
N PHE QB 8 34.11 20.10 -23.52
CA PHE QB 8 35.19 19.35 -24.13
C PHE QB 8 36.43 20.21 -24.21
N ALA QB 9 37.59 19.55 -24.16
CA ALA QB 9 38.84 20.30 -24.19
C ALA QB 9 39.01 21.06 -25.48
N PHE QB 10 38.49 20.53 -26.60
CA PHE QB 10 38.61 21.26 -27.86
C PHE QB 10 37.83 22.56 -27.80
N MET QB 11 36.76 22.61 -27.00
CA MET QB 11 36.04 23.86 -26.78
C MET QB 11 36.84 24.82 -25.91
N LEU QB 12 37.61 24.29 -24.95
CA LEU QB 12 38.44 25.11 -24.08
C LEU QB 12 39.75 25.41 -24.79
N ASP QB 13 40.02 26.69 -25.04
CA ASP QB 13 41.23 27.08 -25.76
C ASP QB 13 42.35 27.38 -24.76
N TYR QB 14 42.84 26.32 -24.12
CA TYR QB 14 43.90 26.49 -23.15
C TYR QB 14 45.22 26.80 -23.87
N PRO QB 15 46.02 27.71 -23.35
CA PRO QB 15 47.27 28.06 -24.04
C PRO QB 15 48.12 26.84 -24.31
N LYS QB 16 48.62 26.75 -25.54
CA LYS QB 16 49.50 25.64 -25.90
C LYS QB 16 50.89 25.83 -25.31
N SER QB 17 51.37 27.07 -25.24
CA SER QB 17 52.71 27.37 -24.78
C SER QB 17 52.67 28.53 -23.79
N TYR QB 18 53.80 28.75 -23.11
CA TYR QB 18 53.93 29.79 -22.10
C TYR QB 18 55.01 30.78 -22.52
N HIS QB 19 54.65 32.07 -22.55
CA HIS QB 19 55.60 33.14 -22.82
C HIS QB 19 55.87 33.89 -21.53
N PRO QB 20 57.12 34.00 -21.08
CA PRO QB 20 57.37 34.64 -19.78
C PRO QB 20 57.00 36.10 -19.82
N PRO QB 21 56.60 36.68 -18.69
CA PRO QB 21 56.28 38.11 -18.65
C PRO QB 21 57.52 38.96 -18.89
N ARG QB 22 57.29 40.14 -19.46
CA ARG QB 22 58.37 41.09 -19.72
C ARG QB 22 58.92 41.63 -18.41
N LYS QB 23 60.19 42.01 -18.44
CA LYS QB 23 60.88 42.52 -17.26
C LYS QB 23 61.12 44.02 -17.39
N ASN QB 24 60.94 44.72 -16.28
CA ASN QB 24 61.11 46.18 -16.25
C ASN QB 24 62.59 46.53 -16.29
N GLU QB 25 62.87 47.82 -16.54
CA GLU QB 25 64.25 48.28 -16.44
C GLU QB 25 64.79 48.06 -15.04
N ASP QB 26 63.96 48.27 -14.02
CA ASP QB 26 64.37 48.01 -12.65
C ASP QB 26 64.66 46.53 -12.41
N GLY QB 27 64.15 45.65 -13.24
CA GLY QB 27 64.35 44.23 -13.08
C GLY QB 27 63.17 43.47 -12.50
N ASP QB 28 62.04 44.12 -12.29
CA ASP QB 28 60.86 43.47 -11.77
C ASP QB 28 59.89 43.16 -12.91
N TYR QB 29 59.33 41.96 -12.88
CA TYR QB 29 58.44 41.53 -13.96
C TYR QB 29 57.20 42.42 -14.01
N VAL QB 30 56.83 42.82 -15.23
CA VAL QB 30 55.66 43.67 -15.44
C VAL QB 30 54.44 42.78 -15.64
N ASP QB 31 53.30 43.25 -15.16
CA ASP QB 31 52.09 42.46 -15.21
C ASP QB 31 51.69 42.23 -16.67
N PRO QB 32 51.48 40.99 -17.10
CA PRO QB 32 51.02 40.77 -18.48
C PRO QB 32 49.75 41.52 -18.79
N ARG QB 33 48.82 41.61 -17.84
CA ARG QB 33 47.54 42.25 -18.12
C ARG QB 33 47.73 43.73 -18.46
N THR QB 34 48.60 44.43 -17.74
CA THR QB 34 48.81 45.84 -18.03
C THR QB 34 49.39 46.03 -19.42
N ASP QB 35 50.28 45.14 -19.84
CA ASP QB 35 50.81 45.22 -21.19
C ASP QB 35 49.72 45.02 -22.24
N MET QB 36 48.74 44.18 -21.94
CA MET QB 36 47.67 43.90 -22.88
C MET QB 36 46.55 44.93 -22.86
N LEU QB 37 46.51 45.80 -21.85
CA LEU QB 37 45.42 46.77 -21.77
C LEU QB 37 45.35 47.68 -22.98
N PRO QB 38 46.44 48.31 -23.45
CA PRO QB 38 46.30 49.18 -24.63
C PRO QB 38 45.77 48.45 -25.85
N LYS QB 39 46.20 47.22 -26.09
CA LYS QB 39 45.74 46.49 -27.26
C LYS QB 39 44.24 46.23 -27.19
N CYS QB 40 43.77 45.73 -26.06
CA CYS QB 40 42.36 45.39 -25.95
C CYS QB 40 41.48 46.62 -25.98
N ALA QB 41 41.99 47.77 -25.53
CA ALA QB 41 41.24 49.00 -25.65
C ALA QB 41 41.01 49.34 -27.12
N ALA QB 42 42.03 49.14 -27.96
CA ALA QB 42 41.87 49.42 -29.38
C ALA QB 42 40.82 48.51 -30.01
N GLU QB 43 40.81 47.24 -29.62
CA GLU QB 43 39.83 46.31 -30.17
C GLU QB 43 38.41 46.67 -29.73
N CYS QB 44 38.26 47.46 -28.66
CA CYS QB 44 36.97 47.92 -28.20
C CYS QB 44 36.78 49.41 -28.47
N SER QB 45 37.36 49.90 -29.57
CA SER QB 45 37.34 51.33 -29.83
C SER QB 45 35.92 51.84 -29.98
N GLU QB 46 35.03 51.06 -30.60
CA GLU QB 46 33.68 51.54 -30.82
C GLU QB 46 33.00 51.89 -29.52
N TRP QB 47 33.07 50.99 -28.53
CA TRP QB 47 32.47 51.30 -27.23
C TRP QB 47 33.22 52.43 -26.55
N LEU QB 48 34.53 52.51 -26.74
CA LEU QB 48 35.29 53.57 -26.08
C LEU QB 48 34.89 54.94 -26.60
N THR QB 49 34.66 55.06 -27.91
CA THR QB 49 34.23 56.34 -28.45
C THR QB 49 32.88 56.75 -27.88
N GLU QB 50 31.99 55.79 -27.66
CA GLU QB 50 30.71 56.10 -27.05
C GLU QB 50 30.89 56.58 -25.61
N TYR QB 51 31.80 55.95 -24.86
CA TYR QB 51 32.09 56.42 -23.51
C TYR QB 51 32.74 57.80 -23.56
N ASN QB 52 33.66 58.01 -24.49
CA ASN QB 52 34.33 59.30 -24.58
C ASN QB 52 33.34 60.41 -24.87
N ALA QB 53 32.35 60.14 -25.72
CA ALA QB 53 31.32 61.13 -25.99
C ALA QB 53 30.55 61.49 -24.73
N CYS QB 54 30.18 60.48 -23.94
CA CYS QB 54 29.42 60.74 -22.72
C CYS QB 54 30.19 61.66 -21.78
N VAL QB 55 31.50 61.45 -21.68
CA VAL QB 55 32.30 62.30 -20.79
C VAL QB 55 32.18 63.75 -21.20
N GLN QB 56 32.24 64.02 -22.51
CA GLN QB 56 32.16 65.40 -22.98
C GLN QB 56 30.77 65.96 -22.77
N ARG QB 57 29.73 65.15 -22.95
CA ARG QB 57 28.37 65.66 -22.75
C ARG QB 57 28.14 66.04 -21.30
N ILE QB 58 28.57 65.20 -20.35
CA ILE QB 58 28.33 65.55 -18.95
C ILE QB 58 29.25 66.69 -18.53
N LYS QB 59 30.40 66.84 -19.20
CA LYS QB 59 31.26 67.97 -18.88
C LYS QB 59 30.55 69.29 -19.13
N MET QB 60 29.77 69.37 -20.21
CA MET QB 60 29.07 70.61 -20.57
C MET QB 60 27.67 70.64 -19.95
N ARG QB 61 27.64 70.51 -18.62
CA ARG QB 61 26.42 70.61 -17.84
C ARG QB 61 26.62 71.65 -16.75
N THR QB 62 25.72 72.64 -16.68
CA THR QB 62 25.76 73.58 -15.57
C THR QB 62 25.50 72.87 -14.25
N ASP QB 63 24.54 71.95 -14.23
CA ASP QB 63 24.29 71.15 -13.05
C ASP QB 63 25.39 70.11 -12.86
N GLY QB 64 25.47 69.57 -11.65
CA GLY QB 64 26.43 68.53 -11.34
C GLY QB 64 25.99 67.13 -11.72
N ARG QB 65 24.76 66.97 -12.21
CA ARG QB 65 24.24 65.65 -12.52
C ARG QB 65 24.94 65.08 -13.75
N GLY QB 66 24.97 63.75 -13.82
CA GLY QB 66 25.53 63.07 -14.96
C GLY QB 66 26.60 62.04 -14.63
N ASN QB 67 26.49 60.86 -15.23
CA ASN QB 67 27.46 59.79 -15.04
C ASN QB 67 27.62 59.07 -16.37
N CYS QB 68 28.77 58.41 -16.53
CA CYS QB 68 29.03 57.63 -17.72
C CYS QB 68 29.31 56.17 -17.38
N GLN QB 69 28.76 55.71 -16.26
CA GLN QB 69 29.05 54.35 -15.80
C GLN QB 69 28.52 53.31 -16.78
N GLY QB 70 27.35 53.55 -17.34
CA GLY QB 70 26.76 52.59 -18.25
C GLY QB 70 27.64 52.32 -19.45
N GLN QB 71 28.15 53.38 -20.07
CA GLN QB 71 29.05 53.20 -21.21
C GLN QB 71 30.37 52.58 -20.77
N TYR QB 72 30.86 52.98 -19.61
CA TYR QB 72 32.14 52.45 -19.11
C TYR QB 72 32.04 50.95 -18.86
N GLU QB 73 30.91 50.49 -18.33
CA GLU QB 73 30.75 49.06 -18.09
C GLU QB 73 30.75 48.28 -19.40
N GLU QB 74 30.13 48.82 -20.44
CA GLU QB 74 30.17 48.14 -21.74
C GLU QB 74 31.59 48.10 -22.28
N PHE QB 75 32.33 49.20 -22.18
CA PHE QB 75 33.72 49.18 -22.61
C PHE QB 75 34.54 48.21 -21.77
N ALA QB 76 34.35 48.22 -20.46
CA ALA QB 76 35.14 47.35 -19.60
C ALA QB 76 34.86 45.87 -19.91
N MET QB 77 33.60 45.53 -20.12
CA MET QB 77 33.28 44.14 -20.45
C MET QB 77 33.95 43.73 -21.74
N CYS QB 78 33.96 44.61 -22.74
CA CYS QB 78 34.60 44.28 -24.01
C CYS QB 78 36.10 44.11 -23.82
N GLN QB 79 36.74 45.01 -23.08
CA GLN QB 79 38.18 44.92 -22.90
C GLN QB 79 38.57 43.64 -22.18
N ASP QB 80 37.80 43.25 -21.16
CA ASP QB 80 38.12 42.06 -20.41
C ASP QB 80 37.93 40.80 -21.25
N HIS QB 81 36.92 40.78 -22.10
CA HIS QB 81 36.74 39.63 -22.99
C HIS QB 81 37.95 39.46 -23.88
N CYS QB 82 38.53 40.56 -24.36
CA CYS QB 82 39.76 40.47 -25.14
C CYS QB 82 40.91 39.95 -24.30
N ILE QB 83 41.03 40.42 -23.06
CA ILE QB 83 42.13 40.00 -22.20
C ILE QB 83 42.04 38.51 -21.92
N ALA QB 84 40.83 38.02 -21.68
CA ALA QB 84 40.65 36.61 -21.31
C ALA QB 84 41.19 35.68 -22.39
N HIS QB 85 41.07 36.06 -23.66
CA HIS QB 85 41.48 35.17 -24.73
C HIS QB 85 42.98 34.96 -24.76
N GLU QB 86 43.77 35.91 -24.25
CA GLU QB 86 45.21 35.83 -24.39
C GLU QB 86 46.00 35.90 -23.08
N LEU QB 87 45.36 36.18 -21.95
CA LEU QB 87 46.14 36.45 -20.74
C LEU QB 87 46.82 35.19 -20.20
N PHE QB 88 46.10 34.07 -20.17
CA PHE QB 88 46.68 32.88 -19.55
C PHE QB 88 47.88 32.36 -20.29
N HIS QB 89 48.12 32.82 -21.52
CA HIS QB 89 49.32 32.46 -22.26
C HIS QB 89 50.57 32.99 -21.58
N TYR QB 90 50.46 34.07 -20.81
CA TYR QB 90 51.59 34.67 -20.12
C TYR QB 90 51.67 34.28 -18.65
N LEU QB 91 50.75 33.47 -18.15
CA LEU QB 91 50.68 33.10 -16.75
C LEU QB 91 50.99 31.62 -16.60
N LYS QB 92 51.76 31.28 -15.57
CA LYS QB 92 52.11 29.89 -15.32
C LYS QB 92 50.92 29.15 -14.75
N PRO RB 1 10.72 -46.65 -37.40
CA PRO RB 1 9.60 -47.10 -38.24
C PRO RB 1 8.36 -46.23 -38.08
N PRO RB 2 7.47 -46.24 -39.06
CA PRO RB 2 6.30 -45.37 -39.01
C PRO RB 2 5.28 -45.82 -37.97
N ILE RB 3 4.56 -44.86 -37.43
CA ILE RB 3 3.47 -45.10 -36.49
C ILE RB 3 2.16 -44.97 -37.26
N GLN RB 4 1.37 -46.02 -37.26
CA GLN RB 4 0.16 -46.08 -38.07
C GLN RB 4 -1.12 -45.84 -37.28
N LYS RB 5 -1.03 -45.55 -35.99
CA LYS RB 5 -2.21 -45.37 -35.17
C LYS RB 5 -2.06 -44.12 -34.32
N PRO RB 6 -3.17 -43.49 -33.96
CA PRO RB 6 -3.07 -42.27 -33.15
C PRO RB 6 -2.45 -42.55 -31.80
N LEU RB 7 -1.81 -41.52 -31.23
CA LEU RB 7 -1.19 -41.66 -29.93
C LEU RB 7 -2.21 -41.94 -28.82
N LEU RB 8 -3.48 -41.61 -29.04
CA LEU RB 8 -4.52 -41.88 -28.07
C LEU RB 8 -5.29 -43.11 -28.51
N PRO RB 9 -5.08 -44.27 -27.91
CA PRO RB 9 -5.84 -45.45 -28.32
C PRO RB 9 -7.33 -45.28 -28.05
N SER RB 10 -8.15 -45.85 -28.94
CA SER RB 10 -9.59 -45.66 -28.82
C SER RB 10 -10.12 -46.27 -27.54
N GLY RB 11 -9.80 -47.54 -27.29
CA GLY RB 11 -10.31 -48.23 -26.13
C GLY RB 11 -11.75 -48.65 -26.20
N ARG RB 12 -12.40 -48.49 -27.36
CA ARG RB 12 -13.79 -48.84 -27.55
C ARG RB 12 -13.90 -50.10 -28.39
N ALA RB 13 -15.10 -50.67 -28.42
CA ALA RB 13 -15.35 -51.82 -29.26
C ALA RB 13 -15.35 -51.43 -30.73
N VAL RB 14 -14.69 -52.25 -31.54
CA VAL RB 14 -14.61 -51.95 -32.97
C VAL RB 14 -15.97 -52.15 -33.64
N LEU RB 15 -16.65 -53.25 -33.32
CA LEU RB 15 -17.93 -53.55 -33.96
C LEU RB 15 -19.05 -52.76 -33.32
N LYS RB 16 -20.00 -52.32 -34.14
CA LYS RB 16 -21.16 -51.61 -33.63
C LYS RB 16 -22.16 -52.59 -33.01
N HIS RB 17 -23.10 -52.03 -32.25
CA HIS RB 17 -24.07 -52.87 -31.56
C HIS RB 17 -24.86 -53.72 -32.53
N GLY RB 18 -24.91 -55.02 -32.27
CA GLY RB 18 -25.70 -55.93 -33.05
C GLY RB 18 -25.09 -56.35 -34.36
N ARG RB 19 -23.98 -55.75 -34.76
CA ARG RB 19 -23.33 -56.07 -36.02
C ARG RB 19 -22.08 -56.90 -35.74
N SER RB 20 -21.95 -58.01 -36.45
CA SER RB 20 -20.86 -58.94 -36.23
C SER RB 20 -19.80 -58.78 -37.31
N MET RB 21 -18.79 -59.65 -37.26
CA MET RB 21 -17.78 -59.68 -38.31
C MET RB 21 -18.40 -60.05 -39.64
N LEU RB 22 -19.47 -60.84 -39.63
CA LEU RB 22 -20.08 -61.32 -40.86
C LEU RB 22 -20.88 -60.23 -41.55
N CYS RB 23 -21.65 -59.44 -40.79
CA CYS RB 23 -22.63 -58.53 -41.35
C CYS RB 23 -22.24 -57.07 -41.21
N SER RB 24 -20.97 -56.78 -40.93
CA SER RB 24 -20.52 -55.41 -40.75
C SER RB 24 -20.02 -54.79 -42.04
N GLY RB 25 -20.18 -55.46 -43.17
CA GLY RB 25 -19.58 -54.97 -44.37
C GLY RB 25 -18.07 -55.18 -44.31
N ASN RB 26 -17.35 -54.37 -45.07
CA ASN RB 26 -15.89 -54.42 -45.10
C ASN RB 26 -15.38 -53.29 -44.21
N LEU RB 27 -14.77 -53.66 -43.09
CA LEU RB 27 -14.34 -52.67 -42.11
C LEU RB 27 -13.23 -51.78 -42.65
N SER RB 28 -12.61 -52.13 -43.77
CA SER RB 28 -11.54 -51.32 -44.31
C SER RB 28 -12.06 -50.03 -44.94
N TYR RB 29 -13.25 -50.06 -45.54
CA TYR RB 29 -13.79 -48.89 -46.22
C TYR RB 29 -15.24 -48.57 -45.89
N ASP RB 30 -15.93 -49.41 -45.14
CA ASP RB 30 -17.34 -49.14 -44.85
C ASP RB 30 -17.49 -47.84 -44.06
N VAL RB 31 -18.54 -47.09 -44.38
CA VAL RB 31 -18.71 -45.77 -43.77
C VAL RB 31 -18.90 -45.89 -42.26
N ASN RB 32 -19.69 -46.86 -41.81
CA ASN RB 32 -19.94 -47.02 -40.39
C ASN RB 32 -18.81 -47.69 -39.65
N SER RB 33 -17.78 -48.18 -40.34
CA SER RB 33 -16.66 -48.82 -39.68
C SER RB 33 -15.90 -47.83 -38.82
N THR RB 34 -15.46 -48.28 -37.65
CA THR RB 34 -14.65 -47.45 -36.77
C THR RB 34 -13.17 -47.53 -37.07
N ILE RB 35 -12.75 -48.41 -37.98
CA ILE RB 35 -11.34 -48.57 -38.31
C ILE RB 35 -11.09 -48.38 -39.80
N LYS RB 36 -12.00 -47.72 -40.50
CA LYS RB 36 -11.84 -47.50 -41.93
C LYS RB 36 -10.65 -46.58 -42.18
N ALA RB 37 -9.92 -46.86 -43.24
CA ALA RB 37 -8.81 -45.99 -43.62
C ALA RB 37 -9.36 -44.66 -44.10
N PRO RB 38 -8.95 -43.53 -43.54
CA PRO RB 38 -9.46 -42.24 -44.00
C PRO RB 38 -9.11 -42.01 -45.47
N GLU RB 39 -10.00 -41.30 -46.16
CA GLU RB 39 -9.80 -40.99 -47.57
C GLU RB 39 -8.85 -39.80 -47.71
N CYS RB 40 -7.85 -39.95 -48.57
CA CYS RB 40 -6.84 -38.91 -48.77
C CYS RB 40 -7.30 -37.95 -49.87
N LYS RB 41 -8.33 -37.16 -49.54
CA LYS RB 41 -8.79 -36.15 -50.48
C LYS RB 41 -7.71 -35.11 -50.74
N ARG RB 42 -7.05 -34.65 -49.69
CA ARG RB 42 -5.98 -33.66 -49.80
C ARG RB 42 -4.59 -34.28 -49.72
N GLY RB 43 -4.48 -35.60 -49.73
CA GLY RB 43 -3.20 -36.27 -49.67
C GLY RB 43 -2.98 -36.95 -48.33
N MET RB 44 -1.94 -37.78 -48.31
CA MET RB 44 -1.60 -38.56 -47.13
C MET RB 44 -0.72 -37.75 -46.19
N GLY RB 45 -1.01 -37.87 -44.89
CA GLY RB 45 -0.16 -37.24 -43.90
C GLY RB 45 -0.92 -36.57 -42.76
N PHE RB 46 -2.10 -36.03 -43.04
CA PHE RB 46 -2.81 -35.27 -42.01
C PHE RB 46 -3.32 -36.14 -40.88
N THR RB 47 -3.33 -37.46 -41.04
CA THR RB 47 -3.83 -38.31 -39.96
C THR RB 47 -2.96 -38.22 -38.72
N GLN RB 48 -1.76 -37.66 -38.82
CA GLN RB 48 -0.95 -37.44 -37.64
C GLN RB 48 -1.51 -36.33 -36.77
N PHE RB 49 -2.19 -35.35 -37.37
CA PHE RB 49 -2.86 -34.30 -36.62
C PHE RB 49 -4.30 -34.65 -36.25
N LYS RB 50 -4.88 -35.66 -36.89
CA LYS RB 50 -6.33 -35.84 -36.86
C LYS RB 50 -6.82 -36.29 -35.49
N ARG RB 51 -8.01 -35.80 -35.12
CA ARG RB 51 -8.71 -36.23 -33.91
C ARG RB 51 -9.68 -37.34 -34.30
N PHE RB 52 -9.43 -38.55 -33.82
CA PHE RB 52 -10.22 -39.71 -34.20
C PHE RB 52 -11.43 -39.93 -33.30
N THR RB 53 -11.59 -39.15 -32.26
CA THR RB 53 -12.75 -39.31 -31.39
C THR RB 53 -13.99 -38.81 -32.12
N PRO RB 54 -15.00 -39.65 -32.35
CA PRO RB 54 -16.16 -39.20 -33.14
C PRO RB 54 -16.96 -38.09 -32.50
N VAL RB 55 -16.96 -37.97 -31.18
CA VAL RB 55 -17.78 -36.96 -30.51
C VAL RB 55 -17.24 -35.58 -30.84
N PRO RB 56 -18.08 -34.62 -31.25
CA PRO RB 56 -17.58 -33.27 -31.52
C PRO RB 56 -17.08 -32.59 -30.26
N ILE RB 57 -16.17 -31.63 -30.45
CA ILE RB 57 -15.60 -30.90 -29.34
C ILE RB 57 -16.65 -30.00 -28.71
N GLU RB 58 -16.74 -30.01 -27.40
CA GLU RB 58 -17.58 -29.10 -26.63
C GLU RB 58 -16.63 -28.13 -25.91
N SER RB 59 -16.49 -26.93 -26.47
CA SER RB 59 -15.48 -26.01 -25.97
C SER RB 59 -15.72 -25.66 -24.52
N GLY RB 60 -14.68 -25.74 -23.71
CA GLY RB 60 -14.75 -25.33 -22.32
C GLY RB 60 -15.44 -26.31 -21.40
N VAL RB 61 -15.77 -27.52 -21.85
CA VAL RB 61 -16.37 -28.49 -20.96
C VAL RB 61 -15.40 -28.81 -19.85
N SER RB 62 -15.92 -28.94 -18.63
CA SER RB 62 -15.08 -29.10 -17.47
C SER RB 62 -14.64 -30.54 -17.29
N VAL RB 63 -13.34 -30.74 -17.10
CA VAL RB 63 -12.78 -32.02 -16.71
C VAL RB 63 -11.90 -31.89 -15.47
N GLY RB 64 -11.73 -30.69 -14.94
CA GLY RB 64 -10.88 -30.45 -13.80
C GLY RB 64 -11.66 -30.30 -12.51
N ASN RB 65 -12.88 -30.83 -12.47
CA ASN RB 65 -13.71 -30.76 -11.27
C ASN RB 65 -13.41 -31.97 -10.39
N ARG RB 66 -12.93 -31.70 -9.18
CA ARG RB 66 -12.59 -32.74 -8.23
C ARG RB 66 -13.75 -33.09 -7.31
N GLY RB 67 -14.95 -32.65 -7.63
CA GLY RB 67 -16.10 -32.79 -6.75
C GLY RB 67 -16.38 -31.56 -5.92
N TRP RB 68 -15.69 -30.45 -6.17
CA TRP RB 68 -15.87 -29.26 -5.37
C TRP RB 68 -17.09 -28.44 -5.78
N PHE RB 69 -17.65 -28.67 -6.96
CA PHE RB 69 -18.75 -27.87 -7.46
C PHE RB 69 -19.82 -28.77 -8.05
N PHE RB 70 -21.06 -28.30 -7.95
CA PHE RB 70 -22.17 -28.93 -8.66
C PHE RB 70 -22.23 -28.41 -10.08
N PRO RB 71 -22.79 -29.17 -11.01
CA PRO RB 71 -22.95 -28.67 -12.38
C PRO RB 71 -23.79 -27.40 -12.40
N GLY RB 72 -23.35 -26.43 -13.20
CA GLY RB 72 -24.07 -25.19 -13.34
C GLY RB 72 -23.67 -24.10 -12.35
N VAL RB 73 -22.82 -24.41 -11.37
CA VAL RB 73 -22.39 -23.44 -10.39
C VAL RB 73 -21.04 -22.90 -10.81
N ILE RB 74 -20.89 -21.58 -10.76
CA ILE RB 74 -19.69 -20.89 -11.23
C ILE RB 74 -18.77 -20.68 -10.04
N PRO RB 75 -17.57 -21.24 -10.03
CA PRO RB 75 -16.62 -20.91 -8.95
C PRO RB 75 -16.24 -19.44 -8.99
N TYR RB 76 -16.05 -18.86 -7.81
CA TYR RB 76 -15.63 -17.47 -7.66
C TYR RB 76 -14.28 -17.46 -6.96
N GLN RB 77 -13.24 -17.07 -7.68
CA GLN RB 77 -11.88 -17.04 -7.15
C GLN RB 77 -11.48 -18.40 -6.60
N GLY RB 78 -11.93 -19.46 -7.27
CA GLY RB 78 -11.52 -20.80 -6.93
C GLY RB 78 -12.30 -21.45 -5.81
N HIS RB 79 -13.22 -20.74 -5.18
CA HIS RB 79 -13.93 -21.27 -4.02
C HIS RB 79 -15.43 -21.12 -4.20
N ILE SB 1 -22.78 -20.30 -36.55
CA ILE SB 1 -21.51 -19.64 -36.82
C ILE SB 1 -21.74 -18.42 -37.70
N GLY SB 2 -20.64 -17.82 -38.17
CA GLY SB 2 -20.72 -16.60 -38.94
C GLY SB 2 -20.58 -15.40 -38.04
N PRO SB 3 -20.68 -14.20 -38.61
CA PRO SB 3 -20.56 -13.00 -37.80
C PRO SB 3 -21.70 -12.90 -36.82
N PRO SB 4 -21.48 -12.28 -35.66
CA PRO SB 4 -22.56 -12.14 -34.69
C PRO SB 4 -23.68 -11.26 -35.24
N LEU SB 5 -24.90 -11.57 -34.82
CA LEU SB 5 -26.06 -10.80 -35.25
C LEU SB 5 -26.06 -9.42 -34.61
N ARG SB 6 -26.53 -8.43 -35.37
CA ARG SB 6 -26.64 -7.09 -34.84
C ARG SB 6 -27.72 -7.02 -33.76
N THR SB 7 -27.40 -6.34 -32.66
CA THR SB 7 -28.36 -6.14 -31.59
C THR SB 7 -27.97 -4.89 -30.82
N ALA SB 8 -28.94 -4.03 -30.54
CA ALA SB 8 -28.68 -2.84 -29.76
C ALA SB 8 -28.67 -3.17 -28.28
N GLN SB 9 -27.82 -2.46 -27.54
CA GLN SB 9 -27.75 -2.67 -26.09
C GLN SB 9 -29.00 -2.12 -25.42
N ILE SB 10 -29.25 -2.61 -24.21
CA ILE SB 10 -30.35 -2.13 -23.39
C ILE SB 10 -29.81 -1.02 -22.50
N GLY SB 11 -30.20 0.22 -22.79
CA GLY SB 11 -29.70 1.35 -22.06
C GLY SB 11 -30.48 1.60 -20.79
N PRO SB 12 -30.22 2.73 -20.12
CA PRO SB 12 -29.24 3.74 -20.55
C PRO SB 12 -27.81 3.26 -20.43
N THR SB 13 -26.95 3.75 -21.32
CA THR SB 13 -25.54 3.41 -21.30
C THR SB 13 -24.67 4.56 -20.79
N VAL SB 14 -25.28 5.58 -20.22
CA VAL SB 14 -24.55 6.71 -19.66
C VAL SB 14 -25.07 6.97 -18.25
N GLY SB 15 -24.28 7.69 -17.47
CA GLY SB 15 -24.64 8.04 -16.11
C GLY SB 15 -23.54 7.68 -15.13
N GLY SB 16 -23.71 8.16 -13.91
CA GLY SB 16 -22.77 7.90 -12.85
C GLY SB 16 -21.53 8.74 -12.90
N ASN SB 17 -21.51 9.79 -13.71
CA ASN SB 17 -20.33 10.61 -13.95
C ASN SB 17 -20.49 11.98 -13.28
N GLY SB 18 -21.06 11.97 -12.08
CA GLY SB 18 -21.33 13.21 -11.38
C GLY SB 18 -20.09 13.87 -10.84
N GLY SB 19 -19.10 13.09 -10.41
CA GLY SB 19 -17.88 13.66 -9.90
C GLY SB 19 -17.16 14.53 -10.92
N ARG SB 20 -17.28 14.17 -12.20
CA ARG SB 20 -16.70 15.00 -13.25
C ARG SB 20 -17.49 16.28 -13.44
N THR SB 21 -18.80 16.23 -13.27
CA THR SB 21 -19.63 17.42 -13.40
C THR SB 21 -19.39 18.37 -12.24
N PHE SB 22 -19.15 17.85 -11.04
CA PHE SB 22 -18.82 18.72 -9.92
C PHE SB 22 -17.50 19.43 -10.16
N VAL SB 23 -16.50 18.71 -10.65
CA VAL SB 23 -15.21 19.32 -10.94
C VAL SB 23 -15.37 20.45 -11.95
N LEU SB 24 -16.16 20.22 -12.99
CA LEU SB 24 -16.41 21.27 -13.97
C LEU SB 24 -17.03 22.50 -13.32
N TYR SB 25 -18.12 22.30 -12.57
CA TYR SB 25 -18.80 23.42 -11.94
C TYR SB 25 -17.89 24.13 -10.95
N LEU SB 26 -17.13 23.38 -10.15
CA LEU SB 26 -16.24 23.99 -9.18
C LEU SB 26 -15.16 24.82 -9.86
N THR SB 27 -14.57 24.30 -10.94
CA THR SB 27 -13.48 25.01 -11.61
C THR SB 27 -13.98 26.25 -12.32
N THR SB 28 -15.12 26.14 -13.02
CA THR SB 28 -15.66 27.30 -13.70
C THR SB 28 -15.98 28.42 -12.73
N THR SB 29 -16.55 28.08 -11.58
CA THR SB 29 -16.92 29.10 -10.61
C THR SB 29 -15.71 29.85 -10.10
N ILE SB 30 -14.65 29.12 -9.75
CA ILE SB 30 -13.45 29.76 -9.21
C ILE SB 30 -12.85 30.69 -10.24
N ASN SB 31 -12.72 30.23 -11.48
CA ASN SB 31 -12.08 31.07 -12.49
C ASN SB 31 -12.93 32.27 -12.84
N VAL SB 32 -14.26 32.15 -12.76
CA VAL SB 32 -15.11 33.30 -12.97
C VAL SB 32 -14.87 34.35 -11.90
N LEU SB 33 -14.80 33.91 -10.64
CA LEU SB 33 -14.53 34.85 -9.56
C LEU SB 33 -13.15 35.46 -9.73
N ILE SB 34 -12.16 34.67 -10.16
CA ILE SB 34 -10.84 35.22 -10.40
C ILE SB 34 -10.89 36.30 -11.47
N ALA SB 35 -11.70 36.08 -12.50
CA ALA SB 35 -11.81 37.07 -13.58
C ALA SB 35 -12.32 38.40 -13.04
N PHE SB 36 -13.34 38.36 -12.19
CA PHE SB 36 -13.86 39.60 -11.63
C PHE SB 36 -12.83 40.29 -10.74
N GLN SB 37 -12.16 39.52 -9.87
CA GLN SB 37 -11.19 40.13 -8.98
C GLN SB 37 -10.05 40.75 -9.78
N VAL SB 38 -9.53 40.03 -10.75
CA VAL SB 38 -8.39 40.53 -11.52
C VAL SB 38 -8.80 41.76 -12.33
N SER SB 39 -9.95 41.69 -12.98
CA SER SB 39 -10.40 42.82 -13.78
C SER SB 39 -10.67 44.04 -12.90
N TRP SB 40 -11.29 43.82 -11.74
CA TRP SB 40 -11.58 44.94 -10.86
C TRP SB 40 -10.32 45.57 -10.30
N ALA SB 41 -9.44 44.74 -9.74
CA ALA SB 41 -8.27 45.29 -9.06
C ALA SB 41 -7.25 45.84 -10.03
N CYS SB 42 -7.00 45.15 -11.13
CA CYS SB 42 -5.94 45.56 -12.04
C CYS SB 42 -6.35 46.73 -12.92
N TYR SB 43 -7.61 46.78 -13.36
CA TYR SB 43 -8.04 47.76 -14.34
C TYR SB 43 -9.06 48.74 -13.78
N LEU SB 44 -10.21 48.26 -13.30
CA LEU SB 44 -11.28 49.17 -12.90
C LEU SB 44 -10.92 49.95 -11.64
N GLN SB 45 -10.34 49.27 -10.66
CA GLN SB 45 -10.06 49.93 -9.39
C GLN SB 45 -9.17 51.16 -9.55
N PRO SB 46 -8.01 51.09 -10.19
CA PRO SB 46 -7.19 52.31 -10.32
C PRO SB 46 -7.89 53.42 -11.07
N ARG SB 47 -8.66 53.09 -12.10
CA ARG SB 47 -9.33 54.14 -12.85
C ARG SB 47 -10.41 54.81 -12.01
N TRP SB 48 -11.10 54.05 -11.17
CA TRP SB 48 -12.07 54.66 -10.27
C TRP SB 48 -11.40 55.66 -9.34
N ARG SB 49 -10.23 55.28 -8.79
CA ARG SB 49 -9.53 56.20 -7.89
C ARG SB 49 -9.12 57.47 -8.62
N SER SB 50 -8.64 57.34 -9.86
CA SER SB 50 -8.29 58.53 -10.63
C SER SB 50 -9.51 59.40 -10.85
N PHE SB 51 -10.66 58.79 -11.15
CA PHE SB 51 -11.88 59.56 -11.29
C PHE SB 51 -12.25 60.22 -9.98
N ARG SB 52 -12.02 59.54 -8.85
CA ARG SB 52 -12.28 60.15 -7.55
C ARG SB 52 -11.44 61.39 -7.36
N SER SB 53 -10.17 61.33 -7.74
CA SER SB 53 -9.31 62.50 -7.61
C SER SB 53 -9.83 63.65 -8.47
N ASP SB 54 -10.32 63.36 -9.66
CA ASP SB 54 -10.83 64.41 -10.53
C ASP SB 54 -12.00 65.13 -9.87
N MET SB 55 -12.91 64.38 -9.24
CA MET SB 55 -14.01 65.02 -8.52
C MET SB 55 -13.49 65.88 -7.39
N LEU SB 56 -12.43 65.43 -6.72
CA LEU SB 56 -11.84 66.24 -5.65
C LEU SB 56 -11.37 67.59 -6.19
N GLU SB 57 -10.99 67.67 -7.46
CA GLU SB 57 -10.56 68.94 -8.01
C GLU SB 57 -11.62 70.01 -7.81
N LYS SB 58 -12.89 69.62 -7.77
CA LYS SB 58 -13.94 70.56 -7.45
C LYS SB 58 -13.66 71.28 -6.14
N PHE SB 59 -13.07 70.57 -5.18
CA PHE SB 59 -12.63 71.07 -3.88
C PHE SB 59 -13.82 71.27 -2.94
N PRO SB 60 -15.05 71.17 -3.41
CA PRO SB 60 -16.22 71.26 -2.54
C PRO SB 60 -16.43 69.99 -1.73
N SER SB 61 -15.84 68.88 -2.18
CA SER SB 61 -15.93 67.60 -1.49
C SER SB 61 -14.60 67.18 -0.88
N LEU SB 62 -13.71 68.15 -0.65
CA LEU SB 62 -12.41 67.86 -0.06
C LEU SB 62 -12.58 67.11 1.26
N GLN SB 63 -11.73 66.11 1.47
CA GLN SB 63 -11.81 65.29 2.67
C GLN SB 63 -11.14 65.99 3.84
N PRO SB 64 -11.85 66.04 4.98
CA PRO SB 64 -11.32 66.69 6.16
C PRO SB 64 -10.04 66.01 6.63
N ASP SB 65 -9.08 66.80 7.07
CA ASP SB 65 -7.81 66.28 7.58
C ASP SB 65 -7.77 66.23 9.10
N MET SB 66 -8.65 66.96 9.78
CA MET SB 66 -8.76 66.92 11.24
C MET SB 66 -9.81 65.92 11.70
N ASP SB 67 -10.49 65.24 10.78
CA ASP SB 67 -11.54 64.31 11.16
C ASP SB 67 -11.05 63.28 12.17
N GLU SB 68 -9.80 62.84 12.03
CA GLU SB 68 -9.17 61.90 12.94
C GLU SB 68 -10.16 60.85 13.44
N LYS SB 69 -10.74 60.14 12.48
CA LYS SB 69 -11.75 59.14 12.81
C LYS SB 69 -11.10 57.87 13.34
N PHE TB 1 20.95 31.57 -110.76
CA PHE TB 1 21.29 31.83 -109.34
C PHE TB 1 21.95 33.19 -109.21
N GLU TB 2 22.35 33.55 -107.99
CA GLU TB 2 23.01 34.81 -107.76
C GLU TB 2 23.97 34.67 -106.58
N LEU TB 3 24.90 35.61 -106.50
CA LEU TB 3 25.80 35.65 -105.36
C LEU TB 3 25.02 35.95 -104.09
N ASN TB 4 25.50 35.42 -102.97
CA ASN TB 4 24.83 35.65 -101.70
C ASN TB 4 24.84 37.13 -101.33
N ILE TB 5 25.92 37.83 -101.66
CA ILE TB 5 26.08 39.24 -101.32
C ILE TB 5 26.42 40.02 -102.58
N ASN TB 6 25.79 41.18 -102.72
CA ASN TB 6 26.10 42.10 -103.81
C ASN TB 6 27.22 43.02 -103.33
N ILE TB 7 28.45 42.74 -103.77
CA ILE TB 7 29.61 43.42 -103.24
C ILE TB 7 29.58 44.90 -103.61
N ILE TB 8 30.10 45.73 -102.71
CA ILE TB 8 30.29 47.16 -102.95
C ILE TB 8 31.76 47.39 -103.24
N ASN TB 9 32.06 47.83 -104.45
CA ASN TB 9 33.46 47.90 -104.89
C ASN TB 9 34.14 49.21 -104.49
N TYR TB 10 33.47 50.33 -104.69
CA TYR TB 10 34.11 51.63 -104.52
C TYR TB 10 33.26 52.54 -103.65
N ASN TB 11 33.92 53.47 -102.97
CA ASN TB 11 33.25 54.45 -102.15
C ASN TB 11 34.16 55.66 -101.99
N TYR TB 12 33.57 56.86 -102.06
CA TYR TB 12 34.35 58.08 -101.92
C TYR TB 12 33.91 58.96 -100.76
N LEU TB 13 32.84 58.62 -100.06
CA LEU TB 13 32.45 59.39 -98.88
C LEU TB 13 33.50 59.29 -97.78
N GLY TB 14 34.17 58.14 -97.67
CA GLY TB 14 35.14 57.97 -96.61
C GLY TB 14 36.23 59.03 -96.67
N ILE TB 15 36.72 59.32 -97.86
CA ILE TB 15 37.74 60.34 -98.01
C ILE TB 15 37.20 61.70 -97.61
N ILE TB 16 35.99 62.02 -98.07
CA ILE TB 16 35.42 63.32 -97.78
C ILE TB 16 35.19 63.48 -96.28
N ILE TB 17 34.61 62.47 -95.65
CA ILE TB 17 34.33 62.56 -94.22
C ILE TB 17 35.62 62.69 -93.43
N THR TB 18 36.64 61.92 -93.80
CA THR TB 18 37.91 62.01 -93.08
C THR TB 18 38.54 63.38 -93.25
N VAL TB 19 38.47 63.96 -94.45
CA VAL TB 19 39.00 65.29 -94.67
C VAL TB 19 38.21 66.32 -93.87
N ILE TB 20 36.89 66.16 -93.81
CA ILE TB 20 36.07 67.05 -93.01
C ILE TB 20 36.54 67.03 -91.56
N ILE TB 21 36.86 65.84 -91.04
CA ILE TB 21 37.37 65.74 -89.67
C ILE TB 21 38.66 66.53 -89.53
N SER TB 22 39.57 66.40 -90.50
CA SER TB 22 40.84 67.11 -90.40
C SER TB 22 40.63 68.62 -90.40
N ILE TB 23 39.61 69.11 -91.10
CA ILE TB 23 39.40 70.54 -91.16
C ILE TB 23 39.19 71.12 -89.77
N TYR TB 24 38.61 70.34 -88.87
CA TYR TB 24 38.44 70.81 -87.49
C TYR TB 24 39.78 71.13 -86.84
N ILE TB 25 40.78 70.29 -87.09
CA ILE TB 25 42.08 70.51 -86.48
C ILE TB 25 42.77 71.73 -87.11
N TYR TB 26 42.70 71.84 -88.43
CA TYR TB 26 43.46 72.84 -89.18
C TYR TB 26 42.72 74.16 -89.34
N ASN TB 27 41.64 74.39 -88.61
CA ASN TB 27 40.92 75.64 -88.71
C ASN TB 27 41.74 76.77 -88.09
N ASN TB 28 41.60 77.96 -88.68
CA ASN TB 28 42.05 79.20 -88.08
C ASN TB 28 40.89 80.08 -87.63
N SER TB 29 39.65 79.63 -87.82
CA SER TB 29 38.49 80.38 -87.37
C SER TB 29 37.40 79.40 -86.95
N ASN TB 30 36.72 79.72 -85.85
CA ASN TB 30 35.63 78.87 -85.41
C ASN TB 30 34.43 78.93 -86.34
N ILE TB 31 34.38 79.92 -87.23
CA ILE TB 31 33.31 79.98 -88.21
C ILE TB 31 33.44 78.84 -89.21
N ILE TB 32 34.68 78.50 -89.58
CA ILE TB 32 34.87 77.38 -90.50
C ILE TB 32 34.36 76.09 -89.87
N SER TB 33 34.55 75.93 -88.55
CA SER TB 33 34.07 74.73 -87.89
C SER TB 33 32.56 74.61 -87.99
N VAL TB 34 31.84 75.72 -87.85
CA VAL TB 34 30.39 75.68 -87.94
C VAL TB 34 29.97 75.20 -89.33
N TYR TB 35 30.57 75.77 -90.37
CA TYR TB 35 30.22 75.35 -91.72
C TYR TB 35 30.75 73.95 -92.01
N ASN TB 36 31.87 73.58 -91.41
CA ASN TB 36 32.39 72.22 -91.59
C ASN TB 36 31.42 71.21 -91.02
N SER TB 37 30.78 71.53 -89.90
CA SER TB 37 29.83 70.60 -89.30
C SER TB 37 28.66 70.33 -90.23
N ASN TB 38 28.22 71.34 -90.97
CA ASN TB 38 27.16 71.12 -91.94
C ASN TB 38 27.60 70.13 -93.01
N LEU TB 39 28.85 70.24 -93.48
CA LEU TB 39 29.33 69.28 -94.47
C LEU TB 39 29.31 67.87 -93.91
N LEU TB 40 29.73 67.71 -92.65
CA LEU TB 40 29.70 66.39 -92.03
C LEU TB 40 28.28 65.86 -91.99
N LEU TB 41 27.32 66.73 -91.65
CA LEU TB 41 25.93 66.31 -91.62
C LEU TB 41 25.46 65.89 -93.01
N ILE TB 42 25.85 66.64 -94.04
CA ILE TB 42 25.43 66.30 -95.40
C ILE TB 42 25.98 64.94 -95.79
N ASN TB 43 27.28 64.72 -95.58
CA ASN TB 43 27.90 63.49 -96.06
C ASN TB 43 27.42 62.27 -95.29
N ILE TB 44 27.17 62.43 -94.00
CA ILE TB 44 26.60 61.33 -93.23
C ILE TB 44 25.23 60.97 -93.77
N ASN TB 45 24.45 61.96 -94.20
CA ASN TB 45 23.16 61.68 -94.81
C ASN TB 45 23.32 60.85 -96.08
N ILE TB 46 24.33 61.16 -96.89
CA ILE TB 46 24.57 60.39 -98.10
C ILE TB 46 24.87 58.94 -97.74
N TRP TB 47 25.66 58.73 -96.69
CA TRP TB 47 25.94 57.36 -96.25
C TRP TB 47 24.66 56.66 -95.84
N MET TB 48 23.76 57.37 -95.16
CA MET TB 48 22.46 56.80 -94.82
C MET TB 48 21.64 56.51 -96.08
N LYS TB 49 21.83 57.31 -97.13
CA LYS TB 49 21.16 57.02 -98.40
C LYS TB 49 21.60 55.69 -98.97
N TYR TB 50 22.90 55.40 -98.88
CA TYR TB 50 23.40 54.13 -99.40
C TYR TB 50 22.78 52.95 -98.65
N ASN TB 51 22.59 53.09 -97.34
CA ASN TB 51 21.98 52.02 -96.57
C ASN TB 51 20.55 51.75 -97.04
N ILE TB 52 19.79 52.82 -97.32
CA ILE TB 52 18.43 52.62 -97.80
C ILE TB 52 18.42 51.99 -99.18
N LEU TB 53 19.37 52.39 -100.04
CA LEU TB 53 19.42 51.83 -101.37
C LEU TB 53 19.82 50.35 -101.35
N ASP TB 54 20.53 49.92 -100.32
CA ASP TB 54 20.91 48.52 -100.22
C ASP TB 54 19.71 47.61 -100.05
N MET TB 55 18.53 48.15 -99.72
CA MET TB 55 17.33 47.33 -99.62
C MET TB 55 17.07 46.59 -100.91
N LEU TB 56 17.48 47.15 -102.05
CA LEU TB 56 17.24 46.51 -103.34
C LEU TB 56 17.88 45.13 -103.43
N ASN TB 57 18.87 44.84 -102.59
CA ASN TB 57 19.50 43.53 -102.63
C ASN TB 57 18.64 42.44 -102.02
N LEU TB 58 17.62 42.80 -101.23
CA LEU TB 58 16.70 41.83 -100.64
C LEU TB 58 17.45 40.79 -99.79
N ASN TB 59 18.42 41.24 -99.00
CA ASN TB 59 19.24 40.36 -98.20
C ASN TB 59 18.67 40.28 -96.79
N VAL TB 60 18.37 39.06 -96.34
CA VAL TB 60 17.69 38.89 -95.06
C VAL TB 60 18.60 39.28 -93.90
N LEU TB 61 19.91 39.11 -94.05
CA LEU TB 61 20.82 39.37 -92.94
C LEU TB 61 21.15 40.85 -92.77
N ASP TB 62 20.74 41.71 -93.70
CA ASP TB 62 21.06 43.13 -93.57
C ASP TB 62 20.41 43.74 -92.34
N TYR TB 63 19.14 43.40 -92.08
CA TYR TB 63 18.47 43.92 -90.89
C TYR TB 63 19.20 43.48 -89.63
N LYS TB 64 19.55 42.19 -89.56
CA LYS TB 64 20.21 41.68 -88.37
C LYS TB 64 21.56 42.36 -88.14
N ILE TB 65 22.31 42.57 -89.23
CA ILE TB 65 23.64 43.17 -89.09
C ILE TB 65 23.54 44.56 -88.49
N LEU TB 66 22.63 45.38 -89.02
CA LEU TB 66 22.50 46.75 -88.53
C LEU TB 66 21.98 46.77 -87.10
N LEU TB 67 21.06 45.87 -86.78
CA LEU TB 67 20.51 45.85 -85.42
C LEU TB 67 21.61 45.57 -84.40
N TRP TB 68 22.49 44.61 -84.68
CA TRP TB 68 23.54 44.30 -83.73
C TRP TB 68 24.58 45.40 -83.67
N ILE TB 69 24.78 46.12 -84.77
CA ILE TB 69 25.67 47.28 -84.73
C ILE TB 69 25.14 48.31 -83.75
N VAL TB 70 23.83 48.56 -83.78
CA VAL TB 70 23.23 49.53 -82.87
C VAL TB 70 23.42 49.07 -81.42
N VAL TB 71 23.28 47.77 -81.18
CA VAL TB 71 23.49 47.24 -79.83
C VAL TB 71 24.88 47.58 -79.35
N ILE TB 72 25.89 47.40 -80.20
CA ILE TB 72 27.25 47.74 -79.82
C ILE TB 72 27.37 49.23 -79.54
N ILE TB 73 26.77 50.06 -80.39
CA ILE TB 73 26.82 51.50 -80.18
C ILE TB 73 26.18 51.87 -78.85
N ILE TB 74 25.03 51.25 -78.54
CA ILE TB 74 24.36 51.52 -77.28
C ILE TB 74 25.29 51.19 -76.11
N SER TB 75 25.99 50.06 -76.19
CA SER TB 75 26.90 49.69 -75.12
C SER TB 75 27.99 50.74 -74.95
N ASN TB 76 28.53 51.25 -76.06
CA ASN TB 76 29.57 52.27 -75.96
C ASN TB 76 29.03 53.53 -75.30
N GLU TB 77 27.79 53.91 -75.61
CA GLU TB 77 27.20 55.07 -74.96
C GLU TB 77 27.06 54.84 -73.46
N ILE TB 78 26.65 53.64 -73.06
CA ILE TB 78 26.52 53.33 -71.64
C ILE TB 78 27.88 53.41 -70.96
N LEU TB 79 28.90 52.82 -71.58
CA LEU TB 79 30.22 52.81 -70.96
C LEU TB 79 30.81 54.22 -70.88
N LEU TB 80 30.47 55.08 -71.84
CA LEU TB 80 30.92 56.46 -71.75
C LEU TB 80 30.33 57.15 -70.53
N PHE TB 81 29.04 56.94 -70.26
CA PHE TB 81 28.43 57.48 -69.05
C PHE TB 81 29.04 56.87 -67.81
N VAL TB 82 29.37 55.58 -67.86
CA VAL TB 82 30.00 54.93 -66.71
C VAL TB 82 31.28 55.67 -66.32
N SER TB 83 32.08 56.07 -67.32
CA SER TB 83 33.31 56.78 -67.02
C SER TB 83 33.03 58.09 -66.30
N PHE TB 84 31.99 58.81 -66.70
CA PHE TB 84 31.63 60.04 -66.00
C PHE TB 84 31.16 59.73 -64.57
N TYR TB 85 30.36 58.69 -64.40
CA TYR TB 85 29.99 58.27 -63.05
C TYR TB 85 31.23 57.88 -62.26
N TRP TB 86 32.16 57.17 -62.90
CA TRP TB 86 33.42 56.84 -62.25
C TRP TB 86 34.14 58.09 -61.80
N ILE TB 87 34.25 59.09 -62.67
CA ILE TB 87 34.91 60.33 -62.32
C ILE TB 87 34.19 61.00 -61.16
N TYR TB 88 32.86 61.02 -61.21
CA TYR TB 88 32.09 61.68 -60.16
C TYR TB 88 32.32 61.03 -58.80
N TYR TB 89 32.26 59.70 -58.75
CA TYR TB 89 32.30 59.00 -57.47
C TYR TB 89 33.71 58.83 -56.94
N HIS TB 90 34.74 59.02 -57.76
CA HIS TB 90 36.09 58.92 -57.26
C HIS TB 90 36.36 59.99 -56.21
N ASN TB 91 35.88 61.21 -56.44
CA ASN TB 91 36.05 62.31 -55.50
C ASN TB 91 34.89 62.44 -54.54
N TYR TB 92 34.10 61.36 -54.36
CA TYR TB 92 32.95 61.42 -53.48
C TYR TB 92 33.34 61.84 -52.07
N ILE TB 93 34.54 61.46 -51.63
CA ILE TB 93 34.96 61.77 -50.26
C ILE TB 93 35.14 63.26 -50.04
N ASN TB 94 35.23 64.05 -51.12
CA ASN TB 94 35.44 65.48 -51.01
C ASN TB 94 34.18 66.29 -51.20
N TYR TB 95 33.02 65.65 -51.29
CA TYR TB 95 31.77 66.35 -51.52
C TYR TB 95 31.01 66.60 -50.22
N TYR TB 96 30.05 67.51 -50.30
CA TYR TB 96 29.01 67.75 -49.30
C TYR TB 96 29.49 68.52 -48.07
N HIS TB 97 30.79 68.82 -47.95
CA HIS TB 97 31.26 69.65 -46.84
C HIS TB 97 32.05 70.86 -47.34
N VAL TB 98 31.99 71.16 -48.62
CA VAL TB 98 32.63 72.34 -49.18
C VAL TB 98 31.58 73.43 -49.31
N ASN TB 99 32.03 74.69 -49.25
CA ASN TB 99 31.11 75.83 -49.23
C ASN TB 99 30.60 76.11 -50.65
N ILE TB 100 29.78 75.19 -51.14
CA ILE TB 100 29.07 75.36 -52.39
C ILE TB 100 27.63 74.91 -52.19
N LEU TB 101 26.74 75.42 -53.03
CA LEU TB 101 25.33 75.10 -52.95
C LEU TB 101 25.02 74.01 -53.97
N ILE TB 102 24.70 72.82 -53.47
CA ILE TB 102 24.34 71.71 -54.35
C ILE TB 102 22.88 71.85 -54.73
N LEU TB 103 22.44 71.10 -55.73
CA LEU TB 103 21.12 71.31 -56.30
C LEU TB 103 20.03 70.79 -55.37
N ASN TB 104 18.86 71.41 -55.48
CA ASN TB 104 17.71 71.00 -54.70
C ASN TB 104 17.14 69.70 -55.24
N SER TB 105 16.49 68.94 -54.35
CA SER TB 105 15.96 67.64 -54.68
C SER TB 105 14.45 67.64 -54.90
N TYR TB 106 13.84 68.82 -55.02
CA TYR TB 106 12.39 68.93 -55.13
C TYR TB 106 11.93 69.37 -56.51
N ASN TB 107 12.51 70.43 -57.05
CA ASN TB 107 11.95 71.05 -58.26
C ASN TB 107 12.50 70.42 -59.54
N ILE TB 108 13.81 70.51 -59.75
CA ILE TB 108 14.38 70.11 -61.03
C ILE TB 108 14.13 68.64 -61.29
N VAL TB 109 14.38 67.79 -60.30
CA VAL TB 109 14.30 66.36 -60.52
C VAL TB 109 12.89 65.94 -60.90
N TYR TB 110 11.88 66.47 -60.20
CA TYR TB 110 10.52 65.99 -60.42
C TYR TB 110 10.02 66.35 -61.81
N ASN TB 111 10.14 67.61 -62.20
CA ASN TB 111 9.61 68.02 -63.49
C ASN TB 111 10.37 67.35 -64.63
N ASN TB 112 11.69 67.21 -64.51
CA ASN TB 112 12.46 66.53 -65.55
C ASN TB 112 12.04 65.07 -65.66
N ILE TB 113 11.85 64.39 -64.53
CA ILE TB 113 11.42 63.00 -64.58
C ILE TB 113 10.05 62.91 -65.23
N ILE TB 114 9.12 63.79 -64.84
CA ILE TB 114 7.81 63.80 -65.45
C ILE TB 114 7.93 64.10 -66.94
N LEU TB 115 8.73 65.12 -67.28
CA LEU TB 115 8.86 65.52 -68.67
C LEU TB 115 9.45 64.40 -69.53
N LEU TB 116 10.50 63.76 -69.03
CA LEU TB 116 11.14 62.69 -69.81
C LEU TB 116 10.28 61.45 -69.87
N THR TB 117 9.46 61.20 -68.85
CA THR TB 117 8.54 60.08 -68.91
C THR TB 117 7.52 60.27 -70.02
N LEU TB 118 7.01 61.49 -70.18
CA LEU TB 118 6.10 61.76 -71.28
C LEU TB 118 6.77 61.49 -72.62
N LEU TB 119 8.05 61.84 -72.72
CA LEU TB 119 8.77 61.56 -73.96
C LEU TB 119 8.77 60.07 -74.26
N SER TB 120 8.97 59.24 -73.22
CA SER TB 120 8.94 57.80 -73.42
C SER TB 120 7.56 57.34 -73.86
N THR TB 121 6.50 57.89 -73.26
CA THR TB 121 5.15 57.48 -73.62
C THR TB 121 4.85 57.83 -75.08
N ILE TB 122 5.33 58.98 -75.55
CA ILE TB 122 5.11 59.36 -76.94
C ILE TB 122 5.78 58.35 -77.87
N VAL TB 123 7.04 58.01 -77.57
CA VAL TB 123 7.76 57.07 -78.41
C VAL TB 123 7.12 55.70 -78.34
N ASN TB 124 6.60 55.31 -77.18
CA ASN TB 124 5.91 54.04 -77.06
C ASN TB 124 4.68 54.01 -77.96
N ILE TB 125 3.93 55.11 -78.02
CA ILE TB 125 2.77 55.16 -78.89
C ILE TB 125 3.20 55.07 -80.35
N LYS TB 126 4.32 55.69 -80.69
CA LYS TB 126 4.85 55.55 -82.05
C LYS TB 126 5.16 54.09 -82.36
N PHE TB 127 5.77 53.38 -81.42
CA PHE TB 127 6.05 51.96 -81.64
C PHE TB 127 4.76 51.18 -81.82
N TYR TB 128 3.75 51.47 -81.00
CA TYR TB 128 2.49 50.74 -81.13
C TYR TB 128 1.86 50.97 -82.49
N ASN TB 129 1.87 52.22 -82.96
CA ASN TB 129 1.34 52.50 -84.29
C ASN TB 129 2.15 51.80 -85.36
N TYR TB 130 3.47 51.78 -85.21
CA TYR TB 130 4.31 51.07 -86.16
C TYR TB 130 3.98 49.59 -86.19
N ILE TB 131 3.58 49.02 -85.04
CA ILE TB 131 3.15 47.62 -85.02
C ILE TB 131 1.84 47.47 -85.76
N LEU TB 132 0.95 48.44 -85.65
CA LEU TB 132 -0.38 48.35 -86.22
C LEU TB 132 -0.47 48.91 -87.62
N SER TB 133 0.65 49.32 -88.21
CA SER TB 133 0.65 49.92 -89.55
C SER TB 133 -0.30 51.13 -89.59
N TYR TB 134 0.01 52.09 -88.72
CA TYR TB 134 -0.86 53.23 -88.50
C TYR TB 134 0.00 54.43 -88.11
N TYR TB 135 -0.56 55.62 -88.26
CA TYR TB 135 0.18 56.84 -88.02
C TYR TB 135 -0.72 57.86 -87.35
N LYS TB 136 -0.10 58.70 -86.51
CA LYS TB 136 -0.79 59.82 -85.87
C LYS TB 136 0.09 61.05 -86.01
N TYR TB 137 -0.42 62.06 -86.70
CA TYR TB 137 0.41 63.22 -87.05
C TYR TB 137 0.88 63.96 -85.81
N ILE TB 138 0.00 64.13 -84.81
CA ILE TB 138 0.30 64.99 -83.69
C ILE TB 138 1.49 64.50 -82.87
N LEU TB 139 1.80 63.20 -82.95
CA LEU TB 139 2.80 62.65 -82.03
C LEU TB 139 4.15 63.33 -82.19
N SER TB 140 4.58 63.57 -83.42
CA SER TB 140 5.88 64.20 -83.63
C SER TB 140 5.94 65.57 -82.99
N TYR TB 141 4.86 66.35 -83.11
CA TYR TB 141 4.87 67.69 -82.55
C TYR TB 141 4.82 67.69 -81.04
N LEU TB 142 4.33 66.61 -80.42
CA LEU TB 142 4.45 66.48 -78.97
C LEU TB 142 5.91 66.31 -78.57
N ILE TB 143 6.69 65.58 -79.35
CA ILE TB 143 8.11 65.44 -79.07
C ILE TB 143 8.82 66.78 -79.15
N TYR TB 144 8.49 67.57 -80.18
CA TYR TB 144 9.14 68.87 -80.33
C TYR TB 144 8.81 69.78 -79.16
N TYR TB 145 7.54 69.79 -78.74
CA TYR TB 145 7.19 70.54 -77.54
C TYR TB 145 7.95 70.02 -76.33
N ASN TB 146 8.05 68.70 -76.21
CA ASN TB 146 8.79 68.12 -75.09
C ASN TB 146 10.24 68.56 -75.13
N ASN TB 147 10.87 68.49 -76.31
CA ASN TB 147 12.27 68.91 -76.42
C ASN TB 147 12.42 70.41 -76.22
N TYR TB 148 11.43 71.20 -76.61
CA TYR TB 148 11.52 72.64 -76.40
C TYR TB 148 11.57 72.97 -74.91
N MET TB 149 10.71 72.34 -74.12
CA MET TB 149 10.71 72.60 -72.68
C MET TB 149 12.02 72.18 -72.06
N PHE TB 150 12.55 71.03 -72.46
CA PHE TB 150 13.79 70.55 -71.89
C PHE TB 150 14.92 71.53 -72.16
N ASN TB 151 15.01 72.04 -73.38
CA ASN TB 151 16.02 73.04 -73.70
C ASN TB 151 15.81 74.30 -72.89
N ASN TB 152 14.56 74.75 -72.77
CA ASN TB 152 14.31 75.99 -72.05
C ASN TB 152 14.69 75.87 -70.59
N LYS TB 153 14.37 74.73 -69.97
CA LYS TB 153 14.67 74.54 -68.56
C LYS TB 153 16.16 74.44 -68.30
N ILE TB 154 16.88 73.69 -69.14
CA ILE TB 154 18.31 73.49 -68.90
C ILE TB 154 19.08 74.79 -69.11
N ILE TB 155 18.68 75.60 -70.09
CA ILE TB 155 19.37 76.86 -70.35
C ILE TB 155 19.26 77.77 -69.14
N LEU TB 156 18.07 77.90 -68.57
CA LEU TB 156 17.88 78.77 -67.42
C LEU TB 156 18.66 78.25 -66.21
N GLU TB 157 18.67 76.94 -66.02
CA GLU TB 157 19.34 76.38 -64.85
C GLU TB 157 20.82 76.71 -64.87
N TYR TB 158 21.48 76.54 -66.01
CA TYR TB 158 22.89 76.87 -66.12
C TYR TB 158 23.15 78.35 -65.88
N LYS TB 159 22.30 79.21 -66.44
CA LYS TB 159 22.53 80.64 -66.32
C LYS TB 159 22.32 81.14 -64.90
N ASN TB 160 21.37 80.57 -64.17
CA ASN TB 160 21.06 81.05 -62.84
C ASN TB 160 21.83 80.33 -61.73
N ASN TB 161 22.56 79.28 -62.05
CA ASN TB 161 23.38 78.62 -61.04
C ASN TB 161 24.48 79.57 -60.56
N SER TB 162 24.70 79.59 -59.26
CA SER TB 162 25.63 80.54 -58.64
C SER TB 162 27.03 79.97 -58.47
N ASN TB 163 27.27 78.72 -58.84
CA ASN TB 163 28.59 78.11 -58.75
C ASN TB 163 29.07 77.75 -60.16
N TYR TB 164 30.38 77.67 -60.32
CA TYR TB 164 31.00 77.57 -61.62
C TYR TB 164 31.89 76.34 -61.72
N THR TB 165 32.26 76.00 -62.96
CA THR TB 165 33.05 74.81 -63.20
C THR TB 165 34.35 74.82 -62.43
N ASN TB 166 34.94 75.99 -62.22
CA ASN TB 166 36.22 76.10 -61.54
C ASN TB 166 36.09 76.13 -60.02
N ASP TB 167 34.87 76.07 -59.48
CA ASP TB 167 34.70 76.15 -58.03
C ASP TB 167 35.12 74.86 -57.34
N SER TB 168 34.72 73.70 -57.88
CA SER TB 168 35.08 72.43 -57.26
C SER TB 168 34.87 71.32 -58.27
N VAL TB 169 35.51 70.17 -58.01
CA VAL TB 169 35.32 69.02 -58.88
C VAL TB 169 33.88 68.55 -58.85
N TYR TB 170 33.18 68.80 -57.74
CA TYR TB 170 31.77 68.47 -57.69
C TYR TB 170 30.99 69.23 -58.76
N MET TB 171 31.19 70.54 -58.82
CA MET TB 171 30.46 71.35 -59.79
C MET TB 171 30.82 70.95 -61.22
N THR TB 172 32.11 70.69 -61.47
CA THR TB 172 32.50 70.26 -62.81
C THR TB 172 31.77 68.99 -63.21
N SER TB 173 31.74 68.01 -62.32
CA SER TB 173 31.08 66.76 -62.63
C SER TB 173 29.58 66.94 -62.80
N TYR TB 174 28.96 67.80 -61.99
CA TYR TB 174 27.54 68.07 -62.18
C TYR TB 174 27.28 68.65 -63.56
N PHE TB 175 28.00 69.71 -63.93
CA PHE TB 175 27.78 70.33 -65.22
C PHE TB 175 28.07 69.37 -66.36
N TYR TB 176 29.17 68.61 -66.25
CA TYR TB 176 29.57 67.74 -67.34
C TYR TB 176 28.59 66.60 -67.53
N ILE TB 177 28.15 65.97 -66.44
CA ILE TB 177 27.20 64.86 -66.56
C ILE TB 177 25.90 65.36 -67.16
N ILE TB 178 25.44 66.53 -66.76
CA ILE TB 178 24.20 67.08 -67.30
C ILE TB 178 24.36 67.44 -68.76
N LEU TB 179 25.52 67.99 -69.13
CA LEU TB 179 25.75 68.30 -70.55
C LEU TB 179 25.78 67.04 -71.39
N LEU TB 180 26.45 66.00 -70.90
CA LEU TB 180 26.54 64.76 -71.67
C LEU TB 180 25.15 64.21 -71.93
N HIS TB 181 24.25 64.28 -70.96
CA HIS TB 181 22.88 63.86 -71.18
C HIS TB 181 22.19 64.74 -72.20
N TYR TB 182 22.41 66.05 -72.12
CA TYR TB 182 21.79 66.96 -73.09
C TYR TB 182 22.24 66.63 -74.51
N ILE TB 183 23.53 66.40 -74.70
CA ILE TB 183 24.03 66.09 -76.04
C ILE TB 183 23.32 64.86 -76.59
N HIS TB 184 23.08 63.87 -75.73
CA HIS TB 184 22.35 62.69 -76.16
C HIS TB 184 20.88 63.00 -76.41
N ILE TB 185 20.32 63.99 -75.72
CA ILE TB 185 18.98 64.45 -76.06
C ILE TB 185 18.98 65.13 -77.40
N TYR TB 186 19.99 65.96 -77.67
CA TYR TB 186 20.08 66.63 -78.96
C TYR TB 186 20.29 65.63 -80.08
N ASP TB 187 21.08 64.59 -79.85
CA ASP TB 187 21.22 63.53 -80.86
C ASP TB 187 19.88 62.89 -81.15
N SER TB 188 18.99 62.82 -80.16
CA SER TB 188 17.66 62.27 -80.39
C SER TB 188 16.85 63.18 -81.30
N ILE TB 189 17.01 64.50 -81.15
CA ILE TB 189 16.34 65.42 -82.07
C ILE TB 189 16.82 65.19 -83.48
N ILE TB 190 18.13 65.00 -83.65
CA ILE TB 190 18.69 64.73 -84.98
C ILE TB 190 18.01 63.53 -85.60
N LEU TB 191 17.80 62.47 -84.81
CA LEU TB 191 17.18 61.27 -85.35
C LEU TB 191 15.68 61.44 -85.57
N ILE TB 192 14.96 62.04 -84.63
CA ILE TB 192 13.50 62.01 -84.70
C ILE TB 192 12.93 62.98 -85.72
N VAL TB 193 13.71 63.95 -86.19
CA VAL TB 193 13.16 64.95 -87.09
C VAL TB 193 12.70 64.34 -88.41
N VAL TB 194 13.20 63.16 -88.77
CA VAL TB 194 12.86 62.54 -90.05
C VAL TB 194 11.79 61.46 -89.91
N TYR TB 195 11.20 61.30 -88.73
CA TYR TB 195 10.22 60.24 -88.55
C TYR TB 195 9.07 60.42 -89.53
N ASN TB 196 8.77 59.36 -90.27
CA ASN TB 196 7.70 59.35 -91.24
C ASN TB 196 7.11 57.94 -91.26
N TYR TB 197 6.07 57.75 -92.07
CA TYR TB 197 5.52 56.41 -92.30
C TYR TB 197 6.12 55.87 -93.60
N VAL TB 198 6.78 54.74 -93.51
CA VAL TB 198 7.32 54.04 -94.67
C VAL TB 198 6.52 52.76 -94.85
N ASN TB 199 6.17 52.45 -96.10
CA ASN TB 199 5.26 51.36 -96.36
C ASN TB 199 5.91 49.99 -96.32
N TYR TB 200 7.24 49.91 -96.18
CA TYR TB 200 7.86 48.60 -95.98
C TYR TB 200 8.01 48.27 -94.51
N LYS TB 201 7.60 49.17 -93.61
CA LYS TB 201 7.25 48.87 -92.24
C LYS TB 201 8.32 48.12 -91.45
N ASN TB 202 8.06 46.87 -91.06
CA ASN TB 202 8.86 46.20 -90.04
C ASN TB 202 10.20 45.72 -90.55
N ILE TB 203 10.59 46.04 -91.79
CA ILE TB 203 11.93 45.77 -92.26
C ILE TB 203 12.77 47.06 -92.29
N ASN TB 204 12.31 48.09 -91.59
CA ASN TB 204 12.96 49.39 -91.52
C ASN TB 204 13.71 49.47 -90.20
N ASN TB 205 15.05 49.50 -90.26
CA ASN TB 205 15.83 49.49 -89.04
C ASN TB 205 15.68 50.76 -88.22
N TYR TB 206 15.17 51.84 -88.81
CA TYR TB 206 15.11 53.11 -88.10
C TYR TB 206 14.16 53.04 -86.91
N TYR TB 207 13.02 52.35 -87.05
CA TYR TB 207 12.04 52.36 -85.98
C TYR TB 207 12.58 51.68 -84.73
N ILE TB 208 13.18 50.50 -84.87
CA ILE TB 208 13.70 49.81 -83.70
C ILE TB 208 14.85 50.60 -83.09
N ASN TB 209 15.67 51.24 -83.92
CA ASN TB 209 16.79 52.03 -83.40
C ASN TB 209 16.29 53.19 -82.56
N ILE TB 210 15.27 53.91 -83.03
CA ILE TB 210 14.77 55.06 -82.31
C ILE TB 210 14.17 54.64 -80.96
N ASN TB 211 13.41 53.55 -80.96
CA ASN TB 211 12.82 53.09 -79.71
C ASN TB 211 13.89 52.72 -78.69
N ILE TB 212 14.93 52.00 -79.12
CA ILE TB 212 16.00 51.63 -78.21
C ILE TB 212 16.73 52.86 -77.70
N TYR TB 213 17.03 53.80 -78.59
CA TYR TB 213 17.84 54.94 -78.20
C TYR TB 213 17.09 55.84 -77.21
N TYR TB 214 15.82 56.13 -77.49
CA TYR TB 214 15.06 57.00 -76.59
C TYR TB 214 14.94 56.38 -75.21
N HIS TB 215 14.75 55.06 -75.15
CA HIS TB 215 14.69 54.39 -73.85
C HIS TB 215 16.01 54.52 -73.11
N LEU TB 216 17.13 54.41 -73.82
CA LEU TB 216 18.43 54.53 -73.16
C LEU TB 216 18.62 55.89 -72.53
N ILE TB 217 18.26 56.96 -73.25
CA ILE TB 217 18.46 58.30 -72.72
C ILE TB 217 17.69 58.47 -71.43
N GLU TB 218 16.43 58.02 -71.43
CA GLU TB 218 15.58 58.22 -70.26
C GLU TB 218 16.09 57.43 -69.06
N VAL TB 219 16.52 56.19 -69.26
CA VAL TB 219 17.01 55.40 -68.13
C VAL TB 219 18.30 56.00 -67.59
N LEU TB 220 19.15 56.53 -68.47
CA LEU TB 220 20.38 57.17 -68.01
C LEU TB 220 20.06 58.34 -67.09
N TYR TB 221 19.01 59.10 -67.39
CA TYR TB 221 18.66 60.23 -66.53
C TYR TB 221 18.22 59.77 -65.15
N ILE TB 222 17.57 58.62 -65.05
CA ILE TB 222 17.20 58.10 -63.74
C ILE TB 222 18.44 57.89 -62.90
N VAL TB 223 19.50 57.31 -63.49
CA VAL TB 223 20.75 57.13 -62.77
C VAL TB 223 21.34 58.47 -62.39
N ILE TB 224 21.32 59.43 -63.33
CA ILE TB 224 21.83 60.76 -63.02
C ILE TB 224 21.02 61.39 -61.89
N SER TB 225 19.70 61.26 -61.95
CA SER TB 225 18.85 61.89 -60.94
C SER TB 225 19.17 61.34 -59.55
N ILE TB 226 19.35 60.03 -59.45
CA ILE TB 226 19.67 59.42 -58.16
C ILE TB 226 21.03 59.87 -57.67
N LEU TB 227 22.01 59.97 -58.58
CA LEU TB 227 23.36 60.33 -58.17
C LEU TB 227 23.46 61.77 -57.71
N LEU TB 228 22.86 62.70 -58.45
CA LEU TB 228 23.10 64.12 -58.24
C LEU TB 228 22.00 64.81 -57.45
N TYR TB 229 20.74 64.66 -57.87
CA TYR TB 229 19.66 65.41 -57.23
C TYR TB 229 19.18 64.73 -55.96
N LEU TB 230 19.01 63.41 -55.99
CA LEU TB 230 18.56 62.68 -54.82
C LEU TB 230 19.73 61.94 -54.18
N GLU UB 1 47.70 57.80 -16.11
CA GLU UB 1 48.41 56.81 -15.31
C GLU UB 1 47.81 55.42 -15.49
N SER UB 2 46.98 55.28 -16.51
CA SER UB 2 46.38 54.00 -16.89
C SER UB 2 47.00 53.53 -18.20
N ALA UB 3 47.10 52.21 -18.36
CA ALA UB 3 47.74 51.67 -19.55
C ALA UB 3 46.97 52.05 -20.81
N ASP UB 4 45.64 52.05 -20.75
CA ASP UB 4 44.80 52.37 -21.90
C ASP UB 4 44.30 53.82 -21.87
N ALA UB 5 44.98 54.69 -21.12
CA ALA UB 5 44.54 56.08 -21.02
C ALA UB 5 44.54 56.77 -22.37
N LEU UB 6 45.51 56.44 -23.23
CA LEU UB 6 45.59 57.09 -24.54
C LEU UB 6 44.29 56.93 -25.31
N PHE UB 7 43.78 55.69 -25.39
CA PHE UB 7 42.52 55.46 -26.10
C PHE UB 7 41.36 56.13 -25.38
N VAL UB 8 41.38 56.11 -24.04
CA VAL UB 8 40.31 56.73 -23.27
C VAL UB 8 40.36 58.24 -23.46
N GLY UB 9 39.20 58.88 -23.37
CA GLY UB 9 39.10 60.31 -23.61
C GLY UB 9 38.85 60.65 -25.06
N THR UB 10 39.82 60.37 -25.92
CA THR UB 10 39.67 60.61 -27.35
C THR UB 10 40.59 59.66 -28.11
N LEU UB 11 40.26 59.42 -29.37
CA LEU UB 11 41.23 58.84 -30.29
C LEU UB 11 42.30 59.85 -30.66
N ASP UB 12 42.02 61.14 -30.49
CA ASP UB 12 43.00 62.18 -30.77
C ASP UB 12 44.25 62.00 -29.93
N ARG UB 13 44.08 61.64 -28.65
CA ARG UB 13 45.21 61.62 -27.73
C ARG UB 13 46.31 60.68 -28.19
N LEU UB 14 45.97 59.67 -28.97
CA LEU UB 14 46.94 58.65 -29.34
C LEU UB 14 48.16 59.26 -30.01
N THR UB 15 47.95 60.13 -30.98
CA THR UB 15 49.06 60.79 -31.67
C THR UB 15 49.49 62.08 -30.98
N ALA UB 16 48.75 62.56 -29.99
CA ALA UB 16 49.23 63.70 -29.21
C ALA UB 16 50.41 63.32 -28.33
N GLU UB 17 50.42 62.08 -27.83
CA GLU UB 17 51.55 61.61 -27.04
C GLU UB 17 52.61 60.92 -27.88
N HIS UB 18 52.27 60.50 -29.09
CA HIS UB 18 53.20 59.85 -30.02
C HIS UB 18 53.06 60.52 -31.38
N PRO UB 19 53.57 61.75 -31.51
CA PRO UB 19 53.25 62.54 -32.72
C PRO UB 19 53.68 61.88 -34.02
N HIS UB 20 54.74 61.09 -34.02
CA HIS UB 20 55.32 60.57 -35.24
C HIS UB 20 54.81 59.18 -35.62
N THR UB 21 53.82 58.66 -34.89
CA THR UB 21 53.26 57.35 -35.19
C THR UB 21 51.91 57.50 -35.89
N ASP UB 22 51.42 56.38 -36.41
CA ASP UB 22 50.18 56.39 -37.18
C ASP UB 22 48.99 56.72 -36.29
N ASP UB 23 48.04 57.43 -36.85
CA ASP UB 23 46.80 57.73 -36.16
C ASP UB 23 45.82 56.58 -36.35
N PRO UB 24 45.12 56.16 -35.28
CA PRO UB 24 44.25 54.98 -35.43
C PRO UB 24 43.22 55.11 -36.53
N ARG UB 25 42.75 56.33 -36.80
CA ARG UB 25 41.70 56.52 -37.78
C ARG UB 25 42.19 56.38 -39.21
N PHE UB 26 43.48 56.60 -39.47
CA PHE UB 26 44.02 56.58 -40.82
C PHE UB 26 45.17 55.61 -40.99
N ALA UB 27 45.38 54.70 -40.04
CA ALA UB 27 46.51 53.77 -40.14
C ALA UB 27 46.32 52.78 -41.27
N PHE UB 28 45.09 52.45 -41.64
CA PHE UB 28 44.85 51.44 -42.65
C PHE UB 28 45.34 51.86 -44.03
N GLN UB 29 45.49 53.15 -44.29
CA GLN UB 29 45.83 53.66 -45.61
C GLN UB 29 47.19 54.33 -45.57
N SER UB 30 47.95 54.16 -46.66
CA SER UB 30 49.24 54.83 -46.77
C SER UB 30 49.07 56.33 -47.01
N ASN UB 31 48.06 56.71 -47.80
CA ASN UB 31 47.79 58.10 -48.08
C ASN UB 31 47.31 58.81 -46.80
N GLN UB 32 48.02 59.86 -46.40
CA GLN UB 32 47.74 60.57 -45.16
C GLN UB 32 47.14 61.95 -45.41
N TRP UB 33 46.57 62.19 -46.59
CA TRP UB 33 45.99 63.49 -46.88
C TRP UB 33 44.84 63.82 -45.95
N ASN UB 34 43.95 62.86 -45.73
CA ASN UB 34 42.82 63.09 -44.82
C ASN UB 34 43.30 63.33 -43.40
N ASN UB 35 44.40 62.68 -43.01
CA ASN UB 35 44.95 62.90 -41.68
C ASN UB 35 45.38 64.34 -41.51
N CYS UB 36 46.01 64.93 -42.53
CA CYS UB 36 46.43 66.32 -42.45
C CYS UB 36 45.23 67.26 -42.32
N GLU UB 37 44.17 67.00 -43.07
CA GLU UB 37 43.01 67.88 -43.00
C GLU UB 37 42.35 67.84 -41.63
N LEU UB 38 42.27 66.66 -41.02
CA LEU UB 38 41.71 66.56 -39.68
C LEU UB 38 42.57 67.33 -38.69
N ARG UB 39 43.90 67.20 -38.79
CA ARG UB 39 44.77 67.90 -37.87
C ARG UB 39 44.62 69.41 -38.02
N PHE UB 40 44.54 69.90 -39.26
CA PHE UB 40 44.40 71.34 -39.46
C PHE UB 40 43.07 71.84 -38.91
N THR UB 41 41.98 71.10 -39.16
CA THR UB 41 40.69 71.50 -38.62
C THR UB 41 40.74 71.58 -37.11
N GLN UB 42 41.44 70.64 -36.47
CA GLN UB 42 41.56 70.66 -35.02
C GLN UB 42 42.29 71.91 -34.56
N PHE UB 43 43.34 72.30 -35.27
CA PHE UB 43 44.05 73.52 -34.94
C PHE UB 43 43.15 74.74 -35.09
N CYS UB 44 42.37 74.79 -36.16
CA CYS UB 44 41.48 75.93 -36.36
C CYS UB 44 40.48 76.05 -35.22
N ARG UB 45 39.90 74.93 -34.78
CA ARG UB 45 38.91 75.00 -33.72
C ARG UB 45 39.54 75.35 -32.39
N CYS UB 46 40.78 74.94 -32.15
CA CYS UB 46 41.45 75.28 -30.89
C CYS UB 46 41.57 76.79 -30.74
N THR UB 47 42.00 77.47 -31.80
CA THR UB 47 42.20 78.91 -31.71
C THR UB 47 40.89 79.63 -31.42
N ARG UB 48 39.80 79.16 -32.03
CA ARG UB 48 38.50 79.80 -31.79
C ARG UB 48 38.13 79.76 -30.32
N GLU UB 49 38.36 78.63 -29.65
CA GLU UB 49 37.99 78.49 -28.25
C GLU UB 49 39.02 79.11 -27.33
N LEU UB 50 40.30 78.83 -27.57
CA LEU UB 50 41.37 79.19 -26.63
C LEU UB 50 42.20 80.38 -27.07
N GLY UB 51 42.25 80.69 -28.36
CA GLY UB 51 43.09 81.75 -28.86
C GLY UB 51 44.46 81.25 -29.27
N GLU UB 52 45.11 82.03 -30.14
CA GLU UB 52 46.38 81.60 -30.69
C GLU UB 52 47.46 81.49 -29.62
N ASP UB 53 47.50 82.42 -28.68
CA ASP UB 53 48.58 82.46 -27.71
C ASP UB 53 48.59 81.24 -26.79
N ASP UB 54 47.47 80.51 -26.70
CA ASP UB 54 47.41 79.40 -25.76
C ASP UB 54 48.40 78.32 -26.15
N PRO UB 55 49.17 77.78 -25.20
CA PRO UB 55 50.13 76.71 -25.56
C PRO UB 55 49.47 75.49 -26.17
N ARG UB 56 48.23 75.19 -25.80
CA ARG UB 56 47.56 74.03 -26.38
C ARG UB 56 47.43 74.17 -27.88
N CYS UB 57 46.94 75.32 -28.36
CA CYS UB 57 46.77 75.50 -29.79
C CYS UB 57 48.11 75.60 -30.50
N LYS UB 58 49.14 76.10 -29.83
CA LYS UB 58 50.48 76.08 -30.41
C LYS UB 58 50.92 74.65 -30.69
N TYR UB 59 50.66 73.74 -29.75
CA TYR UB 59 51.01 72.34 -29.98
C TYR UB 59 50.13 71.70 -31.04
N GLN UB 60 48.86 72.11 -31.14
CA GLN UB 60 48.00 71.57 -32.18
C GLN UB 60 48.53 71.94 -33.56
N TYR UB 61 49.07 73.14 -33.70
CA TYR UB 61 49.73 73.49 -34.96
C TYR UB 61 50.92 72.60 -35.22
N TYR UB 62 51.72 72.32 -34.18
CA TYR UB 62 52.85 71.43 -34.34
C TYR UB 62 52.39 70.04 -34.78
N ARG UB 63 51.28 69.56 -34.22
CA ARG UB 63 50.76 68.27 -34.66
C ARG UB 63 50.40 68.30 -36.13
N ALA UB 64 49.81 69.39 -36.61
CA ALA UB 64 49.49 69.52 -38.02
C ALA UB 64 50.76 69.48 -38.86
N GLN UB 65 51.81 70.17 -38.42
CA GLN UB 65 53.06 70.17 -39.14
C GLN UB 65 53.67 68.78 -39.22
N THR UB 66 53.35 67.91 -38.28
CA THR UB 66 53.91 66.57 -38.29
C THR UB 66 53.42 65.76 -39.49
N VAL UB 67 52.24 66.10 -40.02
CA VAL UB 67 51.66 65.35 -41.12
C VAL UB 67 51.36 66.21 -42.34
N CYS UB 68 51.36 67.53 -42.21
CA CYS UB 68 51.10 68.43 -43.33
C CYS UB 68 52.41 69.04 -43.82
N HIS UB 69 52.65 68.94 -45.13
CA HIS UB 69 53.80 69.59 -45.73
C HIS UB 69 53.66 71.11 -45.63
N GLU UB 70 54.80 71.80 -45.62
CA GLU UB 70 54.76 73.23 -45.38
C GLU UB 70 54.10 73.99 -46.51
N PHE UB 71 54.28 73.54 -47.76
CA PHE UB 71 53.64 74.26 -48.86
C PHE UB 71 52.13 74.21 -48.76
N LEU UB 72 51.57 73.11 -48.24
CA LEU UB 72 50.14 73.06 -47.99
C LEU UB 72 49.75 74.02 -46.86
N LEU UB 73 50.49 73.97 -45.75
CA LEU UB 73 50.12 74.78 -44.59
C LEU UB 73 50.20 76.27 -44.91
N GLU UB 74 51.24 76.69 -45.63
CA GLU UB 74 51.35 78.11 -45.97
C GLU UB 74 50.14 78.59 -46.75
N ASP UB 75 49.69 77.79 -47.73
CA ASP UB 75 48.52 78.16 -48.50
C ASP UB 75 47.27 78.14 -47.62
N TRP UB 76 47.10 77.08 -46.85
CA TRP UB 76 45.90 76.96 -46.01
C TRP UB 76 45.89 78.03 -44.92
N MET UB 77 47.05 78.32 -44.33
CA MET UB 77 47.10 79.36 -43.31
C MET UB 77 46.78 80.72 -43.90
N GLU UB 78 47.16 80.96 -45.16
CA GLU UB 78 46.77 82.21 -45.81
C GLU UB 78 45.27 82.31 -45.93
N HIS UB 79 44.60 81.24 -46.36
CA HIS UB 79 43.15 81.26 -46.47
C HIS UB 79 42.51 81.48 -45.10
N ARG UB 80 43.06 80.85 -44.07
CA ARG UB 80 42.50 81.01 -42.73
C ARG UB 80 42.61 82.46 -42.28
N HIS UB 81 43.73 83.11 -42.54
CA HIS UB 81 43.91 84.49 -42.12
C HIS UB 81 42.94 85.41 -42.82
N ARG UB 82 42.74 85.24 -44.13
CA ARG UB 82 41.78 86.06 -44.85
C ARG UB 82 40.38 85.84 -44.32
N GLY UB 83 40.01 84.59 -44.07
CA GLY UB 83 38.67 84.22 -43.71
C GLY UB 83 37.95 83.44 -44.77
N THR UB 84 38.66 82.78 -45.68
CA THR UB 84 38.04 81.97 -46.71
C THR UB 84 38.36 80.50 -46.58
N CYS UB 85 38.95 80.07 -45.47
CA CYS UB 85 39.27 78.66 -45.26
C CYS UB 85 37.98 77.92 -44.94
N ASP UB 86 37.56 77.02 -45.83
CA ASP UB 86 36.30 76.31 -45.64
C ASP UB 86 36.31 75.48 -44.36
N LEU UB 87 37.48 75.07 -43.90
CA LEU UB 87 37.56 74.32 -42.65
C LEU UB 87 37.18 75.18 -41.45
N ASP UB 88 37.57 76.45 -41.47
CA ASP UB 88 37.44 77.32 -40.30
C ASP UB 88 36.19 78.19 -40.33
N ILE UB 89 35.35 78.08 -41.35
CA ILE UB 89 34.13 78.89 -41.39
C ILE UB 89 33.24 78.51 -40.21
N MET UB 90 32.70 79.52 -39.55
CA MET UB 90 31.88 79.26 -38.37
C MET UB 90 30.63 78.49 -38.76
N PRO UB 91 30.16 77.57 -37.90
CA PRO UB 91 29.04 76.71 -38.31
C PRO UB 91 27.80 77.47 -38.73
N ASP UB 92 27.48 78.58 -38.05
CA ASP UB 92 26.26 79.29 -38.38
C ASP UB 92 26.32 79.99 -39.73
N ARG UB 93 27.51 80.07 -40.35
CA ARG UB 93 27.66 80.69 -41.65
C ARG UB 93 28.00 79.67 -42.74
N GLN UB 94 27.86 78.38 -42.46
CA GLN UB 94 28.06 77.37 -43.48
C GLN UB 94 26.88 77.35 -44.45
N VAL UB 95 27.14 76.88 -45.66
CA VAL UB 95 26.12 76.76 -46.71
C VAL UB 95 25.91 75.31 -47.13
N ILE UB 96 26.44 74.35 -46.37
CA ILE UB 96 26.39 72.97 -46.80
C ILE UB 96 24.95 72.46 -46.85
N HIS UB 97 24.10 72.91 -45.94
CA HIS UB 97 22.72 72.45 -45.88
C HIS UB 97 21.77 73.28 -46.74
N MET UB 98 22.28 74.29 -47.44
CA MET UB 98 21.43 75.18 -48.23
C MET UB 98 21.22 74.66 -49.64
N ARG UB 99 20.03 74.93 -50.17
CA ARG UB 99 19.62 74.49 -51.51
C ARG UB 99 19.79 72.99 -51.70
N GLY UB 100 19.84 72.24 -50.61
CA GLY UB 100 20.08 70.80 -50.67
C GLY UB 100 21.48 70.44 -50.19
N GLY VB 1 -38.56 50.21 -26.39
CA GLY VB 1 -39.68 49.99 -27.35
C GLY VB 1 -39.91 51.18 -28.25
N SER VB 2 -39.91 52.37 -27.66
CA SER VB 2 -40.15 53.60 -28.42
C SER VB 2 -38.97 53.98 -29.31
N ILE VB 3 -37.80 53.38 -29.09
CA ILE VB 3 -36.63 53.65 -29.92
C ILE VB 3 -36.42 52.56 -30.96
N GLU VB 4 -36.94 51.35 -30.72
CA GLU VB 4 -36.81 50.28 -31.69
C GLU VB 4 -37.36 50.69 -33.05
N GLN VB 5 -38.38 51.55 -33.07
CA GLN VB 5 -38.96 51.97 -34.34
C GLN VB 5 -37.99 52.78 -35.19
N PHE VB 6 -36.95 53.34 -34.58
CA PHE VB 6 -36.01 54.20 -35.29
C PHE VB 6 -34.76 53.46 -35.76
N ILE VB 7 -34.74 52.13 -35.64
CA ILE VB 7 -33.64 51.31 -36.15
C ILE VB 7 -34.11 50.67 -37.45
N ASN VB 8 -33.55 51.09 -38.60
CA ASN VB 8 -34.11 50.70 -39.89
C ASN VB 8 -33.04 50.30 -40.91
N LEU VB 9 -31.83 49.95 -40.46
CA LEU VB 9 -30.67 49.57 -41.27
C LEU VB 9 -30.06 50.74 -42.03
N ARG VB 10 -30.85 51.74 -42.36
CA ARG VB 10 -30.28 52.98 -42.84
C ARG VB 10 -29.75 53.78 -41.67
N THR VB 11 -30.52 53.81 -40.59
CA THR VB 11 -30.10 54.43 -39.36
C THR VB 11 -28.95 53.67 -38.71
N ALA VB 12 -28.79 52.39 -39.02
CA ALA VB 12 -27.69 51.61 -38.48
C ALA VB 12 -26.43 51.68 -39.32
N ARG VB 13 -26.56 52.02 -40.61
CA ARG VB 13 -25.41 52.31 -41.45
C ARG VB 13 -25.18 53.80 -41.59
N MET VB 14 -25.98 54.62 -40.90
CA MET VB 14 -25.77 56.05 -40.80
C MET VB 14 -25.26 56.46 -39.44
N PHE VB 15 -25.54 55.65 -38.41
CA PHE VB 15 -24.99 55.82 -37.08
C PHE VB 15 -23.65 55.12 -36.93
N ILE VB 16 -23.55 53.88 -37.41
CA ILE VB 16 -22.30 53.13 -37.27
C ILE VB 16 -21.24 53.69 -38.20
N TYR VB 17 -21.58 53.89 -39.48
CA TYR VB 17 -20.61 54.48 -40.40
C TYR VB 17 -20.39 55.96 -40.09
N GLY VB 18 -21.46 56.69 -39.81
CA GLY VB 18 -21.31 58.09 -39.47
C GLY VB 18 -20.55 58.29 -38.18
N GLY VB 19 -20.67 57.37 -37.24
CA GLY VB 19 -19.97 57.51 -35.97
C GLY VB 19 -18.48 57.25 -36.10
N VAL VB 20 -18.10 56.19 -36.83
CA VAL VB 20 -16.69 55.89 -36.99
C VAL VB 20 -15.99 57.00 -37.76
N SER VB 21 -16.68 57.56 -38.76
CA SER VB 21 -16.10 58.67 -39.51
C SER VB 21 -15.85 59.88 -38.61
N ALA VB 22 -16.80 60.18 -37.72
CA ALA VB 22 -16.63 61.32 -36.82
C ALA VB 22 -15.41 61.13 -35.93
N VAL VB 23 -15.22 59.93 -35.40
CA VAL VB 23 -14.04 59.67 -34.59
C VAL VB 23 -12.78 59.84 -35.43
N PHE VB 24 -12.79 59.33 -36.66
CA PHE VB 24 -11.61 59.43 -37.52
C PHE VB 24 -11.22 60.87 -37.75
N LEU VB 25 -12.19 61.72 -38.10
CA LEU VB 25 -11.90 63.13 -38.28
C LEU VB 25 -11.51 63.80 -36.97
N TYR VB 26 -12.18 63.44 -35.88
CA TYR VB 26 -11.89 64.06 -34.60
C TYR VB 26 -10.46 63.75 -34.16
N LYS VB 27 -10.00 62.52 -34.38
CA LYS VB 27 -8.66 62.13 -33.97
C LYS VB 27 -7.60 62.41 -35.02
N ALA VB 28 -7.98 62.51 -36.29
CA ALA VB 28 -7.01 62.72 -37.35
C ALA VB 28 -6.79 64.20 -37.67
N THR VB 29 -7.81 65.04 -37.51
CA THR VB 29 -7.66 66.44 -37.85
C THR VB 29 -6.54 67.11 -37.06
N PRO VB 30 -6.42 66.93 -35.74
CA PRO VB 30 -5.29 67.56 -35.04
C PRO VB 30 -3.94 67.12 -35.58
N VAL VB 31 -3.81 65.87 -35.98
CA VAL VB 31 -2.53 65.38 -36.50
C VAL VB 31 -2.20 66.05 -37.82
N MET VB 32 -3.20 66.19 -38.71
CA MET VB 32 -2.97 66.87 -39.98
C MET VB 32 -2.55 68.32 -39.76
N TYR VB 33 -3.19 68.99 -38.80
CA TYR VB 33 -2.80 70.36 -38.49
C TYR VB 33 -1.35 70.43 -38.02
N ARG VB 34 -0.95 69.51 -37.15
CA ARG VB 34 0.41 69.54 -36.62
C ARG VB 34 1.44 69.31 -37.72
N TRP VB 35 1.13 68.45 -38.68
CA TRP VB 35 2.08 68.05 -39.71
C TRP VB 35 1.90 68.84 -41.00
N GLU VB 36 1.23 69.98 -40.95
CA GLU VB 36 1.13 70.89 -42.10
C GLU VB 36 0.46 70.21 -43.29
N MET VB 37 -0.42 69.26 -43.05
CA MET VB 37 -1.15 68.61 -44.14
C MET VB 37 -2.41 69.36 -44.55
N LEU VB 38 -2.95 70.20 -43.68
CA LEU VB 38 -4.15 70.95 -44.02
C LEU VB 38 -3.84 72.02 -45.06
N PRO VB 39 -4.80 72.35 -45.93
CA PRO VB 39 -4.55 73.41 -46.91
C PRO VB 39 -4.25 74.74 -46.24
N THR VB 40 -3.33 75.48 -46.84
CA THR VB 40 -2.92 76.75 -46.26
C THR VB 40 -4.07 77.76 -46.25
N PHE VB 41 -4.85 77.80 -47.33
CA PHE VB 41 -5.92 78.79 -47.40
C PHE VB 41 -6.97 78.55 -46.34
N LEU VB 42 -7.26 77.28 -46.05
CA LEU VB 42 -8.25 76.96 -45.02
C LEU VB 42 -7.81 77.46 -43.66
N VAL VB 43 -6.54 77.27 -43.31
CA VAL VB 43 -6.05 77.68 -42.00
C VAL VB 43 -4.53 77.70 -42.06
N LYS VB 44 -3.93 78.55 -41.23
CA LYS VB 44 -2.48 78.66 -41.10
C LYS VB 44 -2.08 78.23 -39.70
N THR VB 45 -1.11 77.32 -39.62
CA THR VB 45 -0.64 76.87 -38.32
C THR VB 45 0.16 77.96 -37.63
N GLU VB 46 0.30 77.83 -36.31
CA GLU VB 46 1.09 78.80 -35.56
C GLU VB 46 2.54 78.79 -36.04
N ALA VB 47 3.07 77.62 -36.36
CA ALA VB 47 4.42 77.54 -36.90
C ALA VB 47 4.52 78.29 -38.22
N TYR VB 48 3.49 78.17 -39.05
CA TYR VB 48 3.47 78.90 -40.32
C TYR VB 48 3.50 80.41 -40.08
N LYS VB 49 2.69 80.89 -39.14
CA LYS VB 49 2.69 82.32 -38.86
C LYS VB 49 4.02 82.79 -38.29
N ALA VB 50 4.65 81.96 -37.45
CA ALA VB 50 5.91 82.36 -36.85
C ALA VB 50 6.99 82.55 -37.90
N ARG VB 51 7.04 81.66 -38.89
CA ARG VB 51 8.02 81.82 -39.97
C ARG VB 51 7.67 82.99 -40.86
N GLU VB 52 6.40 83.11 -41.24
CA GLU VB 52 6.00 84.16 -42.16
C GLU VB 52 6.18 85.55 -41.56
N ALA VB 53 6.03 85.67 -40.24
CA ALA VB 53 6.22 86.97 -39.59
C ALA VB 53 7.65 87.46 -39.74
N MET VB 54 8.59 86.59 -40.06
CA MET VB 54 10.00 86.96 -40.17
C MET VB 54 10.40 87.39 -41.57
N ILE VB 55 9.45 87.45 -42.51
CA ILE VB 55 9.74 87.71 -43.90
C ILE VB 55 9.32 89.12 -44.26
N ALA VB 56 10.23 89.86 -44.88
CA ALA VB 56 9.97 91.21 -45.36
C ALA VB 56 10.58 91.36 -46.74
N PHE VB 57 10.19 92.41 -47.45
CA PHE VB 57 10.60 92.64 -48.82
C PHE VB 57 11.10 94.07 -49.01
N ASP VB 58 11.97 94.51 -48.11
CA ASP VB 58 12.48 95.87 -48.19
C ASP VB 58 13.97 95.95 -47.89
N ASN VB 59 14.72 94.87 -48.07
CA ASN VB 59 16.15 94.87 -47.82
C ASN VB 59 16.88 95.19 -49.12
N MET VB 60 17.70 96.26 -49.09
CA MET VB 60 18.39 96.75 -50.27
C MET VB 60 19.89 96.81 -50.03
N LYS VB 61 20.42 95.92 -49.20
CA LYS VB 61 21.83 95.88 -48.87
C LYS VB 61 22.50 94.67 -49.52
N GLY VB 62 23.82 94.65 -49.45
CA GLY VB 62 24.58 93.52 -49.90
C GLY VB 62 24.81 93.43 -51.40
N ILE VB 63 24.51 94.49 -52.15
CA ILE VB 63 24.76 94.45 -53.58
C ILE VB 63 26.26 94.47 -53.84
N VAL VB 64 26.73 93.47 -54.59
CA VAL VB 64 28.15 93.33 -54.92
C VAL VB 64 28.29 93.13 -56.41
N TYR VB 65 29.49 93.41 -56.91
CA TYR VB 65 29.78 93.35 -58.35
C TYR VB 65 30.90 92.36 -58.64
N GLY VB 66 31.05 91.34 -57.80
CA GLY VB 66 32.04 90.32 -58.02
C GLY VB 66 31.50 88.95 -57.63
N PRO VB 67 31.99 87.90 -58.28
CA PRO VB 67 31.49 86.56 -57.97
C PRO VB 67 32.02 85.97 -56.68
N TYR VB 68 33.18 86.44 -56.19
CA TYR VB 68 33.83 85.85 -55.03
C TYR VB 68 34.11 86.91 -53.99
N ASP VB 69 34.12 86.47 -52.73
CA ASP VB 69 34.60 87.27 -51.61
C ASP VB 69 35.93 86.66 -51.18
N LYS VB 70 37.01 87.39 -51.45
CA LYS VB 70 38.35 86.88 -51.23
C LYS VB 70 38.89 87.23 -49.85
N GLY VB 71 38.02 87.44 -48.88
CA GLY VB 71 38.48 87.77 -47.55
C GLY VB 71 39.06 89.17 -47.50
N GLY VB 72 39.91 89.37 -46.50
CA GLY VB 72 40.53 90.66 -46.31
C GLY VB 72 39.59 91.64 -45.62
N LEU VB 73 40.09 92.86 -45.45
CA LEU VB 73 39.35 93.90 -44.77
C LEU VB 73 38.51 94.75 -45.72
N GLU VB 74 38.57 94.49 -47.03
CA GLU VB 74 37.85 95.30 -48.01
C GLU VB 74 36.60 94.60 -48.54
N GLY VB 75 36.65 93.30 -48.76
CA GLY VB 75 35.50 92.57 -49.24
C GLY VB 75 35.28 92.74 -50.74
N PRO VB 76 34.20 92.16 -51.24
CA PRO VB 76 33.92 92.24 -52.68
C PRO VB 76 33.63 93.68 -53.09
N PRO VB 77 33.84 94.03 -54.36
CA PRO VB 77 33.55 95.39 -54.80
C PRO VB 77 32.07 95.73 -54.63
N THR VB 78 31.79 96.96 -54.23
CA THR VB 78 30.44 97.40 -53.95
C THR VB 78 30.02 98.60 -54.78
N LYS VB 79 30.90 99.14 -55.62
CA LYS VB 79 30.62 100.31 -56.43
C LYS VB 79 30.46 99.89 -57.88
N ILE VB 80 29.41 100.36 -58.53
CA ILE VB 80 29.18 99.97 -59.92
C ILE VB 80 30.32 100.50 -60.78
N PRO VB 81 30.85 99.73 -61.73
CA PRO VB 81 31.92 100.26 -62.59
C PRO VB 81 31.43 101.45 -63.40
N GLU VB 82 32.34 102.38 -63.65
CA GLU VB 82 31.98 103.57 -64.42
C GLU VB 82 31.52 103.19 -65.82
N THR VB 83 32.20 102.23 -66.45
CA THR VB 83 31.84 101.84 -67.81
C THR VB 83 30.44 101.27 -67.90
N SER VB 84 29.88 100.77 -66.80
CA SER VB 84 28.54 100.21 -66.80
C SER VB 84 27.45 101.22 -66.48
N VAL VB 85 27.81 102.45 -66.12
CA VAL VB 85 26.81 103.45 -65.78
C VAL VB 85 26.09 103.89 -67.04
N GLY VB 86 24.76 103.90 -66.97
CA GLY VB 86 23.95 104.38 -68.10
C GLY VB 86 24.07 103.54 -69.35
N MET VB 87 24.19 102.22 -69.20
CA MET VB 87 24.26 101.30 -70.33
C MET VB 87 22.98 100.52 -70.51
N MET VB 88 21.92 100.84 -69.78
CA MET VB 88 20.66 100.12 -69.84
C MET VB 88 19.69 100.83 -70.77
N LYS VB 89 19.08 100.07 -71.68
CA LYS VB 89 18.07 100.60 -72.59
C LYS VB 89 16.70 100.44 -71.91
N VAL VB 90 16.24 101.49 -71.25
CA VAL VB 90 15.00 101.46 -70.48
C VAL VB 90 13.91 102.15 -71.30
N ASP VB 91 12.74 101.52 -71.36
CA ASP VB 91 11.63 102.12 -72.07
C ASP VB 91 11.26 103.45 -71.41
N PRO VB 92 10.83 104.43 -72.20
CA PRO VB 92 10.51 105.75 -71.63
C PRO VB 92 9.42 105.64 -70.57
N MET VB 93 9.58 106.43 -69.51
CA MET VB 93 8.63 106.39 -68.40
C MET VB 93 7.43 107.28 -68.71
N TYR WB 1 -23.55 26.30 -86.00
CA TYR WB 1 -22.18 25.87 -85.60
C TYR WB 1 -21.75 26.62 -84.35
N LYS WB 2 -20.66 26.18 -83.72
CA LYS WB 2 -20.17 26.77 -82.48
C LYS WB 2 -18.72 27.19 -82.67
N THR WB 3 -18.36 28.31 -82.05
CA THR WB 3 -17.05 28.93 -82.25
C THR WB 3 -16.49 29.41 -80.92
N GLU WB 4 -15.17 29.64 -80.92
CA GLU WB 4 -14.47 30.17 -79.76
C GLU WB 4 -13.85 31.51 -80.14
N ASN WB 5 -14.02 32.52 -79.30
CA ASN WB 5 -13.42 33.82 -79.53
C ASN WB 5 -11.89 33.66 -79.50
N PRO WB 6 -11.18 34.07 -80.55
CA PRO WB 6 -9.72 33.87 -80.53
C PRO WB 6 -9.01 34.56 -79.40
N LEU WB 7 -9.56 35.68 -78.92
CA LEU WB 7 -8.86 36.46 -77.90
C LEU WB 7 -8.67 35.67 -76.61
N TYR WB 8 -9.59 34.77 -76.30
CA TYR WB 8 -9.58 34.04 -75.04
C TYR WB 8 -9.15 32.59 -75.19
N LYS WB 9 -8.61 32.21 -76.35
CA LYS WB 9 -8.05 30.88 -76.53
C LYS WB 9 -6.73 30.75 -75.77
N ASP WB 10 -6.33 29.50 -75.53
CA ASP WB 10 -5.09 29.23 -74.83
C ASP WB 10 -3.89 29.33 -75.77
N ASP WB 11 -2.72 29.52 -75.19
CA ASP WB 11 -1.49 29.58 -75.98
C ASP WB 11 -1.23 28.24 -76.66
N GLU WB 12 -0.70 28.30 -77.88
CA GLU WB 12 -0.35 27.07 -78.57
C GLU WB 12 0.87 26.42 -77.94
N PRO WB 13 0.90 25.09 -77.85
CA PRO WB 13 2.08 24.41 -77.31
C PRO WB 13 3.24 24.40 -78.28
N PHE WB 14 4.44 24.26 -77.72
CA PHE WB 14 5.61 24.00 -78.54
C PHE WB 14 5.45 22.67 -79.26
N ALA WB 15 5.95 22.59 -80.48
CA ALA WB 15 5.88 21.35 -81.24
C ALA WB 15 6.76 20.28 -80.58
N LYS WB 16 6.29 19.04 -80.63
CA LYS WB 16 7.05 17.90 -80.13
C LYS WB 16 7.83 17.29 -81.28
N THR WB 17 9.15 17.43 -81.24
CA THR WB 17 10.03 16.97 -82.30
C THR WB 17 11.32 16.46 -81.67
N CYS WB 18 12.33 16.21 -82.49
CA CYS WB 18 13.66 15.96 -81.96
C CYS WB 18 14.19 17.18 -81.22
N HIS WB 19 13.79 18.37 -81.64
CA HIS WB 19 14.22 19.64 -81.07
C HIS WB 19 13.00 20.28 -80.40
N THR WB 20 12.73 19.88 -79.15
CA THR WB 20 11.55 20.32 -78.43
C THR WB 20 11.94 21.34 -77.38
N PHE WB 21 11.24 22.49 -77.37
CA PHE WB 21 11.47 23.52 -76.38
C PHE WB 21 10.60 23.25 -75.16
N ASP WB 22 11.21 23.33 -73.98
CA ASP WB 22 10.53 22.98 -72.74
C ASP WB 22 11.02 23.90 -71.64
N TYR WB 23 10.12 24.71 -71.09
CA TYR WB 23 10.41 25.58 -69.96
C TYR WB 23 9.73 25.11 -68.68
N THR WB 24 9.09 23.95 -68.69
CA THR WB 24 8.22 23.57 -67.58
C THR WB 24 9.01 23.35 -66.29
N ARG WB 25 10.20 22.76 -66.40
CA ARG WB 25 10.99 22.44 -65.21
C ARG WB 25 12.02 23.50 -64.86
N GLU WB 26 12.05 24.62 -65.58
CA GLU WB 26 13.05 25.64 -65.30
C GLU WB 26 12.71 26.46 -64.06
N GLY WB 27 11.44 26.72 -63.83
CA GLY WB 27 11.05 27.54 -62.69
C GLY WB 27 11.53 28.99 -62.79
N THR WB 28 11.61 29.54 -64.00
CA THR WB 28 12.01 30.91 -64.22
C THR WB 28 10.86 31.78 -64.72
N GLU WB 29 9.66 31.23 -64.80
CA GLU WB 29 8.55 31.96 -65.41
C GLU WB 29 8.10 33.14 -64.56
N LYS WB 30 8.14 33.00 -63.23
CA LYS WB 30 7.64 34.04 -62.35
C LYS WB 30 8.47 34.02 -61.06
N ASN WB 31 8.50 35.16 -60.37
CA ASN WB 31 9.15 35.21 -59.07
C ASN WB 31 8.43 34.29 -58.10
N GLY WB 32 9.22 33.54 -57.33
CA GLY WB 32 8.67 32.57 -56.39
C GLY WB 32 8.58 33.13 -54.97
N LEU WB 33 8.16 32.25 -54.07
CA LEU WB 33 8.00 32.66 -52.67
C LEU WB 33 9.33 33.11 -52.08
N GLY WB 34 10.43 32.48 -52.49
CA GLY WB 34 11.73 32.90 -51.98
C GLY WB 34 12.05 34.34 -52.29
N TYR WB 35 11.71 34.80 -53.50
CA TYR WB 35 11.92 36.20 -53.85
C TYR WB 35 11.11 37.11 -52.93
N TYR WB 36 9.84 36.77 -52.70
CA TYR WB 36 9.02 37.61 -51.84
C TYR WB 36 9.46 37.54 -50.39
N CYS WB 37 10.10 36.44 -49.99
CA CYS WB 37 10.72 36.40 -48.67
C CYS WB 37 11.90 37.34 -48.58
N LEU WB 38 12.72 37.40 -49.63
CA LEU WB 38 13.82 38.34 -49.64
C LEU WB 38 13.31 39.77 -49.54
N MET WB 39 12.22 40.08 -50.22
CA MET WB 39 11.62 41.41 -50.10
C MET WB 39 11.15 41.66 -48.68
N GLY WB 40 10.53 40.66 -48.06
CA GLY WB 40 10.08 40.82 -46.68
C GLY WB 40 11.23 41.07 -45.73
N LEU WB 41 12.33 40.33 -45.91
CA LEU WB 41 13.50 40.53 -45.07
C LEU WB 41 14.10 41.91 -45.26
N TRP WB 42 14.14 42.38 -46.51
CA TRP WB 42 14.68 43.71 -46.79
C TRP WB 42 13.84 44.79 -46.10
N ALA WB 43 12.52 44.65 -46.13
CA ALA WB 43 11.67 45.59 -45.41
C ALA WB 43 11.91 45.49 -43.92
N SER WB 44 12.06 44.28 -43.39
CA SER WB 44 12.28 44.09 -41.97
C SER WB 44 13.60 44.70 -41.53
N ILE WB 45 14.67 44.45 -42.28
CA ILE WB 45 15.98 45.00 -41.93
C ILE WB 45 15.94 46.53 -42.00
N PHE WB 46 15.27 47.07 -43.01
CA PHE WB 46 15.17 48.51 -43.15
C PHE WB 46 14.44 49.12 -41.95
N ILE WB 47 13.31 48.55 -41.58
CA ILE WB 47 12.58 49.05 -40.42
C ILE WB 47 13.36 48.80 -39.14
N TRP WB 48 13.94 47.61 -39.01
CA TRP WB 48 14.60 47.26 -37.77
C TRP WB 48 15.81 48.15 -37.50
N ASP WB 49 16.60 48.41 -38.53
CA ASP WB 49 17.80 49.22 -38.34
C ASP WB 49 17.45 50.63 -37.86
N SER WB 50 16.35 51.18 -38.37
CA SER WB 50 15.95 52.52 -37.94
C SER WB 50 15.33 52.50 -36.56
N LEU WB 51 14.48 51.52 -36.27
CA LEU WB 51 13.79 51.49 -34.99
C LEU WB 51 14.77 51.33 -33.84
N TYR WB 52 15.65 50.33 -33.92
CA TYR WB 52 16.52 49.96 -32.82
C TYR WB 52 17.96 50.25 -33.23
N THR WB 53 18.42 51.45 -32.90
CA THR WB 53 19.76 51.88 -33.27
C THR WB 53 20.83 51.15 -32.48
N GLY WB 54 20.55 50.79 -31.24
CA GLY WB 54 21.51 50.11 -30.40
C GLY WB 54 21.65 48.63 -30.64
N ALA WB 55 20.92 48.08 -31.61
CA ALA WB 55 20.98 46.65 -31.87
C ALA WB 55 22.38 46.24 -32.31
N THR WB 56 23.04 47.08 -33.09
CA THR WB 56 24.39 46.76 -33.58
C THR WB 56 25.42 46.81 -32.47
N MET WB 57 25.14 47.51 -31.37
CA MET WB 57 26.01 47.57 -30.20
C MET WB 57 25.34 46.86 -29.03
N PRO WB 58 25.26 45.52 -29.05
CA PRO WB 58 24.49 44.81 -28.02
C PRO WB 58 25.20 44.80 -26.67
N THR WB 59 24.42 44.50 -25.63
CA THR WB 59 24.97 44.38 -24.29
C THR WB 59 25.82 43.13 -24.15
N GLY WB 60 26.83 43.21 -23.28
CA GLY WB 60 27.73 42.09 -23.08
C GLY WB 60 27.39 41.22 -21.89
N VAL WB 61 26.55 41.71 -20.97
CA VAL WB 61 26.14 40.88 -19.84
C VAL WB 61 25.37 39.68 -20.35
N HIS WB 62 25.80 38.49 -19.95
CA HIS WB 62 25.21 37.23 -20.38
C HIS WB 62 24.52 36.56 -19.20
N ARG WB 63 23.21 36.30 -19.33
CA ARG WB 63 22.41 35.66 -18.30
C ARG WB 63 21.63 34.52 -18.94
N TYR WB 64 21.90 33.28 -18.53
CA TYR WB 64 21.28 32.10 -19.11
C TYR WB 64 20.62 31.26 -18.03
N VAL WB 65 19.36 30.88 -18.26
CA VAL WB 65 18.63 30.05 -17.31
C VAL WB 65 19.29 28.69 -17.16
N TRP WB 66 19.84 28.16 -18.25
CA TRP WB 66 20.44 26.84 -18.27
C TRP WB 66 21.89 26.89 -18.76
N GLY WB 67 22.55 28.04 -18.61
CA GLY WB 67 23.93 28.19 -18.98
C GLY WB 67 24.13 28.50 -20.45
N PRO WB 68 25.38 28.66 -20.87
CA PRO WB 68 25.67 29.06 -22.26
C PRO WB 68 25.76 27.91 -23.25
N TYR WB 69 25.83 26.67 -22.77
CA TYR WB 69 25.94 25.51 -23.64
C TYR WB 69 24.60 24.84 -23.92
N PHE WB 70 23.51 25.42 -23.40
CA PHE WB 70 22.13 25.02 -23.64
C PHE WB 70 21.63 25.64 -24.95
N PRO WB 71 20.89 24.89 -25.78
CA PRO WB 71 20.56 25.42 -27.11
C PRO WB 71 19.86 26.77 -27.11
N THR WB 72 18.92 27.00 -26.19
CA THR WB 72 18.18 28.26 -26.22
C THR WB 72 19.12 29.45 -25.99
N ALA WB 73 20.22 29.22 -25.28
CA ALA WB 73 21.19 30.29 -25.06
C ALA WB 73 21.84 30.72 -26.37
N TRP WB 74 22.13 29.77 -27.27
CA TRP WB 74 22.87 30.11 -28.47
C TRP WB 74 22.12 31.12 -29.33
N PHE WB 75 20.81 30.97 -29.46
CA PHE WB 75 20.05 31.85 -30.35
C PHE WB 75 19.71 33.17 -29.65
N SER XB 1 33.89 19.90 -58.71
CA SER XB 1 35.00 19.19 -58.09
C SER XB 1 36.26 20.04 -58.10
N ILE XB 2 37.17 19.77 -57.17
CA ILE XB 2 38.37 20.57 -56.96
C ILE XB 2 39.58 19.71 -57.30
N PHE XB 3 40.45 20.24 -58.17
CA PHE XB 3 41.68 19.54 -58.55
C PHE XB 3 41.39 18.13 -59.02
N THR XB 4 40.30 17.97 -59.77
CA THR XB 4 39.83 16.66 -60.19
C THR XB 4 39.75 16.60 -61.70
N PRO XB 5 40.45 15.69 -62.37
CA PRO XB 5 40.21 15.48 -63.79
C PRO XB 5 38.78 15.04 -64.03
N MET XB 6 38.08 15.74 -64.93
CA MET XB 6 36.66 15.47 -65.12
C MET XB 6 36.42 14.15 -65.85
N ASP XB 7 37.42 13.59 -66.52
CA ASP XB 7 37.26 12.25 -67.06
C ASP XB 7 37.04 11.24 -65.94
N TRP XB 8 37.74 11.41 -64.82
CA TRP XB 8 37.44 10.59 -63.65
C TRP XB 8 36.02 10.85 -63.15
N MET XB 9 35.60 12.11 -63.14
CA MET XB 9 34.24 12.42 -62.73
C MET XB 9 33.22 11.76 -63.66
N PHE XB 10 33.47 11.80 -64.96
CA PHE XB 10 32.56 11.14 -65.90
C PHE XB 10 32.51 9.64 -65.65
N TYR XB 11 33.65 9.03 -65.37
CA TYR XB 11 33.71 7.58 -65.25
C TYR XB 11 33.09 7.10 -63.95
N TYR XB 12 33.56 7.62 -62.82
CA TYR XB 12 33.14 7.09 -61.53
C TYR XB 12 31.78 7.60 -61.08
N PHE XB 13 31.29 8.69 -61.65
CA PHE XB 13 30.00 9.27 -61.27
C PHE XB 13 29.20 9.57 -62.53
N PRO XB 14 28.78 8.53 -63.25
CA PRO XB 14 28.03 8.76 -64.50
C PRO XB 14 26.70 9.44 -64.28
N ASN XB 15 25.91 8.95 -63.32
CA ASN XB 15 24.58 9.52 -63.09
C ASN XB 15 24.68 10.97 -62.65
N TYR XB 16 25.61 11.28 -61.75
CA TYR XB 16 25.75 12.65 -61.28
C TYR XB 16 26.15 13.58 -62.41
N SER XB 17 27.05 13.14 -63.27
CA SER XB 17 27.53 13.95 -64.39
C SER XB 17 26.76 13.69 -65.68
N ARG XB 18 25.53 13.16 -65.58
CA ARG XB 18 24.78 12.81 -66.77
C ARG XB 18 24.46 14.05 -67.61
N ASP XB 19 24.08 15.14 -66.96
CA ASP XB 19 23.81 16.40 -67.66
C ASP XB 19 25.08 17.25 -67.61
N LYS XB 20 25.78 17.31 -68.74
CA LYS XB 20 27.05 18.02 -68.76
C LYS XB 20 26.87 19.53 -68.59
N VAL XB 21 25.81 20.08 -69.18
CA VAL XB 21 25.57 21.51 -69.05
C VAL XB 21 25.37 21.88 -67.58
N ALA XB 22 24.55 21.10 -66.88
CA ALA XB 22 24.37 21.33 -65.45
C ALA XB 22 25.68 21.12 -64.71
N LEU XB 23 26.45 20.10 -65.11
CA LEU XB 23 27.73 19.84 -64.47
C LEU XB 23 28.67 21.04 -64.60
N MET XB 24 28.70 21.65 -65.78
CA MET XB 24 29.55 22.83 -65.97
C MET XB 24 29.12 23.97 -65.04
N ALA XB 25 27.82 24.16 -64.87
CA ALA XB 25 27.34 25.21 -64.00
C ALA XB 25 27.78 24.99 -62.56
N ARG XB 26 27.69 23.74 -62.08
CA ARG XB 26 28.13 23.47 -60.72
C ARG XB 26 29.62 23.72 -60.57
N GLN XB 27 30.40 23.40 -61.59
CA GLN XB 27 31.83 23.69 -61.54
C GLN XB 27 32.06 25.18 -61.31
N ILE XB 28 31.34 26.03 -62.03
CA ILE XB 28 31.50 27.47 -61.85
C ILE XB 28 31.01 27.90 -60.48
N LYS XB 29 29.82 27.43 -60.08
CA LYS XB 29 29.26 27.86 -58.81
C LYS XB 29 30.12 27.43 -57.64
N ILE XB 30 30.60 26.18 -57.66
CA ILE XB 30 31.38 25.69 -56.54
C ILE XB 30 32.64 26.51 -56.34
N HIS XB 31 33.34 26.82 -57.44
CA HIS XB 31 34.57 27.59 -57.33
C HIS XB 31 34.30 29.05 -57.07
N PHE XB 32 33.12 29.55 -57.47
CA PHE XB 32 32.75 30.92 -57.10
C PHE XB 32 32.57 31.04 -55.60
N ALA XB 33 31.93 30.06 -54.97
CA ALA XB 33 31.73 30.11 -53.53
C ALA XB 33 33.06 30.05 -52.79
N ILE XB 34 33.98 29.21 -53.27
CA ILE XB 34 35.28 29.08 -52.60
C ILE XB 34 35.99 30.42 -52.60
N GLY XB 35 36.05 31.07 -53.76
CA GLY XB 35 36.70 32.37 -53.81
C GLY XB 35 36.02 33.39 -52.92
N PHE XB 36 34.70 33.41 -52.93
CA PHE XB 36 33.97 34.32 -52.07
C PHE XB 36 34.23 34.00 -50.60
N ALA XB 37 34.23 32.72 -50.24
CA ALA XB 37 34.42 32.34 -48.85
C ALA XB 37 35.82 32.69 -48.36
N LEU XB 38 36.84 32.54 -49.21
CA LEU XB 38 38.21 32.83 -48.79
C LEU XB 38 38.35 34.28 -48.33
N VAL XB 39 37.76 35.21 -49.08
CA VAL XB 39 37.91 36.62 -48.74
C VAL XB 39 37.25 36.92 -47.40
N PHE XB 40 36.03 36.45 -47.21
CA PHE XB 40 35.26 36.84 -46.04
C PHE XB 40 35.43 35.92 -44.85
N LEU XB 41 36.00 34.73 -45.03
CA LEU XB 41 36.21 33.79 -43.92
C LEU XB 41 37.67 33.60 -43.56
N VAL XB 42 38.59 33.81 -44.49
CA VAL XB 42 40.01 33.63 -44.22
C VAL XB 42 40.73 34.96 -44.05
N TYR XB 43 40.40 35.93 -44.89
CA TYR XB 43 41.07 37.24 -44.86
C TYR XB 43 40.36 38.22 -43.95
N HIS XB 44 39.05 38.40 -44.14
CA HIS XB 44 38.34 39.49 -43.47
C HIS XB 44 38.34 39.39 -41.95
N PRO XB 45 38.01 38.24 -41.33
CA PRO XB 45 37.65 38.23 -39.91
C PRO XB 45 38.60 39.04 -39.06
N PRO XB 46 38.11 40.04 -38.34
CA PRO XB 46 39.02 40.91 -37.58
C PRO XB 46 39.38 40.33 -36.23
N TYR XB 47 40.52 40.79 -35.72
CA TYR XB 47 40.97 40.45 -34.38
C TYR XB 47 41.11 38.95 -34.17
N LYS XB 48 41.51 38.23 -35.21
CA LYS XB 48 41.63 36.79 -35.15
C LYS XB 48 42.95 36.37 -35.78
N GLY XB 49 43.46 35.22 -35.35
CA GLY XB 49 44.71 34.71 -35.85
C GLY XB 49 45.94 35.28 -35.19
N ALA XB 50 45.80 36.03 -34.10
CA ALA XB 50 46.94 36.62 -33.41
C ALA XB 50 47.41 35.78 -32.23
N ASP XB 51 46.86 34.59 -32.04
CA ASP XB 51 47.28 33.71 -30.95
C ASP XB 51 48.57 33.02 -31.35
N TYR XB 52 49.66 33.79 -31.29
CA TYR XB 52 50.96 33.29 -31.70
C TYR XB 52 51.52 32.26 -30.73
N GLY XB 53 50.96 32.14 -29.53
CA GLY XB 53 51.37 31.09 -28.63
C GLY XB 53 50.94 29.71 -29.06
N ASN XB 54 50.05 29.60 -30.04
CA ASN XB 54 49.52 28.33 -30.51
C ASN XB 54 50.02 27.98 -31.91
N PHE XB 55 51.29 28.28 -32.19
CA PHE XB 55 51.86 27.86 -33.47
C PHE XB 55 51.76 26.35 -33.61
N HIS XB 56 51.33 25.90 -34.79
CA HIS XB 56 51.22 24.47 -35.03
C HIS XB 56 52.61 23.86 -35.14
N LYS XB 57 52.82 22.75 -34.42
CA LYS XB 57 54.07 22.01 -34.45
C LYS XB 57 53.76 20.60 -34.94
N SER XB 58 54.04 20.35 -36.21
CA SER XB 58 53.70 19.09 -36.84
C SER XB 58 54.62 17.97 -36.33
N PRO XB 59 54.25 16.71 -36.59
CA PRO XB 59 55.13 15.61 -36.15
C PRO XB 59 56.53 15.70 -36.70
N LEU XB 60 56.70 16.24 -37.91
CA LEU XB 60 58.04 16.43 -38.45
C LEU XB 60 58.83 17.44 -37.61
N TYR XB 61 58.15 18.46 -37.09
CA TYR XB 61 58.81 19.40 -36.20
C TYR XB 61 59.39 18.69 -34.99
N TRP XB 62 58.60 17.84 -34.35
CA TRP XB 62 59.06 17.18 -33.13
C TRP XB 62 60.14 16.16 -33.43
N TYR XB 63 60.05 15.47 -34.57
CA TYR XB 63 61.07 14.49 -34.91
C TYR XB 63 62.43 15.15 -35.03
N LYS XB 64 62.50 16.26 -35.77
CA LYS XB 64 63.76 16.98 -35.90
C LYS XB 64 64.15 17.65 -34.59
N TYR XB 65 63.16 18.20 -33.87
CA TYR XB 65 63.47 18.88 -32.62
C TYR XB 65 64.05 17.91 -31.61
N ASN XB 66 63.44 16.73 -31.47
CA ASN XB 66 63.94 15.74 -30.52
C ASN XB 66 65.30 15.23 -30.96
N GLN XB 67 65.50 15.03 -32.26
CA GLN XB 67 66.79 14.53 -32.73
C GLN XB 67 67.92 15.50 -32.35
N LEU XB 68 67.70 16.80 -32.54
CA LEU XB 68 68.70 17.78 -32.14
C LEU XB 68 68.76 17.93 -30.64
N GLU XB 69 67.61 17.82 -29.96
CA GLU XB 69 67.62 17.91 -28.51
C GLU XB 69 68.42 16.79 -27.88
N ARG XB 70 68.29 15.58 -28.41
CA ARG XB 70 69.05 14.45 -27.86
C ARG XB 70 70.54 14.74 -27.89
N SER XB 71 71.04 15.21 -29.03
CA SER XB 71 72.42 15.66 -29.11
C SER XB 71 72.52 17.09 -28.59
N GLY XB 72 73.71 17.66 -28.68
CA GLY XB 72 73.91 19.03 -28.26
C GLY XB 72 73.63 20.08 -29.30
N GLN XB 73 73.19 19.67 -30.49
CA GLN XB 73 73.04 20.63 -31.58
C GLN XB 73 72.00 21.69 -31.23
N LEU XB 74 70.88 21.29 -30.62
CA LEU XB 74 69.84 22.26 -30.29
C LEU XB 74 70.36 23.33 -29.35
N GLN XB 75 71.08 22.92 -28.31
CA GLN XB 75 71.68 23.90 -27.41
C GLN XB 75 72.71 24.75 -28.15
N GLU XB 76 73.55 24.12 -28.97
CA GLU XB 76 74.54 24.88 -29.72
C GLU XB 76 73.88 25.82 -30.73
N ASN XB 77 72.84 25.35 -31.41
CA ASN XB 77 72.18 26.20 -32.40
C ASN XB 77 71.59 27.44 -31.74
N LEU XB 78 70.95 27.27 -30.59
CA LEU XB 78 70.30 28.40 -29.92
C LEU XB 78 71.29 29.34 -29.25
N ARG XB 79 72.50 28.88 -28.97
CA ARG XB 79 73.47 29.73 -28.31
C ARG XB 79 73.80 30.93 -29.18
N ILE XB 80 73.95 32.09 -28.56
CA ILE XB 80 74.32 33.31 -29.28
C ILE XB 80 75.82 33.24 -29.56
N LYS XB 81 76.17 33.25 -30.84
CA LYS XB 81 77.56 33.01 -31.24
C LYS XB 81 78.43 34.23 -31.01
N ARG XB 82 77.88 35.44 -31.11
CA ARG XB 82 78.65 36.65 -30.94
C ARG XB 82 77.77 37.73 -30.35
N ASP XB 83 78.28 38.41 -29.32
CA ASP XB 83 77.54 39.50 -28.68
C ASP XB 83 78.42 40.72 -28.46
N TRP XB 84 79.53 40.83 -29.18
CA TRP XB 84 80.40 41.98 -29.13
C TRP XB 84 80.71 42.42 -30.55
N PHE XB 85 80.96 43.71 -30.73
CA PHE XB 85 81.18 44.25 -32.07
C PHE XB 85 82.64 44.10 -32.49
N TYR XB 86 83.56 44.67 -31.72
CA TYR XB 86 84.97 44.69 -32.08
C TYR XB 86 85.72 43.55 -31.40
N ASP XB 87 86.64 42.95 -32.14
CA ASP XB 87 87.58 42.00 -31.56
C ASP XB 87 88.75 42.75 -30.94
N GLU XB 88 89.36 42.14 -29.94
CA GLU XB 88 90.51 42.76 -29.28
C GLU XB 88 91.75 42.59 -30.14
N ASP XB 89 92.43 43.71 -30.41
CA ASP XB 89 93.62 43.69 -31.25
C ASP XB 89 94.85 43.43 -30.39
N PRO XB 90 95.60 42.35 -30.62
CA PRO XB 90 96.78 42.09 -29.80
C PRO XB 90 97.97 42.97 -30.17
N ILE YB 1 -30.25 75.40 -69.59
CA ILE YB 1 -29.96 74.00 -69.28
C ILE YB 1 -30.90 73.10 -70.07
N SER YB 2 -30.46 71.88 -70.33
CA SER YB 2 -31.24 70.90 -71.08
C SER YB 2 -31.67 69.78 -70.15
N THR YB 3 -32.98 69.51 -70.12
CA THR YB 3 -33.55 68.43 -69.33
C THR YB 3 -33.86 67.20 -70.17
N SER YB 4 -33.40 67.17 -71.42
CA SER YB 4 -33.61 66.02 -72.29
C SER YB 4 -32.56 64.94 -72.08
N GLU YB 5 -31.66 65.11 -71.13
CA GLU YB 5 -30.60 64.16 -70.86
C GLU YB 5 -30.39 64.07 -69.36
N THR YB 6 -29.79 62.96 -68.93
CA THR YB 6 -29.41 62.83 -67.53
C THR YB 6 -28.18 63.66 -67.25
N LEU YB 7 -27.89 63.85 -65.95
CA LEU YB 7 -26.69 64.58 -65.57
C LEU YB 7 -25.44 63.86 -66.04
N ASN YB 8 -25.42 62.53 -65.91
CA ASN YB 8 -24.26 61.76 -66.38
C ASN YB 8 -24.10 61.91 -67.89
N GLN YB 9 -25.20 61.84 -68.64
CA GLN YB 9 -25.11 61.99 -70.09
C GLN YB 9 -24.59 63.37 -70.45
N LYS YB 10 -25.01 64.40 -69.72
CA LYS YB 10 -24.53 65.75 -69.99
C LYS YB 10 -23.03 65.86 -69.74
N ILE YB 11 -22.56 65.30 -68.63
CA ILE YB 11 -21.13 65.35 -68.33
C ILE YB 11 -20.34 64.60 -69.39
N LEU YB 12 -20.82 63.43 -69.79
CA LEU YB 12 -20.12 62.65 -70.80
C LEU YB 12 -20.11 63.37 -72.14
N ARG YB 13 -21.21 64.04 -72.49
CA ARG YB 13 -21.27 64.74 -73.76
C ARG YB 13 -20.20 65.82 -73.84
N TRP YB 14 -20.05 66.61 -72.79
CA TRP YB 14 -19.09 67.71 -72.83
C TRP YB 14 -17.66 67.21 -72.80
N LEU YB 15 -17.40 66.13 -72.05
CA LEU YB 15 -16.09 65.50 -72.14
C LEU YB 15 -15.84 64.93 -73.52
N ASP YB 16 -16.89 64.75 -74.32
CA ASP YB 16 -16.78 64.21 -75.66
C ASP YB 16 -16.82 65.30 -76.73
N VAL YB 17 -16.60 66.56 -76.34
CA VAL YB 17 -16.74 67.65 -77.30
C VAL YB 17 -15.79 67.49 -78.47
N THR YB 18 -14.63 66.89 -78.25
CA THR YB 18 -13.69 66.60 -79.32
C THR YB 18 -13.88 65.20 -79.90
N GLY YB 19 -14.88 64.45 -79.45
CA GLY YB 19 -15.17 63.15 -80.01
C GLY YB 19 -14.37 62.00 -79.43
N MET YB 20 -13.59 62.22 -78.38
CA MET YB 20 -12.74 61.16 -77.85
C MET YB 20 -13.57 59.98 -77.36
N LEU YB 21 -14.61 60.25 -76.56
CA LEU YB 21 -15.41 59.16 -76.03
C LEU YB 21 -16.19 58.45 -77.13
N THR YB 22 -16.67 59.19 -78.13
CA THR YB 22 -17.39 58.57 -79.22
C THR YB 22 -16.50 57.62 -80.01
N ARG YB 23 -15.27 58.05 -80.30
CA ARG YB 23 -14.35 57.17 -81.01
C ARG YB 23 -13.97 55.96 -80.19
N TRP YB 24 -13.91 56.12 -78.86
CA TRP YB 24 -13.60 54.98 -78.00
C TRP YB 24 -14.71 53.94 -78.06
N HIS YB 25 -15.96 54.38 -78.08
CA HIS YB 25 -17.10 53.46 -77.99
C HIS YB 25 -17.62 53.00 -79.34
N SER YB 26 -17.10 53.53 -80.45
CA SER YB 26 -17.55 53.12 -81.77
C SER YB 26 -16.34 52.81 -82.63
N ARG YB 27 -16.23 51.57 -83.09
CA ARG YB 27 -15.17 51.21 -84.02
C ARG YB 27 -15.34 51.96 -85.33
N ARG YB 28 -16.57 52.07 -85.83
CA ARG YB 28 -16.80 52.75 -87.09
C ARG YB 28 -16.35 54.20 -87.02
N GLU YB 29 -16.72 54.89 -85.93
CA GLU YB 29 -16.32 56.29 -85.79
C GLU YB 29 -14.80 56.42 -85.72
N PHE YB 30 -14.13 55.46 -85.10
CA PHE YB 30 -12.68 55.53 -85.00
C PHE YB 30 -12.03 55.34 -86.37
N ILE YB 31 -12.45 54.32 -87.13
CA ILE YB 31 -11.79 54.05 -88.39
C ILE YB 31 -12.05 55.16 -89.39
N LEU YB 32 -13.26 55.71 -89.39
CA LEU YB 32 -13.56 56.81 -90.31
C LEU YB 32 -12.80 58.08 -89.96
N ASP YB 33 -12.36 58.22 -88.71
CA ASP YB 33 -11.54 59.36 -88.33
C ASP YB 33 -10.11 59.23 -88.84
N MET YB 34 -9.66 58.04 -89.19
CA MET YB 34 -8.36 57.87 -89.81
C MET YB 34 -8.39 58.45 -91.22
N ASP YB 35 -7.21 58.82 -91.71
CA ASP YB 35 -7.11 59.23 -93.10
C ASP YB 35 -7.26 58.01 -94.00
N PRO YB 36 -7.73 58.20 -95.23
CA PRO YB 36 -8.04 57.03 -96.07
C PRO YB 36 -6.89 56.05 -96.24
N TYR YB 37 -5.65 56.53 -96.34
CA TYR YB 37 -4.54 55.63 -96.61
C TYR YB 37 -4.35 54.63 -95.48
N PHE YB 38 -4.50 55.07 -94.23
CA PHE YB 38 -4.33 54.18 -93.10
C PHE YB 38 -5.60 53.44 -92.72
N ARG YB 39 -6.77 53.95 -93.12
CA ARG YB 39 -8.00 53.21 -92.91
C ARG YB 39 -7.98 51.87 -93.63
N LYS YB 40 -7.14 51.75 -94.65
CA LYS YB 40 -7.02 50.50 -95.40
C LYS YB 40 -6.58 49.35 -94.50
N ASN YB 41 -5.75 49.62 -93.50
CA ASN YB 41 -5.22 48.59 -92.62
C ASN YB 41 -6.04 48.43 -91.34
N SER YB 42 -7.09 49.21 -91.15
CA SER YB 42 -7.82 49.18 -89.88
C SER YB 42 -8.53 47.85 -89.67
N GLY YB 43 -8.91 47.16 -90.75
CA GLY YB 43 -9.71 45.96 -90.60
C GLY YB 43 -9.03 44.87 -89.79
N MET YB 44 -7.70 44.87 -89.75
CA MET YB 44 -6.96 43.84 -89.06
C MET YB 44 -6.89 44.06 -87.54
N TRP YB 45 -7.23 45.24 -87.05
CA TRP YB 45 -7.10 45.53 -85.63
C TRP YB 45 -8.13 44.78 -84.81
N THR YB 46 -7.69 44.19 -83.70
CA THR YB 46 -8.62 43.67 -82.71
C THR YB 46 -9.12 44.82 -81.83
N GLU YB 47 -10.27 44.61 -81.20
CA GLU YB 47 -10.77 45.63 -80.28
C GLU YB 47 -9.83 45.84 -79.11
N TRP YB 48 -9.15 44.78 -78.67
CA TRP YB 48 -8.18 44.92 -77.58
C TRP YB 48 -7.07 45.88 -77.99
N GLU YB 49 -6.55 45.73 -79.20
CA GLU YB 49 -5.50 46.63 -79.66
C GLU YB 49 -6.02 48.05 -79.82
N ARG YB 50 -7.20 48.20 -80.40
CA ARG YB 50 -7.72 49.53 -80.68
C ARG YB 50 -7.91 50.32 -79.39
N LYS YB 51 -8.62 49.73 -78.42
CA LYS YB 51 -8.90 50.46 -77.19
C LYS YB 51 -7.64 50.64 -76.36
N THR YB 52 -6.75 49.66 -76.38
CA THR YB 52 -5.50 49.80 -75.65
C THR YB 52 -4.68 50.96 -76.21
N LEU YB 53 -4.67 51.12 -77.54
CA LEU YB 53 -3.96 52.22 -78.15
C LEU YB 53 -4.53 53.56 -77.70
N LEU YB 54 -5.86 53.68 -77.70
CA LEU YB 54 -6.48 54.92 -77.25
C LEU YB 54 -6.16 55.19 -75.79
N PHE YB 55 -6.16 54.16 -74.96
CA PHE YB 55 -5.86 54.34 -73.55
C PHE YB 55 -4.46 54.92 -73.37
N LEU YB 56 -3.48 54.36 -74.08
CA LEU YB 56 -2.13 54.92 -74.01
C LEU YB 56 -2.08 56.32 -74.58
N PHE YB 57 -2.80 56.56 -75.68
CA PHE YB 57 -2.78 57.89 -76.29
C PHE YB 57 -3.46 58.92 -75.39
N TYR YB 58 -4.61 58.56 -74.81
CA TYR YB 58 -5.32 59.53 -73.97
C TYR YB 58 -4.57 59.81 -72.69
N CYS YB 59 -3.96 58.80 -72.09
CA CYS YB 59 -3.17 59.04 -70.88
C CYS YB 59 -2.02 59.99 -71.16
N CYS YB 60 -1.38 59.84 -72.30
CA CYS YB 60 -0.27 60.71 -72.65
C CYS YB 60 -0.75 62.15 -72.85
N THR YB 61 -1.77 62.34 -73.67
CA THR YB 61 -2.26 63.69 -73.93
C THR YB 61 -2.84 64.33 -72.67
N LEU YB 62 -3.58 63.55 -71.88
CA LEU YB 62 -4.17 64.10 -70.66
C LEU YB 62 -3.10 64.50 -69.66
N ALA YB 63 -1.92 63.86 -69.71
CA ALA YB 63 -0.85 64.20 -68.81
C ALA YB 63 0.00 65.37 -69.29
N THR YB 64 -0.07 65.69 -70.58
CA THR YB 64 0.72 66.81 -71.09
C THR YB 64 0.40 68.12 -70.40
N PRO YB 65 -0.86 68.49 -70.17
CA PRO YB 65 -1.13 69.74 -69.44
C PRO YB 65 -0.50 69.77 -68.07
N TYR YB 66 -0.47 68.63 -67.36
CA TYR YB 66 0.15 68.59 -66.05
C TYR YB 66 1.64 68.88 -66.13
N SER YB 67 2.33 68.28 -67.11
CA SER YB 67 3.74 68.57 -67.28
C SER YB 67 3.97 70.03 -67.64
N ALA YB 68 3.09 70.59 -68.47
CA ALA YB 68 3.20 72.00 -68.81
C ALA YB 68 3.08 72.87 -67.57
N TYR YB 69 2.14 72.53 -66.68
CA TYR YB 69 2.02 73.30 -65.45
C TYR YB 69 3.29 73.22 -64.62
N LEU YB 70 3.89 72.04 -64.52
CA LEU YB 70 5.14 71.92 -63.78
C LEU YB 70 6.24 72.73 -64.44
N ASP YB 71 6.34 72.68 -65.76
CA ASP YB 71 7.37 73.43 -66.46
C ASP YB 71 7.18 74.93 -66.26
N LEU YB 72 5.94 75.40 -66.33
CA LEU YB 72 5.69 76.82 -66.11
C LEU YB 72 6.12 77.23 -64.71
N GLN YB 73 5.81 76.42 -63.70
CA GLN YB 73 6.25 76.74 -62.35
C GLN YB 73 7.76 76.72 -62.25
N GLU YB 74 8.41 75.78 -62.93
CA GLU YB 74 9.87 75.76 -62.94
C GLU YB 74 10.43 77.02 -63.59
N LEU YB 75 9.83 77.47 -64.70
CA LEU YB 75 10.30 78.69 -65.34
C LEU YB 75 10.09 79.89 -64.44
N LYS YB 76 8.95 79.96 -63.75
CA LYS YB 76 8.73 81.06 -62.82
C LYS YB 76 9.74 81.02 -61.68
N HIS YB 77 10.04 79.82 -61.17
CA HIS YB 77 11.01 79.70 -60.09
C HIS YB 77 12.39 80.19 -60.54
N GLN YB 78 12.82 79.78 -61.73
CA GLN YB 78 14.10 80.24 -62.24
C GLN YB 78 14.06 81.72 -62.59
N GLY YB 79 12.89 82.22 -62.98
CA GLY YB 79 12.79 83.63 -63.33
C GLY YB 79 12.97 84.56 -62.16
N THR YB 80 12.70 84.08 -60.94
CA THR YB 80 12.82 84.87 -59.73
C THR YB 80 13.65 84.13 -58.70
N LYS YB 81 14.77 83.59 -59.14
CA LYS YB 81 15.60 82.80 -58.23
C LYS YB 81 16.19 83.72 -57.16
N PRO YB 82 16.05 83.39 -55.88
CA PRO YB 82 16.57 84.26 -54.83
C PRO YB 82 18.09 84.37 -54.91
N PRO YB 83 18.65 85.52 -54.61
CA PRO YB 83 20.11 85.64 -54.56
C PRO YB 83 20.69 84.79 -53.44
N ARG YB 84 21.93 84.36 -53.64
CA ARG YB 84 22.65 83.50 -52.73
C ARG YB 84 23.92 84.19 -52.25
N PRO YB 85 24.44 83.79 -51.10
CA PRO YB 85 25.64 84.47 -50.58
C PRO YB 85 26.81 84.33 -51.54
N VAL YB 86 27.60 85.39 -51.64
CA VAL YB 86 28.79 85.34 -52.48
C VAL YB 86 29.75 84.32 -51.90
N SER YB 87 30.27 83.46 -52.76
CA SER YB 87 31.12 82.35 -52.30
C SER YB 87 32.46 82.88 -51.81
N LEU YB 88 32.86 82.44 -50.62
CA LEU YB 88 34.21 82.69 -50.15
C LEU YB 88 35.18 81.83 -50.91
N GLU YB 89 36.24 82.44 -51.44
CA GLU YB 89 37.19 81.72 -52.28
C GLU YB 89 38.04 80.82 -51.41
N SER YB 90 37.68 79.54 -51.35
CA SER YB 90 38.28 78.58 -50.44
C SER YB 90 39.62 78.10 -50.98
N ARG YB 91 40.16 77.05 -50.36
CA ARG YB 91 41.50 76.59 -50.70
C ARG YB 91 41.60 76.16 -52.16
N PHE YB 92 40.57 75.46 -52.66
CA PHE YB 92 40.61 74.88 -53.99
C PHE YB 92 39.54 75.46 -54.89
N MET YB 93 39.14 76.69 -54.65
CA MET YB 93 38.06 77.33 -55.39
C MET YB 93 38.61 78.41 -56.30
N ASN YB 94 38.10 78.42 -57.54
CA ASN YB 94 38.44 79.45 -58.52
C ASN YB 94 39.91 79.36 -58.94
N GLN YB 95 40.36 78.16 -59.23
CA GLN YB 95 41.72 77.95 -59.70
C GLN YB 95 41.75 78.06 -61.22
N ARG YB 96 42.70 78.84 -61.73
CA ARG YB 96 42.82 79.09 -63.15
C ARG YB 96 44.27 78.96 -63.58
N ARG YB 97 44.51 78.17 -64.62
CA ARG YB 97 45.82 78.10 -65.25
C ARG YB 97 45.95 79.02 -66.46
N TYR YB 98 44.84 79.32 -67.11
CA TYR YB 98 44.82 80.15 -68.31
C TYR YB 98 43.44 80.76 -68.44
N ASP YB 99 43.34 81.77 -69.29
CA ASP YB 99 42.07 82.47 -69.45
C ASP YB 99 41.06 81.60 -70.17
N PHE YB 100 39.79 81.98 -70.06
CA PHE YB 100 38.69 81.28 -70.71
C PHE YB 100 38.54 81.80 -72.14
N THR YB 101 38.97 81.00 -73.11
CA THR YB 101 38.88 81.41 -74.51
C THR YB 101 38.42 80.30 -75.42
N TRP YB 102 38.03 79.15 -74.89
CA TRP YB 102 37.64 78.04 -75.75
C TRP YB 102 36.39 78.34 -76.56
N MET YB 103 35.54 79.26 -76.09
CA MET YB 103 34.36 79.62 -76.86
C MET YB 103 34.73 80.52 -78.04
N HIS YB 104 35.73 81.38 -77.88
CA HIS YB 104 36.13 82.35 -78.89
C HIS YB 104 37.63 82.28 -79.08
N PRO YB 105 38.13 81.25 -79.78
CA PRO YB 105 39.59 81.07 -79.84
C PRO YB 105 40.32 82.25 -80.43
N GLN YB 106 39.73 82.92 -81.42
CA GLN YB 106 40.37 84.04 -82.07
C GLN YB 106 39.93 85.39 -81.52
N ASP YB 107 38.64 85.57 -81.25
CA ASP YB 107 38.16 86.85 -80.73
C ASP YB 107 38.54 87.03 -79.28
N LYS YB 108 38.41 85.98 -78.47
CA LYS YB 108 38.82 86.01 -77.06
C LYS YB 108 37.99 87.02 -76.28
N PHE YB 109 36.67 86.97 -76.47
CA PHE YB 109 35.76 87.81 -75.70
C PHE YB 109 35.72 87.37 -74.24
N CYS YB 110 35.72 88.34 -73.33
CA CYS YB 110 35.53 88.08 -71.91
C CYS YB 110 36.47 86.97 -71.43
N SER YB 111 37.77 87.15 -71.68
CA SER YB 111 38.73 86.13 -71.31
C SER YB 111 38.70 85.85 -69.81
N GLU YB 112 38.39 86.86 -68.99
CA GLU YB 112 38.36 86.68 -67.56
C GLU YB 112 37.06 86.06 -67.06
N CYS YB 113 35.97 86.21 -67.80
CA CYS YB 113 34.69 85.68 -67.37
C CYS YB 113 34.55 84.22 -67.77
N ARG YB 114 33.79 83.48 -66.97
CA ARG YB 114 33.52 82.08 -67.25
C ARG YB 114 32.43 81.94 -68.29
N PRO YB 115 32.32 80.78 -68.93
CA PRO YB 115 31.47 80.67 -70.12
C PRO YB 115 30.03 81.11 -69.91
N VAL YB 116 29.48 80.93 -68.72
CA VAL YB 116 28.08 81.27 -68.48
C VAL YB 116 27.96 82.18 -67.27
N GLU YB 117 28.99 82.98 -67.00
CA GLU YB 117 28.95 83.95 -65.92
C GLU YB 117 28.36 85.24 -66.46
N LEU YB 118 27.04 85.38 -66.36
CA LEU YB 118 26.35 86.46 -67.05
C LEU YB 118 26.74 87.83 -66.49
N GLU YB 119 26.79 87.96 -65.16
CA GLU YB 119 27.07 89.26 -64.58
C GLU YB 119 28.47 89.74 -64.95
N CYS YB 120 29.43 88.83 -64.97
CA CYS YB 120 30.79 89.21 -65.39
C CYS YB 120 30.79 89.65 -66.84
N LYS YB 121 30.07 88.93 -67.71
CA LYS YB 121 30.03 89.31 -69.12
C LYS YB 121 29.35 90.66 -69.32
N LYS YB 122 28.28 90.94 -68.56
CA LYS YB 122 27.60 92.21 -68.70
C LYS YB 122 28.55 93.37 -68.47
N MET YB 123 29.31 93.33 -67.37
CA MET YB 123 30.28 94.38 -67.12
C MET YB 123 31.39 94.38 -68.15
N CYS YB 124 31.73 93.20 -68.69
CA CYS YB 124 32.76 93.14 -69.72
C CYS YB 124 32.25 93.71 -71.04
N PHE YB 125 30.99 93.41 -71.40
CA PHE YB 125 30.41 94.00 -72.60
C PHE YB 125 30.34 95.51 -72.48
N ASP YB 126 30.05 96.01 -71.27
CA ASP YB 126 29.97 97.46 -71.07
C ASP YB 126 31.32 98.11 -71.36
N ARG YB 127 32.42 97.48 -70.95
CA ARG YB 127 33.73 98.02 -71.27
C ARG YB 127 33.93 98.08 -72.79
N TYR YB 128 33.57 97.00 -73.48
CA TYR YB 128 33.73 96.98 -74.93
C TYR YB 128 32.87 98.05 -75.59
N ARG YB 129 31.64 98.23 -75.12
CA ARG YB 129 30.80 99.30 -75.64
C ARG YB 129 31.41 100.66 -75.37
N SER YB 130 31.97 100.86 -74.17
CA SER YB 130 32.64 102.11 -73.85
C SER YB 130 33.87 102.32 -74.73
N MET YB 131 34.40 101.26 -75.31
CA MET YB 131 35.51 101.33 -76.25
C MET YB 131 35.04 101.34 -77.70
N ASP YB 132 33.75 101.60 -77.92
CA ASP YB 132 33.19 101.76 -79.25
C ASP YB 132 33.08 100.44 -80.00
N TYR YB 133 32.90 99.34 -79.27
CA TYR YB 133 32.73 98.01 -79.84
C TYR YB 133 31.40 97.44 -79.37
N ARG YB 134 30.46 97.24 -80.29
CA ARG YB 134 29.14 96.76 -79.92
C ARG YB 134 29.20 95.30 -79.44
N MET YB 135 28.26 94.95 -78.57
CA MET YB 135 28.07 93.60 -78.06
C MET YB 135 26.59 93.46 -77.72
N TYR YB 136 26.05 92.25 -77.92
CA TYR YB 136 24.61 92.04 -77.75
C TYR YB 136 24.31 91.44 -76.38
N GLY YB 137 23.37 92.07 -75.67
CA GLY YB 137 22.78 91.47 -74.49
C GLY YB 137 22.89 92.26 -73.20
N PHE YB 138 22.06 91.90 -72.22
CA PHE YB 138 22.15 92.40 -70.86
C PHE YB 138 21.76 93.85 -70.72
N GLN YB 139 20.97 94.39 -71.65
CA GLN YB 139 20.65 95.82 -71.63
C GLN YB 139 19.20 96.14 -71.32
N ARG YB 140 18.29 95.20 -71.51
CA ARG YB 140 16.87 95.45 -71.28
C ARG YB 140 16.45 95.02 -69.88
N PRO YB 141 15.76 95.85 -69.10
CA PRO YB 141 15.27 95.39 -67.80
C PRO YB 141 14.40 94.15 -67.94
N ARG YB 142 14.56 93.21 -67.01
CA ARG YB 142 13.86 91.93 -67.15
C ARG YB 142 12.35 92.11 -67.14
N ILE YB 143 11.85 93.10 -66.41
CA ILE YB 143 10.40 93.27 -66.28
C ILE YB 143 9.79 93.97 -67.49
N GLN YB 144 10.61 94.49 -68.40
CA GLN YB 144 10.13 95.17 -69.59
C GLN YB 144 10.24 94.32 -70.84
N THR YB 145 10.49 93.03 -70.71
CA THR YB 145 10.63 92.14 -71.85
C THR YB 145 9.65 90.98 -71.72
N TYR YB 146 9.30 90.39 -72.85
CA TYR YB 146 8.39 89.26 -72.86
C TYR YB 146 9.11 87.97 -72.55
N TYR YB 147 8.38 87.01 -71.98
CA TYR YB 147 8.88 85.67 -71.69
C TYR YB 147 9.94 85.68 -70.61
N SER YB 148 10.00 86.72 -69.79
CA SER YB 148 10.99 86.78 -68.73
C SER YB 148 10.62 85.91 -67.55
N PHE YB 149 9.33 85.70 -67.30
CA PHE YB 149 8.86 84.96 -66.13
C PHE YB 149 9.32 85.61 -64.83
N SER YB 150 9.43 86.93 -64.83
CA SER YB 150 9.84 87.66 -63.64
C SER YB 150 8.89 88.80 -63.29
N THR YB 151 7.78 88.93 -63.99
CA THR YB 151 6.84 90.00 -63.74
C THR YB 151 6.01 89.71 -62.49
N CYS YB 152 5.62 90.78 -61.79
CA CYS YB 152 4.88 90.67 -60.54
C CYS YB 152 3.56 89.94 -60.77
N HIS ZB 1 9.32 30.27 -72.40
CA HIS ZB 1 7.89 30.53 -72.42
C HIS ZB 1 7.08 29.27 -72.13
N ILE ZB 2 6.19 29.35 -71.15
CA ILE ZB 2 5.32 28.26 -70.76
C ILE ZB 2 3.90 28.60 -71.25
N PRO ZB 3 3.33 27.86 -72.20
CA PRO ZB 3 1.97 28.16 -72.62
C PRO ZB 3 0.99 28.05 -71.46
N HIS ZB 4 0.02 28.96 -71.44
CA HIS ZB 4 -0.94 29.01 -70.34
C HIS ZB 4 -2.18 29.74 -70.83
N PRO ZB 5 -3.34 29.49 -70.21
CA PRO ZB 5 -4.58 30.09 -70.69
C PRO ZB 5 -4.68 31.57 -70.33
N VAL ZB 6 -5.70 32.21 -70.87
CA VAL ZB 6 -5.99 33.61 -70.55
C VAL ZB 6 -6.76 33.66 -69.24
N LYS ZB 7 -6.25 34.45 -68.30
CA LYS ZB 7 -6.80 34.48 -66.96
C LYS ZB 7 -8.01 35.38 -66.82
N TYR ZB 8 -8.34 36.17 -67.84
CA TYR ZB 8 -9.46 37.09 -67.74
C TYR ZB 8 -10.76 36.30 -67.61
N VAL ZB 9 -11.52 36.58 -66.55
CA VAL ZB 9 -12.76 35.88 -66.27
C VAL ZB 9 -13.95 36.83 -66.18
N GLY ZB 10 -13.76 38.13 -66.40
CA GLY ZB 10 -14.85 39.06 -66.37
C GLY ZB 10 -15.66 39.02 -67.64
N PRO ZB 11 -16.64 39.91 -67.73
CA PRO ZB 11 -17.48 39.95 -68.92
C PRO ZB 11 -16.66 40.29 -70.16
N ARG ZB 12 -16.99 39.64 -71.27
CA ARG ZB 12 -16.26 39.86 -72.51
C ARG ZB 12 -16.86 40.97 -73.36
N ARG ZB 13 -18.17 41.20 -73.23
CA ARG ZB 13 -18.82 42.30 -73.94
C ARG ZB 13 -19.91 42.89 -73.05
N TYR ZB 14 -19.98 44.22 -73.03
CA TYR ZB 14 -21.06 44.93 -72.36
C TYR ZB 14 -22.26 45.17 -73.25
N GLY ZB 15 -22.14 44.95 -74.55
CA GLY ZB 15 -23.16 45.31 -75.50
C GLY ZB 15 -22.91 46.67 -76.14
N ARG ZB 16 -23.73 46.99 -77.13
CA ARG ZB 16 -23.58 48.26 -77.82
C ARG ZB 16 -23.83 49.41 -76.86
N TYR ZB 17 -23.01 50.45 -76.96
CA TYR ZB 17 -23.22 51.64 -76.16
C TYR ZB 17 -24.50 52.32 -76.62
N VAL ZB 18 -25.46 52.45 -75.70
CA VAL ZB 18 -26.72 53.15 -75.97
C VAL ZB 18 -26.84 54.20 -74.86
N TYR ZB 19 -26.27 55.38 -75.11
CA TYR ZB 19 -26.29 56.48 -74.15
C TYR ZB 19 -25.97 56.02 -72.73
N GLY ZB 20 -25.03 55.09 -72.63
CA GLY ZB 20 -24.54 54.65 -71.33
C GLY ZB 20 -25.59 53.97 -70.47
N MET ZB 21 -26.48 53.19 -71.08
CA MET ZB 21 -27.49 52.44 -70.36
C MET ZB 21 -27.06 50.98 -70.23
N ASN ZB 22 -27.52 50.35 -69.16
CA ASN ZB 22 -27.28 48.93 -68.94
C ASN ZB 22 -25.79 48.61 -68.93
N ARG ZB 23 -25.03 49.42 -68.22
CA ARG ZB 23 -23.59 49.23 -68.11
C ARG ZB 23 -23.19 49.14 -66.65
N PRO ZB 24 -22.08 48.47 -66.35
CA PRO ZB 24 -21.74 48.19 -64.95
C PRO ZB 24 -21.38 49.46 -64.20
N PRO ZB 25 -21.23 49.36 -62.88
CA PRO ZB 25 -20.75 50.52 -62.12
C PRO ZB 25 -19.33 50.89 -62.54
N VAL ZB 26 -18.99 52.17 -62.34
CA VAL ZB 26 -17.72 52.68 -62.85
C VAL ZB 26 -16.55 51.92 -62.22
N LEU ZB 27 -16.59 51.73 -60.91
CA LEU ZB 27 -15.50 51.02 -60.25
C LEU ZB 27 -15.34 49.61 -60.79
N ARG ZB 28 -16.45 48.92 -61.03
CA ARG ZB 28 -16.39 47.60 -61.63
C ARG ZB 28 -15.78 47.67 -63.03
N GLN ZB 29 -16.10 48.73 -63.78
CA GLN ZB 29 -15.52 48.88 -65.11
C GLN ZB 29 -14.01 49.05 -65.04
N VAL ZB 30 -13.53 49.85 -64.08
CA VAL ZB 30 -12.09 50.03 -63.94
C VAL ZB 30 -11.42 48.70 -63.61
N LYS ZB 31 -12.03 47.92 -62.73
CA LYS ZB 31 -11.47 46.62 -62.39
C LYS ZB 31 -11.44 45.70 -63.60
N ASP ZB 32 -12.49 45.72 -64.41
CA ASP ZB 32 -12.52 44.87 -65.60
C ASP ZB 32 -11.43 45.27 -66.59
N TRP ZB 33 -11.23 46.57 -66.78
CA TRP ZB 33 -10.22 47.03 -67.72
C TRP ZB 33 -8.84 46.54 -67.34
N ILE ZB 34 -8.49 46.66 -66.06
CA ILE ZB 34 -7.16 46.23 -65.63
C ILE ZB 34 -7.05 44.72 -65.73
N ASP ZB 35 -8.12 43.98 -65.45
CA ASP ZB 35 -8.10 42.55 -65.67
C ASP ZB 35 -7.88 42.24 -67.14
N TRP ZB 36 -8.54 42.99 -68.03
CA TRP ZB 36 -8.42 42.74 -69.46
C TRP ZB 36 -7.01 43.01 -69.96
N THR ZB 37 -6.40 44.10 -69.49
CA THR ZB 37 -5.08 44.51 -69.98
C THR ZB 37 -3.94 44.01 -69.10
N GLY ZB 38 -4.23 43.36 -67.98
CA GLY ZB 38 -3.19 42.73 -67.19
C GLY ZB 38 -2.78 43.51 -65.96
N TRP ZB 39 -2.87 42.87 -64.79
CA TRP ZB 39 -2.41 43.50 -63.56
C TRP ZB 39 -0.89 43.53 -63.46
N ASN ZB 40 -0.19 42.72 -64.25
CA ASN ZB 40 1.27 42.66 -64.15
C ASN ZB 40 1.89 44.00 -64.52
N SER ZB 41 1.32 44.70 -65.49
CA SER ZB 41 1.84 46.01 -65.86
C SER ZB 41 1.59 47.02 -64.75
N VAL ZB 42 0.44 46.92 -64.07
CA VAL ZB 42 0.14 47.84 -62.99
C VAL ZB 42 1.14 47.67 -61.85
N PHE ZB 43 1.33 46.43 -61.40
CA PHE ZB 43 2.24 46.20 -60.28
C PHE ZB 43 3.66 46.60 -60.63
N GLY ZB 44 4.12 46.23 -61.82
CA GLY ZB 44 5.47 46.59 -62.21
C GLY ZB 44 5.67 48.10 -62.30
N GLY ZB 45 4.69 48.79 -62.91
CA GLY ZB 45 4.82 50.24 -63.05
C GLY ZB 45 4.80 50.97 -61.72
N PHE ZB 46 3.91 50.56 -60.81
CA PHE ZB 46 3.78 51.23 -59.53
C PHE ZB 46 4.80 50.77 -58.50
N SER ZB 47 5.48 49.65 -58.73
CA SER ZB 47 6.35 49.09 -57.69
C SER ZB 47 7.46 50.06 -57.31
N PHE ZB 48 8.09 50.69 -58.30
CA PHE ZB 48 9.25 51.52 -58.02
C PHE ZB 48 8.88 52.72 -57.16
N GLN ZB 49 7.79 53.40 -57.52
CA GLN ZB 49 7.39 54.60 -56.78
C GLN ZB 49 6.90 54.25 -55.39
N VAL ZB 50 6.18 53.13 -55.25
CA VAL ZB 50 5.70 52.71 -53.94
C VAL ZB 50 6.87 52.43 -53.02
N ALA ZB 51 7.88 51.72 -53.53
CA ALA ZB 51 9.04 51.42 -52.71
C ALA ZB 51 9.78 52.69 -52.29
N PHE ZB 52 9.97 53.61 -53.22
CA PHE ZB 52 10.66 54.85 -52.89
C PHE ZB 52 9.83 55.71 -51.96
N GLY ZB 53 8.53 55.83 -52.24
CA GLY ZB 53 7.69 56.67 -51.40
C GLY ZB 53 7.60 56.17 -49.97
N LEU ZB 54 7.41 54.86 -49.81
CA LEU ZB 54 7.33 54.31 -48.46
C LEU ZB 54 8.63 54.53 -47.70
N MET ZB 55 9.76 54.31 -48.35
CA MET ZB 55 11.03 54.47 -47.66
C MET ZB 55 11.24 55.91 -47.22
N ILE ZB 56 10.94 56.88 -48.09
CA ILE ZB 56 11.14 58.27 -47.72
C ILE ZB 56 10.15 58.70 -46.64
N VAL ZB 57 8.87 58.39 -46.85
CA VAL ZB 57 7.85 58.90 -45.93
C VAL ZB 57 7.84 58.13 -44.62
N SER ZB 58 8.39 56.91 -44.59
CA SER ZB 58 8.50 56.20 -43.33
C SER ZB 58 9.41 56.93 -42.36
N GLY ZB 59 10.34 57.72 -42.87
CA GLY ZB 59 11.23 58.48 -42.00
C GLY ZB 59 10.52 59.48 -41.12
N VAL ZB 60 9.28 59.82 -41.45
CA VAL ZB 60 8.50 60.71 -40.59
C VAL ZB 60 8.36 60.11 -39.20
N TYR ZB 61 8.18 58.81 -39.13
CA TYR ZB 61 8.14 58.09 -37.85
C TYR ZB 61 9.50 57.51 -37.48
N LEU ZB 62 10.13 56.79 -38.42
CA LEU ZB 62 11.36 56.09 -38.11
C LEU ZB 62 12.49 57.03 -37.77
N ASN ZB 63 12.62 58.13 -38.52
CA ASN ZB 63 13.77 59.02 -38.37
C ASN ZB 63 13.47 60.25 -37.53
N ASN ZB 64 12.27 60.81 -37.63
CA ASN ZB 64 11.96 62.05 -36.94
C ASN ZB 64 11.32 61.82 -35.58
N TYR ZB 65 10.16 61.17 -35.54
CA TYR ZB 65 9.41 61.04 -34.29
C TYR ZB 65 10.16 60.15 -33.30
N ARG ZB 66 10.61 58.97 -33.74
CA ARG ZB 66 11.28 58.05 -32.83
C ARG ZB 66 12.56 58.66 -32.27
N ALA ZB 67 13.32 59.36 -33.11
CA ALA ZB 67 14.60 59.92 -32.66
C ALA ZB 67 14.40 60.91 -31.53
N THR ZB 68 13.39 61.77 -31.63
CA THR ZB 68 13.13 62.74 -30.56
C THR ZB 68 12.83 62.04 -29.25
N HIS ZB 69 12.03 60.98 -29.29
CA HIS ZB 69 11.67 60.26 -28.07
C HIS ZB 69 12.73 59.23 -27.67
N THR ZB 70 13.70 58.92 -28.53
CA THR ZB 70 14.75 57.95 -28.22
C THR ZB 70 16.11 58.60 -28.49
N LEU ZB 71 16.59 59.35 -27.49
CA LEU ZB 71 17.96 59.85 -27.47
C LEU ZB 71 18.44 59.73 -26.04
N TYR ZB 72 19.38 58.82 -25.79
CA TYR ZB 72 19.75 58.57 -24.40
C TYR ZB 72 20.49 59.74 -23.78
N TYR ZB 73 20.90 60.72 -24.59
CA TYR ZB 73 21.47 61.95 -24.05
C TYR ZB 73 20.63 63.16 -24.47
N GLY AC 1 7.52 32.28 -80.14
CA GLY AC 1 7.49 32.78 -78.77
C GLY AC 1 8.31 31.94 -77.82
N ARG AC 2 9.53 32.37 -77.57
CA ARG AC 2 10.47 31.65 -76.73
C ARG AC 2 11.20 32.66 -75.87
N ARG AC 3 11.36 32.35 -74.59
CA ARG AC 3 11.86 33.29 -73.61
C ARG AC 3 13.34 33.06 -73.35
N LEU AC 4 14.10 34.15 -73.23
CA LEU AC 4 15.53 34.10 -72.97
C LEU AC 4 15.88 34.41 -71.52
N LEU AC 5 15.13 35.28 -70.87
CA LEU AC 5 15.44 35.75 -69.53
C LEU AC 5 14.33 35.32 -68.57
N HIS AC 6 14.57 35.57 -67.28
CA HIS AC 6 13.55 35.29 -66.28
C HIS AC 6 12.28 36.07 -66.60
N GLY AC 7 11.13 35.46 -66.34
CA GLY AC 7 9.87 36.07 -66.73
C GLY AC 7 9.67 37.45 -66.14
N ASN AC 8 10.18 37.69 -64.93
CA ASN AC 8 10.08 38.97 -64.25
C ASN AC 8 11.46 39.55 -64.01
N TYR AC 9 12.32 39.49 -65.03
CA TYR AC 9 13.75 39.73 -64.80
C TYR AC 9 14.01 41.14 -64.29
N PHE AC 10 13.35 42.14 -64.86
CA PHE AC 10 13.70 43.51 -64.53
C PHE AC 10 13.45 43.80 -63.05
N THR AC 11 12.23 43.51 -62.58
CA THR AC 11 11.93 43.74 -61.17
C THR AC 11 12.73 42.79 -60.29
N ARG AC 12 12.92 41.55 -60.72
CA ARG AC 12 13.62 40.58 -59.90
C ARG AC 12 15.03 41.04 -59.57
N TYR AC 13 15.78 41.47 -60.58
CA TYR AC 13 17.18 41.78 -60.38
C TYR AC 13 17.43 43.20 -59.92
N LEU AC 14 16.40 44.06 -59.90
CA LEU AC 14 16.54 45.39 -59.34
C LEU AC 14 16.19 45.40 -57.86
N PHE AC 15 14.96 44.99 -57.52
CA PHE AC 15 14.60 44.91 -56.11
C PHE AC 15 15.40 43.84 -55.40
N GLY AC 16 15.66 42.71 -56.08
CA GLY AC 16 16.44 41.66 -55.46
C GLY AC 16 17.84 42.11 -55.13
N SER AC 17 18.49 42.83 -56.04
CA SER AC 17 19.84 43.33 -55.77
C SER AC 17 19.83 44.35 -54.64
N LEU AC 18 18.84 45.25 -54.64
CA LEU AC 18 18.73 46.22 -53.56
C LEU AC 18 18.53 45.53 -52.21
N ALA AC 19 17.67 44.51 -52.18
CA ALA AC 19 17.46 43.78 -50.93
C ALA AC 19 18.74 43.15 -50.43
N VAL AC 20 19.50 42.51 -51.33
CA VAL AC 20 20.72 41.84 -50.92
C VAL AC 20 21.75 42.85 -50.44
N ILE AC 21 21.82 44.01 -51.08
CA ILE AC 21 22.74 45.05 -50.64
C ILE AC 21 22.38 45.53 -49.24
N TRP AC 22 21.10 45.77 -48.99
CA TRP AC 22 20.68 46.25 -47.69
C TRP AC 22 20.96 45.24 -46.60
N ILE AC 23 20.64 43.97 -46.86
CA ILE AC 23 20.82 42.95 -45.84
C ILE AC 23 22.30 42.71 -45.58
N ALA AC 24 23.12 42.75 -46.63
CA ALA AC 24 24.55 42.59 -46.44
C ALA AC 24 25.11 43.71 -45.57
N GLU AC 25 24.66 44.94 -45.80
CA GLU AC 25 25.17 46.07 -45.02
C GLU AC 25 24.85 45.92 -43.54
N TYR AC 26 23.64 45.50 -43.23
CA TYR AC 26 23.28 45.29 -41.82
C TYR AC 26 24.18 44.23 -41.20
N ALA AC 27 24.43 43.14 -41.91
CA ALA AC 27 25.33 42.12 -41.39
C ALA AC 27 26.73 42.67 -41.15
N ALA AC 28 27.24 43.47 -42.09
CA ALA AC 28 28.56 44.05 -41.93
C ALA AC 28 28.63 44.94 -40.69
N ALA AC 29 27.58 45.73 -40.46
CA ALA AC 29 27.58 46.60 -39.28
C ALA AC 29 27.60 45.77 -38.00
N CYS AC 30 26.84 44.69 -37.95
CA CYS AC 30 26.81 43.86 -36.75
C CYS AC 30 28.18 43.25 -36.47
N GLN AC 31 28.86 42.78 -37.51
CA GLN AC 31 30.16 42.13 -37.31
C GLN AC 31 31.18 43.10 -36.76
N TYR AC 32 31.22 44.33 -37.29
CA TYR AC 32 32.17 45.34 -36.83
C TYR AC 32 31.65 46.14 -35.64
N GLY AC 33 30.37 46.04 -35.31
CA GLY AC 33 29.85 46.75 -34.15
C GLY AC 33 29.74 48.25 -34.35
N ILE AC 34 29.45 48.69 -35.56
CA ILE AC 34 29.42 50.14 -35.83
C ILE AC 34 28.15 50.73 -35.21
N PRO AC 35 28.24 51.88 -34.54
CA PRO AC 35 27.01 52.54 -34.08
C PRO AC 35 26.11 52.90 -35.26
N ARG AC 36 24.82 52.63 -35.10
CA ARG AC 36 23.86 52.85 -36.17
C ARG AC 36 22.90 54.00 -35.89
N HIS AC 37 23.02 54.68 -34.77
CA HIS AC 37 22.21 55.86 -34.51
C HIS AC 37 22.66 57.01 -35.38
N ARG AC 38 21.69 57.72 -35.97
CA ARG AC 38 21.97 58.82 -36.88
C ARG AC 38 21.99 60.13 -36.13
N ASN AC 39 23.06 60.91 -36.31
CA ASN AC 39 23.16 62.26 -35.77
C ASN AC 39 23.28 63.23 -36.93
N PRO AC 40 22.37 64.19 -37.09
CA PRO AC 40 22.47 65.16 -38.17
C PRO AC 40 23.27 66.42 -37.82
N ASN AC 41 23.94 66.44 -36.68
CA ASN AC 41 24.53 67.66 -36.14
C ASN AC 41 26.05 67.57 -36.16
N TRP AC 42 26.68 68.74 -36.21
CA TRP AC 42 28.10 68.83 -35.94
C TRP AC 42 28.37 68.52 -34.47
N MET AC 43 29.54 67.94 -34.21
CA MET AC 43 29.87 67.44 -32.88
C MET AC 43 30.82 68.34 -32.12
N TRP AC 44 31.09 69.54 -32.61
CA TRP AC 44 31.95 70.48 -31.91
C TRP AC 44 31.32 70.83 -30.57
N SER AC 45 31.94 70.38 -29.47
CA SER AC 45 31.29 70.51 -28.16
C SER AC 45 31.14 71.97 -27.76
N TRP AC 46 32.19 72.76 -27.94
CA TRP AC 46 32.13 74.17 -27.54
C TRP AC 46 31.03 74.90 -28.30
N TRP AC 47 30.90 74.63 -29.59
CA TRP AC 47 29.86 75.30 -30.37
C TRP AC 47 28.47 74.88 -29.92
N LEU AC 48 28.27 73.59 -29.68
CA LEU AC 48 26.96 73.12 -29.24
C LEU AC 48 26.58 73.76 -27.91
N GLU AC 49 27.55 73.99 -27.03
CA GLU AC 49 27.25 74.67 -25.78
C GLU AC 49 26.81 76.11 -26.02
N LYS AC 50 27.46 76.80 -26.96
CA LYS AC 50 27.05 78.16 -27.29
C LYS AC 50 25.64 78.18 -27.87
N GLN AC 51 25.31 77.20 -28.71
CA GLN AC 51 23.96 77.15 -29.26
C GLN AC 51 22.93 76.92 -28.17
N ASN AC 52 23.25 76.08 -27.20
CA ASN AC 52 22.36 75.87 -26.06
C ASN AC 52 22.17 77.16 -25.28
N GLN AC 53 23.24 77.94 -25.12
CA GLN AC 53 23.11 79.22 -24.42
C GLN AC 53 22.17 80.16 -25.15
N ILE AC 54 22.24 80.20 -26.48
CA ILE AC 54 21.32 81.01 -27.25
C ILE AC 54 19.88 80.54 -27.03
N LYS AC 55 19.68 79.22 -27.04
CA LYS AC 55 18.35 78.68 -26.81
C LYS AC 55 17.85 79.02 -25.41
N ASN AC 56 18.73 78.96 -24.42
CA ASN AC 56 18.35 79.32 -23.05
C ASN AC 56 18.12 80.81 -22.89
N GLY AC 57 18.61 81.64 -23.83
CA GLY AC 57 18.50 83.07 -23.70
C GLY AC 57 19.70 83.73 -23.03
N GLU AC 58 20.74 82.97 -22.70
CA GLU AC 58 21.93 83.57 -22.10
C GLU AC 58 22.65 84.47 -23.11
N ILE AC 59 22.70 84.08 -24.36
CA ILE AC 59 23.32 84.85 -25.43
C ILE AC 59 22.20 85.46 -26.28
N PRO AC 60 22.27 86.75 -26.62
CA PRO AC 60 21.17 87.35 -27.38
C PRO AC 60 20.95 86.65 -28.71
N ALA AC 61 19.68 86.59 -29.12
CA ALA AC 61 19.33 85.88 -30.34
C ALA AC 61 19.94 86.56 -31.57
N ASN AC 62 20.23 85.75 -32.59
CA ASN AC 62 20.82 86.20 -33.84
C ASN AC 62 22.23 86.74 -33.67
N THR AC 63 22.89 86.37 -32.59
CA THR AC 63 24.29 86.74 -32.39
C THR AC 63 25.18 85.85 -33.25
N PRO AC 64 26.04 86.40 -34.10
CA PRO AC 64 26.85 85.56 -34.98
C PRO AC 64 27.88 84.76 -34.21
N GLY AC 65 28.31 83.66 -34.81
CA GLY AC 65 29.33 82.84 -34.18
C GLY AC 65 30.66 83.56 -34.05
N TYR AC 66 31.02 84.37 -35.05
CA TYR AC 66 32.27 85.12 -34.97
C TYR AC 66 32.24 86.18 -33.88
N ALA AC 67 31.05 86.56 -33.41
CA ALA AC 67 30.96 87.48 -32.27
C ALA AC 67 31.28 86.78 -30.96
N MET AC 68 31.47 85.46 -30.96
CA MET AC 68 31.64 84.70 -29.74
C MET AC 68 33.00 84.01 -29.63
N VAL AC 69 33.89 84.17 -30.60
CA VAL AC 69 35.15 83.44 -30.63
C VAL AC 69 36.25 84.30 -30.04
N LYS AC 70 37.36 83.66 -29.67
CA LYS AC 70 38.53 84.35 -29.14
C LYS AC 70 39.55 84.70 -30.20
N TRP AC 71 39.36 84.24 -31.44
CA TRP AC 71 40.22 84.62 -32.55
C TRP AC 71 39.36 84.86 -33.78
N ASN AC 72 39.55 86.00 -34.44
CA ASN AC 72 38.77 86.39 -35.60
C ASN AC 72 39.70 86.57 -36.79
N ASN AC 73 39.26 86.06 -37.94
CA ASN AC 73 40.00 86.29 -39.17
C ASN AC 73 39.70 87.69 -39.70
N GLU AC 74 40.38 88.07 -40.79
CA GLU AC 74 40.21 89.41 -41.33
C GLU AC 74 38.77 89.66 -41.78
N ALA AC 75 38.16 88.68 -42.46
CA ALA AC 75 36.80 88.88 -42.96
C ALA AC 75 35.83 89.10 -41.82
N GLU AC 76 36.00 88.35 -40.73
CA GLU AC 76 35.13 88.53 -39.57
C GLU AC 76 35.34 89.89 -38.91
N GLN AC 77 36.57 90.38 -38.91
CA GLN AC 77 36.81 91.72 -38.38
C GLN AC 77 36.07 92.77 -39.20
N ARG AC 78 35.99 92.56 -40.52
CA ARG AC 78 35.21 93.45 -41.37
C ARG AC 78 33.74 93.43 -40.97
N TRP AC 79 33.20 92.24 -40.72
CA TRP AC 79 31.78 92.12 -40.39
C TRP AC 79 31.49 92.67 -39.01
N LEU AC 80 32.41 92.52 -38.06
CA LEU AC 80 32.16 93.00 -36.70
C LEU AC 80 32.00 94.51 -36.66
N LYS AC 81 32.60 95.23 -37.60
CA LYS AC 81 32.47 96.68 -37.61
C LYS AC 81 31.06 97.13 -37.94
N THR AC 82 30.28 96.32 -38.65
CA THR AC 82 28.92 96.66 -39.04
C THR AC 82 27.87 95.84 -38.31
N LEU AC 83 28.28 95.03 -37.35
CA LEU AC 83 27.34 94.16 -36.65
C LEU AC 83 26.62 94.93 -35.55
N ASN AC 84 25.29 94.84 -35.55
CA ASN AC 84 24.45 95.42 -34.49
C ASN AC 84 23.34 94.42 -34.22
N VAL AC 85 23.59 93.51 -33.28
CA VAL AC 85 22.59 92.49 -32.96
C VAL AC 85 21.36 93.13 -32.34
N GLU AC 86 21.55 94.14 -31.50
CA GLU AC 86 20.41 94.81 -30.86
C GLU AC 86 19.48 95.39 -31.91
N ALA AC 87 20.03 96.04 -32.93
CA ALA AC 87 19.20 96.59 -33.99
C ALA AC 87 18.49 95.49 -34.76
N MET AC 88 19.19 94.38 -35.02
CA MET AC 88 18.58 93.27 -35.75
C MET AC 88 17.37 92.72 -35.00
N ASN AC 89 17.50 92.56 -33.68
CA ASN AC 89 16.39 92.04 -32.90
C ASN AC 89 15.20 92.98 -32.92
N GLU AC 90 15.46 94.29 -32.81
CA GLU AC 90 14.36 95.24 -32.87
C GLU AC 90 13.65 95.19 -34.22
N GLU AC 91 14.42 95.05 -35.30
CA GLU AC 91 13.80 94.96 -36.62
C GLU AC 91 12.91 93.72 -36.73
N PHE AC 92 13.38 92.58 -36.22
CA PHE AC 92 12.54 91.39 -36.22
C PHE AC 92 11.31 91.60 -35.37
N ALA AC 93 11.45 92.26 -34.22
CA ALA AC 93 10.30 92.53 -33.37
C ALA AC 93 9.28 93.39 -34.11
N ARG AC 94 9.75 94.39 -34.85
CA ARG AC 94 8.82 95.23 -35.61
C ARG AC 94 8.08 94.41 -36.65
N ARG AC 95 8.76 93.50 -37.33
CA ARG AC 95 8.10 92.69 -38.34
C ARG AC 95 6.98 91.85 -37.73
N ARG AC 96 7.22 91.27 -36.57
CA ARG AC 96 6.19 90.45 -35.94
C ARG AC 96 4.95 91.29 -35.61
N GLU AC 97 5.15 92.50 -35.09
CA GLU AC 97 4.01 93.35 -34.79
C GLU AC 97 3.21 93.65 -36.04
N ALA AC 98 3.90 93.98 -37.14
CA ALA AC 98 3.19 94.27 -38.38
C ALA AC 98 2.40 93.07 -38.86
N TYR AC 99 3.01 91.88 -38.79
CA TYR AC 99 2.32 90.68 -39.26
C TYR AC 99 1.06 90.39 -38.46
N TYR AC 100 1.13 90.55 -37.15
CA TYR AC 100 -0.03 90.30 -36.29
C TYR AC 100 -0.83 91.58 -36.07
N GLN BC 1 -5.80 8.54 -115.63
CA GLN BC 1 -4.44 8.78 -115.17
C GLN BC 1 -4.20 10.27 -115.01
N VAL BC 2 -3.62 10.67 -113.89
CA VAL BC 2 -3.39 12.07 -113.57
C VAL BC 2 -1.88 12.32 -113.61
N PRO BC 3 -1.37 13.01 -114.63
CA PRO BC 3 0.06 13.32 -114.65
C PRO BC 3 0.43 14.31 -113.56
N ASP BC 4 1.67 14.23 -113.12
CA ASP BC 4 2.21 15.20 -112.18
C ASP BC 4 2.78 16.39 -112.94
N VAL BC 5 2.70 17.56 -112.32
CA VAL BC 5 3.11 18.81 -112.95
C VAL BC 5 4.06 19.57 -112.03
N PHE BC 6 4.82 20.47 -112.63
CA PHE BC 6 5.65 21.39 -111.88
C PHE BC 6 4.83 22.63 -111.54
N ALA BC 7 4.87 23.03 -110.28
CA ALA BC 7 4.22 24.24 -109.81
C ALA BC 7 5.29 25.19 -109.30
N THR BC 8 5.30 26.42 -109.82
CA THR BC 8 6.30 27.41 -109.48
C THR BC 8 5.64 28.60 -108.82
N PHE BC 9 6.31 29.19 -107.83
CA PHE BC 9 5.79 30.34 -107.12
C PHE BC 9 6.89 31.38 -106.96
N GLY BC 10 6.51 32.64 -107.04
CA GLY BC 10 7.46 33.74 -106.97
C GLY BC 10 7.82 34.25 -108.34
N TRP BC 11 8.17 35.54 -108.40
CA TRP BC 11 8.46 36.20 -109.67
C TRP BC 11 9.95 36.21 -109.98
N GLU BC 12 10.75 36.86 -109.13
CA GLU BC 12 12.19 36.90 -109.33
C GLU BC 12 12.89 35.73 -108.66
N ARG BC 13 12.48 35.39 -107.45
CA ARG BC 13 12.99 34.22 -106.73
C ARG BC 13 11.92 33.14 -106.83
N ARG BC 14 12.18 32.13 -107.64
CA ARG BC 14 11.17 31.16 -108.03
C ARG BC 14 11.42 29.81 -107.35
N LEU BC 15 10.39 29.29 -106.71
CA LEU BC 15 10.43 28.01 -106.03
C LEU BC 15 9.54 27.03 -106.79
N THR BC 16 10.06 25.86 -107.10
CA THR BC 16 9.36 24.87 -107.90
C THR BC 16 9.12 23.60 -107.09
N VAL BC 17 7.92 23.04 -107.20
CA VAL BC 17 7.56 21.79 -106.56
C VAL BC 17 6.67 21.01 -107.51
N ILE BC 18 6.53 19.72 -107.24
CA ILE BC 18 5.61 18.87 -107.98
C ILE BC 18 4.24 18.96 -107.30
N HIS BC 19 3.18 19.00 -108.10
CA HIS BC 19 1.85 19.17 -107.57
C HIS BC 19 0.84 18.43 -108.42
N HIS BC 20 -0.38 18.40 -107.95
CA HIS BC 20 -1.48 17.77 -108.67
C HIS BC 20 -2.07 18.77 -109.67
N PRO BC 21 -2.19 18.41 -110.95
CA PRO BC 21 -2.75 19.38 -111.91
C PRO BC 21 -4.16 19.82 -111.56
N GLY BC 22 -4.98 18.92 -111.04
CA GLY BC 22 -6.34 19.30 -110.65
C GLY BC 22 -6.34 20.29 -109.50
N VAL BC 23 -5.47 20.08 -108.52
CA VAL BC 23 -5.40 21.00 -107.39
C VAL BC 23 -4.99 22.38 -107.85
N MET BC 24 -4.00 22.45 -108.74
CA MET BC 24 -3.56 23.75 -109.25
C MET BC 24 -4.68 24.44 -110.01
N ALA BC 25 -5.46 23.68 -110.79
CA ALA BC 25 -6.59 24.27 -111.49
C ALA BC 25 -7.59 24.85 -110.51
N ILE BC 26 -7.88 24.13 -109.42
CA ILE BC 26 -8.75 24.68 -108.39
C ILE BC 26 -8.10 25.92 -107.76
N SER BC 27 -6.80 25.86 -107.52
CA SER BC 27 -6.12 26.98 -106.87
C SER BC 27 -6.24 28.25 -107.72
N LYS BC 28 -5.99 28.13 -109.02
CA LYS BC 28 -6.11 29.29 -109.89
C LYS BC 28 -7.56 29.73 -110.01
N LEU BC 29 -8.50 28.79 -110.00
CA LEU BC 29 -9.90 29.15 -110.06
C LEU BC 29 -10.33 29.98 -108.85
N LEU BC 30 -9.88 29.59 -107.66
CA LEU BC 30 -10.22 30.37 -106.47
C LEU BC 30 -9.52 31.72 -106.44
N ASP BC 31 -8.50 31.92 -107.27
CA ASP BC 31 -7.87 33.22 -107.39
C ASP BC 31 -8.69 34.19 -108.24
N GLN BC 32 -9.69 33.70 -108.97
CA GLN BC 32 -10.59 34.56 -109.73
C GLN BC 32 -11.61 35.13 -108.75
N ARG BC 33 -11.18 36.18 -108.05
CA ARG BC 33 -11.99 36.71 -106.95
C ARG BC 33 -13.32 37.27 -107.44
N THR BC 34 -13.39 37.69 -108.69
CA THR BC 34 -14.64 38.20 -109.24
C THR BC 34 -15.62 37.08 -109.59
N VAL BC 35 -15.14 35.86 -109.80
CA VAL BC 35 -16.01 34.76 -110.21
C VAL BC 35 -16.37 33.90 -109.01
N VAL BC 36 -15.37 33.32 -108.37
CA VAL BC 36 -15.58 32.51 -107.18
C VAL BC 36 -15.58 33.42 -105.97
N LYS BC 37 -16.67 33.40 -105.20
CA LYS BC 37 -16.89 34.37 -104.15
C LYS BC 37 -16.98 33.71 -102.79
N PRO BC 38 -16.29 34.20 -101.77
CA PRO BC 38 -16.56 33.76 -100.40
C PRO BC 38 -17.91 34.24 -99.92
N ARG BC 39 -18.60 33.38 -99.18
CA ARG BC 39 -19.91 33.69 -98.63
C ARG BC 39 -19.94 33.35 -97.15
N ALA BC 40 -20.71 34.13 -96.39
CA ALA BC 40 -20.75 34.02 -94.95
C ALA BC 40 -22.01 33.30 -94.50
N THR BC 41 -21.84 32.42 -93.52
CA THR BC 41 -22.96 31.77 -92.83
C THR BC 41 -22.91 32.16 -91.36
N PHE BC 42 -24.05 32.58 -90.82
CA PHE BC 42 -24.12 33.11 -89.47
C PHE BC 42 -24.76 32.11 -88.52
N ASN BC 43 -24.56 32.35 -87.24
CA ASN BC 43 -25.31 31.69 -86.18
C ASN BC 43 -25.86 32.76 -85.25
N GLN BC 44 -26.85 32.38 -84.45
CA GLN BC 44 -27.56 33.38 -83.65
C GLN BC 44 -26.60 34.14 -82.74
N GLU BC 45 -25.65 33.43 -82.12
CA GLU BC 45 -24.75 34.09 -81.18
C GLU BC 45 -23.88 35.13 -81.89
N LEU BC 46 -23.37 34.79 -83.06
CA LEU BC 46 -22.53 35.75 -83.79
C LEU BC 46 -23.35 36.94 -84.26
N VAL BC 47 -24.58 36.71 -84.69
CA VAL BC 47 -25.42 37.82 -85.14
C VAL BC 47 -25.62 38.83 -84.02
N GLU BC 48 -25.83 38.35 -82.79
CA GLU BC 48 -26.01 39.26 -81.67
C GLU BC 48 -24.77 40.11 -81.44
N GLU BC 49 -23.59 39.50 -81.55
CA GLU BC 49 -22.36 40.25 -81.34
C GLU BC 49 -22.16 41.33 -82.40
N ILE BC 50 -22.69 41.12 -83.61
CA ILE BC 50 -22.52 42.12 -84.65
C ILE BC 50 -23.18 43.43 -84.24
N GLY BC 51 -24.31 43.36 -83.56
CA GLY BC 51 -25.00 44.57 -83.15
C GLY BC 51 -24.14 45.50 -82.32
N ASP BC 52 -23.15 44.96 -81.61
CA ASP BC 52 -22.26 45.79 -80.82
C ASP BC 52 -21.44 46.74 -81.67
N TYR BC 53 -21.32 46.47 -82.97
CA TYR BC 53 -20.50 47.27 -83.86
C TYR BC 53 -21.26 47.89 -85.01
N ASP BC 54 -22.36 47.30 -85.45
CA ASP BC 54 -23.16 47.86 -86.54
C ASP BC 54 -24.59 47.38 -86.37
N GLU BC 55 -25.46 48.26 -85.88
CA GLU BC 55 -26.84 47.87 -85.61
C GLU BC 55 -27.57 47.46 -86.88
N ASP BC 56 -27.33 48.19 -87.98
CA ASP BC 56 -28.03 47.88 -89.23
C ASP BC 56 -27.63 46.51 -89.76
N LEU BC 57 -26.35 46.17 -89.70
CA LEU BC 57 -25.93 44.84 -90.14
C LEU BC 57 -26.54 43.75 -89.31
N GLN BC 58 -26.76 43.99 -88.01
CA GLN BC 58 -27.37 42.97 -87.17
C GLN BC 58 -28.76 42.62 -87.68
N ARG BC 59 -29.56 43.63 -88.01
CA ARG BC 59 -30.91 43.36 -88.51
C ARG BC 59 -30.85 42.61 -89.83
N LYS BC 60 -29.96 43.04 -90.73
CA LYS BC 60 -29.85 42.36 -92.02
C LYS BC 60 -29.26 40.96 -91.86
N ALA BC 61 -28.29 40.81 -90.96
CA ALA BC 61 -27.71 39.50 -90.70
C ALA BC 61 -28.76 38.56 -90.10
N GLN BC 62 -29.65 39.09 -89.27
CA GLN BC 62 -30.69 38.25 -88.69
C GLN BC 62 -31.59 37.68 -89.78
N VAL BC 63 -31.92 38.48 -90.79
CA VAL BC 63 -32.74 38.00 -91.89
C VAL BC 63 -32.03 36.85 -92.62
N ALA BC 64 -30.73 37.00 -92.86
CA ALA BC 64 -29.99 35.93 -93.52
C ALA BC 64 -29.97 34.67 -92.67
N LEU BC 65 -29.78 34.81 -91.36
CA LEU BC 65 -29.78 33.65 -90.48
C LEU BC 65 -31.14 32.97 -90.48
N ASP BC 66 -32.22 33.76 -90.41
CA ASP BC 66 -33.55 33.17 -90.31
C ASP BC 66 -33.88 32.34 -91.54
N ASN BC 67 -33.31 32.68 -92.69
CA ASN BC 67 -33.53 31.94 -93.93
C ASN BC 67 -32.39 30.98 -94.24
N GLY BC 68 -31.40 30.87 -93.38
CA GLY BC 68 -30.31 29.94 -93.60
C GLY BC 68 -29.57 30.21 -94.89
N LEU BC 69 -29.22 31.47 -95.14
CA LEU BC 69 -28.58 31.88 -96.38
C LEU BC 69 -27.08 32.00 -96.17
N ALA BC 70 -26.32 31.44 -97.10
CA ALA BC 70 -24.91 31.77 -97.25
C ALA BC 70 -24.84 32.96 -98.21
N ILE BC 71 -24.45 34.11 -97.69
CA ILE BC 71 -24.60 35.38 -98.39
C ILE BC 71 -23.29 36.14 -98.38
N GLU BC 72 -23.00 36.82 -99.49
CA GLU BC 72 -21.88 37.74 -99.54
C GLU BC 72 -22.21 39.03 -98.79
N TRP BC 73 -21.19 39.62 -98.19
CA TRP BC 73 -21.40 40.80 -97.37
C TRP BC 73 -21.95 41.96 -98.17
N ARG BC 74 -21.45 42.14 -99.40
CA ARG BC 74 -21.97 43.22 -100.24
C ARG BC 74 -23.45 43.03 -100.52
N VAL BC 75 -23.86 41.79 -100.81
CA VAL BC 75 -25.27 41.52 -101.04
C VAL BC 75 -26.05 41.72 -99.76
N LEU BC 76 -25.46 41.38 -98.61
CA LEU BC 76 -26.16 41.51 -97.34
C LEU BC 76 -26.66 42.92 -97.11
N ASP BC 77 -25.91 43.92 -97.59
CA ASP BC 77 -26.35 45.31 -97.45
C ASP BC 77 -27.62 45.61 -98.21
N PHE BC 78 -28.03 44.74 -99.14
CA PHE BC 78 -29.25 44.93 -99.92
C PHE BC 78 -30.20 43.76 -99.75
N ILE BC 79 -30.11 43.06 -98.62
CA ILE BC 79 -30.91 41.87 -98.41
C ILE BC 79 -32.40 42.18 -98.42
N ASP BC 80 -32.78 43.42 -98.14
CA ASP BC 80 -34.19 43.79 -98.18
C ASP BC 80 -34.76 43.62 -99.59
N ASP BC 81 -33.98 43.98 -100.60
CA ASP BC 81 -34.43 43.89 -101.99
C ASP BC 81 -34.07 42.56 -102.64
N GLU BC 82 -32.94 41.98 -102.27
CA GLU BC 82 -32.45 40.76 -102.90
C GLU BC 82 -33.04 39.50 -102.31
N LEU BC 83 -33.80 39.59 -101.23
CA LEU BC 83 -34.28 38.38 -100.55
C LEU BC 83 -35.02 37.43 -101.48
N PRO BC 84 -36.00 37.88 -102.26
CA PRO BC 84 -36.69 36.92 -103.14
C PRO BC 84 -35.77 36.21 -104.11
N ARG BC 85 -34.76 36.91 -104.63
CA ARG BC 85 -33.80 36.26 -105.52
C ARG BC 85 -32.90 35.30 -104.74
N LEU BC 86 -32.48 35.71 -103.55
CA LEU BC 86 -31.58 34.87 -102.76
C LEU BC 86 -32.25 33.55 -102.39
N LEU BC 87 -33.53 33.59 -102.03
CA LEU BC 87 -34.25 32.34 -101.75
C LEU BC 87 -34.33 31.48 -102.99
N ALA BC 88 -34.63 32.08 -104.14
CA ALA BC 88 -34.63 31.32 -105.39
C ALA BC 88 -33.24 30.78 -105.70
N GLU BC 89 -32.20 31.59 -105.46
CA GLU BC 89 -30.84 31.13 -105.70
C GLU BC 89 -30.50 29.94 -104.83
N LYS BC 90 -30.93 29.97 -103.57
CA LYS BC 90 -30.62 28.87 -102.66
C LYS BC 90 -31.22 27.56 -103.18
N ARG BC 91 -32.46 27.58 -103.66
CA ARG BC 91 -33.08 26.37 -104.15
C ARG BC 91 -32.35 25.83 -105.37
N GLU BC 92 -31.98 26.70 -106.31
CA GLU BC 92 -31.33 26.25 -107.54
C GLU BC 92 -29.98 25.64 -107.25
N ILE BC 93 -29.20 26.23 -106.34
CA ILE BC 93 -27.90 25.67 -106.01
C ILE BC 93 -28.08 24.30 -105.38
N GLU BC 94 -29.05 24.16 -104.48
CA GLU BC 94 -29.29 22.86 -103.86
C GLU BC 94 -29.67 21.82 -104.89
N LYS BC 95 -30.50 22.19 -105.86
CA LYS BC 95 -30.87 21.25 -106.91
C LYS BC 95 -29.64 20.79 -107.68
N ALA BC 96 -28.76 21.73 -108.05
CA ALA BC 96 -27.57 21.37 -108.81
C ALA BC 96 -26.67 20.44 -108.01
N ARG BC 97 -26.50 20.72 -106.71
CA ARG BC 97 -25.65 19.86 -105.89
C ARG BC 97 -26.20 18.44 -105.83
N GLU BC 98 -27.52 18.31 -105.67
CA GLU BC 98 -28.11 16.99 -105.60
C GLU BC 98 -27.91 16.22 -106.89
N GLN BC 99 -28.10 16.88 -108.03
CA GLN BC 99 -28.00 16.19 -109.31
C GLN BC 99 -26.58 15.71 -109.55
N VAL BC 100 -25.60 16.59 -109.39
CA VAL BC 100 -24.21 16.22 -109.68
C VAL BC 100 -23.73 15.15 -108.72
N MET BC 101 -24.03 15.30 -107.42
CA MET BC 101 -23.61 14.30 -106.46
C MET BC 101 -24.25 12.94 -106.73
N SER BC 102 -25.53 12.93 -107.10
CA SER BC 102 -26.24 11.68 -107.31
C SER BC 102 -25.89 11.02 -108.64
N LYS BC 103 -25.32 11.75 -109.58
CA LYS BC 103 -25.01 11.18 -110.88
C LYS BC 103 -23.98 10.06 -110.74
N ALA BC 104 -24.09 9.06 -111.61
CA ALA BC 104 -23.19 7.92 -111.56
C ALA BC 104 -21.78 8.35 -111.94
N PRO BC 105 -20.77 7.62 -111.48
CA PRO BC 105 -19.40 7.97 -111.83
C PRO BC 105 -19.18 7.96 -113.34
N GLY BC 106 -18.39 8.92 -113.81
CA GLY BC 106 -18.15 9.10 -115.22
C GLY BC 106 -19.17 9.93 -115.95
N ASP BC 107 -20.25 10.33 -115.29
CA ASP BC 107 -21.29 11.15 -115.90
C ASP BC 107 -21.03 12.61 -115.52
N TYR BC 108 -20.50 13.38 -116.46
CA TYR BC 108 -20.10 14.75 -116.22
C TYR BC 108 -20.99 15.75 -116.95
N THR BC 109 -22.24 15.38 -117.20
CA THR BC 109 -23.17 16.30 -117.83
C THR BC 109 -23.50 17.45 -116.88
N GLN BC 110 -23.78 18.61 -117.46
CA GLN BC 110 -24.08 19.78 -116.66
C GLN BC 110 -25.42 19.60 -115.93
N PRO BC 111 -25.55 20.15 -114.73
CA PRO BC 111 -26.83 20.08 -114.03
C PRO BC 111 -27.87 20.98 -114.68
N VAL BC 112 -29.13 20.64 -114.45
CA VAL BC 112 -30.26 21.39 -114.99
C VAL BC 112 -30.79 22.28 -113.88
N PHE BC 113 -30.66 23.59 -114.05
CA PHE BC 113 -31.12 24.54 -113.04
C PHE BC 113 -31.30 25.89 -113.72
N ASP BC 114 -31.95 26.80 -113.01
CA ASP BC 114 -32.20 28.16 -113.50
C ASP BC 114 -31.02 29.03 -113.10
N SER BC 115 -30.10 29.24 -114.04
CA SER BC 115 -28.91 30.03 -113.77
C SER BC 115 -29.19 31.52 -113.71
N SER BC 116 -30.37 31.97 -114.16
CA SER BC 116 -30.65 33.39 -114.18
C SER BC 116 -30.72 34.00 -112.78
N VAL BC 117 -30.90 33.18 -111.75
CA VAL BC 117 -30.99 33.69 -110.38
C VAL BC 117 -29.71 33.48 -109.59
N VAL BC 118 -28.72 32.81 -110.15
CA VAL BC 118 -27.47 32.51 -109.47
C VAL BC 118 -26.43 33.53 -109.93
N VAL BC 119 -25.78 34.18 -108.97
CA VAL BC 119 -24.77 35.20 -109.27
C VAL BC 119 -23.49 34.83 -108.51
N PRO BC 120 -22.31 34.96 -109.13
CA PRO BC 120 -22.03 35.33 -110.52
C PRO BC 120 -22.09 34.16 -111.48
N THR BC 121 -22.85 34.30 -112.54
CA THR BC 121 -22.90 33.32 -113.62
C THR BC 121 -23.08 34.07 -114.92
N PRO BC 122 -22.74 33.44 -116.05
CA PRO BC 122 -22.92 34.12 -117.34
C PRO BC 122 -24.35 34.58 -117.58
N ALA BC 123 -25.34 33.81 -117.10
CA ALA BC 123 -26.73 34.22 -117.28
C ALA BC 123 -27.03 35.49 -116.50
N ASN BC 124 -26.48 35.62 -115.30
CA ASN BC 124 -26.70 36.79 -114.46
C ASN BC 124 -25.37 37.15 -113.81
N LEU BC 125 -24.84 38.32 -114.16
CA LEU BC 125 -23.55 38.76 -113.66
C LEU BC 125 -23.66 39.66 -112.44
N GLY BC 126 -24.86 39.86 -111.91
CA GLY BC 126 -25.04 40.66 -110.71
C GLY BC 126 -25.43 42.09 -111.03
N ARG BC 127 -25.63 42.84 -109.95
CA ARG BC 127 -26.08 44.22 -110.03
C ARG BC 127 -24.94 45.16 -109.64
N ASN BC 128 -24.99 46.37 -110.17
CA ASN BC 128 -24.02 47.42 -109.82
C ASN BC 128 -24.51 48.09 -108.55
N TYR BC 129 -24.06 47.58 -107.41
CA TYR BC 129 -24.53 48.08 -106.12
C TYR BC 129 -23.92 49.45 -105.85
N PRO BC 130 -24.73 50.47 -105.54
CA PRO BC 130 -24.15 51.75 -105.12
C PRO BC 130 -23.61 51.68 -103.70
N THR BC 131 -22.66 52.55 -103.42
CA THR BC 131 -22.10 52.63 -102.07
C THR BC 131 -23.14 53.20 -101.11
N LEU BC 132 -23.23 52.60 -99.93
CA LEU BC 132 -24.13 53.06 -98.88
C LEU BC 132 -23.41 53.87 -97.82
N ASN BC 133 -22.13 54.19 -98.02
CA ASN BC 133 -21.34 54.91 -97.03
C ASN BC 133 -21.53 56.41 -97.23
N LEU BC 134 -22.74 56.87 -96.98
CA LEU BC 134 -23.06 58.28 -96.98
C LEU BC 134 -23.99 58.57 -95.82
N PRO BC 135 -23.91 59.77 -95.24
CA PRO BC 135 -24.79 60.10 -94.11
C PRO BC 135 -26.11 60.71 -94.57
N SER BC 136 -27.15 60.38 -93.81
CA SER BC 136 -28.49 60.87 -94.09
C SER BC 136 -29.05 61.80 -93.03
N GLY BC 137 -28.57 61.69 -91.79
CA GLY BC 137 -29.09 62.51 -90.72
C GLY BC 137 -28.41 63.85 -90.60
N ASP BC 138 -29.14 64.82 -90.08
CA ASP BC 138 -28.60 66.15 -89.82
C ASP BC 138 -28.00 66.19 -88.42
N PRO BC 139 -26.74 66.58 -88.26
CA PRO BC 139 -26.14 66.57 -86.92
C PRO BC 139 -26.90 67.40 -85.91
N THR BC 140 -27.49 68.52 -86.33
CA THR BC 140 -28.20 69.42 -85.44
C THR BC 140 -29.68 69.06 -85.45
N GLU BC 141 -30.10 68.24 -84.48
CA GLU BC 141 -31.51 67.85 -84.39
C GLU BC 141 -31.91 67.57 -82.95
N ALA CC 1 1.12 32.82 -86.66
CA ALA CC 1 2.17 32.68 -85.66
C ALA CC 1 3.40 33.50 -86.03
N TYR CC 2 3.25 34.37 -87.03
CA TYR CC 2 4.32 35.27 -87.43
C TYR CC 2 3.75 36.68 -87.58
N ASN CC 3 4.59 37.67 -87.28
CA ASN CC 3 4.21 39.07 -87.44
C ASN CC 3 2.93 39.39 -86.67
N GLY CC 4 2.77 38.75 -85.52
CA GLY CC 4 1.64 39.03 -84.66
C GLY CC 4 0.30 38.73 -85.30
N GLY CC 5 0.27 37.88 -86.32
CA GLY CC 5 -0.97 37.53 -86.98
C GLY CC 5 -1.33 38.40 -88.16
N TYR CC 6 -0.61 39.50 -88.38
CA TYR CC 6 -0.86 40.34 -89.54
C TYR CC 6 -0.21 39.73 -90.77
N PRO CC 7 -0.97 39.36 -91.81
CA PRO CC 7 -0.33 38.86 -93.02
C PRO CC 7 0.42 39.98 -93.74
N PHE CC 8 1.51 39.59 -94.40
CA PHE CC 8 2.28 40.57 -95.15
C PHE CC 8 1.45 41.17 -96.28
N HIS CC 9 0.68 40.33 -96.98
CA HIS CC 9 -0.17 40.77 -98.08
C HIS CC 9 -1.59 40.31 -97.83
N TYR CC 10 -2.54 41.20 -98.12
CA TYR CC 10 -3.95 40.86 -98.02
C TYR CC 10 -4.74 41.78 -98.93
N VAL CC 11 -5.94 41.36 -99.27
CA VAL CC 11 -6.79 42.06 -100.21
C VAL CC 11 -7.70 43.02 -99.47
N VAL CC 12 -7.90 44.21 -100.04
CA VAL CC 12 -8.82 45.20 -99.52
C VAL CC 12 -9.76 45.62 -100.65
N GLN CC 13 -11.04 45.75 -100.33
CA GLN CC 13 -12.05 46.09 -101.31
C GLN CC 13 -12.73 47.40 -100.94
N TYR CC 14 -13.19 48.13 -101.95
CA TYR CC 14 -13.88 49.39 -101.75
C TYR CC 14 -15.19 49.37 -102.51
N ASP CC 15 -16.21 49.98 -101.91
CA ASP CC 15 -17.54 49.98 -102.53
C ASP CC 15 -17.60 50.96 -103.70
N ASP CC 16 -17.01 52.14 -103.57
CA ASP CC 16 -17.04 53.12 -104.65
C ASP CC 16 -16.00 52.76 -105.70
N PRO CC 17 -16.41 52.55 -106.96
CA PRO CC 17 -15.41 52.16 -107.98
C PRO CC 17 -14.31 53.19 -108.18
N ASN CC 18 -14.63 54.47 -108.06
CA ASN CC 18 -13.66 55.53 -108.32
C ASN CC 18 -12.92 55.97 -107.07
N TYR CC 19 -12.86 55.12 -106.06
CA TYR CC 19 -12.23 55.51 -104.79
C TYR CC 19 -10.73 55.30 -104.87
N ASP CC 20 -9.98 56.23 -104.31
CA ASP CC 20 -8.53 56.14 -104.22
C ASP CC 20 -8.11 56.54 -102.83
N CYS CC 21 -7.51 55.60 -102.10
CA CYS CC 21 -7.12 55.86 -100.72
C CYS CC 21 -6.01 56.90 -100.61
N GLU CC 22 -5.34 57.24 -101.71
CA GLU CC 22 -4.25 58.21 -101.69
C GLU CC 22 -4.65 59.59 -102.19
N ALA CC 23 -5.59 59.67 -103.12
CA ALA CC 23 -6.03 60.96 -103.64
C ALA CC 23 -7.12 61.58 -102.77
N ASP CC 24 -8.15 60.80 -102.45
CA ASP CC 24 -9.26 61.29 -101.66
C ASP CC 24 -8.84 61.51 -100.21
N PHE CC 25 -9.42 62.55 -99.61
CA PHE CC 25 -9.27 62.79 -98.18
C PHE CC 25 -10.65 62.95 -97.54
N GLU CC 26 -11.56 62.06 -97.93
CA GLU CC 26 -12.89 61.97 -97.36
C GLU CC 26 -12.88 61.10 -96.11
N PHE CC 27 -14.02 61.00 -95.43
CA PHE CC 27 -14.09 60.31 -94.15
C PHE CC 27 -15.39 59.51 -93.98
N GLU CC 28 -15.93 58.97 -95.07
CA GLU CC 28 -17.15 58.17 -95.00
C GLU CC 28 -16.98 56.73 -95.47
N GLU CC 29 -16.10 56.48 -96.43
CA GLU CC 29 -15.92 55.14 -96.97
C GLU CC 29 -15.28 54.21 -95.93
N ILE CC 30 -15.76 52.97 -95.89
CA ILE CC 30 -15.25 51.96 -94.96
C ILE CC 30 -14.69 50.80 -95.77
N PRO CC 31 -13.39 50.52 -95.71
CA PRO CC 31 -12.84 49.44 -96.53
C PRO CC 31 -13.28 48.07 -96.04
N ARG CC 32 -13.31 47.11 -96.96
CA ARG CC 32 -13.69 45.74 -96.65
C ARG CC 32 -12.48 44.82 -96.79
N ASP CC 33 -12.64 43.59 -96.30
CA ASP CC 33 -11.59 42.59 -96.33
C ASP CC 33 -11.75 41.71 -97.58
N GLU CC 34 -10.95 40.65 -97.68
CA GLU CC 34 -11.02 39.77 -98.83
C GLU CC 34 -12.37 39.05 -98.90
N PHE CC 35 -12.88 38.59 -97.75
CA PHE CC 35 -14.18 37.96 -97.72
C PHE CC 35 -15.32 38.96 -97.82
N GLY CC 36 -15.02 40.26 -97.78
CA GLY CC 36 -16.03 41.28 -97.85
C GLY CC 36 -16.48 41.82 -96.51
N VAL CC 37 -15.83 41.44 -95.43
CA VAL CC 37 -16.23 41.90 -94.11
C VAL CC 37 -15.89 43.38 -93.97
N PRO CC 38 -16.84 44.24 -93.62
CA PRO CC 38 -16.50 45.66 -93.42
C PRO CC 38 -15.50 45.83 -92.29
N ALA CC 39 -14.70 46.89 -92.39
CA ALA CC 39 -13.59 47.07 -91.47
C ALA CC 39 -14.03 47.34 -90.05
N HIS CC 40 -15.24 47.83 -89.83
CA HIS CC 40 -15.70 48.14 -88.48
C HIS CC 40 -16.31 46.93 -87.79
N ILE CC 41 -16.11 45.73 -88.33
CA ILE CC 41 -16.41 44.48 -87.66
C ILE CC 41 -15.07 43.86 -87.26
N PRO CC 42 -14.74 43.77 -85.97
CA PRO CC 42 -13.37 43.41 -85.60
C PRO CC 42 -13.05 41.98 -86.00
N PRO CC 43 -11.78 41.68 -86.23
CA PRO CC 43 -11.42 40.32 -86.69
C PRO CC 43 -11.79 39.22 -85.71
N GLU CC 44 -11.71 39.47 -84.41
CA GLU CC 44 -12.06 38.43 -83.45
C GLU CC 44 -13.51 38.02 -83.59
N LEU CC 45 -14.35 38.85 -84.19
CA LEU CC 45 -15.72 38.48 -84.51
C LEU CC 45 -15.84 37.92 -85.92
N SER CC 46 -15.18 38.54 -86.89
CA SER CC 46 -15.32 38.10 -88.28
C SER CC 46 -14.65 36.76 -88.51
N THR CC 47 -13.53 36.51 -87.83
CA THR CC 47 -12.84 35.24 -88.00
C THR CC 47 -13.66 34.07 -87.48
N GLN CC 48 -14.54 34.32 -86.51
CA GLN CC 48 -15.44 33.26 -86.06
C GLN CC 48 -16.49 32.94 -87.10
N ILE CC 49 -16.96 33.95 -87.85
CA ILE CC 49 -17.95 33.69 -88.88
C ILE CC 49 -17.36 32.77 -89.92
N ARG CC 50 -18.16 31.80 -90.36
CA ARG CC 50 -17.70 30.77 -91.28
C ARG CC 50 -17.92 31.24 -92.72
N HIS CC 51 -16.84 31.38 -93.47
CA HIS CC 51 -16.89 31.76 -94.87
C HIS CC 51 -16.50 30.58 -95.73
N THR CC 52 -17.30 30.29 -96.75
CA THR CC 52 -17.05 29.18 -97.64
C THR CC 52 -17.05 29.68 -99.08
N TYR CC 53 -16.27 29.00 -99.91
CA TYR CC 53 -16.15 29.38 -101.32
C TYR CC 53 -17.32 28.82 -102.12
N TYR CC 54 -17.94 29.68 -102.92
CA TYR CC 54 -19.05 29.30 -103.78
C TYR CC 54 -18.59 29.45 -105.23
N VAL CC 55 -18.48 28.33 -105.93
CA VAL CC 55 -18.16 28.35 -107.35
C VAL CC 55 -19.47 28.30 -108.12
N PRO CC 56 -19.55 28.83 -109.33
CA PRO CC 56 -20.77 28.70 -110.12
C PRO CC 56 -21.11 27.24 -110.32
N PRO CC 57 -22.40 26.89 -110.35
CA PRO CC 57 -22.76 25.47 -110.46
C PRO CC 57 -22.24 24.81 -111.72
N GLN CC 58 -21.93 25.57 -112.77
CA GLN CC 58 -21.41 24.95 -113.98
C GLN CC 58 -20.08 24.27 -113.76
N TYR CC 59 -19.39 24.55 -112.66
CA TYR CC 59 -18.14 23.88 -112.34
C TYR CC 59 -18.33 22.57 -111.61
N TYR CC 60 -19.55 22.24 -111.17
CA TYR CC 60 -19.74 21.00 -110.42
C TYR CC 60 -19.33 19.77 -111.21
N PRO CC 61 -19.72 19.61 -112.47
CA PRO CC 61 -19.27 18.41 -113.21
C PRO CC 61 -17.77 18.28 -113.26
N PHE CC 62 -17.05 19.39 -113.40
CA PHE CC 62 -15.59 19.33 -113.40
C PHE CC 62 -15.05 18.91 -112.05
N LEU CC 63 -15.58 19.49 -110.97
CA LEU CC 63 -15.13 19.11 -109.63
C LEU CC 63 -15.42 17.65 -109.35
N LYS CC 64 -16.55 17.14 -109.85
CA LYS CC 64 -16.83 15.71 -109.71
C LYS CC 64 -15.77 14.87 -110.40
N LYS CC 65 -15.35 15.28 -111.60
CA LYS CC 65 -14.37 14.50 -112.34
C LYS CC 65 -13.04 14.43 -111.58
N LEU CC 66 -12.63 15.54 -110.97
CA LEU CC 66 -11.37 15.53 -110.23
C LEU CC 66 -11.43 14.53 -109.08
N GLY CC 67 -12.55 14.47 -108.37
CA GLY CC 67 -12.65 13.54 -107.27
C GLY CC 67 -12.58 12.09 -107.70
N GLU CC 68 -13.20 11.76 -108.81
CA GLU CC 68 -13.24 10.37 -109.26
C GLU CC 68 -11.88 9.91 -109.74
N ASP CC 69 -11.15 10.75 -110.48
CA ASP CC 69 -9.84 10.34 -110.97
C ASP CC 69 -8.83 10.23 -109.84
N THR CC 70 -9.01 11.00 -108.76
CA THR CC 70 -8.12 10.95 -107.60
C THR CC 70 -8.98 10.80 -106.35
N PRO CC 71 -9.25 9.57 -105.93
CA PRO CC 71 -10.16 9.39 -104.78
C PRO CC 71 -9.70 10.10 -103.52
N GLU CC 72 -8.39 10.22 -103.29
CA GLU CC 72 -7.91 10.93 -102.12
C GLU CC 72 -8.31 12.40 -102.17
N LEU CC 73 -8.53 12.94 -103.36
CA LEU CC 73 -8.96 14.32 -103.54
C LEU CC 73 -10.48 14.47 -103.45
N LYS CC 74 -11.23 13.37 -103.47
CA LYS CC 74 -12.69 13.47 -103.49
C LYS CC 74 -13.25 14.22 -102.29
N PRO CC 75 -12.85 13.94 -101.05
CA PRO CC 75 -13.48 14.63 -99.93
C PRO CC 75 -13.34 16.14 -99.98
N TYR CC 76 -12.23 16.66 -100.49
CA TYR CC 76 -12.08 18.10 -100.61
C TYR CC 76 -12.95 18.66 -101.72
N THR CC 77 -13.03 17.97 -102.86
CA THR CC 77 -13.89 18.43 -103.94
C THR CC 77 -15.35 18.40 -103.54
N ASP CC 78 -15.76 17.39 -102.78
CA ASP CC 78 -17.14 17.34 -102.31
C ASP CC 78 -17.45 18.54 -101.43
N LYS CC 79 -16.53 18.90 -100.53
CA LYS CC 79 -16.76 20.07 -99.70
C LYS CC 79 -16.94 21.32 -100.56
N LEU CC 80 -16.13 21.44 -101.61
CA LEU CC 80 -16.24 22.60 -102.49
C LEU CC 80 -17.58 22.61 -103.21
N ILE CC 81 -18.03 21.46 -103.71
CA ILE CC 81 -19.33 21.40 -104.38
C ILE CC 81 -20.44 21.77 -103.43
N MET CC 82 -20.39 21.28 -102.20
CA MET CC 82 -21.44 21.51 -101.22
C MET CC 82 -21.29 22.84 -100.51
N GLY CC 83 -20.35 23.68 -100.93
CA GLY CC 83 -20.18 24.97 -100.27
C GLY CC 83 -19.78 24.84 -98.82
N ASP CC 84 -18.91 23.88 -98.51
CA ASP CC 84 -18.43 23.68 -97.15
C ASP CC 84 -16.92 23.85 -97.05
N MET CC 85 -16.26 24.34 -98.09
CA MET CC 85 -14.80 24.48 -98.08
C MET CC 85 -14.44 25.87 -97.60
N THR CC 86 -13.82 25.96 -96.44
CA THR CC 86 -13.29 27.22 -95.94
C THR CC 86 -11.89 27.42 -96.49
N TYR CC 87 -11.26 28.53 -96.12
CA TYR CC 87 -9.89 28.76 -96.54
C TYR CC 87 -8.96 27.70 -95.96
N ASP CC 88 -9.19 27.31 -94.70
CA ASP CC 88 -8.35 26.29 -94.08
C ASP CC 88 -8.47 24.97 -94.82
N ASP CC 89 -9.68 24.59 -95.22
CA ASP CC 89 -9.86 23.36 -95.97
C ASP CC 89 -9.10 23.41 -97.30
N TYR CC 90 -9.14 24.55 -97.96
CA TYR CC 90 -8.37 24.71 -99.19
C TYR CC 90 -6.88 24.54 -98.94
N GLU CC 91 -6.37 25.13 -97.86
CA GLU CC 91 -4.95 25.01 -97.56
C GLU CC 91 -4.56 23.55 -97.30
N GLU CC 92 -5.40 22.81 -96.58
CA GLU CC 92 -5.10 21.41 -96.34
C GLU CC 92 -5.05 20.64 -97.65
N MET CC 93 -5.98 20.91 -98.55
CA MET CC 93 -5.94 20.26 -99.86
C MET CC 93 -4.67 20.61 -100.61
N PHE CC 94 -4.27 21.88 -100.58
CA PHE CC 94 -3.13 22.32 -101.35
C PHE CC 94 -1.85 21.62 -100.92
N TYR CC 95 -1.56 21.62 -99.62
CA TYR CC 95 -0.32 21.04 -99.13
C TYR CC 95 -0.35 19.52 -99.10
N LYS CC 96 -1.53 18.91 -99.11
CA LYS CC 96 -1.58 17.45 -99.08
C LYS CC 96 -1.07 16.85 -100.37
N PHE CC 97 -1.23 17.54 -101.50
CA PHE CC 97 -0.88 17.00 -102.80
C PHE CC 97 0.41 17.61 -103.36
N ALA CC 98 1.22 18.24 -102.51
CA ALA CC 98 2.51 18.77 -102.91
C ALA CC 98 3.58 17.71 -102.67
N LYS CC 99 4.36 17.42 -103.71
CA LYS CC 99 5.39 16.38 -103.64
C LYS CC 99 6.77 16.98 -103.89
N PRO CC 100 7.82 16.35 -103.39
CA PRO CC 100 9.17 16.87 -103.61
C PRO CC 100 9.75 16.40 -104.93
N LEU CC 101 10.72 17.17 -105.43
CA LEU CC 101 11.42 16.81 -106.65
C LEU CC 101 12.34 15.62 -106.41
N LYS CC 102 12.52 14.82 -107.45
CA LYS CC 102 13.35 13.63 -107.39
C LYS CC 102 14.65 13.84 -108.16
N ILE CC 103 15.75 13.43 -107.56
CA ILE CC 103 17.06 13.42 -108.21
C ILE CC 103 17.45 11.97 -108.47
N TYR CC 104 17.87 11.68 -109.70
CA TYR CC 104 18.24 10.33 -110.11
C TYR CC 104 19.76 10.27 -110.25
N ARG CC 105 20.40 9.48 -109.38
CA ARG CC 105 21.85 9.33 -109.47
C ARG CC 105 22.27 8.63 -110.75
N SER CC 106 21.39 7.82 -111.33
CA SER CC 106 21.74 7.09 -112.55
C SER CC 106 21.96 8.02 -113.74
N ARG CC 107 21.51 9.27 -113.66
CA ARG CC 107 21.66 10.21 -114.75
C ARG CC 107 22.89 11.10 -114.62
N LEU CC 108 23.66 10.95 -113.54
CA LEU CC 108 24.83 11.79 -113.36
C LEU CC 108 26.01 11.24 -114.15
N PRO CC 109 26.64 12.03 -115.02
CA PRO CC 109 27.87 11.56 -115.65
C PRO CC 109 28.96 11.37 -114.61
N LEU CC 110 29.77 10.36 -114.81
CA LEU CC 110 30.76 10.01 -113.82
C LEU CC 110 32.15 10.48 -114.26
N PRO CC 111 33.04 10.79 -113.32
CA PRO CC 111 34.43 11.07 -113.71
C PRO CC 111 35.05 9.86 -114.37
N TYR CC 112 35.88 10.12 -115.38
CA TYR CC 112 36.39 9.03 -116.22
C TYR CC 112 37.37 8.17 -115.43
N ARG CC 113 37.16 6.86 -115.48
CA ARG CC 113 38.04 5.89 -114.84
C ARG CC 113 38.06 4.63 -115.72
N THR CC 114 39.25 4.15 -116.04
CA THR CC 114 39.36 3.01 -116.93
C THR CC 114 38.89 1.74 -116.24
N ASP CC 115 38.63 0.72 -117.06
CA ASP CC 115 38.17 -0.55 -116.51
C ASP CC 115 39.20 -1.16 -115.57
N GLU CC 116 40.48 -1.06 -115.92
CA GLU CC 116 41.51 -1.62 -115.04
C GLU CC 116 41.51 -0.92 -113.70
N GLU CC 117 41.34 0.41 -113.69
CA GLU CC 117 41.30 1.14 -112.42
C GLU CC 117 40.08 0.74 -111.60
N ILE CC 118 38.94 0.53 -112.25
CA ILE CC 118 37.73 0.18 -111.51
C ILE CC 118 37.89 -1.16 -110.80
N SER CC 119 38.76 -2.03 -111.30
CA SER CC 119 38.98 -3.32 -110.66
C SER CC 119 39.92 -3.24 -109.46
N GLN CC 120 40.52 -2.08 -109.21
CA GLN CC 120 41.46 -1.91 -108.10
C GLN CC 120 40.82 -1.23 -106.90
N GLU CC 121 39.49 -1.08 -106.90
CA GLU CC 121 38.84 -0.36 -105.82
C GLU CC 121 39.05 -1.04 -104.48
N LYS CC 122 38.92 -2.38 -104.44
CA LYS CC 122 39.10 -3.08 -103.17
C LYS CC 122 40.52 -2.92 -102.65
N TYR CC 123 41.50 -2.94 -103.55
CA TYR CC 123 42.89 -2.77 -103.11
C TYR CC 123 43.10 -1.42 -102.45
N VAL CC 124 42.57 -0.36 -103.06
CA VAL CC 124 42.79 0.97 -102.50
C VAL CC 124 42.10 1.12 -101.16
N ASN CC 125 40.91 0.55 -101.02
CA ASN CC 125 40.26 0.55 -99.71
C ASN CC 125 41.09 -0.23 -98.69
N TRP CC 126 41.67 -1.35 -99.13
CA TRP CC 126 42.52 -2.14 -98.24
C TRP CC 126 43.71 -1.32 -97.77
N CYS CC 127 44.35 -0.59 -98.68
CA CYS CC 127 45.48 0.25 -98.29
C CYS CC 127 45.04 1.32 -97.30
N GLY CC 128 43.87 1.92 -97.53
CA GLY CC 128 43.40 2.97 -96.64
C GLY CC 128 43.20 2.48 -95.23
N ARG CC 129 42.66 1.27 -95.08
CA ARG CC 129 42.43 0.72 -93.74
C ARG CC 129 43.75 0.50 -93.02
N TRP CC 130 44.76 0.00 -93.72
CA TRP CC 130 46.06 -0.21 -93.09
C TRP CC 130 46.72 1.11 -92.70
N TYR CC 131 46.54 2.16 -93.49
CA TYR CC 131 47.04 3.47 -93.11
C TYR CC 131 46.39 3.94 -91.80
N SER CC 132 45.08 3.76 -91.68
CA SER CC 132 44.40 4.13 -90.45
C SER CC 132 44.87 3.28 -89.27
N TYR CC 133 45.04 1.98 -89.50
CA TYR CC 133 45.53 1.11 -88.44
C TYR CC 133 46.92 1.55 -87.99
N ARG CC 134 47.80 1.85 -88.94
CA ARG CC 134 49.13 2.33 -88.58
C ARG CC 134 49.05 3.69 -87.90
N GLN CC 135 48.17 4.57 -88.38
CA GLN CC 135 48.04 5.89 -87.78
C GLN CC 135 47.63 5.80 -86.31
N ARG CC 136 46.60 5.01 -86.03
CA ARG CC 136 46.08 4.96 -84.67
C ARG CC 136 47.10 4.38 -83.70
N LEU CC 137 47.81 3.33 -84.10
CA LEU CC 137 48.82 2.75 -83.23
C LEU CC 137 49.95 3.72 -82.97
N GLN CC 138 50.40 4.43 -84.00
CA GLN CC 138 51.51 5.36 -83.82
C GLN CC 138 51.16 6.47 -82.84
N GLY CC 139 49.89 6.88 -82.80
CA GLY CC 139 49.50 7.91 -81.84
C GLY CC 139 49.77 7.50 -80.41
N ASP CC 140 49.43 6.26 -80.06
CA ASP CC 140 49.75 5.75 -78.73
C ASP CC 140 51.25 5.70 -78.52
N TYR CC 141 51.99 5.22 -79.51
CA TYR CC 141 53.43 5.09 -79.39
C TYR CC 141 54.08 6.46 -79.18
N TYR CC 142 53.74 7.43 -80.02
CA TYR CC 142 54.34 8.76 -79.91
C TYR CC 142 53.93 9.44 -78.61
N SER CC 143 52.67 9.31 -78.22
CA SER CC 143 52.22 9.96 -76.99
C SER CC 143 53.02 9.48 -75.80
N ARG CC 144 53.26 8.18 -75.71
CA ARG CC 144 54.08 7.65 -74.62
C ARG CC 144 55.50 8.18 -74.68
N HIS CC 145 56.09 8.19 -75.88
CA HIS CC 145 57.50 8.56 -75.99
C HIS CC 145 57.74 10.01 -75.60
N TYR CC 146 56.99 10.94 -76.19
CA TYR CC 146 57.30 12.35 -76.02
C TYR CC 146 56.89 12.86 -74.64
N PHE CC 147 55.71 12.48 -74.17
CA PHE CC 147 55.30 12.90 -72.84
C PHE CC 147 56.23 12.35 -71.78
N ARG CC 148 56.77 11.14 -71.99
CA ARG CC 148 57.81 10.64 -71.10
C ARG CC 148 59.06 11.50 -71.19
N ASP CC 149 59.44 11.90 -72.41
CA ASP CC 149 60.64 12.72 -72.56
C ASP CC 149 60.50 14.04 -71.84
N TRP CC 150 59.28 14.56 -71.73
CA TRP CC 150 59.09 15.82 -71.02
C TRP CC 150 59.60 15.74 -69.59
N LEU CC 151 59.57 14.55 -68.99
CA LEU CC 151 60.09 14.40 -67.64
C LEU CC 151 61.57 14.75 -67.57
N ILE CC 152 62.32 14.52 -68.66
CA ILE CC 152 63.73 14.89 -68.68
C ILE CC 152 63.86 16.40 -68.51
N GLY CC 153 63.02 17.17 -69.20
CA GLY CC 153 63.06 18.60 -69.03
C GLY CC 153 62.73 19.03 -67.61
N VAL CC 154 61.79 18.34 -66.97
CA VAL CC 154 61.46 18.64 -65.59
C VAL CC 154 62.66 18.38 -64.70
N MET CC 155 63.31 17.23 -64.87
CA MET CC 155 64.48 16.92 -64.06
C MET CC 155 65.63 17.88 -64.37
N LEU CC 156 65.81 18.22 -65.64
CA LEU CC 156 66.84 19.18 -66.00
C LEU CC 156 66.54 20.55 -65.40
N GLY CC 157 65.29 20.98 -65.45
CA GLY CC 157 64.92 22.25 -64.84
C GLY CC 157 65.09 22.24 -63.33
N MET CC 158 64.74 21.12 -62.69
CA MET CC 158 64.91 21.04 -61.25
C MET CC 158 66.38 21.14 -60.86
N TYR CC 159 67.26 20.46 -61.58
CA TYR CC 159 68.68 20.51 -61.25
C TYR CC 159 69.22 21.93 -61.40
N LEU CC 160 68.97 22.55 -62.55
CA LEU CC 160 69.47 23.91 -62.77
C LEU CC 160 68.85 24.88 -61.78
N GLY CC 161 67.57 24.71 -61.48
CA GLY CC 161 66.96 25.53 -60.45
C GLY CC 161 67.60 25.33 -59.09
N ASN CC 162 67.97 24.09 -58.77
CA ASN CC 162 68.59 23.82 -57.48
C ASN CC 162 69.95 24.49 -57.36
N LEU CC 163 70.62 24.77 -58.48
CA LEU CC 163 71.89 25.47 -58.41
C LEU CC 163 71.70 26.87 -57.83
N CYS CC 164 70.63 27.54 -58.22
CA CYS CC 164 70.36 28.86 -57.69
C CYS CC 164 69.85 28.81 -56.26
N VAL CC 165 69.19 27.71 -55.89
CA VAL CC 165 68.80 27.54 -54.49
C VAL CC 165 70.03 27.48 -53.60
N GLN CC 166 71.04 26.73 -54.03
CA GLN CC 166 72.26 26.65 -53.24
C GLN CC 166 72.96 27.99 -53.16
N GLN CC 167 73.01 28.73 -54.27
CA GLN CC 167 73.60 30.06 -54.22
C GLN CC 167 72.86 30.96 -53.26
N HIS CC 168 71.52 30.94 -53.31
CA HIS CC 168 70.75 31.74 -52.38
C HIS CC 168 70.97 31.26 -50.95
N ARG CC 169 71.06 29.95 -50.75
CA ARG CC 169 71.30 29.42 -49.42
C ARG CC 169 72.61 29.96 -48.84
N GLN CC 170 73.68 29.94 -49.64
CA GLN CC 170 74.95 30.47 -49.17
C GLN CC 170 74.88 31.98 -48.99
N TYR CC 171 74.10 32.67 -49.83
CA TYR CC 171 73.99 34.11 -49.71
C TYR CC 171 73.38 34.52 -48.37
N ARG CC 172 72.34 33.81 -47.93
CA ARG CC 172 71.71 34.14 -46.66
C ARG CC 172 72.66 33.89 -45.50
N VAL CC 173 73.46 32.83 -45.57
CA VAL CC 173 74.46 32.58 -44.53
C VAL CC 173 75.46 33.72 -44.47
N ASP CC 174 75.91 34.20 -45.63
CA ASP CC 174 76.87 35.30 -45.66
C ASP CC 174 76.28 36.57 -45.06
N MET CC 175 75.03 36.87 -45.40
CA MET CC 175 74.42 38.10 -44.91
C MET CC 175 74.29 38.09 -43.40
N LYS CC 176 73.95 36.94 -42.82
CA LYS CC 176 73.83 36.86 -41.37
C LYS CC 176 75.15 37.17 -40.67
N LEU CC 177 76.28 36.98 -41.35
CA LEU CC 177 77.58 37.23 -40.74
C LEU CC 177 78.12 38.63 -41.05
N PHE CC 178 77.41 39.43 -41.84
CA PHE CC 178 77.94 40.74 -42.19
C PHE CC 178 77.96 41.67 -40.99
N TYR CC 179 76.80 41.88 -40.37
CA TYR CC 179 76.73 42.81 -39.25
C TYR CC 179 77.41 42.27 -38.00
N LEU CC 180 77.62 40.97 -37.91
CA LEU CC 180 78.21 40.38 -36.72
C LEU CC 180 79.72 40.30 -36.78
N GLU CC 181 80.29 39.92 -37.93
CA GLU CC 181 81.70 39.59 -37.98
C GLU CC 181 82.46 40.31 -39.08
N ALA CC 182 81.78 40.71 -40.14
CA ALA CC 182 82.48 41.22 -41.30
C ALA CC 182 83.19 42.53 -40.98
N PRO CC 183 84.51 42.64 -41.22
CA PRO CC 183 85.17 43.93 -41.01
C PRO CC 183 84.72 45.00 -41.98
N GLU CC 184 84.08 44.62 -43.09
CA GLU CC 184 83.55 45.63 -44.01
C GLU CC 184 82.50 46.50 -43.36
N HIS CC 185 81.79 45.97 -42.37
CA HIS CC 185 80.78 46.73 -41.65
C HIS CC 185 81.46 47.66 -40.66
N LYS CC 186 81.17 48.95 -40.75
CA LYS CC 186 81.84 49.95 -39.94
C LYS CC 186 80.81 50.90 -39.33
N ILE CC 187 81.10 51.36 -38.12
CA ILE CC 187 80.24 52.26 -37.39
C ILE CC 187 81.08 53.43 -36.90
N ASN CC 188 80.42 54.54 -36.59
CA ASN CC 188 81.11 55.76 -36.22
C ASN CC 188 82.14 56.14 -37.27
N TRP CC 189 81.75 55.95 -38.54
CA TRP CC 189 82.64 56.11 -39.67
C TRP CC 189 82.22 57.24 -40.59
N VAL CC 190 80.98 57.22 -41.07
CA VAL CC 190 80.51 58.23 -42.02
C VAL CC 190 80.20 59.52 -41.28
N LYS CC 191 80.80 60.62 -41.72
CA LYS CC 191 80.56 61.93 -41.15
C LYS CC 191 79.80 62.79 -42.13
N PRO CC 192 78.85 63.61 -41.68
CA PRO CC 192 78.12 64.46 -42.62
C PRO CC 192 79.07 65.36 -43.41
N ARG CC 193 78.79 65.50 -44.70
CA ARG CC 193 79.61 66.36 -45.54
C ARG CC 193 79.36 67.84 -45.25
N GLY CC 194 78.11 68.22 -45.08
CA GLY CC 194 77.74 69.61 -44.95
C GLY CC 194 77.40 70.23 -46.30
N ASP CC 195 76.66 71.33 -46.23
CA ASP CC 195 76.29 72.02 -47.45
C ASP CC 195 77.52 72.57 -48.15
N LEU CC 196 77.52 72.49 -49.47
CA LEU CC 196 78.63 73.02 -50.26
C LEU CC 196 78.60 74.54 -50.28
N GLY DC 1 24.33 71.93 -123.88
CA GLY DC 1 25.01 71.06 -124.81
C GLY DC 1 24.06 70.18 -125.60
N CYS DC 2 23.50 69.17 -124.95
CA CYS DC 2 22.58 68.28 -125.62
C CYS DC 2 21.18 68.88 -125.66
N GLU DC 3 20.31 68.25 -126.44
CA GLU DC 3 18.95 68.76 -126.58
C GLU DC 3 18.19 68.69 -125.26
N ALA DC 4 18.41 67.63 -124.48
CA ALA DC 4 17.67 67.48 -123.22
C ALA DC 4 17.94 68.65 -122.29
N VAL DC 5 19.19 69.10 -122.21
CA VAL DC 5 19.51 70.23 -121.35
C VAL DC 5 18.83 71.50 -121.83
N LYS DC 6 18.83 71.72 -123.15
CA LYS DC 6 18.23 72.94 -123.68
C LYS DC 6 16.73 72.98 -123.43
N ASN DC 7 16.06 71.83 -123.57
CA ASN DC 7 14.61 71.74 -123.42
C ASN DC 7 14.29 70.59 -122.45
N PRO DC 8 14.41 70.84 -121.15
CA PRO DC 8 14.17 69.75 -120.18
C PRO DC 8 12.75 69.23 -120.26
N LEU DC 9 12.60 67.92 -120.13
CA LEU DC 9 11.30 67.28 -120.18
C LEU DC 9 11.35 66.02 -119.32
N ILE DC 10 10.17 65.51 -119.00
CA ILE DC 10 10.02 64.28 -118.23
C ILE DC 10 9.33 63.26 -119.11
N GLY DC 11 10.03 62.16 -119.40
CA GLY DC 11 9.42 61.02 -120.04
C GLY DC 11 8.80 61.28 -121.40
N GLY DC 12 9.52 61.97 -122.28
CA GLY DC 12 9.07 62.16 -123.63
C GLY DC 12 9.64 61.10 -124.56
N PRO DC 13 9.33 61.20 -125.84
CA PRO DC 13 9.95 60.32 -126.83
C PRO DC 13 11.37 60.76 -127.16
N ASN DC 14 12.08 59.88 -127.86
CA ASN DC 14 13.43 60.17 -128.35
C ASN DC 14 14.37 60.56 -127.22
N GLN DC 15 14.28 59.86 -126.09
CA GLN DC 15 15.16 60.16 -124.98
C GLN DC 15 16.62 59.92 -125.34
N LYS DC 16 16.90 58.81 -126.02
CA LYS DC 16 18.29 58.50 -126.37
C LYS DC 16 18.88 59.56 -127.28
N ALA DC 17 18.11 60.00 -128.28
CA ALA DC 17 18.60 61.04 -129.18
C ALA DC 17 18.84 62.34 -128.43
N ARG DC 18 17.94 62.69 -127.51
CA ARG DC 18 18.10 63.92 -126.75
C ARG DC 18 19.39 63.92 -125.94
N GLY DC 19 19.85 62.74 -125.54
CA GLY DC 19 21.20 62.57 -125.02
C GLY DC 19 21.32 62.46 -123.52
N ALA DC 20 20.30 62.85 -122.76
CA ALA DC 20 20.39 62.78 -121.31
C ALA DC 20 19.01 62.78 -120.70
N ILE DC 21 18.95 62.37 -119.44
CA ILE DC 21 17.73 62.39 -118.65
C ILE DC 21 17.96 63.39 -117.52
N THR DC 22 17.22 64.49 -117.55
CA THR DC 22 17.44 65.59 -116.61
C THR DC 22 16.53 65.53 -115.40
N SER DC 23 15.60 64.59 -115.34
CA SER DC 23 14.62 64.52 -114.27
C SER DC 23 14.84 63.26 -113.43
N GLY DC 24 14.91 63.44 -112.12
CA GLY DC 24 14.98 62.31 -111.21
C GLY DC 24 13.64 61.71 -110.88
N PHE DC 25 12.55 62.25 -111.42
CA PHE DC 25 11.23 61.69 -111.16
C PHE DC 25 11.10 60.31 -111.80
N ALA DC 26 10.68 59.34 -111.01
CA ALA DC 26 10.56 57.95 -111.46
C ALA DC 26 9.17 57.45 -111.12
N GLY DC 27 8.50 56.87 -112.09
CA GLY DC 27 7.18 56.29 -111.90
C GLY DC 27 6.10 57.14 -112.54
N GLY DC 28 4.86 56.77 -112.24
CA GLY DC 28 3.70 57.44 -112.77
C GLY DC 28 2.55 56.45 -112.93
N GLY DC 29 1.70 56.71 -113.91
CA GLY DC 29 0.61 55.81 -114.21
C GLY DC 29 -0.63 55.99 -113.37
N ALA DC 30 -0.73 57.07 -112.61
CA ALA DC 30 -1.93 57.32 -111.82
C ALA DC 30 -3.06 57.80 -112.72
N LYS DC 31 -4.27 57.31 -112.45
CA LYS DC 31 -5.43 57.73 -113.23
C LYS DC 31 -5.90 59.13 -112.88
N ARG DC 32 -5.63 59.58 -111.64
CA ARG DC 32 -6.02 60.89 -111.18
C ARG DC 32 -4.84 61.55 -110.49
N LEU DC 33 -4.91 62.87 -110.39
CA LEU DC 33 -3.88 63.61 -109.69
C LEU DC 33 -3.83 63.18 -108.23
N GLY DC 34 -2.64 62.77 -107.79
CA GLY DC 34 -2.47 62.30 -106.43
C GLY DC 34 -2.97 60.89 -106.17
N GLY DC 35 -3.34 60.15 -107.21
CA GLY DC 35 -3.88 58.82 -107.05
C GLY DC 35 -2.80 57.75 -106.98
N LYS DC 36 -3.26 56.52 -106.81
CA LYS DC 36 -2.34 55.39 -106.76
C LYS DC 36 -1.61 55.24 -108.08
N GLY DC 37 -0.29 55.07 -108.01
CA GLY DC 37 0.51 54.91 -109.20
C GLY DC 37 1.64 53.94 -108.99
N TYR DC 38 2.59 53.93 -109.91
CA TYR DC 38 3.73 53.04 -109.84
C TYR DC 38 5.00 53.85 -109.64
N GLY DC 39 6.01 53.21 -109.06
CA GLY DC 39 7.26 53.86 -108.79
C GLY DC 39 7.20 54.71 -107.53
N ILE DC 40 8.30 55.42 -107.28
CA ILE DC 40 8.41 56.17 -106.04
C ILE DC 40 7.95 57.61 -106.20
N MET DC 41 8.07 58.19 -107.40
CA MET DC 41 7.49 59.49 -107.72
C MET DC 41 7.98 60.58 -106.75
N ALA DC 42 9.29 60.81 -106.78
CA ALA DC 42 9.92 61.83 -105.94
C ALA DC 42 10.66 62.83 -106.82
N ASP DC 43 10.60 64.10 -106.44
CA ASP DC 43 11.20 65.16 -107.25
C ASP DC 43 11.34 66.40 -106.38
N TRP DC 44 12.12 67.37 -106.87
CA TRP DC 44 12.25 68.64 -106.18
C TRP DC 44 10.95 69.44 -106.21
N CYS DC 45 10.15 69.28 -107.26
CA CYS DC 45 8.92 70.02 -107.41
C CYS DC 45 7.82 69.11 -107.94
N ASP DC 46 6.59 69.59 -107.84
CA ASP DC 46 5.41 68.92 -108.40
C ASP DC 46 5.32 67.46 -107.93
N HIS DC 47 5.33 67.28 -106.63
CA HIS DC 47 5.18 65.95 -106.05
C HIS DC 47 4.66 66.09 -104.62
N GLY DC 48 4.25 64.97 -104.05
CA GLY DC 48 3.81 64.93 -102.67
C GLY DC 48 2.39 65.43 -102.46
N TYR DC 49 2.25 66.47 -101.63
CA TYR DC 49 0.94 66.99 -101.27
C TYR DC 49 1.09 68.49 -101.08
N SER DC 50 0.40 69.27 -101.91
CA SER DC 50 0.49 70.73 -101.81
C SER DC 50 -0.16 71.21 -100.52
N PHE DC 51 0.61 71.88 -99.68
CA PHE DC 51 0.04 72.49 -98.48
C PHE DC 51 -0.83 73.68 -98.84
N THR DC 52 -0.41 74.47 -99.82
CA THR DC 52 -1.17 75.66 -100.20
C THR DC 52 -2.50 75.30 -100.81
N LYS DC 53 -2.52 74.32 -101.71
CA LYS DC 53 -3.74 73.89 -102.36
C LYS DC 53 -4.50 72.84 -101.55
N GLY DC 54 -3.88 72.27 -100.52
CA GLY DC 54 -4.53 71.23 -99.75
C GLY DC 54 -4.93 70.04 -100.59
N GLN DC 55 -4.09 69.65 -101.55
CA GLN DC 55 -4.41 68.59 -102.49
C GLN DC 55 -3.19 67.71 -102.67
N ALA DC 56 -3.43 66.46 -103.05
CA ALA DC 56 -2.35 65.52 -103.33
C ALA DC 56 -1.92 65.66 -104.77
N ILE DC 57 -0.61 65.74 -104.98
CA ILE DC 57 -0.07 65.81 -106.34
C ILE DC 57 0.29 64.42 -106.86
N THR DC 58 1.01 63.64 -106.07
CA THR DC 58 1.34 62.27 -106.40
C THR DC 58 0.91 61.36 -105.26
N GLY DC 59 0.70 60.09 -105.61
CA GLY DC 59 0.31 59.11 -104.61
C GLY DC 59 1.46 58.75 -103.71
N MET DC 60 1.15 57.91 -102.72
CA MET DC 60 2.17 57.43 -101.82
C MET DC 60 3.19 56.60 -102.60
N PRO DC 61 4.45 56.60 -102.18
CA PRO DC 61 5.48 55.90 -102.95
C PRO DC 61 5.16 54.42 -103.07
N HIS DC 62 5.46 53.85 -104.23
CA HIS DC 62 5.29 52.44 -104.51
C HIS DC 62 6.68 51.82 -104.58
N TRP DC 63 7.16 51.33 -103.44
CA TRP DC 63 8.54 50.89 -103.36
C TRP DC 63 8.74 49.61 -104.16
N PRO DC 64 9.94 49.41 -104.73
CA PRO DC 64 10.25 48.15 -105.39
C PRO DC 64 10.57 47.00 -104.45
N LEU DC 65 10.39 47.20 -103.15
CA LEU DC 65 10.67 46.18 -102.15
C LEU DC 65 9.48 45.24 -102.03
N TRP DC 66 9.45 44.45 -100.96
CA TRP DC 66 8.38 43.48 -100.76
C TRP DC 66 7.01 44.13 -100.84
N CYS DC 67 6.88 45.36 -100.32
CA CYS DC 67 5.58 45.99 -100.23
C CYS DC 67 5.04 46.43 -101.58
N GLY DC 68 5.88 46.48 -102.61
CA GLY DC 68 5.43 46.85 -103.93
C GLY DC 68 5.98 45.93 -105.00
N GLY DC 69 6.66 46.51 -105.99
CA GLY DC 69 7.19 45.73 -107.09
C GLY DC 69 7.71 46.64 -108.18
N GLY DC 70 7.85 46.07 -109.36
CA GLY DC 70 8.36 46.81 -110.50
C GLY DC 70 7.32 47.76 -111.08
N VAL DC 71 7.81 48.61 -111.97
CA VAL DC 71 6.99 49.61 -112.65
C VAL DC 71 6.69 49.11 -114.06
N PRO DC 72 5.44 49.17 -114.53
CA PRO DC 72 5.17 48.75 -115.90
C PRO DC 72 5.94 49.61 -116.89
N ASP DC 73 6.31 48.99 -118.03
CA ASP DC 73 7.09 49.71 -119.03
C ASP DC 73 6.34 50.93 -119.56
N LYS DC 74 5.01 50.91 -119.53
CA LYS DC 74 4.25 52.05 -120.03
C LYS DC 74 4.65 53.34 -119.34
N PHE DC 75 5.09 53.26 -118.08
CA PHE DC 75 5.30 54.46 -117.27
C PHE DC 75 6.73 54.59 -116.77
N ILE DC 76 7.68 53.93 -117.40
CA ILE DC 76 9.08 54.07 -117.01
C ILE DC 76 9.65 55.30 -117.71
N LYS DC 77 10.22 56.21 -116.92
CA LYS DC 77 10.73 57.46 -117.45
C LYS DC 77 12.24 57.60 -117.35
N ILE DC 78 12.90 56.80 -116.52
CA ILE DC 78 14.36 56.82 -116.44
C ILE DC 78 14.89 55.54 -117.06
N ASP DC 79 15.16 55.56 -118.35
CA ASP DC 79 15.70 54.40 -119.04
C ASP DC 79 17.16 54.21 -118.64
N PRO DC 80 17.53 53.07 -118.05
CA PRO DC 80 18.93 52.93 -117.59
C PRO DC 80 19.95 53.08 -118.70
N ASP DC 81 19.59 52.75 -119.94
CA ASP DC 81 20.54 52.89 -121.05
C ASP DC 81 20.94 54.35 -121.24
N VAL DC 82 20.00 55.27 -121.03
CA VAL DC 82 20.32 56.69 -121.15
C VAL DC 82 20.76 57.28 -119.81
N HIS DC 83 20.19 56.79 -118.71
CA HIS DC 83 20.57 57.27 -117.38
C HIS DC 83 22.04 56.98 -117.09
N PHE DC 84 22.48 55.77 -117.38
CA PHE DC 84 23.88 55.38 -117.28
C PHE DC 84 24.53 55.65 -118.63
N ASN DC 85 25.69 55.04 -118.89
CA ASN DC 85 26.50 55.38 -120.05
C ASN DC 85 26.93 56.85 -119.96
N LEU DC 86 27.65 57.16 -118.90
CA LEU DC 86 28.02 58.52 -118.57
C LEU DC 86 29.26 58.99 -119.30
N GLN DC 87 29.62 58.34 -120.40
CA GLN DC 87 30.84 58.69 -121.13
C GLN DC 87 30.57 59.93 -121.95
N GLY DC 88 31.27 61.01 -121.64
CA GLY DC 88 31.05 62.27 -122.32
C GLY DC 88 29.94 63.10 -121.75
N TYR DC 89 29.53 62.83 -120.51
CA TYR DC 89 28.35 63.50 -119.96
C TYR DC 89 28.60 64.98 -119.70
N ARG DC 90 29.84 65.35 -119.37
CA ARG DC 90 30.10 66.75 -119.04
C ARG DC 90 29.98 67.65 -120.27
N GLU DC 91 30.28 67.12 -121.45
CA GLU DC 91 30.07 67.90 -122.67
C GLU DC 91 28.60 67.98 -123.05
N ARG DC 92 27.79 67.01 -122.61
CA ARG DC 92 26.38 67.01 -122.95
C ARG DC 92 25.55 67.93 -122.08
N ILE DC 93 26.09 68.40 -120.96
CA ILE DC 93 25.35 69.28 -120.06
C ILE DC 93 26.05 70.62 -119.83
N GLY DC 94 27.32 70.75 -120.19
CA GLY DC 94 28.02 71.99 -120.03
C GLY DC 94 28.33 72.28 -118.57
N TRP DC 95 29.00 73.41 -118.35
CA TRP DC 95 29.39 73.78 -116.99
C TRP DC 95 28.17 74.08 -116.13
N TYR DC 96 27.22 74.84 -116.66
CA TYR DC 96 26.03 75.16 -115.87
C TYR DC 96 25.23 73.91 -115.57
N GLY DC 97 25.06 73.04 -116.57
CA GLY DC 97 24.37 71.78 -116.32
C GLY DC 97 25.09 70.94 -115.29
N PHE DC 98 26.42 70.97 -115.30
CA PHE DC 98 27.19 70.28 -114.27
C PHE DC 98 26.87 70.83 -112.90
N PHE DC 99 26.73 72.14 -112.78
CA PHE DC 99 26.35 72.75 -111.51
C PHE DC 99 24.98 72.29 -111.06
N THR DC 100 24.01 72.25 -111.99
CA THR DC 100 22.68 71.80 -111.62
C THR DC 100 22.69 70.35 -111.16
N ALA DC 101 23.46 69.50 -111.86
CA ALA DC 101 23.51 68.09 -111.46
C ALA DC 101 24.06 67.93 -110.05
N PHE DC 102 25.08 68.73 -109.69
CA PHE DC 102 25.61 68.66 -108.34
C PHE DC 102 24.56 69.07 -107.32
N LEU DC 103 23.80 70.13 -107.59
CA LEU DC 103 22.77 70.56 -106.65
C LEU DC 103 21.70 69.49 -106.49
N GLN DC 104 21.27 68.88 -107.59
CA GLN DC 104 20.19 67.91 -107.51
C GLN DC 104 20.64 66.58 -106.91
N ALA DC 105 21.94 66.31 -106.91
CA ALA DC 105 22.42 65.10 -106.27
C ALA DC 105 22.21 65.12 -104.76
N ASN DC 106 22.04 66.31 -104.17
CA ASN DC 106 21.91 66.47 -102.74
C ASN DC 106 20.47 66.69 -102.31
N TYR DC 107 19.52 66.14 -103.05
CA TYR DC 107 18.12 66.25 -102.64
C TYR DC 107 17.90 65.56 -101.30
N HIS DC 108 18.55 64.43 -101.08
CA HIS DC 108 18.42 63.72 -99.82
C HIS DC 108 18.89 64.59 -98.65
N ALA DC 109 20.03 65.26 -98.81
CA ALA DC 109 20.52 66.14 -97.76
C ALA DC 109 19.61 67.34 -97.58
N PHE DC 110 19.07 67.87 -98.68
CA PHE DC 110 18.19 69.02 -98.59
C PHE DC 110 16.92 68.70 -97.81
N VAL DC 111 16.35 67.52 -98.04
CA VAL DC 111 15.12 67.14 -97.34
C VAL DC 111 15.38 67.11 -95.84
N TYR DC 112 16.52 66.58 -95.43
CA TYR DC 112 16.81 66.50 -94.00
C TYR DC 112 16.92 67.89 -93.38
N PHE DC 113 17.58 68.83 -94.06
CA PHE DC 113 17.75 70.16 -93.49
C PHE DC 113 16.42 70.87 -93.32
N VAL DC 114 15.51 70.71 -94.27
CA VAL DC 114 14.21 71.34 -94.15
C VAL DC 114 13.48 70.83 -92.93
N ARG DC 115 13.63 69.55 -92.62
CA ARG DC 115 12.99 68.96 -91.45
C ARG DC 115 13.79 69.14 -90.17
N PHE DC 116 15.00 69.68 -90.24
CA PHE DC 116 15.88 69.78 -89.09
C PHE DC 116 16.08 71.19 -88.59
N ILE DC 117 16.07 72.18 -89.49
CA ILE DC 117 16.35 73.55 -89.08
C ILE DC 117 15.31 74.09 -88.10
N PRO DC 118 14.01 73.93 -88.34
CA PRO DC 118 13.03 74.71 -87.57
C PRO DC 118 13.15 74.55 -86.06
N ILE DC 119 13.37 73.33 -85.56
CA ILE DC 119 13.47 73.16 -84.12
C ILE DC 119 14.71 73.86 -83.59
N ASN DC 120 15.80 73.86 -84.36
CA ASN DC 120 16.99 74.60 -83.94
C ASN DC 120 16.71 76.10 -83.85
N ILE DC 121 15.93 76.63 -84.78
CA ILE DC 121 15.56 78.03 -84.70
C ILE DC 121 14.80 78.30 -83.41
N ALA DC 122 13.91 77.38 -83.02
CA ALA DC 122 13.18 77.55 -81.77
C ALA DC 122 14.14 77.60 -80.59
N ILE DC 123 15.11 76.69 -80.56
CA ILE DC 123 16.07 76.69 -79.46
C ILE DC 123 16.88 77.97 -79.48
N PHE DC 124 17.28 78.43 -80.67
CA PHE DC 124 18.07 79.64 -80.76
C PHE DC 124 17.29 80.85 -80.26
N TRP DC 125 15.99 80.90 -80.53
CA TRP DC 125 15.19 82.01 -80.06
C TRP DC 125 15.21 82.10 -78.54
N ILE DC 126 15.26 80.96 -77.85
CA ILE DC 126 15.30 80.98 -76.39
C ILE DC 126 16.55 81.72 -75.92
N TYR DC 127 17.70 81.39 -76.50
CA TYR DC 127 18.94 82.05 -76.10
C TYR DC 127 18.89 83.54 -76.41
N VAL DC 128 18.42 83.90 -77.61
CA VAL DC 128 18.41 85.30 -78.00
C VAL DC 128 17.48 86.09 -77.09
N ASN DC 129 16.30 85.53 -76.81
CA ASN DC 129 15.34 86.24 -75.98
C ASN DC 129 15.89 86.48 -74.59
N GLU DC 130 16.56 85.48 -74.01
CA GLU DC 130 17.08 85.63 -72.66
C GLU DC 130 18.31 86.54 -72.62
N ARG DC 131 19.16 86.48 -73.65
CA ARG DC 131 20.38 87.26 -73.62
C ARG DC 131 20.10 88.75 -73.57
N GLN DC 132 18.96 89.19 -74.12
CA GLN DC 132 18.64 90.61 -74.11
C GLN DC 132 18.45 91.12 -72.68
N ARG DC 133 17.86 90.31 -71.81
CA ARG DC 133 17.53 90.76 -70.46
C ARG DC 133 18.79 90.91 -69.62
N GLU DC 134 18.74 91.84 -68.68
CA GLU DC 134 19.80 91.96 -67.70
C GLU DC 134 19.85 90.68 -66.86
N PRO DC 135 21.03 90.28 -66.41
CA PRO DC 135 21.11 89.06 -65.59
C PRO DC 135 20.43 89.25 -64.25
N GLN DC 136 19.89 88.16 -63.72
CA GLN DC 136 19.34 88.19 -62.38
C GLN DC 136 20.45 88.38 -61.36
N GLU DC 137 20.11 88.94 -60.20
CA GLU DC 137 21.09 89.15 -59.15
C GLU DC 137 21.47 87.81 -58.56
N ASN DC 138 22.54 87.21 -59.08
CA ASN DC 138 22.87 85.83 -58.72
C ASN DC 138 23.28 85.72 -57.26
N VAL DC 139 24.12 86.64 -56.78
CA VAL DC 139 24.66 86.57 -55.43
C VAL DC 139 24.59 87.93 -54.77
N MET DC 140 24.73 87.92 -53.44
CA MET DC 140 24.79 89.14 -52.64
C MET DC 140 25.87 88.96 -51.58
N ASP DC 141 26.04 89.97 -50.73
CA ASP DC 141 27.08 89.92 -49.72
C ASP DC 141 26.87 88.73 -48.81
N HIS DC 142 27.98 88.07 -48.44
CA HIS DC 142 27.88 86.86 -47.64
C HIS DC 142 27.26 87.14 -46.28
N GLU DC 143 27.73 88.19 -45.60
CA GLU DC 143 27.24 88.46 -44.25
C GLU DC 143 25.81 88.99 -44.28
N GLU DC 144 25.50 89.88 -45.23
CA GLU DC 144 24.16 90.44 -45.28
C GLU DC 144 23.12 89.36 -45.55
N PHE DC 145 23.47 88.35 -46.34
CA PHE DC 145 22.53 87.27 -46.60
C PHE DC 145 22.16 86.54 -45.31
N PHE DC 146 23.16 86.24 -44.47
CA PHE DC 146 22.88 85.45 -43.28
C PHE DC 146 22.19 86.28 -42.20
N ARG DC 147 22.40 87.60 -42.21
CA ARG DC 147 21.71 88.44 -41.24
C ARG DC 147 20.23 88.58 -41.55
N ASP DC 148 19.81 88.24 -42.76
CA ASP DC 148 18.40 88.23 -43.13
C ASP DC 148 18.06 86.93 -43.87
N PHE DC 149 18.55 85.81 -43.33
CA PHE DC 149 18.46 84.55 -44.03
C PHE DC 149 17.00 84.16 -44.30
N ASP DC 150 16.14 84.30 -43.30
CA ASP DC 150 14.77 83.81 -43.44
C ASP DC 150 14.04 84.55 -44.56
N SER DC 151 14.16 85.87 -44.60
CA SER DC 151 13.44 86.65 -45.60
C SER DC 151 13.93 86.30 -47.00
N ILE DC 152 15.24 86.32 -47.20
CA ILE DC 152 15.78 86.08 -48.54
C ILE DC 152 15.60 84.63 -48.94
N TYR DC 153 15.90 83.70 -48.03
CA TYR DC 153 15.90 82.29 -48.41
C TYR DC 153 14.49 81.76 -48.62
N LEU DC 154 13.55 82.20 -47.79
CA LEU DC 154 12.18 81.69 -47.83
C LEU DC 154 11.18 82.69 -48.38
N GLY DC 155 11.63 83.87 -48.82
CA GLY DC 155 10.69 84.88 -49.28
C GLY DC 155 9.89 84.41 -50.49
N GLN DC 156 10.53 83.70 -51.40
CA GLN DC 156 9.88 83.33 -52.65
C GLN DC 156 8.68 82.42 -52.41
N VAL DC 157 8.84 81.42 -51.54
CA VAL DC 157 7.78 80.43 -51.35
C VAL DC 157 6.59 81.06 -50.63
N PHE DC 158 6.85 81.96 -49.68
CA PHE DC 158 5.75 82.53 -48.91
C PHE DC 158 4.94 83.51 -49.75
N ASP DC 159 5.60 84.40 -50.50
CA ASP DC 159 4.90 85.37 -51.32
C ASP DC 159 5.78 85.67 -52.54
N HIS DC 160 5.48 85.01 -53.66
CA HIS DC 160 6.32 85.17 -54.84
C HIS DC 160 6.08 86.50 -55.56
N HIS DC 161 4.87 87.04 -55.48
CA HIS DC 161 4.61 88.32 -56.14
C HIS DC 161 5.39 89.45 -55.50
N ARG DC 162 5.30 89.58 -54.17
CA ARG DC 162 6.08 90.60 -53.49
C ARG DC 162 7.57 90.33 -53.62
N PHE DC 163 7.96 89.06 -53.55
CA PHE DC 163 9.38 88.73 -53.68
C PHE DC 163 9.89 89.11 -55.07
N ALA DC 164 9.09 88.87 -56.11
CA ALA DC 164 9.50 89.26 -57.46
C ALA DC 164 9.67 90.76 -57.58
N GLU DC 165 8.74 91.52 -57.00
CA GLU DC 165 8.88 92.97 -57.02
C GLU DC 165 10.13 93.42 -56.27
N TRP DC 166 10.42 92.78 -55.14
CA TRP DC 166 11.61 93.12 -54.39
C TRP DC 166 12.87 92.87 -55.21
N LEU DC 167 12.91 91.76 -55.95
CA LEU DC 167 14.06 91.48 -56.80
C LEU DC 167 14.23 92.55 -57.86
N ALA DC 168 13.13 92.97 -58.48
CA ALA DC 168 13.21 93.98 -59.54
C ALA DC 168 13.80 95.27 -59.02
N ARG DC 169 13.37 95.71 -57.83
CA ARG DC 169 13.91 96.94 -57.26
C ARG DC 169 15.41 96.83 -57.02
N ARG DC 170 15.87 95.67 -56.53
CA ARG DC 170 17.30 95.49 -56.29
C ARG DC 170 18.08 95.55 -57.61
N ARG DC 171 17.54 94.93 -58.66
CA ARG DC 171 18.21 95.02 -59.96
C ARG DC 171 18.27 96.45 -60.45
N ALA DC 172 17.20 97.22 -60.23
CA ALA DC 172 17.21 98.62 -60.64
C ALA DC 172 18.26 99.40 -59.87
N VAL DC 173 18.39 99.14 -58.57
CA VAL DC 173 19.41 99.83 -57.78
C VAL DC 173 20.80 99.35 -58.19
N LYS DC 174 20.95 98.06 -58.46
CA LYS DC 174 22.28 97.51 -58.73
C LYS DC 174 22.89 98.12 -59.98
N TRP DC 175 22.09 98.27 -61.04
CA TRP DC 175 22.57 98.78 -62.31
C TRP DC 175 22.24 100.25 -62.52
N GLY DC 176 21.78 100.94 -61.49
CA GLY DC 176 21.65 102.37 -61.54
C GLY DC 176 20.65 102.90 -62.55
N TYR DC 177 19.45 102.32 -62.61
CA TYR DC 177 18.39 102.86 -63.44
C TYR DC 177 17.08 102.92 -62.67
N ALA DC 178 17.15 103.01 -61.34
CA ALA DC 178 15.93 103.05 -60.54
C ALA DC 178 15.11 104.30 -60.84
N ASP DC 179 15.78 105.44 -60.99
CA ASP DC 179 15.06 106.68 -61.25
C ASP DC 179 14.48 106.73 -62.66
N GLN DC 180 14.94 105.86 -63.56
CA GLN DC 180 14.48 105.86 -64.94
C GLN DC 180 13.33 104.90 -65.19
N ILE DC 181 12.92 104.13 -64.20
CA ILE DC 181 11.90 103.11 -64.38
C ILE DC 181 10.85 103.26 -63.28
N HIS DC 182 9.62 102.89 -63.61
CA HIS DC 182 8.51 102.89 -62.66
C HIS DC 182 8.07 101.45 -62.45
N ILE DC 183 8.46 100.88 -61.32
CA ILE DC 183 8.17 99.48 -61.01
C ILE DC 183 6.72 99.38 -60.54
N PRO DC 184 5.89 98.57 -61.19
CA PRO DC 184 4.48 98.53 -60.80
C PRO DC 184 4.32 98.08 -59.36
N PRO DC 185 3.33 98.61 -58.66
CA PRO DC 185 3.10 98.17 -57.28
C PRO DC 185 2.51 96.76 -57.23
N VAL DC 186 2.72 96.10 -56.10
CA VAL DC 186 2.23 94.75 -55.90
C VAL DC 186 1.17 94.75 -54.81
N ARG EC 1 -3.20 52.72 -111.34
CA ARG EC 1 -4.10 51.77 -110.70
C ARG EC 1 -3.59 51.41 -109.31
N GLY EC 2 -2.33 51.06 -109.21
CA GLY EC 2 -1.74 50.72 -107.93
C GLY EC 2 -1.56 49.23 -107.73
N SER EC 3 -1.64 48.80 -106.47
CA SER EC 3 -1.40 47.40 -106.15
C SER EC 3 -2.53 46.51 -106.66
N VAL EC 4 -2.19 45.24 -106.89
CA VAL EC 4 -3.17 44.27 -107.34
C VAL EC 4 -4.08 43.79 -106.21
N PHE EC 5 -3.73 44.07 -104.96
CA PHE EC 5 -4.50 43.61 -103.82
C PHE EC 5 -5.66 44.54 -103.47
N GLN EC 6 -5.79 45.68 -104.15
CA GLN EC 6 -6.90 46.59 -103.92
C GLN EC 6 -7.80 46.55 -105.15
N MET EC 7 -9.07 46.22 -104.94
CA MET EC 7 -10.03 46.05 -106.02
C MET EC 7 -11.37 46.61 -105.58
N PRO EC 8 -12.23 46.96 -106.53
CA PRO EC 8 -13.60 47.32 -106.17
C PRO EC 8 -14.40 46.10 -105.73
N SER EC 9 -15.35 46.33 -104.82
CA SER EC 9 -16.21 45.25 -104.36
C SER EC 9 -17.07 44.71 -105.49
N THR EC 10 -17.64 45.60 -106.30
CA THR EC 10 -18.39 45.22 -107.48
C THR EC 10 -17.57 45.57 -108.71
N PRO EC 11 -17.15 44.61 -109.53
CA PRO EC 11 -16.29 44.96 -110.67
C PRO EC 11 -17.09 45.51 -111.84
N VAL EC 12 -17.05 46.82 -112.02
CA VAL EC 12 -17.90 47.52 -112.99
C VAL EC 12 -17.03 48.49 -113.77
N TYR EC 13 -17.23 48.53 -115.09
CA TYR EC 13 -16.52 49.47 -115.95
C TYR EC 13 -17.51 50.47 -116.53
N PRO EC 14 -17.31 51.78 -116.32
CA PRO EC 14 -18.31 52.75 -116.76
C PRO EC 14 -18.41 52.82 -118.28
N LEU EC 15 -19.63 52.84 -118.78
CA LEU EC 15 -19.88 53.05 -120.20
C LEU EC 15 -19.69 54.54 -120.49
N THR EC 16 -18.66 54.88 -121.26
CA THR EC 16 -18.32 56.26 -121.55
C THR EC 16 -19.58 57.08 -121.84
N THR EC 17 -19.78 58.13 -121.06
CA THR EC 17 -20.94 59.01 -121.21
C THR EC 17 -20.61 60.30 -121.94
N THR EC 18 -19.37 60.73 -121.89
CA THR EC 18 -18.93 61.91 -122.62
C THR EC 18 -18.46 61.53 -124.02
N LYS EC 19 -18.22 62.54 -124.85
CA LYS EC 19 -17.71 62.35 -126.21
C LYS EC 19 -16.29 62.91 -126.36
N LYS EC 20 -15.60 63.12 -125.26
CA LYS EC 20 -14.26 63.70 -125.29
C LYS EC 20 -13.32 62.81 -126.11
N VAL EC 21 -12.48 63.45 -126.93
CA VAL EC 21 -11.53 62.72 -127.75
C VAL EC 21 -10.49 62.06 -126.84
N ALA EC 22 -10.07 60.86 -127.21
CA ALA EC 22 -9.13 60.11 -126.38
C ALA EC 22 -7.78 60.83 -126.35
N PRO EC 23 -7.16 60.99 -125.19
CA PRO EC 23 -5.82 61.58 -125.15
C PRO EC 23 -4.84 60.73 -125.92
N PRO EC 24 -3.80 61.34 -126.49
CA PRO EC 24 -2.86 60.55 -127.30
C PRO EC 24 -2.21 59.41 -126.55
N THR EC 25 -1.86 59.61 -125.28
CA THR EC 25 -1.21 58.54 -124.52
C THR EC 25 -2.15 57.39 -124.23
N ALA EC 26 -3.46 57.65 -124.22
CA ALA EC 26 -4.42 56.58 -123.96
C ALA EC 26 -4.43 55.54 -125.08
N LEU EC 27 -4.00 55.90 -126.28
CA LEU EC 27 -3.98 55.00 -127.41
C LEU EC 27 -2.56 54.73 -127.91
N ALA EC 28 -1.55 55.22 -127.20
CA ALA EC 28 -0.17 55.09 -127.65
C ALA EC 28 0.32 53.65 -127.47
N LYS EC 29 1.25 53.26 -128.32
CA LYS EC 29 1.90 51.96 -128.25
C LYS EC 29 3.40 52.13 -128.08
N ARG EC 30 4.06 51.07 -127.64
CA ARG EC 30 5.51 51.07 -127.61
C ARG EC 30 6.04 51.27 -129.02
N THR EC 31 7.02 52.16 -129.15
CA THR EC 31 7.66 52.48 -130.42
C THR EC 31 9.16 52.41 -130.28
N PRO EC 32 9.88 52.21 -131.37
CA PRO EC 32 11.35 52.18 -131.28
C PRO EC 32 11.93 53.46 -130.71
N GLU EC 33 11.34 54.61 -131.00
CA GLU EC 33 11.85 55.86 -130.47
C GLU EC 33 11.46 56.10 -129.02
N GLN EC 34 10.44 55.40 -128.52
CA GLN EC 34 10.01 55.51 -127.13
C GLN EC 34 9.82 54.12 -126.54
N PRO EC 35 10.92 53.41 -126.26
CA PRO EC 35 10.79 52.07 -125.68
C PRO EC 35 10.12 52.06 -124.31
N PHE EC 36 10.14 53.17 -123.58
CA PHE EC 36 9.54 53.25 -122.27
C PHE EC 36 8.74 54.53 -122.14
N GLY EC 37 7.75 54.51 -121.26
CA GLY EC 37 7.04 55.72 -120.89
C GLY EC 37 5.98 56.18 -121.85
N TRP EC 38 5.67 55.39 -122.89
CA TRP EC 38 4.71 55.84 -123.88
C TRP EC 38 3.32 56.01 -123.31
N GLY EC 39 3.04 55.44 -122.15
CA GLY EC 39 1.74 55.56 -121.54
C GLY EC 39 1.52 56.79 -120.70
N SER EC 40 2.57 57.59 -120.47
CA SER EC 40 2.47 58.76 -119.62
C SER EC 40 2.67 60.03 -120.44
N PRO EC 41 1.86 61.06 -120.22
CA PRO EC 41 2.04 62.30 -120.98
C PRO EC 41 3.34 63.01 -120.61
N VAL EC 42 3.89 63.71 -121.59
CA VAL EC 42 5.14 64.44 -121.37
C VAL EC 42 4.86 65.65 -120.49
N ARG EC 43 5.80 65.94 -119.58
CA ARG EC 43 5.67 67.04 -118.66
C ARG EC 43 6.97 67.83 -118.63
N GLU EC 44 6.86 69.12 -118.33
CA GLU EC 44 8.04 69.96 -118.18
C GLU EC 44 8.81 69.56 -116.93
N ASP EC 45 10.13 69.68 -117.02
CA ASP EC 45 11.03 69.39 -115.89
C ASP EC 45 11.43 70.71 -115.26
N ARG EC 46 10.62 71.17 -114.30
CA ARG EC 46 10.89 72.44 -113.66
C ARG EC 46 12.10 72.37 -112.74
N ALA EC 47 12.34 71.21 -112.12
CA ALA EC 47 13.43 71.12 -111.16
C ALA EC 47 14.77 71.45 -111.81
N TRP EC 48 14.92 71.16 -113.10
CA TRP EC 48 16.19 71.42 -113.75
C TRP EC 48 16.48 72.91 -113.86
N ARG EC 49 15.44 73.74 -113.90
CA ARG EC 49 15.59 75.17 -114.02
C ARG EC 49 15.42 75.91 -112.69
N VAL EC 50 14.58 75.40 -111.80
CA VAL EC 50 14.24 76.14 -110.59
C VAL EC 50 15.30 75.93 -109.52
N VAL EC 51 15.81 74.72 -109.39
CA VAL EC 51 16.76 74.40 -108.33
C VAL EC 51 17.98 75.29 -108.44
N PRO EC 52 18.73 75.28 -109.55
CA PRO EC 52 19.90 76.15 -109.64
C PRO EC 52 19.57 77.62 -109.54
N ARG EC 53 18.41 78.04 -110.07
CA ARG EC 53 18.02 79.45 -109.97
C ARG EC 53 17.77 79.84 -108.52
N ASN EC 54 16.98 79.05 -107.81
CA ASN EC 54 16.67 79.37 -106.42
C ASN EC 54 17.93 79.33 -105.56
N PHE EC 55 18.80 78.35 -105.80
CA PHE EC 55 20.02 78.25 -105.00
C PHE EC 55 20.87 79.49 -105.17
N ILE EC 56 21.03 79.97 -106.40
CA ILE EC 56 21.85 81.15 -106.65
C ILE EC 56 21.26 82.35 -105.93
N ILE EC 57 19.95 82.52 -105.99
CA ILE EC 57 19.31 83.68 -105.35
C ILE EC 57 19.57 83.67 -103.85
N LEU EC 58 19.36 82.51 -103.22
CA LEU EC 58 19.55 82.42 -101.77
C LEU EC 58 21.00 82.72 -101.40
N VAL EC 59 21.94 82.17 -102.16
CA VAL EC 59 23.35 82.43 -101.87
C VAL EC 59 23.68 83.90 -102.03
N ILE EC 60 23.16 84.52 -103.10
CA ILE EC 60 23.42 85.95 -103.31
C ILE EC 60 22.85 86.77 -102.16
N VAL EC 61 21.60 86.48 -101.78
CA VAL EC 61 20.99 87.21 -100.67
C VAL EC 61 21.75 86.93 -99.39
N TYR EC 62 22.12 85.67 -99.15
CA TYR EC 62 22.84 85.32 -97.93
C TYR EC 62 24.18 86.05 -97.85
N LEU EC 63 24.97 85.98 -98.92
CA LEU EC 63 26.27 86.63 -98.91
C LEU EC 63 26.13 88.15 -98.92
N SER EC 64 25.24 88.67 -99.76
CA SER EC 64 25.10 90.12 -99.86
C SER EC 64 24.66 90.71 -98.52
N GLY EC 65 23.70 90.08 -97.86
CA GLY EC 65 23.28 90.57 -96.55
C GLY EC 65 24.39 90.51 -95.53
N TRP EC 66 25.17 89.42 -95.54
CA TRP EC 66 26.29 89.31 -94.62
C TRP EC 66 27.31 90.40 -94.87
N ALA EC 67 27.63 90.67 -96.13
CA ALA EC 67 28.59 91.71 -96.45
C ALA EC 67 28.07 93.08 -96.04
N ALA EC 68 26.79 93.35 -96.28
CA ALA EC 68 26.24 94.65 -95.95
C ALA EC 68 26.31 94.91 -94.45
N ILE EC 69 25.98 93.90 -93.64
CA ILE EC 69 25.99 94.08 -92.19
C ILE EC 69 27.39 94.42 -91.70
N LYS EC 70 28.39 93.70 -92.20
CA LYS EC 70 29.76 93.92 -91.75
C LYS EC 70 30.37 95.21 -92.27
N THR EC 71 29.70 95.91 -93.20
CA THR EC 71 30.23 97.14 -93.75
C THR EC 71 29.43 98.37 -93.32
N MET EC 72 28.10 98.34 -93.42
CA MET EC 72 27.32 99.50 -93.09
C MET EC 72 27.25 99.71 -91.58
N LEU EC 73 27.06 98.64 -90.82
CA LEU EC 73 26.90 98.76 -89.38
C LEU EC 73 28.26 98.84 -88.69
N PRO EC 74 28.31 99.42 -87.49
CA PRO EC 74 29.58 99.55 -86.79
C PRO EC 74 30.09 98.22 -86.27
N ARG EC 75 31.37 98.21 -85.90
CA ARG EC 75 32.02 96.99 -85.45
C ARG EC 75 31.32 96.45 -84.21
N GLY EC 76 31.21 95.12 -84.14
CA GLY EC 76 30.56 94.49 -83.01
C GLY EC 76 30.98 93.05 -82.90
N GLY EC 77 30.70 92.46 -81.72
CA GLY EC 77 31.10 91.09 -81.48
C GLY EC 77 30.40 90.09 -82.37
N SER EC 78 29.11 90.34 -82.66
CA SER EC 78 28.32 89.43 -83.46
C SER EC 78 27.36 90.26 -84.30
N ILE EC 79 26.62 89.59 -85.17
CA ILE EC 79 25.64 90.28 -86.00
C ILE EC 79 24.58 90.93 -85.13
N LEU EC 80 24.07 90.18 -84.14
CA LEU EC 80 23.12 90.76 -83.19
C LEU EC 80 23.74 91.91 -82.43
N GLY EC 81 25.04 91.81 -82.12
CA GLY EC 81 25.71 92.91 -81.46
C GLY EC 81 25.73 94.17 -82.33
N GLN EC 82 26.04 94.02 -83.61
CA GLN EC 82 26.12 95.17 -84.49
C GLN EC 82 24.77 95.84 -84.70
N ILE EC 83 23.68 95.12 -84.45
CA ILE EC 83 22.35 95.68 -84.65
C ILE EC 83 21.81 96.30 -83.37
N TYR EC 84 21.92 95.59 -82.25
CA TYR EC 84 21.37 96.05 -80.98
C TYR EC 84 22.42 96.24 -79.91
N GLY EC 85 23.69 96.08 -80.21
CA GLY EC 85 24.71 96.11 -79.18
C GLY EC 85 25.23 97.47 -78.81
N GLY EC 86 24.72 98.55 -79.41
CA GLY EC 86 25.21 99.87 -79.11
C GLY EC 86 24.74 100.36 -77.76
N PRO EC 87 25.41 101.36 -77.22
CA PRO EC 87 25.00 101.91 -75.92
C PRO EC 87 23.68 102.64 -76.04
N PRO EC 88 23.02 102.91 -74.92
CA PRO EC 88 21.74 103.63 -74.99
C PRO EC 88 21.91 105.00 -75.63
N LYS EC 89 20.88 105.41 -76.36
CA LYS EC 89 20.92 106.72 -76.99
C LYS EC 89 21.09 107.81 -75.95
N GLY EC 90 22.03 108.72 -76.20
CA GLY EC 90 22.35 109.75 -75.25
C GLY EC 90 23.48 109.40 -74.29
N ARG EC 91 24.00 108.19 -74.36
CA ARG EC 91 25.10 107.76 -73.50
C ARG EC 91 26.40 108.02 -74.24
N LEU EC 92 27.10 109.08 -73.85
CA LEU EC 92 28.36 109.43 -74.49
C LEU EC 92 29.48 108.59 -73.93
N ILE EC 93 30.38 108.16 -74.83
CA ILE EC 93 31.54 107.37 -74.43
C ILE EC 93 32.81 108.14 -74.74
N VAL FC 1 -31.87 52.89 -89.11
CA VAL FC 1 -30.92 53.63 -88.28
C VAL FC 1 -30.34 54.77 -89.09
N THR FC 2 -30.39 55.98 -88.53
CA THR FC 2 -29.85 57.15 -89.20
C THR FC 2 -28.34 57.24 -88.98
N ARG FC 3 -27.60 57.47 -90.06
CA ARG FC 3 -26.16 57.61 -90.00
C ARG FC 3 -25.80 59.07 -90.22
N TYR FC 4 -25.16 59.67 -89.25
CA TYR FC 4 -24.73 61.05 -89.36
C TYR FC 4 -23.32 61.12 -89.92
N PRO FC 5 -22.90 62.29 -90.41
CA PRO FC 5 -21.52 62.45 -90.85
C PRO FC 5 -20.56 62.15 -89.70
N SER FC 6 -19.45 61.51 -90.04
CA SER FC 6 -18.51 61.07 -89.01
C SER FC 6 -17.99 62.26 -88.21
N GLY FC 7 -17.99 62.12 -86.90
CA GLY FC 7 -17.42 63.13 -86.03
C GLY FC 7 -18.29 64.32 -85.75
N THR FC 8 -19.54 64.32 -86.23
CA THR FC 8 -20.41 65.48 -86.10
C THR FC 8 -21.45 65.32 -85.00
N ARG FC 9 -21.91 64.10 -84.75
CA ARG FC 9 -22.95 63.83 -83.77
C ARG FC 9 -22.39 62.92 -82.68
N THR FC 10 -22.61 63.32 -81.43
CA THR FC 10 -22.16 62.52 -80.30
C THR FC 10 -23.09 61.33 -80.08
N ILE FC 11 -22.53 60.25 -79.54
CA ILE FC 11 -23.30 59.07 -79.16
C ILE FC 11 -23.45 58.95 -77.66
N MET FC 12 -22.88 59.87 -76.89
CA MET FC 12 -22.94 59.77 -75.44
C MET FC 12 -24.29 60.17 -74.87
N SER FC 13 -25.03 61.03 -75.57
CA SER FC 13 -26.28 61.56 -75.05
C SER FC 13 -27.33 61.55 -76.15
N PRO FC 14 -28.61 61.37 -75.79
CA PRO FC 14 -29.66 61.50 -76.80
C PRO FC 14 -29.84 62.93 -77.28
N TYR FC 15 -29.47 63.91 -76.47
CA TYR FC 15 -29.57 65.31 -76.85
C TYR FC 15 -28.37 65.70 -77.68
N PRO FC 16 -28.55 66.22 -78.90
CA PRO FC 16 -27.39 66.56 -79.72
C PRO FC 16 -26.47 67.58 -79.06
N GLY FC 17 -27.02 68.50 -78.27
CA GLY FC 17 -26.25 69.55 -77.66
C GLY FC 17 -26.75 70.93 -78.07
N GLY FC 18 -26.29 71.92 -77.33
CA GLY FC 18 -26.66 73.29 -77.58
C GLY FC 18 -25.84 73.91 -78.69
N PRO FC 19 -26.23 75.12 -79.09
CA PRO FC 19 -25.56 75.76 -80.23
C PRO FC 19 -24.05 75.88 -80.06
N VAL FC 20 -23.57 76.29 -78.88
CA VAL FC 20 -22.13 76.40 -78.68
C VAL FC 20 -21.48 75.03 -78.77
N TYR FC 21 -22.07 74.02 -78.12
CA TYR FC 21 -21.49 72.69 -78.17
C TYR FC 21 -21.42 72.18 -79.60
N GLN FC 22 -22.50 72.35 -80.36
CA GLN FC 22 -22.50 71.88 -81.74
C GLN FC 22 -21.46 72.61 -82.57
N TRP FC 23 -21.31 73.91 -82.34
CA TRP FC 23 -20.30 74.67 -83.08
C TRP FC 23 -18.90 74.15 -82.77
N LEU FC 24 -18.61 73.92 -81.49
CA LEU FC 24 -17.30 73.43 -81.12
C LEU FC 24 -17.03 72.05 -81.70
N ARG FC 25 -18.03 71.17 -81.64
CA ARG FC 25 -17.82 69.82 -82.14
C ARG FC 25 -17.62 69.80 -83.66
N ILE FC 26 -18.45 70.54 -84.38
CA ILE FC 26 -18.35 70.54 -85.84
C ILE FC 26 -17.04 71.17 -86.28
N ASN FC 27 -16.67 72.29 -85.67
CA ASN FC 27 -15.51 73.04 -86.14
C ASN FC 27 -14.19 72.39 -85.74
N TYR FC 28 -14.12 71.73 -84.59
CA TYR FC 28 -12.92 70.95 -84.29
C TYR FC 28 -12.78 69.81 -85.28
N ASN FC 29 -13.89 69.15 -85.63
CA ASN FC 29 -13.84 68.09 -86.61
C ASN FC 29 -13.32 68.60 -87.94
N TYR FC 30 -13.74 69.79 -88.35
CA TYR FC 30 -13.25 70.36 -89.59
C TYR FC 30 -11.79 70.76 -89.47
N PHE FC 31 -11.42 71.43 -88.38
CA PHE FC 31 -10.05 71.91 -88.24
C PHE FC 31 -9.07 70.75 -88.26
N LYS FC 32 -9.38 69.66 -87.55
CA LYS FC 32 -8.49 68.52 -87.55
C LYS FC 32 -8.35 67.93 -88.94
N ARG FC 33 -9.48 67.68 -89.60
CA ARG FC 33 -9.46 66.87 -90.82
C ARG FC 33 -9.02 67.65 -92.04
N TYR FC 34 -9.30 68.95 -92.10
CA TYR FC 34 -9.04 69.72 -93.31
C TYR FC 34 -8.09 70.89 -93.13
N GLN FC 35 -7.71 71.24 -91.91
CA GLN FC 35 -6.74 72.31 -91.70
C GLN FC 35 -5.47 71.84 -91.02
N TRP FC 36 -5.56 71.25 -89.82
CA TRP FC 36 -4.35 70.83 -89.12
C TRP FC 36 -3.63 69.72 -89.89
N ARG FC 37 -4.38 68.76 -90.42
CA ARG FC 37 -3.76 67.61 -91.06
C ARG FC 37 -3.13 67.96 -92.41
N ARG FC 38 -3.35 69.17 -92.93
CA ARG FC 38 -2.55 69.62 -94.07
C ARG FC 38 -1.07 69.56 -93.76
N VAL FC 39 -0.68 70.07 -92.60
CA VAL FC 39 0.73 70.07 -92.22
C VAL FC 39 1.27 68.65 -92.20
N GLY FC 40 0.52 67.73 -91.58
CA GLY FC 40 1.00 66.36 -91.51
C GLY FC 40 1.07 65.70 -92.86
N ARG FC 41 0.05 65.89 -93.69
CA ARG FC 41 0.08 65.31 -95.03
C ARG FC 41 1.22 65.90 -95.85
N TRP FC 42 1.49 67.20 -95.67
CA TRP FC 42 2.58 67.84 -96.39
C TRP FC 42 3.94 67.28 -95.95
N GLN FC 43 4.14 67.08 -94.65
CA GLN FC 43 5.41 66.53 -94.20
C GLN FC 43 5.57 65.07 -94.59
N MET FC 44 4.49 64.30 -94.54
CA MET FC 44 4.59 62.87 -94.83
C MET FC 44 4.89 62.61 -96.29
N ARG FC 45 4.26 63.36 -97.19
CA ARG FC 45 4.36 63.08 -98.62
C ARG FC 45 5.46 63.88 -99.30
N SER FC 46 5.49 65.19 -99.10
CA SER FC 46 6.39 66.05 -99.84
C SER FC 46 7.79 66.11 -99.26
N TRP FC 47 8.00 65.62 -98.04
CA TRP FC 47 9.31 65.72 -97.39
C TRP FC 47 9.66 64.40 -96.71
N CYS FC 48 9.51 63.30 -97.43
CA CYS FC 48 9.85 62.00 -96.90
C CYS FC 48 11.35 61.74 -97.04
N TYR FC 49 12.00 61.44 -95.93
CA TYR FC 49 13.44 61.19 -95.96
C TYR FC 49 13.77 59.96 -96.78
N TRP FC 50 12.91 58.95 -96.71
CA TRP FC 50 13.17 57.71 -97.45
C TRP FC 50 12.88 57.84 -98.94
N LYS FC 51 11.86 58.61 -99.31
CA LYS FC 51 11.66 58.88 -100.73
C LYS FC 51 12.87 59.59 -101.33
N ALA FC 52 13.40 60.57 -100.61
CA ALA FC 52 14.54 61.31 -101.09
C ALA FC 52 15.76 60.43 -101.32
N ALA FC 53 15.80 59.26 -100.67
CA ALA FC 53 16.92 58.36 -100.88
C ALA FC 53 16.89 57.72 -102.26
N PHE FC 54 15.70 57.49 -102.80
CA PHE FC 54 15.55 56.88 -104.11
C PHE FC 54 15.38 57.89 -105.23
N TYR FC 55 15.48 59.18 -104.94
CA TYR FC 55 15.38 60.18 -105.99
C TYR FC 55 16.50 59.99 -107.00
N GLY FC 56 16.14 59.96 -108.28
CA GLY FC 56 17.12 59.81 -109.33
C GLY FC 56 17.52 58.38 -109.63
N VAL FC 57 17.04 57.41 -108.86
CA VAL FC 57 17.34 56.00 -109.10
C VAL FC 57 16.42 55.50 -110.20
N PRO FC 58 16.90 54.70 -111.14
CA PRO FC 58 16.01 54.22 -112.21
C PRO FC 58 14.84 53.42 -111.66
N GLU FC 59 13.73 53.47 -112.37
CA GLU FC 59 12.60 52.63 -112.01
C GLU FC 59 13.02 51.17 -112.00
N TRP FC 60 12.32 50.37 -111.20
CA TRP FC 60 12.56 48.95 -111.14
C TRP FC 60 11.69 48.26 -112.19
N ASN FC 61 12.33 47.61 -113.15
CA ASN FC 61 11.59 46.97 -114.22
C ASN FC 61 10.93 45.69 -113.73
N ILE FC 62 9.73 45.42 -114.24
CA ILE FC 62 9.05 44.17 -113.90
C ILE FC 62 9.80 42.98 -114.47
N ASP FC 63 10.38 43.15 -115.66
CA ASP FC 63 11.21 42.10 -116.22
C ASP FC 63 12.46 41.96 -115.37
N PRO FC 64 12.72 40.79 -114.77
CA PRO FC 64 13.83 40.70 -113.82
C PRO FC 64 15.20 40.96 -114.42
N THR FC 65 15.37 40.75 -115.72
CA THR FC 65 16.69 40.81 -116.35
C THR FC 65 17.07 42.23 -116.78
N LYS FC 66 16.20 43.21 -116.58
CA LYS FC 66 16.47 44.58 -116.97
C LYS FC 66 16.92 45.45 -115.82
N ASN FC 67 17.20 44.87 -114.66
CA ASN FC 67 17.64 45.60 -113.49
C ASN FC 67 19.09 45.32 -113.14
N GLN FC 68 19.88 44.86 -114.10
CA GLN FC 68 21.24 44.43 -113.81
C GLN FC 68 22.12 45.57 -113.33
N TRP FC 69 21.68 46.82 -113.52
CA TRP FC 69 22.45 47.95 -113.01
C TRP FC 69 22.57 47.91 -111.50
N ARG FC 70 21.72 47.12 -110.82
CA ARG FC 70 21.82 47.01 -109.37
C ARG FC 70 23.19 46.49 -108.95
N TRP FC 71 23.69 45.46 -109.64
CA TRP FC 71 24.99 44.90 -109.32
C TRP FC 71 26.08 45.31 -110.30
N CYS FC 72 25.72 45.76 -111.51
CA CYS FC 72 26.74 46.22 -112.44
C CYS FC 72 27.31 47.57 -112.03
N VAL FC 73 26.52 48.39 -111.34
CA VAL FC 73 26.93 49.72 -110.92
C VAL FC 73 26.91 49.78 -109.41
N ASP FC 74 27.93 50.42 -108.83
CA ASP FC 74 27.97 50.55 -107.39
C ASP FC 74 26.84 51.45 -106.92
N PRO FC 75 26.31 51.21 -105.71
CA PRO FC 75 25.19 52.04 -105.24
C PRO FC 75 25.51 53.52 -105.18
N ALA FC 76 26.78 53.87 -104.94
CA ALA FC 76 27.14 55.28 -104.83
C ALA FC 76 26.90 56.03 -106.13
N TRP FC 77 26.75 55.32 -107.26
CA TRP FC 77 26.55 55.96 -108.55
C TRP FC 77 25.26 55.48 -109.22
N TYR FC 78 24.27 55.08 -108.43
CA TYR FC 78 22.96 54.76 -108.99
C TYR FC 78 22.30 55.99 -109.60
N GLY FC 79 22.74 57.18 -109.24
CA GLY FC 79 22.12 58.41 -109.68
C GLY FC 79 22.60 58.94 -111.01
N GLY FC 80 23.44 58.19 -111.71
CA GLY FC 80 23.91 58.65 -113.01
C GLY FC 80 24.75 59.90 -112.87
N MET FC 81 24.47 60.89 -113.72
CA MET FC 81 25.30 62.09 -113.76
C MET FC 81 25.28 62.84 -112.44
N ARG FC 82 24.16 62.79 -111.72
CA ARG FC 82 24.08 63.49 -110.44
C ARG FC 82 25.12 62.95 -109.46
N ASP FC 83 25.18 61.63 -109.31
CA ASP FC 83 26.16 61.04 -108.41
C ASP FC 83 27.58 61.31 -108.87
N LYS FC 84 27.82 61.19 -110.19
CA LYS FC 84 29.15 61.47 -110.70
C LYS FC 84 29.51 62.94 -110.52
N ALA FC 85 28.55 63.84 -110.78
CA ALA FC 85 28.82 65.26 -110.62
C ALA FC 85 29.15 65.60 -109.17
N ASN FC 86 28.42 64.99 -108.23
CA ASN FC 86 28.73 65.23 -106.82
C ASN FC 86 30.14 64.75 -106.48
N MET FC 87 30.53 63.60 -107.00
CA MET FC 87 31.91 63.14 -106.81
C MET FC 87 32.89 64.08 -107.46
N ASP FC 88 32.59 64.54 -108.68
CA ASP FC 88 33.54 65.39 -109.40
C ASP FC 88 33.69 66.75 -108.72
N MET FC 89 32.61 67.26 -108.14
CA MET FC 89 32.68 68.57 -107.49
C MET FC 89 33.67 68.54 -106.33
N TYR FC 90 33.58 67.52 -105.48
CA TYR FC 90 34.51 67.43 -104.36
C TYR FC 90 35.94 67.23 -104.83
N ARG FC 91 36.13 66.58 -105.99
CA ARG FC 91 37.48 66.41 -106.51
C ARG FC 91 38.12 67.76 -106.80
N LEU FC 92 37.34 68.73 -107.25
CA LEU FC 92 37.89 70.05 -107.57
C LEU FC 92 38.47 70.73 -106.35
N MET FC 93 38.05 70.33 -105.15
CA MET FC 93 38.49 71.00 -103.93
C MET FC 93 39.77 70.43 -103.36
N VAL FC 94 40.41 69.49 -104.05
CA VAL FC 94 41.60 68.84 -103.50
C VAL FC 94 42.72 69.85 -103.31
N TYR FC 95 43.03 70.62 -104.34
CA TYR FC 95 44.18 71.52 -104.27
C TYR FC 95 43.85 72.73 -103.41
N PRO FC 96 42.64 73.28 -103.49
CA PRO FC 96 42.28 74.32 -102.52
C PRO FC 96 42.44 73.86 -101.08
N PHE FC 97 42.14 72.59 -100.80
CA PHE FC 97 42.35 72.07 -99.47
C PHE FC 97 43.82 72.01 -99.11
N PHE FC 98 44.67 71.58 -100.06
CA PHE FC 98 46.09 71.49 -99.78
C PHE FC 98 46.67 72.85 -99.43
N GLY FC 99 46.31 73.88 -100.20
CA GLY FC 99 46.76 75.21 -99.87
C GLY FC 99 46.28 75.65 -98.50
N TYR FC 100 45.01 75.36 -98.19
CA TYR FC 100 44.47 75.72 -96.89
C TYR FC 100 45.19 74.97 -95.78
N ALA FC 101 45.41 73.67 -95.95
CA ALA FC 101 46.11 72.90 -94.93
C ALA FC 101 47.55 73.35 -94.80
N LEU FC 102 48.21 73.63 -95.91
CA LEU FC 102 49.59 74.09 -95.86
C LEU FC 102 49.71 75.42 -95.14
N LEU FC 103 48.70 76.28 -95.27
CA LEU FC 103 48.72 77.56 -94.57
C LEU FC 103 48.69 77.36 -93.06
N TYR FC 104 47.89 76.41 -92.58
CA TYR FC 104 47.84 76.17 -91.15
C TYR FC 104 49.20 75.76 -90.61
N LEU FC 105 49.91 74.89 -91.33
CA LEU FC 105 51.25 74.53 -90.91
C LEU FC 105 52.16 75.74 -90.87
N HIS FC 106 52.07 76.62 -91.86
CA HIS FC 106 52.85 77.84 -91.85
C HIS FC 106 52.47 78.72 -90.66
N SER FC 107 51.17 78.81 -90.37
CA SER FC 107 50.72 79.64 -89.25
C SER FC 107 51.33 79.17 -87.94
N ARG FC 108 51.25 77.87 -87.67
CA ARG FC 108 51.84 77.33 -86.45
C ARG FC 108 53.35 77.47 -86.46
N PHE FC 109 53.98 77.21 -87.60
CA PHE FC 109 55.42 77.29 -87.70
C PHE FC 109 55.91 78.71 -87.41
N LYS FC 110 55.19 79.71 -87.91
CA LYS FC 110 55.59 81.10 -87.68
C LYS FC 110 55.36 81.49 -86.22
N GLN FC 111 54.18 81.16 -85.69
CA GLN FC 111 53.85 81.59 -84.33
C GLN FC 111 54.79 81.00 -83.29
N ASN FC 112 55.44 79.88 -83.59
CA ASN FC 112 56.40 79.28 -82.68
C ASN FC 112 57.81 79.79 -82.90
N ASP FC 113 57.98 80.80 -83.75
CA ASP FC 113 59.28 81.43 -83.98
C ASP FC 113 60.28 80.42 -84.53
N LYS FC 114 59.81 79.43 -85.27
CA LYS FC 114 60.72 78.45 -85.85
C LYS FC 114 61.43 78.97 -87.09
N TYR FC 115 60.96 80.06 -87.68
CA TYR FC 115 61.66 80.66 -88.79
C TYR FC 115 62.89 81.44 -88.36
N ASN FC 116 62.95 81.85 -87.09
CA ASN FC 116 64.07 82.61 -86.57
C ASN FC 116 65.16 81.73 -85.98
N VAL FC 117 65.23 80.47 -86.39
CA VAL FC 117 66.23 79.56 -85.83
C VAL FC 117 67.63 80.08 -86.11
N PHE FC 118 67.89 80.54 -87.33
CA PHE FC 118 69.21 81.05 -87.67
C PHE FC 118 69.40 82.50 -87.25
N ALA FC 119 68.37 83.32 -87.41
CA ALA FC 119 68.48 84.73 -87.02
C ALA FC 119 68.66 84.88 -85.52
N LYS FC 120 68.17 83.91 -84.74
CA LYS FC 120 68.31 83.99 -83.30
C LYS FC 120 69.77 84.00 -82.88
N TRP FC 121 70.60 83.20 -83.53
CA TRP FC 121 72.00 83.05 -83.16
C TRP FC 121 72.96 83.80 -84.09
N ARG FC 122 72.44 84.67 -84.94
CA ARG FC 122 73.29 85.45 -85.83
C ARG FC 122 73.52 86.84 -85.27
N ALA GC 1 85.51 -9.94 -67.01
CA ALA GC 1 84.75 -11.15 -66.73
C ALA GC 1 83.45 -10.81 -66.00
N VAL GC 2 83.57 -10.08 -64.89
CA VAL GC 2 82.39 -9.69 -64.13
C VAL GC 2 81.50 -8.78 -64.96
N ARG GC 3 82.10 -7.92 -65.78
CA ARG GC 3 81.30 -7.02 -66.61
C ARG GC 3 80.38 -7.80 -67.55
N SER GC 4 80.89 -8.89 -68.13
CA SER GC 4 80.07 -9.67 -69.05
C SER GC 4 78.86 -10.26 -68.33
N GLN GC 5 79.06 -10.78 -67.12
CA GLN GC 5 77.95 -11.39 -66.39
C GLN GC 5 76.88 -10.36 -66.08
N ILE GC 6 77.28 -9.20 -65.58
CA ILE GC 6 76.30 -8.17 -65.22
C ILE GC 6 75.63 -7.62 -66.47
N GLU GC 7 76.39 -7.48 -67.56
CA GLU GC 7 75.81 -6.99 -68.81
C GLU GC 7 74.71 -7.94 -69.30
N ALA GC 8 74.97 -9.25 -69.25
CA ALA GC 8 73.98 -10.21 -69.70
C ALA GC 8 72.74 -10.17 -68.79
N ALA GC 9 72.96 -10.05 -67.48
CA ALA GC 9 71.82 -10.06 -66.56
C ALA GC 9 70.90 -8.89 -66.81
N VAL GC 10 71.46 -7.69 -67.01
CA VAL GC 10 70.63 -6.51 -67.25
C VAL GC 10 69.95 -6.62 -68.61
N TYR GC 11 70.65 -7.15 -69.61
CA TYR GC 11 70.06 -7.29 -70.93
C TYR GC 11 68.84 -8.19 -70.89
N LYS GC 12 68.94 -9.33 -70.20
CA LYS GC 12 67.81 -10.26 -70.14
C LYS GC 12 66.62 -9.63 -69.42
N TRP GC 13 66.88 -8.93 -68.33
CA TRP GC 13 65.78 -8.37 -67.54
C TRP GC 13 65.10 -7.19 -68.22
N THR GC 14 65.78 -6.51 -69.13
CA THR GC 14 65.23 -5.31 -69.74
C THR GC 14 64.53 -5.55 -71.06
N ARG GC 15 64.48 -6.78 -71.54
CA ARG GC 15 63.83 -7.04 -72.82
C ARG GC 15 62.35 -6.70 -72.71
N PRO GC 16 61.81 -5.83 -73.55
CA PRO GC 16 60.44 -5.36 -73.35
C PRO GC 16 59.42 -6.45 -73.62
N ARG GC 17 58.33 -6.39 -72.88
CA ARG GC 17 57.14 -7.17 -73.14
C ARG GC 17 56.19 -6.39 -74.03
N PRO GC 18 55.28 -7.08 -74.72
CA PRO GC 18 54.38 -6.38 -75.64
C PRO GC 18 53.59 -5.31 -74.91
N PRO GC 19 53.39 -4.15 -75.52
CA PRO GC 19 52.69 -3.06 -74.83
C PRO GC 19 51.22 -3.37 -74.60
N ARG GC 20 50.68 -2.77 -73.55
CA ARG GC 20 49.25 -2.87 -73.24
C ARG GC 20 48.58 -1.66 -73.88
N LEU GC 21 48.11 -1.85 -75.11
CA LEU GC 21 47.64 -0.73 -75.92
C LEU GC 21 46.53 0.03 -75.19
N GLY GC 22 46.66 1.35 -75.19
CA GLY GC 22 45.63 2.21 -74.62
C GLY GC 22 44.70 2.75 -75.69
N VAL GC 23 44.67 2.09 -76.83
CA VAL GC 23 43.84 2.49 -77.95
C VAL GC 23 43.14 1.27 -78.52
N ALA GC 24 41.97 1.50 -79.13
CA ALA GC 24 41.16 0.42 -79.68
C ALA GC 24 41.58 0.18 -81.13
N VAL GC 25 42.28 -0.92 -81.36
CA VAL GC 25 42.75 -1.28 -82.71
C VAL GC 25 42.43 -2.74 -82.97
N PRO GC 26 42.33 -3.13 -84.23
CA PRO GC 26 42.05 -4.53 -84.55
C PRO GC 26 43.29 -5.38 -84.42
N ARG GC 27 43.08 -6.70 -84.50
CA ARG GC 27 44.17 -7.66 -84.55
C ARG GC 27 44.58 -7.86 -85.99
N SER GC 28 45.89 -7.75 -86.26
CA SER GC 28 46.38 -7.96 -87.60
C SER GC 28 46.07 -9.39 -88.05
N PRO GC 29 45.62 -9.59 -89.28
CA PRO GC 29 45.30 -10.95 -89.73
C PRO GC 29 46.52 -11.85 -89.61
N PRO GC 30 46.35 -13.10 -89.21
CA PRO GC 30 47.50 -14.00 -89.08
C PRO GC 30 48.22 -14.16 -90.41
N GLY GC 31 49.55 -14.23 -90.34
CA GLY GC 31 50.35 -14.42 -91.54
C GLY GC 31 50.57 -13.17 -92.36
N THR GC 32 50.34 -12.00 -91.79
CA THR GC 32 50.56 -10.74 -92.50
C THR GC 32 51.96 -10.23 -92.21
N GLY GC 33 52.77 -10.10 -93.25
CA GLY GC 33 54.14 -9.68 -93.13
C GLY GC 33 54.33 -8.20 -93.35
N ILE GC 34 55.47 -7.84 -93.95
CA ILE GC 34 55.78 -6.44 -94.20
C ILE GC 34 54.92 -5.94 -95.35
N LEU GC 35 54.23 -4.82 -95.13
CA LEU GC 35 53.41 -4.19 -96.14
C LEU GC 35 53.87 -2.80 -96.52
N PHE GC 36 54.58 -2.10 -95.64
CA PHE GC 36 55.07 -0.76 -95.91
C PHE GC 36 56.54 -0.83 -96.32
N HIS GC 37 57.12 0.34 -96.57
CA HIS GC 37 58.48 0.46 -97.07
C HIS GC 37 59.26 1.43 -96.20
N THR GC 38 60.55 1.53 -96.46
CA THR GC 38 61.42 2.38 -95.66
C THR GC 38 61.35 3.85 -96.05
N ASN GC 39 60.65 4.20 -97.13
CA ASN GC 39 60.49 5.60 -97.49
C ASN GC 39 59.35 6.27 -96.72
N MET GC 40 58.65 5.53 -95.87
CA MET GC 40 57.65 6.14 -95.01
C MET GC 40 58.32 7.13 -94.06
N GLN GC 41 57.58 8.16 -93.68
CA GLN GC 41 58.10 9.14 -92.75
C GLN GC 41 58.67 8.43 -91.52
N THR GC 42 59.90 8.75 -91.17
CA THR GC 42 60.59 8.03 -90.10
C THR GC 42 59.81 8.14 -88.79
N ILE GC 43 59.72 7.02 -88.09
CA ILE GC 43 59.10 6.97 -86.77
C ILE GC 43 60.20 6.86 -85.74
N ARG GC 44 60.21 7.78 -84.78
CA ARG GC 44 61.33 7.88 -83.86
C ARG GC 44 61.54 6.58 -83.09
N TYR GC 45 62.80 6.21 -82.91
CA TYR GC 45 63.15 5.02 -82.15
C TYR GC 45 63.16 5.35 -80.66
N SER GC 46 62.25 4.74 -79.91
CA SER GC 46 62.04 5.04 -78.50
C SER GC 46 62.48 3.87 -77.64
N LEU GC 47 63.16 4.18 -76.53
CA LEU GC 47 63.57 3.16 -75.59
C LEU GC 47 62.36 2.55 -74.89
N SER GC 48 62.48 1.29 -74.49
CA SER GC 48 61.44 0.65 -73.72
C SER GC 48 61.43 1.21 -72.30
N PRO GC 49 60.31 1.10 -71.60
CA PRO GC 49 60.20 1.74 -70.27
C PRO GC 49 61.30 1.34 -69.30
N LYS GC 50 61.67 0.06 -69.25
CA LYS GC 50 62.70 -0.36 -68.32
C LYS GC 50 64.05 0.26 -68.65
N VAL GC 51 64.43 0.23 -69.93
CA VAL GC 51 65.70 0.80 -70.33
C VAL GC 51 65.72 2.30 -70.05
N TRP GC 52 64.61 2.97 -70.33
CA TRP GC 52 64.55 4.42 -70.11
C TRP GC 52 64.79 4.75 -68.65
N VAL GC 53 64.19 3.97 -67.75
CA VAL GC 53 64.36 4.21 -66.33
C VAL GC 53 65.80 3.99 -65.90
N LEU GC 54 66.40 2.87 -66.32
CA LEU GC 54 67.76 2.58 -65.92
C LEU GC 54 68.71 3.65 -66.41
N VAL GC 55 68.61 4.02 -67.69
CA VAL GC 55 69.47 5.05 -68.24
C VAL GC 55 69.20 6.38 -67.56
N THR GC 56 67.94 6.73 -67.41
CA THR GC 56 67.60 8.00 -66.76
C THR GC 56 68.04 8.00 -65.31
N GLY GC 57 67.85 6.89 -64.61
CA GLY GC 57 68.29 6.81 -63.22
C GLY GC 57 69.79 6.97 -63.08
N ALA GC 58 70.55 6.39 -64.00
CA ALA GC 58 72.00 6.51 -63.94
C ALA GC 58 72.43 7.96 -64.09
N ALA GC 59 71.79 8.70 -64.99
CA ALA GC 59 72.14 10.10 -65.19
C ALA GC 59 71.86 10.92 -63.94
N LEU GC 60 70.74 10.66 -63.28
CA LEU GC 60 70.44 11.38 -62.05
C LEU GC 60 71.51 11.13 -61.00
N VAL GC 61 71.94 9.87 -60.85
CA VAL GC 61 73.01 9.57 -59.92
C VAL GC 61 74.29 10.29 -60.35
N GLY GC 62 74.57 10.27 -61.66
CA GLY GC 62 75.77 10.91 -62.15
C GLY GC 62 75.80 12.40 -61.86
N VAL GC 63 74.72 13.10 -62.20
CA VAL GC 63 74.74 14.55 -62.11
C VAL GC 63 74.89 15.01 -60.66
N PHE GC 64 74.17 14.36 -59.74
CA PHE GC 64 74.28 14.75 -58.34
C PHE GC 64 75.56 14.22 -57.70
N SER GC 65 76.04 13.05 -58.13
CA SER GC 65 77.34 12.60 -57.67
C SER GC 65 78.45 13.55 -58.13
N GLY GC 66 78.34 14.05 -59.35
CA GLY GC 66 79.30 15.05 -59.81
C GLY GC 66 79.21 16.34 -59.03
N GLN GC 67 78.00 16.74 -58.65
CA GLN GC 67 77.83 17.93 -57.84
C GLN GC 67 78.53 17.79 -56.50
N ARG GC 68 78.38 16.63 -55.85
CA ARG GC 68 79.07 16.41 -54.58
C ARG GC 68 80.57 16.37 -54.78
N PHE GC 69 81.03 15.80 -55.90
CA PHE GC 69 82.46 15.75 -56.16
C PHE GC 69 83.05 17.15 -56.24
N ALA GC 70 82.37 18.06 -56.95
CA ALA GC 70 82.87 19.42 -57.08
C ALA GC 70 82.89 20.13 -55.73
N GLN GC 71 81.82 19.96 -54.94
CA GLN GC 71 81.71 20.70 -53.69
C GLN GC 71 82.73 20.24 -52.66
N THR GC 72 83.17 18.98 -52.72
CA THR GC 72 84.08 18.44 -51.73
C THR GC 72 85.55 18.49 -52.15
N VAL GC 73 85.83 18.55 -53.44
CA VAL GC 73 87.20 18.51 -53.95
C VAL GC 73 87.57 19.79 -54.66
N LEU GC 74 86.76 20.21 -55.63
CA LEU GC 74 87.11 21.36 -56.45
C LEU GC 74 86.88 22.68 -55.72
N LEU GC 75 85.82 22.77 -54.93
CA LEU GC 75 85.49 24.00 -54.22
C LEU GC 75 86.06 23.97 -52.81
N SER GC 76 86.06 25.13 -52.17
CA SER GC 76 86.60 25.29 -50.83
C SER GC 76 85.58 25.98 -49.94
N LYS GC 77 85.74 25.78 -48.64
CA LYS GC 77 84.86 26.40 -47.65
C LYS GC 77 85.40 27.76 -47.23
N ASN GC 78 84.50 28.63 -46.83
CA ASN GC 78 84.91 29.96 -46.39
C ASN GC 78 85.70 29.85 -45.10
N PRO GC 79 86.90 30.42 -45.04
CA PRO GC 79 87.58 30.54 -43.75
C PRO GC 79 86.88 31.58 -42.89
N PRO GC 80 87.12 31.59 -41.58
CA PRO GC 80 86.47 32.58 -40.73
C PRO GC 80 86.81 33.99 -41.16
N ASN GC 81 85.83 34.89 -41.02
CA ASN GC 81 86.04 36.26 -41.45
C ASN GC 81 87.19 36.89 -40.66
N PRO GC 82 87.93 37.81 -41.25
CA PRO GC 82 89.02 38.44 -40.53
C PRO GC 82 88.50 39.13 -39.29
N PRO GC 83 89.29 39.17 -38.22
CA PRO GC 83 88.82 39.87 -37.02
C PRO GC 83 88.56 41.34 -37.30
N ARG GC 84 87.53 41.86 -36.66
CA ARG GC 84 87.11 43.25 -36.84
C ARG GC 84 87.77 44.09 -35.75
N TYR GC 85 88.60 45.05 -36.17
CA TYR GC 85 89.32 45.91 -35.24
C TYR GC 85 88.84 47.34 -35.39
N ARG GC 86 88.98 48.11 -34.32
CA ARG GC 86 88.58 49.50 -34.33
C ARG GC 86 89.58 50.30 -35.16
N GLU GC 87 89.10 50.89 -36.26
CA GLU GC 87 89.94 51.66 -37.17
C GLU GC 87 89.57 53.14 -37.12
N LYS GC 88 90.49 53.96 -37.57
CA LYS GC 88 90.27 55.40 -37.62
C LYS GC 88 89.59 55.77 -38.93
N PRO GC 89 88.43 56.38 -38.92
CA PRO GC 89 87.83 56.86 -40.16
C PRO GC 89 88.57 58.08 -40.69
N PRO GC 90 88.39 58.43 -41.96
CA PRO GC 90 89.02 59.64 -42.48
C PRO GC 90 88.57 60.88 -41.73
N VAL GC 91 89.49 61.83 -41.58
CA VAL GC 91 89.21 63.00 -40.75
C VAL GC 91 88.07 63.82 -41.33
N ARG GC 92 88.10 64.05 -42.64
CA ARG GC 92 87.11 64.87 -43.31
C ARG GC 92 86.57 64.15 -44.54
N HIS GC 93 85.32 64.44 -44.86
CA HIS GC 93 84.80 64.06 -46.16
C HIS GC 93 85.55 64.83 -47.24
N PRO GC 94 85.92 64.18 -48.35
CA PRO GC 94 86.74 64.89 -49.35
C PRO GC 94 86.08 66.10 -49.96
N HIS GC 95 84.76 66.23 -49.87
CA HIS GC 95 84.03 67.35 -50.43
C HIS GC 95 83.55 68.34 -49.38
N THR GC 96 83.99 68.20 -48.14
CA THR GC 96 83.60 69.16 -47.12
C THR GC 96 84.22 70.51 -47.42
N PRO GC 97 83.44 71.59 -47.49
CA PRO GC 97 84.04 72.90 -47.75
C PRO GC 97 85.02 73.28 -46.66
N ASP GC 98 86.10 73.95 -47.06
CA ASP GC 98 87.15 74.32 -46.13
C ASP GC 98 86.89 75.69 -45.53
N SER HC 1 36.06 72.47 -25.01
CA SER HC 1 36.79 72.46 -23.76
C SER HC 1 38.29 72.30 -24.03
N PRO HC 2 39.14 72.82 -23.14
CA PRO HC 2 40.59 72.66 -23.36
C PRO HC 2 41.01 71.21 -23.50
N GLU HC 3 40.37 70.30 -22.75
CA GLU HC 3 40.75 68.90 -22.82
C GLU HC 3 40.42 68.27 -24.17
N ASP HC 4 39.62 68.94 -25.00
CA ASP HC 4 39.34 68.43 -26.33
C ASP HC 4 40.54 68.53 -27.26
N TYR HC 5 41.63 69.17 -26.82
CA TYR HC 5 42.83 69.37 -27.63
C TYR HC 5 44.01 68.84 -26.83
N PRO HC 6 44.25 67.53 -26.85
CA PRO HC 6 45.28 66.95 -25.98
C PRO HC 6 46.64 67.55 -26.23
N THR HC 7 47.39 67.76 -25.15
CA THR HC 7 48.72 68.31 -25.22
C THR HC 7 49.53 67.68 -24.10
N PRO HC 8 50.76 67.24 -24.37
CA PRO HC 8 51.59 66.69 -23.29
C PRO HC 8 51.79 67.70 -22.17
N GLN HC 9 51.85 67.19 -20.95
CA GLN HC 9 51.92 68.06 -19.78
C GLN HC 9 53.16 68.94 -19.81
N LYS HC 10 54.26 68.47 -20.40
CA LYS HC 10 55.48 69.24 -20.41
C LYS HC 10 55.31 70.57 -21.13
N TYR HC 11 54.60 70.57 -22.26
CA TYR HC 11 54.39 71.81 -23.00
C TYR HC 11 53.43 72.74 -22.28
N LEU HC 12 52.43 72.19 -21.58
CA LEU HC 12 51.55 73.04 -20.79
C LEU HC 12 52.29 73.74 -19.66
N GLU HC 13 53.45 73.22 -19.26
CA GLU HC 13 54.25 73.82 -18.20
C GLU HC 13 55.30 74.77 -18.72
N GLY HC 14 55.35 75.03 -20.03
CA GLY HC 14 56.27 76.00 -20.59
C GLY HC 14 57.40 75.42 -21.41
N ALA HC 15 57.42 74.12 -21.66
CA ALA HC 15 58.46 73.55 -22.49
C ALA HC 15 58.33 74.09 -23.92
N PRO HC 16 59.45 74.43 -24.57
CA PRO HC 16 59.35 75.00 -25.93
C PRO HC 16 58.89 73.95 -26.92
N ILE HC 17 57.93 74.34 -27.77
CA ILE HC 17 57.40 73.46 -28.79
C ILE HC 17 58.40 73.37 -29.94
N PRO HC 18 58.66 72.20 -30.51
CA PRO HC 18 59.64 72.11 -31.59
C PRO HC 18 59.21 72.87 -32.82
N SER HC 19 60.20 73.31 -33.59
CA SER HC 19 60.00 73.96 -34.87
C SER HC 19 60.52 73.06 -35.98
N TRP HC 20 60.17 73.40 -37.21
CA TRP HC 20 60.53 72.62 -38.38
C TRP HC 20 61.46 73.44 -39.28
N TYR HC 21 62.43 72.75 -39.89
CA TYR HC 21 63.41 73.38 -40.76
C TYR HC 21 63.29 72.76 -42.14
N SER HC 22 63.30 73.60 -43.16
CA SER HC 22 63.12 73.17 -44.54
C SER HC 22 64.32 73.61 -45.37
N PHE HC 23 64.79 72.73 -46.24
CA PHE HC 23 65.88 73.06 -47.14
C PHE HC 23 65.62 72.41 -48.50
N GLN HC 24 66.35 72.89 -49.50
CA GLN HC 24 66.16 72.48 -50.88
C GLN HC 24 67.39 71.74 -51.37
N SER HC 25 67.18 70.61 -52.03
CA SER HC 25 68.26 69.78 -52.55
C SER HC 25 68.25 69.86 -54.08
N ASN HC 26 69.37 70.30 -54.65
CA ASN HC 26 69.48 70.51 -56.10
C ASN HC 26 70.68 69.74 -56.64
N LEU HC 27 70.56 69.31 -57.89
CA LEU HC 27 71.67 68.65 -58.56
C LEU HC 27 72.85 69.59 -58.69
N VAL HC 28 74.05 69.05 -58.57
CA VAL HC 28 75.26 69.80 -58.82
C VAL HC 28 75.51 69.82 -60.33
N GLY HC 29 75.64 71.02 -60.88
CA GLY HC 29 75.78 71.16 -62.32
C GLY HC 29 77.10 70.57 -62.82
N ASP HC 30 77.11 70.28 -64.12
CA ASP HC 30 78.30 69.67 -64.71
C ASP HC 30 79.51 70.58 -64.55
N MET HC 31 79.33 71.88 -64.73
CA MET HC 31 80.46 72.80 -64.62
C MET HC 31 80.86 73.05 -63.17
N ASP HC 32 80.00 72.72 -62.21
CA ASP HC 32 80.32 72.89 -60.79
C ASP HC 32 80.79 71.61 -60.13
N LEU HC 33 80.89 70.50 -60.87
CA LEU HC 33 81.33 69.25 -60.28
C LEU HC 33 82.77 69.33 -59.82
N LYS HC 34 83.07 68.69 -58.72
CA LYS HC 34 84.41 68.58 -58.16
C LYS HC 34 85.02 67.25 -58.57
N PRO HC 35 86.33 67.08 -58.35
CA PRO HC 35 87.00 65.89 -58.89
C PRO HC 35 86.39 64.56 -58.46
N GLY HC 36 85.87 64.46 -57.24
CA GLY HC 36 85.40 63.19 -56.74
C GLY HC 36 83.90 62.97 -56.80
N MET HC 37 83.12 63.97 -57.20
CA MET HC 37 81.67 63.84 -57.18
C MET HC 37 81.20 62.90 -58.27
N ALA HC 38 80.05 62.28 -58.04
CA ALA HC 38 79.43 61.37 -59.00
C ALA HC 38 78.47 62.16 -59.89
N ARG HC 39 78.75 62.18 -61.18
CA ARG HC 39 77.91 62.94 -62.10
C ARG HC 39 76.51 62.36 -62.17
N MET HC 40 75.51 63.24 -62.20
CA MET HC 40 74.09 62.95 -62.29
C MET HC 40 73.51 62.48 -60.96
N LEU HC 41 74.32 62.31 -59.91
CA LEU HC 41 73.83 61.79 -58.64
C LEU HC 41 74.10 62.68 -57.45
N GLU HC 42 75.10 63.56 -57.52
CA GLU HC 42 75.42 64.42 -56.39
C GLU HC 42 74.41 65.57 -56.29
N VAL HC 43 74.23 66.06 -55.07
CA VAL HC 43 73.35 67.19 -54.79
C VAL HC 43 74.09 68.18 -53.91
N ASP HC 44 73.58 69.42 -53.89
CA ASP HC 44 74.22 70.47 -53.11
C ASP HC 44 73.93 70.34 -51.62
N LYS HC 45 72.75 69.89 -51.24
CA LYS HC 45 72.39 69.67 -49.84
C LYS HC 45 71.80 68.27 -49.70
N ARG HC 46 72.49 67.41 -48.94
CA ARG HC 46 72.02 66.05 -48.71
C ARG HC 46 71.07 66.00 -47.51
N LEU HC 47 70.33 64.91 -47.43
CA LEU HC 47 69.45 64.62 -46.30
C LEU HC 47 70.18 63.67 -45.37
N THR HC 48 70.48 64.13 -44.15
CA THR HC 48 71.12 63.31 -43.14
C THR HC 48 70.05 62.71 -42.23
N VAL HC 49 70.15 61.41 -42.00
CA VAL HC 49 69.21 60.71 -41.12
C VAL HC 49 69.98 59.83 -40.15
N PRO HC 50 69.45 59.56 -38.96
CA PRO HC 50 70.11 58.65 -38.03
C PRO HC 50 69.90 57.19 -38.42
N THR HC 51 70.90 56.38 -38.13
CA THR HC 51 70.80 54.94 -38.38
C THR HC 51 70.22 54.24 -37.16
N ARG HC 52 69.67 53.04 -37.40
CA ARG HC 52 69.07 52.23 -36.34
C ARG HC 52 67.96 53.00 -35.63
N THR HC 53 67.13 53.67 -36.41
CA THR HC 53 66.00 54.43 -35.91
C THR HC 53 64.83 54.22 -36.87
N HIS HC 54 63.64 54.05 -36.32
CA HIS HC 54 62.45 53.96 -37.15
C HIS HC 54 62.05 55.36 -37.60
N ILE HC 55 62.01 55.58 -38.90
CA ILE HC 55 61.72 56.89 -39.48
C ILE HC 55 60.50 56.78 -40.36
N ARG HC 56 59.68 57.84 -40.35
CA ARG HC 56 58.49 57.93 -41.17
C ARG HC 56 58.71 59.00 -42.24
N PHE HC 57 58.71 58.58 -43.50
CA PHE HC 57 58.81 59.50 -44.63
C PHE HC 57 57.41 59.76 -45.17
N LEU HC 58 57.02 61.03 -45.22
CA LEU HC 58 55.77 61.45 -45.83
C LEU HC 58 56.11 62.17 -47.13
N ILE HC 59 55.68 61.59 -48.25
CA ILE HC 59 56.14 62.00 -49.58
C ILE HC 59 54.94 62.48 -50.38
N THR HC 60 55.04 63.70 -50.93
CA THR HC 60 54.03 64.24 -51.82
C THR HC 60 54.73 65.02 -52.93
N GLY HC 61 53.97 65.39 -53.95
CA GLY HC 61 54.49 66.20 -55.04
C GLY HC 61 53.70 67.48 -55.21
N ALA HC 62 54.40 68.61 -55.32
CA ALA HC 62 53.72 69.91 -55.34
C ALA HC 62 53.04 70.20 -56.67
N ASP HC 63 53.72 69.93 -57.79
CA ASP HC 63 53.24 70.38 -59.09
C ASP HC 63 52.86 69.23 -60.01
N VAL HC 64 53.79 68.30 -60.27
CA VAL HC 64 53.54 67.14 -61.11
C VAL HC 64 53.95 65.92 -60.30
N ILE HC 65 53.73 64.74 -60.89
CA ILE HC 65 54.11 63.50 -60.21
C ILE HC 65 55.61 63.30 -60.37
N HIS HC 66 56.31 63.22 -59.25
CA HIS HC 66 57.67 62.73 -59.17
C HIS HC 66 57.64 61.42 -58.39
N SER HC 67 58.78 60.75 -58.32
CA SER HC 67 58.86 59.54 -57.51
C SER HC 67 60.18 59.54 -56.75
N TRP HC 68 60.09 59.36 -55.43
CA TRP HC 68 61.25 59.39 -54.55
C TRP HC 68 61.78 57.97 -54.42
N SER HC 69 62.92 57.70 -55.04
CA SER HC 69 63.50 56.37 -55.08
C SER HC 69 64.87 56.40 -54.42
N VAL HC 70 65.08 55.50 -53.46
CA VAL HC 70 66.39 55.23 -52.90
C VAL HC 70 66.58 53.72 -52.93
N PRO HC 71 67.17 53.17 -53.99
CA PRO HC 71 67.18 51.70 -54.13
C PRO HC 71 67.76 50.96 -52.95
N SER HC 72 68.80 51.49 -52.30
CA SER HC 72 69.41 50.77 -51.19
C SER HC 72 68.47 50.68 -49.99
N LEU HC 73 67.64 51.70 -49.77
CA LEU HC 73 66.68 51.67 -48.68
C LEU HC 73 65.39 50.96 -49.06
N GLY HC 74 65.28 50.46 -50.28
CA GLY HC 74 64.08 49.76 -50.70
C GLY HC 74 62.84 50.63 -50.75
N ILE HC 75 62.99 51.88 -51.18
CA ILE HC 75 61.89 52.84 -51.21
C ILE HC 75 61.71 53.31 -52.65
N LYS HC 76 60.48 53.22 -53.15
CA LYS HC 76 60.12 53.87 -54.41
C LYS HC 76 58.65 54.27 -54.28
N CYS HC 77 58.42 55.51 -53.89
CA CYS HC 77 57.09 56.02 -53.61
C CYS HC 77 56.80 57.20 -54.53
N ASP HC 78 55.67 57.15 -55.22
CA ASP HC 78 55.30 58.23 -56.12
C ASP HC 78 54.90 59.47 -55.32
N ALA HC 79 55.47 60.61 -55.70
CA ALA HC 79 55.13 61.90 -55.10
C ALA HC 79 54.01 62.52 -55.93
N THR HC 80 52.78 62.17 -55.60
CA THR HC 80 51.63 62.60 -56.36
C THR HC 80 50.96 63.81 -55.71
N PRO HC 81 50.60 64.84 -56.46
CA PRO HC 81 49.82 65.93 -55.85
C PRO HC 81 48.51 65.40 -55.27
N GLY HC 82 48.23 65.78 -54.03
CA GLY HC 82 47.02 65.37 -53.37
C GLY HC 82 47.12 64.09 -52.55
N ARG HC 83 48.26 63.42 -52.55
CA ARG HC 83 48.44 62.20 -51.77
C ARG HC 83 49.73 62.34 -50.94
N LEU HC 84 49.58 62.29 -49.62
CA LEU HC 84 50.72 62.38 -48.70
C LEU HC 84 51.07 60.96 -48.25
N VAL HC 85 51.75 60.23 -49.12
CA VAL HC 85 52.00 58.81 -48.86
C VAL HC 85 53.00 58.64 -47.72
N LYS HC 86 52.80 57.59 -46.94
CA LYS HC 86 53.59 57.30 -45.74
C LYS HC 86 54.47 56.09 -46.01
N ILE HC 87 55.78 56.26 -45.78
CA ILE HC 87 56.75 55.17 -45.94
C ILE HC 87 57.58 55.10 -44.67
N ASN HC 88 57.73 53.91 -44.12
CA ASN HC 88 58.52 53.67 -42.91
C ASN HC 88 59.80 52.91 -43.27
N THR HC 89 60.89 53.27 -42.61
CA THR HC 89 62.18 52.63 -42.87
C THR HC 89 62.97 52.52 -41.59
N PHE HC 90 63.96 51.62 -41.60
CA PHE HC 90 64.84 51.38 -40.47
C PHE HC 90 66.22 51.08 -41.03
N ILE HC 91 67.11 52.06 -41.00
CA ILE HC 91 68.42 51.94 -41.63
C ILE HC 91 69.35 51.18 -40.70
N GLN HC 92 70.00 50.14 -41.22
CA GLN HC 92 70.83 49.26 -40.42
C GLN HC 92 72.31 49.62 -40.45
N ARG HC 93 72.81 50.21 -41.53
CA ARG HC 93 74.22 50.53 -41.65
C ARG HC 93 74.39 51.96 -42.12
N GLU HC 94 75.49 52.58 -41.71
CA GLU HC 94 75.82 53.92 -42.16
C GLU HC 94 76.24 53.90 -43.62
N GLY HC 95 76.04 55.02 -44.30
CA GLY HC 95 76.42 55.14 -45.68
C GLY HC 95 75.70 56.29 -46.34
N VAL HC 96 75.99 56.45 -47.63
CA VAL HC 96 75.35 57.45 -48.48
C VAL HC 96 74.67 56.71 -49.61
N PHE HC 97 73.36 56.88 -49.72
CA PHE HC 97 72.54 56.14 -50.67
C PHE HC 97 71.99 57.09 -51.72
N TYR HC 98 72.26 56.79 -52.98
CA TYR HC 98 71.88 57.66 -54.09
C TYR HC 98 70.65 57.13 -54.80
N GLY HC 99 69.86 58.06 -55.33
CA GLY HC 99 68.66 57.70 -56.06
C GLY HC 99 68.31 58.78 -57.06
N GLN HC 100 67.32 58.49 -57.89
CA GLN HC 100 66.88 59.40 -58.94
C GLN HC 100 65.36 59.41 -58.98
N CYS HC 101 64.79 60.51 -59.47
CA CYS HC 101 63.36 60.58 -59.67
C CYS HC 101 62.92 59.50 -60.65
N SER HC 102 61.86 58.79 -60.31
CA SER HC 102 61.40 57.64 -61.08
C SER HC 102 60.00 57.86 -61.64
N GLU HC 103 59.67 59.10 -62.00
CA GLU HC 103 58.44 59.39 -62.71
C GLU HC 103 58.75 60.55 -63.65
N LEU HC 104 58.54 60.36 -64.95
CA LEU HC 104 58.77 61.44 -65.89
C LEU HC 104 58.01 62.68 -65.46
N CYS HC 105 58.72 63.79 -65.35
CA CYS HC 105 58.15 64.99 -64.75
C CYS HC 105 58.46 66.27 -65.52
N GLY HC 106 59.11 66.18 -66.67
CA GLY HC 106 59.37 67.37 -67.46
C GLY HC 106 60.74 67.36 -68.08
N THR HC 107 61.26 68.55 -68.36
CA THR HC 107 62.52 68.67 -69.09
C THR HC 107 63.65 68.02 -68.33
N LEU HC 108 63.73 68.25 -67.03
CA LEU HC 108 64.88 67.84 -66.22
C LEU HC 108 64.51 66.71 -65.27
N HIS HC 109 63.70 65.76 -65.75
CA HIS HC 109 63.41 64.58 -64.97
C HIS HC 109 64.68 63.84 -64.56
N ALA HC 110 65.69 63.86 -65.42
CA ALA HC 110 66.92 63.13 -65.18
C ALA HC 110 67.89 63.89 -64.29
N PHE HC 111 67.53 65.08 -63.81
CA PHE HC 111 68.47 65.96 -63.13
C PHE HC 111 67.97 66.38 -61.75
N MET HC 112 67.22 65.52 -61.08
CA MET HC 112 66.81 65.74 -59.69
C MET HC 112 67.11 64.48 -58.91
N PRO HC 113 68.38 64.24 -58.58
CA PRO HC 113 68.75 63.03 -57.86
C PRO HC 113 68.42 63.13 -56.38
N ILE HC 114 68.45 61.98 -55.73
CA ILE HC 114 68.15 61.85 -54.31
C ILE HC 114 69.39 61.29 -53.62
N VAL HC 115 69.88 62.00 -52.61
CA VAL HC 115 71.04 61.57 -51.84
C VAL HC 115 70.64 61.57 -50.37
N VAL HC 116 70.78 60.42 -49.72
CA VAL HC 116 70.51 60.27 -48.29
C VAL HC 116 71.76 59.69 -47.65
N GLU HC 117 72.24 60.35 -46.60
CA GLU HC 117 73.40 59.90 -45.85
C GLU HC 117 72.94 59.50 -44.46
N ALA HC 118 73.22 58.26 -44.08
CA ALA HC 118 72.87 57.74 -42.77
C ALA HC 118 74.12 57.73 -41.89
N VAL HC 119 74.02 58.33 -40.71
CA VAL HC 119 75.13 58.47 -39.79
C VAL HC 119 74.70 57.94 -38.43
N SER HC 120 75.67 57.83 -37.53
CA SER HC 120 75.37 57.33 -36.20
C SER HC 120 74.42 58.30 -35.49
N PRO HC 121 73.58 57.79 -34.59
CA PRO HC 121 72.66 58.70 -33.89
C PRO HC 121 73.37 59.84 -33.18
N GLU HC 122 74.52 59.58 -32.57
CA GLU HC 122 75.27 60.66 -31.93
C GLU HC 122 75.74 61.68 -32.97
N ALA HC 123 76.21 61.19 -34.12
CA ALA HC 123 76.64 62.11 -35.18
C ALA HC 123 75.45 62.91 -35.71
N PHE HC 124 74.30 62.27 -35.86
CA PHE HC 124 73.13 62.99 -36.37
C PHE HC 124 72.68 64.06 -35.38
N ALA HC 125 72.71 63.76 -34.09
CA ALA HC 125 72.27 64.74 -33.10
C ALA HC 125 73.13 65.99 -33.15
N ALA HC 126 74.46 65.83 -33.26
CA ALA HC 126 75.34 66.97 -33.39
C ALA HC 126 75.08 67.72 -34.69
N HIS HC 127 74.89 66.98 -35.78
CA HIS HC 127 74.62 67.62 -37.07
C HIS HC 127 73.31 68.40 -37.04
N ALA HC 128 72.27 67.80 -36.48
CA ALA HC 128 70.98 68.47 -36.44
C ALA HC 128 71.05 69.77 -35.65
N LYS HC 129 71.74 69.74 -34.51
CA LYS HC 129 71.83 70.94 -33.68
C LYS HC 129 72.55 72.06 -34.42
N LYS HC 130 73.64 71.74 -35.11
CA LYS HC 130 74.40 72.78 -35.80
C LYS HC 130 73.60 73.39 -36.95
N TRP HC 131 72.89 72.57 -37.71
CA TRP HC 131 72.09 73.05 -38.83
C TRP HC 131 70.60 73.07 -38.48
N ASP IC 1 74.11 51.14 -52.49
CA ASP IC 1 74.27 52.57 -52.31
C ASP IC 1 74.33 53.28 -53.66
N ILE IC 2 75.26 52.86 -54.51
CA ILE IC 2 75.46 53.50 -55.81
C ILE IC 2 75.77 52.44 -56.85
N PRO IC 3 75.35 52.66 -58.10
CA PRO IC 3 75.67 51.69 -59.15
C PRO IC 3 77.18 51.57 -59.37
N TRP IC 4 77.60 50.37 -59.74
CA TRP IC 4 78.99 50.09 -60.04
C TRP IC 4 79.11 49.43 -61.40
N PRO IC 5 80.25 49.60 -62.06
CA PRO IC 5 80.35 49.20 -63.48
C PRO IC 5 80.23 47.70 -63.67
N ALA IC 6 79.57 47.32 -64.76
CA ALA IC 6 79.53 45.93 -65.22
C ALA IC 6 79.11 44.98 -64.11
N ARG IC 7 78.05 45.33 -63.41
CA ARG IC 7 77.52 44.53 -62.32
C ARG IC 7 76.17 43.96 -62.70
N THR IC 8 76.03 42.65 -62.59
CA THR IC 8 74.73 42.04 -62.82
C THR IC 8 73.74 42.42 -61.73
N ASP IC 9 74.14 42.30 -60.46
CA ASP IC 9 73.29 42.67 -59.33
C ASP IC 9 71.92 42.03 -59.45
N TRP IC 10 71.89 40.78 -59.89
CA TRP IC 10 70.63 40.11 -60.16
C TRP IC 10 69.77 40.05 -58.91
N GLY IC 11 68.63 40.73 -58.93
CA GLY IC 11 67.75 40.77 -57.79
C GLY IC 11 67.96 41.94 -56.86
N GLY IC 12 68.99 42.74 -57.05
CA GLY IC 12 69.31 43.86 -56.19
C GLY IC 12 70.69 43.72 -55.56
N HIS IC 13 71.10 44.80 -54.91
CA HIS IC 13 72.41 44.79 -54.27
C HIS IC 13 72.43 45.81 -53.14
N ASP IC 14 73.30 45.56 -52.16
CA ASP IC 14 73.59 46.49 -51.09
C ASP IC 14 72.34 46.98 -50.36
N PRO IC 15 71.55 46.08 -49.79
CA PRO IC 15 70.44 46.52 -48.93
C PRO IC 15 70.96 47.20 -47.67
N ALA IC 16 70.18 48.16 -47.19
CA ALA IC 16 70.51 48.85 -45.95
C ALA IC 16 69.38 48.85 -44.95
N THR IC 17 68.23 48.28 -45.29
CA THR IC 17 67.08 48.19 -44.41
C THR IC 17 66.57 46.77 -44.44
N PRO IC 18 65.88 46.33 -43.39
CA PRO IC 18 65.29 44.99 -43.44
C PRO IC 18 64.33 44.81 -44.60
N PHE IC 19 63.62 45.86 -44.99
CA PHE IC 19 62.73 45.74 -46.14
C PHE IC 19 63.51 45.55 -47.43
N ALA IC 20 64.68 46.19 -47.54
CA ALA IC 20 65.50 46.01 -48.73
C ALA IC 20 65.94 44.55 -48.88
N GLU IC 21 66.32 43.91 -47.78
CA GLU IC 21 66.66 42.49 -47.83
C GLU IC 21 65.46 41.66 -48.28
N LEU IC 22 64.27 42.02 -47.81
CA LEU IC 22 63.08 41.27 -48.20
C LEU IC 22 62.87 41.30 -49.70
N MET IC 23 63.11 42.45 -50.32
CA MET IC 23 62.95 42.56 -51.77
C MET IC 23 63.91 41.63 -52.50
N ILE IC 24 65.17 41.56 -52.05
CA ILE IC 24 66.14 40.71 -52.71
C ILE IC 24 65.82 39.24 -52.49
N ASN IC 25 65.44 38.88 -51.26
CA ASN IC 25 65.15 37.48 -50.98
C ASN IC 25 63.94 37.01 -51.77
N THR IC 26 62.92 37.86 -51.93
CA THR IC 26 61.74 37.47 -52.69
C THR IC 26 62.11 37.13 -54.13
N HIS IC 27 62.96 37.95 -54.77
CA HIS IC 27 63.37 37.66 -56.13
C HIS IC 27 64.19 36.38 -56.21
N SER IC 28 65.12 36.19 -55.27
CA SER IC 28 65.91 34.98 -55.25
C SER IC 28 65.06 33.75 -54.98
N MET IC 29 64.01 33.90 -54.18
CA MET IC 29 63.11 32.78 -53.92
C MET IC 29 62.43 32.31 -55.19
N PHE IC 30 62.00 33.23 -56.03
CA PHE IC 30 61.28 32.86 -57.25
C PHE IC 30 62.20 32.57 -58.42
N TRP IC 31 63.44 33.04 -58.37
CA TRP IC 31 64.33 32.87 -59.51
C TRP IC 31 64.49 31.41 -59.92
N PRO IC 32 64.76 30.47 -59.02
CA PRO IC 32 64.87 29.07 -59.45
C PRO IC 32 63.59 28.54 -60.07
N VAL IC 33 62.42 28.99 -59.61
CA VAL IC 33 61.18 28.56 -60.24
C VAL IC 33 61.12 29.05 -61.68
N ALA IC 34 61.55 30.29 -61.91
CA ALA IC 34 61.54 30.83 -63.26
C ALA IC 34 62.43 29.99 -64.19
N ILE IC 35 63.61 29.59 -63.70
CA ILE IC 35 64.48 28.75 -64.50
C ILE IC 35 63.81 27.43 -64.83
N PHE IC 36 63.16 26.82 -63.84
CA PHE IC 36 62.48 25.56 -64.07
C PHE IC 36 61.42 25.70 -65.16
N ILE IC 37 60.66 26.79 -65.11
CA ILE IC 37 59.61 27.01 -66.11
C ILE IC 37 60.22 27.14 -67.50
N TYR IC 38 61.32 27.88 -67.61
CA TYR IC 38 61.95 28.09 -68.90
C TYR IC 38 62.58 26.81 -69.42
N VAL IC 39 63.40 26.15 -68.60
CA VAL IC 39 64.14 24.98 -69.05
C VAL IC 39 63.19 23.86 -69.46
N SER IC 40 62.18 23.60 -68.62
CA SER IC 40 61.26 22.51 -68.90
C SER IC 40 60.55 22.72 -70.23
N ALA IC 41 60.12 23.95 -70.51
CA ALA IC 41 59.41 24.23 -71.76
C ALA IC 41 60.37 24.20 -72.95
N ILE IC 42 61.53 24.83 -72.81
CA ILE IC 42 62.43 24.98 -73.96
C ILE IC 42 62.99 23.64 -74.39
N TYR IC 43 63.23 22.74 -73.44
CA TYR IC 43 63.79 21.44 -73.77
C TYR IC 43 62.92 20.68 -74.77
N MET IC 44 61.63 20.98 -74.82
CA MET IC 44 60.70 20.28 -75.69
C MET IC 44 60.40 21.03 -76.98
N VAL IC 45 61.11 22.12 -77.26
CA VAL IC 45 60.95 22.83 -78.51
C VAL IC 45 61.82 22.14 -79.57
N LYS IC 46 61.23 21.18 -80.27
CA LYS IC 46 61.98 20.34 -81.21
C LYS IC 46 60.98 19.50 -81.97
N LYS IC 47 61.46 18.88 -83.04
CA LYS IC 47 60.63 17.96 -83.81
C LYS IC 47 60.54 16.61 -83.09
N LYS JC 1 72.56 16.86 -111.66
CA LYS JC 1 72.45 17.73 -112.82
C LYS JC 1 72.04 19.12 -112.41
N SER JC 2 72.24 20.09 -113.30
CA SER JC 2 71.81 21.46 -113.09
C SER JC 2 70.49 21.65 -113.83
N TYR JC 3 69.41 21.82 -113.08
CA TYR JC 3 68.10 21.99 -113.69
C TYR JC 3 67.93 23.36 -114.34
N TYR JC 4 68.74 24.34 -113.96
CA TYR JC 4 68.62 25.66 -114.57
C TYR JC 4 68.99 25.61 -116.05
N ASP JC 5 69.96 24.78 -116.42
CA ASP JC 5 70.37 24.69 -117.81
C ASP JC 5 69.26 24.16 -118.71
N ASP JC 6 68.28 23.45 -118.15
CA ASP JC 6 67.19 22.92 -118.96
C ASP JC 6 66.34 24.04 -119.54
N PHE JC 7 66.05 25.08 -118.75
CA PHE JC 7 65.22 26.19 -119.20
C PHE JC 7 66.01 27.50 -119.28
N LYS JC 8 67.32 27.41 -119.51
CA LYS JC 8 68.11 28.61 -119.75
C LYS JC 8 67.62 29.34 -121.00
N ASP JC 9 67.26 28.59 -122.04
CA ASP JC 9 66.88 29.20 -123.30
C ASP JC 9 65.69 30.14 -123.12
N ARG JC 10 64.71 29.72 -122.32
CA ARG JC 10 63.51 30.55 -122.15
C ARG JC 10 63.85 31.90 -121.53
N LEU JC 11 64.90 31.96 -120.71
CA LEU JC 11 65.23 33.17 -119.97
C LEU JC 11 66.31 33.92 -120.75
N LYS JC 12 65.88 34.87 -121.56
CA LYS JC 12 66.79 35.74 -122.30
C LYS JC 12 67.07 36.99 -121.47
N PRO JC 13 68.34 37.32 -121.21
CA PRO JC 13 68.63 38.49 -120.38
C PRO JC 13 68.00 39.76 -120.95
N GLY JC 14 67.56 40.63 -120.05
CA GLY JC 14 66.87 41.83 -120.46
C GLY JC 14 67.81 42.91 -120.97
N LYS JC 15 67.21 43.89 -121.65
CA LYS JC 15 67.94 45.00 -122.25
C LYS JC 15 67.78 46.30 -121.47
N TYR JC 16 66.55 46.73 -121.22
CA TYR JC 16 66.30 47.98 -120.52
C TYR JC 16 66.19 47.74 -119.02
N THR JC 17 66.51 48.76 -118.25
CA THR JC 17 66.32 48.70 -116.81
C THR JC 17 64.85 48.81 -116.48
N GLN JC 18 64.34 47.86 -115.69
CA GLN JC 18 62.94 47.76 -115.31
C GLN JC 18 62.04 47.43 -116.49
N GLY JC 19 62.59 47.04 -117.62
CA GLY JC 19 61.80 46.52 -118.72
C GLY JC 19 61.18 47.53 -119.64
N ARG JC 20 61.46 48.82 -119.46
CA ARG JC 20 60.89 49.86 -120.30
C ARG JC 20 61.99 50.72 -120.89
N CYS JC 21 61.84 51.07 -122.17
CA CYS JC 21 62.68 52.07 -122.78
C CYS JC 21 62.26 53.45 -122.27
N PRO JC 22 63.11 54.46 -122.45
CA PRO JC 22 62.70 55.82 -122.08
C PRO JC 22 61.43 56.21 -122.79
N GLN JC 23 60.57 56.97 -122.09
CA GLN JC 23 59.28 57.34 -122.65
C GLN JC 23 59.44 58.08 -123.97
N SER JC 24 60.55 58.80 -124.16
CA SER JC 24 60.77 59.50 -125.42
C SER JC 24 60.87 58.51 -126.58
N GLU JC 25 61.58 57.40 -126.38
CA GLU JC 25 61.70 56.41 -127.45
C GLU JC 25 60.38 55.71 -127.70
N GLY JC 26 59.65 55.36 -126.65
CA GLY JC 26 58.35 54.75 -126.79
C GLY JC 26 57.41 55.16 -125.68
N ASP JC 27 56.25 55.71 -126.04
CA ASP JC 27 55.33 56.27 -125.06
C ASP JC 27 54.42 55.16 -124.57
N TYR JC 28 54.81 54.54 -123.47
CA TYR JC 28 54.01 53.48 -122.87
C TYR JC 28 52.82 54.01 -122.09
N ARG JC 29 52.74 55.32 -121.87
CA ARG JC 29 51.62 55.88 -121.14
C ARG JC 29 50.35 55.97 -121.99
N GLN JC 30 50.49 56.06 -123.30
CA GLN JC 30 49.33 56.20 -124.16
C GLN JC 30 48.57 54.89 -124.28
N GLU JC 31 47.27 54.99 -124.58
CA GLU JC 31 46.47 53.80 -124.83
C GLU JC 31 46.86 53.18 -126.17
N SER JC 32 46.82 51.85 -126.22
CA SER JC 32 47.16 51.15 -127.45
C SER JC 32 46.09 51.38 -128.50
N LYS JC 33 46.51 51.53 -129.75
CA LYS JC 33 45.60 51.69 -130.87
C LYS JC 33 45.21 50.37 -131.50
N THR JC 34 45.80 49.26 -131.06
CA THR JC 34 45.48 47.96 -131.63
C THR JC 34 44.02 47.62 -131.38
N ILE JC 35 43.37 47.06 -132.41
CA ILE JC 35 41.97 46.69 -132.26
C ILE JC 35 41.83 45.63 -131.19
N GLY JC 36 40.82 45.79 -130.34
CA GLY JC 36 40.60 44.85 -129.25
C GLY JC 36 41.45 45.09 -128.04
N ARG JC 37 42.28 46.13 -128.03
CA ARG JC 37 43.15 46.44 -126.90
C ARG JC 37 42.91 47.86 -126.39
N GLU JC 38 41.71 48.39 -126.61
CA GLU JC 38 41.42 49.76 -126.22
C GLU JC 38 41.46 49.93 -124.71
N HIS JC 39 41.36 48.86 -123.94
CA HIS JC 39 41.41 48.92 -122.50
C HIS JC 39 42.82 48.78 -121.95
N LEU JC 40 43.82 48.67 -122.81
CA LEU JC 40 45.20 48.45 -122.39
C LEU JC 40 46.08 49.59 -122.89
N ASN JC 41 47.17 49.83 -122.17
CA ASN JC 41 48.20 50.74 -122.63
C ASN JC 41 49.12 50.03 -123.63
N ASP JC 42 50.07 50.78 -124.18
CA ASP JC 42 50.97 50.19 -125.16
C ASP JC 42 51.82 49.09 -124.53
N ASP JC 43 52.29 49.30 -123.30
CA ASP JC 43 53.11 48.32 -122.61
C ASP JC 43 52.31 47.17 -122.04
N GLY JC 44 50.99 47.18 -122.19
CA GLY JC 44 50.15 46.08 -121.76
C GLY JC 44 49.41 46.33 -120.46
N THR JC 45 49.79 47.34 -119.69
CA THR JC 45 49.07 47.64 -118.46
C THR JC 45 47.70 48.26 -118.77
N ARG JC 46 46.77 48.10 -117.84
CA ARG JC 46 45.43 48.64 -118.03
C ARG JC 46 45.46 50.15 -118.06
N SER JC 47 44.71 50.73 -118.98
CA SER JC 47 44.69 52.18 -119.15
C SER JC 47 43.87 52.84 -118.06
N LYS JC 48 44.27 54.07 -117.71
CA LYS JC 48 43.54 54.81 -116.69
C LYS JC 48 42.11 55.07 -117.12
N ARG JC 49 41.87 55.25 -118.41
CA ARG JC 49 40.51 55.44 -118.88
C ARG JC 49 39.64 54.25 -118.54
N TYR JC 50 40.15 53.04 -118.74
CA TYR JC 50 39.36 51.84 -118.50
C TYR JC 50 39.10 51.64 -117.01
N THR JC 51 40.07 51.93 -116.17
CA THR JC 51 39.98 51.59 -114.74
C THR JC 51 39.53 52.74 -113.86
N VAL JC 52 39.76 53.99 -114.26
CA VAL JC 52 39.49 55.12 -113.38
C VAL JC 52 38.52 56.09 -114.03
N LYS JC 53 38.94 56.69 -115.15
CA LYS JC 53 38.18 57.81 -115.70
C LYS JC 53 36.80 57.38 -116.20
N GLU JC 54 36.69 56.17 -116.75
CA GLU JC 54 35.43 55.66 -117.27
C GLU JC 54 35.17 54.26 -116.74
N ALA JC 55 35.35 54.08 -115.44
CA ALA JC 55 35.13 52.78 -114.82
C ALA JC 55 33.66 52.39 -114.92
N ASP JC 56 33.42 51.12 -115.28
CA ASP JC 56 32.04 50.68 -115.49
C ASP JC 56 31.25 50.70 -114.18
N ALA JC 57 31.91 50.51 -113.04
CA ALA JC 57 31.20 50.57 -111.77
C ALA JC 57 30.63 51.94 -111.49
N LEU JC 58 31.08 52.97 -112.19
CA LEU JC 58 30.58 54.32 -112.01
C LEU JC 58 29.48 54.69 -113.00
N GLY JC 59 29.04 53.74 -113.82
CA GLY JC 59 27.97 53.98 -114.77
C GLY JC 59 28.42 54.20 -116.19
N TYR JC 60 29.71 54.06 -116.48
CA TYR JC 60 30.21 54.22 -117.84
C TYR JC 60 30.10 52.90 -118.59
N HIS JC 61 29.79 52.98 -119.87
CA HIS JC 61 29.72 51.80 -120.74
C HIS JC 61 28.84 50.73 -120.12
N TYR JC 62 27.59 51.12 -119.86
CA TYR JC 62 26.63 50.21 -119.26
C TYR JC 62 26.27 49.11 -120.25
N HIS JC 63 26.53 47.86 -119.86
CA HIS JC 63 26.26 46.71 -120.73
C HIS JC 63 25.92 45.51 -119.86
N PRO JC 64 24.64 45.27 -119.61
CA PRO JC 64 24.24 44.13 -118.78
C PRO JC 64 24.65 42.82 -119.44
N PRO JC 65 25.37 41.94 -118.71
CA PRO JC 65 25.80 40.68 -119.33
C PRO JC 65 24.68 39.68 -119.51
N ILE JC 66 23.79 39.54 -118.52
CA ILE JC 66 22.77 38.50 -118.57
C ILE JC 66 21.79 38.81 -119.69
N ASP JC 67 21.29 37.75 -120.34
CA ASP JC 67 20.43 37.90 -121.50
C ASP JC 67 18.97 37.89 -121.07
N LYS JC 68 18.05 37.85 -122.05
CA LYS JC 68 16.63 37.92 -121.75
C LYS JC 68 16.18 36.74 -120.89
N LYS JC 69 16.66 35.55 -121.22
CA LYS JC 69 16.26 34.34 -120.51
C LYS JC 69 17.02 34.13 -119.20
N GLY JC 70 17.73 35.14 -118.72
CA GLY JC 70 18.47 34.99 -117.48
C GLY JC 70 19.60 33.99 -117.57
N GLN JC 71 20.32 33.96 -118.69
CA GLN JC 71 21.38 32.98 -118.92
C GLN JC 71 22.66 33.71 -119.28
N VAL JC 72 23.78 33.07 -118.97
CA VAL JC 72 25.10 33.53 -119.37
C VAL JC 72 25.85 32.34 -119.95
N TYR JC 73 26.81 32.63 -120.84
CA TYR JC 73 27.54 31.56 -121.48
C TYR JC 73 28.31 30.74 -120.46
N VAL JC 74 28.20 29.42 -120.58
CA VAL JC 74 28.88 28.47 -119.69
C VAL JC 74 29.52 27.40 -120.58
N LYS JC 75 30.79 27.12 -120.32
CA LYS JC 75 31.52 26.11 -121.09
C LYS JC 75 31.27 24.74 -120.48
N GLY JC 76 30.90 23.78 -121.33
CA GLY JC 76 30.56 22.45 -120.86
C GLY JC 76 31.77 21.60 -120.60
N PRO JC 77 31.53 20.47 -119.94
CA PRO JC 77 32.62 19.54 -119.67
C PRO JC 77 32.98 18.71 -120.89
N ASN JC 78 34.16 18.09 -120.82
CA ASN JC 78 34.62 17.19 -121.87
C ASN JC 78 33.96 15.84 -121.65
N THR JC 79 32.86 15.59 -122.34
CA THR JC 79 32.08 14.38 -122.13
C THR JC 79 32.47 13.30 -123.11
N VAL JC 80 32.45 12.06 -122.64
CA VAL JC 80 32.74 10.89 -123.45
C VAL JC 80 31.76 9.79 -123.08
N ILE JC 81 31.27 9.06 -124.08
CA ILE JC 81 30.35 7.95 -123.86
C ILE JC 81 31.06 6.67 -124.23
N GLU JC 82 31.20 5.77 -123.25
CA GLU JC 82 31.88 4.51 -123.44
C GLU JC 82 31.33 3.50 -122.45
N ARG JC 83 31.34 2.23 -122.85
CA ARG JC 83 30.90 1.15 -121.97
C ARG JC 83 29.51 1.42 -121.42
N GLY JC 84 28.64 1.96 -122.26
CA GLY JC 84 27.28 2.25 -121.84
C GLY JC 84 27.20 3.20 -120.68
N GLN JC 85 28.03 4.25 -120.69
CA GLN JC 85 28.05 5.22 -119.61
C GLN JC 85 28.61 6.52 -120.14
N THR JC 86 28.06 7.64 -119.68
CA THR JC 86 28.55 8.95 -120.04
C THR JC 86 29.58 9.40 -119.01
N TRP JC 87 30.81 9.63 -119.46
CA TRP JC 87 31.91 9.98 -118.59
C TRP JC 87 32.32 11.42 -118.83
N ILE JC 88 32.91 12.04 -117.81
CA ILE JC 88 33.48 13.38 -117.89
C ILE JC 88 34.97 13.25 -117.60
N LYS JC 89 35.79 13.71 -118.53
CA LYS JC 89 37.24 13.70 -118.36
C LYS JC 89 37.66 15.05 -117.77
N GLY JC 90 38.27 15.01 -116.60
CA GLY JC 90 38.66 16.25 -115.95
C GLY JC 90 39.86 16.89 -116.62
N TYR JC 91 39.96 18.20 -116.47
CA TYR JC 91 41.06 18.95 -117.04
C TYR JC 91 42.28 18.87 -116.13
N GLU JC 92 43.35 18.27 -116.64
CA GLU JC 92 44.59 18.17 -115.90
C GLU JC 92 45.47 19.39 -116.19
N LEU JC 93 46.06 19.95 -115.15
CA LEU JC 93 46.89 21.12 -115.33
C LEU JC 93 48.15 20.76 -116.11
N PRO JC 94 48.74 21.70 -116.82
CA PRO JC 94 49.94 21.41 -117.61
C PRO JC 94 51.12 21.03 -116.71
N SER JC 95 52.11 20.41 -117.33
CA SER JC 95 53.30 20.00 -116.59
C SER JC 95 53.93 21.20 -115.90
N MET JC 96 54.39 20.98 -114.67
CA MET JC 96 54.98 22.07 -113.92
C MET JC 96 56.25 22.60 -114.56
N GLU JC 97 56.86 21.84 -115.48
CA GLU JC 97 58.00 22.39 -116.21
C GLU JC 97 57.57 23.55 -117.10
N TYR JC 98 56.41 23.43 -117.73
CA TYR JC 98 55.93 24.51 -118.59
C TYR JC 98 55.70 25.78 -117.80
N THR JC 99 55.10 25.66 -116.61
CA THR JC 99 54.75 26.85 -115.83
C THR JC 99 55.91 27.33 -114.97
N TYR JC 100 56.71 26.43 -114.41
CA TYR JC 100 57.81 26.81 -113.52
C TYR JC 100 59.17 26.70 -114.17
N GLY JC 101 59.39 25.69 -115.01
CA GLY JC 101 60.62 25.59 -115.76
C GLY JC 101 61.43 24.34 -115.48
N PRO JC 102 61.59 23.97 -114.21
CA PRO JC 102 62.37 22.77 -113.90
C PRO JC 102 61.76 21.53 -114.54
N LYS JC 103 62.63 20.64 -115.00
CA LYS JC 103 62.17 19.39 -115.60
C LYS JC 103 61.71 18.44 -114.50
N GLN JC 104 60.54 17.87 -114.68
CA GLN JC 104 59.90 17.07 -113.63
C GLN JC 104 60.47 15.64 -113.68
N GLU JC 105 61.67 15.50 -113.12
CA GLU JC 105 62.32 14.21 -113.04
C GLU JC 105 63.11 14.15 -111.75
N ASP JC 106 63.40 12.93 -111.30
CA ASP JC 106 64.14 12.71 -110.07
C ASP JC 106 63.46 13.40 -108.89
N ILE JC 107 62.14 13.32 -108.85
CA ILE JC 107 61.39 13.96 -107.76
C ILE JC 107 61.59 13.14 -106.49
N PRO JC 108 61.94 13.76 -105.36
CA PRO JC 108 62.05 12.99 -104.12
C PRO JC 108 60.72 12.34 -103.76
N PHE JC 109 60.81 11.18 -103.14
CA PHE JC 109 59.61 10.40 -102.82
C PHE JC 109 59.04 10.86 -101.48
N TYR JC 110 57.77 11.22 -101.48
CA TYR JC 110 57.05 11.58 -100.26
C TYR JC 110 55.79 10.73 -100.22
N PRO JC 111 55.71 9.72 -99.35
CA PRO JC 111 54.59 8.78 -99.40
C PRO JC 111 53.32 9.37 -98.79
N ARG JC 112 52.21 8.73 -99.11
CA ARG JC 112 50.96 9.05 -98.43
C ARG JC 112 51.05 8.61 -96.97
N VAL JC 113 50.60 9.48 -96.07
CA VAL JC 113 50.52 9.15 -94.65
C VAL JC 113 49.37 9.95 -94.06
N LYS JC 114 48.59 9.29 -93.22
CA LYS JC 114 47.46 9.97 -92.60
C LYS JC 114 47.94 10.87 -91.46
N LEU JC 115 47.03 11.68 -90.96
CA LEU JC 115 47.40 12.73 -90.02
C LEU JC 115 48.11 12.16 -88.80
N ASN JC 116 49.15 12.86 -88.36
CA ASN JC 116 49.87 12.51 -87.14
C ASN JC 116 49.03 12.97 -85.96
N VAL JC 117 48.52 12.02 -85.17
CA VAL JC 117 47.57 12.31 -84.11
C VAL JC 117 48.08 11.70 -82.80
N TRP JC 118 47.88 12.43 -81.71
CA TRP JC 118 48.19 11.90 -80.38
C TRP JC 118 47.10 10.91 -79.95
N GLY JC 119 47.51 9.74 -79.48
CA GLY JC 119 46.61 8.71 -79.04
C GLY JC 119 46.62 8.53 -77.53
N ASN JC 120 45.99 7.44 -77.10
CA ASN JC 120 45.88 7.10 -75.68
C ASN JC 120 45.13 8.19 -74.92
N TYR JC 121 43.84 8.30 -75.25
CA TYR JC 121 42.96 9.29 -74.62
C TYR JC 121 43.20 9.44 -73.13
N ASN JC 122 43.33 8.32 -72.41
CA ASN JC 122 43.54 8.40 -70.96
C ASN JC 122 44.82 9.15 -70.64
N LEU JC 123 45.91 8.83 -71.33
CA LEU JC 123 47.18 9.52 -71.09
C LEU JC 123 47.08 10.99 -71.48
N VAL JC 124 46.42 11.28 -72.60
CA VAL JC 124 46.36 12.64 -73.10
C VAL JC 124 45.59 13.54 -72.13
N MET JC 125 44.51 13.03 -71.55
CA MET JC 125 43.73 13.84 -70.61
C MET JC 125 44.56 14.23 -69.40
N LYS JC 126 45.41 13.32 -68.91
CA LYS JC 126 46.26 13.64 -67.78
C LYS JC 126 47.26 14.73 -68.16
N VAL JC 127 47.80 14.67 -69.38
CA VAL JC 127 48.73 15.70 -69.81
C VAL JC 127 48.04 17.06 -69.85
N GLU JC 128 46.83 17.12 -70.41
CA GLU JC 128 46.08 18.37 -70.43
C GLU JC 128 45.81 18.85 -69.01
N PHE JC 129 45.49 17.92 -68.10
CA PHE JC 129 45.29 18.31 -66.71
C PHE JC 129 46.55 18.94 -66.13
N LEU JC 130 47.71 18.34 -66.38
CA LEU JC 130 48.94 18.89 -65.85
C LEU JC 130 49.24 20.27 -66.44
N PHE JC 131 48.97 20.45 -67.73
CA PHE JC 131 49.22 21.75 -68.35
C PHE JC 131 48.49 22.86 -67.61
N PHE JC 132 47.36 22.56 -67.01
CA PHE JC 132 46.57 23.57 -66.32
C PHE JC 132 46.98 23.73 -64.87
N TYR JC 133 47.18 22.63 -64.15
CA TYR JC 133 47.33 22.71 -62.70
C TYR JC 133 48.78 22.79 -62.23
N LEU JC 134 49.74 22.34 -63.03
CA LEU JC 134 51.13 22.63 -62.68
C LEU JC 134 51.37 24.13 -62.60
N PRO JC 135 50.95 24.94 -63.58
CA PRO JC 135 51.02 26.39 -63.39
C PRO JC 135 50.20 26.88 -62.21
N THR JC 136 49.07 26.22 -61.91
CA THR JC 136 48.25 26.64 -60.79
C THR JC 136 48.97 26.40 -59.46
N ILE JC 137 49.64 25.26 -59.32
CA ILE JC 137 50.38 24.98 -58.10
C ILE JC 137 51.49 26.00 -57.90
N ILE JC 138 52.18 26.35 -58.99
CA ILE JC 138 53.22 27.37 -58.89
C ILE JC 138 52.62 28.68 -58.40
N VAL JC 139 51.46 29.06 -58.94
CA VAL JC 139 50.81 30.29 -58.49
C VAL JC 139 50.48 30.21 -57.01
N PHE JC 140 49.95 29.07 -56.55
CA PHE JC 140 49.64 28.94 -55.14
C PHE JC 140 50.89 29.06 -54.29
N GLY JC 141 52.01 28.51 -54.76
CA GLY JC 141 53.25 28.63 -54.01
C GLY JC 141 53.69 30.07 -53.86
N ILE JC 142 53.40 30.92 -54.84
CA ILE JC 142 53.77 32.32 -54.76
C ILE JC 142 52.79 33.11 -53.89
N CYS JC 143 51.53 32.68 -53.86
CA CYS JC 143 50.49 33.49 -53.21
C CYS JC 143 50.82 33.79 -51.75
N ILE JC 144 51.15 32.75 -50.98
CA ILE JC 144 51.42 32.96 -49.56
C ILE JC 144 52.58 33.92 -49.36
N PRO JC 145 53.72 33.79 -50.03
CA PRO JC 145 54.76 34.81 -49.89
C PRO JC 145 54.28 36.21 -50.23
N VAL JC 146 53.41 36.33 -51.24
CA VAL JC 146 52.94 37.64 -51.66
C VAL JC 146 52.16 38.31 -50.53
N TYR JC 147 51.27 37.56 -49.88
CA TYR JC 147 50.51 38.14 -48.78
C TYR JC 147 51.44 38.61 -47.67
N THR JC 148 52.42 37.79 -47.31
CA THR JC 148 53.29 38.12 -46.20
C THR JC 148 54.06 39.41 -46.46
N ILE JC 149 54.65 39.53 -47.64
CA ILE JC 149 55.48 40.69 -47.94
C ILE JC 149 54.63 41.95 -48.04
N ASN JC 150 53.41 41.83 -48.56
CA ASN JC 150 52.53 42.98 -48.58
C ASN JC 150 52.22 43.47 -47.17
N PHE JC 151 51.97 42.55 -46.24
CA PHE JC 151 51.71 42.95 -44.86
C PHE JC 151 52.94 43.61 -44.24
N ALA JC 152 54.14 43.18 -44.62
CA ALA JC 152 55.34 43.78 -44.05
C ALA JC 152 55.46 45.24 -44.45
N GLN JC 153 55.10 45.57 -45.69
CA GLN JC 153 55.20 46.95 -46.15
C GLN JC 153 54.30 47.87 -45.33
N GLU JC 154 53.09 47.43 -45.02
CA GLU JC 154 52.09 48.26 -44.36
C GLU JC 154 52.03 48.06 -42.85
N GLU JC 155 52.99 47.36 -42.27
CA GLU JC 155 52.97 47.15 -40.83
C GLU JC 155 53.04 48.48 -40.10
N VAL JC 156 52.25 48.59 -39.03
CA VAL JC 156 52.26 49.78 -38.18
C VAL JC 156 53.50 49.73 -37.29
N ILE JC 157 54.31 50.77 -37.36
CA ILE JC 157 55.60 50.81 -36.68
C ILE JC 157 55.61 51.98 -35.72
N TYR JC 158 56.38 51.86 -34.65
CA TYR JC 158 56.52 52.91 -33.65
C TYR JC 158 57.66 53.83 -34.09
N THR JC 159 57.38 54.67 -35.07
CA THR JC 159 58.34 55.64 -35.54
C THR JC 159 58.50 56.77 -34.54
N THR JC 160 59.72 57.30 -34.45
CA THR JC 160 60.03 58.40 -33.55
C THR JC 160 60.47 59.66 -34.25
N MET JC 161 60.68 59.62 -35.56
CA MET JC 161 61.17 60.75 -36.34
C MET JC 161 60.40 60.84 -37.64
N THR JC 162 60.09 62.05 -38.07
CA THR JC 162 59.37 62.29 -39.31
C THR JC 162 60.19 63.18 -40.21
N VAL JC 163 60.31 62.80 -41.48
CA VAL JC 163 60.93 63.60 -42.51
C VAL JC 163 59.89 63.80 -43.62
N LYS JC 164 59.59 65.06 -43.94
CA LYS JC 164 58.65 65.39 -44.99
C LYS JC 164 59.41 65.74 -46.25
N VAL JC 165 59.03 65.12 -47.36
CA VAL JC 165 59.71 65.28 -48.64
C VAL JC 165 58.70 65.82 -49.65
N THR JC 166 59.06 66.92 -50.31
CA THR JC 166 58.23 67.51 -51.35
C THR JC 166 58.99 67.53 -52.66
N GLY JC 167 58.37 66.99 -53.71
CA GLY JC 167 58.96 67.00 -55.03
C GLY JC 167 58.49 68.21 -55.83
N ARG JC 168 59.45 68.94 -56.40
CA ARG JC 168 59.16 70.11 -57.19
C ARG JC 168 60.00 70.05 -58.47
N GLN JC 169 59.60 70.83 -59.47
CA GLN JC 169 60.31 70.89 -60.75
C GLN JC 169 61.45 71.90 -60.64
N TRP JC 170 62.71 71.45 -60.66
CA TRP JC 170 63.13 70.05 -60.59
C TRP JC 170 64.16 69.91 -59.48
N TYR JC 171 63.65 69.74 -58.27
CA TYR JC 171 64.48 69.64 -57.07
C TYR JC 171 63.62 69.04 -55.98
N TRP JC 172 64.26 68.64 -54.89
CA TRP JC 172 63.58 68.06 -53.75
C TRP JC 172 63.70 68.98 -52.54
N VAL JC 173 62.60 69.14 -51.81
CA VAL JC 173 62.56 69.95 -50.61
C VAL JC 173 62.34 69.04 -49.42
N TYR JC 174 63.16 69.21 -48.39
CA TYR JC 174 63.12 68.38 -47.19
C TYR JC 174 62.80 69.25 -45.99
N GLU JC 175 61.84 68.81 -45.17
CA GLU JC 175 61.48 69.50 -43.94
C GLU JC 175 61.71 68.56 -42.77
N VAL JC 176 62.48 69.01 -41.78
CA VAL JC 176 62.84 68.20 -40.64
C VAL JC 176 62.61 69.00 -39.37
N GLU JC 177 62.42 68.29 -38.27
CA GLU JC 177 62.18 68.92 -36.98
C GLU JC 177 63.49 69.36 -36.38
N SER JC 178 63.63 70.64 -36.10
CA SER JC 178 64.86 71.14 -35.51
C SER JC 178 64.89 70.84 -34.02
N PRO JC 179 66.02 70.37 -33.49
CA PRO JC 179 66.09 70.07 -32.06
C PRO JC 179 65.97 71.34 -31.22
N THR JC 180 65.41 71.17 -30.02
CA THR JC 180 65.22 72.28 -29.10
C THR JC 180 66.50 72.56 -28.32
N PHE KC 1 41.03 52.28 -109.23
CA PHE KC 1 41.26 53.32 -108.24
C PHE KC 1 42.24 52.83 -107.19
N TYR KC 2 42.64 53.71 -106.30
CA TYR KC 2 43.56 53.36 -105.23
C TYR KC 2 43.02 53.71 -103.86
N ILE KC 3 42.29 54.81 -103.73
CA ILE KC 3 41.77 55.26 -102.45
C ILE KC 3 40.31 54.83 -102.31
N LEU KC 4 39.61 54.73 -103.43
CA LEU KC 4 38.19 54.38 -103.40
C LEU KC 4 37.94 52.89 -103.21
N VAL KC 5 38.98 52.07 -103.23
CA VAL KC 5 38.79 50.61 -103.21
C VAL KC 5 38.17 50.20 -101.88
N ASN KC 6 37.15 49.34 -101.95
CA ASN KC 6 36.54 48.75 -100.76
C ASN KC 6 36.92 47.30 -100.54
N ASN KC 7 37.62 46.67 -101.49
CA ASN KC 7 37.99 45.28 -101.34
C ASN KC 7 38.77 45.10 -100.04
N ASN KC 8 38.33 44.14 -99.22
CA ASN KC 8 38.96 43.95 -97.91
C ASN KC 8 40.39 43.49 -98.06
N LYS KC 9 40.66 42.64 -99.05
CA LYS KC 9 42.04 42.17 -99.25
C LYS KC 9 42.96 43.32 -99.64
N ARG KC 10 42.48 44.23 -100.49
CA ARG KC 10 43.28 45.41 -100.79
C ARG KC 10 43.51 46.24 -99.53
N ILE KC 11 42.47 46.43 -98.73
CA ILE KC 11 42.61 47.23 -97.53
C ILE KC 11 43.57 46.56 -96.56
N GLY KC 12 43.55 45.24 -96.49
CA GLY KC 12 44.52 44.54 -95.66
C GLY KC 12 45.94 44.84 -96.07
N ILE KC 13 46.20 44.88 -97.39
CA ILE KC 13 47.53 45.24 -97.87
C ILE KC 13 47.87 46.66 -97.46
N TYR KC 14 46.91 47.58 -97.58
CA TYR KC 14 47.17 48.97 -97.22
C TYR KC 14 47.56 49.08 -95.75
N TYR KC 15 46.92 48.31 -94.88
CA TYR KC 15 47.29 48.33 -93.46
C TYR KC 15 48.73 47.89 -93.27
N ILE KC 16 49.15 46.82 -93.97
CA ILE KC 16 50.52 46.36 -93.85
C ILE KC 16 51.48 47.38 -94.43
N LYS KC 17 51.15 47.94 -95.58
CA LYS KC 17 52.03 48.94 -96.19
C LYS KC 17 52.17 50.16 -95.29
N LEU KC 18 51.05 50.65 -94.74
CA LEU KC 18 51.11 51.85 -93.91
C LEU KC 18 51.90 51.61 -92.63
N SER KC 19 51.77 50.41 -92.06
CA SER KC 19 52.50 50.11 -90.82
C SER KC 19 54.01 50.12 -91.06
N ILE KC 20 54.45 49.61 -92.21
CA ILE KC 20 55.87 49.64 -92.53
C ILE KC 20 56.36 51.07 -92.69
N ILE KC 21 55.59 51.89 -93.40
CA ILE KC 21 55.99 53.29 -93.60
C ILE KC 21 56.10 53.99 -92.25
N ILE KC 22 55.07 53.89 -91.42
CA ILE KC 22 55.13 54.49 -90.10
C ILE KC 22 56.19 53.80 -89.26
N GLY KC 23 56.47 52.53 -89.53
CA GLY KC 23 57.51 51.83 -88.80
C GLY KC 23 58.87 52.48 -88.95
N ILE KC 24 59.13 53.08 -90.11
CA ILE KC 24 60.42 53.73 -90.33
C ILE KC 24 60.61 54.88 -89.35
N LEU KC 25 59.58 55.71 -89.19
CA LEU KC 25 59.66 56.80 -88.23
C LEU KC 25 59.82 56.26 -86.81
N GLY KC 26 59.09 55.21 -86.48
CA GLY KC 26 59.26 54.58 -85.18
C GLY KC 26 60.66 54.04 -84.98
N ILE KC 27 61.22 53.41 -86.02
CA ILE KC 27 62.59 52.92 -85.95
C ILE KC 27 63.57 54.08 -85.81
N VAL KC 28 63.35 55.17 -86.55
CA VAL KC 28 64.20 56.34 -86.43
C VAL KC 28 64.18 56.85 -84.99
N LEU KC 29 62.98 56.99 -84.42
CA LEU KC 29 62.89 57.46 -83.05
C LEU KC 29 63.60 56.51 -82.11
N SER KC 30 63.45 55.20 -82.32
CA SER KC 30 64.14 54.23 -81.49
C SER KC 30 65.65 54.33 -81.65
N TYR KC 31 66.10 54.60 -82.87
CA TYR KC 31 67.54 54.72 -83.11
C TYR KC 31 68.11 55.98 -82.45
N ILE KC 32 67.33 57.06 -82.42
CA ILE KC 32 67.79 58.27 -81.76
C ILE KC 32 68.05 58.01 -80.29
N ILE KC 33 67.21 57.17 -79.67
CA ILE KC 33 67.32 56.94 -78.23
C ILE KC 33 68.62 56.20 -77.91
N ARG KC 34 68.88 55.09 -78.60
CA ARG KC 34 70.03 54.27 -78.26
C ARG KC 34 71.34 54.96 -78.60
N VAL KC 35 71.34 55.84 -79.61
CA VAL KC 35 72.53 56.62 -79.90
C VAL KC 35 72.82 57.57 -78.74
N GLU KC 36 71.78 58.20 -78.20
CA GLU KC 36 71.98 59.11 -77.09
C GLU KC 36 72.46 58.38 -75.85
N LEU KC 37 71.93 57.18 -75.61
CA LEU KC 37 72.28 56.39 -74.44
C LEU KC 37 73.56 55.59 -74.61
N TYR KC 38 74.36 55.88 -75.63
CA TYR KC 38 75.60 55.15 -75.82
C TYR KC 38 76.55 55.38 -74.65
N ASN KC 39 76.64 56.61 -74.16
CA ASN KC 39 77.50 56.91 -73.03
C ASN KC 39 76.95 58.15 -72.33
N SER KC 40 77.45 58.39 -71.12
CA SER KC 40 77.05 59.58 -70.38
C SER KC 40 77.50 60.83 -71.11
N GLY KC 41 76.70 61.88 -70.99
CA GLY KC 41 76.94 63.12 -71.72
C GLY KC 41 76.18 63.15 -73.02
N ASN KC 42 75.87 64.37 -73.47
CA ASN KC 42 75.08 64.54 -74.68
C ASN KC 42 75.85 64.06 -75.91
N ARG KC 43 75.15 63.41 -76.82
CA ARG KC 43 75.74 62.88 -78.04
C ARG KC 43 75.11 63.46 -79.30
N ILE KC 44 73.78 63.50 -79.38
CA ILE KC 44 73.10 64.03 -80.56
C ILE KC 44 72.00 65.00 -80.14
N ILE KC 45 71.72 65.11 -78.85
CA ILE KC 45 70.71 66.01 -78.32
C ILE KC 45 71.39 66.97 -77.37
N LYS KC 46 71.22 68.27 -77.60
CA LYS KC 46 71.81 69.28 -76.74
C LYS KC 46 71.21 69.20 -75.35
N TYR KC 47 72.00 69.59 -74.35
CA TYR KC 47 71.46 69.70 -73.00
C TYR KC 47 70.34 70.74 -72.95
N ASP KC 48 70.49 71.83 -73.70
CA ASP KC 48 69.44 72.84 -73.76
C ASP KC 48 68.21 72.37 -74.53
N ASN KC 49 68.29 71.22 -75.20
CA ASN KC 49 67.20 70.69 -76.00
C ASN KC 49 66.72 69.35 -75.45
N VAL KC 50 66.79 69.16 -74.14
CA VAL KC 50 66.39 67.88 -73.56
C VAL KC 50 64.91 67.63 -73.80
N ASN KC 51 64.12 68.68 -74.00
CA ASN KC 51 62.71 68.49 -74.28
C ASN KC 51 62.48 67.60 -75.49
N TYR KC 52 63.37 67.67 -76.48
CA TYR KC 52 63.18 66.87 -77.67
C TYR KC 52 63.24 65.39 -77.34
N TYR KC 53 64.16 64.99 -76.46
CA TYR KC 53 64.27 63.58 -76.11
C TYR KC 53 62.96 63.08 -75.50
N ASN KC 54 62.34 63.88 -74.64
CA ASN KC 54 61.06 63.48 -74.07
C ASN KC 54 60.01 63.27 -75.14
N MET KC 55 60.06 64.06 -76.21
CA MET KC 55 59.13 63.87 -77.31
C MET KC 55 59.46 62.60 -78.08
N VAL KC 56 60.74 62.28 -78.22
CA VAL KC 56 61.14 61.10 -78.98
C VAL KC 56 60.59 59.84 -78.33
N ILE KC 57 60.75 59.72 -77.01
CA ILE KC 57 60.27 58.53 -76.33
C ILE KC 57 58.75 58.49 -76.34
N THR KC 58 58.11 59.66 -76.22
CA THR KC 58 56.65 59.71 -76.24
C THR KC 58 56.09 59.26 -77.58
N LEU KC 59 56.70 59.72 -78.67
CA LEU KC 59 56.22 59.32 -79.99
C LEU KC 59 56.61 57.91 -80.33
N HIS KC 60 57.84 57.52 -79.98
CA HIS KC 60 58.25 56.14 -80.20
C HIS KC 60 57.25 55.16 -79.62
N GLY KC 61 56.83 55.40 -78.37
CA GLY KC 61 55.86 54.52 -77.75
C GLY KC 61 54.50 54.59 -78.42
N LEU KC 62 54.02 55.81 -78.70
CA LEU KC 62 52.69 55.96 -79.27
C LEU KC 62 52.62 55.38 -80.68
N LEU KC 63 53.57 55.76 -81.54
CA LEU KC 63 53.51 55.32 -82.93
C LEU KC 63 53.60 53.80 -83.01
N MET KC 64 54.53 53.22 -82.27
CA MET KC 64 54.73 51.78 -82.38
C MET KC 64 53.49 51.01 -81.96
N ILE KC 65 52.83 51.46 -80.90
CA ILE KC 65 51.67 50.73 -80.39
C ILE KC 65 50.45 50.94 -81.29
N PHE KC 66 50.02 52.20 -81.42
CA PHE KC 66 48.72 52.46 -82.05
C PHE KC 66 48.82 52.52 -83.57
N TYR KC 67 49.97 52.89 -84.12
CA TYR KC 67 50.09 53.13 -85.54
C TYR KC 67 50.85 52.05 -86.29
N ILE KC 68 51.52 51.13 -85.61
CA ILE KC 68 52.38 50.17 -86.28
C ILE KC 68 51.96 48.74 -85.97
N ILE KC 69 52.03 48.36 -84.70
CA ILE KC 69 51.74 46.97 -84.35
C ILE KC 69 50.25 46.69 -84.40
N MET KC 70 49.45 47.57 -83.80
CA MET KC 70 48.02 47.32 -83.78
C MET KC 70 47.41 47.28 -85.18
N PRO KC 71 47.68 48.25 -86.07
CA PRO KC 71 47.18 48.09 -87.44
C PRO KC 71 47.73 46.86 -88.13
N GLY KC 72 48.99 46.51 -87.88
CA GLY KC 72 49.57 45.37 -88.57
C GLY KC 72 48.94 44.05 -88.17
N LEU KC 73 48.73 43.86 -86.87
CA LEU KC 73 48.21 42.59 -86.38
C LEU KC 73 46.69 42.57 -86.32
N TYR KC 74 46.05 43.70 -86.04
CA TYR KC 74 44.60 43.74 -85.94
C TYR KC 74 43.91 44.29 -87.17
N GLY KC 75 44.63 45.03 -88.02
CA GLY KC 75 44.03 45.57 -89.22
C GLY KC 75 44.52 44.91 -90.50
N GLY KC 76 45.80 44.56 -90.54
CA GLY KC 76 46.38 44.07 -91.77
C GLY KC 76 46.06 42.63 -92.09
N ILE KC 77 46.58 41.70 -91.29
CA ILE KC 77 46.33 40.28 -91.54
C ILE KC 77 44.85 39.96 -91.41
N PRO KC 78 44.14 40.40 -90.37
CA PRO KC 78 42.73 40.04 -90.24
C PRO KC 78 41.88 40.46 -91.42
N LEU KC 79 42.09 41.67 -91.95
CA LEU KC 79 41.28 42.10 -93.08
C LEU KC 79 41.57 41.29 -94.34
N TYR KC 80 42.71 40.62 -94.40
CA TYR KC 80 43.05 39.86 -95.59
C TYR KC 80 42.49 38.44 -95.55
N ILE KC 81 42.68 37.73 -94.44
CA ILE KC 81 42.36 36.31 -94.39
C ILE KC 81 41.08 36.03 -93.61
N LEU KC 82 40.68 36.89 -92.69
CA LEU KC 82 39.52 36.58 -91.86
C LEU KC 82 38.29 36.29 -92.68
N PRO KC 83 37.91 37.10 -93.67
CA PRO KC 83 36.79 36.70 -94.53
C PRO KC 83 37.08 35.47 -95.35
N ILE KC 84 38.34 35.11 -95.56
CA ILE KC 84 38.66 33.86 -96.25
C ILE KC 84 38.55 32.69 -95.29
N LEU KC 85 39.07 32.84 -94.06
CA LEU KC 85 38.92 31.77 -93.08
C LEU KC 85 37.46 31.47 -92.83
N SER KC 86 36.64 32.50 -92.71
CA SER KC 86 35.21 32.32 -92.85
C SER KC 86 34.88 32.00 -94.31
N VAL KC 87 33.78 31.27 -94.51
CA VAL KC 87 33.40 30.87 -95.86
C VAL KC 87 32.78 32.02 -96.65
N ILE KC 88 32.70 33.22 -96.08
CA ILE KC 88 32.06 34.36 -96.73
C ILE KC 88 32.99 34.93 -97.79
N THR KC 89 32.46 35.81 -98.64
CA THR KC 89 33.22 36.38 -99.74
C THR KC 89 34.04 37.59 -99.30
N ASP KC 90 33.38 38.61 -98.76
CA ASP KC 90 34.03 39.86 -98.40
C ASP KC 90 33.62 40.27 -96.99
N ILE KC 91 34.21 41.36 -96.51
CA ILE KC 91 33.88 41.88 -95.19
C ILE KC 91 32.43 42.36 -95.17
N VAL KC 92 31.83 42.30 -94.00
CA VAL KC 92 30.40 42.61 -93.86
C VAL KC 92 30.14 44.08 -94.19
N LEU KC 93 30.95 44.98 -93.64
CA LEU KC 93 30.75 46.41 -93.81
C LEU KC 93 31.86 46.97 -94.69
N PRO KC 94 31.71 46.91 -96.01
CA PRO KC 94 32.82 47.32 -96.88
C PRO KC 94 33.19 48.80 -96.76
N ARG KC 95 32.19 49.69 -96.72
CA ARG KC 95 32.49 51.12 -96.69
C ARG KC 95 33.18 51.50 -95.38
N ILE KC 96 32.77 50.91 -94.27
CA ILE KC 96 33.43 51.20 -93.00
C ILE KC 96 34.89 50.77 -93.07
N ASN KC 97 35.17 49.65 -93.73
CA ASN KC 97 36.53 49.17 -93.84
C ASN KC 97 37.41 50.18 -94.56
N ASN KC 98 36.87 50.83 -95.60
CA ASN KC 98 37.64 51.82 -96.34
C ASN KC 98 37.99 53.02 -95.45
N ILE KC 99 37.01 53.54 -94.72
CA ILE KC 99 37.24 54.75 -93.96
C ILE KC 99 38.20 54.50 -92.81
N SER KC 100 38.25 53.28 -92.30
CA SER KC 100 39.12 52.99 -91.15
C SER KC 100 40.59 53.18 -91.50
N ILE KC 101 41.02 52.70 -92.66
CA ILE KC 101 42.42 52.87 -93.03
C ILE KC 101 42.70 54.34 -93.33
N ILE KC 102 41.76 55.04 -93.95
CA ILE KC 102 41.96 56.46 -94.24
C ILE KC 102 42.08 57.24 -92.93
N ILE KC 103 41.28 56.87 -91.93
CA ILE KC 103 41.34 57.55 -90.64
C ILE KC 103 42.71 57.37 -90.01
N VAL KC 104 43.27 56.16 -90.10
CA VAL KC 104 44.58 55.91 -89.51
C VAL KC 104 45.63 56.81 -90.16
N LEU KC 105 45.58 56.95 -91.49
CA LEU KC 105 46.56 57.78 -92.17
C LEU KC 105 46.44 59.24 -91.73
N ILE KC 106 45.21 59.76 -91.68
CA ILE KC 106 45.04 61.18 -91.35
C ILE KC 106 45.55 61.46 -89.95
N SER KC 107 45.29 60.55 -89.02
CA SER KC 107 45.80 60.74 -87.66
C SER KC 107 47.32 60.71 -87.63
N TYR KC 108 47.93 59.87 -88.46
CA TYR KC 108 49.38 59.85 -88.54
C TYR KC 108 49.92 61.17 -89.06
N ILE KC 109 49.28 61.72 -90.10
CA ILE KC 109 49.74 62.99 -90.66
C ILE KC 109 49.62 64.10 -89.63
N VAL KC 110 48.56 64.07 -88.83
CA VAL KC 110 48.39 65.08 -87.79
C VAL KC 110 49.52 64.98 -86.77
N VAL KC 111 49.89 63.75 -86.39
CA VAL KC 111 50.92 63.58 -85.38
C VAL KC 111 52.26 64.09 -85.89
N ILE KC 112 52.66 63.66 -87.09
CA ILE KC 112 53.98 64.04 -87.59
C ILE KC 112 54.02 65.52 -87.92
N ASN KC 113 52.91 66.08 -88.41
CA ASN KC 113 52.86 67.53 -88.63
C ASN KC 113 53.08 68.28 -87.33
N SER KC 114 52.54 67.76 -86.23
CA SER KC 114 52.71 68.43 -84.95
C SER KC 114 54.18 68.46 -84.53
N ILE KC 115 54.94 67.43 -84.89
CA ILE KC 115 56.37 67.46 -84.60
C ILE KC 115 57.01 68.64 -85.30
N VAL KC 116 56.67 68.85 -86.57
CA VAL KC 116 57.34 69.85 -87.37
C VAL KC 116 56.96 71.26 -86.94
N ILE KC 117 55.69 71.48 -86.60
CA ILE KC 117 55.18 72.84 -86.39
C ILE KC 117 55.17 73.23 -84.92
N GLU KC 118 54.77 72.32 -84.03
CA GLU KC 118 54.66 72.68 -82.63
C GLU KC 118 56.02 72.57 -81.92
N TYR KC 119 56.12 73.24 -80.77
CA TYR KC 119 57.27 73.04 -79.90
C TYR KC 119 57.31 71.59 -79.43
N ASN KC 120 58.51 71.02 -79.36
CA ASN KC 120 58.69 69.60 -79.09
C ASN KC 120 58.89 69.38 -77.60
N ILE KC 121 57.89 68.82 -76.94
CA ILE KC 121 57.97 68.42 -75.54
C ILE KC 121 57.29 67.07 -75.40
N GLY KC 122 57.56 66.40 -74.29
CA GLY KC 122 57.07 65.04 -74.10
C GLY KC 122 56.57 64.81 -72.69
N THR KC 123 55.63 63.88 -72.57
CA THR KC 123 55.09 63.50 -71.28
C THR KC 123 54.93 61.98 -71.17
N GLY KC 124 55.59 61.21 -72.02
CA GLY KC 124 55.42 59.77 -72.04
C GLY KC 124 54.19 59.35 -72.80
N TRP KC 125 54.20 58.09 -73.25
CA TRP KC 125 53.07 57.60 -74.02
C TRP KC 125 51.83 57.42 -73.15
N THR KC 126 51.99 57.39 -71.84
CA THR KC 126 50.87 57.26 -70.92
C THR KC 126 50.23 58.60 -70.57
N LEU KC 127 50.86 59.72 -70.91
CA LEU KC 127 50.25 61.04 -70.78
C LEU KC 127 49.71 61.29 -69.38
N TYR KC 128 50.52 60.98 -68.37
CA TYR KC 128 50.09 61.20 -67.00
C TYR KC 128 49.89 62.70 -66.75
N PRO KC 129 48.75 63.12 -66.23
CA PRO KC 129 48.64 64.48 -65.71
C PRO KC 129 49.28 64.55 -64.34
N PRO KC 130 49.60 65.76 -63.84
CA PRO KC 130 49.38 67.09 -64.41
C PRO KC 130 50.37 67.48 -65.50
N LEU KC 131 51.42 66.69 -65.70
CA LEU KC 131 52.43 67.07 -66.68
C LEU KC 131 51.82 67.21 -68.07
N SER KC 132 50.91 66.30 -68.43
CA SER KC 132 50.29 66.34 -69.74
C SER KC 132 49.43 67.59 -69.92
N ILE KC 133 48.85 68.12 -68.85
CA ILE KC 133 47.91 69.23 -68.98
C ILE KC 133 48.57 70.58 -68.74
N ILE KC 134 49.87 70.62 -68.44
CA ILE KC 134 50.60 71.87 -68.33
C ILE KC 134 51.55 72.05 -69.50
N GLY KC 135 51.43 71.24 -70.55
CA GLY KC 135 52.31 71.30 -71.70
C GLY KC 135 51.80 72.24 -72.77
N THR KC 136 52.48 72.19 -73.92
CA THR KC 136 52.17 73.06 -75.05
C THR KC 136 51.18 72.36 -75.98
N VAL KC 137 50.95 72.97 -77.15
CA VAL KC 137 49.91 72.51 -78.05
C VAL KC 137 50.23 71.16 -78.67
N ILE KC 138 51.48 70.72 -78.65
CA ILE KC 138 51.78 69.41 -79.22
C ILE KC 138 51.01 68.33 -78.48
N VAL KC 139 50.76 68.54 -77.18
CA VAL KC 139 49.97 67.57 -76.43
C VAL KC 139 48.53 67.58 -76.91
N ASN KC 140 48.00 68.76 -77.24
CA ASN KC 140 46.65 68.82 -77.79
C ASN KC 140 46.56 68.04 -79.10
N MET KC 141 47.56 68.20 -79.96
CA MET KC 141 47.55 67.51 -81.25
C MET KC 141 47.61 66.00 -81.06
N ILE KC 142 48.43 65.53 -80.12
CA ILE KC 142 48.55 64.10 -79.90
C ILE KC 142 47.23 63.53 -79.39
N LEU KC 143 46.50 64.28 -78.57
CA LEU KC 143 45.21 63.82 -78.10
C LEU KC 143 44.23 63.65 -79.26
N TYR KC 144 44.23 64.58 -80.22
CA TYR KC 144 43.35 64.45 -81.36
C TYR KC 144 43.67 63.19 -82.15
N GLY KC 145 44.96 62.88 -82.30
CA GLY KC 145 45.32 61.65 -83.00
C GLY KC 145 44.79 60.41 -82.31
N LEU KC 146 44.95 60.35 -80.98
CA LEU KC 146 44.49 59.18 -80.25
C LEU KC 146 42.97 59.03 -80.36
N ILE KC 147 42.24 60.13 -80.18
CA ILE KC 147 40.78 60.06 -80.29
C ILE KC 147 40.39 59.63 -81.70
N ILE KC 148 41.04 60.18 -82.71
CA ILE KC 148 40.75 59.78 -84.09
C ILE KC 148 41.11 58.32 -84.30
N ILE KC 149 42.25 57.88 -83.78
CA ILE KC 149 42.62 56.47 -83.87
C ILE KC 149 41.58 55.61 -83.16
N GLY KC 150 41.05 56.10 -82.04
CA GLY KC 150 40.04 55.34 -81.33
C GLY KC 150 38.81 55.08 -82.19
N ILE KC 151 38.43 56.05 -83.02
CA ILE KC 151 37.28 55.87 -83.89
C ILE KC 151 37.53 54.73 -84.86
N SER KC 152 38.71 54.69 -85.46
CA SER KC 152 39.01 53.61 -86.41
C SER KC 152 39.01 52.26 -85.72
N SER KC 153 39.58 52.18 -84.52
CA SER KC 153 39.65 50.91 -83.82
C SER KC 153 38.27 50.37 -83.50
N ILE KC 154 37.37 51.24 -83.05
CA ILE KC 154 36.05 50.76 -82.62
C ILE KC 154 35.24 50.31 -83.83
N ILE KC 155 35.26 51.07 -84.91
CA ILE KC 155 34.48 50.68 -86.08
C ILE KC 155 35.03 49.41 -86.70
N SER KC 156 36.35 49.24 -86.68
CA SER KC 156 36.93 47.99 -87.14
C SER KC 156 36.52 46.84 -86.24
N ALA KC 157 36.44 47.08 -84.93
CA ALA KC 157 35.96 46.04 -84.02
C ALA KC 157 34.51 45.67 -84.34
N ILE KC 158 33.68 46.67 -84.63
CA ILE KC 158 32.30 46.38 -85.02
C ILE KC 158 32.26 45.54 -86.28
N ASN KC 159 33.20 45.81 -87.20
CA ASN KC 159 33.22 45.07 -88.46
C ASN KC 159 33.47 43.59 -88.23
N PHE KC 160 34.44 43.27 -87.37
CA PHE KC 160 34.79 41.86 -87.15
C PHE KC 160 33.71 41.13 -86.38
N MET KC 161 33.05 41.80 -85.43
CA MET KC 161 32.00 41.15 -84.67
C MET KC 161 30.86 40.68 -85.56
N ASN KC 162 30.61 41.40 -86.67
CA ASN KC 162 29.53 41.03 -87.57
C ASN KC 162 29.81 39.74 -88.32
N ILE KC 163 31.05 39.23 -88.28
CA ILE KC 163 31.34 37.98 -88.96
C ILE KC 163 30.58 36.83 -88.33
N LEU KC 164 30.33 36.90 -87.02
CA LEU KC 164 29.56 35.85 -86.36
C LEU KC 164 28.21 35.66 -87.02
N ILE KC 165 27.62 36.73 -87.54
CA ILE KC 165 26.30 36.62 -88.15
C ILE KC 165 26.37 35.86 -89.47
N VAL KC 166 27.43 36.09 -90.24
CA VAL KC 166 27.48 35.62 -91.63
C VAL KC 166 28.41 34.43 -91.81
N ILE KC 167 29.20 34.05 -90.80
CA ILE KC 167 30.16 32.97 -90.98
C ILE KC 167 29.44 31.71 -91.40
N ASP KC 168 29.89 31.10 -92.50
CA ASP KC 168 29.26 29.91 -93.05
C ASP KC 168 30.08 28.65 -92.82
N GLY KC 169 31.11 28.71 -91.98
CA GLY KC 169 31.92 27.56 -91.66
C GLY KC 169 32.08 27.42 -90.16
N ILE KC 170 33.24 26.92 -89.76
CA ILE KC 170 33.59 26.74 -88.37
C ILE KC 170 34.40 27.94 -87.90
N ILE KC 171 34.22 28.32 -86.64
CA ILE KC 171 34.97 29.42 -86.05
C ILE KC 171 36.33 28.85 -85.63
N TYR KC 172 37.35 29.09 -86.44
CA TYR KC 172 38.68 28.61 -86.12
C TYR KC 172 39.30 29.42 -84.99
N VAL KC 173 40.39 28.88 -84.43
CA VAL KC 173 41.03 29.53 -83.30
C VAL KC 173 41.44 30.94 -83.65
N TYR KC 174 41.95 31.15 -84.87
CA TYR KC 174 42.35 32.49 -85.26
C TYR KC 174 41.15 33.44 -85.24
N ILE KC 175 40.00 32.98 -85.74
CA ILE KC 175 38.82 33.84 -85.74
C ILE KC 175 38.42 34.19 -84.32
N TRP KC 176 38.56 33.26 -83.39
CA TRP KC 176 38.24 33.55 -82.00
C TRP KC 176 39.14 34.65 -81.45
N SER KC 177 40.42 34.61 -81.80
CA SER KC 177 41.35 35.61 -81.27
C SER KC 177 40.95 37.01 -81.71
N ILE KC 178 40.55 37.17 -82.97
CA ILE KC 178 40.14 38.47 -83.45
C ILE KC 178 38.83 38.90 -82.80
N ILE KC 179 37.89 37.96 -82.65
CA ILE KC 179 36.60 38.31 -82.08
C ILE KC 179 36.75 38.79 -80.64
N ILE KC 180 37.54 38.06 -79.86
CA ILE KC 180 37.71 38.44 -78.45
C ILE KC 180 38.47 39.74 -78.34
N THR KC 181 39.44 39.98 -79.22
CA THR KC 181 40.11 41.28 -79.24
C THR KC 181 39.11 42.40 -79.52
N SER KC 182 38.18 42.17 -80.45
CA SER KC 182 37.15 43.17 -80.71
C SER KC 182 36.31 43.43 -79.47
N VAL KC 183 35.98 42.37 -78.73
CA VAL KC 183 35.20 42.55 -77.51
C VAL KC 183 35.96 43.41 -76.52
N LEU KC 184 37.27 43.20 -76.39
CA LEU KC 184 38.05 44.01 -75.47
C LEU KC 184 38.05 45.48 -75.88
N LEU KC 185 38.17 45.74 -77.18
CA LEU KC 185 38.12 47.13 -77.65
C LEU KC 185 36.78 47.76 -77.34
N ILE KC 186 35.68 47.03 -77.56
CA ILE KC 186 34.36 47.60 -77.36
C ILE KC 186 34.17 48.00 -75.90
N ILE KC 187 34.69 47.20 -74.97
CA ILE KC 187 34.48 47.48 -73.56
C ILE KC 187 35.52 48.47 -73.01
N SER KC 188 36.71 48.51 -73.60
CA SER KC 188 37.77 49.36 -73.06
C SER KC 188 37.85 50.72 -73.73
N LEU KC 189 37.56 50.81 -75.02
CA LEU KC 189 37.70 52.09 -75.72
C LEU KC 189 36.82 53.18 -75.13
N PRO KC 190 35.53 52.97 -74.88
CA PRO KC 190 34.71 54.08 -74.35
C PRO KC 190 35.25 54.61 -73.03
N ILE KC 191 35.84 53.77 -72.19
CA ILE KC 191 36.45 54.27 -70.96
C ILE KC 191 37.64 55.16 -71.30
N LEU KC 192 38.44 54.77 -72.28
CA LEU KC 192 39.57 55.59 -72.68
C LEU KC 192 39.10 56.94 -73.21
N ASN KC 193 38.06 56.94 -74.05
CA ASN KC 193 37.56 58.20 -74.60
C ASN KC 193 37.10 59.13 -73.49
N GLY KC 194 36.44 58.59 -72.47
CA GLY KC 194 35.96 59.43 -71.39
C GLY KC 194 37.08 60.16 -70.68
N ILE KC 195 38.13 59.43 -70.31
CA ILE KC 195 39.23 60.04 -69.56
C ILE KC 195 40.03 60.98 -70.46
N LEU KC 196 40.19 60.62 -71.73
CA LEU KC 196 40.89 61.52 -72.65
C LEU KC 196 40.15 62.85 -72.78
N LEU KC 197 38.82 62.80 -72.79
CA LEU KC 197 38.04 64.04 -72.83
C LEU KC 197 38.32 64.89 -71.59
N MET KC 198 38.48 64.25 -70.43
CA MET KC 198 38.81 64.98 -69.23
C MET KC 198 40.18 65.64 -69.33
N ILE KC 199 41.13 64.96 -69.97
CA ILE KC 199 42.42 65.58 -70.21
C ILE KC 199 42.26 66.81 -71.09
N LEU KC 200 41.46 66.71 -72.15
CA LEU KC 200 41.19 67.87 -72.99
C LEU KC 200 40.48 68.96 -72.20
N SER KC 201 39.55 68.58 -71.34
CA SER KC 201 38.84 69.59 -70.56
C SER KC 201 39.80 70.41 -69.72
N ASP KC 202 40.75 69.76 -69.06
CA ASP KC 202 41.74 70.50 -68.29
C ASP KC 202 42.65 71.32 -69.19
N ILE KC 203 43.03 70.76 -70.34
CA ILE KC 203 43.94 71.46 -71.24
C ILE KC 203 43.26 72.64 -71.89
N TYR KC 204 42.01 72.47 -72.31
CA TYR KC 204 41.36 73.40 -73.22
C TYR KC 204 40.08 74.04 -72.68
N PHE KC 205 39.52 73.53 -71.59
CA PHE KC 205 38.24 74.04 -71.10
C PHE KC 205 38.30 74.45 -69.63
N ASN KC 206 39.49 74.70 -69.10
CA ASN KC 206 39.65 75.26 -67.76
C ASN KC 206 39.05 74.35 -66.69
N SER KC 207 39.03 73.05 -66.95
CA SER KC 207 38.59 72.10 -65.95
C SER KC 207 39.65 71.94 -64.86
N ILE KC 208 39.20 71.49 -63.68
CA ILE KC 208 40.08 71.45 -62.52
C ILE KC 208 40.16 70.05 -61.94
N TYR KC 209 39.95 69.02 -62.77
CA TYR KC 209 40.00 67.65 -62.27
C TYR KC 209 41.38 67.27 -61.78
N PHE KC 210 42.43 67.84 -62.35
CA PHE KC 210 43.80 67.42 -62.06
C PHE KC 210 44.60 68.51 -61.37
N ILE KC 211 43.97 69.23 -60.44
CA ILE KC 211 44.64 70.12 -59.52
C ILE KC 211 44.23 69.75 -58.11
N LEU KC 212 44.83 70.42 -57.13
CA LEU KC 212 44.64 70.02 -55.74
C LEU KC 212 43.16 69.91 -55.40
N ASN KC 213 42.84 68.92 -54.58
CA ASN KC 213 41.50 68.43 -54.25
C ASN KC 213 40.93 67.60 -55.38
N GLY KC 214 41.59 67.52 -56.53
CA GLY KC 214 41.22 66.58 -57.57
C GLY KC 214 42.27 65.51 -57.68
N ASP KC 215 41.88 64.25 -57.50
CA ASP KC 215 42.85 63.17 -57.43
C ASP KC 215 43.44 62.91 -58.81
N VAL KC 216 44.75 63.13 -58.94
CA VAL KC 216 45.44 62.81 -60.18
C VAL KC 216 45.46 61.31 -60.41
N VAL KC 217 45.49 60.51 -59.34
CA VAL KC 217 45.47 59.07 -59.49
C VAL KC 217 44.20 58.61 -60.19
N LEU KC 218 43.18 59.45 -60.24
CA LEU KC 218 41.96 59.09 -60.96
C LEU KC 218 42.26 58.80 -62.42
N TYR KC 219 43.14 59.58 -63.03
CA TYR KC 219 43.50 59.33 -64.43
C TYR KC 219 44.15 57.97 -64.60
N GLN KC 220 45.04 57.61 -63.68
CA GLN KC 220 45.77 56.36 -63.83
C GLN KC 220 44.83 55.17 -63.84
N HIS KC 221 43.80 55.19 -62.99
CA HIS KC 221 42.84 54.09 -62.98
C HIS KC 221 42.13 53.98 -64.32
N LEU KC 222 41.56 55.08 -64.80
CA LEU KC 222 40.80 55.00 -66.05
C LEU KC 222 41.71 54.70 -67.22
N PHE KC 223 42.89 55.30 -67.27
CA PHE KC 223 43.78 55.03 -68.39
C PHE KC 223 44.19 53.57 -68.42
N TRP KC 224 44.69 53.05 -67.31
CA TRP KC 224 45.18 51.67 -67.31
C TRP KC 224 44.03 50.67 -67.41
N TYR KC 225 42.81 51.06 -67.03
CA TYR KC 225 41.68 50.19 -67.31
C TYR KC 225 41.58 49.89 -68.80
N PHE KC 226 42.01 50.82 -69.64
CA PHE KC 226 42.19 50.53 -71.05
C PHE KC 226 43.61 50.10 -71.37
N GLY KC 227 44.58 50.58 -70.59
CA GLY KC 227 45.97 50.33 -70.92
C GLY KC 227 46.32 48.85 -70.97
N HIS KC 228 45.90 48.09 -69.97
CA HIS KC 228 46.35 46.71 -69.96
C HIS KC 228 45.57 45.88 -70.98
N PRO KC 229 44.27 46.07 -71.12
CA PRO KC 229 43.57 45.37 -72.20
C PRO KC 229 44.18 45.66 -73.55
N GLU KC 230 44.80 46.83 -73.71
CA GLU KC 230 45.46 47.15 -74.97
C GLU KC 230 46.62 46.20 -75.25
N VAL KC 231 47.45 45.93 -74.23
CA VAL KC 231 48.58 45.03 -74.47
C VAL KC 231 48.07 43.64 -74.79
N TYR KC 232 46.94 43.24 -74.21
CA TYR KC 232 46.35 41.95 -74.52
C TYR KC 232 45.65 41.99 -75.87
N ILE KC 233 45.16 43.16 -76.28
CA ILE KC 233 44.61 43.31 -77.62
C ILE KC 233 45.71 43.20 -78.66
N LEU KC 234 46.91 43.69 -78.36
CA LEU KC 234 48.02 43.56 -79.29
C LEU KC 234 48.44 42.10 -79.46
N ILE KC 235 48.52 41.36 -78.35
CA ILE KC 235 49.15 40.03 -78.42
C ILE KC 235 48.16 38.96 -78.86
N LEU KC 236 46.89 39.08 -78.50
CA LEU KC 236 45.95 38.02 -78.82
C LEU KC 236 45.91 37.70 -80.32
N PRO KC 237 45.86 38.68 -81.22
CA PRO KC 237 45.96 38.33 -82.65
C PRO KC 237 47.25 37.62 -83.00
N ALA KC 238 48.34 37.92 -82.31
CA ALA KC 238 49.59 37.21 -82.54
C ALA KC 238 49.46 35.74 -82.15
N PHE KC 239 48.74 35.46 -81.06
CA PHE KC 239 48.50 34.07 -80.68
C PHE KC 239 47.75 33.32 -81.77
N GLY KC 240 46.75 33.97 -82.38
CA GLY KC 240 46.02 33.31 -83.45
C GLY KC 240 46.89 32.94 -84.61
N ILE KC 241 47.80 33.83 -85.01
CA ILE KC 241 48.68 33.54 -86.14
C ILE KC 241 49.56 32.35 -85.83
N ILE KC 242 50.14 32.30 -84.63
CA ILE KC 242 51.04 31.22 -84.27
C ILE KC 242 50.32 29.88 -84.34
N SER KC 243 49.06 29.85 -83.92
CA SER KC 243 48.31 28.60 -83.96
C SER KC 243 48.15 28.10 -85.39
N ILE KC 244 47.88 29.01 -86.33
CA ILE KC 244 47.72 28.61 -87.73
C ILE KC 244 49.05 28.13 -88.31
N ILE KC 245 50.11 28.89 -88.08
CA ILE KC 245 51.40 28.56 -88.69
C ILE KC 245 51.88 27.20 -88.21
N LEU KC 246 51.83 26.97 -86.90
CA LEU KC 246 52.34 25.72 -86.36
C LEU KC 246 51.54 24.53 -86.89
N SER KC 247 50.22 24.64 -86.92
CA SER KC 247 49.41 23.53 -87.42
C SER KC 247 49.64 23.31 -88.91
N VAL KC 248 49.68 24.38 -89.69
CA VAL KC 248 49.78 24.24 -91.14
C VAL KC 248 51.14 23.67 -91.54
N LEU KC 249 52.20 24.23 -90.99
CA LEU KC 249 53.55 23.85 -91.42
C LEU KC 249 54.01 22.53 -90.85
N ASN KC 250 53.25 21.93 -89.92
CA ASN KC 250 53.58 20.63 -89.36
C ASN KC 250 52.59 19.56 -89.75
N ASN KC 251 51.52 19.91 -90.46
CA ASN KC 251 50.51 18.94 -90.87
C ASN KC 251 49.91 18.23 -89.66
N LYS KC 252 49.71 18.96 -88.58
CA LYS KC 252 49.15 18.41 -87.35
C LYS KC 252 47.92 19.19 -86.95
N ILE KC 253 46.84 18.46 -86.66
CA ILE KC 253 45.62 19.12 -86.17
C ILE KC 253 45.92 19.85 -84.88
N ILE KC 254 45.33 21.03 -84.72
CA ILE KC 254 45.55 21.80 -83.52
C ILE KC 254 45.05 21.00 -82.32
N PHE KC 255 45.94 20.76 -81.36
CA PHE KC 255 45.60 19.97 -80.19
C PHE KC 255 44.86 20.83 -79.17
N GLY KC 256 43.80 20.28 -78.60
CA GLY KC 256 43.05 20.99 -77.59
C GLY KC 256 42.48 22.29 -78.12
N MET KC 257 41.80 22.22 -79.27
CA MET KC 257 41.26 23.43 -79.86
C MET KC 257 40.40 24.20 -78.87
N LYS KC 258 39.50 23.50 -78.18
CA LYS KC 258 38.62 24.17 -77.22
C LYS KC 258 39.41 24.73 -76.05
N SER KC 259 40.46 24.05 -75.62
CA SER KC 259 41.30 24.60 -74.57
C SER KC 259 41.97 25.88 -75.03
N MET KC 260 42.43 25.91 -76.28
CA MET KC 260 43.01 27.14 -76.82
C MET KC 260 41.97 28.26 -76.84
N ILE KC 261 40.77 27.95 -77.31
CA ILE KC 261 39.72 28.97 -77.39
C ILE KC 261 39.37 29.49 -76.00
N LEU KC 262 39.19 28.58 -75.05
CA LEU KC 262 38.86 29.01 -73.69
C LEU KC 262 39.99 29.79 -73.05
N ALA KC 263 41.24 29.44 -73.37
CA ALA KC 263 42.37 30.20 -72.85
C ALA KC 263 42.31 31.65 -73.31
N ILE KC 264 41.99 31.87 -74.59
CA ILE KC 264 41.88 33.22 -75.11
C ILE KC 264 40.77 33.98 -74.39
N ILE KC 265 39.62 33.32 -74.22
CA ILE KC 265 38.50 33.96 -73.53
C ILE KC 265 38.88 34.27 -72.09
N MET KC 266 39.53 33.32 -71.41
CA MET KC 266 39.91 33.54 -70.03
C MET KC 266 40.86 34.71 -69.89
N ILE KC 267 41.83 34.83 -70.81
CA ILE KC 267 42.80 35.90 -70.73
C ILE KC 267 42.10 37.26 -70.81
N SER KC 268 41.13 37.39 -71.71
CA SER KC 268 40.42 38.66 -71.84
C SER KC 268 39.67 39.01 -70.57
N ILE KC 269 38.99 38.04 -69.97
CA ILE KC 269 38.25 38.30 -68.74
C ILE KC 269 39.22 38.73 -67.64
N LEU KC 270 40.32 37.98 -67.48
CA LEU KC 270 41.30 38.36 -66.47
C LEU KC 270 42.01 39.65 -66.83
N GLY KC 271 42.29 39.86 -68.13
CA GLY KC 271 42.99 41.05 -68.54
C GLY KC 271 42.22 42.33 -68.32
N SER KC 272 40.92 42.24 -68.13
CA SER KC 272 40.09 43.41 -67.92
C SER KC 272 40.00 43.82 -66.45
N ILE KC 273 40.56 43.03 -65.53
CA ILE KC 273 40.36 43.29 -64.11
C ILE KC 273 41.69 43.25 -63.35
N VAL KC 274 42.80 43.51 -64.04
CA VAL KC 274 44.11 43.46 -63.40
C VAL KC 274 44.91 44.71 -63.71
N TRP KC 275 44.24 45.77 -64.13
CA TRP KC 275 44.95 46.94 -64.65
C TRP KC 275 45.81 47.62 -63.60
N ALA KC 276 45.51 47.45 -62.31
CA ALA KC 276 46.15 48.27 -61.29
C ALA KC 276 47.53 47.77 -60.90
N HIS KC 277 48.07 46.75 -61.56
CA HIS KC 277 49.46 46.40 -61.29
C HIS KC 277 50.41 47.40 -61.93
N HIS KC 278 49.88 48.37 -62.67
CA HIS KC 278 50.62 49.53 -63.14
C HIS KC 278 50.64 50.65 -62.11
N ILE KC 279 50.01 50.48 -60.96
CA ILE KC 279 49.82 51.56 -60.00
C ILE KC 279 50.28 51.11 -58.62
N TYR KC 280 51.22 50.18 -58.56
CA TYR KC 280 51.65 49.64 -57.28
C TYR KC 280 52.31 50.70 -56.40
N THR KC 281 53.11 51.58 -57.00
CA THR KC 281 53.91 52.54 -56.24
C THR KC 281 53.15 53.79 -55.85
N VAL KC 282 51.87 53.91 -56.19
CA VAL KC 282 51.14 55.13 -55.86
C VAL KC 282 50.64 55.15 -54.43
N GLY KC 283 50.58 53.99 -53.76
CA GLY KC 283 50.12 53.93 -52.39
C GLY KC 283 48.68 53.49 -52.26
N LEU KC 284 48.31 52.41 -52.95
CA LEU KC 284 46.98 51.87 -52.84
C LEU KC 284 46.79 51.14 -51.50
N GLU KC 285 45.54 50.82 -51.20
CA GLU KC 285 45.23 50.13 -49.96
C GLU KC 285 45.85 48.73 -49.95
N LEU KC 286 46.10 48.22 -48.75
CA LEU KC 286 46.72 46.92 -48.61
C LEU KC 286 45.89 45.84 -49.30
N ASP KC 287 44.59 45.79 -49.02
CA ASP KC 287 43.75 44.75 -49.60
C ASP KC 287 43.66 44.92 -51.12
N THR KC 288 43.63 46.15 -51.61
CA THR KC 288 43.59 46.37 -53.05
C THR KC 288 44.83 45.80 -53.72
N LYS KC 289 46.01 46.06 -53.16
CA LYS KC 289 47.23 45.55 -53.75
C LYS KC 289 47.25 44.03 -53.77
N ILE KC 290 46.80 43.40 -52.69
CA ILE KC 290 46.80 41.95 -52.64
C ILE KC 290 45.88 41.38 -53.71
N TYR KC 291 44.71 41.99 -53.90
CA TYR KC 291 43.79 41.49 -54.90
C TYR KC 291 44.40 41.52 -56.30
N PHE KC 292 44.92 42.68 -56.71
CA PHE KC 292 45.45 42.80 -58.07
C PHE KC 292 46.66 41.91 -58.26
N ASN KC 293 47.53 41.82 -57.26
CA ASN KC 293 48.67 40.94 -57.36
C ASN KC 293 48.22 39.49 -57.53
N ASN KC 294 47.21 39.06 -56.76
CA ASN KC 294 46.76 37.68 -56.85
C ASN KC 294 46.12 37.40 -58.21
N LEU KC 295 45.27 38.30 -58.69
CA LEU KC 295 44.62 38.08 -59.97
C LEU KC 295 45.59 38.20 -61.14
N THR KC 296 46.61 39.04 -60.99
CA THR KC 296 47.61 39.17 -62.06
C THR KC 296 48.37 37.86 -62.28
N LEU KC 297 48.72 37.18 -61.19
CA LEU KC 297 49.41 35.91 -61.32
C LEU KC 297 48.54 34.87 -62.01
N ILE KC 298 47.22 34.92 -61.79
CA ILE KC 298 46.32 33.94 -62.37
C ILE KC 298 46.32 33.99 -63.88
N ILE KC 299 46.70 35.13 -64.47
CA ILE KC 299 46.71 35.24 -65.93
C ILE KC 299 47.71 34.28 -66.55
N SER KC 300 48.70 33.83 -65.78
CA SER KC 300 49.69 32.91 -66.31
C SER KC 300 49.11 31.53 -66.58
N ILE KC 301 48.07 31.15 -65.85
CA ILE KC 301 47.52 29.80 -65.96
C ILE KC 301 46.97 29.60 -67.37
N PRO KC 302 46.04 30.43 -67.86
CA PRO KC 302 45.58 30.23 -69.24
C PRO KC 302 46.67 30.47 -70.27
N THR KC 303 47.54 31.45 -70.04
CA THR KC 303 48.63 31.71 -70.97
C THR KC 303 49.59 30.54 -71.04
N GLY KC 304 49.80 29.85 -69.92
CA GLY KC 304 50.67 28.69 -69.93
C GLY KC 304 50.10 27.53 -70.72
N ASN KC 305 48.78 27.33 -70.64
CA ASN KC 305 48.16 26.24 -71.38
C ASN KC 305 48.38 26.40 -72.87
N LYS KC 306 48.27 27.63 -73.39
CA LYS KC 306 48.50 27.86 -74.80
C LYS KC 306 49.95 27.54 -75.19
N ILE KC 307 50.90 27.93 -74.34
CA ILE KC 307 52.30 27.66 -74.64
C ILE KC 307 52.53 26.17 -74.82
N TYR KC 308 52.04 25.37 -73.88
CA TYR KC 308 52.26 23.92 -73.95
C TYR KC 308 51.56 23.31 -75.14
N ASN KC 309 50.34 23.78 -75.45
CA ASN KC 309 49.64 23.25 -76.63
C ASN KC 309 50.41 23.55 -77.90
N TRP KC 310 51.05 24.72 -77.97
CA TRP KC 310 51.88 25.04 -79.12
C TRP KC 310 53.07 24.09 -79.23
N ILE KC 311 53.70 23.77 -78.10
CA ILE KC 311 54.89 22.94 -78.13
C ILE KC 311 54.58 21.58 -78.72
N ILE KC 312 53.48 20.96 -78.29
CA ILE KC 312 53.13 19.64 -78.80
C ILE KC 312 52.77 19.68 -80.28
N LEU KC 313 52.39 20.85 -80.80
CA LEU KC 313 52.16 20.96 -82.23
C LEU KC 313 53.45 20.75 -83.02
N TYR KC 314 54.56 21.31 -82.52
CA TYR KC 314 55.82 21.16 -83.22
C TYR KC 314 56.45 19.79 -82.98
N ILE KC 315 56.24 19.21 -81.80
CA ILE KC 315 56.83 17.93 -81.46
C ILE KC 315 56.24 16.84 -82.35
N GLY KC 316 57.12 15.95 -82.83
CA GLY KC 316 56.68 14.80 -83.59
C GLY KC 316 56.41 15.05 -85.06
N SER KC 317 56.65 16.26 -85.55
CA SER KC 317 56.41 16.54 -86.95
C SER KC 317 57.45 15.84 -87.82
N TYR KC 318 57.06 15.55 -89.06
CA TYR KC 318 57.90 14.77 -89.95
C TYR KC 318 59.25 15.45 -90.14
N ASN KC 319 60.31 14.64 -90.15
CA ASN KC 319 61.66 15.16 -90.31
C ASN KC 319 61.97 15.52 -91.76
N ILE KC 320 61.31 14.87 -92.72
CA ILE KC 320 61.65 15.08 -94.13
C ILE KC 320 61.34 16.52 -94.54
N LEU KC 321 60.28 17.10 -93.99
CA LEU KC 321 59.96 18.48 -94.32
C LEU KC 321 61.07 19.42 -93.87
N TYR KC 322 61.44 20.34 -94.76
CA TYR KC 322 62.47 21.30 -94.43
C TYR KC 322 61.98 22.27 -93.36
N ASN KC 323 62.77 22.43 -92.30
CA ASN KC 323 62.37 23.24 -91.16
C ASN KC 323 63.04 24.61 -91.14
N GLY KC 324 63.76 24.98 -92.19
CA GLY KC 324 64.45 26.24 -92.23
C GLY KC 324 63.66 27.40 -92.82
N TYR KC 325 62.38 27.21 -93.12
CA TYR KC 325 61.57 28.30 -93.62
C TYR KC 325 61.45 29.40 -92.57
N GLN KC 326 61.50 30.65 -93.03
CA GLN KC 326 61.52 31.77 -92.10
C GLN KC 326 60.25 31.82 -91.27
N SER KC 327 59.10 31.50 -91.87
CA SER KC 327 57.85 31.53 -91.11
C SER KC 327 57.89 30.54 -89.96
N LEU KC 328 58.36 29.32 -90.22
CA LEU KC 328 58.44 28.33 -89.14
C LEU KC 328 59.42 28.75 -88.07
N ILE KC 329 60.57 29.27 -88.46
CA ILE KC 329 61.57 29.70 -87.48
C ILE KC 329 61.01 30.81 -86.60
N PHE KC 330 60.32 31.78 -87.20
CA PHE KC 330 59.76 32.86 -86.41
C PHE KC 330 58.70 32.36 -85.45
N SER KC 331 57.85 31.43 -85.89
CA SER KC 331 56.83 30.88 -85.01
C SER KC 331 57.46 30.19 -83.81
N ILE KC 332 58.51 29.39 -84.05
CA ILE KC 332 59.20 28.73 -82.95
C ILE KC 332 59.90 29.75 -82.07
N MET KC 333 60.52 30.76 -82.69
CA MET KC 333 61.20 31.79 -81.91
C MET KC 333 60.24 32.51 -80.98
N PHE KC 334 58.98 32.65 -81.39
CA PHE KC 334 58.00 33.35 -80.57
C PHE KC 334 57.80 32.65 -79.23
N ILE KC 335 57.70 31.32 -79.24
CA ILE KC 335 57.50 30.59 -78.00
C ILE KC 335 58.66 30.84 -77.06
N ILE KC 336 59.89 30.78 -77.58
CA ILE KC 336 61.06 30.99 -76.73
C ILE KC 336 61.08 32.41 -76.19
N ILE KC 337 60.79 33.38 -77.04
CA ILE KC 337 60.85 34.78 -76.62
C ILE KC 337 59.69 35.12 -75.70
N PHE KC 338 58.48 34.67 -76.02
CA PHE KC 338 57.34 35.05 -75.20
C PHE KC 338 57.50 34.54 -73.78
N ILE KC 339 58.03 33.33 -73.62
CA ILE KC 339 58.23 32.79 -72.28
C ILE KC 339 59.14 33.70 -71.46
N ILE KC 340 60.20 34.23 -72.09
CA ILE KC 340 61.09 35.15 -71.38
C ILE KC 340 60.32 36.39 -70.95
N GLY KC 341 59.55 36.97 -71.86
CA GLY KC 341 58.81 38.18 -71.53
C GLY KC 341 57.75 37.94 -70.48
N GLY KC 342 57.02 36.82 -70.59
CA GLY KC 342 56.00 36.52 -69.62
C GLY KC 342 56.54 36.23 -68.24
N ILE KC 343 57.64 35.48 -68.16
CA ILE KC 343 58.22 35.16 -66.86
C ILE KC 343 58.66 36.43 -66.16
N THR KC 344 59.31 37.33 -66.88
CA THR KC 344 59.70 38.60 -66.28
C THR KC 344 58.47 39.42 -65.88
N GLY KC 345 57.36 39.23 -66.59
CA GLY KC 345 56.14 39.89 -66.18
C GLY KC 345 55.62 39.37 -64.85
N ILE KC 346 55.76 38.07 -64.63
CA ILE KC 346 55.34 37.49 -63.36
C ILE KC 346 56.26 37.97 -62.24
N ILE KC 347 57.55 38.15 -62.52
CA ILE KC 347 58.47 38.65 -61.51
C ILE KC 347 58.04 40.04 -61.06
N ILE KC 348 57.72 40.92 -62.02
CA ILE KC 348 57.34 42.29 -61.68
C ILE KC 348 55.88 42.38 -61.27
N SER KC 349 55.14 41.27 -61.30
CA SER KC 349 53.80 41.26 -60.75
C SER KC 349 53.82 41.28 -59.23
N ILE KC 350 54.81 40.62 -58.62
CA ILE KC 350 54.98 40.70 -57.18
C ILE KC 350 55.27 42.15 -56.81
N ASP KC 351 54.37 42.76 -56.05
CA ASP KC 351 54.42 44.21 -55.87
C ASP KC 351 55.68 44.64 -55.13
N ILE KC 352 56.14 43.84 -54.16
CA ILE KC 352 57.33 44.23 -53.42
C ILE KC 352 58.56 44.18 -54.31
N ILE KC 353 58.64 43.18 -55.19
CA ILE KC 353 59.71 43.19 -56.18
C ILE KC 353 59.54 44.38 -57.12
N ASP KC 354 58.29 44.72 -57.44
CA ASP KC 354 58.04 45.82 -58.36
C ASP KC 354 58.47 47.17 -57.77
N ILE KC 355 58.44 47.30 -56.45
CA ILE KC 355 58.87 48.56 -55.83
C ILE KC 355 60.25 48.93 -56.32
N GLY KC 356 61.14 47.95 -56.42
CA GLY KC 356 62.48 48.24 -56.90
C GLY KC 356 62.58 48.35 -58.40
N LEU KC 357 61.69 47.68 -59.14
CA LEU KC 357 61.80 47.59 -60.59
C LEU KC 357 60.80 48.47 -61.33
N HIS KC 358 59.97 49.24 -60.63
CA HIS KC 358 59.09 50.16 -61.33
C HIS KC 358 59.91 51.29 -61.94
N ASP KC 359 59.49 51.75 -63.11
CA ASP KC 359 60.14 52.86 -63.78
C ASP KC 359 61.64 52.63 -63.92
N THR KC 360 62.01 51.41 -64.29
CA THR KC 360 63.38 51.05 -64.58
C THR KC 360 63.43 50.35 -65.93
N TYR KC 361 64.63 50.19 -66.46
CA TYR KC 361 64.75 49.56 -67.77
C TYR KC 361 64.43 48.07 -67.73
N TYR KC 362 64.28 47.48 -66.55
CA TYR KC 362 63.78 46.10 -66.49
C TYR KC 362 62.38 46.03 -67.06
N ILE KC 363 61.54 47.04 -66.80
CA ILE KC 363 60.21 47.05 -67.37
C ILE KC 363 60.28 47.25 -68.87
N VAL KC 364 61.22 48.07 -69.33
CA VAL KC 364 61.40 48.27 -70.77
C VAL KC 364 61.69 46.94 -71.44
N SER KC 365 62.71 46.23 -70.96
CA SER KC 365 63.04 44.93 -71.54
C SER KC 365 61.86 43.98 -71.47
N HIS KC 366 61.07 44.04 -70.40
CA HIS KC 366 59.92 43.14 -70.28
C HIS KC 366 59.00 43.27 -71.48
N PHE KC 367 58.58 44.50 -71.79
CA PHE KC 367 57.59 44.63 -72.85
C PHE KC 367 58.21 44.70 -74.23
N HIS KC 368 59.53 44.89 -74.33
CA HIS KC 368 60.17 44.79 -75.64
C HIS KC 368 60.29 43.34 -76.09
N TYR KC 369 60.67 42.43 -75.19
CA TYR KC 369 60.73 41.03 -75.55
C TYR KC 369 59.39 40.54 -76.06
N ILE KC 370 58.29 41.02 -75.47
CA ILE KC 370 56.98 40.57 -75.88
C ILE KC 370 56.54 41.25 -77.17
N LEU KC 371 56.74 42.55 -77.27
CA LEU KC 371 56.24 43.34 -78.39
C LEU KC 371 57.26 43.52 -79.51
N SER KC 372 58.44 44.03 -79.18
CA SER KC 372 59.42 44.34 -80.22
C SER KC 372 59.95 43.09 -80.89
N ILE KC 373 60.02 41.98 -80.17
CA ILE KC 373 60.48 40.73 -80.74
C ILE KC 373 59.26 39.87 -81.06
N GLY KC 374 58.49 39.53 -80.03
CA GLY KC 374 57.42 38.56 -80.21
C GLY KC 374 56.36 39.01 -81.20
N ALA KC 375 55.79 40.19 -80.97
CA ALA KC 375 54.71 40.65 -81.83
C ALA KC 375 55.20 40.90 -83.25
N VAL KC 376 56.36 41.54 -83.39
CA VAL KC 376 56.92 41.81 -84.72
C VAL KC 376 57.18 40.49 -85.44
N ILE KC 377 57.78 39.53 -84.74
CA ILE KC 377 58.11 38.26 -85.36
C ILE KC 377 56.84 37.50 -85.72
N SER KC 378 55.81 37.60 -84.88
CA SER KC 378 54.54 36.98 -85.23
C SER KC 378 53.93 37.64 -86.47
N LEU KC 379 53.98 38.97 -86.54
CA LEU KC 379 53.49 39.66 -87.73
C LEU KC 379 54.32 39.30 -88.95
N LEU KC 380 55.65 39.24 -88.80
CA LEU KC 380 56.50 38.79 -89.89
C LEU KC 380 56.15 37.36 -90.28
N ALA KC 381 55.97 36.49 -89.29
CA ALA KC 381 55.69 35.09 -89.59
C ALA KC 381 54.38 34.93 -90.36
N GLY KC 382 53.36 35.69 -89.97
CA GLY KC 382 52.09 35.59 -90.66
C GLY KC 382 52.18 36.08 -92.10
N ILE KC 383 52.87 37.20 -92.31
CA ILE KC 383 53.02 37.74 -93.66
C ILE KC 383 53.81 36.75 -94.52
N LEU KC 384 54.84 36.13 -93.96
CA LEU KC 384 55.60 35.14 -94.71
C LEU KC 384 54.75 33.94 -95.08
N LEU KC 385 53.91 33.49 -94.14
CA LEU KC 385 53.06 32.35 -94.44
C LEU KC 385 52.13 32.64 -95.60
N LEU KC 386 51.67 33.88 -95.72
CA LEU KC 386 50.73 34.28 -96.76
C LEU KC 386 51.42 34.92 -97.95
N LYS KC 387 52.71 34.66 -98.15
CA LYS KC 387 53.44 35.29 -99.25
C LYS KC 387 52.82 34.92 -100.59
N ASP KC 388 52.53 33.63 -100.79
CA ASP KC 388 51.93 33.21 -102.05
C ASP KC 388 50.55 33.83 -102.24
N ILE KC 389 49.74 33.85 -101.18
CA ILE KC 389 48.41 34.41 -101.29
C ILE KC 389 48.47 35.92 -101.50
N ILE KC 390 49.29 36.61 -100.71
CA ILE KC 390 49.44 38.05 -100.88
C ILE KC 390 50.10 38.36 -102.21
N GLY KC 391 51.21 37.69 -102.51
CA GLY KC 391 51.84 37.80 -103.81
C GLY KC 391 52.96 38.82 -103.90
N TYR KC 392 53.46 39.34 -102.79
CA TYR KC 392 54.56 40.28 -102.84
C TYR KC 392 55.86 39.55 -103.18
N TYR KC 393 56.80 40.31 -103.75
CA TYR KC 393 58.10 39.77 -104.13
C TYR KC 393 59.13 40.88 -104.00
N ASN KC 394 60.29 40.70 -104.62
CA ASN KC 394 61.41 41.63 -104.56
C ASN KC 394 62.04 41.71 -103.18
N VAL KC 395 61.90 40.67 -102.37
CA VAL KC 395 62.58 40.58 -101.09
C VAL KC 395 63.14 39.17 -100.94
N ILE KC 396 64.17 39.04 -100.12
CA ILE KC 396 64.77 37.75 -99.80
C ILE KC 396 64.52 37.53 -98.31
N ILE KC 397 63.36 36.96 -97.99
CA ILE KC 397 62.99 36.70 -96.61
C ILE KC 397 62.43 35.31 -96.40
N LYS KC 398 61.94 34.63 -97.44
CA LYS KC 398 61.26 33.36 -97.25
C LYS KC 398 62.21 32.29 -96.73
N ILE KC 399 63.38 32.16 -97.35
CA ILE KC 399 64.40 31.23 -96.91
C ILE KC 399 65.67 32.05 -96.74
N ASN KC 400 65.87 32.59 -95.54
CA ASN KC 400 67.03 33.41 -95.25
C ASN KC 400 67.42 33.13 -93.79
N LYS KC 401 68.28 32.13 -93.60
CA LYS KC 401 68.67 31.77 -92.24
C LYS KC 401 69.56 32.83 -91.63
N TYR KC 402 70.31 33.58 -92.44
CA TYR KC 402 71.14 34.64 -91.89
C TYR KC 402 70.29 35.72 -91.24
N PHE KC 403 69.19 36.11 -91.88
CA PHE KC 403 68.36 37.16 -91.32
C PHE KC 403 67.76 36.74 -89.99
N GLY KC 404 67.26 35.50 -89.91
CA GLY KC 404 66.68 35.03 -88.66
C GLY KC 404 67.69 34.97 -87.54
N LEU KC 405 68.87 34.41 -87.82
CA LEU KC 405 69.89 34.27 -86.79
C LEU KC 405 70.39 35.64 -86.33
N LEU KC 406 70.72 36.51 -87.29
CA LEU KC 406 71.25 37.82 -86.93
C LEU KC 406 70.22 38.65 -86.18
N LEU KC 407 68.95 38.58 -86.59
CA LEU KC 407 67.91 39.31 -85.89
C LEU KC 407 67.78 38.82 -84.45
N PHE KC 408 67.76 37.50 -84.27
CA PHE KC 408 67.60 36.95 -82.93
C PHE KC 408 68.76 37.32 -82.03
N ILE KC 409 69.99 37.20 -82.54
CA ILE KC 409 71.16 37.50 -81.71
C ILE KC 409 71.17 38.97 -81.33
N ASN KC 410 70.91 39.85 -82.30
CA ASN KC 410 71.11 41.27 -82.05
C ASN KC 410 69.99 41.86 -81.20
N ILE KC 411 68.75 41.45 -81.40
CA ILE KC 411 67.68 41.97 -80.55
C ILE KC 411 67.89 41.54 -79.11
N ASN KC 412 68.38 40.32 -78.91
CA ASN KC 412 68.70 39.89 -77.56
C ASN KC 412 69.83 40.70 -76.96
N ILE KC 413 70.77 41.17 -77.79
CA ILE KC 413 71.83 42.02 -77.28
C ILE KC 413 71.27 43.36 -76.83
N ILE KC 414 70.24 43.87 -77.52
CA ILE KC 414 69.68 45.16 -77.14
C ILE KC 414 69.05 45.09 -75.75
N PHE KC 415 68.26 44.05 -75.50
CA PHE KC 415 67.32 44.08 -74.39
C PHE KC 415 67.70 43.20 -73.21
N THR KC 416 68.55 42.19 -73.38
CA THR KC 416 69.03 41.46 -72.22
C THR KC 416 69.79 42.36 -71.27
N PRO KC 417 70.69 43.24 -71.71
CA PRO KC 417 71.36 44.13 -70.76
C PRO KC 417 70.39 45.03 -70.01
N GLN KC 418 69.24 45.35 -70.61
CA GLN KC 418 68.31 46.25 -69.94
C GLN KC 418 67.69 45.60 -68.71
N PHE KC 419 67.57 44.27 -68.69
CA PHE KC 419 67.19 43.59 -67.46
C PHE KC 419 68.24 43.84 -66.37
N ILE KC 420 69.51 43.67 -66.72
CA ILE KC 420 70.59 43.86 -65.74
C ILE KC 420 70.62 45.29 -65.26
N ILE KC 421 70.47 46.25 -66.18
CA ILE KC 421 70.49 47.65 -65.81
C ILE KC 421 69.38 47.97 -64.81
N GLY KC 422 68.28 47.23 -64.87
CA GLY KC 422 67.16 47.53 -64.00
C GLY KC 422 67.49 47.40 -62.52
N PHE KC 423 68.39 46.47 -62.17
CA PHE KC 423 68.79 46.27 -60.79
C PHE KC 423 69.96 47.16 -60.38
N ASN KC 424 70.47 48.02 -61.26
CA ASN KC 424 71.76 48.64 -61.02
C ASN KC 424 71.70 49.91 -60.15
N VAL KC 425 70.79 50.86 -60.35
CA VAL KC 425 69.56 50.84 -61.13
C VAL KC 425 69.55 52.04 -62.09
N MET KC 426 68.94 51.90 -63.27
CA MET KC 426 68.78 53.01 -64.19
C MET KC 426 67.30 53.30 -64.39
N PRO KC 427 66.82 54.51 -64.12
CA PRO KC 427 65.40 54.81 -64.37
C PRO KC 427 65.09 54.86 -65.85
N ARG KC 428 63.81 54.68 -66.17
CA ARG KC 428 63.33 54.87 -67.52
C ARG KC 428 63.20 56.36 -67.85
N ARG KC 429 62.99 56.64 -69.14
CA ARG KC 429 62.66 57.99 -69.60
C ARG KC 429 63.75 58.98 -69.17
N ILE KC 430 65.00 58.56 -69.29
CA ILE KC 430 66.15 59.30 -68.81
C ILE KC 430 67.16 59.42 -69.94
N LEU KC 431 67.76 60.60 -70.08
CA LEU KC 431 68.76 60.86 -71.11
C LEU KC 431 70.18 60.70 -70.59
N GLU KC 432 70.50 61.32 -69.46
CA GLU KC 432 71.79 61.17 -68.80
C GLU KC 432 71.70 60.09 -67.74
N TYR KC 433 72.86 59.54 -67.38
CA TYR KC 433 72.93 58.52 -66.34
C TYR KC 433 74.33 58.51 -65.77
N SER KC 434 74.47 57.84 -64.63
CA SER KC 434 75.76 57.76 -63.95
C SER KC 434 76.75 56.97 -64.79
N ASP KC 435 78.03 57.30 -64.61
CA ASP KC 435 79.07 56.74 -65.45
C ASP KC 435 79.20 55.23 -65.32
N ASN KC 436 78.75 54.65 -64.21
CA ASN KC 436 78.97 53.24 -63.95
C ASN KC 436 77.93 52.34 -64.59
N ILE KC 437 76.98 52.89 -65.34
CA ILE KC 437 76.03 52.08 -66.09
C ILE KC 437 76.37 52.08 -67.59
N ILE KC 438 77.50 52.69 -67.97
CA ILE KC 438 77.82 52.87 -69.38
C ILE KC 438 78.00 51.52 -70.07
N VAL KC 439 78.67 50.58 -69.41
CA VAL KC 439 79.05 49.34 -70.09
C VAL KC 439 77.81 48.64 -70.65
N TRP KC 440 76.78 48.46 -69.82
CA TRP KC 440 75.59 47.76 -70.27
C TRP KC 440 74.83 48.58 -71.31
N ASN KC 441 74.73 49.90 -71.10
CA ASN KC 441 74.06 50.74 -72.08
C ASN KC 441 74.81 50.75 -73.40
N LEU KC 442 76.14 50.71 -73.34
CA LEU KC 442 76.92 50.68 -74.57
C LEU KC 442 76.67 49.40 -75.35
N ILE KC 443 76.58 48.26 -74.66
CA ILE KC 443 76.35 46.99 -75.34
C ILE KC 443 75.01 47.00 -76.06
N SER KC 444 73.96 47.48 -75.39
CA SER KC 444 72.66 47.55 -76.02
C SER KC 444 72.67 48.49 -77.22
N SER KC 445 73.40 49.60 -77.11
CA SER KC 445 73.48 50.53 -78.24
C SER KC 445 74.13 49.87 -79.45
N ILE KC 446 75.20 49.11 -79.23
CA ILE KC 446 75.81 48.38 -80.33
C ILE KC 446 74.81 47.41 -80.94
N GLY KC 447 73.95 46.84 -80.11
CA GLY KC 447 72.91 45.96 -80.63
C GLY KC 447 71.92 46.70 -81.52
N SER KC 448 71.58 47.93 -81.15
CA SER KC 448 70.58 48.67 -81.91
C SER KC 448 71.10 49.04 -83.30
N ILE KC 449 72.32 49.54 -83.38
CA ILE KC 449 72.87 49.90 -84.69
C ILE KC 449 73.00 48.67 -85.56
N SER KC 450 73.32 47.52 -84.98
CA SER KC 450 73.46 46.30 -85.76
C SER KC 450 72.13 45.85 -86.36
N THR KC 451 71.04 45.94 -85.58
CA THR KC 451 69.75 45.48 -86.09
C THR KC 451 69.32 46.28 -87.31
N ILE KC 452 69.53 47.59 -87.29
CA ILE KC 452 69.12 48.43 -88.41
C ILE KC 452 69.84 48.01 -89.68
N LEU KC 453 71.13 47.68 -89.57
CA LEU KC 453 71.88 47.25 -90.74
C LEU KC 453 71.29 45.98 -91.33
N ILE KC 454 70.81 45.07 -90.47
CA ILE KC 454 70.30 43.79 -90.96
C ILE KC 454 69.07 44.01 -91.83
N LEU KC 455 68.23 44.99 -91.47
CA LEU KC 455 67.02 45.21 -92.24
C LEU KC 455 67.32 45.54 -93.70
N LEU KC 456 68.44 46.20 -93.97
CA LEU KC 456 68.80 46.54 -95.34
C LEU KC 456 69.09 45.32 -96.18
N SER KC 457 69.39 44.17 -95.56
CA SER KC 457 69.75 42.99 -96.32
C SER KC 457 68.55 42.29 -96.96
N ILE KC 458 67.34 42.53 -96.46
CA ILE KC 458 66.18 41.82 -96.99
C ILE KC 458 65.93 42.20 -98.43
N PHE KC 459 66.10 43.47 -98.76
CA PHE KC 459 65.86 43.95 -100.12
C PHE KC 459 66.83 43.33 -101.11
N GLY LC 1 28.17 41.90 -129.29
CA GLY LC 1 28.78 41.06 -130.30
C GLY LC 1 29.82 41.80 -131.13
N ARG LC 2 31.09 41.45 -130.94
CA ARG LC 2 32.19 42.06 -131.67
C ARG LC 2 33.10 40.97 -132.21
N GLU LC 3 33.61 41.16 -133.42
CA GLU LC 3 34.50 40.22 -134.07
C GLU LC 3 35.92 40.77 -134.05
N LEU LC 4 36.86 39.95 -133.56
CA LEU LC 4 38.25 40.35 -133.46
C LEU LC 4 39.14 39.28 -134.08
N PRO LC 5 40.29 39.66 -134.60
CA PRO LC 5 41.22 38.67 -135.15
C PRO LC 5 42.00 37.95 -134.05
N GLU LC 6 42.61 36.84 -134.42
CA GLU LC 6 43.42 36.10 -133.48
C GLU LC 6 44.70 36.85 -133.13
N TYR LC 7 45.22 37.64 -134.07
CA TYR LC 7 46.45 38.38 -133.85
C TYR LC 7 46.43 39.63 -134.70
N VAL LC 8 47.31 40.57 -134.36
CA VAL LC 8 47.47 41.82 -135.09
C VAL LC 8 48.94 42.10 -135.26
N VAL LC 9 49.33 42.58 -136.44
CA VAL LC 9 50.70 42.96 -136.73
C VAL LC 9 50.82 44.46 -136.57
N LEU LC 10 51.70 44.90 -135.67
CA LEU LC 10 51.84 46.32 -135.40
C LEU LC 10 52.59 47.01 -136.53
N PRO LC 11 52.36 48.32 -136.73
CA PRO LC 11 53.07 49.00 -137.82
C PRO LC 11 54.55 49.17 -137.58
N HIS LC 12 54.96 49.43 -136.34
CA HIS LC 12 56.38 49.64 -136.04
C HIS LC 12 57.07 48.31 -135.82
N ASN LC 13 58.39 48.38 -135.67
CA ASN LC 13 59.23 47.19 -135.52
C ASN LC 13 60.18 47.33 -134.33
N GLN LC 14 59.79 48.12 -133.33
CA GLN LC 14 60.61 48.37 -132.16
C GLN LC 14 60.19 47.47 -131.02
N GLN LC 15 61.17 46.78 -130.42
CA GLN LC 15 60.92 45.96 -129.23
C GLN LC 15 61.21 46.82 -128.00
N ARG LC 16 60.20 47.60 -127.60
CA ARG LC 16 60.41 48.60 -126.58
C ARG LC 16 60.51 47.98 -125.19
N TYR LC 17 59.78 46.91 -124.93
CA TYR LC 17 59.66 46.34 -123.60
C TYR LC 17 60.18 44.91 -123.57
N GLY LC 18 60.46 44.43 -122.37
CA GLY LC 18 60.96 43.08 -122.23
C GLY LC 18 61.39 42.82 -120.80
N ARG LC 19 62.18 41.77 -120.62
CA ARG LC 19 62.69 41.43 -119.30
C ARG LC 19 63.54 42.56 -118.77
N ASP LC 20 63.47 42.79 -117.47
CA ASP LC 20 64.25 43.84 -116.86
C ASP LC 20 65.72 43.45 -116.79
N LYS LC 21 66.58 44.41 -117.07
CA LYS LC 21 68.02 44.17 -117.06
C LYS LC 21 68.50 43.92 -115.63
N SER LC 22 69.54 43.10 -115.51
CA SER LC 22 70.14 42.86 -114.21
C SER LC 22 70.58 44.18 -113.58
N TYR LC 23 70.33 44.32 -112.29
CA TYR LC 23 70.63 45.54 -111.58
C TYR LC 23 71.34 45.23 -110.26
N SER LC 24 72.01 46.24 -109.72
CA SER LC 24 72.75 46.12 -108.49
C SER LC 24 71.95 46.71 -107.33
N TYR LC 25 72.58 46.74 -106.15
CA TYR LC 25 71.88 47.24 -104.97
C TYR LC 25 71.55 48.72 -105.10
N PHE LC 26 72.46 49.50 -105.69
CA PHE LC 26 72.32 50.95 -105.77
C PHE LC 26 71.86 51.41 -107.15
N THR LC 27 71.29 50.51 -107.96
CA THR LC 27 70.79 50.91 -109.26
C THR LC 27 69.68 51.95 -109.14
N CYS LC 28 68.90 51.89 -108.06
CA CYS LC 28 67.84 52.86 -107.86
C CYS LC 28 68.36 54.27 -107.64
N LEU LC 29 69.60 54.43 -107.17
CA LEU LC 29 70.10 55.76 -106.85
C LEU LC 29 70.22 56.62 -108.10
N TRP LC 30 70.47 56.03 -109.25
CA TRP LC 30 70.55 56.80 -110.49
C TRP LC 30 69.31 56.63 -111.36
N HIS LC 31 68.65 55.47 -111.31
CA HIS LC 31 67.49 55.27 -112.18
C HIS LC 31 66.32 56.13 -111.73
N PHE LC 32 66.07 56.20 -110.42
CA PHE LC 32 64.95 57.00 -109.95
C PHE LC 32 65.09 58.47 -110.31
N PRO LC 33 66.20 59.14 -110.00
CA PRO LC 33 66.33 60.54 -110.44
C PRO LC 33 66.26 60.69 -111.95
N LYS LC 34 66.73 59.69 -112.71
CA LYS LC 34 66.64 59.77 -114.16
C LYS LC 34 65.19 59.83 -114.60
N MET LC 35 64.32 59.01 -114.00
CA MET LC 35 62.91 59.04 -114.38
C MET LC 35 62.28 60.39 -114.09
N VAL LC 36 62.59 60.97 -112.92
CA VAL LC 36 61.95 62.22 -112.53
C VAL LC 36 62.29 63.33 -113.52
N PHE LC 37 63.56 63.44 -113.89
CA PHE LC 37 64.04 64.53 -114.71
C PHE LC 37 64.00 64.23 -116.20
N THR LC 38 63.64 63.01 -116.60
CA THR LC 38 63.69 62.62 -118.01
C THR LC 38 62.38 62.08 -118.54
N GLU LC 39 61.46 61.62 -117.69
CA GLU LC 39 60.18 61.10 -118.15
C GLU LC 39 59.15 62.20 -118.15
N LYS LC 40 58.45 62.37 -119.27
CA LYS LC 40 57.52 63.46 -119.40
C LYS LC 40 56.41 63.38 -118.36
N TRP LC 41 55.84 62.19 -118.18
CA TRP LC 41 54.72 62.06 -117.26
C TRP LC 41 55.13 62.26 -115.81
N CYS LC 42 56.41 62.15 -115.49
CA CYS LC 42 56.85 62.31 -114.11
C CYS LC 42 56.91 63.78 -113.72
N TYR LC 43 57.75 64.57 -114.40
CA TYR LC 43 57.90 65.96 -114.00
C TYR LC 43 56.71 66.82 -114.38
N THR LC 44 55.91 66.39 -115.36
CA THR LC 44 54.66 67.10 -115.62
C THR LC 44 53.72 66.99 -114.43
N ASN LC 45 53.62 65.81 -113.85
CA ASN LC 45 52.79 65.64 -112.65
C ASN LC 45 53.35 66.44 -111.49
N ILE LC 46 54.67 66.43 -111.31
CA ILE LC 46 55.28 67.18 -110.21
C ILE LC 46 54.99 68.66 -110.36
N MET LC 47 55.21 69.19 -111.56
CA MET LC 47 54.97 70.62 -111.78
C MET LC 47 53.49 70.94 -111.56
N TRP LC 48 52.60 70.07 -112.04
CA TRP LC 48 51.18 70.31 -111.85
C TRP LC 48 50.82 70.36 -110.38
N PHE LC 49 51.35 69.41 -109.60
CA PHE LC 49 51.05 69.37 -108.17
C PHE LC 49 51.61 70.61 -107.47
N VAL LC 50 52.86 70.97 -107.78
CA VAL LC 50 53.48 72.10 -107.11
C VAL LC 50 52.77 73.40 -107.45
N PHE LC 51 52.44 73.59 -108.73
CA PHE LC 51 51.87 74.86 -109.15
C PHE LC 51 50.53 75.11 -108.47
N TRP LC 52 49.64 74.12 -108.47
CA TRP LC 52 48.31 74.34 -107.94
C TRP LC 52 48.28 74.35 -106.42
N THR LC 53 49.13 73.57 -105.77
CA THR LC 53 49.23 73.67 -104.31
C THR LC 53 49.69 75.05 -103.90
N GLY LC 54 50.70 75.59 -104.59
CA GLY LC 54 51.12 76.95 -104.33
C GLY LC 54 50.10 77.98 -104.75
N PHE LC 55 49.37 77.71 -105.83
CA PHE LC 55 48.41 78.68 -106.33
C PHE LC 55 47.35 78.99 -105.29
N TRP LC 56 46.80 77.96 -104.64
CA TRP LC 56 45.79 78.17 -103.61
C TRP LC 56 46.39 78.50 -102.26
N PHE LC 57 47.70 78.35 -102.10
CA PHE LC 57 48.34 78.73 -100.85
C PHE LC 57 48.45 80.25 -100.72
N ILE LC 58 48.59 80.96 -101.84
CA ILE LC 58 48.78 82.41 -101.83
C ILE LC 58 47.56 83.10 -101.21
N PRO LC 59 46.36 82.93 -101.76
CA PRO LC 59 45.21 83.65 -101.19
C PRO LC 59 45.00 83.37 -99.72
N ASN LC 60 45.19 82.13 -99.28
CA ASN LC 60 45.14 81.83 -97.85
C ASN LC 60 46.27 82.52 -97.11
N TYR LC 61 47.47 82.53 -97.70
CA TYR LC 61 48.60 83.17 -97.05
C TYR LC 61 48.37 84.66 -96.87
N ILE LC 62 47.87 85.33 -97.91
CA ILE LC 62 47.64 86.76 -97.81
C ILE LC 62 46.61 87.07 -96.73
N TRP LC 63 45.53 86.31 -96.70
CA TRP LC 63 44.48 86.56 -95.72
C TRP LC 63 44.99 86.39 -94.31
N TRP LC 64 45.77 85.33 -94.06
CA TRP LC 64 46.22 85.08 -92.70
C TRP LC 64 47.25 86.11 -92.24
N GLU LC 65 48.14 86.52 -93.13
CA GLU LC 65 49.16 87.49 -92.74
C GLU LC 65 48.52 88.80 -92.31
N ARG LC 66 47.53 89.28 -93.05
CA ARG LC 66 46.80 90.47 -92.62
C ARG LC 66 46.10 90.23 -91.29
N ARG LC 67 45.47 89.07 -91.15
CA ARG LC 67 44.81 88.73 -89.91
C ARG LC 67 45.81 88.65 -88.75
N TYR LC 68 46.96 88.01 -88.99
CA TYR LC 68 47.93 87.86 -87.93
C TYR LC 68 48.48 89.20 -87.47
N ALA LC 69 48.78 90.10 -88.42
CA ALA LC 69 49.25 91.43 -88.05
C ALA LC 69 48.17 92.18 -87.27
N TYR LC 70 46.91 92.06 -87.70
CA TYR LC 70 45.83 92.74 -87.01
C TYR LC 70 45.69 92.24 -85.58
N GLN LC 71 45.78 90.93 -85.37
CA GLN LC 71 45.63 90.38 -84.03
C GLN LC 71 46.76 90.84 -83.12
N LYS LC 72 48.00 90.88 -83.63
CA LYS LC 72 49.10 91.33 -82.80
C LYS LC 72 48.94 92.78 -82.38
N ALA LC 73 48.25 93.58 -83.19
CA ALA LC 73 48.05 94.98 -82.83
C ALA LC 73 47.10 95.13 -81.64
N GLY LC 74 46.25 94.15 -81.38
CA GLY LC 74 45.38 94.21 -80.23
C GLY LC 74 44.06 93.52 -80.53
N PHE LC 75 43.20 93.51 -79.52
CA PHE LC 75 41.88 92.93 -79.67
C PHE LC 75 40.98 93.84 -80.51
N HIS LC 76 39.82 93.32 -80.87
CA HIS LC 76 38.90 94.10 -81.69
C HIS LC 76 38.49 95.38 -80.99
N TRP LC 77 38.16 95.29 -79.70
CA TRP LC 77 37.75 96.47 -78.95
C TRP LC 77 38.91 97.42 -78.69
N GLU LC 78 40.15 96.94 -78.78
CA GLU LC 78 41.28 97.84 -78.65
C GLU LC 78 41.47 98.66 -79.92
N HIS LC 79 41.22 98.07 -81.08
CA HIS LC 79 41.28 98.82 -82.33
C HIS LC 79 40.23 99.91 -82.38
N THR LC 80 39.00 99.60 -81.99
CA THR LC 80 37.96 100.62 -81.97
C THR LC 80 38.25 101.70 -80.94
N ASN LC 81 38.88 101.33 -79.83
CA ASN LC 81 39.20 102.32 -78.80
C ASN LC 81 40.16 103.37 -79.34
N ARG LC 82 41.17 102.94 -80.08
CA ARG LC 82 42.15 103.90 -80.62
C ARG LC 82 41.48 104.89 -81.57
N LYS LC 83 40.58 104.40 -82.42
CA LYS LC 83 39.83 105.31 -83.29
C LYS LC 83 38.96 106.24 -82.45
N LEU LC 84 38.34 105.72 -81.40
CA LEU LC 84 37.53 106.55 -80.53
C LEU LC 84 38.39 107.65 -79.90
N GLN LC 85 39.58 107.28 -79.41
CA GLN LC 85 40.46 108.28 -78.82
C GLN LC 85 40.91 109.28 -79.86
N ALA LC 86 41.21 108.82 -81.07
CA ALA LC 86 41.57 109.74 -82.14
C ALA LC 86 40.44 110.70 -82.46
N ARG LC 87 39.20 110.20 -82.47
CA ARG LC 87 38.06 111.07 -82.72
C ARG LC 87 37.93 112.12 -81.63
N LYS LC 88 38.12 111.73 -80.37
CA LYS LC 88 38.05 112.70 -79.28
C LYS LC 88 39.09 113.79 -79.45
N GLU LC 89 40.32 113.42 -79.80
CA GLU LC 89 41.36 114.42 -79.98
C GLU LC 89 41.04 115.34 -81.15
N ALA LC 90 40.49 114.79 -82.23
CA ALA LC 90 40.15 115.60 -83.39
C ALA LC 90 39.13 116.67 -83.03
N LEU LC 91 38.09 116.29 -82.27
CA LEU LC 91 37.05 117.24 -81.88
C LEU LC 91 37.37 117.96 -80.58
N GLY LC 92 38.33 117.46 -79.80
CA GLY LC 92 38.63 118.09 -78.53
C GLY LC 92 37.61 117.82 -77.44
N MET LC 93 36.62 116.96 -77.70
CA MET LC 93 35.59 116.64 -76.72
C MET LC 93 36.06 115.49 -75.84
N ASP LC 94 35.75 115.58 -74.55
CA ASP LC 94 36.08 114.51 -73.64
C ASP LC 94 35.16 113.31 -73.82
N LYS LC 95 33.90 113.55 -74.15
CA LYS LC 95 32.91 112.49 -74.36
C LYS LC 95 32.21 112.73 -75.69
N VAL LC 96 32.12 111.69 -76.51
CA VAL LC 96 31.53 111.80 -77.84
C VAL LC 96 30.57 110.62 -78.03
N PRO LC 97 29.57 110.78 -78.91
CA PRO LC 97 28.64 109.67 -79.14
C PRO LC 97 29.33 108.50 -79.83
N ALA LC 98 28.78 107.31 -79.59
CA ALA LC 98 29.34 106.11 -80.16
C ALA LC 98 29.09 106.08 -81.67
N SER LC 99 29.84 105.21 -82.35
CA SER LC 99 29.73 105.11 -83.80
C SER LC 99 28.31 104.73 -84.19
N GLY LC 100 27.80 105.36 -85.23
CA GLY LC 100 26.46 105.10 -85.70
C GLY LC 100 25.37 105.80 -84.93
N MET LC 101 25.72 106.69 -84.01
CA MET LC 101 24.73 107.43 -83.22
C MET LC 101 25.05 108.92 -83.27
N ASP LC 102 24.01 109.73 -83.14
CA ASP LC 102 24.13 111.18 -83.19
C ASP LC 102 24.16 111.76 -81.79
N TRP LC 103 24.41 113.07 -81.72
CA TRP LC 103 24.45 113.78 -80.46
C TRP LC 103 23.05 113.91 -79.87
N ASN MC 1 36.84 40.13 -117.03
CA ASN MC 1 38.00 40.01 -117.89
C ASN MC 1 39.14 39.31 -117.17
N LEU MC 2 40.04 38.70 -117.94
CA LEU MC 2 41.18 38.02 -117.35
C LEU MC 2 42.09 39.00 -116.64
N GLU MC 3 42.22 40.22 -117.18
CA GLU MC 3 43.09 41.21 -116.55
C GLU MC 3 42.59 41.63 -115.19
N ASP MC 4 41.29 41.55 -114.95
CA ASP MC 4 40.69 41.99 -113.70
C ASP MC 4 40.55 40.88 -112.68
N HIS MC 5 40.95 39.65 -113.00
CA HIS MC 5 40.76 38.54 -112.08
C HIS MC 5 41.56 38.75 -110.80
N PHE MC 6 42.82 39.14 -110.94
CA PHE MC 6 43.72 39.29 -109.80
C PHE MC 6 43.76 40.73 -109.34
N ASP MC 7 43.69 40.93 -108.03
CA ASP MC 7 43.86 42.27 -107.48
C ASP MC 7 45.30 42.73 -107.69
N LEU MC 8 45.45 43.98 -108.10
CA LEU MC 8 46.76 44.53 -108.43
C LEU MC 8 47.44 43.67 -109.49
N ALA MC 9 46.71 43.45 -110.60
CA ALA MC 9 47.15 42.47 -111.59
C ALA MC 9 48.51 42.83 -112.17
N GLU MC 10 48.74 44.11 -112.45
CA GLU MC 10 50.00 44.50 -113.06
C GLU MC 10 51.18 44.12 -112.17
N TYR MC 11 51.07 44.41 -110.88
CA TYR MC 11 52.14 44.07 -109.95
C TYR MC 11 52.29 42.56 -109.82
N MET MC 12 51.17 41.85 -109.68
CA MET MC 12 51.23 40.41 -109.47
C MET MC 12 51.75 39.70 -110.72
N MET MC 13 51.40 40.21 -111.91
CA MET MC 13 51.92 39.66 -113.15
C MET MC 13 53.27 40.26 -113.53
N LYS MC 14 53.82 41.12 -112.68
CA LYS MC 14 55.19 41.62 -112.83
C LYS MC 14 55.33 42.52 -114.06
N MET MC 15 54.37 43.42 -114.23
CA MET MC 15 54.40 44.40 -115.30
C MET MC 15 54.28 45.83 -114.79
N HIS MC 16 54.19 46.03 -113.49
CA HIS MC 16 53.90 47.35 -112.94
C HIS MC 16 55.06 48.31 -113.24
N ASN MC 17 54.73 49.58 -113.26
CA ASN MC 17 55.76 50.60 -113.44
C ASN MC 17 56.59 50.72 -112.17
N PRO MC 18 57.92 50.75 -112.26
CA PRO MC 18 58.73 50.81 -111.04
C PRO MC 18 58.50 52.05 -110.22
N MET MC 19 57.94 53.12 -110.80
CA MET MC 19 57.75 54.35 -110.06
C MET MC 19 56.88 54.14 -108.83
N SER MC 20 55.93 53.21 -108.90
CA SER MC 20 55.09 52.94 -107.75
C SER MC 20 55.93 52.51 -106.55
N GLU MC 21 56.90 51.62 -106.78
CA GLU MC 21 57.77 51.19 -105.70
C GLU MC 21 58.62 52.35 -105.18
N TYR MC 22 59.12 53.18 -106.08
CA TYR MC 22 59.95 54.30 -105.65
C TYR MC 22 59.17 55.24 -104.74
N LEU MC 23 57.91 55.51 -105.09
CA LEU MC 23 57.11 56.39 -104.24
C LEU MC 23 56.91 55.80 -102.87
N TYR MC 24 56.66 54.48 -102.79
CA TYR MC 24 56.49 53.83 -101.50
C TYR MC 24 57.75 53.99 -100.65
N TRP MC 25 58.92 53.74 -101.25
CA TRP MC 25 60.16 53.91 -100.51
C TRP MC 25 60.41 55.37 -100.16
N ILE MC 26 60.09 56.28 -101.08
CA ILE MC 26 60.25 57.70 -100.80
C ILE MC 26 59.35 58.11 -99.65
N ALA MC 27 58.10 57.64 -99.65
CA ALA MC 27 57.20 57.96 -98.56
C ALA MC 27 57.76 57.50 -97.23
N GLY MC 28 58.31 56.28 -97.19
CA GLY MC 28 58.95 55.81 -95.98
C GLY MC 28 60.14 56.68 -95.59
N PHE MC 29 60.94 57.07 -96.58
CA PHE MC 29 62.10 57.91 -96.29
C PHE MC 29 61.66 59.26 -95.70
N VAL MC 30 60.61 59.85 -96.25
CA VAL MC 30 60.12 61.12 -95.73
C VAL MC 30 59.62 60.94 -94.30
N SER MC 31 58.94 59.83 -94.02
CA SER MC 31 58.48 59.57 -92.67
C SER MC 31 59.65 59.53 -91.69
N GLY MC 32 60.76 58.92 -92.10
CA GLY MC 32 61.93 58.88 -91.23
C GLY MC 32 62.49 60.26 -90.95
N LEU MC 33 62.45 61.14 -91.96
CA LEU MC 33 63.01 62.48 -91.78
C LEU MC 33 62.29 63.28 -90.71
N HIS MC 34 61.05 62.91 -90.38
CA HIS MC 34 60.31 63.63 -89.36
C HIS MC 34 60.90 63.45 -87.98
N GLY MC 35 61.83 62.52 -87.80
CA GLY MC 35 62.50 62.36 -86.53
C GLY MC 35 63.87 63.03 -86.49
N ILE MC 36 64.50 63.17 -87.65
CA ILE MC 36 65.85 63.70 -87.73
C ILE MC 36 65.86 65.19 -87.95
N LEU MC 37 65.08 65.69 -88.91
CA LEU MC 37 65.09 67.11 -89.21
C LEU MC 37 64.68 67.96 -88.01
N PRO MC 38 63.55 67.70 -87.34
CA PRO MC 38 63.24 68.50 -86.15
C PRO MC 38 64.27 68.38 -85.05
N LEU MC 39 64.99 67.26 -84.96
CA LEU MC 39 66.09 67.16 -84.01
C LEU MC 39 67.15 68.21 -84.32
N LEU MC 40 67.58 68.28 -85.58
CA LEU MC 40 68.59 69.26 -85.96
C LEU MC 40 68.07 70.68 -85.76
N HIS MC 41 66.84 70.95 -86.18
CA HIS MC 41 66.29 72.29 -86.05
C HIS MC 41 66.19 72.70 -84.59
N SER MC 42 65.70 71.80 -83.74
CA SER MC 42 65.55 72.14 -82.33
C SER MC 42 66.90 72.34 -81.65
N ASN MC 43 67.89 71.51 -81.99
CA ASN MC 43 69.22 71.69 -81.41
C ASN MC 43 69.78 73.07 -81.74
N TYR MC 44 69.68 73.48 -83.01
CA TYR MC 44 70.19 74.79 -83.38
C TYR MC 44 69.41 75.89 -82.71
N TYR MC 45 68.10 75.73 -82.59
CA TYR MC 45 67.27 76.80 -82.04
C TYR MC 45 67.66 77.11 -80.60
N PHE MC 46 67.92 76.08 -79.80
CA PHE MC 46 68.22 76.28 -78.39
C PHE MC 46 69.71 76.33 -78.07
N SER MC 47 70.58 76.02 -79.03
CA SER MC 47 72.01 75.99 -78.76
C SER MC 47 72.82 76.72 -79.81
N GLY MC 48 72.29 76.82 -81.03
CA GLY MC 48 73.06 77.38 -82.12
C GLY MC 48 73.95 76.39 -82.83
N MET MC 49 73.85 75.10 -82.52
CA MET MC 49 74.60 74.05 -83.19
C MET MC 49 73.62 72.99 -83.66
N PHE MC 50 73.87 72.45 -84.85
CA PHE MC 50 73.01 71.38 -85.36
C PHE MC 50 73.15 70.11 -84.53
N LEU MC 51 74.38 69.75 -84.16
CA LEU MC 51 74.63 68.59 -83.34
C LEU MC 51 75.68 68.93 -82.30
N PRO MC 52 75.60 68.36 -81.11
CA PRO MC 52 76.64 68.58 -80.11
C PRO MC 52 77.90 67.82 -80.44
N ARG MC 53 79.00 68.29 -79.86
CA ARG MC 53 80.21 67.49 -79.77
C ARG MC 53 80.10 66.60 -78.54
N ASP MC 54 80.54 65.36 -78.66
CA ASP MC 54 80.36 64.39 -77.59
C ASP MC 54 80.95 64.92 -76.29
N ASN MC 55 80.14 64.87 -75.23
CA ASN MC 55 80.55 65.30 -73.89
C ASN MC 55 80.89 66.79 -73.85
N ASP MC 56 80.31 67.58 -74.75
CA ASP MC 56 80.58 69.01 -74.75
C ASP MC 56 79.87 69.73 -73.61
N ASN MC 57 78.89 69.09 -72.98
CA ASN MC 57 78.21 69.70 -71.84
C ASN MC 57 78.89 69.37 -70.51
N THR MC 58 80.02 68.69 -70.53
CA THR MC 58 80.77 68.34 -69.34
C THR MC 58 82.16 68.95 -69.41
N GLN MC 59 82.85 68.94 -68.28
CA GLN MC 59 84.22 69.45 -68.24
C GLN MC 59 85.13 68.54 -69.05
N LEU MC 60 85.97 69.14 -69.90
CA LEU MC 60 86.84 68.40 -70.79
C LEU MC 60 88.29 68.76 -70.52
N CYS MC 61 89.18 67.80 -70.75
CA CYS MC 61 90.60 68.05 -70.59
C CYS MC 61 91.05 69.15 -71.55
N ASP MC 62 92.23 69.71 -71.27
CA ASP MC 62 92.74 70.79 -72.11
C ASP MC 62 92.97 70.32 -73.53
N ASP MC 63 93.52 69.11 -73.70
CA ASP MC 63 93.83 68.58 -75.01
C ASP MC 63 92.64 67.88 -75.67
N SER MC 64 91.49 67.84 -75.02
CA SER MC 64 90.34 67.17 -75.61
C SER MC 64 89.96 67.84 -76.94
N TRP MC 65 89.67 67.00 -77.93
CA TRP MC 65 89.22 67.50 -79.22
C TRP MC 65 88.39 66.45 -79.93
N THR NC 1 61.72 1.26 -80.62
CA THR NC 1 61.13 -0.04 -80.37
C THR NC 1 59.84 -0.22 -81.14
N TRP NC 2 59.54 0.74 -82.03
CA TRP NC 2 58.31 0.68 -82.80
C TRP NC 2 58.23 -0.60 -83.62
N THR NC 3 59.32 -0.92 -84.33
CA THR NC 3 59.34 -2.15 -85.12
C THR NC 3 59.41 -3.39 -84.23
N GLU NC 4 60.05 -3.28 -83.07
CA GLU NC 4 60.35 -4.47 -82.29
C GLU NC 4 59.12 -5.01 -81.57
N ILE NC 5 58.36 -4.16 -80.90
CA ILE NC 5 57.26 -4.62 -80.08
C ILE NC 5 55.92 -3.99 -80.43
N TRP NC 6 55.87 -2.87 -81.14
CA TRP NC 6 54.60 -2.22 -81.43
C TRP NC 6 54.01 -2.64 -82.77
N TRP NC 7 54.79 -2.55 -83.84
CA TRP NC 7 54.30 -2.71 -85.20
C TRP NC 7 55.17 -3.73 -85.91
N GLU NC 8 54.53 -4.75 -86.49
CA GLU NC 8 55.25 -5.84 -87.14
C GLU NC 8 55.14 -5.81 -88.66
N HIS NC 9 54.66 -4.71 -89.22
CA HIS NC 9 54.42 -4.61 -90.65
C HIS NC 9 55.31 -3.59 -91.34
N ASP NC 10 56.29 -3.03 -90.65
CA ASP NC 10 57.30 -2.18 -91.25
C ASP NC 10 58.61 -2.94 -91.35
N PRO NC 11 59.40 -2.72 -92.40
CA PRO NC 11 60.69 -3.40 -92.50
C PRO NC 11 61.59 -3.01 -91.33
N THR NC 12 62.35 -4.00 -90.83
CA THR NC 12 63.21 -3.79 -89.68
C THR NC 12 64.67 -3.88 -90.13
N PRO NC 13 65.47 -2.83 -89.96
CA PRO NC 13 66.84 -2.85 -90.47
C PRO NC 13 67.77 -3.63 -89.56
N LYS NC 14 68.94 -3.95 -90.12
CA LYS NC 14 70.06 -4.45 -89.36
C LYS NC 14 71.01 -3.30 -89.07
N VAL NC 15 71.54 -3.26 -87.85
CA VAL NC 15 72.47 -2.20 -87.47
C VAL NC 15 73.82 -2.49 -88.12
N ALA NC 16 74.24 -1.59 -89.02
CA ALA NC 16 75.58 -1.71 -89.58
C ALA NC 16 76.63 -1.29 -88.56
N GLN NC 17 76.38 -0.21 -87.85
CA GLN NC 17 77.33 0.37 -86.92
C GLN NC 17 76.53 1.17 -85.91
N TYR NC 18 76.95 1.15 -84.65
CA TYR NC 18 76.32 1.98 -83.62
C TYR NC 18 76.97 3.34 -83.51
N ARG NC 19 77.57 3.81 -84.59
CA ARG NC 19 78.28 5.07 -84.69
C ARG NC 19 77.99 5.65 -86.07
N PRO NC 20 77.96 6.97 -86.21
CA PRO NC 20 77.72 7.55 -87.54
C PRO NC 20 78.93 7.39 -88.45
N TYR NC 21 78.67 7.45 -89.75
CA TYR NC 21 79.70 7.42 -90.77
C TYR NC 21 79.95 8.85 -91.23
N VAL NC 22 81.21 9.30 -91.12
CA VAL NC 22 81.60 10.64 -91.58
C VAL NC 22 81.92 10.59 -93.06
N CYS NC 23 81.34 11.49 -93.84
CA CYS NC 23 81.58 11.53 -95.28
C CYS NC 23 81.55 12.97 -95.76
N THR NC 24 82.38 13.25 -96.77
CA THR NC 24 82.37 14.54 -97.44
C THR NC 24 81.38 14.50 -98.60
N VAL NC 25 80.50 15.49 -98.65
CA VAL NC 25 79.46 15.55 -99.66
C VAL NC 25 79.53 16.88 -100.38
N GLU NC 26 78.99 16.89 -101.61
CA GLU NC 26 79.06 18.04 -102.49
C GLU NC 26 77.66 18.51 -102.86
N SER NC 27 77.46 19.82 -102.82
CA SER NC 27 76.18 20.38 -103.21
C SER NC 27 75.92 20.11 -104.68
N GLY NC 28 74.66 19.84 -105.01
CA GLY NC 28 74.29 19.55 -106.37
C GLY NC 28 74.47 18.10 -106.78
N LYS NC 29 74.80 17.22 -105.84
CA LYS NC 29 74.94 15.80 -106.09
C LYS NC 29 73.96 15.05 -105.21
N VAL NC 30 73.37 13.98 -105.76
CA VAL NC 30 72.37 13.19 -105.05
C VAL NC 30 73.02 11.91 -104.54
N TYR NC 31 72.74 11.58 -103.29
CA TYR NC 31 73.31 10.42 -102.63
C TYR NC 31 72.19 9.47 -102.23
N TRP NC 32 72.52 8.18 -102.18
CA TRP NC 32 71.55 7.13 -101.86
C TRP NC 32 72.06 6.36 -100.65
N TRP NC 33 71.23 6.29 -99.62
CA TRP NC 33 71.61 5.81 -98.29
C TRP NC 33 70.99 4.44 -98.07
N CYS NC 34 71.78 3.52 -97.51
CA CYS NC 34 71.30 2.18 -97.24
C CYS NC 34 70.39 2.17 -96.02
N ALA NC 35 69.19 1.62 -96.18
CA ALA NC 35 68.23 1.52 -95.10
C ALA NC 35 68.12 0.12 -94.53
N CYS NC 36 68.90 -0.84 -95.01
CA CYS NC 36 68.87 -2.21 -94.53
C CYS NC 36 70.09 -2.59 -93.72
N GLY NC 37 71.20 -1.87 -93.84
CA GLY NC 37 72.40 -2.17 -93.10
C GLY NC 37 73.23 -3.31 -93.64
N GLU NC 38 72.96 -3.77 -94.86
CA GLU NC 38 73.66 -4.90 -95.43
C GLU NC 38 74.53 -4.51 -96.63
N SER NC 39 74.52 -3.24 -97.02
CA SER NC 39 75.40 -2.78 -98.08
C SER NC 39 76.85 -2.80 -97.61
N LYS NC 40 77.76 -3.03 -98.54
CA LYS NC 40 79.18 -3.08 -98.25
C LYS NC 40 79.89 -1.76 -98.56
N THR NC 41 79.16 -0.76 -99.02
CA THR NC 41 79.73 0.56 -99.29
C THR NC 41 79.05 1.58 -98.38
N GLN NC 42 78.94 1.25 -97.11
CA GLN NC 42 78.20 2.09 -96.17
C GLN NC 42 78.83 3.48 -96.10
N PRO NC 43 78.03 4.54 -95.93
CA PRO NC 43 76.59 4.52 -95.65
C PRO NC 43 75.72 4.54 -96.90
N TRP NC 44 76.29 4.17 -98.04
CA TRP NC 44 75.62 4.29 -99.33
C TRP NC 44 75.20 2.93 -99.84
N VAL NC 45 74.16 2.93 -100.68
CA VAL NC 45 73.73 1.68 -101.31
C VAL NC 45 74.78 1.22 -102.30
N ASP NC 46 75.06 -0.08 -102.28
CA ASP NC 46 76.13 -0.65 -103.10
C ASP NC 46 75.62 -1.31 -104.38
N GLY NC 47 74.30 -1.42 -104.57
CA GLY NC 47 73.74 -2.09 -105.72
C GLY NC 47 73.47 -3.57 -105.52
N HIS NC 48 73.83 -4.14 -104.37
CA HIS NC 48 73.60 -5.55 -104.11
C HIS NC 48 72.81 -5.82 -102.84
N CYS NC 49 72.53 -4.81 -102.03
CA CYS NC 49 71.81 -5.02 -100.78
C CYS NC 49 70.31 -5.07 -101.04
N LYS NC 50 69.54 -5.20 -99.97
CA LYS NC 50 68.08 -5.26 -100.09
C LYS NC 50 67.53 -3.97 -100.67
N CYS NC 51 68.09 -2.83 -100.26
CA CYS NC 51 67.60 -1.55 -100.77
C CYS NC 51 67.74 -1.49 -102.28
N SER NC 52 68.89 -1.91 -102.80
CA SER NC 52 69.09 -1.87 -104.25
C SER NC 52 68.12 -2.80 -104.96
N LYS NC 53 67.88 -3.98 -104.40
CA LYS NC 53 66.99 -4.95 -105.02
C LYS NC 53 65.52 -4.71 -104.71
N ARG NC 54 65.20 -3.68 -103.91
CA ARG NC 54 63.81 -3.35 -103.60
C ARG NC 54 63.12 -4.53 -102.93
N GLU NC 55 63.83 -5.22 -102.06
CA GLU NC 55 63.36 -6.45 -101.45
C GLU NC 55 62.89 -6.20 -100.02
N GLY NC 56 61.76 -6.80 -99.66
CA GLY NC 56 61.27 -6.74 -98.30
C GLY NC 56 60.97 -5.34 -97.82
N GLY NC 57 60.50 -4.46 -98.69
CA GLY NC 57 60.15 -3.12 -98.31
C GLY NC 57 61.31 -2.16 -98.16
N PHE NC 58 62.53 -2.61 -98.42
CA PHE NC 58 63.70 -1.74 -98.31
C PHE NC 58 63.92 -0.99 -99.62
N ARG NC 59 64.07 0.33 -99.52
CA ARG NC 59 64.37 1.16 -100.67
C ARG NC 59 65.48 2.14 -100.31
N PRO NC 60 66.28 2.56 -101.30
CA PRO NC 60 67.30 3.58 -101.02
C PRO NC 60 66.66 4.89 -100.59
N ARG NC 61 67.35 5.60 -99.71
CA ARG NC 61 66.88 6.87 -99.18
C ARG NC 61 67.62 7.99 -99.90
N ARG NC 62 66.88 8.78 -100.67
CA ARG NC 62 67.46 9.89 -101.39
C ARG NC 62 67.88 10.98 -100.43
N TRP NC 63 69.02 11.61 -100.72
CA TRP NC 63 69.52 12.70 -99.90
C TRP NC 63 70.37 13.62 -100.76
N GLU NC 64 70.33 14.91 -100.43
CA GLU NC 64 71.06 15.90 -101.18
C GLU NC 64 71.47 17.02 -100.24
N PRO NC 65 72.75 17.38 -100.19
CA PRO NC 65 73.17 18.47 -99.30
C PRO NC 65 72.89 19.84 -99.91
N GLU NC 66 72.61 20.79 -99.02
CA GLU NC 66 72.46 22.17 -99.47
C GLU NC 66 73.81 22.79 -99.78
N HIS NC 67 74.80 22.56 -98.93
CA HIS NC 67 76.14 23.10 -99.10
C HIS NC 67 77.16 21.98 -99.01
N ASP NC 68 78.34 22.24 -99.57
CA ASP NC 68 79.44 21.30 -99.44
C ASP NC 68 79.95 21.25 -98.00
N GLY NC 69 80.40 20.08 -97.59
CA GLY NC 69 80.95 19.93 -96.26
C GLY NC 69 81.02 18.46 -95.88
N VAL NC 70 81.32 18.24 -94.61
CA VAL NC 70 81.42 16.91 -94.03
C VAL NC 70 80.20 16.70 -93.13
N ARG NC 71 79.46 15.62 -93.37
CA ARG NC 71 78.22 15.36 -92.67
C ARG NC 71 78.27 13.97 -92.04
N LEU NC 72 77.52 13.80 -90.96
CA LEU NC 72 77.40 12.52 -90.29
C LEU NC 72 76.18 11.78 -90.80
N PHE NC 73 76.33 10.48 -91.01
CA PHE NC 73 75.27 9.66 -91.58
C PHE NC 73 74.96 8.49 -90.66
N CYS NC 74 73.68 8.18 -90.54
CA CYS NC 74 73.22 7.16 -89.60
C CYS NC 74 73.81 5.80 -89.97
N GLY NC 75 74.32 5.10 -88.96
CA GLY NC 75 74.79 3.74 -89.13
C GLY NC 75 73.85 2.74 -88.49
N CYS NC 76 73.09 3.19 -87.49
CA CYS NC 76 72.12 2.34 -86.84
C CYS NC 76 70.87 2.11 -87.68
N LYS NC 77 70.63 2.96 -88.69
CA LYS NC 77 69.51 2.83 -89.61
C LYS NC 77 68.17 3.10 -88.96
N SER NC 78 68.15 3.76 -87.80
CA SER NC 78 66.90 4.10 -87.16
C SER NC 78 66.87 5.54 -86.65
N CYS NC 79 67.88 6.35 -86.92
CA CYS NC 79 67.87 7.73 -86.47
C CYS NC 79 66.64 8.45 -87.03
N PHE NC 80 66.03 9.28 -86.19
CA PHE NC 80 64.84 10.02 -86.60
C PHE NC 80 65.15 10.90 -87.81
N SER NC 81 66.35 11.47 -87.85
CA SER NC 81 66.77 12.35 -88.92
C SER NC 81 67.53 11.62 -90.01
N SER NC 82 67.28 10.32 -90.18
CA SER NC 82 67.99 9.57 -91.20
C SER NC 82 67.69 10.16 -92.57
N PRO NC 83 68.66 10.14 -93.50
CA PRO NC 83 70.01 9.56 -93.44
C PRO NC 83 70.98 10.25 -92.48
N THR NC 84 70.72 11.50 -92.15
CA THR NC 84 71.64 12.22 -91.29
C THR NC 84 71.57 11.69 -89.86
N TRP NC 85 72.64 11.92 -89.11
CA TRP NC 85 72.74 11.47 -87.74
C TRP NC 85 72.29 12.57 -86.78
N ASN NC 86 71.58 12.15 -85.72
CA ASN NC 86 71.19 13.08 -84.67
C ASN NC 86 71.41 12.51 -83.28
N GLY NC 87 72.09 11.37 -83.16
CA GLY NC 87 72.30 10.73 -81.88
C GLY NC 87 71.49 9.47 -81.67
N GLY NC 88 70.64 9.10 -82.63
CA GLY NC 88 69.86 7.89 -82.48
C GLY NC 88 70.69 6.64 -82.44
N CYS NC 89 71.90 6.68 -83.02
CA CYS NC 89 72.78 5.52 -82.98
C CYS NC 89 73.15 5.17 -81.55
N PHE NC 90 73.45 6.17 -80.73
CA PHE NC 90 73.72 5.90 -79.32
C PHE NC 90 72.46 5.42 -78.61
N THR NC 91 71.31 6.03 -78.91
CA THR NC 91 70.08 5.61 -78.26
C THR NC 91 69.76 4.16 -78.57
N LYS NC 92 69.85 3.77 -79.83
CA LYS NC 92 69.56 2.39 -80.20
C LYS NC 92 70.56 1.43 -79.58
N TRP NC 93 71.80 1.87 -79.38
CA TRP NC 93 72.78 1.02 -78.71
C TRP NC 93 72.38 0.75 -77.27
N MET NC 94 71.90 1.79 -76.57
CA MET NC 94 71.50 1.61 -75.17
C MET NC 94 70.38 0.59 -75.04
N GLN NC 95 69.45 0.58 -76.01
CA GLN NC 95 68.39 -0.42 -76.00
C GLN NC 95 68.99 -1.82 -76.08
N SER NC 96 70.01 -2.00 -76.91
CA SER NC 96 70.62 -3.32 -77.06
C SER NC 96 71.52 -3.68 -75.89
N ASN NC 97 72.21 -2.70 -75.31
CA ASN NC 97 73.13 -2.93 -74.20
C ASN NC 97 72.82 -1.91 -73.11
N PRO NC 98 71.71 -2.08 -72.39
CA PRO NC 98 71.34 -1.09 -71.38
C PRO NC 98 72.37 -0.91 -70.28
N ALA NC 99 73.09 -1.96 -69.91
CA ALA NC 99 74.12 -1.82 -68.89
C ALA NC 99 75.20 -0.85 -69.34
N GLY NC 100 75.63 -0.95 -70.60
CA GLY NC 100 76.60 0.01 -71.11
C GLY NC 100 76.03 1.42 -71.15
N GLY NC 101 74.76 1.56 -71.52
CA GLY NC 101 74.15 2.88 -71.56
C GLY NC 101 74.18 3.57 -70.21
N MET NC 102 73.96 2.82 -69.13
CA MET NC 102 74.02 3.40 -67.81
C MET NC 102 75.40 3.98 -67.53
N LEU NC 103 76.45 3.24 -67.90
CA LEU NC 103 77.81 3.70 -67.64
C LEU NC 103 78.09 5.02 -68.36
N TYR NC 104 77.72 5.09 -69.64
CA TYR NC 104 77.98 6.30 -70.41
C TYR NC 104 77.15 7.46 -69.88
N CYS NC 105 75.86 7.24 -69.65
CA CYS NC 105 75.01 8.33 -69.17
C CYS NC 105 75.44 8.82 -67.80
N PHE NC 106 75.84 7.89 -66.93
CA PHE NC 106 76.36 8.29 -65.63
C PHE NC 106 77.62 9.14 -65.80
N ALA NC 107 78.54 8.69 -66.66
CA ALA NC 107 79.78 9.44 -66.86
C ALA NC 107 79.50 10.81 -67.46
N ALA NC 108 78.63 10.87 -68.47
CA ALA NC 108 78.29 12.15 -69.06
C ALA NC 108 77.59 13.06 -68.05
N ALA NC 109 76.66 12.49 -67.28
CA ALA NC 109 75.98 13.28 -66.26
C ALA NC 109 76.95 13.74 -65.18
N PHE NC 110 77.89 12.88 -64.81
CA PHE NC 110 78.86 13.26 -63.79
C PHE NC 110 79.69 14.45 -64.22
N GLY NC 111 80.17 14.44 -65.47
CA GLY NC 111 80.92 15.58 -65.97
C GLY NC 111 80.10 16.84 -65.99
N PHE NC 112 78.87 16.75 -66.50
CA PHE NC 112 78.02 17.92 -66.57
C PHE NC 112 77.74 18.48 -65.18
N GLY NC 113 77.50 17.62 -64.21
CA GLY NC 113 77.25 18.10 -62.85
C GLY NC 113 78.44 18.79 -62.25
N THR NC 114 79.64 18.25 -62.44
CA THR NC 114 80.83 18.87 -61.87
C THR NC 114 81.09 20.24 -62.46
N LEU NC 115 81.07 20.34 -63.80
CA LEU NC 115 81.39 21.62 -64.43
C LEU NC 115 80.35 22.67 -64.06
N THR NC 116 79.07 22.32 -64.13
CA THR NC 116 78.04 23.30 -63.81
C THR NC 116 78.10 23.74 -62.36
N VAL NC 117 78.35 22.80 -61.46
CA VAL NC 117 78.43 23.15 -60.04
C VAL NC 117 79.68 23.94 -59.75
N TYR NC 118 80.79 23.58 -60.38
CA TYR NC 118 82.05 24.27 -60.13
C TYR NC 118 81.96 25.74 -60.54
N ARG NC 119 81.37 26.02 -61.68
CA ARG NC 119 81.33 27.40 -62.19
C ARG NC 119 80.34 28.25 -61.41
N LYS NC 120 79.17 27.70 -61.09
CA LYS NC 120 78.17 28.47 -60.35
C LYS NC 120 78.48 28.48 -58.86
N PHE NC 121 78.49 27.31 -58.24
CA PHE NC 121 78.75 27.16 -56.81
C PHE NC 121 78.15 28.30 -55.97
N TYR OC 1 91.55 17.64 -98.37
CA TYR OC 1 92.95 17.46 -98.04
C TYR OC 1 93.29 15.97 -98.07
N THR OC 2 92.79 15.29 -99.10
CA THR OC 2 92.90 13.84 -99.26
C THR OC 2 92.69 13.15 -97.91
N PRO OC 3 91.47 13.17 -97.38
CA PRO OC 3 91.20 12.53 -96.10
C PRO OC 3 91.31 11.01 -96.18
N SER OC 4 91.50 10.40 -95.02
CA SER OC 4 91.73 8.96 -94.91
C SER OC 4 90.42 8.18 -94.93
N PHE OC 5 90.56 6.86 -95.06
CA PHE OC 5 89.45 5.93 -95.22
C PHE OC 5 89.28 5.18 -93.89
N GLU OC 6 88.19 5.46 -93.18
CA GLU OC 6 87.92 4.84 -91.88
C GLU OC 6 87.02 3.64 -92.11
N ARG OC 7 87.56 2.45 -91.85
CA ARG OC 7 86.83 1.23 -92.19
C ARG OC 7 85.63 1.00 -91.28
N GLY OC 8 85.73 1.37 -90.01
CA GLY OC 8 84.59 1.31 -89.10
C GLY OC 8 84.65 0.10 -88.18
N LEU OC 9 83.60 0.00 -87.35
CA LEU OC 9 83.54 -1.08 -86.38
C LEU OC 9 83.42 -2.43 -87.08
N ASN OC 10 82.64 -2.51 -88.15
CA ASN OC 10 82.55 -3.72 -88.96
C ASN OC 10 83.21 -3.46 -90.30
N PRO OC 11 84.44 -3.91 -90.52
CA PRO OC 11 85.13 -3.59 -91.78
C PRO OC 11 84.48 -4.24 -92.99
N GLU OC 12 83.71 -5.32 -92.81
CA GLU OC 12 83.11 -5.99 -93.95
C GLU OC 12 82.09 -5.09 -94.65
N LEU OC 13 81.41 -4.25 -93.89
CA LEU OC 13 80.38 -3.39 -94.44
C LEU OC 13 80.93 -2.15 -95.13
N THR OC 14 82.25 -1.96 -95.12
CA THR OC 14 82.90 -0.93 -95.92
C THR OC 14 83.90 -1.53 -96.90
N SER OC 15 83.72 -2.79 -97.27
CA SER OC 15 84.69 -3.51 -98.08
C SER OC 15 84.35 -3.53 -99.57
N GLY OC 16 83.23 -2.95 -99.98
CA GLY OC 16 82.82 -2.99 -101.35
C GLY OC 16 83.49 -1.91 -102.19
N ASP OC 17 83.05 -1.84 -103.45
CA ASP OC 17 83.55 -0.85 -104.39
C ASP OC 17 82.69 0.40 -104.30
N TYR OC 18 83.29 1.51 -103.86
CA TYR OC 18 82.54 2.74 -103.68
C TYR OC 18 82.34 3.50 -104.97
N GLY OC 19 83.11 3.20 -106.01
CA GLY OC 19 83.01 3.98 -107.24
C GLY OC 19 83.34 5.44 -106.95
N ASP OC 20 82.46 6.33 -107.42
CA ASP OC 20 82.63 7.75 -107.17
C ASP OC 20 82.02 8.21 -105.85
N MET OC 21 81.26 7.35 -105.18
CA MET OC 21 80.64 7.75 -103.93
C MET OC 21 81.72 8.02 -102.87
N PRO OC 22 81.47 8.98 -101.98
CA PRO OC 22 82.47 9.28 -100.95
C PRO OC 22 82.67 8.12 -99.99
N LYS OC 23 83.90 8.03 -99.46
CA LYS OC 23 84.23 6.96 -98.53
C LYS OC 23 84.30 7.50 -97.11
N PRO OC 24 83.95 6.68 -96.12
CA PRO OC 24 83.91 7.18 -94.74
C PRO OC 24 85.28 7.64 -94.24
N GLN OC 25 85.25 8.59 -93.33
CA GLN OC 25 86.43 9.32 -92.87
C GLN OC 25 86.50 9.34 -91.36
N PRO OC 26 87.66 9.65 -90.78
CA PRO OC 26 87.75 9.81 -89.33
C PRO OC 26 86.91 10.97 -88.83
N LEU OC 27 86.48 10.86 -87.57
CA LEU OC 27 85.57 11.83 -86.99
C LEU OC 27 86.21 13.20 -86.81
N ILE OC 28 87.53 13.28 -86.74
CA ILE OC 28 88.19 14.58 -86.60
C ILE OC 28 87.88 15.46 -87.80
N ASP OC 29 87.71 14.85 -88.98
CA ASP OC 29 87.43 15.64 -90.17
C ASP OC 29 86.14 16.41 -90.03
N PHE OC 30 85.11 15.80 -89.43
CA PHE OC 30 83.85 16.48 -89.27
C PHE OC 30 84.00 17.74 -88.42
N PHE OC 31 84.79 17.67 -87.35
CA PHE OC 31 84.94 18.83 -86.48
C PHE OC 31 85.79 19.91 -87.13
N THR OC 32 86.74 19.53 -87.98
CA THR OC 32 87.52 20.51 -88.74
C THR OC 32 86.90 20.84 -90.09
N GLN OC 33 85.85 20.15 -90.48
CA GLN OC 33 85.24 20.31 -91.80
C GLN OC 33 86.31 20.19 -92.90
N ASN OC 34 87.07 19.11 -92.82
CA ASN OC 34 88.15 18.83 -93.78
C ASN OC 34 89.18 19.95 -93.80
N ARG OC 35 89.47 20.49 -92.62
CA ARG OC 35 90.52 21.50 -92.46
C ARG OC 35 90.27 22.70 -93.37
N ASN OC 36 89.02 23.06 -93.56
CA ASN OC 36 88.73 24.27 -94.29
C ASN OC 36 89.28 25.45 -93.50
N PRO OC 37 90.22 26.23 -94.04
CA PRO OC 37 90.78 27.33 -93.25
C PRO OC 37 89.74 28.34 -92.84
N TRP OC 38 88.70 28.51 -93.65
CA TRP OC 38 87.63 29.45 -93.33
C TRP OC 38 86.71 28.90 -92.26
N PHE OC 39 86.53 27.58 -92.18
CA PHE OC 39 85.88 27.02 -91.01
C PHE OC 39 86.73 27.24 -89.77
N GLY OC 40 88.05 27.20 -89.92
CA GLY OC 40 88.94 27.52 -88.82
C GLY OC 40 88.99 29.00 -88.50
N PHE OC 41 88.85 29.85 -89.52
CA PHE OC 41 88.70 31.28 -89.26
C PHE OC 41 87.33 31.57 -88.67
N ALA OC 42 86.29 31.02 -89.28
CA ALA OC 42 84.96 31.12 -88.70
C ALA OC 42 84.91 30.42 -87.36
N MET OC 43 85.87 29.52 -87.11
CA MET OC 43 85.96 28.89 -85.80
C MET OC 43 86.59 29.85 -84.79
N PHE OC 44 87.82 30.30 -85.06
CA PHE OC 44 88.39 31.35 -84.23
C PHE OC 44 87.36 32.45 -83.98
N CYS OC 45 86.59 32.77 -85.03
CA CYS OC 45 85.51 33.74 -84.90
C CYS OC 45 84.50 33.31 -83.86
N GLY OC 46 84.01 32.07 -83.95
CA GLY OC 46 82.98 31.62 -83.02
C GLY OC 46 83.38 31.84 -81.57
N PHE OC 47 84.65 31.60 -81.24
CA PHE OC 47 85.10 31.72 -79.86
C PHE OC 47 85.14 33.18 -79.40
N ASN OC 48 85.38 34.10 -80.33
CA ASN OC 48 85.44 35.52 -79.97
C ASN OC 48 84.06 36.05 -79.58
N PHE OC 49 83.04 35.78 -80.38
CA PHE OC 49 81.70 36.26 -80.05
C PHE OC 49 81.23 35.65 -78.73
N LEU OC 50 81.43 34.35 -78.57
CA LEU OC 50 81.07 33.69 -77.31
C LEU OC 50 81.75 34.37 -76.15
N TRP OC 51 83.04 34.65 -76.27
CA TRP OC 51 83.79 35.27 -75.18
C TRP OC 51 83.21 36.64 -74.85
N TRP OC 52 82.89 37.43 -75.87
CA TRP OC 52 82.31 38.76 -75.63
C TRP OC 52 80.95 38.64 -74.95
N ALA OC 53 80.17 37.63 -75.33
CA ALA OC 53 78.80 37.52 -74.82
C ALA OC 53 78.75 37.12 -73.36
N PHE OC 54 79.77 36.42 -72.86
CA PHE OC 54 79.74 35.91 -71.49
C PHE OC 54 80.76 36.59 -70.58
N PHE OC 55 81.88 37.06 -71.13
CA PHE OC 55 82.95 37.62 -70.33
C PHE OC 55 83.38 39.01 -70.79
N GLY OC 56 82.88 39.47 -71.94
CA GLY OC 56 83.29 40.75 -72.48
C GLY OC 56 84.49 40.63 -73.41
N ALA OC 57 84.81 41.74 -74.06
CA ALA OC 57 85.90 41.76 -75.04
C ALA OC 57 87.22 41.87 -74.30
N TRP OC 58 87.99 40.77 -74.29
CA TRP OC 58 89.32 40.77 -73.69
C TRP OC 58 90.40 41.09 -74.72
N GLN OC 59 90.01 41.50 -75.93
CA GLN OC 59 90.93 41.99 -76.94
C GLN OC 59 91.24 43.48 -76.77
N ILE OC 60 90.51 44.15 -75.88
CA ILE OC 60 90.74 45.55 -75.56
C ILE OC 60 91.67 45.69 -74.35
N ARG OC 61 91.98 44.58 -73.68
CA ARG OC 61 92.83 44.62 -72.50
C ARG OC 61 94.24 45.14 -72.77
N PRO OC 62 94.92 44.78 -73.86
CA PRO OC 62 96.26 45.36 -74.10
C PRO OC 62 96.25 46.87 -74.15
N LEU OC 63 95.18 47.48 -74.68
CA LEU OC 63 95.07 48.93 -74.70
C LEU OC 63 94.63 49.49 -73.35
N TRP OC 64 94.02 48.66 -72.50
CA TRP OC 64 93.53 49.06 -71.19
C TRP OC 64 94.53 48.76 -70.09
N ALA OC 65 95.75 48.33 -70.44
CA ALA OC 65 96.71 47.93 -69.43
C ALA OC 65 97.15 49.09 -68.57
N SER OC 66 97.48 50.22 -69.20
CA SER OC 66 98.00 51.36 -68.44
C SER OC 66 96.93 51.99 -67.56
N GLN OC 67 95.72 52.17 -68.10
CA GLN OC 67 94.66 52.80 -67.34
C GLN OC 67 94.09 51.87 -66.28
N ARG OC 68 94.21 50.55 -66.47
CA ARG OC 68 93.83 49.63 -65.41
C ARG OC 68 94.80 49.72 -64.23
N LYS OC 69 96.08 49.88 -64.52
CA LYS OC 69 97.07 49.97 -63.45
C LYS OC 69 96.80 51.16 -62.55
N SER OC 70 96.46 52.32 -63.14
CA SER OC 70 96.16 53.48 -62.34
C SER OC 70 94.94 53.24 -61.46
N LEU OC 71 93.92 52.57 -62.00
CA LEU OC 71 92.75 52.26 -61.21
C LEU OC 71 93.10 51.36 -60.04
N ALA OC 72 93.99 50.39 -60.26
CA ALA OC 72 94.41 49.51 -59.18
C ALA OC 72 95.11 50.28 -58.08
N GLU OC 73 95.99 51.21 -58.45
CA GLU OC 73 96.69 52.00 -57.45
C GLU OC 73 95.72 52.87 -56.66
N ALA OC 74 94.74 53.46 -57.33
CA ALA OC 74 93.80 54.33 -56.63
C ALA OC 74 93.02 53.56 -55.57
N ASP OC 75 92.57 52.35 -55.91
CA ASP OC 75 91.83 51.55 -54.93
C ASP OC 75 92.71 51.20 -53.73
N ARG OC 76 93.95 50.83 -53.97
CA ARG OC 76 94.81 50.41 -52.87
C ARG OC 76 95.20 51.58 -51.99
N LEU OC 77 95.43 52.75 -52.58
CA LEU OC 77 95.94 53.88 -51.80
C LEU OC 77 94.81 54.64 -51.12
N TYR OC 78 93.66 54.79 -51.79
CA TYR OC 78 92.61 55.66 -51.29
C TYR OC 78 91.26 54.97 -51.10
N GLY OC 79 91.02 53.84 -51.75
CA GLY OC 79 89.75 53.18 -51.64
C GLY OC 79 89.57 52.48 -50.31
N PRO OC 80 88.36 51.99 -50.04
CA PRO OC 80 88.14 51.27 -48.78
C PRO OC 80 89.01 50.03 -48.70
N THR OC 81 89.49 49.75 -47.49
CA THR OC 81 90.40 48.63 -47.29
C THR OC 81 89.74 47.32 -47.72
N LYS OC 82 90.48 46.52 -48.47
CA LYS OC 82 90.08 45.18 -48.83
C LYS OC 82 90.73 44.18 -47.89
N TYR OC 83 90.10 43.01 -47.77
CA TYR OC 83 90.57 41.97 -46.87
C TYR OC 83 90.71 40.66 -47.64
N GLY OC 84 91.80 39.95 -47.36
CA GLY OC 84 91.99 38.64 -47.97
C GLY OC 84 91.96 38.70 -49.48
N VAL OC 85 91.22 37.76 -50.09
CA VAL OC 85 91.13 37.70 -51.53
C VAL OC 85 90.43 38.92 -52.13
N GLY OC 86 89.76 39.72 -51.31
CA GLY OC 86 89.11 40.92 -51.81
C GLY OC 86 90.08 41.90 -52.45
N LYS OC 87 91.34 41.87 -52.04
CA LYS OC 87 92.33 42.75 -52.64
C LYS OC 87 92.51 42.49 -54.13
N LYS OC 88 92.11 41.32 -54.61
CA LYS OC 88 92.27 40.98 -56.01
C LYS OC 88 91.31 41.74 -56.91
N TYR OC 89 90.26 42.32 -56.36
CA TYR OC 89 89.21 42.96 -57.14
C TYR OC 89 89.28 44.47 -56.98
N ILE OC 90 89.23 45.18 -58.11
CA ILE OC 90 89.24 46.63 -58.14
C ILE OC 90 88.07 47.09 -58.99
N ASN OC 91 87.31 48.05 -58.48
CA ASN OC 91 86.14 48.56 -59.22
C ASN OC 91 86.47 49.85 -59.94
N ARG PC 1 17.82 34.40 -107.62
CA ARG PC 1 17.06 35.60 -108.09
C ARG PC 1 17.38 35.87 -109.55
N ILE PC 2 16.35 35.84 -110.39
CA ILE PC 2 16.55 36.08 -111.82
C ILE PC 2 17.09 37.48 -112.01
N GLY PC 3 18.13 37.60 -112.84
CA GLY PC 3 18.72 38.88 -113.14
C GLY PC 3 19.75 39.38 -112.15
N GLY PC 4 20.03 38.62 -111.09
CA GLY PC 4 21.03 39.02 -110.13
C GLY PC 4 22.42 38.73 -110.62
N PRO PC 5 23.41 39.14 -109.83
CA PRO PC 5 24.80 38.93 -110.22
C PRO PC 5 25.11 37.45 -110.36
N PRO PC 6 25.54 37.00 -111.54
CA PRO PC 6 25.71 35.56 -111.74
C PRO PC 6 26.71 34.96 -110.77
N VAL PC 7 26.44 33.72 -110.35
CA VAL PC 7 27.35 33.03 -109.47
C VAL PC 7 28.59 32.54 -110.20
N PHE PC 8 28.56 32.50 -111.53
CA PHE PC 8 29.71 32.08 -112.31
C PHE PC 8 29.57 32.65 -113.72
N MET PC 9 30.68 33.17 -114.25
CA MET PC 9 30.74 33.65 -115.62
C MET PC 9 32.05 33.18 -116.24
N GLN PC 10 31.98 32.78 -117.50
CA GLN PC 10 33.17 32.34 -118.22
C GLN PC 10 34.00 33.55 -118.63
N PHE PC 11 35.32 33.41 -118.57
CA PHE PC 11 36.19 34.48 -119.00
C PHE PC 11 36.04 34.71 -120.50
N PRO PC 12 35.96 35.95 -120.95
CA PRO PC 12 36.02 36.22 -122.39
C PRO PC 12 37.41 35.93 -122.92
N PRO PC 13 37.55 35.63 -124.22
CA PRO PC 13 38.86 35.30 -124.76
C PRO PC 13 39.80 36.49 -124.63
N PRO PC 14 41.10 36.24 -124.51
CA PRO PC 14 42.05 37.34 -124.34
C PRO PC 14 42.15 38.17 -125.60
N PRO PC 15 42.63 39.41 -125.49
CA PRO PC 15 42.71 40.27 -126.67
C PRO PC 15 43.71 39.73 -127.68
N PRO PC 16 43.65 40.17 -128.93
CA PRO PC 16 44.52 39.60 -129.96
C PRO PC 16 45.99 39.81 -129.62
N LYS PC 17 46.79 38.82 -129.98
CA LYS PC 17 48.23 38.92 -129.78
C LYS PC 17 48.84 39.91 -130.76
N GLU PC 18 49.92 40.56 -130.34
CA GLU PC 18 50.56 41.61 -131.11
C GLU PC 18 51.91 41.13 -131.65
N TYR PC 19 52.14 41.36 -132.93
CA TYR PC 19 53.39 41.03 -133.58
C TYR PC 19 54.01 42.29 -134.17
N LEU PC 20 55.33 42.37 -134.15
CA LEU PC 20 56.01 43.48 -134.79
C LEU PC 20 55.93 43.34 -136.31
N ALA PC 21 56.38 44.39 -137.00
CA ALA PC 21 56.30 44.39 -138.46
C ALA PC 21 57.08 43.22 -139.05
N ASP PC 22 58.27 42.95 -138.53
CA ASP PC 22 59.07 41.83 -139.03
C ASP PC 22 58.49 40.48 -138.65
N GLY PC 23 57.47 40.44 -137.79
CA GLY PC 23 56.85 39.20 -137.38
C GLY PC 23 57.24 38.72 -136.00
N THR PC 24 58.23 39.34 -135.37
CA THR PC 24 58.63 38.93 -134.04
C THR PC 24 57.49 39.20 -133.06
N PRO PC 25 57.19 38.27 -132.16
CA PRO PC 25 56.17 38.56 -131.14
C PRO PC 25 56.58 39.72 -130.25
N LYS PC 26 55.62 40.56 -129.91
CA LYS PC 26 55.89 41.72 -129.06
C LYS PC 26 56.07 41.27 -127.62
N THR PC 27 57.13 41.74 -126.99
CA THR PC 27 57.38 41.47 -125.58
C THR PC 27 56.87 42.62 -124.73
N TYR PC 28 56.62 42.32 -123.47
CA TYR PC 28 56.07 43.27 -122.51
C TYR PC 28 56.98 43.29 -121.29
N PRO PC 29 56.89 44.33 -120.47
CA PRO PC 29 57.78 44.43 -119.31
C PRO PC 29 57.62 43.21 -118.40
N LEU PC 30 58.74 42.71 -117.89
CA LEU PC 30 58.75 41.53 -117.04
C LEU PC 30 59.81 41.73 -115.96
N HIS PC 31 59.38 41.78 -114.70
CA HIS PC 31 60.28 42.01 -113.58
C HIS PC 31 60.82 40.70 -113.03
N GLN PC 32 61.40 39.87 -113.90
CA GLN PC 32 62.05 38.63 -113.51
C GLN PC 32 63.44 38.61 -114.15
N PRO PC 33 64.35 39.43 -113.64
CA PRO PC 33 65.64 39.59 -114.30
C PRO PC 33 66.51 38.35 -114.20
N VAL PC 34 67.44 38.25 -115.14
CA VAL PC 34 68.46 37.22 -115.13
C VAL PC 34 69.74 37.92 -114.67
N PHE PC 35 70.00 37.86 -113.38
CA PHE PC 35 71.17 38.53 -112.83
C PHE PC 35 72.44 37.91 -113.40
N ASP PC 36 73.44 38.76 -113.64
CA ASP PC 36 74.70 38.32 -114.22
C ASP PC 36 75.72 38.14 -113.11
N HIS PC 37 76.22 36.91 -112.97
CA HIS PC 37 77.30 36.61 -112.04
C HIS PC 37 77.66 35.14 -112.26
N GLY PC 38 78.76 34.73 -111.63
CA GLY PC 38 79.32 33.41 -111.85
C GLY PC 38 78.75 32.31 -111.01
N TYR PC 39 77.75 32.58 -110.17
CA TYR PC 39 77.22 31.57 -109.27
C TYR PC 39 76.10 30.79 -109.93
N THR PC 40 76.11 29.47 -109.72
CA THR PC 40 75.15 28.59 -110.38
C THR PC 40 74.55 27.57 -109.43
N TRP PC 41 74.61 27.80 -108.12
CA TRP PC 41 74.08 26.83 -107.17
C TRP PC 41 72.56 26.73 -107.30
N GLU PC 42 72.04 25.57 -106.87
CA GLU PC 42 70.61 25.31 -106.91
C GLU PC 42 70.23 24.59 -105.62
N HIS PC 43 69.48 25.27 -104.76
CA HIS PC 43 69.06 24.73 -103.48
C HIS PC 43 67.61 24.26 -103.56
N TRP PC 44 67.35 23.06 -103.07
CA TRP PC 44 66.02 22.46 -103.11
C TRP PC 44 65.53 22.19 -101.70
N TYR PC 45 64.24 22.43 -101.46
CA TYR PC 45 63.66 22.29 -100.15
C TYR PC 45 62.31 21.60 -100.26
N MET PC 46 62.13 20.50 -99.52
CA MET PC 46 60.83 19.86 -99.46
C MET PC 46 59.86 20.76 -98.71
N THR PC 47 58.75 21.13 -99.34
CA THR PC 47 57.83 22.12 -98.82
C THR PC 47 56.45 21.50 -98.62
N ASN PC 48 55.77 21.95 -97.57
CA ASN PC 48 54.39 21.54 -97.37
C ASN PC 48 53.52 22.02 -98.52
N ALA PC 49 52.75 21.11 -99.09
CA ALA PC 49 51.84 21.42 -100.18
C ALA PC 49 50.45 20.96 -99.78
N GLY PC 50 49.99 21.42 -98.63
CA GLY PC 50 48.75 20.96 -98.07
C GLY PC 50 49.03 20.05 -96.90
N VAL PC 51 48.16 19.08 -96.66
CA VAL PC 51 48.29 18.20 -95.51
C VAL PC 51 48.87 16.87 -95.94
N PHE PC 52 48.59 16.46 -97.18
CA PHE PC 52 48.99 15.14 -97.66
C PHE PC 52 50.03 15.18 -98.77
N HIS PC 53 50.50 16.35 -99.19
CA HIS PC 53 51.42 16.46 -100.30
C HIS PC 53 52.57 17.39 -99.95
N THR PC 54 53.64 17.31 -100.74
CA THR PC 54 54.77 18.22 -100.64
C THR PC 54 55.15 18.67 -102.06
N VAL PC 55 56.08 19.62 -102.13
CA VAL PC 55 56.64 20.06 -103.40
C VAL PC 55 58.11 20.37 -103.19
N TYR PC 56 58.95 20.00 -104.15
CA TYR PC 56 60.40 20.18 -104.03
C TYR PC 56 60.74 21.56 -104.60
N TYR PC 57 60.74 22.56 -103.73
CA TYR PC 57 60.94 23.95 -104.14
C TYR PC 57 62.42 24.23 -104.33
N GLY PC 58 62.78 24.77 -105.49
CA GLY PC 58 64.16 25.04 -105.84
C GLY PC 58 64.42 26.53 -105.95
N GLU PC 59 65.56 26.95 -105.43
CA GLU PC 59 66.04 28.32 -105.58
C GLU PC 59 67.31 28.32 -106.41
N PHE PC 60 67.31 29.09 -107.49
CA PHE PC 60 68.40 29.12 -108.45
C PHE PC 60 69.19 30.41 -108.29
N ALA PC 61 70.51 30.30 -108.39
CA ALA PC 61 71.38 31.44 -108.13
C ALA PC 61 71.13 32.57 -109.13
N LYS PC 62 70.84 32.23 -110.39
CA LYS PC 62 70.65 33.24 -111.41
C LYS PC 62 69.43 34.10 -111.18
N ASP PC 63 68.55 33.72 -110.25
CA ASP PC 63 67.37 34.50 -109.91
C ASP PC 63 67.61 35.47 -108.78
N PHE PC 64 68.84 35.58 -108.29
CA PHE PC 64 69.19 36.46 -107.18
C PHE PC 64 70.34 37.35 -107.58
N PRO PC 65 70.47 38.52 -106.95
CA PRO PC 65 71.61 39.40 -107.26
C PRO PC 65 72.94 38.81 -106.81
N TRP PC 66 74.03 39.49 -107.14
CA TRP PC 66 75.35 38.95 -106.82
C TRP PC 66 75.56 38.80 -105.32
N ARG PC 67 75.09 39.77 -104.54
CA ARG PC 67 75.36 39.74 -103.11
C ARG PC 67 74.77 38.50 -102.46
N TRP PC 68 73.56 38.11 -102.85
CA TRP PC 68 72.96 36.91 -102.27
C TRP PC 68 73.56 35.64 -102.86
N GLY PC 69 73.85 35.63 -104.15
CA GLY PC 69 74.49 34.47 -104.74
C GLY PC 69 75.82 34.17 -104.09
N PHE PC 70 76.57 35.21 -103.73
CA PHE PC 70 77.84 35.02 -103.04
C PHE PC 70 77.62 34.47 -101.63
N VAL PC 71 76.70 35.07 -100.87
CA VAL PC 71 76.50 34.67 -99.49
C VAL PC 71 75.86 33.28 -99.41
N ALA PC 72 74.84 33.03 -100.22
CA ALA PC 72 74.12 31.77 -100.16
C ALA PC 72 74.93 30.60 -100.67
N GLU PC 73 76.07 30.83 -101.32
CA GLU PC 73 76.88 29.73 -101.80
C GLU PC 73 77.67 29.09 -100.66
N LYS PC 74 78.11 29.86 -99.68
CA LYS PC 74 78.95 29.34 -98.63
C LYS PC 74 78.14 28.54 -97.62
N PRO PC 75 78.79 27.64 -96.88
CA PRO PC 75 78.09 26.94 -95.78
C PRO PC 75 77.57 27.94 -94.77
N PHE PC 76 76.40 27.65 -94.20
CA PHE PC 76 75.77 28.61 -93.29
C PHE PC 76 76.64 28.86 -92.07
N TRP PC 77 77.25 27.80 -91.53
CA TRP PC 77 78.04 27.96 -90.31
C TRP PC 77 79.46 28.43 -90.59
N VAL PC 78 79.81 28.64 -91.84
CA VAL PC 78 81.02 29.39 -92.18
C VAL PC 78 80.73 30.88 -92.25
N GLY PC 79 79.69 31.26 -93.01
CA GLY PC 79 79.36 32.67 -93.14
C GLY PC 79 78.73 33.25 -91.90
N ALA PC 80 77.85 32.49 -91.23
CA ALA PC 80 77.08 33.04 -90.13
C ALA PC 80 77.95 33.60 -89.01
N PRO PC 81 78.90 32.84 -88.44
CA PRO PC 81 79.72 33.42 -87.37
C PRO PC 81 80.51 34.64 -87.80
N ILE PC 82 80.99 34.68 -89.06
CA ILE PC 82 81.71 35.84 -89.53
C ILE PC 82 80.80 37.06 -89.59
N LEU PC 83 79.58 36.87 -90.10
CA LEU PC 83 78.64 37.99 -90.19
C LEU PC 83 78.29 38.55 -88.83
N VAL PC 84 78.09 37.67 -87.84
CA VAL PC 84 77.73 38.13 -86.50
C VAL PC 84 78.82 39.01 -85.94
N LEU PC 85 80.08 38.56 -86.03
CA LEU PC 85 81.18 39.38 -85.55
C LEU PC 85 81.31 40.65 -86.37
N GLY PC 86 81.20 40.54 -87.69
CA GLY PC 86 81.36 41.71 -88.53
C GLY PC 86 80.34 42.79 -88.25
N VAL PC 87 79.07 42.38 -88.10
CA VAL PC 87 78.02 43.37 -87.84
C VAL PC 87 78.26 44.08 -86.51
N LEU PC 88 78.63 43.33 -85.48
CA LEU PC 88 78.90 43.95 -84.18
C LEU PC 88 80.07 44.91 -84.27
N CYS PC 89 81.15 44.51 -84.95
CA CYS PC 89 82.30 45.38 -85.07
C CYS PC 89 81.94 46.66 -85.82
N LEU PC 90 81.16 46.55 -86.90
CA LEU PC 90 80.76 47.74 -87.63
C LEU PC 90 79.95 48.68 -86.76
N GLY PC 91 79.01 48.12 -85.97
CA GLY PC 91 78.21 48.97 -85.10
C GLY PC 91 79.06 49.75 -84.12
N HIS PC 92 80.04 49.08 -83.50
CA HIS PC 92 80.92 49.78 -82.57
C HIS PC 92 81.73 50.85 -83.28
N ILE PC 93 82.24 50.55 -84.47
CA ILE PC 93 83.06 51.52 -85.20
C ILE PC 93 82.21 52.74 -85.57
N ILE PC 94 80.99 52.51 -86.03
CA ILE PC 94 80.14 53.62 -86.47
C ILE PC 94 79.91 54.60 -85.32
N GLN PC 95 79.60 54.07 -84.13
CA GLN PC 95 79.31 54.94 -83.00
C GLN PC 95 80.57 55.58 -82.43
N THR PC 96 81.73 54.96 -82.63
CA THR PC 96 82.98 55.55 -82.17
C THR PC 96 83.44 56.72 -83.04
N MET PC 97 82.85 56.91 -84.22
CA MET PC 97 83.30 57.98 -85.10
C MET PC 97 83.09 59.35 -84.48
N GLY PC 98 81.96 59.54 -83.80
CA GLY PC 98 81.61 60.85 -83.28
C GLY PC 98 82.30 61.26 -82.02
N GLN PC 99 83.17 60.43 -81.45
CA GLN PC 99 83.83 60.73 -80.19
C GLN PC 99 85.30 60.39 -80.26
N ILE PC 100 85.94 60.71 -81.38
CA ILE PC 100 87.37 60.48 -81.53
C ILE PC 100 88.11 61.60 -80.81
N GLY PC 101 88.95 61.23 -79.85
CA GLY PC 101 89.75 62.20 -79.13
C GLY PC 101 89.06 62.93 -78.00
N VAL PC 102 87.84 62.55 -77.65
CA VAL PC 102 87.13 63.20 -76.56
C VAL PC 102 87.69 62.68 -75.24
N ARG PC 103 88.11 63.60 -74.37
CA ARG PC 103 88.81 63.27 -73.13
C ARG PC 103 88.15 64.01 -71.96
N PRO PC 104 87.04 63.49 -71.44
CA PRO PC 104 86.43 64.12 -70.27
C PRO PC 104 87.35 64.04 -69.06
N LYS PC 105 87.29 65.08 -68.23
CA LYS PC 105 88.18 65.12 -67.06
C LYS PC 105 87.78 64.08 -66.02
N ARG PC 106 86.49 63.74 -65.94
CA ARG PC 106 86.04 62.83 -64.90
C ARG PC 106 86.58 61.42 -65.08
N TYR PC 107 87.18 61.10 -66.22
CA TYR PC 107 87.80 59.81 -66.44
C TYR PC 107 89.31 59.85 -66.33
N THR PC 108 89.88 60.98 -65.91
CA THR PC 108 91.32 61.06 -65.72
C THR PC 108 91.72 60.37 -64.42
N PRO PC 109 93.01 60.02 -64.28
CA PRO PC 109 93.45 59.36 -63.05
C PRO PC 109 93.16 60.17 -61.80
N GLU PC 110 93.32 61.50 -61.86
CA GLU PC 110 93.10 62.32 -60.68
C GLU PC 110 91.66 62.22 -60.20
N TRP PC 111 90.71 62.27 -61.12
CA TRP PC 111 89.31 62.17 -60.74
C TRP PC 111 88.97 60.77 -60.25
N VAL PC 112 89.59 59.74 -60.84
CA VAL PC 112 89.35 58.38 -60.40
C VAL PC 112 89.78 58.20 -58.95
N GLU PC 113 90.94 58.74 -58.59
CA GLU PC 113 91.40 58.64 -57.21
C GLU PC 113 90.44 59.35 -56.26
N ALA PC 114 89.93 60.51 -56.65
CA ALA PC 114 89.03 61.24 -55.78
C ALA PC 114 87.77 60.44 -55.47
N THR PC 115 87.24 59.73 -56.47
CA THR PC 115 86.08 58.88 -56.22
C THR PC 115 86.41 57.79 -55.22
N LYS PC 116 87.61 57.22 -55.32
CA LYS PC 116 88.00 56.21 -54.34
C LYS PC 116 88.05 56.81 -52.93
N GLU PC 117 88.54 58.04 -52.81
CA GLU PC 117 88.52 58.69 -51.51
C GLU PC 117 87.10 58.86 -51.00
N ARG PC 118 86.18 59.26 -51.88
CA ARG PC 118 84.79 59.42 -51.47
C ARG PC 118 84.20 58.09 -51.01
N GLU PC 119 84.48 57.01 -51.75
CA GLU PC 119 83.94 55.71 -51.39
C GLU PC 119 84.47 55.24 -50.04
N ARG PC 120 85.75 55.45 -49.78
CA ARG PC 120 86.30 55.08 -48.48
C ARG PC 120 85.62 55.86 -47.36
N ALA PC 121 85.43 57.15 -47.55
CA ALA PC 121 84.77 57.95 -46.52
C ALA PC 121 83.31 57.53 -46.34
N GLU PC 122 82.63 57.21 -47.42
CA GLU PC 122 81.23 56.84 -47.36
C GLU PC 122 81.01 55.34 -47.22
N ASN PC 123 82.09 54.55 -47.22
CA ASN PC 123 81.98 53.09 -47.10
C ASN PC 123 80.95 52.56 -48.09
N THR PC 124 81.18 52.87 -49.36
CA THR PC 124 80.22 52.55 -50.40
C THR PC 124 80.16 51.05 -50.67
N ASN PC 125 78.94 50.54 -50.80
CA ASN PC 125 78.69 49.15 -51.18
C ASN PC 125 79.52 48.17 -50.35
N PRO PC 126 79.38 48.18 -49.02
CA PRO PC 126 80.14 47.23 -48.21
C PRO PC 126 79.69 45.81 -48.36
N ILE PC 127 78.45 45.56 -48.79
CA ILE PC 127 77.95 44.20 -48.88
C ILE PC 127 78.45 43.52 -50.14
N THR PC 128 78.52 44.24 -51.25
CA THR PC 128 79.10 43.66 -52.46
C THR PC 128 80.56 43.29 -52.23
N ARG PC 129 81.32 44.17 -51.60
CA ARG PC 129 82.72 43.86 -51.32
C ARG PC 129 82.83 42.65 -50.40
N TYR PC 130 81.95 42.57 -49.39
CA TYR PC 130 81.95 41.40 -48.53
C TYR PC 130 81.55 40.15 -49.29
N LEU PC 131 80.51 40.24 -50.13
CA LEU PC 131 80.04 39.07 -50.85
C LEU PC 131 81.06 38.63 -51.90
N ASP PC 132 81.74 39.58 -52.54
CA ASP PC 132 82.77 39.21 -53.50
C ASP PC 132 83.89 38.43 -52.82
N ARG PC 133 84.32 38.87 -51.65
CA ARG PC 133 85.36 38.15 -50.92
C ARG PC 133 84.88 36.74 -50.54
N ARG PC 134 83.64 36.63 -50.06
CA ARG PC 134 83.12 35.32 -49.67
C ARG PC 134 83.03 34.38 -50.87
N ARG PC 135 82.56 34.88 -52.00
CA ARG PC 135 82.46 34.05 -53.19
C ARG PC 135 83.82 33.60 -53.68
N ALA PC 136 84.79 34.52 -53.69
CA ALA PC 136 86.12 34.18 -54.17
C ALA PC 136 86.77 33.11 -53.29
N GLU PC 137 86.60 33.21 -51.98
CA GLU PC 137 87.18 32.22 -51.09
C GLU PC 137 86.65 30.82 -51.39
N ARG PC 138 85.37 30.73 -51.77
CA ARG PC 138 84.78 29.42 -52.01
C ARG PC 138 85.19 28.83 -53.35
N GLY PC 139 85.23 29.63 -54.41
CA GLY PC 139 85.50 29.11 -55.72
C GLY PC 139 85.84 30.16 -56.76
N PRO PC 140 85.83 29.77 -58.03
CA PRO PC 140 86.21 30.69 -59.11
C PRO PC 140 85.20 31.82 -59.28
N TYR PC 141 85.66 33.05 -59.09
CA TYR PC 141 84.81 34.22 -59.21
C TYR PC 141 85.47 35.20 -60.17
N TYR PC 142 84.73 35.63 -61.19
CA TYR PC 142 85.26 36.51 -62.22
C TYR PC 142 84.33 37.69 -62.40
N LEU PC 143 84.88 38.90 -62.40
CA LEU PC 143 84.12 40.13 -62.56
C LEU PC 143 84.56 40.84 -63.84
N MET PC 144 83.58 41.26 -64.65
CA MET PC 144 83.91 42.05 -65.83
C MET PC 144 84.60 43.35 -65.44
N SER PC 145 84.14 43.98 -64.36
CA SER PC 145 84.73 45.25 -63.93
C SER PC 145 86.23 45.12 -63.68
N ASN PC 146 86.69 43.93 -63.27
CA ASN PC 146 88.10 43.76 -62.94
C ASN PC 146 88.98 43.87 -64.18
N VAL PC 147 88.49 43.41 -65.33
CA VAL PC 147 89.32 43.27 -66.52
C VAL PC 147 88.96 44.26 -67.63
N LEU PC 148 87.74 44.78 -67.65
CA LEU PC 148 87.30 45.57 -68.80
C LEU PC 148 87.23 47.06 -68.46
N PRO PC 149 87.45 47.94 -69.44
CA PRO PC 149 87.26 49.36 -69.20
C PRO PC 149 85.79 49.68 -68.95
N TYR PC 150 85.55 50.68 -68.10
CA TYR PC 150 84.20 51.06 -67.74
C TYR PC 150 83.67 52.24 -68.55
N HIS PC 151 84.50 52.85 -69.39
CA HIS PC 151 84.07 53.96 -70.24
C HIS PC 151 84.68 53.80 -71.62
N PRO PC 152 84.02 54.35 -72.65
CA PRO PC 152 84.52 54.15 -74.02
C PRO PC 152 85.63 55.11 -74.43
N HIS PC 153 85.93 56.12 -73.63
CA HIS PC 153 86.95 57.11 -73.97
C HIS PC 153 88.34 56.67 -73.53
N PHE PC 154 88.48 55.44 -73.06
CA PHE PC 154 89.78 54.94 -72.62
C PHE PC 154 90.78 54.87 -73.77
N LEU PC 155 90.30 54.76 -75.01
CA LEU PC 155 91.21 54.66 -76.15
C LEU PC 155 92.05 55.90 -76.30
N TRP PC 156 91.51 57.07 -75.97
CA TRP PC 156 92.17 58.34 -76.22
C TRP PC 156 92.82 58.93 -74.98
N MET PC 157 92.51 58.41 -73.79
CA MET PC 157 92.93 59.03 -72.53
C MET PC 157 94.11 58.30 -71.90
N ARG PC 158 95.02 57.74 -72.70
CA ARG PC 158 96.17 57.04 -72.14
C ARG PC 158 97.06 57.98 -71.36
N ASN PC 159 97.26 59.20 -71.86
CA ASN PC 159 98.18 60.16 -71.23
C ASN PC 159 97.45 61.39 -70.69
N SER PC 160 96.13 61.36 -70.60
CA SER PC 160 95.38 62.53 -70.17
C SER PC 160 95.43 62.68 -68.66
N HIS PC 161 95.53 63.93 -68.20
CA HIS PC 161 95.56 64.26 -66.78
C HIS PC 161 94.88 65.58 -66.56
N ASP PC 162 94.35 65.78 -65.35
CA ASP PC 162 93.86 67.07 -64.89
C ASP PC 162 94.85 67.55 -63.83
N TYR PC 163 95.71 68.49 -64.22
CA TYR PC 163 96.77 68.94 -63.32
C TYR PC 163 96.25 69.88 -62.23
N GLU PC 164 95.19 70.63 -62.51
CA GLU PC 164 94.62 71.47 -61.47
C GLU PC 164 94.07 70.64 -60.32
N ALA PC 165 93.40 69.53 -60.64
CA ALA PC 165 92.88 68.67 -59.59
C ALA PC 165 94.00 68.04 -58.79
N ALA PC 166 95.10 67.68 -59.46
CA ALA PC 166 96.21 67.04 -58.76
C ALA PC 166 96.77 67.97 -57.67
N GLU PC 167 96.95 69.24 -57.99
CA GLU PC 167 97.44 70.18 -57.00
C GLU PC 167 96.45 70.35 -55.85
N ALA PC 168 95.16 70.47 -56.18
CA ALA PC 168 94.16 70.65 -55.15
C ALA PC 168 94.04 69.41 -54.27
N LEU PC 169 94.00 68.23 -54.88
CA LEU PC 169 93.89 67.00 -54.09
C LEU PC 169 95.09 66.82 -53.17
N ALA PC 170 96.30 67.13 -53.66
CA ALA PC 170 97.47 67.02 -52.82
C ALA PC 170 97.40 67.98 -51.65
N ALA PC 171 96.92 69.20 -51.88
CA ALA PC 171 96.79 70.16 -50.80
C ALA PC 171 95.79 69.70 -49.76
N ARG PC 172 94.65 69.16 -50.19
CA ARG PC 172 93.67 68.68 -49.23
C ARG PC 172 94.22 67.52 -48.42
N ARG PC 173 94.97 66.63 -49.06
CA ARG PC 173 95.56 65.51 -48.34
C ARG PC 173 96.55 65.99 -47.29
N GLU PC 174 97.32 67.03 -47.60
CA GLU PC 174 98.25 67.58 -46.62
C GLU PC 174 97.49 68.19 -45.44
N LYS PC 175 96.43 68.95 -45.73
CA LYS PC 175 95.63 69.53 -44.66
C LYS PC 175 95.00 68.43 -43.81
N ASP PC 176 94.55 67.35 -44.45
CA ASP PC 176 93.97 66.24 -43.70
C ASP PC 176 94.98 65.61 -42.76
N ARG PC 177 96.24 65.47 -43.19
CA ARG PC 177 97.25 64.91 -42.31
C ARG PC 177 97.46 65.80 -41.08
N GLU PC 178 97.46 67.12 -41.27
CA GLU PC 178 97.56 68.01 -40.12
C GLU PC 178 96.36 67.83 -39.18
N LEU PC 179 95.16 67.75 -39.74
CA LEU PC 179 93.97 67.56 -38.91
C LEU PC 179 94.02 66.25 -38.16
N ALA PC 180 94.52 65.19 -38.81
CA ALA PC 180 94.61 63.90 -38.14
C ALA PC 180 95.54 63.97 -36.94
N ALA PC 181 96.70 64.62 -37.09
CA ALA PC 181 97.62 64.74 -35.98
C ALA PC 181 97.00 65.54 -34.84
N LYS PC 182 96.31 66.63 -35.17
CA LYS PC 182 95.63 67.41 -34.14
C LYS PC 182 94.57 66.57 -33.44
N LEU PC 183 93.79 65.80 -34.20
CA LEU PC 183 92.77 64.94 -33.60
C LEU PC 183 93.41 63.91 -32.68
N GLU PC 184 94.53 63.34 -33.09
CA GLU PC 184 95.24 62.40 -32.22
C GLU PC 184 95.62 63.07 -30.91
N ALA PC 185 96.05 64.33 -30.97
CA ALA PC 185 96.41 65.10 -29.78
C ALA PC 185 97.40 64.33 -28.91
N LYS QC 1 7.36 41.28 -79.27
CA LYS QC 1 8.56 41.78 -78.60
C LYS QC 1 9.29 42.76 -79.52
N HIS QC 2 10.05 43.67 -78.90
CA HIS QC 2 10.74 44.70 -79.68
C HIS QC 2 11.91 44.10 -80.46
N PHE QC 3 12.82 43.43 -79.77
CA PHE QC 3 14.06 43.00 -80.39
C PHE QC 3 13.84 41.84 -81.35
N PHE QC 4 14.59 41.85 -82.45
CA PHE QC 4 14.48 40.82 -83.47
C PHE QC 4 15.42 39.67 -83.15
N THR QC 5 14.88 38.45 -83.15
CA THR QC 5 15.66 37.24 -82.96
C THR QC 5 15.35 36.27 -84.09
N ASP QC 6 16.39 35.73 -84.72
CA ASP QC 6 16.19 34.83 -85.84
C ASP QC 6 15.35 33.62 -85.44
N GLY QC 7 15.55 33.12 -84.23
CA GLY QC 7 14.92 31.89 -83.80
C GLY QC 7 13.46 32.01 -83.43
N ALA QC 8 13.11 33.02 -82.64
CA ALA QC 8 11.76 33.15 -82.09
C ALA QC 8 11.02 34.36 -82.65
N ASN QC 9 11.59 35.55 -82.48
CA ASN QC 9 10.92 36.79 -82.91
C ASN QC 9 11.43 37.22 -84.28
N ASP QC 10 11.14 36.39 -85.28
CA ASP QC 10 11.61 36.63 -86.64
C ASP QC 10 10.46 37.25 -87.43
N TYR QC 11 10.30 38.56 -87.27
CA TYR QC 11 9.29 39.29 -88.01
C TYR QC 11 9.80 39.89 -89.32
N VAL QC 12 11.11 39.86 -89.56
CA VAL QC 12 11.64 40.40 -90.80
C VAL QC 12 11.26 39.52 -91.97
N THR QC 13 11.41 38.20 -91.82
CA THR QC 13 11.05 37.25 -92.87
C THR QC 13 9.85 36.39 -92.54
N GLY QC 14 9.50 36.26 -91.27
CA GLY QC 14 8.38 35.43 -90.89
C GLY QC 14 8.64 33.94 -90.93
N TRP QC 15 9.90 33.52 -91.04
CA TRP QC 15 10.20 32.10 -91.12
C TRP QC 15 9.85 31.40 -89.80
N GLU QC 16 9.27 30.22 -89.91
CA GLU QC 16 8.96 29.38 -88.76
C GLU QC 16 9.51 27.99 -89.02
N ASN QC 17 10.18 27.42 -88.01
CA ASN QC 17 10.82 26.13 -88.19
C ASN QC 17 9.81 25.00 -88.38
N THR QC 18 8.62 25.14 -87.82
CA THR QC 18 7.63 24.08 -87.87
C THR QC 18 6.30 24.61 -88.41
N PRO QC 19 5.48 23.74 -88.98
CA PRO QC 19 4.19 24.20 -89.51
C PRO QC 19 3.19 24.42 -88.39
N PRO QC 20 2.02 24.99 -88.69
CA PRO QC 20 1.01 25.17 -87.66
C PRO QC 20 0.45 23.84 -87.17
N LEU QC 21 0.00 23.83 -85.92
CA LEU QC 21 -0.60 22.64 -85.37
C LEU QC 21 -1.97 22.34 -85.97
N LYS QC 22 -2.56 23.28 -86.70
CA LYS QC 22 -3.87 23.05 -87.30
C LYS QC 22 -3.84 21.90 -88.30
N PHE QC 23 -2.79 21.84 -89.13
CA PHE QC 23 -2.77 20.87 -90.20
C PHE QC 23 -2.70 19.45 -89.64
N PRO QC 24 -3.44 18.50 -90.20
CA PRO QC 24 -3.23 17.10 -89.83
C PRO QC 24 -1.84 16.63 -90.22
N ALA QC 25 -1.34 15.64 -89.49
CA ALA QC 25 -0.02 15.10 -89.78
C ALA QC 25 0.09 14.61 -91.22
N SER QC 26 -1.01 14.08 -91.77
CA SER QC 26 -0.98 13.63 -93.16
C SER QC 26 -0.76 14.79 -94.12
N VAL QC 27 -1.40 15.92 -93.86
CA VAL QC 27 -1.25 17.08 -94.74
C VAL QC 27 0.15 17.66 -94.62
N MET QC 28 0.59 17.96 -93.40
CA MET QC 28 1.90 18.55 -93.16
C MET QC 28 2.32 18.19 -91.75
N LYS QC 29 3.62 18.01 -91.56
CA LYS QC 29 4.16 17.61 -90.26
C LYS QC 29 5.50 18.28 -90.09
N PRO QC 30 5.98 18.39 -88.85
CA PRO QC 30 7.34 18.89 -88.64
C PRO QC 30 8.36 17.99 -89.32
N CYS QC 31 9.44 18.60 -89.78
CA CYS QC 31 10.49 17.88 -90.50
C CYS QC 31 11.32 17.12 -89.48
N ASP QC 32 10.94 15.86 -89.24
CA ASP QC 32 11.66 14.99 -88.32
C ASP QC 32 11.63 13.59 -88.90
N TYR QC 33 12.76 13.11 -89.41
CA TYR QC 33 12.90 11.74 -89.86
C TYR QC 33 13.96 11.01 -89.04
N SER QC 34 14.07 11.38 -87.76
CA SER QC 34 15.00 10.68 -86.88
C SER QC 34 14.53 9.26 -86.56
N MET QC 35 13.23 8.99 -86.66
CA MET QC 35 12.67 7.71 -86.31
C MET QC 35 12.51 6.78 -87.51
N THR QC 36 13.06 7.14 -88.66
CA THR QC 36 12.92 6.31 -89.85
C THR QC 36 13.47 4.92 -89.58
N LYS QC 37 12.71 3.90 -89.98
CA LYS QC 37 13.12 2.53 -89.77
C LYS QC 37 14.32 2.21 -90.66
N PRO QC 38 15.11 1.20 -90.29
CA PRO QC 38 16.30 0.88 -91.08
C PRO QC 38 15.94 0.57 -92.53
N ILE QC 39 16.77 1.05 -93.45
CA ILE QC 39 16.50 0.85 -94.88
C ILE QC 39 16.82 -0.59 -95.25
N PRO QC 40 15.95 -1.29 -95.98
CA PRO QC 40 16.30 -2.63 -96.44
C PRO QC 40 17.53 -2.59 -97.34
N LYS QC 41 18.33 -3.66 -97.27
CA LYS QC 41 19.53 -3.72 -98.08
C LYS QC 41 19.23 -3.70 -99.57
N HIS QC 42 18.10 -4.31 -99.98
CA HIS QC 42 17.81 -4.38 -101.40
C HIS QC 42 17.38 -3.03 -101.98
N TRP QC 43 17.00 -2.08 -101.13
CA TRP QC 43 16.73 -0.73 -101.60
C TRP QC 43 18.02 -0.05 -102.03
N LYS QC 44 17.94 0.77 -103.07
CA LYS QC 44 19.09 1.46 -103.64
C LYS QC 44 18.88 2.97 -103.54
N LEU QC 45 19.97 3.69 -103.28
CA LEU QC 45 19.90 5.14 -103.17
C LEU QC 45 19.73 5.77 -104.54
N ARG QC 46 18.58 6.41 -104.76
CA ARG QC 46 18.33 7.12 -106.01
C ARG QC 46 18.68 8.59 -105.89
N GLY QC 47 18.19 9.25 -104.85
CA GLY QC 47 18.47 10.65 -104.63
C GLY QC 47 19.82 10.86 -103.98
N SER QC 48 20.12 12.14 -103.73
CA SER QC 48 21.39 12.48 -103.11
C SER QC 48 21.49 11.95 -101.68
N GLY QC 49 20.37 11.89 -100.97
CA GLY QC 49 20.39 11.61 -99.56
C GLY QC 49 20.75 12.81 -98.70
N ILE QC 50 21.07 13.93 -99.32
CA ILE QC 50 21.46 15.13 -98.60
C ILE QC 50 20.23 15.80 -98.01
N HIS QC 51 20.35 16.24 -96.77
CA HIS QC 51 19.27 17.00 -96.15
C HIS QC 51 18.96 18.24 -96.98
N GLY QC 52 17.69 18.39 -97.35
CA GLY QC 52 17.30 19.45 -98.26
C GLY QC 52 15.89 19.26 -98.79
N PRO QC 53 15.58 19.91 -99.91
CA PRO QC 53 14.19 19.89 -100.41
C PRO QC 53 13.74 18.56 -100.97
N GLU QC 54 14.63 17.59 -101.18
CA GLU QC 54 14.18 16.27 -101.63
C GLU QC 54 13.30 15.62 -100.58
N ASN QC 55 13.54 15.90 -99.30
CA ASN QC 55 12.65 15.44 -98.25
C ASN QC 55 11.31 16.16 -98.33
N THR QC 56 10.22 15.41 -98.23
CA THR QC 56 8.90 16.00 -98.42
C THR QC 56 8.60 17.07 -97.38
N ASP QC 57 8.93 16.79 -96.11
CA ASP QC 57 8.58 17.72 -95.05
C ASP QC 57 9.30 19.04 -95.20
N LEU QC 58 10.58 19.00 -95.57
CA LEU QC 58 11.32 20.24 -95.76
C LEU QC 58 10.79 21.03 -96.94
N MET QC 59 10.45 20.33 -98.03
CA MET QC 59 9.85 21.02 -99.17
C MET QC 59 8.57 21.72 -98.78
N LYS QC 60 7.71 21.04 -98.01
CA LYS QC 60 6.46 21.64 -97.58
C LYS QC 60 6.70 22.78 -96.61
N LEU QC 61 7.74 22.69 -95.78
CA LEU QC 61 8.06 23.80 -94.89
C LEU QC 61 8.48 25.03 -95.67
N VAL QC 62 9.33 24.84 -96.69
CA VAL QC 62 9.75 25.97 -97.52
C VAL QC 62 8.57 26.55 -98.28
N LEU QC 63 7.75 25.68 -98.87
CA LEU QC 63 6.59 26.15 -99.62
C LEU QC 63 5.64 26.93 -98.73
N TRP QC 64 5.32 26.39 -97.56
CA TRP QC 64 4.37 27.06 -96.68
C TRP QC 64 4.92 28.40 -96.21
N ASN QC 65 6.21 28.46 -95.88
CA ASN QC 65 6.78 29.71 -95.38
C ASN QC 65 6.73 30.81 -96.42
N ARG QC 66 6.64 30.47 -97.71
CA ARG QC 66 6.45 31.48 -98.73
C ARG QC 66 4.98 31.75 -99.01
N LEU QC 67 4.14 30.73 -99.01
CA LEU QC 67 2.74 30.92 -99.36
C LEU QC 67 1.86 31.34 -98.18
N LYS QC 68 2.36 31.25 -96.96
CA LYS QC 68 1.62 31.76 -95.81
C LYS QC 68 1.60 33.28 -95.78
N GLN QC 69 2.46 33.94 -96.54
CA GLN QC 69 2.63 35.38 -96.44
C GLN QC 69 1.44 36.15 -97.01
N LYS QC 70 0.53 35.49 -97.70
CA LYS QC 70 -0.73 36.08 -98.11
C LYS QC 70 -1.86 35.27 -97.48
N ARG QC 71 -2.72 35.96 -96.72
CA ARG QC 71 -3.84 35.31 -96.05
C ARG QC 71 -5.06 36.21 -96.15
N PRO QC 72 -6.26 35.64 -96.27
CA PRO QC 72 -7.45 36.51 -96.37
C PRO QC 72 -7.71 37.38 -95.16
N GLN QC 73 -7.52 36.86 -93.94
CA GLN QC 73 -7.85 37.58 -92.73
C GLN QC 73 -6.71 37.47 -91.73
N ARG QC 74 -6.81 38.22 -90.65
CA ARG QC 74 -5.82 38.13 -89.59
C ARG QC 74 -5.98 36.83 -88.81
N GLU QC 75 -4.87 36.30 -88.34
CA GLU QC 75 -4.86 35.16 -87.43
C GLU QC 75 -4.75 35.75 -86.03
N VAL QC 76 -5.90 35.96 -85.39
CA VAL QC 76 -5.97 36.72 -84.15
C VAL QC 76 -5.24 35.98 -83.03
N PRO QC 77 -4.25 36.59 -82.39
CA PRO QC 77 -3.63 35.98 -81.22
C PRO QC 77 -4.46 36.19 -79.97
N ASN QC 78 -4.15 35.42 -78.94
CA ASN QC 78 -4.87 35.52 -77.68
C ASN QC 78 -4.39 36.74 -76.89
N ILE QC 79 -5.15 37.09 -75.86
CA ILE QC 79 -4.85 38.30 -75.10
C ILE QC 79 -3.49 38.19 -74.42
N ASN QC 80 -3.03 36.99 -74.11
CA ASN QC 80 -1.72 36.84 -73.49
C ASN QC 80 -0.62 37.37 -74.43
N TYR QC 81 -0.70 37.02 -75.71
CA TYR QC 81 0.27 37.55 -76.66
C TYR QC 81 0.17 39.07 -76.77
N LEU QC 82 -1.05 39.58 -76.86
CA LEU QC 82 -1.22 41.03 -77.02
C LEU QC 82 -0.68 41.79 -75.82
N LYS QC 83 -0.90 41.26 -74.61
CA LYS QC 83 -0.32 41.88 -73.42
C LYS QC 83 1.20 41.92 -73.52
N ASP QC 84 1.82 40.81 -73.92
CA ASP QC 84 3.27 40.75 -73.96
C ASP QC 84 3.85 41.72 -74.97
N SER QC 85 3.13 41.96 -76.07
CA SER QC 85 3.64 42.81 -77.13
C SER QC 85 3.85 44.24 -76.65
N ILE QC 86 3.02 44.71 -75.72
CA ILE QC 86 3.10 46.10 -75.25
C ILE QC 86 3.32 46.14 -73.74
N ARG QC 87 4.03 45.14 -73.22
CA ARG QC 87 4.26 45.10 -71.78
C ARG QC 87 5.01 46.34 -71.31
N LEU QC 88 6.04 46.74 -72.05
CA LEU QC 88 6.80 47.92 -71.65
C LEU QC 88 5.96 49.18 -71.75
N GLU QC 89 5.16 49.30 -72.82
CA GLU QC 89 4.35 50.50 -72.99
C GLU QC 89 3.38 50.66 -71.83
N LEU QC 90 2.64 49.59 -71.51
CA LEU QC 90 1.66 49.68 -70.44
C LEU QC 90 2.33 49.99 -69.10
N SER QC 91 3.47 49.36 -68.84
CA SER QC 91 4.14 49.57 -67.56
C SER QC 91 4.70 50.98 -67.44
N VAL QC 92 5.22 51.54 -68.53
CA VAL QC 92 5.70 52.91 -68.50
C VAL QC 92 4.55 53.88 -68.26
N ASN QC 93 3.39 53.60 -68.84
CA ASN QC 93 2.23 54.43 -68.61
C ASN QC 93 1.81 54.42 -67.14
N TRP QC 94 1.78 53.22 -66.53
CA TRP QC 94 1.45 53.15 -65.12
C TRP QC 94 2.51 53.81 -64.26
N TRP QC 95 3.77 53.77 -64.69
CA TRP QC 95 4.82 54.48 -63.97
C TRP QC 95 4.59 55.98 -64.00
N LEU QC 96 4.13 56.50 -65.14
CA LEU QC 96 3.79 57.92 -65.20
C LEU QC 96 2.65 58.25 -64.24
N MET QC 97 1.63 57.39 -64.19
CA MET QC 97 0.54 57.61 -63.26
C MET QC 97 1.03 57.63 -61.82
N SER QC 98 1.95 56.72 -61.49
CA SER QC 98 2.46 56.67 -60.13
C SER QC 98 3.22 57.94 -59.78
N CYS QC 99 3.98 58.48 -60.73
CA CYS QC 99 4.72 59.72 -60.47
C CYS QC 99 3.76 60.87 -60.19
N ILE QC 100 2.67 60.96 -60.96
CA ILE QC 100 1.76 62.09 -60.81
C ILE QC 100 0.98 61.98 -59.50
N PHE QC 101 0.46 60.79 -59.20
CA PHE QC 101 -0.54 60.65 -58.13
C PHE QC 101 0.03 60.12 -56.82
N LEU QC 102 1.26 59.60 -56.81
CA LEU QC 102 1.88 59.15 -55.57
C LEU QC 102 3.07 60.01 -55.19
N TRP QC 103 4.06 60.12 -56.07
CA TRP QC 103 5.26 60.89 -55.75
C TRP QC 103 4.93 62.38 -55.58
N GLY QC 104 4.09 62.91 -56.46
CA GLY QC 104 3.83 64.34 -56.48
C GLY QC 104 3.24 64.85 -55.18
N PRO QC 105 2.19 64.18 -54.68
CA PRO QC 105 1.57 64.65 -53.44
C PRO QC 105 2.53 64.71 -52.26
N TRP QC 106 3.30 63.65 -52.01
CA TRP QC 106 4.15 63.68 -50.82
C TRP QC 106 5.37 64.55 -51.04
N LEU QC 107 5.86 64.69 -52.28
CA LEU QC 107 6.93 65.64 -52.53
C LEU QC 107 6.46 67.07 -52.29
N HIS QC 108 5.23 67.38 -52.68
CA HIS QC 108 4.68 68.70 -52.40
C HIS QC 108 4.51 68.92 -50.91
N TRP QC 109 4.04 67.89 -50.20
CA TRP QC 109 3.86 68.01 -48.76
C TRP QC 109 5.18 68.28 -48.07
N GLY QC 110 6.24 67.58 -48.48
CA GLY QC 110 7.53 67.78 -47.84
C GLY QC 110 8.05 69.19 -48.00
N GLN QC 111 7.89 69.77 -49.19
CA GLN QC 111 8.37 71.12 -49.42
C GLN QC 111 7.60 72.13 -48.57
N GLU QC 112 6.29 71.95 -48.44
CA GLU QC 112 5.51 72.85 -47.60
C GLU QC 112 5.93 72.74 -46.13
N TYR QC 113 6.12 71.52 -45.64
CA TYR QC 113 6.61 71.35 -44.27
C TYR QC 113 7.99 71.97 -44.11
N GLN QC 114 8.85 71.76 -45.10
CA GLN QC 114 10.20 72.30 -45.05
C GLN QC 114 10.17 73.82 -44.94
N LYS QC 115 9.23 74.46 -45.62
CA LYS QC 115 9.09 75.91 -45.53
C LYS QC 115 8.88 76.35 -44.09
N VAL QC 116 8.00 75.68 -43.36
CA VAL QC 116 7.67 76.12 -42.02
C VAL QC 116 8.73 75.69 -41.02
N HIS QC 117 9.26 74.48 -41.14
CA HIS QC 117 10.10 73.89 -40.12
C HIS QC 117 11.57 73.79 -40.50
N GLU QC 118 11.97 74.31 -41.66
CA GLU QC 118 13.33 74.45 -42.13
C GLU QC 118 13.93 73.14 -42.61
N GLN QC 119 13.27 72.01 -42.40
CA GLN QC 119 13.80 70.71 -42.81
C GLN QC 119 12.62 69.83 -43.21
N PRO QC 120 12.86 68.82 -44.04
CA PRO QC 120 11.76 67.98 -44.51
C PRO QC 120 11.14 67.21 -43.37
N PRO QC 121 9.88 66.79 -43.51
CA PRO QC 121 9.20 66.11 -42.40
C PRO QC 121 9.83 64.77 -42.05
N TRP QC 122 10.65 64.20 -42.93
CA TRP QC 122 11.28 62.91 -42.70
C TRP QC 122 12.74 63.04 -42.29
N ALA QC 123 13.10 64.13 -41.63
CA ALA QC 123 14.47 64.37 -41.20
C ALA QC 123 14.50 64.80 -39.74
N MET QC 124 15.54 64.37 -39.02
CA MET QC 124 15.77 64.84 -37.66
C MET QC 124 16.12 66.32 -37.68
N LYS QC 125 15.49 67.09 -36.81
CA LYS QC 125 15.82 68.51 -36.72
C LYS QC 125 17.19 68.69 -36.08
N ARG QC 126 17.95 69.64 -36.60
CA ARG QC 126 19.30 69.90 -36.13
C ARG QC 126 19.28 70.87 -34.96
N ILE QC 127 20.30 70.77 -34.12
CA ILE QC 127 20.51 71.70 -33.02
C ILE QC 127 21.88 72.39 -33.12
N ASP QC 128 22.56 72.27 -34.26
CA ASP QC 128 23.92 72.76 -34.38
C ASP QC 128 24.01 74.17 -34.95
N GLY QC 129 22.88 74.81 -35.23
CA GLY QC 129 22.87 76.20 -35.66
C GLY QC 129 23.11 76.41 -37.13
N LEU QC 130 23.42 75.37 -37.89
CA LEU QC 130 23.54 75.51 -39.34
C LEU QC 130 22.17 75.72 -39.96
N ARG QC 131 22.11 76.57 -40.98
CA ARG QC 131 20.86 76.90 -41.63
C ARG QC 131 20.74 76.17 -42.96
N GLY QC 132 19.51 75.89 -43.37
CA GLY QC 132 19.23 75.31 -44.66
C GLY QC 132 18.40 74.06 -44.55
N GLU QC 133 18.03 73.54 -45.73
CA GLU QC 133 17.12 72.40 -45.80
C GLU QC 133 17.77 71.14 -45.25
N GLY QC 134 19.02 70.88 -45.59
CA GLY QC 134 19.67 69.65 -45.21
C GLY QC 134 19.38 68.54 -46.20
N TYR QC 135 19.60 67.31 -45.75
CA TYR QC 135 19.43 66.15 -46.61
C TYR QC 135 17.97 65.93 -46.95
N PHE QC 136 17.76 65.14 -48.00
CA PHE QC 136 16.43 64.73 -48.44
C PHE QC 136 16.18 63.24 -48.23
N THR QC 137 17.08 62.39 -48.73
CA THR QC 137 16.95 60.96 -48.60
C THR QC 137 17.56 60.55 -47.27
N TRP QC 138 16.71 60.42 -46.25
CA TRP QC 138 17.21 60.24 -44.88
C TRP QC 138 17.95 58.92 -44.73
N PHE QC 139 17.46 57.86 -45.37
CA PHE QC 139 18.08 56.55 -45.16
C PHE QC 139 19.44 56.44 -45.82
N LEU QC 140 19.85 57.39 -46.64
CA LEU QC 140 21.18 57.43 -47.20
C LEU QC 140 22.11 58.35 -46.41
N GLU QC 141 21.76 58.64 -45.16
CA GLU QC 141 22.60 59.44 -44.30
C GLU QC 141 23.43 58.55 -43.38
N TYR RC 1 12.82 29.81 -99.33
CA TYR RC 1 13.88 29.33 -98.46
C TYR RC 1 14.13 30.32 -97.35
N ARG RC 2 14.83 29.87 -96.31
CA ARG RC 2 15.03 30.70 -95.13
C ARG RC 2 15.83 31.95 -95.46
N HIS RC 3 16.71 31.88 -96.47
CA HIS RC 3 17.55 33.01 -96.82
C HIS RC 3 16.89 33.96 -97.82
N TRP RC 4 15.66 33.69 -98.24
CA TRP RC 4 14.92 34.62 -99.07
C TRP RC 4 14.19 35.63 -98.20
N HIS RC 5 13.91 36.80 -98.78
CA HIS RC 5 13.22 37.87 -98.07
C HIS RC 5 11.71 37.71 -98.27
N ARG RC 6 10.94 38.71 -97.87
CA ARG RC 6 9.49 38.62 -97.96
C ARG RC 6 9.03 38.56 -99.40
N MET RC 7 7.93 37.84 -99.62
CA MET RC 7 7.31 37.83 -100.94
C MET RC 7 6.89 39.23 -101.32
N SER RC 8 7.17 39.62 -102.56
CA SER RC 8 6.71 40.90 -103.07
C SER RC 8 5.29 40.76 -103.60
N GLU RC 9 4.67 41.90 -103.89
CA GLU RC 9 3.35 41.86 -104.51
C GLU RC 9 3.42 41.19 -105.88
N ASP RC 10 4.51 41.41 -106.61
CA ASP RC 10 4.64 40.79 -107.92
C ASP RC 10 4.80 39.28 -107.84
N ASP RC 11 5.31 38.78 -106.70
CA ASP RC 11 5.46 37.34 -106.55
C ASP RC 11 4.12 36.62 -106.61
N TRP RC 12 3.02 37.32 -106.39
CA TRP RC 12 1.69 36.73 -106.49
C TRP RC 12 1.05 36.96 -107.85
N ALA RC 13 1.03 38.20 -108.33
CA ALA RC 13 0.45 38.51 -109.63
C ALA RC 13 1.09 39.78 -110.16
N LEU RC 14 0.96 39.99 -111.46
CA LEU RC 14 1.47 41.20 -112.07
C LEU RC 14 0.34 42.18 -112.36
N PRO RC 15 0.61 43.49 -112.32
CA PRO RC 15 -0.43 44.46 -112.66
C PRO RC 15 -0.80 44.38 -114.13
N LEU RC 16 -2.07 44.67 -114.41
CA LEU RC 16 -2.55 44.60 -115.79
C LEU RC 16 -1.81 45.56 -116.70
N ASP RC 17 -1.28 46.66 -116.15
CA ASP RC 17 -0.54 47.60 -116.97
C ASP RC 17 0.70 46.98 -117.58
N SER RC 18 1.17 45.85 -117.06
CA SER RC 18 2.31 45.16 -117.63
C SER RC 18 1.93 44.22 -118.77
N MET RC 19 0.64 44.08 -119.05
CA MET RC 19 0.22 43.22 -120.15
C MET RC 19 0.73 43.81 -121.47
N PRO RC 20 1.37 43.01 -122.32
CA PRO RC 20 1.79 43.54 -123.63
C PRO RC 20 0.59 44.02 -124.42
N GLU RC 21 0.76 45.16 -125.08
CA GLU RC 21 -0.34 45.77 -125.81
C GLU RC 21 -0.62 45.09 -127.14
N ASP RC 22 0.33 44.35 -127.67
CA ASP RC 22 0.13 43.60 -128.91
C ASP RC 22 -0.20 42.15 -128.56
N VAL RC 23 -1.44 41.96 -128.09
CA VAL RC 23 -1.87 40.64 -127.65
C VAL RC 23 -1.91 39.67 -128.81
N LYS RC 24 -2.26 40.15 -130.00
CA LYS RC 24 -2.38 39.26 -131.15
C LYS RC 24 -1.05 38.56 -131.44
N THR RC 25 0.06 39.30 -131.37
CA THR RC 25 1.37 38.69 -131.55
C THR RC 25 1.81 37.89 -130.34
N LEU RC 26 1.40 38.31 -129.14
CA LEU RC 26 1.81 37.61 -127.94
C LEU RC 26 1.32 36.16 -127.95
N MET RC 27 0.06 35.95 -128.33
CA MET RC 27 -0.50 34.60 -128.33
C MET RC 27 0.02 33.75 -129.47
N ALA RC 28 0.78 34.31 -130.41
CA ALA RC 28 1.36 33.56 -131.51
C ALA RC 28 2.86 33.35 -131.35
N THR RC 29 3.47 33.92 -130.32
CA THR RC 29 4.91 33.79 -130.15
C THR RC 29 5.25 32.41 -129.59
N PRO RC 30 6.26 31.72 -130.14
CA PRO RC 30 6.69 30.46 -129.53
C PRO RC 30 7.24 30.67 -128.13
N GLN RC 31 7.16 29.62 -127.32
CA GLN RC 31 7.56 29.74 -125.91
C GLN RC 31 9.02 30.14 -125.79
N THR RC 32 9.89 29.58 -126.63
CA THR RC 32 11.31 29.92 -126.55
C THR RC 32 11.57 31.39 -126.86
N GLU RC 33 10.62 32.07 -127.50
CA GLU RC 33 10.80 33.46 -127.89
C GLU RC 33 10.06 34.43 -126.98
N ARG RC 34 9.48 33.95 -125.89
CA ARG RC 34 8.72 34.79 -124.97
C ARG RC 34 9.59 35.14 -123.77
N GLY RC 35 9.60 36.42 -123.41
CA GLY RC 35 10.29 36.87 -122.23
C GLY RC 35 9.50 36.58 -120.98
N PHE RC 36 10.06 36.98 -119.84
CA PHE RC 36 9.44 36.68 -118.56
C PHE RC 36 8.06 37.31 -118.47
N VAL RC 37 7.93 38.58 -118.84
CA VAL RC 37 6.63 39.24 -118.77
C VAL RC 37 5.71 38.69 -119.84
N GLU RC 38 6.22 38.47 -121.04
CA GLU RC 38 5.38 37.93 -122.11
C GLU RC 38 4.90 36.53 -121.77
N ASP RC 39 5.78 35.70 -121.21
CA ASP RC 39 5.39 34.35 -120.85
C ASP RC 39 4.35 34.35 -119.73
N TYR RC 40 4.48 35.27 -118.77
CA TYR RC 40 3.52 35.33 -117.68
C TYR RC 40 2.11 35.60 -118.20
N TRP RC 41 1.97 36.57 -119.10
CA TRP RC 41 0.65 36.93 -119.58
C TRP RC 41 0.11 35.94 -120.59
N TYR RC 42 0.99 35.28 -121.36
CA TYR RC 42 0.52 34.22 -122.25
C TYR RC 42 -0.15 33.12 -121.46
N ASN RC 43 0.48 32.70 -120.36
CA ASN RC 43 -0.10 31.64 -119.55
C ASN RC 43 -1.36 32.10 -118.83
N ARG RC 44 -1.36 33.34 -118.33
CA ARG RC 44 -2.52 33.81 -117.58
C ARG RC 44 -3.72 34.01 -118.51
N ILE RC 45 -3.50 34.57 -119.69
CA ILE RC 45 -4.61 34.76 -120.63
C ILE RC 45 -5.13 33.41 -121.11
N ARG RC 46 -4.23 32.53 -121.52
CA ARG RC 46 -4.65 31.23 -122.02
C ARG RC 46 -5.14 30.33 -120.90
N GLY RC 47 -4.50 30.41 -119.74
CA GLY RC 47 -4.92 29.58 -118.61
C GLY RC 47 -6.29 29.96 -118.10
N GLU RC 48 -6.55 31.25 -117.94
CA GLU RC 48 -7.84 31.69 -117.43
C GLU RC 48 -8.95 31.58 -118.47
N ALA RC 49 -8.60 31.57 -119.75
CA ALA RC 49 -9.61 31.36 -120.78
C ALA RC 49 -10.19 29.95 -120.70
N THR RC 50 -9.35 28.96 -120.42
CA THR RC 50 -9.84 27.59 -120.29
C THR RC 50 -10.55 27.37 -118.95
N LEU RC 51 -10.06 27.99 -117.88
CA LEU RC 51 -10.66 27.78 -116.57
C LEU RC 51 -12.00 28.49 -116.44
N LEU RC 52 -12.18 29.59 -117.16
CA LEU RC 52 -13.45 30.33 -117.13
C LEU RC 52 -14.43 29.83 -118.18
N ASP RC 53 -14.25 28.61 -118.65
CA ASP RC 53 -15.19 27.97 -119.58
C ASP RC 53 -15.60 26.65 -118.97
N PRO RC 54 -16.49 26.66 -117.98
CA PRO RC 54 -16.76 25.44 -117.21
C PRO RC 54 -17.25 24.29 -118.07
N GLU RC 55 -18.06 24.55 -119.09
CA GLU RC 55 -18.68 23.48 -119.84
C GLU RC 55 -17.67 22.64 -120.60
N ALA RC 56 -16.47 23.14 -120.84
CA ALA RC 56 -15.46 22.40 -121.58
C ALA RC 56 -14.45 21.70 -120.70
N LEU RC 57 -14.34 22.08 -119.43
CA LEU RC 57 -13.34 21.48 -118.55
C LEU RC 57 -13.49 19.97 -118.40
N PRO RC 58 -14.67 19.42 -118.13
CA PRO RC 58 -14.74 17.97 -117.89
C PRO RC 58 -14.29 17.14 -119.08
N SER RC 59 -14.41 17.64 -120.29
CA SER RC 59 -14.02 16.89 -121.48
C SER RC 59 -12.57 17.13 -121.88
N LYS RC 60 -11.83 17.93 -121.12
CA LYS RC 60 -10.45 18.26 -121.43
C LYS RC 60 -9.51 17.38 -120.64
N SER RC 61 -8.55 16.77 -121.34
CA SER RC 61 -7.61 15.87 -120.69
C SER RC 61 -6.65 16.67 -119.82
N TYR RC 62 -6.06 15.97 -118.83
CA TYR RC 62 -5.11 16.62 -117.94
C TYR RC 62 -3.91 17.15 -118.72
N ILE RC 63 -3.50 16.45 -119.78
CA ILE RC 63 -2.38 16.92 -120.58
C ILE RC 63 -2.74 18.26 -121.23
N ALA RC 64 -3.93 18.34 -121.83
CA ALA RC 64 -4.36 19.60 -122.43
C ALA RC 64 -4.59 20.66 -121.36
N LEU RC 65 -5.20 20.28 -120.24
CA LEU RC 65 -5.46 21.25 -119.18
C LEU RC 65 -4.17 21.81 -118.63
N ALA RC 66 -3.17 20.96 -118.39
CA ALA RC 66 -1.89 21.44 -117.91
C ALA RC 66 -1.23 22.37 -118.91
N ARG RC 67 -1.32 22.03 -120.20
CA ARG RC 67 -0.75 22.89 -121.23
C ARG RC 67 -1.39 24.27 -121.22
N ASP RC 68 -2.72 24.33 -121.10
CA ASP RC 68 -3.40 25.61 -121.15
C ASP RC 68 -2.98 26.50 -119.98
N MET RC 69 -2.85 25.93 -118.78
CA MET RC 69 -2.41 26.69 -117.63
C MET RC 69 -0.91 26.94 -117.63
N GLY RC 70 -0.16 26.33 -118.56
CA GLY RC 70 1.27 26.54 -118.61
C GLY RC 70 2.06 25.72 -117.61
N LEU RC 71 1.48 24.64 -117.09
CA LEU RC 71 2.17 23.77 -116.16
C LEU RC 71 2.89 22.66 -116.91
N GLN RC 72 4.12 22.38 -116.49
CA GLN RC 72 4.96 21.39 -117.16
C GLN RC 72 4.73 20.02 -116.56
N ILE RC 73 4.43 19.05 -117.42
CA ILE RC 73 4.31 17.66 -116.99
C ILE RC 73 5.68 17.16 -116.56
N VAL RC 74 5.74 16.48 -115.42
CA VAL RC 74 7.02 16.05 -114.87
C VAL RC 74 7.45 14.74 -115.51
N ASP RC 75 8.74 14.64 -115.81
CA ASP RC 75 9.35 13.41 -116.27
C ASP RC 75 10.72 13.30 -115.61
N GLU RC 76 11.29 12.10 -115.66
CA GLU RC 76 12.57 11.87 -115.00
C GLU RC 76 13.65 12.87 -115.41
N PRO RC 77 13.83 13.20 -116.69
CA PRO RC 77 14.82 14.23 -117.03
C PRO RC 77 14.52 15.58 -116.40
N SER RC 78 13.32 16.11 -116.62
CA SER RC 78 12.99 17.41 -116.05
C SER RC 78 13.02 17.37 -114.53
N SER RC 79 12.50 16.30 -113.94
CA SER RC 79 12.52 16.19 -112.49
C SER RC 79 13.94 16.21 -111.94
N HIS RC 80 14.85 15.50 -112.62
CA HIS RC 80 16.24 15.50 -112.19
C HIS RC 80 16.82 16.90 -112.20
N MET RC 81 16.62 17.64 -113.29
CA MET RC 81 17.19 18.97 -113.39
C MET RC 81 16.61 19.91 -112.34
N MET RC 82 15.29 19.91 -112.19
CA MET RC 82 14.67 20.78 -111.21
C MET RC 82 15.14 20.43 -109.80
N GLY RC 83 15.23 19.14 -109.49
CA GLY RC 83 15.65 18.73 -108.17
C GLY RC 83 17.04 19.26 -107.81
N LEU RC 84 17.97 19.19 -108.75
CA LEU RC 84 19.32 19.69 -108.49
C LEU RC 84 19.35 21.20 -108.38
N ILE RC 85 18.45 21.89 -109.08
CA ILE RC 85 18.37 23.35 -108.94
C ILE RC 85 17.98 23.72 -107.52
N GLU RC 86 16.93 23.09 -107.00
CA GLU RC 86 16.45 23.41 -105.66
C GLU RC 86 17.51 23.05 -104.61
N LEU RC 87 18.21 21.93 -104.82
CA LEU RC 87 19.27 21.57 -103.90
C LEU RC 87 20.38 22.62 -103.91
N TYR RC 88 20.73 23.13 -105.08
CA TYR RC 88 21.73 24.19 -105.15
C TYR RC 88 21.23 25.44 -104.43
N GLU RC 89 19.98 25.82 -104.67
CA GLU RC 89 19.44 27.00 -104.01
C GLU RC 89 19.38 26.83 -102.51
N TYR RC 90 18.96 25.64 -102.05
CA TYR RC 90 18.88 25.41 -100.61
C TYR RC 90 20.24 25.53 -99.96
N LEU RC 91 21.28 24.99 -100.60
CA LEU RC 91 22.61 25.00 -100.00
C LEU RC 91 23.23 26.39 -99.98
N ARG RC 92 22.62 27.38 -100.62
CA ARG RC 92 23.17 28.73 -100.57
C ARG RC 92 23.17 29.26 -99.14
N GLY RC 93 22.13 28.96 -98.37
CA GLY RC 93 22.05 29.43 -97.00
C GLY RC 93 21.69 28.36 -96.00
N ALA RC 94 22.09 27.12 -96.27
CA ALA RC 94 21.80 26.01 -95.38
C ALA RC 94 23.04 25.14 -95.26
N SER RC 95 23.10 24.38 -94.16
CA SER RC 95 24.23 23.49 -93.94
C SER RC 95 24.19 22.30 -94.88
N PHE RC 96 25.35 21.68 -95.06
CA PHE RC 96 25.54 20.58 -96.00
C PHE RC 96 25.82 19.33 -95.18
N VAL RC 97 24.77 18.58 -94.89
CA VAL RC 97 24.86 17.38 -94.06
C VAL RC 97 24.13 16.25 -94.76
N GLY RC 98 24.76 15.07 -94.80
CA GLY RC 98 24.19 13.93 -95.46
C GLY RC 98 24.94 12.66 -95.13
N PRO RC 99 24.60 11.58 -95.82
CA PRO RC 99 25.27 10.29 -95.56
C PRO RC 99 26.72 10.28 -96.03
N PHE RC 100 27.50 9.39 -95.41
CA PHE RC 100 28.90 9.25 -95.77
C PHE RC 100 29.03 8.79 -97.22
N GLY RC 101 29.95 9.43 -97.94
CA GLY RC 101 30.11 9.17 -99.37
C GLY RC 101 31.03 8.00 -99.64
N THR RC 102 30.64 7.18 -100.61
CA THR RC 102 31.39 6.00 -101.01
C THR RC 102 31.45 5.97 -102.52
N ILE RC 103 32.23 5.02 -103.06
CA ILE RC 103 32.39 4.93 -104.51
C ILE RC 103 31.05 4.67 -105.17
N GLU RC 104 30.22 3.80 -104.59
CA GLU RC 104 28.91 3.53 -105.16
C GLU RC 104 28.03 4.77 -105.11
N ASN RC 105 28.09 5.53 -104.01
CA ASN RC 105 27.25 6.70 -103.79
C ASN RC 105 28.11 7.88 -103.39
N PRO RC 106 28.82 8.49 -104.33
CA PRO RC 106 29.66 9.64 -103.98
C PRO RC 106 28.83 10.79 -103.44
N VAL RC 107 29.46 11.59 -102.57
CA VAL RC 107 28.84 12.84 -102.16
C VAL RC 107 28.67 13.73 -103.38
N LEU RC 108 27.45 14.20 -103.61
CA LEU RC 108 27.16 15.07 -104.74
C LEU RC 108 27.42 16.52 -104.35
N VAL RC 109 28.22 17.20 -105.15
CA VAL RC 109 28.58 18.59 -104.89
C VAL RC 109 28.09 19.43 -106.07
N PRO RC 110 26.87 19.95 -106.05
CA PRO RC 110 26.38 20.72 -107.18
C PRO RC 110 27.19 21.98 -107.39
N ALA RC 111 27.41 22.35 -108.66
CA ALA RC 111 28.11 23.56 -108.99
C ALA RC 111 27.69 24.04 -110.36
N VAL RC 112 27.80 25.35 -110.58
CA VAL RC 112 27.57 25.90 -111.90
C VAL RC 112 28.87 25.95 -112.71
N GLY RC 113 29.97 26.35 -112.08
CA GLY RC 113 31.25 26.39 -112.74
C GLY RC 113 31.93 25.03 -112.72
N GLN RC 114 33.21 25.04 -113.08
CA GLN RC 114 34.00 23.82 -113.14
C GLN RC 114 34.66 23.48 -111.81
N GLU RC 115 34.44 24.26 -110.76
CA GLU RC 115 35.16 24.09 -109.52
C GLU RC 115 34.31 24.61 -108.36
N ARG RC 116 34.44 23.96 -107.22
CA ARG RC 116 33.79 24.43 -106.00
C ARG RC 116 34.57 23.92 -104.80
N VAL RC 117 34.78 24.79 -103.82
CA VAL RC 117 35.55 24.44 -102.64
C VAL RC 117 34.68 23.62 -101.71
N VAL RC 118 35.23 22.52 -101.19
CA VAL RC 118 34.52 21.62 -100.30
C VAL RC 118 35.42 21.28 -99.13
N ALA RC 119 34.79 20.95 -98.00
CA ALA RC 119 35.51 20.48 -96.82
C ALA RC 119 34.99 19.10 -96.44
N CYS RC 120 35.89 18.24 -96.00
CA CYS RC 120 35.55 16.94 -95.47
C CYS RC 120 35.73 16.98 -93.96
N THR RC 121 34.71 16.53 -93.23
CA THR RC 121 34.78 16.44 -91.78
C THR RC 121 34.72 15.01 -91.28
N GLY RC 122 34.93 14.04 -92.16
CA GLY RC 122 34.96 12.65 -91.75
C GLY RC 122 33.56 12.10 -91.49
N GLY RC 123 33.53 11.05 -90.68
CA GLY RC 123 32.30 10.36 -90.34
C GLY RC 123 31.65 10.97 -89.12
N VAL RC 124 30.83 10.14 -88.46
CA VAL RC 124 30.08 10.56 -87.28
C VAL RC 124 30.85 10.20 -86.03
N GLY RC 125 30.61 10.95 -84.96
CA GLY RC 125 31.22 10.63 -83.68
C GLY RC 125 32.73 10.69 -83.74
N ASP RC 126 33.37 9.61 -83.29
CA ASP RC 126 34.83 9.58 -83.25
C ASP RC 126 35.44 9.68 -84.65
N GLU RC 127 34.72 9.20 -85.67
CA GLU RC 127 35.24 9.24 -87.03
C GLU RC 127 35.32 10.66 -87.58
N GLU RC 128 34.68 11.62 -86.95
CA GLU RC 128 34.77 13.01 -87.40
C GLU RC 128 36.17 13.55 -87.15
N HIS RC 129 36.76 14.15 -88.17
CA HIS RC 129 38.09 14.74 -88.08
C HIS RC 129 38.01 16.22 -88.40
N PHE RC 130 39.16 16.89 -88.25
CA PHE RC 130 39.25 18.32 -88.53
C PHE RC 130 38.93 18.59 -90.00
N THR RC 131 38.40 19.78 -90.26
CA THR RC 131 38.04 20.15 -91.62
C THR RC 131 39.25 20.07 -92.54
N LEU RC 132 39.08 19.42 -93.69
CA LEU RC 132 40.11 19.32 -94.72
C LEU RC 132 39.53 19.89 -96.01
N TRP RC 133 39.94 21.10 -96.35
CA TRP RC 133 39.40 21.79 -97.52
C TRP RC 133 40.14 21.38 -98.79
N PHE RC 134 39.39 21.23 -99.87
CA PHE RC 134 39.99 20.92 -101.16
C PHE RC 134 39.11 21.52 -102.26
N ARG RC 135 39.71 21.69 -103.43
CA ARG RC 135 39.00 22.25 -104.58
C ARG RC 135 38.45 21.11 -105.42
N CYS RC 136 37.13 21.00 -105.47
CA CYS RC 136 36.45 19.92 -106.19
C CYS RC 136 36.27 20.36 -107.63
N ARG RC 137 37.07 19.81 -108.53
CA ARG RC 137 36.99 20.14 -109.94
C ARG RC 137 36.31 19.01 -110.71
N GLU RC 138 35.67 19.37 -111.82
CA GLU RC 138 34.90 18.41 -112.58
C GLU RC 138 35.80 17.31 -113.15
N GLY RC 139 35.25 16.12 -113.25
CA GLY RC 139 35.91 15.03 -113.94
C GLY RC 139 36.88 14.22 -113.10
N PHE RC 140 36.86 14.37 -111.78
CA PHE RC 140 37.71 13.58 -110.91
C PHE RC 140 36.89 13.07 -109.73
N MET RC 141 37.11 11.81 -109.37
CA MET RC 141 36.49 11.20 -108.20
C MET RC 141 37.42 11.47 -107.02
N TYR RC 142 37.07 12.44 -106.19
CA TYR RC 142 37.94 12.87 -105.11
C TYR RC 142 37.83 11.96 -103.90
N ARG RC 143 38.97 11.66 -103.29
CA ARG RC 143 39.05 10.78 -102.14
C ARG RC 143 39.77 11.51 -101.02
N CYS RC 144 39.08 11.69 -99.89
CA CYS RC 144 39.71 12.33 -98.75
C CYS RC 144 40.91 11.52 -98.30
N GLY RC 145 42.03 12.19 -98.07
CA GLY RC 145 43.25 11.49 -97.68
C GLY RC 145 43.23 10.95 -96.27
N GLU RC 146 42.27 11.35 -95.46
CA GLU RC 146 42.20 10.96 -94.05
C GLU RC 146 41.15 9.89 -93.80
N CYS RC 147 39.91 10.13 -94.21
CA CYS RC 147 38.83 9.19 -93.96
C CYS RC 147 38.44 8.39 -95.19
N ASP RC 148 38.98 8.73 -96.36
CA ASP RC 148 38.67 8.03 -97.61
C ASP RC 148 37.23 8.22 -98.05
N GLN RC 149 36.64 9.37 -97.74
CA GLN RC 149 35.31 9.69 -98.23
C GLN RC 149 35.39 10.15 -99.68
N ILE RC 150 34.42 9.72 -100.49
CA ILE RC 150 34.44 9.96 -101.93
C ILE RC 150 33.52 11.13 -102.25
N PHE RC 151 34.03 12.10 -102.99
CA PHE RC 151 33.27 13.26 -103.44
C PHE RC 151 33.27 13.32 -104.95
N MET RC 152 32.21 13.92 -105.50
CA MET RC 152 32.09 14.10 -106.94
C MET RC 152 31.36 15.39 -107.21
N LEU RC 153 31.75 16.08 -108.27
CA LEU RC 153 31.16 17.35 -108.65
C LEU RC 153 30.07 17.11 -109.70
N VAL RC 154 28.90 17.67 -109.45
CA VAL RC 154 27.78 17.63 -110.39
C VAL RC 154 27.59 19.03 -110.94
N ARG RC 155 27.62 19.17 -112.26
CA ARG RC 155 27.53 20.47 -112.90
C ARG RC 155 26.13 20.66 -113.47
N LEU RC 156 25.53 21.81 -113.17
CA LEU RC 156 24.21 22.17 -113.70
C LEU RC 156 24.44 22.89 -115.02
N TYR RC 157 24.77 22.11 -116.04
CA TYR RC 157 25.13 22.64 -117.35
C TYR RC 157 24.29 21.99 -118.43
N TYR RC 158 23.92 22.78 -119.45
CA TYR RC 158 23.18 22.24 -120.59
C TYR RC 158 23.35 23.20 -121.76
N GLU RC 159 24.00 22.74 -122.82
CA GLU RC 159 24.08 23.45 -124.09
C GLU RC 159 24.43 24.93 -123.89
N ASP RC 160 25.65 25.14 -123.38
CA ASP RC 160 26.21 26.47 -123.18
C ASP RC 160 25.41 27.30 -122.20
N ARG RC 161 24.62 26.66 -121.36
CA ARG RC 161 23.79 27.35 -120.37
C ARG RC 161 23.76 26.50 -119.11
N TYR RC 162 23.44 27.16 -117.99
CA TYR RC 162 23.28 26.46 -116.73
C TYR RC 162 21.80 26.29 -116.40
N TRP RC 163 21.49 25.22 -115.70
CA TRP RC 163 20.10 24.83 -115.47
C TRP RC 163 19.35 25.93 -114.73
N THR RC 164 18.19 26.29 -115.26
CA THR RC 164 17.28 27.22 -114.60
C THR RC 164 15.86 26.75 -114.86
N GLN RC 165 14.93 27.28 -114.06
CA GLN RC 165 13.53 26.87 -114.21
C GLN RC 165 13.04 27.16 -115.62
N THR RC 166 13.39 28.32 -116.18
CA THR RC 166 12.97 28.65 -117.54
C THR RC 166 13.65 27.75 -118.56
N LEU RC 167 14.94 27.44 -118.34
CA LEU RC 167 15.65 26.59 -119.28
C LEU RC 167 15.02 25.20 -119.34
N VAL RC 168 14.63 24.66 -118.19
CA VAL RC 168 13.99 23.34 -118.17
C VAL RC 168 12.67 23.39 -118.93
N ARG RC 169 11.88 24.44 -118.71
CA ARG RC 169 10.60 24.54 -119.40
C ARG RC 169 10.78 24.58 -120.90
N ASP RC 170 11.71 25.40 -121.38
CA ASP RC 170 11.90 25.55 -122.82
C ASP RC 170 12.38 24.25 -123.44
N THR RC 171 13.30 23.55 -122.78
CA THR RC 171 13.87 22.33 -123.35
C THR RC 171 12.83 21.24 -123.50
N PHE RC 172 11.96 21.07 -122.51
CA PHE RC 172 11.06 19.92 -122.46
C PHE RC 172 9.61 20.24 -122.83
N MET RC 173 9.10 21.40 -122.45
CA MET RC 173 7.73 21.74 -122.83
C MET RC 173 7.62 21.94 -124.33
N SER RC 174 6.56 21.42 -124.92
CA SER RC 174 6.32 21.54 -126.35
C SER RC 174 5.04 22.36 -126.56
N ASP RC 175 5.15 23.39 -127.38
CA ASP RC 175 3.99 24.22 -127.69
C ASP RC 175 2.92 23.38 -128.38
N GLY RC 176 1.69 23.52 -127.92
CA GLY RC 176 0.57 22.80 -128.49
C GLY RC 176 -0.06 23.54 -129.66
N ASP RC 177 -1.33 23.25 -129.88
CA ASP RC 177 -2.06 23.96 -130.92
C ASP RC 177 -2.06 25.46 -130.63
N MET RC 178 -1.89 26.25 -131.68
CA MET RC 178 -1.84 27.70 -131.50
C MET RC 178 -3.11 28.20 -130.86
N PHE RC 179 -2.96 29.12 -129.90
CA PHE RC 179 -4.11 29.68 -129.22
C PHE RC 179 -5.03 30.40 -130.20
N ASP RC 180 -6.33 30.15 -130.08
CA ASP RC 180 -7.32 30.73 -130.97
C ASP RC 180 -7.92 31.96 -130.30
N LEU RC 181 -7.84 33.10 -130.97
CA LEU RC 181 -8.40 34.33 -130.41
C LEU RC 181 -9.91 34.28 -130.30
N LYS RC 182 -10.57 33.38 -131.05
CA LYS RC 182 -12.01 33.25 -130.90
C LYS RC 182 -12.38 32.79 -129.49
N THR RC 183 -11.56 31.91 -128.91
CA THR RC 183 -11.82 31.49 -127.53
C THR RC 183 -11.74 32.67 -126.58
N LEU RC 184 -10.76 33.56 -126.78
CA LEU RC 184 -10.66 34.73 -125.93
C LEU RC 184 -11.93 35.58 -126.02
N GLU RC 185 -12.41 35.83 -127.24
CA GLU RC 185 -13.62 36.61 -127.41
C GLU RC 185 -14.83 35.90 -126.81
N ARG RC 186 -14.94 34.59 -127.05
CA ARG RC 186 -16.11 33.86 -126.57
C ARG RC 186 -16.19 33.89 -125.04
N VAL RC 187 -15.07 33.65 -124.38
CA VAL RC 187 -15.06 33.71 -122.92
C VAL RC 187 -15.23 35.14 -122.44
N HIS RC 188 -14.72 36.11 -123.19
CA HIS RC 188 -14.89 37.51 -122.81
C HIS RC 188 -16.35 37.89 -122.72
N LYS RC 189 -17.14 37.55 -123.75
CA LYS RC 189 -18.56 37.85 -123.72
C LYS RC 189 -19.30 37.08 -122.65
N MET RC 190 -18.77 35.93 -122.24
CA MET RC 190 -19.44 35.13 -121.22
C MET RC 190 -19.46 35.85 -119.88
N TRP RC 191 -18.34 36.44 -119.48
CA TRP RC 191 -18.19 37.00 -118.14
C TRP RC 191 -18.17 38.52 -118.13
N ASN RC 192 -18.29 39.18 -119.27
CA ASN RC 192 -18.25 40.64 -119.34
C ASN RC 192 -19.42 41.11 -120.18
N LYS RC 193 -20.42 41.70 -119.54
CA LYS RC 193 -21.60 42.18 -120.23
C LYS RC 193 -22.20 43.36 -119.46
N ASP RC 194 -22.75 44.31 -120.20
CA ASP RC 194 -23.50 45.45 -119.65
C ASP RC 194 -22.81 46.03 -118.42
N GLU RC 195 -21.57 46.46 -118.63
CA GLU RC 195 -20.82 47.23 -117.64
C GLU RC 195 -20.31 46.38 -116.48
N MET RC 196 -20.68 45.11 -116.44
CA MET RC 196 -20.15 44.19 -115.44
C MET RC 196 -18.96 43.46 -116.05
N VAL RC 197 -17.81 43.56 -115.40
CA VAL RC 197 -16.57 42.97 -115.91
C VAL RC 197 -16.05 42.03 -114.82
N ARG RC 198 -16.44 40.77 -114.89
CA ARG RC 198 -15.94 39.76 -113.95
C ARG RC 198 -14.74 39.01 -114.50
N TRP RC 199 -14.33 39.28 -115.74
CA TRP RC 199 -13.20 38.65 -116.39
C TRP RC 199 -12.35 39.78 -116.96
N GLU RC 200 -11.53 40.39 -116.10
CA GLU RC 200 -10.92 41.67 -116.44
C GLU RC 200 -9.70 41.52 -117.33
N VAL RC 201 -8.92 40.47 -117.12
CA VAL RC 201 -7.76 40.23 -117.98
C VAL RC 201 -8.21 40.03 -119.42
N GLY RC 202 -9.29 39.27 -119.61
CA GLY RC 202 -9.85 39.10 -120.95
C GLY RC 202 -10.40 40.40 -121.50
N TYR RC 203 -10.99 41.23 -120.63
CA TYR RC 203 -11.51 42.51 -121.08
C TYR RC 203 -10.39 43.39 -121.61
N TRP RC 204 -9.28 43.48 -120.87
CA TRP RC 204 -8.11 44.20 -121.39
C TRP RC 204 -7.54 43.51 -122.61
N ALA RC 205 -7.40 42.18 -122.56
CA ALA RC 205 -6.82 41.47 -123.68
C ALA RC 205 -7.65 41.64 -124.93
N GLN RC 206 -8.98 41.55 -124.80
CA GLN RC 206 -9.84 41.73 -125.97
C GLN RC 206 -9.72 43.15 -126.51
N ASP RC 207 -9.61 44.13 -125.61
CA ASP RC 207 -9.48 45.52 -126.05
C ASP RC 207 -8.20 45.71 -126.85
N TYR RC 208 -7.10 45.11 -126.42
CA TYR RC 208 -5.85 45.20 -127.17
C TYR RC 208 -5.97 44.54 -128.52
N VAL RC 209 -6.66 43.40 -128.59
CA VAL RC 209 -6.84 42.73 -129.88
C VAL RC 209 -7.62 43.62 -130.83
N LEU RC 210 -8.64 44.31 -130.33
CA LEU RC 210 -9.40 45.26 -131.15
C LEU RC 210 -8.66 46.57 -131.38
N GLY RC 211 -7.38 46.64 -131.02
CA GLY RC 211 -6.64 47.89 -131.11
C GLY RC 211 -6.26 48.37 -129.73
N LYS RC 212 -6.86 49.47 -129.29
CA LYS RC 212 -6.70 49.93 -127.92
C LYS RC 212 -7.72 51.02 -127.64
N GLY RC 213 -8.43 50.91 -126.53
CA GLY RC 213 -9.44 51.90 -126.19
C GLY RC 213 -10.72 51.79 -126.98
N VAL RC 214 -11.10 50.58 -127.38
CA VAL RC 214 -12.33 50.38 -128.13
C VAL RC 214 -13.51 50.04 -127.22
N LEU RC 215 -13.30 49.14 -126.27
CA LEU RC 215 -14.38 48.71 -125.40
C LEU RC 215 -14.75 49.82 -124.42
N PRO RC 216 -15.97 49.79 -123.89
CA PRO RC 216 -16.41 50.87 -123.00
C PRO RC 216 -15.49 51.03 -121.81
N GLY RC 217 -15.19 52.29 -121.47
CA GLY RC 217 -14.42 52.61 -120.30
C GLY RC 217 -12.94 52.37 -120.42
N MET RC 218 -12.47 51.82 -121.54
CA MET RC 218 -11.04 51.53 -121.66
C MET RC 218 -10.22 52.78 -121.95
N VAL RC 219 -10.78 53.75 -122.68
CA VAL RC 219 -10.07 55.01 -122.89
C VAL RC 219 -9.82 55.69 -121.55
N GLU RC 220 -10.84 55.76 -120.71
CA GLU RC 220 -10.66 56.34 -119.38
C GLU RC 220 -9.70 55.49 -118.54
N GLU RC 221 -9.66 54.18 -118.79
CA GLU RC 221 -8.76 53.33 -118.03
C GLU RC 221 -7.30 53.58 -118.41
N HIS RC 222 -7.03 53.88 -119.67
CA HIS RC 222 -5.67 54.05 -120.15
C HIS RC 222 -5.16 55.48 -120.02
N THR RC 223 -6.00 56.44 -119.66
CA THR RC 223 -5.57 57.83 -119.55
C THR RC 223 -5.00 58.05 -118.16
N ARG RC 224 -3.75 58.51 -118.09
CA ARG RC 224 -3.06 58.75 -116.83
C ARG RC 224 -2.53 60.17 -116.82
N VAL RC 225 -2.27 60.67 -115.62
CA VAL RC 225 -1.90 62.08 -115.43
C VAL RC 225 -0.40 62.22 -115.29
N ASN RC 226 0.27 61.16 -114.84
CA ASN RC 226 1.71 61.21 -114.65
C ASN RC 226 2.35 59.87 -114.92
N ILE SC 1 38.99 12.76 -78.26
CA ILE SC 1 40.03 13.21 -79.18
C ILE SC 1 39.99 12.35 -80.43
N TYR SC 2 40.52 12.88 -81.52
CA TYR SC 2 40.56 12.17 -82.79
C TYR SC 2 41.81 11.28 -82.83
N GLU SC 3 41.60 10.01 -83.21
CA GLU SC 3 42.70 9.06 -83.27
C GLU SC 3 42.63 8.23 -84.55
N GLY SC 4 42.11 8.81 -85.62
CA GLY SC 4 41.94 8.10 -86.87
C GLY SC 4 40.63 7.36 -86.94
N GLN SC 5 40.38 6.79 -88.11
CA GLN SC 5 39.17 6.01 -88.33
C GLN SC 5 39.30 4.64 -87.69
N THR SC 6 38.18 4.14 -87.18
CA THR SC 6 38.14 2.80 -86.61
C THR SC 6 38.23 1.75 -87.70
N VAL SC 7 38.95 0.66 -87.43
CA VAL SC 7 39.18 -0.39 -88.39
C VAL SC 7 38.79 -1.72 -87.78
N GLN SC 8 38.06 -2.53 -88.53
CA GLN SC 8 37.73 -3.89 -88.14
C GLN SC 8 38.73 -4.87 -88.73
N GLU SC 9 38.89 -6.01 -88.06
CA GLU SC 9 39.87 -6.99 -88.50
C GLU SC 9 39.57 -7.49 -89.91
N SER SC 10 38.29 -7.73 -90.22
CA SER SC 10 37.93 -8.22 -91.54
C SER SC 10 38.34 -7.25 -92.63
N GLU SC 11 38.35 -5.96 -92.34
CA GLU SC 11 38.69 -4.96 -93.35
C GLU SC 11 40.17 -5.01 -93.72
N LEU SC 12 41.01 -5.66 -92.92
CA LEU SC 12 42.44 -5.74 -93.19
C LEU SC 12 42.83 -6.98 -93.98
N ILE SC 13 41.90 -7.88 -94.26
CA ILE SC 13 42.22 -9.13 -94.95
C ILE SC 13 42.38 -8.84 -96.44
N PRO SC 14 43.53 -9.16 -97.04
CA PRO SC 14 43.70 -8.89 -98.47
C PRO SC 14 43.07 -9.98 -99.33
N GLN SC 15 42.80 -9.61 -100.58
CA GLN SC 15 42.31 -10.57 -101.56
C GLN SC 15 43.43 -11.29 -102.30
N GLU SC 16 44.68 -10.87 -102.10
CA GLU SC 16 45.82 -11.56 -102.68
C GLU SC 16 46.97 -11.53 -101.68
N ASP SC 17 47.85 -12.52 -101.78
CA ASP SC 17 48.97 -12.63 -100.87
C ASP SC 17 50.11 -11.68 -101.21
N ASP SC 18 50.10 -11.08 -102.40
CA ASP SC 18 51.17 -10.20 -102.84
C ASP SC 18 50.84 -8.73 -102.65
N TRP SC 19 49.74 -8.41 -101.99
CA TRP SC 19 49.36 -7.01 -101.81
C TRP SC 19 50.31 -6.33 -100.84
N VAL SC 20 50.79 -5.15 -101.23
CA VAL SC 20 51.55 -4.27 -100.35
C VAL SC 20 51.06 -2.86 -100.58
N ILE SC 21 51.35 -1.98 -99.62
CA ILE SC 21 50.88 -0.60 -99.73
C ILE SC 21 51.45 0.04 -100.99
N GLU SC 22 50.59 0.71 -101.74
CA GLU SC 22 50.97 1.30 -103.00
C GLU SC 22 52.05 2.37 -102.78
N GLU SC 23 53.07 2.35 -103.64
CA GLU SC 23 54.15 3.33 -103.58
C GLU SC 23 53.90 4.40 -104.63
N THR SC 24 52.97 5.29 -104.33
CA THR SC 24 52.68 6.43 -105.18
C THR SC 24 53.28 7.67 -104.54
N ASN SC 25 53.99 8.46 -105.35
CA ASN SC 25 54.69 9.63 -104.84
C ASN SC 25 53.70 10.79 -104.69
N PHE SC 26 53.64 11.35 -103.48
CA PHE SC 26 52.78 12.49 -103.20
C PHE SC 26 53.54 13.81 -103.21
N CYS SC 27 54.79 13.81 -103.67
CA CYS SC 27 55.48 15.06 -103.99
C CYS SC 27 55.00 15.53 -105.35
N LEU SC 28 54.37 16.69 -105.40
CA LEU SC 28 53.74 17.15 -106.62
C LEU SC 28 54.75 17.44 -107.74
N GLY SC 29 56.01 17.66 -107.41
CA GLY SC 29 57.04 17.89 -108.40
C GLY SC 29 58.00 18.95 -107.93
N ARG SC 30 58.79 19.46 -108.87
CA ARG SC 30 59.78 20.49 -108.62
C ARG SC 30 59.21 21.83 -109.07
N ASN SC 31 59.22 22.82 -108.18
CA ASN SC 31 58.64 24.12 -108.48
C ASN SC 31 59.61 25.21 -108.04
N CYS SC 32 59.27 26.44 -108.41
CA CYS SC 32 60.05 27.63 -108.11
C CYS SC 32 59.12 28.83 -108.34
N TYR SC 33 59.70 30.02 -108.44
CA TYR SC 33 58.91 31.17 -108.86
C TYR SC 33 58.24 30.87 -110.20
N VAL SC 34 56.97 31.25 -110.32
CA VAL SC 34 56.29 31.14 -111.60
C VAL SC 34 57.02 32.02 -112.61
N ARG SC 35 57.43 31.43 -113.72
CA ARG SC 35 58.23 32.13 -114.72
C ARG SC 35 57.34 32.46 -115.91
N PHE SC 36 57.06 33.75 -116.09
CA PHE SC 36 56.23 34.19 -117.19
C PHE SC 36 57.06 34.34 -118.46
N ARG SC 37 56.35 34.40 -119.59
CA ARG SC 37 56.95 34.63 -120.89
C ARG SC 37 56.84 36.11 -121.23
N GLU SC 38 57.92 36.67 -121.75
CA GLU SC 38 57.89 38.08 -122.14
C GLU SC 38 56.84 38.35 -123.21
N GLU SC 39 56.56 37.36 -124.05
CA GLU SC 39 55.59 37.56 -125.12
C GLU SC 39 54.16 37.65 -124.60
N ASP SC 40 53.89 37.05 -123.46
CA ASP SC 40 52.53 37.04 -122.93
C ASP SC 40 52.19 38.41 -122.36
N ASP SC 41 51.02 38.93 -122.73
CA ASP SC 41 50.54 40.19 -122.21
C ASP SC 41 49.87 39.96 -120.86
N LEU SC 42 49.21 40.99 -120.33
CA LEU SC 42 48.61 40.87 -119.00
C LEU SC 42 47.58 39.76 -118.94
N ALA SC 43 46.73 39.66 -119.96
CA ALA SC 43 45.68 38.64 -119.94
C ALA SC 43 46.26 37.24 -119.97
N ARG SC 44 47.27 37.00 -120.81
CA ARG SC 44 47.80 35.66 -120.96
C ARG SC 44 48.70 35.27 -119.78
N ARG SC 45 49.33 36.25 -119.13
CA ARG SC 45 50.04 35.94 -117.89
C ARG SC 45 49.07 35.53 -116.80
N ALA SC 46 47.88 36.13 -116.77
CA ALA SC 46 46.86 35.70 -115.82
C ALA SC 46 46.48 34.24 -116.04
N LEU SC 47 46.32 33.83 -117.30
CA LEU SC 47 46.06 32.43 -117.59
C LEU SC 47 47.22 31.56 -117.13
N HIS SC 48 48.45 32.02 -117.35
CA HIS SC 48 49.60 31.27 -116.90
C HIS SC 48 49.57 31.07 -115.38
N GLN SC 49 49.26 32.12 -114.63
CA GLN SC 49 49.22 32.00 -113.18
C GLN SC 49 48.13 31.03 -112.74
N MET SC 50 46.98 31.07 -113.40
CA MET SC 50 45.88 30.19 -113.04
C MET SC 50 46.19 28.72 -113.33
N ASP SC 51 47.13 28.44 -114.21
CA ASP SC 51 47.50 27.07 -114.55
C ASP SC 51 48.65 26.54 -113.68
N SER SC 52 49.15 27.33 -112.74
CA SER SC 52 50.25 26.93 -111.87
C SER SC 52 49.80 26.77 -110.43
N GLN SC 53 48.50 26.59 -110.19
CA GLN SC 53 47.98 26.52 -108.84
C GLN SC 53 48.21 25.13 -108.27
N LEU SC 54 48.93 25.07 -107.15
CA LEU SC 54 49.16 23.78 -106.50
C LEU SC 54 47.88 23.21 -105.92
N ASN SC 55 46.95 24.06 -105.50
CA ASN SC 55 45.72 23.59 -104.90
C ASN SC 55 44.76 23.00 -105.92
N LYS SC 56 45.05 23.12 -107.21
CA LYS SC 56 44.31 22.42 -108.25
C LYS SC 56 44.94 21.09 -108.62
N MET SC 57 46.02 20.68 -107.96
CA MET SC 57 46.70 19.44 -108.27
C MET SC 57 46.24 18.32 -107.35
N HIS SC 58 46.50 17.09 -107.78
CA HIS SC 58 46.09 15.92 -107.02
C HIS SC 58 47.00 14.76 -107.39
N THR SC 59 46.82 13.66 -106.67
CA THR SC 59 47.53 12.41 -106.94
C THR SC 59 46.50 11.34 -107.25
N ARG SC 60 46.64 10.69 -108.40
CA ARG SC 60 45.70 9.66 -108.81
C ARG SC 60 46.14 8.31 -108.25
N LEU SC 61 45.22 7.64 -107.56
CA LEU SC 61 45.50 6.34 -106.98
C LEU SC 61 45.31 5.25 -108.03
N ARG SC 62 45.53 4.00 -107.61
CA ARG SC 62 45.49 2.90 -108.55
C ARG SC 62 44.08 2.55 -109.00
N ASP SC 63 43.06 3.01 -108.28
CA ASP SC 63 41.67 2.73 -108.64
C ASP SC 63 41.02 3.88 -109.38
N GLY SC 64 41.79 4.89 -109.77
CA GLY SC 64 41.26 6.01 -110.51
C GLY SC 64 40.83 7.19 -109.67
N THR SC 65 40.62 7.00 -108.38
CA THR SC 65 40.30 8.12 -107.51
C THR SC 65 41.56 8.94 -107.23
N VAL SC 66 41.35 10.21 -106.93
CA VAL SC 66 42.45 11.15 -106.71
C VAL SC 66 42.35 11.70 -105.30
N ILE SC 67 43.49 11.82 -104.63
CA ILE SC 67 43.59 12.53 -103.37
C ILE SC 67 44.06 13.95 -103.67
N PRO SC 68 43.24 14.97 -103.47
CA PRO SC 68 43.62 16.31 -103.89
C PRO SC 68 44.51 17.00 -102.86
N TYR SC 69 45.00 18.17 -103.26
CA TYR SC 69 45.60 19.08 -102.30
C TYR SC 69 44.56 19.43 -101.24
N MET SC 70 44.92 19.30 -99.97
CA MET SC 70 43.99 19.55 -98.88
C MET SC 70 44.67 20.43 -97.84
N SER SC 71 43.86 21.22 -97.13
CA SER SC 71 44.37 22.12 -96.12
C SER SC 71 43.42 22.16 -94.93
N PHE SC 72 43.96 22.50 -93.77
CA PHE SC 72 43.13 22.61 -92.58
C PHE SC 72 42.19 23.80 -92.66
N HIS SC 73 42.59 24.86 -93.35
CA HIS SC 73 41.82 26.08 -93.42
C HIS SC 73 41.53 26.45 -94.86
N PRO SC 74 40.47 27.19 -95.13
CA PRO SC 74 40.14 27.56 -96.51
C PRO SC 74 41.02 28.67 -97.08
N ASP SC 75 41.98 29.19 -96.32
CA ASP SC 75 42.86 30.22 -96.85
C ASP SC 75 43.71 29.70 -97.99
N GLU SC 76 43.98 28.40 -98.01
CA GLU SC 76 44.81 27.80 -99.05
C GLU SC 76 43.99 27.33 -100.25
N MET SC 77 42.71 27.66 -100.30
CA MET SC 77 41.83 27.21 -101.37
C MET SC 77 41.59 28.26 -102.44
N VAL SC 78 41.95 29.51 -102.21
CA VAL SC 78 41.77 30.54 -103.22
C VAL SC 78 43.00 30.54 -104.13
N ASP SC 79 42.82 31.09 -105.33
CA ASP SC 79 43.95 31.21 -106.25
C ASP SC 79 45.02 32.10 -105.65
N ARG SC 80 46.27 31.78 -105.94
CA ARG SC 80 47.40 32.51 -105.41
C ARG SC 80 48.06 33.29 -106.54
N PRO SC 81 48.14 34.62 -106.49
CA PRO SC 81 47.66 35.51 -105.43
C PRO SC 81 46.14 35.61 -105.40
N ALA SC 82 45.59 36.05 -104.28
CA ALA SC 82 44.14 36.03 -104.11
C ALA SC 82 43.48 36.94 -105.14
N PRO SC 83 42.47 36.46 -105.85
CA PRO SC 83 41.73 37.32 -106.78
C PRO SC 83 40.78 38.25 -106.03
N ILE SC 84 40.22 39.20 -106.78
CA ILE SC 84 39.34 40.20 -106.17
C ILE SC 84 38.11 39.54 -105.58
N HIS SC 85 37.49 38.63 -106.34
CA HIS SC 85 36.30 37.91 -105.89
C HIS SC 85 36.64 36.43 -105.81
N THR SC 86 36.63 35.88 -104.60
CA THR SC 86 37.15 34.54 -104.35
C THR SC 86 36.06 33.47 -104.39
N PHE SC 87 35.09 33.54 -103.48
CA PHE SC 87 34.12 32.46 -103.30
C PHE SC 87 32.80 32.85 -103.97
N SER SC 88 32.79 32.78 -105.30
CA SER SC 88 31.56 33.07 -106.03
C SER SC 88 30.48 32.06 -105.66
N GLU SC 89 30.83 30.79 -105.59
CA GLU SC 89 29.92 29.75 -105.12
C GLU SC 89 30.32 29.40 -103.69
N LYS SC 90 29.33 29.36 -102.80
CA LYS SC 90 29.61 29.20 -101.39
C LYS SC 90 30.32 27.87 -101.15
N PRO SC 91 31.50 27.86 -100.54
CA PRO SC 91 32.13 26.58 -100.18
C PRO SC 91 31.21 25.76 -99.28
N LEU SC 92 31.18 24.46 -99.54
CA LEU SC 92 30.30 23.55 -98.82
C LEU SC 92 31.11 22.81 -97.76
N LEU SC 93 30.65 22.90 -96.52
CA LEU SC 93 31.23 22.16 -95.41
C LEU SC 93 30.37 20.92 -95.19
N LYS SC 94 30.91 19.76 -95.53
CA LYS SC 94 30.13 18.52 -95.55
C LYS SC 94 30.14 17.88 -94.17
N TRP SC 95 28.96 17.80 -93.56
CA TRP SC 95 28.78 17.05 -92.32
C TRP SC 95 28.16 15.70 -92.63
N THR SC 96 28.39 14.75 -91.73
CA THR SC 96 27.90 13.39 -91.89
C THR SC 96 27.04 13.02 -90.69
N TRP SC 97 25.93 12.34 -90.96
CA TRP SC 97 25.09 11.79 -89.91
C TRP SC 97 24.47 10.49 -90.40
N ASP SC 98 23.86 9.75 -89.49
CA ASP SC 98 23.24 8.47 -89.80
C ASP SC 98 21.76 8.60 -90.15
N GLU SC 99 21.21 9.80 -90.15
CA GLU SC 99 19.81 9.98 -90.46
C GLU SC 99 19.55 9.76 -91.94
N THR SC 100 18.38 9.20 -92.25
CA THR SC 100 17.98 8.97 -93.62
C THR SC 100 16.47 9.04 -93.72
N TYR SC 101 15.97 9.28 -94.93
CA TYR SC 101 14.54 9.35 -95.18
C TYR SC 101 14.21 8.48 -96.38
N GLU SC 102 12.98 7.95 -96.40
CA GLU SC 102 12.61 6.95 -97.38
C GLU SC 102 12.59 7.51 -98.80
N GLU SC 103 12.28 8.80 -98.96
CA GLU SC 103 12.11 9.35 -100.30
C GLU SC 103 13.38 9.20 -101.13
N ALA SC 104 14.54 9.14 -100.49
CA ALA SC 104 15.80 9.07 -101.21
C ALA SC 104 16.02 7.71 -101.87
N TYR SC 105 15.34 6.67 -101.40
CA TYR SC 105 15.57 5.31 -101.88
C TYR SC 105 14.43 4.87 -102.78
N ASP SC 106 14.70 3.83 -103.56
CA ASP SC 106 13.69 3.20 -104.40
C ASP SC 106 13.86 1.69 -104.32
N ASP SC 107 12.74 0.97 -104.26
CA ASP SC 107 12.77 -0.49 -104.19
C ASP SC 107 12.51 -1.11 -105.55
N PRO TC 1 27.89 10.57 -75.31
CA PRO TC 1 27.27 11.45 -76.31
C PRO TC 1 26.62 10.66 -77.44
N PRO TC 2 25.28 10.67 -77.52
CA PRO TC 2 24.61 9.87 -78.55
C PRO TC 2 24.92 10.40 -79.94
N THR TC 3 24.88 9.48 -80.91
CA THR TC 3 25.12 9.80 -82.30
C THR TC 3 23.86 9.73 -83.15
N ARG TC 4 22.73 9.33 -82.59
CA ARG TC 4 21.46 9.24 -83.30
C ARG TC 4 20.48 10.22 -82.70
N LEU TC 5 19.82 11.00 -83.56
CA LEU TC 5 18.87 11.98 -83.07
C LEU TC 5 17.67 11.32 -82.39
N SER TC 6 17.41 10.05 -82.66
CA SER TC 6 16.28 9.37 -82.03
C SER TC 6 16.51 9.21 -80.53
N THR TC 7 17.75 9.01 -80.10
CA THR TC 7 18.04 8.84 -78.68
C THR TC 7 18.00 10.20 -77.99
N PRO TC 8 17.14 10.38 -76.99
CA PRO TC 8 17.07 11.69 -76.33
C PRO TC 8 18.26 11.97 -75.44
N LEU TC 9 18.47 13.24 -75.17
CA LEU TC 9 19.53 13.68 -74.26
C LEU TC 9 18.91 13.91 -72.88
N TYR TC 10 19.55 13.36 -71.85
CA TYR TC 10 19.06 13.54 -70.50
C TYR TC 10 19.25 15.00 -70.08
N SER TC 11 18.23 15.54 -69.42
CA SER TC 11 18.26 16.91 -68.95
C SER TC 11 17.72 16.98 -67.53
N GLU TC 12 18.34 17.82 -66.72
CA GLU TC 12 17.87 18.10 -65.38
C GLU TC 12 16.99 19.35 -65.40
N GLY TC 13 16.30 19.56 -64.29
CA GLY TC 13 15.49 20.76 -64.11
C GLY TC 13 16.32 21.86 -63.46
N GLY TC 14 16.10 23.08 -63.91
CA GLY TC 14 16.80 24.22 -63.36
C GLY TC 14 17.07 25.23 -64.45
N ALA TC 15 17.91 26.20 -64.10
CA ALA TC 15 18.21 27.33 -64.97
C ALA TC 15 19.48 27.15 -65.80
N PHE TC 16 20.20 26.04 -65.64
CA PHE TC 16 21.37 25.76 -66.48
C PHE TC 16 21.41 24.26 -66.72
N THR TC 17 20.78 23.83 -67.81
CA THR TC 17 20.61 22.42 -68.10
C THR TC 17 20.61 22.24 -69.60
N VAL TC 18 20.47 21.00 -70.05
CA VAL TC 18 20.42 20.72 -71.49
C VAL TC 18 19.17 21.35 -72.09
N ASN TC 19 18.01 21.15 -71.45
CA ASN TC 19 16.80 21.75 -71.97
C ASN TC 19 16.87 23.28 -71.94
N TRP TC 20 17.38 23.83 -70.85
CA TRP TC 20 17.53 25.28 -70.75
C TRP TC 20 18.46 25.80 -71.84
N TRP TC 21 19.53 25.07 -72.12
CA TRP TC 21 20.48 25.50 -73.13
C TRP TC 21 19.89 25.36 -74.54
N ARG TC 22 19.14 24.29 -74.80
CA ARG TC 22 18.55 24.12 -76.11
C ARG TC 22 17.59 25.26 -76.43
N ASN TC 23 16.79 25.68 -75.46
CA ASN TC 23 15.80 26.72 -75.71
C ASN TC 23 16.44 28.02 -76.18
N ARG TC 24 17.63 28.33 -75.69
CA ARG TC 24 18.24 29.63 -75.93
C ARG TC 24 19.38 29.61 -76.94
N TYR TC 25 19.92 28.45 -77.26
CA TYR TC 25 21.08 28.40 -78.15
C TYR TC 25 20.75 28.94 -79.54
N GLY TC 26 19.57 28.60 -80.06
CA GLY TC 26 19.24 28.96 -81.42
C GLY TC 26 18.38 30.20 -81.56
N LEU TC 27 18.31 31.03 -80.52
CA LEU TC 27 17.46 32.22 -80.59
C LEU TC 27 17.95 33.18 -81.66
N TYR TC 28 19.26 33.36 -81.78
CA TYR TC 28 19.84 34.29 -82.74
C TYR TC 28 20.44 33.57 -83.95
N SER TC 29 20.08 32.31 -84.17
CA SER TC 29 20.72 31.49 -85.18
C SER TC 29 19.93 31.52 -86.47
N ARG TC 30 20.62 31.75 -87.59
CA ARG TC 30 20.03 31.61 -88.92
C ARG TC 30 20.23 30.21 -89.49
N ARG TC 31 21.00 29.35 -88.82
CA ARG TC 31 21.33 28.04 -89.36
C ARG TC 31 20.40 26.94 -88.86
N GLN TC 32 19.66 27.17 -87.78
CA GLN TC 32 18.78 26.16 -87.21
C GLN TC 32 17.37 26.40 -87.75
N THR TC 33 17.17 25.99 -89.01
CA THR TC 33 15.96 26.33 -89.75
C THR TC 33 14.90 25.24 -89.70
N ASP TC 34 15.19 24.09 -89.11
CA ASP TC 34 14.21 23.02 -89.00
C ASP TC 34 14.61 22.11 -87.86
N PRO TC 35 13.69 21.27 -87.37
CA PRO TC 35 14.02 20.44 -86.21
C PRO TC 35 15.23 19.54 -86.43
N MET TC 36 15.26 18.78 -87.52
CA MET TC 36 16.39 17.86 -87.73
C MET TC 36 17.70 18.62 -87.73
N LEU TC 37 17.78 19.69 -88.53
CA LEU TC 37 19.02 20.45 -88.60
C LEU TC 37 19.33 21.14 -87.28
N ALA TC 38 18.30 21.67 -86.62
CA ALA TC 38 18.51 22.36 -85.35
C ALA TC 38 19.10 21.42 -84.31
N GLU TC 39 18.53 20.23 -84.17
CA GLU TC 39 19.04 19.29 -83.19
C GLU TC 39 20.47 18.87 -83.51
N PHE TC 40 20.75 18.63 -84.79
CA PHE TC 40 22.10 18.21 -85.17
C PHE TC 40 23.12 19.27 -84.78
N LEU TC 41 22.83 20.54 -85.06
CA LEU TC 41 23.75 21.60 -84.71
C LEU TC 41 23.83 21.79 -83.20
N PHE TC 42 22.71 21.62 -82.50
CA PHE TC 42 22.72 21.75 -81.06
C PHE TC 42 23.60 20.68 -80.41
N ARG TC 43 23.42 19.43 -80.82
CA ARG TC 43 24.26 18.36 -80.27
C ARG TC 43 25.70 18.51 -80.70
N GLN TC 44 25.95 19.06 -81.89
CA GLN TC 44 27.31 19.31 -82.31
C GLN TC 44 28.02 20.27 -81.37
N GLN TC 45 27.33 21.35 -80.99
CA GLN TC 45 27.94 22.32 -80.07
C GLN TC 45 28.10 21.72 -78.68
N VAL TC 46 27.07 21.01 -78.19
CA VAL TC 46 27.15 20.44 -76.85
C VAL TC 46 28.28 19.42 -76.77
N LYS TC 47 28.39 18.56 -77.79
CA LYS TC 47 29.47 17.58 -77.81
C LYS TC 47 30.83 18.26 -77.81
N GLU TC 48 30.99 19.32 -78.61
CA GLU TC 48 32.30 19.92 -78.78
C GLU TC 48 32.76 20.67 -77.53
N TRP TC 49 31.84 21.27 -76.79
CA TRP TC 49 32.20 22.16 -75.69
C TRP TC 49 31.99 21.55 -74.32
N PHE TC 50 30.85 20.93 -74.07
CA PHE TC 50 30.53 20.43 -72.74
C PHE TC 50 31.07 19.03 -72.48
N TYR TC 51 31.37 18.26 -73.51
CA TYR TC 51 31.99 16.95 -73.35
C TYR TC 51 33.50 17.01 -73.47
N ASP TC 52 34.07 18.20 -73.60
CA ASP TC 52 35.52 18.38 -73.64
C ASP TC 52 36.03 18.44 -72.22
N VAL TC 53 36.81 17.44 -71.81
CA VAL TC 53 37.27 17.36 -70.43
C VAL TC 53 38.08 18.58 -70.03
N PRO TC 54 39.09 19.02 -70.79
CA PRO TC 54 39.89 20.16 -70.33
C PRO TC 54 39.11 21.45 -70.18
N SER TC 55 37.98 21.58 -70.87
CA SER TC 55 37.20 22.82 -70.76
C SER TC 55 36.74 23.08 -69.33
N TYR TC 56 36.47 22.02 -68.57
CA TYR TC 56 35.97 22.21 -67.21
C TYR TC 56 37.02 22.88 -66.33
N ASN TC 57 38.30 22.73 -66.65
CA ASN TC 57 39.33 23.40 -65.86
C ASN TC 57 39.18 24.90 -65.94
N TYR TC 58 38.88 25.43 -67.12
CA TYR TC 58 38.68 26.87 -67.26
C TYR TC 58 37.41 27.32 -66.55
N ALA TC 59 36.39 26.47 -66.51
CA ALA TC 59 35.19 26.82 -65.77
C ALA TC 59 35.50 27.05 -64.31
N ALA TC 60 36.36 26.22 -63.72
CA ALA TC 60 36.76 26.41 -62.33
C ALA TC 60 37.50 27.73 -62.15
N LEU TC 61 38.39 28.06 -63.09
CA LEU TC 61 39.22 29.26 -62.93
C LEU TC 61 38.37 30.52 -62.98
N VAL TC 62 37.43 30.60 -63.91
CA VAL TC 62 36.60 31.80 -64.01
C VAL TC 62 35.76 31.96 -62.75
N GLY TC 63 35.25 30.84 -62.21
CA GLY TC 63 34.50 30.92 -60.98
C GLY TC 63 35.32 31.46 -59.83
N LEU TC 64 36.54 30.95 -59.66
CA LEU TC 64 37.40 31.41 -58.57
C LEU TC 64 37.74 32.88 -58.71
N ALA TC 65 38.14 33.30 -59.92
CA ALA TC 65 38.52 34.68 -60.13
C ALA TC 65 37.34 35.62 -59.91
N LEU TC 66 36.17 35.27 -60.44
CA LEU TC 66 34.99 36.10 -60.23
C LEU TC 66 34.59 36.12 -58.77
N GLY TC 67 34.67 34.99 -58.08
CA GLY TC 67 34.33 34.96 -56.67
C GLY TC 67 35.19 35.90 -55.86
N ILE TC 68 36.49 35.90 -56.11
CA ILE TC 68 37.37 36.84 -55.44
C ILE TC 68 37.03 38.26 -55.85
N LEU TC 69 36.78 38.48 -57.14
CA LEU TC 69 36.49 39.83 -57.62
C LEU TC 69 35.27 40.41 -56.94
N VAL TC 70 34.20 39.62 -56.81
CA VAL TC 70 32.99 40.13 -56.18
C VAL TC 70 33.20 40.38 -54.70
N ALA TC 71 33.95 39.50 -54.04
CA ALA TC 71 34.17 39.65 -52.60
C ALA TC 71 34.97 40.92 -52.30
N VAL TC 72 36.03 41.17 -53.05
CA VAL TC 72 36.85 42.35 -52.77
C VAL TC 72 36.06 43.63 -53.03
N ILE TC 73 35.27 43.66 -54.10
CA ILE TC 73 34.44 44.82 -54.35
C ILE TC 73 33.47 45.05 -53.19
N TRP TC 74 32.80 43.98 -52.77
CA TRP TC 74 31.82 44.12 -51.71
C TRP TC 74 32.48 44.51 -50.40
N ARG TC 75 33.65 43.95 -50.11
CA ARG TC 75 34.32 44.24 -48.84
C ARG TC 75 34.68 45.71 -48.74
N HIS TC 76 35.16 46.31 -49.83
CA HIS TC 76 35.53 47.73 -49.79
C HIS TC 76 34.34 48.58 -49.40
N PHE TC 77 33.20 48.38 -50.05
CA PHE TC 77 32.03 49.18 -49.74
C PHE TC 77 31.57 48.98 -48.30
N LEU TC 78 31.57 47.73 -47.84
CA LEU TC 78 30.99 47.42 -46.54
C LEU TC 78 31.89 47.87 -45.39
N PHE TC 79 33.20 47.68 -45.53
CA PHE TC 79 34.09 47.79 -44.38
C PHE TC 79 35.16 48.87 -44.50
N ASN TC 80 35.56 49.26 -45.70
CA ASN TC 80 36.69 50.18 -45.83
C ASN TC 80 36.31 51.54 -45.26
N PRO TC 81 37.04 52.07 -44.28
CA PRO TC 81 36.68 53.38 -43.73
C PRO TC 81 36.71 54.49 -44.76
N ASP TC 82 37.62 54.44 -45.71
CA ASP TC 82 37.80 55.53 -46.67
C ASP TC 82 36.71 55.58 -47.72
N VAL TC 83 35.94 54.51 -47.88
CA VAL TC 83 34.88 54.45 -48.89
C VAL TC 83 33.60 54.96 -48.25
N TYR TC 84 32.99 55.97 -48.86
CA TYR TC 84 31.76 56.55 -48.37
C TYR TC 84 30.65 56.32 -49.38
N VAL TC 85 29.50 55.85 -48.89
CA VAL TC 85 28.28 55.75 -49.68
C VAL TC 85 27.16 56.57 -49.05
N ARG TC 86 26.98 56.44 -47.74
CA ARG TC 86 26.11 57.33 -47.01
C ARG TC 86 26.76 58.70 -46.89
N ARG TC 87 25.92 59.71 -46.64
CA ARG TC 87 26.36 61.10 -46.70
C ARG TC 87 26.38 61.78 -45.34
N GLN TC 88 25.95 61.11 -44.27
CA GLN TC 88 25.90 61.76 -42.97
C GLN TC 88 27.27 62.25 -42.54
N GLU TC 89 28.28 61.39 -42.69
CA GLU TC 89 29.63 61.75 -42.24
C GLU TC 89 30.30 62.75 -43.18
N LEU TC 90 29.95 62.71 -44.47
CA LEU TC 90 30.54 63.65 -45.43
C LEU TC 90 30.01 65.06 -45.28
N ARG TC 91 28.93 65.28 -44.53
CA ARG TC 91 28.41 66.61 -44.27
C ARG TC 91 28.99 67.23 -43.02
N LYS TC 92 29.99 66.59 -42.42
CA LYS TC 92 30.64 67.11 -41.23
C LYS TC 92 32.13 67.21 -41.48
N MET TC 93 32.79 68.04 -40.70
CA MET TC 93 34.23 68.13 -40.76
C MET TC 93 34.86 66.83 -40.26
N TRP TC 94 36.13 66.63 -40.62
CA TRP TC 94 36.81 65.37 -40.30
C TRP TC 94 36.75 65.00 -38.83
N PRO TC 95 37.03 65.88 -37.87
CA PRO TC 95 37.03 65.44 -36.47
C PRO TC 95 35.69 64.93 -35.98
N ASP TC 96 34.59 65.26 -36.65
CA ASP TC 96 33.26 64.89 -36.18
C ASP TC 96 32.76 63.58 -36.77
N ARG TC 97 33.54 62.92 -37.62
CA ARG TC 97 33.07 61.71 -38.30
C ARG TC 97 33.30 60.49 -37.42
N HIS TC 98 32.59 60.47 -36.28
CA HIS TC 98 32.80 59.41 -35.30
C HIS TC 98 32.36 58.05 -35.84
N ARG TC 99 31.22 58.00 -36.53
CA ARG TC 99 30.73 56.73 -37.01
C ARG TC 99 31.69 56.09 -38.01
N GLN TC 100 32.26 56.90 -38.90
CA GLN TC 100 33.19 56.36 -39.88
C GLN TC 100 34.46 55.82 -39.21
N PHE TC 101 34.94 56.50 -38.17
CA PHE TC 101 36.15 56.06 -37.50
C PHE TC 101 35.99 54.69 -36.85
N ALA TC 102 34.75 54.26 -36.63
CA ALA TC 102 34.53 52.95 -36.02
C ALA TC 102 35.07 51.83 -36.90
N TYR TC 103 35.12 52.04 -38.21
CA TYR TC 103 35.63 51.02 -39.12
C TYR TC 103 37.14 50.90 -39.07
N ALA TC 104 37.85 51.91 -38.58
CA ALA TC 104 39.30 51.99 -38.79
C ALA TC 104 40.03 50.80 -38.16
N VAL TC 105 39.97 50.69 -36.84
CA VAL TC 105 40.76 49.67 -36.15
C VAL TC 105 40.40 48.26 -36.59
N PRO TC 106 39.13 47.85 -36.59
CA PRO TC 106 38.82 46.49 -37.07
C PRO TC 106 39.25 46.25 -38.50
N TYR TC 107 39.16 47.26 -39.37
CA TYR TC 107 39.61 47.09 -40.73
C TYR TC 107 41.12 47.01 -40.83
N LEU TC 108 41.83 47.46 -39.79
CA LEU TC 108 43.28 47.41 -39.76
C LEU TC 108 43.82 46.06 -39.33
N ASN TC 109 42.99 45.16 -38.81
CA ASN TC 109 43.44 43.91 -38.22
C ASN TC 109 42.66 42.74 -38.81
N PRO TC 110 42.78 42.50 -40.10
CA PRO TC 110 42.18 41.30 -40.69
C PRO TC 110 42.91 40.05 -40.24
N GLN TC 111 42.19 38.93 -40.28
CA GLN TC 111 42.76 37.68 -39.77
C GLN TC 111 44.05 37.31 -40.49
N LEU TC 112 44.05 37.42 -41.81
CA LEU TC 112 45.20 36.93 -42.58
C LEU TC 112 46.46 37.71 -42.27
N LYS TC 113 46.34 39.01 -41.97
CA LYS TC 113 47.51 39.78 -41.58
C LYS TC 113 48.13 39.23 -40.31
N ASN TC 114 47.31 38.88 -39.32
CA ASN TC 114 47.85 38.33 -38.09
C ASN TC 114 48.53 36.99 -38.34
N LEU TC 115 47.95 36.16 -39.20
CA LEU TC 115 48.51 34.84 -39.44
C LEU TC 115 49.86 34.90 -40.13
N LEU TC 116 50.00 35.77 -41.13
CA LEU TC 116 51.15 35.70 -42.02
C LEU TC 116 52.28 36.66 -41.66
N LEU TC 117 51.99 37.74 -40.94
CA LEU TC 117 53.07 38.62 -40.50
C LEU TC 117 54.18 37.91 -39.74
N PRO TC 118 53.91 36.96 -38.85
CA PRO TC 118 55.02 36.30 -38.15
C PRO TC 118 55.99 35.58 -39.06
N TYR TC 119 55.64 35.37 -40.33
CA TYR TC 119 56.50 34.67 -41.27
C TYR TC 119 57.45 35.60 -42.01
N LYS TC 120 57.69 36.81 -41.50
CA LYS TC 120 58.64 37.71 -42.14
C LYS TC 120 60.06 37.15 -42.08
N ASN TC 121 60.36 36.33 -41.08
CA ASN TC 121 61.72 35.81 -40.95
C ASN TC 121 62.11 34.87 -42.08
N SER TC 122 61.16 34.44 -42.91
CA SER TC 122 61.51 33.65 -44.09
C SER TC 122 62.14 34.50 -45.18
N PHE TC 123 62.03 35.83 -45.08
CA PHE TC 123 62.63 36.75 -46.05
C PHE TC 123 63.79 37.53 -45.47
N ILE TC 124 63.60 38.21 -44.35
CA ILE TC 124 64.64 39.03 -43.76
C ILE TC 124 65.68 38.14 -43.10
N ASP TC 125 66.95 38.43 -43.37
CA ASP TC 125 68.05 37.68 -42.76
C ASP TC 125 68.52 38.30 -41.46
N ASN TC 126 68.63 39.62 -41.41
CA ASN TC 126 69.09 40.33 -40.23
C ASN TC 126 67.93 41.06 -39.58
N GLU TC 127 67.75 40.85 -38.28
CA GLU TC 127 66.71 41.51 -37.50
C GLU TC 127 65.34 41.38 -38.16
N PRO TC 128 64.87 40.16 -38.41
CA PRO TC 128 63.52 40.00 -38.98
C PRO TC 128 62.42 40.49 -38.07
N ASP TC 129 62.69 40.64 -36.77
CA ASP TC 129 61.71 41.10 -35.80
C ASP TC 129 61.97 42.55 -35.39
N TYR TC 130 62.51 43.35 -36.29
CA TYR TC 130 62.84 44.73 -35.95
C TYR TC 130 61.60 45.55 -35.64
N ALA TC 131 60.47 45.26 -36.30
CA ALA TC 131 59.24 46.00 -36.11
C ALA TC 131 58.19 45.23 -35.31
N ASP TC 132 58.58 44.16 -34.62
CA ASP TC 132 57.59 43.34 -33.92
C ASP TC 132 56.95 44.10 -32.77
N TYR TC 133 57.74 44.84 -32.00
CA TYR TC 133 57.25 45.49 -30.80
C TYR TC 133 56.72 46.89 -31.11
N ASN TC 134 55.54 47.19 -30.60
CA ASN TC 134 54.93 48.50 -30.73
C ASN TC 134 54.07 48.76 -29.50
N PRO TC 135 54.48 49.68 -28.60
CA PRO TC 135 53.73 49.85 -27.35
C PRO TC 135 52.39 50.53 -27.51
N VAL TC 136 52.11 51.13 -28.67
CA VAL TC 136 50.88 51.92 -28.81
C VAL TC 136 49.65 51.03 -28.64
N GLY TC 137 49.66 49.86 -29.27
CA GLY TC 137 48.58 48.91 -29.11
C GLY TC 137 47.55 48.89 -30.21
N LEU TC 138 47.79 49.58 -31.32
CA LEU TC 138 46.84 49.51 -32.43
C LEU TC 138 46.81 48.11 -33.05
N ARG TC 139 47.90 47.37 -32.94
CA ARG TC 139 48.02 46.02 -33.48
C ARG TC 139 48.59 45.10 -32.42
N PRO TC 140 48.41 43.80 -32.57
CA PRO TC 140 49.04 42.86 -31.63
C PRO TC 140 50.56 42.87 -31.76
N GLN TC 141 51.22 42.54 -30.66
CA GLN TC 141 52.66 42.33 -30.71
C GLN TC 141 52.95 41.08 -31.55
N ARG TC 142 53.96 41.19 -32.41
CA ARG TC 142 54.29 40.10 -33.33
C ARG TC 142 55.33 39.17 -32.72
N VAL TC 143 55.18 37.89 -33.00
CA VAL TC 143 56.14 36.86 -32.59
C VAL TC 143 56.58 36.12 -33.84
N MET TC 144 57.89 35.99 -34.02
CA MET TC 144 58.40 35.37 -35.23
C MET TC 144 57.94 33.92 -35.33
N ALA TC 145 57.68 33.47 -36.55
CA ALA TC 145 57.27 32.10 -36.78
C ALA TC 145 58.41 31.12 -36.51
N ILE TC 146 58.05 29.87 -36.29
CA ILE TC 146 59.02 28.82 -35.97
C ILE TC 146 59.33 27.93 -37.17
N ARG TC 147 58.63 28.09 -38.28
CA ARG TC 147 58.85 27.29 -39.48
C ARG TC 147 58.87 28.21 -40.70
N ARG TC 148 59.58 27.78 -41.73
CA ARG TC 148 59.64 28.53 -42.97
C ARG TC 148 58.30 28.45 -43.71
N ILE TC 149 58.06 29.41 -44.58
CA ILE TC 149 56.84 29.39 -45.38
C ILE TC 149 56.86 28.16 -46.28
N PRO TC 150 55.80 27.38 -46.35
CA PRO TC 150 55.79 26.24 -47.26
C PRO TC 150 55.93 26.67 -48.70
N GLY TC 151 56.60 25.84 -49.50
CA GLY TC 151 56.71 26.11 -50.92
C GLY TC 151 58.13 26.13 -51.43
N PHE TC 152 58.59 27.31 -51.85
CA PHE TC 152 59.84 27.48 -52.58
C PHE TC 152 60.97 28.00 -51.71
N PHE TC 153 60.83 27.96 -50.39
CA PHE TC 153 61.86 28.51 -49.50
C PHE TC 153 62.85 27.46 -49.06
N TRP TC 154 63.45 26.74 -50.01
CA TRP TC 154 64.45 25.75 -49.68
C TRP TC 154 65.77 26.37 -49.25
N ALA TC 155 65.95 27.68 -49.45
CA ALA TC 155 67.21 28.31 -49.08
C ALA TC 155 67.43 28.25 -47.58
N ILE TC 156 66.38 28.42 -46.78
CA ILE TC 156 66.50 28.41 -45.33
C ILE TC 156 66.10 27.05 -44.79
N PRO TC 157 66.55 26.69 -43.59
CA PRO TC 157 66.16 25.38 -43.03
C PRO TC 157 64.66 25.29 -42.80
N GLN TC 158 64.19 24.06 -42.72
CA GLN TC 158 62.75 23.83 -42.58
C GLN TC 158 62.21 24.47 -41.29
N TYR TC 159 62.97 24.37 -40.20
CA TYR TC 159 62.63 25.01 -38.94
C TYR TC 159 63.79 25.85 -38.47
N PHE TC 160 63.49 26.97 -37.83
CA PHE TC 160 64.52 27.94 -37.51
C PHE TC 160 65.41 27.49 -36.36
N PHE TC 161 65.00 26.49 -35.59
CA PHE TC 161 65.92 25.95 -34.58
C PHE TC 161 67.05 25.16 -35.21
N GLU TC 162 66.97 24.87 -36.51
CA GLU TC 162 68.07 24.21 -37.21
C GLU TC 162 69.13 25.18 -37.70
N ASP TC 163 68.87 26.49 -37.65
CA ASP TC 163 69.82 27.47 -38.16
C ASP TC 163 70.75 27.91 -37.03
N PRO TC 164 72.05 27.67 -37.12
CA PRO TC 164 72.95 28.03 -36.02
C PRO TC 164 73.07 29.52 -35.78
N LEU TC 165 72.75 30.37 -36.76
CA LEU TC 165 72.94 31.80 -36.63
C LEU TC 165 71.64 32.58 -36.46
N TYR TC 166 70.50 31.91 -36.40
CA TYR TC 166 69.23 32.62 -36.37
C TYR TC 166 69.11 33.48 -35.12
N THR TC 167 69.47 32.92 -33.95
CA THR TC 167 69.32 33.67 -32.71
C THR TC 167 70.28 34.84 -32.64
N SER TC 168 71.45 34.72 -33.25
CA SER TC 168 72.45 35.78 -33.17
C SER TC 168 72.03 37.02 -33.95
N CYS TC 169 71.21 36.85 -34.99
CA CYS TC 169 70.78 37.96 -35.82
C CYS TC 169 69.48 38.59 -35.36
N SER TC 170 68.91 38.14 -34.25
CA SER TC 170 67.65 38.71 -33.78
C SER TC 170 67.86 40.15 -33.33
N THR TC 171 66.78 40.92 -33.38
CA THR TC 171 66.86 42.32 -33.00
C THR TC 171 67.34 42.48 -31.56
N LYS TC 172 67.06 41.49 -30.71
CA LYS TC 172 67.49 41.59 -29.32
C LYS TC 172 69.01 41.52 -29.21
N ASN TC 173 69.64 40.60 -29.93
CA ASN TC 173 71.09 40.48 -29.85
C ASN TC 173 71.78 41.70 -30.43
N MET TC 174 71.29 42.19 -31.57
CA MET TC 174 71.89 43.39 -32.17
C MET TC 174 71.73 44.58 -31.26
N GLN TC 175 70.57 44.72 -30.61
CA GLN TC 175 70.39 45.79 -29.65
C GLN TC 175 71.39 45.66 -28.51
N THR TC 176 71.66 44.43 -28.07
CA THR TC 176 72.66 44.23 -27.03
C THR TC 176 74.03 44.68 -27.48
N ILE TC 177 74.39 44.34 -28.73
CA ILE TC 177 75.72 44.68 -29.23
C ILE TC 177 75.89 46.19 -29.30
N TYR TC 178 74.90 46.89 -29.85
CA TYR TC 178 75.03 48.33 -30.04
C TYR TC 178 74.85 49.10 -28.75
N LYS TC 179 74.01 48.61 -27.83
CA LYS TC 179 73.91 49.25 -26.52
C LYS TC 179 75.23 49.18 -25.78
N LYS TC 180 75.93 48.04 -25.91
CA LYS TC 180 77.20 47.90 -25.21
C LYS TC 180 78.19 48.96 -25.64
N LEU TC 181 78.07 49.46 -26.87
CA LEU TC 181 78.92 50.54 -27.35
C LEU TC 181 78.32 51.92 -27.12
N GLY TC 182 77.08 52.00 -26.64
CA GLY TC 182 76.41 53.27 -26.60
C GLY TC 182 76.06 53.82 -27.96
N TYR TC 183 76.03 52.95 -28.98
CA TYR TC 183 75.81 53.42 -30.34
C TYR TC 183 74.38 53.89 -30.55
N SER TC 184 73.40 53.10 -30.12
CA SER TC 184 72.01 53.45 -30.34
C SER TC 184 71.14 52.73 -29.33
N GLU TC 185 69.91 53.23 -29.18
CA GLU TC 185 68.97 52.63 -28.25
C GLU TC 185 68.37 51.34 -28.82
N LEU TC 186 68.12 51.29 -30.12
CA LEU TC 186 67.55 50.11 -30.75
C LEU TC 186 68.63 49.29 -31.45
PA FAD UC . -107.07 36.14 31.62
O1A FAD UC . -106.07 35.97 32.67
O2A FAD UC . -108.14 37.21 31.85
O5B FAD UC . -106.34 36.50 30.21
C5B FAD UC . -106.93 36.13 28.94
C4B FAD UC . -105.81 35.74 28.02
O4B FAD UC . -106.29 35.72 26.65
C3B FAD UC . -104.63 36.71 28.02
O3B FAD UC . -103.43 36.04 27.66
C2B FAD UC . -105.05 37.70 26.94
O2B FAD UC . -103.95 38.43 26.41
C1B FAD UC . -105.61 36.72 25.91
N9A FAD UC . -106.53 37.32 24.94
C8A FAD UC . -107.63 38.09 25.20
N7A FAD UC . -108.21 38.55 24.13
C5A FAD UC . -107.44 38.04 23.09
C6A FAD UC . -107.52 38.17 21.69
N6A FAD UC . -108.44 38.96 21.14
N1A FAD UC . -106.60 37.53 20.94
C2A FAD UC . -105.66 36.82 21.55
N3A FAD UC . -105.49 36.62 22.86
C4A FAD UC . -106.42 37.26 23.58
N1 FAD UC . -109.61 34.68 41.09
C2 FAD UC . -109.26 33.80 42.09
O2 FAD UC . -109.68 32.64 42.08
N3 FAD UC . -108.41 34.15 43.16
C4 FAD UC . -107.96 35.40 43.16
O4 FAD UC . -107.19 35.73 44.07
C4X FAD UC . -108.31 36.31 42.16
N5 FAD UC . -107.83 37.52 42.23
C5X FAD UC . -108.15 38.40 41.25
C6 FAD UC . -107.62 39.70 41.32
C7 FAD UC . -107.86 40.61 40.30
C7M FAD UC . -107.30 42.00 40.41
C8 FAD UC . -108.66 40.24 39.20
C8M FAD UC . -108.81 41.14 38.00
C9 FAD UC . -109.23 38.97 39.16
C9A FAD UC . -108.96 38.05 40.18
N10 FAD UC . -109.45 36.76 40.14
C10 FAD UC . -109.14 35.90 41.14
C1' FAD UC . -110.20 36.34 38.95
C2' FAD UC . -109.26 35.50 38.08
O2' FAD UC . -107.92 35.93 38.25
C3' FAD UC . -109.64 35.60 36.60
O3' FAD UC . -110.98 35.18 36.41
C4' FAD UC . -108.72 34.73 35.75
O4' FAD UC . -107.40 35.30 35.76
C5' FAD UC . -109.17 34.54 34.31
O5' FAD UC . -108.06 33.90 33.65
P FAD UC . -108.07 33.44 32.13
O1P FAD UC . -106.98 32.47 31.90
O2P FAD UC . -109.46 32.94 31.79
O3P FAD UC . -107.83 34.77 31.31
FE1 FES VC . -98.03 48.77 34.92
FE2 FES VC . -98.47 46.22 34.17
S1 FES VC . -99.42 48.04 33.40
S2 FES VC . -96.96 46.96 35.58
FE1 SF4 WC . -85.70 43.49 36.99
FE2 SF4 WC . -88.39 43.95 36.81
FE3 SF4 WC . -87.15 44.08 39.24
FE4 SF4 WC . -87.50 41.67 37.99
S1 SF4 WC . -89.13 43.04 38.76
S2 SF4 WC . -85.60 42.43 39.01
S3 SF4 WC . -87.23 42.28 35.80
S4 SF4 WC . -86.77 45.43 37.44
FE1 F3S XC . -74.33 43.55 37.70
FE3 F3S XC . -75.38 45.11 35.87
FE4 F3S XC . -76.48 44.96 38.16
S1 F3S XC . -73.18 44.91 36.32
S2 F3S XC . -74.76 44.71 39.60
S3 F3S XC . -76.34 43.25 36.71
S4 F3S XC . -76.27 46.87 36.97
K K YC . -81.32 23.30 45.21
C27 PEE ZC . -42.46 46.82 47.12
C26 PEE ZC . -42.33 46.70 45.64
C25 PEE ZC . -42.29 45.26 45.15
C24 PEE ZC . -41.89 45.14 43.69
C23 PEE ZC . -43.02 45.45 42.73
C22 PEE ZC . -42.58 45.80 41.32
C21 PEE ZC . -41.58 44.83 40.72
C20 PEE ZC . -41.41 45.02 39.22
C19 PEE ZC . -40.58 43.94 38.55
C18 PEE ZC . -40.00 44.36 37.22
C17 PEE ZC . -38.92 45.41 37.34
C16 PEE ZC . -38.26 45.79 36.03
C15 PEE ZC . -37.32 46.97 36.14
C14 PEE ZC . -36.08 46.68 36.95
C13 PEE ZC . -35.29 47.92 37.34
C12 PEE ZC . -34.13 47.65 38.29
C11 PEE ZC . -33.54 48.96 38.79
C10 PEE ZC . -32.37 48.85 39.71
O4 PEE ZC . -31.91 47.84 40.18
O2 PEE ZC . -31.96 50.08 40.05
C2 PEE ZC . -32.08 50.47 41.46
C1 PEE ZC . -30.77 50.50 42.17
O3P PEE ZC . -29.80 51.13 41.32
P PEE ZC . -28.37 51.52 41.87
O2P PEE ZC . -27.43 51.22 40.74
O1P PEE ZC . -28.07 50.85 43.15
O4P PEE ZC . -28.50 53.14 41.99
C4 PEE ZC . -28.46 53.95 40.80
C5 PEE ZC . -29.37 55.14 40.91
N PEE ZC . -30.74 54.81 40.48
C3 PEE ZC . -32.75 51.81 41.39
O3 PEE ZC . -34.15 51.48 41.24
C30 PEE ZC . -34.82 51.28 42.37
O5 PEE ZC . -34.57 51.84 43.40
C31 PEE ZC . -35.84 50.20 42.19
C32 PEE ZC . -37.27 50.68 42.28
C33 PEE ZC . -38.25 49.52 42.25
C34 PEE ZC . -39.64 49.89 42.70
C35 PEE ZC . -40.60 48.74 42.78
C36 PEE ZC . -42.02 49.14 43.14
C37 PEE ZC . -42.14 49.82 44.49
C38 PEE ZC . -42.11 51.34 44.43
C39 PEE ZC . -41.85 52.01 45.77
C40 PEE ZC . -42.84 51.63 46.85
C41 PEE ZC . -44.28 52.05 46.56
C42 PEE ZC . -45.18 51.98 47.76
C43 PEE ZC . -46.60 52.47 47.50
C44 PEE ZC . -47.48 52.51 48.73
C45 PEE ZC . -47.22 53.68 49.65
C46 PEE ZC . -48.14 53.73 50.86
C47 PEE ZC . -47.84 54.88 51.80
O12 PC1 AD . -23.45 32.63 37.65
P PC1 AD . -24.27 33.61 38.39
O14 PC1 AD . -23.98 33.86 39.82
O13 PC1 AD . -24.13 35.02 37.67
C11 PC1 AD . -24.75 35.27 36.39
C12 PC1 AD . -24.42 36.71 36.11
N PC1 AD . -25.11 37.72 37.00
C13 PC1 AD . -26.58 37.49 37.00
C14 PC1 AD . -24.83 39.09 36.47
C15 PC1 AD . -24.60 37.65 38.40
O11 PC1 AD . -25.80 33.18 38.31
C1 PC1 AD . -26.29 32.47 37.15
C2 PC1 AD . -27.64 33.03 36.80
O21 PC1 AD . -28.60 32.73 37.86
C21 PC1 AD . -29.47 31.73 37.70
O22 PC1 AD . -29.18 30.64 37.27
C22 PC1 AD . -30.83 32.20 38.05
C23 PC1 AD . -31.78 31.18 38.66
C24 PC1 AD . -32.49 30.35 37.61
C25 PC1 AD . -33.70 29.61 38.15
C26 PC1 AD . -34.74 29.28 37.10
C27 PC1 AD . -35.91 28.49 37.63
C28 PC1 AD . -35.52 27.18 38.27
C29 PC1 AD . -36.63 26.16 38.33
C2A PC1 AD . -36.23 24.87 39.00
C2B PC1 AD . -37.28 23.78 38.95
C2C PC1 AD . -37.04 22.67 39.97
C2D PC1 AD . -37.88 21.44 39.73
C2E PC1 AD . -38.13 20.63 41.00
C2F PC1 AD . -38.28 19.14 40.79
C2G PC1 AD . -37.00 18.44 40.32
C2H PC1 AD . -37.15 16.95 40.16
C2I PC1 AD . -35.90 16.31 39.60
C3 PC1 AD . -28.14 32.52 35.47
O31 PC1 AD . -29.48 32.98 35.17
C31 PC1 AD . -29.64 34.27 34.92
O32 PC1 AD . -28.79 35.11 35.11
C32 PC1 AD . -30.99 34.56 34.33
C33 PC1 AD . -32.14 34.26 35.26
C34 PC1 AD . -33.43 34.94 34.87
C35 PC1 AD . -34.63 34.42 35.63
C36 PC1 AD . -35.24 33.17 35.04
C37 PC1 AD . -36.44 32.65 35.80
C38 PC1 AD . -37.10 31.44 35.16
C39 PC1 AD . -38.15 30.78 36.01
C3A PC1 AD . -38.67 29.48 35.44
C3B PC1 AD . -39.52 28.67 36.41
C3C PC1 AD . -39.73 27.23 35.97
C3D PC1 AD . -40.55 26.41 36.94
C3E PC1 AD . -40.54 24.92 36.65
C3F PC1 AD . -41.22 24.08 37.70
C3G PC1 AD . -40.95 22.60 37.60
C3H PC1 AD . -41.47 21.82 38.80
C3I PC1 AD . -41.19 20.32 38.72
O12 PC1 BD . -26.91 30.97 46.04
P PC1 BD . -25.84 31.67 45.31
O14 PC1 BD . -25.62 33.12 45.53
O13 PC1 BD . -24.46 30.96 45.65
C11 PC1 BD . -23.92 31.08 46.98
C12 PC1 BD . -23.25 29.76 47.18
N PC1 BD . -21.74 29.76 47.13
C13 PC1 BD . -21.17 30.55 48.27
C14 PC1 BD . -21.26 28.35 47.22
C15 PC1 BD . -21.28 30.36 45.85
O11 PC1 BD . -25.98 31.44 43.74
C1 PC1 BD . -26.32 30.14 43.21
C2 PC1 BD . -27.76 30.19 42.76
O21 PC1 BD . -28.11 28.87 42.22
C21 PC1 BD . -29.42 28.62 42.12
O22 PC1 BD . -30.24 29.43 41.81
C22 PC1 BD . -29.74 27.21 42.55
C23 PC1 BD . -31.24 27.01 42.68
C24 PC1 BD . -31.63 25.66 43.22
C25 PC1 BD . -33.13 25.54 43.40
C26 PC1 BD . -33.66 24.15 43.64
C27 PC1 BD . -35.17 24.10 43.57
C28 PC1 BD . -35.77 22.75 43.91
C29 PC1 BD . -37.28 22.77 44.01
C2A PC1 BD . -37.88 21.45 44.45
C2B PC1 BD . -39.38 21.35 44.23
C2C PC1 BD . -39.90 19.92 44.18
C2D PC1 BD . -41.18 19.77 43.39
C2E PC1 BD . -41.73 18.36 43.37
C2F PC1 BD . -43.07 18.22 42.68
C2G PC1 BD . -43.69 16.84 42.76
C2H PC1 BD . -45.11 16.81 42.21
C2I PC1 BD . -45.81 15.50 42.46
C3 PC1 BD . -28.03 31.29 41.79
O31 PC1 BD . -28.92 32.10 42.58
C31 PC1 BD . -30.16 32.27 42.13
O32 PC1 BD . -30.45 32.37 40.97
C32 PC1 BD . -31.13 32.24 43.27
C33 PC1 BD . -32.56 32.56 42.88
C34 PC1 BD . -33.16 31.46 42.02
C35 PC1 BD . -33.65 30.25 42.79
C36 PC1 BD . -34.35 29.22 41.93
C37 PC1 BD . -35.22 28.26 42.72
C38 PC1 BD . -36.12 27.40 41.87
C39 PC1 BD . -37.36 26.88 42.58
C3A PC1 BD . -38.11 25.85 41.77
C3B PC1 BD . -39.38 25.31 42.40
C3C PC1 BD . -40.17 24.45 41.42
C3D PC1 BD . -41.27 23.61 42.05
C3E PC1 BD . -42.62 23.82 41.43
C3F PC1 BD . -43.70 22.93 42.01
C3G PC1 BD . -43.70 21.50 41.55
C3H PC1 BD . -44.83 21.19 40.58
C3I PC1 BD . -45.31 19.78 40.66
C1 CDL CD . -25.15 33.99 -29.88
O1 CDL CD . -26.33 34.36 -29.16
CA2 CDL CD . -25.52 33.70 -31.31
OA2 CDL CD . -25.59 34.94 -32.05
PA1 CDL CD . -25.13 35.00 -33.57
OA3 CDL CD . -24.05 34.01 -33.77
OA4 CDL CD . -26.32 34.96 -34.44
OA5 CDL CD . -24.45 36.43 -33.72
CA3 CDL CD . -23.15 36.65 -33.17
CA4 CDL CD . -22.87 38.12 -33.22
OA6 CDL CD . -23.60 38.73 -32.13
CA5 CDL CD . -22.95 38.97 -30.98
OA7 CDL CD . -21.76 38.88 -30.86
C11 CDL CD . -23.91 39.35 -29.89
C12 CDL CD . -23.39 40.46 -29.00
C13 CDL CD . -23.19 41.76 -29.75
C14 CDL CD . -22.78 42.91 -28.87
C15 CDL CD . -22.42 44.17 -29.62
C16 CDL CD . -21.81 45.23 -28.74
C17 CDL CD . -21.51 46.53 -29.44
C18 CDL CD . -20.95 47.58 -28.50
C19 CDL CD . -20.86 48.97 -29.08
C20 CDL CD . -20.39 49.99 -28.08
C21 CDL CD . -20.31 51.40 -28.61
C22 CDL CD . -19.90 52.42 -27.56
C23 CDL CD . -19.78 53.84 -28.08
C24 CDL CD . -19.30 54.83 -27.03
C25 CDL CD . -19.46 56.29 -27.43
C26 CDL CD . -18.92 56.63 -28.81
C27 CDL CD . -18.58 58.09 -28.96
CA6 CDL CD . -23.37 38.73 -34.50
OA8 CDL CD . -22.68 40.00 -34.64
CA7 CDL CD . -23.20 41.02 -33.96
OA9 CDL CD . -24.28 41.00 -33.43
C31 CDL CD . -22.23 42.15 -33.91
C32 CDL CD . -22.70 43.31 -33.06
C33 CDL CD . -23.57 44.28 -33.81
C34 CDL CD . -22.78 45.28 -34.62
C35 CDL CD . -22.10 46.33 -33.77
C36 CDL CD . -20.68 46.63 -34.20
C37 CDL CD . -20.55 47.16 -35.61
C38 CDL CD . -19.12 47.53 -35.98
C39 CDL CD . -18.92 47.79 -37.46
C40 CDL CD . -17.46 47.97 -37.86
C41 CDL CD . -16.75 49.07 -37.08
C42 CDL CD . -15.39 49.43 -37.64
C43 CDL CD . -14.64 50.46 -36.83
C44 CDL CD . -13.39 50.99 -37.50
C45 CDL CD . -12.65 52.05 -36.69
C46 CDL CD . -11.80 52.98 -37.55
C47 CDL CD . -11.29 54.17 -36.78
CB2 CDL CD . -24.11 35.07 -29.71
OB2 CDL CD . -22.83 34.59 -30.15
PB2 CDL CD . -21.75 34.07 -29.10
OB3 CDL CD . -22.48 33.19 -28.16
OB4 CDL CD . -20.61 33.49 -29.87
OB5 CDL CD . -21.20 35.32 -28.27
CB3 CDL CD . -21.10 36.63 -28.86
CB4 CDL CD . -19.89 37.32 -28.29
OB6 CDL CD . -19.08 36.31 -27.60
CB5 CDL CD . -18.06 35.76 -28.27
OB7 CDL CD . -17.93 35.84 -29.46
C51 CDL CD . -17.10 35.10 -27.34
C52 CDL CD . -15.82 35.91 -27.18
C53 CDL CD . -14.74 35.19 -26.42
C54 CDL CD . -13.42 35.93 -26.34
C55 CDL CD . -13.37 37.00 -25.28
C56 CDL CD . -11.96 37.53 -25.02
C57 CDL CD . -11.89 38.61 -23.95
C58 CDL CD . -10.48 38.89 -23.47
C59 CDL CD . -10.39 40.05 -22.47
C60 CDL CD . -9.07 40.08 -21.71
C61 CDL CD . -8.95 41.26 -20.75
C62 CDL CD . -7.83 41.10 -19.75
C63 CDL CD . -7.49 42.37 -18.95
C64 CDL CD . -8.66 42.92 -18.14
C65 CDL CD . -9.40 44.05 -18.82
C66 CDL CD . -10.49 44.68 -17.98
C67 CDL CD . -11.12 45.86 -18.67
CB6 CDL CD . -20.24 38.34 -27.25
OB8 CDL CD . -20.06 39.67 -27.78
CB7 CDL CD . -19.00 40.36 -27.37
OB9 CDL CD . -18.11 39.90 -26.70
C71 CDL CD . -19.05 41.79 -27.83
C72 CDL CD . -17.86 42.61 -27.36
C73 CDL CD . -17.95 44.08 -27.74
C74 CDL CD . -16.88 44.94 -27.10
C75 CDL CD . -17.00 46.42 -27.43
C76 CDL CD . -16.44 47.34 -26.34
C77 CDL CD . -14.94 47.23 -26.17
C78 CDL CD . -14.15 48.14 -27.08
C79 CDL CD . -14.07 49.58 -26.60
C80 CDL CD . -13.23 50.48 -27.47
C81 CDL CD . -12.97 51.85 -26.86
C82 CDL CD . -12.31 52.83 -27.81
C83 CDL CD . -11.97 54.17 -27.18
C84 CDL CD . -11.46 55.20 -28.16
C85 CDL CD . -11.07 56.53 -27.53
C86 CDL CD . -10.65 57.58 -28.53
C87 CDL CD . -10.26 58.89 -27.88
C1 CDL DD . -51.17 37.96 9.70
O1 CDL DD . -49.82 38.31 9.99
CA2 CDL DD . -52.02 38.44 10.85
OA2 CDL DD . -51.15 38.64 11.98
PA1 CDL DD . -51.82 39.08 13.35
OA3 CDL DD . -52.99 39.91 12.98
OA4 CDL DD . -52.05 37.88 14.18
OA5 CDL DD . -50.75 40.03 14.07
CA3 CDL DD . -49.37 39.65 14.06
CA4 CDL DD . -48.73 40.03 15.35
OA6 CDL DD . -47.64 39.09 15.59
CA5 CDL DD . -46.54 39.53 16.23
OA7 CDL DD . -46.32 40.70 16.44
C11 CDL DD . -45.68 38.39 16.67
C12 CDL DD . -44.20 38.71 16.66
C13 CDL DD . -43.37 37.53 17.09
C14 CDL DD . -41.90 37.84 17.24
C15 CDL DD . -41.01 36.62 17.28
C16 CDL DD . -39.54 36.96 17.34
C17 CDL DD . -38.62 35.76 17.15
C18 CDL DD . -37.29 35.90 17.87
C19 CDL DD . -36.37 34.69 17.68
C20 CDL DD . -35.11 34.75 18.52
C21 CDL DD . -34.04 35.66 17.97
C22 CDL DD . -33.29 35.09 16.78
C23 CDL DD . -32.50 33.82 17.06
C24 CDL DD . -31.34 34.02 18.02
C25 CDL DD . -31.66 33.70 19.47
C26 CDL DD . -30.47 33.86 20.39
C27 CDL DD . -30.76 33.45 21.82
CA6 CDL DD . -49.65 39.88 16.52
OA8 CDL DD . -49.13 40.63 17.63
CA7 CDL DD . -49.38 41.93 17.63
OA9 CDL DD . -49.87 42.51 16.68
C31 CDL DD . -49.03 42.56 18.93
C32 CDL DD . -47.55 42.73 19.17
C33 CDL DD . -47.22 42.84 20.64
C34 CDL DD . -47.87 44.03 21.34
C35 CDL DD . -46.87 45.07 21.79
C36 CDL DD . -46.14 45.73 20.64
C37 CDL DD . -44.72 46.12 20.97
C38 CDL DD . -43.72 45.76 19.88
C39 CDL DD . -42.28 45.82 20.33
C40 CDL DD . -41.30 45.54 19.20
C41 CDL DD . -39.92 45.14 19.66
C42 CDL DD . -39.19 46.21 20.47
C43 CDL DD . -37.79 45.82 20.88
C44 CDL DD . -36.78 45.83 19.75
C45 CDL DD . -36.45 47.22 19.23
C46 CDL DD . -35.35 47.27 18.19
C47 CDL DD . -33.99 46.99 18.77
CB2 CDL DD . -51.24 36.47 9.49
OB2 CDL DD . -50.04 35.88 10.01
PB2 CDL DD . -49.56 34.45 9.47
OB3 CDL DD . -49.10 33.68 10.65
OB4 CDL DD . -50.62 33.88 8.61
OB5 CDL DD . -48.26 34.74 8.61
CB3 CDL DD . -48.17 35.92 7.78
CB4 CDL DD . -47.02 36.76 8.23
OB6 CDL DD . -47.03 37.92 7.36
CB5 CDL DD . -47.28 39.11 7.91
OB7 CDL DD . -47.20 39.34 9.08
C51 CDL DD . -47.69 40.10 6.86
C52 CDL DD . -48.84 41.01 7.29
C53 CDL DD . -49.09 42.13 6.30
C54 CDL DD . -49.61 41.65 4.95
C55 CDL DD . -48.82 42.18 3.77
C56 CDL DD . -47.45 41.58 3.61
C57 CDL DD . -47.44 40.11 3.21
C58 CDL DD . -47.99 39.85 1.83
C59 CDL DD . -49.45 39.46 1.78
C60 CDL DD . -50.04 39.51 0.39
C61 CDL DD . -51.46 39.01 0.29
C62 CDL DD . -52.02 39.05 -1.11
C63 CDL DD . -53.33 38.29 -1.29
C64 CDL DD . -53.87 38.34 -2.70
C65 CDL DD . -55.12 37.49 -2.90
C66 CDL DD . -55.78 37.67 -4.27
C67 CDL DD . -54.88 37.27 -5.42
CB6 CDL DD . -45.72 36.01 8.05
OB8 CDL DD . -44.63 36.95 8.22
CB7 CDL DD . -43.42 36.49 7.92
OB9 CDL DD . -43.23 35.43 7.37
C71 CDL DD . -42.34 37.43 8.37
C72 CDL DD . -40.97 36.80 8.25
C73 CDL DD . -39.83 37.68 8.74
C74 CDL DD . -38.72 36.90 9.40
C75 CDL DD . -37.31 37.41 9.12
C76 CDL DD . -36.84 37.14 7.70
C77 CDL DD . -35.33 36.99 7.59
C78 CDL DD . -34.82 36.89 6.15
C79 CDL DD . -35.07 38.13 5.32
C80 CDL DD . -34.47 39.40 5.91
C81 CDL DD . -34.79 40.66 5.13
C82 CDL DD . -34.34 41.92 5.84
C83 CDL DD . -34.79 43.20 5.19
C84 CDL DD . -34.30 43.37 3.76
C85 CDL DD . -34.58 44.74 3.15
C86 CDL DD . -33.89 45.90 3.85
C87 CDL DD . -32.38 45.78 3.89
C27 PEE ED . -39.29 44.65 11.01
C26 PEE ED . -38.97 46.10 10.84
C25 PEE ED . -37.54 46.44 11.24
C24 PEE ED . -37.16 47.89 11.01
C23 PEE ED . -35.69 48.19 11.25
C22 PEE ED . -35.28 48.11 12.72
C21 PEE ED . -33.80 48.39 12.93
C20 PEE ED . -33.42 48.62 14.37
C19 PEE ED . -32.04 49.23 14.57
C18 PEE ED . -31.99 50.30 15.63
C17 PEE ED . -32.24 49.80 17.04
C16 PEE ED . -31.11 48.93 17.60
C15 PEE ED . -30.83 49.20 19.06
C14 PEE ED . -30.17 50.54 19.30
C13 PEE ED . -28.66 50.53 19.14
C12 PEE ED . -27.93 50.10 20.39
C11 PEE ED . -26.51 50.59 20.43
C10 PEE ED . -25.61 49.96 19.41
O4 PEE ED . -25.12 50.54 18.47
O2 PEE ED . -25.37 48.69 19.71
C2 PEE ED . -24.12 48.12 19.24
C1 PEE ED . -23.09 48.63 20.21
O3P PEE ED . -21.79 48.19 19.80
P PEE ED . -20.66 49.21 19.36
O2P PEE ED . -19.74 49.41 20.53
O1P PEE ED . -21.22 50.45 18.79
O4P PEE ED . -19.87 48.32 18.28
C4 PEE ED . -20.17 46.92 18.12
C5 PEE ED . -19.24 46.29 17.13
N PEE ED . -17.84 46.67 17.42
C3 PEE ED . -24.26 46.63 19.31
O3 PEE ED . -25.62 46.33 18.92
C30 PEE ED . -25.80 45.78 17.72
O5 PEE ED . -24.91 45.44 17.00
C31 PEE ED . -27.26 45.66 17.40
C32 PEE ED . -27.51 45.06 16.03
C33 PEE ED . -28.98 44.92 15.70
C34 PEE ED . -29.23 44.16 14.40
C35 PEE ED . -28.97 42.67 14.50
C36 PEE ED . -29.24 41.91 13.22
C37 PEE ED . -28.07 41.90 12.25
C38 PEE ED . -28.36 41.18 10.96
C39 PEE ED . -29.18 41.98 9.97
C40 PEE ED . -29.42 41.26 8.65
C41 PEE ED . -30.06 42.14 7.58
C42 PEE ED . -30.33 41.42 6.28
C43 PEE ED . -30.59 42.35 5.12
C44 PEE ED . -30.90 41.64 3.81
C45 PEE ED . -30.81 42.53 2.59
C46 PEE ED . -31.28 41.87 1.31
C47 PEE ED . -31.34 42.84 0.15
C27 PEE FD . -47.64 58.33 49.64
C26 PEE FD . -46.46 57.46 49.27
C25 PEE FD . -46.36 57.23 47.78
C24 PEE FD . -45.18 56.37 47.33
C23 PEE FD . -45.00 56.34 45.83
C22 PEE FD . -43.63 55.87 45.37
C21 PEE FD . -43.49 55.88 43.86
C20 PEE FD . -42.17 55.36 43.34
C19 PEE FD . -42.05 55.53 41.84
C18 PEE FD . -40.71 55.12 41.26
C17 PEE FD . -40.62 55.40 39.77
C16 PEE FD . -39.26 55.13 39.17
C15 PEE FD . -38.91 53.66 39.06
C14 PEE FD . -37.57 53.41 38.42
C13 PEE FD . -37.18 51.96 38.37
C12 PEE FD . -35.71 51.75 38.09
C11 PEE FD . -35.35 52.09 36.65
C10 PEE FD . -33.89 52.15 36.36
O4 PEE FD . -33.18 53.08 36.61
O2 PEE FD . -33.49 51.05 35.71
C2 PEE FD . -32.51 51.23 34.64
C1 PEE FD . -31.44 50.19 34.76
O3P PEE FD . -30.34 50.78 35.47
P PEE FD . -28.93 51.00 34.79
O2P PEE FD . -28.06 51.63 35.87
O1P PEE FD . -29.01 51.71 33.50
O4P PEE FD . -28.42 49.50 34.62
C4 PEE FD . -28.79 48.51 35.61
C5 PEE FD . -27.71 47.48 35.74
N PEE FD . -26.43 48.09 36.16
C3 PEE FD . -33.34 51.06 33.41
O3 PEE FD . -34.10 49.85 33.60
C30 PEE FD . -33.73 48.78 32.89
O5 PEE FD . -32.85 48.80 32.07
C31 PEE FD . -34.53 47.57 33.26
C32 PEE FD . -34.78 46.64 32.07
C33 PEE FD . -35.17 45.25 32.52
C34 PEE FD . -36.60 45.13 32.97
C35 PEE FD . -37.55 44.60 31.91
C36 PEE FD . -38.93 44.29 32.45
C37 PEE FD . -39.88 43.70 31.43
C38 PEE FD . -40.11 44.59 30.23
C39 PEE FD . -41.39 44.27 29.46
C40 PEE FD . -41.26 43.10 28.51
C41 PEE FD . -41.37 41.72 29.14
C42 PEE FD . -42.71 41.44 29.82
C43 PEE FD . -42.66 41.38 31.34
C44 PEE FD . -41.61 40.45 31.90
C45 PEE FD . -41.77 40.10 33.37
C46 PEE FD . -41.08 41.04 34.34
C47 PEE FD . -41.90 42.24 34.65
O12 PC1 GD . -16.48 46.95 20.40
P PC1 GD . -16.27 45.54 20.84
O14 PC1 GD . -14.93 44.95 20.75
O13 PC1 GD . -16.73 45.40 22.36
C11 PC1 GD . -18.13 45.27 22.71
C12 PC1 GD . -18.25 46.16 23.93
N PC1 GD . -18.27 45.46 25.26
C13 PC1 GD . -19.39 44.45 25.32
C14 PC1 GD . -16.97 44.75 25.51
C15 PC1 GD . -18.47 46.47 26.33
O11 PC1 GD . -17.24 44.61 19.99
C1 PC1 GD . -17.00 43.19 19.95
C2 PC1 GD . -18.29 42.51 19.60
O21 PC1 GD . -18.74 42.96 18.29
C21 PC1 GD . -19.09 42.01 17.40
O22 PC1 GD . -18.79 40.85 17.50
C22 PC1 GD . -19.95 42.59 16.31
C23 PC1 GD . -20.54 41.49 15.43
C24 PC1 GD . -21.61 42.01 14.47
C25 PC1 GD . -22.15 40.91 13.56
C26 PC1 GD . -23.16 41.39 12.55
C27 PC1 GD . -23.55 40.34 11.53
C28 PC1 GD . -24.58 40.82 10.52
C29 PC1 GD . -24.98 39.76 9.51
C2A PC1 GD . -23.86 39.31 8.59
C2B PC1 GD . -24.30 38.37 7.48
C2C PC1 GD . -23.16 37.70 6.75
C2D PC1 GD . -23.60 36.73 5.67
C2E PC1 GD . -24.04 37.40 4.37
C2F PC1 GD . -24.77 36.46 3.42
C2G PC1 GD . -24.96 37.03 2.03
C2H PC1 GD . -26.04 36.34 1.21
C2I PC1 GD . -25.72 34.90 0.88
C3 PC1 GD . -19.40 42.89 20.53
O31 PC1 GD . -20.58 42.18 20.12
C31 PC1 GD . -21.55 42.90 19.54
O32 PC1 GD . -21.53 44.09 19.42
C32 PC1 GD . -22.67 42.00 19.08
C33 PC1 GD . -24.04 42.62 19.30
C34 PC1 GD . -25.15 41.85 18.61
C35 PC1 GD . -26.54 42.30 19.02
C36 PC1 GD . -27.65 41.72 18.16
C37 PC1 GD . -29.03 41.85 18.77
C38 PC1 GD . -29.25 40.99 20.00
C39 PC1 GD . -30.69 40.89 20.46
C3A PC1 GD . -31.39 39.61 20.03
C3B PC1 GD . -31.33 39.34 18.54
C3C PC1 GD . -32.11 40.34 17.69
C3D PC1 GD . -31.70 40.38 16.22
C3E PC1 GD . -31.82 39.06 15.50
C3F PC1 GD . -33.14 38.35 15.72
C3G PC1 GD . -34.36 39.14 15.29
C3H PC1 GD . -35.65 38.49 15.74
C3I PC1 GD . -36.85 38.97 14.97
C1 CDL HD . -55.73 37.50 33.15
O1 CDL HD . -55.40 38.79 33.65
CA2 CDL HD . -55.08 37.29 31.81
OA2 CDL HD . -55.80 36.24 31.12
PA1 CDL HD . -55.05 35.11 30.29
OA3 CDL HD . -53.59 35.27 30.46
OA4 CDL HD . -55.67 33.81 30.60
OA5 CDL HD . -55.36 35.44 28.77
CA3 CDL HD . -56.63 36.03 28.40
CA4 CDL HD . -56.66 36.14 26.90
OA6 CDL HD . -58.04 36.38 26.51
CA5 CDL HD . -58.22 37.13 25.41
OA7 CDL HD . -57.41 37.21 24.53
C11 CDL HD . -59.52 37.87 25.47
C12 CDL HD . -59.73 38.73 24.24
C13 CDL HD . -61.11 39.34 24.18
C14 CDL HD . -61.35 40.19 22.95
C15 CDL HD . -61.23 39.42 21.65
C16 CDL HD . -59.89 39.60 20.98
C17 CDL HD . -59.64 38.61 19.85
C18 CDL HD . -59.41 37.18 20.32
C19 CDL HD . -58.46 36.40 19.45
C20 CDL HD . -57.06 36.27 20.05
C21 CDL HD . -56.35 37.60 20.24
C22 CDL HD . -55.10 37.49 21.08
C23 CDL HD . -54.55 38.84 21.52
C24 CDL HD . -55.39 39.53 22.56
C25 CDL HD . -55.12 41.02 22.68
C26 CDL HD . -55.62 41.83 21.50
C27 CDL HD . -55.40 43.31 21.68
CA6 CDL HD . -56.10 34.91 26.25
OA8 CDL HD . -54.67 35.15 26.30
CA7 CDL HD . -54.16 35.85 25.30
OA9 CDL HD . -54.62 35.86 24.19
C31 CDL HD . -52.99 36.68 25.75
C32 CDL HD . -52.43 37.56 24.65
C33 CDL HD . -51.18 38.31 25.06
C34 CDL HD . -51.43 39.44 26.03
C35 CDL HD . -50.45 40.59 25.86
C36 CDL HD . -49.00 40.17 25.94
C37 CDL HD . -48.04 41.29 26.31
C38 CDL HD . -48.19 42.56 25.47
C39 CDL HD . -48.83 43.70 26.23
C40 CDL HD . -49.22 44.89 25.37
C41 CDL HD . -49.95 45.98 26.13
C42 CDL HD . -49.03 46.92 26.88
C43 CDL HD . -49.68 47.59 28.07
C44 CDL HD . -48.94 48.81 28.58
C45 CDL HD . -47.56 48.50 29.16
C46 CDL HD . -46.67 49.73 29.37
C47 CDL HD . -47.20 50.68 30.39
CB2 CDL HD . -55.27 36.46 34.14
OB2 CDL HD . -53.89 36.71 34.43
PB2 CDL HD . -53.11 35.83 35.50
OB3 CDL HD . -54.10 35.17 36.38
OB4 CDL HD . -52.08 35.03 34.82
OB5 CDL HD . -52.39 36.97 36.36
CB3 CDL HD . -51.25 37.66 35.79
CB4 CDL HD . -51.68 39.02 35.35
OB6 CDL HD . -51.12 39.20 34.00
CB5 CDL HD . -51.87 39.86 33.12
OB7 CDL HD . -52.86 40.48 33.40
C51 CDL HD . -51.31 39.71 31.73
C52 CDL HD . -50.01 40.47 31.53
C53 CDL HD . -49.73 40.79 30.07
C54 CDL HD . -50.80 41.66 29.41
C55 CDL HD . -51.24 42.85 30.22
C56 CDL HD . -50.13 43.85 30.46
C57 CDL HD . -50.51 44.99 31.38
C58 CDL HD . -49.36 45.92 31.68
C59 CDL HD . -49.66 46.95 32.74
C60 CDL HD . -48.47 47.81 33.11
C61 CDL HD . -48.78 48.87 34.14
C62 CDL HD . -49.05 48.33 35.52
C63 CDL HD . -49.36 49.41 36.53
C64 CDL HD . -49.68 48.86 37.91
C65 CDL HD . -50.13 49.90 38.90
C66 CDL HD . -50.28 49.36 40.31
C67 CDL HD . -51.10 50.26 41.20
CB6 CDL HD . -51.12 40.08 36.25
OB8 CDL HD . -51.55 41.37 35.76
CB7 CDL HD . -50.94 42.43 36.28
OB9 CDL HD . -49.82 42.41 36.73
C71 CDL HD . -51.86 43.59 36.32
C72 CDL HD . -52.13 44.22 34.96
C73 CDL HD . -53.49 44.85 34.93
C74 CDL HD . -53.83 45.57 33.64
C75 CDL HD . -53.27 46.98 33.58
C76 CDL HD . -53.60 47.73 32.30
C77 CDL HD . -55.09 47.99 32.11
C78 CDL HD . -55.44 48.57 30.76
C79 CDL HD . -56.86 48.26 30.31
C80 CDL HD . -57.13 48.62 28.85
C81 CDL HD . -57.20 50.11 28.58
C82 CDL HD . -58.59 50.71 28.75
C83 CDL HD . -58.77 52.05 28.02
C84 CDL HD . -58.03 53.21 28.66
C85 CDL HD . -57.71 54.34 27.68
C86 CDL HD . -58.92 55.03 27.12
C87 CDL HD . -58.55 56.16 26.19
C27 PEE ID . -37.45 41.80 35.09
C26 PEE ID . -36.28 41.70 36.03
C25 PEE ID . -36.06 42.96 36.85
C24 PEE ID . -34.98 42.83 37.90
C23 PEE ID . -34.47 44.15 38.42
C22 PEE ID . -33.31 44.05 39.38
C21 PEE ID . -33.70 43.60 40.77
C20 PEE ID . -34.49 44.63 41.56
C19 PEE ID . -33.68 45.82 42.03
C18 PEE ID . -34.43 46.77 42.94
C17 PEE ID . -34.86 46.16 44.26
C16 PEE ID . -35.81 47.03 45.07
C15 PEE ID . -35.15 47.76 46.22
C14 PEE ID . -34.19 48.86 45.79
C13 PEE ID . -33.78 49.74 46.96
C12 PEE ID . -33.02 50.99 46.57
C11 PEE ID . -31.56 50.76 46.25
C10 PEE ID . -30.74 51.97 46.53
O4 PEE ID . -29.98 52.10 47.45
O2 PEE ID . -30.99 52.94 45.64
C2 PEE ID . -30.42 54.27 45.89
C1 PEE ID . -28.92 54.18 45.78
O3P PEE ID . -28.48 55.12 44.79
P PEE ID . -27.65 56.46 45.09
O2P PEE ID . -27.38 56.53 46.59
O1P PEE ID . -28.30 57.66 44.52
O4P PEE ID . -26.24 56.14 44.36
C4 PEE ID . -26.21 55.36 43.14
C5 PEE ID . -25.87 53.93 43.44
N PEE ID . -24.84 53.84 44.49
C3 PEE ID . -30.97 55.21 44.86
O3 PEE ID . -32.41 55.32 44.97
C30 PEE ID . -32.89 56.13 45.91
O5 PEE ID . -32.26 56.51 46.85
C31 PEE ID . -34.31 56.51 45.61
C32 PEE ID . -34.91 57.49 46.60
C33 PEE ID . -36.37 57.79 46.31
C34 PEE ID . -37.14 58.27 47.51
C35 PEE ID . -38.63 58.41 47.28
C36 PEE ID . -39.41 58.71 48.55
C37 PEE ID . -40.91 58.83 48.36
C38 PEE ID . -41.66 59.01 49.66
C39 PEE ID . -43.16 59.18 49.50
C40 PEE ID . -43.56 60.56 49.00
C41 PEE ID . -45.06 60.77 48.94
C42 PEE ID . -45.47 62.15 48.47
C43 PEE ID . -46.97 62.36 48.39
C44 PEE ID . -47.66 62.39 49.74
C45 PEE ID . -49.14 62.72 49.66
C46 PEE ID . -49.85 62.64 50.99
C47 PEE ID . -51.34 62.88 50.87
O12 PC1 JD . -29.36 55.81 51.48
P PC1 JD . -29.32 54.36 51.18
O14 PC1 JD . -28.47 53.87 50.07
O13 PC1 JD . -28.84 53.60 52.49
C11 PC1 JD . -27.65 54.05 53.19
C12 PC1 JD . -28.23 54.76 54.39
N PC1 JD . -27.40 55.88 54.95
C13 PC1 JD . -28.02 56.38 56.22
C14 PC1 JD . -26.00 55.41 55.24
C15 PC1 JD . -27.33 57.01 53.97
O11 PC1 JD . -30.79 53.84 50.89
C1 PC1 JD . -31.18 52.52 51.30
C2 PC1 JD . -32.62 52.29 50.95
O21 PC1 JD . -33.31 53.57 50.89
C21 PC1 JD . -33.45 54.13 49.69
O22 PC1 JD . -32.88 53.77 48.71
C22 PC1 JD . -34.45 55.25 49.74
C23 PC1 JD . -35.78 54.83 49.15
C24 PC1 JD . -36.44 53.72 49.94
C25 PC1 JD . -37.65 53.11 49.26
C26 PC1 JD . -38.45 52.18 50.16
C27 PC1 JD . -39.43 51.29 49.41
C28 PC1 JD . -40.56 50.80 50.28
C29 PC1 JD . -41.48 49.80 49.59
C2A PC1 JD . -42.92 49.89 50.04
C2B PC1 JD . -43.83 48.86 49.40
C2C PC1 JD . -45.25 48.84 49.97
C2D PC1 JD . -46.19 47.90 49.23
C2E PC1 JD . -47.57 47.83 49.84
C2F PC1 JD . -48.30 49.16 49.87
C2G PC1 JD . -49.73 49.06 50.37
C2H PC1 JD . -50.43 50.41 50.42
C2I PC1 JD . -51.86 50.30 50.90
C3 PC1 JD . -33.28 51.53 52.06
O31 PC1 JD . -34.62 51.10 51.76
C31 PC1 JD . -34.74 49.84 51.37
O32 PC1 JD . -34.17 49.36 50.44
C32 PC1 JD . -35.59 49.10 52.35
C33 PC1 JD . -35.64 47.61 52.11
C34 PC1 JD . -36.70 47.22 51.13
C35 PC1 JD . -38.08 47.15 51.75
C36 PC1 JD . -38.29 45.89 52.56
C37 PC1 JD . -39.63 45.82 53.27
C38 PC1 JD . -39.83 44.54 54.05
C39 PC1 JD . -41.16 44.45 54.77
C3A PC1 JD . -41.33 43.14 55.53
C3B PC1 JD . -42.49 42.29 55.03
C3C PC1 JD . -42.19 40.79 55.04
C3D PC1 JD . -42.20 40.18 56.41
C3E PC1 JD . -41.82 38.71 56.43
C3F PC1 JD . -42.14 38.01 57.74
C3G PC1 JD . -41.96 36.50 57.69
C3H PC1 JD . -42.46 35.79 58.94
C3I PC1 JD . -42.35 34.28 58.84
C45 UQ8 KD . -63.91 79.86 14.16
C44 UQ8 KD . -64.99 79.73 15.24
C46 UQ8 KD . -65.45 80.97 15.99
C43 UQ8 KD . -65.54 78.56 15.56
C42 UQ8 KD . -65.14 77.26 14.86
C41 UQ8 KD . -66.13 76.16 15.26
C39 UQ8 KD . -65.66 74.78 14.82
C40 UQ8 KD . -64.88 74.61 13.51
C38 UQ8 KD . -65.94 73.75 15.58
C37 UQ8 KD . -65.51 72.33 15.22
C36 UQ8 KD . -66.59 71.34 15.68
C34 UQ8 KD . -65.97 69.96 15.83
C35 UQ8 KD . -65.21 69.34 14.66
C33 UQ8 KD . -66.07 69.32 16.98
C32 UQ8 KD . -65.45 67.94 17.16
C31 UQ8 KD . -65.34 67.61 18.64
C29 UQ8 KD . -65.76 66.17 18.89
C30 UQ8 KD . -67.17 65.70 18.50
C28 UQ8 KD . -64.89 65.35 19.45
C27 UQ8 KD . -65.25 63.89 19.74
C26 UQ8 KD . -65.03 63.08 18.46
C24 UQ8 KD . -65.69 61.72 18.64
C25 UQ8 KD . -67.21 61.63 18.70
C23 UQ8 KD . -64.92 60.65 18.74
C22 UQ8 KD . -65.52 59.26 18.92
C21 UQ8 KD . -66.08 59.16 20.33
C19 UQ8 KD . -65.27 58.11 21.08
C20 UQ8 KD . -63.84 58.46 21.50
C18 UQ8 KD . -65.80 56.94 21.36
C17 UQ8 KD . -65.00 55.86 22.10
C16 UQ8 KD . -65.05 56.13 23.59
C14 UQ8 KD . -64.36 54.99 24.34
C15 UQ8 KD . -63.06 55.25 25.09
C13 UQ8 KD . -64.94 53.80 24.32
C12 UQ8 KD . -64.32 52.62 25.06
C11 UQ8 KD . -65.17 51.38 24.75
C9 UQ8 KD . -66.59 51.60 25.25
C10 UQ8 KD . -66.87 52.09 26.67
C8 UQ8 KD . -67.58 51.37 24.40
C7 UQ8 KD . -69.04 51.55 24.77
C6 UQ8 KD . -69.76 52.06 23.52
C1 UQ8 KD . -69.65 53.53 23.12
C1M UQ8 KD . -68.83 54.49 23.97
C2 UQ8 KD . -70.36 54.03 21.87
O2 UQ8 KD . -70.27 55.16 21.56
C3 UQ8 KD . -71.18 53.06 21.01
O3 UQ8 KD . -71.82 53.52 19.87
C3M UQ8 KD . -71.00 53.50 18.74
C4 UQ8 KD . -71.28 51.59 21.41
O4 UQ8 KD . -72.04 50.73 20.62
C4M UQ8 KD . -73.42 50.81 20.87
C5 UQ8 KD . -70.57 51.09 22.66
O5 UQ8 KD . -70.66 49.95 22.96
O12 PC1 LD . -18.04 44.91 29.37
P PC1 LD . -18.36 43.46 29.27
O14 PC1 LD . -17.53 42.62 28.38
O13 PC1 LD . -18.30 42.84 30.71
C11 PC1 LD . -18.17 43.71 31.86
C12 PC1 LD . -18.03 42.75 33.01
N PC1 LD . -17.90 43.37 34.37
C13 PC1 LD . -19.18 44.07 34.74
C14 PC1 LD . -17.61 42.30 35.37
C15 PC1 LD . -16.79 44.37 34.37
O11 PC1 LD . -19.88 43.27 28.83
C1 PC1 LD . -20.55 42.03 29.11
C2 PC1 LD . -21.62 41.82 28.08
O21 PC1 LD . -21.05 41.96 26.75
C21 PC1 LD . -20.93 40.85 26.01
O22 PC1 LD . -21.01 39.73 26.44
C22 PC1 LD . -20.72 41.19 24.56
C23 PC1 LD . -21.58 40.34 23.65
C24 PC1 LD . -23.07 40.61 23.85
C25 PC1 LD . -23.95 39.39 23.73
C26 PC1 LD . -24.55 39.18 22.35
C27 PC1 LD . -25.59 40.23 21.96
C28 PC1 LD . -26.78 40.28 22.89
C29 PC1 LD . -27.57 38.99 22.95
C2A PC1 LD . -28.93 39.13 23.61
C2B PC1 LD . -29.56 37.80 23.95
C2C PC1 LD . -30.94 37.94 24.58
C2D PC1 LD . -31.54 36.61 24.99
C2E PC1 LD . -31.74 36.44 26.49
C2F PC1 LD . -30.44 36.40 27.28
C2G PC1 LD . -29.51 35.26 26.88
C2H PC1 LD . -28.39 34.98 27.85
C2I PC1 LD . -28.85 34.29 29.11
C3 PC1 LD . -22.71 42.85 28.18
O31 PC1 LD . -23.79 42.42 27.34
C31 PC1 LD . -24.89 43.17 27.34
O32 PC1 LD . -25.06 44.10 28.09
C32 PC1 LD . -25.82 42.75 26.26
C33 PC1 LD . -27.28 42.93 26.60
C34 PC1 LD . -28.17 42.57 25.42
C35 PC1 LD . -29.63 42.84 25.64
C36 PC1 LD . -30.48 42.51 24.44
C37 PC1 LD . -31.83 43.17 24.47
C38 PC1 LD . -32.65 43.02 23.21
C39 PC1 LD . -33.36 41.68 23.07
C3A PC1 LD . -34.75 41.81 22.49
C3B PC1 LD . -35.47 40.50 22.28
C3C PC1 LD . -36.98 40.58 22.44
C3D PC1 LD . -37.67 41.68 21.63
C3E PC1 LD . -37.85 41.38 20.15
C3F PC1 LD . -36.64 41.74 19.29
C3G PC1 LD . -36.88 41.55 17.80
C3H PC1 LD . -37.82 42.57 17.19
C3I PC1 LD . -38.13 42.30 15.74
C1 CDL MD . -34.39 58.58 29.52
O1 CDL MD . -33.81 57.36 29.06
CA2 CDL MD . -33.36 59.34 30.30
OA2 CDL MD . -32.44 58.40 30.87
PA1 CDL MD . -32.31 58.25 32.46
OA3 CDL MD . -31.20 57.31 32.68
OA4 CDL MD . -32.26 59.60 33.05
OA5 CDL MD . -33.63 57.54 33.00
CA3 CDL MD . -34.25 56.45 32.27
CA4 CDL MD . -33.97 55.16 32.98
OA6 CDL MD . -34.51 54.08 32.18
CA5 CDL MD . -33.82 53.69 31.09
OA7 CDL MD . -32.79 54.19 30.74
C11 CDL MD . -34.50 52.55 30.41
C12 CDL MD . -35.89 52.94 29.91
C13 CDL MD . -36.81 51.74 29.74
C14 CDL MD . -37.17 51.04 31.03
C15 CDL MD . -38.44 50.21 30.91
C16 CDL MD . -38.79 49.37 32.11
C17 CDL MD . -40.04 48.53 31.89
C18 CDL MD . -40.50 47.74 33.10
C19 CDL MD . -41.72 46.89 32.83
C20 CDL MD . -42.22 46.09 34.02
C21 CDL MD . -43.61 45.53 33.85
C22 CDL MD . -44.20 44.90 35.09
C23 CDL MD . -45.71 44.74 35.07
C24 CDL MD . -46.19 43.34 34.73
C25 CDL MD . -45.77 42.85 33.36
C26 CDL MD . -46.43 43.59 32.21
C27 CDL MD . -46.06 43.04 30.85
CA6 CDL MD . -34.66 55.10 34.32
OA8 CDL MD . -36.05 55.47 34.14
CA7 CDL MD . -36.90 54.52 33.77
OA9 CDL MD . -36.58 53.37 33.58
C31 CDL MD . -38.30 55.04 33.66
C32 CDL MD . -38.99 54.67 32.35
C33 CDL MD . -39.55 53.26 32.30
C34 CDL MD . -41.01 53.16 32.69
C35 CDL MD . -41.63 51.79 32.40
C36 CDL MD . -43.10 51.68 32.81
C37 CDL MD . -43.79 50.43 32.30
C38 CDL MD . -44.90 49.93 33.21
C39 CDL MD . -44.40 49.28 34.49
C40 CDL MD . -45.50 48.74 35.39
C41 CDL MD . -44.97 48.22 36.71
C42 CDL MD . -46.05 47.82 37.70
C43 CDL MD . -45.49 47.29 39.00
C44 CDL MD . -46.50 47.27 40.15
C45 CDL MD . -45.97 46.57 41.39
C46 CDL MD . -46.92 46.54 42.57
C47 CDL MD . -46.49 45.56 43.62
CB2 CDL MD . -34.94 59.32 28.35
OB2 CDL MD . -35.97 58.52 27.74
PB2 CDL MD . -36.09 58.44 26.15
OB3 CDL MD . -35.59 59.74 25.62
OB4 CDL MD . -35.46 57.19 25.68
OB5 CDL MD . -37.65 58.39 25.89
CB3 CDL MD . -38.55 59.26 26.63
CB4 CDL MD . -39.87 58.57 26.73
OB6 CDL MD . -40.39 58.41 25.38
CB5 CDL MD . -41.15 57.34 25.13
OB7 CDL MD . -41.42 56.50 25.94
C51 CDL MD . -41.59 57.34 23.69
C52 CDL MD . -42.68 58.37 23.42
C53 CDL MD . -43.99 58.04 24.09
C54 CDL MD . -44.68 56.82 23.51
C55 CDL MD . -46.02 56.51 24.13
C56 CDL MD . -47.09 57.53 23.83
C57 CDL MD . -48.47 57.09 24.26
C58 CDL MD . -48.68 57.05 25.75
C59 CDL MD . -49.69 56.02 26.20
C60 CDL MD . -50.15 56.17 27.63
C61 CDL MD . -50.94 54.98 28.13
C62 CDL MD . -51.89 55.31 29.25
C63 CDL MD . -53.20 55.90 28.80
C64 CDL MD . -53.86 56.75 29.86
C65 CDL MD . -55.31 57.08 29.59
C66 CDL MD . -55.94 57.94 30.68
C67 CDL MD . -57.43 58.07 30.52
CB6 CDL MD . -40.86 59.39 27.50
OB8 CDL MD . -41.81 60.00 26.60
CB7 CDL MD . -41.64 61.28 26.29
OB9 CDL MD . -40.62 61.89 26.49
C71 CDL MD . -42.89 61.86 25.72
C72 CDL MD . -42.83 63.36 25.44
C73 CDL MD . -44.15 63.83 24.87
C74 CDL MD . -44.15 65.26 24.37
C75 CDL MD . -45.45 65.64 23.68
C76 CDL MD . -45.49 67.06 23.15
C77 CDL MD . -46.85 67.44 22.59
C78 CDL MD . -46.96 68.90 22.21
C79 CDL MD . -48.39 69.37 22.03
C80 CDL MD . -48.52 70.87 21.82
C81 CDL MD . -49.93 71.39 22.00
C82 CDL MD . -50.04 72.89 21.87
C83 CDL MD . -51.41 73.44 22.20
C84 CDL MD . -51.49 74.96 22.12
C85 CDL MD . -52.83 75.52 22.54
C86 CDL MD . -52.92 77.03 22.42
C87 CDL MD . -54.25 77.57 22.88
O12 PC1 ND . -27.73 3.82 2.00
P PC1 ND . -27.74 4.54 3.29
O14 PC1 ND . -28.60 5.72 3.44
O13 PC1 ND . -28.08 3.51 4.47
C11 PC1 ND . -28.69 2.24 4.14
C12 PC1 ND . -28.96 1.53 5.45
N PC1 ND . -27.94 1.67 6.54
C13 PC1 ND . -28.13 2.96 7.29
C14 PC1 ND . -28.08 0.54 7.51
C15 PC1 ND . -26.56 1.66 5.96
O11 PC1 ND . -26.25 5.01 3.60
C1 PC1 ND . -25.42 5.18 2.44
C2 PC1 ND . -24.13 5.85 2.81
O21 PC1 ND . -23.69 5.57 4.17
C21 PC1 ND . -22.86 4.55 4.35
O22 PC1 ND . -23.06 3.44 3.93
C22 PC1 ND . -21.60 5.02 5.01
C23 PC1 ND . -21.47 4.68 6.48
C24 PC1 ND . -22.02 5.78 7.37
C25 PC1 ND . -21.10 6.97 7.54
C26 PC1 ND . -21.64 7.99 8.52
C27 PC1 ND . -20.83 9.28 8.59
C28 PC1 ND . -19.41 9.12 9.08
C29 PC1 ND . -18.96 10.26 10.00
C2A PC1 ND . -17.49 10.26 10.34
C2B PC1 ND . -17.18 10.45 11.82
C2C PC1 ND . -16.11 11.48 12.09
C2D PC1 ND . -16.53 12.91 11.81
C2E PC1 ND . -15.65 13.95 12.45
C2F PC1 ND . -15.94 15.37 12.00
C2G PC1 ND . -15.47 16.44 12.97
C2H PC1 ND . -15.88 17.84 12.60
C2I PC1 ND . -14.89 18.57 11.72
C3 PC1 ND . -24.19 7.34 2.78
O31 PC1 ND . -22.80 7.72 2.95
C31 PC1 ND . -22.52 8.96 3.29
O32 PC1 ND . -23.31 9.73 3.74
C32 PC1 ND . -21.08 9.25 2.97
C33 PC1 ND . -20.15 9.26 4.19
C34 PC1 ND . -20.23 10.54 4.97
C35 PC1 ND . -19.87 11.75 4.14
C36 PC1 ND . -19.39 12.93 4.94
C37 PC1 ND . -18.73 13.99 4.10
C38 PC1 ND . -18.39 15.24 4.86
C39 PC1 ND . -17.94 16.38 3.97
C3A PC1 ND . -18.04 17.71 4.66
C3B PC1 ND . -17.92 18.89 3.73
C3C PC1 ND . -18.26 20.19 4.42
C3D PC1 ND . -17.97 21.43 3.61
C3E PC1 ND . -18.21 22.69 4.40
C3F PC1 ND . -17.53 23.92 3.84
C3G PC1 ND . -17.39 25.03 4.87
C3H PC1 ND . -16.71 26.28 4.37
C3I PC1 ND . -16.59 27.34 5.45
O12 PC1 OD . -27.46 3.85 16.34
P PC1 OD . -26.57 4.35 15.27
O14 PC1 OD . -25.93 3.38 14.35
O13 PC1 OD . -27.37 5.40 14.40
C11 PC1 OD . -28.79 5.24 14.23
C12 PC1 OD . -29.15 6.41 13.37
N PC1 OD . -30.42 7.13 13.70
C13 PC1 OD . -30.39 7.61 15.12
C14 PC1 OD . -30.54 8.31 12.79
C15 PC1 OD . -31.60 6.24 13.50
O11 PC1 OD . -25.45 5.26 15.93
C1 PC1 OD . -24.08 5.16 15.54
C2 PC1 OD . -23.42 6.50 15.75
O21 PC1 OD . -22.62 6.70 14.54
C21 PC1 OD . -22.99 7.68 13.71
O22 PC1 OD . -23.73 8.59 14.00
C22 PC1 OD . -22.45 7.45 12.33
C23 PC1 OD . -20.98 7.83 12.19
C24 PC1 OD . -20.11 6.65 11.82
C25 PC1 OD . -18.63 6.95 11.95
C26 PC1 OD . -17.73 5.97 11.20
C27 PC1 OD . -16.35 6.51 10.90
C28 PC1 OD . -15.58 7.00 12.11
C29 PC1 OD . -14.52 8.03 11.77
C2A PC1 OD . -13.88 8.70 12.98
C2B PC1 OD . -13.16 10.00 12.64
C2C PC1 OD . -11.72 10.04 13.09
C2D PC1 OD . -11.03 11.35 12.77
C2E PC1 OD . -9.55 11.38 13.11
C2F PC1 OD . -8.89 12.72 12.88
C2G PC1 OD . -7.53 12.85 13.55
C2H PC1 OD . -6.79 14.13 13.22
C2I PC1 OD . -5.60 14.36 14.12
C3 PC1 OD . -22.50 6.52 16.93
O31 PC1 OD . -21.64 7.66 16.69
C31 PC1 OD . -20.36 7.43 16.50
O32 PC1 OD . -19.77 6.47 16.91
C32 PC1 OD . -19.76 8.48 15.61
C33 PC1 OD . -18.77 9.41 16.29
C34 PC1 OD . -17.58 8.67 16.84
C35 PC1 OD . -16.34 9.54 16.96
C36 PC1 OD . -15.15 8.81 17.52
C37 PC1 OD . -13.91 9.66 17.61
C38 PC1 OD . -12.85 9.08 18.50
C39 PC1 OD . -11.73 10.04 18.84
C3A PC1 OD . -10.78 9.50 19.89
C3B PC1 OD . -9.91 10.55 20.53
C3C PC1 OD . -9.30 10.09 21.85
C3D PC1 OD . -8.74 11.23 22.70
C3E PC1 OD . -8.64 10.89 24.18
C3F PC1 OD . -7.67 9.77 24.49
C3G PC1 OD . -6.24 10.05 24.02
C3H PC1 OD . -5.23 9.08 24.57
C3I PC1 OD . -4.95 9.28 26.03
FE HEC PD . 24.32 19.29 46.50
CHA HEC PD . 25.01 16.46 44.73
CHB HEC PD . 21.01 18.70 46.16
CHC HEC PD . 23.60 22.13 48.24
CHD HEC PD . 27.58 20.13 46.53
NA HEC PD . 23.24 17.86 45.64
C1A HEC PD . 23.68 16.77 44.95
C2A HEC PD . 22.57 16.01 44.49
C3A HEC PD . 21.47 16.62 44.87
C4A HEC PD . 21.87 17.80 45.60
CMA HEC PD . 20.00 16.20 44.64
CAA HEC PD . 22.71 14.71 43.69
CBA HEC PD . 23.17 13.53 44.57
CGA HEC PD . 23.69 12.38 43.74
O1A HEC PD . 22.89 11.44 43.58
O2A HEC PD . 24.69 12.68 43.04
NB HEC PD . 22.65 20.23 47.08
C1B HEC PD . 21.38 19.83 46.84
C2B HEC PD . 20.43 20.74 47.40
C3B HEC PD . 21.16 21.71 48.00
C4B HEC PD . 22.54 21.37 47.78
CMB HEC PD . 18.89 20.66 47.36
CAB HEC PD . 20.57 22.95 48.75
CBB HEC PD . 19.94 22.56 49.93
NC HEC PD . 25.38 20.80 47.23
C1C HEC PD . 24.91 21.88 47.91
C2C HEC PD . 25.98 22.79 48.29
C3C HEC PD . 27.12 22.23 47.81
C4C HEC PD . 26.73 21.02 47.16
CMC HEC PD . 25.89 24.11 49.08
CAC HEC PD . 28.59 22.82 47.92
CBC HEC PD . 29.01 23.04 49.20
ND HEC PD . 25.97 18.44 45.76
C1D HEC PD . 27.25 18.96 45.89
C2D HEC PD . 28.13 18.06 45.22
C3D HEC PD . 27.46 17.03 44.74
C4D HEC PD . 26.06 17.27 45.06
CMD HEC PD . 29.66 18.23 45.12
CAD HEC PD . 27.99 15.84 43.90
CBD HEC PD . 27.67 14.50 44.56
CGD HEC PD . 28.73 14.07 45.51
O1D HEC PD . 29.15 15.03 46.20
O2D HEC PD . 29.36 13.03 45.22
C27 PEE QD . -28.07 16.84 36.59
C26 PEE QD . -26.73 16.25 36.95
C25 PEE QD . -26.37 15.08 36.07
C24 PEE QD . -25.03 14.42 36.36
C23 PEE QD . -24.71 13.27 35.42
C22 PEE QD . -23.42 12.54 35.76
C21 PEE QD . -23.06 11.46 34.76
C20 PEE QD . -22.06 10.45 35.30
C19 PEE QD . -20.70 11.02 35.63
C18 PEE QD . -19.71 9.99 36.11
C17 PEE QD . -18.34 10.55 36.42
C16 PEE QD . -17.74 9.98 37.69
C15 PEE QD . -16.38 10.53 38.04
C14 PEE QD . -15.95 10.17 39.45
C13 PEE QD . -14.47 10.38 39.73
C12 PEE QD . -14.09 10.08 41.17
C11 PEE QD . -14.20 11.29 42.09
C10 PEE QD . -13.11 12.27 41.83
O4 PEE QD . -13.23 13.29 41.20
O2 PEE QD . -11.93 11.82 42.29
C2 PEE QD . -10.75 12.13 41.51
C1 PEE QD . -9.55 11.70 42.30
O3P PEE QD . -9.35 12.67 43.35
P PEE QD . -8.80 12.27 44.77
O2P PEE QD . -7.38 12.73 44.84
O1P PEE QD . -9.04 10.87 45.09
O4P PEE QD . -9.64 13.29 45.70
C4 PEE QD . -10.20 12.87 46.96
C5 PEE QD . -11.46 13.62 47.25
N PEE QD . -11.19 15.07 47.38
C3 PEE QD . -10.96 11.30 40.29
O3 PEE QD . -9.82 11.22 39.40
C30 PEE QD . -9.21 10.04 39.42
O5 PEE QD . -8.64 9.58 40.37
C31 PEE QD . -9.47 9.31 38.14
C32 PEE QD . -10.40 8.13 38.40
C33 PEE QD . -11.07 7.62 37.14
C34 PEE QD . -11.52 6.19 37.22
C35 PEE QD . -10.39 5.18 37.16
C36 PEE QD . -10.84 3.80 36.71
C37 PEE QD . -9.70 2.89 36.32
C38 PEE QD . -10.17 1.57 35.71
C39 PEE QD . -10.74 1.73 34.32
C40 PEE QD . -11.56 0.54 33.84
C41 PEE QD . -13.05 0.76 34.02
C42 PEE QD . -13.50 0.84 35.45
C43 PEE QD . -15.01 0.92 35.61
C44 PEE QD . -15.56 0.00 36.68
C45 PEE QD . -17.05 0.10 36.88
C46 PEE QD . -17.52 1.36 37.61
C47 PEE QD . -17.05 1.42 39.04
C1 CDL RD . -18.55 -10.39 30.45
O1 CDL RD . -18.79 -11.03 29.20
CA2 CDL RD . -19.08 -8.99 30.40
OA2 CDL RD . -20.33 -8.97 29.69
PA1 CDL RD . -20.47 -8.24 28.28
OA3 CDL RD . -19.20 -8.40 27.55
OA4 CDL RD . -21.73 -8.71 27.65
OA5 CDL RD . -20.62 -6.68 28.58
CA3 CDL RD . -19.49 -5.87 28.96
CA4 CDL RD . -19.99 -4.78 29.86
OA6 CDL RD . -18.95 -4.27 30.74
CA5 CDL RD . -17.88 -3.72 30.18
OA7 CDL RD . -17.35 -4.14 29.19
C11 CDL RD . -17.51 -2.45 30.88
C12 CDL RD . -16.47 -2.62 31.97
C13 CDL RD . -17.08 -3.09 33.25
C14 CDL RD . -16.10 -3.13 34.40
C15 CDL RD . -16.76 -3.49 35.71
C16 CDL RD . -15.79 -3.91 36.79
C17 CDL RD . -16.46 -4.29 38.10
C18 CDL RD . -17.14 -3.11 38.79
C19 CDL RD . -17.82 -3.49 40.10
C20 CDL RD . -17.92 -2.35 41.09
C21 CDL RD . -18.69 -2.73 42.35
C22 CDL RD . -18.87 -1.60 43.34
C23 CDL RD . -17.60 -0.84 43.68
C24 CDL RD . -17.64 -0.19 45.05
C25 CDL RD . -16.54 0.82 45.28
C26 CDL RD . -16.47 1.35 46.70
C27 CDL RD . -15.57 2.55 46.83
CA6 CDL RD . -21.12 -5.22 30.74
OA8 CDL RD . -20.63 -5.70 32.01
CA7 CDL RD . -20.60 -4.80 32.99
OA9 CDL RD . -20.35 -3.64 32.83
C31 CDL RD . -21.03 -5.41 34.29
C32 CDL RD . -21.26 -4.37 35.38
C33 CDL RD . -22.01 -4.96 36.55
C34 CDL RD . -22.59 -3.91 37.47
C35 CDL RD . -21.56 -3.05 38.13
C36 CDL RD . -22.13 -1.94 38.99
C37 CDL RD . -21.06 -1.10 39.64
C38 CDL RD . -21.60 0.04 40.48
C39 CDL RD . -20.51 0.96 40.99
C40 CDL RD . -20.91 1.78 42.20
C41 CDL RD . -19.74 2.31 42.98
C42 CDL RD . -20.13 3.17 44.17
C43 CDL RD . -19.03 3.37 45.19
C44 CDL RD . -19.37 4.41 46.24
C45 CDL RD . -18.30 4.58 47.29
C46 CDL RD . -18.65 5.63 48.34
C47 CDL RD . -17.58 5.79 49.38
CB2 CDL RD . -19.16 -11.22 31.55
OB2 CDL RD . -18.13 -11.58 32.50
PB2 CDL RD . -17.53 -10.53 33.53
OB3 CDL RD . -18.54 -10.35 34.59
OB4 CDL RD . -16.17 -10.97 33.91
OB5 CDL RD . -17.39 -9.16 32.73
CB3 CDL RD . -17.57 -7.91 33.41
CB4 CDL RD . -16.23 -7.27 33.62
OB6 CDL RD . -15.37 -7.50 32.46
CB5 CDL RD . -15.70 -6.88 31.30
OB7 CDL RD . -16.75 -6.32 31.13
C51 CDL RD . -14.59 -6.95 30.31
C52 CDL RD . -13.93 -5.59 30.13
C53 CDL RD . -13.21 -5.41 28.82
C54 CDL RD . -11.88 -6.13 28.73
C55 CDL RD . -10.94 -5.48 27.73
C56 CDL RD . -9.61 -6.19 27.57
C57 CDL RD . -9.64 -7.32 26.57
C58 CDL RD . -8.30 -7.96 26.34
C59 CDL RD . -8.13 -9.31 26.99
C60 CDL RD . -8.23 -9.28 28.51
C61 CDL RD . -7.17 -8.44 29.17
C62 CDL RD . -7.07 -8.63 30.66
C63 CDL RD . -6.31 -9.88 31.06
C64 CDL RD . -5.99 -9.95 32.54
C65 CDL RD . -4.76 -10.74 32.88
C66 CDL RD . -3.48 -9.98 32.58
C67 CDL RD . -2.23 -10.77 32.86
CB6 CDL RD . -15.49 -7.90 34.76
OB8 CDL RD . -14.19 -8.09 34.17
CB7 CDL RD . -13.20 -7.36 34.67
OB9 CDL RD . -13.02 -7.18 35.84
C71 CDL RD . -12.44 -6.70 33.56
C72 CDL RD . -11.69 -7.66 32.65
C73 CDL RD . -10.27 -7.90 33.12
C74 CDL RD . -9.35 -6.74 32.84
C75 CDL RD . -8.00 -6.86 33.50
C76 CDL RD . -7.02 -5.76 33.10
C77 CDL RD . -5.59 -6.03 33.52
C78 CDL RD . -5.41 -6.34 35.01
C79 CDL RD . -5.37 -7.82 35.34
C80 CDL RD . -5.16 -8.12 36.81
C81 CDL RD . -6.28 -7.66 37.70
C82 CDL RD . -5.89 -6.56 38.67
C83 CDL RD . -7.08 -5.92 39.35
C84 CDL RD . -6.72 -4.85 40.36
C85 CDL RD . -7.86 -3.92 40.69
C86 CDL RD . -7.54 -2.84 41.69
C87 CDL RD . -8.69 -1.91 41.91
C1 CDL SD . -12.70 -15.78 30.63
O1 CDL SD . -13.67 -16.83 30.59
CA2 CDL SD . -11.33 -16.37 30.50
OA2 CDL SD . -11.45 -17.77 30.82
PA1 CDL SD . -10.37 -18.83 30.32
OA3 CDL SD . -10.45 -19.96 31.25
OA4 CDL SD . -10.53 -19.07 28.87
OA5 CDL SD . -8.99 -18.08 30.58
CA3 CDL SD . -8.04 -17.86 29.52
CA4 CDL SD . -6.89 -17.14 30.16
OA6 CDL SD . -6.04 -16.38 29.24
CA5 CDL SD . -5.39 -17.07 28.29
OA7 CDL SD . -5.80 -18.08 27.80
C11 CDL SD . -4.07 -16.42 27.97
C12 CDL SD . -4.14 -14.94 27.63
C13 CDL SD . -3.53 -14.04 28.68
C14 CDL SD . -4.46 -13.69 29.82
C15 CDL SD . -4.38 -14.66 30.98
C16 CDL SD . -3.31 -14.30 31.98
C17 CDL SD . -2.57 -15.50 32.53
C18 CDL SD . -1.90 -15.25 33.86
C19 CDL SD . -1.05 -16.39 34.34
C20 CDL SD . -0.17 -16.04 35.53
C21 CDL SD . -0.87 -15.22 36.59
C22 CDL SD . -0.36 -15.47 37.99
C23 CDL SD . -1.38 -16.21 38.85
C24 CDL SD . -2.40 -15.30 39.52
C25 CDL SD . -3.80 -15.87 39.53
C26 CDL SD . -4.77 -15.16 40.44
C27 CDL SD . -4.60 -15.54 41.88
CA6 CDL SD . -5.98 -18.12 30.79
OA8 CDL SD . -6.52 -18.35 32.10
CA7 CDL SD . -6.11 -19.43 32.73
OA9 CDL SD . -6.27 -20.55 32.31
C31 CDL SD . -5.34 -19.03 33.93
C32 CDL SD . -5.61 -17.56 34.22
C33 CDL SD . -4.88 -17.07 35.42
C34 CDL SD . -5.30 -17.79 36.67
C35 CDL SD . -4.22 -18.67 37.22
C36 CDL SD . -4.50 -19.19 38.60
C37 CDL SD . -3.24 -19.50 39.37
C38 CDL SD . -3.45 -19.75 40.85
C39 CDL SD . -4.52 -20.77 41.16
C40 CDL SD . -5.92 -20.19 41.25
C41 CDL SD . -6.77 -20.84 42.32
C42 CDL SD . -8.26 -20.73 42.07
C43 CDL SD . -9.13 -21.34 43.16
C44 CDL SD . -8.38 -22.17 44.18
C45 CDL SD . -9.27 -22.71 45.28
C46 CDL SD . -8.72 -22.46 46.67
C47 CDL SD . -9.55 -23.08 47.75
CB2 CDL SD . -13.07 -14.75 29.58
OB2 CDL SD . -14.19 -14.03 30.10
PB2 CDL SD . -14.78 -12.74 29.40
OB3 CDL SD . -15.24 -13.15 28.05
OB4 CDL SD . -15.75 -12.11 30.32
OB5 CDL SD . -13.57 -11.74 29.18
CB3 CDL SD . -13.18 -10.82 30.23
CB4 CDL SD . -12.09 -11.49 31.02
OB6 CDL SD . -12.28 -11.21 32.44
CB5 CDL SD . -13.25 -11.87 33.07
OB7 CDL SD . -14.10 -12.50 32.52
C51 CDL SD . -13.10 -11.75 34.56
C52 CDL SD . -12.14 -12.81 35.10
C53 CDL SD . -11.14 -12.23 36.06
C54 CDL SD . -11.73 -11.78 37.37
C55 CDL SD . -12.08 -12.92 38.31
C56 CDL SD . -12.24 -12.49 39.76
C57 CDL SD . -10.95 -12.56 40.55
C58 CDL SD . -11.03 -13.45 41.78
C59 CDL SD . -10.16 -12.99 42.93
C60 CDL SD . -10.80 -11.90 43.75
C61 CDL SD . -10.03 -11.54 45.00
C62 CDL SD . -10.89 -11.01 46.14
C63 CDL SD . -11.77 -12.07 46.76
C64 CDL SD . -12.05 -11.83 48.24
C65 CDL SD . -11.61 -12.98 49.14
C66 CDL SD . -12.59 -14.13 49.20
C67 CDL SD . -13.73 -13.85 50.15
CB6 CDL SD . -10.72 -10.97 30.68
OB8 CDL SD . -9.84 -11.60 31.65
CB7 CDL SD . -9.61 -12.90 31.47
OB9 CDL SD . -9.76 -13.47 30.42
C71 CDL SD . -9.22 -13.55 32.76
C72 CDL SD . -7.93 -14.37 32.68
C73 CDL SD . -6.90 -13.91 33.69
C74 CDL SD . -7.29 -14.19 35.12
C75 CDL SD . -6.41 -13.49 36.14
C76 CDL SD . -6.77 -12.02 36.32
C77 CDL SD . -6.80 -11.57 37.77
C78 CDL SD . -8.15 -11.73 38.44
C79 CDL SD . -8.62 -10.48 39.18
C80 CDL SD . -7.99 -10.30 40.54
C81 CDL SD . -8.27 -8.94 41.17
C82 CDL SD . -8.85 -9.02 42.58
C83 CDL SD . -8.63 -7.78 43.41
C84 CDL SD . -9.22 -7.85 44.80
C85 CDL SD . -9.11 -6.56 45.61
C86 CDL SD . -9.65 -6.65 47.02
C87 CDL SD . -9.45 -5.38 47.83
C45 UQ8 TD . 0.73 -19.15 49.04
C44 UQ8 TD . 0.45 -18.05 48.02
C46 UQ8 TD . -0.68 -17.06 48.29
C43 UQ8 TD . 1.20 -18.00 46.93
C42 UQ8 TD . 0.98 -16.95 45.84
C41 UQ8 TD . -0.01 -17.57 44.88
C39 UQ8 TD . 0.06 -16.98 43.47
C40 UQ8 TD . -1.22 -16.42 42.86
C38 UQ8 TD . 1.19 -16.96 42.79
C37 UQ8 TD . 1.19 -16.39 41.37
C36 UQ8 TD . 2.59 -16.22 40.80
C34 UQ8 TD . 3.46 -17.45 41.09
C35 UQ8 TD . 3.12 -18.77 40.42
C33 UQ8 TD . 4.50 -17.43 41.89
C32 UQ8 TD . 4.95 -16.17 42.61
C31 UQ8 TD . 6.41 -16.32 42.97
C29 UQ8 TD . 7.26 -15.68 41.89
C30 UQ8 TD . 7.46 -16.43 40.57
C28 UQ8 TD . 7.78 -14.49 42.12
C27 UQ8 TD . 8.64 -13.80 41.07
C26 UQ8 TD . 7.73 -13.15 40.04
C24 UQ8 TD . 7.61 -11.64 40.27
C25 UQ8 TD . 7.41 -11.06 41.68
C23 UQ8 TD . 7.67 -10.87 39.22
C22 UQ8 TD . 7.58 -9.35 39.28
C21 UQ8 TD . 7.84 -8.81 37.87
C19 UQ8 TD . 6.59 -8.52 37.04
C20 UQ8 TD . 5.22 -9.09 37.39
C18 UQ8 TD . 6.76 -7.77 35.97
C17 UQ8 TD . 5.63 -7.38 35.02
C16 UQ8 TD . 6.04 -7.70 33.58
C14 UQ8 TD . 5.98 -9.21 33.34
C15 UQ8 TD . 6.60 -10.19 34.34
C13 UQ8 TD . 5.44 -9.81 32.29
C12 UQ8 TD . 4.76 -9.10 31.12
C11 UQ8 TD . 3.60 -9.98 30.63
C9 UQ8 TD . 4.07 -11.41 30.37
C10 UQ8 TD . 3.77 -12.52 31.38
C8 UQ8 TD . 4.73 -11.69 29.26
C7 UQ8 TD . 5.21 -13.11 28.99
C6 UQ8 TD . 6.04 -13.14 27.70
C1 UQ8 TD . 5.79 -14.17 26.59
C1M UQ8 TD . 4.69 -15.23 26.67
C2 UQ8 TD . 6.67 -14.17 25.35
O2 UQ8 TD . 6.47 -14.95 24.48
C3 UQ8 TD . 7.78 -13.15 25.20
O3 UQ8 TD . 8.57 -13.15 24.05
C3M UQ8 TD . 9.61 -14.09 24.09
C4 UQ8 TD . 8.04 -12.13 26.31
O4 UQ8 TD . 9.06 -11.19 26.16
C4M UQ8 TD . 10.33 -11.72 26.40
C5 UQ8 TD . 7.16 -12.12 27.56
O5 UQ8 TD . 7.37 -11.33 28.42
C1 CDL UD . -36.57 -3.97 32.44
O1 CDL UD . -36.59 -2.56 32.24
CA2 CDL UD . -35.41 -4.57 31.68
OA2 CDL UD . -34.20 -3.88 32.03
PA1 CDL UD . -32.84 -4.25 31.27
OA3 CDL UD . -32.44 -5.60 31.69
OA4 CDL UD . -32.98 -3.96 29.82
OA5 CDL UD . -31.82 -3.22 31.90
CA3 CDL UD . -31.86 -1.83 31.50
CA4 CDL UD . -30.65 -1.56 30.67
OA6 CDL UD . -29.53 -1.60 31.59
CA5 CDL UD . -28.29 -1.61 31.09
OA7 CDL UD . -28.01 -2.06 30.02
C11 CDL UD . -27.35 -0.89 32.00
C12 CDL UD . -26.20 -1.70 32.55
C13 CDL UD . -25.12 -1.89 31.52
C14 CDL UD . -23.75 -2.17 32.12
C15 CDL UD . -23.18 -1.02 32.93
C16 CDL UD . -21.77 -0.63 32.52
C17 CDL UD . -20.86 -0.32 33.69
C18 CDL UD . -19.52 0.23 33.28
C19 CDL UD . -19.41 1.74 33.35
C20 CDL UD . -19.05 2.25 34.74
C21 CDL UD . -19.09 3.76 34.86
C22 CDL UD . -20.49 4.33 34.92
C23 CDL UD . -20.62 5.72 34.30
C24 CDL UD . -22.03 6.27 34.36
C25 CDL UD . -22.34 7.27 33.26
C26 CDL UD . -23.72 7.87 33.38
C27 CDL UD . -24.02 8.89 32.30
CA6 CDL UD . -30.66 -0.16 30.12
OA8 CDL UD . -30.90 0.67 31.29
CA7 CDL UD . -29.91 1.48 31.67
OA9 CDL UD . -29.06 1.88 30.95
C31 CDL UD . -29.98 1.73 33.15
C32 CDL UD . -31.09 2.69 33.57
C33 CDL UD . -30.77 4.14 33.23
C34 CDL UD . -29.56 4.69 33.98
C35 CDL UD . -29.42 6.20 33.89
C36 CDL UD . -28.90 6.68 32.55
C37 CDL UD . -28.97 8.19 32.36
C38 CDL UD . -30.35 8.69 32.00
C39 CDL UD . -30.45 10.20 31.85
C40 CDL UD . -31.83 10.68 31.46
C41 CDL UD . -31.97 12.19 31.37
C42 CDL UD . -31.71 12.76 29.99
C43 CDL UD . -31.92 14.26 29.92
C44 CDL UD . -31.81 14.86 28.53
C45 CDL UD . -30.51 14.56 27.82
C46 CDL UD . -29.27 14.89 28.62
C47 CDL UD . -28.00 14.82 27.79
CB2 CDL UD . -36.54 -4.27 33.92
OB2 CDL UD . -36.09 -5.62 34.10
PB2 CDL UD . -36.05 -6.30 35.53
OB3 CDL UD . -36.87 -5.50 36.45
OB4 CDL UD . -36.34 -7.74 35.39
OB5 CDL UD . -34.53 -6.10 35.98
CB3 CDL UD . -33.47 -6.67 35.20
CB4 CDL UD . -32.30 -5.74 35.26
OB6 CDL UD . -31.72 -5.88 36.60
CB5 CDL UD . -30.92 -6.93 36.82
OB7 CDL UD . -30.47 -7.62 35.94
C51 CDL UD . -30.72 -7.16 38.28
C52 CDL UD . -29.31 -6.87 38.76
C53 CDL UD . -28.89 -5.44 38.57
C54 CDL UD . -27.54 -5.12 39.15
C55 CDL UD . -27.08 -3.70 38.90
C56 CDL UD . -25.93 -3.27 39.78
C57 CDL UD . -25.78 -1.77 39.89
C58 CDL UD . -25.32 -1.31 41.26
C59 CDL UD . -25.22 0.19 41.39
C60 CDL UD . -24.71 0.65 42.75
C61 CDL UD . -24.49 2.15 42.82
C62 CDL UD . -23.97 2.64 44.15
C63 CDL UD . -23.48 4.07 44.10
C64 CDL UD . -23.08 4.65 45.44
C65 CDL UD . -22.51 6.05 45.34
C66 CDL UD . -22.08 6.69 46.65
C67 CDL UD . -21.71 8.14 46.48
CB6 CDL UD . -32.68 -4.29 35.10
OB8 CDL UD . -31.42 -3.65 34.83
CB7 CDL UD . -31.04 -2.69 35.67
OB9 CDL UD . -31.79 -1.88 36.15
C71 CDL UD . -29.60 -2.87 35.99
C72 CDL UD . -28.68 -1.85 35.34
C73 CDL UD . -28.85 -0.47 35.94
C74 CDL UD . -27.70 0.45 35.61
C75 CDL UD . -27.85 1.84 36.19
C76 CDL UD . -26.90 2.83 35.55
C77 CDL UD . -26.85 4.16 36.28
C78 CDL UD . -25.97 5.19 35.58
C79 CDL UD . -24.94 5.85 36.49
C80 CDL UD . -25.02 7.30 36.91
C81 CDL UD . -23.77 7.76 37.64
C82 CDL UD . -23.89 9.11 38.33
C83 CDL UD . -22.60 9.57 38.98
C84 CDL UD . -22.57 11.04 39.35
C85 CDL UD . -21.19 11.66 39.26
C86 CDL UD . -21.20 13.16 38.98
C87 CDL UD . -19.84 13.68 38.60
C1 CDL VD . -13.68 23.29 27.11
O1 CDL VD . -14.42 22.30 27.84
CA2 CDL VD . -12.38 22.68 26.65
OA2 CDL VD . -12.01 21.64 27.58
PA1 CDL VD . -10.64 20.83 27.41
OA3 CDL VD . -10.42 20.67 25.96
OA4 CDL VD . -9.60 21.52 28.22
OA5 CDL VD . -10.92 19.38 28.02
CA3 CDL VD . -10.28 18.20 27.50
CA4 CDL VD . -11.03 17.73 26.28
OA6 CDL VD . -11.86 16.58 26.62
CA5 CDL VD . -13.00 16.83 27.29
OA7 CDL VD . -13.27 17.88 27.80
C11 CDL VD . -13.89 15.63 27.26
C12 CDL VD . -15.37 16.00 27.23
C13 CDL VD . -16.25 14.80 26.96
C14 CDL VD . -17.74 15.10 27.03
C15 CDL VD . -18.21 15.51 28.40
C16 CDL VD . -19.71 15.62 28.51
C17 CDL VD . -20.37 14.35 29.02
C18 CDL VD . -21.88 14.44 29.08
C19 CDL VD . -22.54 13.28 29.80
C20 CDL VD . -24.05 13.22 29.65
C21 CDL VD . -24.70 12.03 30.33
C22 CDL VD . -25.23 12.33 31.71
C23 CDL VD . -26.68 12.80 31.71
C24 CDL VD . -27.20 13.15 33.09
C25 CDL VD . -28.70 13.36 33.14
C26 CDL VD . -29.23 13.62 34.54
C27 CDL VD . -30.72 13.44 34.63
CA6 CDL VD . -10.10 17.29 25.18
OA8 CDL VD . -9.19 16.28 25.68
CA7 CDL VD . -8.51 15.59 24.76
OA9 CDL VD . -8.69 15.71 23.59
C31 CDL VD . -7.52 14.67 25.39
C32 CDL VD . -6.62 13.95 24.39
C33 CDL VD . -5.61 14.88 23.73
C34 CDL VD . -4.53 14.15 22.93
C35 CDL VD . -3.54 15.09 22.26
C36 CDL VD . -2.27 14.42 21.76
C37 CDL VD . -2.39 13.67 20.44
C38 CDL VD . -2.83 12.23 20.58
C39 CDL VD . -2.55 11.39 19.35
C40 CDL VD . -3.66 11.40 18.32
C41 CDL VD . -4.76 10.40 18.61
C42 CDL VD . -5.94 10.50 17.65
C43 CDL VD . -6.92 9.34 17.73
C44 CDL VD . -6.46 8.09 16.99
C45 CDL VD . -7.38 6.91 17.17
C46 CDL VD . -6.88 5.62 16.55
C47 CDL VD . -6.73 5.69 15.06
CB2 CDL VD . -14.57 23.82 26.00
OB2 CDL VD . -13.75 24.44 24.99
PB2 CDL VD . -13.62 26.03 24.90
OB3 CDL VD . -13.75 26.57 26.27
OB4 CDL VD . -12.42 26.36 24.10
OB5 CDL VD . -14.90 26.50 24.07
CB3 CDL VD . -16.15 26.78 24.73
CB4 CDL VD . -17.04 27.51 23.78
OB6 CDL VD . -18.41 27.15 24.14
CB5 CDL VD . -19.01 27.84 25.12
OB7 CDL VD . -18.53 28.80 25.65
C51 CDL VD . -20.32 27.22 25.49
C52 CDL VD . -21.52 28.11 25.23
C53 CDL VD . -21.82 28.28 23.76
C54 CDL VD . -23.04 29.13 23.48
C55 CDL VD . -23.33 29.28 22.00
C56 CDL VD . -24.45 30.25 21.69
C57 CDL VD . -24.72 30.42 20.21
C58 CDL VD . -25.58 31.62 19.89
C59 CDL VD . -25.91 31.79 18.42
C60 CDL VD . -26.78 33.00 18.13
C61 CDL VD . -27.01 33.25 16.66
C62 CDL VD . -28.17 34.19 16.37
C63 CDL VD . -28.05 35.00 15.10
C64 CDL VD . -29.24 35.92 14.86
C65 CDL VD . -29.01 36.95 13.77
C66 CDL VD . -28.86 36.37 12.38
C67 CDL VD . -28.69 37.43 11.33
CB6 CDL VD . -16.85 27.12 22.35
OB8 CDL VD . -17.80 27.96 21.65
CB7 CDL VD . -18.36 27.51 20.54
OB9 CDL VD . -17.82 26.74 19.79
C71 CDL VD . -19.75 28.03 20.45
C72 CDL VD . -20.04 28.92 19.25
C73 CDL VD . -20.44 28.13 18.03
C74 CDL VD . -21.28 28.92 17.05
C75 CDL VD . -21.84 28.08 15.93
C76 CDL VD . -22.64 28.85 14.90
C77 CDL VD . -23.04 28.01 13.72
C78 CDL VD . -23.96 28.71 12.74
C79 CDL VD . -23.30 29.84 11.96
C80 CDL VD . -24.26 30.62 11.09
C81 CDL VD . -24.78 29.84 9.90
C82 CDL VD . -25.72 30.64 9.01
C83 CDL VD . -26.15 29.91 7.76
C84 CDL VD . -27.12 30.69 6.90
C85 CDL VD . -27.35 30.09 5.52
C86 CDL VD . -28.31 30.89 4.67
C87 CDL VD . -28.41 30.38 3.25
C1 CDL WD . -44.62 16.46 19.63
O1 CDL WD . -44.20 15.45 18.73
CA2 CDL WD . -43.42 17.28 20.05
OA2 CDL WD . -43.78 18.66 19.98
PA1 CDL WD . -43.19 19.60 18.83
OA3 CDL WD . -41.85 19.12 18.47
OA4 CDL WD . -44.21 19.80 17.79
OA5 CDL WD . -43.02 20.95 19.65
CA3 CDL WD . -41.97 21.09 20.63
CA4 CDL WD . -41.50 22.51 20.55
OA6 CDL WD . -40.04 22.50 20.45
CA5 CDL WD . -39.33 21.96 21.45
OA7 CDL WD . -39.79 21.61 22.50
C11 CDL WD . -37.89 21.78 21.05
C12 CDL WD . -37.73 21.30 19.61
C13 CDL WD . -37.51 22.42 18.62
C14 CDL WD . -37.29 21.95 17.19
C15 CDL WD . -36.25 20.85 17.05
C16 CDL WD . -35.74 20.65 15.64
C17 CDL WD . -34.73 21.69 15.20
C18 CDL WD . -33.38 21.11 14.80
C19 CDL WD . -32.64 20.44 15.94
C20 CDL WD . -31.30 19.85 15.54
C21 CDL WD . -30.87 18.67 16.39
C22 CDL WD . -29.95 19.03 17.55
C23 CDL WD . -30.50 20.10 18.48
C24 CDL WD . -29.71 20.28 19.75
C25 CDL WD . -29.86 19.13 20.75
C26 CDL WD . -29.08 19.29 22.03
C27 CDL WD . -27.58 19.18 21.84
CA6 CDL WD . -41.95 23.32 21.74
OA8 CDL WD . -41.49 24.67 21.53
CA7 CDL WD . -42.18 25.41 20.67
OA9 CDL WD . -43.16 25.02 20.10
C31 CDL WD . -41.57 26.77 20.49
C32 CDL WD . -41.54 27.21 19.04
C33 CDL WD . -41.10 28.65 18.85
C34 CDL WD . -42.20 29.67 19.07
C35 CDL WD . -41.81 31.10 18.71
C36 CDL WD . -40.81 31.71 19.66
C37 CDL WD . -40.19 32.99 19.15
C38 CDL WD . -39.26 33.66 20.15
C39 CDL WD . -38.03 32.84 20.53
C40 CDL WD . -37.15 33.54 21.56
C41 CDL WD . -36.04 32.67 22.10
C42 CDL WD . -34.92 32.41 21.12
C43 CDL WD . -33.76 31.60 21.68
C44 CDL WD . -34.10 30.18 22.06
C45 CDL WD . -32.88 29.36 22.42
C46 CDL WD . -33.15 27.94 22.87
C47 CDL WD . -31.89 27.17 23.18
CB2 CDL WD . -45.33 15.83 20.80
OB2 CDL WD . -45.96 16.87 21.57
PB2 CDL WD . -46.02 16.73 23.15
OB3 CDL WD . -46.81 17.86 23.69
OB4 CDL WD . -46.37 15.35 23.53
OB5 CDL WD . -44.51 17.00 23.58
CB3 CDL WD . -44.27 17.69 24.81
CB4 CDL WD . -43.89 19.10 24.45
OB6 CDL WD . -42.43 19.18 24.36
CB5 CDL WD . -41.68 18.71 25.36
OB7 CDL WD . -42.04 18.64 26.51
C51 CDL WD . -40.37 18.21 24.84
C52 CDL WD . -39.16 19.00 25.28
C53 CDL WD . -38.10 19.01 24.20
C54 CDL WD . -36.85 19.79 24.57
C55 CDL WD . -35.67 18.92 24.95
C56 CDL WD . -35.86 18.10 26.21
C57 CDL WD . -34.60 17.38 26.63
C58 CDL WD . -33.90 17.98 27.84
C59 CDL WD . -34.35 17.39 29.16
C60 CDL WD . -33.47 17.78 30.33
C61 CDL WD . -33.86 17.08 31.63
C62 CDL WD . -33.05 17.51 32.83
C63 CDL WD . -33.23 16.61 34.03
C64 CDL WD . -32.66 17.16 35.32
C65 CDL WD . -32.77 16.22 36.50
C66 CDL WD . -32.43 16.85 37.83
C67 CDL WD . -32.42 15.85 38.96
CB6 CDL WD . -44.46 20.14 25.39
OB8 CDL WD . -44.60 19.71 26.76
CB7 CDL WD . -45.82 19.84 27.28
OB9 CDL WD . -46.84 19.74 26.66
C71 CDL WD . -45.75 20.21 28.74
C72 CDL WD . -45.36 19.08 29.68
C73 CDL WD . -43.86 18.88 29.75
C74 CDL WD . -43.45 17.62 30.48
C75 CDL WD . -41.95 17.41 30.52
C76 CDL WD . -41.55 16.05 31.04
C77 CDL WD . -40.05 15.91 31.29
C78 CDL WD . -39.61 14.50 31.63
C79 CDL WD . -40.35 13.88 32.80
C80 CDL WD . -41.60 13.14 32.39
C81 CDL WD . -42.73 13.19 33.41
C82 CDL WD . -43.02 11.85 34.07
C83 CDL WD . -44.45 11.68 34.53
C84 CDL WD . -44.74 10.28 35.02
C85 CDL WD . -46.21 9.98 35.21
C86 CDL WD . -46.47 8.57 35.72
C87 CDL WD . -47.94 8.24 35.82
C27 PEE XD . -8.64 21.83 -1.30
C26 PEE XD . -8.19 21.96 0.14
C25 PEE XD . -8.40 23.36 0.67
C24 PEE XD . -7.99 23.54 2.12
C23 PEE XD . -8.13 24.97 2.62
C22 PEE XD . -7.70 25.16 4.06
C21 PEE XD . -7.72 26.59 4.53
C20 PEE XD . -7.20 26.79 5.94
C19 PEE XD . -7.21 28.22 6.41
C18 PEE XD . -6.65 28.39 7.82
C17 PEE XD . -7.45 29.34 8.69
C16 PEE XD . -7.31 29.06 10.18
C15 PEE XD . -6.04 29.60 10.81
C14 PEE XD . -5.91 29.23 12.27
C13 PEE XD . -4.89 30.06 13.04
C12 PEE XD . -5.03 29.89 14.54
C11 PEE XD . -4.05 30.73 15.36
C10 PEE XD . -4.38 30.67 16.82
O4 PEE XD . -5.50 30.65 17.26
O2 PEE XD . -3.26 30.63 17.56
C2 PEE XD . -3.35 30.12 18.93
C1 PEE XD . -4.17 31.02 19.81
O3P PEE XD . -3.50 32.29 19.91
P PEE XD . -4.11 33.54 20.66
O2P PEE XD . -2.97 34.23 21.35
O1P PEE XD . -5.30 33.27 21.46
O4P PEE XD . -4.46 34.50 19.43
C4 PEE XD . -4.89 33.94 18.18
C5 PEE XD . -5.84 34.88 17.50
N PEE XD . -7.02 35.15 18.35
C3 PEE XD . -3.92 28.74 18.85
O3 PEE XD . -5.35 28.81 18.73
C30 PEE XD . -5.98 27.65 18.67
O5 PEE XD . -5.86 26.78 19.50
C31 PEE XD . -6.73 27.55 17.40
C32 PEE XD . -6.63 26.15 16.81
C33 PEE XD . -7.02 26.16 15.36
C34 PEE XD . -7.53 24.83 14.86
C35 PEE XD . -8.18 24.95 13.53
C36 PEE XD . -9.05 23.77 13.17
C37 PEE XD . -8.27 22.55 12.74
C38 PEE XD . -9.07 21.64 11.84
C39 PEE XD . -8.27 20.52 11.23
C40 PEE XD . -8.72 20.15 9.84
C41 PEE XD . -8.09 18.87 9.33
C42 PEE XD . -8.32 18.64 7.84
C43 PEE XD . -9.71 18.17 7.48
C44 PEE XD . -9.76 17.39 6.19
C45 PEE XD . -11.13 16.80 5.87
C46 PEE XD . -11.17 16.09 4.53
C47 PEE XD . -12.50 15.44 4.25
CHA HEM YD . 11.11 8.26 20.96
CHB HEM YD . 9.06 3.91 20.77
CHC HEM YD . 7.26 4.96 16.41
CHD HEM YD . 9.53 9.20 16.54
C1A HEM YD . 10.70 7.00 21.30
C2A HEM YD . 10.84 6.40 22.60
C3A HEM YD . 10.42 5.15 22.51
C4A HEM YD . 9.68 5.03 21.26
CMA HEM YD . 10.34 4.16 23.68
CAA HEM YD . 11.65 7.03 23.75
CBA HEM YD . 10.82 7.18 25.01
CGA HEM YD . 11.53 8.12 25.93
O1A HEM YD . 11.95 7.66 27.03
O2A HEM YD . 11.97 9.19 25.47
C1B HEM YD . 8.31 3.84 19.62
C2B HEM YD . 7.43 2.77 19.23
C3B HEM YD . 7.05 3.00 17.91
C4B HEM YD . 7.59 4.28 17.54
CMB HEM YD . 7.44 1.38 19.91
CAB HEM YD . 6.15 2.26 17.01
CBB HEM YD . 5.61 0.92 17.33
C1C HEM YD . 7.73 6.18 16.06
C2C HEM YD . 7.48 6.86 14.82
C3C HEM YD . 8.15 8.08 14.85
C4C HEM YD . 8.78 8.14 16.13
CMC HEM YD . 6.65 6.35 13.64
CAC HEM YD . 8.24 9.17 13.88
CBC HEM YD . 7.43 9.22 12.64
C1D HEM YD . 10.13 9.31 17.76
C2D HEM YD . 10.89 10.45 18.17
C3D HEM YD . 11.32 10.18 19.40
C4D HEM YD . 10.86 8.87 19.78
CMD HEM YD . 11.16 11.75 17.41
CAD HEM YD . 12.18 11.10 20.28
CBD HEM YD . 11.27 11.71 21.33
CGD HEM YD . 11.54 11.06 22.65
O1D HEM YD . 10.64 10.34 23.15
O2D HEM YD . 12.48 11.51 23.33
NA HEM YD . 10.04 6.11 20.49
NB HEM YD . 8.32 4.76 18.60
NC HEM YD . 8.53 6.99 16.83
ND HEM YD . 10.13 8.37 18.74
FE HEM YD . 9.22 6.56 18.69
CHA HEM ZD . -4.66 -12.90 15.21
CHB HEM ZD . -3.13 -8.32 15.20
CHC HEM ZD . 1.21 -9.78 16.70
CHD HEM ZD . -0.18 -14.36 16.15
C1A HEM ZD . -4.68 -11.53 15.29
C2A HEM ZD . -5.80 -10.67 15.04
C3A HEM ZD . -5.39 -9.41 15.01
C4A HEM ZD . -3.95 -9.42 15.14
CMA HEM ZD . -6.28 -8.21 14.65
CAA HEM ZD . -7.22 -11.14 14.68
CBA HEM ZD . -8.15 -11.00 15.89
CGA HEM ZD . -7.53 -11.64 17.10
O1A HEM ZD . -7.43 -10.98 18.16
O2A HEM ZD . -7.39 -12.88 17.08
C1B HEM ZD . -1.80 -8.32 15.54
C2B HEM ZD . -0.94 -7.17 15.58
C3B HEM ZD . 0.35 -7.61 15.85
C4B HEM ZD . 0.22 -9.00 16.16
CMB HEM ZD . -1.27 -5.84 14.86
CAB HEM ZD . 1.55 -6.87 16.25
CBB HEM ZD . 2.02 -5.68 15.50
C1C HEM ZD . 1.22 -11.14 16.67
C2C HEM ZD . 2.33 -11.98 17.00
C3C HEM ZD . 1.93 -13.30 16.85
C4C HEM ZD . 0.57 -13.25 16.42
CMC HEM ZD . 3.73 -11.53 17.46
CAC HEM ZD . 2.64 -14.57 17.03
CBC HEM ZD . 3.68 -14.79 18.08
C1D HEM ZD . -1.51 -14.36 15.88
C2D HEM ZD . -2.30 -15.55 15.74
C3D HEM ZD . -3.55 -15.15 15.48
C4D HEM ZD . -3.57 -13.70 15.44
CMD HEM ZD . -1.85 -17.01 15.86
CAD HEM ZD . -4.76 -16.06 15.24
CBD HEM ZD . -5.80 -15.82 16.30
CGD HEM ZD . -6.80 -16.94 16.27
O1D HEM ZD . -7.81 -16.85 17.01
O2D HEM ZD . -6.63 -17.89 15.48
NA HEM ZD . -3.58 -10.71 15.40
NB HEM ZD . -1.03 -9.41 15.81
NC HEM ZD . 0.17 -11.95 16.31
ND HEM ZD . -2.30 -13.26 15.70
FE HEM ZD . -1.69 -11.32 15.76
C1 CDL AE . -23.13 -0.97 6.07
O1 CDL AE . -24.22 -1.31 6.94
CA2 CDL AE . -23.46 -1.42 4.68
OA2 CDL AE . -24.11 -0.33 4.01
PA1 CDL AE . -24.58 -0.49 2.50
OA3 CDL AE . -24.42 -1.92 2.13
OA4 CDL AE . -25.90 0.15 2.33
OA5 CDL AE . -23.49 0.34 1.69
CA3 CDL AE . -22.20 -0.24 1.41
CA4 CDL AE . -21.24 0.33 2.41
OA6 CDL AE . -21.31 1.78 2.29
CA5 CDL AE . -20.82 2.38 1.19
OA7 CDL AE . -20.04 1.87 0.45
C11 CDL AE . -21.42 3.73 1.03
C12 CDL AE . -20.51 4.88 1.46
C13 CDL AE . -19.55 5.27 0.40
C14 CDL AE . -18.64 6.40 0.78
C15 CDL AE . -17.92 7.02 -0.40
C16 CDL AE . -16.52 7.49 -0.07
C17 CDL AE . -15.76 7.97 -1.29
C18 CDL AE . -14.27 8.14 -1.07
C19 CDL AE . -13.54 6.86 -0.70
C20 CDL AE . -12.02 7.01 -0.69
C21 CDL AE . -11.52 8.03 0.31
C22 CDL AE . -10.02 8.14 0.39
C23 CDL AE . -9.53 9.15 1.41
C24 CDL AE . -8.13 9.68 1.15
C25 CDL AE . -8.02 10.61 -0.05
C26 CDL AE . -6.60 10.99 -0.42
C27 CDL AE . -6.54 11.86 -1.66
CA6 CDL AE . -19.83 -0.14 2.21
OA8 CDL AE . -19.08 0.77 3.02
CA7 CDL AE . -18.45 0.27 4.07
OA9 CDL AE . -18.07 -0.87 4.16
C31 CDL AE . -18.36 1.29 5.15
C32 CDL AE . -17.41 2.42 4.81
C33 CDL AE . -17.30 3.41 5.95
C34 CDL AE . -16.39 4.57 5.65
C35 CDL AE . -16.30 5.59 6.77
C36 CDL AE . -15.91 6.96 6.24
C37 CDL AE . -15.58 7.99 7.29
C38 CDL AE . -15.06 9.26 6.68
C39 CDL AE . -15.31 10.52 7.47
C40 CDL AE . -14.32 10.76 8.60
C41 CDL AE . -14.20 12.23 8.93
C42 CDL AE . -13.17 12.59 9.98
C43 CDL AE . -12.89 14.07 9.99
C44 CDL AE . -12.13 14.59 11.20
C45 CDL AE . -12.03 16.11 11.19
C46 CDL AE . -11.14 16.73 12.23
C47 CDL AE . -10.89 18.17 11.92
CB2 CDL AE . -22.87 0.51 6.15
OB2 CDL AE . -22.28 0.83 7.42
PB2 CDL AE . -23.10 0.72 8.78
OB3 CDL AE . -24.25 1.63 8.74
OB4 CDL AE . -23.32 -0.71 9.11
OB5 CDL AE . -22.06 1.34 9.82
CB3 CDL AE . -21.85 2.77 9.81
CB4 CDL AE . -20.80 3.11 10.82
OB6 CDL AE . -19.67 2.22 10.60
CB5 CDL AE . -18.85 2.50 9.58
OB7 CDL AE . -19.02 3.41 8.81
C51 CDL AE . -17.70 1.54 9.53
C52 CDL AE . -16.64 1.85 10.58
C53 CDL AE . -15.57 0.77 10.64
C54 CDL AE . -14.44 1.07 11.61
C55 CDL AE . -13.65 -0.16 11.99
C56 CDL AE . -12.54 0.08 13.00
C57 CDL AE . -11.32 0.81 12.45
C58 CDL AE . -10.53 0.01 11.43
C59 CDL AE . -9.79 -1.20 12.01
C60 CDL AE . -8.58 -0.85 12.85
C61 CDL AE . -7.49 -0.08 12.11
C62 CDL AE . -7.08 -0.73 10.79
C63 CDL AE . -5.78 -0.18 10.21
C64 CDL AE . -4.95 -1.19 9.40
C65 CDL AE . -5.76 -2.14 8.51
C66 CDL AE . -6.40 -1.49 7.31
C67 CDL AE . -5.52 -1.53 6.08
CB6 CDL AE . -21.28 2.90 12.23
OB8 CDL AE . -20.14 2.92 13.12
CB7 CDL AE . -20.27 3.57 14.27
OB9 CDL AE . -21.22 4.24 14.56
C71 CDL AE . -19.09 3.34 15.16
C72 CDL AE . -17.86 4.10 14.70
C73 CDL AE . -16.56 3.53 15.21
C74 CDL AE . -16.23 3.94 16.63
C75 CDL AE . -14.78 3.67 16.98
C76 CDL AE . -14.41 4.07 18.40
C77 CDL AE . -12.91 4.00 18.66
C78 CDL AE . -12.52 4.47 20.04
C79 CDL AE . -11.07 4.86 20.14
C80 CDL AE . -10.73 5.53 21.44
C81 CDL AE . -9.39 6.21 21.47
C82 CDL AE . -8.22 5.26 21.61
C83 CDL AE . -6.93 5.97 21.97
C84 CDL AE . -5.76 5.03 22.19
C85 CDL AE . -4.51 5.77 22.63
C86 CDL AE . -3.27 4.89 22.75
C87 CDL AE . -2.09 5.65 23.29
C45 UQ8 BE . 14.04 -1.24 -2.36
C44 UQ8 BE . 15.40 -1.09 -1.68
C46 UQ8 BE . 16.64 -0.81 -2.52
C43 UQ8 BE . 15.50 -1.21 -0.37
C42 UQ8 BE . 14.30 -1.49 0.54
C41 UQ8 BE . 14.82 -1.82 1.94
C39 UQ8 BE . 13.72 -2.15 2.95
C40 UQ8 BE . 12.32 -1.54 2.88
C38 UQ8 BE . 14.02 -3.00 3.91
C37 UQ8 BE . 13.00 -3.40 4.99
C36 UQ8 BE . 13.76 -3.92 6.21
C34 UQ8 BE . 12.86 -4.88 6.98
C35 UQ8 BE . 11.57 -4.37 7.60
C33 UQ8 BE . 13.20 -6.15 7.07
C32 UQ8 BE . 12.33 -7.16 7.82
C31 UQ8 BE . 12.53 -7.10 9.33
C29 UQ8 BE . 13.81 -6.35 9.74
C30 UQ8 BE . 15.18 -6.85 9.31
C28 UQ8 BE . 13.68 -5.27 10.48
C27 UQ8 BE . 14.90 -4.48 10.96
C26 UQ8 BE . 15.49 -3.55 9.90
C24 UQ8 BE . 16.93 -3.32 10.36
C25 UQ8 BE . 17.99 -4.38 10.09
C23 UQ8 BE . 17.21 -2.21 11.03
C22 UQ8 BE . 18.61 -1.90 11.56
C21 UQ8 BE . 18.38 -1.25 12.94
C19 UQ8 BE . 18.82 -2.10 14.13
C20 UQ8 BE . 18.79 -3.63 14.08
C18 UQ8 BE . 19.17 -1.46 15.23
C17 UQ8 BE . 19.63 -2.18 16.49
C16 UQ8 BE . 18.43 -2.73 17.26
C14 UQ8 BE . 18.83 -3.51 18.53
C15 UQ8 BE . 20.29 -3.67 18.95
C13 UQ8 BE . 17.84 -4.02 19.23
C12 UQ8 BE . 18.08 -4.81 20.53
C11 UQ8 BE . 16.81 -5.61 20.81
C9 UQ8 BE . 16.89 -6.42 22.10
C10 UQ8 BE . 16.35 -7.84 22.11
C8 UQ8 BE . 17.40 -5.89 23.19
C7 UQ8 BE . 17.46 -6.71 24.48
C6 UQ8 BE . 18.48 -6.10 25.43
C1 UQ8 BE . 19.58 -6.95 26.02
C1M UQ8 BE . 19.67 -8.44 25.66
C2 UQ8 BE . 20.60 -6.34 26.97
O2 UQ8 BE . 21.46 -7.02 27.43
C3 UQ8 BE . 20.51 -4.86 27.32
O3 UQ8 BE . 21.43 -4.27 28.18
C3M UQ8 BE . 22.70 -4.09 27.62
C4 UQ8 BE . 19.42 -4.00 26.73
O4 UQ8 BE . 19.36 -2.65 27.07
C4M UQ8 BE . 20.47 -1.92 26.64
C5 UQ8 BE . 18.39 -4.61 25.79
O5 UQ8 BE . 17.54 -3.94 25.32
C45 UQ8 CE . -2.84 21.30 10.42
C44 UQ8 CE . -4.21 21.38 9.74
C46 UQ8 CE . -5.08 22.61 9.96
C43 UQ8 CE . -4.67 20.39 8.99
C42 UQ8 CE . -3.87 19.11 8.74
C41 UQ8 CE . -4.72 18.12 7.94
C39 UQ8 CE . -4.15 16.70 8.08
C40 UQ8 CE . -2.64 16.48 7.99
C38 UQ8 CE . -4.91 15.63 8.28
C37 UQ8 CE . -6.44 15.66 8.41
C36 UQ8 CE . -6.85 14.63 9.44
C34 UQ8 CE . -8.20 14.01 9.10
C35 UQ8 CE . -9.40 14.92 8.88
C33 UQ8 CE . -8.31 12.69 9.02
C32 UQ8 CE . -9.62 11.99 8.69
C31 UQ8 CE . -9.30 10.59 8.15
C29 UQ8 CE . -10.38 9.55 8.47
C30 UQ8 CE . -10.93 9.40 9.88
C28 UQ8 CE . -10.80 8.78 7.48
C27 UQ8 CE . -11.87 7.69 7.65
C26 UQ8 CE . -11.13 6.36 7.57
C24 UQ8 CE . -12.00 5.24 7.00
C25 UQ8 CE . -12.51 5.35 5.56
C23 UQ8 CE . -12.28 4.20 7.75
C22 UQ8 CE . -13.13 3.05 7.22
C21 UQ8 CE . -12.94 1.85 8.14
C19 UQ8 CE . -11.68 1.13 7.69
C20 UQ8 CE . -10.32 1.67 8.13
C18 UQ8 CE . -11.76 0.06 6.92
C17 UQ8 CE . -10.50 -0.67 6.43
C16 UQ8 CE . -10.83 -2.13 6.08
C14 UQ8 CE . -9.71 -2.78 5.26
C15 UQ8 CE . -9.03 -2.01 4.13
C13 UQ8 CE . -9.35 -4.01 5.57
C12 UQ8 CE . -8.25 -4.74 4.82
C11 UQ8 CE . -8.28 -6.20 5.27
C9 UQ8 CE . -7.35 -7.06 4.42
C10 UQ8 CE . -5.95 -7.42 4.93
C8 UQ8 CE . -7.77 -7.49 3.26
C7 UQ8 CE . -6.91 -8.35 2.37
C6 UQ8 CE . -7.56 -8.39 0.98
C1 UQ8 CE . -6.82 -7.85 -0.24
C1M UQ8 CE . -5.41 -7.27 -0.10
C2 UQ8 CE . -7.49 -7.89 -1.62
O2 UQ8 CE . -6.91 -7.48 -2.56
C3 UQ8 CE . -8.89 -8.47 -1.77
O3 UQ8 CE . -9.50 -8.50 -3.02
C3M UQ8 CE . -9.12 -9.57 -3.83
C4 UQ8 CE . -9.63 -9.01 -0.54
O4 UQ8 CE . -10.92 -9.54 -0.69
C4M UQ8 CE . -11.90 -8.54 -0.79
C5 UQ8 CE . -8.96 -8.97 0.83
O5 UQ8 CE . -9.54 -9.39 1.78
FE1 FES DE . 20.77 51.85 1.96
FE2 FES DE . 21.15 51.10 -0.60
S1 FES DE . 20.82 49.80 1.15
S2 FES DE . 21.40 53.11 0.28
C1 CDL EE . 8.06 -36.72 12.88
O1 CDL EE . 7.93 -35.55 13.69
CA2 CDL EE . 9.19 -36.49 11.90
OA2 CDL EE . 8.80 -35.40 11.06
PA1 CDL EE . 9.33 -35.30 9.56
OA3 CDL EE . 9.19 -36.62 8.92
OA4 CDL EE . 8.74 -34.11 8.89
OA5 CDL EE . 10.88 -35.06 9.85
CA3 CDL EE . 11.42 -33.72 9.87
CA4 CDL EE . 12.83 -33.82 10.34
OA6 CDL EE . 12.86 -34.44 11.65
CA5 CDL EE . 13.27 -35.72 11.73
OA7 CDL EE . 13.29 -36.47 10.80
C11 CDL EE . 13.75 -36.02 13.12
C12 CDL EE . 15.09 -35.37 13.34
C13 CDL EE . 15.29 -34.81 14.73
C14 CDL EE . 16.66 -34.23 14.93
C15 CDL EE . 16.89 -33.61 16.28
C16 CDL EE . 18.35 -33.42 16.60
C17 CDL EE . 18.61 -32.73 17.93
C18 CDL EE . 20.07 -32.66 18.28
C19 CDL EE . 20.36 -31.92 19.57
C20 CDL EE . 21.85 -31.83 19.87
C21 CDL EE . 22.16 -31.36 21.26
C22 CDL EE . 23.64 -31.41 21.60
C23 CDL EE . 23.92 -31.27 23.07
C24 CDL EE . 25.38 -31.52 23.43
C25 CDL EE . 25.63 -31.50 24.93
C26 CDL EE . 27.06 -31.83 25.31
C27 CDL EE . 27.31 -31.72 26.80
CA6 CDL EE . 13.47 -32.49 10.59
OA8 CDL EE . 14.89 -32.75 10.68
CA7 CDL EE . 15.70 -31.71 10.80
OA9 CDL EE . 15.33 -30.57 10.74
C31 CDL EE . 17.11 -32.15 11.04
C32 CDL EE . 18.05 -30.98 11.24
C33 CDL EE . 19.41 -31.43 11.76
C34 CDL EE . 20.34 -30.27 12.01
C35 CDL EE . 21.77 -30.69 12.25
C36 CDL EE . 22.77 -29.59 11.90
C37 CDL EE . 24.21 -30.01 12.01
C38 CDL EE . 24.68 -30.16 13.43
C39 CDL EE . 26.18 -30.18 13.59
C40 CDL EE . 26.63 -30.09 15.01
C41 CDL EE . 28.10 -29.75 15.20
C42 CDL EE . 28.46 -29.50 16.64
C43 CDL EE . 29.94 -29.29 16.89
C44 CDL EE . 30.24 -28.87 18.32
C45 CDL EE . 31.72 -28.81 18.63
C46 CDL EE . 32.03 -28.60 20.10
C47 CDL EE . 33.51 -28.58 20.38
CB2 CDL EE . 8.23 -37.92 13.78
OB2 CDL EE . 9.45 -38.63 13.48
PB2 CDL EE . 9.71 -40.04 14.18
OB3 CDL EE . 8.49 -40.40 14.93
OB4 CDL EE . 10.25 -40.99 13.19
OB5 CDL EE . 10.85 -39.71 15.23
CB3 CDL EE . 12.21 -39.58 14.81
CB4 CDL EE . 13.02 -39.14 15.99
OB6 CDL EE . 12.56 -37.79 16.35
CB5 CDL EE . 11.86 -37.65 17.48
OB7 CDL EE . 11.61 -38.56 18.23
C51 CDL EE . 11.43 -36.23 17.70
C52 CDL EE . 12.50 -35.23 17.30
C53 CDL EE . 12.31 -33.86 17.92
C54 CDL EE . 13.33 -32.86 17.43
C55 CDL EE . 13.35 -31.54 18.17
C56 CDL EE . 14.35 -30.55 17.58
C57 CDL EE . 14.86 -29.51 18.55
C58 CDL EE . 16.15 -28.87 18.08
C59 CDL EE . 16.76 -27.88 19.05
C60 CDL EE . 17.10 -28.47 20.40
C61 CDL EE . 18.02 -27.59 21.24
C62 CDL EE . 17.44 -26.22 21.56
C63 CDL EE . 17.23 -25.97 23.04
C64 CDL EE . 18.50 -25.95 23.87
C65 CDL EE . 19.51 -24.90 23.43
C66 CDL EE . 20.51 -24.56 24.52
C67 CDL EE . 21.15 -25.76 25.17
CB6 CDL EE . 14.47 -39.03 15.65
OB8 CDL EE . 15.11 -38.27 16.69
CB7 CDL EE . 16.43 -38.31 16.76
OB9 CDL EE . 17.10 -39.20 16.29
C71 CDL EE . 16.96 -37.10 17.44
C72 CDL EE . 17.61 -37.36 18.77
C73 CDL EE . 18.26 -36.11 19.34
C74 CDL EE . 18.83 -36.33 20.71
C75 CDL EE . 19.59 -35.15 21.28
C76 CDL EE . 19.98 -35.41 22.71
C77 CDL EE . 21.04 -34.49 23.28
C78 CDL EE . 21.47 -34.92 24.66
C79 CDL EE . 22.71 -34.25 25.19
C80 CDL EE . 23.25 -34.93 26.43
C81 CDL EE . 24.57 -34.38 26.93
C82 CDL EE . 25.20 -35.25 28.00
C83 CDL EE . 26.39 -34.60 28.67
C84 CDL EE . 27.04 -35.46 29.73
C85 CDL EE . 28.10 -34.73 30.54
C86 CDL EE . 28.89 -35.64 31.46
C87 CDL EE . 30.01 -34.92 32.18
O12 PC1 FE . 16.12 -39.68 6.31
P PC1 FE . 15.05 -38.66 6.19
O14 PC1 FE . 14.85 -37.97 4.89
O13 PC1 FE . 13.67 -39.28 6.64
C11 PC1 FE . 13.57 -39.94 7.92
C12 PC1 FE . 12.20 -39.50 8.37
N PC1 FE . 11.70 -40.10 9.65
C13 PC1 FE . 12.58 -39.72 10.79
C14 PC1 FE . 10.33 -39.56 9.88
C15 PC1 FE . 11.62 -41.60 9.57
O11 PC1 FE . 15.28 -37.52 7.27
C1 PC1 FE . 16.63 -37.24 7.67
C2 PC1 FE . 16.64 -36.05 8.58
O21 PC1 FE . 17.92 -35.40 8.37
C21 PC1 FE . 18.03 -34.59 7.31
O22 PC1 FE . 17.09 -34.10 6.74
C22 PC1 FE . 19.45 -34.43 6.91
C23 PC1 FE . 20.41 -34.45 8.09
C24 PC1 FE . 21.85 -34.24 7.67
C25 PC1 FE . 22.85 -34.51 8.76
C26 PC1 FE . 22.58 -33.75 10.05
C27 PC1 FE . 23.73 -33.81 11.05
C28 PC1 FE . 24.01 -35.22 11.57
C29 PC1 FE . 25.00 -35.24 12.73
C2A PC1 FE . 26.40 -34.80 12.36
C2B PC1 FE . 27.34 -34.69 13.54
C2C PC1 FE . 27.07 -33.51 14.43
C2D PC1 FE . 27.16 -33.82 15.91
C2E PC1 FE . 28.55 -34.22 16.39
C2F PC1 FE . 29.58 -33.12 16.23
C2G PC1 FE . 30.56 -33.03 17.39
C2H PC1 FE . 29.92 -32.53 18.67
C2I PC1 FE . 30.92 -32.22 19.76
C3 PC1 FE . 16.50 -36.48 10.01
O31 PC1 FE . 17.74 -36.23 10.73
C31 PC1 FE . 18.22 -37.26 11.43
O32 PC1 FE . 18.13 -38.41 11.09
C32 PC1 FE . 18.78 -36.78 12.72
C33 PC1 FE . 18.47 -37.74 13.85
C34 PC1 FE . 19.65 -38.61 14.19
C35 PC1 FE . 20.69 -37.89 15.02
C36 PC1 FE . 22.03 -38.60 15.07
C37 PC1 FE . 23.09 -37.84 15.84
C38 PC1 FE . 22.73 -37.58 17.30
C39 PC1 FE . 22.43 -38.84 18.11
C3A PC1 FE . 23.62 -39.75 18.30
C3B PC1 FE . 24.64 -39.23 19.29
C3C PC1 FE . 25.68 -40.26 19.72
C3D PC1 FE . 27.11 -39.72 19.75
C3E PC1 FE . 28.15 -40.74 20.17
C3F PC1 FE . 28.39 -40.82 21.67
C3G PC1 FE . 29.74 -41.41 22.04
C3H PC1 FE . 30.09 -41.33 23.52
C3I PC1 FE . 31.55 -41.61 23.80
C1 CDL GE . -38.70 25.17 6.77
O1 CDL GE . -37.67 25.93 7.41
CA2 CDL GE . -39.81 24.96 7.77
OA2 CDL GE . -41.02 25.57 7.27
PA1 CDL GE . -42.10 26.13 8.28
OA3 CDL GE . -43.24 26.62 7.48
OA4 CDL GE . -42.34 25.11 9.34
OA5 CDL GE . -41.40 27.40 8.93
CA3 CDL GE . -40.65 28.29 8.07
CA4 CDL GE . -40.22 29.51 8.81
OA6 CDL GE . -39.33 29.21 9.93
CA5 CDL GE . -38.12 28.75 9.62
OA7 CDL GE . -37.88 27.59 9.38
C11 CDL GE . -37.17 29.90 9.49
C12 CDL GE . -35.85 29.77 10.23
C13 CDL GE . -34.84 28.91 9.49
C14 CDL GE . -33.51 28.83 10.20
C15 CDL GE . -32.69 30.10 10.09
C16 CDL GE . -31.60 30.22 11.15
C17 CDL GE . -32.12 30.42 12.56
C18 CDL GE . -31.03 30.64 13.58
C19 CDL GE . -31.53 30.60 15.01
C20 CDL GE . -30.43 30.76 16.03
C21 CDL GE . -30.86 30.46 17.46
C22 CDL GE . -29.75 30.63 18.48
C23 CDL GE . -30.13 30.24 19.89
C24 CDL GE . -29.02 30.41 20.89
C25 CDL GE . -29.39 29.97 22.31
C26 CDL GE . -28.25 30.09 23.31
C27 CDL GE . -28.65 29.66 24.69
CA6 CDL GE . -41.34 30.28 9.44
OA8 CDL GE . -40.62 31.25 10.23
CA7 CDL GE . -40.89 32.52 9.99
OA9 CDL GE . -41.96 33.04 10.17
C31 CDL GE . -39.73 33.16 9.30
C32 CDL GE . -40.12 33.50 7.86
C33 CDL GE . -38.93 33.85 7.00
C34 CDL GE . -39.22 34.86 5.90
C35 CDL GE . -38.10 34.99 4.89
C36 CDL GE . -38.18 36.23 4.03
C37 CDL GE . -37.16 36.23 2.91
C38 CDL GE . -37.15 37.49 2.05
C39 CDL GE . -36.14 37.46 0.91
C40 CDL GE . -36.57 36.58 -0.26
C41 CDL GE . -37.23 37.35 -1.39
C42 CDL GE . -36.24 38.02 -2.33
C43 CDL GE . -36.89 39.00 -3.29
C44 CDL GE . -36.12 39.17 -4.58
C45 CDL GE . -36.84 40.02 -5.62
C46 CDL GE . -36.42 39.74 -7.05
C47 CDL GE . -34.94 39.90 -7.27
CB2 CDL GE . -39.14 25.88 5.52
OB2 CDL GE . -37.98 26.05 4.69
PB2 CDL GE . -37.84 25.20 3.35
OB3 CDL GE . -38.39 23.85 3.63
OB4 CDL GE . -38.39 25.97 2.22
OB5 CDL GE . -36.27 25.04 3.17
CB3 CDL GE . -35.44 26.20 2.95
CB4 CDL GE . -34.94 26.71 4.27
OB6 CDL GE . -35.27 28.13 4.34
CB5 CDL GE . -35.58 28.64 5.54
OB7 CDL GE . -35.46 28.02 6.57
C51 CDL GE . -36.11 30.02 5.43
C52 CDL GE . -35.19 31.08 6.01
C53 CDL GE . -35.97 32.26 6.55
C54 CDL GE . -35.14 33.45 7.03
C55 CDL GE . -34.26 33.17 8.24
C56 CDL GE . -32.88 32.59 7.92
C57 CDL GE . -32.11 33.35 6.85
C58 CDL GE . -30.61 33.14 6.91
C59 CDL GE . -29.94 33.88 8.05
C60 CDL GE . -28.44 33.74 8.08
C61 CDL GE . -27.76 34.75 8.96
C62 CDL GE . -26.24 34.69 8.92
C63 CDL GE . -25.57 35.64 9.88
C64 CDL GE . -24.06 35.62 9.79
C65 CDL GE . -23.36 36.48 10.83
C66 CDL GE . -21.86 36.60 10.62
C67 CDL GE . -21.17 37.31 11.75
CB6 CDL GE . -33.46 26.54 4.43
OB8 CDL GE . -32.78 27.29 3.41
CB7 CDL GE . -31.48 27.51 3.59
OB9 CDL GE . -30.95 27.51 4.67
C71 CDL GE . -30.79 27.68 2.29
C72 CDL GE . -29.48 26.91 2.23
C73 CDL GE . -28.78 27.05 0.89
C74 CDL GE . -27.29 26.79 0.94
C75 CDL GE . -26.50 27.90 1.64
C76 CDL GE . -25.02 27.63 1.72
C77 CDL GE . -24.25 28.72 2.45
C78 CDL GE . -24.10 29.99 1.64
C79 CDL GE . -23.34 31.09 2.36
C80 CDL GE . -23.08 32.32 1.50
C81 CDL GE . -22.41 33.46 2.25
C82 CDL GE . -22.04 34.64 1.36
C83 CDL GE . -21.37 35.79 2.10
C84 CDL GE . -20.97 36.94 1.19
C85 CDL GE . -20.21 38.04 1.90
C86 CDL GE . -19.61 39.08 0.96
C87 CDL GE . -20.64 39.80 0.14
C1 CDL HE . -37.03 25.74 -18.30
O1 CDL HE . -35.68 25.28 -18.15
CA2 CDL HE . -37.43 26.50 -17.06
OA2 CDL HE . -36.68 25.97 -15.94
PA1 CDL HE . -37.01 26.47 -14.47
OA3 CDL HE . -37.69 25.34 -13.81
OA4 CDL HE . -35.78 27.01 -13.87
OA5 CDL HE . -38.09 27.64 -14.62
CA3 CDL HE . -37.77 29.03 -14.37
CA4 CDL HE . -38.59 29.48 -13.20
OA6 CDL HE . -38.43 30.91 -12.94
CA5 CDL HE . -39.55 31.62 -12.76
OA7 CDL HE . -40.52 31.52 -13.47
C11 CDL HE . -39.47 32.47 -11.53
C12 CDL HE . -38.11 33.10 -11.27
C13 CDL HE . -38.03 33.66 -9.87
C14 CDL HE . -37.66 32.65 -8.82
C15 CDL HE . -37.90 33.11 -7.39
C16 CDL HE . -37.30 32.18 -6.35
C17 CDL HE . -37.54 32.64 -4.91
C18 CDL HE . -36.55 33.68 -4.42
C19 CDL HE . -36.70 34.02 -2.94
C20 CDL HE . -36.31 32.88 -2.01
C21 CDL HE . -36.58 33.17 -0.54
C22 CDL HE . -36.48 31.94 0.34
C23 CDL HE . -36.95 32.16 1.76
C24 CDL HE . -35.86 32.45 2.76
C25 CDL HE . -34.92 33.59 2.36
C26 CDL HE . -34.22 34.18 3.55
C27 CDL HE . -33.35 35.37 3.23
CA6 CDL HE . -38.06 28.88 -11.92
OA8 CDL HE . -36.78 29.51 -11.73
CA7 CDL HE . -35.87 28.86 -11.01
OA9 CDL HE . -36.11 27.88 -10.37
C31 CDL HE . -34.53 29.52 -11.14
C32 CDL HE . -34.05 30.20 -9.87
C33 CDL HE . -33.06 29.38 -9.08
C34 CDL HE . -33.63 28.12 -8.48
C35 CDL HE . -32.83 27.59 -7.30
C36 CDL HE . -33.14 26.15 -6.92
C37 CDL HE . -33.38 25.94 -5.45
C38 CDL HE . -33.49 24.48 -5.04
C39 CDL HE . -33.75 24.27 -3.56
C40 CDL HE . -35.18 24.60 -3.13
C41 CDL HE . -35.41 24.52 -1.63
C42 CDL HE . -35.12 25.81 -0.88
C43 CDL HE . -36.36 26.67 -0.66
C44 CDL HE . -36.89 27.34 -1.91
C45 CDL HE . -35.97 28.40 -2.48
C46 CDL HE . -36.33 28.82 -3.89
C47 CDL HE . -35.43 29.90 -4.44
CB2 CDL HE . -37.13 26.58 -19.54
OB2 CDL HE . -35.97 27.43 -19.62
PB2 CDL HE . -36.10 28.90 -20.23
OB3 CDL HE . -35.01 29.07 -21.20
OB4 CDL HE . -37.50 29.19 -20.63
OB5 CDL HE . -35.77 29.76 -18.94
CB3 CDL HE . -35.11 31.02 -19.04
CB4 CDL HE . -34.13 31.08 -17.90
OB6 CDL HE . -34.79 31.68 -16.74
CB5 CDL HE . -34.53 31.14 -15.54
OB7 CDL HE . -33.94 30.12 -15.37
C51 CDL HE . -35.06 32.00 -14.43
C52 CDL HE . -33.95 32.65 -13.61
C53 CDL HE . -34.47 33.30 -12.34
C54 CDL HE . -33.41 34.09 -11.58
C55 CDL HE . -33.97 34.86 -10.39
C56 CDL HE . -33.93 34.08 -9.09
C57 CDL HE . -34.83 34.65 -8.00
C58 CDL HE . -34.48 36.06 -7.54
C59 CDL HE . -33.10 36.19 -6.92
C60 CDL HE . -32.02 36.66 -7.88
C61 CDL HE . -32.21 38.10 -8.35
C62 CDL HE . -31.20 38.56 -9.37
C63 CDL HE . -31.44 39.97 -9.85
C64 CDL HE . -30.49 40.44 -10.93
C65 CDL HE . -30.72 41.88 -11.35
C66 CDL HE . -29.78 42.35 -12.45
C67 CDL HE . -30.02 43.80 -12.82
CB6 CDL HE . -32.93 31.94 -18.20
OB8 CDL HE . -32.06 31.60 -17.09
CB7 CDL HE . -30.89 31.08 -17.40
OB9 CDL HE . -30.11 31.57 -18.16
C71 CDL HE . -30.74 29.74 -16.75
C72 CDL HE . -29.96 29.72 -15.45
C73 CDL HE . -30.58 30.58 -14.38
C74 CDL HE . -29.90 30.47 -13.04
C75 CDL HE . -30.47 31.41 -11.99
C76 CDL HE . -29.62 31.51 -10.74
C77 CDL HE . -29.96 32.69 -9.87
C78 CDL HE . -29.71 34.04 -10.52
C79 CDL HE . -29.37 35.15 -9.54
C80 CDL HE . -27.91 35.17 -9.13
C81 CDL HE . -27.57 36.24 -8.12
C82 CDL HE . -26.10 36.29 -7.72
C83 CDL HE . -25.81 37.21 -6.56
C84 CDL HE . -24.36 37.20 -6.12
C85 CDL HE . -24.10 37.89 -4.80
C86 CDL HE . -23.68 39.35 -4.88
C87 CDL HE . -24.72 40.24 -5.52
C1 CDL IE . -15.79 35.38 -34.38
O1 CDL IE . -14.98 36.50 -34.02
CA2 CDL IE . -16.84 35.81 -35.37
OA2 CDL IE . -17.76 36.67 -34.68
PA1 CDL IE . -19.15 36.08 -34.19
OA3 CDL IE . -20.10 36.06 -35.33
OA4 CDL IE . -18.94 34.85 -33.39
OA5 CDL IE . -19.55 37.27 -33.21
CA3 CDL IE . -18.85 37.35 -31.96
CA4 CDL IE . -18.05 38.62 -31.94
OA6 CDL IE . -17.33 38.66 -30.67
CA5 CDL IE . -16.06 39.08 -30.68
OA7 CDL IE . -15.37 39.10 -31.66
C11 CDL IE . -15.67 39.58 -29.33
C12 CDL IE . -14.23 39.31 -28.94
C13 CDL IE . -13.93 39.78 -27.54
C14 CDL IE . -13.89 41.29 -27.36
C15 CDL IE . -13.61 41.74 -25.94
C16 CDL IE . -13.39 43.23 -25.77
C17 CDL IE . -13.09 43.62 -24.33
C18 CDL IE . -12.46 44.99 -24.17
C19 CDL IE . -12.17 45.36 -22.73
C20 CDL IE . -11.34 46.61 -22.55
C21 CDL IE . -11.93 47.85 -23.19
C22 CDL IE . -11.34 49.15 -22.67
C23 CDL IE . -11.83 50.38 -23.39
C24 CDL IE . -11.36 51.69 -22.78
C25 CDL IE . -11.64 52.91 -23.63
C26 CDL IE . -11.30 54.23 -22.96
C27 CDL IE . -11.49 55.41 -23.88
CA6 CDL IE . -18.94 39.82 -31.91
OA8 CDL IE . -18.12 41.00 -32.02
CA7 CDL IE . -18.75 42.16 -31.84
OA9 CDL IE . -19.92 42.26 -31.62
C31 CDL IE . -17.80 43.32 -31.93
C32 CDL IE . -18.48 44.64 -31.63
C33 CDL IE . -17.50 45.78 -31.57
C34 CDL IE . -18.03 47.04 -30.94
C35 CDL IE . -16.98 48.12 -30.77
C36 CDL IE . -17.43 49.33 -29.99
C37 CDL IE . -16.32 50.32 -29.74
C38 CDL IE . -16.80 51.70 -29.35
C39 CDL IE . -15.67 52.70 -29.22
C40 CDL IE . -16.12 54.15 -29.24
C41 CDL IE . -14.97 55.12 -29.19
C42 CDL IE . -15.38 56.58 -29.26
C43 CDL IE . -14.19 57.52 -29.16
C44 CDL IE . -14.56 58.99 -29.10
C45 CDL IE . -13.43 59.85 -28.57
C46 CDL IE . -13.77 61.30 -28.36
C47 CDL IE . -12.81 61.98 -27.41
CB2 CDL IE . -14.92 34.29 -34.95
OB2 CDL IE . -15.76 33.45 -35.78
PB2 CDL IE . -15.44 33.36 -37.32
OB3 CDL IE . -16.21 32.25 -37.95
OB4 CDL IE . -15.38 34.69 -37.95
OB5 CDL IE . -13.97 32.89 -36.97
CB3 CDL IE . -13.38 31.68 -37.48
CB4 CDL IE . -12.29 31.35 -36.51
OB6 CDL IE . -12.02 32.59 -35.79
CB5 CDL IE . -11.69 32.52 -34.49
OB7 CDL IE . -11.73 31.50 -33.84
C51 CDL IE . -11.24 33.85 -33.97
C52 CDL IE . -10.03 33.74 -33.06
C53 CDL IE . -9.11 34.93 -33.15
C54 CDL IE . -7.74 34.68 -32.53
C55 CDL IE . -6.87 33.74 -33.34
C56 CDL IE . -5.69 34.42 -34.00
C57 CDL IE . -6.06 35.45 -35.05
C58 CDL IE . -4.88 36.17 -35.69
C59 CDL IE . -3.94 35.26 -36.47
C60 CDL IE . -2.78 36.02 -37.10
C61 CDL IE . -1.81 35.15 -37.89
C62 CDL IE . -0.86 35.95 -38.75
C63 CDL IE . 0.05 35.12 -39.63
C64 CDL IE . 0.69 35.91 -40.75
C65 CDL IE . 1.67 35.11 -41.59
C66 CDL IE . 2.04 35.76 -42.90
C67 CDL IE . 2.97 34.90 -43.72
CB6 CDL IE . -11.02 31.01 -37.21
OB8 CDL IE . -10.18 32.17 -37.09
CB7 CDL IE . -9.04 32.16 -37.76
OB9 CDL IE . -8.86 31.53 -38.77
C71 CDL IE . -8.02 32.97 -37.04
C72 CDL IE . -6.68 32.28 -36.97
C73 CDL IE . -6.65 31.14 -35.97
C74 CDL IE . -5.26 30.83 -35.47
C75 CDL IE . -5.19 30.02 -34.20
C76 CDL IE . -3.88 30.20 -33.44
C77 CDL IE . -3.82 31.44 -32.57
C78 CDL IE . -2.50 32.17 -32.63
C79 CDL IE . -2.31 33.00 -33.89
C80 CDL IE . -0.87 33.15 -34.34
C81 CDL IE . -0.25 31.86 -34.88
C82 CDL IE . -0.31 31.68 -36.38
C83 CDL IE . -1.70 31.73 -36.98
C84 CDL IE . -1.73 31.64 -38.51
C85 CDL IE . -1.11 30.36 -39.05
C86 CDL IE . 0.34 30.49 -39.47
C87 CDL IE . 0.91 29.18 -39.96
C1 CDL JE . 3.39 -20.86 -0.87
O1 CDL JE . 3.66 -20.84 -2.27
CA2 CDL JE . 3.84 -22.16 -0.26
OA2 CDL JE . 4.73 -21.85 0.83
PA1 CDL JE . 4.33 -22.19 2.32
OA3 CDL JE . 2.95 -21.69 2.51
OA4 CDL JE . 4.58 -23.64 2.53
OA5 CDL JE . 5.27 -21.39 3.32
CA3 CDL JE . 5.34 -19.96 3.44
CA4 CDL JE . 6.80 -19.64 3.63
OA6 CDL JE . 7.01 -18.69 4.73
CA5 CDL JE . 6.79 -19.12 5.97
OA7 CDL JE . 5.93 -19.89 6.26
C11 CDL JE . 7.84 -18.59 6.91
C12 CDL JE . 7.82 -17.10 7.20
C13 CDL JE . 8.92 -16.71 8.18
C14 CDL JE . 8.69 -17.19 9.60
C15 CDL JE . 9.80 -16.86 10.59
C16 CDL JE . 11.13 -17.52 10.24
C17 CDL JE . 12.07 -17.66 11.41
C18 CDL JE . 13.45 -18.15 11.01
C19 CDL JE . 14.20 -18.91 12.08
C20 CDL JE . 15.30 -18.12 12.76
C21 CDL JE . 14.80 -16.91 13.55
C22 CDL JE . 15.83 -16.39 14.53
C23 CDL JE . 15.39 -15.17 15.32
C24 CDL JE . 15.36 -13.89 14.51
C25 CDL JE . 15.18 -12.64 15.35
C26 CDL JE . 15.12 -11.36 14.55
C27 CDL JE . 14.99 -10.13 15.42
CA6 CDL JE . 7.39 -19.01 2.41
OA8 CDL JE . 8.68 -18.44 2.76
CA7 CDL JE . 9.67 -19.31 2.95
OA9 CDL JE . 9.55 -20.49 2.94
C31 CDL JE . 10.96 -18.57 3.15
C32 CDL JE . 11.46 -18.62 4.59
C33 CDL JE . 12.62 -17.69 4.83
C34 CDL JE . 13.21 -17.78 6.22
C35 CDL JE . 14.11 -16.63 6.58
C36 CDL JE . 14.93 -16.87 7.82
C37 CDL JE . 15.53 -15.63 8.44
C38 CDL JE . 16.64 -15.90 9.44
C39 CDL JE . 17.87 -16.55 8.83
C40 CDL JE . 19.14 -16.39 9.65
C41 CDL JE . 19.08 -17.06 11.02
C42 CDL JE . 18.95 -16.08 12.18
C43 CDL JE . 19.35 -16.67 13.51
C44 CDL JE . 20.86 -16.77 13.71
C45 CDL JE . 21.28 -17.97 14.54
C46 CDL JE . 22.71 -17.93 15.04
C47 CDL JE . 22.99 -19.01 16.05
CB2 CDL JE . 4.10 -19.70 -0.21
OB2 CDL JE . 3.58 -18.46 -0.75
PB2 CDL JE . 2.74 -17.53 0.21
OB3 CDL JE . 2.31 -16.35 -0.57
OB4 CDL JE . 1.71 -18.33 0.92
OB5 CDL JE . 3.79 -17.03 1.29
CB3 CDL JE . 4.83 -16.10 0.93
CB4 CDL JE . 5.19 -15.34 2.17
OB6 CDL JE . 4.65 -14.00 2.11
CB5 CDL JE . 5.19 -13.13 1.25
OB7 CDL JE . 5.82 -13.46 0.28
C51 CDL JE . 4.94 -11.72 1.67
C52 CDL JE . 5.63 -10.70 0.79
C53 CDL JE . 5.28 -9.28 1.20
C54 CDL JE . 6.10 -8.23 0.49
C55 CDL JE . 5.59 -6.81 0.66
C56 CDL JE . 6.57 -5.75 0.18
C57 CDL JE . 6.00 -4.35 0.11
C58 CDL JE . 5.07 -4.11 -1.08
C59 CDL JE . 5.74 -4.18 -2.44
C60 CDL JE . 6.95 -3.27 -2.58
C61 CDL JE . 6.71 -1.82 -2.17
C62 CDL JE . 5.71 -1.08 -3.04
C63 CDL JE . 6.33 -0.40 -4.26
C64 CDL JE . 7.04 0.91 -3.97
C65 CDL JE . 7.53 1.61 -5.22
C66 CDL JE . 8.08 3.01 -5.02
C67 CDL JE . 7.86 3.88 -6.24
CB6 CDL JE . 6.68 -15.23 2.29
OB8 CDL JE . 7.09 -14.12 3.11
CB7 CDL JE . 7.18 -14.32 4.42
OB9 CDL JE . 6.48 -15.09 5.03
C71 CDL JE . 8.31 -13.53 4.99
C72 CDL JE . 9.65 -14.05 4.47
C73 CDL JE . 10.80 -13.09 4.68
C74 CDL JE . 11.07 -12.74 6.13
C75 CDL JE . 11.76 -11.41 6.34
C76 CDL JE . 13.26 -11.44 6.12
C77 CDL JE . 14.00 -10.26 6.72
C78 CDL JE . 15.50 -10.41 6.75
C79 CDL JE . 16.23 -9.63 5.67
C80 CDL JE . 16.48 -8.18 6.03
C81 CDL JE . 17.68 -7.95 6.93
C82 CDL JE . 18.20 -6.53 6.91
C83 CDL JE . 19.48 -6.32 7.68
C84 CDL JE . 20.11 -4.95 7.47
C85 CDL JE . 21.21 -4.61 8.46
C86 CDL JE . 21.77 -3.21 8.29
C87 CDL JE . 22.68 -2.80 9.42
C1 CDL KE . 5.52 -29.98 -0.25
O1 CDL KE . 4.64 -30.06 0.88
CA2 CDL KE . 5.14 -31.05 -1.24
OA2 CDL KE . 6.24 -31.27 -2.13
PA1 CDL KE . 5.95 -31.69 -3.64
OA3 CDL KE . 7.25 -32.02 -4.24
OA4 CDL KE . 4.86 -32.69 -3.67
OA5 CDL KE . 5.41 -30.37 -4.34
CA3 CDL KE . 5.87 -29.99 -5.65
CA4 CDL KE . 6.74 -28.77 -5.52
OA6 CDL KE . 8.08 -29.12 -6.02
CA5 CDL KE . 8.55 -28.45 -7.07
OA7 CDL KE . 7.97 -27.54 -7.60
C11 CDL KE . 9.89 -28.99 -7.48
C12 CDL KE . 10.80 -27.93 -8.06
C13 CDL KE . 11.10 -26.84 -7.07
C14 CDL KE . 12.08 -25.81 -7.60
C15 CDL KE . 11.45 -24.81 -8.54
C16 CDL KE . 12.43 -23.75 -9.02
C17 CDL KE . 11.78 -22.43 -9.37
C18 CDL KE . 11.28 -21.64 -8.17
C19 CDL KE . 12.39 -21.08 -7.29
C20 CDL KE . 12.12 -21.21 -5.79
C21 CDL KE . 12.32 -22.62 -5.23
C22 CDL KE . 13.79 -23.07 -5.22
C23 CDL KE . 14.03 -24.39 -4.49
C24 CDL KE . 13.96 -24.28 -2.97
C25 CDL KE . 15.12 -23.54 -2.34
C26 CDL KE . 15.31 -23.87 -0.88
C27 CDL KE . 16.30 -22.96 -0.18
CA6 CDL KE . 6.92 -28.36 -4.08
OA8 CDL KE . 7.43 -27.01 -4.10
CA7 CDL KE . 7.86 -26.53 -2.95
OA9 CDL KE . 8.03 -27.20 -1.97
C31 CDL KE . 8.07 -25.05 -3.02
C32 CDL KE . 7.57 -24.38 -1.76
C33 CDL KE . 7.32 -22.91 -1.94
C34 CDL KE . 8.54 -22.10 -2.33
C35 CDL KE . 8.29 -20.62 -2.45
C36 CDL KE . 7.95 -19.95 -1.13
C37 CDL KE . 7.48 -18.51 -1.27
C38 CDL KE . 8.60 -17.50 -1.37
C39 CDL KE . 9.37 -17.30 -0.08
C40 CDL KE . 10.37 -16.15 -0.11
C41 CDL KE . 9.72 -14.79 0.10
C42 CDL KE . 10.64 -13.61 -0.11
C43 CDL KE . 11.60 -13.74 -1.29
C44 CDL KE . 12.13 -12.41 -1.82
C45 CDL KE . 12.62 -11.45 -0.75
C46 CDL KE . 13.23 -10.18 -1.31
C47 CDL KE . 13.54 -9.14 -0.26
CB2 CDL KE . 6.94 -30.09 0.25
OB2 CDL KE . 7.25 -31.49 0.43
PB2 CDL KE . 8.18 -31.96 1.65
OB3 CDL KE . 7.39 -31.90 2.88
OB4 CDL KE . 8.86 -33.22 1.28
OB5 CDL KE . 9.28 -30.81 1.77
CB3 CDL KE . 10.29 -30.65 0.77
CB4 CDL KE . 11.23 -29.58 1.22
OB6 CDL KE . 11.34 -28.65 0.11
CB5 CDL KE . 11.48 -27.35 0.39
OB7 CDL KE . 11.89 -26.94 1.45
C51 CDL KE . 11.01 -26.49 -0.73
C52 CDL KE . 11.63 -25.10 -0.77
C53 CDL KE . 10.99 -24.13 0.20
C54 CDL KE . 11.94 -23.10 0.80
C55 CDL KE . 12.37 -21.97 -0.13
C56 CDL KE . 13.33 -21.02 0.56
C57 CDL KE . 13.96 -19.99 -0.35
C58 CDL KE . 15.02 -19.15 0.33
C59 CDL KE . 14.48 -18.17 1.36
C60 CDL KE . 15.55 -17.42 2.14
C61 CDL KE . 16.24 -18.27 3.20
C62 CDL KE . 17.12 -17.49 4.16
C63 CDL KE . 17.49 -18.28 5.41
C64 CDL KE . 18.88 -18.91 5.37
C65 CDL KE . 19.19 -19.67 4.11
C66 CDL KE . 20.43 -20.55 4.22
C67 CDL KE . 20.14 -21.86 4.91
CB6 CDL KE . 12.57 -30.14 1.60
OB8 CDL KE . 13.42 -29.02 1.90
CB7 CDL KE . 14.35 -29.19 2.84
OB9 CDL KE . 14.64 -30.26 3.31
C71 CDL KE . 14.97 -27.88 3.22
C72 CDL KE . 16.42 -27.75 2.77
C73 CDL KE . 16.89 -26.31 2.73
C74 CDL KE . 18.35 -26.17 2.33
C75 CDL KE . 18.78 -24.73 2.13
C76 CDL KE . 20.26 -24.60 1.78
C77 CDL KE . 20.68 -23.18 1.44
C78 CDL KE . 22.17 -23.01 1.23
C79 CDL KE . 23.01 -23.37 2.46
C80 CDL KE . 24.49 -23.03 2.32
C81 CDL KE . 25.32 -23.57 3.47
C82 CDL KE . 26.64 -22.86 3.67
C83 CDL KE . 27.35 -23.25 4.96
C84 CDL KE . 28.56 -22.39 5.28
C85 CDL KE . 29.16 -22.68 6.64
C86 CDL KE . 30.44 -21.93 6.94
C87 CDL KE . 31.01 -22.28 8.29
C27 PEE LE . -6.82 -29.86 75.44
C26 PEE LE . -6.00 -30.06 76.69
C25 PEE LE . -5.92 -28.83 77.56
C24 PEE LE . -5.24 -29.07 78.90
C23 PEE LE . -3.75 -29.20 78.83
C22 PEE LE . -3.11 -29.70 80.12
C21 PEE LE . -3.33 -28.80 81.32
C20 PEE LE . -2.79 -27.39 81.13
C19 PEE LE . -2.72 -26.57 82.40
C18 PEE LE . -2.31 -25.13 82.18
C17 PEE LE . -2.33 -24.31 83.45
C16 PEE LE . -1.01 -24.25 84.18
C15 PEE LE . 0.07 -23.45 83.46
C14 PEE LE . -0.36 -22.06 83.03
C13 PEE LE . -0.86 -21.18 84.16
C12 PEE LE . 0.22 -20.42 84.90
C11 PEE LE . 0.59 -19.13 84.20
C10 PEE LE . 1.13 -18.05 85.07
O4 PEE LE . 0.49 -17.37 85.83
O2 PEE LE . 2.42 -17.84 84.83
C2 PEE LE . 2.88 -16.46 84.72
C1 PEE LE . 3.69 -16.06 85.91
O3P PEE LE . 4.04 -14.67 85.75
P PEE LE . 3.90 -13.55 86.88
O2P PEE LE . 2.90 -14.07 87.91
O1P PEE LE . 3.57 -12.22 86.34
O4P PEE LE . 5.36 -13.56 87.58
C4 PEE LE . 6.03 -14.81 87.86
C5 PEE LE . 7.32 -14.55 88.59
N PEE LE . 7.85 -15.81 89.18
C3 PEE LE . 3.68 -16.45 83.45
O3 PEE LE . 2.85 -17.09 82.45
C30 PEE LE . 1.86 -16.37 81.94
O5 PEE LE . 1.69 -15.20 82.18
C31 PEE LE . 0.98 -17.18 81.05
C32 PEE LE . -0.49 -16.82 81.24
C33 PEE LE . -1.41 -17.51 80.25
C34 PEE LE . -2.86 -17.49 80.66
C35 PEE LE . -3.34 -18.80 81.28
C36 PEE LE . -3.62 -19.87 80.26
C37 PEE LE . -4.07 -21.19 80.85
C38 PEE LE . -4.39 -22.25 79.81
C39 PEE LE . -3.19 -22.73 79.04
C40 PEE LE . -3.52 -23.67 77.90
C41 PEE LE . -2.29 -24.28 77.24
C42 PEE LE . -2.62 -25.20 76.07
C43 PEE LE . -1.45 -26.06 75.62
C44 PEE LE . -1.76 -26.97 74.45
C45 PEE LE . -0.67 -27.97 74.14
C46 PEE LE . -1.00 -28.93 73.02
C47 PEE LE . -1.00 -28.27 71.66
C27 PEE ME . -2.69 -42.27 103.76
C26 PEE ME . -3.29 -42.95 104.95
C25 PEE ME . -4.66 -43.54 104.66
C24 PEE ME . -4.67 -44.58 103.55
C23 PEE ME . -6.04 -45.13 103.26
C22 PEE ME . -6.12 -46.00 102.03
C21 PEE ME . -7.53 -46.41 101.66
C20 PEE ME . -7.63 -47.01 100.29
C19 PEE ME . -8.88 -47.85 100.06
C18 PEE ME . -8.65 -48.92 99.02
C17 PEE ME . -9.84 -49.81 98.77
C16 PEE ME . -9.54 -50.91 97.79
C15 PEE ME . -10.75 -51.54 97.17
C14 PEE ME . -10.42 -52.34 95.94
C13 PEE ME . -11.62 -52.97 95.28
C12 PEE ME . -12.58 -51.97 94.67
C11 PEE ME . -13.61 -52.70 93.82
C10 PEE ME . -14.55 -51.77 93.10
O4 PEE ME . -14.26 -50.69 92.67
O2 PEE ME . -15.75 -52.34 92.98
C2 PEE ME . -16.70 -51.73 92.05
C1 PEE ME . -17.33 -52.86 91.27
O3P PEE ME . -18.21 -53.58 92.14
P PEE ME . -19.39 -54.45 91.54
O2P PEE ME . -20.03 -55.21 92.69
O1P PEE ME . -18.95 -55.28 90.41
O4P PEE ME . -20.47 -53.35 91.08
C4 PEE ME . -20.90 -52.30 91.98
C5 PEE ME . -22.38 -52.10 91.87
N PEE ME . -22.79 -51.98 90.45
C3 PEE ME . -17.71 -50.95 92.83
O3 PEE ME . -17.12 -49.79 93.44
C30 PEE ME . -17.34 -48.62 92.84
O5 PEE ME . -17.71 -48.49 91.71
C31 PEE ME . -17.12 -47.48 93.80
C32 PEE ME . -16.65 -46.19 93.15
C33 PEE ME . -16.39 -45.08 94.17
C34 PEE ME . -15.32 -45.45 95.18
C35 PEE ME . -14.76 -44.26 95.96
C36 PEE ME . -13.65 -44.64 96.92
C37 PEE ME . -13.01 -43.47 97.63
C38 PEE ME . -11.82 -43.86 98.50
C39 PEE ME . -11.22 -42.70 99.26
C40 PEE ME . -10.09 -43.12 100.20
C41 PEE ME . -8.89 -42.20 100.18
C42 PEE ME . -7.71 -42.73 100.98
C43 PEE ME . -6.46 -41.88 100.90
C44 PEE ME . -5.92 -41.68 99.49
C45 PEE ME . -6.27 -40.34 98.89
C46 PEE ME . -5.20 -39.27 99.08
C47 PEE ME . -4.72 -39.18 100.51
C27 PEE NE . -1.65 -38.32 108.91
C26 PEE NE . -0.83 -37.92 110.13
C25 PEE NE . -1.01 -36.46 110.48
C24 PEE NE . 0.06 -35.91 111.42
C23 PEE NE . 1.15 -35.12 110.72
C22 PEE NE . 2.07 -35.95 109.83
C21 PEE NE . 1.70 -35.93 108.36
C20 PEE NE . 2.77 -36.53 107.45
C19 PEE NE . 2.28 -36.80 106.03
C18 PEE NE . 3.36 -37.28 105.08
C17 PEE NE . 2.84 -37.62 103.69
C16 PEE NE . 3.92 -37.76 102.63
C15 PEE NE . 4.37 -36.43 102.04
C14 PEE NE . 5.87 -36.20 102.10
C13 PEE NE . 6.39 -35.07 101.24
C12 PEE NE . 7.90 -34.91 101.31
C11 PEE NE . 8.48 -34.01 100.23
C10 PEE NE . 9.94 -34.28 100.01
O4 PEE NE . 10.82 -33.98 100.77
O2 PEE NE . 10.14 -34.93 98.84
C2 PEE NE . 11.27 -35.85 98.71
C1 PEE NE . 12.51 -35.13 98.24
O3P PEE NE . 13.25 -34.68 99.39
P PEE NE . 14.85 -34.56 99.43
O2P PEE NE . 15.36 -35.59 100.42
O1P PEE NE . 15.32 -33.21 99.74
O4P PEE NE . 15.40 -35.07 98.01
C4 PEE NE . 16.83 -35.02 97.79
C5 PEE NE . 17.29 -36.24 97.04
N PEE NE . 18.53 -36.78 97.65
C3 PEE NE . 11.50 -36.57 100.00
O3 PEE NE . 10.27 -37.17 100.46
C30 PEE NE . 10.02 -38.43 100.15
O5 PEE NE . 10.70 -39.08 99.39
C31 PEE NE . 8.82 -38.95 100.87
C32 PEE NE . 7.97 -39.92 100.07
C33 PEE NE . 6.54 -39.95 100.56
C34 PEE NE . 5.64 -40.95 99.83
C35 PEE NE . 5.94 -42.40 100.18
C36 PEE NE . 5.06 -43.39 99.45
C37 PEE NE . 5.10 -44.78 100.04
C38 PEE NE . 3.95 -45.67 99.62
C39 PEE NE . 3.76 -46.90 100.48
C40 PEE NE . 4.86 -47.95 100.33
C41 PEE NE . 4.45 -49.32 100.84
C42 PEE NE . 5.47 -50.41 100.55
C43 PEE NE . 6.74 -50.33 101.38
C44 PEE NE . 6.52 -50.50 102.87
C45 PEE NE . 5.75 -51.76 103.23
C46 PEE NE . 5.83 -52.15 104.69
C47 PEE NE . 5.16 -53.47 104.97
C01 AJP OE . 16.04 -57.68 85.53
C02 AJP OE . 15.66 -58.02 86.97
C03 AJP OE . 15.75 -59.50 87.19
C04 AJP OE . 15.37 -59.78 88.63
C05 AJP OE . 13.94 -59.29 88.91
C06 AJP OE . 13.55 -59.57 90.33
C07 AJP OE . 12.08 -59.15 90.24
C08 AJP OE . 11.68 -59.55 88.83
O09 AJP OE . 12.90 -60.11 88.22
C10 AJP OE . 10.38 -60.43 88.96
C11 AJP OE . 9.86 -59.82 90.30
C12 AJP OE . 11.09 -59.89 91.17
C13 AJP OE . 10.82 -59.13 92.45
C14 AJP OE . 9.69 -59.82 93.20
C15 AJP OE . 8.41 -59.88 92.33
C16 AJP OE . 8.69 -60.55 90.98
C17 AJP OE . 7.43 -60.49 90.14
C18 AJP OE . 6.29 -61.24 90.84
C19 AJP OE . 6.00 -60.61 92.20
C20 AJP OE . 7.26 -60.65 93.07
C21 AJP OE . 6.90 -59.93 94.38
C22 AJP OE . 5.75 -60.63 95.09
C23 AJP OE . 4.51 -60.70 94.22
C24 AJP OE . 4.83 -61.35 92.88
O25 AJP OE . 3.56 -61.51 94.93
C26 AJP OE . 2.16 -61.41 94.71
C27 AJP OE . 1.50 -62.43 95.56
C28 AJP OE . -0.02 -62.41 95.41
C29 AJP OE . -0.49 -60.99 95.12
C30 AJP OE . 0.42 -60.04 95.83
O31 AJP OE . 1.75 -60.13 95.21
C32 AJP OE . 0.04 -58.59 95.64
O33 AJP OE . 0.59 -58.12 94.42
O34 AJP OE . -0.37 -60.72 93.72
O77 AJP OE . -0.48 -63.24 94.33
O78 AJP OE . 1.97 -63.75 95.25
O79 AJP OE . 5.42 -59.93 96.29
C80 AJP OE . 7.71 -62.09 93.38
C81 AJP OE . 11.59 -61.32 91.51
O82 AJP OE . 10.64 -61.83 89.06
C83 AJP OE . 14.34 -58.79 91.38
O84 AJP OE . 13.85 -57.88 88.61
C85 AJP OE . 14.22 -57.58 87.24
P1 LPP PE . -11.55 -30.91 57.24
O2 LPP PE . -12.85 -30.70 56.47
O3 LPP PE . -10.38 -31.16 56.38
O4 LPP PE . -11.78 -32.05 58.22
O5 LPP PE . -11.34 -29.59 58.13
C6 LPP PE . -10.33 -28.60 57.82
C7 LPP PE . -9.82 -28.06 59.13
C8 LPP PE . -9.03 -29.10 59.88
O9 LPP PE . -8.88 -26.97 58.89
O27 LPP PE . -9.13 -28.84 61.29
C11 LPP PE . -9.31 -25.72 59.10
O10 LPP PE . -10.47 -25.39 59.15
C12 LPP PE . -8.16 -24.79 59.36
C13 LPP PE . -6.80 -25.45 59.18
C14 LPP PE . -6.42 -25.63 57.72
C15 LPP PE . -5.19 -24.85 57.29
C16 LPP PE . -5.27 -23.36 57.60
C17 LPP PE . -4.17 -22.55 56.95
C18 LPP PE . -3.68 -21.38 57.79
C19 LPP PE . -2.85 -20.37 57.02
C20 LPP PE . -2.00 -19.48 57.89
C21 LPP PE . -1.01 -18.61 57.13
C22 LPP PE . 0.13 -19.37 56.49
C23 LPP PE . 1.09 -18.49 55.70
C24 LPP PE . 2.05 -19.26 54.82
C25 LPP PE . 2.84 -18.38 53.86
C26 LPP PE . 3.70 -19.17 52.90
C29 LPP PE . -8.06 -29.11 62.04
O28 LPP PE . -6.96 -29.28 61.59
C30 LPP PE . -8.41 -29.21 63.49
C31 LPP PE . -7.83 -28.10 64.34
C32 LPP PE . -8.01 -28.36 65.83
C33 LPP PE . -7.26 -27.39 66.72
C34 LPP PE . -7.83 -25.98 66.71
C35 LPP PE . -6.83 -24.93 67.11
C36 LPP PE . -6.51 -24.88 68.59
C37 LPP PE . -5.33 -23.98 68.91
C38 LPP PE . -5.11 -23.74 70.39
C39 LPP PE . -5.37 -24.96 71.25
C40 LPP PE . -4.72 -24.91 72.62
C41 LPP PE . -5.08 -26.09 73.50
C42 LPP PE . -6.43 -25.98 74.20
C43 LPP PE . -6.45 -24.89 75.26
C44 LPP PE . -7.74 -24.86 76.05
C27 PEE QE . -4.95 -7.71 75.36
C26 PEE QE . -5.82 -7.27 76.50
C25 PEE QE . -7.29 -7.31 76.15
C24 PEE QE . -8.21 -7.02 77.32
C23 PEE QE . -9.67 -7.23 77.03
C22 PEE QE . -10.18 -6.45 75.83
C21 PEE QE . -9.89 -4.96 75.90
C20 PEE QE . -10.66 -4.13 74.91
C19 PEE QE . -10.33 -4.41 73.46
C18 PEE QE . -10.75 -3.30 72.51
C17 PEE QE . -12.24 -2.99 72.53
C16 PEE QE . -12.62 -1.77 71.72
C15 PEE QE . -12.19 -0.45 72.34
C14 PEE QE . -12.47 0.76 71.48
C13 PEE QE . -12.31 2.08 72.23
C12 PEE QE . -12.60 3.31 71.40
C11 PEE QE . -11.52 3.62 70.36
C10 PEE QE . -11.35 5.10 70.16
O4 PEE QE . -10.84 5.84 70.95
O2 PEE QE . -11.83 5.49 68.97
C2 PEE QE . -11.81 6.92 68.67
C1 PEE QE . -10.39 7.30 68.31
O3P PEE QE . -10.44 8.44 67.43
P PEE QE . -9.85 9.87 67.82
O2P PEE QE . -8.73 9.66 68.80
O1P PEE QE . -10.90 10.81 68.24
O4P PEE QE . -9.15 10.38 66.45
C4 PEE QE . -8.36 9.47 65.65
C5 PEE QE . -6.90 9.84 65.73
N PEE QE . -6.04 8.71 65.31
C3 PEE QE . -12.75 7.14 67.52
O3 PEE QE . -12.25 6.39 66.39
C30 PEE QE . -12.86 6.59 65.23
O5 PEE QE . -13.76 7.37 65.07
C31 PEE QE . -12.30 5.70 64.16
C32 PEE QE . -13.38 5.17 63.23
C33 PEE QE . -13.80 6.19 62.18
C34 PEE QE . -15.25 6.06 61.75
C35 PEE QE . -15.54 4.85 60.89
C36 PEE QE . -16.98 4.38 60.96
C37 PEE QE . -17.25 3.08 60.23
C38 PEE QE . -18.68 2.59 60.38
C39 PEE QE . -19.01 1.40 59.51
C40 PEE QE . -20.46 0.96 59.64
C41 PEE QE . -20.85 -0.17 58.70
C42 PEE QE . -22.29 -0.61 58.85
C43 PEE QE . -22.71 -1.70 57.90
C44 PEE QE . -24.16 -2.12 58.07
C45 PEE QE . -24.64 -3.12 57.03
C46 PEE QE . -26.05 -3.62 57.27
C47 PEE QE . -27.09 -2.54 57.16
P1 LPP RE . -8.74 5.70 64.04
O2 LPP RE . -9.02 5.93 62.57
O3 LPP RE . -9.47 6.63 64.93
O4 LPP RE . -7.22 5.74 64.25
O5 LPP RE . -9.18 4.20 64.36
C6 LPP RE . -8.97 3.68 65.69
C7 LPP RE . -9.57 2.31 65.77
C8 LPP RE . -11.07 2.35 65.88
O9 LPP RE . -9.26 1.59 64.53
O27 LPP RE . -11.50 0.96 65.90
C11 LPP RE . -9.05 0.28 64.61
O10 LPP RE . -8.93 -0.32 65.65
C12 LPP RE . -8.99 -0.35 63.25
C13 LPP RE . -10.28 -1.09 62.91
C14 LPP RE . -10.41 -2.40 63.63
C15 LPP RE . -11.78 -3.05 63.47
C16 LPP RE . -12.07 -4.14 64.47
C17 LPP RE . -13.36 -4.89 64.20
C18 LPP RE . -13.74 -5.86 65.30
C19 LPP RE . -15.10 -6.48 65.12
C20 LPP RE . -16.26 -5.53 65.40
C21 LPP RE . -17.63 -6.11 65.13
C22 LPP RE . -17.85 -6.54 63.69
C23 LPP RE . -19.19 -7.20 63.45
C24 LPP RE . -19.27 -7.93 62.12
C25 LPP RE . -20.58 -8.68 61.89
C26 LPP RE . -21.75 -7.76 61.64
C29 LPP RE . -12.59 0.66 66.60
O28 LPP RE . -13.30 1.47 67.12
C30 LPP RE . -12.78 -0.82 66.65
C31 LPP RE . -14.23 -1.24 66.68
C32 LPP RE . -14.85 -1.11 68.06
C33 LPP RE . -16.36 -1.22 68.06
C34 LPP RE . -16.88 -2.63 67.84
C35 LPP RE . -17.15 -3.37 69.13
C36 LPP RE . -17.85 -4.70 68.91
C37 LPP RE . -18.77 -5.08 70.05
C38 LPP RE . -19.62 -6.29 69.75
C39 LPP RE . -20.68 -6.55 70.79
C40 LPP RE . -21.68 -7.61 70.36
C41 LPP RE . -22.80 -7.84 71.36
C42 LPP RE . -22.35 -8.52 72.63
C43 LPP RE . -23.50 -8.95 73.51
C44 LPP RE . -23.03 -9.73 74.69
C1 CDL SE . 18.25 -83.16 66.92
O1 CDL SE . 18.37 -84.52 66.47
CA2 CDL SE . 18.92 -83.03 68.27
OA2 CDL SE . 18.50 -81.76 68.85
PA1 CDL SE . 18.21 -81.62 70.41
OA3 CDL SE . 16.94 -80.87 70.57
OA4 CDL SE . 18.38 -82.91 71.10
OA5 CDL SE . 19.40 -80.65 70.85
CA3 CDL SE . 19.19 -79.23 70.98
CA4 CDL SE . 20.48 -78.64 71.49
OA6 CDL SE . 20.45 -78.61 72.95
CA5 CDL SE . 20.75 -77.47 73.58
OA7 CDL SE . 20.15 -76.43 73.43
C11 CDL SE . 22.01 -77.64 74.36
C12 CDL SE . 22.06 -76.98 75.73
C13 CDL SE . 23.46 -77.10 76.32
C14 CDL SE . 24.43 -76.03 75.82
C15 CDL SE . 25.79 -76.07 76.49
C16 CDL SE . 26.63 -74.83 76.24
C17 CDL SE . 27.99 -74.86 76.92
C18 CDL SE . 28.73 -73.53 76.84
C19 CDL SE . 30.08 -73.55 77.53
C20 CDL SE . 30.76 -72.19 77.56
C21 CDL SE . 32.12 -72.19 78.22
C22 CDL SE . 32.73 -70.80 78.31
C23 CDL SE . 34.15 -70.78 78.85
C24 CDL SE . 34.74 -69.37 78.91
C25 CDL SE . 36.18 -69.33 79.38
C26 CDL SE . 36.74 -67.91 79.43
C27 CDL SE . 38.18 -67.87 79.87
CA6 CDL SE . 20.77 -77.28 70.90
OA8 CDL SE . 19.60 -76.43 70.92
CA7 CDL SE . 19.77 -75.16 70.55
OA9 CDL SE . 20.85 -74.62 70.49
C31 CDL SE . 18.48 -74.52 70.17
C32 CDL SE . 17.97 -73.50 71.17
C33 CDL SE . 18.44 -72.09 70.87
C34 CDL SE . 18.13 -71.09 71.97
C35 CDL SE . 18.54 -69.68 71.63
C36 CDL SE . 18.58 -68.73 72.82
C37 CDL SE . 18.96 -67.33 72.44
C38 CDL SE . 19.58 -66.50 73.55
C39 CDL SE . 20.26 -65.25 73.01
C40 CDL SE . 21.02 -64.45 74.04
C41 CDL SE . 22.01 -63.49 73.41
C42 CDL SE . 22.95 -62.83 74.40
C43 CDL SE . 24.04 -62.02 73.75
C44 CDL SE . 25.10 -61.51 74.71
C45 CDL SE . 26.19 -60.70 74.05
C46 CDL SE . 27.27 -60.19 74.99
C47 CDL SE . 26.77 -59.14 75.96
CB2 CDL SE . 18.85 -82.23 65.88
OB2 CDL SE . 17.91 -81.16 65.66
PB2 CDL SE . 18.46 -79.69 65.34
OB3 CDL SE . 19.52 -79.82 64.33
OB4 CDL SE . 17.30 -78.81 65.06
OB5 CDL SE . 19.15 -79.21 66.69
CB3 CDL SE . 20.35 -78.42 66.67
CB4 CDL SE . 19.99 -77.05 66.15
OB6 CDL SE . 21.19 -76.28 65.84
CB5 CDL SE . 21.96 -75.87 66.85
OB7 CDL SE . 22.09 -76.49 67.88
C51 CDL SE . 22.56 -74.53 66.57
C52 CDL SE . 22.58 -73.64 67.80
C53 CDL SE . 23.08 -72.25 67.48
C54 CDL SE . 23.54 -71.47 68.70
C55 CDL SE . 24.13 -70.12 68.36
C56 CDL SE . 24.89 -69.46 69.49
C57 CDL SE . 25.54 -68.15 69.11
C58 CDL SE . 26.39 -67.55 70.20
C59 CDL SE . 27.03 -66.22 69.82
C60 CDL SE . 27.97 -65.67 70.86
C61 CDL SE . 28.62 -64.35 70.47
C62 CDL SE . 29.63 -63.84 71.47
C63 CDL SE . 30.28 -62.54 71.07
C64 CDL SE . 31.34 -62.06 72.06
C65 CDL SE . 32.02 -60.77 71.65
C66 CDL SE . 33.10 -60.32 72.62
C67 CDL SE . 33.76 -59.03 72.20
CB6 CDL SE . 19.25 -76.27 67.20
OB8 CDL SE . 19.28 -74.84 66.97
CB7 CDL SE . 18.69 -74.36 65.88
OB9 CDL SE . 18.57 -74.96 64.85
C71 CDL SE . 18.12 -72.99 66.13
C72 CDL SE . 16.78 -72.79 65.44
C73 CDL SE . 15.96 -71.67 66.06
C74 CDL SE . 16.62 -70.32 66.03
C75 CDL SE . 15.68 -69.19 66.39
C76 CDL SE . 16.37 -67.97 66.96
C77 CDL SE . 16.96 -68.20 68.34
C78 CDL SE . 17.36 -66.93 69.05
C79 CDL SE . 18.59 -66.25 68.47
C80 CDL SE . 19.20 -65.22 69.40
C81 CDL SE . 20.39 -64.48 68.81
C82 CDL SE . 21.21 -63.72 69.85
C83 CDL SE . 22.30 -62.85 69.26
C84 CDL SE . 23.19 -62.22 70.32
C85 CDL SE . 24.28 -61.33 69.75
C86 CDL SE . 25.20 -60.76 70.81
C87 CDL SE . 26.30 -59.89 70.26
O12 PC1 TE . -2.81 -65.67 61.05
P PC1 TE . -2.54 -66.06 59.64
O14 PC1 TE . -2.59 -67.48 59.26
O13 PC1 TE . -3.52 -65.28 58.66
C11 PC1 TE . -3.86 -63.90 58.90
C12 PC1 TE . -5.30 -63.88 58.46
N PC1 TE . -5.57 -63.29 57.10
C13 PC1 TE . -7.03 -63.42 56.78
C14 PC1 TE . -5.20 -61.85 57.09
C15 PC1 TE . -4.78 -64.01 56.06
O11 PC1 TE . -1.10 -65.53 59.22
C1 PC1 TE . 0.06 -66.12 59.82
C2 PC1 TE . 0.61 -65.13 60.80
O21 PC1 TE . 0.64 -63.83 60.15
C21 PC1 TE . 1.56 -62.95 60.51
O22 PC1 TE . 2.75 -63.13 60.41
C22 PC1 TE . 0.93 -61.75 61.11
C23 PC1 TE . 1.76 -61.16 62.22
C24 PC1 TE . 2.61 -60.01 61.76
C25 PC1 TE . 2.79 -58.98 62.83
C26 PC1 TE . 3.78 -57.88 62.51
C27 PC1 TE . 3.99 -56.96 63.69
C28 PC1 TE . 5.18 -56.04 63.56
C29 PC1 TE . 5.60 -55.44 64.89
C2A PC1 TE . 6.94 -54.73 64.84
C2B PC1 TE . 6.88 -53.36 64.23
C2C PC1 TE . 8.24 -52.78 63.91
C2D PC1 TE . 8.24 -51.28 63.69
C2E PC1 TE . 9.57 -50.75 63.18
C2F PC1 TE . 9.70 -49.25 63.25
C2G PC1 TE . 8.96 -48.52 62.14
C2H PC1 TE . 9.72 -48.51 60.82
C2I PC1 TE . 8.97 -47.76 59.74
C3 PC1 TE . 1.93 -65.56 61.37
O31 PC1 TE . 2.08 -64.96 62.68
C31 PC1 TE . 2.67 -65.71 63.61
O32 PC1 TE . 3.16 -66.78 63.39
C32 PC1 TE . 2.62 -65.08 64.98
C33 PC1 TE . 2.85 -63.58 65.02
C34 PC1 TE . 3.04 -63.07 66.43
C35 PC1 TE . 3.28 -61.58 66.55
C36 PC1 TE . 4.74 -61.19 66.73
C37 PC1 TE . 4.92 -59.79 67.30
C38 PC1 TE . 6.36 -59.36 67.50
C39 PC1 TE . 6.50 -58.16 68.42
C3A PC1 TE . 7.90 -57.96 69.00
C3B PC1 TE . 7.91 -57.15 70.28
C3C PC1 TE . 9.27 -57.08 70.96
C3D PC1 TE . 10.30 -56.31 70.18
C3E PC1 TE . 11.61 -56.07 70.92
C3F PC1 TE . 12.61 -55.26 70.11
C3G PC1 TE . 13.77 -54.69 70.90
C3H PC1 TE . 14.81 -55.69 71.33
C3I PC1 TE . 16.20 -55.12 71.27
C1 CDL UE . 15.58 -45.03 110.43
O1 CDL UE . 15.74 -45.16 111.85
CA2 CDL UE . 14.39 -45.84 109.98
OA2 CDL UE . 14.59 -47.21 110.39
PA1 CDL UE . 14.19 -48.39 109.40
OA3 CDL UE . 15.28 -48.52 108.42
OA4 CDL UE . 13.80 -49.57 110.21
OA5 CDL UE . 12.90 -47.81 108.67
CA3 CDL UE . 11.88 -48.70 108.19
CA4 CDL UE . 10.63 -48.51 109.00
OA6 CDL UE . 10.22 -47.10 109.00
CA5 CDL UE . 9.95 -46.52 110.18
OA7 CDL UE . 10.74 -46.40 111.08
C11 CDL UE . 8.50 -46.16 110.25
C12 CDL UE . 7.79 -46.58 108.96
C13 CDL UE . 6.28 -46.39 109.00
C14 CDL UE . 5.59 -46.72 107.69
C15 CDL UE . 5.85 -45.70 106.59
C16 CDL UE . 5.46 -46.16 105.21
C17 CDL UE . 3.96 -46.35 105.02
C18 CDL UE . 3.59 -47.62 104.28
C19 CDL UE . 3.80 -48.89 105.09
C20 CDL UE . 2.73 -49.13 106.15
C21 CDL UE . 3.16 -50.11 107.22
C22 CDL UE . 2.01 -50.77 107.98
C23 CDL UE . 2.47 -51.48 109.24
C24 CDL UE . 1.34 -51.97 110.12
C25 CDL UE . 0.43 -52.99 109.48
C26 CDL UE . -0.53 -53.64 110.46
C27 CDL UE . -1.60 -54.48 109.78
CA6 CDL UE . 10.79 -49.03 110.41
OA8 CDL UE . 10.65 -50.46 110.30
CA7 CDL UE . 10.92 -51.17 111.38
OA9 CDL UE . 11.81 -50.94 112.13
C31 CDL UE . 9.87 -52.24 111.55
C32 CDL UE . 10.33 -53.64 111.19
C33 CDL UE . 9.17 -54.61 111.26
C34 CDL UE . 9.60 -56.04 111.08
C35 CDL UE . 8.49 -57.04 111.30
C36 CDL UE . 8.97 -58.47 111.19
C37 CDL UE . 7.91 -59.50 111.46
C38 CDL UE . 8.49 -60.91 111.59
C39 CDL UE . 9.20 -61.40 110.34
C40 CDL UE . 9.86 -62.74 110.51
C41 CDL UE . 10.57 -63.24 109.27
C42 CDL UE . 11.26 -64.57 109.46
C43 CDL UE . 11.91 -65.11 108.19
C44 CDL UE . 12.54 -66.47 108.37
C45 CDL UE . 13.19 -67.02 107.11
C46 CDL UE . 13.86 -68.37 107.28
C47 CDL UE . 14.49 -68.88 106.01
CB2 CDL UE . 15.44 -43.57 110.07
OB2 CDL UE . 15.49 -43.49 108.64
PB2 CDL UE . 15.06 -42.15 107.89
OB3 CDL UE . 15.00 -41.05 108.89
OB4 CDL UE . 15.89 -42.01 106.68
OB5 CDL UE . 13.57 -42.52 107.45
CB3 CDL UE . 13.45 -43.50 106.42
CB4 CDL UE . 12.01 -43.84 106.17
OB6 CDL UE . 11.30 -43.48 107.39
CB5 CDL UE . 10.00 -43.19 107.27
OB7 CDL UE . 9.20 -43.86 106.66
C51 CDL UE . 9.71 -41.85 107.90
C52 CDL UE . 8.29 -41.36 107.74
C53 CDL UE . 7.94 -40.95 106.31
C54 CDL UE . 6.82 -41.77 105.69
C55 CDL UE . 6.10 -41.08 104.56
C56 CDL UE . 4.99 -41.92 103.94
C57 CDL UE . 4.01 -41.12 103.10
C58 CDL UE . 3.01 -41.96 102.31
C59 CDL UE . 2.00 -41.14 101.53
C60 CDL UE . 0.85 -40.63 102.36
C61 CDL UE . 0.30 -39.28 101.92
C62 CDL UE . -0.44 -39.29 100.60
C63 CDL UE . -1.11 -37.96 100.28
C64 CDL UE . -1.71 -37.88 98.89
C65 CDL UE . -2.57 -36.65 98.67
C66 CDL UE . -3.30 -36.62 97.34
C67 CDL UE . -4.25 -35.45 97.24
CB6 CDL UE . 11.89 -45.30 105.86
OB8 CDL UE . 10.78 -45.60 104.98
CB7 CDL UE . 10.17 -46.75 105.20
OB9 CDL UE . 9.85 -47.13 106.30
C71 CDL UE . 10.08 -47.56 103.95
C72 CDL UE . 9.99 -46.73 102.68
C73 CDL UE . 9.94 -47.61 101.44
C74 CDL UE . 10.22 -46.86 100.15
C75 CDL UE . 9.06 -46.02 99.66
C76 CDL UE . 9.39 -45.21 98.43
C77 CDL UE . 8.18 -44.56 97.78
C78 CDL UE . 8.53 -43.71 96.57
C79 CDL UE . 8.94 -42.29 96.90
C80 CDL UE . 10.08 -41.76 96.05
C81 CDL UE . 11.42 -42.42 96.33
C82 CDL UE . 11.95 -42.17 97.73
C83 CDL UE . 13.26 -42.84 98.02
C84 CDL UE . 13.60 -42.89 99.49
C85 CDL UE . 12.79 -43.89 100.27
C86 CDL UE . 13.21 -44.04 101.71
C87 CDL UE . 12.98 -42.80 102.52
C1 CDL VE . 7.41 -48.61 120.43
O1 CDL VE . 6.04 -48.57 120.03
CA2 CDL VE . 8.28 -48.36 119.22
OA2 CDL VE . 8.13 -49.46 118.30
PA1 CDL VE . 8.73 -49.37 116.83
OA3 CDL VE . 9.47 -48.10 116.72
OA4 CDL VE . 9.41 -50.64 116.49
OA5 CDL VE . 7.40 -49.25 115.95
CA3 CDL VE . 7.50 -49.08 114.53
CA4 CDL VE . 6.88 -50.25 113.82
OA6 CDL VE . 6.60 -49.74 112.49
CA5 CDL VE . 6.75 -50.56 111.43
OA7 CDL VE . 6.74 -51.77 111.52
C11 CDL VE . 7.00 -49.78 110.18
C12 CDL VE . 7.30 -50.61 108.95
C13 CDL VE . 6.07 -51.30 108.39
C14 CDL VE . 6.04 -52.81 108.57
C15 CDL VE . 7.21 -53.54 107.95
C16 CDL VE . 7.06 -55.05 107.96
C17 CDL VE . 8.31 -55.80 107.55
C18 CDL VE . 8.15 -57.30 107.56
C19 CDL VE . 9.45 -58.05 107.35
C20 CDL VE . 9.25 -59.53 107.08
C21 CDL VE . 10.56 -60.29 106.91
C22 CDL VE . 10.41 -61.57 106.13
C23 CDL VE . 11.71 -62.29 105.87
C24 CDL VE . 11.58 -63.53 105.00
C25 CDL VE . 12.89 -64.22 104.73
C26 CDL VE . 12.74 -65.50 103.91
C27 CDL VE . 14.06 -66.20 103.67
CA6 CDL VE . 5.60 -50.71 114.45
OA8 CDL VE . 5.58 -52.16 114.53
CA7 CDL VE . 6.35 -52.72 115.45
OA9 CDL VE . 7.15 -52.12 116.11
C31 CDL VE . 6.07 -54.18 115.60
C32 CDL VE . 6.57 -55.04 114.46
C33 CDL VE . 6.59 -56.52 114.80
C34 CDL VE . 7.76 -56.92 115.70
C35 CDL VE . 7.60 -58.30 116.32
C36 CDL VE . 7.57 -59.43 115.33
C37 CDL VE . 7.25 -60.78 115.97
C38 CDL VE . 7.26 -61.93 115.00
C39 CDL VE . 8.63 -62.55 114.78
C40 CDL VE . 8.61 -63.76 113.87
C41 CDL VE . 9.97 -64.41 113.68
C42 CDL VE . 9.94 -65.63 112.78
C43 CDL VE . 11.29 -66.28 112.57
C44 CDL VE . 11.24 -67.51 111.68
C45 CDL VE . 12.59 -68.17 111.48
C46 CDL VE . 12.52 -69.40 110.58
C47 CDL VE . 13.87 -70.05 110.38
CB2 CDL VE . 7.63 -47.64 121.55
OB2 CDL VE . 6.35 -47.26 122.09
PB2 CDL VE . 5.79 -45.76 122.00
OB3 CDL VE . 5.25 -45.42 123.34
OB4 CDL VE . 6.81 -44.87 121.39
OB5 CDL VE . 4.55 -45.86 121.01
CB3 CDL VE . 3.44 -44.95 121.17
CB4 CDL VE . 2.23 -45.76 121.56
OB6 CDL VE . 2.00 -46.66 120.44
CB5 CDL VE . 1.59 -47.90 120.72
OB7 CDL VE . 1.13 -48.25 121.77
C51 CDL VE . 1.79 -48.80 119.53
C52 CDL VE . 0.75 -49.88 119.39
C53 CDL VE . -0.67 -49.34 119.35
C54 CDL VE . -1.69 -50.39 118.97
C55 CDL VE . -1.74 -50.71 117.50
C56 CDL VE . -2.57 -51.92 117.16
C57 CDL VE . -1.84 -53.24 117.35
C58 CDL VE . -2.73 -54.46 117.25
C59 CDL VE . -2.00 -55.72 116.87
C60 CDL VE . -2.79 -56.99 117.10
C61 CDL VE . -4.20 -56.96 116.51
C62 CDL VE . -5.31 -56.72 117.52
C63 CDL VE . -5.41 -57.81 118.57
C64 CDL VE . -6.74 -57.91 119.29
C65 CDL VE . -6.81 -59.09 120.24
C66 CDL VE . -8.22 -59.51 120.63
C67 CDL VE . -8.25 -60.86 121.32
CB6 CDL VE . 1.02 -44.89 121.76
OB8 CDL VE . 0.18 -45.46 122.79
CB7 CDL VE . -0.90 -44.76 123.14
OB9 CDL VE . -1.19 -43.70 122.65
C71 CDL VE . -1.71 -45.46 124.20
C72 CDL VE . -1.05 -45.42 125.58
C73 CDL VE . -2.00 -45.72 126.73
C74 CDL VE . -3.02 -46.79 126.44
C75 CDL VE . -3.59 -47.43 127.69
C76 CDL VE . -4.99 -47.99 127.54
C77 CDL VE . -6.09 -46.93 127.59
C78 CDL VE . -7.12 -47.04 126.49
C79 CDL VE . -6.55 -46.76 125.10
C80 CDL VE . -7.59 -46.77 124.00
C81 CDL VE . -6.99 -46.60 122.62
C82 CDL VE . -8.01 -46.60 121.50
C83 CDL VE . -8.91 -45.38 121.48
C84 CDL VE . -9.64 -45.16 120.18
C85 CDL VE . -8.74 -44.95 118.97
C86 CDL VE . -7.72 -43.83 119.11
C87 CDL VE . -6.41 -44.27 119.73
C1 CDL WE . -5.44 -73.74 104.32
O1 CDL WE . -5.17 -72.36 104.07
CA2 CDL WE . -4.76 -74.59 103.27
OA2 CDL WE . -4.37 -73.75 102.16
PA1 CDL WE . -4.56 -74.29 100.67
OA3 CDL WE . -4.42 -75.76 100.70
OA4 CDL WE . -5.77 -73.68 100.08
OA5 CDL WE . -3.28 -73.73 99.92
CA3 CDL WE . -2.02 -73.64 100.61
CA4 CDL WE . -1.69 -72.20 100.80
OA6 CDL WE . -0.35 -71.98 100.26
CA5 CDL WE . -0.06 -70.75 99.82
OA7 CDL WE . -0.59 -69.75 100.22
C11 CDL WE . 0.95 -70.81 98.73
C12 CDL WE . 0.64 -69.79 97.63
C13 CDL WE . 1.76 -69.68 96.61
C14 CDL WE . 1.69 -68.41 95.79
C15 CDL WE . 2.93 -68.12 94.99
C16 CDL WE . 2.96 -66.73 94.38
C17 CDL WE . 4.28 -66.37 93.71
C18 CDL WE . 5.32 -65.84 94.66
C19 CDL WE . 6.69 -65.66 94.05
C20 CDL WE . 7.71 -65.08 95.02
C21 CDL WE . 9.11 -64.94 94.46
C22 CDL WE . 10.02 -64.11 95.33
C23 CDL WE . 11.29 -63.65 94.63
C24 CDL WE . 12.17 -64.78 94.15
C25 CDL WE . 13.40 -64.32 93.39
C26 CDL WE . 14.39 -63.54 94.24
C27 CDL WE . 15.66 -63.21 93.49
CA6 CDL WE . -1.78 -71.77 102.24
OA8 CDL WE . -0.71 -72.30 103.05
CA7 CDL WE . -1.11 -72.87 104.19
OA9 CDL WE . -1.73 -73.90 104.24
C31 CDL WE . -0.84 -71.95 105.34
C32 CDL WE . -2.16 -71.27 105.71
C33 CDL WE . -2.66 -71.68 107.08
C34 CDL WE . -2.01 -70.92 108.20
C35 CDL WE . -2.52 -71.28 109.56
C36 CDL WE . -1.86 -70.49 110.67
C37 CDL WE . -1.99 -71.15 112.03
C38 CDL WE . -1.40 -70.34 113.15
C39 CDL WE . -1.38 -71.07 114.48
C40 CDL WE . -0.54 -72.34 114.46
C41 CDL WE . -0.20 -72.88 115.84
C42 CDL WE . -1.33 -73.64 116.50
C43 CDL WE . -1.06 -73.95 117.96
C44 CDL WE . -2.17 -74.71 118.67
C45 CDL WE . -1.84 -75.03 120.12
C46 CDL WE . -2.84 -75.95 120.79
C47 CDL WE . -2.42 -76.33 122.19
CB2 CDL WE . -4.99 -74.07 105.72
OB2 CDL WE . -5.70 -73.23 106.65
PB2 CDL WE . -6.89 -73.85 107.52
OB3 CDL WE . -7.59 -74.83 106.66
OB4 CDL WE . -6.34 -74.28 108.82
OB5 CDL WE . -7.89 -72.64 107.77
CB3 CDL WE . -8.25 -71.75 106.68
CB4 CDL WE . -7.84 -70.35 107.06
OB6 CDL WE . -6.44 -70.21 106.68
CB5 CDL WE . -6.02 -69.01 106.25
OB7 CDL WE . -6.72 -68.03 106.23
C51 CDL WE . -4.61 -69.09 105.75
C52 CDL WE . -4.13 -67.80 105.09
C53 CDL WE . -2.97 -68.06 104.15
C54 CDL WE . -2.61 -66.90 103.26
C55 CDL WE . -1.49 -67.24 102.29
C56 CDL WE . -1.07 -66.09 101.40
C57 CDL WE . 0.16 -66.40 100.58
C58 CDL WE . 0.54 -65.31 99.60
C59 CDL WE . 1.86 -65.54 98.90
C60 CDL WE . 2.63 -64.26 98.68
C61 CDL WE . 4.02 -64.44 98.10
C62 CDL WE . 4.78 -63.12 98.15
C63 CDL WE . 6.26 -63.20 97.84
C64 CDL WE . 7.04 -62.04 98.42
C65 CDL WE . 8.28 -61.68 97.64
C66 CDL WE . 8.92 -60.37 98.09
C67 CDL WE . 10.05 -59.94 97.20
CB6 CDL WE . -7.95 -70.10 108.54
OB8 CDL WE . -7.57 -68.72 108.75
CB7 CDL WE . -7.55 -68.29 110.01
OB9 CDL WE . -7.84 -68.97 110.95
C71 CDL WE . -7.10 -66.87 110.08
C72 CDL WE . -7.88 -66.06 111.11
C73 CDL WE . -7.42 -64.62 111.17
C74 CDL WE . -8.50 -63.64 111.55
C75 CDL WE . -8.33 -62.28 110.91
C76 CDL WE . -9.36 -61.26 111.32
C77 CDL WE . -9.31 -60.00 110.49
C78 CDL WE . -10.25 -58.92 110.96
C79 CDL WE . -9.69 -58.04 112.05
C80 CDL WE . -10.41 -56.71 112.17
C81 CDL WE . -9.90 -55.82 113.29
C82 CDL WE . -10.58 -54.47 113.33
C83 CDL WE . -10.49 -53.75 114.67
C84 CDL WE . -11.52 -52.67 114.85
C85 CDL WE . -11.65 -52.16 116.27
C86 CDL WE . -12.43 -53.10 117.17
C87 CDL WE . -12.75 -52.46 118.51
C1 CDL XE . -1.25 -68.19 78.11
O1 CDL XE . -2.58 -68.70 77.98
CA2 CDL XE . -0.27 -69.22 77.60
OA2 CDL XE . 1.05 -68.65 77.67
PA1 CDL XE . 2.10 -69.00 76.53
OA3 CDL XE . 1.57 -68.42 75.28
OA4 CDL XE . 2.38 -70.45 76.58
OA5 CDL XE . 3.43 -68.21 76.88
CA3 CDL XE . 4.19 -67.74 75.75
CA4 CDL XE . 5.47 -67.06 76.19
OA6 CDL XE . 5.75 -67.30 77.60
CA5 CDL XE . 6.68 -68.21 77.89
OA7 CDL XE . 6.89 -69.20 77.23
C11 CDL XE . 7.48 -67.77 79.07
C12 CDL XE . 8.64 -68.70 79.41
C13 CDL XE . 8.17 -70.00 80.01
C14 CDL XE . 9.20 -70.70 80.87
C15 CDL XE . 8.67 -71.06 82.25
C16 CDL XE . 9.59 -71.96 83.06
C17 CDL XE . 10.63 -71.24 83.90
C18 CDL XE . 11.72 -70.54 83.11
C19 CDL XE . 12.52 -71.45 82.20
C20 CDL XE . 13.65 -70.77 81.46
C21 CDL XE . 14.54 -71.72 80.69
C22 CDL XE . 15.71 -71.07 80.00
C23 CDL XE . 16.67 -72.07 79.37
C24 CDL XE . 17.89 -71.46 78.71
C25 CDL XE . 18.75 -72.47 77.97
C26 CDL XE . 19.71 -71.87 76.96
C27 CDL XE . 20.46 -72.92 76.19
CA6 CDL XE . 5.35 -65.58 76.05
OA8 CDL XE . 6.64 -64.96 76.27
CA7 CDL XE . 7.53 -65.04 75.28
OA9 CDL XE . 7.42 -65.78 74.35
C31 CDL XE . 8.64 -64.06 75.46
C32 CDL XE . 9.99 -64.59 74.99
C33 CDL XE . 11.13 -63.65 75.34
C34 CDL XE . 12.50 -64.28 75.16
C35 CDL XE . 13.48 -63.85 76.24
C36 CDL XE . 14.80 -64.59 76.17
C37 CDL XE . 15.82 -64.08 77.18
C38 CDL XE . 17.19 -64.69 77.03
C39 CDL XE . 18.31 -63.71 77.35
C40 CDL XE . 19.69 -64.34 77.40
C41 CDL XE . 20.80 -63.31 77.54
C42 CDL XE . 22.19 -63.89 77.67
C43 CDL XE . 23.26 -62.84 77.85
C44 CDL XE . 24.68 -63.39 77.77
C45 CDL XE . 25.74 -62.35 78.08
C46 CDL XE . 27.15 -62.81 77.80
C47 CDL XE . 28.19 -61.81 78.26
CB2 CDL XE . -1.02 -67.84 79.56
OB2 CDL XE . -0.73 -69.04 80.29
PB2 CDL XE . -0.27 -68.94 81.79
OB3 CDL XE . -1.09 -67.88 82.42
OB4 CDL XE . -0.27 -70.29 82.39
OB5 CDL XE . 1.23 -68.39 81.67
CB3 CDL XE . 2.26 -69.24 81.17
CB4 CDL XE . 3.53 -68.44 81.06
OB6 CDL XE . 3.96 -68.18 82.43
CB5 CDL XE . 4.64 -69.16 83.05
OB7 CDL XE . 5.08 -70.12 82.49
C51 CDL XE . 4.73 -68.89 84.51
C52 CDL XE . 5.71 -67.80 84.92
C53 CDL XE . 7.09 -68.00 84.35
C54 CDL XE . 7.25 -67.40 82.96
C55 CDL XE . 8.50 -66.56 82.82
C56 CDL XE . 9.79 -67.34 82.94
C57 CDL XE . 11.04 -66.52 82.77
C58 CDL XE . 12.24 -67.34 82.35
C59 CDL XE . 13.38 -66.52 81.77
C60 CDL XE . 14.41 -67.36 81.04
C61 CDL XE . 15.48 -66.57 80.32
C62 CDL XE . 16.41 -65.82 81.27
C63 CDL XE . 17.52 -65.07 80.57
C64 CDL XE . 18.47 -64.39 81.54
C65 CDL XE . 19.65 -63.72 80.86
C66 CDL XE . 20.59 -63.01 81.83
C67 CDL XE . 21.79 -62.43 81.15
CB6 CDL XE . 3.28 -67.10 80.42
OB8 CDL XE . 4.56 -66.41 80.35
CB7 CDL XE . 4.53 -65.18 79.83
OB9 CDL XE . 3.52 -64.61 79.52
C71 CDL XE . 5.91 -64.62 79.67
C72 CDL XE . 6.15 -63.39 80.53
C73 CDL XE . 7.38 -62.60 80.11
C74 CDL XE . 8.69 -63.34 80.34
C75 CDL XE . 9.20 -64.10 79.13
C76 CDL XE . 10.24 -65.15 79.46
C77 CDL XE . 10.76 -65.91 78.26
C78 CDL XE . 11.95 -66.79 78.55
C79 CDL XE . 12.42 -67.62 77.37
C80 CDL XE . 13.83 -68.13 77.51
C81 CDL XE . 14.37 -68.84 76.28
C82 CDL XE . 15.86 -69.06 76.32
C83 CDL XE . 16.37 -70.09 75.33
C84 CDL XE . 15.97 -71.52 75.67
C85 CDL XE . 16.67 -72.56 74.82
C86 CDL XE . 16.40 -74.00 75.23
C87 CDL XE . 17.26 -74.98 74.48
C1 CDL YE . -56.27 2.08 72.79
O1 CDL YE . -55.36 1.41 73.66
CA2 CDL YE . -56.53 3.47 73.31
OA2 CDL YE . -55.46 4.34 72.88
PA1 CDL YE . -55.73 5.91 72.67
OA3 CDL YE . -56.65 6.04 71.52
OA4 CDL YE . -56.10 6.52 73.97
OA5 CDL YE . -54.32 6.49 72.22
CA3 CDL YE . -53.40 5.67 71.48
CA4 CDL YE . -52.68 6.51 70.48
OA6 CDL YE . -51.80 5.63 69.73
CA5 CDL YE . -52.35 4.77 68.86
OA7 CDL YE . -53.53 4.71 68.65
C11 CDL YE . -51.31 3.92 68.20
C12 CDL YE . -50.04 4.68 67.86
C13 CDL YE . -48.98 4.61 68.94
C14 CDL YE . -47.82 5.57 68.70
C15 CDL YE . -46.58 5.31 69.53
C16 CDL YE . -45.54 6.41 69.40
C17 CDL YE . -44.30 6.24 70.27
C18 CDL YE . -43.33 7.40 70.11
C19 CDL YE . -42.00 7.22 70.84
C20 CDL YE . -41.00 8.32 70.54
C21 CDL YE . -39.59 8.02 70.99
C22 CDL YE . -38.58 9.08 70.58
C23 CDL YE . -37.14 8.73 70.95
C24 CDL YE . -36.14 9.80 70.56
C25 CDL YE . -34.70 9.40 70.81
C26 CDL YE . -33.68 10.49 70.50
C27 CDL YE . -32.26 10.03 70.67
CA6 CDL YE . -51.80 7.54 71.11
OA8 CDL YE . -50.67 6.85 71.69
CA7 CDL YE . -49.67 7.60 72.15
OA9 CDL YE . -49.67 8.81 72.12
C31 CDL YE . -48.57 6.75 72.70
C32 CDL YE . -47.17 7.21 72.35
C33 CDL YE . -46.59 8.17 73.36
C34 CDL YE . -45.12 8.51 73.13
C35 CDL YE . -44.54 9.48 74.15
C36 CDL YE . -45.00 10.90 73.96
C37 CDL YE . -44.64 11.83 75.11
C38 CDL YE . -43.18 12.24 75.14
C39 CDL YE . -42.82 13.17 76.29
C40 CDL YE . -43.65 14.45 76.33
C41 CDL YE . -43.11 15.52 77.27
C42 CDL YE . -41.80 16.13 76.82
C43 CDL YE . -40.58 15.63 77.59
C44 CDL YE . -40.48 16.20 78.99
C45 CDL YE . -39.98 17.63 79.07
C46 CDL YE . -40.03 18.19 80.47
C47 CDL YE . -39.43 19.56 80.60
CB2 CDL YE . -55.71 2.05 71.38
OB2 CDL YE . -54.99 0.82 71.20
PB2 CDL YE . -53.57 0.85 70.47
OB3 CDL YE . -53.11 -0.55 70.29
OB4 CDL YE . -53.64 1.75 69.30
OB5 CDL YE . -52.70 1.53 71.61
CB3 CDL YE . -51.29 1.75 71.42
CB4 CDL YE . -50.58 1.30 72.66
OB6 CDL YE . -49.67 2.38 73.04
CB5 CDL YE . -49.50 2.62 74.34
OB7 CDL YE . -50.03 1.99 75.22
C51 CDL YE . -48.56 3.76 74.56
C52 CDL YE . -48.24 4.02 76.02
C53 CDL YE . -47.28 5.18 76.22
C54 CDL YE . -45.97 5.01 75.48
C55 CDL YE . -44.89 5.95 75.94
C56 CDL YE . -43.56 5.75 75.22
C57 CDL YE . -42.46 6.69 75.68
C58 CDL YE . -41.13 6.41 75.02
C59 CDL YE . -40.02 7.34 75.46
C60 CDL YE . -39.50 7.09 76.86
C61 CDL YE . -38.49 8.13 77.31
C62 CDL YE . -37.88 7.88 78.67
C63 CDL YE . -37.07 9.07 79.16
C64 CDL YE . -36.33 8.85 80.46
C65 CDL YE . -35.87 10.15 81.11
C66 CDL YE . -34.71 10.84 80.44
C67 CDL YE . -34.39 12.17 81.08
CB6 CDL YE . -49.75 0.07 72.42
OB8 CDL YE . -48.63 0.10 73.34
CB7 CDL YE . -48.18 -1.07 73.79
OB9 CDL YE . -48.70 -2.13 73.56
C71 CDL YE . -46.94 -0.88 74.60
C72 CDL YE . -47.16 -0.15 75.91
C73 CDL YE . -45.88 0.48 76.43
C74 CDL YE . -44.77 -0.52 76.67
C75 CDL YE . -43.49 0.10 77.20
C76 CDL YE . -42.36 -0.91 77.30
C77 CDL YE . -41.21 -0.47 78.17
C78 CDL YE . -40.63 -1.58 79.02
C79 CDL YE . -39.41 -1.21 79.83
C80 CDL YE . -39.01 -2.28 80.82
C81 CDL YE . -37.63 -2.06 81.42
C82 CDL YE . -36.49 -2.48 80.50
C83 CDL YE . -35.13 -2.00 80.97
C84 CDL YE . -34.91 -2.15 82.47
C85 CDL YE . -33.48 -1.96 82.91
C86 CDL YE . -32.84 -0.64 82.49
C87 CDL YE . -31.39 -0.54 82.91
CU1 CUA ZE . 1.88 -4.35 107.64
CU2 CUA ZE . 0.15 -4.55 107.88
CU CU AF . -14.48 -12.10 93.47
MG MG BF . -5.09 -7.07 100.09
K K CF . -10.92 -0.17 119.72
FE HEA DF . -18.89 -10.45 109.04
CHA HEA DF . -15.72 -9.50 108.38
CHB HEA DF . -19.20 -7.90 111.24
CHC HEA DF . -22.08 -11.41 109.68
CHD HEA DF . -18.57 -12.97 106.83
NA HEA DF . -17.71 -9.01 109.68
C1A HEA DF . -16.43 -8.79 109.29
C2A HEA DF . -15.77 -7.64 109.94
C3A HEA DF . -16.84 -7.17 110.80
C4A HEA DF . -18.01 -8.05 110.59
CMA HEA DF . -16.78 -5.99 111.69
OMA HEA DF . -17.75 -5.61 112.31
CAA HEA DF . -14.39 -7.05 109.77
CBA HEA DF . -13.40 -7.59 110.78
CGA HEA DF . -12.13 -6.79 110.63
O1A HEA DF . -11.59 -6.32 111.65
O2A HEA DF . -11.67 -6.61 109.49
NB HEA DF . -20.34 -9.80 110.21
C1B HEA DF . -20.27 -8.72 111.06
C2B HEA DF . -21.54 -8.52 111.80
C3B HEA DF . -22.41 -9.56 111.32
C4B HEA DF . -21.60 -10.32 110.36
CMB HEA DF . -21.68 -7.39 112.78
NC HEA DF . -20.07 -11.89 108.40
C1C HEA DF . -21.36 -12.13 108.77
C2C HEA DF . -21.95 -13.30 108.07
C3C HEA DF . -20.88 -13.75 107.22
C4C HEA DF . -19.76 -12.84 107.48
CMC HEA DF . -23.37 -13.71 108.39
CAC HEA DF . -20.77 -14.87 106.23
CBC HEA DF . -21.77 -15.66 105.93
ND HEA DF . -17.46 -11.10 107.87
C1D HEA DF . -17.50 -12.16 107.02
C2D HEA DF . -16.23 -12.35 106.30
C3D HEA DF . -15.36 -11.31 106.76
C4D HEA DF . -16.21 -10.59 107.73
CMD HEA DF . -16.05 -13.48 105.31
CAD HEA DF . -13.94 -11.04 106.35
CBD HEA DF . -13.04 -11.81 107.34
CGD HEA DF . -11.65 -11.21 107.35
O1D HEA DF . -11.52 -10.02 107.68
O2D HEA DF . -10.70 -11.96 107.05
C11 HEA DF . -23.81 -9.96 111.66
O11 HEA DF . -24.04 -9.72 113.05
C12 HEA DF . -24.81 -9.19 110.83
C13 HEA DF . -26.24 -9.44 111.31
C14 HEA DF . -26.43 -10.92 111.55
C15 HEA DF . -26.99 -11.41 112.66
C16 HEA DF . -27.11 -12.91 112.81
C17 HEA DF . -28.18 -13.44 111.86
C18 HEA DF . -28.11 -14.95 111.86
C19 HEA DF . -27.25 -15.63 111.09
C20 HEA DF . -27.24 -17.14 111.15
C21 HEA DF . -28.45 -17.70 110.44
C22 HEA DF . -28.31 -19.20 110.33
C23 HEA DF . -29.20 -19.95 109.69
C24 HEA DF . -28.99 -21.44 109.61
C25 HEA DF . -30.38 -19.33 109.01
C26 HEA DF . -27.51 -10.53 113.76
C27 HEA DF . -26.28 -14.93 110.18
FE HEA EF . -17.95 -9.76 95.32
CHA HEA EF . -15.09 -8.89 96.92
CHB HEA EF . -17.12 -7.72 92.76
CHC HEA EF . -20.81 -10.63 93.73
CHD HEA EF . -18.74 -11.80 97.91
NA HEA EF . -16.44 -8.56 94.92
C1A HEA EF . -15.34 -8.33 95.70
C2A HEA EF . -14.36 -7.38 95.12
C3A HEA EF . -15.00 -7.05 93.88
C4A HEA EF . -16.27 -7.80 93.80
CMA HEA EF . -14.47 -6.12 92.85
OMA HEA EF . -15.04 -5.96 91.79
CAA HEA EF . -13.06 -6.84 95.65
CBA HEA EF . -12.00 -7.89 95.80
CGA HEA EF . -10.84 -7.24 96.48
O1A HEA EF . -10.67 -7.44 97.70
O2A HEA EF . -10.07 -6.52 95.79
NB HEA EF . -18.79 -9.27 93.60
C1B HEA EF . -18.30 -8.42 92.68
C2B HEA EF . -19.19 -8.27 91.50
C3B HEA EF . -20.29 -9.15 91.75
C4B HEA EF . -19.99 -9.73 93.10
CMB HEA EF . -18.83 -7.37 90.35
NC HEA EF . -19.46 -10.96 95.73
C1C HEA EF . -20.55 -11.18 94.95
C2C HEA EF . -21.50 -12.15 95.55
C3C HEA EF . -20.88 -12.49 96.82
C4C HEA EF . -19.62 -11.71 96.86
CMC HEA EF . -22.76 -12.50 94.80
CAC HEA EF . -21.30 -13.41 97.91
CBC HEA EF . -22.42 -14.09 97.87
ND HEA EF . -17.10 -10.24 97.04
C1D HEA EF . -17.57 -11.09 97.99
C2D HEA EF . -16.65 -11.20 99.14
C3D HEA EF . -15.53 -10.33 98.86
C4D HEA EF . -15.91 -9.77 97.53
CMD HEA EF . -16.95 -12.09 100.32
CAD HEA EF . -14.33 -10.05 99.72
CBD HEA EF . -13.42 -11.27 99.86
CGD HEA EF . -12.25 -10.85 100.70
O1D HEA EF . -12.10 -11.37 101.83
O2D HEA EF . -11.47 -9.98 100.25
C11 HEA EF . -21.50 -9.40 90.92
O11 HEA EF . -21.98 -10.76 90.94
C12 HEA EF . -22.64 -8.46 91.30
C13 HEA EF . -23.59 -8.29 90.11
C14 HEA EF . -24.92 -7.73 90.54
C15 HEA EF . -25.35 -6.50 90.21
C16 HEA EF . -26.70 -6.04 90.71
C17 HEA EF . -27.80 -6.71 89.91
C18 HEA EF . -27.83 -6.18 88.49
C19 HEA EF . -28.55 -5.09 88.16
C20 HEA EF . -28.60 -4.56 86.74
C21 HEA EF . -27.25 -4.52 86.02
C22 HEA EF . -26.26 -3.66 86.76
C23 HEA EF . -25.19 -3.11 86.16
C24 HEA EF . -24.25 -2.27 86.96
C25 HEA EF . -24.91 -3.31 84.70
C26 HEA EF . -24.54 -5.56 89.38
C27 HEA EF . -29.33 -4.35 89.21
O1 PER FF . -16.70 -11.36 94.64
O2 PER FF . -15.79 -12.31 95.24
C1 CDL GF . -28.49 -45.14 121.61
O1 CDL GF . -29.06 -46.25 122.29
CA2 CDL GF . -27.31 -45.64 120.80
OA2 CDL GF . -26.87 -46.89 121.35
PA1 CDL GF . -26.18 -47.96 120.39
OA3 CDL GF . -25.17 -48.70 121.17
OA4 CDL GF . -27.19 -48.71 119.61
OA5 CDL GF . -25.42 -46.93 119.42
CA3 CDL GF . -25.15 -47.23 118.04
CA4 CDL GF . -23.74 -46.77 117.80
OA6 CDL GF . -23.65 -45.35 117.47
CA5 CDL GF . -24.23 -44.50 118.31
OA7 CDL GF . -25.41 -44.34 118.41
C11 CDL GF . -23.20 -43.90 119.22
C12 CDL GF . -22.05 -43.20 118.52
C13 CDL GF . -21.02 -42.77 119.54
C14 CDL GF . -19.67 -42.39 118.96
C15 CDL GF . -19.58 -40.95 118.50
C16 CDL GF . -18.16 -40.44 118.41
C17 CDL GF . -18.07 -38.97 118.13
C18 CDL GF . -16.66 -38.42 118.17
C19 CDL GF . -16.58 -36.94 117.88
C20 CDL GF . -15.16 -36.41 117.84
C21 CDL GF . -14.58 -36.14 119.22
C22 CDL GF . -13.10 -35.80 119.21
C23 CDL GF . -12.76 -34.54 119.95
C24 CDL GF . -13.20 -34.52 121.41
C25 CDL GF . -13.56 -33.13 121.92
C26 CDL GF . -14.40 -33.14 123.17
C27 CDL GF . -14.74 -31.75 123.63
CA6 CDL GF . -23.01 -47.50 116.71
OA8 CDL GF . -21.80 -46.72 116.58
CA7 CDL GF . -20.86 -47.16 115.76
OA9 CDL GF . -20.91 -48.23 115.21
C31 CDL GF . -19.77 -46.14 115.62
C32 CDL GF . -18.48 -46.58 116.27
C33 CDL GF . -17.53 -45.45 116.55
C34 CDL GF . -16.12 -45.93 116.82
C35 CDL GF . -15.22 -44.89 117.42
C36 CDL GF . -13.82 -45.42 117.72
C37 CDL GF . -13.04 -45.81 116.48
C38 CDL GF . -11.62 -46.23 116.77
C39 CDL GF . -11.47 -47.65 117.25
C40 CDL GF . -10.03 -48.06 117.51
C41 CDL GF . -9.75 -49.52 117.21
C42 CDL GF . -8.27 -49.86 117.19
C43 CDL GF . -7.92 -51.08 116.36
C44 CDL GF . -6.56 -51.00 115.71
C45 CDL GF . -6.37 -51.98 114.55
C46 CDL GF . -5.08 -51.78 113.79
C47 CDL GF . -5.01 -52.58 112.50
CB2 CDL GF . -29.57 -44.44 120.83
OB2 CDL GF . -29.22 -44.38 119.43
PB2 CDL GF . -28.81 -42.99 118.76
OB3 CDL GF . -27.89 -43.28 117.64
OB4 CDL GF . -30.04 -42.20 118.50
OB5 CDL GF . -27.97 -42.29 119.93
CB3 CDL GF . -26.79 -41.53 119.62
CB4 CDL GF . -27.06 -40.07 119.89
OB6 CDL GF . -26.13 -39.55 120.89
CB5 CDL GF . -24.82 -39.56 120.59
OB7 CDL GF . -24.23 -40.50 120.16
C51 CDL GF . -24.26 -38.18 120.75
C52 CDL GF . -24.85 -37.29 119.68
C53 CDL GF . -24.02 -36.07 119.41
C54 CDL GF . -24.63 -35.07 118.46
C55 CDL GF . -23.71 -33.92 118.16
C56 CDL GF . -24.39 -32.72 117.55
C57 CDL GF . -23.49 -31.49 117.46
C58 CDL GF . -22.89 -31.06 118.79
C59 CDL GF . -22.33 -29.65 118.77
C60 CDL GF . -21.49 -29.31 119.97
C61 CDL GF . -21.30 -27.82 120.19
C62 CDL GF . -20.34 -27.48 121.30
C63 CDL GF . -18.89 -27.42 120.87
C64 CDL GF . -17.92 -28.00 121.88
C65 CDL GF . -17.96 -29.52 122.00
C66 CDL GF . -17.45 -30.25 120.77
C67 CDL GF . -17.48 -31.75 120.92
CB6 CDL GF . -28.45 -39.81 120.41
OB8 CDL GF . -28.49 -38.56 121.15
CB7 CDL GF . -28.84 -37.46 120.48
OB9 CDL GF . -28.81 -37.37 119.29
C71 CDL GF . -29.30 -36.38 121.42
C72 CDL GF . -30.47 -35.58 120.86
C73 CDL GF . -30.05 -34.42 119.98
C74 CDL GF . -29.82 -33.12 120.75
C75 CDL GF . -29.38 -31.96 119.88
C76 CDL GF . -27.93 -32.02 119.41
C77 CDL GF . -27.49 -30.81 118.62
C78 CDL GF . -27.98 -30.79 117.18
C79 CDL GF . -27.04 -31.44 116.20
C80 CDL GF . -27.49 -31.36 114.75
C81 CDL GF . -26.55 -32.03 113.76
C82 CDL GF . -26.46 -33.54 113.94
C83 CDL GF . -25.59 -34.22 112.89
C84 CDL GF . -25.66 -35.74 112.94
C85 CDL GF . -25.04 -36.35 114.19
C86 CDL GF . -23.54 -36.18 114.27
C87 CDL GF . -22.92 -36.88 115.44
C1 CDL HF . -33.28 -35.25 82.08
O1 CDL HF . -32.59 -35.32 83.33
CA2 CDL HF . -33.40 -36.63 81.49
OA2 CDL HF . -32.07 -37.20 81.40
PA1 CDL HF . -31.90 -38.62 80.69
OA3 CDL HF . -32.69 -39.60 81.48
OA4 CDL HF . -32.20 -38.46 79.25
OA5 CDL HF . -30.37 -39.03 80.85
CA3 CDL HF . -29.48 -38.31 81.73
CA4 CDL HF . -28.46 -37.59 80.91
OA6 CDL HF . -27.53 -36.99 81.84
CA5 CDL HF . -26.64 -37.79 82.45
OA7 CDL HF . -26.37 -38.89 82.06
C11 CDL HF . -26.11 -37.14 83.68
C12 CDL HF . -24.65 -37.44 83.95
C13 CDL HF . -24.06 -36.48 84.95
C14 CDL HF . -22.54 -36.51 85.02
C15 CDL HF . -21.96 -35.37 85.81
C16 CDL HF . -20.46 -35.44 85.97
C17 CDL HF . -19.69 -35.23 84.68
C18 CDL HF . -18.28 -34.70 84.90
C19 CDL HF . -18.24 -33.24 85.27
C20 CDL HF . -16.89 -32.57 85.00
C21 CDL HF . -16.92 -31.05 85.05
C22 CDL HF . -17.88 -30.43 84.06
C23 CDL HF . -17.76 -28.92 83.90
C24 CDL HF . -18.96 -28.29 83.22
C25 CDL HF . -18.92 -26.77 83.15
C26 CDL HF . -20.25 -26.18 82.72
C27 CDL HF . -20.26 -24.66 82.71
CA6 CDL HF . -29.10 -36.46 80.14
OA8 CDL HF . -28.58 -36.36 78.81
CA7 CDL HF . -27.62 -35.45 78.62
OA9 CDL HF . -26.92 -35.02 79.48
C31 CDL HF . -27.59 -35.03 77.17
C32 CDL HF . -26.61 -33.91 76.88
C33 CDL HF . -26.21 -33.88 75.42
C34 CDL HF . -25.35 -35.06 75.02
C35 CDL HF . -24.66 -34.89 73.69
C36 CDL HF . -23.48 -33.93 73.74
C37 CDL HF . -22.82 -33.72 72.39
C38 CDL HF . -21.36 -33.33 72.48
C39 CDL HF . -20.68 -33.25 71.13
C40 CDL HF . -19.21 -32.90 71.21
C41 CDL HF . -18.64 -32.39 69.92
C42 CDL HF . -17.24 -31.82 70.08
C43 CDL HF . -16.78 -30.98 68.90
C44 CDL HF . -15.43 -30.34 69.12
C45 CDL HF . -15.02 -29.39 68.01
C46 CDL HF . -13.67 -28.74 68.25
C47 CDL HF . -13.16 -27.97 67.06
CB2 CDL HF . -34.63 -34.62 82.29
OB2 CDL HF . -34.52 -33.20 82.02
PB2 CDL HF . -35.58 -32.46 81.10
OB3 CDL HF . -36.19 -33.45 80.19
OB4 CDL HF . -36.45 -31.61 81.94
OB5 CDL HF . -34.60 -31.54 80.24
CB3 CDL HF . -33.71 -32.14 79.30
CB4 CDL HF . -32.37 -31.46 79.38
OB6 CDL HF . -31.66 -32.03 80.52
CB5 CDL HF . -30.33 -32.13 80.43
OB7 CDL HF . -29.69 -31.86 79.45
C51 CDL HF . -29.75 -32.64 81.71
C52 CDL HF . -28.23 -32.67 81.73
C53 CDL HF . -27.62 -31.28 81.78
C54 CDL HF . -26.19 -31.25 82.29
C55 CDL HF . -25.58 -29.86 82.33
C56 CDL HF . -24.25 -29.78 83.04
C57 CDL HF . -23.65 -28.38 83.05
C58 CDL HF . -23.08 -27.96 81.70
C59 CDL HF . -23.38 -26.52 81.33
C60 CDL HF . -24.74 -26.33 80.69
C61 CDL HF . -24.68 -25.99 79.20
C62 CDL HF . -24.41 -24.52 78.93
C63 CDL HF . -24.20 -24.17 77.47
C64 CDL HF . -23.84 -22.71 77.23
C65 CDL HF . -24.87 -21.74 77.79
C66 CDL HF . -24.67 -20.30 77.39
C67 CDL HF . -25.04 -20.02 75.95
CB6 CDL HF . -32.54 -29.99 79.64
OB8 CDL HF . -31.28 -29.31 79.40
CB7 CDL HF . -30.93 -29.14 78.11
OB9 CDL HF . -31.56 -29.59 77.19
C71 CDL HF . -29.69 -28.33 77.98
C72 CDL HF . -29.32 -28.12 76.51
C73 CDL HF . -28.04 -27.33 76.31
C74 CDL HF . -26.78 -28.08 76.72
C75 CDL HF . -25.51 -27.40 76.23
C76 CDL HF . -25.18 -27.66 74.77
C77 CDL HF . -24.04 -26.82 74.22
C78 CDL HF . -24.42 -25.37 73.98
C79 CDL HF . -23.36 -24.58 73.23
C80 CDL HF . -22.11 -24.26 74.03
C81 CDL HF . -20.96 -23.82 73.17
C82 CDL HF . -19.77 -23.22 73.91
C83 CDL HF . -18.64 -22.83 72.99
C84 CDL HF . -17.42 -22.26 73.67
C85 CDL HF . -16.23 -22.13 72.74
C86 CDL HF . -15.01 -21.47 73.37
C87 CDL HF . -13.78 -21.56 72.50
C27 PEE IF . -8.80 -34.16 80.02
C26 PEE IF . -9.28 -32.89 80.67
C25 PEE IF . -8.19 -31.84 80.79
C24 PEE IF . -8.65 -30.53 81.40
C23 PEE IF . -7.53 -29.61 81.80
C22 PEE IF . -7.98 -28.23 82.24
C21 PEE IF . -6.84 -27.26 82.50
C20 PEE IF . -7.27 -25.91 83.05
C19 PEE IF . -7.97 -26.00 84.40
C18 PEE IF . -8.20 -24.65 85.07
C17 PEE IF . -6.92 -23.91 85.42
C16 PEE IF . -6.55 -22.83 84.43
C15 PEE IF . -5.08 -22.47 84.44
C14 PEE IF . -4.75 -21.28 85.29
C13 PEE IF . -4.50 -20.00 84.51
C12 PEE IF . -3.89 -18.91 85.34
C11 PEE IF . -3.30 -17.80 84.49
C10 PEE IF . -2.91 -16.58 85.26
O4 PEE IF . -3.13 -16.38 86.42
O2 PEE IF . -2.34 -15.69 84.45
C2 PEE IF . -2.62 -14.28 84.70
C1 PEE IF . -1.49 -13.62 85.44
O3P PEE IF . -0.97 -12.55 84.64
P PEE IF . 0.20 -11.66 85.20
O2P PEE IF . 0.41 -12.07 86.66
O1P PEE IF . 0.01 -10.23 84.94
O4P PEE IF . 1.42 -12.26 84.36
C4 PEE IF . 1.50 -12.04 82.94
C5 PEE IF . 2.93 -12.05 82.50
N PEE IF . 3.83 -11.72 83.64
C3 PEE IF . -2.85 -13.70 83.33
O3 PEE IF . -3.94 -14.52 82.85
C30 PEE IF . -4.86 -13.95 82.09
O5 PEE IF . -4.63 -13.09 81.28
C31 PEE IF . -6.21 -14.47 82.46
C32 PEE IF . -6.79 -15.51 81.51
C33 PEE IF . -7.78 -16.42 82.22
C34 PEE IF . -7.36 -17.87 82.24
C35 PEE IF . -8.46 -18.83 82.60
C36 PEE IF . -8.14 -20.27 82.26
C37 PEE IF . -9.08 -21.27 82.88
C38 PEE IF . -10.54 -21.00 82.58
C39 PEE IF . -11.46 -22.09 83.10
C40 PEE IF . -12.93 -21.68 83.10
C41 PEE IF . -13.88 -22.85 83.13
C42 PEE IF . -13.97 -23.61 81.81
C43 PEE IF . -14.64 -22.83 80.69
C44 PEE IF . -14.84 -23.67 79.44
C45 PEE IF . -15.68 -23.00 78.34
C46 PEE IF . -16.93 -22.28 78.81
C47 PEE IF . -17.82 -21.85 77.65
C27 PEE JF . -3.16 -38.94 103.65
C26 PEE JF . -4.57 -38.54 103.98
C25 PEE JF . -5.57 -39.69 104.02
C24 PEE JF . -6.99 -39.22 104.25
C23 PEE JF . -8.05 -40.24 103.90
C22 PEE JF . -9.46 -39.76 104.19
C21 PEE JF . -10.56 -40.53 103.45
C20 PEE JF . -11.85 -39.76 103.33
C19 PEE JF . -13.02 -40.55 102.79
C18 PEE JF . -14.30 -39.74 102.69
C17 PEE JF . -15.58 -40.55 102.60
C16 PEE JF . -15.96 -41.01 101.20
C15 PEE JF . -15.16 -42.17 100.65
C14 PEE JF . -15.38 -43.48 101.39
C13 PEE JF . -14.95 -44.71 100.61
C12 PEE JF . -16.05 -45.41 99.84
C11 PEE JF . -16.95 -44.44 99.06
C10 PEE JF . -17.97 -45.12 98.19
O4 PEE JF . -18.07 -46.30 98.03
O2 PEE JF . -18.75 -44.21 97.60
C2 PEE JF . -19.88 -44.68 96.81
C1 PEE JF . -20.91 -45.15 97.80
O3P PEE JF . -22.24 -45.03 97.26
P PEE JF . -23.45 -45.39 98.22
O2P PEE JF . -23.67 -44.16 99.07
O1P PEE JF . -23.17 -46.62 98.98
O4P PEE JF . -24.77 -45.55 97.28
C4 PEE JF . -25.69 -46.64 97.53
C5 PEE JF . -26.79 -46.63 96.51
N PEE JF . -26.29 -47.01 95.17
C3 PEE JF . -20.31 -43.48 96.02
O3 PEE JF . -19.06 -42.77 95.84
C30 PEE JF . -19.09 -41.45 95.89
O5 PEE JF . -20.01 -40.78 95.50
C31 PEE JF . -17.87 -40.93 96.57
C32 PEE JF . -16.58 -41.13 95.79
C33 PEE JF . -15.35 -40.91 96.67
C34 PEE JF . -15.26 -39.51 97.25
C35 PEE JF . -13.85 -39.11 97.65
C36 PEE JF . -13.35 -39.74 98.93
C37 PEE JF . -11.92 -39.39 99.28
C38 PEE JF . -11.71 -37.94 99.69
C39 PEE JF . -10.40 -37.35 99.20
C40 PEE JF . -9.17 -38.13 99.61
C41 PEE JF . -8.90 -38.15 101.11
C42 PEE JF . -8.47 -36.81 101.67
C43 PEE JF . -7.04 -36.42 101.33
C44 PEE JF . -6.65 -35.03 101.79
C45 PEE JF . -5.22 -34.62 101.44
C46 PEE JF . -4.15 -35.48 102.08
C47 PEE JF . -2.75 -34.97 101.85
C27 PEE KF . 2.11 -47.64 125.88
C26 PEE KF . 0.89 -48.53 126.05
C25 PEE KF . 0.24 -48.89 124.74
C24 PEE KF . -0.84 -49.94 124.84
C23 PEE KF . -1.54 -50.25 123.52
C22 PEE KF . -2.91 -49.60 123.39
C21 PEE KF . -3.95 -50.16 124.34
C20 PEE KF . -5.37 -50.08 123.81
C19 PEE KF . -6.44 -50.46 124.82
C18 PEE KF . -7.81 -50.60 124.21
C17 PEE KF . -8.94 -50.69 125.22
C16 PEE KF . -10.29 -50.99 124.59
C15 PEE KF . -11.39 -51.29 125.58
C14 PEE KF . -12.59 -51.96 124.94
C13 PEE KF . -13.77 -52.17 125.87
C12 PEE KF . -14.25 -50.88 126.49
C11 PEE KF . -15.66 -50.97 127.04
C10 PEE KF . -16.10 -49.67 127.65
O4 PEE KF . -15.44 -48.67 127.69
O2 PEE KF . -17.32 -49.79 128.18
C2 PEE KF . -17.66 -48.90 129.28
C1 PEE KF . -18.47 -47.72 128.79
O3P PEE KF . -19.85 -48.10 128.76
P PEE KF . -20.63 -48.30 127.40
O2P PEE KF . -19.62 -48.70 126.35
O1P PEE KF . -21.52 -47.17 127.07
O4P PEE KF . -21.47 -49.63 127.79
C4 PEE KF . -22.28 -50.28 126.81
C5 PEE KF . -21.62 -51.54 126.34
N PEE KF . -22.45 -52.23 125.32
C3 PEE KF . -18.40 -49.77 130.24
O3 PEE KF . -17.41 -50.72 130.70
C30 PEE KF . -17.76 -51.62 131.61
O5 PEE KF . -18.86 -51.67 132.11
C31 PEE KF . -16.63 -52.56 131.91
C32 PEE KF . -15.27 -51.88 131.91
C33 PEE KF . -14.12 -52.84 132.13
C34 PEE KF . -13.69 -53.60 130.88
C35 PEE KF . -12.86 -52.79 129.90
C36 PEE KF . -11.35 -52.87 130.12
C37 PEE KF . -10.84 -52.04 131.27
C38 PEE KF . -9.33 -52.03 131.41
C39 PEE KF . -8.82 -51.15 132.53
C40 PEE KF . -8.47 -49.74 132.12
C41 PEE KF . -6.99 -49.54 131.79
C42 PEE KF . -6.47 -50.42 130.69
C43 PEE KF . -4.97 -50.32 130.48
C44 PEE KF . -4.45 -51.17 129.33
C45 PEE KF . -2.96 -51.05 129.10
C46 PEE KF . -2.49 -51.66 127.81
C47 PEE KF . -0.98 -51.73 127.71
C1 CDL LF . -33.82 -38.60 121.32
O1 CDL LF . -33.26 -39.08 120.10
CA2 CDL LF . -35.26 -38.23 121.07
OA2 CDL LF . -35.31 -37.25 120.02
PA1 CDL LF . -36.70 -36.63 119.56
OA3 CDL LF . -37.09 -37.29 118.28
OA4 CDL LF . -37.65 -36.65 120.70
OA5 CDL LF . -36.33 -35.12 119.20
CA3 CDL LF . -35.00 -34.82 118.72
CA4 CDL LF . -35.09 -33.68 117.74
OA6 CDL LF . -35.11 -32.42 118.49
CA5 CDL LF . -33.96 -31.98 119.01
OA7 CDL LF . -32.94 -32.61 118.99
C11 CDL LF . -34.12 -30.62 119.59
C12 CDL LF . -34.28 -29.54 118.53
C13 CDL LF . -34.67 -28.20 119.11
C14 CDL LF . -34.87 -27.12 118.07
C15 CDL LF . -36.01 -27.40 117.11
C16 CDL LF . -36.30 -26.27 116.16
C17 CDL LF . -37.06 -25.12 116.78
C18 CDL LF . -36.93 -23.81 116.02
C19 CDL LF . -35.64 -23.08 116.27
C20 CDL LF . -35.52 -22.51 117.68
C21 CDL LF . -34.32 -21.59 117.88
C22 CDL LF . -33.00 -22.32 118.07
C23 CDL LF . -31.82 -21.38 118.19
C24 CDL LF . -30.49 -22.10 118.34
C25 CDL LF . -30.13 -22.46 119.77
C26 CDL LF . -29.71 -21.26 120.60
C27 CDL LF . -28.92 -21.64 121.84
CA6 CDL LF . -36.35 -33.74 116.94
OA8 CDL LF . -36.21 -32.96 115.72
CA7 CDL LF . -36.72 -31.74 115.72
OA9 CDL LF . -37.10 -31.16 116.71
C31 CDL LF . -36.80 -31.19 114.32
C32 CDL LF . -36.57 -29.69 114.28
C33 CDL LF . -36.49 -29.12 112.88
C34 CDL LF . -35.97 -27.70 112.85
C35 CDL LF . -35.63 -27.17 111.48
C36 CDL LF . -34.96 -25.82 111.50
C37 CDL LF . -35.77 -24.74 112.21
C38 CDL LF . -35.19 -23.34 112.07
C39 CDL LF . -36.17 -22.25 112.44
C40 CDL LF . -35.67 -20.85 112.12
C41 CDL LF . -34.57 -20.35 113.04
C42 CDL LF . -34.11 -18.95 112.71
C43 CDL LF . -33.39 -18.24 113.85
C44 CDL LF . -32.03 -18.81 114.19
C45 CDL LF . -31.25 -17.94 115.17
C46 CDL LF . -29.89 -18.46 115.55
C47 CDL LF . -28.94 -18.56 114.38
CB2 CDL LF . -33.64 -39.65 122.38
OB2 CDL LF . -34.00 -39.10 123.67
PB2 CDL LF . -32.99 -39.29 124.88
OB3 CDL LF . -33.55 -38.57 126.05
OB4 CDL LF . -32.63 -40.72 125.00
OB5 CDL LF . -31.73 -38.46 124.34
CB3 CDL LF . -30.38 -38.81 124.69
CB4 CDL LF . -29.85 -37.70 125.54
OB6 CDL LF . -28.67 -37.12 124.91
CB5 CDL LF . -27.56 -37.87 124.76
OB7 CDL LF . -27.42 -38.95 125.27
C51 CDL LF . -26.57 -37.22 123.85
C52 CDL LF . -26.60 -35.69 123.85
C53 CDL LF . -25.63 -35.09 122.84
C54 CDL LF . -26.11 -33.81 122.19
C55 CDL LF . -26.17 -32.62 123.13
C56 CDL LF . -24.82 -31.98 123.38
C57 CDL LF . -24.88 -30.79 124.32
C58 CDL LF . -23.64 -29.92 124.28
C59 CDL LF . -22.38 -30.62 124.76
C60 CDL LF . -21.20 -29.68 124.87
C61 CDL LF . -19.90 -30.32 125.29
C62 CDL LF . -18.79 -29.31 125.45
C63 CDL LF . -17.42 -29.90 125.74
C64 CDL LF . -16.28 -28.93 125.45
C65 CDL LF . -14.94 -29.35 126.03
C66 CDL LF . -13.76 -28.72 125.30
C67 CDL LF . -12.43 -29.28 125.74
CB6 CDL LF . -29.56 -38.12 126.96
OB8 CDL LF . -29.94 -36.96 127.72
CB7 CDL LF . -29.45 -36.83 128.95
OB9 CDL LF . -28.98 -37.73 129.58
C71 CDL LF . -29.53 -35.40 129.37
C72 CDL LF . -28.90 -35.10 130.71
C73 CDL LF . -28.90 -33.62 130.98
C74 CDL LF . -27.75 -32.88 130.34
C75 CDL LF . -28.02 -31.41 130.16
C76 CDL LF . -26.78 -30.59 129.84
C77 CDL LF . -25.90 -30.32 131.04
C78 CDL LF . -24.90 -29.22 130.83
C79 CDL LF . -24.10 -28.87 132.07
C80 CDL LF . -23.16 -27.69 131.87
C81 CDL LF . -22.36 -27.33 133.10
C82 CDL LF . -21.44 -26.14 132.91
C83 CDL LF . -20.62 -25.79 134.13
C84 CDL LF . -19.78 -24.54 133.96
C85 CDL LF . -18.96 -24.18 135.19
C86 CDL LF . -18.14 -22.92 135.02
C87 CDL LF . -17.33 -22.56 136.24
C27 PEE MF . -20.24 -12.83 137.99
C26 PEE MF . -20.31 -14.24 137.50
C25 PEE MF . -21.43 -14.47 136.50
C24 PEE MF . -21.54 -15.91 136.01
C23 PEE MF . -22.62 -16.10 134.97
C22 PEE MF . -22.72 -17.54 134.49
C21 PEE MF . -23.83 -17.78 133.47
C20 PEE MF . -23.93 -19.22 133.02
C19 PEE MF . -25.05 -19.47 132.02
C18 PEE MF . -25.22 -20.95 131.67
C17 PEE MF . -26.31 -21.20 130.65
C16 PEE MF . -27.71 -21.12 131.22
C15 PEE MF . -28.82 -21.24 130.19
C14 PEE MF . -28.77 -22.51 129.37
C13 PEE MF . -30.11 -22.92 128.82
C12 PEE MF . -30.95 -23.73 129.80
C11 PEE MF . -32.43 -23.76 129.44
C10 PEE MF . -32.66 -24.02 127.98
O4 PEE MF . -32.02 -24.80 127.31
O2 PEE MF . -33.65 -23.27 127.50
C2 PEE MF . -33.77 -23.12 126.05
C1 PEE MF . -34.79 -24.07 125.53
O3P PEE MF . -35.97 -23.87 126.34
P PEE MF . -37.44 -24.01 125.78
O2P PEE MF . -37.42 -23.60 124.32
O1P PEE MF . -38.40 -23.26 126.61
O4P PEE MF . -37.63 -25.62 125.83
C4 PEE MF . -38.83 -26.22 126.36
C5 PEE MF . -39.68 -26.74 125.23
N PEE MF . -39.99 -25.66 124.27
C3 PEE MF . -34.22 -21.71 125.83
O3 PEE MF . -33.17 -20.84 126.30
C30 PEE MF . -33.47 -19.56 126.44
O5 PEE MF . -34.59 -19.13 126.47
C31 PEE MF . -32.22 -18.74 126.50
C32 PEE MF . -32.33 -17.47 127.31
C33 PEE MF . -31.07 -16.65 127.16
C34 PEE MF . -31.04 -15.41 128.02
C35 PEE MF . -29.88 -14.50 127.69
C36 PEE MF . -29.71 -13.33 128.63
C37 PEE MF . -28.71 -12.31 128.14
C38 PEE MF . -28.46 -11.18 129.11
C39 PEE MF . -27.53 -11.55 130.25
C40 PEE MF . -27.18 -10.36 131.12
C41 PEE MF . -26.10 -10.65 132.17
C42 PEE MF . -25.67 -9.42 132.92
C43 PEE MF . -24.46 -9.62 133.81
C44 PEE MF . -23.96 -8.34 134.45
C45 PEE MF . -22.70 -8.51 135.27
C46 PEE MF . -22.18 -7.22 135.86
C47 PEE MF . -20.91 -7.41 136.65
ZN ZN NF . -73.57 -1.48 96.12
ZN ZN OF . -60.84 4.22 94.73
C1 CDL PF . -51.00 3.65 93.54
O1 CDL PF . -50.70 4.80 94.33
CA2 CDL PF . -51.56 4.09 92.22
OA2 CDL PF . -52.06 2.92 91.52
PA1 CDL PF . -52.77 3.09 90.11
OA3 CDL PF . -54.11 3.65 90.33
OA4 CDL PF . -52.62 1.83 89.34
OA5 CDL PF . -51.90 4.23 89.41
CA3 CDL PF . -50.59 3.91 88.91
CA4 CDL PF . -49.93 5.14 88.36
OA6 CDL PF . -49.22 5.81 89.45
CA5 CDL PF . -48.01 6.30 89.20
OA7 CDL PF . -47.47 6.25 88.13
C11 CDL PF . -47.41 6.94 90.42
C12 CDL PF . -46.02 7.50 90.18
C13 CDL PF . -45.47 8.27 91.38
C14 CDL PF . -44.01 8.01 91.67
C15 CDL PF . -43.39 9.00 92.64
C16 CDL PF . -42.10 8.50 93.27
C17 CDL PF . -41.26 9.60 93.90
C18 CDL PF . -40.01 9.11 94.61
C19 CDL PF . -38.97 10.20 94.80
C20 CDL PF . -37.63 9.74 95.38
C21 CDL PF . -36.72 10.89 95.73
C22 CDL PF . -35.35 10.50 96.28
C23 CDL PF . -34.56 11.68 96.82
C24 CDL PF . -33.08 11.41 97.04
C25 CDL PF . -32.24 11.53 95.78
C26 CDL PF . -30.74 11.43 96.02
C27 CDL PF . -29.94 11.48 94.75
CA6 CDL PF . -50.94 6.13 87.82
OA8 CDL PF . -50.18 7.20 87.22
CA7 CDL PF . -49.66 6.98 86.00
OA9 CDL PF . -49.91 6.00 85.35
C31 CDL PF . -48.74 8.08 85.58
C32 CDL PF . -48.69 9.25 86.57
C33 CDL PF . -47.68 10.30 86.18
C34 CDL PF . -46.24 9.96 86.51
C35 CDL PF . -45.26 11.06 86.18
C36 CDL PF . -43.81 10.67 86.41
C37 CDL PF . -42.82 11.43 85.53
C38 CDL PF . -41.45 10.78 85.46
C39 CDL PF . -40.59 10.96 86.70
C40 CDL PF . -40.03 12.35 86.87
C41 CDL PF . -40.29 12.97 88.23
C42 CDL PF . -41.75 13.27 88.48
C43 CDL PF . -42.10 13.62 89.91
C44 CDL PF . -43.58 13.49 90.21
C45 CDL PF . -43.95 13.82 91.64
C46 CDL PF . -45.41 13.53 91.96
C47 CDL PF . -46.37 14.03 90.90
CB2 CDL PF . -49.75 2.81 93.41
OB2 CDL PF . -48.66 3.65 92.98
PB2 CDL PF . -47.25 2.96 92.69
OB3 CDL PF . -47.43 1.51 92.97
OB4 CDL PF . -46.80 3.37 91.34
OB5 CDL PF . -46.24 3.53 93.78
CB3 CDL PF . -44.92 3.93 93.37
CB4 CDL PF . -43.94 3.56 94.44
OB6 CDL PF . -42.68 4.21 94.07
CB5 CDL PF . -41.92 4.72 95.04
OB7 CDL PF . -42.17 4.62 96.21
C51 CDL PF . -40.73 5.43 94.48
C52 CDL PF . -39.42 4.67 94.64
C53 CDL PF . -38.27 5.35 93.90
C54 CDL PF . -36.91 4.80 94.23
C55 CDL PF . -36.52 4.94 95.70
C56 CDL PF . -35.03 5.03 95.94
C57 CDL PF . -34.45 6.40 95.64
C58 CDL PF . -32.93 6.43 95.63
C59 CDL PF . -32.34 7.69 95.03
C60 CDL PF . -30.83 7.76 95.09
C61 CDL PF . -30.29 7.80 96.51
C62 CDL PF . -28.88 8.33 96.61
C63 CDL PF . -28.49 8.73 98.03
C64 CDL PF . -27.38 9.77 98.08
C65 CDL PF . -27.10 10.30 99.49
C66 CDL PF . -28.30 10.92 100.19
C67 CDL PF . -28.95 12.01 99.38
CB6 CDL PF . -43.70 2.08 94.48
OB8 CDL PF . -42.44 1.84 95.15
CB7 CDL PF . -42.32 0.70 95.83
OB9 CDL PF . -43.19 -0.12 95.93
C71 CDL PF . -40.97 0.62 96.49
C72 CDL PF . -40.81 -0.64 97.35
C73 CDL PF . -39.43 -0.79 97.94
C74 CDL PF . -39.03 0.31 98.90
C75 CDL PF . -37.55 0.34 99.24
C76 CDL PF . -37.18 1.44 100.20
C77 CDL PF . -35.72 1.86 100.16
C78 CDL PF . -34.76 0.80 100.67
C79 CDL PF . -33.39 1.37 100.98
C80 CDL PF . -32.37 0.32 101.38
C81 CDL PF . -31.48 0.75 102.53
C82 CDL PF . -32.21 0.81 103.85
C83 CDL PF . -31.51 1.65 104.91
C84 CDL PF . -32.20 1.60 106.25
C85 CDL PF . -31.49 2.37 107.35
C86 CDL PF . -32.14 2.22 108.71
C87 CDL PF . -33.54 2.80 108.76
C1 CDL QF . -50.92 -1.74 104.85
O1 CDL QF . -49.54 -2.00 104.56
CA2 CDL QF . -51.76 -2.12 103.65
OA2 CDL QF . -52.45 -0.95 103.16
PA1 CDL QF . -53.72 -1.12 102.21
OA3 CDL QF . -54.00 -2.57 102.13
OA4 CDL QF . -54.79 -0.21 102.69
OA5 CDL QF . -53.30 -0.70 100.73
CA3 CDL QF . -52.01 -0.09 100.42
CA4 CDL QF . -52.06 1.32 100.95
OA6 CDL QF . -51.89 2.33 99.90
CA5 CDL QF . -50.66 2.81 99.67
OA7 CDL QF . -49.70 2.12 99.44
C11 CDL QF . -50.64 4.29 99.89
C12 CDL QF . -49.82 5.13 98.93
C13 CDL QF . -49.13 6.29 99.64
C14 CDL QF . -50.08 7.34 100.20
C15 CDL QF . -49.41 8.34 101.13
C16 CDL QF . -48.44 9.29 100.44
C17 CDL QF . -47.47 9.99 101.38
C18 CDL QF . -48.10 11.13 102.19
C19 CDL QF . -47.82 12.52 101.63
C20 CDL QF . -46.37 12.97 101.72
C21 CDL QF . -45.84 13.07 103.16
C22 CDL QF . -44.42 13.59 103.27
C23 CDL QF . -44.32 15.10 103.13
C24 CDL QF . -42.94 15.65 103.49
C25 CDL QF . -42.88 17.17 103.49
C26 CDL QF . -41.58 17.72 104.04
C27 CDL QF . -41.53 19.23 104.03
CA6 CDL QF . -51.03 1.56 102.01
OA8 CDL QF . -49.79 0.85 101.83
CA7 CDL QF . -48.70 1.52 102.17
OA9 CDL QF . -48.29 2.49 101.59
C31 CDL QF . -48.14 0.97 103.45
C32 CDL QF . -47.56 2.07 104.34
C33 CDL QF . -47.79 1.79 105.81
C34 CDL QF . -48.91 2.60 106.43
C35 CDL QF . -48.51 4.01 106.81
C36 CDL QF . -47.87 4.09 108.18
C37 CDL QF . -47.43 5.48 108.58
C38 CDL QF . -47.04 5.59 110.04
C39 CDL QF . -46.61 6.98 110.47
C40 CDL QF . -46.45 7.14 111.96
C41 CDL QF . -46.03 8.54 112.39
C42 CDL QF . -44.54 8.79 112.35
C43 CDL QF . -44.13 10.17 112.84
C44 CDL QF . -44.24 11.27 111.85
C45 CDL QF . -42.94 11.57 111.16
C46 CDL QF . -42.97 12.83 110.33
C47 CDL QF . -41.67 13.07 109.62
CB2 CDL QF . -51.33 -2.49 106.09
OB2 CDL QF . -50.50 -2.08 107.20
PB2 CDL QF . -51.17 -1.99 108.65
OB3 CDL QF . -51.98 -3.21 108.84
OB4 CDL QF . -50.13 -1.65 109.65
OB5 CDL QF . -52.16 -0.77 108.46
CB3 CDL QF . -51.60 0.52 108.22
CB4 CDL QF . -52.69 1.50 107.90
OB6 CDL QF . -52.25 2.19 106.69
CB5 CDL QF . -53.19 2.63 105.85
OB7 CDL QF . -54.36 2.63 106.10
C51 CDL QF . -52.58 3.10 104.56
C52 CDL QF . -52.67 4.60 104.38
C53 CDL QF . -51.83 5.10 103.21
C54 CDL QF . -50.39 5.39 103.57
C55 CDL QF . -50.20 6.71 104.28
C56 CDL QF . -48.74 7.05 104.55
C57 CDL QF . -48.49 8.54 104.62
C58 CDL QF . -49.17 9.23 105.79
C59 CDL QF . -48.91 10.72 105.86
C60 CDL QF . -47.47 11.07 106.17
C61 CDL QF . -47.21 12.56 106.29
C62 CDL QF . -45.76 12.90 106.60
C63 CDL QF . -45.48 14.39 106.64
C64 CDL QF . -44.04 14.73 106.99
C65 CDL QF . -43.79 16.22 107.11
C66 CDL QF . -42.48 16.57 107.79
C67 CDL QF . -42.30 18.06 107.99
CB6 CDL QF . -52.85 2.51 109.00
OB8 CDL QF . -51.79 3.47 108.86
CB7 CDL QF . -51.62 4.32 109.87
OB9 CDL QF . -52.06 4.15 110.98
C71 CDL QF . -50.86 5.52 109.43
C72 CDL QF . -51.79 6.72 109.26
C73 CDL QF . -51.09 7.93 108.73
C74 CDL QF . -50.26 8.64 109.77
C75 CDL QF . -49.35 9.71 109.22
C76 CDL QF . -48.83 10.66 110.28
C77 CDL QF . -47.88 11.68 109.72
C78 CDL QF . -47.38 12.70 110.71
C79 CDL QF . -46.46 13.71 110.06
C80 CDL QF . -45.89 14.75 111.00
C81 CDL QF . -45.07 15.79 110.28
C82 CDL QF . -44.35 16.77 111.19
C83 CDL QF . -43.13 16.18 111.87
C84 CDL QF . -42.24 17.21 112.54
C85 CDL QF . -41.48 18.11 111.57
C86 CDL QF . -40.60 19.14 112.22
C87 CDL QF . -39.75 19.90 111.22
C1 CDL RF . -14.17 -44.17 70.26
O1 CDL RF . -13.04 -43.39 70.67
CA2 CDL RF . -14.56 -45.12 71.36
OA2 CDL RF . -14.58 -44.41 72.62
PA1 CDL RF . -14.68 -45.23 73.98
OA3 CDL RF . -16.10 -45.17 74.43
OA4 CDL RF . -14.03 -46.55 73.81
OA5 CDL RF . -13.82 -44.36 75.01
CA3 CDL RF . -12.39 -44.23 74.81
CA4 CDL RF . -11.71 -44.22 76.14
OA6 CDL RF . -12.10 -43.03 76.90
CA5 CDL RF . -13.02 -43.18 77.86
OA7 CDL RF . -13.85 -44.04 77.85
C11 CDL RF . -12.79 -42.21 78.97
C12 CDL RF . -14.06 -41.74 79.65
C13 CDL RF . -13.87 -41.59 81.15
C14 CDL RF . -12.95 -40.46 81.56
C15 CDL RF . -13.49 -39.08 81.24
C16 CDL RF . -12.75 -37.96 81.94
C17 CDL RF . -13.46 -36.63 81.80
C18 CDL RF . -12.79 -35.47 82.51
C19 CDL RF . -13.56 -34.18 82.38
C20 CDL RF . -12.84 -32.95 82.88
C21 CDL RF . -13.69 -31.69 82.80
C22 CDL RF . -13.04 -30.46 83.41
C23 CDL RF . -13.84 -29.19 83.17
C24 CDL RF . -13.20 -27.94 83.71
C25 CDL RF . -11.86 -27.63 83.09
C26 CDL RF . -11.48 -26.16 83.16
C27 CDL RF . -11.55 -25.59 84.54
CA6 CDL RF . -10.21 -44.13 75.99
OA8 CDL RF . -9.66 -43.12 76.86
CA7 CDL RF . -9.54 -43.41 78.15
OA9 CDL RF . -10.05 -44.37 78.68
C31 CDL RF . -8.67 -42.41 78.85
C32 CDL RF . -9.13 -42.05 80.25
C33 CDL RF . -8.31 -40.93 80.87
C34 CDL RF . -8.51 -39.58 80.20
C35 CDL RF . -7.68 -38.46 80.79
C36 CDL RF . -6.20 -38.74 80.79
C37 CDL RF . -5.33 -37.50 80.89
C38 CDL RF . -5.28 -36.71 79.60
C39 CDL RF . -4.03 -35.86 79.45
C40 CDL RF . -3.68 -35.56 78.00
C41 CDL RF . -2.23 -35.16 77.80
C42 CDL RF . -1.81 -35.09 76.35
C43 CDL RF . -0.31 -34.92 76.16
C44 CDL RF . 0.12 -34.65 74.73
C45 CDL RF . 1.61 -34.46 74.57
C46 CDL RF . 2.03 -34.06 73.17
C47 CDL RF . 1.66 -32.63 72.84
CB2 CDL RF . -15.27 -43.24 69.79
OB2 CDL RF . -16.00 -42.72 70.94
PB2 CDL RF . -17.21 -41.74 70.66
OB3 CDL RF . -16.65 -40.56 69.96
OB4 CDL RF . -18.29 -42.51 70.01
OB5 CDL RF . -17.72 -41.23 72.08
CB3 CDL RF . -17.77 -42.10 73.22
CB4 CDL RF . -16.82 -41.57 74.26
OB6 CDL RF . -17.62 -40.97 75.33
CB5 CDL RF . -17.26 -41.25 76.58
OB7 CDL RF . -16.51 -42.13 76.90
C51 CDL RF . -17.88 -40.28 77.54
C52 CDL RF . -16.95 -40.00 78.71
C53 CDL RF . -17.48 -38.97 79.68
C54 CDL RF . -17.11 -37.55 79.32
C55 CDL RF . -17.28 -36.57 80.47
C56 CDL RF . -16.78 -35.17 80.15
C57 CDL RF . -17.00 -34.18 81.27
C58 CDL RF . -16.46 -32.79 80.99
C59 CDL RF . -17.20 -32.05 79.89
C60 CDL RF . -16.63 -30.69 79.57
C61 CDL RF . -16.70 -29.71 80.72
C62 CDL RF . -16.45 -28.27 80.35
C63 CDL RF . -17.63 -27.61 79.63
C64 CDL RF . -17.33 -26.20 79.15
C65 CDL RF . -18.47 -25.56 78.38
C66 CDL RF . -19.57 -25.01 79.27
C67 CDL RF . -20.65 -24.30 78.51
CB6 CDL RF . -15.98 -40.46 73.70
OB8 CDL RF . -15.21 -39.82 74.75
CB7 CDL RF . -13.95 -40.23 74.90
OB9 CDL RF . -13.52 -41.24 74.41
C71 CDL RF . -13.15 -39.27 75.72
C72 CDL RF . -11.69 -39.25 75.30
C73 CDL RF . -10.87 -38.19 76.01
C74 CDL RF . -9.37 -38.40 75.92
C75 CDL RF . -8.55 -37.24 76.43
C76 CDL RF . -8.31 -36.16 75.38
C77 CDL RF . -8.10 -34.78 75.96
C78 CDL RF . -9.39 -34.12 76.46
C79 CDL RF . -9.26 -32.64 76.76
C80 CDL RF . -10.54 -32.02 77.28
C81 CDL RF . -10.41 -30.56 77.67
C82 CDL RF . -11.66 -30.00 78.33
C83 CDL RF . -11.75 -28.48 78.32
C84 CDL RF . -10.68 -27.79 79.14
C85 CDL RF . -10.83 -26.28 79.19
C86 CDL RF . -9.71 -25.55 79.89
C87 CDL RF . -9.96 -24.06 79.99
C1 CDL SF . -4.93 -41.95 62.29
O1 CDL SF . -4.83 -43.33 61.91
CA2 CDL SF . -4.43 -41.11 61.14
OA2 CDL SF . -3.61 -40.04 61.66
PA1 CDL SF . -3.81 -38.57 61.06
OA3 CDL SF . -3.92 -38.73 59.60
OA4 CDL SF . -4.94 -37.93 61.78
OA5 CDL SF . -2.49 -37.72 61.37
CA3 CDL SF . -1.16 -38.21 61.06
CA4 CDL SF . -0.40 -37.12 60.36
OA6 CDL SF . 0.08 -36.13 61.34
CA5 CDL SF . 1.38 -36.13 61.63
OA7 CDL SF . 2.14 -37.02 61.36
C11 CDL SF . 1.78 -34.86 62.32
C12 CDL SF . 2.56 -33.93 61.40
C13 CDL SF . 3.98 -33.70 61.85
C14 CDL SF . 4.69 -32.58 61.12
C15 CDL SF . 6.12 -32.35 61.56
C16 CDL SF . 6.81 -31.22 60.81
C17 CDL SF . 8.20 -30.88 61.31
C18 CDL SF . 9.26 -31.94 61.05
C19 CDL SF . 9.92 -31.84 59.68
C20 CDL SF . 10.91 -32.97 59.43
C21 CDL SF . 11.72 -32.87 58.14
C22 CDL SF . 12.67 -31.69 58.07
C23 CDL SF . 14.05 -32.04 57.56
C24 CDL SF . 14.88 -30.85 57.15
C25 CDL SF . 14.51 -30.26 55.82
C26 CDL SF . 15.27 -29.00 55.45
C27 CDL SF . 15.08 -28.61 54.02
CA6 CDL SF . -1.29 -36.35 59.42
OA8 CDL SF . -0.49 -35.52 58.56
CA7 CDL SF . 0.08 -36.12 57.50
OA9 CDL SF . 0.06 -37.31 57.33
C31 CDL SF . 0.70 -35.11 56.58
C32 CDL SF . 1.96 -34.48 57.13
C33 CDL SF . 2.44 -33.33 56.27
C34 CDL SF . 3.78 -32.76 56.69
C35 CDL SF . 4.96 -33.62 56.29
C36 CDL SF . 6.28 -32.87 56.41
C37 CDL SF . 7.46 -33.54 55.75
C38 CDL SF . 8.67 -32.64 55.70
C39 CDL SF . 9.73 -33.05 54.71
C40 CDL SF . 10.75 -31.95 54.41
C41 CDL SF . 11.50 -32.13 53.12
C42 CDL SF . 12.39 -30.95 52.76
C43 CDL SF . 12.78 -30.89 51.31
C44 CDL SF . 13.64 -29.69 50.95
C45 CDL SF . 13.86 -29.50 49.46
C46 CDL SF . 14.69 -28.27 49.11
C47 CDL SF . 14.93 -28.14 47.63
CB2 CDL SF . -6.35 -41.64 62.68
OB2 CDL SF . -6.98 -42.88 63.11
PB2 CDL SF . -7.33 -43.11 64.65
OB3 CDL SF . -7.83 -41.82 65.19
OB4 CDL SF . -8.21 -44.29 64.72
OB5 CDL SF . -5.91 -43.41 65.31
CB3 CDL SF . -5.76 -44.29 66.44
CB4 CDL SF . -6.35 -43.61 67.66
OB6 CDL SF . -5.52 -43.81 68.85
CB5 CDL SF . -4.36 -43.14 68.93
OB7 CDL SF . -3.74 -42.76 67.98
C51 CDL SF . -4.00 -42.87 70.36
C52 CDL SF . -3.62 -44.11 71.16
C53 CDL SF . -2.26 -44.66 70.80
C54 CDL SF . -1.19 -44.40 71.83
C55 CDL SF . -1.05 -42.94 72.25
C56 CDL SF . 0.30 -42.61 72.84
C57 CDL SF . 0.38 -41.24 73.50
C58 CDL SF . 0.06 -40.10 72.56
C59 CDL SF . 0.16 -38.73 73.22
C60 CDL SF . 1.57 -38.24 73.46
C61 CDL SF . 2.32 -37.86 72.20
C62 CDL SF . 3.69 -37.26 72.44
C63 CDL SF . 4.74 -38.27 72.87
C64 CDL SF . 6.14 -37.69 72.98
C65 CDL SF . 7.21 -38.70 73.35
C66 CDL SF . 7.00 -39.40 74.67
C67 CDL SF . 6.93 -38.44 75.85
CB6 CDL SF . -7.69 -44.20 67.97
OB8 CDL SF . -8.16 -43.74 69.25
CB7 CDL SF . -8.74 -44.64 70.04
OB9 CDL SF . -8.57 -45.82 69.94
C71 CDL SF . -9.69 -43.99 71.00
C72 CDL SF . -9.03 -43.39 72.24
C73 CDL SF . -8.19 -42.17 71.94
C74 CDL SF . -7.81 -41.40 73.19
C75 CDL SF . -6.65 -41.99 73.95
C76 CDL SF . -6.63 -41.60 75.43
C77 CDL SF . -5.39 -42.05 76.18
C78 CDL SF . -4.99 -43.48 75.89
C79 CDL SF . -4.29 -44.15 77.06
C80 CDL SF . -3.21 -45.15 76.64
C81 CDL SF . -1.84 -44.53 76.53
C82 CDL SF . -0.76 -45.51 76.15
C83 CDL SF . 0.65 -44.95 76.24
C84 CDL SF . 1.12 -44.71 77.65
C85 CDL SF . 2.48 -44.08 77.74
C86 CDL SF . 3.05 -44.06 79.15
C87 CDL SF . 4.38 -43.40 79.25
C27 PEE TF . 15.70 -54.76 49.89
C26 PEE TF . 15.62 -53.73 50.99
C25 PEE TF . 15.79 -54.32 52.38
C24 PEE TF . 15.75 -53.29 53.49
C23 PEE TF . 15.95 -53.87 54.88
C22 PEE TF . 15.93 -52.83 55.99
C21 PEE TF . 16.16 -53.41 57.37
C20 PEE TF . 16.12 -52.38 58.49
C19 PEE TF . 16.38 -52.96 59.87
C18 PEE TF . 16.29 -51.95 60.99
C17 PEE TF . 16.47 -52.55 62.38
C16 PEE TF . 16.28 -51.57 63.52
C15 PEE TF . 16.40 -52.22 64.90
C14 PEE TF . 16.02 -51.30 66.04
C13 PEE TF . 16.21 -51.91 67.42
C12 PEE TF . 15.47 -51.17 68.52
C11 PEE TF . 16.15 -51.25 69.88
C10 PEE TF . 17.09 -50.10 70.13
O4 PEE TF . 17.24 -49.17 69.40
O2 PEE TF . 17.75 -50.26 71.30
C2 PEE TF . 18.60 -49.16 71.74
C1 PEE TF . 18.52 -49.09 73.24
O3P PEE TF . 19.78 -48.56 73.70
P PEE TF . 19.94 -47.62 74.95
O2P PEE TF . 21.36 -47.80 75.42
O1P PEE TF . 18.89 -47.86 75.96
O4P PEE TF . 19.87 -46.13 74.30
C4 PEE TF . 18.62 -45.58 73.86
C5 PEE TF . 17.74 -45.28 75.04
N PEE TF . 18.51 -44.66 76.14
C3 PEE TF . 20.02 -49.43 71.32
O3 PEE TF . 19.97 -50.16 70.08
C30 PEE TF . 20.28 -49.50 68.96
O5 PEE TF . 20.70 -48.37 68.94
C31 PEE TF . 20.01 -50.35 67.77
C32 PEE TF . 20.23 -49.69 66.42
C33 PEE TF . 19.90 -50.65 65.32
C34 PEE TF . 19.97 -50.09 63.93
C35 PEE TF . 20.00 -51.19 62.89
C36 PEE TF . 19.86 -50.70 61.47
C37 PEE TF . 19.93 -51.83 60.47
C38 PEE TF . 19.73 -51.38 59.04
C39 PEE TF . 19.77 -52.52 58.05
C40 PEE TF . 19.57 -52.08 56.62
C41 PEE TF . 19.61 -53.21 55.63
C42 PEE TF . 19.44 -52.77 54.20
C43 PEE TF . 19.45 -53.91 53.20
C44 PEE TF . 19.31 -53.45 51.76
C45 PEE TF . 19.35 -54.57 50.75
C46 PEE TF . 19.24 -54.11 49.32
C47 PEE TF . 19.33 -55.24 48.33
ZN ZN UF . -53.63 -28.44 82.74
C1 CDL VF . -18.63 13.99 72.38
O1 CDL VF . -17.49 13.41 73.01
CA2 CDL VF . -19.75 12.98 72.36
OA2 CDL VF . -20.13 12.65 73.70
PA1 CDL VF . -21.66 12.34 74.01
OA3 CDL VF . -21.74 12.01 75.45
OA4 CDL VF . -22.48 13.47 73.49
OA5 CDL VF . -22.01 11.02 73.18
CA3 CDL VF . -22.13 11.06 71.74
CA4 CDL VF . -23.11 10.03 71.27
OA6 CDL VF . -24.43 10.66 71.31
CA5 CDL VF . -24.71 11.41 72.38
OA7 CDL VF . -24.49 11.08 73.51
C11 CDL VF . -25.25 12.74 71.95
C12 CDL VF . -26.60 12.69 71.27
C13 CDL VF . -27.69 12.18 72.19
C14 CDL VF . -29.09 12.56 71.75
C15 CDL VF . -29.32 14.06 71.68
C16 CDL VF . -30.74 14.48 71.95
C17 CDL VF . -31.74 13.98 70.92
C18 CDL VF . -33.11 14.59 71.08
C19 CDL VF . -34.08 14.26 69.97
C20 CDL VF . -35.35 15.07 70.02
C21 CDL VF . -36.32 14.77 68.89
C22 CDL VF . -37.48 15.75 68.85
C23 CDL VF . -38.47 15.50 67.73
C24 CDL VF . -39.54 16.57 67.63
C25 CDL VF . -40.55 16.34 66.52
C26 CDL VF . -41.55 17.47 66.37
C27 CDL VF . -42.57 17.21 65.29
CA6 CDL VF . -23.02 8.77 72.10
OA8 CDL VF . -21.64 8.41 71.91
CA7 CDL VF . -21.33 7.82 70.76
OA9 CDL VF . -22.04 7.01 70.21
C31 CDL VF . -20.05 8.36 70.20
C32 CDL VF . -19.65 7.79 68.85
C33 CDL VF . -18.52 8.57 68.21
C34 CDL VF . -17.56 7.72 67.40
C35 CDL VF . -18.17 7.16 66.11
C36 CDL VF . -17.32 6.08 65.47
C37 CDL VF . -17.40 4.75 66.19
C38 CDL VF . -16.20 3.84 65.96
C39 CDL VF . -16.17 3.18 64.59
C40 CDL VF . -14.98 2.23 64.43
C41 CDL VF . -14.90 1.56 63.08
C42 CDL VF . -13.57 0.86 62.84
C43 CDL VF . -13.49 0.08 61.55
C44 CDL VF . -14.36 -1.16 61.53
C45 CDL VF . -13.97 -2.16 60.46
C46 CDL VF . -14.74 -3.47 60.54
C47 CDL VF . -14.22 -4.51 59.59
CB2 CDL VF . -18.26 14.43 70.98
OB2 CDL VF . -18.18 13.24 70.17
PB2 CDL VF . -18.58 13.23 68.62
OB3 CDL VF . -17.53 13.97 67.89
OB4 CDL VF . -18.88 11.83 68.24
OB5 CDL VF . -19.92 14.07 68.47
CB3 CDL VF . -21.10 13.59 69.15
CB4 CDL VF . -22.13 13.18 68.14
OB6 CDL VF . -21.52 12.38 67.07
CB5 CDL VF . -21.66 11.05 67.15
OB7 CDL VF . -21.77 10.44 68.17
C51 CDL VF . -21.74 10.44 65.77
C52 CDL VF . -20.43 10.33 65.01
C53 CDL VF . -19.77 11.67 64.75
C54 CDL VF . -18.99 11.70 63.45
C55 CDL VF . -19.85 11.90 62.22
C56 CDL VF . -19.08 11.92 60.92
C57 CDL VF . -19.95 11.92 59.68
C58 CDL VF . -19.18 11.63 58.39
C59 CDL VF . -18.72 10.19 58.27
C60 CDL VF . -17.70 9.97 57.17
C61 CDL VF . -17.07 8.59 57.19
C62 CDL VF . -15.88 8.44 56.27
C63 CDL VF . -15.22 7.06 56.33
C64 CDL VF . -13.93 6.98 55.55
C65 CDL VF . -13.24 5.63 55.64
C66 CDL VF . -14.05 4.46 55.09
C67 CDL VF . -14.39 4.61 53.62
CB6 CDL VF . -22.76 14.35 67.45
OB8 CDL VF . -23.21 13.89 66.15
CB7 CDL VF . -22.48 14.27 65.08
OB9 CDL VF . -21.51 14.96 65.14
C71 CDL VF . -23.03 13.69 63.82
C72 CDL VF . -24.31 14.35 63.35
C73 CDL VF . -24.69 13.94 61.93
C74 CDL VF . -25.94 14.61 61.42
C75 CDL VF . -26.28 14.24 59.99
C76 CDL VF . -27.52 14.93 59.44
C77 CDL VF . -28.81 14.52 60.13
C78 CDL VF . -30.05 15.15 59.51
C79 CDL VF . -31.35 14.73 60.17
C80 CDL VF . -32.57 15.33 59.52
C81 CDL VF . -33.89 14.89 60.13
C82 CDL VF . -35.09 15.50 59.46
C83 CDL VF . -36.42 15.10 60.08
C84 CDL VF . -37.63 15.68 59.38
C85 CDL VF . -38.95 15.27 59.98
C86 CDL VF . -40.16 15.84 59.26
C87 CDL VF . -41.46 15.44 59.90
C27 PEE WF . -10.71 -23.97 71.32
C26 PEE WF . -9.58 -23.21 71.97
C25 PEE WF . -9.95 -22.65 73.32
C24 PEE WF . -8.81 -21.93 74.02
C23 PEE WF . -9.10 -21.57 75.46
C22 PEE WF . -8.08 -20.64 76.08
C21 PEE WF . -6.65 -21.12 75.97
C20 PEE WF . -5.89 -20.55 74.78
C19 PEE WF . -4.47 -21.07 74.67
C18 PEE WF . -3.62 -20.38 73.62
C17 PEE WF . -2.19 -20.89 73.58
C16 PEE WF . -2.07 -22.31 73.06
C15 PEE WF . -0.93 -23.11 73.70
C14 PEE WF . 0.45 -22.69 73.28
C13 PEE WF . 1.03 -21.55 74.10
C12 PEE WF . 2.52 -21.36 73.91
C11 PEE WF . 2.86 -20.91 72.49
C10 PEE WF . 3.74 -19.70 72.45
O4 PEE WF . 3.39 -18.61 72.07
O2 PEE WF . 4.99 -20.00 72.79
C2 PEE WF . 6.07 -19.24 72.18
C1 PEE WF . 6.59 -18.18 73.12
O3P PEE WF . 7.92 -18.53 73.53
P PEE WF . 9.03 -17.42 73.70
O2P PEE WF . 9.50 -17.10 72.31
O1P PEE WF . 10.07 -17.81 74.66
O4P PEE WF . 8.20 -16.11 74.21
C4 PEE WF . 8.17 -14.91 73.40
C5 PEE WF . 7.44 -13.82 74.13
N PEE WF . 6.21 -14.34 74.78
C3 PEE WF . 7.09 -20.29 71.87
O3 PEE WF . 6.48 -21.18 70.90
C30 PEE WF . 7.21 -22.20 70.47
O5 PEE WF . 8.29 -22.47 70.88
C31 PEE WF . 6.48 -22.95 69.39
C32 PEE WF . 5.97 -24.31 69.87
C33 PEE WF . 5.17 -24.20 71.16
C34 PEE WF . 4.52 -25.50 71.60
C35 PEE WF . 3.60 -25.32 72.78
C36 PEE WF . 2.66 -26.48 73.01
C37 PEE WF . 3.10 -27.45 74.10
C38 PEE WF . 3.54 -28.82 73.59
C39 PEE WF . 4.79 -28.81 72.74
C40 PEE WF . 6.03 -28.24 73.44
C41 PEE WF . 6.57 -29.11 74.56
C42 PEE WF . 7.11 -28.32 75.74
C43 PEE WF . 6.06 -27.97 76.77
C44 PEE WF . 6.38 -26.75 77.62
C45 PEE WF . 5.26 -26.38 78.57
C46 PEE WF . 5.24 -24.94 79.02
C47 PEE WF . 3.90 -24.55 79.60
PA FAD XF . 67.47 -74.14 -60.97
O1A FAD XF . 67.78 -72.71 -61.06
O2A FAD XF . 68.65 -75.11 -61.14
O5B FAD XF . 66.77 -74.47 -59.56
C5B FAD XF . 65.83 -75.57 -59.42
C4B FAD XF . 64.76 -75.13 -58.46
O4B FAD XF . 64.02 -76.29 -58.00
C3B FAD XF . 65.29 -74.47 -57.19
O3B FAD XF . 64.33 -73.57 -56.66
C2B FAD XF . 65.49 -75.66 -56.27
O2B FAD XF . 65.53 -75.30 -54.90
C1B FAD XF . 64.22 -76.45 -56.60
N9A FAD XF . 64.29 -77.86 -56.28
C8A FAD XF . 65.25 -78.77 -56.63
N7A FAD XF . 65.08 -79.97 -56.12
C5A FAD XF . 63.91 -79.84 -55.37
C6A FAD XF . 63.19 -80.73 -54.56
N6A FAD XF . 63.64 -81.96 -54.35
N1A FAD XF . 62.06 -80.29 -53.96
C2A FAD XF . 61.69 -79.02 -54.16
N3A FAD XF . 62.30 -78.08 -54.90
C4A FAD XF . 63.40 -78.55 -55.48
N1 FAD XF . 72.50 -70.29 -68.59
C2 FAD XF . 72.36 -69.21 -69.45
O2 FAD XF . 71.55 -69.26 -70.37
N3 FAD XF . 73.11 -68.03 -69.33
C4 FAD XF . 74.00 -68.00 -68.35
O4 FAD XF . 74.67 -66.97 -68.20
C4X FAD XF . 74.18 -69.07 -67.48
N5 FAD XF . 75.07 -68.97 -66.53
C5X FAD XF . 75.23 -70.01 -65.67
C6 FAD XF . 76.17 -69.89 -64.64
C7 FAD XF . 76.31 -70.90 -63.70
C7M FAD XF . 77.35 -70.75 -62.62
C8 FAD XF . 75.51 -72.05 -63.78
C8M FAD XF . 75.52 -73.08 -62.69
C9 FAD XF . 74.61 -72.19 -64.84
C9A FAD XF . 74.46 -71.17 -65.76
N10 FAD XF . 73.54 -71.24 -66.78
C10 FAD XF . 73.39 -70.20 -67.63
C1' FAD XF . 72.62 -72.40 -66.81
C2' FAD XF . 71.27 -71.96 -66.25
O2' FAD XF . 71.45 -70.93 -65.29
C3' FAD XF . 70.54 -73.13 -65.60
O3' FAD XF . 70.36 -74.18 -66.54
C4' FAD XF . 69.17 -72.69 -65.06
O4' FAD XF . 69.38 -71.81 -63.95
C5' FAD XF . 68.26 -73.81 -64.66
O5' FAD XF . 67.15 -73.17 -64.00
P FAD XF . 65.88 -73.93 -63.42
O1P FAD XF . 64.78 -72.99 -63.19
O2P FAD XF . 65.55 -75.08 -64.35
O3P FAD XF . 66.38 -74.57 -62.05
FE1 FES YF . 77.55 -68.42 -50.11
FE2 FES YF . 75.20 -68.55 -51.43
S1 FES YF . 76.33 -70.21 -50.51
S2 FES YF . 76.33 -66.76 -50.87
FE1 SF4 ZF . 72.33 -56.32 -46.90
FE2 SF4 ZF . 73.10 -58.63 -48.15
FE3 SF4 ZF . 74.42 -56.31 -48.68
FE4 SF4 ZF . 71.86 -56.68 -49.59
S1 SF4 ZF . 73.71 -57.85 -50.20
S2 SF4 ZF . 72.71 -54.81 -48.58
S3 SF4 ZF . 70.97 -57.88 -47.86
S4 SF4 ZF . 74.32 -57.39 -46.68
FE1 F3S AG . 70.64 -47.09 -40.44
FE3 F3S AG . 70.95 -49.36 -39.15
FE4 F3S AG . 72.43 -48.86 -41.17
S1 F3S AG . 70.64 -47.34 -38.19
S2 F3S AG . 72.76 -46.62 -41.08
S3 F3S AG . 70.20 -49.15 -41.27
S4 F3S AG . 73.14 -49.86 -39.28
K K BG . 60.76 -43.05 -60.47
C1 CDL CG . 13.26 -45.39 21.07
O1 CDL CG . 14.20 -45.99 20.17
CA2 CDL CG . 12.25 -46.44 21.47
OA2 CDL CG . 12.79 -47.22 22.55
PA1 CDL CG . 11.84 -47.76 23.70
OA3 CDL CG . 10.74 -46.79 23.90
OA4 CDL CG . 11.51 -49.19 23.45
OA5 CDL CG . 12.72 -47.69 25.02
CA3 CDL CG . 12.98 -46.41 25.62
CA4 CDL CG . 14.03 -46.60 26.67
OA6 CDL CG . 15.30 -46.70 25.98
CA5 CDL CG . 16.06 -45.58 25.87
OA7 CDL CG . 15.83 -44.57 26.46
C11 CDL CG . 17.18 -45.80 24.91
C12 CDL CG . 18.48 -45.16 25.37
C13 CDL CG . 19.00 -45.77 26.64
C14 CDL CG . 20.34 -45.23 27.06
C15 CDL CG . 20.81 -45.72 28.42
C16 CDL CG . 22.05 -45.01 28.90
C17 CDL CG . 22.58 -45.51 30.23
C18 CDL CG . 23.85 -44.79 30.64
C19 CDL CG . 24.56 -45.41 31.82
C20 CDL CG . 25.87 -44.72 32.14
C21 CDL CG . 26.64 -45.34 33.29
C22 CDL CG . 27.98 -44.67 33.55
C23 CDL CG . 28.74 -45.25 34.72
C24 CDL CG . 30.04 -44.51 35.00
C25 CDL CG . 30.97 -45.23 35.96
C26 CDL CG . 30.31 -45.70 37.25
C27 CDL CG . 31.29 -45.89 38.37
CA6 CDL CG . 13.83 -47.88 27.42
OA8 CDL CG . 14.61 -47.75 28.64
CA7 CDL CG . 15.90 -48.02 28.55
OA9 CDL CG . 16.42 -48.55 27.60
C31 CDL CG . 16.62 -47.52 29.76
C32 CDL CG . 18.13 -47.69 29.66
C33 CDL CG . 18.60 -49.05 30.11
C34 CDL CG . 18.74 -49.16 31.61
C35 CDL CG . 19.94 -48.41 32.16
C36 CDL CG . 19.64 -47.63 33.43
C37 CDL CG . 19.17 -48.48 34.59
C38 CDL CG . 18.98 -47.68 35.86
C39 CDL CG . 18.24 -48.43 36.96
C40 CDL CG . 17.87 -47.58 38.15
C41 CDL CG . 19.05 -46.85 38.78
C42 CDL CG . 18.74 -46.21 40.12
C43 CDL CG . 19.90 -45.43 40.71
C44 CDL CG . 19.65 -44.98 42.14
C45 CDL CG . 20.81 -44.20 42.75
C46 CDL CG . 20.87 -44.28 44.26
C47 CDL CG . 22.15 -43.74 44.84
CB2 CDL CG . 14.01 -44.76 22.21
OB2 CDL CG . 13.13 -43.89 22.95
PB2 CDL CG . 13.14 -42.32 22.71
OB3 CDL CG . 13.17 -42.13 21.25
OB4 CDL CG . 12.03 -41.74 23.49
OB5 CDL CG . 14.51 -41.74 23.30
CB3 CDL CG . 15.16 -42.33 24.45
CB4 CDL CG . 15.80 -41.23 25.26
OB6 CDL CG . 15.28 -39.96 24.78
CB5 CDL CG . 14.26 -39.42 25.44
OB7 CDL CG . 13.58 -40.02 26.23
C51 CDL CG . 14.12 -37.96 25.13
C52 CDL CG . 14.61 -37.09 26.27
C53 CDL CG . 14.29 -35.63 26.08
C54 CDL CG . 14.65 -34.74 27.26
C55 CDL CG . 16.13 -34.36 27.33
C56 CDL CG . 16.41 -33.25 28.31
C57 CDL CG . 17.88 -32.85 28.39
C58 CDL CG . 18.12 -31.55 29.14
C59 CDL CG . 19.60 -31.20 29.30
C60 CDL CG . 19.84 -29.75 29.68
C61 CDL CG . 21.31 -29.41 29.91
C62 CDL CG . 21.57 -27.91 29.95
C63 CDL CG . 22.96 -27.52 30.43
C64 CDL CG . 24.10 -28.09 29.59
C65 CDL CG . 24.71 -29.35 30.18
C66 CDL CG . 25.91 -29.87 29.42
C67 CDL CG . 26.54 -31.06 30.11
CB6 CDL CG . 17.28 -41.17 25.05
OB8 CDL CG . 17.96 -41.67 26.23
CB7 CDL CG . 18.55 -40.79 27.04
OB9 CDL CG . 18.43 -39.60 26.93
C71 CDL CG . 19.39 -41.46 28.08
C72 CDL CG . 20.08 -40.47 29.01
C73 CDL CG . 21.02 -41.14 30.01
C74 CDL CG . 21.86 -40.16 30.80
C75 CDL CG . 22.85 -40.81 31.75
C76 CDL CG . 24.09 -39.99 32.02
C77 CDL CG . 23.83 -38.69 32.76
C78 CDL CG . 23.84 -38.84 34.27
C79 CDL CG . 25.24 -38.87 34.87
C80 CDL CG . 25.26 -38.94 36.39
C81 CDL CG . 26.63 -38.73 36.99
C82 CDL CG . 26.69 -39.02 38.48
C83 CDL CG . 28.05 -38.74 39.10
C84 CDL CG . 28.16 -39.17 40.55
C85 CDL CG . 29.50 -38.83 41.19
C86 CDL CG . 29.64 -39.35 42.61
C87 CDL CG . 30.97 -39.02 43.23
C27 PEE DG . 72.76 -17.74 -24.66
C26 PEE DG . 71.74 -18.46 -23.82
C25 PEE DG . 70.32 -18.35 -24.35
C24 PEE DG . 69.28 -18.85 -23.37
C23 PEE DG . 69.17 -20.36 -23.34
C22 PEE DG . 68.50 -20.91 -22.09
C21 PEE DG . 67.20 -20.25 -21.72
C20 PEE DG . 66.41 -21.02 -20.68
C19 PEE DG . 65.02 -20.49 -20.43
C18 PEE DG . 64.42 -20.91 -19.11
C17 PEE DG . 65.10 -20.26 -17.91
C16 PEE DG . 64.49 -20.61 -16.57
C15 PEE DG . 65.30 -20.12 -15.39
C14 PEE DG . 65.32 -18.61 -15.26
C13 PEE DG . 66.36 -18.08 -14.29
C12 PEE DG . 66.51 -16.58 -14.28
C11 PEE DG . 67.71 -16.16 -13.45
C10 PEE DG . 67.96 -14.69 -13.32
O4 PEE DG . 67.36 -13.81 -13.88
O2 PEE DG . 69.04 -14.48 -12.55
C2 PEE DG . 70.21 -13.87 -13.18
C1 PEE DG . 70.40 -12.44 -12.77
O3P PEE DG . 70.20 -12.34 -11.35
P PEE DG . 70.57 -11.02 -10.57
O2P PEE DG . 69.47 -10.86 -9.55
O1P PEE DG . 70.75 -9.87 -11.49
O4P PEE DG . 71.92 -11.46 -9.80
C4 PEE DG . 71.82 -12.32 -8.63
C5 PEE DG . 72.99 -13.26 -8.55
N PEE DG . 72.73 -14.50 -9.33
C3 PEE DG . 71.33 -14.77 -12.76
O3 PEE DG . 71.25 -15.86 -13.71
C30 PEE DG . 71.90 -15.68 -14.86
O5 PEE DG . 72.91 -15.04 -14.96
C31 PEE DG . 71.15 -16.30 -15.99
C32 PEE DG . 71.85 -17.48 -16.63
C33 PEE DG . 71.12 -17.97 -17.86
C34 PEE DG . 71.95 -18.88 -18.73
C35 PEE DG . 71.28 -19.28 -20.02
C36 PEE DG . 72.08 -20.28 -20.84
C37 PEE DG . 73.44 -19.77 -21.27
C38 PEE DG . 74.58 -20.17 -20.34
C39 PEE DG . 75.85 -19.37 -20.54
C40 PEE DG . 76.40 -19.42 -21.95
C41 PEE DG . 76.82 -20.80 -22.41
C42 PEE DG . 77.66 -20.80 -23.67
C43 PEE DG . 78.16 -22.18 -24.09
C44 PEE DG . 79.09 -22.16 -25.28
C45 PEE DG . 80.50 -21.72 -24.95
C46 PEE DG . 81.44 -21.76 -26.15
C47 PEE DG . 82.84 -21.28 -25.83
O12 PC1 EG . 52.41 -4.82 -16.16
P PC1 EG . 53.78 -5.28 -16.50
O14 PC1 EG . 54.78 -4.30 -16.97
O13 PC1 EG . 54.42 -5.95 -15.20
C11 PC1 EG . 53.96 -7.23 -14.72
C12 PC1 EG . 54.85 -7.51 -13.54
N PC1 EG . 56.29 -7.78 -13.86
C13 PC1 EG . 56.40 -8.87 -14.88
C14 PC1 EG . 56.99 -8.22 -12.61
C15 PC1 EG . 56.98 -6.56 -14.37
O11 PC1 EG . 53.68 -6.41 -17.62
C1 PC1 EG . 52.54 -7.28 -17.69
C2 PC1 EG . 53.02 -8.67 -17.98
O21 PC1 EG . 53.60 -8.72 -19.31
C21 PC1 EG . 52.90 -9.24 -20.32
O22 PC1 EG . 51.73 -8.99 -20.53
C22 PC1 EG . 53.74 -10.22 -21.06
C23 PC1 EG . 53.48 -10.35 -22.56
C24 PC1 EG . 52.34 -11.28 -22.88
C25 PC1 EG . 52.33 -11.72 -24.33
C26 PC1 EG . 51.64 -13.05 -24.56
C27 PC1 EG . 51.57 -13.46 -26.02
C28 PC1 EG . 50.86 -12.45 -26.89
C29 PC1 EG . 50.32 -13.03 -28.18
C2A PC1 EG . 49.63 -11.99 -29.05
C2B PC1 EG . 48.96 -12.56 -30.28
C2C PC1 EG . 48.67 -11.51 -31.34
C2D PC1 EG . 47.72 -11.98 -32.43
C2E PC1 EG . 47.90 -11.24 -33.74
C2F PC1 EG . 46.65 -11.10 -34.58
C2G PC1 EG . 45.59 -10.20 -33.95
C2H PC1 EG . 44.36 -10.03 -34.81
C2I PC1 EG . 43.29 -9.22 -34.12
C3 PC1 EG . 51.91 -9.69 -17.83
O31 PC1 EG . 52.36 -11.02 -18.20
C31 PC1 EG . 53.23 -11.62 -17.41
O32 PC1 EG . 53.84 -11.07 -16.53
C32 PC1 EG . 53.37 -13.08 -17.73
C33 PC1 EG . 53.91 -13.36 -19.12
C34 PC1 EG . 54.44 -14.76 -19.28
C35 PC1 EG . 54.73 -15.12 -20.71
C36 PC1 EG . 53.52 -15.62 -21.48
C37 PC1 EG . 53.81 -15.98 -22.93
C38 PC1 EG . 52.61 -16.56 -23.65
C39 PC1 EG . 52.81 -16.72 -25.14
C3A PC1 EG . 51.55 -17.10 -25.89
C3B PC1 EG . 51.66 -17.01 -27.39
C3C PC1 EG . 50.32 -17.06 -28.11
C3D PC1 EG . 50.42 -16.93 -29.61
C3E PC1 EG . 49.08 -16.71 -30.30
C3F PC1 EG . 49.20 -16.43 -31.78
C3G PC1 EG . 47.93 -15.89 -32.42
C3H PC1 EG . 48.14 -15.40 -33.84
C3I PC1 EG . 46.89 -14.86 -34.50
O12 PC1 FG . 56.83 -2.26 -23.85
P PC1 FG . 56.72 -2.02 -22.40
O14 PC1 FG . 57.95 -2.09 -21.56
O13 PC1 FG . 56.11 -0.57 -22.18
C11 PC1 FG . 56.91 0.58 -22.51
C12 PC1 FG . 55.86 1.56 -22.98
N PC1 FG . 55.55 2.70 -22.05
C13 PC1 FG . 56.74 3.60 -21.89
C14 PC1 FG . 54.42 3.49 -22.62
C15 PC1 FG . 55.16 2.16 -20.72
O11 PC1 FG . 55.63 -2.98 -21.75
C1 PC1 FG . 54.38 -3.22 -22.41
C2 PC1 FG . 54.41 -4.60 -22.99
O21 PC1 FG . 53.14 -4.85 -23.67
C21 PC1 FG . 53.12 -5.86 -24.54
O22 PC1 FG . 53.72 -6.89 -24.39
C22 PC1 FG . 52.35 -5.50 -25.77
C23 PC1 FG . 52.55 -6.54 -26.87
C24 PC1 FG . 51.91 -6.20 -28.18
C25 PC1 FG . 52.21 -7.23 -29.24
C26 PC1 FG . 51.38 -7.15 -30.50
C27 PC1 FG . 51.59 -8.35 -31.40
C28 PC1 FG . 50.86 -8.27 -32.72
C29 PC1 FG . 51.22 -9.38 -33.68
C2A PC1 FG . 50.56 -9.27 -35.04
C2B PC1 FG . 50.64 -10.53 -35.87
C2C PC1 FG . 49.61 -10.61 -36.98
C2D PC1 FG . 49.26 -12.02 -37.40
C2E PC1 FG . 48.25 -12.09 -38.53
C2F PC1 FG . 47.99 -13.50 -39.03
C2G PC1 FG . 47.09 -13.59 -40.24
C2H PC1 FG . 47.00 -14.99 -40.80
C2I PC1 FG . 46.27 -15.06 -42.12
C3 PC1 FG . 54.73 -5.66 -21.98
O31 PC1 FG . 56.00 -6.10 -22.49
C31 PC1 FG . 56.11 -7.36 -22.88
O32 PC1 FG . 55.54 -8.27 -22.36
C32 PC1 FG . 56.95 -7.45 -24.12
C33 PC1 FG . 57.23 -8.86 -24.57
C34 PC1 FG . 55.99 -9.56 -25.09
C35 PC1 FG . 55.60 -9.17 -26.51
C36 PC1 FG . 54.42 -9.95 -27.05
C37 PC1 FG . 54.31 -9.93 -28.56
C38 PC1 FG . 53.31 -10.90 -29.12
C39 PC1 FG . 53.56 -11.32 -30.56
C3A PC1 FG . 52.43 -12.11 -31.16
C3B PC1 FG . 52.62 -12.60 -32.58
C3C PC1 FG . 51.53 -13.56 -33.01
C3D PC1 FG . 51.45 -13.83 -34.50
C3E PC1 FG . 51.50 -15.30 -34.84
C3F PC1 FG . 51.36 -15.58 -36.32
C3G PC1 FG . 49.98 -15.48 -36.89
C3H PC1 FG . 49.36 -16.83 -37.21
C3I PC1 FG . 48.42 -16.80 -38.37
C1 CDL GG . 45.07 -43.81 -14.22
O1 CDL GG . 45.26 -42.68 -13.37
CA2 CDL GG . 46.29 -43.93 -15.09
OA2 CDL GG . 46.97 -42.66 -15.09
PA1 CDL GG . 48.27 -42.50 -15.99
OA3 CDL GG . 48.90 -43.83 -16.01
OA4 CDL GG . 47.86 -41.89 -17.27
OA5 CDL GG . 49.22 -41.50 -15.20
CA3 CDL GG . 48.65 -40.33 -14.59
CA4 CDL GG . 49.61 -39.18 -14.69
OA6 CDL GG . 48.81 -37.96 -14.71
CA5 CDL GG . 49.32 -36.86 -14.16
OA7 CDL GG . 50.31 -36.86 -13.47
C11 CDL GG . 48.55 -35.65 -14.54
C12 CDL GG . 48.50 -34.58 -13.47
C13 CDL GG . 47.67 -33.38 -13.89
C14 CDL GG . 47.73 -32.24 -12.90
C15 CDL GG . 46.64 -31.21 -13.10
C16 CDL GG . 46.65 -30.12 -12.05
C17 CDL GG . 45.44 -29.22 -12.09
C18 CDL GG . 45.72 -27.80 -11.61
C19 CDL GG . 44.50 -26.89 -11.65
C20 CDL GG . 44.80 -25.44 -11.33
C21 CDL GG . 44.97 -25.15 -9.85
C22 CDL GG . 43.67 -25.11 -9.07
C23 CDL GG . 42.71 -24.02 -9.48
C24 CDL GG . 43.22 -22.61 -9.21
C25 CDL GG . 43.90 -21.95 -10.39
C26 CDL GG . 44.35 -20.53 -10.09
C27 CDL GG . 44.95 -19.84 -11.29
CA6 CDL GG . 50.36 -39.19 -15.99
OA8 CDL GG . 51.52 -38.34 -15.86
CA7 CDL GG . 52.58 -38.87 -15.26
OA9 CDL GG . 52.55 -39.94 -14.69
C31 CDL GG . 53.77 -38.00 -15.41
C32 CDL GG . 53.76 -36.76 -14.55
C33 CDL GG . 54.67 -35.68 -15.11
C34 CDL GG . 56.14 -36.08 -15.20
C35 CDL GG . 57.03 -35.31 -14.25
C36 CDL GG . 56.71 -35.58 -12.80
C37 CDL GG . 56.94 -34.38 -11.90
C38 CDL GG . 55.82 -34.15 -10.90
C39 CDL GG . 55.86 -32.78 -10.25
C40 CDL GG . 54.78 -32.60 -9.20
C41 CDL GG . 54.48 -31.16 -8.86
C42 CDL GG . 55.66 -30.41 -8.26
C43 CDL GG . 55.33 -28.98 -7.87
C44 CDL GG . 54.47 -28.84 -6.63
C45 CDL GG . 55.17 -29.24 -5.34
C46 CDL GG . 54.38 -29.00 -4.08
C47 CDL GG . 54.25 -27.53 -3.73
CB2 CDL GG . 43.80 -43.61 -15.01
OB2 CDL GG . 43.42 -42.23 -14.91
PB2 CDL GG . 41.90 -41.80 -15.15
OB3 CDL GG . 41.92 -40.57 -15.97
OB4 CDL GG . 41.13 -42.97 -15.64
OB5 CDL GG . 41.37 -41.36 -13.72
CB3 CDL GG . 41.76 -42.07 -12.53
CB4 CDL GG . 42.46 -41.13 -11.61
OB6 CDL GG . 42.84 -41.94 -10.46
CB5 CDL GG . 44.15 -42.12 -10.23
OB7 CDL GG . 45.01 -41.44 -10.70
C51 CDL GG . 44.36 -43.30 -9.33
C52 CDL GG . 45.55 -44.16 -9.73
C53 CDL GG . 45.86 -45.22 -8.68
C54 CDL GG . 44.79 -46.27 -8.53
C55 CDL GG . 44.34 -46.48 -7.09
C56 CDL GG . 43.51 -45.35 -6.53
C57 CDL GG . 42.13 -45.20 -7.14
C58 CDL GG . 41.20 -46.36 -6.85
C59 CDL GG . 41.16 -47.42 -7.94
C60 CDL GG . 40.47 -48.69 -7.49
C61 CDL GG . 40.29 -49.73 -8.58
C62 CDL GG . 39.58 -50.98 -8.10
C63 CDL GG . 39.14 -51.90 -9.23
C64 CDL GG . 38.43 -53.15 -8.74
C65 CDL GG . 37.91 -54.03 -9.86
C66 CDL GG . 37.35 -55.36 -9.40
C67 CDL GG . 36.17 -55.23 -8.46
CB6 CDL GG . 41.53 -40.04 -11.15
OB8 CDL GG . 42.15 -39.33 -10.06
CB7 CDL GG . 41.38 -38.44 -9.43
OB9 CDL GG . 40.19 -38.34 -9.62
C71 CDL GG . 42.17 -37.59 -8.49
C72 CDL GG . 41.35 -36.42 -7.97
C73 CDL GG . 42.11 -35.49 -7.05
C74 CDL GG . 41.69 -34.04 -7.19
C75 CDL GG . 41.65 -33.25 -5.90
C76 CDL GG . 40.50 -33.62 -4.98
C77 CDL GG . 40.03 -32.48 -4.10
C78 CDL GG . 38.99 -32.88 -3.06
C79 CDL GG . 39.50 -33.87 -2.02
C80 CDL GG . 40.72 -33.39 -1.26
C81 CDL GG . 41.29 -34.40 -0.30
C82 CDL GG . 42.62 -33.96 0.30
C83 CDL GG . 43.32 -35.03 1.13
C84 CDL GG . 42.49 -35.50 2.31
C85 CDL GG . 43.24 -36.41 3.28
C86 CDL GG . 44.43 -35.78 3.97
C87 CDL GG . 44.07 -34.55 4.78
C27 PEE HG . 48.78 -35.53 -3.97
C26 PEE HG . 49.75 -35.75 -2.84
C25 PEE HG . 49.98 -34.50 -2.01
C24 PEE HG . 50.90 -34.70 -0.82
C23 PEE HG . 50.99 -33.50 0.10
C22 PEE HG . 51.73 -32.31 -0.51
C21 PEE HG . 51.79 -31.11 0.42
C20 PEE HG . 52.77 -30.04 -0.02
C19 PEE HG . 53.09 -29.02 1.05
C18 PEE HG . 54.56 -28.64 1.11
C17 PEE HG . 55.05 -27.89 -0.11
C16 PEE HG . 54.50 -26.48 -0.24
C15 PEE HG . 55.54 -25.47 -0.73
C14 PEE HG . 56.60 -25.16 0.31
C13 PEE HG . 56.20 -24.09 1.29
C12 PEE HG . 56.48 -22.70 0.79
C11 PEE HG . 56.61 -21.69 1.91
C10 PEE HG . 55.34 -21.42 2.65
O4 PEE HG . 55.13 -21.73 3.79
O2 PEE HG . 54.49 -20.74 1.89
C2 PEE HG . 53.53 -19.89 2.58
C1 PEE HG . 54.31 -18.66 2.95
O3P PEE HG . 53.47 -17.77 3.71
P PEE HG . 53.79 -17.42 5.21
O2P PEE HG . 54.46 -16.07 5.23
O1P PEE HG . 54.51 -18.49 5.91
O4P PEE HG . 52.30 -17.19 5.78
C4 PEE HG . 51.17 -17.16 4.87
C5 PEE HG . 49.91 -16.85 5.62
N PEE HG . 50.11 -15.69 6.52
C3 PEE HG . 52.43 -19.58 1.59
O3 PEE HG . 52.23 -20.78 0.82
C30 PEE HG . 51.12 -21.47 1.05
O5 PEE HG . 50.25 -21.11 1.79
C31 PEE HG . 51.11 -22.76 0.29
C32 PEE HG . 49.87 -23.59 0.56
C33 PEE HG . 49.84 -24.89 -0.22
C34 PEE HG . 48.53 -25.64 -0.09
C35 PEE HG . 47.37 -25.00 -0.85
C36 PEE HG . 46.07 -25.75 -0.74
C37 PEE HG . 45.25 -25.40 0.50
C38 PEE HG . 43.97 -26.19 0.62
C39 PEE HG . 44.16 -27.60 1.15
C40 PEE HG . 42.85 -28.36 1.31
C41 PEE HG . 43.02 -29.69 2.03
C42 PEE HG . 41.73 -30.47 2.17
C43 PEE HG . 41.80 -31.58 3.20
C44 PEE HG . 40.53 -32.40 3.33
C45 PEE HG . 40.47 -33.25 4.58
C46 PEE HG . 39.28 -34.19 4.63
C47 PEE HG . 39.35 -35.15 5.79
C27 PEE IG . 84.19 -23.24 -22.52
C26 PEE IG . 83.07 -22.31 -22.12
C25 PEE IG . 81.97 -23.04 -21.36
C24 PEE IG . 80.82 -22.17 -20.90
C23 PEE IG . 79.86 -22.88 -19.97
C22 PEE IG . 78.96 -21.97 -19.16
C21 PEE IG . 78.03 -22.72 -18.24
C20 PEE IG . 77.06 -21.87 -17.45
C19 PEE IG . 76.26 -22.68 -16.46
C18 PEE IG . 75.35 -21.87 -15.56
C17 PEE IG . 74.65 -22.73 -14.53
C16 PEE IG . 73.82 -21.95 -13.53
C15 PEE IG . 72.55 -21.37 -14.11
C14 PEE IG . 71.71 -20.63 -13.09
C13 PEE IG . 70.48 -19.99 -13.67
C12 PEE IG . 69.87 -18.95 -12.75
C11 PEE IG . 69.20 -19.59 -11.54
C10 PEE IG . 68.80 -18.64 -10.47
O4 PEE IG . 69.53 -18.18 -9.64
O2 PEE IG . 67.48 -18.43 -10.49
C2 PEE IG . 66.79 -18.33 -9.21
C1 PEE IG . 65.84 -17.16 -9.25
O3P PEE IG . 66.51 -16.05 -8.63
P PEE IG . 66.02 -15.39 -7.28
O2P PEE IG . 66.99 -14.27 -6.99
O1P PEE IG . 65.81 -16.38 -6.20
O4P PEE IG . 64.64 -14.72 -7.74
C4 PEE IG . 64.54 -14.18 -9.08
C5 PEE IG . 63.61 -13.00 -9.10
N PEE IG . 64.11 -11.92 -8.22
C3 PEE IG . 66.07 -19.64 -9.13
O3 PEE IG . 65.39 -19.80 -10.39
C30 PEE IG . 64.07 -19.66 -10.39
O5 PEE IG . 63.42 -19.45 -9.39
C31 PEE IG . 63.51 -19.76 -11.77
C32 PEE IG . 62.12 -20.39 -11.80
C33 PEE IG . 61.37 -20.09 -13.08
C34 PEE IG . 61.83 -20.91 -14.27
C35 PEE IG . 60.96 -22.12 -14.55
C36 PEE IG . 61.30 -22.80 -15.85
C37 PEE IG . 60.43 -23.98 -16.19
C38 PEE IG . 60.43 -25.08 -15.15
C39 PEE IG . 59.97 -26.43 -15.67
C40 PEE IG . 58.46 -26.59 -15.75
C41 PEE IG . 57.79 -25.96 -16.96
C42 PEE IG . 58.24 -26.53 -18.30
C43 PEE IG . 59.10 -25.61 -19.15
C44 PEE IG . 58.50 -24.23 -19.37
C45 PEE IG . 59.14 -23.42 -20.48
C46 PEE IG . 60.32 -22.56 -20.06
C47 PEE IG . 61.60 -23.33 -20.03
O12 PC1 JG . 51.85 -12.99 5.84
P PC1 JG . 50.99 -12.22 4.91
O14 PC1 JG . 50.22 -11.07 5.43
O13 PC1 JG . 51.87 -11.66 3.71
C11 PC1 JG . 52.25 -12.51 2.61
C12 PC1 JG . 53.70 -12.12 2.37
N PC1 JG . 53.95 -11.20 1.21
C13 PC1 JG . 53.42 -11.77 -0.07
C14 PC1 JG . 53.30 -9.87 1.45
C15 PC1 JG . 55.43 -11.00 1.08
O11 PC1 JG . 49.93 -13.22 4.26
C1 PC1 JG . 48.76 -12.69 3.60
C2 PC1 JG . 48.27 -13.73 2.64
O21 PC1 JG . 47.91 -14.94 3.36
C21 PC1 JG . 46.71 -15.49 3.10
O22 PC1 JG . 45.82 -14.90 2.56
C22 PC1 JG . 46.67 -16.93 3.51
C23 PC1 JG . 45.42 -17.63 3.02
C24 PC1 JG . 45.44 -19.13 3.19
C25 PC1 JG . 44.14 -19.80 2.75
C26 PC1 JG . 44.11 -21.30 2.99
C27 PC1 JG . 42.74 -21.91 2.71
C28 PC1 JG . 42.70 -23.41 2.93
C29 PC1 JG . 41.35 -24.04 2.63
C2A PC1 JG . 40.24 -23.58 3.57
C2B PC1 JG . 38.94 -24.34 3.37
C2C PC1 JG . 37.75 -23.69 4.08
C2D PC1 JG . 36.43 -24.41 3.85
C2E PC1 JG . 36.26 -25.66 4.69
C2F PC1 JG . 35.11 -26.54 4.25
C2G PC1 JG . 34.75 -27.65 5.23
C2H PC1 JG . 33.92 -28.77 4.64
C2I PC1 JG . 32.55 -28.35 4.19
C3 PC1 JG . 49.34 -14.14 1.67
O31 PC1 JG . 48.77 -15.12 0.79
C31 PC1 JG . 49.16 -16.39 0.93
O32 PC1 JG . 50.00 -16.74 1.71
C32 PC1 JG . 48.41 -17.29 0.01
C33 PC1 JG . 49.28 -18.40 -0.58
C34 PC1 JG . 48.47 -19.45 -1.31
C35 PC1 JG . 49.33 -20.41 -2.11
C36 PC1 JG . 48.58 -21.62 -2.63
C37 PC1 JG . 49.32 -22.38 -3.72
C38 PC1 JG . 49.42 -21.62 -5.04
C39 PC1 JG . 49.90 -22.45 -6.21
C3A PC1 JG . 48.78 -22.92 -7.13
C3B PC1 JG . 47.66 -23.66 -6.42
C3C PC1 JG . 48.08 -25.01 -5.85
C3D PC1 JG . 47.15 -25.54 -4.77
C3E PC1 JG . 45.70 -25.72 -5.19
C3F PC1 JG . 45.54 -26.44 -6.51
C3G PC1 JG . 46.14 -27.83 -6.56
C3H PC1 JG . 46.14 -28.41 -7.96
C3I PC1 JG . 46.30 -29.90 -7.97
C1 CDL KG . 59.65 -33.72 -30.24
O1 CDL KG . 60.89 -33.51 -29.57
CA2 CDL KG . 58.57 -33.95 -29.23
OA2 CDL KG . 57.47 -34.63 -29.87
PA1 CDL KG . 55.95 -34.24 -29.62
OA3 CDL KG . 55.90 -33.05 -28.74
OA4 CDL KG . 55.25 -34.21 -30.91
OA5 CDL KG . 55.37 -35.45 -28.75
CA3 CDL KG . 55.84 -36.79 -28.99
CA4 CDL KG . 55.03 -37.71 -28.11
OA6 CDL KG . 55.24 -39.07 -28.58
CA5 CDL KG . 55.20 -40.02 -27.65
OA7 CDL KG . 54.59 -39.94 -26.62
C11 CDL KG . 56.05 -41.19 -28.03
C12 CDL KG . 56.02 -42.28 -26.98
C13 CDL KG . 56.74 -43.54 -27.42
C14 CDL KG . 56.70 -44.66 -26.40
C15 CDL KG . 55.29 -45.11 -26.05
C16 CDL KG . 54.77 -44.50 -24.77
C17 CDL KG . 53.29 -44.71 -24.56
C18 CDL KG . 52.42 -43.91 -25.51
C19 CDL KG . 51.11 -43.45 -24.90
C20 CDL KG . 51.09 -42.00 -24.47
C21 CDL KG . 52.10 -41.67 -23.39
C22 CDL KG . 52.28 -40.18 -23.16
C23 CDL KG . 53.49 -39.85 -22.30
C24 CDL KG . 54.82 -40.09 -22.99
C25 CDL KG . 55.99 -40.18 -22.03
C26 CDL KG . 56.01 -41.46 -21.21
C27 CDL KG . 57.22 -41.56 -20.33
CA6 CDL KG . 53.57 -37.33 -28.12
OA8 CDL KG . 53.53 -36.26 -27.15
CA7 CDL KG . 53.36 -36.61 -25.88
OA9 CDL KG . 52.79 -37.61 -25.54
C31 CDL KG . 54.06 -35.65 -24.96
C32 CDL KG . 53.97 -36.08 -23.50
C33 CDL KG . 54.56 -35.06 -22.55
C34 CDL KG . 56.07 -34.99 -22.58
C35 CDL KG . 56.68 -34.62 -21.24
C36 CDL KG . 56.12 -33.34 -20.65
C37 CDL KG . 57.03 -32.66 -19.63
C38 CDL KG . 57.54 -33.58 -18.54
C39 CDL KG . 59.01 -33.94 -18.68
C40 CDL KG . 59.48 -35.03 -17.75
C41 CDL KG . 60.92 -35.44 -17.98
C42 CDL KG . 61.93 -34.54 -17.30
C43 CDL KG . 63.30 -34.53 -17.98
C44 CDL KG . 64.41 -33.96 -17.10
C45 CDL KG . 64.26 -32.49 -16.78
C46 CDL KG . 65.15 -31.98 -15.65
C47 CDL KG . 66.62 -32.05 -16.00
CB2 CDL KG . 59.36 -32.54 -31.11
OB2 CDL KG . 59.46 -31.36 -30.30
PB2 CDL KG . 59.27 -29.91 -30.92
OB3 CDL KG . 59.47 -30.01 -32.38
OB4 CDL KG . 58.04 -29.30 -30.39
OB5 CDL KG . 60.53 -29.15 -30.32
CB3 CDL KG . 60.51 -28.77 -28.92
CB4 CDL KG . 61.38 -29.70 -28.15
OB6 CDL KG . 60.61 -30.09 -26.96
CB5 CDL KG . 60.73 -31.35 -26.54
OB7 CDL KG . 61.57 -32.11 -26.93
C51 CDL KG . 59.69 -31.68 -25.52
C52 CDL KG . 59.91 -30.97 -24.19
C53 CDL KG . 59.23 -31.69 -23.03
C54 CDL KG . 59.70 -33.11 -22.80
C55 CDL KG . 61.20 -33.29 -22.83
C56 CDL KG . 61.91 -32.54 -21.72
C57 CDL KG . 63.42 -32.60 -21.81
C58 CDL KG . 64.10 -31.77 -20.74
C59 CDL KG . 65.60 -31.66 -20.92
C60 CDL KG . 66.26 -30.73 -19.91
C61 CDL KG . 67.76 -30.65 -20.06
C62 CDL KG . 68.23 -29.94 -21.30
C63 CDL KG . 69.72 -29.86 -21.43
C64 CDL KG . 70.18 -29.17 -22.70
C65 CDL KG . 71.68 -29.22 -22.91
C66 CDL KG . 72.14 -28.37 -24.10
C67 CDL KG . 73.51 -28.74 -24.57
CB6 CDL KG . 62.64 -29.01 -27.70
OB8 CDL KG . 63.43 -29.96 -26.95
CB7 CDL KG . 64.45 -29.46 -26.26
OB9 CDL KG . 64.49 -28.33 -25.85
C71 CDL KG . 65.56 -30.45 -26.16
C72 CDL KG . 65.29 -31.59 -25.20
C73 CDL KG . 66.01 -32.84 -25.64
C74 CDL KG . 65.86 -34.01 -24.71
C75 CDL KG . 66.81 -33.98 -23.53
C76 CDL KG . 66.69 -35.17 -22.59
C77 CDL KG . 67.06 -36.50 -23.23
C78 CDL KG . 66.76 -37.70 -22.36
C79 CDL KG . 66.52 -38.98 -23.13
C80 CDL KG . 65.98 -40.12 -22.29
C81 CDL KG . 67.00 -40.72 -21.31
C82 CDL KG . 67.83 -41.84 -21.89
C83 CDL KG . 68.47 -42.75 -20.83
C84 CDL KG . 69.60 -42.10 -20.07
C85 CDL KG . 69.83 -42.70 -18.69
C86 CDL KG . 70.27 -44.15 -18.70
C87 CDL KG . 70.52 -44.68 -17.31
C27 PEE LG . 60.68 -19.51 -17.86
C26 PEE LG . 60.94 -18.03 -17.73
C25 PEE LG . 62.36 -17.71 -17.33
C24 PEE LG . 62.69 -16.23 -17.35
C23 PEE LG . 63.93 -15.87 -16.56
C22 PEE LG . 64.21 -14.39 -16.47
C21 PEE LG . 64.77 -13.78 -17.73
C20 PEE LG . 66.19 -14.20 -18.05
C19 PEE LG . 67.24 -13.60 -17.13
C18 PEE LG . 68.67 -13.90 -17.54
C17 PEE LG . 69.07 -13.33 -18.88
C16 PEE LG . 70.41 -13.81 -19.40
C15 PEE LG . 71.54 -12.82 -19.22
C14 PEE LG . 71.97 -12.61 -17.79
C13 PEE LG . 73.26 -11.84 -17.67
C12 PEE LG . 73.86 -11.80 -16.28
C11 PEE LG . 73.21 -10.78 -15.35
C10 PEE LG . 74.17 -10.29 -14.32
O4 PEE LG . 74.66 -9.20 -14.30
O2 PEE LG . 74.43 -11.24 -13.42
C2 PEE LG . 75.50 -10.99 -12.45
C1 PEE LG . 75.08 -9.87 -11.54
O3P PEE LG . 75.12 -10.34 -10.18
P PEE LG . 76.19 -9.86 -9.08
O2P PEE LG . 77.10 -8.81 -9.71
O1P PEE LG . 76.91 -11.00 -8.46
O4P PEE LG . 75.24 -9.10 -8.01
C4 PEE LG . 73.90 -9.59 -7.77
C5 PEE LG . 72.91 -8.79 -8.56
N PEE LG . 73.26 -7.35 -8.58
C3 PEE LG . 75.72 -12.25 -11.67
O3 PEE LG . 76.14 -13.33 -12.53
C30 PEE LG . 77.42 -13.37 -12.87
O5 PEE LG . 78.17 -12.44 -12.80
C31 PEE LG . 77.82 -14.75 -13.34
C32 PEE LG . 79.29 -14.89 -13.68
C33 PEE LG . 79.62 -16.27 -14.22
C34 PEE LG . 80.86 -16.30 -15.08
C35 PEE LG . 81.13 -17.63 -15.77
C36 PEE LG . 82.26 -17.57 -16.76
C37 PEE LG . 82.53 -18.88 -17.48
C38 PEE LG . 83.59 -18.76 -18.56
C39 PEE LG . 83.92 -20.06 -19.26
C40 PEE LG . 84.77 -21.01 -18.44
C41 PEE LG . 85.17 -22.26 -19.19
C42 PEE LG . 86.04 -23.20 -18.37
C43 PEE LG . 86.44 -24.47 -19.11
C44 PEE LG . 87.42 -24.24 -20.25
C45 PEE LG . 87.90 -25.51 -20.91
C46 PEE LG . 88.78 -25.28 -22.12
C47 PEE LG . 89.17 -26.56 -22.81
O12 PC1 MG . 79.85 -7.34 -14.02
P PC1 MG . 78.54 -7.12 -14.67
O14 PC1 MG . 77.33 -6.97 -13.83
O13 PC1 MG . 78.64 -5.79 -15.55
C11 PC1 MG . 79.19 -4.58 -14.98
C12 PC1 MG . 80.57 -4.51 -15.56
N PC1 MG . 81.61 -3.83 -14.74
C13 PC1 MG . 82.88 -3.71 -15.52
C14 PC1 MG . 81.16 -2.47 -14.32
C15 PC1 MG . 81.89 -4.63 -13.50
O11 PC1 MG . 78.25 -8.30 -15.69
C1 PC1 MG . 77.53 -8.02 -16.91
C2 PC1 MG . 77.42 -9.28 -17.72
O21 PC1 MG . 78.51 -10.18 -17.36
C21 PC1 MG . 78.26 -11.13 -16.45
O22 PC1 MG . 77.27 -11.15 -15.77
C22 PC1 MG . 79.34 -12.15 -16.44
C23 PC1 MG . 78.92 -13.42 -17.15
C24 PC1 MG . 78.66 -13.20 -18.63
C25 PC1 MG . 78.00 -14.38 -19.33
C26 PC1 MG . 77.97 -14.24 -20.84
C27 PC1 MG . 77.02 -15.20 -21.52
C28 PC1 MG . 77.38 -15.47 -22.97
C29 PC1 MG . 76.37 -16.32 -23.71
C2A PC1 MG . 76.98 -17.21 -24.78
C2B PC1 MG . 75.97 -18.02 -25.56
C2C PC1 MG . 76.56 -18.78 -26.74
C2D PC1 MG . 75.58 -19.70 -27.43
C2E PC1 MG . 76.14 -20.41 -28.64
C2F PC1 MG . 77.33 -21.29 -28.34
C2G PC1 MG . 77.83 -22.09 -29.52
C2H PC1 MG . 79.04 -22.95 -29.20
C2I PC1 MG . 79.52 -23.76 -30.38
C3 PC1 MG . 77.62 -8.96 -19.17
O31 PC1 MG . 77.37 -10.07 -20.05
C31 PC1 MG . 76.18 -10.07 -20.64
O32 PC1 MG . 75.13 -10.04 -20.05
C32 PC1 MG . 76.35 -9.97 -22.11
C33 PC1 MG . 75.05 -9.76 -22.87
C34 PC1 MG . 74.37 -11.06 -23.19
C35 PC1 MG . 74.94 -11.75 -24.40
C36 PC1 MG . 74.49 -11.13 -25.70
C37 PC1 MG . 75.13 -11.74 -26.94
C38 PC1 MG . 74.64 -11.13 -28.23
C39 PC1 MG . 75.25 -11.72 -29.48
C3A PC1 MG . 74.72 -11.09 -30.75
C3B PC1 MG . 73.98 -12.05 -31.66
C3C PC1 MG . 72.77 -11.44 -32.35
C3D PC1 MG . 73.12 -10.50 -33.47
C3E PC1 MG . 71.92 -9.82 -34.11
C3F PC1 MG . 72.21 -9.14 -35.43
C3G PC1 MG . 70.99 -8.64 -36.16
C3H PC1 MG . 71.28 -8.13 -37.56
C3I PC1 MG . 70.03 -7.71 -38.31
C45 UQ8 NG . 82.72 -61.80 -0.21
C44 UQ8 NG . 83.47 -61.98 -1.53
C46 UQ8 NG . 84.98 -62.22 -1.50
C43 UQ8 NG . 82.86 -61.93 -2.71
C42 UQ8 NG . 81.36 -61.69 -2.83
C41 UQ8 NG . 80.94 -61.96 -4.28
C39 UQ8 NG . 79.51 -61.49 -4.54
C40 UQ8 NG . 78.43 -61.59 -3.45
C38 UQ8 NG . 79.22 -61.00 -5.73
C37 UQ8 NG . 77.81 -60.52 -6.08
C36 UQ8 NG . 77.53 -60.83 -7.56
C34 UQ8 NG . 76.44 -59.91 -8.06
C35 UQ8 NG . 75.10 -59.84 -7.32
C33 UQ8 NG . 76.65 -59.17 -9.13
C32 UQ8 NG . 75.56 -58.24 -9.65
C31 UQ8 NG . 76.17 -57.21 -10.60
C29 UQ8 NG . 75.28 -57.02 -11.82
C30 UQ8 NG . 74.95 -58.22 -12.71
C28 UQ8 NG . 74.82 -55.82 -12.09
C27 UQ8 NG . 73.92 -55.56 -13.30
C26 UQ8 NG . 72.48 -55.92 -12.92
C24 UQ8 NG . 71.67 -55.99 -14.21
C25 UQ8 NG . 71.92 -57.11 -15.20
C23 UQ8 NG . 70.75 -55.06 -14.41
C22 UQ8 NG . 69.89 -55.06 -15.68
C21 UQ8 NG . 70.76 -54.66 -16.86
C19 UQ8 NG . 70.24 -53.33 -17.39
C20 UQ8 NG . 70.49 -52.07 -16.56
C18 UQ8 NG . 69.60 -53.29 -18.53
C17 UQ8 NG . 69.05 -51.97 -19.08
C16 UQ8 NG . 70.18 -51.22 -19.79
C14 UQ8 NG . 69.61 -49.97 -20.45
C15 UQ8 NG . 70.00 -48.58 -19.93
C13 UQ8 NG . 68.79 -50.11 -21.46
C12 UQ8 NG . 68.18 -48.90 -22.19
C11 UQ8 NG . 67.20 -49.44 -23.24
C9 UQ8 NG . 67.94 -50.31 -24.25
C10 UQ8 NG . 69.23 -49.82 -24.91
C8 UQ8 NG . 67.43 -51.50 -24.50
C7 UQ8 NG . 68.09 -52.47 -25.48
C6 UQ8 NG . 67.86 -53.87 -24.92
C1 UQ8 NG . 68.74 -54.39 -23.79
C1M UQ8 NG . 69.84 -53.52 -23.21
C2 UQ8 NG . 68.51 -55.80 -23.23
O2 UQ8 NG . 69.20 -56.20 -22.36
C3 UQ8 NG . 67.41 -56.68 -23.81
O3 UQ8 NG . 67.20 -57.95 -23.29
C3M UQ8 NG . 66.35 -57.96 -22.18
C4 UQ8 NG . 66.54 -56.16 -24.93
O4 UQ8 NG . 65.52 -56.98 -25.45
C4M UQ8 NG . 66.00 -57.92 -26.37
C5 UQ8 NG . 66.75 -54.76 -25.49
O5 UQ8 NG . 66.07 -54.36 -26.37
O12 PC1 OG . 55.96 -8.52 -1.25
P PC1 OG . 54.83 -8.46 -2.21
O14 PC1 OG . 53.48 -8.10 -1.72
O13 PC1 OG . 55.20 -7.41 -3.35
C11 PC1 OG . 56.55 -6.88 -3.39
C12 PC1 OG . 56.46 -5.86 -4.50
N PC1 OG . 57.73 -5.14 -4.82
C13 PC1 OG . 58.74 -6.09 -5.39
C14 PC1 OG . 57.44 -4.06 -5.81
C15 PC1 OG . 58.30 -4.52 -3.59
O11 PC1 OG . 54.70 -9.84 -2.99
C1 PC1 OG . 54.04 -9.88 -4.27
C2 PC1 OG . 53.46 -11.25 -4.46
O21 PC1 OG . 52.66 -11.61 -3.30
C21 PC1 OG . 51.33 -11.66 -3.45
O22 PC1 OG . 50.74 -11.19 -4.39
C22 PC1 OG . 50.68 -12.42 -2.33
C23 PC1 OG . 49.65 -13.41 -2.83
C24 PC1 OG . 50.26 -14.50 -3.68
C25 PC1 OG . 49.40 -14.95 -4.84
C26 PC1 OG . 48.54 -16.16 -4.57
C27 PC1 OG . 49.31 -17.45 -4.37
C28 PC1 OG . 50.14 -17.87 -5.56
C29 PC1 OG . 49.32 -18.11 -6.82
C2A PC1 OG . 50.08 -18.82 -7.92
C2B PC1 OG . 49.38 -18.77 -9.26
C2C PC1 OG . 50.12 -19.52 -10.35
C2D PC1 OG . 49.45 -19.41 -11.70
C2E PC1 OG . 50.26 -18.66 -12.75
C2F PC1 OG . 50.45 -17.19 -12.43
C2G PC1 OG . 49.16 -16.41 -12.31
C2H PC1 OG . 49.31 -14.90 -12.33
C2I PC1 OG . 49.61 -14.36 -13.71
C3 PC1 OG . 54.53 -12.30 -4.58
O31 PC1 OG . 53.90 -13.52 -5.01
C31 PC1 OG . 54.70 -14.55 -5.23
O32 PC1 OG . 55.89 -14.50 -5.21
C32 PC1 OG . 53.89 -15.80 -5.43
C33 PC1 OG . 54.52 -16.79 -6.40
C34 PC1 OG . 53.70 -18.05 -6.48
C35 PC1 OG . 54.32 -19.14 -7.32
C36 PC1 OG . 53.50 -20.41 -7.36
C37 PC1 OG . 54.30 -21.60 -7.82
C38 PC1 OG . 53.57 -22.93 -7.68
C39 PC1 OG . 52.59 -23.22 -8.80
C3A PC1 OG . 52.61 -24.67 -9.24
C3B PC1 OG . 51.60 -25.02 -10.31
C3C PC1 OG . 52.04 -26.12 -11.26
C3D PC1 OG . 52.55 -27.40 -10.59
C3E PC1 OG . 51.45 -28.31 -10.06
C3F PC1 OG . 50.99 -27.97 -8.65
C3G PC1 OG . 49.99 -28.96 -8.08
C3H PC1 OG . 50.60 -30.30 -7.70
C3I PC1 OG . 49.58 -31.31 -7.25
C1 CDL PG . 69.78 -24.60 -3.27
O1 CDL PG . 68.44 -24.11 -3.36
CA2 CDL PG . 70.66 -23.55 -2.64
OA2 CDL PG . 70.07 -22.26 -2.95
PA1 CDL PG . 70.90 -21.22 -3.84
OA3 CDL PG . 70.08 -19.98 -3.83
OA4 CDL PG . 72.29 -21.17 -3.35
OA5 CDL PG . 70.91 -21.74 -5.34
CA3 CDL PG . 69.75 -22.37 -5.93
CA4 CDL PG . 69.12 -21.41 -6.90
OA6 CDL PG . 67.90 -22.02 -7.41
CA5 CDL PG . 66.82 -22.00 -6.61
OA7 CDL PG . 66.80 -21.54 -5.51
C11 CDL PG . 65.65 -22.65 -7.30
C12 CDL PG . 65.92 -24.10 -7.63
C13 CDL PG . 65.07 -24.61 -8.77
C14 CDL PG . 65.36 -23.98 -10.11
C15 CDL PG . 64.89 -24.83 -11.28
C16 CDL PG . 65.02 -24.19 -12.65
C17 CDL PG . 64.48 -25.07 -13.76
C18 CDL PG . 64.68 -24.53 -15.16
C19 CDL PG . 64.08 -25.42 -16.24
C20 CDL PG . 64.28 -24.91 -17.65
C21 CDL PG . 64.00 -25.96 -18.72
C22 CDL PG . 64.37 -25.53 -20.13
C23 CDL PG . 64.53 -26.69 -21.12
C24 CDL PG . 63.33 -26.89 -22.02
C25 CDL PG . 62.04 -27.23 -21.29
C26 CDL PG . 62.04 -28.59 -20.62
C27 CDL PG . 60.73 -28.94 -19.96
CA6 CDL PG . 70.02 -21.16 -8.09
OA8 CDL PG . 70.45 -22.44 -8.61
CA7 CDL PG . 69.66 -23.07 -9.47
OA9 CDL PG . 68.58 -22.64 -9.83
C31 CDL PG . 70.27 -24.36 -9.95
C32 CDL PG . 69.32 -25.55 -9.85
C33 CDL PG . 68.30 -25.65 -10.97
C34 CDL PG . 68.73 -26.55 -12.12
C35 CDL PG . 67.62 -26.84 -13.12
C36 CDL PG . 68.06 -27.72 -14.29
C37 CDL PG . 66.91 -28.23 -15.15
C38 CDL PG . 67.28 -28.44 -16.61
C39 CDL PG . 67.46 -27.16 -17.38
C40 CDL PG . 67.78 -27.35 -18.86
C41 CDL PG . 68.07 -26.04 -19.58
C42 CDL PG . 68.56 -26.21 -21.00
C43 CDL PG . 68.82 -24.89 -21.70
C44 CDL PG . 69.68 -25.00 -22.95
C45 CDL PG . 69.78 -23.71 -23.73
C46 CDL PG . 70.65 -23.76 -24.97
C47 CDL PG . 70.44 -22.57 -25.86
CB2 CDL PG . 69.76 -25.90 -2.52
OB2 CDL PG . 68.97 -26.84 -3.26
PB2 CDL PG . 67.98 -27.82 -2.49
OB3 CDL PG . 68.57 -28.08 -1.16
OB4 CDL PG . 66.60 -27.30 -2.58
OB5 CDL PG . 68.08 -29.18 -3.32
CB3 CDL PG . 69.37 -29.67 -3.76
CB4 CDL PG . 69.14 -30.47 -5.01
OB6 CDL PG . 68.31 -31.61 -4.67
CB5 CDL PG . 67.46 -32.07 -5.60
OB7 CDL PG . 67.35 -31.60 -6.70
C51 CDL PG . 66.69 -33.24 -5.07
C52 CDL PG . 67.54 -34.50 -4.98
C53 CDL PG . 67.93 -35.06 -6.33
C54 CDL PG . 66.77 -35.61 -7.12
C55 CDL PG . 67.16 -36.22 -8.45
C56 CDL PG . 67.98 -37.48 -8.34
C57 CDL PG . 68.16 -38.20 -9.66
C58 CDL PG . 69.06 -37.48 -10.63
C59 CDL PG . 68.72 -37.75 -12.08
C60 CDL PG . 69.78 -37.32 -13.07
C61 CDL PG . 69.31 -37.35 -14.50
C62 CDL PG . 70.42 -37.52 -15.50
C63 CDL PG . 70.86 -38.95 -15.70
C64 CDL PG . 72.28 -39.08 -16.19
C65 CDL PG . 72.65 -40.43 -16.73
C66 CDL PG . 74.09 -40.52 -17.21
C67 CDL PG . 74.39 -41.80 -17.94
CB6 CDL PG . 70.43 -31.00 -5.56
OB8 CDL PG . 70.54 -32.41 -5.28
CB7 CDL PG . 71.32 -32.78 -4.26
OB9 CDL PG . 71.72 -32.03 -3.42
C71 CDL PG . 71.66 -34.23 -4.37
C72 CDL PG . 72.65 -34.73 -3.32
C73 CDL PG . 72.94 -36.20 -3.52
C74 CDL PG . 73.75 -36.85 -2.41
C75 CDL PG . 73.87 -38.36 -2.60
C76 CDL PG . 74.66 -39.05 -1.51
C77 CDL PG . 74.88 -40.53 -1.80
C78 CDL PG . 75.81 -41.21 -0.81
C79 CDL PG . 76.34 -42.54 -1.30
C80 CDL PG . 77.40 -43.14 -0.40
C81 CDL PG . 78.18 -44.26 -1.04
C82 CDL PG . 79.29 -44.81 -0.17
C83 CDL PG . 80.18 -45.82 -0.86
C84 CDL PG . 81.32 -46.32 0.01
C85 CDL PG . 82.27 -47.27 -0.70
C86 CDL PG . 83.39 -47.78 0.18
C87 CDL PG . 84.34 -48.70 -0.56
O12 PC1 QG . 9.45 -21.35 -15.55
P PC1 QG . 10.79 -20.80 -15.86
O14 PC1 QG . 11.97 -21.69 -15.77
O13 PC1 QG . 10.77 -20.14 -17.31
C11 PC1 QG . 9.69 -20.47 -18.23
C12 PC1 QG . 9.99 -19.75 -19.52
N PC1 QG . 10.55 -18.35 -19.43
C13 PC1 QG . 12.03 -18.40 -19.22
C14 PC1 QG . 10.28 -17.62 -20.71
C15 PC1 QG . 9.93 -17.62 -18.29
O11 PC1 QG . 11.07 -19.60 -14.87
C1 PC1 QG . 10.34 -19.65 -13.63
C2 PC1 QG . 10.83 -18.61 -12.67
O21 PC1 QG . 11.35 -17.42 -13.32
C21 PC1 QG . 10.51 -16.41 -13.51
O22 PC1 QG . 9.43 -16.52 -14.03
C22 PC1 QG . 11.03 -15.17 -12.85
C23 PC1 QG . 11.63 -14.14 -13.78
C24 PC1 QG . 13.11 -14.32 -13.98
C25 PC1 QG . 13.96 -13.82 -12.83
C26 PC1 QG . 15.45 -13.93 -13.11
C27 PC1 QG . 16.34 -13.59 -11.93
C28 PC1 QG . 16.24 -12.16 -11.43
C29 PC1 QG . 17.58 -11.58 -11.01
C2A PC1 QG . 17.51 -10.23 -10.32
C2B PC1 QG . 18.49 -9.19 -10.85
C2C PC1 QG . 19.24 -8.46 -9.76
C2D PC1 QG . 20.27 -9.32 -9.04
C2E PC1 QG . 21.30 -8.53 -8.26
C2F PC1 QG . 22.18 -9.37 -7.37
C2G PC1 QG . 23.50 -8.72 -7.01
C2H PC1 QG . 24.46 -9.62 -6.24
C2I PC1 QG . 24.29 -9.53 -4.74
C3 PC1 QG . 11.99 -19.05 -11.83
O31 PC1 QG . 12.11 -17.97 -10.88
C31 PC1 QG . 13.23 -17.87 -10.18
O32 PC1 QG . 14.25 -18.43 -10.46
C32 PC1 QG . 12.99 -17.01 -8.98
C33 PC1 QG . 13.55 -15.60 -9.08
C34 PC1 QG . 15.03 -15.54 -8.83
C35 PC1 QG . 15.40 -16.03 -7.45
C36 PC1 QG . 16.71 -15.50 -6.92
C37 PC1 QG . 16.89 -15.74 -5.46
C38 PC1 QG . 18.26 -15.36 -4.95
C39 PC1 QG . 18.53 -15.81 -3.54
C3A PC1 QG . 20.00 -15.83 -3.21
C3B PC1 QG . 20.33 -16.57 -1.94
C3C PC1 QG . 21.82 -16.77 -1.78
C3D PC1 QG . 22.24 -17.32 -0.44
C3E PC1 QG . 23.74 -17.38 -0.30
C3F PC1 QG . 24.24 -17.47 1.13
C3G PC1 QG . 25.68 -17.07 1.28
C3H PC1 QG . 26.23 -17.14 2.68
C3I PC1 QG . 27.67 -16.70 2.77
O12 PC1 RG . 18.04 -12.89 -23.34
P PC1 RG . 17.61 -12.94 -21.92
O14 PC1 RG . 16.19 -12.73 -21.57
O13 PC1 RG . 18.06 -14.34 -21.30
C11 PC1 RG . 18.11 -15.50 -22.16
C12 PC1 RG . 18.56 -16.57 -21.22
N PC1 RG . 19.56 -17.54 -21.75
C13 PC1 RG . 20.78 -16.83 -22.24
C14 PC1 RG . 19.95 -18.47 -20.64
C15 PC1 RG . 18.98 -18.35 -22.87
O11 PC1 RG . 18.50 -11.92 -21.09
C1 PC1 RG . 17.94 -11.05 -20.09
C2 PC1 RG . 18.97 -10.77 -19.05
O21 PC1 RG . 18.24 -10.90 -17.78
C21 PC1 RG . 18.57 -11.91 -16.98
O22 PC1 RG . 19.60 -12.54 -17.07
C22 PC1 RG . 17.47 -12.23 -16.02
C23 PC1 RG . 17.41 -11.27 -14.84
C24 PC1 RG . 16.10 -10.50 -14.80
C25 PC1 RG . 16.12 -9.35 -13.80
C26 PC1 RG . 14.74 -8.84 -13.42
C27 PC1 RG . 14.71 -8.07 -12.11
C28 PC1 RG . 15.67 -6.90 -12.03
C29 PC1 RG . 16.07 -6.54 -10.62
C2A PC1 RG . 17.20 -5.52 -10.52
C2B PC1 RG . 17.86 -5.48 -9.15
C2C PC1 RG . 17.89 -4.11 -8.51
C2D PC1 RG . 18.59 -4.09 -7.16
C2E PC1 RG . 18.52 -2.75 -6.45
C2F PC1 RG . 19.30 -2.72 -5.15
C2G PC1 RG . 19.54 -1.31 -4.63
C2H PC1 RG . 20.21 -1.25 -3.27
C2I PC1 RG . 20.70 0.13 -2.92
C3 PC1 RG . 19.52 -9.38 -19.13
O31 PC1 RG . 20.11 -9.15 -17.84
C31 PC1 RG . 19.55 -8.19 -17.09
O32 PC1 RG . 18.94 -7.26 -17.52
C32 PC1 RG . 19.72 -8.51 -15.64
C33 PC1 RG . 20.66 -7.59 -14.88
C34 PC1 RG . 20.20 -6.16 -14.90
C35 PC1 RG . 20.70 -5.35 -13.72
C36 PC1 RG . 20.25 -3.91 -13.74
C37 PC1 RG . 20.72 -3.11 -12.55
C38 PC1 RG . 20.61 -1.63 -12.75
C39 PC1 RG . 21.34 -0.80 -11.71
C3A PC1 RG . 21.37 0.67 -12.03
C3B PC1 RG . 22.41 1.46 -11.25
C3C PC1 RG . 22.73 2.80 -11.89
C3D PC1 RG . 24.02 3.44 -11.37
C3E PC1 RG . 24.61 4.45 -12.32
C3F PC1 RG . 23.74 5.67 -12.56
C3G PC1 RG . 23.41 6.44 -11.28
C3H PC1 RG . 22.79 7.79 -11.54
C3I PC1 RG . 23.77 8.80 -12.07
FE HEC SG . 38.25 40.78 -0.08
CHA HEC SG . 34.86 41.02 -0.33
CHB HEC SG . 38.22 38.16 -2.22
CHC HEC SG . 41.63 40.50 0.15
CHD HEC SG . 38.30 43.11 2.34
NA HEC SG . 36.84 39.80 -1.08
C1A HEC SG . 35.48 40.03 -1.06
C2A HEC SG . 34.83 39.10 -1.92
C3A HEC SG . 35.76 38.30 -2.44
C4A HEC SG . 37.02 38.73 -1.92
CMA HEC SG . 35.57 37.13 -3.42
CAA HEC SG . 33.31 39.08 -2.14
CBA HEC SG . 32.84 40.23 -3.02
CGA HEC SG . 31.36 40.45 -2.92
O1A HEC SG . 30.67 39.97 -3.85
O2A HEC SG . 30.98 40.74 -1.76
NB HEC SG . 39.64 39.58 -0.87
C1B HEC SG . 39.44 38.55 -1.73
C2B HEC SG . 40.66 37.90 -2.08
C3B HEC SG . 41.63 38.57 -1.42
C4B HEC SG . 40.97 39.60 -0.66
CMB HEC SG . 40.87 36.71 -3.03
CAB HEC SG . 43.16 38.23 -1.47
CBB HEC SG . 43.69 38.52 -2.73
NC HEC SG . 39.66 41.64 1.02
C1C HEC SG . 41.00 41.40 0.97
C2C HEC SG . 41.73 42.21 1.93
C3C HEC SG . 40.79 42.95 2.56
C4C HEC SG . 39.53 42.59 1.99
CMC HEC SG . 43.24 42.26 2.19
CAC HEC SG . 41.04 44.01 3.71
CBC HEC SG . 41.89 45.02 3.38
ND HEC SG . 36.83 41.85 0.82
C1D HEC SG . 37.07 42.78 1.82
C2D HEC SG . 35.80 43.32 2.20
C3D HEC SG . 34.84 42.77 1.47
C4D HEC SG . 35.48 41.81 0.59
CMD HEC SG . 35.59 44.39 3.28
CAD HEC SG . 33.32 43.01 1.56
CBD HEC SG . 32.73 43.47 0.24
CGD HEC SG . 32.76 44.96 0.10
O1D HEC SG . 33.85 45.44 0.52
O2D HEC SG . 31.66 45.55 0.04
C27 PEE TG . 40.40 -5.01 -27.45
C26 PEE TG . 39.89 -3.61 -27.18
C25 PEE TG . 38.39 -3.54 -27.15
C24 PEE TG . 37.80 -2.16 -26.89
C23 PEE TG . 36.28 -2.16 -26.83
C22 PEE TG . 35.67 -0.78 -26.68
C21 PEE TG . 34.17 -0.80 -26.53
C20 PEE TG . 33.51 0.54 -26.80
C19 PEE TG . 33.90 1.64 -25.84
C18 PEE TG . 33.19 2.96 -26.11
C17 PEE TG . 33.55 4.06 -25.13
C16 PEE TG . 33.76 5.39 -25.81
C15 PEE TG . 34.14 6.52 -24.87
C14 PEE TG . 34.62 7.75 -25.60
C13 PEE TG . 34.67 9.01 -24.74
C12 PEE TG . 35.23 10.21 -25.49
C11 PEE TG . 36.75 10.35 -25.37
C10 PEE TG . 37.13 10.80 -24.00
O4 PEE TG . 37.57 10.08 -23.14
O2 PEE TG . 36.84 12.09 -23.82
C2 PEE TG . 36.39 12.49 -22.49
C1 PEE TG . 36.30 13.98 -22.45
O3P PEE TG . 37.64 14.50 -22.37
P PEE TG . 38.09 15.83 -23.05
O2P PEE TG . 38.21 16.87 -21.97
O1P PEE TG . 37.23 16.19 -24.18
O4P PEE TG . 39.60 15.46 -23.48
C4 PEE TG . 40.13 15.86 -24.76
C5 PEE TG . 41.12 14.86 -25.24
N PEE TG . 42.29 14.77 -24.32
C3 PEE TG . 35.05 11.83 -22.41
O3 PEE TG . 34.23 12.22 -21.30
C30 PEE TG . 33.21 13.00 -21.61
O5 PEE TG . 33.33 14.10 -22.06
C31 PEE TG . 31.93 12.25 -21.48
C32 PEE TG . 31.35 11.98 -22.86
C33 PEE TG . 30.33 10.86 -22.86
C34 PEE TG . 29.34 10.92 -24.00
C35 PEE TG . 28.31 12.03 -23.86
C36 PEE TG . 27.05 11.77 -24.68
C37 PEE TG . 25.89 12.66 -24.31
C38 PEE TG . 24.60 12.27 -25.01
C39 PEE TG . 23.99 10.99 -24.49
C40 PEE TG . 22.95 10.38 -25.40
C41 PEE TG . 23.49 9.27 -26.27
C42 PEE TG . 24.51 9.72 -27.29
C43 PEE TG . 24.96 8.62 -28.23
C44 PEE TG . 24.98 9.05 -29.69
C45 PEE TG . 25.48 7.97 -30.64
C46 PEE TG . 26.97 7.71 -30.59
C47 PEE TG . 27.78 8.89 -31.07
C1 CDL UG . 13.74 5.78 -34.01
O1 CDL UG . 12.55 5.03 -33.83
CA2 CDL UG . 14.90 4.98 -33.49
OA2 CDL UG . 14.73 3.60 -33.84
PA1 CDL UG . 14.48 2.48 -32.72
OA3 CDL UG . 13.68 3.10 -31.65
OA4 CDL UG . 13.98 1.28 -33.40
OA5 CDL UG . 15.90 2.15 -32.08
CA3 CDL UG . 16.54 3.04 -31.15
CA4 CDL UG . 18.02 2.89 -31.32
OA6 CDL UG . 18.75 4.07 -30.89
CA5 CDL UG . 18.64 4.45 -29.61
OA7 CDL UG . 17.61 4.40 -28.99
C11 CDL UG . 19.97 4.83 -29.06
C12 CDL UG . 20.29 6.30 -29.13
C13 CDL UG . 20.81 6.69 -30.48
C14 CDL UG . 21.29 8.11 -30.55
C15 CDL UG . 21.92 8.45 -31.88
C16 CDL UG . 22.05 9.94 -32.14
C17 CDL UG . 22.68 10.26 -33.49
C18 CDL UG . 24.14 9.83 -33.60
C19 CDL UG . 24.75 10.15 -34.95
C20 CDL UG . 26.25 10.35 -34.90
C21 CDL UG . 26.86 10.58 -36.28
C22 CDL UG . 28.37 10.71 -36.30
C23 CDL UG . 28.92 11.71 -35.29
C24 CDL UG . 30.26 12.29 -35.69
C25 CDL UG . 30.97 13.04 -34.57
C26 CDL UG . 32.22 13.77 -35.02
C27 CDL UG . 33.06 14.24 -33.86
CA6 CDL UG . 18.43 2.63 -32.74
OA8 CDL UG . 18.73 3.86 -33.44
CA7 CDL UG . 20.00 4.23 -33.44
OA9 CDL UG . 20.75 4.04 -32.52
C31 CDL UG . 20.39 4.79 -34.76
C32 CDL UG . 21.89 4.98 -34.90
C33 CDL UG . 22.29 5.22 -36.34
C34 CDL UG . 23.77 5.03 -36.61
C35 CDL UG . 24.63 6.00 -35.85
C36 CDL UG . 26.11 5.77 -36.04
C37 CDL UG . 26.97 6.76 -35.26
C38 CDL UG . 28.45 6.53 -35.40
C39 CDL UG . 29.26 7.44 -34.50
C40 CDL UG . 30.71 7.62 -34.93
C41 CDL UG . 31.37 8.84 -34.36
C42 CDL UG . 32.82 9.00 -34.76
C43 CDL UG . 33.37 10.39 -34.56
C44 CDL UG . 34.87 10.48 -34.73
C45 CDL UG . 35.44 11.86 -34.58
C46 CDL UG . 36.94 11.93 -34.77
C47 CDL UG . 37.49 13.32 -34.61
CB2 CDL UG . 13.87 6.15 -35.46
OB2 CDL UG . 13.96 7.59 -35.58
PB2 CDL UG . 15.29 8.38 -35.19
OB3 CDL UG . 16.27 8.16 -36.28
OB4 CDL UG . 14.91 9.77 -34.84
OB5 CDL UG . 15.84 7.69 -33.87
CB3 CDL UG . 17.26 7.61 -33.64
CB4 CDL UG . 17.62 8.62 -32.58
OB6 CDL UG . 16.59 8.67 -31.55
CB5 CDL UG . 16.44 7.59 -30.76
OB7 CDL UG . 16.96 6.53 -30.96
C51 CDL UG . 15.57 7.90 -29.57
C52 CDL UG . 16.40 7.96 -28.30
C53 CDL UG . 15.61 7.72 -27.03
C54 CDL UG . 14.75 8.89 -26.59
C55 CDL UG . 14.47 8.88 -25.10
C56 CDL UG . 13.58 10.00 -24.63
C57 CDL UG . 12.11 9.68 -24.74
C58 CDL UG . 11.20 10.76 -24.17
C59 CDL UG . 10.52 11.61 -25.23
C60 CDL UG . 11.47 12.40 -26.10
C61 CDL UG . 12.31 13.39 -25.34
C62 CDL UG . 13.04 14.37 -26.22
C63 CDL UG . 12.17 15.51 -26.71
C64 CDL UG . 12.95 16.63 -27.39
C65 CDL UG . 12.30 17.98 -27.28
C66 CDL UG . 12.47 18.61 -25.91
C67 CDL UG . 11.78 19.94 -25.78
CB6 CDL UG . 17.68 10.01 -33.14
OB8 CDL UG . 16.93 10.73 -32.13
CB7 CDL UG . 17.61 11.59 -31.39
OB9 CDL UG . 18.42 12.37 -31.83
C71 CDL UG . 17.31 11.38 -29.95
C72 CDL UG . 15.88 11.68 -29.55
C73 CDL UG . 15.71 13.11 -29.10
C74 CDL UG . 16.25 13.37 -27.71
C75 CDL UG . 16.31 14.83 -27.34
C76 CDL UG . 16.73 15.09 -25.91
C77 CDL UG . 16.50 16.51 -25.44
C78 CDL UG . 17.13 17.58 -26.32
C79 CDL UG . 16.17 18.17 -27.34
C80 CDL UG . 16.77 19.27 -28.19
C81 CDL UG . 17.88 18.79 -29.10
C82 CDL UG . 19.23 19.38 -28.77
C83 CDL UG . 20.37 18.68 -29.49
C84 CDL UG . 21.73 19.28 -29.22
C85 CDL UG . 22.87 18.33 -29.55
C86 CDL UG . 24.25 18.89 -29.29
C87 CDL UG . 25.34 17.88 -29.57
C1 CDL VG . 8.56 11.79 -33.71
O1 CDL VG . 7.89 11.29 -34.87
CA2 CDL VG . 7.76 12.94 -33.16
OA2 CDL VG . 6.87 13.38 -34.22
PA1 CDL VG . 5.56 14.20 -33.89
OA3 CDL VG . 5.24 14.97 -35.11
OA4 CDL VG . 4.53 13.30 -33.32
OA5 CDL VG . 6.02 15.24 -32.78
CA3 CDL VG . 5.38 15.31 -31.49
CA4 CDL VG . 6.11 16.38 -30.74
OA6 CDL VG . 5.97 16.32 -29.28
CA5 CDL VG . 4.76 16.45 -28.76
OA7 CDL VG . 3.75 16.11 -29.32
C11 CDL VG . 4.81 17.14 -27.43
C12 CDL VG . 5.76 16.51 -26.42
C13 CDL VG . 6.98 17.36 -26.11
C14 CDL VG . 8.11 17.20 -27.11
C15 CDL VG . 8.04 18.17 -28.26
C16 CDL VG . 8.72 19.49 -27.98
C17 CDL VG . 7.98 20.69 -28.52
C18 CDL VG . 8.85 21.91 -28.71
C19 CDL VG . 8.08 23.15 -29.13
C20 CDL VG . 8.90 24.41 -29.05
C21 CDL VG . 10.31 24.28 -29.59
C22 CDL VG . 10.86 25.55 -30.22
C23 CDL VG . 11.00 25.43 -31.72
C24 CDL VG . 12.29 24.80 -32.18
C25 CDL VG . 12.13 23.87 -33.35
C26 CDL VG . 13.42 23.45 -34.04
C27 CDL VG . 13.94 24.52 -34.95
CA6 CDL VG . 5.55 17.71 -31.12
OA8 CDL VG . 6.27 18.10 -32.29
CA7 CDL VG . 5.71 19.05 -33.02
OA9 CDL VG . 4.63 18.97 -33.53
C31 CDL VG . 6.60 20.24 -32.99
C32 CDL VG . 7.97 19.83 -32.46
C33 CDL VG . 8.93 20.97 -32.42
C34 CDL VG . 9.20 21.54 -33.78
C35 CDL VG . 8.65 22.92 -33.94
C36 CDL VG . 9.12 23.63 -35.18
C37 CDL VG . 9.11 25.13 -35.02
C38 CDL VG . 9.84 25.88 -36.11
C39 CDL VG . 9.43 25.48 -37.52
C40 CDL VG . 10.21 24.30 -38.07
C41 CDL VG . 10.50 24.43 -39.54
C42 CDL VG . 10.72 23.10 -40.24
C43 CDL VG . 11.07 23.20 -41.72
C44 CDL VG . 10.89 24.58 -42.32
C45 CDL VG . 11.30 24.67 -43.77
C46 CDL VG . 12.23 25.83 -44.07
C47 CDL VG . 12.55 25.97 -45.53
CB2 CDL VG . 8.79 10.65 -32.76
OB2 CDL VG . 9.88 9.89 -33.31
PB2 CDL VG . 10.57 8.69 -32.52
OB3 CDL VG . 9.53 7.68 -32.30
OB4 CDL VG . 11.80 8.31 -33.25
OB5 CDL VG . 10.99 9.25 -31.09
CB3 CDL VG . 12.25 9.93 -30.91
CB4 CDL VG . 12.00 11.41 -31.09
OB6 CDL VG . 13.11 12.00 -31.83
CB5 CDL VG . 13.15 11.79 -33.14
OB7 CDL VG . 12.49 10.97 -33.70
C51 CDL VG . 14.11 12.73 -33.80
C52 CDL VG . 13.43 14.04 -34.14
C53 CDL VG . 14.26 15.24 -33.74
C54 CDL VG . 15.51 15.42 -34.56
C55 CDL VG . 15.27 15.97 -35.95
C56 CDL VG . 16.49 16.58 -36.60
C57 CDL VG . 16.67 18.06 -36.31
C58 CDL VG . 16.73 18.93 -37.56
C59 CDL VG . 17.62 20.14 -37.40
C60 CDL VG . 19.09 19.84 -37.61
C61 CDL VG . 19.96 21.07 -37.63
C62 CDL VG . 21.22 20.92 -38.47
C63 CDL VG . 20.94 20.88 -39.97
C64 CDL VG . 22.06 21.45 -40.82
C65 CDL VG . 21.63 22.60 -41.70
C66 CDL VG . 20.96 22.16 -42.99
C67 CDL VG . 21.96 21.76 -44.05
CB6 CDL VG . 11.94 12.14 -29.78
OB8 CDL VG . 11.86 13.54 -30.14
CB7 CDL VG . 10.70 13.95 -30.65
OB9 CDL VG . 9.66 13.38 -30.50
C71 CDL VG . 10.89 15.16 -31.51
C72 CDL VG . 9.97 16.32 -31.17
C73 CDL VG . 10.73 17.59 -30.85
C74 CDL VG . 11.45 18.19 -32.05
C75 CDL VG . 12.45 19.27 -31.67
C76 CDL VG . 13.76 18.72 -31.14
C77 CDL VG . 14.98 19.43 -31.70
C78 CDL VG . 15.52 18.80 -32.97
C79 CDL VG . 17.02 18.54 -32.95
C80 CDL VG . 17.86 19.78 -33.22
C81 CDL VG . 19.35 19.58 -32.96
C82 CDL VG . 20.24 19.95 -34.13
C83 CDL VG . 21.66 20.29 -33.74
C84 CDL VG . 22.56 20.65 -34.92
C85 CDL VG . 24.02 20.87 -34.55
C86 CDL VG . 24.90 21.28 -35.71
C87 CDL VG . 26.33 21.59 -35.30
C45 UQ8 WG . 14.42 33.70 -37.81
C44 UQ8 WG . 14.71 32.61 -36.77
C46 UQ8 WG . 15.86 31.64 -37.03
C43 UQ8 WG . 13.96 32.55 -35.70
C42 UQ8 WG . 14.16 31.49 -34.61
C41 UQ8 WG . 13.29 30.32 -35.03
C39 UQ8 WG . 12.89 29.41 -33.87
C40 UQ8 WG . 13.21 27.92 -33.97
C38 UQ8 WG . 12.28 29.89 -32.79
C37 UQ8 WG . 11.87 28.93 -31.68
C36 UQ8 WG . 11.39 29.65 -30.42
C34 UQ8 WG . 10.44 30.80 -30.77
C35 UQ8 WG . 9.08 30.49 -31.36
C33 UQ8 WG . 10.75 32.06 -30.58
C32 UQ8 WG . 12.08 32.51 -29.99
C31 UQ8 WG . 11.89 33.90 -29.39
C29 UQ8 WG . 11.58 33.76 -27.92
C30 UQ8 WG . 10.17 33.36 -27.50
C28 UQ8 WG . 12.53 34.00 -27.05
C27 UQ8 WG . 12.29 33.89 -25.56
C26 UQ8 WG . 12.35 32.42 -25.16
C24 UQ8 WG . 13.68 32.07 -24.49
C25 UQ8 WG . 15.01 32.57 -25.05
C23 UQ8 WG . 13.63 31.32 -23.41
C22 UQ8 WG . 14.87 30.89 -22.62
C21 UQ8 WG . 14.39 30.16 -21.38
C19 UQ8 WG . 14.36 28.63 -21.50
C20 UQ8 WG . 14.38 27.90 -22.85
C18 UQ8 WG . 14.27 27.95 -20.37
C17 UQ8 WG . 14.22 26.42 -20.30
C16 UQ8 WG . 13.02 26.00 -19.43
C14 UQ8 WG . 11.71 26.20 -20.21
C15 UQ8 WG . 11.44 27.50 -20.96
C13 UQ8 WG . 10.72 25.33 -20.30
C12 UQ8 WG . 10.70 23.94 -19.66
C11 UQ8 WG . 9.95 22.98 -20.58
C9 UQ8 WG . 8.58 23.56 -20.98
C10 UQ8 WG . 8.39 24.19 -22.36
C8 UQ8 WG . 7.58 23.51 -20.13
C7 UQ8 WG . 6.22 24.08 -20.51
C6 UQ8 WG . 5.27 24.00 -19.32
C1 UQ8 WG . 3.86 23.42 -19.45
C1M UQ8 WG . 3.28 22.88 -20.76
C2 UQ8 WG . 2.94 23.38 -18.22
O2 UQ8 WG . 1.85 22.94 -18.31
C3 UQ8 WG . 3.43 23.91 -16.89
O3 UQ8 WG . 2.59 23.86 -15.78
C3M UQ8 WG . 1.68 24.94 -15.72
C4 UQ8 WG . 4.84 24.48 -16.76
O4 UQ8 WG . 5.28 24.96 -15.53
C4M UQ8 WG . 4.77 26.21 -15.20
C5 UQ8 WG . 5.76 24.53 -17.97
O5 UQ8 WG . 6.85 24.98 -17.88
C1 CDL XG . 23.36 -8.70 -42.24
O1 CDL XG . 24.34 -9.19 -41.32
CA2 CDL XG . 22.21 -8.09 -41.46
OA2 CDL XG . 22.73 -7.12 -40.53
PA1 CDL XG . 21.74 -6.42 -39.51
OA3 CDL XG . 20.86 -5.51 -40.28
OA4 CDL XG . 21.12 -7.42 -38.62
OA5 CDL XG . 22.72 -5.52 -38.65
CA3 CDL XG . 23.56 -6.13 -37.65
CA4 CDL XG . 23.04 -5.74 -36.31
OA6 CDL XG . 23.35 -4.32 -36.17
CA5 CDL XG . 22.81 -3.66 -35.15
OA7 CDL XG . 21.76 -3.94 -34.65
C11 CDL XG . 23.74 -2.59 -34.68
C12 CDL XG . 23.21 -1.17 -34.76
C13 CDL XG . 22.24 -0.87 -33.65
C14 CDL XG . 22.12 0.61 -33.32
C15 CDL XG . 23.39 1.23 -32.77
C16 CDL XG . 23.18 1.99 -31.48
C17 CDL XG . 23.95 3.28 -31.40
C18 CDL XG . 23.88 3.96 -30.05
C19 CDL XG . 25.07 3.70 -29.16
C20 CDL XG . 26.24 4.64 -29.41
C21 CDL XG . 27.49 4.30 -28.64
C22 CDL XG . 28.23 3.10 -29.17
C23 CDL XG . 28.96 2.30 -28.11
C24 CDL XG . 29.70 1.09 -28.67
C25 CDL XG . 29.88 -0.04 -27.68
C26 CDL XG . 30.68 -1.20 -28.22
C27 CDL XG . 30.87 -2.31 -27.22
CA6 CDL XG . 23.81 -6.43 -35.21
OA8 CDL XG . 25.20 -6.14 -35.52
CA7 CDL XG . 25.87 -5.36 -34.68
OA9 CDL XG . 25.58 -5.22 -33.52
C31 CDL XG . 26.97 -4.63 -35.39
C32 CDL XG . 28.17 -5.49 -35.73
C33 CDL XG . 29.03 -5.80 -34.53
C34 CDL XG . 29.67 -4.58 -33.89
C35 CDL XG . 30.76 -4.90 -32.88
C36 CDL XG . 30.24 -5.39 -31.55
C37 CDL XG . 31.31 -5.93 -30.62
C38 CDL XG . 31.75 -7.35 -30.97
C39 CDL XG . 32.85 -7.89 -30.07
C40 CDL XG . 33.25 -9.31 -30.41
C41 CDL XG . 34.39 -9.85 -29.57
C42 CDL XG . 33.96 -10.60 -28.32
C43 CDL XG . 35.12 -11.18 -27.54
C44 CDL XG . 34.74 -12.05 -26.36
C45 CDL XG . 33.83 -11.38 -25.35
C46 CDL XG . 34.33 -10.03 -24.86
C47 CDL XG . 33.53 -9.51 -23.69
CB2 CDL XG . 24.02 -7.75 -43.21
OB2 CDL XG . 22.99 -6.95 -43.82
PB2 CDL XG . 23.31 -5.92 -44.98
OB3 CDL XG . 24.65 -6.24 -45.52
OB4 CDL XG . 22.16 -5.87 -45.91
OB5 CDL XG . 23.45 -4.54 -44.21
CB3 CDL XG . 22.33 -4.02 -43.46
CB4 CDL XG . 22.87 -3.31 -42.25
OB6 CDL XG . 23.45 -2.05 -42.73
CB5 CDL XG . 22.61 -1.04 -42.98
OB7 CDL XG . 21.47 -1.02 -42.61
C51 CDL XG . 23.27 0.02 -43.80
C52 CDL XG . 23.52 1.32 -43.06
C53 CDL XG . 24.43 1.16 -41.87
C54 CDL XG . 24.77 2.47 -41.20
C55 CDL XG . 25.64 2.31 -39.97
C56 CDL XG . 26.29 3.62 -39.53
C57 CDL XG . 27.48 3.41 -38.63
C58 CDL XG . 28.59 4.43 -38.85
C59 CDL XG . 29.80 4.22 -37.99
C60 CDL XG . 30.88 5.26 -38.18
C61 CDL XG . 32.04 5.11 -37.22
C62 CDL XG . 33.12 6.16 -37.36
C63 CDL XG . 34.11 6.14 -36.21
C64 CDL XG . 35.29 7.07 -36.39
C65 CDL XG . 36.22 7.09 -35.18
C66 CDL XG . 37.40 8.03 -35.27
C67 CDL XG . 38.36 7.84 -34.13
CB6 CDL XG . 23.96 -4.07 -41.57
OB8 CDL XG . 24.07 -3.41 -40.29
CB7 CDL XG . 25.23 -2.88 -39.98
OB9 CDL XG . 26.30 -3.38 -40.22
C71 CDL XG . 25.02 -1.53 -39.38
C72 CDL XG . 25.25 -1.45 -37.89
C73 CDL XG . 26.71 -1.58 -37.53
C74 CDL XG . 27.01 -1.11 -36.12
C75 CDL XG . 28.46 -1.25 -35.73
C76 CDL XG . 28.68 -1.14 -34.25
C77 CDL XG . 30.13 -1.01 -33.85
C78 CDL XG . 30.35 -1.00 -32.34
C79 CDL XG . 31.20 0.16 -31.84
C80 CDL XG . 32.60 -0.03 -31.29
C81 CDL XG . 33.16 1.25 -30.67
C82 CDL XG . 34.65 1.20 -30.36
C83 CDL XG . 35.14 2.47 -29.67
C84 CDL XG . 36.50 2.34 -29.02
C85 CDL XG . 36.67 3.20 -27.79
C86 CDL XG . 37.66 2.65 -26.77
C87 CDL XG . 37.58 3.34 -25.43
C1 CDL YG . 36.97 -0.93 -9.83
O1 CDL YG . 36.78 -0.83 -11.25
CA2 CDL YG . 35.97 -0.02 -9.16
OA2 CDL YG . 35.65 1.06 -10.04
PA1 CDL YG . 34.66 2.23 -9.59
OA3 CDL YG . 33.62 1.61 -8.75
OA4 CDL YG . 35.48 3.33 -9.02
OA5 CDL YG . 33.95 2.73 -10.93
CA3 CDL YG . 32.60 3.23 -10.94
CA4 CDL YG . 31.66 2.07 -10.98
OA6 CDL YG . 31.12 1.90 -12.33
CA5 CDL YG . 31.92 1.35 -13.24
OA7 CDL YG . 33.10 1.16 -13.08
C11 CDL YG . 31.15 0.95 -14.47
C12 CDL YG . 31.70 -0.32 -15.11
C13 CDL YG . 30.78 -0.86 -16.18
C14 CDL YG . 31.33 -2.05 -16.94
C15 CDL YG . 32.57 -1.73 -17.74
C16 CDL YG . 33.00 -2.85 -18.65
C17 CDL YG . 32.45 -2.75 -20.06
C18 CDL YG . 32.84 -3.91 -20.95
C19 CDL YG . 32.49 -3.71 -22.41
C20 CDL YG . 32.66 -4.96 -23.27
C21 CDL YG . 32.26 -4.76 -24.72
C22 CDL YG . 33.42 -4.46 -25.63
C23 CDL YG . 34.06 -5.70 -26.23
C24 CDL YG . 35.26 -5.40 -27.11
C25 CDL YG . 35.74 -6.59 -27.92
C26 CDL YG . 36.89 -6.28 -28.86
C27 CDL YG . 37.09 -7.34 -29.91
CA6 CDL YG . 30.47 2.27 -10.08
OA8 CDL YG . 29.81 3.52 -10.39
CA7 CDL YG . 28.60 3.70 -9.87
OA9 CDL YG . 28.01 2.85 -9.25
C31 CDL YG . 28.06 5.06 -10.15
C32 CDL YG . 26.74 5.37 -9.46
C33 CDL YG . 26.87 5.53 -7.96
C34 CDL YG . 25.62 6.10 -7.29
C35 CDL YG . 25.75 6.24 -5.78
C36 CDL YG . 24.69 7.11 -5.12
C37 CDL YG . 23.35 6.44 -4.90
C38 CDL YG . 22.40 6.55 -6.07
C39 CDL YG . 20.95 6.27 -5.70
C40 CDL YG . 20.55 4.82 -5.79
C41 CDL YG . 20.16 4.37 -7.20
C42 CDL YG . 19.88 2.89 -7.31
C43 CDL YG . 19.22 2.48 -8.60
C44 CDL YG . 17.73 2.72 -8.64
C45 CDL YG . 17.08 2.41 -9.97
C46 CDL YG . 15.61 2.77 -10.08
C47 CDL YG . 14.74 2.00 -9.11
CB2 CDL YG . 36.89 -2.39 -9.45
OB2 CDL YG . 36.61 -2.50 -8.04
PB2 CDL YG . 37.77 -2.86 -6.99
OB3 CDL YG . 39.03 -2.30 -7.52
OB4 CDL YG . 37.31 -2.46 -5.65
OB5 CDL YG . 37.87 -4.44 -7.03
CB3 CDL YG . 38.72 -5.10 -7.98
CB4 CDL YG . 38.90 -6.54 -7.57
OB6 CDL YG . 39.10 -7.30 -8.80
CB5 CDL YG . 40.33 -7.37 -9.30
OB7 CDL YG . 41.31 -6.94 -8.76
C51 CDL YG . 40.33 -8.03 -10.65
C52 CDL YG . 41.09 -9.34 -10.72
C53 CDL YG . 40.39 -10.45 -9.98
C54 CDL YG . 41.11 -11.78 -10.07
C55 CDL YG . 40.40 -12.90 -9.34
C56 CDL YG . 41.18 -14.18 -9.28
C57 CDL YG . 40.47 -15.29 -8.52
C58 CDL YG . 41.38 -16.45 -8.18
C59 CDL YG . 40.69 -17.59 -7.45
C60 CDL YG . 41.62 -18.75 -7.12
C61 CDL YG . 40.98 -19.85 -6.29
C62 CDL YG . 41.77 -21.15 -6.29
C63 CDL YG . 41.60 -21.99 -5.05
C64 CDL YG . 42.40 -23.28 -5.10
C65 CDL YG . 42.50 -23.99 -3.77
C66 CDL YG . 41.18 -24.53 -3.24
C67 CDL YG . 41.35 -25.28 -1.94
CB6 CDL YG . 37.70 -7.11 -6.88
OB8 CDL YG . 38.11 -8.45 -6.58
CB7 CDL YG . 37.20 -9.41 -6.56
OB9 CDL YG . 36.05 -9.24 -6.27
C71 CDL YG . 37.81 -10.69 -7.05
C72 CDL YG . 37.83 -11.83 -6.05
C73 CDL YG . 36.57 -12.65 -6.06
C74 CDL YG . 36.76 -14.06 -5.57
C75 CDL YG . 35.54 -14.93 -5.77
C76 CDL YG . 35.67 -16.34 -5.23
C77 CDL YG . 34.38 -17.11 -5.30
C78 CDL YG . 34.52 -18.58 -4.91
C79 CDL YG . 34.80 -18.80 -3.43
C80 CDL YG . 35.07 -20.24 -3.07
C81 CDL YG . 33.85 -21.14 -3.17
C82 CDL YG . 34.11 -22.58 -2.78
C83 CDL YG . 32.88 -23.45 -2.77
C84 CDL YG . 33.15 -24.90 -2.42
C85 CDL YG . 31.91 -25.72 -2.14
C86 CDL YG . 32.20 -27.16 -1.78
C87 CDL YG . 30.97 -27.93 -1.35
C1 CDL ZG . 33.08 -27.54 -28.18
O1 CDL ZG . 31.67 -27.47 -28.02
CA2 CDL ZG . 33.74 -26.57 -27.23
OA2 CDL ZG . 34.84 -27.25 -26.61
PA1 CDL ZG . 34.77 -27.69 -25.08
OA3 CDL ZG . 33.92 -26.73 -24.35
OA4 CDL ZG . 34.49 -29.13 -25.00
OA5 CDL ZG . 36.28 -27.43 -24.65
CA3 CDL ZG . 36.77 -26.08 -24.49
CA4 CDL ZG . 37.73 -26.12 -23.35
OA6 CDL ZG . 37.39 -25.04 -22.41
CA5 CDL ZG . 37.43 -23.77 -22.85
OA7 CDL ZG . 37.89 -23.45 -23.92
C11 CDL ZG . 36.79 -22.84 -21.87
C12 CDL ZG . 35.52 -23.43 -21.26
C13 CDL ZG . 35.75 -24.11 -19.92
C14 CDL ZG . 34.48 -24.65 -19.27
C15 CDL ZG . 33.34 -23.63 -19.20
C16 CDL ZG . 32.24 -24.00 -18.23
C17 CDL ZG . 32.59 -23.74 -16.78
C18 CDL ZG . 31.65 -22.77 -16.08
C19 CDL ZG . 31.67 -21.37 -16.66
C20 CDL ZG . 30.72 -20.42 -15.97
C21 CDL ZG . 30.22 -19.28 -16.86
C22 CDL ZG . 31.03 -18.00 -16.75
C23 CDL ZG . 32.52 -18.16 -16.98
C24 CDL ZG . 33.28 -16.85 -17.10
C25 CDL ZG . 33.01 -16.10 -18.40
C26 CDL ZG . 33.75 -14.80 -18.56
C27 CDL ZG . 33.27 -13.73 -17.62
CA6 CDL ZG . 39.16 -25.99 -23.81
OA8 CDL ZG . 40.01 -26.10 -22.64
CA7 CDL ZG . 40.19 -27.32 -22.14
OA9 CDL ZG . 39.74 -28.31 -22.64
C31 CDL ZG . 41.02 -27.29 -20.90
C32 CDL ZG . 40.48 -28.22 -19.82
C33 CDL ZG . 41.42 -28.35 -18.62
C34 CDL ZG . 42.55 -29.35 -18.82
C35 CDL ZG . 43.36 -29.60 -17.56
C36 CDL ZG . 44.22 -28.44 -17.13
C37 CDL ZG . 44.79 -28.57 -15.74
C38 CDL ZG . 45.73 -27.44 -15.36
C39 CDL ZG . 45.09 -26.07 -15.29
C40 CDL ZG . 46.08 -24.97 -14.93
C41 CDL ZG . 45.51 -23.57 -15.07
C42 CDL ZG . 44.51 -23.20 -14.00
C43 CDL ZG . 44.00 -21.77 -14.08
C44 CDL ZG . 43.19 -21.45 -15.32
C45 CDL ZG . 42.53 -20.09 -15.25
C46 CDL ZG . 41.75 -19.69 -16.49
C47 CDL ZG . 41.10 -18.33 -16.34
CB2 CDL ZG . 33.43 -27.25 -29.63
OB2 CDL ZG . 34.82 -27.57 -29.83
PB2 CDL ZG . 35.68 -26.66 -30.82
OB3 CDL ZG . 37.03 -27.24 -30.94
OB4 CDL ZG . 34.89 -26.36 -32.04
OB5 CDL ZG . 35.84 -25.31 -30.00
CB3 CDL ZG . 37.08 -24.59 -30.14
CB4 CDL ZG . 37.89 -24.85 -28.90
OB6 CDL ZG . 37.61 -23.79 -27.93
CB5 CDL ZG . 37.71 -22.52 -28.31
OB7 CDL ZG . 38.42 -22.13 -29.20
C51 CDL ZG . 36.76 -21.68 -27.52
C52 CDL ZG . 37.40 -20.68 -26.58
C53 CDL ZG . 36.55 -20.49 -25.34
C54 CDL ZG . 37.15 -19.50 -24.34
C55 CDL ZG . 36.48 -18.14 -24.34
C56 CDL ZG . 36.63 -17.35 -25.63
C57 CDL ZG . 36.08 -15.94 -25.53
C58 CDL ZG . 37.14 -14.87 -25.43
C59 CDL ZG . 37.56 -14.30 -26.78
C60 CDL ZG . 38.41 -13.04 -26.68
C61 CDL ZG . 38.70 -12.42 -28.03
C62 CDL ZG . 39.61 -11.21 -27.96
C63 CDL ZG . 39.67 -10.43 -29.26
C64 CDL ZG . 40.76 -9.39 -29.31
C65 CDL ZG . 40.76 -8.55 -30.57
C66 CDL ZG . 41.98 -7.68 -30.74
C67 CDL ZG . 41.88 -6.77 -31.94
CB6 CDL ZG . 39.37 -25.02 -29.16
OB8 CDL ZG . 39.87 -24.24 -30.25
CB7 CDL ZG . 40.53 -24.91 -31.20
OB9 CDL ZG . 40.27 -26.04 -31.53
C71 CDL ZG . 41.68 -24.12 -31.76
C72 CDL ZG . 41.29 -22.99 -32.70
C73 CDL ZG . 40.90 -21.73 -31.95
C74 CDL ZG . 40.27 -20.67 -32.83
C75 CDL ZG . 39.85 -19.43 -32.08
C76 CDL ZG . 39.02 -18.47 -32.91
C77 CDL ZG . 38.78 -17.13 -32.23
C78 CDL ZG . 37.80 -16.23 -32.97
C79 CDL ZG . 38.17 -15.97 -34.41
C80 CDL ZG . 37.59 -16.99 -35.37
C81 CDL ZG . 38.45 -17.29 -36.58
C82 CDL ZG . 37.86 -16.79 -37.89
C83 CDL ZG . 38.27 -17.60 -39.10
C84 CDL ZG . 37.54 -17.19 -40.36
C85 CDL ZG . 37.70 -18.14 -41.52
C86 CDL ZG . 36.97 -17.70 -42.77
C87 CDL ZG . 37.04 -18.69 -43.89
C27 PEE AH . 17.82 -13.01 8.11
C26 PEE AH . 18.69 -11.87 7.66
C25 PEE AH . 20.14 -12.08 8.04
C24 PEE AH . 21.09 -10.98 7.58
C23 PEE AH . 22.51 -11.16 8.06
C22 PEE AH . 23.44 -10.04 7.62
C21 PEE AH . 24.85 -10.15 8.18
C20 PEE AH . 25.74 -8.98 7.82
C19 PEE AH . 27.14 -9.08 8.37
C18 PEE AH . 28.01 -7.88 8.02
C17 PEE AH . 29.43 -8.24 7.61
C16 PEE AH . 30.08 -7.20 6.71
C15 PEE AH . 30.63 -5.99 7.43
C14 PEE AH . 31.20 -4.96 6.49
C13 PEE AH . 32.11 -3.92 7.14
C12 PEE AH . 32.90 -3.13 6.14
C11 PEE AH . 33.85 -2.11 6.75
C10 PEE AH . 34.76 -1.52 5.72
O4 PEE AH . 35.21 -2.12 4.78
O2 PEE AH . 34.95 -0.21 5.95
C2 PEE AH . 35.39 0.64 4.84
C1 PEE AH . 36.78 0.28 4.37
O3P PEE AH . 37.69 0.54 5.46
P PEE AH . 39.23 0.18 5.40
O2P PEE AH . 39.97 1.28 6.10
O1P PEE AH . 39.74 -0.22 4.08
O4P PEE AH . 39.31 -1.04 6.42
C4 PEE AH . 38.20 -1.96 6.54
C5 PEE AH . 38.70 -3.32 6.89
N PEE AH . 39.66 -3.82 5.86
C3 PEE AH . 34.38 0.51 3.75
O3 PEE AH . 34.64 -0.69 3.00
C30 PEE AH . 33.83 -0.91 1.97
O5 PEE AH . 33.62 -0.12 1.10
C31 PEE AH . 33.13 -2.20 2.17
C32 PEE AH . 31.67 -2.13 1.76
C33 PEE AH . 30.88 -3.26 2.33
C34 PEE AH . 29.65 -3.59 1.54
C35 PEE AH . 29.05 -4.91 1.96
C36 PEE AH . 28.09 -5.49 0.95
C37 PEE AH . 26.74 -4.83 0.96
C38 PEE AH . 25.64 -5.73 0.46
C39 PEE AH . 24.26 -5.16 0.64
C40 PEE AH . 23.22 -6.22 0.91
C41 PEE AH . 21.80 -5.71 0.85
C42 PEE AH . 20.77 -6.68 1.41
C43 PEE AH . 20.46 -7.85 0.49
C44 PEE AH . 19.08 -8.44 0.73
C45 PEE AH . 18.70 -9.53 -0.25
C46 PEE AH . 17.35 -10.15 0.05
C47 PEE AH . 16.93 -11.18 -0.96
CHA HEM BH . 16.88 18.61 -0.21
CHB HEM BH . 13.77 18.01 -3.84
CHC HEM BH . 12.31 13.83 -1.89
CHD HEM BH . 15.25 14.60 1.84
C1A HEM BH . 16.18 18.80 -1.36
C2A HEM BH . 16.46 19.82 -2.34
C3A HEM BH . 15.51 19.76 -3.26
C4A HEM BH . 14.83 18.48 -3.09
CMA HEM BH . 15.48 20.62 -4.54
CAA HEM BH . 17.49 20.95 -2.13
CBA HEM BH . 18.53 20.98 -3.24
CGA HEM BH . 19.68 21.84 -2.80
O1A HEM BH . 19.89 22.90 -3.41
O2A HEM BH . 20.15 21.62 -1.65
C1B HEM BH . 13.18 16.78 -3.69
C2B HEM BH . 12.27 16.15 -4.62
C3B HEM BH . 11.73 15.04 -3.98
C4B HEM BH . 12.40 14.92 -2.72
CMB HEM BH . 11.60 16.90 -5.79
CAB HEM BH . 10.79 14.01 -4.45
CBB HEM BH . 10.05 14.12 -5.72
C1C HEM BH . 12.96 13.69 -0.71
C2C HEM BH . 12.79 12.61 0.22
C3C HEM BH . 13.63 12.83 1.30
C4C HEM BH . 14.33 14.05 1.01
CMC HEM BH . 11.85 11.41 0.07
CAC HEM BH . 13.89 12.07 2.52
CBC HEM BH . 13.32 10.71 2.76
C1D HEM BH . 15.96 15.73 1.59
C2D HEM BH . 16.95 16.27 2.47
C3D HEM BH . 17.39 17.38 1.89
C4D HEM BH . 16.69 17.58 0.66
CMD HEM BH . 17.45 15.72 3.81
CAD HEM BH . 18.47 18.33 2.45
CBD HEM BH . 19.74 18.07 1.67
CGD HEM BH . 19.97 19.21 0.74
O1D HEM BH . 19.90 18.97 -0.49
O2D HEM BH . 20.56 20.21 1.19
NA HEM BH . 15.13 18.06 -1.82
NB HEM BH . 13.27 15.97 -2.59
NC HEM BH . 13.90 14.54 -0.19
ND HEM BH . 15.81 16.54 0.51
FE HEM BH . 14.55 16.26 -1.05
CHA HEM CH . 0.00 8.42 -18.67
CHB HEM CH . 3.25 8.44 -15.10
CHC HEM CH . 2.20 13.05 -14.18
CHD HEM CH . -1.43 12.82 -17.34
C1A HEM CH . 1.11 8.11 -17.93
C2A HEM CH . 1.85 6.87 -17.98
C3A HEM CH . 2.73 6.86 -16.99
C4A HEM CH . 2.52 8.05 -16.20
CMA HEM CH . 3.62 5.66 -16.63
CAA HEM CH . 1.53 5.69 -18.91
CBA HEM CH . 2.55 5.62 -20.04
CGA HEM CH . 2.65 6.97 -20.72
O1A HEM CH . 3.79 7.49 -20.85
O2A HEM CH . 1.65 7.38 -21.34
C1B HEM CH . 3.21 9.67 -14.49
C2B HEM CH . 3.97 10.07 -13.33
C3B HEM CH . 3.53 11.35 -12.97
C4B HEM CH . 2.67 11.78 -14.03
CMB HEM CH . 4.62 9.07 -12.37
CAB HEM CH . 4.13 12.31 -12.04
CBB HEM CH . 4.50 11.95 -10.66
C1C HEM CH . 1.11 13.39 -14.93
C2C HEM CH . 0.45 14.66 -14.94
C3C HEM CH . -0.59 14.60 -15.85
C4C HEM CH . -0.55 13.28 -16.41
CMC HEM CH . 0.80 15.89 -14.09
CAC HEM CH . -1.60 15.57 -16.26
CBC HEM CH . -1.33 17.03 -16.34
C1D HEM CH . -1.34 11.63 -17.99
C2D HEM CH . -2.19 11.24 -19.08
C3D HEM CH . -1.80 10.02 -19.45
C4D HEM CH . -0.69 9.61 -18.61
CMD HEM CH . -3.34 12.03 -19.71
CAD HEM CH . -2.42 9.18 -20.57
CBD HEM CH . -1.39 8.91 -21.65
CGD HEM CH . -2.09 8.40 -22.87
O1D HEM CH . -1.39 8.02 -23.84
O2D HEM CH . -3.34 8.31 -22.87
NA HEM CH . 1.61 8.82 -16.86
NB HEM CH . 2.38 10.71 -14.81
NC HEM CH . 0.47 12.58 -15.84
ND HEM CH . -0.44 10.64 -17.74
FE HEM CH . 0.98 10.65 -16.28
C1 CDL DH . 7.31 -14.21 -17.81
O1 CDL DH . 7.77 -14.48 -19.14
CA2 CDL DH . 6.18 -15.16 -17.49
OA2 CDL DH . 6.75 -16.33 -16.88
PA1 CDL DH . 5.81 -17.52 -16.42
OA3 CDL DH . 4.45 -17.25 -16.95
OA4 CDL DH . 6.46 -18.81 -16.75
OA5 CDL DH . 5.75 -17.36 -14.84
CA3 CDL DH . 4.90 -16.37 -14.24
CA4 CDL DH . 5.75 -15.19 -13.89
OA6 CDL DH . 6.82 -15.68 -13.04
CA5 CDL DH . 6.54 -16.08 -11.79
OA7 CDL DH . 5.54 -15.78 -11.19
C11 CDL DH . 7.60 -16.99 -11.28
C12 CDL DH . 8.58 -16.33 -10.31
C13 CDL DH . 8.05 -16.29 -8.92
C14 CDL DH . 9.00 -15.66 -7.93
C15 CDL DH . 8.64 -15.93 -6.50
C16 CDL DH . 8.93 -14.78 -5.56
C17 CDL DH . 8.42 -15.01 -4.16
C18 CDL DH . 8.40 -13.77 -3.28
C19 CDL DH . 7.49 -12.66 -3.79
C20 CDL DH . 7.33 -11.53 -2.79
C21 CDL DH . 8.63 -10.82 -2.46
C22 CDL DH . 8.47 -9.63 -1.54
C23 CDL DH . 9.77 -8.92 -1.23
C24 CDL DH . 9.75 -8.11 0.06
C25 CDL DH . 9.74 -8.96 1.33
C26 CDL DH . 9.54 -8.17 2.61
C27 CDL DH . 9.46 -9.05 3.83
CA6 CDL DH . 4.99 -14.09 -13.21
OA8 CDL DH . 6.05 -13.28 -12.68
CA7 CDL DH . 6.17 -12.05 -13.18
OA9 CDL DH . 5.27 -11.42 -13.65
C31 CDL DH . 7.60 -11.62 -13.13
C32 CDL DH . 8.09 -11.36 -11.73
C33 CDL DH . 9.52 -10.87 -11.73
C34 CDL DH . 10.07 -10.63 -10.35
C35 CDL DH . 11.51 -10.18 -10.31
C36 CDL DH . 12.18 -10.53 -9.01
C37 CDL DH . 13.55 -9.93 -8.79
C38 CDL DH . 14.07 -10.20 -7.40
C39 CDL DH . 15.57 -10.26 -7.28
C40 CDL DH . 16.25 -8.91 -7.17
C41 CDL DH . 17.57 -9.00 -6.43
C42 CDL DH . 18.28 -7.68 -6.19
C43 CDL DH . 19.39 -7.84 -5.17
C44 CDL DH . 20.37 -6.68 -5.09
C45 CDL DH . 21.52 -6.99 -4.15
C46 CDL DH . 22.46 -5.86 -3.83
C47 CDL DH . 23.35 -6.20 -2.68
CB2 CDL DH . 8.45 -14.35 -16.84
OB2 CDL DH . 9.35 -13.24 -17.01
PB2 CDL DH . 10.23 -13.06 -18.32
OB3 CDL DH . 11.15 -14.22 -18.46
OB4 CDL DH . 9.37 -12.67 -19.46
OB5 CDL DH . 11.14 -11.82 -17.91
CB3 CDL DH . 12.21 -12.02 -16.97
CB4 CDL DH . 12.88 -10.71 -16.69
OB6 CDL DH . 11.84 -9.73 -16.41
CB5 CDL DH . 11.29 -9.76 -15.19
OB7 CDL DH . 11.56 -10.56 -14.34
C51 CDL DH . 10.30 -8.65 -15.03
C52 CDL DH . 10.96 -7.30 -14.79
C53 CDL DH . 9.96 -6.16 -14.81
C54 CDL DH . 10.55 -4.79 -14.49
C55 CDL DH . 9.67 -3.65 -14.94
C56 CDL DH . 10.26 -2.28 -14.69
C57 CDL DH . 10.26 -1.83 -13.23
C58 CDL DH . 8.87 -1.59 -12.65
C59 CDL DH . 8.14 -0.38 -13.23
C60 CDL DH . 8.69 0.97 -12.77
C61 CDL DH . 8.63 1.18 -11.26
C62 CDL DH . 7.26 0.90 -10.66
C63 CDL DH . 7.09 1.44 -9.24
C64 CDL DH . 5.66 1.87 -8.87
C65 CDL DH . 4.55 0.98 -9.42
C66 CDL DH . 4.45 -0.38 -8.75
C67 CDL DH . 3.51 -0.39 -7.58
CB6 CDL DH . 13.66 -10.22 -17.88
OB8 CDL DH . 13.98 -8.83 -17.68
CB7 CDL DH . 15.20 -8.43 -18.02
OB9 CDL DH . 16.08 -9.17 -18.37
C71 CDL DH . 15.33 -6.94 -17.94
C72 CDL DH . 15.41 -6.45 -16.51
C73 CDL DH . 15.04 -5.00 -16.35
C74 CDL DH . 16.14 -4.02 -16.70
C75 CDL DH . 15.86 -2.62 -16.19
C76 CDL DH . 16.95 -1.62 -16.51
C77 CDL DH . 16.77 -0.30 -15.81
C78 CDL DH . 17.90 0.67 -16.06
C79 CDL DH . 17.97 1.78 -15.02
C80 CDL DH . 19.21 2.62 -15.16
C81 CDL DH . 19.50 3.50 -13.96
C82 CDL DH . 18.62 4.73 -13.89
C83 CDL DH . 19.14 5.76 -12.91
C84 CDL DH . 18.33 7.03 -12.87
C85 CDL DH . 18.92 8.07 -11.94
C86 CDL DH . 18.08 9.31 -11.76
C87 CDL DH . 18.77 10.35 -10.92
C45 UQ8 EH . -5.05 9.87 9.02
C44 UQ8 EH . -4.80 11.28 9.55
C46 UQ8 EH . -5.32 11.67 10.92
C43 UQ8 EH . -4.12 12.14 8.81
C42 UQ8 EH . -3.57 11.80 7.43
C41 UQ8 EH . -3.08 13.09 6.77
C39 UQ8 EH . -2.52 12.91 5.36
C40 UQ8 EH . -1.82 11.62 4.91
C38 UQ8 EH . -2.66 13.91 4.51
C37 UQ8 EH . -2.13 13.84 3.08
C36 UQ8 EH . -1.95 15.27 2.55
C34 UQ8 EH . -2.06 15.25 1.04
C35 UQ8 EH . -1.04 14.48 0.20
C33 UQ8 EH . -3.05 15.90 0.45
C32 UQ8 EH . -3.22 15.90 -1.06
C31 UQ8 EH . -2.31 16.92 -1.75
C29 UQ8 EH . -1.72 17.95 -0.78
C30 UQ8 EH . -2.63 18.91 -0.01
C28 UQ8 EH . -0.41 18.00 -0.64
C27 UQ8 EH . 0.26 19.02 0.28
C26 UQ8 EH . 0.23 18.64 1.76
C24 UQ8 EH . 0.41 19.96 2.50
C25 UQ8 EH . -0.77 20.90 2.67
C23 UQ8 EH . 1.61 20.29 2.94
C22 UQ8 EH . 1.92 21.60 3.65
C21 UQ8 EH . 3.28 22.05 3.13
C19 UQ8 EH . 3.26 23.30 2.25
C20 UQ8 EH . 2.04 23.64 1.37
C18 UQ8 EH . 4.35 24.04 2.23
C17 UQ8 EH . 4.46 25.31 1.38
C16 UQ8 EH . 4.72 24.96 -0.09
C14 UQ8 EH . 4.81 26.19 -1.00
C15 UQ8 EH . 4.66 27.62 -0.46
C13 UQ8 EH . 5.02 25.97 -2.28
C12 UQ8 EH . 5.13 27.10 -3.31
C11 UQ8 EH . 4.92 26.48 -4.68
C9 UQ8 EH . 5.05 27.48 -5.82
C10 UQ8 EH . 4.05 27.43 -6.97
C8 UQ8 EH . 6.02 28.38 -5.82
C7 UQ8 EH . 6.15 29.37 -6.97
C6 UQ8 EH . 7.00 30.56 -6.53
C1 UQ8 EH . 6.48 31.98 -6.69
C1M UQ8 EH . 5.10 32.21 -7.30
C2 UQ8 EH . 7.33 33.16 -6.26
O2 UQ8 EH . 6.92 34.26 -6.38
C3 UQ8 EH . 8.70 32.92 -5.65
O3 UQ8 EH . 9.51 33.97 -5.24
C3M UQ8 EH . 9.07 34.59 -4.06
C4 UQ8 EH . 9.23 31.51 -5.48
O4 UQ8 EH . 10.49 31.32 -4.93
C4M UQ8 EH . 10.59 31.74 -3.61
C5 UQ8 EH . 8.39 30.31 -5.92
O5 UQ8 EH . 8.80 29.21 -5.80
C45 UQ8 FH . 23.35 -1.62 4.79
C44 UQ8 FH . 23.25 -3.09 4.38
C46 UQ8 FH . 24.51 -3.95 4.46
C43 UQ8 FH . 22.12 -3.63 3.95
C42 UQ8 FH . 20.84 -2.83 3.85
C41 UQ8 FH . 19.74 -3.70 3.20
C39 UQ8 FH . 18.62 -2.81 2.65
C40 UQ8 FH . 18.10 -1.64 3.48
C38 UQ8 FH . 18.05 -3.02 1.47
C37 UQ8 FH . 18.44 -4.14 0.50
C36 UQ8 FH . 18.33 -3.60 -0.93
C34 UQ8 FH . 17.90 -4.69 -1.90
C35 UQ8 FH . 18.71 -5.98 -1.97
C33 UQ8 FH . 16.85 -4.48 -2.68
C32 UQ8 FH . 16.36 -5.52 -3.68
C31 UQ8 FH . 14.90 -5.22 -4.01
C29 UQ8 FH . 14.48 -5.62 -5.43
C30 UQ8 FH . 15.31 -5.18 -6.63
C28 UQ8 FH . 13.37 -6.31 -5.57
C27 UQ8 FH . 12.83 -6.76 -6.94
C26 UQ8 FH . 11.60 -5.90 -7.21
C24 UQ8 FH . 10.57 -6.63 -8.06
C25 UQ8 FH . 9.88 -7.87 -7.52
C23 UQ8 FH . 10.25 -6.14 -9.25
C22 UQ8 FH . 9.21 -6.81 -10.13
C21 UQ8 FH . 8.79 -5.83 -11.22
C19 UQ8 FH . 7.72 -4.93 -10.62
C20 UQ8 FH . 8.14 -3.75 -9.74
C18 UQ8 FH . 6.43 -5.16 -10.86
C17 UQ8 FH . 5.34 -4.27 -10.26
C16 UQ8 FH . 4.07 -4.36 -11.10
C14 UQ8 FH . 2.86 -3.80 -10.36
C15 UQ8 FH . 2.64 -4.12 -8.87
C13 UQ8 FH . 2.01 -3.04 -11.02
C12 UQ8 FH . 0.78 -2.42 -10.35
C11 UQ8 FH . -0.07 -1.81 -11.46
C9 UQ8 FH . -1.43 -1.36 -10.94
C10 UQ8 FH . -1.67 0.11 -10.58
C8 UQ8 FH . -2.38 -2.26 -10.79
C7 UQ8 FH . -3.75 -1.88 -10.27
C6 UQ8 FH . -4.49 -3.17 -9.92
C1 UQ8 FH . -4.95 -3.44 -8.49
C1M UQ8 FH . -4.67 -2.42 -7.38
C2 UQ8 FH . -5.67 -4.73 -8.15
O2 UQ8 FH . -6.03 -4.94 -7.04
C3 UQ8 FH . -5.95 -5.76 -9.23
O3 UQ8 FH . -6.61 -6.95 -8.92
C3M UQ8 FH . -8.00 -6.85 -8.86
C4 UQ8 FH . -5.49 -5.50 -10.66
O4 UQ8 FH . -5.74 -6.45 -11.67
C4M UQ8 FH . -4.84 -7.53 -11.63
C5 UQ8 FH . -4.77 -4.20 -11.01
O5 UQ8 FH . -4.41 -3.99 -12.12
FE1 FES GH . 37.48 4.08 41.24
FE2 FES GH . 35.30 3.09 42.47
S1 FES GH . 35.39 4.17 40.55
S2 FES GH . 37.33 3.27 43.29
C1 CDL HH . -22.33 23.03 -23.46
O1 CDL HH . -20.91 23.10 -23.32
CA2 CDL HH . -22.95 23.27 -22.11
OA2 CDL HH . -22.53 22.20 -21.25
PA1 CDL HH . -23.47 21.74 -20.04
OA3 CDL HH . -24.85 21.60 -20.53
OA4 CDL HH . -22.83 20.60 -19.35
OA5 CDL HH . -23.40 23.04 -19.13
CA3 CDL HH . -22.44 23.13 -18.05
CA4 CDL HH . -22.52 24.53 -17.52
OA6 CDL HH . -22.22 25.47 -18.59
CA5 CDL HH . -23.23 26.15 -19.13
OA7 CDL HH . -24.38 25.83 -19.03
C11 CDL HH . -22.73 27.40 -19.78
C12 CDL HH . -22.34 28.41 -18.72
C13 CDL HH . -21.12 29.22 -19.06
C14 CDL HH . -20.81 30.25 -18.00
C15 CDL HH . -19.56 31.04 -18.26
C16 CDL HH . -19.49 32.32 -17.46
C17 CDL HH . -18.22 33.11 -17.64
C18 CDL HH . -18.23 34.44 -16.92
C19 CDL HH . -16.93 35.21 -17.02
C20 CDL HH . -16.97 36.52 -16.24
C21 CDL HH . -15.83 37.45 -16.57
C22 CDL HH . -15.94 38.79 -15.89
C23 CDL HH . -15.00 39.83 -16.46
C24 CDL HH . -15.26 41.23 -15.94
C25 CDL HH . -14.41 42.28 -16.60
C26 CDL HH . -14.70 43.70 -16.14
C27 CDL HH . -13.77 44.73 -16.76
CA6 CDL HH . -21.45 24.83 -16.51
OA8 CDL HH . -21.88 26.05 -15.86
CA7 CDL HH . -21.14 26.48 -14.84
OA9 CDL HH . -20.22 25.87 -14.37
C31 CDL HH . -21.61 27.82 -14.38
C32 CDL HH . -20.77 28.39 -13.26
C33 CDL HH . -21.05 29.85 -12.99
C34 CDL HH . -20.19 30.42 -11.90
C35 CDL HH . -20.64 31.77 -11.41
C36 CDL HH . -20.19 32.07 -9.99
C37 CDL HH . -20.73 33.36 -9.42
C38 CDL HH . -20.08 34.59 -10.03
C39 CDL HH . -20.29 35.85 -9.21
C40 CDL HH . -19.44 37.00 -9.69
C41 CDL HH . -19.35 38.15 -8.71
C42 CDL HH . -18.36 39.20 -9.15
C43 CDL HH . -18.32 40.44 -8.28
C44 CDL HH . -17.20 41.39 -8.65
C45 CDL HH . -17.25 42.70 -7.89
C46 CDL HH . -16.26 43.73 -8.41
C47 CDL HH . -16.36 45.04 -7.66
CB2 CDL HH . -22.75 23.97 -24.55
OB2 CDL HH . -23.72 24.93 -24.06
PB2 CDL HH . -24.44 25.90 -25.11
OB3 CDL HH . -24.04 25.48 -26.47
OB4 CDL HH . -25.89 25.99 -24.78
OB5 CDL HH . -23.78 27.31 -24.82
CB3 CDL HH . -24.19 28.09 -23.69
CB4 CDL HH . -23.29 29.28 -23.61
OB6 CDL HH . -21.93 28.79 -23.30
CB5 CDL HH . -21.01 28.86 -24.28
OB7 CDL HH . -21.22 29.33 -25.37
C51 CDL HH . -19.70 28.29 -23.83
C52 CDL HH . -19.37 28.64 -22.39
C53 CDL HH . -17.89 28.49 -22.06
C54 CDL HH . -17.60 28.75 -20.60
C55 CDL HH . -16.14 28.87 -20.24
C56 CDL HH . -15.92 29.05 -18.74
C57 CDL HH . -14.63 29.74 -18.37
C58 CDL HH . -14.66 30.31 -16.96
C59 CDL HH . -13.42 31.09 -16.57
C60 CDL HH . -13.13 32.27 -17.46
C61 CDL HH . -12.12 33.25 -16.86
C62 CDL HH . -10.75 32.64 -16.60
C63 CDL HH . -9.62 33.26 -17.40
C64 CDL HH . -9.36 34.73 -17.09
C65 CDL HH . -9.00 35.00 -15.65
C66 CDL HH . -8.27 36.30 -15.44
C67 CDL HH . -8.94 37.49 -16.12
CB6 CDL HH . -23.69 30.19 -22.48
OB8 CDL HH . -22.59 31.09 -22.24
CB7 CDL HH . -22.84 32.17 -21.51
OB9 CDL HH . -23.93 32.64 -21.36
C71 CDL HH . -21.58 32.66 -20.87
C72 CDL HH . -21.11 34.01 -21.38
C73 CDL HH . -19.93 34.51 -20.58
C74 CDL HH . -19.38 35.80 -21.12
C75 CDL HH . -18.27 36.42 -20.31
C76 CDL HH . -17.68 37.62 -21.01
C77 CDL HH . -16.84 38.53 -20.16
C78 CDL HH . -16.41 39.77 -20.93
C79 CDL HH . -15.82 40.87 -20.07
C80 CDL HH . -15.71 42.18 -20.84
C81 CDL HH . -15.22 43.34 -20.01
C82 CDL HH . -15.38 44.67 -20.71
C83 CDL HH . -14.71 45.82 -20.00
C84 CDL HH . -14.85 47.16 -20.70
C85 CDL HH . -14.01 48.26 -20.08
C86 CDL HH . -14.31 49.63 -20.65
C87 CDL HH . -13.53 50.73 -19.96
O12 PC1 IH . -30.11 26.25 -16.70
P PC1 IH . -29.19 25.09 -16.67
O14 PC1 IH . -29.39 24.02 -15.68
O13 PC1 IH . -29.14 24.44 -18.12
C11 PC1 IH . -28.86 25.26 -19.26
C12 PC1 IH . -27.99 24.35 -20.08
N PC1 IH . -27.59 24.85 -21.43
C13 PC1 IH . -26.77 26.09 -21.32
C14 PC1 IH . -26.76 23.77 -22.07
C15 PC1 IH . -28.78 25.12 -22.30
O11 PC1 IH . -27.70 25.61 -16.48
C1 PC1 IH . -27.50 26.81 -15.73
C2 PC1 IH . -26.03 27.04 -15.55
O21 PC1 IH . -25.89 27.76 -14.29
C21 PC1 IH . -25.92 27.02 -13.17
O22 PC1 IH . -25.70 25.84 -13.14
C22 PC1 IH . -26.31 27.85 -11.99
C23 PC1 IH . -25.80 29.27 -12.09
C24 PC1 IH . -26.15 30.09 -10.87
C25 PC1 IH . -25.91 31.58 -11.03
C26 PC1 IH . -24.49 31.92 -11.47
C27 PC1 IH . -24.16 33.40 -11.38
C28 PC1 IH . -25.00 34.28 -12.30
C29 PC1 IH . -24.50 35.71 -12.36
C2A PC1 IH . -24.65 36.48 -11.06
C2B PC1 IH . -24.04 37.87 -11.09
C2C PC1 IH . -22.53 37.87 -11.06
C2D PC1 IH . -21.91 38.87 -12.02
C2E PC1 IH . -22.20 40.32 -11.68
C2F PC1 IH . -21.63 40.76 -10.34
C2G PC1 IH . -21.05 42.17 -10.34
C2H PC1 IH . -19.76 42.27 -11.15
C2I PC1 IH . -19.06 43.60 -10.98
C3 PC1 IH . -25.47 27.87 -16.67
O31 PC1 IH . -25.09 29.18 -16.19
C31 PC1 IH . -25.55 30.21 -16.88
O32 PC1 IH . -26.63 30.25 -17.41
C32 PC1 IH . -24.51 31.27 -16.98
C33 PC1 IH . -24.52 31.93 -18.35
C34 PC1 IH . -25.22 33.26 -18.32
C35 PC1 IH . -24.37 34.37 -17.75
C36 PC1 IH . -25.14 35.61 -17.37
C37 PC1 IH . -24.29 36.69 -16.74
C38 PC1 IH . -23.14 37.19 -17.61
C39 PC1 IH . -23.58 37.74 -18.97
C3A PC1 IH . -24.40 39.02 -18.89
C3B PC1 IH . -23.59 40.24 -18.51
C3C PC1 IH . -24.33 41.55 -18.72
C3D PC1 IH . -24.16 42.54 -17.58
C3E PC1 IH . -24.91 43.85 -17.77
C3F PC1 IH . -24.11 44.92 -18.50
C3G PC1 IH . -24.61 46.33 -18.24
C3H PC1 IH . -23.72 47.43 -18.80
C3I PC1 IH . -24.06 48.79 -18.24
C1 CDL JH . 9.86 -41.07 29.98
O1 CDL JH . 10.79 -40.52 30.91
CA2 CDL JH . 9.80 -42.56 30.15
OA2 CDL JH . 11.06 -43.11 29.70
PA1 CDL JH . 11.16 -43.75 28.26
OA3 CDL JH . 10.65 -45.14 28.31
OA4 CDL JH . 10.64 -42.81 27.24
OA5 CDL JH . 12.75 -43.80 28.15
CA3 CDL JH . 13.44 -42.56 27.93
CA4 CDL JH . 14.27 -42.25 29.14
OA6 CDL JH . 14.92 -40.96 28.89
CA5 CDL JH . 15.00 -40.09 29.90
OA7 CDL JH . 14.29 -40.12 30.87
C11 CDL JH . 16.13 -39.14 29.67
C12 CDL JH . 15.88 -37.72 30.17
C13 CDL JH . 17.03 -36.79 29.84
C14 CDL JH . 18.30 -37.05 30.64
C15 CDL JH . 19.45 -36.13 30.26
C16 CDL JH . 20.66 -36.24 31.16
C17 CDL JH . 21.78 -35.28 30.77
C18 CDL JH . 22.82 -35.05 31.85
C19 CDL JH . 23.91 -34.08 31.43
C20 CDL JH . 24.83 -33.65 32.55
C21 CDL JH . 25.53 -34.80 33.26
C22 CDL JH . 26.73 -34.36 34.08
C23 CDL JH . 27.35 -35.49 34.90
C24 CDL JH . 28.64 -35.09 35.59
C25 CDL JH . 29.13 -36.11 36.60
C26 CDL JH . 30.50 -35.80 37.20
C27 CDL JH . 30.90 -36.78 38.28
CA6 CDL JH . 15.40 -43.21 29.27
OA8 CDL JH . 16.09 -42.96 30.51
CA7 CDL JH . 17.22 -43.63 30.71
OA9 CDL JH . 17.65 -44.45 29.93
C31 CDL JH . 17.88 -43.24 31.98
C32 CDL JH . 19.21 -43.93 32.18
C33 CDL JH . 19.95 -43.43 33.40
C34 CDL JH . 21.41 -43.79 33.44
C35 CDL JH . 22.14 -43.16 34.60
C36 CDL JH . 23.64 -43.37 34.59
C37 CDL JH . 24.35 -42.61 35.69
C38 CDL JH . 25.75 -43.12 35.98
C39 CDL JH . 26.38 -42.42 37.17
C40 CDL JH . 27.58 -43.14 37.74
C41 CDL JH . 28.15 -42.47 38.97
C42 CDL JH . 29.32 -43.18 39.60
C43 CDL JH . 29.89 -42.45 40.79
C44 CDL JH . 31.13 -43.07 41.38
C45 CDL JH . 31.90 -42.12 42.27
C46 CDL JH . 33.23 -42.63 42.78
C47 CDL JH . 34.14 -41.52 43.23
CB2 CDL JH . 8.50 -40.45 30.20
OB2 CDL JH . 7.53 -41.37 29.65
PB2 CDL JH . 6.45 -41.98 30.66
OB3 CDL JH . 5.38 -42.66 29.91
OB4 CDL JH . 7.10 -42.64 31.81
OB5 CDL JH . 6.02 -40.51 31.06
CB3 CDL JH . 4.67 -40.05 31.02
CB4 CDL JH . 4.79 -38.56 30.93
OB6 CDL JH . 6.13 -38.24 31.41
CB5 CDL JH . 6.79 -37.22 30.85
OB7 CDL JH . 6.39 -36.62 29.89
C51 CDL JH . 8.06 -36.92 31.60
C52 CDL JH . 8.28 -35.43 31.75
C53 CDL JH . 8.98 -35.05 33.04
C54 CDL JH . 8.89 -33.58 33.37
C55 CDL JH . 7.51 -33.13 33.81
C56 CDL JH . 7.41 -32.76 35.28
C57 CDL JH . 7.65 -33.93 36.23
C58 CDL JH . 7.60 -33.55 37.71
C59 CDL JH . 6.26 -33.04 38.18
C60 CDL JH . 6.24 -32.69 39.66
C61 CDL JH . 4.91 -32.18 40.17
C62 CDL JH . 4.83 -32.14 41.69
C63 CDL JH . 3.49 -31.72 42.24
C64 CDL JH . 3.30 -32.07 43.72
C65 CDL JH . 1.99 -31.59 44.30
C66 CDL JH . 1.63 -32.23 45.63
C67 CDL JH . 0.29 -31.75 46.14
CB6 CDL JH . 3.85 -37.88 31.90
OB8 CDL JH . 4.67 -37.47 33.00
CB7 CDL JH . 4.04 -36.96 34.05
OB9 CDL JH . 2.92 -37.23 34.37
C71 CDL JH . 4.91 -35.95 34.73
C72 CDL JH . 4.15 -34.69 35.10
C73 CDL JH . 3.86 -33.81 33.90
C74 CDL JH . 3.66 -32.36 34.29
C75 CDL JH . 3.79 -31.37 33.15
C76 CDL JH . 4.12 -29.96 33.62
C77 CDL JH . 5.60 -29.73 33.89
C78 CDL JH . 5.88 -28.93 35.14
C79 CDL JH . 5.74 -29.72 36.43
C80 CDL JH . 5.30 -28.90 37.63
C81 CDL JH . 3.86 -28.39 37.55
C82 CDL JH . 2.83 -29.26 38.25
C83 CDL JH . 2.77 -30.70 37.77
C84 CDL JH . 1.79 -31.57 38.54
C85 CDL JH . 0.36 -31.09 38.50
C86 CDL JH . -0.08 -30.23 39.67
C87 CDL JH . -1.49 -29.73 39.52
C1 CDL KH . 31.00 -32.55 -12.47
O1 CDL KH . 31.77 -31.59 -11.77
CA2 CDL KH . 31.64 -32.79 -13.82
OA2 CDL KH . 32.04 -34.17 -13.92
PA1 CDL KH . 33.30 -34.57 -14.81
OA3 CDL KH . 33.41 -36.04 -14.76
OA4 CDL KH . 33.19 -33.90 -16.12
OA5 CDL KH . 34.55 -33.98 -14.01
CA3 CDL KH . 34.57 -34.12 -12.58
CA4 CDL KH . 35.88 -33.67 -12.03
OA6 CDL KH . 36.15 -32.26 -12.29
CA5 CDL KH . 35.38 -31.37 -11.65
OA7 CDL KH . 34.29 -31.04 -12.04
C11 CDL KH . 36.01 -31.01 -10.35
C12 CDL KH . 36.10 -29.52 -10.04
C13 CDL KH . 34.80 -28.95 -9.52
C14 CDL KH . 34.91 -27.48 -9.16
C15 CDL KH . 35.68 -27.23 -7.87
C16 CDL KH . 36.20 -25.80 -7.73
C17 CDL KH . 37.29 -25.45 -8.71
C18 CDL KH . 37.87 -24.08 -8.50
C19 CDL KH . 38.79 -23.62 -9.62
C20 CDL KH . 39.32 -22.22 -9.44
C21 CDL KH . 40.03 -21.66 -10.66
C22 CDL KH . 40.56 -20.25 -10.46
C23 CDL KH . 41.17 -19.64 -11.70
C24 CDL KH . 41.70 -18.23 -11.49
C25 CDL KH . 42.27 -17.60 -12.75
C26 CDL KH . 42.76 -16.17 -12.55
C27 CDL KH . 43.33 -15.57 -13.80
CA6 CDL KH . 37.07 -34.37 -12.60
OA8 CDL KH . 38.16 -33.60 -12.05
CA7 CDL KH . 39.05 -34.28 -11.34
OA9 CDL KH . 39.77 -35.13 -11.79
C31 CDL KH . 38.91 -33.94 -9.90
C32 CDL KH . 38.40 -35.16 -9.14
C33 CDL KH . 37.92 -34.82 -7.74
C34 CDL KH . 38.10 -35.93 -6.73
C35 CDL KH . 37.38 -35.67 -5.42
C36 CDL KH . 37.84 -36.55 -4.27
C37 CDL KH . 36.98 -36.40 -3.03
C38 CDL KH . 37.44 -37.21 -1.83
C39 CDL KH . 36.54 -37.07 -0.62
C40 CDL KH . 35.23 -37.86 -0.73
C41 CDL KH . 35.29 -39.21 -0.05
C42 CDL KH . 35.05 -39.16 1.45
C43 CDL KH . 35.36 -40.46 2.16
C44 CDL KH . 34.57 -40.66 3.43
C45 CDL KH . 34.74 -42.03 4.06
C46 CDL KH . 33.58 -42.46 4.94
C47 CDL KH . 33.29 -41.47 6.05
CB2 CDL KH . 30.88 -33.80 -11.64
OB2 CDL KH . 30.29 -33.42 -10.38
PB2 CDL KH . 28.80 -33.87 -10.05
OB3 CDL KH . 28.04 -33.80 -11.31
OB4 CDL KH . 28.84 -35.15 -9.31
OB5 CDL KH . 28.27 -32.71 -9.10
CB3 CDL KH . 28.88 -32.49 -7.81
CB4 CDL KH . 29.98 -31.47 -7.95
OB6 CDL KH . 31.18 -32.05 -7.36
CB5 CDL KH . 32.35 -31.73 -7.92
OB7 CDL KH . 32.47 -30.88 -8.78
C51 CDL KH . 33.47 -32.56 -7.39
C52 CDL KH . 34.47 -31.77 -6.55
C53 CDL KH . 35.85 -32.37 -6.64
C54 CDL KH . 36.90 -31.75 -5.72
C55 CDL KH . 37.24 -30.30 -6.02
C56 CDL KH . 36.33 -29.26 -5.35
C57 CDL KH . 36.14 -29.48 -3.86
C58 CDL KH . 35.73 -28.23 -3.12
C59 CDL KH . 36.86 -27.23 -2.92
C60 CDL KH . 36.48 -26.02 -2.12
C61 CDL KH . 37.67 -25.23 -1.61
C62 CDL KH . 37.31 -24.06 -0.72
C63 CDL KH . 38.50 -23.23 -0.29
C64 CDL KH . 38.13 -22.10 0.65
C65 CDL KH . 39.30 -21.18 0.99
C66 CDL KH . 38.97 -20.17 2.06
C67 CDL KH . 40.07 -19.16 2.27
CB6 CDL KH . 29.66 -30.19 -7.26
OB8 CDL KH . 29.50 -30.44 -5.84
CB7 CDL KH . 29.54 -29.38 -5.04
OB9 CDL KH . 30.08 -28.34 -5.31
C71 CDL KH . 28.75 -29.64 -3.79
C72 CDL KH . 27.86 -28.46 -3.43
C73 CDL KH . 27.03 -28.73 -2.18
C74 CDL KH . 26.58 -27.46 -1.46
C75 CDL KH . 27.71 -26.73 -0.75
C76 CDL KH . 27.27 -25.47 -0.04
C77 CDL KH . 28.40 -24.73 0.64
C78 CDL KH . 28.87 -25.40 1.91
C79 CDL KH . 30.02 -24.68 2.59
C80 CDL KH . 30.41 -25.28 3.93
C81 CDL KH . 31.61 -24.62 4.58
C82 CDL KH . 31.94 -25.15 5.98
C83 CDL KH . 33.13 -24.49 6.63
C84 CDL KH . 33.41 -25.00 8.04
C85 CDL KH . 34.54 -24.28 8.74
C86 CDL KH . 34.67 -24.61 10.21
C87 CDL KH . 34.94 -26.08 10.46
C1 CDL LH . 16.07 -45.85 2.76
O1 CDL LH . 15.55 -44.60 3.22
CA2 CDL LH . 17.48 -45.64 2.27
OA2 CDL LH . 17.60 -44.28 1.79
PA1 CDL LH . 18.94 -43.83 1.06
OA3 CDL LH . 18.58 -43.68 -0.36
OA4 CDL LH . 19.49 -42.65 1.79
OA5 CDL LH . 19.97 -45.03 1.18
CA3 CDL LH . 21.14 -45.00 2.04
CA4 CDL LH . 22.34 -45.07 1.15
OA6 CDL LH . 23.58 -45.16 1.92
CA5 CDL LH . 24.45 -46.12 1.57
OA7 CDL LH . 24.13 -47.25 1.31
C11 CDL LH . 25.83 -45.55 1.41
C12 CDL LH . 26.22 -44.52 2.45
C13 CDL LH . 27.48 -43.78 2.05
C14 CDL LH . 27.25 -42.64 1.10
C15 CDL LH . 28.51 -42.12 0.43
C16 CDL LH . 28.30 -40.81 -0.32
C17 CDL LH . 29.56 -40.29 -1.00
C18 CDL LH . 30.48 -39.51 -0.08
C19 CDL LH . 31.65 -38.85 -0.79
C20 CDL LH . 31.26 -37.73 -1.74
C21 CDL LH . 32.41 -37.16 -2.54
C22 CDL LH . 31.97 -36.26 -3.68
C23 CDL LH . 33.09 -35.87 -4.63
C24 CDL LH . 33.70 -34.52 -4.35
C25 CDL LH . 34.16 -34.31 -2.92
C26 CDL LH . 35.21 -33.23 -2.81
C27 CDL LH . 35.78 -33.04 -1.43
CA6 CDL LH . 22.54 -43.78 0.41
OA8 CDL LH . 22.89 -42.83 1.44
CA7 CDL LH . 22.66 -41.54 1.22
OA9 CDL LH . 22.32 -41.11 0.15
C31 CDL LH . 22.83 -40.74 2.47
C32 CDL LH . 24.04 -39.82 2.44
C33 CDL LH . 23.69 -38.39 2.12
C34 CDL LH . 23.17 -38.16 0.72
C35 CDL LH . 23.31 -36.73 0.24
C36 CDL LH . 22.48 -36.38 -0.98
C37 CDL LH . 23.25 -35.66 -2.07
C38 CDL LH . 22.39 -35.15 -3.20
C39 CDL LH . 23.16 -34.44 -4.31
C40 CDL LH . 23.94 -35.38 -5.19
C41 CDL LH . 24.83 -34.67 -6.22
C42 CDL LH . 26.22 -34.35 -5.73
C43 CDL LH . 27.26 -35.40 -6.09
C44 CDL LH . 27.12 -36.71 -5.33
C45 CDL LH . 27.43 -36.60 -3.85
C46 CDL LH . 26.98 -37.79 -3.05
C47 CDL LH . 27.31 -37.69 -1.57
CB2 CDL LH . 16.00 -46.86 3.87
OB2 CDL LH . 16.39 -46.22 5.10
PB2 CDL LH . 17.19 -47.04 6.21
OB3 CDL LH . 16.53 -46.80 7.50
OB4 CDL LH . 17.44 -48.43 5.76
OB5 CDL LH . 18.57 -46.26 6.19
CB3 CDL LH . 19.37 -46.12 7.37
CB4 CDL LH . 19.91 -44.72 7.36
OB6 CDL LH . 21.19 -44.72 6.66
CB5 CDL LH . 21.45 -43.69 5.84
OB7 CDL LH . 20.64 -42.87 5.51
C51 CDL LH . 22.88 -43.69 5.40
C52 CDL LH . 23.67 -42.52 5.98
C53 CDL LH . 25.03 -42.35 5.35
C54 CDL LH . 25.91 -41.29 6.02
C55 CDL LH . 27.32 -41.23 5.46
C56 CDL LH . 27.49 -40.26 4.31
C57 CDL LH . 28.76 -40.47 3.51
C58 CDL LH . 30.06 -40.29 4.26
C59 CDL LH . 30.27 -38.90 4.82
C60 CDL LH . 29.85 -38.73 6.27
C61 CDL LH . 30.72 -39.52 7.25
C62 CDL LH . 30.28 -39.44 8.69
C63 CDL LH . 31.14 -40.26 9.63
C64 CDL LH . 30.67 -40.26 11.07
C65 CDL LH . 31.58 -41.04 11.99
C66 CDL LH . 31.10 -41.08 13.44
C67 CDL LH . 32.06 -41.84 14.34
CB6 CDL LH . 20.16 -44.18 8.73
OB8 CDL LH . 20.40 -42.79 8.45
CB7 CDL LH . 19.59 -41.92 9.02
OB9 CDL LH . 19.36 -41.88 10.20
C71 CDL LH . 18.91 -41.10 7.98
C72 CDL LH . 19.53 -39.74 7.71
C73 CDL LH . 20.96 -39.82 7.24
C74 CDL LH . 21.55 -38.49 6.84
C75 CDL LH . 23.01 -38.57 6.46
C76 CDL LH . 23.68 -37.21 6.33
C77 CDL LH . 25.19 -37.26 6.33
C78 CDL LH . 25.80 -37.79 7.62
C79 CDL LH . 27.17 -37.24 7.92
C80 CDL LH . 27.16 -35.88 8.58
C81 CDL LH . 28.54 -35.31 8.84
C82 CDL LH . 28.54 -33.96 9.52
C83 CDL LH . 29.90 -33.29 9.59
C84 CDL LH . 29.87 -31.90 10.21
C85 CDL LH . 31.15 -31.11 10.03
C86 CDL LH . 32.15 -31.21 11.16
C87 CDL LH . 32.65 -32.62 11.41
C1 CDL MH . -17.37 7.44 -9.49
O1 CDL MH . -18.25 6.84 -8.56
CA2 CDL MH . -18.10 8.47 -10.32
OA2 CDL MH . -17.38 9.71 -10.21
PA1 CDL MH . -16.67 10.35 -11.48
OA3 CDL MH . -15.90 9.26 -12.12
OA4 CDL MH . -17.72 11.04 -12.27
OA5 CDL MH . -15.63 11.46 -11.01
CA3 CDL MH . -14.46 11.20 -10.20
CA4 CDL MH . -14.37 12.37 -9.25
OA6 CDL MH . -13.02 12.93 -9.18
CA5 CDL MH . -12.57 13.58 -10.25
OA7 CDL MH . -12.83 13.28 -11.38
C11 CDL MH . -11.79 14.80 -9.85
C12 CDL MH . -10.46 14.58 -9.15
C13 CDL MH . -9.77 15.89 -8.81
C14 CDL MH . -9.25 16.65 -10.01
C15 CDL MH . -8.62 18.00 -9.71
C16 CDL MH . -9.58 19.00 -9.10
C17 CDL MH . -9.18 20.45 -9.26
C18 CDL MH . -10.06 21.41 -8.49
C19 CDL MH . -10.15 22.81 -9.08
C20 CDL MH . -9.33 23.85 -8.34
C21 CDL MH . -7.83 23.61 -8.39
C22 CDL MH . -7.03 24.84 -8.00
C23 CDL MH . -5.53 24.64 -8.01
C24 CDL MH . -5.02 23.83 -6.84
C25 CDL MH . -3.50 23.86 -6.70
C26 CDL MH . -2.97 23.02 -5.55
C27 CDL MH . -1.47 23.11 -5.39
CA6 CDL MH . -14.72 11.96 -7.85
OA8 CDL MH . -14.33 13.03 -6.96
CA7 CDL MH . -15.07 14.12 -6.95
OA9 CDL MH . -15.97 14.33 -7.71
C31 CDL MH . -14.63 15.06 -5.88
C32 CDL MH . -13.89 16.28 -6.40
C33 CDL MH . -13.25 17.09 -5.29
C34 CDL MH . -12.60 18.37 -5.77
C35 CDL MH . -11.65 18.98 -4.76
C36 CDL MH . -11.26 20.41 -5.10
C37 CDL MH . -10.03 20.90 -4.37
C38 CDL MH . -9.85 22.41 -4.42
C39 CDL MH . -10.96 23.17 -3.71
C40 CDL MH . -10.58 24.59 -3.32
C41 CDL MH . -10.28 25.51 -4.49
C42 CDL MH . -8.80 25.83 -4.65
C43 CDL MH . -8.53 27.06 -5.48
C44 CDL MH . -8.78 28.37 -4.75
C45 CDL MH . -9.29 29.49 -5.65
C46 CDL MH . -9.22 30.87 -5.05
C47 CDL MH . -9.52 31.95 -6.06
CB2 CDL MH . -16.21 8.07 -8.77
OB2 CDL MH . -15.48 7.05 -8.07
PB2 CDL MH . -14.00 6.71 -8.58
OB3 CDL MH . -13.49 5.63 -7.72
OB4 CDL MH . -14.01 6.52 -10.05
OB5 CDL MH . -13.18 8.02 -8.25
CB3 CDL MH . -12.87 8.38 -6.89
CB4 CDL MH . -11.61 9.19 -6.93
OB6 CDL MH . -10.49 8.40 -6.45
CB5 CDL MH . -10.44 8.09 -5.14
OB7 CDL MH . -11.41 8.10 -4.42
C51 CDL MH . -9.05 7.78 -4.72
C52 CDL MH . -8.91 7.55 -3.23
C53 CDL MH . -7.50 7.16 -2.85
C54 CDL MH . -7.26 7.12 -1.36
C55 CDL MH . -5.97 6.46 -0.93
C56 CDL MH . -5.62 6.67 0.53
C57 CDL MH . -4.46 5.83 1.04
C58 CDL MH . -4.80 4.37 1.27
C59 CDL MH . -5.81 4.12 2.39
C60 CDL MH . -5.42 4.75 3.72
C61 CDL MH . -4.00 4.43 4.18
C62 CDL MH . -3.75 2.96 4.49
C63 CDL MH . -4.08 2.57 5.93
C64 CDL MH . -3.02 2.95 6.94
C65 CDL MH . -3.31 2.43 8.34
C66 CDL MH . -2.22 2.62 9.37
C67 CDL MH . -2.23 1.53 10.42
CB6 CDL MH . -11.74 10.39 -6.04
OB8 CDL MH . -10.45 10.89 -5.60
CB7 CDL MH . -9.84 11.77 -6.40
OB9 CDL MH . -9.94 11.78 -7.59
C71 CDL MH . -9.10 12.78 -5.58
C72 CDL MH . -10.07 13.65 -4.79
C73 CDL MH . -9.42 14.42 -3.65
C74 CDL MH . -8.33 15.38 -4.10
C75 CDL MH . -7.30 15.70 -3.03
C76 CDL MH . -7.75 16.74 -2.03
C77 CDL MH . -6.60 17.35 -1.24
C78 CDL MH . -7.00 18.59 -0.45
C79 CDL MH . -7.18 18.33 1.04
C80 CDL MH . -5.87 18.36 1.84
C81 CDL MH . -5.39 19.75 2.18
C82 CDL MH . -4.40 19.78 3.33
C83 CDL MH . -4.02 21.17 3.79
C84 CDL MH . -3.20 21.19 5.08
C85 CDL MH . -2.54 22.52 5.38
C86 CDL MH . -1.67 22.51 6.61
C87 CDL MH . -0.85 23.76 6.77
C1 CDL NH . -24.49 11.78 -13.83
O1 CDL NH . -23.70 11.75 -15.02
CA2 CDL NH . -25.84 11.18 -14.12
OA2 CDL NH . -26.76 11.57 -13.09
PA1 CDL NH . -27.93 10.58 -12.67
OA3 CDL NH . -28.81 11.34 -11.74
OA4 CDL NH . -28.52 9.98 -13.89
OA5 CDL NH . -27.22 9.42 -11.84
CA3 CDL NH . -27.81 8.94 -10.62
CA4 CDL NH . -26.95 9.38 -9.47
OA6 CDL NH . -27.76 10.21 -8.60
CA5 CDL NH . -27.97 9.80 -7.34
OA7 CDL NH . -27.48 8.82 -6.87
C11 CDL NH . -28.90 10.75 -6.62
C12 CDL NH . -28.60 10.85 -5.14
C13 CDL NH . -27.21 11.38 -4.87
C14 CDL NH . -26.91 11.56 -3.41
C15 CDL NH . -26.57 10.28 -2.68
C16 CDL NH . -26.23 10.50 -1.22
C17 CDL NH . -25.29 9.46 -0.65
C18 CDL NH . -23.87 9.57 -1.17
C19 CDL NH . -23.11 10.79 -0.68
C20 CDL NH . -22.27 11.48 -1.74
C21 CDL NH . -23.07 12.31 -2.73
C22 CDL NH . -23.69 13.57 -2.12
C23 CDL NH . -24.32 14.52 -3.14
C24 CDL NH . -23.31 15.30 -3.96
C25 CDL NH . -22.58 16.39 -3.18
C26 CDL NH . -21.98 17.46 -4.08
C27 CDL NH . -21.06 18.40 -3.35
CA6 CDL NH . -25.80 10.24 -9.92
OA8 CDL NH . -24.87 10.29 -8.83
CA7 CDL NH . -23.88 11.16 -8.94
OA9 CDL NH . -23.84 12.03 -9.77
C31 CDL NH . -22.81 10.90 -7.92
C32 CDL NH . -21.44 11.08 -8.53
C33 CDL NH . -20.36 10.40 -7.73
C34 CDL NH . -20.20 10.92 -6.32
C35 CDL NH . -19.07 10.27 -5.55
C36 CDL NH . -17.69 10.60 -6.10
C37 CDL NH . -16.57 9.79 -5.47
C38 CDL NH . -16.06 10.34 -4.16
C39 CDL NH . -15.27 11.64 -4.30
C40 CDL NH . -14.59 12.10 -3.03
C41 CDL NH . -13.28 11.37 -2.74
C42 CDL NH . -12.66 11.67 -1.38
C43 CDL NH . -13.66 11.76 -0.24
C44 CDL NH . -13.05 11.53 1.14
C45 CDL NH . -11.75 12.29 1.39
C46 CDL NH . -11.22 12.11 2.81
C47 CDL NH . -9.84 12.70 3.00
CB2 CDL NH . -24.55 13.19 -13.31
OB2 CDL NH . -25.59 13.90 -14.04
PB2 CDL NH . -25.40 15.43 -14.41
OB3 CDL NH . -24.46 15.52 -15.54
OB4 CDL NH . -26.73 16.07 -14.53
OB5 CDL NH . -24.64 16.07 -13.16
CB3 CDL NH . -25.32 16.23 -11.91
CB4 CDL NH . -24.39 16.95 -10.98
OB6 CDL NH . -24.36 16.16 -9.76
CB5 CDL NH . -23.20 16.10 -9.08
OB7 CDL NH . -22.32 16.92 -9.19
C51 CDL NH . -23.12 14.86 -8.25
C52 CDL NH . -22.19 14.98 -7.05
C53 CDL NH . -20.72 14.80 -7.42
C54 CDL NH . -19.74 15.62 -6.59
C55 CDL NH . -19.50 15.13 -5.18
C56 CDL NH . -18.54 16.02 -4.42
C57 CDL NH . -18.40 15.72 -2.94
C58 CDL NH . -17.54 16.74 -2.20
C59 CDL NH . -16.06 16.65 -2.53
C60 CDL NH . -15.21 17.75 -1.89
C61 CDL NH . -15.37 19.11 -2.56
C62 CDL NH . -14.36 20.14 -2.11
C63 CDL NH . -14.29 21.36 -3.03
C64 CDL NH . -15.07 22.57 -2.54
C65 CDL NH . -16.48 22.28 -2.09
C66 CDL NH . -17.32 23.53 -1.93
C67 CDL NH . -17.87 24.04 -3.24
CB6 CDL NH . -24.85 18.36 -10.70
OB8 CDL NH . -23.95 18.90 -9.72
CB7 CDL NH . -23.71 20.21 -9.77
OB9 CDL NH . -24.30 20.97 -10.49
C71 CDL NH . -22.59 20.58 -8.86
C72 CDL NH . -23.03 21.42 -7.67
C73 CDL NH . -22.02 21.40 -6.54
C74 CDL NH . -22.43 22.25 -5.36
C75 CDL NH . -21.52 22.11 -4.15
C76 CDL NH . -21.91 23.02 -3.00
C77 CDL NH . -21.09 22.79 -1.74
C78 CDL NH . -21.36 23.79 -0.64
C79 CDL NH . -21.07 25.24 -1.01
C80 CDL NH . -21.16 26.22 0.13
C81 CDL NH . -21.05 27.66 -0.31
C82 CDL NH . -20.63 28.62 0.78
C83 CDL NH . -20.30 30.01 0.27
C84 CDL NH . -19.67 30.93 1.31
C85 CDL NH . -19.20 32.25 0.74
C86 CDL NH . -18.67 33.22 1.78
C87 CDL NH . -18.25 34.54 1.17
C27 PEE OH . 23.38 45.76 -63.15
C26 PEE OH . 23.82 47.17 -63.48
C25 PEE OH . 25.29 47.42 -63.19
C24 PEE OH . 25.77 48.77 -63.67
C23 PEE OH . 25.34 49.94 -62.81
C22 PEE OH . 25.60 51.30 -63.44
C21 PEE OH . 27.07 51.60 -63.71
C20 PEE OH . 27.95 51.54 -62.46
C19 PEE OH . 29.34 52.13 -62.67
C18 PEE OH . 30.25 51.94 -61.48
C17 PEE OH . 31.65 52.44 -61.70
C16 PEE OH . 31.88 53.88 -61.28
C15 PEE OH . 31.87 54.10 -59.77
C14 PEE OH . 32.77 53.16 -58.99
C13 PEE OH . 34.23 53.20 -59.41
C12 PEE OH . 35.05 54.29 -58.73
C11 PEE OH . 35.57 53.83 -57.38
C10 PEE OH . 36.83 54.48 -56.92
O4 PEE OH . 37.93 54.26 -57.34
O2 PEE OH . 36.59 55.30 -55.89
C2 PEE OH . 37.52 55.23 -54.76
C1 PEE OH . 38.39 56.45 -54.70
O3P PEE OH . 39.31 56.27 -53.61
P PEE OH . 40.89 56.53 -53.67
O2P PEE OH . 41.29 56.47 -55.13
O1P PEE OH . 41.65 55.63 -52.80
O4P PEE OH . 41.02 58.07 -53.20
C4 PEE OH . 40.08 59.08 -53.67
C5 PEE OH . 40.46 60.43 -53.15
N PEE OH . 39.75 61.51 -53.87
C3 PEE OH . 36.60 55.13 -53.57
O3 PEE OH . 35.67 54.07 -53.88
C30 PEE OH . 36.11 52.82 -53.77
O5 PEE OH . 37.19 52.54 -53.34
C31 PEE OH . 35.12 51.82 -54.28
C32 PEE OH . 35.79 50.70 -55.07
C33 PEE OH . 34.84 49.59 -55.45
C34 PEE OH . 35.38 48.71 -56.55
C35 PEE OH . 34.82 49.02 -57.92
C36 PEE OH . 33.42 48.47 -58.15
C37 PEE OH . 32.84 48.82 -59.51
C38 PEE OH . 31.46 48.24 -59.74
C39 PEE OH . 30.39 48.84 -58.86
C40 PEE OH . 29.04 48.17 -58.98
C41 PEE OH . 27.94 48.90 -58.23
C42 PEE OH . 26.59 48.20 -58.30
C43 PEE OH . 25.43 49.07 -57.83
C44 PEE OH . 24.08 48.38 -57.90
C45 PEE OH . 22.90 49.31 -57.66
C46 PEE OH . 21.54 48.66 -57.78
C47 PEE OH . 21.23 47.70 -56.66
C27 PEE PH . 29.96 68.44 -83.53
C26 PEE PH . 30.27 68.83 -84.95
C25 PEE PH . 29.89 67.75 -85.94
C24 PEE PH . 28.41 67.38 -85.93
C23 PEE PH . 28.07 66.28 -86.92
C22 PEE PH . 26.67 65.74 -86.78
C21 PEE PH . 26.40 64.54 -87.67
C20 PEE PH . 25.13 63.80 -87.31
C19 PEE PH . 24.58 62.93 -88.40
C18 PEE PH . 23.09 62.77 -88.33
C17 PEE PH . 22.47 61.93 -89.42
C16 PEE PH . 20.98 61.88 -89.31
C15 PEE PH . 20.35 60.74 -90.05
C14 PEE PH . 18.92 60.49 -89.63
C13 PEE PH . 18.27 59.34 -90.36
C12 PEE PH . 18.85 57.99 -90.03
C11 PEE PH . 17.98 56.88 -90.59
C10 PEE PH . 18.44 55.51 -90.21
O4 PEE PH . 18.96 55.20 -89.18
O2 PEE PH . 18.16 54.64 -91.20
C2 PEE PH . 18.26 53.22 -90.89
C1 PEE PH . 17.04 52.57 -91.49
O3P PEE PH . 17.16 52.57 -92.92
P PEE PH . 16.35 51.53 -93.79
O2P PEE PH . 16.58 51.88 -95.25
O1P PEE PH . 14.94 51.43 -93.38
O4P PEE PH . 17.14 50.14 -93.55
C4 PEE PH . 18.56 50.06 -93.71
C5 PEE PH . 18.94 48.79 -94.42
N PEE PH . 18.26 47.63 -93.80
C3 PEE PH . 19.52 52.68 -91.50
O3 PEE PH . 20.68 53.19 -90.80
C30 PEE PH . 21.28 52.38 -89.92
O5 PEE PH . 20.76 51.41 -89.45
C31 PEE PH . 22.69 52.82 -89.67
C32 PEE PH . 23.22 52.48 -88.28
C33 PEE PH . 24.63 53.00 -88.06
C34 PEE PH . 24.76 54.50 -88.18
C35 PEE PH . 26.04 55.08 -87.60
C36 PEE PH . 26.11 56.59 -87.70
C37 PEE PH . 27.32 57.21 -87.01
C38 PEE PH . 27.31 58.72 -87.01
C39 PEE PH . 28.55 59.35 -86.41
C40 PEE PH . 28.57 60.86 -86.49
C41 PEE PH . 29.05 61.55 -85.23
C42 PEE PH . 28.88 63.06 -85.27
C43 PEE PH . 29.27 63.77 -83.98
C44 PEE PH . 28.47 63.32 -82.77
C45 PEE PH . 29.22 62.35 -81.87
C46 PEE PH . 29.97 63.04 -80.73
C47 PEE PH . 30.81 64.21 -81.17
C27 PEE QH . 35.92 71.22 -83.49
C26 PEE QH . 36.80 72.45 -83.45
C25 PEE QH . 38.20 72.15 -82.91
C24 PEE QH . 38.98 73.37 -82.47
C23 PEE QH . 38.96 73.62 -80.97
C22 PEE QH . 37.60 74.04 -80.41
C21 PEE QH . 36.81 72.89 -79.79
C20 PEE QH . 35.58 73.35 -78.99
C19 PEE QH . 34.62 72.22 -78.66
C18 PEE QH . 33.47 72.64 -77.77
C17 PEE QH . 32.47 71.51 -77.51
C16 PEE QH . 31.53 71.77 -76.34
C15 PEE QH . 32.12 71.45 -74.97
C14 PEE QH . 32.04 72.60 -73.98
C13 PEE QH . 32.31 72.21 -72.54
C12 PEE QH . 32.19 73.39 -71.58
C11 PEE QH . 32.13 72.99 -70.12
C10 PEE QH . 31.51 74.06 -69.26
O4 PEE QH . 32.02 75.11 -68.99
O2 PEE QH . 30.26 73.71 -68.89
C2 PEE QH . 29.25 74.74 -68.66
C1 PEE QH . 29.30 75.26 -67.24
O3P PEE QH . 30.19 76.38 -67.16
P PEE QH . 30.00 77.62 -66.16
O2P PEE QH . 29.70 78.83 -67.00
O1P PEE QH . 31.15 77.81 -65.27
O4P PEE QH . 28.64 77.35 -65.34
C4 PEE QH . 28.28 78.32 -64.33
C5 PEE QH . 26.81 78.56 -64.35
N PEE QH . 26.49 80.01 -64.25
C3 PEE QH . 29.41 75.86 -69.66
O3 PEE QH . 29.48 75.31 -70.99
C30 PEE QH . 28.33 75.26 -71.69
O5 PEE QH . 27.26 75.50 -71.24
C31 PEE QH . 28.61 74.86 -73.12
C32 PEE QH . 27.53 74.00 -73.74
C33 PEE QH . 28.08 73.17 -74.89
C34 PEE QH . 27.04 72.32 -75.60
C35 PEE QH . 26.07 73.11 -76.43
C36 PEE QH . 25.03 72.25 -77.14
C37 PEE QH . 24.29 73.00 -78.25
C38 PEE QH . 23.56 72.07 -79.21
C39 PEE QH . 23.16 72.75 -80.51
C40 PEE QH . 22.04 73.77 -80.37
C41 PEE QH . 21.37 74.11 -81.69
C42 PEE QH . 20.15 75.00 -81.55
C43 PEE QH . 20.47 76.44 -81.20
C44 PEE QH . 21.27 77.18 -82.26
C45 PEE QH . 20.64 77.11 -83.64
C46 PEE QH . 21.21 78.10 -84.63
C47 PEE QH . 20.48 78.09 -85.95
C01 AJP RH . 3.48 76.41 -71.06
C02 AJP RH . 4.15 77.03 -72.28
C03 AJP RH . 3.11 77.60 -73.21
C04 AJP RH . 3.83 78.21 -74.39
C05 AJP RH . 4.65 77.13 -75.12
C06 AJP RH . 5.36 77.73 -76.31
C07 AJP RH . 5.91 76.42 -76.90
C08 AJP RH . 4.83 75.40 -76.59
O09 AJP RH . 3.80 76.13 -75.84
C10 AJP RH . 4.48 74.69 -77.94
C11 AJP RH . 5.85 74.89 -78.65
C12 AJP RH . 6.09 76.38 -78.43
C13 AJP RH . 7.50 76.71 -78.87
C14 AJP RH . 7.63 76.44 -80.37
C15 AJP RH . 7.30 74.96 -80.69
C16 AJP RH . 5.90 74.57 -80.15
C17 AJP RH . 5.70 73.08 -80.41
C18 AJP RH . 5.76 72.80 -81.90
C19 AJP RH . 7.11 73.20 -82.47
C20 AJP RH . 7.38 74.68 -82.22
C21 AJP RH . 8.78 74.97 -82.75
C22 AJP RH . 8.87 74.67 -84.25
C23 AJP RH . 8.54 73.22 -84.53
C24 AJP RH . 7.18 72.87 -83.98
O25 AJP RH . 8.51 73.11 -85.97
C26 AJP RH . 8.73 71.87 -86.63
C27 AJP RH . 8.57 72.10 -88.10
C28 AJP RH . 8.80 70.82 -88.91
C29 AJP RH . 9.81 69.94 -88.20
C30 AJP RH . 10.79 70.81 -87.51
O31 AJP RH . 10.11 71.50 -86.42
C32 AJP RH . 11.89 70.03 -86.79
O33 AJP RH . 11.41 69.65 -85.51
O34 AJP RH . 9.17 69.16 -87.21
O77 AJP RH . 7.60 70.06 -89.07
O78 AJP RH . 7.28 72.63 -88.40
O79 AJP RH . 10.22 74.94 -84.71
C80 AJP RH . 6.36 75.58 -82.97
C81 AJP RH . 5.09 77.31 -79.14
O82 AJP RH . 3.41 75.30 -78.65
C83 AJP RH . 6.45 78.73 -75.98
O84 AJP RH . 5.59 76.53 -74.20
C85 AJP RH . 4.92 75.96 -73.04
P1 LPP SH . 12.56 31.87 -56.50
O2 LPP SH . 12.50 30.37 -56.72
O3 LPP SH . 11.61 32.35 -55.46
O4 LPP SH . 12.31 32.54 -57.83
O5 LPP SH . 14.07 32.21 -56.10
C6 LPP SH . 14.46 32.57 -54.75
C7 LPP SH . 15.57 33.57 -54.86
C8 LPP SH . 15.06 34.87 -55.41
O9 LPP SH . 16.09 33.88 -53.54
O27 LPP SH . 16.14 35.55 -56.11
C11 LPP SH . 17.28 33.36 -53.20
O10 LPP SH . 17.76 32.40 -53.73
C12 LPP SH . 17.93 34.17 -52.11
C13 LPP SH . 17.05 35.29 -51.58
C14 LPP SH . 15.96 34.79 -50.64
C15 LPP SH . 16.08 35.30 -49.22
C16 LPP SH . 17.43 35.03 -48.57
C17 LPP SH . 17.47 35.30 -47.09
C18 LPP SH . 18.78 35.88 -46.59
C19 LPP SH . 18.94 35.82 -45.08
C20 LPP SH . 20.00 36.75 -44.54
C21 LPP SH . 20.03 36.86 -43.02
C22 LPP SH . 18.83 37.58 -42.42
C23 LPP SH . 18.86 37.64 -40.91
C24 LPP SH . 17.55 38.08 -40.28
C25 LPP SH . 17.51 37.92 -38.77
C26 LPP SH . 16.16 38.23 -38.17
C29 LPP SH . 16.16 36.89 -56.03
O28 LPP SH . 15.54 37.52 -55.22
C30 LPP SH . 17.02 37.47 -57.11
C31 LPP SH . 18.29 38.13 -56.59
C32 LPP SH . 19.01 38.93 -57.67
C33 LPP SH . 20.15 39.76 -57.16
C34 LPP SH . 21.35 38.96 -56.70
C35 LPP SH . 22.23 39.70 -55.70
C36 LPP SH . 23.08 40.80 -56.29
C37 LPP SH . 23.75 41.66 -55.24
C38 LPP SH . 24.78 42.63 -55.80
C39 LPP SH . 24.39 43.23 -57.14
C40 LPP SH . 25.14 44.50 -57.48
C41 LPP SH . 24.83 45.04 -58.87
C42 LPP SH . 25.59 44.37 -60.00
C43 LPP SH . 27.07 44.68 -59.98
C44 LPP SH . 27.81 44.13 -61.16
C27 PEE TH . 40.19 41.54 -49.23
C26 PEE TH . 41.38 41.41 -50.13
C25 PEE TH . 41.43 40.06 -50.83
C24 PEE TH . 42.52 39.96 -51.86
C23 PEE TH . 42.47 38.71 -52.70
C22 PEE TH . 42.45 37.42 -51.90
C21 PEE TH . 43.59 37.32 -50.91
C20 PEE TH . 43.79 35.92 -50.35
C19 PEE TH . 42.63 35.41 -49.51
C18 PEE TH . 43.01 34.27 -48.58
C17 PEE TH . 43.54 33.04 -49.31
C16 PEE TH . 44.08 31.97 -48.39
C15 PEE TH . 45.40 32.32 -47.73
C14 PEE TH . 45.88 31.30 -46.71
C13 PEE TH . 47.31 31.53 -46.26
C12 PEE TH . 47.83 30.50 -45.27
C11 PEE TH . 47.25 30.67 -43.87
C10 PEE TH . 48.24 30.32 -42.80
O4 PEE TH . 49.20 30.97 -42.51
O2 PEE TH . 47.91 29.16 -42.21
C2 PEE TH . 48.84 28.64 -41.20
C1 PEE TH . 48.66 29.43 -39.93
O3P PEE TH . 49.02 28.59 -38.81
P PEE TH . 50.26 28.90 -37.85
O2P PEE TH . 50.47 30.40 -37.84
O1P PEE TH . 51.44 28.10 -38.17
O4P PEE TH . 49.69 28.54 -36.38
C4 PEE TH . 48.35 28.93 -35.99
C5 PEE TH . 48.41 30.01 -34.93
N PEE TH . 47.12 30.73 -34.85
C3 PEE TH . 48.51 27.18 -41.00
O3 PEE TH . 47.15 27.11 -40.51
C30 PEE TH . 46.73 25.92 -40.12
O5 PEE TH . 47.41 24.92 -40.11
C31 PEE TH . 45.29 25.97 -39.70
C32 PEE TH . 44.52 24.72 -40.13
C33 PEE TH . 44.76 23.53 -39.21
C34 PEE TH . 44.68 22.19 -39.93
C35 PEE TH . 43.28 21.77 -40.31
C36 PEE TH . 43.23 20.81 -41.50
C37 PEE TH . 41.84 20.51 -42.00
C38 PEE TH . 41.82 19.61 -43.22
C39 PEE TH . 40.43 19.17 -43.63
C40 PEE TH . 40.44 18.23 -44.82
C41 PEE TH . 39.07 17.67 -45.18
C42 PEE TH . 39.11 16.75 -46.39
C43 PEE TH . 37.76 16.15 -46.73
C44 PEE TH . 37.82 15.22 -47.94
C45 PEE TH . 36.51 14.52 -48.23
C46 PEE TH . 36.53 13.69 -49.50
C47 PEE TH . 37.50 12.53 -49.44
P1 LPP UH . 44.53 28.66 -37.49
O2 LPP UH . 43.88 27.53 -36.71
O3 LPP UH . 45.93 28.37 -37.90
O4 LPP UH . 44.41 29.95 -36.68
O5 LPP UH . 43.65 28.88 -38.80
C6 LPP UH . 44.00 29.94 -39.70
C7 LPP UH . 43.10 29.88 -40.90
C8 LPP UH . 43.47 28.76 -41.84
O9 LPP UH . 41.74 29.58 -40.44
O27 LPP UH . 42.49 28.80 -42.90
C11 LPP UH . 40.72 30.13 -41.12
O10 LPP UH . 40.85 30.97 -41.96
C12 LPP UH . 39.41 29.54 -40.69
C13 LPP UH . 38.88 28.53 -41.69
C14 LPP UH . 38.32 29.18 -42.93
C15 LPP UH . 37.97 28.20 -44.04
C16 LPP UH . 37.78 28.83 -45.40
C17 LPP UH . 37.29 27.86 -46.46
C18 LPP UH . 37.27 28.44 -47.85
C19 LPP UH . 36.93 27.43 -48.92
C20 LPP UH . 38.06 26.46 -49.23
C21 LPP UH . 37.71 25.38 -50.24
C22 LPP UH . 36.55 24.50 -49.82
C23 LPP UH . 36.15 23.48 -50.87
C24 LPP UH . 34.80 22.83 -50.60
C25 LPP UH . 34.33 21.88 -51.69
C26 LPP UH . 35.12 20.59 -51.73
C29 LPP UH . 42.89 28.43 -44.12
O28 LPP UH . 43.97 27.96 -44.37
C30 LPP UH . 41.81 28.68 -45.12
C31 LPP UH . 41.77 27.67 -46.26
C32 LPP UH . 42.82 27.96 -47.31
C33 LPP UH . 43.02 26.81 -48.28
C34 LPP UH . 41.90 26.64 -49.28
C35 LPP UH . 42.14 27.37 -50.58
C36 LPP UH . 41.11 27.04 -51.66
C37 LPP UH . 41.68 27.08 -53.06
C38 LPP UH . 40.73 26.55 -54.10
C39 LPP UH . 41.35 26.38 -55.47
C40 LPP UH . 40.46 25.63 -56.44
C41 LPP UH . 41.10 25.39 -57.79
C42 LPP UH . 41.24 26.66 -58.62
C43 LPP UH . 41.65 26.38 -60.05
C44 LPP UH . 41.67 27.61 -60.87
C1 CDL VH . -27.91 73.89 -74.09
O1 CDL VH . -29.25 74.06 -74.55
CA2 CDL VH . -27.12 75.14 -74.35
OA2 CDL VH . -25.72 74.84 -74.20
PA1 CDL VH . -24.61 75.47 -75.15
OA3 CDL VH . -23.69 74.40 -75.58
OA4 CDL VH . -25.24 76.33 -76.19
OA5 CDL VH . -23.82 76.40 -74.13
CA3 CDL VH . -22.60 75.96 -73.51
CA4 CDL VH . -22.08 77.09 -72.68
OA6 CDL VH . -21.18 77.91 -73.49
CA5 CDL VH . -19.97 78.21 -73.00
OA7 CDL VH . -19.14 77.40 -72.69
C11 CDL VH . -19.87 79.70 -72.79
C12 CDL VH . -18.56 80.36 -73.12
C13 CDL VH . -18.56 81.81 -72.68
C14 CDL VH . -18.22 82.00 -71.21
C15 CDL VH . -18.08 83.45 -70.79
C16 CDL VH . -17.44 83.65 -69.43
C17 CDL VH . -17.31 85.09 -69.02
C18 CDL VH . -16.49 85.29 -67.76
C19 CDL VH . -16.34 86.75 -67.34
C20 CDL VH . -15.40 86.94 -66.18
C21 CDL VH . -15.25 88.38 -65.71
C22 CDL VH . -14.25 88.55 -64.59
C23 CDL VH . -14.16 89.96 -64.03
C24 CDL VH . -13.15 90.10 -62.91
C25 CDL VH . -13.10 91.48 -62.28
C26 CDL VH . -12.09 91.58 -61.15
C27 CDL VH . -12.06 92.94 -60.50
CA6 CDL VH . -21.43 76.64 -71.40
OA8 CDL VH . -20.54 75.53 -71.63
CA7 CDL VH . -19.81 75.13 -70.58
OA9 CDL VH . -19.64 75.79 -69.59
C31 CDL VH . -19.30 73.73 -70.78
C32 CDL VH . -17.80 73.64 -71.05
C33 CDL VH . -16.98 73.50 -69.78
C34 CDL VH . -15.49 73.62 -70.01
C35 CDL VH . -14.67 73.39 -68.76
C36 CDL VH . -13.23 73.88 -68.86
C37 CDL VH . -12.44 73.60 -67.60
C38 CDL VH . -11.24 74.50 -67.37
C39 CDL VH . -10.72 74.40 -65.95
C40 CDL VH . -9.63 75.38 -65.60
C41 CDL VH . -9.44 75.54 -64.11
C42 CDL VH . -8.53 76.67 -63.72
C43 CDL VH . -8.49 76.94 -62.22
C44 CDL VH . -7.72 78.19 -61.83
C45 CDL VH . -7.70 78.46 -60.33
C46 CDL VH . -6.94 79.70 -59.92
C47 CDL VH . -5.45 79.60 -60.16
CB2 CDL VH . -27.93 73.51 -72.63
OB2 CDL VH . -27.05 72.38 -72.44
PB2 CDL VH . -26.20 72.26 -71.10
OB3 CDL VH . -27.12 72.54 -69.97
OB4 CDL VH . -25.47 70.96 -71.13
OB5 CDL VH . -25.15 73.45 -71.15
CB3 CDL VH . -24.77 74.16 -69.96
CB4 CDL VH . -23.96 73.24 -69.09
OB6 CDL VH . -23.77 73.80 -67.76
CB5 CDL VH . -23.00 74.88 -67.63
OB7 CDL VH . -22.89 75.73 -68.47
C51 CDL VH . -22.24 74.84 -66.33
C52 CDL VH . -20.82 75.34 -66.49
C53 CDL VH . -20.02 75.20 -65.22
C54 CDL VH . -18.76 76.04 -65.16
C55 CDL VH . -18.04 75.97 -63.84
C56 CDL VH . -17.00 77.04 -63.65
C57 CDL VH . -16.32 76.99 -62.29
C58 CDL VH . -15.36 78.13 -62.03
C59 CDL VH . -14.69 78.06 -60.67
C60 CDL VH . -13.81 79.26 -60.36
C61 CDL VH . -13.16 79.19 -59.00
C62 CDL VH . -12.35 80.43 -58.66
C63 CDL VH . -11.70 80.38 -57.28
C64 CDL VH . -10.95 81.64 -56.93
C65 CDL VH . -10.30 81.60 -55.55
C66 CDL VH . -9.58 82.88 -55.18
C67 CDL VH . -8.95 82.84 -53.81
CB6 CDL VH . -22.58 73.06 -69.67
OB8 CDL VH . -21.62 72.60 -68.71
CB7 CDL VH . -21.79 71.38 -68.18
OB9 CDL VH . -22.86 70.86 -68.03
C71 CDL VH . -20.46 70.75 -67.88
C72 CDL VH . -20.46 69.26 -68.17
C73 CDL VH . -19.07 68.69 -68.37
C74 CDL VH . -18.17 68.84 -67.17
C75 CDL VH . -16.89 68.03 -67.29
C76 CDL VH . -15.74 68.59 -66.48
C77 CDL VH . -15.20 69.89 -67.04
C78 CDL VH . -13.85 70.30 -66.46
C79 CDL VH . -13.90 70.74 -65.01
C80 CDL VH . -12.66 71.49 -64.55
C81 CDL VH . -12.68 71.89 -63.10
C82 CDL VH . -11.62 72.91 -62.74
C83 CDL VH . -11.51 73.22 -61.26
C84 CDL VH . -10.55 74.34 -60.94
C85 CDL VH . -10.42 74.65 -59.46
C86 CDL VH . -9.50 75.84 -59.17
C87 CDL VH . -9.38 76.14 -57.70
O12 PC1 WH . -13.83 49.70 -73.39
P PC1 WH . -15.03 49.19 -72.67
O14 PC1 WH . -16.36 49.29 -73.32
O13 PC1 WH . -14.82 47.67 -72.27
C11 PC1 WH . -13.54 47.18 -71.81
C12 PC1 WH . -13.52 45.81 -72.43
N PC1 WH . -13.82 44.67 -71.50
C13 PC1 WH . -13.84 43.39 -72.26
C14 PC1 WH . -12.78 44.59 -70.42
C15 PC1 WH . -15.16 44.87 -70.86
O11 PC1 WH . -15.14 49.93 -71.27
C1 PC1 WH . -15.46 51.34 -71.26
C2 PC1 WH . -14.21 52.07 -70.90
O21 PC1 WH . -13.60 51.37 -69.77
C21 PC1 WH . -12.88 52.09 -68.90
O22 PC1 WH . -13.29 53.00 -68.24
C22 PC1 WH . -11.45 51.64 -68.93
C23 PC1 WH . -10.49 52.77 -68.70
C24 PC1 WH . -10.03 52.87 -67.28
C25 PC1 WH . -8.62 53.37 -67.17
C26 PC1 WH . -8.16 53.68 -65.77
C27 PC1 WH . -6.77 54.28 -65.76
C28 PC1 WH . -6.37 54.90 -64.45
C29 PC1 WH . -5.19 55.84 -64.59
C2A PC1 WH . -4.92 56.67 -63.36
C2B PC1 WH . -4.21 55.91 -62.25
C2C PC1 WH . -4.20 56.65 -60.93
C2D PC1 WH . -3.18 56.14 -59.94
C2E PC1 WH . -3.34 56.75 -58.55
C2F PC1 WH . -2.14 56.50 -57.65
C2G PC1 WH . -2.10 55.11 -57.05
C2H PC1 WH . -3.03 54.93 -55.86
C2I PC1 WH . -2.96 53.55 -55.28
C3 PC1 WH . -14.45 53.54 -70.66
O31 PC1 WH . -13.23 54.25 -70.96
C31 PC1 WH . -13.36 55.44 -71.56
O32 PC1 WH . -14.42 55.97 -71.75
C32 PC1 WH . -12.05 56.03 -71.98
C33 PC1 WH . -10.90 55.84 -70.99
C34 PC1 WH . -9.70 56.69 -71.38
C35 PC1 WH . -8.51 56.56 -70.43
C36 PC1 WH . -8.38 57.70 -69.43
C37 PC1 WH . -6.99 57.80 -68.84
C38 PC1 WH . -6.81 58.93 -67.83
C39 PC1 WH . -5.35 59.28 -67.57
C3A PC1 WH . -5.12 60.64 -66.93
C3B PC1 WH . -3.71 61.17 -67.17
C3C PC1 WH . -3.51 62.61 -66.69
C3D PC1 WH . -3.59 62.76 -65.19
C3E PC1 WH . -3.21 64.14 -64.68
C3F PC1 WH . -3.25 64.24 -63.17
C3G PC1 WH . -2.54 65.46 -62.59
C3H PC1 WH . -3.26 66.77 -62.78
C3I PC1 WH . -3.12 67.67 -61.58
C1 CDL XH . 28.33 87.18 -77.87
O1 CDL XH . 29.05 88.14 -78.63
CA2 CDL XH . 27.66 86.20 -78.79
OA2 CDL XH . 26.81 86.94 -79.69
PA1 CDL XH . 25.38 86.37 -80.07
OA3 CDL XH . 24.47 86.68 -78.93
OA4 CDL XH . 25.02 86.83 -81.43
OA5 CDL XH . 25.63 84.79 -80.09
CA3 CDL XH . 24.85 83.95 -80.95
CA4 CDL XH . 25.72 83.40 -82.05
OA6 CDL XH . 26.89 82.72 -81.49
CA5 CDL XH . 28.10 83.04 -81.96
OA7 CDL XH . 28.58 84.14 -81.93
C11 CDL XH . 28.70 81.85 -82.66
C12 CDL XH . 27.74 80.68 -82.62
C13 CDL XH . 28.18 79.48 -83.43
C14 CDL XH . 27.28 78.28 -83.30
C15 CDL XH . 27.37 77.58 -81.96
C16 CDL XH . 26.25 76.59 -81.69
C17 CDL XH . 26.28 75.37 -82.59
C18 CDL XH . 24.91 74.99 -83.13
C19 CDL XH . 24.38 75.93 -84.19
C20 CDL XH . 25.03 75.77 -85.56
C21 CDL XH . 24.83 76.98 -86.46
C22 CDL XH . 24.99 76.69 -87.95
C23 CDL XH . 25.11 77.95 -88.79
C24 CDL XH . 25.48 77.71 -90.24
C25 CDL XH . 24.47 76.89 -91.02
C26 CDL XH . 24.73 76.87 -92.51
C27 CDL XH . 23.88 75.88 -93.26
CA6 CDL XH . 26.12 84.46 -83.03
OA8 CDL XH . 24.98 84.65 -83.87
CA7 CDL XH . 25.02 85.66 -84.73
OA9 CDL XH . 25.49 86.74 -84.48
C31 CDL XH . 24.49 85.23 -86.06
C32 CDL XH . 23.11 85.73 -86.40
C33 CDL XH . 22.62 85.12 -87.68
C34 CDL XH . 21.32 85.71 -88.15
C35 CDL XH . 20.88 85.22 -89.53
C36 CDL XH . 19.62 85.90 -89.98
C37 CDL XH . 19.16 85.50 -91.38
C38 CDL XH . 18.05 86.37 -91.90
C39 CDL XH . 16.78 86.34 -91.08
C40 CDL XH . 15.71 87.30 -91.54
C41 CDL XH . 14.45 87.25 -90.71
C42 CDL XH . 13.38 88.23 -91.17
C43 CDL XH . 12.10 88.15 -90.39
C44 CDL XH . 11.02 89.10 -90.90
C45 CDL XH . 9.72 89.00 -90.13
C46 CDL XH . 8.65 89.97 -90.60
C47 CDL XH . 7.37 89.86 -89.81
CB2 CDL XH . 29.28 86.50 -76.91
OB2 CDL XH . 28.48 85.69 -76.03
PB2 CDL XH . 29.15 84.58 -75.12
OB3 CDL XH . 30.60 84.83 -75.06
OB4 CDL XH . 28.37 84.49 -73.85
OB5 CDL XH . 28.89 83.26 -75.97
CB3 CDL XH . 27.51 82.82 -76.03
CB4 CDL XH . 27.38 81.65 -76.96
OB6 CDL XH . 28.53 81.70 -77.85
CB5 CDL XH . 28.94 80.55 -78.40
OB7 CDL XH . 28.20 79.76 -78.93
C51 CDL XH . 30.40 80.36 -78.15
C52 CDL XH . 30.95 79.02 -78.63
C53 CDL XH . 30.48 77.84 -77.82
C54 CDL XH . 29.70 76.82 -78.62
C55 CDL XH . 29.68 75.42 -78.02
C56 CDL XH . 28.88 74.42 -78.82
C57 CDL XH . 29.18 72.97 -78.48
C58 CDL XH . 28.25 71.97 -79.14
C59 CDL XH . 28.61 70.51 -78.83
C60 CDL XH . 29.73 69.97 -79.69
C61 CDL XH . 30.61 68.95 -79.00
C62 CDL XH . 29.94 67.61 -78.71
C63 CDL XH . 30.91 66.57 -78.18
C64 CDL XH . 30.26 65.28 -77.72
C65 CDL XH . 31.25 64.17 -77.41
C66 CDL XH . 30.62 62.83 -77.09
C67 CDL XH . 31.65 61.74 -76.94
CB6 CDL XH . 26.09 81.75 -77.69
OB8 CDL XH . 25.52 80.45 -78.04
CB7 CDL XH . 24.89 80.41 -79.20
OB9 CDL XH . 25.31 80.87 -80.22
C71 CDL XH . 23.52 79.82 -79.03
C72 CDL XH . 23.42 78.80 -77.90
C73 CDL XH . 22.01 78.28 -77.74
C74 CDL XH . 21.76 77.55 -76.44
C75 CDL XH . 22.34 76.16 -76.37
C76 CDL XH . 22.17 75.49 -75.02
C77 CDL XH . 22.51 74.02 -75.01
C78 CDL XH . 22.38 73.37 -73.64
C79 CDL XH . 23.61 73.53 -72.77
C80 CDL XH . 23.29 73.79 -71.30
C81 CDL XH . 22.69 75.16 -71.04
C82 CDL XH . 23.62 76.30 -71.35
C83 CDL XH . 23.02 77.67 -71.12
C84 CDL XH . 23.81 78.79 -71.74
C85 CDL XH . 23.64 78.87 -73.25
C86 CDL XH . 24.31 80.06 -73.89
C87 CDL XH . 25.81 80.03 -73.74
C1 CDL YH . 33.10 87.51 -90.39
O1 CDL YH . 33.16 86.20 -90.96
CA2 CDL YH . 32.42 87.43 -89.04
OA2 CDL YH . 31.04 87.05 -89.26
PA1 CDL YH . 30.11 86.65 -88.02
OA3 CDL YH . 30.90 86.84 -86.79
OA4 CDL YH . 28.79 87.31 -88.16
OA5 CDL YH . 29.93 85.09 -88.27
CA3 CDL YH . 29.19 84.29 -87.32
CA4 CDL YH . 27.97 83.70 -87.97
OA6 CDL YH . 27.62 82.58 -87.11
CA5 CDL YH . 26.32 82.31 -86.91
OA7 CDL YH . 25.45 82.66 -87.65
C11 CDL YH . 26.14 81.58 -85.62
C12 CDL YH . 24.68 81.32 -85.23
C13 CDL YH . 24.06 80.22 -86.05
C14 CDL YH . 22.99 80.66 -87.04
C15 CDL YH . 21.82 81.42 -86.41
C16 CDL YH . 20.70 81.69 -87.38
C17 CDL YH . 19.63 82.61 -86.83
C18 CDL YH . 18.50 82.88 -87.80
C19 CDL YH . 17.54 83.95 -87.33
C20 CDL YH . 16.27 84.02 -88.15
C21 CDL YH . 15.33 85.12 -87.71
C22 CDL YH . 13.88 84.89 -88.11
C23 CDL YH . 12.93 85.94 -87.60
C24 CDL YH . 11.48 85.65 -87.91
C25 CDL YH . 10.51 86.69 -87.37
C26 CDL YH . 9.06 86.43 -87.74
C27 CDL YH . 8.13 87.49 -87.21
CA6 CDL YH . 28.24 83.18 -89.36
OA8 CDL YH . 27.16 83.58 -90.24
CA7 CDL YH . 27.14 84.86 -90.62
OA9 CDL YH . 27.85 85.71 -90.15
C31 CDL YH . 26.14 85.09 -91.72
C32 CDL YH . 24.68 85.05 -91.27
C33 CDL YH . 23.75 85.65 -92.31
C34 CDL YH . 23.75 87.16 -92.33
C35 CDL YH . 23.09 87.75 -93.57
C36 CDL YH . 21.61 87.44 -93.69
C37 CDL YH . 21.01 87.91 -95.00
C38 CDL YH . 19.52 87.65 -95.14
C39 CDL YH . 18.66 88.74 -94.55
C40 CDL YH . 17.17 88.51 -94.76
C41 CDL YH . 16.30 89.61 -94.20
C42 CDL YH . 14.82 89.38 -94.42
C43 CDL YH . 13.93 90.48 -93.86
C44 CDL YH . 12.45 90.25 -94.11
C45 CDL YH . 11.55 91.35 -93.58
C46 CDL YH . 10.09 91.09 -93.82
C47 CDL YH . 9.19 92.19 -93.27
CB2 CDL YH . 34.50 88.07 -90.30
OB2 CDL YH . 35.36 87.29 -91.16
PB2 CDL YH . 36.58 86.44 -90.57
OB3 CDL YH . 37.74 86.69 -91.45
OB4 CDL YH . 36.71 86.64 -89.11
OB5 CDL YH . 36.15 84.92 -90.83
CB3 CDL YH . 37.16 83.92 -91.06
CB4 CDL YH . 37.00 83.41 -92.46
OB6 CDL YH . 35.67 82.82 -92.51
CB5 CDL YH . 34.95 82.96 -93.62
OB7 CDL YH . 35.40 83.31 -94.67
C51 CDL YH . 33.50 82.67 -93.35
C52 CDL YH . 32.77 82.05 -94.54
C53 CDL YH . 33.44 80.79 -95.05
C54 CDL YH . 32.59 80.04 -96.07
C55 CDL YH . 31.47 79.24 -95.45
C56 CDL YH . 30.48 78.72 -96.46
C57 CDL YH . 29.43 79.73 -96.89
C58 CDL YH . 28.60 79.28 -98.06
C59 CDL YH . 27.25 79.97 -98.15
C60 CDL YH . 26.55 79.79 -99.49
C61 CDL YH . 26.49 78.35 -99.98
C62 CDL YH . 27.50 78.01 -101.07
C63 CDL YH . 27.30 78.82 -102.33
C64 CDL YH . 27.90 78.22 -103.59
C65 CDL YH . 27.57 79.01 -104.84
C66 CDL YH . 27.74 78.25 -106.15
C67 CDL YH . 27.12 78.97 -107.32
CB6 CDL YH . 38.02 82.36 -92.81
OB8 CDL YH . 38.36 82.45 -94.22
CB7 CDL YH . 39.31 81.63 -94.65
OB9 CDL YH . 39.90 80.85 -93.94
C71 CDL YH . 39.57 81.79 -96.12
C72 CDL YH . 40.30 83.08 -96.47
C73 CDL YH . 40.93 83.08 -97.85
C74 CDL YH . 40.11 82.40 -98.92
C75 CDL YH . 40.49 82.84 -100.32
C76 CDL YH . 40.23 81.80 -101.40
C77 CDL YH . 41.29 80.73 -101.49
C78 CDL YH . 40.73 79.31 -101.55
C79 CDL YH . 40.01 78.89 -100.29
C80 CDL YH . 39.55 77.44 -100.30
C81 CDL YH . 38.74 77.06 -99.07
C82 CDL YH . 38.26 75.63 -99.07
C83 CDL YH . 39.37 74.62 -98.90
C84 CDL YH . 38.90 73.24 -98.49
C85 CDL YH . 38.16 73.19 -97.16
C86 CDL YH . 38.92 73.77 -95.97
C87 CDL YH . 38.70 75.26 -95.78
C1 CDL ZH . 6.37 74.64 -103.62
O1 CDL ZH . 7.24 74.35 -102.53
CA2 CDL ZH . 4.96 74.77 -103.14
OA2 CDL ZH . 4.87 74.23 -101.80
PA1 CDL ZH . 3.59 73.36 -101.40
OA3 CDL ZH . 2.44 73.85 -102.17
OA4 CDL ZH . 3.94 71.92 -101.45
OA5 CDL ZH . 3.34 73.77 -99.88
CA3 CDL ZH . 3.58 75.13 -99.47
CA4 CDL ZH . 4.75 75.13 -98.54
OA6 CDL ZH . 4.34 75.80 -97.31
CA5 CDL ZH . 4.97 75.46 -96.19
OA7 CDL ZH . 6.09 75.02 -96.16
C11 CDL ZH . 4.07 75.62 -95.00
C12 CDL ZH . 4.26 74.50 -93.99
C13 CDL ZH . 3.53 74.75 -92.69
C14 CDL ZH . 4.03 73.90 -91.55
C15 CDL ZH . 3.54 74.34 -90.18
C16 CDL ZH . 4.25 73.65 -89.03
C17 CDL ZH . 3.87 74.19 -87.67
C18 CDL ZH . 4.67 75.43 -87.27
C19 CDL ZH . 4.17 76.09 -86.00
C20 CDL ZH . 5.01 77.29 -85.59
C21 CDL ZH . 4.51 78.01 -84.35
C22 CDL ZH . 5.51 79.02 -83.81
C23 CDL ZH . 5.21 79.48 -82.40
C24 CDL ZH . 3.87 80.17 -82.25
C25 CDL ZH . 3.54 80.58 -80.83
C26 CDL ZH . 4.46 81.64 -80.25
C27 CDL ZH . 4.03 82.12 -78.89
CA6 CDL ZH . 5.96 75.79 -99.14
OA8 CDL ZH . 5.84 77.22 -99.26
CA7 CDL ZH . 6.15 77.70 -100.45
OA9 CDL ZH . 5.50 77.51 -101.45
C31 CDL ZH . 7.50 78.33 -100.41
C32 CDL ZH . 8.51 77.36 -101.01
C33 CDL ZH . 9.10 77.85 -102.31
C34 CDL ZH . 10.24 78.81 -102.10
C35 CDL ZH . 10.88 79.29 -103.37
C36 CDL ZH . 12.03 80.24 -103.13
C37 CDL ZH . 12.35 81.09 -104.34
C38 CDL ZH . 13.54 82.00 -104.14
C39 CDL ZH . 13.77 82.97 -105.29
C40 CDL ZH . 12.61 83.92 -105.51
C41 CDL ZH . 12.96 85.11 -106.38
C42 CDL ZH . 12.99 84.82 -107.87
C43 CDL ZH . 13.56 85.96 -108.69
C44 CDL ZH . 13.61 85.69 -110.18
C45 CDL ZH . 14.16 86.86 -110.98
C46 CDL ZH . 14.05 86.71 -112.49
C47 CDL ZH . 14.51 87.95 -113.22
CB2 CDL ZH . 6.87 75.89 -104.33
OB2 CDL ZH . 8.22 75.64 -104.79
PB2 CDL ZH . 8.48 75.38 -106.34
OB3 CDL ZH . 7.35 74.59 -106.84
OB4 CDL ZH . 8.82 76.67 -106.98
OB5 CDL ZH . 9.77 74.43 -106.38
CB3 CDL ZH . 9.87 73.32 -105.48
CB4 CDL ZH . 11.11 73.48 -104.64
OB6 CDL ZH . 10.72 74.32 -103.51
CB5 CDL ZH . 11.31 74.08 -102.33
OB7 CDL ZH . 12.21 73.29 -102.17
C51 CDL ZH . 10.70 74.92 -101.25
C52 CDL ZH . 11.20 74.60 -99.85
C53 CDL ZH . 10.21 75.00 -98.78
C54 CDL ZH . 10.51 74.48 -97.40
C55 CDL ZH . 9.45 74.87 -96.39
C56 CDL ZH . 9.73 74.39 -94.98
C57 CDL ZH . 8.76 74.96 -93.96
C58 CDL ZH . 8.94 74.41 -92.57
C59 CDL ZH . 8.09 75.10 -91.52
C60 CDL ZH . 8.82 75.24 -90.20
C61 CDL ZH . 8.07 76.03 -89.14
C62 CDL ZH . 8.96 76.33 -87.95
C63 CDL ZH . 8.43 77.31 -86.95
C64 CDL ZH . 9.54 77.94 -86.13
C65 CDL ZH . 9.12 78.39 -84.74
C66 CDL ZH . 10.28 78.79 -83.86
C67 CDL ZH . 9.86 79.06 -82.44
CB6 CDL ZH . 12.21 74.18 -105.38
OB8 CDL ZH . 13.34 74.25 -104.48
CB7 CDL ZH . 14.42 74.89 -104.91
OB9 CDL ZH . 14.51 75.38 -106.01
C71 CDL ZH . 15.49 74.92 -103.87
C72 CDL ZH . 16.88 74.70 -104.43
C73 CDL ZH . 17.94 74.73 -103.35
C74 CDL ZH . 19.15 73.86 -103.66
C75 CDL ZH . 19.78 73.28 -102.42
C76 CDL ZH . 21.02 72.45 -102.68
C77 CDL ZH . 21.49 71.68 -101.46
C78 CDL ZH . 22.79 70.94 -101.66
C79 CDL ZH . 24.03 71.79 -101.42
C80 CDL ZH . 25.28 70.97 -101.16
C81 CDL ZH . 26.53 71.78 -100.95
C82 CDL ZH . 27.73 70.93 -100.61
C83 CDL ZH . 29.07 71.60 -100.88
C84 CDL ZH . 30.23 70.61 -100.98
C85 CDL ZH . 31.49 71.21 -101.55
C86 CDL ZH . 31.46 71.36 -103.06
C87 CDL ZH . 32.80 71.72 -103.63
C1 CDL AI . -5.84 61.38 -83.39
O1 CDL AI . -6.07 60.40 -84.39
CA2 CDL AI . -7.14 62.11 -83.09
OA2 CDL AI . -6.90 63.02 -82.01
PA1 CDL AI . -8.06 63.28 -80.96
OA3 CDL AI . -8.26 62.00 -80.25
OA4 CDL AI . -9.21 63.90 -81.65
OA5 CDL AI . -7.49 64.32 -79.89
CA3 CDL AI . -7.95 64.14 -78.53
CA4 CDL AI . -7.40 65.19 -77.64
OA6 CDL AI . -6.80 66.29 -78.38
CA5 CDL AI . -7.51 67.42 -78.50
OA7 CDL AI . -8.71 67.45 -78.60
C11 CDL AI . -6.61 68.61 -78.42
C12 CDL AI . -7.35 69.94 -78.45
C13 CDL AI . -7.90 70.24 -79.82
C14 CDL AI . -8.13 71.72 -80.08
C15 CDL AI . -7.48 72.20 -81.37
C16 CDL AI . -7.88 73.61 -81.80
C17 CDL AI . -7.00 74.72 -81.22
C18 CDL AI . -7.14 74.92 -79.72
C19 CDL AI . -8.54 75.26 -79.27
C20 CDL AI . -8.67 75.54 -77.78
C21 CDL AI . -10.04 76.03 -77.37
C22 CDL AI . -10.19 76.38 -75.90
C23 CDL AI . -11.52 77.02 -75.56
C24 CDL AI . -11.67 77.43 -74.11
C25 CDL AI . -13.07 77.92 -73.77
C26 CDL AI . -13.39 77.94 -72.28
C27 CDL AI . -14.81 78.34 -72.00
CA6 CDL AI . -6.30 64.65 -76.76
OA8 CDL AI . -5.94 65.62 -75.75
CA7 CDL AI . -6.77 65.76 -74.72
OA9 CDL AI . -7.90 65.33 -74.70
C31 CDL AI . -6.12 66.49 -73.59
C32 CDL AI . -7.07 67.40 -72.83
C33 CDL AI . -6.35 68.23 -71.79
C34 CDL AI . -7.19 69.36 -71.23
C35 CDL AI . -6.41 70.64 -70.99
C36 CDL AI . -7.27 71.82 -70.59
C37 CDL AI . -6.46 73.05 -70.25
C38 CDL AI . -7.30 74.19 -69.69
C39 CDL AI . -6.56 75.00 -68.64
C40 CDL AI . -7.27 76.26 -68.20
C41 CDL AI . -6.60 76.93 -67.01
C42 CDL AI . -7.24 78.24 -66.59
C43 CDL AI . -6.53 78.91 -65.43
C44 CDL AI . -7.27 80.11 -64.86
C45 CDL AI . -6.48 80.85 -63.80
C46 CDL AI . -7.28 81.90 -63.05
C47 CDL AI . -6.42 82.71 -62.12
CB2 CDL AI . -4.74 62.30 -83.83
OB2 CDL AI . -5.30 63.25 -84.76
PB2 CDL AI . -4.39 64.45 -85.27
OB3 CDL AI . -3.04 63.91 -85.49
OB4 CDL AI . -5.10 65.15 -86.38
OB5 CDL AI . -4.33 65.40 -83.99
CB3 CDL AI . -5.51 66.14 -83.57
CB4 CDL AI . -5.17 66.85 -82.29
OB6 CDL AI . -4.24 67.90 -82.65
CB5 CDL AI . -4.75 69.04 -83.13
OB7 CDL AI . -5.92 69.31 -83.12
C51 CDL AI . -3.68 69.89 -83.74
C52 CDL AI . -2.78 70.62 -82.76
C53 CDL AI . -3.54 71.39 -81.72
C54 CDL AI . -3.95 70.58 -80.52
C55 CDL AI . -3.61 71.25 -79.19
C56 CDL AI . -4.40 72.52 -78.96
C57 CDL AI . -4.09 73.18 -77.62
C58 CDL AI . -5.21 74.09 -77.14
C59 CDL AI . -5.15 74.42 -75.66
C60 CDL AI . -6.43 75.02 -75.13
C61 CDL AI . -6.44 75.23 -73.63
C62 CDL AI . -5.47 76.31 -73.17
C63 CDL AI . -5.52 76.58 -71.68
C64 CDL AI . -4.61 77.71 -71.25
C65 CDL AI . -4.70 78.06 -69.79
C66 CDL AI . -3.76 79.16 -69.36
C67 CDL AI . -3.95 79.57 -67.92
CB6 CDL AI . -4.48 65.96 -81.30
OB8 CDL AI . -4.23 66.72 -80.11
CB7 CDL AI . -3.57 66.10 -79.13
OB9 CDL AI . -3.12 64.99 -79.24
C71 CDL AI . -3.50 66.93 -77.90
C72 CDL AI . -2.08 67.29 -77.51
C73 CDL AI . -1.95 67.82 -76.08
C74 CDL AI . -2.63 69.15 -75.85
C75 CDL AI . -4.05 69.05 -75.32
C76 CDL AI . -4.86 70.31 -75.48
C77 CDL AI . -6.28 70.21 -74.93
C78 CDL AI . -7.00 71.53 -74.88
C79 CDL AI . -8.45 71.42 -74.43
C80 CDL AI . -9.04 72.74 -73.96
C81 CDL AI . -10.42 72.61 -73.37
C82 CDL AI . -10.86 73.86 -72.62
C83 CDL AI . -12.35 73.94 -72.36
C84 CDL AI . -13.19 74.18 -73.61
C85 CDL AI . -14.64 74.51 -73.32
C86 CDL AI . -15.45 74.91 -74.53
C87 CDL AI . -16.83 75.39 -74.16
C1 CDL BI . 56.04 -2.30 -72.96
O1 CDL BI . 55.87 -0.93 -73.28
CA2 CDL BI . 57.49 -2.56 -72.60
OA2 CDL BI . 57.70 -2.20 -71.22
PA1 CDL BI . 58.84 -2.92 -70.36
OA3 CDL BI . 58.42 -4.33 -70.20
OA4 CDL BI . 60.16 -2.62 -70.96
OA5 CDL BI . 58.76 -2.24 -68.93
CA3 CDL BI . 57.50 -1.73 -68.45
CA4 CDL BI . 57.40 -1.98 -66.97
OA6 CDL BI . 56.10 -1.48 -66.53
CA5 CDL BI . 55.02 -2.21 -66.88
OA7 CDL BI . 55.08 -3.23 -67.50
C11 CDL BI . 53.76 -1.56 -66.37
C12 CDL BI . 53.92 -0.96 -64.98
C13 CDL BI . 54.30 0.51 -64.99
C14 CDL BI . 54.69 1.02 -63.61
C15 CDL BI . 54.74 2.53 -63.47
C16 CDL BI . 55.32 2.99 -62.14
C17 CDL BI . 55.48 4.48 -61.97
C18 CDL BI . 56.10 4.86 -60.64
C19 CDL BI . 56.15 6.35 -60.36
C20 CDL BI . 56.63 6.67 -58.95
C21 CDL BI . 56.39 8.10 -58.53
C22 CDL BI . 56.77 8.39 -57.08
C23 CDL BI . 56.44 9.80 -56.63
C24 CDL BI . 56.87 10.08 -55.19
C25 CDL BI . 56.43 11.45 -54.69
C26 CDL BI . 56.89 11.78 -53.29
C27 CDL BI . 56.35 13.11 -52.79
CA6 CDL BI . 58.43 -1.19 -66.20
OA8 CDL BI . 58.03 0.20 -66.24
CA7 CDL BI . 58.69 1.05 -65.46
OA9 CDL BI . 59.60 0.73 -64.75
C31 CDL BI . 58.14 2.43 -65.60
C32 CDL BI . 58.03 3.21 -64.29
C33 CDL BI . 59.28 4.00 -63.95
C34 CDL BI . 59.12 4.92 -62.75
C35 CDL BI . 60.37 5.71 -62.41
C36 CDL BI . 61.45 4.88 -61.76
C37 CDL BI . 62.79 5.59 -61.64
C38 CDL BI . 62.85 6.64 -60.55
C39 CDL BI . 64.19 7.33 -60.45
C40 CDL BI . 65.37 6.39 -60.22
C41 CDL BI . 66.66 7.08 -59.82
C42 CDL BI . 66.61 7.69 -58.41
C43 CDL BI . 66.46 9.20 -58.40
C44 CDL BI . 67.71 9.95 -58.79
C45 CDL BI . 68.78 10.02 -57.71
C46 CDL BI . 70.07 10.64 -58.19
C47 CDL BI . 71.10 10.83 -57.12
CB2 CDL BI . 55.07 -2.68 -71.86
OB2 CDL BI . 53.87 -1.90 -72.03
PB2 CDL BI . 53.18 -1.22 -70.76
OB3 CDL BI . 51.90 -0.61 -71.19
OB4 CDL BI . 53.18 -2.18 -69.64
OB5 CDL BI . 54.23 -0.06 -70.48
CB3 CDL BI . 54.00 0.86 -69.40
CB4 CDL BI . 54.27 2.24 -69.92
OB6 CDL BI . 55.16 2.90 -68.96
CB5 CDL BI . 56.10 3.72 -69.45
OB7 CDL BI . 56.23 3.96 -70.62
C51 CDL BI . 56.94 4.27 -68.35
C52 CDL BI . 57.96 5.30 -68.82
C53 CDL BI . 58.78 5.87 -67.68
C54 CDL BI . 57.96 6.51 -66.58
C55 CDL BI . 58.76 7.37 -65.64
C56 CDL BI . 57.93 8.03 -64.56
C57 CDL BI . 58.72 8.91 -63.62
C58 CDL BI . 57.85 9.65 -62.61
C59 CDL BI . 58.64 10.52 -61.65
C60 CDL BI . 59.18 11.79 -62.26
C61 CDL BI . 60.07 12.57 -61.31
C62 CDL BI . 60.58 13.90 -61.84
C63 CDL BI . 61.63 14.51 -60.94
C64 CDL BI . 62.11 15.88 -61.34
C65 CDL BI . 63.42 16.29 -60.68
C66 CDL BI . 63.33 16.62 -59.21
C67 CDL BI . 64.67 16.90 -58.61
CB6 CDL BI . 53.01 3.07 -69.99
OB8 CDL BI . 53.38 4.45 -69.82
CB7 CDL BI . 52.65 5.35 -70.47
OB9 CDL BI . 51.79 5.09 -71.26
C71 CDL BI . 53.04 6.75 -70.07
C72 CDL BI . 54.45 7.14 -70.50
C73 CDL BI . 55.00 8.28 -69.66
C74 CDL BI . 54.16 9.53 -69.71
C75 CDL BI . 54.70 10.67 -68.88
C76 CDL BI . 53.77 11.86 -68.83
C77 CDL BI . 54.42 13.16 -68.37
C78 CDL BI . 53.95 14.37 -69.14
C79 CDL BI . 54.49 15.68 -68.64
C80 CDL BI . 54.18 16.85 -69.56
C81 CDL BI . 54.45 18.20 -68.95
C82 CDL BI . 53.36 18.66 -67.99
C83 CDL BI . 53.75 19.87 -67.17
C84 CDL BI . 54.49 20.95 -67.95
C85 CDL BI . 54.63 22.26 -67.22
C86 CDL BI . 55.28 22.19 -65.85
C87 CDL BI . 55.34 23.52 -65.16
CU1 CUA CI . 60.87 64.58 -61.10
CU2 CUA CI . 61.18 63.44 -62.38
CU CU DI . 49.47 45.68 -67.52
MG MG EI . 55.55 55.52 -62.67
K K FI . 73.81 60.53 -73.07
FE HEA GI . 60.94 50.80 -77.86
CHA HEA GI . 60.66 52.66 -75.05
CHB HEA GI . 64.29 51.20 -77.80
CHC HEA GI . 61.19 48.95 -80.68
CHD HEA GI . 57.59 50.43 -77.90
NA HEA GI . 62.21 51.73 -76.67
C1A HEA GI . 61.91 52.44 -75.56
C2A HEA GI . 63.07 53.03 -74.86
C3A HEA GI . 64.15 52.57 -75.70
C4A HEA GI . 63.56 51.77 -76.80
CMA HEA GI . 65.59 52.85 -75.49
OMA HEA GI . 66.44 52.34 -76.19
CAA HEA GI . 63.15 53.86 -73.60
CBA HEA GI . 63.15 55.35 -73.87
CGA HEA GI . 63.45 56.04 -72.56
O1A HEA GI . 64.31 56.93 -72.55
O2A HEA GI . 62.81 55.70 -71.55
NB HEA GI . 62.43 50.19 -79.00
C1B HEA GI . 63.74 50.46 -78.81
C2B HEA GI . 64.59 49.85 -79.87
C3B HEA GI . 63.67 49.16 -80.73
C4B HEA GI . 62.34 49.44 -80.13
CMB HEA GI . 66.08 50.02 -79.84
NC HEA GI . 59.66 49.88 -79.04
C1C HEA GI . 59.94 49.16 -80.16
C2C HEA GI . 58.73 48.59 -80.80
C3C HEA GI . 57.65 49.05 -79.95
C4C HEA GI . 58.31 49.84 -78.89
CMC HEA GI . 58.88 47.78 -82.06
CAC HEA GI . 56.17 48.85 -79.97
CBC HEA GI . 55.57 48.09 -80.87
ND HEA GI . 59.45 51.41 -76.73
C1D HEA GI . 58.14 51.16 -76.89
C2D HEA GI . 57.30 51.78 -75.84
C3D HEA GI . 58.23 52.46 -74.96
C4D HEA GI . 59.53 52.17 -75.59
CMD HEA GI . 55.80 51.64 -75.82
CAD HEA GI . 57.91 53.27 -73.74
CBD HEA GI . 57.75 54.71 -74.18
CGD HEA GI . 57.94 55.65 -73.03
O1D HEA GI . 59.04 55.65 -72.42
O2D HEA GI . 57.01 56.40 -72.70
C11 HEA GI . 63.83 48.38 -81.97
O11 HEA GI . 64.88 48.93 -82.76
C12 HEA GI . 64.12 46.91 -81.68
C13 HEA GI . 64.48 46.15 -82.94
C14 HEA GI . 63.51 46.52 -84.04
C15 HEA GI . 63.91 46.85 -85.28
C16 HEA GI . 62.86 47.22 -86.30
C17 HEA GI . 62.08 45.98 -86.72
C18 HEA GI . 60.89 46.42 -87.55
C19 HEA GI . 59.73 46.81 -86.99
C20 HEA GI . 58.60 47.24 -87.89
C21 HEA GI . 57.97 46.03 -88.56
C22 HEA GI . 56.71 46.47 -89.26
C23 HEA GI . 55.91 45.58 -89.87
C24 HEA GI . 54.68 46.09 -90.57
C25 HEA GI . 56.21 44.12 -89.86
C26 HEA GI . 65.36 46.85 -85.69
C27 HEA GI . 59.55 46.87 -85.51
FE HEA HI . 53.07 43.46 -69.29
CHA HEA HI . 54.15 46.38 -67.95
CHB HEA HI . 52.94 42.10 -66.19
CHC HEA HI . 51.98 40.54 -70.61
CHD HEA HI . 53.18 44.85 -72.37
NA HEA HI . 53.46 44.10 -67.46
C1A HEA HI . 53.90 45.34 -67.10
C2A HEA HI . 54.10 45.53 -65.64
C3A HEA HI . 53.74 44.23 -65.15
C4A HEA HI . 53.36 43.39 -66.31
CMA HEA HI . 53.74 43.80 -63.73
OMA HEA HI . 53.34 42.71 -63.39
CAA HEA HI . 54.60 46.71 -64.85
CBA HEA HI . 53.66 47.89 -64.90
CGA HEA HI . 54.35 49.01 -64.20
O1A HEA HI . 54.91 49.89 -64.89
O2A HEA HI . 54.36 49.03 -62.96
NB HEA HI . 52.56 41.68 -68.55
C1B HEA HI . 52.58 41.32 -67.25
C2B HEA HI . 52.16 39.92 -67.05
C3B HEA HI . 51.84 39.42 -68.36
C4B HEA HI . 52.13 40.59 -69.25
CMB HEA HI . 52.09 39.31 -65.67
NC HEA HI . 52.66 42.83 -71.11
C1C HEA HI . 52.23 41.59 -71.46
C2C HEA HI . 52.02 41.44 -72.92
C3C HEA HI . 52.39 42.74 -73.44
C4C HEA HI . 52.78 43.55 -72.26
CMC HEA HI . 51.53 40.12 -73.45
CAC HEA HI . 52.42 43.28 -74.83
CBC HEA HI . 52.08 42.55 -75.87
ND HEA HI . 53.56 45.23 -70.01
C1D HEA HI . 53.55 45.62 -71.30
C2D HEA HI . 53.98 47.04 -71.45
C3D HEA HI . 54.27 47.51 -70.12
C4D HEA HI . 53.99 46.32 -69.31
CMD HEA HI . 54.06 47.71 -72.80
CAD HEA HI . 54.78 48.88 -69.71
CBD HEA HI . 53.75 49.97 -69.94
CGD HEA HI . 54.36 51.26 -69.47
O1D HEA HI . 54.60 52.15 -70.30
O2D HEA HI . 54.61 51.39 -68.26
C11 HEA HI . 51.38 38.07 -68.76
O11 HEA HI . 50.42 38.07 -69.84
C12 HEA HI . 52.55 37.16 -69.12
C13 HEA HI . 52.14 35.70 -68.93
C14 HEA HI . 53.10 34.77 -69.64
C15 HEA HI . 53.94 33.93 -69.01
C16 HEA HI . 54.85 33.06 -69.83
C17 HEA HI . 54.05 31.92 -70.43
C18 HEA HI . 53.62 30.94 -69.35
C19 HEA HI . 54.41 29.91 -68.98
C20 HEA HI . 53.97 28.93 -67.92
C21 HEA HI . 53.32 29.55 -66.69
C22 HEA HI . 54.25 30.52 -66.01
C23 HEA HI . 54.11 30.87 -64.71
C24 HEA HI . 55.06 31.84 -64.11
C25 HEA HI . 53.02 30.29 -63.85
C26 HEA HI . 54.01 33.85 -67.51
C27 HEA HI . 55.76 29.72 -69.60
O1 PER II . 51.18 44.45 -69.08
O2 PER II . 50.61 45.74 -69.42
C1 CDL JI . 43.37 59.41 -110.58
O1 CDL JI . 43.02 59.64 -111.95
CA2 CDL JI . 42.27 59.98 -109.71
OA2 CDL JI . 41.54 60.97 -110.47
PA1 CDL JI . 40.01 61.22 -110.13
OA3 CDL JI . 39.71 62.65 -110.40
OA4 CDL JI . 39.16 60.18 -110.75
OA5 CDL JI . 40.08 60.99 -108.56
CA3 CDL JI . 38.97 60.48 -107.79
CA4 CDL JI . 38.91 61.33 -106.56
OA6 CDL JI . 39.79 60.85 -105.50
CA5 CDL JI . 41.07 60.67 -105.82
OA7 CDL JI . 41.48 59.76 -106.50
C11 CDL JI . 41.87 61.83 -105.36
C12 CDL JI . 41.79 62.15 -103.88
C13 CDL JI . 42.54 63.42 -103.57
C14 CDL JI . 42.23 64.04 -102.23
C15 CDL JI . 43.05 63.47 -101.10
C16 CDL JI . 43.12 64.40 -99.90
C17 CDL JI . 44.09 63.93 -98.84
C18 CDL JI . 44.26 64.91 -97.70
C19 CDL JI . 45.22 64.43 -96.63
C20 CDL JI . 45.35 65.38 -95.45
C21 CDL JI . 46.26 66.55 -95.72
C22 CDL JI . 46.24 67.62 -94.63
C23 CDL JI . 47.61 67.98 -94.11
C24 CDL JI . 48.58 68.47 -95.17
C25 CDL JI . 50.02 68.14 -94.88
C26 CDL JI . 50.94 68.21 -96.08
C27 CDL JI . 52.36 67.86 -95.73
CA6 CDL JI . 37.55 61.45 -105.93
OA8 CDL JI . 37.84 62.11 -104.69
CA7 CDL JI . 36.82 62.48 -103.92
OA9 CDL JI . 35.67 62.41 -104.25
C31 CDL JI . 37.33 62.98 -102.61
C32 CDL JI . 37.14 64.48 -102.45
C33 CDL JI . 37.99 65.09 -101.37
C34 CDL JI . 37.51 66.46 -100.95
C35 CDL JI . 38.51 67.25 -100.15
C36 CDL JI . 38.02 68.64 -99.77
C37 CDL JI . 36.82 68.64 -98.85
C38 CDL JI . 36.40 70.01 -98.39
C39 CDL JI . 35.55 70.76 -99.40
C40 CDL JI . 35.11 72.14 -98.91
C41 CDL JI . 33.75 72.55 -99.41
C42 CDL JI . 33.20 73.78 -98.71
C43 CDL JI . 31.68 73.88 -98.74
C44 CDL JI . 31.08 74.55 -97.51
C45 CDL JI . 29.60 74.28 -97.33
C46 CDL JI . 29.05 74.79 -96.01
C47 CDL JI . 27.65 74.30 -95.73
CB2 CDL JI . 43.65 57.94 -110.39
OB2 CDL JI . 42.79 57.39 -109.36
PB2 CDL JI . 43.39 56.98 -107.95
OB3 CDL JI . 42.32 57.12 -106.94
OB4 CDL JI . 44.09 55.68 -108.09
OB5 CDL JI . 44.46 58.12 -107.69
CB3 CDL JI . 44.66 58.67 -106.37
CB4 CDL JI . 46.00 58.25 -105.84
OB6 CDL JI . 46.83 59.41 -105.54
CB5 CDL JI . 46.40 60.26 -104.59
OB7 CDL JI . 45.29 60.71 -104.54
C51 CDL JI . 47.45 60.45 -103.56
C52 CDL JI . 47.60 59.13 -102.80
C53 CDL JI . 48.24 59.32 -101.45
C54 CDL JI . 48.55 58.04 -100.71
C55 CDL JI . 49.10 58.29 -99.33
C56 CDL JI . 49.79 57.10 -98.70
C57 CDL JI . 50.52 57.43 -97.41
C58 CDL JI . 51.54 58.55 -97.54
C59 CDL JI . 52.51 58.62 -96.38
C60 CDL JI . 53.34 59.89 -96.34
C61 CDL JI . 54.60 59.77 -95.51
C62 CDL JI . 55.35 61.08 -95.35
C63 CDL JI . 54.85 61.94 -94.19
C64 CDL JI . 54.82 63.42 -94.51
C65 CDL JI . 53.72 63.84 -95.47
C66 CDL JI . 52.32 63.71 -94.91
C67 CDL JI . 51.25 64.17 -95.87
CB6 CDL JI . 46.78 57.41 -106.82
OB8 CDL JI . 48.20 57.47 -106.54
CB7 CDL JI . 48.72 56.54 -105.74
OB9 CDL JI . 48.07 55.84 -105.01
C71 CDL JI . 50.21 56.44 -105.91
C72 CDL JI . 50.73 55.02 -105.85
C73 CDL JI . 51.02 54.55 -104.44
C74 CDL JI . 52.44 54.82 -103.98
C75 CDL JI . 52.74 54.37 -102.56
C76 CDL JI . 52.14 55.25 -101.47
C77 CDL JI . 52.51 54.82 -100.06
C78 CDL JI . 51.76 53.61 -99.55
C79 CDL JI . 50.48 53.94 -98.81
C80 CDL JI . 49.77 52.73 -98.22
C81 CDL JI . 48.47 53.07 -97.50
C82 CDL JI . 47.38 53.62 -98.42
C83 CDL JI . 46.06 53.86 -97.72
C84 CDL JI . 44.93 54.23 -98.66
C85 CDL JI . 45.07 55.58 -99.33
C86 CDL JI . 44.98 56.75 -98.37
C87 CDL JI . 45.02 58.09 -99.06
C1 CDL KI . 28.24 30.41 -85.82
O1 CDL KI . 28.80 31.68 -86.14
CA2 CDL KI . 26.83 30.33 -86.36
OA2 CDL KI . 26.08 31.44 -85.85
PA1 CDL KI . 24.52 31.53 -86.17
OA3 CDL KI . 24.39 31.62 -87.64
OA4 CDL KI . 23.85 30.43 -85.46
OA5 CDL KI . 24.02 32.91 -85.57
CA3 CDL KI . 24.93 33.94 -85.12
CA4 CDL KI . 24.79 34.06 -83.63
OA6 CDL KI . 25.65 35.18 -83.24
CA5 CDL KI . 25.22 36.41 -83.50
OA7 CDL KI . 24.08 36.69 -83.76
C11 CDL KI . 26.36 37.38 -83.49
C12 CDL KI . 26.01 38.76 -82.95
C13 CDL KI . 27.25 39.54 -82.59
C14 CDL KI . 26.97 40.75 -81.74
C15 CDL KI . 28.22 41.38 -81.16
C16 CDL KI . 27.97 42.65 -80.39
C17 CDL KI . 27.23 42.46 -79.10
C18 CDL KI . 27.48 43.54 -78.07
C19 CDL KI . 28.84 43.42 -77.40
C20 CDL KI . 28.94 44.14 -76.06
C21 CDL KI . 30.16 43.76 -75.24
C22 CDL KI . 30.23 42.27 -74.90
C23 CDL KI . 31.29 41.90 -73.88
C24 CDL KI . 31.60 40.41 -73.85
C25 CDL KI . 32.73 40.02 -72.92
C26 CDL KI . 33.19 38.59 -73.13
C27 CDL KI . 34.35 38.20 -72.26
CA6 CDL KI . 25.34 32.84 -82.95
OA8 CDL KI . 24.51 32.46 -81.82
CA7 CDL KI . 24.92 32.85 -80.62
OA9 CDL KI . 25.64 33.80 -80.42
C31 CDL KI . 24.37 31.95 -79.56
C32 CDL KI . 24.88 32.25 -78.16
C33 CDL KI . 23.95 31.72 -77.09
C34 CDL KI . 22.62 32.45 -77.04
C35 CDL KI . 21.83 32.18 -75.78
C36 CDL KI . 22.37 32.88 -74.55
C37 CDL KI . 21.60 32.56 -73.29
C38 CDL KI . 21.70 33.64 -72.23
C39 CDL KI . 20.82 33.37 -71.03
C40 CDL KI . 20.86 34.47 -70.00
C41 CDL KI . 20.36 34.05 -68.64
C42 CDL KI . 20.63 35.07 -67.56
C43 CDL KI . 20.50 34.53 -66.15
C44 CDL KI . 20.86 35.55 -65.09
C45 CDL KI . 20.86 34.99 -63.68
C46 CDL KI . 21.25 36.01 -62.63
C47 CDL KI . 21.04 35.53 -61.22
CB2 CDL KI . 29.11 29.31 -86.38
OB2 CDL KI . 30.02 28.89 -85.35
PB2 CDL KI . 30.25 27.35 -85.05
OB3 CDL KI . 29.05 26.60 -85.48
OB4 CDL KI . 31.58 26.93 -85.55
OB5 CDL KI . 30.27 27.38 -83.46
CB3 CDL KI . 29.05 27.68 -82.75
CB4 CDL KI . 29.39 28.59 -81.60
OB6 CDL KI . 29.50 29.94 -82.12
CB5 CDL KI . 29.11 30.96 -81.34
OB7 CDL KI . 28.61 30.82 -80.25
C51 CDL KI . 29.37 32.28 -82.01
C52 CDL KI . 29.07 33.47 -81.11
C53 CDL KI . 30.07 33.62 -79.98
C54 CDL KI . 30.11 35.02 -79.38
C55 CDL KI . 31.11 35.16 -78.24
C56 CDL KI . 31.33 36.58 -77.78
C57 CDL KI . 32.31 36.69 -76.63
C58 CDL KI . 31.72 36.26 -75.29
C59 CDL KI . 32.67 35.45 -74.44
C60 CDL KI . 32.70 33.96 -74.79
C61 CDL KI . 32.06 33.08 -73.73
C62 CDL KI . 32.99 32.75 -72.57
C63 CDL KI . 32.34 31.98 -71.43
C64 CDL KI . 33.27 31.76 -70.25
C65 CDL KI . 34.55 31.02 -70.61
C66 CDL KI . 35.40 30.58 -69.43
C67 CDL KI . 34.81 29.41 -68.71
CB6 CDL KI . 30.72 28.24 -80.99
OB8 CDL KI . 30.86 28.90 -79.71
CB7 CDL KI . 30.16 28.39 -78.70
OB9 CDL KI . 29.37 27.49 -78.82
C71 CDL KI . 30.46 29.07 -77.40
C72 CDL KI . 29.67 28.46 -76.25
C73 CDL KI . 29.92 29.12 -74.91
C74 CDL KI . 29.35 30.54 -74.81
C75 CDL KI . 29.34 31.08 -73.39
C76 CDL KI . 28.19 30.56 -72.54
C77 CDL KI . 28.31 30.91 -71.06
C78 CDL KI . 29.35 30.11 -70.32
C79 CDL KI . 29.33 30.30 -68.81
C80 CDL KI . 29.81 31.65 -68.33
C81 CDL KI . 29.41 31.94 -66.90
C82 CDL KI . 30.10 33.13 -66.26
C83 CDL KI . 29.62 33.38 -64.84
C84 CDL KI . 30.26 34.58 -64.15
C85 CDL KI . 29.57 34.93 -62.84
C86 CDL KI . 30.22 36.07 -62.08
C87 CDL KI . 29.40 36.56 -60.92
C27 PEE LI . 23.17 47.96 -69.35
C26 PEE LI . 24.65 47.64 -69.27
C25 PEE LI . 25.32 48.30 -68.09
C24 PEE LI . 26.79 47.94 -67.95
C23 PEE LI . 27.54 48.81 -66.96
C22 PEE LI . 28.96 48.36 -66.68
C21 PEE LI . 29.65 49.16 -65.58
C20 PEE LI . 31.11 48.79 -65.37
C19 PEE LI . 31.99 49.05 -66.58
C18 PEE LI . 33.48 48.91 -66.32
C17 PEE LI . 34.02 49.91 -65.32
C16 PEE LI . 34.18 49.36 -63.92
C15 PEE LI . 34.19 50.41 -62.84
C14 PEE LI . 35.58 50.86 -62.43
C13 PEE LI . 36.04 50.28 -61.12
C12 PEE LI . 37.29 50.96 -60.57
C11 PEE LI . 37.51 50.64 -59.11
C10 PEE LI . 38.85 51.07 -58.60
O4 PEE LI . 39.74 51.53 -59.27
O2 PEE LI . 38.96 50.83 -57.30
C2 PEE LI . 40.25 50.40 -56.79
C1 PEE LI . 40.98 51.53 -56.15
O3P PEE LI . 41.23 51.21 -54.78
P PEE LI . 42.05 52.21 -53.87
O2P PEE LI . 42.57 53.32 -54.79
O1P PEE LI . 43.04 51.55 -53.01
O4P PEE LI . 40.84 52.83 -53.02
C4 PEE LI . 40.14 52.01 -52.05
C5 PEE LI . 39.60 52.87 -50.95
N PEE LI . 40.36 54.14 -50.87
C3 PEE LI . 39.92 49.29 -55.84
O3 PEE LI . 39.20 48.37 -56.69
C30 PEE LI . 39.36 47.07 -56.50
O5 PEE LI . 39.50 46.56 -55.41
C31 PEE LI . 39.42 46.37 -57.81
C32 PEE LI . 38.18 45.64 -58.24
C33 PEE LI . 38.07 45.50 -59.75
C34 PEE LI . 36.88 46.22 -60.33
C35 PEE LI . 36.56 45.80 -61.76
C36 PEE LI . 35.19 46.23 -62.20
C37 PEE LI . 34.95 46.10 -63.69
C38 PEE LI . 35.26 44.73 -64.24
C39 PEE LI . 34.91 44.59 -65.71
C40 PEE LI . 35.51 43.35 -66.36
C41 PEE LI . 34.79 42.92 -67.62
C42 PEE LI . 33.44 42.29 -67.38
C43 PEE LI . 33.49 40.92 -66.70
C44 PEE LI . 32.14 40.26 -66.62
C45 PEE LI . 32.15 38.82 -66.13
C46 PEE LI . 33.22 37.91 -66.73
C47 PEE LI . 33.03 36.46 -66.36
C27 PEE MI . 32.56 67.17 -81.85
C26 PEE MI . 33.35 66.15 -82.64
C25 PEE MI . 32.66 65.70 -83.92
C24 PEE MI . 33.45 64.61 -84.64
C23 PEE MI . 32.64 63.84 -85.67
C22 PEE MI . 33.46 62.79 -86.40
C21 PEE MI . 32.62 61.71 -87.08
C20 PEE MI . 33.40 60.44 -87.34
C19 PEE MI . 32.68 59.43 -88.21
C18 PEE MI . 33.50 58.16 -88.46
C17 PEE MI . 33.05 57.33 -89.64
C16 PEE MI . 31.94 56.34 -89.35
C15 PEE MI . 30.55 56.94 -89.25
C14 PEE MI . 30.02 57.52 -90.54
C13 PEE MI . 28.51 57.73 -90.55
C12 PEE MI . 27.72 56.59 -91.19
C11 PEE MI . 28.18 55.21 -90.75
C10 PEE MI . 27.32 54.09 -91.26
O4 PEE MI . 26.32 54.21 -91.91
O2 PEE MI . 27.82 52.91 -90.89
C2 PEE MI . 27.19 51.69 -91.39
C1 PEE MI . 27.62 51.60 -92.82
O3P PEE MI . 27.65 50.22 -93.26
P PEE MI . 28.17 49.92 -94.72
O2P PEE MI . 29.68 49.92 -94.63
O1P PEE MI . 27.62 50.89 -95.68
O4P PEE MI . 27.74 48.40 -95.10
C4 PEE MI . 27.21 48.10 -96.41
C5 PEE MI . 26.81 46.65 -96.50
N PEE MI . 25.62 46.37 -95.66
C3 PEE MI . 27.74 50.61 -90.52
O3 PEE MI . 27.93 51.29 -89.26
C30 PEE MI . 29.01 50.96 -88.54
O5 PEE MI . 29.47 49.85 -88.49
C31 PEE MI . 29.58 52.17 -87.88
C32 PEE MI . 28.72 52.78 -86.79
C33 PEE MI . 29.17 54.17 -86.41
C34 PEE MI . 30.59 54.23 -85.88
C35 PEE MI . 30.88 55.45 -85.02
C36 PEE MI . 31.07 56.74 -85.81
C37 PEE MI . 31.27 57.96 -84.93
C38 PEE MI . 32.60 57.99 -84.20
C39 PEE MI . 32.52 58.57 -82.80
C40 PEE MI . 31.91 59.97 -82.74
C41 PEE MI . 32.75 61.05 -83.41
C42 PEE MI . 34.05 61.37 -82.70
C43 PEE MI . 33.88 62.17 -81.43
C44 PEE MI . 35.16 62.39 -80.65
C45 PEE MI . 34.99 63.19 -79.37
C46 PEE MI . 34.50 64.62 -79.57
C47 PEE MI . 34.49 65.44 -78.31
C27 PEE NI . 38.15 86.28 -96.02
C26 PEE NI . 37.80 85.66 -97.36
C25 PEE NI . 36.85 84.48 -97.22
C24 PEE NI . 36.30 83.97 -98.55
C23 PEE NI . 35.41 82.75 -98.41
C22 PEE NI . 36.08 81.45 -98.79
C21 PEE NI . 36.42 81.34 -100.26
C20 PEE NI . 36.43 79.90 -100.78
C19 PEE NI . 36.95 79.74 -102.19
C18 PEE NI . 36.74 78.36 -102.75
C17 PEE NI . 37.49 78.10 -104.04
C16 PEE NI . 37.14 76.76 -104.67
C15 PEE NI . 37.71 76.55 -106.06
C14 PEE NI . 37.03 75.43 -106.82
C13 PEE NI . 37.65 75.10 -108.15
C12 PEE NI . 39.12 74.74 -108.05
C11 PEE NI . 39.65 73.99 -109.25
C10 PEE NI . 41.10 73.67 -109.10
O4 PEE NI . 41.79 73.96 -108.16
O2 PEE NI . 41.57 73.06 -110.19
C2 PEE NI . 42.99 73.20 -110.49
C1 PEE NI . 43.75 71.99 -110.03
O3P PEE NI . 43.71 71.00 -111.07
P PEE NI . 42.89 69.65 -110.89
O2P PEE NI . 41.75 69.94 -109.93
O1P PEE NI . 43.74 68.50 -110.59
O4P PEE NI . 42.25 69.57 -112.37
C4 PEE NI . 41.30 68.54 -112.70
C5 PEE NI . 39.92 69.10 -112.77
N PEE NI . 38.93 68.06 -113.09
C3 PEE NI . 43.02 73.40 -111.98
O3 PEE NI . 42.38 74.69 -112.19
C30 PEE NI . 42.29 75.15 -113.42
O5 PEE NI . 42.76 74.60 -114.39
C31 PEE NI . 41.52 76.45 -113.45
C32 PEE NI . 41.80 77.33 -112.24
C33 PEE NI . 40.95 78.60 -112.23
C34 PEE NI . 39.54 78.41 -111.71
C35 PEE NI . 39.42 78.27 -110.20
C36 PEE NI . 39.20 79.59 -109.47
C37 PEE NI . 40.44 80.45 -109.31
C38 PEE NI . 40.24 81.69 -108.48
C39 PEE NI . 41.50 82.52 -108.29
C40 PEE NI . 42.28 82.20 -107.03
C41 PEE NI . 41.97 83.11 -105.86
C42 PEE NI . 40.50 83.10 -105.45
C43 PEE NI . 40.18 84.12 -104.38
C44 PEE NI . 38.73 84.07 -103.91
C45 PEE NI . 38.41 85.07 -102.82
C46 PEE NI . 37.05 84.84 -102.16
C47 PEE NI . 36.66 85.98 -101.26
C1 CDL OI . 49.28 53.45 -109.86
O1 CDL OI . 48.08 53.29 -109.11
CA2 CDL OI . 49.71 52.09 -110.37
OA2 CDL OI . 49.83 51.19 -109.24
PA1 CDL OI . 50.31 49.68 -109.46
OA3 CDL OI . 49.11 48.83 -109.37
OA4 CDL OI . 51.16 49.62 -110.68
OA5 CDL OI . 51.20 49.40 -108.18
CA3 CDL OI . 50.89 50.06 -106.94
CA4 CDL OI . 51.21 49.14 -105.79
OA6 CDL OI . 52.63 49.24 -105.49
CA5 CDL OI . 53.07 50.32 -104.83
OA7 CDL OI . 52.37 51.27 -104.57
C11 CDL OI . 54.51 50.19 -104.47
C12 CDL OI . 54.74 49.17 -103.36
C13 CDL OI . 56.21 48.87 -103.13
C14 CDL OI . 56.46 47.84 -102.06
C15 CDL OI . 55.88 46.47 -102.38
C16 CDL OI . 56.25 45.40 -101.37
C17 CDL OI . 57.66 44.88 -101.51
C18 CDL OI . 58.19 44.21 -100.26
C19 CDL OI . 58.67 45.18 -99.19
C20 CDL OI . 59.93 45.93 -99.58
C21 CDL OI . 60.53 46.74 -98.45
C22 CDL OI . 59.83 48.06 -98.19
C23 CDL OI . 60.39 48.82 -96.99
C24 CDL OI . 59.69 50.12 -96.69
C25 CDL OI . 60.19 51.31 -97.47
C26 CDL OI . 61.54 51.81 -96.99
C27 CDL OI . 61.84 53.23 -97.42
CA6 CDL OI . 50.92 47.71 -106.14
OA8 CDL OI . 50.76 46.94 -104.93
CA7 CDL OI . 51.81 46.21 -104.53
OA9 CDL OI . 52.92 46.34 -104.97
C31 CDL OI . 51.42 45.21 -103.49
C32 CDL OI . 52.52 44.99 -102.46
C33 CDL OI . 52.09 44.10 -101.31
C34 CDL OI . 53.08 44.12 -100.17
C35 CDL OI . 52.60 43.45 -98.90
C36 CDL OI . 53.54 43.65 -97.72
C37 CDL OI . 54.95 43.16 -97.98
C38 CDL OI . 55.84 43.17 -96.75
C39 CDL OI . 57.11 42.35 -96.91
C40 CDL OI . 57.91 42.19 -95.63
C41 CDL OI . 58.64 43.45 -95.20
C42 CDL OI . 59.44 43.27 -93.93
C43 CDL OI . 60.54 44.29 -93.73
C44 CDL OI . 60.05 45.69 -93.42
C45 CDL OI . 61.16 46.63 -92.99
C46 CDL OI . 60.72 48.06 -92.68
C47 CDL OI . 59.76 48.14 -91.52
CB2 CDL OI . 49.08 54.47 -110.94
OB2 CDL OI . 50.34 54.79 -111.56
PB2 CDL OI . 50.73 56.32 -111.71
OB3 CDL OI . 52.09 56.38 -112.29
OB4 CDL OI . 49.63 57.03 -112.40
OB5 CDL OI . 50.81 56.78 -110.19
CB3 CDL OI . 50.49 58.11 -109.77
CB4 CDL OI . 51.77 58.74 -109.29
OB6 CDL OI . 51.62 59.14 -107.89
CB5 CDL OI . 50.73 60.10 -107.59
OB7 CDL OI . 50.16 60.78 -108.40
C51 CDL OI . 50.50 60.18 -106.10
C52 CDL OI . 51.69 59.77 -105.24
C53 CDL OI . 51.36 59.79 -103.76
C54 CDL OI . 52.07 58.71 -102.96
C55 CDL OI . 53.56 58.91 -102.82
C56 CDL OI . 53.96 59.94 -101.78
C57 CDL OI . 55.45 60.13 -101.65
C58 CDL OI . 55.87 60.85 -100.39
C59 CDL OI . 55.37 62.28 -100.30
C60 CDL OI . 55.95 63.03 -99.11
C61 CDL OI . 55.45 64.44 -98.93
C62 CDL OI . 56.11 65.14 -97.76
C63 CDL OI . 55.57 66.52 -97.44
C64 CDL OI . 55.93 66.98 -96.05
C65 CDL OI . 55.69 68.46 -95.80
C66 CDL OI . 55.53 68.80 -94.32
C67 CDL OI . 55.10 70.23 -94.10
CB6 CDL OI . 52.23 59.89 -110.15
OB8 CDL OI . 53.67 59.74 -110.13
CB7 CDL OI . 54.41 60.79 -110.43
OB9 CDL OI . 54.01 61.75 -111.03
C71 CDL OI . 55.79 60.60 -109.89
C72 CDL OI . 56.70 61.79 -110.10
C73 CDL OI . 58.01 61.56 -109.39
C74 CDL OI . 57.98 61.91 -107.91
C75 CDL OI . 59.07 61.22 -107.12
C76 CDL OI . 59.28 61.78 -105.74
C77 CDL OI . 60.04 63.09 -105.73
C78 CDL OI . 60.58 63.47 -104.36
C79 CDL OI . 61.44 64.71 -104.37
C80 CDL OI . 62.05 65.03 -103.01
C81 CDL OI . 62.92 66.27 -103.02
C82 CDL OI . 63.56 66.56 -101.68
C83 CDL OI . 64.41 67.82 -101.65
C84 CDL OI . 65.12 68.06 -100.34
C85 CDL OI . 65.98 69.31 -100.33
C86 CDL OI . 66.70 69.53 -99.00
C87 CDL OI . 67.55 70.77 -99.00
C27 PEE PI . 76.73 67.04 -96.09
C26 PEE PI . 75.34 67.06 -96.69
C25 PEE PI . 74.78 65.68 -96.93
C24 PEE PI . 73.39 65.68 -97.55
C23 PEE PI . 72.81 64.29 -97.74
C22 PEE PI . 71.43 64.29 -98.36
C21 PEE PI . 70.85 62.91 -98.59
C20 PEE PI . 69.47 62.93 -99.24
C19 PEE PI . 68.89 61.56 -99.51
C18 PEE PI . 67.58 61.59 -100.25
C17 PEE PI . 66.96 60.23 -100.50
C16 PEE PI . 67.64 59.46 -101.61
C15 PEE PI . 67.15 58.03 -101.76
C14 PEE PI . 65.66 57.92 -102.01
C13 PEE PI . 65.26 56.65 -102.75
C12 PEE PI . 65.38 56.78 -104.27
C11 PEE PI . 65.43 55.43 -104.96
C10 PEE PI . 64.38 54.48 -104.45
O4 PEE PI . 63.27 54.78 -104.14
O2 PEE PI . 64.88 53.24 -104.33
C2 PEE PI . 64.15 52.28 -103.52
C1 PEE PI . 63.29 51.42 -104.39
O3P PEE PI . 64.15 50.92 -105.43
P PEE PI . 63.99 49.49 -106.09
O2P PEE PI . 63.43 48.56 -105.03
O1P PEE PI . 65.26 49.04 -106.70
O4P PEE PI . 62.81 49.79 -107.16
C4 PEE PI . 62.88 49.30 -108.52
C5 PEE PI . 61.97 48.14 -108.70
N PEE PI . 62.29 47.05 -107.73
C3 PEE PI . 65.18 51.44 -102.86
O3 PEE PI . 65.95 52.30 -101.99
C30 PEE PI . 67.09 51.83 -101.50
O5 PEE PI . 67.66 50.87 -101.96
C31 PEE PI . 67.52 52.62 -100.32
C32 PEE PI . 69.02 52.68 -100.10
C33 PEE PI . 69.33 53.36 -98.80
C34 PEE PI . 70.80 53.57 -98.54
C35 PEE PI . 71.08 54.04 -97.13
C36 PEE PI . 72.52 54.42 -96.88
C37 PEE PI . 72.83 54.66 -95.42
C38 PEE PI . 74.24 55.12 -95.16
C39 PEE PI . 74.47 56.59 -95.45
C40 PEE PI . 75.84 57.08 -95.04
C41 PEE PI . 76.03 58.57 -95.13
C42 PEE PI . 77.36 59.03 -94.58
C43 PEE PI . 77.51 60.53 -94.47
C44 PEE PI . 78.79 60.97 -93.78
C45 PEE PI . 78.91 62.46 -93.58
C46 PEE PI . 80.17 62.88 -92.85
C47 PEE PI . 80.26 64.38 -92.64
ZN ZN QI . 70.58 -1.39 -98.33
ZN ZN RI . 71.74 6.25 -86.65
C1 CDL SI . 68.71 13.35 -80.41
O1 CDL SI . 70.02 13.74 -80.00
CA2 CDL SI . 68.35 12.04 -79.75
OA2 CDL SI . 67.14 11.55 -80.34
PA1 CDL SI . 66.55 10.15 -79.88
OA3 CDL SI . 67.38 9.08 -80.50
OA4 CDL SI . 65.09 10.13 -80.09
OA5 CDL SI . 66.86 10.12 -78.31
CA3 CDL SI . 66.06 10.94 -77.44
CA4 CDL SI . 66.56 10.81 -76.03
OA6 CDL SI . 67.60 11.83 -75.83
CA5 CDL SI . 67.60 12.50 -74.67
OA7 CDL SI . 66.81 12.31 -73.79
C11 CDL SI . 68.71 13.50 -74.62
C12 CDL SI . 68.74 14.31 -73.33
C13 CDL SI . 69.95 15.21 -73.23
C14 CDL SI . 69.64 16.58 -72.66
C15 CDL SI . 70.87 17.38 -72.26
C16 CDL SI . 70.62 18.87 -72.11
C17 CDL SI . 71.69 19.61 -71.33
C18 CDL SI . 71.49 21.12 -71.25
C19 CDL SI . 72.26 21.76 -70.11
C20 CDL SI . 71.99 23.25 -69.91
C21 CDL SI . 72.92 23.87 -68.88
C22 CDL SI . 72.68 25.33 -68.58
C23 CDL SI . 73.77 25.96 -67.73
C24 CDL SI . 73.43 27.31 -67.13
C25 CDL SI . 72.59 27.21 -65.85
C26 CDL SI . 72.38 28.53 -65.14
C27 CDL SI . 71.50 28.42 -63.93
CA6 CDL SI . 67.19 9.48 -75.76
OA8 CDL SI . 67.52 9.43 -74.35
CA7 CDL SI . 66.52 9.19 -73.50
OA9 CDL SI . 65.41 8.89 -73.85
C31 CDL SI . 66.94 9.39 -72.07
C32 CDL SI . 68.42 9.70 -71.92
C33 CDL SI . 68.83 9.99 -70.49
C34 CDL SI . 68.48 11.39 -70.01
C35 CDL SI . 68.96 11.69 -68.60
C36 CDL SI . 68.51 13.04 -68.08
C37 CDL SI . 68.39 13.12 -66.57
C38 CDL SI . 67.58 14.30 -66.08
C39 CDL SI . 68.30 15.63 -66.16
C40 CDL SI . 69.37 15.82 -65.10
C41 CDL SI . 70.72 16.24 -65.67
C42 CDL SI . 71.38 15.17 -66.50
C43 CDL SI . 72.57 15.64 -67.30
C44 CDL SI . 72.94 14.69 -68.43
C45 CDL SI . 74.13 15.14 -69.25
C46 CDL SI . 74.38 14.27 -70.47
C47 CDL SI . 74.29 12.78 -70.18
CB2 CDL SI . 67.75 14.46 -80.07
OB2 CDL SI . 67.92 14.84 -78.69
PB2 CDL SI . 66.95 15.94 -78.08
OB3 CDL SI . 66.03 16.34 -79.17
OB4 CDL SI . 66.38 15.42 -76.82
OB5 CDL SI . 67.86 17.21 -77.75
CB3 CDL SI . 67.66 17.90 -76.50
CB4 CDL SI . 67.83 19.37 -76.72
OB6 CDL SI . 67.87 19.97 -75.38
CB5 CDL SI . 68.71 21.00 -75.17
OB7 CDL SI . 69.39 21.50 -76.03
C51 CDL SI . 68.71 21.42 -73.74
C52 CDL SI . 67.95 22.72 -73.47
C53 CDL SI . 67.83 23.01 -71.98
C54 CDL SI . 67.33 24.41 -71.66
C55 CDL SI . 68.25 25.51 -72.18
C56 CDL SI . 68.18 26.79 -71.35
C57 CDL SI . 68.95 26.71 -70.05
C58 CDL SI . 68.68 27.88 -69.12
C59 CDL SI . 69.19 27.67 -67.70
C60 CDL SI . 68.98 28.87 -66.79
C61 CDL SI . 69.76 30.09 -67.22
C62 CDL SI . 69.97 31.11 -66.13
C63 CDL SI . 71.06 32.12 -66.45
C64 CDL SI . 71.69 32.76 -65.22
C65 CDL SI . 72.88 33.65 -65.52
C66 CDL SI . 74.02 32.96 -66.27
C67 CDL SI . 74.51 31.71 -65.59
CB6 CDL SI . 66.67 19.96 -77.45
OB8 CDL SI . 66.64 21.38 -77.20
CB7 CDL SI . 66.15 22.16 -78.16
OB9 CDL SI . 65.72 21.76 -79.21
C71 CDL SI . 66.20 23.61 -77.77
C72 CDL SI . 65.72 24.54 -78.87
C73 CDL SI . 65.69 26.01 -78.45
C74 CDL SI . 67.05 26.59 -78.11
C75 CDL SI . 66.99 27.93 -77.41
C76 CDL SI . 68.36 28.48 -77.07
C77 CDL SI . 68.37 29.48 -75.94
C78 CDL SI . 67.68 30.79 -76.25
C79 CDL SI . 68.04 31.90 -75.28
C80 CDL SI . 67.27 33.19 -75.49
C81 CDL SI . 68.13 34.43 -75.34
C82 CDL SI . 69.11 34.60 -76.48
C83 CDL SI . 70.25 35.55 -76.18
C84 CDL SI . 71.16 35.79 -77.36
C85 CDL SI . 72.29 36.78 -77.09
C86 CDL SI . 73.11 37.10 -78.32
C87 CDL SI . 73.84 35.89 -78.86
C1 CDL TI . 71.30 21.30 -89.73
O1 CDL TI . 70.66 22.26 -88.90
CA2 CDL TI . 70.45 20.05 -89.79
OA2 CDL TI . 71.20 18.93 -89.27
PA1 CDL TI . 70.73 17.44 -89.59
OA3 CDL TI . 69.60 17.55 -90.55
OA4 CDL TI . 71.92 16.66 -89.98
OA5 CDL TI . 70.09 16.81 -88.27
CA3 CDL TI . 70.13 17.47 -86.99
CA4 CDL TI . 71.55 17.39 -86.49
OA6 CDL TI . 71.67 16.66 -85.22
CA5 CDL TI . 71.67 17.35 -84.08
OA7 CDL TI . 70.81 18.14 -83.78
C11 CDL TI . 72.95 17.13 -83.34
C12 CDL TI . 72.86 16.99 -81.83
C13 CDL TI . 74.07 17.63 -81.15
C14 CDL TI . 75.40 16.96 -81.42
C15 CDL TI . 76.61 17.76 -80.96
C16 CDL TI . 76.75 17.87 -79.45
C17 CDL TI . 77.67 18.99 -79.00
C18 CDL TI . 79.16 18.69 -79.15
C19 CDL TI . 79.84 18.22 -77.88
C20 CDL TI . 79.98 19.30 -76.80
C21 CDL TI . 80.82 20.50 -77.22
C22 CDL TI . 81.02 21.53 -76.12
C23 CDL TI . 82.08 21.15 -75.11
C24 CDL TI . 82.47 22.28 -74.18
C25 CDL TI . 83.64 21.95 -73.26
C26 CDL TI . 84.15 23.13 -72.46
C27 CDL TI . 85.30 22.78 -71.57
CA6 CDL TI . 72.18 18.74 -86.32
OA8 CDL TI . 71.28 19.78 -85.89
CA7 CDL TI . 71.79 20.66 -85.04
OA9 CDL TI . 72.13 20.39 -83.91
C31 CDL TI . 72.03 21.96 -85.72
C32 CDL TI . 73.30 22.65 -85.25
C33 CDL TI . 74.02 23.39 -86.35
C34 CDL TI . 75.23 22.65 -86.91
C35 CDL TI . 76.48 22.83 -86.06
C36 CDL TI . 77.25 24.10 -86.40
C37 CDL TI . 78.49 24.32 -85.56
C38 CDL TI . 79.36 25.44 -86.07
C39 CDL TI . 80.61 25.67 -85.25
C40 CDL TI . 81.61 26.61 -85.88
C41 CDL TI . 82.88 26.83 -85.07
C42 CDL TI . 82.76 27.90 -84.00
C43 CDL TI . 84.05 28.14 -83.24
C44 CDL TI . 84.33 27.20 -82.11
C45 CDL TI . 83.90 27.75 -80.78
C46 CDL TI . 84.39 26.93 -79.62
C47 CDL TI . 83.89 27.46 -78.31
CB2 CDL TI . 71.54 21.89 -91.10
OB2 CDL TI . 72.36 23.07 -90.98
PB2 CDL TI . 73.42 23.37 -92.13
OB3 CDL TI . 72.75 23.14 -93.44
OB4 CDL TI . 74.10 24.65 -91.87
OB5 CDL TI . 74.45 22.16 -91.94
CB3 CDL TI . 75.21 22.14 -90.71
CB4 CDL TI . 75.98 20.86 -90.62
OB6 CDL TI . 75.70 20.32 -89.29
CB5 CDL TI . 75.72 19.00 -89.13
OB7 CDL TI . 76.10 18.23 -89.98
C51 CDL TI . 75.20 18.62 -87.78
C52 CDL TI . 76.27 18.06 -86.87
C53 CDL TI . 75.80 17.90 -85.43
C54 CDL TI . 75.96 19.15 -84.60
C55 CDL TI . 77.39 19.38 -84.12
C56 CDL TI . 77.53 20.57 -83.20
C57 CDL TI . 78.68 20.45 -82.22
C58 CDL TI . 80.04 20.41 -82.89
C59 CDL TI . 81.20 20.27 -81.91
C60 CDL TI . 81.38 21.48 -81.01
C61 CDL TI . 82.56 21.37 -80.07
C62 CDL TI . 82.73 22.58 -79.17
C63 CDL TI . 83.87 22.45 -78.17
C64 CDL TI . 84.06 23.68 -77.31
C65 CDL TI . 85.25 23.57 -76.36
C66 CDL TI . 85.68 24.90 -75.76
C67 CDL TI . 86.92 24.77 -74.90
CB6 CDL TI . 77.46 21.10 -90.75
OB8 CDL TI . 77.92 21.61 -89.48
CB7 CDL TI . 79.15 22.10 -89.45
OB9 CDL TI . 79.77 22.44 -90.43
C71 CDL TI . 79.68 22.13 -88.05
C72 CDL TI . 80.67 21.01 -87.84
C73 CDL TI . 81.18 20.94 -86.41
C74 CDL TI . 82.19 22.00 -86.09
C75 CDL TI . 82.52 22.12 -84.62
C76 CDL TI . 83.78 22.90 -84.35
C77 CDL TI . 84.07 23.05 -82.88
C78 CDL TI . 85.36 23.75 -82.54
C79 CDL TI . 85.58 23.84 -81.04
C80 CDL TI . 86.83 24.56 -80.62
C81 CDL TI . 87.06 24.51 -79.13
C82 CDL TI . 88.23 25.35 -78.64
C83 CDL TI . 87.95 26.83 -78.62
C84 CDL TI . 88.98 27.65 -77.87
C85 CDL TI . 88.94 27.45 -76.37
C86 CDL TI . 89.97 28.25 -75.60
C87 CDL TI . 89.80 28.15 -74.11
C1 CDL UI . 10.57 40.70 -72.93
O1 CDL UI . 11.20 41.62 -72.04
CA2 CDL UI . 10.56 41.29 -74.32
OA2 CDL UI . 11.87 41.80 -74.64
PA1 CDL UI . 12.08 42.72 -75.92
OA3 CDL UI . 12.65 41.87 -76.98
OA4 CDL UI . 10.82 43.46 -76.19
OA5 CDL UI . 13.20 43.76 -75.47
CA3 CDL UI . 12.91 44.72 -74.44
CA4 CDL UI . 13.59 46.02 -74.75
OA6 CDL UI . 15.04 45.86 -74.71
CA5 CDL UI . 15.67 45.74 -75.89
OA7 CDL UI . 15.16 45.28 -76.88
C11 CDL UI . 17.05 46.31 -75.82
C12 CDL UI . 18.08 45.59 -76.67
C13 CDL UI . 19.06 46.56 -77.32
C14 CDL UI . 19.99 47.23 -76.33
C15 CDL UI . 20.98 46.26 -75.69
C16 CDL UI . 22.13 46.95 -74.98
C17 CDL UI . 23.21 45.98 -74.57
C18 CDL UI . 24.41 46.63 -73.90
C19 CDL UI . 25.49 45.62 -73.55
C20 CDL UI . 26.61 46.16 -72.67
C21 CDL UI . 27.69 45.14 -72.41
C22 CDL UI . 28.89 45.68 -71.66
C23 CDL UI . 29.89 44.59 -71.28
C24 CDL UI . 31.06 45.08 -70.46
C25 CDL UI . 30.67 45.69 -69.13
C26 CDL UI . 31.78 45.65 -68.10
C27 CDL UI . 33.08 46.25 -68.58
CA6 CDL UI . 13.27 47.06 -73.72
OA8 CDL UI . 14.48 47.74 -73.29
CA7 CDL UI . 15.01 48.65 -74.10
OA9 CDL UI . 14.67 48.80 -75.25
C31 CDL UI . 16.04 49.48 -73.39
C32 CDL UI . 17.25 49.84 -74.24
C33 CDL UI . 18.33 50.56 -73.44
C34 CDL UI . 19.02 49.66 -72.41
C35 CDL UI . 20.08 50.37 -71.60
C36 CDL UI . 19.58 51.59 -70.86
C37 CDL UI . 20.44 52.00 -69.68
C38 CDL UI . 20.28 51.10 -68.48
C39 CDL UI . 20.59 51.76 -67.16
C40 CDL UI . 19.90 51.13 -65.97
C41 CDL UI . 19.81 52.04 -64.76
C42 CDL UI . 18.92 51.51 -63.66
C43 CDL UI . 18.65 52.52 -62.56
C44 CDL UI . 17.92 51.96 -61.37
C45 CDL UI . 17.68 52.98 -60.27
C46 CDL UI . 17.07 52.39 -59.01
C47 CDL UI . 18.05 51.57 -58.22
CB2 CDL UI . 11.22 39.34 -72.80
OB2 CDL UI . 12.44 39.32 -73.57
PB2 CDL UI . 13.27 37.95 -73.58
OB3 CDL UI . 13.65 37.69 -72.18
OB4 CDL UI . 12.49 36.93 -74.32
OB5 CDL UI . 14.62 38.26 -74.38
CB3 CDL UI . 14.64 39.10 -75.55
CB4 CDL UI . 15.49 40.30 -75.25
OB6 CDL UI . 16.74 40.14 -75.97
CB5 CDL UI . 17.23 41.21 -76.62
OB7 CDL UI . 16.58 42.20 -76.84
C51 CDL UI . 18.67 41.03 -76.96
C52 CDL UI . 19.41 42.36 -76.90
C53 CDL UI . 20.90 42.24 -77.15
C54 CDL UI . 21.71 41.97 -75.91
C55 CDL UI . 23.19 42.23 -76.08
C56 CDL UI . 23.99 42.08 -74.81
C57 CDL UI . 25.48 42.31 -74.99
C58 CDL UI . 26.28 42.21 -73.70
C59 CDL UI . 26.34 40.82 -73.11
C60 CDL UI . 27.09 40.74 -71.80
C61 CDL UI . 28.56 41.10 -71.94
C62 CDL UI . 29.41 40.70 -70.74
C63 CDL UI . 29.72 39.22 -70.68
C64 CDL UI . 30.46 38.81 -69.42
C65 CDL UI . 30.72 37.31 -69.30
C66 CDL UI . 31.88 36.84 -70.14
C67 CDL UI . 32.19 35.37 -69.95
CB6 CDL UI . 15.86 40.35 -73.80
OB8 CDL UI . 16.83 41.39 -73.54
CB7 CDL UI . 16.36 42.55 -73.10
OB9 CDL UI . 15.20 42.87 -73.15
C71 CDL UI . 17.45 43.40 -72.53
C72 CDL UI . 16.94 44.28 -71.40
C73 CDL UI . 18.03 45.06 -70.69
C74 CDL UI . 17.52 46.23 -69.88
C75 CDL UI . 18.58 46.86 -68.99
C76 CDL UI . 18.75 46.18 -67.65
C77 CDL UI . 20.13 46.31 -67.04
C78 CDL UI . 21.17 45.44 -67.72
C79 CDL UI . 22.48 45.33 -66.95
C80 CDL UI . 23.52 44.48 -67.66
C81 CDL UI . 24.87 44.45 -66.95
C82 CDL UI . 25.94 43.70 -67.74
C83 CDL UI . 27.13 43.25 -66.91
C84 CDL UI . 27.95 44.37 -66.33
C85 CDL UI . 29.19 43.90 -65.59
C86 CDL UI . 29.96 44.98 -64.87
C87 CDL UI . 31.22 44.48 -64.22
C1 CDL VI . 5.73 42.73 -61.69
O1 CDL VI . 4.43 42.94 -62.22
CA2 CDL VI . 5.61 42.25 -60.26
OA2 CDL VI . 6.61 42.90 -59.45
PA1 CDL VI . 7.41 42.03 -58.39
OA3 CDL VI . 6.43 41.15 -57.74
OA4 CDL VI . 8.56 41.42 -59.10
OA5 CDL VI . 8.00 43.02 -57.28
CA3 CDL VI . 7.19 44.00 -56.59
CA4 CDL VI . 7.47 43.91 -55.12
OA6 CDL VI . 8.73 44.59 -54.80
CA5 CDL VI . 8.66 45.78 -54.19
OA7 CDL VI . 7.66 46.43 -54.10
C11 CDL VI . 10.00 46.15 -53.60
C12 CDL VI . 10.02 45.99 -52.08
C13 CDL VI . 10.18 47.31 -51.34
C14 CDL VI . 10.49 47.14 -49.87
C15 CDL VI . 10.66 48.46 -49.13
C16 CDL VI . 10.95 48.28 -47.64
C17 CDL VI . 11.25 49.55 -46.89
C18 CDL VI . 10.06 50.49 -46.71
C19 CDL VI . 9.19 50.20 -45.50
C20 CDL VI . 7.98 51.11 -45.42
C21 CDL VI . 7.12 50.96 -44.16
C22 CDL VI . 7.83 51.35 -42.88
C23 CDL VI . 6.97 52.22 -41.97
C24 CDL VI . 7.50 52.35 -40.55
C25 CDL VI . 7.23 51.13 -39.69
C26 CDL VI . 7.85 51.19 -38.31
C27 CDL VI . 7.32 50.12 -37.40
CA6 CDL VI . 7.67 42.49 -54.69
OA8 CDL VI . 7.64 42.40 -53.24
CA7 CDL VI . 6.45 42.38 -52.66
OA9 CDL VI . 5.42 42.57 -53.26
C31 CDL VI . 6.55 42.06 -51.21
C32 CDL VI . 7.13 43.21 -50.38
C33 CDL VI . 7.41 42.80 -48.95
C34 CDL VI . 7.86 43.93 -48.06
C35 CDL VI . 6.72 44.84 -47.62
C36 CDL VI . 7.13 45.75 -46.48
C37 CDL VI . 5.98 46.46 -45.79
C38 CDL VI . 6.42 47.14 -44.50
C39 CDL VI . 5.30 47.49 -43.55
C40 CDL VI . 5.79 47.82 -42.16
C41 CDL VI . 4.72 47.71 -41.07
C42 CDL VI . 5.26 47.91 -39.67
C43 CDL VI . 4.36 47.35 -38.59
C44 CDL VI . 4.92 47.51 -37.19
C45 CDL VI . 4.12 46.77 -36.12
C46 CDL VI . 4.71 46.90 -34.73
C47 CDL VI . 3.88 46.20 -33.68
CB2 CDL VI . 6.48 41.77 -62.59
OB2 CDL VI . 5.91 41.85 -63.90
PB2 CDL VI . 6.72 42.52 -65.10
OB3 CDL VI . 8.14 42.13 -64.96
OB4 CDL VI . 6.00 42.17 -66.35
OB5 CDL VI . 6.61 44.08 -64.80
CB3 CDL VI . 6.59 45.08 -65.84
CB4 CDL VI . 7.94 45.15 -66.47
OB6 CDL VI . 8.35 46.52 -66.75
CB5 CDL VI . 8.70 47.30 -65.71
OB7 CDL VI . 8.31 47.14 -64.60
C51 CDL VI . 9.69 48.34 -66.15
C52 CDL VI . 9.14 49.41 -67.07
C53 CDL VI . 8.24 50.40 -66.37
C54 CDL VI . 8.86 51.77 -66.15
C55 CDL VI . 10.21 51.74 -65.47
C56 CDL VI . 10.56 53.04 -64.78
C57 CDL VI . 12.00 53.13 -64.32
C58 CDL VI . 12.40 52.05 -63.33
C59 CDL VI . 13.83 52.16 -62.84
C60 CDL VI . 14.08 53.28 -61.85
C61 CDL VI . 13.49 53.02 -60.48
C62 CDL VI . 13.84 54.08 -59.44
C63 CDL VI . 13.11 55.40 -59.64
C64 CDL VI . 13.35 56.40 -58.52
C65 CDL VI . 12.58 57.70 -58.67
C66 CDL VI . 12.88 58.49 -59.93
C67 CDL VI . 14.34 58.86 -60.07
CB6 CDL VI . 7.93 44.43 -67.79
OB8 CDL VI . 9.16 44.68 -68.52
CB7 CDL VI . 9.04 44.92 -69.83
OB9 CDL VI . 8.02 45.29 -70.36
C71 CDL VI . 10.30 44.57 -70.55
C72 CDL VI . 11.37 45.65 -70.50
C73 CDL VI . 11.99 45.81 -69.13
C74 CDL VI . 13.26 46.63 -69.15
C75 CDL VI . 13.04 48.13 -69.22
C76 CDL VI . 14.22 48.89 -69.79
C77 CDL VI . 14.09 50.39 -69.73
C78 CDL VI . 12.73 50.92 -70.15
C79 CDL VI . 12.77 52.30 -70.76
C80 CDL VI . 11.55 53.14 -70.46
C81 CDL VI . 11.70 54.00 -69.23
C82 CDL VI . 10.50 54.87 -68.93
C83 CDL VI . 10.72 55.86 -67.81
C84 CDL VI . 11.66 56.98 -68.17
C85 CDL VI . 11.95 57.94 -67.03
C86 CDL VI . 12.70 59.17 -67.48
C87 CDL VI . 13.02 60.09 -66.35
C27 PEE WI . -15.59 54.88 -49.82
C26 PEE WI . -14.11 55.18 -49.87
C25 PEE WI . -13.76 56.26 -50.89
C24 PEE WI . -12.29 56.61 -50.93
C23 PEE WI . -11.95 57.72 -51.92
C22 PEE WI . -10.47 58.06 -51.96
C21 PEE WI . -10.13 59.20 -52.91
C20 PEE WI . -8.66 59.55 -52.95
C19 PEE WI . -8.32 60.68 -53.91
C18 PEE WI . -6.84 61.01 -54.00
C17 PEE WI . -6.53 62.10 -55.01
C16 PEE WI . -5.04 62.37 -55.19
C15 PEE WI . -4.74 63.41 -56.24
C14 PEE WI . -3.26 63.54 -56.58
C13 PEE WI . -2.95 64.65 -57.58
C12 PEE WI . -1.57 64.51 -58.22
C11 PEE WI . -0.95 65.84 -58.61
C10 PEE WI . -0.09 66.43 -57.53
O4 PEE WI . 0.18 65.88 -56.48
O2 PEE WI . 0.37 67.65 -57.86
C2 PEE WI . 1.32 68.29 -56.97
C1 PEE WI . 2.30 69.07 -57.81
O3P PEE WI . 2.74 70.18 -57.00
P PEE WI . 4.20 70.77 -57.06
O2P PEE WI . 4.06 72.21 -56.57
O1P PEE WI . 4.80 70.61 -58.38
O4P PEE WI . 4.97 69.99 -55.88
C4 PEE WI . 5.38 68.61 -56.06
C5 PEE WI . 6.48 68.52 -57.08
N PEE WI . 7.48 69.60 -56.86
C3 PEE WI . 0.59 69.22 -56.05
O3 PEE WI . -0.71 68.65 -55.79
C30 PEE WI . -0.93 68.08 -54.61
O5 PEE WI . -0.15 68.09 -53.69
C31 PEE WI . -2.26 67.40 -54.61
C32 PEE WI . -2.58 66.62 -53.34
C33 PEE WI . -3.94 65.98 -53.49
C34 PEE WI . -4.35 65.09 -52.35
C35 PEE WI . -5.83 64.79 -52.38
C36 PEE WI . -6.27 63.75 -51.40
C37 PEE WI . -7.76 63.50 -51.45
C38 PEE WI . -8.24 62.40 -50.52
C39 PEE WI . -9.72 62.16 -50.60
C40 PEE WI . -10.20 61.08 -49.67
C41 PEE WI . -11.69 60.82 -49.76
C42 PEE WI . -12.17 59.74 -48.81
C43 PEE WI . -13.65 59.47 -48.90
C44 PEE WI . -14.13 58.42 -47.92
C45 PEE WI . -15.62 58.16 -47.99
C46 PEE WI . -16.10 57.12 -46.98
C47 PEE WI . -17.60 56.91 -47.05
ZN ZN XI . 37.81 13.25 -94.48
C1 CDL YI . 57.86 23.67 -43.28
O1 CDL YI . 57.57 25.08 -43.28
CA2 CDL YI . 57.28 23.04 -44.52
OA2 CDL YI . 57.90 23.61 -45.68
PA1 CDL YI . 58.14 22.67 -46.95
OA3 CDL YI . 58.75 23.52 -47.99
OA4 CDL YI . 58.85 21.45 -46.51
OA5 CDL YI . 56.68 22.26 -47.46
CA3 CDL YI . 55.88 21.33 -46.71
CA4 CDL YI . 54.97 20.56 -47.64
OA6 CDL YI . 55.74 19.41 -48.09
CA5 CDL YI . 57.02 19.59 -48.42
OA7 CDL YI . 57.40 20.51 -49.10
C11 CDL YI . 57.90 18.59 -47.73
C12 CDL YI . 57.70 17.17 -48.20
C13 CDL YI . 58.07 16.99 -49.65
C14 CDL YI . 58.37 15.55 -50.03
C15 CDL YI . 59.54 14.96 -49.26
C16 CDL YI . 60.30 13.89 -50.03
C17 CDL YI . 59.48 12.66 -50.34
C18 CDL YI . 60.32 11.52 -50.90
C19 CDL YI . 59.57 10.22 -51.06
C20 CDL YI . 60.48 9.05 -51.38
C21 CDL YI . 59.76 7.71 -51.51
C22 CDL YI . 60.71 6.54 -51.62
C23 CDL YI . 60.04 5.19 -51.74
C24 CDL YI . 61.01 4.03 -51.70
C25 CDL YI . 60.35 2.67 -51.82
C26 CDL YI . 61.33 1.52 -51.69
C27 CDL YI . 60.68 0.18 -51.85
CA6 CDL YI . 54.48 21.43 -48.76
OA8 CDL YI . 53.82 22.49 -48.03
CA7 CDL YI . 52.60 22.21 -47.56
OA9 CDL YI . 51.79 21.55 -48.13
C31 CDL YI . 52.45 22.75 -46.17
C32 CDL YI . 51.12 22.42 -45.51
C33 CDL YI . 51.13 22.74 -44.02
C34 CDL YI . 49.80 23.22 -43.48
C35 CDL YI . 48.71 22.16 -43.46
C36 CDL YI . 47.33 22.72 -43.21
C37 CDL YI . 46.73 23.42 -44.43
C38 CDL YI . 45.66 24.44 -44.10
C39 CDL YI . 44.32 23.85 -43.72
C40 CDL YI . 43.27 24.91 -43.45
C41 CDL YI . 41.91 24.37 -43.03
C42 CDL YI . 40.98 25.45 -42.51
C43 CDL YI . 39.58 24.97 -42.20
C44 CDL YI . 38.77 24.60 -43.43
C45 CDL YI . 37.28 24.53 -43.18
C46 CDL YI . 36.45 24.31 -44.43
C47 CDL YI . 34.97 24.44 -44.20
CB2 CDL YI . 57.30 23.04 -42.04
OB2 CDL YI . 55.87 22.94 -42.21
PB2 CDL YI . 55.01 21.74 -41.59
OB3 CDL YI . 54.94 21.95 -40.13
OB4 CDL YI . 53.75 21.64 -42.37
OB5 CDL YI . 55.83 20.40 -41.84
CB3 CDL YI . 56.08 19.99 -43.20
CB4 CDL YI . 55.35 18.71 -43.50
OB6 CDL YI . 53.98 18.77 -43.00
CB5 CDL YI . 53.02 19.05 -43.89
OB7 CDL YI . 53.18 19.71 -44.88
C51 CDL YI . 51.73 18.34 -43.53
C52 CDL YI . 50.95 18.97 -42.39
C53 CDL YI . 51.70 18.98 -41.06
C54 CDL YI . 50.79 18.83 -39.85
C55 CDL YI . 50.37 17.40 -39.58
C56 CDL YI . 49.46 17.25 -38.38
C57 CDL YI . 48.88 15.86 -38.21
C58 CDL YI . 47.74 15.79 -37.21
C59 CDL YI . 46.46 16.45 -37.69
C60 CDL YI . 45.42 16.65 -36.60
C61 CDL YI . 44.25 17.50 -37.03
C62 CDL YI . 43.36 17.94 -35.89
C63 CDL YI . 42.21 18.83 -36.32
C64 CDL YI . 41.42 19.41 -35.15
C65 CDL YI . 40.29 20.34 -35.56
C66 CDL YI . 39.21 19.69 -36.42
C67 CDL YI . 38.52 18.54 -35.74
CB6 CDL YI . 55.97 17.54 -42.81
OB8 CDL YI . 54.92 16.55 -42.62
CB7 CDL YI . 54.43 16.41 -41.39
OB9 CDL YI . 54.83 17.02 -40.44
C71 CDL YI . 53.32 15.39 -41.34
C72 CDL YI . 53.81 13.96 -41.46
C73 CDL YI . 52.72 12.95 -41.15
C74 CDL YI . 53.17 11.51 -41.23
C75 CDL YI . 52.08 10.53 -40.85
C76 CDL YI . 52.53 9.08 -40.90
C77 CDL YI . 52.86 8.57 -42.28
C78 CDL YI . 53.22 7.10 -42.32
C79 CDL YI . 53.53 6.57 -43.71
C80 CDL YI . 53.85 5.10 -43.73
C81 CDL YI . 54.12 4.54 -45.12
C82 CDL YI . 54.43 3.05 -45.12
C83 CDL YI . 54.73 2.49 -46.49
C84 CDL YI . 55.00 1.00 -46.49
C85 CDL YI . 55.30 0.42 -47.85
C86 CDL YI . 55.53 -1.08 -47.85
C87 CDL YI . 55.86 -1.63 -49.22
C27 PEE ZI . 26.23 38.87 -59.81
C26 PEE ZI . 26.99 39.93 -59.05
C25 PEE ZI . 28.31 40.28 -59.71
C24 PEE ZI . 29.08 41.38 -58.99
C23 PEE ZI . 30.27 41.89 -59.76
C22 PEE ZI . 31.18 42.82 -58.95
C21 PEE ZI . 30.46 43.98 -58.30
C20 PEE ZI . 30.04 43.74 -56.86
C19 PEE ZI . 29.30 44.91 -56.25
C18 PEE ZI . 29.05 44.79 -54.76
C17 PEE ZI . 28.36 46.01 -54.17
C16 PEE ZI . 26.92 46.17 -54.63
C15 PEE ZI . 26.46 47.61 -54.77
C14 PEE ZI . 26.28 48.34 -53.45
C13 PEE ZI . 27.54 48.98 -52.91
C12 PEE ZI . 27.29 49.97 -51.80
C11 PEE ZI . 26.73 49.31 -50.55
C10 PEE ZI . 27.47 49.65 -49.30
O4 PEE ZI . 28.16 48.89 -48.68
O2 PEE ZI . 27.21 50.91 -48.92
C2 PEE ZI . 27.22 51.21 -47.50
C1 PEE ZI . 28.51 51.87 -47.10
O3P PEE ZI . 28.22 53.23 -46.72
P PEE ZI . 28.99 53.91 -45.52
O2P PEE ZI . 28.30 53.39 -44.26
O1P PEE ZI . 29.06 55.37 -45.64
O4P PEE ZI . 30.45 53.23 -45.53
C4 PEE ZI . 30.92 52.42 -44.41
C5 PEE ZI . 32.35 52.00 -44.62
N PEE ZI . 32.57 51.56 -46.03
C3 PEE ZI . 26.03 52.08 -47.31
O3 PEE ZI . 24.88 51.26 -47.65
C30 PEE ZI . 23.68 51.84 -47.57
O5 PEE ZI . 23.51 53.00 -47.30
C31 PEE ZI . 22.58 50.86 -47.85
C32 PEE ZI . 21.91 51.08 -49.19
C33 PEE ZI . 22.92 51.17 -50.32
C34 PEE ZI . 22.31 51.24 -51.69
C35 PEE ZI . 23.33 51.17 -52.81
C36 PEE ZI . 22.75 50.87 -54.18
C37 PEE ZI . 22.57 52.08 -55.08
C38 PEE ZI . 21.11 52.48 -55.32
C39 PEE ZI . 20.37 52.97 -54.08
C40 PEE ZI . 20.99 54.17 -53.40
C41 PEE ZI . 20.89 55.46 -54.20
C42 PEE ZI . 22.11 56.37 -54.07
C43 PEE ZI . 23.20 56.05 -55.07
C44 PEE ZI . 24.59 56.49 -54.65
C45 PEE ZI . 25.66 56.06 -55.64
C46 PEE ZI . 27.06 55.95 -55.07
C47 PEE ZI . 27.97 55.14 -55.96
#